data_8BHV
#
_entry.id   8BHV
#
_cell.length_a   1.00
_cell.length_b   1.00
_cell.length_c   1.00
_cell.angle_alpha   90.00
_cell.angle_beta   90.00
_cell.angle_gamma   90.00
#
_symmetry.space_group_name_H-M   'P 1'
#
loop_
_entity.id
_entity.type
_entity.pdbx_description
1 polymer 'DNA-dependent protein kinase catalytic subunit'
2 polymer 'DNA repair protein XRCC4'
3 polymer 'DNA ligase 4'
4 polymer 'Non-homologous end-joining factor 1'
5 polymer 'X-ray repair cross-complementing protein 6'
6 polymer 'X-ray repair cross-complementing protein 5'
7 polymer 'Protein PAXX'
8 polymer 'DNA (26-MER)'
9 polymer 'DNA (27-MER)'
10 polymer 'DNA (28-MER)'
11 polymer 'DNA (24-MER)'
#
loop_
_entity_poly.entity_id
_entity_poly.type
_entity_poly.pdbx_seq_one_letter_code
_entity_poly.pdbx_strand_id
1 'polypeptide(L)'
;MAGSGAGVRCSLLRLQETLSAADRCGAALAGHQLIRGLGQECVLSSSPAVLALQTSLVFSRDFGLLVFVRKSLNSIEFRE
CREEILKFLCIFLEKMGQKIAPYSVEIKNTCTSVYTKDRAAKCKIPALDLLIKLLQTFRSSRLMDEFKIGELFSKFYGEL
ALKKKIPDTVLEKVYELLGLLGEVHPSEMINNAENLFRAFLGELKTQMTSAVREPKLPVLAGCLKGLSSLLCNFTKSMEE
DPQTSREIFNFVLKAIRPQIDLKRYAVPSAGLRLFALHASQFSTCLLDNYVSLFEVLLKWCAHTNVELKKAALSALESFL
KQVSNMVAKNAEMHKNKLQYFMEQFYGIIRNVDSNNKELSIAIRGYGLFAGPCKVINAKDVDFMYVELIQRCKQMFLTQT
DTGDDRVYQMPSFLQSVASVLLYLDTVPEVYTPVLEHLVVMQIDSFPQYSPKMQLVCCRAIVKVFLALAAKGPVLRNCIS
TVVHQGLIRICSKPVVLPKGPESESEDHRASGEVRTGKWKVPTYKDYVDLFRHLLSSDQMMDSILADEAFFSVNSSSESL
NHLLYDEFVKSVLKIVEKLDLTLEIQTVGEQENGDEAPGVWMIPTSDPAANLHPAKPKDFSAFINLVEFCREILPEKQAE
FFEPWVYSFSYELILQSTRLPLISGFYKLLSITVRNAKKIKYFEGVSPKSLKHSPEDPEKYSCFALFVKFGKEVAVKMKQ
YKDELLASCLTFLLSLPHNIIELDVRAYVPALQMAFKLGLSYTPLAEVGLNALEEWSIYIDRHVMQPYYKDILPCLDGYL
KTSALSDETKNNWEVSALSRAAQKGFNKVVLKHLKKTKNLSSNEAISLEEIRIRVVQMLGSLGGQINKNLLTVTSSDEMM
KSYVAWDREKRLSFAVPFREMKPVIFLDVFLPRVTELALTASDRQTKVAACELLHSMVMFMLGKATQMPEGGQGAPPMYQ
LYKRTFPVLLRLACDVDQVTRQLYEPLVMQLIHWFTNNKKFESQDTVALLEAILDGIVDPVDSTLRDFCGRCIREFLKWS
IKQITPQQQEKSPVNTKSLFKRLYSLALHPNAFKRLGASLAFNNIYREFREEESLVEQFVFEALVIYMESLALAHADEKS
LGTIQQCCDAIDHLCRIIEKKHVSLNKAKKRRLPRGFPPSASLCLLDLVKWLLAHCGRPQTECRHKSIELFYKFVPLLPG
NRSPNLWLKDVLKEEGVSFLINTFEGGGCGQPSGILAQPTLLYLRGPFSLQATLCWLDLLLAALECYNTFIGERTVGALQ
VLGTEAQSSLLKAVAFFLESIAMHDIIAAEKCFGTGAAGNRTSPQEGERYNYSKCTVVVRIMEFTTTLLNTSPEGWKLLK
KDLCNTHLMRVLVQTLCEPASIGFNIGDVQVMAHLPDVCVNLMKALKMSPYKDILETHLREKITAQSIEELCAVNLYGPD
AQVDRSRLAAVVSACKQLHRAGLLHNILPSQSTDLHHSVGTELLSLVYKGIAPGDERQCLPSLDLSCKQLASGLLELAFA
FGGLCERLVSLLLNPAVLSTASLGSSQGSVIHFSHGEYFYSLFSETINTELLKNLDLAVLELMQSSVDNTKMVSAVLNGM
LDQSFRERANQKHQGLKLATTILQHWKKCDSWWAKDSPLETKMAVLALLAKILQIDSSVSFNTSHGSFPEVFTTYISLLA
DTKLDLHLKGQAVTLLPFFTSLTGGSLEELRRVLEQLIVAHFPMQSREFPPGTPRFNNYVDCMKKFLDALELSQSPMLLE
LMTEVLCREQQHVMEELFQSSFRRIARRGSCVTQVGLLESVYEMFRKDDPRLSFTRQSFVDRSLLTLLWHCSLDALREFF
STIVVDAIDVLKSRFTKLNESTFDTQITKKMGYYKILDVMYSRLPKDDVHAKESKINQVFHGSCITEGNELTKTLIKLCY
DAFTENMAGENQLLERRRLYHCAAYNCAISVICCVFNELKFYQGFLFSEKPEKNLLIFENLIDLKRRYNFPVEVEVPMER
KKKYIEIRKEAREAANGDSDGPSYMSSLSYLADSTLSEEMSQFDFSTGVQSYSYSSQDPRPATGRFRRREQRDPTVHDDV
LELEMDELNRHECMAPLTALVKHMHRSLGPPQGEEDSVPRDLPSWMKFLHGKLGNPIVPLNIRLFLAKLVINTEEVFRPY
AKHWLSPLLQLAASENNGGEGIHYMVVEIVATILSWTGLATPTGVPKDEVLANRLLNFLMKHVFHPKRAVFRHNLEIIKT
LVECWKDCLSIPYRLIFEKFSGKDPNSKDNSVGIQLLGIVMANDLPPYDPQCGIQSSEYFQALVNNMSFVRYKEVYAAAA
EVLGLILRYVMERKNILEESLCELVAKQLKQHQNTMEDKFIVCLNKVTKSFPPLADRFMNAVFFLLPKFHGVLKTLCLEV
VLCRVEGMTELYFQLKSKDFVQVMRHRDDERQKVCLDIIYKMMPKLKPVELRELLNPVVEFVSHPSTTCREQMYNILMWI
HDNYRDPESETDNDSQEIFKLAKDVLIQGLIDENPGLQLIIRNFWSHETRLPSNTLDRLLALNSLYSPKIEVHFLSLATN
FLLEMTSMSPDYPNPMFEHPLSECEFQEYTIDSDWRFRSTVLTPMFVETQASQGTLQTRTQEGSLSARWPVAGQIRATQQ
QHDFTLTQTADGRSSFDWLTGSSTDPLVDHTSPSSDSLLFAHKRSERLQRAPLKSVGPDFGKKRLGLPGDEVDNKVKGAA
GRTDLLRLRRRFMRDQEKLSLMYARKGVAEQKREKEIKSELKMKQDAQVVLYRSYRHGDLPDIQIKHSSLITPLQAVAQR
DPIIAKQLFSSLFSGILKEMDKFKTLSEKNNITQKLLQDFNRFLNTTFSFFPPFVSCIQDISCQHAALLSLDPAAVSAGC
LASLQQPVGIRLLEEALLRLLPAELPAKRVRGKARLPPDVLRWVELAKLYRSIGEYDVLRGIFTSEIGTKQITQSALLAE
ARSDYSEAAKQYDEALNKQDWVDGEPTEAEKDFWELASLDCYNHLAEWKSLEYCSTASIDSENPPDLNKIWSEPFYQETY
LPYMIRSKLKLLLQGEADQSLLTFIDKAMHGELQKAILELHYSQELSLLYLLQDDVDRAKYYIQNGIQSFMQNYSSIDVL
LHQSRLTKLQSVQALTEIQEFISFISKQGNLSSQVPLKRLLNTWTNRYPDAKMDPMNIWDDIITNRCFFLSKIEEKLTPL
PEDNSMNVDQDGDPSDRMEVQEQEEDISSLIRSCKFSMKMKMIDSARKQNNFSLAMKLLKELHKESKTRDDWLVSWVQSY
CRLSHCRSRSQGCSEQVLTVLKTVSLLDENNVSSYLSKNILAFRDQNILLGTTYRIIANALSSEPACLAEIEEDKARRIL
ELSGSSSEDSEKVIAGLYQRAFQHLSEAVQAAEEEAQPPSWSCGPAAGVIDAYMTLADFCDQQLRKEEENASVIDSAELQ
AYPALVVEKMLKALKLNSNEARLKFPRLLQIIERYPEETLSLMTKEISSVPCWQFISWISHMVALLDKDQAVAVQHSVEE
ITDNYPQAIVYPFIISSESYSFKDTSTGHKNKEFVARIKSKLDQGGVIQDFINALDQLSNPELLFKDWSNDVRAELAKTP
VNKKNIEKMYERMYAALGDPKAPGLGAFRRKFIQTFGKEFDKHFGKGGSKLLRMKLSDFNDITNMLLLKMNKDSKPPGNL
KECSPWMSDFKVEFLRNELEIPGQYDGRGKPLPEYHVRIAGFDERVTVMASLRRPKRIIIRGHDEREHPFLVKGGEDLRQ
DQRVEQLFQVMNGILAQDSACSQRALQLRTYSVVPMTSRLGLIEWLENTVTLKDLLLNTMSQEEKAAYLSDPRAPPCEYK
DWLTKMSGKHDVGAYMLMYKGANRTETVTSFRKRESKVPADLLKRAFVRMSTSPEAFLALRSHFASSHALICISHWILGI
GDRHLNNFMVAMETGGVIGIDFGHAFGSATQFLPVPELMPFRLTRQFINLMLPMKETGLMYSIMVHALRAFRSDPGLLTN
TMDVFVKEPSFDWKNFEQKMLKKGGSWIQEINVAEKNWYPRQKICYAKRKLAGANPAVITCDELLLGHEKAPAFRDYVAV
ARGSKDHNIRAQEPESGLSEETQVKCLMDQATDPNILGRTWEGWEPWM
;
A,F
2 'polypeptide(L)'
;MERKISRIHLVSEPSITHFLQVSWEKTLESGFVITLTDGHSAWTGTVSESEISQEADDMAMEKGKYVGELRKALLSGAGP
ADVYTFNFSKESCYFFFEKNLKDVSFRLGSFNLEKVENPAEVIRELICYCLDTIAENQAKNEHLQKENERLLRDWNDVQG
RFEKCVSAKEALETDLYKRFILVLNEKKTKIRSLHNKLLNAAQEREKDIKQEGETAICSEMTADRDPVYDESTDEESENQ
TDLSGLASAAVSKDDSIISSLDVTDIAPSRKRRQRMQRNLGTEPKMAPQENQLQEKENSRPDSSLPETSKKEHISAENMS
LETLRNSSPEDLFDEI
;
K,L,N,O
3 'polypeptide(L)'
;MAASQTSQTVASHVPFADLCSTLERIQKSKGRAEKIRHFREFLDSWRKFHDALHKNHKDVTDSFYPAMRLILPQLERERM
AYGIKETMLAKLYIELLNLPRDGKDALKLLNYRTPTGTHGDAGDFAMIAYFVLKPRCLQKGSLTIQQVNDLLDSIASNNS
AKRKDLIKKSLLQLITQSSALEQKWLIRMIIKDLKLGVSQQTIFSVFHNDAAELHNVTTDLEKVCRQLHDPSVGLSDISI
TLFSAFKPMLAAIADIEHIEKDMKHQSFYIETKLDGERMQMHKDGDVYKYFSRNGYNYTDQFGASPTEGSLTPFIHNAFK
ADIQICILDGEMMAYNPNTQTFMQKGTKFDIKRMVEDSDLQTCYCVFDVLMVNNKKLGHETLRKRYEILSSIFTPIPGRI
EIVQKTQAHTKNEVIDALNEAIDKREEGIMVKQPLSIYKPDKRGEGWLKIKPEYVSGLMDELDILIVGGYWGKGSRGGMM
SHFLCAVAEKPPPGEKPSVFHTLSRVGSGCTMKELYDLGLKLAKYWKPFHRKAPPSSILCGTEKPEVYIEPCNSVIVQIK
AAEIVPSDMYKTGCTLRFPRIEKIRDDKEWHECMTLDDLEQLRGKASGKLASKHLYIGGDDEPQEKKRKAAPKMKKVIGI
IEHLKAPNLTNVNKISNIFEDVEFCVMSGTDSQPKPDLENRIAEFGGYIVQNPGPDTYCVIAGSENIRVKNIILSNKHDV
VKPAWLLECFKTKSFVPWQPRFMIHMCPSTKEHFAREYDCYGDSYFIDTDLNQLKEVFSGIKNSNEQTPEEMASLIADLE
YRYSWDCSPLSMFRRHTVYLDSYAVINDLSTKNEGTRLAIKALELRFHGAKVVSCLAEGVSHVIIGEDHSRVADFKAFRR
TFKRKFKILKESWVTDSIDKCELQEENQYLI
;
M,P
4 'polypeptide(L)'
;MEELEQGLLMQPWAWLQLAENSLLAKVFITKQGYALLVSDLQQVWHEQVDTSVVSQRAKELNKRLTAPPAAFLCHLDNLL
RPLLKDAAHPSEATFSCDCVADALILRVRSELSGLPFYWNFHCMLASPSLVSQHLIRPLMGMSLALQCQVRELATLLHMK
DLEIQDYQESGATLIRDRLKTEPFEENSFLEQFMIEKLPEACSIGDGKPFVMNLQDLYMAVTTQEVQVGQKHQGAGDPHT
SNSASLQGIDSQCVNQPEQLVSSAPTLSAPEKESTGTSGPLQRPQLSKVKRKKPRGLFS
;
Q,R
5 'polypeptide(L)'
;MSGWESYYKTEGDEEAEEEQEENLEASGDYKYSGRDSLIFLVDASKAMFESQSEDELTPFDMSIQCIQSVYISKIISSDR
DLLAVVFYGTEKDKNSVNFKNIYVLQELDNPGAKRILELDQFKGQQGQKRFQDMMGHGSDYSLSEVLWVCANLFSDVQFK
MSHKRIMLFTNEDNPHGNDSAKASRARTKAGDLRDTGIFLDLMHLKKPGGFDISLFYRDIISIAEDEDLRVHFEESSKLE
DLLRKVRAKETRKRALSRLKLKLNKDIVISVGIYNLVQKALKPPPIKLYRETNEPVKTKTRTFNTSTGGLLLPSDTKRSQ
IYGSRQIILEKEETEELKRFDDPGLMLMGFKPLVLLKKHHYLRPSLFVYPEESLVIGSSTLFSALLIKCLEKEVAALCRY
TPRRNIPPYFVALVPQEEELDDQKIQVTPPGFQLVFLPFADDKRKMPFTEKIMATPEQVGKMKAIVEKLRFTYRSDSFEN
PVLQQHFRNLEALALDLMEPEQAVDLTLPKVEAMNKRLGSLVDEFKELVYPPDYNPEGKVTKRKHDNEGSGSKRPKVEYS
EEELKTHISKGTLGKFTVPMLKEACRAYGLKSGLKKQELLEALTKHFQD
;
a,h
6 'polypeptide(L)'
;MVRSGNKAAVVLCMDVGFTMSNSIPGIESPFEQAKKVITMFVQRQVFAENKDEIALVLFGTDGTDNPLSGGDQYQNITVH
RHLMLPDFDLLEDIESKIQPGSQQADFLDALIVSMDVIQHETIGKKFEKRHIEIFTDLSSRFSKSQLDIIIHSLKKCDIS
LQFFLPFSLGKEDGSGDRGDGPFRLGGHGPSFPLKGITEQQKEGLEIVKMVMISLEGEDGLDEIYSFSESLRKLCVFKKI
ERHSIHWPCRLTIGSNLSIRIAAYKSILQERVKKTWTVVDAKTLKKEDIQKETVYCLNDDDETEVLKEDIIQGFRYGSDI
VPFSKVDEEQMKYKSEGKCFSVLGFCKSSQVQRRFFMGNQVLKVFAARDDEAAAVALSSLIHALDDLDMVAIVRYAYDKR
ANPQVGVAFPHIKHNYECLVYVQLPFMEDLRQYMFSSLKNSKKYAPTEAQLNAVDALIDSMSLAKKDEKTDTLEDLFPTT
KIPNPRFQRLFQCLLHRALHPREPLPPIQQHIWNMLNPPAEVTTKSQIPLSKIKTLFPLIEAKKKDQVTAQEIFQDNHED
GPTAKKLKTEQGGAHFSVSSLAEGSVTSVGSVNPAENFRVLVKQKKASFEEASNQLINHIEQFLDTNETPYFMKSIDCIR
AFREEAIKFSEEQRFNNFLKALQEKVEIKQLNHFWEIVVQDGITLITKEEASGSSVTAEEAKKFLAPKDKPSGDTAAVFE
EGGDVDDLLDMI
;
b,j
7 'polypeptide(L)'
;MDPLSPPLCTLPPGPEPPRFVCYCEGEESGEGDRGGFNLYVTDAAELWSTCFTPDSLAALKARFGLSAAEDITPRFRAAC
EQQAVALTLQEDRASLTLSGGPSALAFDLSKVPGPEAAPRLRALTLGLAKRVWSLERRLAAAEETAVSPRKSPRPAGPQL
FLPDPDPQRGGPGPGVRRRCPGESLINPGFKSKKPAGGVDFDET
;
c,i
8 'polydeoxyribonucleotide'
;(DC)(DC)(DA)(DA)(DA)(DT)(DA)(DA)(DT)(DA)(DG)(DT)(DT)(DT)(DT)(DT)(DA)(DG)(DT)(DT)
(DT)(DA)(DT)(DT)(DG)(DG)(DG)
;
D
9 'polydeoxyribonucleotide'
;(DG)(DC)(DT)(DA)(DA)(DT)(DA)(DA)(DA)(DC)(DT)(DA)(DA)(DA)(DA)(DA)(DC)(DT)(DA)(DT)
(DT)(DA)(DT)(DT)(DA)(DT)(DG)(DG)
;
E
10 'polydeoxyribonucleotide'
;(DA)(DT)(DA)(DA)(DA)(DC)(DT)(DA)(DA)(DA)(DA)(DA)(DC)(DT)(DA)(DT)(DT)(DA)(DT)(DT)
(DA)(DT)(DG)(DG)
;
I
11 'polydeoxyribonucleotide'
;(DC)(DA)(DT)(DA)(DA)(DT)(DA)(DA)(DT)(DA)(DG)(DT)(DT)(DT)(DT)(DT)(DA)(DG)(DT)(DT)
(DT)(DA)(DT)(DT)
;
J
#
loop_
_chem_comp.id
_chem_comp.type
_chem_comp.name
_chem_comp.formula
DA DNA linking 2'-DEOXYADENOSINE-5'-MONOPHOSPHATE 'C10 H14 N5 O6 P'
DC DNA linking 2'-DEOXYCYTIDINE-5'-MONOPHOSPHATE 'C9 H14 N3 O7 P'
DG DNA linking 2'-DEOXYGUANOSINE-5'-MONOPHOSPHATE 'C10 H14 N5 O7 P'
DT DNA linking THYMIDINE-5'-MONOPHOSPHATE 'C10 H15 N2 O8 P'
#
# COMPACT_ATOMS: atom_id res chain seq x y z
N CYS A 10 36.12 12.45 28.74
CA CYS A 10 35.21 11.39 28.32
C CYS A 10 35.99 10.21 27.74
N SER A 11 36.30 10.31 26.45
CA SER A 11 37.03 9.24 25.79
C SER A 11 38.43 9.07 26.37
N LEU A 12 39.02 10.15 26.86
CA LEU A 12 40.37 10.06 27.42
C LEU A 12 40.41 9.10 28.58
N LEU A 13 39.41 9.15 29.46
CA LEU A 13 39.39 8.27 30.61
C LEU A 13 39.36 6.81 30.20
N ARG A 14 38.40 6.45 29.34
CA ARG A 14 38.27 5.05 28.94
C ARG A 14 39.48 4.58 28.15
N LEU A 15 40.01 5.41 27.28
CA LEU A 15 41.19 5.00 26.51
C LEU A 15 42.40 4.82 27.40
N GLN A 16 42.63 5.73 28.35
CA GLN A 16 43.77 5.54 29.23
C GLN A 16 43.58 4.33 30.12
N GLU A 17 42.34 4.04 30.53
CA GLU A 17 42.07 2.82 31.27
C GLU A 17 42.41 1.60 30.44
N THR A 18 41.99 1.59 29.17
CA THR A 18 42.28 0.47 28.30
C THR A 18 43.78 0.29 28.13
N LEU A 19 44.50 1.39 27.93
CA LEU A 19 45.94 1.31 27.76
C LEU A 19 46.60 0.79 29.03
N SER A 20 46.12 1.24 30.19
CA SER A 20 46.56 0.66 31.45
C SER A 20 46.20 -0.82 31.55
N ALA A 21 45.20 -1.26 30.79
CA ALA A 21 44.83 -2.67 30.72
C ALA A 21 45.41 -3.37 29.51
N ALA A 22 45.85 -2.63 28.50
CA ALA A 22 46.37 -3.23 27.28
C ALA A 22 47.83 -3.61 27.41
N ASP A 23 48.45 -3.35 28.55
CA ASP A 23 49.85 -3.67 28.79
C ASP A 23 49.97 -4.68 29.92
N ARG A 24 49.11 -5.69 29.91
CA ARG A 24 49.07 -6.69 30.96
C ARG A 24 49.68 -8.03 30.52
N CYS A 25 50.55 -8.00 29.52
CA CYS A 25 51.16 -9.20 28.96
C CYS A 25 52.34 -8.77 28.10
N GLY A 26 52.88 -9.72 27.34
CA GLY A 26 53.90 -9.41 26.35
C GLY A 26 53.23 -9.07 25.05
N ALA A 27 53.44 -9.88 24.00
CA ALA A 27 52.64 -9.81 22.79
C ALA A 27 52.72 -8.41 22.17
N ALA A 28 53.91 -8.10 21.66
CA ALA A 28 54.28 -6.77 21.21
C ALA A 28 53.19 -6.09 20.39
N LEU A 29 52.31 -6.89 19.77
CA LEU A 29 51.08 -6.36 19.21
C LEU A 29 50.31 -5.55 20.25
N ALA A 30 50.39 -5.95 21.51
CA ALA A 30 49.78 -5.15 22.57
C ALA A 30 50.40 -3.77 22.61
N GLY A 31 51.74 -3.69 22.52
CA GLY A 31 52.38 -2.39 22.45
C GLY A 31 52.00 -1.61 21.21
N HIS A 32 51.78 -2.31 20.10
CA HIS A 32 51.35 -1.63 18.88
C HIS A 32 50.00 -0.96 19.09
N GLN A 33 49.05 -1.70 19.64
CA GLN A 33 47.76 -1.09 19.93
C GLN A 33 47.89 0.00 20.99
N LEU A 34 48.82 -0.18 21.92
CA LEU A 34 49.08 0.85 22.91
C LEU A 34 49.49 2.15 22.25
N ILE A 35 50.43 2.08 21.31
CA ILE A 35 50.88 3.31 20.65
C ILE A 35 49.77 3.86 19.75
N ARG A 36 48.93 2.99 19.19
CA ARG A 36 47.81 3.50 18.40
C ARG A 36 46.86 4.34 19.26
N GLY A 37 46.40 3.76 20.37
CA GLY A 37 45.55 4.49 21.28
C GLY A 37 46.25 5.69 21.87
N LEU A 38 47.57 5.60 22.04
CA LEU A 38 48.36 6.70 22.55
C LEU A 38 48.36 7.88 21.60
N GLY A 39 48.63 7.62 20.33
CA GLY A 39 48.57 8.68 19.34
C GLY A 39 47.17 9.26 19.23
N GLN A 40 46.15 8.41 19.39
CA GLN A 40 44.79 8.93 19.36
C GLN A 40 44.52 9.86 20.54
N GLU A 41 44.94 9.46 21.74
CA GLU A 41 44.77 10.34 22.90
C GLU A 41 45.58 11.61 22.72
N CYS A 42 46.74 11.51 22.08
CA CYS A 42 47.55 12.69 21.79
C CYS A 42 46.80 13.66 20.90
N VAL A 43 46.29 13.17 19.76
CA VAL A 43 45.62 14.05 18.83
C VAL A 43 44.34 14.60 19.43
N LEU A 44 43.75 13.87 20.37
CA LEU A 44 42.55 14.37 21.03
C LEU A 44 42.88 15.48 22.00
N SER A 45 43.78 15.23 22.95
CA SER A 45 44.09 16.22 23.97
C SER A 45 44.75 17.45 23.38
N SER A 46 45.51 17.29 22.30
CA SER A 46 46.12 18.44 21.66
C SER A 46 45.08 19.43 21.17
N SER A 47 43.87 18.98 20.89
CA SER A 47 42.81 19.88 20.50
C SER A 47 42.51 20.85 21.64
N PRO A 48 42.19 22.10 21.34
CA PRO A 48 41.99 23.08 22.42
C PRO A 48 40.77 22.77 23.25
N ALA A 49 40.84 23.17 24.52
CA ALA A 49 39.74 23.01 25.46
C ALA A 49 40.09 23.80 26.72
N VAL A 50 39.10 23.95 27.59
CA VAL A 50 39.33 24.54 28.91
C VAL A 50 38.89 23.65 30.04
N LEU A 51 37.94 22.74 29.84
CA LEU A 51 37.52 21.80 30.86
C LEU A 51 38.07 20.40 30.65
N ALA A 52 38.19 19.95 29.40
CA ALA A 52 38.91 18.73 29.13
C ALA A 52 40.38 18.86 29.51
N LEU A 53 40.87 20.08 29.64
CA LEU A 53 42.28 20.29 29.99
C LEU A 53 42.61 19.71 31.36
N GLN A 54 41.72 19.91 32.33
CA GLN A 54 41.98 19.41 33.67
C GLN A 54 41.94 17.89 33.71
N THR A 55 41.01 17.30 32.96
CA THR A 55 41.02 15.86 32.78
C THR A 55 42.33 15.41 32.17
N SER A 56 42.85 16.17 31.21
CA SER A 56 44.16 15.88 30.65
C SER A 56 45.23 15.94 31.73
N LEU A 57 45.09 16.86 32.66
CA LEU A 57 46.09 16.98 33.73
C LEU A 57 46.08 15.76 34.64
N VAL A 58 44.91 15.37 35.11
CA VAL A 58 44.85 14.21 35.99
C VAL A 58 45.26 12.95 35.25
N PHE A 59 44.93 12.86 33.97
CA PHE A 59 45.35 11.71 33.19
C PHE A 59 46.84 11.74 32.93
N SER A 60 47.43 12.94 32.81
CA SER A 60 48.87 13.04 32.79
C SER A 60 49.46 12.45 34.05
N ARG A 61 48.89 12.80 35.20
CA ARG A 61 49.31 12.21 36.46
C ARG A 61 49.32 10.69 36.38
N ASP A 62 48.15 10.10 36.18
CA ASP A 62 48.02 8.64 36.26
C ASP A 62 48.87 7.96 35.20
N PHE A 63 48.84 8.48 33.98
CA PHE A 63 49.50 7.83 32.85
C PHE A 63 51.01 7.96 32.95
N GLY A 64 51.52 9.13 33.31
CA GLY A 64 52.95 9.27 33.52
C GLY A 64 53.44 8.36 34.60
N LEU A 65 52.69 8.25 35.71
CA LEU A 65 53.05 7.28 36.74
C LEU A 65 53.15 5.88 36.14
N LEU A 66 52.10 5.45 35.44
CA LEU A 66 52.07 4.09 34.91
C LEU A 66 53.26 3.83 33.99
N VAL A 67 53.42 4.68 32.96
CA VAL A 67 54.47 4.47 31.99
C VAL A 67 55.85 4.68 32.58
N PHE A 68 55.94 5.33 33.74
CA PHE A 68 57.21 5.36 34.42
C PHE A 68 57.50 4.03 35.09
N VAL A 69 56.51 3.49 35.82
CA VAL A 69 56.77 2.27 36.57
C VAL A 69 56.57 1.04 35.71
N ARG A 70 55.47 0.99 34.95
CA ARG A 70 55.06 -0.27 34.35
C ARG A 70 56.03 -0.74 33.29
N LYS A 71 56.61 0.19 32.52
CA LYS A 71 57.50 -0.22 31.44
C LYS A 71 58.69 -1.00 31.99
N SER A 72 59.53 -0.34 32.79
CA SER A 72 60.62 -0.99 33.52
C SER A 72 61.50 -1.84 32.62
N LEU A 73 61.39 -1.68 31.31
CA LEU A 73 62.00 -2.59 30.36
C LEU A 73 62.57 -1.80 29.18
N ASN A 74 63.30 -2.51 28.34
CA ASN A 74 63.79 -1.99 27.07
C ASN A 74 63.07 -2.60 25.88
N SER A 75 62.02 -3.36 26.13
CA SER A 75 61.25 -3.98 25.04
C SER A 75 60.61 -2.90 24.18
N ILE A 76 60.83 -2.99 22.87
CA ILE A 76 60.37 -1.95 21.96
C ILE A 76 58.86 -1.84 21.97
N GLU A 77 58.16 -2.91 22.33
CA GLU A 77 56.72 -2.83 22.51
C GLU A 77 56.35 -1.79 23.55
N PHE A 78 57.29 -1.44 24.43
CA PHE A 78 57.11 -0.29 25.29
C PHE A 78 57.96 0.90 24.86
N ARG A 79 59.04 0.67 24.10
CA ARG A 79 59.90 1.78 23.71
C ARG A 79 59.21 2.71 22.71
N GLU A 80 58.53 2.15 21.71
CA GLU A 80 57.80 3.02 20.79
C GLU A 80 56.74 3.82 21.53
N CYS A 81 56.01 3.15 22.42
CA CYS A 81 54.94 3.81 23.15
C CYS A 81 55.51 4.93 24.02
N ARG A 82 56.60 4.65 24.73
CA ARG A 82 57.18 5.68 25.57
C ARG A 82 57.75 6.82 24.74
N GLU A 83 58.28 6.54 23.56
CA GLU A 83 58.79 7.61 22.70
C GLU A 83 57.65 8.53 22.28
N GLU A 84 56.53 7.94 21.83
CA GLU A 84 55.38 8.77 21.50
C GLU A 84 54.86 9.49 22.74
N ILE A 85 54.93 8.84 23.90
CA ILE A 85 54.54 9.48 25.16
C ILE A 85 55.34 10.74 25.36
N LEU A 86 56.65 10.65 25.19
CA LEU A 86 57.50 11.80 25.42
C LEU A 86 57.26 12.88 24.40
N LYS A 87 57.04 12.50 23.14
CA LYS A 87 56.70 13.53 22.14
C LYS A 87 55.41 14.24 22.53
N PHE A 88 54.42 13.47 22.96
CA PHE A 88 53.14 14.06 23.35
C PHE A 88 53.31 14.95 24.57
N LEU A 89 54.15 14.53 25.51
CA LEU A 89 54.36 15.34 26.70
C LEU A 89 55.17 16.59 26.39
N CYS A 90 56.04 16.55 25.41
CA CYS A 90 56.72 17.78 24.99
C CYS A 90 55.73 18.74 24.35
N ILE A 91 54.92 18.26 23.41
CA ILE A 91 53.96 19.15 22.78
C ILE A 91 52.91 19.61 23.78
N PHE A 92 52.68 18.81 24.83
CA PHE A 92 51.83 19.22 25.93
C PHE A 92 52.51 20.25 26.81
N LEU A 93 53.81 20.14 27.01
CA LEU A 93 54.45 21.17 27.82
C LEU A 93 54.36 22.52 27.14
N GLU A 94 54.23 22.53 25.82
CA GLU A 94 54.39 23.75 25.02
C GLU A 94 53.73 24.93 25.69
N LYS A 95 52.40 24.95 25.75
CA LYS A 95 51.75 25.78 26.74
C LYS A 95 50.42 25.16 27.11
N MET A 96 50.40 23.90 27.49
CA MET A 96 49.10 23.36 27.85
C MET A 96 48.82 23.67 29.32
N GLY A 97 49.40 24.76 29.82
CA GLY A 97 49.10 25.24 31.15
C GLY A 97 50.27 25.18 32.11
N GLN A 98 50.84 26.34 32.43
CA GLN A 98 51.92 26.39 33.40
C GLN A 98 51.51 25.78 34.74
N LYS A 99 50.20 25.63 34.97
CA LYS A 99 49.68 24.95 36.15
C LYS A 99 50.12 23.49 36.15
N ILE A 100 50.85 23.08 35.12
CA ILE A 100 51.52 21.79 35.14
C ILE A 100 52.53 21.72 36.28
N ALA A 101 52.97 22.88 36.77
CA ALA A 101 54.03 22.95 37.76
C ALA A 101 53.87 21.97 38.92
N PRO A 102 52.67 21.72 39.45
CA PRO A 102 52.52 20.59 40.39
C PRO A 102 53.20 19.32 39.93
N TYR A 103 52.89 18.87 38.71
CA TYR A 103 53.51 17.66 38.19
C TYR A 103 54.99 17.88 37.91
N SER A 104 55.37 19.11 37.57
CA SER A 104 56.63 19.36 36.89
C SER A 104 57.80 18.73 37.63
N VAL A 105 57.78 18.77 38.95
CA VAL A 105 58.90 18.23 39.71
C VAL A 105 58.98 16.72 39.53
N GLU A 106 57.94 16.00 39.95
CA GLU A 106 58.10 14.56 40.09
C GLU A 106 58.33 13.90 38.75
N ILE A 107 57.58 14.32 37.72
CA ILE A 107 57.79 13.79 36.39
C ILE A 107 59.23 14.00 35.95
N LYS A 108 59.77 15.19 36.25
CA LYS A 108 61.19 15.44 36.07
C LYS A 108 62.00 14.26 36.58
N ASN A 109 61.86 13.97 37.87
CA ASN A 109 62.58 12.86 38.45
C ASN A 109 62.38 11.61 37.62
N THR A 110 61.12 11.29 37.35
CA THR A 110 60.83 10.07 36.59
C THR A 110 61.61 10.05 35.30
N CYS A 111 61.50 11.12 34.50
CA CYS A 111 62.13 11.06 33.19
C CYS A 111 63.64 10.92 33.33
N THR A 112 64.21 11.61 34.31
CA THR A 112 65.64 11.43 34.57
C THR A 112 65.93 9.97 34.87
N SER A 113 65.20 9.39 35.82
CA SER A 113 65.33 7.98 36.09
C SER A 113 65.02 7.17 34.83
N VAL A 114 64.00 7.60 34.09
CA VAL A 114 63.67 6.91 32.85
C VAL A 114 64.87 6.90 31.92
N TYR A 115 65.58 8.03 31.84
CA TYR A 115 66.73 8.09 30.96
C TYR A 115 67.80 7.09 31.37
N THR A 116 67.89 6.78 32.66
CA THR A 116 68.95 5.93 33.16
C THR A 116 68.49 4.49 33.38
N LYS A 117 67.48 4.30 34.25
CA LYS A 117 67.15 2.96 34.73
C LYS A 117 66.17 2.25 33.79
N ASP A 118 64.99 2.82 33.56
CA ASP A 118 64.03 2.20 32.66
C ASP A 118 64.59 2.12 31.25
N ARG A 119 65.24 3.19 30.79
CA ARG A 119 66.00 3.16 29.54
C ARG A 119 67.46 2.93 29.93
N ALA A 120 67.79 1.66 30.12
CA ALA A 120 69.13 1.26 30.51
C ALA A 120 69.92 0.61 29.39
N ALA A 121 69.25 -0.05 28.46
CA ALA A 121 69.91 -0.65 27.30
C ALA A 121 69.42 -0.04 25.99
N LYS A 122 68.61 1.01 26.05
CA LYS A 122 68.06 1.65 24.87
C LYS A 122 68.87 2.90 24.53
N CYS A 123 69.37 2.95 23.30
CA CYS A 123 70.05 4.13 22.75
C CYS A 123 69.30 4.50 21.48
N LYS A 124 68.24 5.27 21.65
CA LYS A 124 67.34 5.67 20.58
C LYS A 124 66.74 7.02 20.96
N ILE A 125 65.65 7.38 20.28
CA ILE A 125 64.93 8.64 20.44
C ILE A 125 64.56 8.94 21.89
N PRO A 126 64.12 7.95 22.69
CA PRO A 126 63.65 8.29 24.06
C PRO A 126 64.59 9.18 24.87
N ALA A 127 65.91 8.96 24.82
CA ALA A 127 66.79 9.85 25.57
C ALA A 127 66.66 11.28 25.07
N LEU A 128 66.63 11.46 23.75
CA LEU A 128 66.48 12.80 23.19
C LEU A 128 65.17 13.42 23.64
N ASP A 129 64.11 12.64 23.65
CA ASP A 129 62.82 13.15 24.08
C ASP A 129 62.85 13.57 25.54
N LEU A 130 63.46 12.74 26.39
CA LEU A 130 63.57 13.09 27.79
C LEU A 130 64.36 14.38 27.98
N LEU A 131 65.47 14.51 27.25
CA LEU A 131 66.30 15.70 27.36
C LEU A 131 65.51 16.94 26.95
N ILE A 132 64.81 16.87 25.81
CA ILE A 132 64.11 18.05 25.34
C ILE A 132 62.96 18.40 26.28
N LYS A 133 62.30 17.38 26.85
CA LYS A 133 61.27 17.67 27.84
C LYS A 133 61.86 18.38 29.04
N LEU A 134 63.02 17.91 29.51
CA LEU A 134 63.65 18.55 30.66
C LEU A 134 64.04 19.98 30.34
N LEU A 135 64.58 20.21 29.15
CA LEU A 135 65.02 21.55 28.79
C LEU A 135 63.83 22.50 28.66
N GLN A 136 62.74 22.03 28.07
CA GLN A 136 61.53 22.82 27.99
C GLN A 136 61.00 23.12 29.37
N THR A 137 61.06 22.13 30.27
CA THR A 137 60.63 22.34 31.64
C THR A 137 61.45 23.44 32.29
N PHE A 138 62.77 23.40 32.09
CA PHE A 138 63.64 24.44 32.61
C PHE A 138 63.22 25.80 32.07
N ARG A 139 63.35 25.98 30.77
CA ARG A 139 63.19 27.30 30.17
C ARG A 139 61.76 27.81 30.24
N SER A 140 60.82 26.96 30.62
CA SER A 140 59.45 27.37 30.86
C SER A 140 59.20 27.69 32.33
N SER A 141 59.68 26.84 33.22
CA SER A 141 59.51 27.03 34.66
C SER A 141 60.80 27.61 35.21
N ARG A 142 60.74 28.88 35.63
CA ARG A 142 61.92 29.59 36.12
C ARG A 142 61.65 30.09 37.54
N LEU A 143 62.40 29.54 38.50
CA LEU A 143 62.53 30.10 39.84
C LEU A 143 61.22 30.03 40.64
N MET A 144 60.50 28.93 40.52
CA MET A 144 59.42 28.64 41.45
C MET A 144 59.59 27.31 42.17
N ASP A 145 60.02 26.26 41.46
CA ASP A 145 60.32 24.97 42.07
C ASP A 145 61.74 24.52 41.75
N GLU A 146 62.56 25.42 41.24
CA GLU A 146 63.89 25.07 40.75
C GLU A 146 64.79 24.84 41.97
N PHE A 147 64.67 23.63 42.54
CA PHE A 147 65.43 23.31 43.74
C PHE A 147 66.04 21.91 43.69
N LYS A 148 66.10 21.28 42.52
CA LYS A 148 66.53 19.89 42.43
C LYS A 148 67.60 19.71 41.35
N ILE A 149 68.35 20.76 41.04
CA ILE A 149 69.19 20.74 39.84
C ILE A 149 70.61 20.29 40.16
N GLY A 150 71.12 20.68 41.33
CA GLY A 150 72.51 20.41 41.64
C GLY A 150 72.81 18.92 41.66
N GLU A 151 71.90 18.13 42.24
CA GLU A 151 72.04 16.68 42.21
C GLU A 151 72.07 16.18 40.78
N LEU A 152 71.14 16.65 39.94
CA LEU A 152 71.08 16.18 38.56
C LEU A 152 72.25 16.71 37.76
N PHE A 153 72.64 17.97 38.01
CA PHE A 153 73.85 18.50 37.39
C PHE A 153 75.05 17.61 37.68
N SER A 154 75.24 17.25 38.95
CA SER A 154 76.36 16.41 39.32
C SER A 154 76.26 15.03 38.67
N LYS A 155 75.05 14.47 38.64
CA LYS A 155 74.90 13.14 38.08
C LYS A 155 75.24 13.13 36.61
N PHE A 156 74.74 14.12 35.87
CA PHE A 156 75.07 14.19 34.45
C PHE A 156 76.52 14.56 34.23
N TYR A 157 77.12 15.30 35.15
CA TYR A 157 78.54 15.59 35.04
C TYR A 157 79.35 14.31 35.13
N GLY A 158 79.03 13.45 36.09
CA GLY A 158 79.66 12.15 36.14
C GLY A 158 79.32 11.31 34.92
N GLU A 159 78.11 11.47 34.40
CA GLU A 159 77.66 10.64 33.30
C GLU A 159 78.40 10.98 32.00
N LEU A 160 78.62 12.26 31.73
CA LEU A 160 79.22 12.67 30.49
C LEU A 160 80.69 12.21 30.40
N ALA A 161 81.39 12.25 31.52
CA ALA A 161 82.77 11.81 31.55
C ALA A 161 82.89 10.30 31.49
N LEU A 162 81.81 9.59 31.17
CA LEU A 162 81.89 8.17 30.93
C LEU A 162 82.90 7.88 29.83
N LYS A 163 83.72 6.87 30.05
CA LYS A 163 84.80 6.60 29.12
C LYS A 163 84.34 5.94 27.85
N LYS A 164 83.03 5.92 27.59
CA LYS A 164 82.47 5.35 26.37
C LYS A 164 81.74 6.43 25.58
N LYS A 165 81.84 6.35 24.26
CA LYS A 165 81.17 7.26 23.35
C LYS A 165 79.73 6.83 23.12
N ILE A 166 79.24 5.88 23.91
CA ILE A 166 77.90 5.34 23.77
C ILE A 166 76.84 6.44 23.89
N PRO A 167 77.11 7.60 24.53
CA PRO A 167 76.25 8.76 24.24
C PRO A 167 76.51 9.25 22.82
N ASP A 168 75.55 9.03 21.92
CA ASP A 168 75.75 9.39 20.54
C ASP A 168 75.72 10.91 20.36
N THR A 169 76.05 11.35 19.15
CA THR A 169 75.89 12.76 18.81
C THR A 169 74.48 13.22 19.12
N VAL A 170 73.50 12.39 18.78
CA VAL A 170 72.10 12.72 19.05
C VAL A 170 71.88 12.95 20.54
N LEU A 171 72.72 12.35 21.38
CA LEU A 171 72.60 12.53 22.82
C LEU A 171 73.37 13.72 23.35
N GLU A 172 74.20 14.36 22.51
CA GLU A 172 75.00 15.47 22.96
C GLU A 172 74.14 16.67 23.33
N LYS A 173 72.82 16.56 23.13
CA LYS A 173 71.90 17.51 23.71
C LYS A 173 72.13 17.68 25.20
N VAL A 174 72.79 16.70 25.82
CA VAL A 174 73.16 16.82 27.23
C VAL A 174 73.84 18.16 27.49
N TYR A 175 74.70 18.59 26.57
CA TYR A 175 75.35 19.89 26.73
C TYR A 175 74.33 21.00 26.83
N GLU A 176 73.38 21.04 25.89
CA GLU A 176 72.28 21.98 26.01
C GLU A 176 71.58 21.81 27.35
N LEU A 177 71.44 20.57 27.80
CA LEU A 177 70.96 20.32 29.14
C LEU A 177 71.92 20.84 30.18
N LEU A 178 73.20 20.47 30.08
CA LEU A 178 74.18 20.99 31.02
C LEU A 178 74.29 22.51 30.95
N GLY A 179 73.91 23.11 29.83
CA GLY A 179 73.71 24.55 29.82
C GLY A 179 72.62 24.87 30.81
N LEU A 180 72.99 25.47 31.94
CA LEU A 180 72.09 25.62 33.07
C LEU A 180 72.18 27.02 33.63
N LEU A 181 71.04 27.71 33.66
CA LEU A 181 70.81 28.91 34.45
C LEU A 181 69.46 28.81 35.12
N GLY A 182 69.09 27.60 35.54
CA GLY A 182 67.71 27.31 35.86
C GLY A 182 67.16 28.18 36.98
N GLU A 183 67.91 28.32 38.07
CA GLU A 183 67.45 29.11 39.20
C GLU A 183 68.32 30.34 39.43
N VAL A 184 69.60 30.16 39.75
CA VAL A 184 70.54 31.25 39.85
C VAL A 184 71.83 30.79 39.20
N HIS A 185 71.83 29.54 38.74
CA HIS A 185 73.08 28.83 38.53
C HIS A 185 73.86 28.89 39.83
N PRO A 186 73.47 28.12 40.85
CA PRO A 186 74.10 28.25 42.18
C PRO A 186 75.61 28.01 42.19
N SER A 187 76.21 28.18 43.37
CA SER A 187 77.66 28.27 43.45
C SER A 187 78.35 26.95 43.12
N GLU A 188 77.69 25.82 43.35
CA GLU A 188 78.38 24.54 43.15
C GLU A 188 78.75 24.33 41.69
N MET A 189 77.76 24.45 40.78
CA MET A 189 78.09 24.38 39.37
C MET A 189 78.87 25.60 38.90
N ILE A 190 78.78 26.72 39.61
CA ILE A 190 79.64 27.85 39.33
C ILE A 190 81.11 27.44 39.50
N ASN A 191 81.41 26.76 40.60
CA ASN A 191 82.76 26.24 40.81
C ASN A 191 83.12 25.19 39.77
N ASN A 192 82.19 24.29 39.47
CA ASN A 192 82.46 23.27 38.47
C ASN A 192 82.63 23.85 37.07
N ALA A 193 82.22 25.09 36.86
CA ALA A 193 82.23 25.68 35.53
C ALA A 193 83.61 25.67 34.90
N GLU A 194 84.68 25.77 35.71
CA GLU A 194 86.02 25.75 35.13
C GLU A 194 86.30 24.40 34.48
N ASN A 195 86.00 23.30 35.17
CA ASN A 195 86.17 21.98 34.57
C ASN A 195 85.21 21.78 33.42
N LEU A 196 84.02 22.37 33.53
CA LEU A 196 83.11 22.39 32.39
C LEU A 196 83.80 22.99 31.18
N PHE A 197 84.46 24.13 31.37
CA PHE A 197 85.17 24.80 30.28
C PHE A 197 86.27 23.91 29.75
N ARG A 198 86.99 23.22 30.64
CA ARG A 198 88.03 22.30 30.19
C ARG A 198 87.44 21.25 29.26
N ALA A 199 86.30 20.68 29.67
CA ALA A 199 85.64 19.68 28.84
C ALA A 199 85.23 20.27 27.49
N PHE A 200 84.66 21.46 27.51
CA PHE A 200 84.19 22.07 26.27
C PHE A 200 85.36 22.36 25.33
N LEU A 201 86.46 22.86 25.90
CA LEU A 201 87.64 23.14 25.10
C LEU A 201 88.18 21.87 24.46
N GLY A 202 88.27 20.81 25.27
CA GLY A 202 88.74 19.55 24.71
C GLY A 202 87.83 19.02 23.62
N GLU A 203 86.52 19.04 23.88
CA GLU A 203 85.57 18.52 22.90
C GLU A 203 85.60 19.34 21.62
N LEU A 204 85.64 20.66 21.75
CA LEU A 204 85.58 21.50 20.56
C LEU A 204 86.90 21.48 19.79
N LYS A 205 88.03 21.31 20.49
CA LYS A 205 89.28 21.09 19.79
C LYS A 205 89.24 19.77 19.02
N THR A 206 88.67 18.74 19.64
CA THR A 206 88.50 17.47 18.96
C THR A 206 87.64 17.64 17.72
N GLN A 207 86.54 18.39 17.85
CA GLN A 207 85.65 18.61 16.73
C GLN A 207 86.34 19.38 15.62
N MET A 208 87.05 20.45 15.95
CA MET A 208 87.23 21.50 14.98
C MET A 208 88.66 21.54 14.45
N THR A 209 89.62 21.04 15.23
CA THR A 209 90.99 20.82 14.80
C THR A 209 91.20 19.31 14.80
N SER A 210 91.02 18.68 13.64
CA SER A 210 91.10 17.24 13.57
C SER A 210 91.39 16.80 12.15
N ALA A 211 92.12 15.69 12.04
CA ALA A 211 92.32 14.99 10.78
C ALA A 211 92.12 13.50 10.95
N VAL A 212 91.41 13.09 12.01
CA VAL A 212 91.27 11.70 12.40
C VAL A 212 89.91 11.13 11.95
N ARG A 213 89.31 11.73 10.91
CA ARG A 213 88.01 11.30 10.41
C ARG A 213 86.96 11.30 11.53
N GLU A 214 87.06 12.28 12.42
CA GLU A 214 86.14 12.42 13.55
C GLU A 214 85.67 13.85 13.65
N PRO A 215 84.82 14.30 12.72
CA PRO A 215 84.23 15.63 12.85
C PRO A 215 83.21 15.65 13.98
N LYS A 216 82.28 14.69 13.96
CA LYS A 216 81.20 14.62 14.99
C LYS A 216 80.61 16.01 15.24
N LEU A 217 80.88 16.97 14.33
CA LEU A 217 80.41 18.37 14.53
C LEU A 217 78.88 18.43 14.54
N PRO A 218 78.15 17.78 13.60
CA PRO A 218 76.70 17.89 13.50
C PRO A 218 76.01 18.44 14.77
N VAL A 219 75.83 17.60 15.79
CA VAL A 219 75.10 18.03 17.02
C VAL A 219 76.08 18.56 18.05
N LEU A 220 77.23 17.91 18.20
CA LEU A 220 78.18 18.30 19.25
C LEU A 220 78.50 19.79 19.15
N ALA A 221 78.72 20.30 17.94
CA ALA A 221 79.02 21.71 17.80
C ALA A 221 77.88 22.57 18.34
N GLY A 222 76.65 22.31 17.86
CA GLY A 222 75.52 23.11 18.27
C GLY A 222 75.25 23.03 19.75
N CYS A 223 75.35 21.82 20.32
CA CYS A 223 75.09 21.67 21.75
C CYS A 223 76.15 22.38 22.58
N LEU A 224 77.41 22.31 22.16
CA LEU A 224 78.44 23.04 22.88
C LEU A 224 78.17 24.54 22.84
N LYS A 225 77.78 25.05 21.67
CA LYS A 225 77.49 26.48 21.58
C LYS A 225 76.30 26.85 22.45
N GLY A 226 75.25 26.04 22.43
CA GLY A 226 74.11 26.32 23.27
C GLY A 226 74.46 26.33 24.74
N LEU A 227 75.26 25.36 25.16
CA LEU A 227 75.70 25.33 26.56
C LEU A 227 76.46 26.60 26.89
N SER A 228 77.46 26.93 26.07
CA SER A 228 78.29 28.10 26.35
C SER A 228 77.44 29.35 26.46
N SER A 229 76.46 29.50 25.57
CA SER A 229 75.53 30.61 25.68
C SER A 229 74.80 30.57 27.01
N LEU A 230 74.29 29.39 27.39
CA LEU A 230 73.52 29.29 28.62
C LEU A 230 74.36 29.56 29.86
N LEU A 231 75.68 29.47 29.76
CA LEU A 231 76.54 29.66 30.92
C LEU A 231 77.30 30.96 30.90
N CYS A 232 77.80 31.41 29.75
CA CYS A 232 78.61 32.62 29.72
C CYS A 232 77.82 33.86 30.10
N ASN A 233 76.54 33.72 30.46
CA ASN A 233 75.74 34.85 30.90
C ASN A 233 76.26 35.44 32.19
N PHE A 234 77.13 34.73 32.90
CA PHE A 234 77.56 35.16 34.22
C PHE A 234 79.06 34.96 34.44
N THR A 235 79.83 34.67 33.40
CA THR A 235 81.25 34.37 33.55
C THR A 235 82.00 34.98 32.38
N LYS A 236 83.28 34.61 32.28
CA LYS A 236 84.14 34.94 31.13
C LYS A 236 84.29 36.45 30.94
N SER A 237 84.94 37.08 31.91
CA SER A 237 85.36 38.46 31.72
C SER A 237 86.52 38.52 30.72
N MET A 238 86.73 39.70 30.16
CA MET A 238 87.63 39.86 29.01
C MET A 238 89.08 40.00 29.45
N GLU A 239 89.55 38.99 30.18
CA GLU A 239 90.98 38.94 30.52
C GLU A 239 91.56 37.53 30.44
N GLU A 240 90.92 36.63 29.69
CA GLU A 240 91.34 35.23 29.66
C GLU A 240 91.76 34.83 28.26
N ASP A 241 92.88 34.12 28.18
CA ASP A 241 93.30 33.44 26.98
C ASP A 241 92.36 32.29 26.63
N PRO A 242 91.76 31.60 27.62
CA PRO A 242 90.64 30.72 27.27
C PRO A 242 89.53 31.44 26.52
N GLN A 243 89.24 32.69 26.91
CA GLN A 243 88.21 33.46 26.22
C GLN A 243 88.56 33.63 24.76
N THR A 244 89.79 34.09 24.46
CA THR A 244 90.15 34.28 23.07
C THR A 244 90.27 32.95 22.34
N SER A 245 90.60 31.86 23.05
CA SER A 245 90.61 30.55 22.41
C SER A 245 89.22 30.16 21.94
N ARG A 246 88.22 30.36 22.80
CA ARG A 246 86.85 30.09 22.39
C ARG A 246 86.44 31.03 21.27
N GLU A 247 86.93 32.26 21.31
CA GLU A 247 86.68 33.21 20.25
C GLU A 247 87.21 32.69 18.92
N ILE A 248 88.43 32.17 18.92
CA ILE A 248 89.03 31.61 17.72
C ILE A 248 88.25 30.40 17.25
N PHE A 249 87.79 29.57 18.19
CA PHE A 249 86.98 28.41 17.83
C PHE A 249 85.71 28.85 17.12
N ASN A 250 85.04 29.87 17.67
CA ASN A 250 83.86 30.39 17.01
C ASN A 250 84.21 30.92 15.62
N PHE A 251 85.34 31.61 15.51
CA PHE A 251 85.80 32.06 14.20
C PHE A 251 85.87 30.90 13.21
N VAL A 252 86.65 29.88 13.55
CA VAL A 252 86.88 28.77 12.64
C VAL A 252 85.57 28.10 12.31
N LEU A 253 84.61 28.14 13.24
CA LEU A 253 83.29 27.58 13.00
C LEU A 253 82.66 28.13 11.72
N LYS A 254 82.81 29.44 11.50
CA LYS A 254 82.07 30.07 10.40
C LYS A 254 82.45 29.49 9.05
N ALA A 255 83.75 29.29 8.80
CA ALA A 255 84.18 28.74 7.52
C ALA A 255 85.49 27.98 7.73
N ILE A 256 85.39 26.68 7.95
CA ILE A 256 86.56 25.81 7.85
C ILE A 256 86.71 25.25 6.45
N ARG A 257 85.72 25.44 5.59
CA ARG A 257 85.80 25.02 4.21
C ARG A 257 86.37 26.15 3.35
N TYR A 265 71.37 21.50 7.72
CA TYR A 265 72.69 22.09 7.81
C TYR A 265 72.62 23.57 8.17
N ALA A 266 72.52 23.84 9.48
CA ALA A 266 72.42 25.21 9.95
C ALA A 266 73.23 25.46 11.21
N VAL A 267 74.18 24.59 11.54
CA VAL A 267 74.96 24.77 12.77
C VAL A 267 75.61 26.15 12.83
N PRO A 268 76.19 26.70 11.76
CA PRO A 268 76.75 28.05 11.85
C PRO A 268 75.74 29.09 12.30
N SER A 269 74.45 28.91 12.00
CA SER A 269 73.45 29.84 12.50
C SER A 269 73.40 29.83 14.02
N ALA A 270 73.47 28.63 14.61
CA ALA A 270 73.58 28.54 16.05
C ALA A 270 74.84 29.22 16.55
N GLY A 271 75.93 29.11 15.79
CA GLY A 271 77.13 29.84 16.15
C GLY A 271 76.93 31.34 16.18
N LEU A 272 76.25 31.87 15.16
CA LEU A 272 75.97 33.30 15.12
C LEU A 272 75.11 33.70 16.31
N ARG A 273 74.12 32.89 16.64
CA ARG A 273 73.29 33.17 17.80
C ARG A 273 74.15 33.25 19.05
N LEU A 274 74.97 32.23 19.28
CA LEU A 274 75.82 32.20 20.47
C LEU A 274 76.70 33.42 20.54
N PHE A 275 77.32 33.79 19.43
CA PHE A 275 78.15 34.99 19.42
C PHE A 275 77.33 36.23 19.77
N ALA A 276 76.15 36.36 19.17
CA ALA A 276 75.35 37.55 19.38
C ALA A 276 74.98 37.70 20.85
N LEU A 277 74.69 36.58 21.52
CA LEU A 277 74.35 36.67 22.93
C LEU A 277 75.51 37.23 23.76
N HIS A 278 76.73 36.82 23.44
CA HIS A 278 77.89 37.18 24.23
C HIS A 278 78.94 37.87 23.38
N ALA A 279 78.51 38.77 22.50
CA ALA A 279 79.46 39.58 21.76
C ALA A 279 80.31 40.41 22.71
N SER A 280 79.69 40.95 23.75
CA SER A 280 80.43 41.74 24.74
C SER A 280 81.48 40.90 25.45
N GLN A 281 81.15 39.64 25.75
CA GLN A 281 82.07 38.79 26.50
C GLN A 281 83.37 38.56 25.75
N PHE A 282 83.38 38.73 24.43
CA PHE A 282 84.58 38.55 23.63
C PHE A 282 85.22 39.87 23.23
N SER A 283 84.77 40.98 23.80
CA SER A 283 85.33 42.28 23.44
C SER A 283 86.82 42.33 23.82
N THR A 284 87.50 43.36 23.29
CA THR A 284 88.93 43.60 23.44
C THR A 284 89.77 42.55 22.73
N CYS A 285 89.16 41.49 22.20
CA CYS A 285 89.87 40.49 21.43
C CYS A 285 89.26 40.29 20.06
N LEU A 286 88.16 40.98 19.76
CA LEU A 286 87.54 40.94 18.45
C LEU A 286 87.81 42.20 17.64
N LEU A 287 88.52 43.17 18.23
CA LEU A 287 88.95 44.33 17.45
C LEU A 287 89.73 43.90 16.22
N ASP A 288 90.71 43.04 16.42
CA ASP A 288 91.42 42.44 15.31
C ASP A 288 90.48 41.57 14.49
N ASN A 289 90.93 41.22 13.28
CA ASN A 289 90.19 40.32 12.39
C ASN A 289 88.83 40.89 12.02
N TYR A 290 88.70 42.22 12.06
CA TYR A 290 87.40 42.84 11.84
C TYR A 290 86.84 42.51 10.47
N VAL A 291 87.66 42.66 9.44
CA VAL A 291 87.15 42.62 8.07
C VAL A 291 86.57 41.25 7.75
N SER A 292 87.22 40.19 8.20
CA SER A 292 86.71 38.84 7.94
C SER A 292 85.36 38.66 8.59
N LEU A 293 85.21 39.10 9.84
CA LEU A 293 83.93 39.00 10.52
C LEU A 293 82.86 39.78 9.77
N PHE A 294 83.17 41.02 9.40
CA PHE A 294 82.22 41.85 8.69
C PHE A 294 81.75 41.18 7.41
N GLU A 295 82.68 40.75 6.58
CA GLU A 295 82.32 40.16 5.29
C GLU A 295 81.57 38.85 5.49
N VAL A 296 81.98 38.02 6.43
CA VAL A 296 81.37 36.71 6.57
C VAL A 296 79.95 36.86 7.11
N LEU A 297 79.72 37.77 8.05
CA LEU A 297 78.36 38.01 8.51
C LEU A 297 77.52 38.63 7.40
N LEU A 298 78.12 39.52 6.60
CA LEU A 298 77.40 40.11 5.49
C LEU A 298 76.91 39.04 4.52
N LYS A 299 77.79 38.13 4.13
CA LYS A 299 77.39 37.07 3.21
C LYS A 299 76.44 36.10 3.89
N TRP A 300 76.59 35.89 5.20
CA TRP A 300 75.72 34.95 5.90
C TRP A 300 74.29 35.46 5.94
N CYS A 301 74.10 36.75 6.20
CA CYS A 301 72.74 37.29 6.20
C CYS A 301 72.32 37.59 4.77
N ALA A 302 72.54 36.62 3.88
CA ALA A 302 72.10 36.70 2.51
C ALA A 302 71.55 35.40 1.96
N HIS A 303 71.75 34.28 2.64
CA HIS A 303 71.51 32.97 2.08
C HIS A 303 70.15 32.45 2.51
N THR A 304 69.84 31.22 2.09
CA THR A 304 68.57 30.61 2.44
C THR A 304 68.52 30.32 3.95
N ASN A 305 67.43 29.67 4.38
CA ASN A 305 67.22 29.33 5.78
C ASN A 305 67.23 30.61 6.63
N VAL A 306 66.21 31.42 6.39
CA VAL A 306 66.11 32.80 6.88
C VAL A 306 66.38 32.88 8.38
N GLU A 307 66.27 31.75 9.08
CA GLU A 307 66.83 31.66 10.42
C GLU A 307 68.29 32.06 10.43
N LEU A 308 69.04 31.57 9.44
CA LEU A 308 70.44 31.98 9.28
C LEU A 308 70.53 33.48 9.03
N LYS A 309 69.65 34.01 8.18
CA LYS A 309 69.66 35.44 7.89
C LYS A 309 69.48 36.26 9.15
N LYS A 310 68.46 35.93 9.94
CA LYS A 310 68.18 36.70 11.15
C LYS A 310 69.29 36.52 12.19
N ALA A 311 69.84 35.32 12.29
CA ALA A 311 70.94 35.11 13.24
C ALA A 311 72.13 35.96 12.86
N ALA A 312 72.47 35.98 11.57
CA ALA A 312 73.59 36.80 11.11
C ALA A 312 73.29 38.28 11.31
N LEU A 313 72.05 38.69 11.07
CA LEU A 313 71.68 40.08 11.24
C LEU A 313 71.84 40.53 12.68
N SER A 314 71.30 39.74 13.61
CA SER A 314 71.42 40.06 15.03
C SER A 314 72.87 40.06 15.47
N ALA A 315 73.63 39.06 15.04
CA ALA A 315 75.05 39.00 15.39
C ALA A 315 75.78 40.21 14.86
N LEU A 316 75.45 40.63 13.63
CA LEU A 316 76.13 41.77 13.03
C LEU A 316 75.79 43.06 13.76
N GLU A 317 74.53 43.25 14.14
CA GLU A 317 74.21 44.48 14.84
C GLU A 317 74.85 44.50 16.23
N SER A 318 74.90 43.36 16.92
CA SER A 318 75.56 43.31 18.21
C SER A 318 77.05 43.58 18.07
N PHE A 319 77.68 42.97 17.07
CA PHE A 319 79.09 43.20 16.80
C PHE A 319 79.36 44.66 16.48
N LEU A 320 78.48 45.26 15.67
CA LEU A 320 78.65 46.65 15.32
C LEU A 320 78.52 47.55 16.53
N LYS A 321 77.56 47.25 17.41
CA LYS A 321 77.44 48.01 18.64
C LYS A 321 78.71 47.92 19.47
N GLN A 322 79.22 46.70 19.65
CA GLN A 322 80.41 46.53 20.47
C GLN A 322 81.60 47.26 19.88
N VAL A 323 81.82 47.12 18.57
CA VAL A 323 82.95 47.77 17.94
C VAL A 323 82.79 49.28 17.99
N SER A 324 81.56 49.78 17.88
CA SER A 324 81.32 51.20 18.02
C SER A 324 81.71 51.67 19.42
N ASN A 325 81.34 50.90 20.45
CA ASN A 325 81.72 51.26 21.81
C ASN A 325 83.23 51.36 21.93
N MET A 326 83.94 50.31 21.53
CA MET A 326 85.39 50.31 21.73
C MET A 326 86.06 51.42 20.94
N VAL A 327 85.66 51.61 19.68
CA VAL A 327 86.30 52.65 18.87
C VAL A 327 85.99 54.02 19.43
N ALA A 328 84.80 54.20 20.02
CA ALA A 328 84.48 55.45 20.69
C ALA A 328 85.42 55.67 21.87
N LYS A 329 85.75 54.60 22.60
CA LYS A 329 86.69 54.69 23.72
C LYS A 329 88.12 54.33 23.32
N ASN A 330 88.50 54.62 22.08
CA ASN A 330 89.86 54.40 21.61
C ASN A 330 90.52 55.71 21.20
N ALA A 331 91.82 55.78 21.43
CA ALA A 331 92.64 56.87 20.88
C ALA A 331 93.19 56.51 19.52
N GLU A 332 93.34 55.21 19.25
CA GLU A 332 93.72 54.69 17.94
C GLU A 332 92.51 54.42 17.07
N MET A 333 91.41 55.11 17.33
CA MET A 333 90.11 54.85 16.75
C MET A 333 90.11 54.89 15.22
N HIS A 334 91.15 55.43 14.60
CA HIS A 334 91.11 55.71 13.17
C HIS A 334 90.88 54.45 12.34
N LYS A 335 91.55 53.36 12.70
CA LYS A 335 91.66 52.22 11.81
C LYS A 335 90.30 51.70 11.37
N ASN A 336 89.49 51.22 12.31
CA ASN A 336 88.23 50.59 11.96
C ASN A 336 87.29 51.58 11.29
N LYS A 337 87.20 52.80 11.82
CA LYS A 337 86.22 53.75 11.32
C LYS A 337 86.53 54.16 9.89
N LEU A 338 87.81 54.36 9.56
CA LEU A 338 88.11 54.85 8.23
C LEU A 338 88.23 53.73 7.22
N GLN A 339 88.80 52.58 7.62
CA GLN A 339 89.07 51.52 6.67
C GLN A 339 87.79 51.00 6.04
N TYR A 340 86.75 50.82 6.85
CA TYR A 340 85.60 50.03 6.45
C TYR A 340 84.32 50.83 6.37
N PHE A 341 83.97 51.54 7.44
CA PHE A 341 82.58 51.86 7.72
C PHE A 341 81.97 52.69 6.59
N MET A 342 82.43 53.93 6.43
CA MET A 342 81.83 54.81 5.44
C MET A 342 82.00 54.25 4.04
N GLU A 343 83.20 53.74 3.74
CA GLU A 343 83.45 53.13 2.45
C GLU A 343 82.45 52.03 2.15
N GLN A 344 82.32 51.07 3.06
CA GLN A 344 81.44 49.94 2.80
C GLN A 344 79.99 50.36 2.72
N PHE A 345 79.56 51.25 3.62
CA PHE A 345 78.16 51.65 3.64
C PHE A 345 77.79 52.39 2.37
N TYR A 346 78.69 53.25 1.89
CA TYR A 346 78.45 53.89 0.60
C TYR A 346 78.43 52.86 -0.52
N GLY A 347 79.36 51.90 -0.48
CA GLY A 347 79.37 50.84 -1.47
C GLY A 347 78.15 49.96 -1.44
N ILE A 348 77.38 50.01 -0.36
CA ILE A 348 76.15 49.24 -0.29
C ILE A 348 75.21 49.66 -1.42
N ILE A 349 75.06 50.96 -1.62
CA ILE A 349 74.21 51.47 -2.67
C ILE A 349 74.87 51.27 -4.02
N ASN A 356 68.04 43.84 0.35
CA ASN A 356 67.13 44.86 0.84
C ASN A 356 67.58 45.38 2.20
N LYS A 357 67.58 44.49 3.19
CA LYS A 357 68.03 44.88 4.53
C LYS A 357 69.46 45.38 4.53
N GLU A 358 70.25 45.00 3.52
CA GLU A 358 71.56 45.58 3.29
C GLU A 358 71.57 47.09 3.52
N LEU A 359 70.55 47.78 2.99
CA LEU A 359 70.48 49.22 3.14
C LEU A 359 70.24 49.61 4.59
N SER A 360 69.33 48.89 5.27
CA SER A 360 69.11 49.14 6.68
C SER A 360 70.38 48.88 7.48
N ILE A 361 71.14 47.86 7.10
CA ILE A 361 72.41 47.58 7.76
C ILE A 361 73.36 48.75 7.58
N ALA A 362 73.43 49.30 6.37
CA ALA A 362 74.30 50.44 6.12
C ALA A 362 73.87 51.64 6.94
N ILE A 363 72.57 51.88 7.03
CA ILE A 363 72.07 53.01 7.81
C ILE A 363 72.40 52.84 9.28
N ARG A 364 72.22 51.63 9.80
CA ARG A 364 72.59 51.37 11.19
C ARG A 364 74.08 51.56 11.40
N GLY A 365 74.88 51.18 10.40
CA GLY A 365 76.31 51.42 10.49
C GLY A 365 76.63 52.89 10.55
N TYR A 366 75.94 53.69 9.75
CA TYR A 366 76.09 55.15 9.85
C TYR A 366 75.78 55.62 11.26
N GLY A 367 74.64 55.15 11.80
CA GLY A 367 74.22 55.60 13.11
C GLY A 367 75.21 55.27 14.19
N LEU A 368 75.78 54.06 14.14
CA LEU A 368 76.78 53.70 15.15
C LEU A 368 78.12 54.36 14.90
N PHE A 369 78.49 54.58 13.64
CA PHE A 369 79.71 55.30 13.32
C PHE A 369 79.64 56.74 13.79
N ALA A 370 78.43 57.28 13.96
CA ALA A 370 78.27 58.64 14.45
C ALA A 370 78.96 58.85 15.80
N GLY A 371 79.17 57.79 16.57
CA GLY A 371 79.80 57.90 17.86
C GLY A 371 81.18 58.53 17.82
N PRO A 372 82.14 57.85 17.19
CA PRO A 372 83.51 58.39 17.15
C PRO A 372 83.64 59.74 16.45
N CYS A 373 82.67 60.11 15.61
CA CYS A 373 82.71 61.44 15.02
C CYS A 373 82.66 62.52 16.09
N LYS A 374 82.01 62.25 17.22
CA LYS A 374 82.07 63.19 18.32
C LYS A 374 83.47 63.23 18.93
N VAL A 375 84.17 62.09 18.95
CA VAL A 375 85.53 62.07 19.45
C VAL A 375 86.46 62.86 18.54
N ILE A 376 86.37 62.62 17.23
CA ILE A 376 87.22 63.28 16.25
C ILE A 376 86.35 63.83 15.13
N ASN A 377 86.62 65.08 14.74
CA ASN A 377 85.84 65.78 13.72
C ASN A 377 84.37 65.91 14.14
N ALA A 378 84.16 66.64 15.24
CA ALA A 378 82.82 66.85 15.74
C ALA A 378 81.93 67.57 14.75
N LYS A 379 82.51 68.32 13.81
CA LYS A 379 81.71 68.95 12.77
C LYS A 379 81.11 67.91 11.83
N ASP A 380 81.84 66.81 11.60
CA ASP A 380 81.30 65.75 10.75
C ASP A 380 80.06 65.11 11.37
N VAL A 381 79.90 65.21 12.69
CA VAL A 381 78.66 64.75 13.33
C VAL A 381 77.48 65.42 12.65
N ASP A 382 77.41 66.75 12.75
CA ASP A 382 76.32 67.48 12.14
C ASP A 382 76.35 67.39 10.63
N PHE A 383 77.54 67.22 10.03
CA PHE A 383 77.61 67.04 8.58
C PHE A 383 76.84 65.80 8.13
N MET A 384 77.15 64.65 8.73
CA MET A 384 76.46 63.43 8.36
C MET A 384 75.00 63.49 8.80
N TYR A 385 74.72 64.15 9.92
CA TYR A 385 73.34 64.38 10.31
C TYR A 385 72.57 65.10 9.21
N VAL A 386 73.15 66.18 8.68
CA VAL A 386 72.48 66.99 7.68
C VAL A 386 72.30 66.20 6.39
N GLU A 387 73.35 65.51 5.94
CA GLU A 387 73.21 64.75 4.70
C GLU A 387 72.20 63.63 4.87
N LEU A 388 72.11 63.04 6.06
CA LEU A 388 71.07 62.06 6.33
C LEU A 388 69.69 62.70 6.26
N ILE A 389 69.57 63.93 6.76
CA ILE A 389 68.30 64.64 6.64
C ILE A 389 67.92 64.80 5.18
N GLN A 390 68.89 65.19 4.36
CA GLN A 390 68.64 65.36 2.93
C GLN A 390 68.20 64.04 2.32
N ARG A 391 68.90 62.96 2.67
CA ARG A 391 68.57 61.65 2.11
C ARG A 391 67.14 61.26 2.48
N CYS A 392 66.83 61.26 3.78
CA CYS A 392 65.51 60.81 4.21
C CYS A 392 64.42 61.72 3.66
N LYS A 393 64.73 62.99 3.43
CA LYS A 393 63.80 63.85 2.70
C LYS A 393 63.60 63.33 1.28
N GLN A 394 64.68 62.91 0.63
CA GLN A 394 64.56 62.41 -0.73
C GLN A 394 63.83 61.07 -0.77
N MET A 395 63.95 60.26 0.29
CA MET A 395 63.09 59.08 0.38
C MET A 395 61.74 59.39 0.99
N PHE A 396 61.50 60.65 1.37
CA PHE A 396 60.20 61.02 1.94
C PHE A 396 59.18 61.33 0.85
N LEU A 397 59.59 62.02 -0.21
CA LEU A 397 58.64 62.50 -1.21
C LEU A 397 58.34 61.49 -2.31
N THR A 398 59.16 60.45 -2.47
CA THR A 398 58.94 59.48 -3.53
C THR A 398 57.95 58.42 -3.07
N GLN A 399 57.02 58.09 -3.97
CA GLN A 399 56.00 57.09 -3.68
C GLN A 399 56.43 55.70 -4.15
N ASP A 405 58.92 48.20 0.53
CA ASP A 405 58.80 49.37 -0.33
C ASP A 405 59.60 50.54 0.24
N ARG A 406 59.10 51.75 0.00
CA ARG A 406 59.76 52.96 0.47
C ARG A 406 59.78 53.07 1.99
N VAL A 407 59.00 52.25 2.68
CA VAL A 407 58.85 52.36 4.12
C VAL A 407 59.62 51.30 4.88
N TYR A 408 60.19 50.31 4.18
CA TYR A 408 60.88 49.23 4.86
C TYR A 408 62.14 49.69 5.55
N GLN A 409 62.59 50.91 5.29
CA GLN A 409 63.85 51.42 5.79
C GLN A 409 63.70 52.67 6.63
N MET A 410 62.48 53.20 6.75
CA MET A 410 62.25 54.36 7.61
C MET A 410 62.78 54.17 9.03
N PRO A 411 62.46 53.07 9.74
CA PRO A 411 62.96 52.93 11.11
C PRO A 411 64.46 52.93 11.22
N SER A 412 65.17 52.39 10.23
CA SER A 412 66.63 52.45 10.26
C SER A 412 67.10 53.90 10.22
N PHE A 413 66.47 54.71 9.37
CA PHE A 413 66.78 56.13 9.35
C PHE A 413 66.54 56.76 10.69
N LEU A 414 65.39 56.44 11.30
CA LEU A 414 65.07 57.02 12.61
C LEU A 414 66.12 56.63 13.64
N GLN A 415 66.50 55.36 13.66
CA GLN A 415 67.49 54.90 14.63
C GLN A 415 68.81 55.62 14.44
N SER A 416 69.29 55.70 13.20
CA SER A 416 70.59 56.31 12.95
C SER A 416 70.57 57.79 13.31
N VAL A 417 69.51 58.51 12.93
CA VAL A 417 69.46 59.93 13.22
C VAL A 417 69.31 60.16 14.72
N ALA A 418 68.59 59.28 15.43
CA ALA A 418 68.51 59.41 16.87
C ALA A 418 69.87 59.20 17.50
N SER A 419 70.63 58.22 17.01
CA SER A 419 71.98 58.01 17.52
C SER A 419 72.83 59.26 17.33
N VAL A 420 72.85 59.79 16.10
CA VAL A 420 73.70 60.94 15.82
C VAL A 420 73.23 62.15 16.64
N LEU A 421 71.92 62.31 16.82
CA LEU A 421 71.41 63.39 17.65
C LEU A 421 71.87 63.23 19.10
N LEU A 422 71.85 61.99 19.60
CA LEU A 422 72.37 61.74 20.94
C LEU A 422 73.83 62.15 21.03
N TYR A 423 74.61 61.81 20.01
CA TYR A 423 75.99 62.29 19.97
C TYR A 423 76.03 63.80 19.77
N LEU A 424 75.12 64.32 18.94
CA LEU A 424 75.09 65.74 18.65
C LEU A 424 74.71 66.54 19.90
N ASP A 425 75.20 67.78 19.96
CA ASP A 425 74.94 68.64 21.11
C ASP A 425 74.48 70.03 20.69
N THR A 426 74.89 70.47 19.51
CA THR A 426 74.50 71.77 18.95
C THR A 426 73.81 71.49 17.61
N VAL A 427 72.50 71.29 17.68
CA VAL A 427 71.75 70.78 16.53
C VAL A 427 71.35 71.92 15.60
N PRO A 428 71.20 71.66 14.31
CA PRO A 428 70.60 72.63 13.40
C PRO A 428 69.09 72.62 13.52
N GLU A 429 68.55 73.63 14.21
CA GLU A 429 67.12 73.69 14.46
C GLU A 429 66.31 73.93 13.19
N VAL A 430 66.97 74.27 12.08
CA VAL A 430 66.25 74.44 10.82
C VAL A 430 65.62 73.13 10.38
N TYR A 431 66.34 72.03 10.55
CA TYR A 431 65.84 70.73 10.14
C TYR A 431 64.87 70.13 11.15
N THR A 432 64.63 70.80 12.27
CA THR A 432 63.73 70.25 13.28
C THR A 432 62.30 70.07 12.77
N PRO A 433 61.65 71.07 12.16
CA PRO A 433 60.29 70.82 11.65
C PRO A 433 60.27 69.71 10.60
N VAL A 434 61.29 69.66 9.75
CA VAL A 434 61.35 68.65 8.71
C VAL A 434 61.41 67.26 9.34
N LEU A 435 62.30 67.09 10.32
CA LEU A 435 62.46 65.77 10.92
C LEU A 435 61.22 65.36 11.69
N GLU A 436 60.59 66.29 12.42
CA GLU A 436 59.42 65.89 13.18
C GLU A 436 58.24 65.58 12.27
N HIS A 437 58.12 66.31 11.15
CA HIS A 437 57.09 65.96 10.17
C HIS A 437 57.36 64.60 9.57
N LEU A 438 58.63 64.28 9.32
CA LEU A 438 58.96 62.94 8.83
C LEU A 438 58.58 61.88 9.86
N VAL A 439 58.85 62.15 11.12
CA VAL A 439 58.51 61.20 12.18
C VAL A 439 57.01 60.97 12.21
N VAL A 440 56.23 62.06 12.15
CA VAL A 440 54.79 61.91 12.27
C VAL A 440 54.22 61.21 11.05
N MET A 441 54.77 61.47 9.86
CA MET A 441 54.26 60.74 8.70
C MET A 441 54.63 59.27 8.78
N GLN A 442 55.80 58.94 9.32
CA GLN A 442 56.13 57.54 9.53
C GLN A 442 55.15 56.89 10.50
N ILE A 443 54.84 57.59 11.58
CA ILE A 443 53.88 57.06 12.55
C ILE A 443 52.53 56.85 11.88
N ASP A 444 52.14 57.76 11.00
CA ASP A 444 50.92 57.56 10.22
C ASP A 444 51.02 56.31 9.35
N SER A 445 52.18 56.11 8.74
CA SER A 445 52.42 54.94 7.90
C SER A 445 52.77 53.70 8.70
N PHE A 446 52.54 53.74 10.01
CA PHE A 446 52.68 52.53 10.83
C PHE A 446 51.92 51.33 10.30
N PRO A 447 50.72 51.45 9.73
CA PRO A 447 50.12 50.27 9.08
C PRO A 447 50.87 49.89 7.82
N GLN A 448 50.35 48.91 7.09
CA GLN A 448 51.05 48.35 5.92
C GLN A 448 52.42 47.82 6.30
N TYR A 449 52.54 47.38 7.55
CA TYR A 449 53.82 47.03 8.14
C TYR A 449 53.79 45.61 8.65
N SER A 450 54.85 44.85 8.37
CA SER A 450 54.93 43.51 8.91
C SER A 450 55.25 43.57 10.40
N PRO A 451 54.69 42.68 11.20
CA PRO A 451 54.77 42.84 12.67
C PRO A 451 56.20 42.96 13.19
N LYS A 452 57.13 42.18 12.63
CA LYS A 452 58.52 42.28 13.06
C LYS A 452 59.04 43.70 12.87
N MET A 453 58.83 44.27 11.69
CA MET A 453 59.29 45.64 11.49
C MET A 453 58.34 46.67 12.08
N GLN A 454 57.12 46.28 12.46
CA GLN A 454 56.33 47.14 13.33
C GLN A 454 57.02 47.31 14.67
N LEU A 455 57.54 46.21 15.23
CA LEU A 455 58.32 46.33 16.45
C LEU A 455 59.59 47.12 16.19
N VAL A 456 60.20 46.92 15.03
CA VAL A 456 61.39 47.70 14.68
C VAL A 456 61.07 49.20 14.70
N CYS A 457 59.93 49.58 14.10
CA CYS A 457 59.60 50.99 13.99
C CYS A 457 59.19 51.57 15.33
N CYS A 458 58.51 50.80 16.17
CA CYS A 458 58.18 51.32 17.49
C CYS A 458 59.45 51.49 18.31
N ARG A 459 60.40 50.56 18.17
CA ARG A 459 61.70 50.74 18.80
C ARG A 459 62.38 52.00 18.30
N ALA A 460 62.31 52.25 16.99
CA ALA A 460 62.91 53.45 16.43
C ALA A 460 62.26 54.70 17.01
N ILE A 461 60.92 54.68 17.14
CA ILE A 461 60.22 55.86 17.66
C ILE A 461 60.62 56.12 19.11
N VAL A 462 60.62 55.07 19.94
CA VAL A 462 61.01 55.29 21.32
C VAL A 462 62.46 55.71 21.42
N LYS A 463 63.30 55.22 20.51
CA LYS A 463 64.71 55.61 20.53
C LYS A 463 64.89 57.06 20.14
N VAL A 464 64.17 57.53 19.12
CA VAL A 464 64.28 58.93 18.76
C VAL A 464 63.72 59.80 19.86
N PHE A 465 62.71 59.30 20.60
CA PHE A 465 62.21 60.07 21.73
C PHE A 465 63.24 60.15 22.84
N LEU A 466 63.93 59.04 23.11
CA LEU A 466 65.00 59.07 24.09
C LEU A 466 66.09 60.05 23.68
N ALA A 467 66.45 60.05 22.40
CA ALA A 467 67.44 61.00 21.91
C ALA A 467 66.96 62.44 22.06
N LEU A 468 65.69 62.68 21.76
CA LEU A 468 65.12 64.01 21.92
C LEU A 468 65.09 64.44 23.37
N ALA A 469 65.06 63.46 24.29
CA ALA A 469 64.98 63.78 25.71
C ALA A 469 66.20 64.56 26.20
N ALA A 470 67.31 64.53 25.47
CA ALA A 470 68.49 65.27 25.91
C ALA A 470 68.32 66.78 25.81
N LYS A 471 67.45 67.25 24.93
CA LYS A 471 67.30 68.69 24.66
C LYS A 471 65.96 69.13 25.23
N GLY A 472 65.97 69.53 26.51
CA GLY A 472 64.76 69.70 27.29
C GLY A 472 63.65 70.49 26.62
N PRO A 473 63.84 71.80 26.43
CA PRO A 473 62.77 72.60 25.82
C PRO A 473 62.39 72.12 24.43
N VAL A 474 63.40 71.83 23.60
CA VAL A 474 63.13 71.29 22.27
C VAL A 474 62.40 69.95 22.38
N LEU A 475 62.83 69.12 23.33
CA LEU A 475 62.10 67.88 23.62
C LEU A 475 60.62 68.15 23.80
N ARG A 476 60.28 69.00 24.76
CA ARG A 476 58.88 69.21 25.10
C ARG A 476 58.11 69.74 23.91
N ASN A 477 58.64 70.76 23.23
CA ASN A 477 57.91 71.36 22.12
C ASN A 477 57.70 70.35 21.00
N CYS A 478 58.76 69.66 20.60
CA CYS A 478 58.66 68.73 19.49
C CYS A 478 57.72 67.58 19.81
N ILE A 479 57.80 67.03 21.03
CA ILE A 479 56.93 65.90 21.34
C ILE A 479 55.48 66.35 21.39
N SER A 480 55.21 67.53 21.94
CA SER A 480 53.84 68.04 21.93
C SER A 480 53.32 68.16 20.51
N THR A 481 54.13 68.75 19.63
CA THR A 481 53.70 68.94 18.26
C THR A 481 53.45 67.61 17.57
N VAL A 482 54.37 66.64 17.75
CA VAL A 482 54.24 65.40 17.00
C VAL A 482 53.07 64.57 17.52
N VAL A 483 52.86 64.54 18.84
CA VAL A 483 51.73 63.78 19.34
C VAL A 483 50.43 64.42 18.88
N HIS A 484 50.37 65.76 18.88
CA HIS A 484 49.18 66.43 18.40
C HIS A 484 48.91 66.08 16.95
N GLN A 485 49.95 66.17 16.10
CA GLN A 485 49.75 65.93 14.68
C GLN A 485 49.38 64.47 14.41
N GLY A 486 50.02 63.53 15.12
CA GLY A 486 49.68 62.14 14.94
C GLY A 486 48.26 61.83 15.37
N LEU A 487 47.83 62.42 16.48
CA LEU A 487 46.45 62.26 16.92
C LEU A 487 45.50 62.80 15.86
N ILE A 488 45.82 63.97 15.30
CA ILE A 488 44.96 64.54 14.26
C ILE A 488 44.89 63.60 13.06
N ARG A 489 46.03 63.08 12.64
CA ARG A 489 46.05 62.18 11.49
C ARG A 489 45.23 60.93 11.75
N ILE A 490 45.37 60.34 12.94
CA ILE A 490 44.71 59.08 13.23
C ILE A 490 43.21 59.29 13.35
N CYS A 491 42.79 60.27 14.15
CA CYS A 491 41.36 60.50 14.34
C CYS A 491 40.70 60.90 13.04
N SER A 492 41.47 61.50 12.13
CA SER A 492 40.92 61.90 10.84
C SER A 492 40.49 60.70 10.00
N LYS A 493 40.94 59.51 10.34
CA LYS A 493 40.57 58.34 9.57
C LYS A 493 39.09 58.05 9.74
N PRO A 494 38.34 57.96 8.65
CA PRO A 494 36.89 57.76 8.76
C PRO A 494 36.53 56.33 9.15
N VAL A 495 35.30 56.19 9.64
CA VAL A 495 34.73 54.89 9.97
C VAL A 495 33.38 54.79 9.27
N VAL A 496 32.96 53.56 8.98
CA VAL A 496 31.73 53.35 8.23
C VAL A 496 30.52 53.83 9.02
N LEU A 497 29.53 54.38 8.31
CA LEU A 497 28.28 54.83 8.88
C LEU A 497 27.13 54.23 8.07
N PRO A 498 26.07 53.73 8.71
CA PRO A 498 24.91 53.18 8.00
C PRO A 498 23.98 54.28 7.50
N TRP A 519 46.35 48.27 -2.51
CA TRP A 519 46.22 49.12 -1.34
C TRP A 519 44.85 48.94 -0.69
N LYS A 520 44.83 48.90 0.63
CA LYS A 520 43.60 48.82 1.41
C LYS A 520 43.52 49.98 2.38
N VAL A 521 42.31 50.43 2.64
CA VAL A 521 42.14 51.59 3.52
C VAL A 521 42.56 51.23 4.94
N PRO A 522 43.39 52.02 5.59
CA PRO A 522 43.69 51.81 7.00
C PRO A 522 42.72 52.56 7.89
N THR A 523 42.53 52.02 9.09
CA THR A 523 41.66 52.62 10.09
C THR A 523 42.45 52.91 11.36
N TYR A 524 41.81 53.68 12.24
CA TYR A 524 42.42 53.99 13.53
C TYR A 524 42.64 52.74 14.38
N LYS A 525 41.94 51.66 14.07
CA LYS A 525 41.88 50.52 14.96
C LYS A 525 43.26 49.90 15.16
N ASP A 526 44.08 49.88 14.11
CA ASP A 526 45.34 49.15 14.18
C ASP A 526 46.31 49.81 15.16
N TYR A 527 46.33 51.13 15.21
CA TYR A 527 47.40 51.85 15.88
C TYR A 527 47.44 51.60 17.38
N VAL A 528 46.32 51.21 17.99
CA VAL A 528 46.19 51.27 19.45
C VAL A 528 47.30 50.47 20.12
N ASP A 529 47.51 49.23 19.68
CA ASP A 529 48.54 48.40 20.30
C ASP A 529 49.87 49.11 20.28
N LEU A 530 50.21 49.71 19.14
CA LEU A 530 51.39 50.55 19.04
C LEU A 530 51.50 51.46 20.26
N PHE A 531 50.51 52.32 20.44
CA PHE A 531 50.53 53.23 21.58
C PHE A 531 50.42 52.46 22.88
N ARG A 532 49.63 51.39 22.89
CA ARG A 532 49.62 50.52 24.05
C ARG A 532 51.00 49.97 24.31
N HIS A 533 51.70 49.56 23.25
CA HIS A 533 53.12 49.26 23.40
C HIS A 533 53.91 50.52 23.75
N LEU A 534 53.59 51.64 23.09
CA LEU A 534 54.41 52.84 23.23
C LEU A 534 54.46 53.29 24.68
N LEU A 535 53.30 53.48 25.30
CA LEU A 535 53.29 54.01 26.65
C LEU A 535 53.71 52.96 27.67
N SER A 536 53.81 51.70 27.27
CA SER A 536 54.27 50.63 28.15
C SER A 536 55.58 50.04 27.66
N SER A 537 56.38 50.83 26.94
CA SER A 537 57.62 50.36 26.34
C SER A 537 58.82 50.52 27.26
N ASP A 538 58.58 50.54 28.57
CA ASP A 538 59.68 50.67 29.53
C ASP A 538 60.68 49.53 29.39
N GLN A 539 60.18 48.32 29.21
CA GLN A 539 60.98 47.10 29.25
C GLN A 539 62.01 47.03 28.13
N MET A 540 61.90 47.90 27.14
CA MET A 540 62.92 47.96 26.10
C MET A 540 63.62 49.31 26.00
N MET A 541 62.97 50.40 26.43
CA MET A 541 63.69 51.67 26.52
C MET A 541 64.80 51.59 27.55
N ASP A 542 64.61 50.77 28.59
CA ASP A 542 65.69 50.55 29.54
C ASP A 542 66.91 49.92 28.86
N SER A 543 66.67 48.91 28.02
CA SER A 543 67.78 48.30 27.29
C SER A 543 68.41 49.28 26.31
N ILE A 544 67.59 50.11 25.67
CA ILE A 544 68.11 51.12 24.77
C ILE A 544 68.98 52.12 25.52
N LEU A 545 68.57 52.46 26.75
CA LEU A 545 69.40 53.31 27.59
C LEU A 545 70.67 52.59 28.02
N ALA A 546 70.62 51.26 28.12
CA ALA A 546 71.80 50.50 28.55
C ALA A 546 72.95 50.67 27.57
N ASP A 547 72.66 50.62 26.28
CA ASP A 547 73.70 50.77 25.27
C ASP A 547 73.71 52.17 24.67
N SER A 559 61.03 56.84 33.60
CA SER A 559 60.45 58.17 33.69
C SER A 559 60.01 58.66 32.31
N LEU A 560 60.45 57.95 31.27
CA LEU A 560 60.04 58.34 29.91
C LEU A 560 58.55 58.13 29.72
N ASN A 561 58.05 56.94 30.07
CA ASN A 561 56.63 56.67 29.91
C ASN A 561 55.78 57.67 30.68
N HIS A 562 56.28 58.14 31.83
CA HIS A 562 55.66 59.26 32.52
C HIS A 562 55.42 60.42 31.58
N LEU A 563 56.50 60.87 30.92
CA LEU A 563 56.40 62.05 30.06
C LEU A 563 55.51 61.77 28.85
N LEU A 564 55.61 60.58 28.27
CA LEU A 564 54.74 60.23 27.15
C LEU A 564 53.28 60.30 27.56
N TYR A 565 52.96 59.70 28.71
CA TYR A 565 51.59 59.71 29.21
C TYR A 565 51.11 61.14 29.41
N ASP A 566 51.93 61.95 30.05
CA ASP A 566 51.54 63.32 30.37
C ASP A 566 51.31 64.13 29.10
N GLU A 567 52.25 64.04 28.16
CA GLU A 567 52.11 64.79 26.92
C GLU A 567 50.90 64.33 26.13
N PHE A 568 50.66 63.02 26.12
CA PHE A 568 49.47 62.50 25.45
C PHE A 568 48.21 63.06 26.07
N VAL A 569 48.14 63.06 27.40
CA VAL A 569 46.95 63.55 28.09
C VAL A 569 46.73 65.02 27.78
N LYS A 570 47.79 65.81 27.84
CA LYS A 570 47.66 67.24 27.56
C LYS A 570 47.21 67.47 26.12
N SER A 571 47.80 66.74 25.18
CA SER A 571 47.46 66.93 23.78
C SER A 571 46.00 66.58 23.52
N VAL A 572 45.54 65.44 24.05
CA VAL A 572 44.17 65.04 23.81
C VAL A 572 43.20 65.98 24.49
N LEU A 573 43.54 66.46 25.69
CA LEU A 573 42.66 67.39 26.37
C LEU A 573 42.56 68.70 25.60
N LYS A 574 43.68 69.20 25.09
CA LYS A 574 43.66 70.41 24.28
C LYS A 574 42.85 70.21 23.01
N ILE A 575 43.01 69.04 22.37
CA ILE A 575 42.23 68.74 21.18
C ILE A 575 40.75 68.76 21.51
N VAL A 576 40.37 68.15 22.62
CA VAL A 576 38.96 68.14 23.04
C VAL A 576 38.46 69.56 23.22
N GLU A 577 39.24 70.39 23.91
CA GLU A 577 38.84 71.78 24.09
C GLU A 577 38.79 72.53 22.77
N LYS A 578 39.48 72.04 21.74
CA LYS A 578 39.43 72.65 20.42
C LYS A 578 38.24 72.16 19.61
N LEU A 579 37.70 71.00 19.92
CA LEU A 579 36.75 70.34 19.04
C LEU A 579 35.52 71.20 18.76
N ASP A 580 35.11 71.22 17.49
CA ASP A 580 33.90 71.93 17.06
C ASP A 580 32.79 70.90 16.89
N LEU A 581 32.14 70.58 18.00
CA LEU A 581 31.02 69.64 18.01
C LEU A 581 29.74 70.44 18.18
N THR A 582 29.19 70.90 17.04
CA THR A 582 27.93 71.62 17.01
C THR A 582 26.97 70.90 16.08
N LEU A 583 25.72 70.80 16.49
CA LEU A 583 24.73 70.02 15.75
C LEU A 583 23.41 70.76 15.78
N GLU A 584 22.37 70.11 15.27
CA GLU A 584 21.01 70.63 15.30
C GLU A 584 20.07 69.46 15.04
N ILE A 585 18.80 69.79 14.79
CA ILE A 585 17.84 68.80 14.32
C ILE A 585 17.82 68.76 12.81
N GLN A 586 17.86 69.92 12.16
CA GLN A 586 17.85 70.00 10.72
C GLN A 586 18.55 71.28 10.27
N ALA A 610 14.30 63.03 19.59
CA ALA A 610 15.17 64.09 19.11
C ALA A 610 15.69 63.78 17.72
N ASN A 611 16.21 64.80 17.03
CA ASN A 611 16.74 64.67 15.69
C ASN A 611 18.19 65.14 15.67
N LEU A 612 19.07 64.32 15.11
CA LEU A 612 20.50 64.59 15.08
C LEU A 612 20.87 65.22 13.73
N HIS A 613 21.62 66.30 13.78
CA HIS A 613 22.05 66.97 12.56
C HIS A 613 23.31 67.78 12.84
N PRO A 614 24.49 67.20 12.67
CA PRO A 614 25.72 67.89 13.07
C PRO A 614 26.06 69.03 12.13
N ALA A 615 26.51 70.14 12.70
CA ALA A 615 27.01 71.23 11.88
C ALA A 615 28.40 70.93 11.31
N LYS A 616 29.19 70.12 12.01
CA LYS A 616 30.54 69.76 11.60
C LYS A 616 30.71 68.25 11.65
N PRO A 617 30.11 67.53 10.69
CA PRO A 617 30.11 66.06 10.77
C PRO A 617 31.50 65.46 10.83
N LYS A 618 32.47 66.06 10.13
CA LYS A 618 33.84 65.55 10.20
C LYS A 618 34.37 65.64 11.61
N ASP A 619 34.08 66.73 12.31
CA ASP A 619 34.53 66.88 13.69
C ASP A 619 33.92 65.81 14.57
N PHE A 620 32.62 65.53 14.41
CA PHE A 620 31.97 64.50 15.21
C PHE A 620 32.58 63.13 14.93
N SER A 621 32.83 62.82 13.67
CA SER A 621 33.41 61.53 13.33
C SER A 621 34.80 61.39 13.94
N ALA A 622 35.64 62.41 13.79
CA ALA A 622 36.96 62.35 14.41
C ALA A 622 36.85 62.24 15.91
N PHE A 623 35.86 62.91 16.50
CA PHE A 623 35.64 62.84 17.93
C PHE A 623 35.37 61.41 18.37
N ILE A 624 34.44 60.73 17.70
CA ILE A 624 34.11 59.38 18.11
C ILE A 624 35.29 58.45 17.88
N ASN A 625 36.04 58.67 16.79
CA ASN A 625 37.22 57.84 16.54
C ASN A 625 38.21 57.96 17.67
N LEU A 626 38.54 59.20 18.05
CA LEU A 626 39.50 59.40 19.12
C LEU A 626 38.95 58.91 20.45
N VAL A 627 37.64 59.01 20.66
CA VAL A 627 37.06 58.52 21.89
C VAL A 627 37.28 57.02 22.00
N GLU A 628 37.01 56.29 20.92
CA GLU A 628 37.26 54.85 20.93
C GLU A 628 38.74 54.56 21.14
N PHE A 629 39.61 55.30 20.44
CA PHE A 629 41.03 55.05 20.54
C PHE A 629 41.52 55.23 21.97
N CYS A 630 41.21 56.36 22.58
CA CYS A 630 41.65 56.61 23.95
C CYS A 630 41.00 55.66 24.93
N ARG A 631 39.76 55.24 24.66
CA ARG A 631 39.13 54.24 25.52
C ARG A 631 39.92 52.94 25.49
N GLU A 632 40.37 52.53 24.31
CA GLU A 632 41.22 51.36 24.24
C GLU A 632 42.55 51.59 24.94
N ILE A 633 43.07 52.81 24.85
CA ILE A 633 44.45 53.07 25.26
C ILE A 633 44.57 53.18 26.77
N LEU A 634 43.80 54.08 27.36
CA LEU A 634 44.12 54.60 28.68
C LEU A 634 44.16 53.56 29.80
N PRO A 635 43.14 52.72 30.00
CA PRO A 635 43.06 51.96 31.26
C PRO A 635 44.22 51.03 31.51
N GLU A 636 44.93 50.60 30.47
CA GLU A 636 45.99 49.62 30.66
C GLU A 636 47.10 50.18 31.54
N LYS A 637 47.52 51.41 31.28
CA LYS A 637 48.63 52.00 32.01
C LYS A 637 48.16 52.50 33.37
N GLN A 638 49.03 53.21 34.07
CA GLN A 638 48.77 53.62 35.44
C GLN A 638 48.01 54.94 35.48
N ALA A 639 46.90 54.95 36.21
CA ALA A 639 46.25 56.20 36.58
C ALA A 639 47.07 56.98 37.58
N GLU A 640 48.10 56.35 38.16
CA GLU A 640 49.07 57.09 38.96
C GLU A 640 49.59 58.30 38.20
N PHE A 641 49.95 58.07 36.94
CA PHE A 641 50.40 59.16 36.09
C PHE A 641 49.24 60.08 35.76
N PHE A 642 48.04 59.51 35.59
CA PHE A 642 46.82 60.25 35.31
C PHE A 642 46.27 60.97 36.53
N GLU A 643 46.74 60.63 37.73
CA GLU A 643 46.13 61.12 38.96
C GLU A 643 45.93 62.62 38.99
N PRO A 644 46.92 63.47 38.67
CA PRO A 644 46.68 64.91 38.75
C PRO A 644 45.51 65.38 37.92
N TRP A 645 45.26 64.74 36.78
CA TRP A 645 44.18 65.16 35.91
C TRP A 645 42.81 64.77 36.43
N VAL A 646 42.74 63.77 37.31
CA VAL A 646 41.44 63.17 37.62
C VAL A 646 40.47 64.21 38.14
N TYR A 647 40.97 65.17 38.92
CA TYR A 647 40.12 66.27 39.34
C TYR A 647 39.95 67.29 38.22
N SER A 648 41.06 67.70 37.62
CA SER A 648 41.01 68.75 36.60
C SER A 648 40.40 68.23 35.32
N PHE A 649 41.03 67.23 34.70
CA PHE A 649 40.66 66.77 33.37
C PHE A 649 39.16 66.53 33.27
N SER A 650 38.66 65.60 34.10
CA SER A 650 37.24 65.26 34.08
C SER A 650 36.39 66.52 34.18
N TYR A 651 36.76 67.43 35.09
CA TYR A 651 36.07 68.69 35.24
C TYR A 651 35.82 69.35 33.89
N GLU A 652 36.89 69.59 33.14
CA GLU A 652 36.71 70.24 31.83
C GLU A 652 35.87 69.36 30.93
N LEU A 653 36.14 68.05 30.93
CA LEU A 653 35.26 67.13 30.21
C LEU A 653 33.83 67.28 30.69
N ILE A 654 33.64 67.38 32.00
CA ILE A 654 32.31 67.64 32.53
C ILE A 654 31.76 68.94 31.98
N LEU A 655 32.61 69.98 31.93
CA LEU A 655 32.19 71.25 31.36
C LEU A 655 31.69 71.06 29.94
N GLN A 656 32.28 70.13 29.19
CA GLN A 656 31.79 69.86 27.85
C GLN A 656 30.46 69.13 27.90
N SER A 657 30.34 68.14 28.78
CA SER A 657 29.09 67.40 28.88
C SER A 657 27.96 68.30 29.35
N THR A 658 28.23 69.12 30.37
CA THR A 658 27.25 70.13 30.77
C THR A 658 26.94 71.05 29.60
N ARG A 659 27.93 71.30 28.75
CA ARG A 659 27.68 72.07 27.53
C ARG A 659 26.67 71.37 26.64
N LEU A 660 27.00 70.17 26.17
CA LEU A 660 26.17 69.43 25.24
C LEU A 660 25.95 68.02 25.76
N PRO A 661 25.00 67.83 26.66
CA PRO A 661 24.73 66.51 27.24
C PRO A 661 23.91 65.60 26.33
N LEU A 662 24.30 65.53 25.06
CA LEU A 662 23.66 64.65 24.09
C LEU A 662 24.70 63.84 23.35
N ILE A 663 25.83 63.56 23.99
CA ILE A 663 26.96 62.89 23.38
C ILE A 663 27.34 61.69 24.23
N SER A 664 27.30 60.50 23.63
CA SER A 664 27.70 59.30 24.35
C SER A 664 29.17 59.33 24.71
N GLY A 665 30.01 59.81 23.79
CA GLY A 665 31.44 59.81 24.02
C GLY A 665 31.83 60.54 25.29
N PHE A 666 31.11 61.62 25.61
CA PHE A 666 31.32 62.29 26.89
C PHE A 666 31.25 61.30 28.02
N TYR A 667 30.17 60.51 28.05
CA TYR A 667 29.97 59.58 29.15
C TYR A 667 30.96 58.43 29.10
N LYS A 668 31.38 58.02 27.90
CA LYS A 668 32.42 57.00 27.81
C LYS A 668 33.72 57.49 28.43
N LEU A 669 34.10 58.73 28.12
CA LEU A 669 35.32 59.29 28.70
C LEU A 669 35.17 59.46 30.21
N LEU A 670 33.99 59.87 30.66
CA LEU A 670 33.77 59.98 32.09
C LEU A 670 33.90 58.63 32.77
N SER A 671 33.33 57.59 32.15
CA SER A 671 33.38 56.26 32.73
C SER A 671 34.80 55.73 32.79
N ILE A 672 35.57 55.92 31.72
CA ILE A 672 36.95 55.45 31.79
C ILE A 672 37.73 56.27 32.81
N THR A 673 37.42 57.56 32.94
CA THR A 673 38.08 58.38 33.94
C THR A 673 37.82 57.84 35.34
N VAL A 674 36.57 57.55 35.65
CA VAL A 674 36.26 57.06 37.00
C VAL A 674 36.79 55.66 37.19
N ARG A 675 36.83 54.85 36.13
CA ARG A 675 37.43 53.53 36.24
C ARG A 675 38.89 53.63 36.60
N ASN A 676 39.62 54.55 35.98
CA ASN A 676 41.01 54.78 36.34
C ASN A 676 41.12 55.33 37.75
N ALA A 677 40.20 56.21 38.15
CA ALA A 677 40.24 56.77 39.49
C ALA A 677 40.11 55.67 40.54
N LYS A 678 39.18 54.75 40.34
CA LYS A 678 39.05 53.62 41.25
C LYS A 678 40.10 52.55 40.99
N LYS A 679 40.85 52.66 39.90
CA LYS A 679 42.02 51.80 39.75
C LYS A 679 43.04 52.09 40.83
N ILE A 680 43.11 53.34 41.28
CA ILE A 680 44.11 53.77 42.23
C ILE A 680 43.51 54.27 43.53
N LYS A 681 42.18 54.24 43.67
CA LYS A 681 41.49 54.71 44.87
C LYS A 681 41.83 56.17 45.16
N TYR A 682 41.41 57.03 44.22
CA TYR A 682 41.63 58.46 44.39
C TYR A 682 40.94 58.96 45.66
N PHE A 683 39.72 58.51 45.91
CA PHE A 683 38.98 58.90 47.10
C PHE A 683 38.71 57.67 47.95
N GLU A 684 38.59 57.90 49.26
CA GLU A 684 38.39 56.83 50.22
C GLU A 684 37.16 57.03 51.08
N GLY A 685 36.97 58.21 51.66
CA GLY A 685 35.84 58.47 52.52
C GLY A 685 35.86 59.85 53.15
N ASP A 697 42.64 66.22 51.60
CA ASP A 697 43.00 67.34 50.73
C ASP A 697 41.76 68.01 50.17
N PRO A 698 41.79 69.34 50.08
CA PRO A 698 40.63 70.07 49.54
C PRO A 698 40.30 69.66 48.12
N GLU A 699 41.30 69.34 47.31
CA GLU A 699 41.02 68.86 45.96
C GLU A 699 40.28 67.54 45.99
N LYS A 700 40.63 66.66 46.93
CA LYS A 700 39.91 65.40 47.07
C LYS A 700 38.45 65.64 47.36
N TYR A 701 38.15 66.47 48.35
CA TYR A 701 36.76 66.72 48.71
C TYR A 701 36.02 67.41 47.57
N SER A 702 36.70 68.34 46.89
CA SER A 702 36.07 69.05 45.78
C SER A 702 35.70 68.09 44.67
N CYS A 703 36.63 67.21 44.31
CA CYS A 703 36.35 66.22 43.27
C CYS A 703 35.23 65.30 43.69
N PHE A 704 35.24 64.89 44.97
CA PHE A 704 34.21 63.99 45.47
C PHE A 704 32.83 64.63 45.37
N ALA A 705 32.69 65.85 45.86
CA ALA A 705 31.39 66.53 45.82
C ALA A 705 30.98 66.83 44.39
N LEU A 706 31.94 67.24 43.56
CA LEU A 706 31.66 67.44 42.14
C LEU A 706 31.07 66.19 41.51
N PHE A 707 31.70 65.05 41.76
CA PHE A 707 31.19 63.80 41.21
C PHE A 707 29.82 63.48 41.77
N VAL A 708 29.62 63.70 43.07
CA VAL A 708 28.34 63.38 43.67
C VAL A 708 27.23 64.18 43.00
N LYS A 709 27.43 65.49 42.89
CA LYS A 709 26.41 66.34 42.29
C LYS A 709 26.18 65.97 40.83
N PHE A 710 27.25 65.81 40.07
CA PHE A 710 27.10 65.53 38.65
C PHE A 710 26.44 64.19 38.41
N GLY A 711 26.82 63.18 39.20
CA GLY A 711 26.20 61.88 39.06
C GLY A 711 24.72 61.92 39.40
N LYS A 712 24.35 62.67 40.43
CA LYS A 712 22.93 62.83 40.73
C LYS A 712 22.21 63.47 39.55
N GLU A 713 22.82 64.49 38.96
CA GLU A 713 22.22 65.16 37.80
C GLU A 713 21.99 64.17 36.67
N VAL A 714 23.04 63.44 36.29
CA VAL A 714 22.90 62.54 35.15
C VAL A 714 21.94 61.41 35.49
N ALA A 715 21.94 60.96 36.74
CA ALA A 715 21.03 59.89 37.15
C ALA A 715 19.58 60.33 37.02
N VAL A 716 19.27 61.57 37.40
CA VAL A 716 17.89 62.01 37.25
C VAL A 716 17.57 62.37 35.80
N LYS A 717 18.58 62.68 34.99
CA LYS A 717 18.30 63.04 33.61
C LYS A 717 18.34 61.86 32.65
N MET A 718 18.79 60.69 33.10
CA MET A 718 18.89 59.56 32.18
C MET A 718 17.53 59.06 31.74
N LYS A 719 16.47 59.39 32.47
CA LYS A 719 15.12 59.02 32.06
C LYS A 719 14.70 59.69 30.76
N GLN A 720 15.51 60.59 30.21
CA GLN A 720 15.16 61.33 29.02
C GLN A 720 15.84 60.80 27.76
N TYR A 721 16.59 59.71 27.86
CA TYR A 721 17.43 59.28 26.76
C TYR A 721 17.00 57.90 26.28
N LYS A 722 17.57 57.50 25.15
CA LYS A 722 17.38 56.18 24.57
C LYS A 722 18.73 55.50 24.48
N ASP A 723 18.71 54.21 24.15
CA ASP A 723 19.95 53.45 24.02
C ASP A 723 20.85 54.11 22.99
N GLU A 724 22.07 53.58 22.92
CA GLU A 724 23.12 53.99 21.97
C GLU A 724 23.49 55.44 22.26
N LEU A 725 22.72 56.06 23.15
CA LEU A 725 23.11 57.20 23.96
C LEU A 725 23.00 56.89 25.43
N LEU A 726 21.84 56.38 25.87
CA LEU A 726 21.63 56.11 27.28
C LEU A 726 22.52 54.99 27.77
N ALA A 727 22.83 54.02 26.92
CA ALA A 727 23.66 52.90 27.34
C ALA A 727 24.98 53.41 27.90
N SER A 728 25.62 54.32 27.18
CA SER A 728 26.87 54.89 27.67
C SER A 728 26.67 55.62 28.99
N CYS A 729 25.58 56.38 29.10
CA CYS A 729 25.35 57.14 30.32
C CYS A 729 25.20 56.23 31.52
N LEU A 730 24.31 55.24 31.42
CA LEU A 730 24.11 54.33 32.53
C LEU A 730 25.36 53.51 32.82
N THR A 731 26.12 53.18 31.78
CA THR A 731 27.40 52.52 31.99
C THR A 731 28.29 53.37 32.87
N PHE A 732 28.37 54.67 32.55
CA PHE A 732 29.17 55.56 33.37
C PHE A 732 28.65 55.63 34.80
N LEU A 733 27.34 55.80 34.95
CA LEU A 733 26.78 55.91 36.30
C LEU A 733 27.11 54.69 37.13
N LEU A 734 26.84 53.50 36.62
CA LEU A 734 27.17 52.30 37.37
C LEU A 734 28.67 52.18 37.57
N SER A 735 29.47 52.77 36.69
CA SER A 735 30.91 52.71 36.83
C SER A 735 31.41 53.52 38.01
N LEU A 736 30.55 54.31 38.66
CA LEU A 736 30.98 55.10 39.80
C LEU A 736 31.43 54.20 40.94
N PRO A 737 32.40 54.64 41.74
CA PRO A 737 32.81 53.84 42.90
C PRO A 737 31.71 53.82 43.95
N HIS A 738 31.93 52.99 44.96
CA HIS A 738 30.94 52.88 46.02
C HIS A 738 30.91 54.13 46.89
N ASN A 739 32.06 54.78 47.07
CA ASN A 739 32.13 55.92 47.98
C ASN A 739 31.10 56.97 47.62
N ILE A 740 31.04 57.34 46.35
CA ILE A 740 30.09 58.36 45.92
C ILE A 740 28.65 57.86 46.06
N ILE A 741 28.39 56.61 45.67
CA ILE A 741 27.03 56.11 45.68
C ILE A 741 26.55 55.76 47.08
N GLU A 742 27.41 55.90 48.09
CA GLU A 742 27.04 55.57 49.47
C GLU A 742 25.80 56.30 49.94
N LEU A 743 25.32 57.28 49.18
CA LEU A 743 24.09 57.97 49.49
C LEU A 743 23.21 57.97 48.25
N ASP A 744 21.89 57.97 48.49
CA ASP A 744 20.88 57.97 47.43
C ASP A 744 21.04 56.77 46.51
N VAL A 745 20.81 55.60 47.10
CA VAL A 745 20.70 54.39 46.30
C VAL A 745 19.51 54.49 45.37
N ARG A 746 18.52 55.32 45.72
CA ARG A 746 17.36 55.50 44.85
C ARG A 746 17.76 55.94 43.46
N ALA A 747 18.80 56.77 43.35
CA ALA A 747 19.23 57.23 42.04
C ALA A 747 19.72 56.07 41.19
N TYR A 748 20.50 55.17 41.78
CA TYR A 748 21.22 54.17 41.01
C TYR A 748 20.40 52.92 40.72
N VAL A 749 19.34 52.69 41.48
CA VAL A 749 18.54 51.47 41.33
C VAL A 749 17.97 51.37 39.91
N PRO A 750 17.15 52.34 39.45
CA PRO A 750 16.51 52.14 38.15
C PRO A 750 17.50 52.00 37.00
N ALA A 751 18.60 52.74 37.06
CA ALA A 751 19.61 52.60 36.02
C ALA A 751 20.20 51.21 36.04
N LEU A 752 20.45 50.66 37.23
CA LEU A 752 20.95 49.30 37.32
C LEU A 752 19.96 48.31 36.73
N GLN A 753 18.68 48.48 37.05
CA GLN A 753 17.68 47.57 36.53
C GLN A 753 17.61 47.63 35.01
N MET A 754 17.65 48.84 34.46
CA MET A 754 17.60 48.99 33.01
C MET A 754 18.83 48.41 32.36
N ALA A 755 20.00 48.59 32.98
CA ALA A 755 21.21 47.98 32.48
C ALA A 755 21.05 46.46 32.44
N PHE A 756 20.62 45.87 33.54
CA PHE A 756 20.44 44.42 33.57
C PHE A 756 19.43 43.97 32.53
N LYS A 757 18.43 44.82 32.25
CA LYS A 757 17.46 44.50 31.21
C LYS A 757 18.12 44.47 29.84
N LEU A 758 18.88 45.51 29.52
CA LEU A 758 19.51 45.58 28.21
C LEU A 758 20.65 44.59 28.06
N GLY A 759 21.08 43.97 29.15
CA GLY A 759 22.15 42.99 29.04
C GLY A 759 21.77 41.80 28.19
N LEU A 760 20.48 41.47 28.13
CA LEU A 760 20.03 40.35 27.31
C LEU A 760 20.39 40.56 25.86
N SER A 761 20.53 41.82 25.43
CA SER A 761 20.93 42.13 24.07
C SER A 761 22.40 42.53 23.97
N TYR A 762 22.84 43.45 24.83
CA TYR A 762 24.22 43.93 24.81
C TYR A 762 24.91 43.41 26.06
N THR A 763 25.79 42.44 25.87
CA THR A 763 26.48 41.83 27.00
C THR A 763 27.36 42.79 27.79
N PRO A 764 28.24 43.60 27.17
CA PRO A 764 29.26 44.30 27.97
C PRO A 764 28.67 45.19 29.05
N LEU A 765 27.55 45.84 28.77
CA LEU A 765 26.90 46.64 29.80
C LEU A 765 26.43 45.74 30.94
N ALA A 766 25.90 44.57 30.62
CA ALA A 766 25.49 43.65 31.68
C ALA A 766 26.69 43.24 32.52
N GLU A 767 27.81 42.95 31.87
CA GLU A 767 29.00 42.55 32.61
C GLU A 767 29.45 43.65 33.55
N VAL A 768 29.56 44.88 33.05
CA VAL A 768 30.09 45.95 33.87
C VAL A 768 29.10 46.29 34.99
N GLY A 769 27.80 46.22 34.72
CA GLY A 769 26.82 46.44 35.76
C GLY A 769 26.88 45.37 36.83
N LEU A 770 27.12 44.13 36.42
CA LEU A 770 27.33 43.06 37.39
C LEU A 770 28.54 43.35 38.26
N ASN A 771 29.62 43.83 37.63
CA ASN A 771 30.81 44.18 38.41
C ASN A 771 30.50 45.26 39.44
N ALA A 772 29.80 46.30 39.00
CA ALA A 772 29.42 47.37 39.92
C ALA A 772 28.54 46.83 41.05
N LEU A 773 27.62 45.93 40.71
CA LEU A 773 26.74 45.38 41.72
C LEU A 773 27.53 44.58 42.75
N GLU A 774 28.52 43.83 42.29
CA GLU A 774 29.38 43.13 43.23
C GLU A 774 30.07 44.12 44.15
N GLU A 775 30.59 45.21 43.57
CA GLU A 775 31.31 46.19 44.36
C GLU A 775 30.39 46.78 45.43
N TRP A 776 29.18 47.15 45.04
CA TRP A 776 28.25 47.75 45.98
C TRP A 776 27.89 46.78 47.09
N SER A 777 27.64 45.52 46.72
CA SER A 777 27.35 44.52 47.74
C SER A 777 28.51 44.39 48.70
N ILE A 778 29.74 44.43 48.19
CA ILE A 778 30.90 44.22 49.04
C ILE A 778 31.09 45.39 50.00
N TYR A 779 31.05 46.61 49.47
CA TYR A 779 31.55 47.77 50.20
C TYR A 779 30.45 48.58 50.87
N ILE A 780 29.19 48.17 50.75
CA ILE A 780 28.09 48.86 51.40
C ILE A 780 27.38 47.88 52.31
N ASP A 781 26.91 48.37 53.45
CA ASP A 781 26.17 47.53 54.38
C ASP A 781 24.92 47.01 53.71
N ARG A 782 24.71 45.70 53.80
CA ARG A 782 23.58 45.07 53.11
C ARG A 782 22.24 45.57 53.63
N HIS A 783 22.21 46.18 54.81
CA HIS A 783 20.94 46.65 55.37
C HIS A 783 20.29 47.66 54.45
N VAL A 784 21.08 48.60 53.93
CA VAL A 784 20.52 49.61 53.06
C VAL A 784 20.15 49.04 51.70
N MET A 785 20.75 47.92 51.29
CA MET A 785 20.30 47.29 50.05
C MET A 785 19.11 46.36 50.25
N GLN A 786 18.77 46.03 51.49
CA GLN A 786 17.62 45.17 51.73
C GLN A 786 16.34 45.65 51.07
N PRO A 787 16.00 46.94 51.06
CA PRO A 787 14.72 47.35 50.46
C PRO A 787 14.58 47.00 49.00
N TYR A 788 15.68 46.74 48.29
CA TYR A 788 15.60 46.54 46.85
C TYR A 788 16.39 45.33 46.36
N TYR A 789 16.86 44.47 47.26
CA TYR A 789 17.23 43.13 46.82
C TYR A 789 16.02 42.40 46.27
N LYS A 790 14.83 42.73 46.77
CA LYS A 790 13.59 42.24 46.19
C LYS A 790 13.34 42.78 44.80
N ASP A 791 14.05 43.81 44.38
CA ASP A 791 13.90 44.38 43.06
C ASP A 791 15.00 43.98 42.09
N ILE A 792 16.24 43.96 42.55
CA ILE A 792 17.36 43.66 41.65
C ILE A 792 17.30 42.22 41.20
N LEU A 793 17.11 41.29 42.12
CA LEU A 793 17.14 39.87 41.75
C LEU A 793 16.11 39.50 40.70
N PRO A 794 14.84 39.94 40.76
CA PRO A 794 13.89 39.53 39.73
C PRO A 794 14.33 39.86 38.33
N CYS A 795 14.97 41.00 38.11
CA CYS A 795 15.41 41.29 36.75
C CYS A 795 16.60 40.44 36.34
N LEU A 796 17.21 39.72 37.27
CA LEU A 796 18.27 38.78 36.91
C LEU A 796 17.72 37.42 36.49
N ASP A 797 16.41 37.26 36.44
CA ASP A 797 15.84 36.06 35.84
C ASP A 797 16.35 35.86 34.43
N GLY A 798 16.62 36.95 33.73
CA GLY A 798 17.25 36.86 32.42
C GLY A 798 18.62 36.25 32.51
N TYR A 799 19.13 35.90 31.33
CA TYR A 799 20.42 35.23 31.18
C TYR A 799 20.37 33.82 31.73
N LEU A 800 19.25 33.45 32.36
CA LEU A 800 18.99 32.07 32.78
C LEU A 800 17.63 31.69 32.24
N LYS A 801 17.59 31.32 30.96
CA LYS A 801 16.34 30.90 30.34
C LYS A 801 16.49 29.70 29.42
N THR A 802 17.70 29.35 28.98
CA THR A 802 17.88 28.33 27.95
C THR A 802 19.05 27.44 28.37
N SER A 803 19.50 26.62 27.41
CA SER A 803 20.64 25.73 27.62
C SER A 803 21.33 25.44 26.29
N PHE A 826 47.90 19.22 9.51
CA PHE A 826 47.20 20.25 10.26
C PHE A 826 47.11 19.83 11.72
N ASN A 827 46.25 18.86 11.98
CA ASN A 827 46.06 18.32 13.32
C ASN A 827 46.43 16.84 13.36
N LYS A 828 47.40 16.43 12.56
CA LYS A 828 47.74 15.03 12.46
C LYS A 828 48.75 14.64 13.53
N VAL A 829 48.87 13.32 13.74
CA VAL A 829 49.80 12.79 14.73
C VAL A 829 51.24 13.12 14.36
N VAL A 830 51.49 13.49 13.09
CA VAL A 830 52.83 13.85 12.67
C VAL A 830 53.35 15.01 13.50
N LEU A 831 54.63 14.94 13.88
CA LEU A 831 55.23 15.97 14.71
C LEU A 831 55.55 17.17 13.84
N LYS A 832 54.65 18.16 13.87
CA LYS A 832 54.85 19.42 13.18
C LYS A 832 55.36 20.49 14.11
N HIS A 833 55.76 20.12 15.34
CA HIS A 833 56.10 21.05 16.41
C HIS A 833 54.88 21.90 16.76
N LEU A 834 53.77 21.62 16.11
CA LEU A 834 52.49 22.26 16.36
C LEU A 834 52.63 23.77 16.32
N LYS A 835 53.11 24.25 15.17
CA LYS A 835 53.23 25.68 14.95
C LYS A 835 51.88 26.38 15.10
N LYS A 836 50.79 25.65 14.87
CA LYS A 836 49.47 26.20 15.17
C LYS A 836 49.38 26.61 16.64
N THR A 837 49.78 25.72 17.54
CA THR A 837 49.84 26.10 18.95
C THR A 837 50.85 27.21 19.18
N LYS A 838 52.01 27.11 18.53
CA LYS A 838 53.07 28.08 18.74
C LYS A 838 52.69 29.46 18.25
N ASN A 839 51.62 29.59 17.46
CA ASN A 839 51.29 30.87 16.86
C ASN A 839 51.02 31.92 17.92
N LEU A 840 49.91 31.79 18.63
CA LEU A 840 49.45 32.72 19.65
C LEU A 840 48.17 32.16 20.25
N SER A 841 47.65 32.88 21.24
CA SER A 841 46.29 32.75 21.70
C SER A 841 45.49 33.93 21.15
N SER A 842 44.32 33.64 20.59
CA SER A 842 43.53 34.69 19.97
C SER A 842 43.00 35.66 21.03
N ASN A 843 42.74 36.89 20.59
CA ASN A 843 42.26 37.92 21.50
C ASN A 843 40.89 37.55 22.05
N GLU A 844 40.65 37.95 23.29
CA GLU A 844 39.44 37.52 24.00
C GLU A 844 38.24 38.39 23.64
N ALA A 845 37.10 37.74 23.47
CA ALA A 845 35.81 38.38 23.38
C ALA A 845 34.94 37.94 24.56
N ILE A 846 33.73 38.48 24.62
CA ILE A 846 32.84 38.21 25.73
C ILE A 846 31.76 37.25 25.29
N SER A 847 31.18 36.53 26.25
CA SER A 847 30.17 35.52 25.94
C SER A 847 29.15 35.46 27.05
N LEU A 848 27.98 34.92 26.71
CA LEU A 848 26.90 34.76 27.69
C LEU A 848 27.28 33.76 28.77
N GLU A 849 28.00 32.70 28.38
CA GLU A 849 28.24 31.59 29.29
C GLU A 849 29.07 32.04 30.48
N GLU A 850 30.15 32.78 30.22
CA GLU A 850 30.89 33.36 31.33
C GLU A 850 30.04 34.36 32.09
N ILE A 851 29.15 35.07 31.39
CA ILE A 851 28.23 35.95 32.08
C ILE A 851 27.38 35.17 33.06
N ARG A 852 26.81 34.05 32.61
CA ARG A 852 26.00 33.23 33.50
C ARG A 852 26.84 32.70 34.65
N ILE A 853 28.09 32.36 34.38
CA ILE A 853 28.98 31.88 35.43
C ILE A 853 29.16 32.93 36.50
N ARG A 854 29.44 34.16 36.08
CA ARG A 854 29.59 35.22 37.06
C ARG A 854 28.27 35.52 37.76
N VAL A 855 27.16 35.34 37.06
CA VAL A 855 25.85 35.58 37.68
C VAL A 855 25.63 34.62 38.83
N VAL A 856 25.83 33.32 38.58
CA VAL A 856 25.64 32.35 39.63
C VAL A 856 26.68 32.54 40.72
N GLN A 857 27.89 32.98 40.34
CA GLN A 857 28.90 33.31 41.33
C GLN A 857 28.40 34.39 42.28
N MET A 858 27.85 35.46 41.72
CA MET A 858 27.23 36.49 42.55
C MET A 858 26.14 35.93 43.43
N LEU A 859 25.26 35.10 42.86
CA LEU A 859 24.13 34.61 43.62
C LEU A 859 24.60 33.85 44.84
N GLY A 860 25.55 32.94 44.65
CA GLY A 860 26.10 32.23 45.79
C GLY A 860 26.83 33.14 46.75
N SER A 861 27.50 34.17 46.23
CA SER A 861 28.20 35.11 47.10
C SER A 861 27.23 35.83 48.03
N LEU A 862 26.07 36.20 47.49
CA LEU A 862 25.10 36.97 48.27
C LEU A 862 24.54 36.17 49.43
N GLY A 863 24.52 34.85 49.32
CA GLY A 863 23.96 34.01 50.35
C GLY A 863 22.45 33.87 50.22
N GLY A 864 21.93 32.83 50.88
CA GLY A 864 20.52 32.52 50.75
C GLY A 864 19.63 33.66 51.23
N GLN A 865 19.96 34.24 52.38
CA GLN A 865 19.11 35.28 52.94
C GLN A 865 18.93 36.44 51.97
N ILE A 866 19.89 36.63 51.07
CA ILE A 866 19.73 37.59 50.00
C ILE A 866 19.07 36.96 48.78
N ASN A 867 19.51 35.75 48.42
CA ASN A 867 19.08 35.16 47.16
C ASN A 867 17.59 34.90 47.13
N LYS A 868 16.98 34.64 48.30
CA LYS A 868 15.55 34.38 48.33
C LYS A 868 14.73 35.59 47.91
N ASN A 869 15.34 36.78 47.88
CA ASN A 869 14.64 37.94 47.37
C ASN A 869 14.37 37.85 45.88
N LEU A 870 14.79 36.77 45.23
CA LEU A 870 14.41 36.54 43.84
C LEU A 870 12.90 36.40 43.70
N LEU A 871 12.27 35.72 44.64
CA LEU A 871 10.83 35.50 44.58
C LEU A 871 10.13 36.15 45.76
N MET A 879 -1.92 37.77 48.08
CA MET A 879 -0.90 37.36 47.13
C MET A 879 -1.51 36.76 45.87
N MET A 880 -1.18 37.35 44.73
CA MET A 880 -1.63 36.79 43.45
C MET A 880 -1.11 35.39 43.25
N LYS A 881 -0.03 35.04 43.96
CA LYS A 881 0.57 33.71 43.96
C LYS A 881 0.79 33.19 42.54
N SER A 882 1.39 34.04 41.70
CA SER A 882 2.09 33.70 40.47
C SER A 882 1.19 33.31 39.32
N TYR A 883 -0.10 33.06 39.53
CA TYR A 883 -0.91 32.65 38.40
C TYR A 883 -2.38 32.86 38.72
N VAL A 884 -3.17 33.04 37.67
CA VAL A 884 -4.61 33.14 37.77
C VAL A 884 -5.32 32.27 36.73
N ALA A 885 -4.60 31.61 35.83
CA ALA A 885 -5.20 30.82 34.76
C ALA A 885 -6.07 31.71 33.86
N TRP A 886 -5.37 32.55 33.09
CA TRP A 886 -5.89 33.77 32.48
C TRP A 886 -7.36 33.73 32.09
N ASP A 887 -7.75 32.74 31.29
CA ASP A 887 -9.14 32.62 30.86
C ASP A 887 -9.86 31.64 31.77
N ARG A 888 -11.01 32.05 32.28
CA ARG A 888 -11.85 31.11 33.02
C ARG A 888 -12.33 29.97 32.14
N GLU A 889 -12.27 30.14 30.82
CA GLU A 889 -12.69 29.14 29.87
C GLU A 889 -11.49 28.61 29.10
N LYS A 890 -11.76 27.63 28.24
CA LYS A 890 -10.79 27.07 27.31
C LYS A 890 -11.25 27.36 25.90
N ARG A 891 -10.36 27.97 25.12
CA ARG A 891 -10.71 28.49 23.80
C ARG A 891 -9.40 28.69 23.04
N LEU A 892 -9.43 29.51 21.99
CA LEU A 892 -8.30 29.66 21.08
C LEU A 892 -7.95 28.31 20.47
N SER A 893 -8.98 27.55 20.14
CA SER A 893 -8.80 26.20 19.65
C SER A 893 -8.20 26.23 18.25
N PHE A 894 -7.51 25.14 17.90
CA PHE A 894 -7.02 24.97 16.54
C PHE A 894 -6.93 23.49 16.25
N ALA A 895 -7.58 23.06 15.18
CA ALA A 895 -7.54 21.67 14.74
C ALA A 895 -6.32 21.49 13.85
N VAL A 896 -5.34 20.75 14.32
CA VAL A 896 -4.16 20.49 13.48
C VAL A 896 -4.57 19.58 12.33
N PRO A 897 -4.18 19.90 11.09
CA PRO A 897 -4.65 19.11 9.95
C PRO A 897 -3.88 17.81 9.79
N PHE A 898 -4.60 16.77 9.38
CA PHE A 898 -3.99 15.52 8.97
C PHE A 898 -4.89 14.86 7.95
N ARG A 899 -4.30 13.93 7.20
CA ARG A 899 -5.04 13.21 6.18
C ARG A 899 -6.11 12.30 6.76
N GLU A 900 -6.11 12.10 8.08
CA GLU A 900 -7.00 11.12 8.68
C GLU A 900 -7.80 11.73 9.81
N MET A 901 -7.23 12.71 10.50
CA MET A 901 -7.88 13.28 11.67
C MET A 901 -7.50 14.76 11.80
N LYS A 902 -8.26 15.47 12.62
CA LYS A 902 -8.06 16.89 12.86
C LYS A 902 -8.03 17.13 14.37
N PRO A 903 -6.95 16.72 15.04
CA PRO A 903 -6.85 16.97 16.47
C PRO A 903 -6.86 18.46 16.77
N VAL A 904 -7.59 18.84 17.80
CA VAL A 904 -7.77 20.24 18.16
C VAL A 904 -6.76 20.60 19.23
N ILE A 905 -6.22 21.81 19.15
CA ILE A 905 -5.21 22.29 20.08
C ILE A 905 -5.62 23.65 20.60
N PHE A 906 -5.56 23.82 21.92
CA PHE A 906 -5.81 25.10 22.56
C PHE A 906 -4.49 25.87 22.61
N LEU A 907 -4.34 26.83 21.69
CA LEU A 907 -3.10 27.60 21.62
C LEU A 907 -2.87 28.43 22.88
N ASP A 908 -3.95 28.84 23.55
CA ASP A 908 -3.86 29.78 24.65
C ASP A 908 -2.90 29.30 25.72
N VAL A 909 -2.81 27.99 25.92
CA VAL A 909 -1.99 27.44 27.01
C VAL A 909 -0.54 27.83 26.85
N PHE A 910 -0.09 28.11 25.63
CA PHE A 910 1.30 28.46 25.42
C PHE A 910 1.58 29.95 25.65
N LEU A 911 0.54 30.77 25.70
CA LEU A 911 0.73 32.22 25.83
C LEU A 911 1.55 32.62 27.04
N PRO A 912 1.22 32.23 28.27
CA PRO A 912 2.01 32.71 29.40
C PRO A 912 3.48 32.36 29.30
N ARG A 913 3.79 31.16 28.80
CA ARG A 913 5.18 30.77 28.65
C ARG A 913 5.84 31.57 27.54
N VAL A 914 5.29 31.48 26.32
CA VAL A 914 5.96 32.07 25.17
C VAL A 914 6.20 33.55 25.39
N THR A 915 5.22 34.25 25.95
CA THR A 915 5.38 35.67 26.23
C THR A 915 6.62 35.91 27.07
N GLU A 916 6.74 35.19 28.18
CA GLU A 916 7.94 35.33 29.00
C GLU A 916 9.18 35.02 28.20
N LEU A 917 9.12 33.98 27.37
CA LEU A 917 10.23 33.71 26.47
C LEU A 917 10.39 34.85 25.47
N ALA A 918 9.30 35.28 24.86
CA ALA A 918 9.39 36.31 23.83
C ALA A 918 9.82 37.64 24.44
N LEU A 919 9.27 37.98 25.60
CA LEU A 919 9.65 39.24 26.23
C LEU A 919 11.05 39.18 26.80
N THR A 920 11.38 38.08 27.47
CA THR A 920 12.64 37.93 28.19
C THR A 920 13.35 36.69 27.70
N ALA A 921 14.52 36.87 27.08
CA ALA A 921 15.30 35.73 26.64
C ALA A 921 16.68 36.20 26.23
N SER A 922 17.69 35.38 26.52
CA SER A 922 18.96 35.44 25.82
C SER A 922 18.77 34.69 24.50
N ASP A 923 19.87 34.34 23.83
CA ASP A 923 19.80 33.51 22.63
C ASP A 923 18.93 34.18 21.57
N ARG A 924 19.49 35.27 21.03
CA ARG A 924 18.85 36.06 19.99
C ARG A 924 18.09 35.18 19.01
N GLN A 925 18.66 34.03 18.66
CA GLN A 925 17.94 33.08 17.82
C GLN A 925 16.66 32.63 18.50
N THR A 926 16.76 32.18 19.75
CA THR A 926 15.59 31.68 20.46
C THR A 926 14.55 32.78 20.63
N LYS A 927 15.00 33.97 21.03
CA LYS A 927 14.06 35.06 21.26
C LYS A 927 13.37 35.46 19.97
N VAL A 928 14.12 35.48 18.86
CA VAL A 928 13.51 35.83 17.57
C VAL A 928 12.48 34.78 17.17
N ALA A 929 12.82 33.51 17.34
CA ALA A 929 11.84 32.47 17.04
C ALA A 929 10.59 32.66 17.88
N ALA A 930 10.78 32.93 19.16
CA ALA A 930 9.64 33.10 20.07
C ALA A 930 8.77 34.27 19.63
N CYS A 931 9.39 35.40 19.29
CA CYS A 931 8.60 36.57 18.95
C CYS A 931 7.89 36.39 17.62
N GLU A 932 8.55 35.75 16.66
CA GLU A 932 7.89 35.47 15.39
C GLU A 932 6.69 34.55 15.62
N LEU A 933 6.86 33.53 16.44
CA LEU A 933 5.76 32.61 16.68
C LEU A 933 4.62 33.30 17.41
N LEU A 934 4.95 34.19 18.34
CA LEU A 934 3.93 34.97 19.03
C LEU A 934 3.19 35.89 18.07
N HIS A 935 3.92 36.51 17.14
CA HIS A 935 3.27 37.31 16.13
C HIS A 935 2.29 36.48 15.34
N SER A 936 2.69 35.28 14.95
CA SER A 936 1.76 34.42 14.23
C SER A 936 0.54 34.11 15.07
N MET A 937 0.73 33.80 16.35
CA MET A 937 -0.44 33.39 17.14
C MET A 937 -1.38 34.55 17.36
N VAL A 938 -0.83 35.76 17.56
CA VAL A 938 -1.71 36.89 17.78
C VAL A 938 -2.44 37.24 16.50
N MET A 939 -1.77 37.09 15.36
CA MET A 939 -2.46 37.25 14.08
C MET A 939 -3.63 36.28 13.99
N PHE A 940 -3.38 35.01 14.31
CA PHE A 940 -4.41 34.00 14.23
C PHE A 940 -5.56 34.30 15.18
N MET A 941 -5.23 34.68 16.41
CA MET A 941 -6.26 34.95 17.40
C MET A 941 -7.08 36.16 17.00
N LEU A 942 -6.43 37.19 16.49
CA LEU A 942 -7.14 38.37 16.03
C LEU A 942 -8.09 38.01 14.90
N GLY A 943 -7.65 37.16 13.97
CA GLY A 943 -8.55 36.69 12.95
C GLY A 943 -9.71 35.90 13.53
N LYS A 944 -9.42 35.08 14.54
CA LYS A 944 -10.46 34.31 15.20
C LYS A 944 -11.42 35.19 15.98
N ALA A 945 -11.06 36.46 16.22
CA ALA A 945 -11.98 37.35 16.91
C ALA A 945 -13.27 37.52 16.13
N THR A 946 -13.18 37.65 14.81
CA THR A 946 -14.37 37.67 13.99
C THR A 946 -15.01 36.28 13.99
N GLN A 947 -16.20 36.22 13.39
CA GLN A 947 -16.95 34.97 13.27
C GLN A 947 -17.30 34.36 14.62
N MET A 948 -17.30 35.18 15.67
CA MET A 948 -17.58 34.69 17.00
C MET A 948 -18.94 35.19 17.48
N PRO A 949 -19.75 34.31 18.08
CA PRO A 949 -20.92 34.78 18.83
C PRO A 949 -20.44 35.48 20.10
N GLU A 950 -20.75 36.77 20.20
CA GLU A 950 -20.19 37.62 21.24
C GLU A 950 -21.28 38.45 21.92
N GLY A 951 -22.32 37.77 22.38
CA GLY A 951 -23.43 38.44 23.03
C GLY A 951 -23.43 38.40 24.54
N GLY A 952 -22.29 38.09 25.14
CA GLY A 952 -22.21 38.02 26.59
C GLY A 952 -21.26 39.02 27.19
N GLN A 953 -20.27 39.44 26.41
CA GLN A 953 -19.24 40.38 26.86
C GLN A 953 -18.89 41.28 25.69
N GLY A 954 -18.08 42.31 25.98
CA GLY A 954 -17.54 43.11 24.89
C GLY A 954 -16.70 42.28 23.94
N ALA A 955 -15.95 41.32 24.48
CA ALA A 955 -15.18 40.38 23.66
C ALA A 955 -15.07 39.06 24.40
N PRO A 956 -16.16 38.30 24.46
CA PRO A 956 -16.16 37.05 25.24
C PRO A 956 -15.08 36.09 24.80
N PRO A 957 -15.00 35.72 23.50
CA PRO A 957 -14.02 34.70 23.13
C PRO A 957 -12.59 35.13 23.34
N MET A 958 -12.32 36.43 23.48
CA MET A 958 -10.99 36.88 23.88
C MET A 958 -11.11 38.29 24.45
N TYR A 959 -11.11 38.38 25.77
CA TYR A 959 -11.04 39.67 26.45
C TYR A 959 -9.84 39.73 27.38
N GLN A 960 -9.66 38.70 28.20
CA GLN A 960 -8.53 38.67 29.11
C GLN A 960 -7.22 38.58 28.35
N LEU A 961 -7.22 37.82 27.25
CA LEU A 961 -6.01 37.70 26.44
C LEU A 961 -5.55 39.05 25.96
N TYR A 962 -6.48 39.96 25.67
CA TYR A 962 -6.10 41.33 25.39
C TYR A 962 -5.32 41.93 26.56
N LYS A 963 -5.85 41.77 27.76
CA LYS A 963 -5.22 42.35 28.94
C LYS A 963 -3.82 41.81 29.11
N ARG A 964 -3.64 40.50 28.92
CA ARG A 964 -2.33 39.90 29.07
C ARG A 964 -1.39 40.39 27.98
N THR A 965 -1.83 40.32 26.72
CA THR A 965 -0.95 40.54 25.59
C THR A 965 -0.51 41.99 25.51
N PHE A 966 -1.46 42.91 25.57
CA PHE A 966 -1.22 44.28 25.13
C PHE A 966 0.02 44.91 25.76
N PRO A 967 0.23 44.86 27.08
CA PRO A 967 1.50 45.39 27.60
C PRO A 967 2.70 44.71 26.99
N VAL A 968 2.62 43.39 26.85
CA VAL A 968 3.73 42.65 26.23
C VAL A 968 3.89 43.07 24.79
N LEU A 969 2.78 43.28 24.08
CA LEU A 969 2.87 43.73 22.70
C LEU A 969 3.61 45.05 22.61
N LEU A 970 3.27 46.00 23.49
CA LEU A 970 3.93 47.29 23.45
C LEU A 970 5.40 47.16 23.80
N ARG A 971 5.74 46.38 24.83
CA ARG A 971 7.13 46.20 25.17
C ARG A 971 7.91 45.60 24.01
N LEU A 972 7.33 44.60 23.34
CA LEU A 972 7.98 43.97 22.21
C LEU A 972 8.06 44.91 21.02
N ALA A 973 7.17 45.89 20.94
CA ALA A 973 7.21 46.87 19.86
C ALA A 973 8.03 48.10 20.19
N CYS A 974 8.57 48.19 21.41
CA CYS A 974 9.34 49.37 21.81
C CYS A 974 10.73 49.01 22.31
N ASP A 975 11.20 47.81 22.02
CA ASP A 975 12.41 47.28 22.64
C ASP A 975 13.60 47.29 21.68
N VAL A 976 14.74 46.88 22.22
CA VAL A 976 16.02 46.76 21.52
C VAL A 976 15.95 45.57 20.56
N ASP A 977 17.00 45.36 19.77
CA ASP A 977 17.04 44.35 18.72
C ASP A 977 15.99 44.65 17.65
N GLN A 978 16.31 45.72 16.91
CA GLN A 978 15.41 46.39 15.99
C GLN A 978 14.70 45.45 15.03
N VAL A 979 15.14 44.20 14.93
CA VAL A 979 14.35 43.22 14.18
C VAL A 979 12.96 43.08 14.79
N THR A 980 12.89 42.92 16.11
CA THR A 980 11.60 42.87 16.78
C THR A 980 10.85 44.18 16.61
N ARG A 981 11.58 45.29 16.72
CA ARG A 981 10.96 46.60 16.54
C ARG A 981 10.32 46.72 15.17
N GLN A 982 11.04 46.34 14.13
CA GLN A 982 10.57 46.48 12.77
C GLN A 982 9.52 45.46 12.41
N LEU A 983 9.41 44.37 13.16
CA LEU A 983 8.33 43.44 12.91
C LEU A 983 7.12 43.69 13.80
N TYR A 984 7.24 44.54 14.82
CA TYR A 984 6.13 44.77 15.72
C TYR A 984 5.51 46.16 15.59
N GLU A 985 6.33 47.21 15.55
CA GLU A 985 5.79 48.56 15.47
C GLU A 985 4.85 48.75 14.29
N PRO A 986 5.19 48.36 13.06
CA PRO A 986 4.17 48.41 12.00
C PRO A 986 2.98 47.53 12.33
N LEU A 987 3.22 46.39 12.97
CA LEU A 987 2.12 45.52 13.35
C LEU A 987 1.20 46.22 14.34
N VAL A 988 1.76 46.89 15.36
CA VAL A 988 0.89 47.53 16.33
C VAL A 988 0.20 48.74 15.71
N MET A 989 0.83 49.38 14.73
CA MET A 989 0.12 50.43 14.00
C MET A 989 -1.08 49.84 13.27
N GLN A 990 -0.90 48.69 12.62
CA GLN A 990 -2.02 48.02 11.97
C GLN A 990 -3.09 47.67 13.00
N LEU A 991 -2.66 47.24 14.19
CA LEU A 991 -3.59 46.93 15.26
C LEU A 991 -4.39 48.17 15.64
N ILE A 992 -3.73 49.32 15.67
CA ILE A 992 -4.43 50.57 15.95
C ILE A 992 -5.48 50.83 14.88
N HIS A 993 -5.06 50.76 13.62
CA HIS A 993 -5.99 51.04 12.53
C HIS A 993 -7.16 50.08 12.55
N TRP A 994 -6.94 48.86 13.04
CA TRP A 994 -8.05 47.93 13.18
C TRP A 994 -8.93 48.32 14.35
N PHE A 995 -8.37 48.31 15.56
CA PHE A 995 -9.14 48.66 16.74
C PHE A 995 -9.23 50.16 16.86
N THR A 996 -9.52 50.81 15.75
CA THR A 996 -10.09 52.15 15.75
C THR A 996 -11.30 52.20 14.85
N ASN A 997 -11.72 51.05 14.32
CA ASN A 997 -12.85 51.01 13.42
C ASN A 997 -14.15 51.26 14.17
N ASN A 998 -15.15 51.70 13.41
CA ASN A 998 -16.47 51.93 13.99
C ASN A 998 -17.02 50.66 14.62
N LYS A 999 -16.89 49.54 13.92
CA LYS A 999 -17.22 48.26 14.54
C LYS A 999 -16.31 47.96 15.70
N LYS A 1000 -15.04 48.36 15.59
CA LYS A 1000 -14.05 48.09 16.63
C LYS A 1000 -13.99 49.19 17.67
N PHE A 1001 -15.11 49.85 17.92
CA PHE A 1001 -15.12 51.08 18.71
C PHE A 1001 -15.91 50.95 20.01
N GLU A 1002 -16.22 49.73 20.47
CA GLU A 1002 -17.20 49.57 21.53
C GLU A 1002 -16.79 48.47 22.53
N SER A 1003 -16.02 48.87 23.54
CA SER A 1003 -15.64 48.12 24.75
C SER A 1003 -14.44 47.19 24.57
N GLN A 1004 -13.96 46.95 23.36
CA GLN A 1004 -12.69 46.25 23.19
C GLN A 1004 -11.56 47.18 22.83
N ASP A 1005 -11.84 48.19 22.01
CA ASP A 1005 -10.90 49.29 21.84
C ASP A 1005 -10.58 49.95 23.17
N THR A 1006 -11.52 49.87 24.11
CA THR A 1006 -11.27 50.42 25.44
C THR A 1006 -10.07 49.76 26.08
N VAL A 1007 -9.93 48.44 25.91
CA VAL A 1007 -8.81 47.74 26.54
C VAL A 1007 -7.49 48.23 25.99
N ALA A 1008 -7.37 48.25 24.65
CA ALA A 1008 -6.12 48.68 24.04
C ALA A 1008 -5.84 50.14 24.36
N LEU A 1009 -6.89 50.97 24.35
CA LEU A 1009 -6.71 52.38 24.67
C LEU A 1009 -6.21 52.56 26.09
N LEU A 1010 -6.87 51.92 27.05
CA LEU A 1010 -6.48 52.07 28.44
C LEU A 1010 -5.06 51.57 28.67
N GLU A 1011 -4.72 50.43 28.07
CA GLU A 1011 -3.37 49.92 28.19
C GLU A 1011 -2.36 50.89 27.60
N ALA A 1012 -2.61 51.34 26.37
CA ALA A 1012 -1.72 52.28 25.71
C ALA A 1012 -1.63 53.59 26.46
N ILE A 1013 -2.58 53.86 27.35
CA ILE A 1013 -2.43 54.97 28.27
C ILE A 1013 -1.48 54.59 29.40
N LEU A 1014 -1.90 53.65 30.24
CA LEU A 1014 -1.19 53.36 31.48
C LEU A 1014 0.22 52.84 31.23
N ASP A 1015 0.49 52.31 30.04
CA ASP A 1015 1.73 51.59 29.78
C ASP A 1015 2.94 52.46 30.10
N GLY A 1016 3.16 53.50 29.30
CA GLY A 1016 4.33 54.32 29.47
C GLY A 1016 3.99 55.66 30.07
N ILE A 1017 2.82 56.19 29.70
CA ILE A 1017 2.41 57.51 30.18
C ILE A 1017 2.49 57.59 31.69
N VAL A 1018 2.33 56.46 32.37
CA VAL A 1018 2.71 56.32 33.76
C VAL A 1018 3.64 55.12 33.83
N ASP A 1019 4.94 55.37 33.79
CA ASP A 1019 5.90 54.28 33.86
C ASP A 1019 7.24 54.78 34.37
N PRO A 1020 7.79 54.15 35.41
CA PRO A 1020 9.12 54.56 35.90
C PRO A 1020 10.21 54.44 34.87
N VAL A 1021 10.14 53.45 33.99
CA VAL A 1021 11.31 53.02 33.24
C VAL A 1021 11.06 53.11 31.74
N ASP A 1022 12.07 52.74 30.95
CA ASP A 1022 11.92 52.57 29.51
C ASP A 1022 11.36 53.82 28.84
N SER A 1023 12.21 54.86 28.86
CA SER A 1023 11.83 56.14 28.27
C SER A 1023 11.33 55.95 26.84
N THR A 1024 12.03 55.15 26.05
CA THR A 1024 11.59 54.93 24.68
C THR A 1024 10.24 54.24 24.62
N LEU A 1025 9.92 53.41 25.62
CA LEU A 1025 8.57 52.87 25.70
C LEU A 1025 7.55 53.98 25.90
N ARG A 1026 7.84 54.93 26.78
CA ARG A 1026 6.91 56.01 27.04
C ARG A 1026 6.71 56.85 25.79
N ASP A 1027 7.81 57.19 25.12
CA ASP A 1027 7.69 57.98 23.90
C ASP A 1027 6.95 57.21 22.82
N PHE A 1028 7.23 55.92 22.70
CA PHE A 1028 6.56 55.12 21.68
C PHE A 1028 5.07 55.03 21.94
N CYS A 1029 4.68 54.82 23.19
CA CYS A 1029 3.25 54.74 23.49
C CYS A 1029 2.58 56.08 23.28
N GLY A 1030 3.28 57.18 23.56
CA GLY A 1030 2.72 58.49 23.25
C GLY A 1030 2.48 58.66 21.76
N ARG A 1031 3.45 58.28 20.94
CA ARG A 1031 3.25 58.37 19.50
C ARG A 1031 2.15 57.43 19.05
N CYS A 1032 2.01 56.28 19.73
CA CYS A 1032 0.91 55.37 19.42
C CYS A 1032 -0.42 56.04 19.70
N ILE A 1033 -0.51 56.76 20.82
CA ILE A 1033 -1.75 57.47 21.15
C ILE A 1033 -2.05 58.52 20.09
N ARG A 1034 -1.05 59.29 19.70
CA ARG A 1034 -1.24 60.31 18.69
C ARG A 1034 -1.73 59.68 17.38
N GLU A 1035 -1.06 58.63 16.93
CA GLU A 1035 -1.48 57.94 15.72
C GLU A 1035 -2.88 57.39 15.85
N PHE A 1036 -3.22 56.84 17.02
CA PHE A 1036 -4.51 56.23 17.23
C PHE A 1036 -5.63 57.25 17.15
N LEU A 1037 -5.48 58.38 17.85
CA LEU A 1037 -6.51 59.39 17.80
C LEU A 1037 -6.63 59.98 16.39
N LYS A 1038 -5.50 60.17 15.71
CA LYS A 1038 -5.55 60.67 14.34
C LYS A 1038 -6.31 59.71 13.44
N TRP A 1039 -6.04 58.41 13.57
CA TRP A 1039 -6.72 57.43 12.76
C TRP A 1039 -8.20 57.37 13.10
N SER A 1040 -8.55 57.52 14.38
CA SER A 1040 -9.94 57.54 14.77
C SER A 1040 -10.66 58.71 14.14
N ILE A 1041 -10.01 59.87 14.13
CA ILE A 1041 -10.60 61.04 13.48
C ILE A 1041 -10.81 60.75 12.00
N LYS A 1042 -9.81 60.16 11.35
CA LYS A 1042 -9.93 59.91 9.91
C LYS A 1042 -11.06 58.94 9.60
N GLN A 1043 -11.05 57.78 10.25
CA GLN A 1043 -11.92 56.69 9.84
C GLN A 1043 -13.36 56.89 10.30
N ILE A 1044 -13.55 57.49 11.46
CA ILE A 1044 -14.82 57.42 12.16
C ILE A 1044 -15.63 58.67 11.92
N THR A 1045 -16.94 58.49 11.73
CA THR A 1045 -17.85 59.62 11.62
C THR A 1045 -17.85 60.41 12.93
N PRO A 1046 -18.11 61.72 12.87
CA PRO A 1046 -18.25 62.49 14.10
C PRO A 1046 -19.36 61.98 14.99
N GLN A 1047 -20.34 61.28 14.43
CA GLN A 1047 -21.45 60.78 15.22
C GLN A 1047 -20.97 59.85 16.32
N GLN A 1048 -20.10 58.91 15.97
CA GLN A 1048 -19.65 57.96 16.97
C GLN A 1048 -18.75 58.64 18.00
N GLN A 1049 -17.86 59.52 17.55
CA GLN A 1049 -16.96 60.21 18.47
C GLN A 1049 -17.75 61.06 19.46
N GLU A 1050 -18.82 61.71 19.00
CA GLU A 1050 -19.66 62.48 19.89
C GLU A 1050 -20.53 61.59 20.77
N LYS A 1051 -20.89 60.40 20.30
CA LYS A 1051 -21.66 59.48 21.13
C LYS A 1051 -20.75 58.61 21.99
N SER A 1052 -19.83 57.89 21.36
CA SER A 1052 -18.94 57.02 22.12
C SER A 1052 -18.04 57.85 23.02
N PRO A 1053 -17.84 57.41 24.27
CA PRO A 1053 -16.94 58.16 25.17
C PRO A 1053 -15.52 58.19 24.69
N VAL A 1054 -15.11 57.27 23.82
CA VAL A 1054 -13.77 57.28 23.28
C VAL A 1054 -13.67 58.45 22.31
N ASN A 1055 -13.13 59.56 22.79
CA ASN A 1055 -13.03 60.78 21.98
C ASN A 1055 -12.01 61.69 22.63
N THR A 1056 -11.81 62.85 22.01
CA THR A 1056 -10.78 63.77 22.46
C THR A 1056 -11.06 64.29 23.87
N LYS A 1057 -12.33 64.42 24.24
CA LYS A 1057 -12.65 65.01 25.54
C LYS A 1057 -12.34 64.04 26.66
N SER A 1058 -12.60 62.75 26.46
CA SER A 1058 -12.20 61.76 27.43
C SER A 1058 -10.70 61.78 27.62
N LEU A 1059 -9.95 61.87 26.52
CA LEU A 1059 -8.50 61.98 26.60
C LEU A 1059 -8.10 63.21 27.38
N PHE A 1060 -8.76 64.33 27.13
CA PHE A 1060 -8.45 65.56 27.84
C PHE A 1060 -8.65 65.39 29.33
N LYS A 1061 -9.77 64.77 29.71
CA LYS A 1061 -10.04 64.54 31.13
C LYS A 1061 -8.98 63.65 31.75
N ARG A 1062 -8.60 62.59 31.04
CA ARG A 1062 -7.56 61.70 31.55
C ARG A 1062 -6.26 62.47 31.74
N LEU A 1063 -5.89 63.29 30.76
CA LEU A 1063 -4.64 64.03 30.84
C LEU A 1063 -4.66 65.03 31.98
N TYR A 1064 -5.79 65.74 32.14
CA TYR A 1064 -5.90 66.70 33.24
C TYR A 1064 -5.78 65.99 34.57
N SER A 1065 -6.45 64.84 34.71
CA SER A 1065 -6.34 64.05 35.92
C SER A 1065 -4.88 63.71 36.19
N LEU A 1066 -4.21 63.12 35.21
CA LEU A 1066 -2.84 62.65 35.41
C LEU A 1066 -1.90 63.79 35.78
N ALA A 1067 -2.02 64.91 35.07
CA ALA A 1067 -1.19 66.07 35.39
C ALA A 1067 -1.48 66.57 36.80
N LEU A 1068 -2.74 66.52 37.21
CA LEU A 1068 -3.07 66.85 38.58
C LEU A 1068 -2.60 65.77 39.55
N HIS A 1069 -2.59 64.52 39.10
CA HIS A 1069 -2.29 63.41 40.00
C HIS A 1069 -0.85 63.53 40.50
N PRO A 1070 -0.62 63.39 41.80
CA PRO A 1070 0.72 63.58 42.32
C PRO A 1070 1.61 62.39 42.03
N ASN A 1071 2.41 62.54 40.98
CA ASN A 1071 3.46 61.61 40.62
C ASN A 1071 4.21 62.20 39.45
N ALA A 1072 5.53 62.05 39.43
CA ALA A 1072 6.28 62.53 38.28
C ALA A 1072 5.84 61.83 37.01
N PHE A 1073 5.55 60.53 37.12
CA PHE A 1073 5.38 59.70 35.94
C PHE A 1073 4.09 60.03 35.22
N LYS A 1074 2.99 60.13 35.98
CA LYS A 1074 1.70 60.47 35.38
C LYS A 1074 1.77 61.81 34.68
N ARG A 1075 2.26 62.83 35.38
CA ARG A 1075 2.28 64.17 34.80
C ARG A 1075 3.22 64.25 33.60
N LEU A 1076 4.39 63.63 33.70
CA LEU A 1076 5.32 63.67 32.57
C LEU A 1076 4.73 62.97 31.36
N GLY A 1077 4.08 61.82 31.58
CA GLY A 1077 3.47 61.13 30.47
C GLY A 1077 2.39 61.95 29.81
N ALA A 1078 1.54 62.59 30.62
CA ALA A 1078 0.50 63.43 30.06
C ALA A 1078 1.11 64.57 29.25
N SER A 1079 2.15 65.21 29.79
CA SER A 1079 2.78 66.32 29.10
C SER A 1079 3.34 65.87 27.75
N LEU A 1080 4.14 64.80 27.75
CA LEU A 1080 4.75 64.36 26.51
C LEU A 1080 3.70 63.89 25.52
N ALA A 1081 2.64 63.23 26.01
CA ALA A 1081 1.58 62.79 25.12
C ALA A 1081 0.90 63.97 24.46
N PHE A 1082 0.65 65.03 25.22
CA PHE A 1082 0.10 66.23 24.61
C PHE A 1082 1.08 66.80 23.59
N ASN A 1083 2.37 66.76 23.90
CA ASN A 1083 3.36 67.23 22.94
C ASN A 1083 3.24 66.46 21.64
N ASN A 1084 3.06 65.15 21.73
CA ASN A 1084 2.91 64.33 20.53
C ASN A 1084 1.65 64.73 19.77
N ILE A 1085 0.52 64.81 20.48
CA ILE A 1085 -0.75 65.08 19.80
C ILE A 1085 -0.81 66.49 19.25
N TYR A 1086 0.01 67.40 19.78
CA TYR A 1086 -0.05 68.80 19.38
C TYR A 1086 0.04 68.98 17.88
N ARG A 1087 0.93 68.22 17.23
CA ARG A 1087 1.20 68.46 15.81
C ARG A 1087 -0.07 68.42 14.98
N GLU A 1088 -0.99 67.51 15.31
CA GLU A 1088 -2.27 67.47 14.62
C GLU A 1088 -3.34 68.27 15.32
N PHE A 1089 -3.27 68.38 16.65
CA PHE A 1089 -4.34 69.01 17.39
C PHE A 1089 -4.38 70.50 17.11
N ARG A 1090 -3.22 71.10 16.83
CA ARG A 1090 -3.19 72.48 16.38
C ARG A 1090 -3.97 72.67 15.10
N GLU A 1091 -4.17 71.60 14.34
CA GLU A 1091 -4.90 71.65 13.08
C GLU A 1091 -6.39 71.40 13.26
N GLU A 1092 -6.86 71.26 14.50
CA GLU A 1092 -8.28 71.10 14.79
C GLU A 1092 -8.82 72.37 15.43
N GLU A 1093 -9.96 72.84 14.90
CA GLU A 1093 -10.54 74.12 15.28
C GLU A 1093 -11.61 73.99 16.35
N SER A 1094 -12.52 73.02 16.24
CA SER A 1094 -13.63 72.93 17.17
C SER A 1094 -13.14 72.67 18.60
N LEU A 1095 -12.14 71.81 18.75
CA LEU A 1095 -11.69 71.45 20.08
C LEU A 1095 -11.03 72.61 20.79
N VAL A 1096 -10.14 73.33 20.09
CA VAL A 1096 -9.57 74.52 20.70
C VAL A 1096 -10.65 75.56 20.94
N GLU A 1097 -11.65 75.62 20.05
CA GLU A 1097 -12.81 76.45 20.30
C GLU A 1097 -13.53 76.01 21.56
N GLN A 1098 -13.31 74.78 22.01
CA GLN A 1098 -13.81 74.34 23.30
C GLN A 1098 -12.73 74.15 24.35
N PHE A 1099 -11.47 74.01 23.96
CA PHE A 1099 -10.40 73.69 24.90
C PHE A 1099 -9.14 74.45 24.54
N VAL A 1100 -8.91 75.59 25.19
CA VAL A 1100 -7.59 76.22 25.20
C VAL A 1100 -7.14 76.53 26.61
N PHE A 1101 -7.97 77.25 27.37
CA PHE A 1101 -7.58 77.68 28.71
C PHE A 1101 -7.52 76.52 29.68
N GLU A 1102 -8.40 75.53 29.49
CA GLU A 1102 -8.47 74.40 30.40
C GLU A 1102 -7.13 73.69 30.49
N ALA A 1103 -6.67 73.14 29.36
CA ALA A 1103 -5.40 72.44 29.35
C ALA A 1103 -4.25 73.36 29.73
N LEU A 1104 -4.35 74.63 29.36
CA LEU A 1104 -3.29 75.58 29.68
C LEU A 1104 -3.10 75.71 31.19
N VAL A 1105 -4.20 75.98 31.90
CA VAL A 1105 -4.10 76.11 33.35
C VAL A 1105 -3.76 74.77 33.98
N ILE A 1106 -4.21 73.66 33.36
CA ILE A 1106 -3.85 72.36 33.87
C ILE A 1106 -2.33 72.17 33.83
N TYR A 1107 -1.72 72.58 32.72
CA TYR A 1107 -0.27 72.42 32.60
C TYR A 1107 0.45 73.38 33.53
N MET A 1108 -0.08 74.59 33.70
CA MET A 1108 0.44 75.49 34.71
C MET A 1108 0.49 74.80 36.06
N GLU A 1109 -0.62 74.17 36.45
CA GLU A 1109 -0.67 73.54 37.76
C GLU A 1109 0.23 72.33 37.84
N SER A 1110 0.33 71.56 36.75
CA SER A 1110 1.21 70.40 36.76
C SER A 1110 2.66 70.83 36.96
N LEU A 1111 3.08 71.89 36.28
CA LEU A 1111 4.43 72.36 36.47
C LEU A 1111 4.60 72.97 37.86
N ALA A 1112 3.55 73.56 38.42
CA ALA A 1112 3.59 74.01 39.79
C ALA A 1112 3.84 72.83 40.73
N LEU A 1113 3.17 71.71 40.48
CA LEU A 1113 3.45 70.49 41.23
C LEU A 1113 4.88 70.05 41.02
N ALA A 1114 5.40 70.25 39.81
CA ALA A 1114 6.81 69.94 39.55
C ALA A 1114 7.71 70.76 40.45
N HIS A 1115 7.37 72.03 40.67
CA HIS A 1115 8.05 72.81 41.70
C HIS A 1115 7.89 72.20 43.08
N ALA A 1116 6.79 71.52 43.33
CA ALA A 1116 6.51 70.99 44.66
C ALA A 1116 7.30 69.73 44.98
N ASP A 1117 8.00 69.15 44.02
CA ASP A 1117 8.73 67.92 44.23
C ASP A 1117 10.06 68.02 43.49
N GLU A 1118 10.73 66.90 43.30
CA GLU A 1118 11.99 66.86 42.58
C GLU A 1118 11.88 67.62 41.26
N LYS A 1119 12.62 68.72 41.17
CA LYS A 1119 12.50 69.66 40.06
C LYS A 1119 13.47 69.40 38.94
N SER A 1120 14.36 68.42 39.09
CA SER A 1120 15.38 68.17 38.09
C SER A 1120 14.92 67.27 36.96
N LEU A 1121 13.82 66.54 37.14
CA LEU A 1121 13.36 65.64 36.10
C LEU A 1121 12.90 66.41 34.87
N GLY A 1122 12.99 65.75 33.72
CA GLY A 1122 12.70 66.40 32.45
C GLY A 1122 11.24 66.71 32.19
N THR A 1123 10.34 66.32 33.10
CA THR A 1123 8.93 66.64 32.92
C THR A 1123 8.72 68.14 32.77
N ILE A 1124 9.58 68.95 33.42
CA ILE A 1124 9.50 70.39 33.27
C ILE A 1124 9.74 70.79 31.83
N GLN A 1125 10.70 70.13 31.17
CA GLN A 1125 10.94 70.42 29.76
C GLN A 1125 9.72 70.08 28.92
N GLN A 1126 9.06 68.97 29.24
CA GLN A 1126 7.89 68.59 28.47
C GLN A 1126 6.76 69.59 28.66
N CYS A 1127 6.54 70.05 29.89
CA CYS A 1127 5.54 71.09 30.10
C CYS A 1127 5.93 72.37 29.39
N CYS A 1128 7.21 72.71 29.38
CA CYS A 1128 7.66 73.90 28.68
C CYS A 1128 7.38 73.79 27.19
N ASP A 1129 7.66 72.63 26.61
CA ASP A 1129 7.37 72.41 25.21
C ASP A 1129 5.87 72.49 24.96
N ALA A 1130 5.08 71.95 25.88
CA ALA A 1130 3.63 71.99 25.77
C ALA A 1130 3.14 73.43 25.73
N ILE A 1131 3.63 74.26 26.64
CA ILE A 1131 3.15 75.64 26.69
C ILE A 1131 3.70 76.43 25.53
N ASP A 1132 4.86 76.03 25.00
CA ASP A 1132 5.33 76.61 23.75
C ASP A 1132 4.34 76.33 22.64
N HIS A 1133 3.86 75.10 22.57
CA HIS A 1133 2.81 74.77 21.61
C HIS A 1133 1.57 75.61 21.87
N LEU A 1134 1.22 75.81 23.13
CA LEU A 1134 0.04 76.57 23.50
C LEU A 1134 0.15 78.00 23.00
N CYS A 1135 1.26 78.67 23.32
CA CYS A 1135 1.42 80.04 22.86
C CYS A 1135 1.55 80.09 21.35
N ARG A 1136 2.09 79.03 20.73
CA ARG A 1136 2.23 79.02 19.29
C ARG A 1136 0.87 78.97 18.60
N ILE A 1137 -0.04 78.14 19.10
CA ILE A 1137 -1.38 78.13 18.51
C ILE A 1137 -2.13 79.40 18.86
N ILE A 1138 -1.93 79.93 20.07
CA ILE A 1138 -2.65 81.14 20.47
C ILE A 1138 -2.25 82.30 19.58
N GLU A 1139 -0.96 82.46 19.34
CA GLU A 1139 -0.51 83.49 18.39
C GLU A 1139 -0.94 83.15 16.97
N LYS A 1140 -1.01 81.86 16.66
CA LYS A 1140 -1.55 81.45 15.36
C LYS A 1140 -3.03 81.72 15.28
N LYS A 1141 -3.77 81.43 16.34
CA LYS A 1141 -5.22 81.63 16.39
C LYS A 1141 -5.58 82.32 17.69
N HIS A 1142 -6.04 83.55 17.60
CA HIS A 1142 -6.27 84.37 18.78
C HIS A 1142 -7.62 85.07 18.76
N VAL A 1143 -8.14 85.33 17.57
CA VAL A 1143 -9.34 86.15 17.45
C VAL A 1143 -10.51 85.52 18.19
N SER A 1144 -10.57 84.19 18.23
CA SER A 1144 -11.57 83.52 19.04
C SER A 1144 -11.38 83.83 20.52
N LEU A 1145 -10.13 83.83 20.98
CA LEU A 1145 -9.85 84.19 22.36
C LEU A 1145 -10.18 85.65 22.61
N ASN A 1146 -9.91 86.51 21.64
CA ASN A 1146 -10.17 87.93 21.79
C ASN A 1146 -11.63 88.19 22.13
N LYS A 1147 -12.53 87.41 21.58
CA LYS A 1147 -13.94 87.50 21.93
C LYS A 1147 -14.25 86.56 23.09
N ALA A 1148 -15.20 86.99 23.92
CA ALA A 1148 -15.63 86.17 25.06
C ALA A 1148 -16.39 84.97 24.53
N LYS A 1149 -15.73 83.83 24.44
CA LYS A 1149 -16.32 82.61 23.94
C LYS A 1149 -16.44 81.61 25.07
N LYS A 1150 -17.67 81.16 25.33
CA LYS A 1150 -17.93 80.26 26.44
C LYS A 1150 -17.34 78.89 26.12
N ARG A 1151 -16.22 78.56 26.75
CA ARG A 1151 -15.60 77.25 26.66
C ARG A 1151 -15.89 76.46 27.91
N ARG A 1152 -15.28 75.28 27.98
CA ARG A 1152 -15.24 74.55 29.24
C ARG A 1152 -14.51 75.40 30.27
N LEU A 1153 -15.06 75.42 31.47
CA LEU A 1153 -14.48 76.26 32.52
C LEU A 1153 -13.09 75.74 32.87
N PRO A 1154 -12.06 76.59 32.83
CA PRO A 1154 -10.74 76.14 33.26
C PRO A 1154 -10.76 75.74 34.73
N ARG A 1155 -9.94 74.74 35.06
CA ARG A 1155 -9.92 74.24 36.43
C ARG A 1155 -9.56 75.35 37.41
N GLY A 1156 -8.56 76.15 37.07
CA GLY A 1156 -8.34 77.36 37.84
C GLY A 1156 -9.05 78.52 37.18
N PHE A 1157 -10.29 78.74 37.57
CA PHE A 1157 -11.07 79.87 37.09
C PHE A 1157 -12.22 80.10 38.05
N PRO A 1158 -12.02 80.86 39.11
CA PRO A 1158 -13.08 81.04 40.12
C PRO A 1158 -14.37 81.58 39.52
N PRO A 1159 -14.33 82.52 38.56
CA PRO A 1159 -15.60 82.97 37.97
C PRO A 1159 -16.19 81.95 37.00
N SER A 1160 -17.28 82.33 36.34
CA SER A 1160 -17.94 81.45 35.36
C SER A 1160 -18.68 82.34 34.37
N ALA A 1161 -18.12 82.50 33.18
CA ALA A 1161 -18.73 83.32 32.14
C ALA A 1161 -18.14 82.92 30.80
N SER A 1162 -18.63 83.56 29.73
CA SER A 1162 -18.10 83.31 28.40
C SER A 1162 -16.63 83.70 28.37
N LEU A 1163 -15.75 82.71 28.24
CA LEU A 1163 -14.33 82.95 28.43
C LEU A 1163 -13.75 83.80 27.30
N CYS A 1164 -12.87 84.71 27.67
CA CYS A 1164 -12.18 85.57 26.73
C CYS A 1164 -10.68 85.44 26.92
N LEU A 1165 -9.93 85.99 25.97
CA LEU A 1165 -8.48 86.02 26.10
C LEU A 1165 -8.06 86.78 27.35
N LEU A 1166 -8.56 87.99 27.51
CA LEU A 1166 -8.16 88.82 28.65
C LEU A 1166 -8.54 88.18 29.96
N ASP A 1167 -9.61 87.38 29.97
CA ASP A 1167 -9.97 86.63 31.17
C ASP A 1167 -8.76 85.87 31.71
N LEU A 1168 -8.23 84.95 30.93
CA LEU A 1168 -7.09 84.18 31.39
C LEU A 1168 -5.81 85.01 31.40
N VAL A 1169 -5.74 86.10 30.64
CA VAL A 1169 -4.57 86.95 30.73
C VAL A 1169 -4.45 87.53 32.13
N LYS A 1170 -5.53 88.12 32.64
CA LYS A 1170 -5.52 88.66 33.99
C LYS A 1170 -5.48 87.53 35.02
N TRP A 1171 -6.05 86.38 34.68
CA TRP A 1171 -5.95 85.23 35.58
C TRP A 1171 -4.51 84.82 35.78
N LEU A 1172 -3.74 84.74 34.70
CA LEU A 1172 -2.32 84.42 34.80
C LEU A 1172 -1.56 85.53 35.49
N LEU A 1173 -1.93 86.79 35.21
CA LEU A 1173 -1.33 87.90 35.91
C LEU A 1173 -1.50 87.76 37.42
N ALA A 1174 -2.67 87.28 37.84
CA ALA A 1174 -2.86 86.94 39.25
C ALA A 1174 -1.92 85.83 39.68
N HIS A 1175 -1.58 84.93 38.76
CA HIS A 1175 -0.71 83.81 39.09
C HIS A 1175 0.75 84.13 38.79
N CYS A 1176 1.17 85.29 39.30
CA CYS A 1176 2.55 85.72 39.31
C CYS A 1176 2.94 85.98 40.75
N GLY A 1177 4.25 86.01 40.98
CA GLY A 1177 4.73 85.98 42.35
C GLY A 1177 4.40 84.69 43.07
N ARG A 1178 4.00 83.66 42.33
CA ARG A 1178 3.61 82.41 42.94
C ARG A 1178 4.84 81.64 43.40
N PRO A 1179 4.71 80.81 44.42
CA PRO A 1179 5.88 80.11 44.95
C PRO A 1179 6.31 78.96 44.05
N GLN A 1180 6.33 79.23 42.75
CA GLN A 1180 6.83 78.31 41.73
C GLN A 1180 7.66 79.20 40.82
N THR A 1181 8.93 79.38 41.17
CA THR A 1181 9.72 80.47 40.62
C THR A 1181 9.82 80.38 39.10
N GLU A 1182 10.08 79.19 38.57
CA GLU A 1182 10.19 79.09 37.12
C GLU A 1182 8.83 79.01 36.46
N CYS A 1183 7.85 78.37 37.10
CA CYS A 1183 6.48 78.43 36.59
C CYS A 1183 6.02 79.87 36.50
N ARG A 1184 6.28 80.64 37.56
CA ARG A 1184 5.95 82.05 37.54
C ARG A 1184 6.74 82.79 36.46
N HIS A 1185 8.02 82.44 36.28
CA HIS A 1185 8.85 83.14 35.29
C HIS A 1185 8.32 82.91 33.88
N LYS A 1186 8.10 81.65 33.53
CA LYS A 1186 7.54 81.35 32.21
C LYS A 1186 6.15 81.95 32.08
N SER A 1187 5.38 81.99 33.17
CA SER A 1187 4.05 82.59 33.11
C SER A 1187 4.13 84.07 32.76
N ILE A 1188 5.02 84.80 33.43
CA ILE A 1188 5.10 86.23 33.19
C ILE A 1188 5.67 86.52 31.82
N GLU A 1189 6.65 85.73 31.37
CA GLU A 1189 7.17 85.92 30.02
C GLU A 1189 6.10 85.63 28.98
N LEU A 1190 5.29 84.59 29.22
CA LEU A 1190 4.18 84.30 28.33
C LEU A 1190 3.17 85.44 28.29
N PHE A 1191 2.80 85.94 29.46
CA PHE A 1191 1.87 87.07 29.48
C PHE A 1191 2.46 88.27 28.74
N TYR A 1192 3.75 88.51 28.93
CA TYR A 1192 4.44 89.58 28.23
C TYR A 1192 4.32 89.41 26.72
N LYS A 1193 4.51 88.20 26.23
CA LYS A 1193 4.32 87.96 24.80
C LYS A 1193 2.86 87.91 24.41
N PHE A 1194 1.94 87.90 25.38
CA PHE A 1194 0.51 87.87 25.09
C PHE A 1194 -0.12 89.25 25.10
N VAL A 1195 0.55 90.24 25.65
CA VAL A 1195 0.10 91.63 25.55
C VAL A 1195 -0.08 91.99 24.07
N PRO A 1196 0.84 91.60 23.17
CA PRO A 1196 0.53 91.77 21.74
C PRO A 1196 -0.72 91.04 21.31
N LEU A 1197 -1.00 89.89 21.91
CA LEU A 1197 -2.19 89.13 21.53
C LEU A 1197 -3.46 89.81 22.02
N LEU A 1198 -3.35 90.61 23.08
CA LEU A 1198 -4.53 91.22 23.67
C LEU A 1198 -5.15 92.22 22.71
N PRO A 1199 -6.48 92.35 22.70
CA PRO A 1199 -7.13 93.31 21.79
C PRO A 1199 -6.95 94.77 22.18
N GLY A 1200 -6.36 95.06 23.34
CA GLY A 1200 -6.20 96.44 23.78
C GLY A 1200 -4.89 97.04 23.35
N ASN A 1201 -4.05 97.44 24.30
CA ASN A 1201 -2.70 97.89 23.95
C ASN A 1201 -1.91 96.70 23.43
N ARG A 1202 -2.08 96.37 22.15
CA ARG A 1202 -1.45 95.18 21.62
C ARG A 1202 0.06 95.37 21.58
N SER A 1203 0.52 96.28 20.74
CA SER A 1203 1.95 96.60 20.72
C SER A 1203 2.43 97.23 22.01
N PRO A 1204 1.76 98.21 22.62
CA PRO A 1204 2.33 98.87 23.80
C PRO A 1204 2.24 97.99 25.04
N ASN A 1205 3.31 97.99 25.82
CA ASN A 1205 3.21 97.55 27.21
C ASN A 1205 2.39 98.50 28.05
N LEU A 1206 1.88 99.56 27.43
CA LEU A 1206 1.11 100.58 28.12
C LEU A 1206 -0.23 100.05 28.62
N TRP A 1207 -0.65 98.86 28.21
CA TRP A 1207 -1.79 98.23 28.84
C TRP A 1207 -1.53 98.03 30.33
N LEU A 1208 -0.29 97.69 30.68
CA LEU A 1208 0.09 97.63 32.09
C LEU A 1208 -0.07 99.00 32.73
N LYS A 1209 0.23 100.07 32.00
CA LYS A 1209 0.01 101.40 32.53
C LYS A 1209 -1.48 101.67 32.72
N ASP A 1210 -2.29 101.19 31.79
CA ASP A 1210 -3.74 101.38 31.89
C ASP A 1210 -4.29 100.70 33.14
N VAL A 1211 -3.91 99.44 33.36
CA VAL A 1211 -4.37 98.74 34.56
C VAL A 1211 -3.71 99.31 35.80
N LEU A 1212 -2.54 99.95 35.66
CA LEU A 1212 -1.86 100.54 36.80
C LEU A 1212 -2.65 101.67 37.42
N LYS A 1213 -3.42 102.41 36.62
CA LYS A 1213 -4.17 103.55 37.14
C LYS A 1213 -5.10 103.10 38.26
N GLU A 1214 -5.92 102.07 37.98
CA GLU A 1214 -6.75 101.49 39.04
C GLU A 1214 -5.93 100.63 39.98
N GLU A 1215 -5.01 99.83 39.44
CA GLU A 1215 -4.18 98.94 40.24
C GLU A 1215 -2.83 99.58 40.54
N GLY A 1216 -2.88 100.75 41.18
CA GLY A 1216 -1.65 101.42 41.56
C GLY A 1216 -0.85 100.64 42.58
N VAL A 1217 -1.53 100.03 43.54
CA VAL A 1217 -0.85 99.35 44.64
C VAL A 1217 -1.08 97.85 44.64
N SER A 1218 -2.14 97.36 44.01
CA SER A 1218 -2.47 95.94 44.08
C SER A 1218 -1.41 95.06 43.42
N PHE A 1219 -0.50 95.63 42.64
CA PHE A 1219 0.60 94.84 42.12
C PHE A 1219 1.55 94.41 43.23
N LEU A 1220 1.68 95.23 44.28
CA LEU A 1220 2.46 94.82 45.44
C LEU A 1220 1.86 93.60 46.10
N ILE A 1221 0.53 93.56 46.22
CA ILE A 1221 -0.11 92.45 46.91
C ILE A 1221 -0.37 91.25 46.00
N ASN A 1222 -0.27 91.44 44.68
CA ASN A 1222 -0.50 90.35 43.73
C ASN A 1222 0.74 90.02 42.93
N THR A 1223 1.29 90.98 42.17
CA THR A 1223 2.47 90.70 41.37
C THR A 1223 3.70 90.51 42.25
N PHE A 1224 3.77 91.22 43.36
CA PHE A 1224 4.82 91.06 44.34
C PHE A 1224 4.24 90.54 45.66
N GLU A 1225 3.25 89.65 45.53
CA GLU A 1225 2.52 89.14 46.68
C GLU A 1225 3.48 88.60 47.74
N GLY A 1226 4.55 87.94 47.31
CA GLY A 1226 5.42 87.25 48.22
C GLY A 1226 6.37 88.12 49.03
N GLY A 1227 7.60 87.64 49.17
CA GLY A 1227 8.54 88.24 50.09
C GLY A 1227 8.27 87.72 51.49
N GLY A 1228 7.11 88.08 52.01
CA GLY A 1228 6.61 87.50 53.24
C GLY A 1228 5.12 87.22 53.09
N CYS A 1229 4.69 86.89 51.88
CA CYS A 1229 3.29 87.01 51.50
C CYS A 1229 2.83 88.44 51.80
N GLY A 1230 3.61 89.39 51.30
CA GLY A 1230 3.68 90.70 51.90
C GLY A 1230 4.78 90.70 52.94
N GLN A 1231 4.43 91.07 54.16
CA GLN A 1231 5.26 90.85 55.34
C GLN A 1231 5.10 89.46 55.97
N PRO A 1232 3.86 88.99 56.22
CA PRO A 1232 3.65 88.01 57.32
C PRO A 1232 4.56 86.78 57.28
N SER A 1233 4.90 86.26 56.10
CA SER A 1233 5.82 85.13 56.10
C SER A 1233 7.23 85.54 56.50
N GLY A 1234 7.56 86.83 56.39
CA GLY A 1234 8.89 87.27 56.76
C GLY A 1234 9.09 87.50 58.24
N ILE A 1235 8.03 87.85 58.97
CA ILE A 1235 8.17 88.07 60.40
C ILE A 1235 8.43 86.75 61.12
N LEU A 1236 7.77 85.67 60.69
CA LEU A 1236 8.06 84.36 61.26
C LEU A 1236 9.47 83.90 60.93
N ALA A 1237 10.05 84.40 59.84
CA ALA A 1237 11.41 84.03 59.48
C ALA A 1237 12.44 84.66 60.40
N GLN A 1238 12.07 85.63 61.22
CA GLN A 1238 13.02 86.27 62.11
C GLN A 1238 13.37 85.37 63.30
N PRO A 1239 12.39 84.91 64.10
CA PRO A 1239 12.76 83.94 65.15
C PRO A 1239 13.26 82.63 64.58
N THR A 1240 12.73 82.21 63.45
CA THR A 1240 13.19 81.01 62.77
C THR A 1240 14.28 81.38 61.77
N SER A 1249 10.36 75.84 60.32
CA SER A 1249 11.28 74.74 60.09
C SER A 1249 12.13 74.97 58.85
N LEU A 1250 12.98 73.98 58.54
CA LEU A 1250 13.80 74.08 57.34
C LEU A 1250 12.94 74.18 56.10
N GLN A 1251 11.88 73.38 56.04
CA GLN A 1251 10.96 73.44 54.90
C GLN A 1251 10.29 74.80 54.84
N ALA A 1252 9.92 75.35 56.00
CA ALA A 1252 9.38 76.70 56.03
C ALA A 1252 10.40 77.70 55.53
N THR A 1253 11.67 77.52 55.93
CA THR A 1253 12.72 78.37 55.40
C THR A 1253 12.78 78.30 53.89
N LEU A 1254 12.74 77.09 53.35
CA LEU A 1254 12.86 76.91 51.91
C LEU A 1254 11.69 77.54 51.17
N CYS A 1255 10.48 77.34 51.68
CA CYS A 1255 9.31 77.91 50.98
C CYS A 1255 9.31 79.42 51.10
N TRP A 1256 9.75 79.96 52.24
CA TRP A 1256 9.86 81.41 52.36
C TRP A 1256 10.89 81.96 51.38
N LEU A 1257 12.03 81.27 51.24
CA LEU A 1257 13.02 81.70 50.27
C LEU A 1257 12.46 81.64 48.86
N ASP A 1258 11.69 80.58 48.55
CA ASP A 1258 11.06 80.48 47.25
C ASP A 1258 10.14 81.67 46.98
N LEU A 1259 9.29 81.99 47.95
CA LEU A 1259 8.35 83.09 47.77
C LEU A 1259 9.10 84.41 47.59
N LEU A 1260 10.11 84.64 48.44
CA LEU A 1260 10.89 85.87 48.36
C LEU A 1260 11.58 85.99 47.01
N LEU A 1261 12.17 84.90 46.54
CA LEU A 1261 12.92 84.97 45.30
C LEU A 1261 12.01 85.09 44.10
N ALA A 1262 10.83 84.47 44.15
CA ALA A 1262 9.86 84.67 43.10
C ALA A 1262 9.45 86.14 43.02
N ALA A 1263 9.17 86.74 44.17
CA ALA A 1263 8.80 88.15 44.17
C ALA A 1263 9.94 89.01 43.65
N LEU A 1264 11.17 88.71 44.07
CA LEU A 1264 12.32 89.50 43.65
C LEU A 1264 12.52 89.40 42.15
N GLU A 1265 12.46 88.18 41.61
CA GLU A 1265 12.65 88.01 40.17
C GLU A 1265 11.52 88.64 39.40
N CYS A 1266 10.31 88.64 39.94
CA CYS A 1266 9.22 89.38 39.30
C CYS A 1266 9.55 90.86 39.24
N TYR A 1267 10.06 91.42 40.34
CA TYR A 1267 10.48 92.80 40.35
C TYR A 1267 11.52 93.07 39.28
N ASN A 1268 12.52 92.20 39.20
CA ASN A 1268 13.63 92.41 38.28
C ASN A 1268 13.15 92.30 36.84
N THR A 1269 12.31 91.33 36.55
CA THR A 1269 11.75 91.20 35.21
C THR A 1269 10.93 92.42 34.83
N PHE A 1270 10.13 92.91 35.77
CA PHE A 1270 9.30 94.09 35.48
C PHE A 1270 10.17 95.29 35.19
N ILE A 1271 11.19 95.53 36.02
CA ILE A 1271 11.99 96.74 35.86
C ILE A 1271 12.86 96.65 34.61
N GLY A 1272 13.49 95.50 34.38
CA GLY A 1272 14.31 95.35 33.19
C GLY A 1272 13.49 95.33 31.93
N GLU A 1273 12.23 94.93 32.03
CA GLU A 1273 11.32 95.03 30.90
C GLU A 1273 11.02 96.48 30.56
N ARG A 1274 11.37 97.40 31.45
CA ARG A 1274 11.03 98.83 31.35
C ARG A 1274 9.53 99.05 31.25
N THR A 1275 8.72 98.03 31.49
CA THR A 1275 7.28 98.16 31.48
C THR A 1275 6.75 98.81 32.74
N VAL A 1276 7.61 99.04 33.73
CA VAL A 1276 7.23 99.69 34.98
C VAL A 1276 8.43 100.47 35.50
N GLY A 1277 8.16 101.55 36.22
CA GLY A 1277 9.20 102.34 36.84
C GLY A 1277 9.46 101.94 38.28
N ALA A 1278 10.72 102.00 38.67
CA ALA A 1278 11.10 101.61 40.03
C ALA A 1278 10.45 102.50 41.07
N LEU A 1279 10.34 103.80 40.77
CA LEU A 1279 9.64 104.71 41.67
C LEU A 1279 8.18 104.32 41.84
N GLN A 1280 7.57 103.77 40.78
CA GLN A 1280 6.20 103.30 40.90
C GLN A 1280 6.09 102.16 41.89
N VAL A 1281 7.05 101.24 41.85
CA VAL A 1281 7.00 100.07 42.73
C VAL A 1281 7.78 100.30 44.03
N LEU A 1282 8.71 101.25 44.06
CA LEU A 1282 9.50 101.51 45.25
C LEU A 1282 9.39 102.99 45.60
N GLY A 1283 9.05 103.27 46.86
CA GLY A 1283 8.82 104.61 47.32
C GLY A 1283 7.37 105.03 47.33
N THR A 1284 6.51 104.32 46.58
CA THR A 1284 5.08 104.55 46.57
C THR A 1284 4.32 103.37 47.13
N GLU A 1285 4.61 102.16 46.64
CA GLU A 1285 4.10 100.92 47.19
C GLU A 1285 5.24 100.08 47.77
N ALA A 1286 6.16 100.76 48.47
CA ALA A 1286 7.39 100.12 48.94
C ALA A 1286 7.08 98.90 49.79
N GLN A 1287 7.77 97.80 49.49
CA GLN A 1287 7.55 96.52 50.17
C GLN A 1287 8.54 96.38 51.31
N SER A 1288 8.03 96.21 52.53
CA SER A 1288 8.90 96.00 53.67
C SER A 1288 9.69 94.70 53.54
N SER A 1289 9.15 93.73 52.81
CA SER A 1289 9.82 92.44 52.69
C SER A 1289 11.17 92.58 52.00
N LEU A 1290 11.31 93.55 51.10
CA LEU A 1290 12.59 93.73 50.41
C LEU A 1290 13.71 94.04 51.40
N LEU A 1291 13.51 95.05 52.23
CA LEU A 1291 14.54 95.40 53.19
C LEU A 1291 14.59 94.41 54.34
N LYS A 1292 13.50 93.70 54.61
CA LYS A 1292 13.55 92.61 55.57
C LYS A 1292 14.52 91.53 55.09
N ALA A 1293 14.44 91.17 53.82
CA ALA A 1293 15.41 90.24 53.25
C ALA A 1293 16.81 90.86 53.25
N VAL A 1294 16.89 92.16 53.00
CA VAL A 1294 18.19 92.83 53.05
C VAL A 1294 18.83 92.62 54.41
N ALA A 1295 18.06 92.82 55.48
CA ALA A 1295 18.56 92.59 56.82
C ALA A 1295 18.85 91.10 57.05
N PHE A 1296 17.99 90.23 56.52
CA PHE A 1296 18.20 88.80 56.68
C PHE A 1296 19.52 88.36 56.06
N PHE A 1297 19.98 89.11 55.06
CA PHE A 1297 21.30 88.83 54.49
C PHE A 1297 22.39 88.97 55.55
N LEU A 1298 22.36 90.08 56.28
CA LEU A 1298 23.25 90.20 57.44
C LEU A 1298 22.94 89.16 58.49
N GLU A 1299 21.69 88.70 58.56
CA GLU A 1299 21.31 87.72 59.56
C GLU A 1299 21.90 86.35 59.23
N SER A 1300 21.55 85.81 58.08
CA SER A 1300 21.89 84.43 57.76
C SER A 1300 22.69 84.24 56.48
N ILE A 1301 22.61 85.17 55.54
CA ILE A 1301 23.21 84.97 54.23
C ILE A 1301 24.69 85.34 54.30
N ALA A 1302 25.56 84.36 54.03
CA ALA A 1302 27.01 84.41 53.96
C ALA A 1302 27.68 84.40 55.33
N MET A 1303 26.93 84.41 56.43
CA MET A 1303 27.57 84.11 57.71
C MET A 1303 26.87 83.00 58.48
N HIS A 1304 25.55 82.94 58.47
CA HIS A 1304 24.84 81.79 59.03
C HIS A 1304 24.58 80.79 57.90
N ASP A 1305 25.66 80.15 57.50
CA ASP A 1305 25.62 79.18 56.41
C ASP A 1305 25.17 77.81 56.88
N ILE A 1306 24.90 77.64 58.18
CA ILE A 1306 24.37 76.39 58.70
C ILE A 1306 23.03 76.56 59.41
N ILE A 1307 22.71 77.75 59.89
CA ILE A 1307 21.47 78.02 60.59
C ILE A 1307 20.95 79.38 60.12
N ALA A 1308 19.81 79.78 60.66
CA ALA A 1308 19.27 81.11 60.40
C ALA A 1308 19.00 81.84 61.71
N ALA A 1309 19.84 81.60 62.71
CA ALA A 1309 19.61 82.09 64.07
C ALA A 1309 18.22 81.67 64.55
N GLU A 1310 17.84 80.44 64.21
CA GLU A 1310 16.51 79.93 64.51
C GLU A 1310 16.47 79.14 65.81
N LYS A 1311 17.50 78.33 66.06
CA LYS A 1311 17.57 77.48 67.25
C LYS A 1311 16.33 76.61 67.40
N CYS A 1312 15.71 76.26 66.27
CA CYS A 1312 14.48 75.45 66.29
C CYS A 1312 14.46 74.39 65.20
N PHE A 1313 15.55 74.23 64.45
CA PHE A 1313 15.63 73.23 63.37
C PHE A 1313 14.49 73.37 62.36
N THR A 1322 24.94 70.49 56.37
CA THR A 1322 25.31 69.08 56.24
C THR A 1322 24.08 68.23 56.01
N SER A 1323 24.30 67.01 55.52
CA SER A 1323 23.19 66.12 55.19
C SER A 1323 22.25 65.85 56.34
N PRO A 1324 22.70 65.60 57.58
CA PRO A 1324 21.73 65.43 58.68
C PRO A 1324 20.78 66.60 58.84
N GLN A 1325 21.14 67.77 58.33
CA GLN A 1325 20.22 68.90 58.26
C GLN A 1325 20.13 69.46 56.84
N GLU A 1326 20.69 68.77 55.85
CA GLU A 1326 20.61 69.17 54.44
C GLU A 1326 21.08 70.60 54.25
N GLY A 1327 22.18 70.96 54.90
CA GLY A 1327 22.76 72.27 54.70
C GLY A 1327 23.23 72.51 53.29
N GLU A 1328 23.38 71.44 52.51
CA GLU A 1328 23.77 71.56 51.11
C GLU A 1328 22.69 72.26 50.30
N ARG A 1329 21.44 71.80 50.40
CA ARG A 1329 20.37 72.44 49.66
C ARG A 1329 20.04 73.80 50.23
N TYR A 1330 20.18 73.96 51.54
CA TYR A 1330 20.05 75.29 52.15
C TYR A 1330 21.05 76.25 51.56
N ASN A 1331 22.30 75.81 51.40
CA ASN A 1331 23.32 76.65 50.78
C ASN A 1331 23.01 76.89 49.32
N TYR A 1332 22.47 75.88 48.63
CA TYR A 1332 22.08 76.07 47.24
C TYR A 1332 21.06 77.18 47.12
N SER A 1333 20.06 77.16 48.00
CA SER A 1333 19.09 78.23 48.06
C SER A 1333 19.75 79.56 48.39
N LYS A 1334 20.74 79.54 49.30
CA LYS A 1334 21.42 80.77 49.68
C LYS A 1334 22.15 81.39 48.50
N CYS A 1335 22.90 80.57 47.76
CA CYS A 1335 23.59 81.07 46.58
C CYS A 1335 22.60 81.56 45.54
N THR A 1336 21.46 80.89 45.44
CA THR A 1336 20.42 81.34 44.52
C THR A 1336 19.91 82.72 44.93
N VAL A 1337 19.72 82.93 46.25
CA VAL A 1337 19.32 84.24 46.74
C VAL A 1337 20.38 85.28 46.38
N VAL A 1338 21.65 84.93 46.57
CA VAL A 1338 22.73 85.88 46.29
C VAL A 1338 22.73 86.27 44.83
N VAL A 1339 22.63 85.28 43.93
CA VAL A 1339 22.66 85.61 42.52
C VAL A 1339 21.43 86.41 42.13
N ARG A 1340 20.26 86.06 42.69
CA ARG A 1340 19.05 86.79 42.36
C ARG A 1340 19.16 88.24 42.80
N ILE A 1341 19.65 88.48 44.01
CA ILE A 1341 19.73 89.85 44.50
C ILE A 1341 20.77 90.65 43.73
N MET A 1342 21.87 90.01 43.33
CA MET A 1342 22.86 90.77 42.56
C MET A 1342 22.36 91.05 41.15
N GLU A 1343 21.58 90.14 40.56
CA GLU A 1343 20.91 90.46 39.30
C GLU A 1343 19.95 91.62 39.48
N PHE A 1344 19.22 91.64 40.59
CA PHE A 1344 18.32 92.75 40.86
C PHE A 1344 19.07 94.06 40.92
N THR A 1345 20.22 94.06 41.61
CA THR A 1345 21.01 95.28 41.71
C THR A 1345 21.54 95.71 40.35
N THR A 1346 21.97 94.76 39.52
CA THR A 1346 22.41 95.10 38.17
C THR A 1346 21.28 95.76 37.40
N THR A 1347 20.07 95.19 37.48
CA THR A 1347 18.92 95.79 36.82
C THR A 1347 18.66 97.19 37.35
N LEU A 1348 18.70 97.36 38.66
CA LEU A 1348 18.41 98.66 39.26
C LEU A 1348 19.42 99.70 38.80
N LEU A 1349 20.69 99.32 38.69
CA LEU A 1349 21.70 100.28 38.26
C LEU A 1349 21.59 100.59 36.77
N ASN A 1350 21.41 99.56 35.94
CA ASN A 1350 21.42 99.78 34.50
C ASN A 1350 20.06 100.21 33.98
N THR A 1351 19.03 99.39 34.22
CA THR A 1351 17.70 99.70 33.71
C THR A 1351 17.17 101.00 34.31
N SER A 1352 17.40 101.22 35.60
CA SER A 1352 17.01 102.46 36.22
C SER A 1352 18.23 103.37 36.27
N PRO A 1353 18.24 104.50 35.58
CA PRO A 1353 19.39 105.41 35.63
C PRO A 1353 19.55 106.07 36.99
N GLU A 1354 20.51 106.98 37.11
CA GLU A 1354 20.73 107.69 38.37
C GLU A 1354 19.51 108.44 38.84
N GLY A 1355 18.49 108.61 37.99
CA GLY A 1355 17.22 109.13 38.47
C GLY A 1355 16.59 108.27 39.55
N TRP A 1356 16.98 107.00 39.64
CA TRP A 1356 16.56 106.12 40.71
C TRP A 1356 17.72 105.76 41.63
N LYS A 1357 18.86 106.45 41.50
CA LYS A 1357 19.99 106.18 42.39
C LYS A 1357 19.60 106.39 43.85
N LEU A 1358 18.68 107.30 44.11
CA LEU A 1358 18.18 107.49 45.47
C LEU A 1358 17.48 106.24 45.96
N LEU A 1359 16.68 105.61 45.09
CA LEU A 1359 16.16 104.29 45.40
C LEU A 1359 17.29 103.29 45.59
N LYS A 1360 18.36 103.43 44.79
CA LYS A 1360 19.58 102.70 45.09
C LYS A 1360 20.18 103.17 46.41
N LYS A 1361 20.15 104.48 46.66
CA LYS A 1361 20.63 104.99 47.94
C LYS A 1361 19.85 104.42 49.11
N ASP A 1362 18.60 103.99 48.88
CA ASP A 1362 17.81 103.34 49.92
C ASP A 1362 18.47 102.08 50.45
N LEU A 1363 19.56 101.62 49.82
CA LEU A 1363 20.31 100.50 50.38
C LEU A 1363 20.84 100.85 51.77
N CYS A 1364 21.54 101.98 51.87
CA CYS A 1364 21.98 102.56 53.14
C CYS A 1364 22.91 101.65 53.94
N ASN A 1365 23.27 100.49 53.41
CA ASN A 1365 24.14 99.61 54.16
C ASN A 1365 25.37 99.17 53.39
N THR A 1366 25.23 98.83 52.10
CA THR A 1366 26.33 98.40 51.26
C THR A 1366 27.11 97.23 51.86
N HIS A 1367 26.43 96.43 52.68
CA HIS A 1367 27.04 95.17 53.14
C HIS A 1367 26.83 94.06 52.14
N LEU A 1368 25.77 94.16 51.33
CA LEU A 1368 25.52 93.18 50.28
C LEU A 1368 26.68 93.16 49.30
N MET A 1369 27.16 94.34 48.90
CA MET A 1369 28.34 94.38 48.04
C MET A 1369 29.58 93.86 48.75
N ARG A 1370 29.63 94.00 50.08
CA ARG A 1370 30.76 93.44 50.81
C ARG A 1370 30.78 91.92 50.71
N VAL A 1371 29.66 91.27 51.00
CA VAL A 1371 29.62 89.82 50.85
C VAL A 1371 29.78 89.45 49.38
N LEU A 1372 29.36 90.33 48.48
CA LEU A 1372 29.54 90.10 47.05
C LEU A 1372 31.02 90.04 46.68
N VAL A 1373 31.82 90.98 47.16
CA VAL A 1373 33.24 90.95 46.83
C VAL A 1373 33.93 89.83 47.59
N GLN A 1374 33.41 89.45 48.75
CA GLN A 1374 33.90 88.27 49.42
C GLN A 1374 33.72 87.04 48.54
N THR A 1375 32.55 86.93 47.90
CA THR A 1375 32.34 85.88 46.94
C THR A 1375 33.26 86.03 45.74
N LEU A 1376 33.48 87.26 45.30
CA LEU A 1376 34.35 87.51 44.14
C LEU A 1376 35.75 86.97 44.39
N CYS A 1377 36.31 87.27 45.57
CA CYS A 1377 37.62 86.73 45.90
C CYS A 1377 37.53 85.27 46.30
N GLU A 1378 36.59 84.94 47.19
CA GLU A 1378 36.36 83.56 47.60
C GLU A 1378 34.92 83.19 47.32
N PRO A 1379 34.65 82.43 46.27
CA PRO A 1379 33.26 82.03 46.01
C PRO A 1379 32.64 81.31 47.18
N ALA A 1380 33.45 80.57 47.95
CA ALA A 1380 32.96 79.92 49.15
C ALA A 1380 32.86 80.93 50.29
N SER A 1381 32.24 82.08 50.02
CA SER A 1381 31.95 83.08 51.05
C SER A 1381 30.48 83.11 51.41
N ILE A 1382 29.63 82.49 50.60
CA ILE A 1382 28.20 82.36 50.88
C ILE A 1382 27.96 80.94 51.34
N GLY A 1383 28.99 80.31 51.90
CA GLY A 1383 28.95 78.92 52.29
C GLY A 1383 29.95 78.10 51.49
N PHE A 1384 29.56 76.87 51.16
CA PHE A 1384 30.33 76.08 50.20
C PHE A 1384 30.40 76.80 48.87
N ASN A 1385 29.25 77.16 48.31
CA ASN A 1385 29.14 77.68 46.96
C ASN A 1385 29.91 76.80 45.98
N ILE A 1386 29.83 75.49 46.20
CA ILE A 1386 30.65 74.52 45.50
C ILE A 1386 29.73 73.64 44.64
N GLY A 1387 30.35 72.83 43.79
CA GLY A 1387 29.63 72.03 42.83
C GLY A 1387 30.31 72.10 41.49
N ASP A 1388 31.00 73.20 41.24
CA ASP A 1388 31.76 73.41 40.01
C ASP A 1388 30.87 73.19 38.79
N VAL A 1389 29.70 73.82 38.80
CA VAL A 1389 28.70 73.60 37.78
C VAL A 1389 28.38 74.92 37.09
N GLN A 1390 27.44 74.88 36.16
CA GLN A 1390 27.13 76.04 35.33
C GLN A 1390 26.85 77.29 36.16
N VAL A 1391 26.20 77.15 37.31
CA VAL A 1391 25.80 78.33 38.08
C VAL A 1391 27.01 79.16 38.48
N MET A 1392 28.04 78.51 39.01
CA MET A 1392 29.21 79.25 39.47
C MET A 1392 30.24 79.47 38.39
N ALA A 1393 30.12 78.78 37.24
CA ALA A 1393 30.86 79.17 36.06
C ALA A 1393 30.30 80.46 35.47
N HIS A 1394 29.00 80.68 35.63
CA HIS A 1394 28.34 81.90 35.19
C HIS A 1394 28.45 83.02 36.20
N LEU A 1395 28.63 82.71 37.48
CA LEU A 1395 28.75 83.74 38.51
C LEU A 1395 29.78 84.83 38.19
N PRO A 1396 31.02 84.51 37.79
CA PRO A 1396 32.02 85.60 37.66
C PRO A 1396 31.66 86.63 36.60
N ASP A 1397 31.04 86.22 35.50
CA ASP A 1397 30.76 87.17 34.42
C ASP A 1397 29.74 88.21 34.87
N VAL A 1398 28.66 87.77 35.50
CA VAL A 1398 27.65 88.72 35.95
C VAL A 1398 28.16 89.46 37.18
N CYS A 1399 29.07 88.86 37.94
CA CYS A 1399 29.72 89.58 39.02
C CYS A 1399 30.51 90.77 38.48
N VAL A 1400 31.27 90.55 37.42
CA VAL A 1400 32.00 91.65 36.78
C VAL A 1400 31.03 92.65 36.17
N ASN A 1401 29.90 92.16 35.64
CA ASN A 1401 28.87 93.07 35.15
C ASN A 1401 28.39 93.99 36.26
N LEU A 1402 28.13 93.44 37.44
CA LEU A 1402 27.73 94.26 38.58
C LEU A 1402 28.84 95.20 39.00
N MET A 1403 30.09 94.74 38.92
CA MET A 1403 31.22 95.62 39.22
C MET A 1403 31.21 96.84 38.32
N LYS A 1404 31.02 96.63 37.02
CA LYS A 1404 30.99 97.75 36.10
C LYS A 1404 29.75 98.61 36.32
N ALA A 1405 28.63 97.99 36.65
CA ALA A 1405 27.41 98.74 36.93
C ALA A 1405 27.59 99.65 38.13
N LEU A 1406 28.32 99.18 39.14
CA LEU A 1406 28.62 100.04 40.29
C LEU A 1406 29.69 101.07 39.94
N LYS A 1407 30.61 100.72 39.03
CA LYS A 1407 31.64 101.67 38.63
C LYS A 1407 31.03 102.87 37.92
N MET A 1408 30.07 102.64 37.02
CA MET A 1408 29.39 103.79 36.42
C MET A 1408 28.60 104.55 37.46
N SER A 1409 28.10 103.86 38.48
CA SER A 1409 27.45 104.54 39.59
C SER A 1409 28.48 105.32 40.40
N PRO A 1410 28.07 106.42 41.04
CA PRO A 1410 29.00 107.12 41.94
C PRO A 1410 29.45 106.25 43.10
N TYR A 1411 28.61 105.34 43.55
CA TYR A 1411 28.89 104.51 44.72
C TYR A 1411 30.08 103.59 44.47
N LYS A 1412 30.68 103.70 43.28
CA LYS A 1412 31.99 103.10 43.07
C LYS A 1412 32.97 103.56 44.13
N ASP A 1413 32.85 104.83 44.57
CA ASP A 1413 33.68 105.31 45.65
C ASP A 1413 33.45 104.48 46.91
N ILE A 1414 32.18 104.17 47.20
CA ILE A 1414 31.88 103.13 48.17
C ILE A 1414 32.66 101.86 47.79
N LEU A 1415 32.36 101.33 46.62
CA LEU A 1415 32.94 100.06 46.18
C LEU A 1415 34.45 100.05 46.36
N GLU A 1416 35.15 100.97 45.68
CA GLU A 1416 36.60 100.93 45.70
C GLU A 1416 37.12 100.99 47.13
N THR A 1417 36.49 101.81 47.99
CA THR A 1417 36.91 101.80 49.38
C THR A 1417 36.70 100.43 50.00
N HIS A 1418 35.48 99.91 49.90
CA HIS A 1418 35.22 98.54 50.28
C HIS A 1418 36.09 97.58 49.49
N LEU A 1419 36.42 97.93 48.25
CA LEU A 1419 37.37 97.13 47.51
C LEU A 1419 38.76 97.27 48.13
N ARG A 1420 39.20 98.51 48.37
CA ARG A 1420 40.53 98.72 48.93
C ARG A 1420 40.61 98.14 50.34
N GLU A 1421 39.52 98.19 51.09
CA GLU A 1421 39.54 97.61 52.42
C GLU A 1421 39.69 96.10 52.36
N LYS A 1422 39.31 95.47 51.25
CA LYS A 1422 39.51 94.03 51.12
C LYS A 1422 40.98 93.72 50.84
N ILE A 1423 41.56 94.41 49.86
CA ILE A 1423 42.93 94.15 49.45
C ILE A 1423 43.38 95.36 48.64
N THR A 1424 44.69 95.57 48.60
CA THR A 1424 45.29 96.60 47.76
C THR A 1424 46.34 96.00 46.83
N ALA A 1425 46.10 94.76 46.38
CA ALA A 1425 47.07 94.00 45.58
C ALA A 1425 48.41 93.85 46.29
N GLN A 1426 48.37 93.80 47.62
CA GLN A 1426 49.59 93.70 48.41
C GLN A 1426 49.86 92.29 48.90
N SER A 1427 48.82 91.46 49.08
CA SER A 1427 49.02 90.13 49.61
C SER A 1427 49.88 89.27 48.70
N ILE A 1428 49.80 89.51 47.39
CA ILE A 1428 50.58 88.71 46.44
C ILE A 1428 52.07 88.93 46.67
N GLU A 1429 52.46 90.13 47.10
CA GLU A 1429 53.87 90.43 47.31
C GLU A 1429 54.50 89.51 48.34
N GLU A 1430 53.71 88.96 49.25
CA GLU A 1430 54.17 87.91 50.15
C GLU A 1430 53.67 86.54 49.79
N LEU A 1431 52.72 86.43 48.86
CA LEU A 1431 52.24 85.14 48.40
C LEU A 1431 53.12 84.52 47.32
N CYS A 1432 54.06 85.27 46.77
CA CYS A 1432 54.94 84.76 45.72
C CYS A 1432 56.10 83.94 46.26
N ALA A 1433 56.37 84.01 47.55
CA ALA A 1433 57.47 83.29 48.17
C ALA A 1433 56.95 82.31 49.22
N VAL A 1434 55.89 81.59 48.88
CA VAL A 1434 55.26 80.66 49.80
C VAL A 1434 55.73 79.22 49.56
N ASN A 1435 56.91 79.05 48.95
CA ASN A 1435 57.43 77.73 48.58
C ASN A 1435 56.44 77.01 47.68
N LEU A 1436 56.22 77.61 46.52
CA LEU A 1436 55.23 77.17 45.55
C LEU A 1436 55.94 76.88 44.24
N TYR A 1437 55.15 76.78 43.16
CA TYR A 1437 55.66 76.38 41.84
C TYR A 1437 56.17 74.95 41.92
N GLY A 1438 55.31 74.06 42.43
CA GLY A 1438 55.64 72.68 42.62
C GLY A 1438 54.66 71.99 43.55
N PRO A 1439 54.81 70.68 43.72
CA PRO A 1439 53.85 69.93 44.55
C PRO A 1439 54.10 70.11 46.03
N ASP A 1440 54.91 71.12 46.38
CA ASP A 1440 55.23 71.39 47.78
C ASP A 1440 53.95 71.60 48.59
N ALA A 1441 53.05 72.46 48.09
CA ALA A 1441 51.76 72.66 48.72
C ALA A 1441 50.78 73.08 47.64
N GLN A 1442 49.50 72.88 47.92
CA GLN A 1442 48.44 73.23 46.99
C GLN A 1442 47.54 74.35 47.49
N VAL A 1443 47.35 74.46 48.80
CA VAL A 1443 46.53 75.53 49.35
C VAL A 1443 47.13 76.88 49.00
N ASP A 1444 48.45 77.01 49.10
CA ASP A 1444 49.11 78.26 48.73
C ASP A 1444 48.86 78.59 47.27
N ARG A 1445 49.08 77.63 46.38
CA ARG A 1445 48.83 77.84 44.96
C ARG A 1445 47.36 78.07 44.69
N SER A 1446 46.48 77.42 45.47
CA SER A 1446 45.04 77.64 45.28
C SER A 1446 44.67 79.09 45.60
N ARG A 1447 45.16 79.60 46.73
CA ARG A 1447 44.85 80.99 47.08
C ARG A 1447 45.49 81.96 46.11
N LEU A 1448 46.69 81.64 45.63
CA LEU A 1448 47.31 82.48 44.62
C LEU A 1448 46.47 82.52 43.35
N ALA A 1449 45.98 81.37 42.91
CA ALA A 1449 45.10 81.33 41.74
C ALA A 1449 43.82 82.12 42.00
N ALA A 1450 43.28 82.02 43.22
CA ALA A 1450 42.06 82.75 43.55
C ALA A 1450 42.28 84.25 43.45
N VAL A 1451 43.38 84.74 44.03
CA VAL A 1451 43.63 86.18 43.98
C VAL A 1451 43.94 86.62 42.55
N VAL A 1452 44.63 85.77 41.78
CA VAL A 1452 44.90 86.10 40.39
C VAL A 1452 43.59 86.21 39.61
N SER A 1453 42.68 85.27 39.83
CA SER A 1453 41.39 85.31 39.17
C SER A 1453 40.59 86.55 39.57
N ALA A 1454 40.62 86.89 40.86
CA ALA A 1454 39.92 88.10 41.31
C ALA A 1454 40.50 89.33 40.64
N CYS A 1455 41.83 89.41 40.54
CA CYS A 1455 42.46 90.54 39.88
C CYS A 1455 42.07 90.60 38.42
N LYS A 1456 42.01 89.44 37.75
CA LYS A 1456 41.57 89.42 36.36
C LYS A 1456 40.14 89.91 36.23
N GLN A 1457 39.28 89.50 37.16
CA GLN A 1457 37.91 89.98 37.15
C GLN A 1457 37.85 91.49 37.29
N LEU A 1458 38.65 92.04 38.20
CA LEU A 1458 38.67 93.49 38.37
C LEU A 1458 39.17 94.18 37.12
N HIS A 1459 40.23 93.65 36.51
CA HIS A 1459 40.79 94.26 35.31
C HIS A 1459 39.78 94.25 34.17
N ARG A 1460 39.15 93.10 33.92
CA ARG A 1460 38.11 93.02 32.90
C ARG A 1460 36.87 93.79 33.30
N ALA A 1461 36.75 94.19 34.56
CA ALA A 1461 35.70 95.08 35.02
C ALA A 1461 36.12 96.54 34.95
N GLY A 1462 37.30 96.81 34.38
CA GLY A 1462 37.82 98.16 34.34
C GLY A 1462 38.44 98.64 35.62
N LEU A 1463 38.55 97.76 36.63
CA LEU A 1463 39.13 98.12 37.91
C LEU A 1463 40.61 97.74 37.88
N LEU A 1464 41.39 98.59 37.22
CA LEU A 1464 42.81 98.31 37.02
C LEU A 1464 43.66 98.87 38.15
N HIS A 1465 43.41 100.12 38.53
CA HIS A 1465 44.24 100.78 39.53
C HIS A 1465 43.45 101.30 40.72
N ASN A 1466 42.12 101.22 40.70
CA ASN A 1466 41.36 101.40 41.92
C ASN A 1466 41.56 100.25 42.88
N ILE A 1467 42.17 99.16 42.42
CA ILE A 1467 42.69 98.11 43.29
C ILE A 1467 44.20 98.18 43.42
N LEU A 1468 44.91 98.52 42.34
CA LEU A 1468 46.35 98.49 42.34
C LEU A 1468 46.88 99.91 42.51
N PRO A 1469 47.63 100.20 43.57
CA PRO A 1469 48.28 101.51 43.68
C PRO A 1469 49.19 101.74 42.48
N SER A 1470 48.84 102.74 41.67
CA SER A 1470 49.51 102.97 40.40
C SER A 1470 50.99 103.19 40.59
N GLN A 1471 51.81 102.26 40.10
CA GLN A 1471 53.25 102.44 40.14
C GLN A 1471 53.64 103.61 39.25
N SER A 1472 54.55 104.45 39.74
CA SER A 1472 54.95 105.64 39.00
C SER A 1472 55.55 105.29 37.65
N THR A 1473 56.40 104.28 37.62
CA THR A 1473 56.93 103.79 36.34
C THR A 1473 55.84 103.03 35.59
N ASP A 1474 56.01 102.95 34.27
CA ASP A 1474 55.12 102.13 33.46
C ASP A 1474 55.17 100.67 33.92
N LEU A 1475 56.35 100.20 34.29
CA LEU A 1475 56.49 98.85 34.81
C LEU A 1475 55.68 98.70 36.09
N HIS A 1476 55.03 97.55 36.23
CA HIS A 1476 54.28 97.21 37.43
C HIS A 1476 54.95 95.99 38.05
N HIS A 1477 55.79 96.26 39.05
CA HIS A 1477 56.54 95.21 39.73
C HIS A 1477 55.64 94.11 40.25
N SER A 1478 54.48 94.49 40.79
CA SER A 1478 53.64 93.59 41.58
C SER A 1478 53.30 92.29 40.88
N VAL A 1479 53.49 92.22 39.56
CA VAL A 1479 53.28 90.99 38.81
C VAL A 1479 54.55 90.56 38.07
N GLY A 1480 55.26 91.51 37.46
CA GLY A 1480 56.43 91.15 36.67
C GLY A 1480 57.53 90.56 37.52
N THR A 1481 57.79 91.14 38.69
CA THR A 1481 58.86 90.64 39.55
C THR A 1481 58.57 89.23 40.02
N GLU A 1482 57.33 88.97 40.44
CA GLU A 1482 56.94 87.63 40.88
C GLU A 1482 57.07 86.64 39.73
N LEU A 1483 56.59 87.03 38.55
CA LEU A 1483 56.72 86.19 37.37
C LEU A 1483 58.17 85.83 37.10
N LEU A 1484 59.04 86.83 37.10
CA LEU A 1484 60.46 86.61 36.81
C LEU A 1484 61.08 85.68 37.84
N SER A 1485 60.85 85.94 39.12
CA SER A 1485 61.43 85.12 40.16
C SER A 1485 61.01 83.66 40.00
N LEU A 1486 59.72 83.43 39.79
CA LEU A 1486 59.23 82.07 39.67
C LEU A 1486 59.82 81.38 38.43
N VAL A 1487 59.69 82.03 37.26
CA VAL A 1487 60.15 81.40 36.03
C VAL A 1487 61.65 81.19 36.02
N TYR A 1488 62.39 81.97 36.79
CA TYR A 1488 63.84 81.84 36.80
C TYR A 1488 64.34 80.85 37.84
N LYS A 1489 63.62 80.67 38.95
CA LYS A 1489 64.13 79.81 40.00
C LYS A 1489 63.50 78.41 40.00
N GLY A 1490 62.21 78.28 39.69
CA GLY A 1490 61.56 77.00 39.82
C GLY A 1490 61.99 75.94 38.84
N ILE A 1491 63.06 76.20 38.09
CA ILE A 1491 63.52 75.28 37.06
C ILE A 1491 64.92 74.74 37.30
N ALA A 1492 65.75 75.41 38.11
CA ALA A 1492 67.11 74.98 38.34
C ALA A 1492 67.16 73.68 39.15
N SER A 1502 61.50 72.17 39.02
CA SER A 1502 60.46 71.65 38.14
C SER A 1502 59.17 72.44 38.27
N LEU A 1503 58.15 72.03 37.52
CA LEU A 1503 56.90 72.77 37.45
C LEU A 1503 55.76 71.79 37.21
N ASP A 1504 54.53 72.29 37.38
CA ASP A 1504 53.33 71.48 37.24
C ASP A 1504 52.40 72.14 36.23
N LEU A 1505 51.46 71.33 35.72
CA LEU A 1505 50.38 71.89 34.93
C LEU A 1505 49.57 72.89 35.75
N SER A 1506 49.41 72.63 37.05
CA SER A 1506 48.87 73.65 37.93
C SER A 1506 49.78 74.87 37.96
N CYS A 1507 51.09 74.63 38.09
CA CYS A 1507 52.03 75.74 37.95
C CYS A 1507 51.95 76.35 36.56
N LYS A 1508 51.66 75.54 35.54
CA LYS A 1508 51.51 76.06 34.19
C LYS A 1508 50.39 77.09 34.12
N GLN A 1509 49.21 76.73 34.61
CA GLN A 1509 48.09 77.66 34.55
C GLN A 1509 48.32 78.85 35.48
N LEU A 1510 48.95 78.64 36.63
CA LEU A 1510 49.24 79.75 37.53
C LEU A 1510 50.15 80.77 36.86
N ALA A 1511 51.20 80.28 36.21
CA ALA A 1511 52.14 81.18 35.54
C ALA A 1511 51.49 81.84 34.32
N SER A 1512 50.61 81.12 33.62
CA SER A 1512 49.91 81.74 32.51
C SER A 1512 49.04 82.89 32.99
N GLY A 1513 48.33 82.68 34.10
CA GLY A 1513 47.53 83.76 34.68
C GLY A 1513 48.40 84.91 35.13
N LEU A 1514 49.58 84.62 35.67
CA LEU A 1514 50.51 85.67 36.04
C LEU A 1514 50.93 86.48 34.81
N LEU A 1515 51.19 85.80 33.71
CA LEU A 1515 51.50 86.50 32.46
C LEU A 1515 50.33 87.36 32.03
N GLU A 1516 49.11 86.84 32.15
CA GLU A 1516 47.94 87.62 31.78
C GLU A 1516 47.83 88.88 32.63
N LEU A 1517 48.08 88.76 33.93
CA LEU A 1517 48.07 89.94 34.80
C LEU A 1517 49.18 90.91 34.40
N ALA A 1518 50.33 90.39 34.00
CA ALA A 1518 51.40 91.25 33.51
C ALA A 1518 50.95 92.00 32.27
N PHE A 1519 50.20 91.34 31.39
CA PHE A 1519 49.66 92.01 30.23
C PHE A 1519 48.57 93.00 30.59
N ALA A 1520 47.96 92.85 31.78
CA ALA A 1520 46.90 93.76 32.20
C ALA A 1520 47.40 95.16 32.48
N PHE A 1521 48.71 95.37 32.56
CA PHE A 1521 49.28 96.70 32.77
C PHE A 1521 50.41 96.92 31.79
N GLY A 1522 50.41 98.09 31.15
CA GLY A 1522 51.37 98.40 30.12
C GLY A 1522 52.76 98.64 30.67
N GLY A 1523 53.67 98.93 29.74
CA GLY A 1523 55.07 99.15 30.10
C GLY A 1523 55.81 97.84 30.26
N LEU A 1524 55.13 96.83 30.79
CA LEU A 1524 55.75 95.52 30.98
C LEU A 1524 56.18 94.91 29.66
N CYS A 1525 55.62 95.39 28.53
CA CYS A 1525 55.91 94.80 27.24
C CYS A 1525 57.40 94.85 26.91
N GLU A 1526 58.00 96.03 27.02
CA GLU A 1526 59.42 96.18 26.73
C GLU A 1526 60.28 95.48 27.76
N ARG A 1527 59.81 95.41 29.01
CA ARG A 1527 60.50 94.65 30.02
C ARG A 1527 60.61 93.18 29.62
N LEU A 1528 59.51 92.61 29.14
CA LEU A 1528 59.54 91.24 28.65
C LEU A 1528 60.39 91.13 27.38
N VAL A 1529 60.33 92.16 26.53
CA VAL A 1529 61.19 92.18 25.35
C VAL A 1529 62.65 92.01 25.77
N SER A 1530 63.06 92.73 26.81
CA SER A 1530 64.41 92.60 27.32
C SER A 1530 64.64 91.22 27.94
N LEU A 1531 63.70 90.74 28.75
CA LEU A 1531 63.94 89.53 29.53
C LEU A 1531 64.00 88.30 28.64
N LEU A 1532 63.16 88.23 27.61
CA LEU A 1532 63.37 87.24 26.57
C LEU A 1532 64.71 87.44 25.89
N LEU A 1533 65.08 88.69 25.60
CA LEU A 1533 66.36 88.98 24.98
C LEU A 1533 67.49 88.85 26.01
N ASN A 1534 67.60 87.66 26.58
CA ASN A 1534 68.62 87.36 27.57
C ASN A 1534 69.38 86.12 27.15
N PRO A 1535 70.64 86.24 26.72
CA PRO A 1535 71.44 85.05 26.39
C PRO A 1535 71.82 84.21 27.60
N ALA A 1536 71.36 84.56 28.80
CA ALA A 1536 71.68 83.81 30.01
C ALA A 1536 71.12 82.39 29.95
N HIS A 1552 72.47 73.35 28.17
CA HIS A 1552 72.28 74.77 28.39
C HIS A 1552 71.14 75.31 27.57
N PHE A 1553 70.39 76.26 28.14
CA PHE A 1553 69.20 76.80 27.52
C PHE A 1553 69.04 78.27 27.87
N SER A 1554 68.77 79.08 26.85
CA SER A 1554 68.50 80.49 27.09
C SER A 1554 67.22 80.65 27.89
N HIS A 1555 67.29 81.46 28.95
CA HIS A 1555 66.17 81.58 29.87
C HIS A 1555 65.00 82.32 29.23
N GLY A 1556 65.28 83.38 28.46
CA GLY A 1556 64.21 84.03 27.74
C GLY A 1556 63.57 83.12 26.70
N GLU A 1557 64.41 82.42 25.92
CA GLU A 1557 63.90 81.39 25.03
C GLU A 1557 63.20 80.28 25.80
N TYR A 1558 63.69 79.99 27.01
CA TYR A 1558 63.02 79.02 27.86
C TYR A 1558 61.59 79.42 28.13
N PHE A 1559 61.39 80.65 28.61
CA PHE A 1559 60.04 81.12 28.92
C PHE A 1559 59.20 81.22 27.66
N TYR A 1560 59.80 81.57 26.54
CA TYR A 1560 59.06 81.57 25.29
C TYR A 1560 58.54 80.18 24.97
N SER A 1561 59.38 79.16 25.13
CA SER A 1561 58.90 77.79 25.00
C SER A 1561 57.83 77.49 26.02
N LEU A 1562 57.90 78.10 27.20
CA LEU A 1562 56.92 77.84 28.25
C LEU A 1562 55.54 78.36 27.86
N PHE A 1563 55.46 79.62 27.44
CA PHE A 1563 54.18 80.27 27.23
C PHE A 1563 54.19 81.05 25.93
N SER A 1564 54.64 80.41 24.86
CA SER A 1564 54.66 81.07 23.56
C SER A 1564 53.30 81.63 23.19
N GLU A 1565 52.22 80.96 23.57
CA GLU A 1565 50.88 81.42 23.21
C GLU A 1565 50.58 82.77 23.85
N THR A 1566 50.75 82.87 25.17
CA THR A 1566 50.47 84.13 25.85
C THR A 1566 51.41 85.22 25.35
N ILE A 1567 52.65 84.85 25.08
CA ILE A 1567 53.63 85.81 24.59
C ILE A 1567 53.21 86.37 23.24
N ASN A 1568 52.78 85.50 22.33
CA ASN A 1568 52.31 85.95 21.03
C ASN A 1568 51.07 86.82 21.19
N THR A 1569 50.17 86.42 22.09
CA THR A 1569 48.96 87.20 22.31
C THR A 1569 49.28 88.62 22.74
N GLU A 1570 50.19 88.75 23.70
CA GLU A 1570 50.55 90.09 24.16
C GLU A 1570 51.31 90.87 23.10
N LEU A 1571 52.22 90.22 22.38
CA LEU A 1571 52.96 90.92 21.34
C LEU A 1571 52.07 91.33 20.19
N LEU A 1572 50.90 90.71 20.05
CA LEU A 1572 49.94 91.19 19.06
C LEU A 1572 49.52 92.63 19.36
N LYS A 1573 49.47 93.01 20.63
CA LYS A 1573 49.19 94.40 20.98
C LYS A 1573 50.29 95.32 20.45
N ASN A 1574 51.54 94.92 20.62
CA ASN A 1574 52.67 95.64 20.03
C ASN A 1574 52.92 95.08 18.63
N LEU A 1575 51.95 95.34 17.75
CA LEU A 1575 51.97 94.79 16.40
C LEU A 1575 53.22 95.22 15.65
N ASP A 1576 53.79 96.36 15.99
CA ASP A 1576 54.95 96.87 15.29
C ASP A 1576 56.03 97.32 16.27
N LEU A 1577 55.62 97.79 17.45
CA LEU A 1577 56.55 98.40 18.40
C LEU A 1577 57.60 97.41 18.84
N ALA A 1578 57.18 96.39 19.60
CA ALA A 1578 58.12 95.37 20.04
C ALA A 1578 58.73 94.64 18.84
N VAL A 1579 57.97 94.51 17.76
CA VAL A 1579 58.50 93.91 16.54
C VAL A 1579 59.74 94.67 16.08
N LEU A 1580 59.60 95.99 15.91
CA LEU A 1580 60.70 96.80 15.42
C LEU A 1580 61.84 96.83 16.42
N GLU A 1581 61.54 96.95 17.71
CA GLU A 1581 62.59 96.99 18.72
C GLU A 1581 63.42 95.72 18.69
N LEU A 1582 62.75 94.57 18.71
CA LEU A 1582 63.44 93.30 18.72
C LEU A 1582 64.24 93.08 17.44
N MET A 1583 63.67 93.44 16.29
CA MET A 1583 64.43 93.16 15.07
C MET A 1583 65.50 94.20 14.80
N GLN A 1584 65.46 95.34 15.47
CA GLN A 1584 66.67 96.17 15.57
C GLN A 1584 67.72 95.47 16.42
N SER A 1585 67.32 94.97 17.58
CA SER A 1585 68.27 94.28 18.44
C SER A 1585 68.75 92.96 17.84
N SER A 1586 68.11 92.49 16.77
CA SER A 1586 68.41 91.20 16.16
C SER A 1586 69.77 91.14 15.49
N VAL A 1587 70.47 92.27 15.36
CA VAL A 1587 71.75 92.28 14.68
C VAL A 1587 72.76 91.39 15.37
N ASP A 1588 72.58 91.12 16.68
CA ASP A 1588 73.51 90.29 17.42
C ASP A 1588 72.93 88.93 17.83
N ASN A 1589 71.61 88.80 17.88
CA ASN A 1589 70.96 87.53 18.18
C ASN A 1589 70.03 87.18 17.02
N THR A 1590 70.13 85.94 16.54
CA THR A 1590 69.40 85.51 15.36
C THR A 1590 68.36 84.43 15.64
N LYS A 1591 68.76 83.35 16.31
CA LYS A 1591 67.84 82.22 16.52
C LYS A 1591 66.59 82.66 17.24
N MET A 1592 66.74 83.51 18.25
CA MET A 1592 65.66 83.82 19.17
C MET A 1592 64.68 84.81 18.56
N VAL A 1593 65.19 85.83 17.85
CA VAL A 1593 64.30 86.74 17.14
C VAL A 1593 63.58 86.01 16.03
N SER A 1594 64.28 85.13 15.31
CA SER A 1594 63.63 84.35 14.27
C SER A 1594 62.55 83.47 14.88
N ALA A 1595 62.82 82.87 16.04
CA ALA A 1595 61.84 82.00 16.69
C ALA A 1595 60.60 82.78 17.09
N VAL A 1596 60.79 83.94 17.72
CA VAL A 1596 59.62 84.70 18.14
C VAL A 1596 58.87 85.26 16.94
N LEU A 1597 59.58 85.60 15.87
CA LEU A 1597 58.91 86.05 14.65
C LEU A 1597 58.10 84.92 14.04
N ASN A 1598 58.65 83.72 14.02
CA ASN A 1598 57.89 82.58 13.50
C ASN A 1598 56.68 82.29 14.37
N GLY A 1599 56.80 82.48 15.69
CA GLY A 1599 55.65 82.37 16.55
C GLY A 1599 54.59 83.40 16.22
N MET A 1600 55.01 84.65 15.98
CA MET A 1600 54.10 85.67 15.47
C MET A 1600 53.37 85.17 14.24
N LEU A 1601 54.13 84.63 13.29
CA LEU A 1601 53.56 84.22 12.01
C LEU A 1601 52.56 83.09 12.18
N ASP A 1602 52.91 82.08 12.98
CA ASP A 1602 52.00 80.96 13.19
C ASP A 1602 50.75 81.40 13.95
N GLN A 1603 50.90 82.30 14.93
CA GLN A 1603 49.74 82.82 15.63
C GLN A 1603 48.82 83.54 14.66
N SER A 1604 49.39 84.37 13.79
CA SER A 1604 48.57 85.07 12.80
C SER A 1604 47.89 84.08 11.88
N PHE A 1605 48.59 83.00 11.53
CA PHE A 1605 47.97 81.95 10.76
C PHE A 1605 46.75 81.39 11.49
N ARG A 1606 46.88 81.17 12.80
CA ARG A 1606 45.72 80.83 13.60
C ARG A 1606 44.79 82.04 13.76
N GLU A 1607 45.38 83.23 13.87
CA GLU A 1607 44.60 84.47 14.04
C GLU A 1607 43.99 84.86 12.70
N ARG A 1608 42.98 84.10 12.30
CA ARG A 1608 42.18 84.45 11.13
C ARG A 1608 40.69 84.33 11.37
N ALA A 1609 40.27 83.71 12.48
CA ALA A 1609 38.83 83.62 12.77
C ALA A 1609 38.23 85.00 12.90
N ASN A 1610 38.89 85.89 13.64
CA ASN A 1610 38.50 87.29 13.64
C ASN A 1610 38.85 87.93 12.31
N GLN A 1611 40.14 87.93 11.96
CA GLN A 1611 40.64 88.44 10.70
C GLN A 1611 42.12 88.11 10.62
N LYS A 1612 42.59 87.86 9.41
CA LYS A 1612 44.01 87.66 9.16
C LYS A 1612 44.73 88.96 8.84
N HIS A 1613 43.99 90.07 8.70
CA HIS A 1613 44.62 91.35 8.43
C HIS A 1613 45.50 91.82 9.57
N GLN A 1614 45.37 91.23 10.76
CA GLN A 1614 46.37 91.44 11.79
C GLN A 1614 47.73 90.96 11.29
N GLY A 1615 47.75 89.77 10.70
CA GLY A 1615 48.97 89.29 10.07
C GLY A 1615 49.40 90.14 8.88
N LEU A 1616 48.42 90.65 8.13
CA LEU A 1616 48.76 91.54 7.02
C LEU A 1616 49.49 92.78 7.53
N LYS A 1617 48.97 93.37 8.61
CA LYS A 1617 49.61 94.54 9.20
C LYS A 1617 50.97 94.20 9.78
N LEU A 1618 51.09 93.05 10.44
CA LEU A 1618 52.38 92.64 10.97
C LEU A 1618 53.42 92.48 9.87
N ALA A 1619 53.02 91.81 8.78
CA ALA A 1619 53.92 91.62 7.66
C ALA A 1619 54.29 92.95 7.03
N THR A 1620 53.32 93.85 6.89
CA THR A 1620 53.61 95.16 6.33
C THR A 1620 54.61 95.92 7.20
N THR A 1621 54.37 95.91 8.52
CA THR A 1621 55.25 96.63 9.44
C THR A 1621 56.66 96.08 9.40
N ILE A 1622 56.80 94.75 9.43
CA ILE A 1622 58.14 94.17 9.38
C ILE A 1622 58.78 94.39 8.02
N LEU A 1623 57.98 94.50 6.96
CA LEU A 1623 58.54 94.78 5.64
C LEU A 1623 59.09 96.20 5.57
N GLN A 1624 58.37 97.16 6.15
CA GLN A 1624 58.90 98.52 6.21
C GLN A 1624 60.12 98.62 7.10
N HIS A 1625 60.27 97.72 8.06
CA HIS A 1625 61.46 97.68 8.91
C HIS A 1625 62.53 96.74 8.37
N TRP A 1626 62.29 96.11 7.22
CA TRP A 1626 63.10 94.98 6.77
C TRP A 1626 64.58 95.29 6.76
N LYS A 1627 64.96 96.51 6.43
CA LYS A 1627 66.37 96.86 6.35
C LYS A 1627 66.99 97.14 7.70
N LYS A 1628 66.22 97.13 8.80
CA LYS A 1628 66.83 97.37 10.11
C LYS A 1628 67.76 96.24 10.51
N CYS A 1629 67.57 95.05 9.94
CA CYS A 1629 68.44 93.91 10.22
C CYS A 1629 68.86 93.33 8.88
N ASP A 1630 70.04 93.76 8.42
CA ASP A 1630 70.57 93.34 7.12
C ASP A 1630 71.82 92.50 7.24
N SER A 1631 72.23 92.16 8.46
CA SER A 1631 73.36 91.26 8.66
C SER A 1631 73.11 89.85 8.15
N TRP A 1632 71.95 89.62 7.57
CA TRP A 1632 71.51 88.32 7.10
C TRP A 1632 71.26 88.38 5.60
N TRP A 1633 70.63 87.34 5.07
CA TRP A 1633 70.12 87.28 3.70
C TRP A 1633 71.18 87.68 2.67
N ALA A 1634 72.44 87.46 2.99
CA ALA A 1634 73.55 87.70 2.08
C ALA A 1634 74.72 86.85 2.54
N LYS A 1635 75.88 87.05 1.93
CA LYS A 1635 77.07 86.36 2.40
C LYS A 1635 77.60 87.13 3.61
N ASP A 1636 76.72 87.34 4.58
CA ASP A 1636 77.03 88.10 5.79
C ASP A 1636 76.64 87.35 7.05
N SER A 1637 75.88 86.27 6.93
CA SER A 1637 75.38 85.48 8.03
C SER A 1637 75.65 84.01 7.75
N PRO A 1638 75.67 83.17 8.78
CA PRO A 1638 75.90 81.74 8.55
C PRO A 1638 74.81 81.14 7.67
N LEU A 1639 75.18 80.06 6.97
CA LEU A 1639 74.24 79.41 6.07
C LEU A 1639 72.98 78.96 6.82
N GLU A 1640 73.13 78.54 8.07
CA GLU A 1640 71.95 78.24 8.89
C GLU A 1640 71.12 79.50 9.11
N THR A 1641 71.76 80.62 9.41
CA THR A 1641 71.03 81.87 9.51
C THR A 1641 70.38 82.24 8.19
N LYS A 1642 71.09 82.04 7.08
CA LYS A 1642 70.54 82.36 5.78
C LYS A 1642 69.28 81.55 5.50
N MET A 1643 69.34 80.25 5.74
CA MET A 1643 68.17 79.41 5.50
C MET A 1643 67.06 79.70 6.50
N ALA A 1644 67.42 80.13 7.71
CA ALA A 1644 66.41 80.51 8.69
C ALA A 1644 65.62 81.72 8.22
N VAL A 1645 66.33 82.75 7.74
CA VAL A 1645 65.62 83.91 7.23
C VAL A 1645 64.89 83.57 5.93
N LEU A 1646 65.40 82.61 5.16
CA LEU A 1646 64.66 82.10 4.02
C LEU A 1646 63.32 81.55 4.46
N ALA A 1647 63.31 80.73 5.51
CA ALA A 1647 62.07 80.19 6.02
C ALA A 1647 61.16 81.30 6.55
N LEU A 1648 61.74 82.29 7.22
CA LEU A 1648 60.94 83.39 7.74
C LEU A 1648 60.23 84.13 6.62
N LEU A 1649 60.97 84.52 5.59
CA LEU A 1649 60.36 85.22 4.46
C LEU A 1649 59.40 84.31 3.71
N ALA A 1650 59.67 83.01 3.70
CA ALA A 1650 58.75 82.07 3.06
C ALA A 1650 57.40 82.07 3.77
N LYS A 1651 57.44 81.99 5.10
CA LYS A 1651 56.20 82.03 5.87
C LYS A 1651 55.50 83.37 5.70
N ILE A 1652 56.27 84.46 5.63
CA ILE A 1652 55.68 85.77 5.38
C ILE A 1652 54.98 85.79 4.02
N LEU A 1653 55.65 85.27 2.99
CA LEU A 1653 55.07 85.21 1.66
C LEU A 1653 53.77 84.43 1.67
N GLN A 1654 53.77 83.29 2.35
CA GLN A 1654 52.54 82.53 2.51
C GLN A 1654 51.50 83.31 3.32
N ILE A 1655 51.94 84.24 4.15
CA ILE A 1655 51.06 84.95 5.07
C ILE A 1655 50.70 86.33 4.55
N ASP A 1656 51.69 87.08 4.06
CA ASP A 1656 51.46 88.48 3.70
C ASP A 1656 50.52 88.56 2.50
N SER A 1657 50.22 89.80 2.11
CA SER A 1657 49.37 90.02 0.95
C SER A 1657 50.06 89.50 -0.30
N SER A 1658 49.33 88.69 -1.07
CA SER A 1658 49.85 88.18 -2.33
C SER A 1658 49.37 88.96 -3.54
N VAL A 1659 48.23 89.66 -3.44
CA VAL A 1659 47.81 90.55 -4.50
C VAL A 1659 48.80 91.70 -4.64
N SER A 1660 49.39 92.13 -3.54
CA SER A 1660 50.52 93.03 -3.53
C SER A 1660 51.77 92.24 -3.17
N PHE A 1661 52.91 92.92 -3.16
CA PHE A 1661 54.20 92.34 -2.80
C PHE A 1661 54.55 91.13 -3.65
N ASN A 1662 53.95 91.01 -4.82
CA ASN A 1662 54.36 90.03 -5.84
C ASN A 1662 55.08 90.69 -6.99
N THR A 1663 54.60 91.84 -7.45
CA THR A 1663 55.35 92.77 -8.28
C THR A 1663 55.68 93.99 -7.44
N SER A 1664 56.25 95.01 -8.09
CA SER A 1664 56.72 96.19 -7.37
C SER A 1664 55.61 96.81 -6.54
N HIS A 1665 55.71 96.71 -5.22
CA HIS A 1665 54.68 97.17 -4.29
C HIS A 1665 55.38 97.77 -3.08
N GLY A 1666 55.63 99.07 -3.13
CA GLY A 1666 56.25 99.76 -2.01
C GLY A 1666 57.55 99.12 -1.57
N SER A 1667 57.54 98.51 -0.39
CA SER A 1667 58.71 97.85 0.17
C SER A 1667 58.99 96.49 -0.46
N PHE A 1668 58.29 96.16 -1.55
CA PHE A 1668 58.49 94.85 -2.18
C PHE A 1668 59.90 94.62 -2.69
N PRO A 1669 60.52 95.51 -3.48
CA PRO A 1669 61.85 95.18 -4.03
C PRO A 1669 62.90 94.95 -2.97
N GLU A 1670 62.84 95.68 -1.84
CA GLU A 1670 63.91 95.61 -0.86
C GLU A 1670 64.09 94.20 -0.32
N VAL A 1671 63.03 93.40 -0.34
CA VAL A 1671 63.14 91.97 -0.06
C VAL A 1671 63.23 91.17 -1.34
N PHE A 1672 62.49 91.59 -2.38
CA PHE A 1672 62.50 90.87 -3.64
C PHE A 1672 63.91 90.77 -4.20
N THR A 1673 64.59 91.91 -4.32
CA THR A 1673 66.00 91.89 -4.66
C THR A 1673 66.77 91.03 -3.68
N THR A 1674 66.49 91.20 -2.38
CA THR A 1674 67.04 90.31 -1.38
C THR A 1674 66.80 88.85 -1.77
N TYR A 1675 65.55 88.52 -2.09
CA TYR A 1675 65.22 87.18 -2.56
C TYR A 1675 66.12 86.81 -3.73
N ILE A 1676 66.21 87.68 -4.73
CA ILE A 1676 67.06 87.42 -5.88
C ILE A 1676 68.51 87.34 -5.45
N SER A 1677 68.90 88.17 -4.48
CA SER A 1677 70.24 88.06 -3.90
C SER A 1677 70.49 86.65 -3.39
N LEU A 1678 69.50 86.09 -2.69
CA LEU A 1678 69.60 84.70 -2.25
C LEU A 1678 69.66 83.77 -3.46
N LEU A 1679 68.87 84.06 -4.49
CA LEU A 1679 69.04 83.34 -5.75
C LEU A 1679 70.41 83.60 -6.34
N ALA A 1680 70.90 84.83 -6.23
CA ALA A 1680 72.22 85.15 -6.76
C ALA A 1680 73.33 84.53 -5.93
N ASP A 1681 73.08 84.31 -4.64
CA ASP A 1681 74.11 83.77 -3.76
C ASP A 1681 74.49 82.36 -4.21
N THR A 1682 75.66 82.23 -4.82
CA THR A 1682 76.15 80.93 -5.28
C THR A 1682 76.76 80.12 -4.15
N LYS A 1683 76.96 80.72 -2.98
CA LYS A 1683 77.50 79.99 -1.84
C LYS A 1683 76.45 79.15 -1.13
N LEU A 1684 75.18 79.32 -1.48
CA LEU A 1684 74.10 78.63 -0.78
C LEU A 1684 74.08 77.15 -1.15
N ASP A 1685 73.53 76.35 -0.24
CA ASP A 1685 73.35 74.93 -0.51
C ASP A 1685 72.34 74.74 -1.64
N LEU A 1686 72.60 73.75 -2.49
CA LEU A 1686 71.67 73.45 -3.57
C LEU A 1686 70.29 73.13 -3.02
N HIS A 1687 70.22 72.49 -1.85
CA HIS A 1687 68.94 72.26 -1.20
C HIS A 1687 68.29 73.58 -0.81
N LEU A 1688 69.08 74.54 -0.31
CA LEU A 1688 68.54 75.86 -0.03
C LEU A 1688 68.05 76.52 -1.31
N LYS A 1689 68.77 76.29 -2.41
CA LYS A 1689 68.33 76.82 -3.69
C LYS A 1689 66.98 76.25 -4.10
N GLY A 1690 66.79 74.94 -3.92
CA GLY A 1690 65.49 74.35 -4.22
C GLY A 1690 64.41 74.86 -3.30
N GLN A 1691 64.76 75.11 -2.03
CA GLN A 1691 63.81 75.71 -1.10
C GLN A 1691 63.35 77.07 -1.59
N ALA A 1692 64.29 77.88 -2.08
CA ALA A 1692 63.93 79.17 -2.66
C ALA A 1692 63.07 78.99 -3.91
N VAL A 1693 63.40 77.98 -4.73
CA VAL A 1693 62.62 77.70 -5.93
C VAL A 1693 61.18 77.37 -5.58
N THR A 1694 60.99 76.69 -4.45
CA THR A 1694 59.64 76.44 -3.98
C THR A 1694 58.86 77.73 -3.73
N LEU A 1695 59.55 78.85 -3.52
CA LEU A 1695 58.93 80.15 -3.30
C LEU A 1695 58.63 80.90 -4.59
N LEU A 1696 59.00 80.35 -5.74
CA LEU A 1696 58.75 81.03 -7.00
C LEU A 1696 57.28 81.35 -7.26
N PRO A 1697 56.30 80.47 -6.96
CA PRO A 1697 54.89 80.81 -7.27
C PRO A 1697 54.42 82.12 -6.66
N PHE A 1698 55.14 82.61 -5.65
CA PHE A 1698 54.84 83.93 -5.11
C PHE A 1698 55.20 85.06 -6.07
N PHE A 1699 55.66 84.74 -7.28
CA PHE A 1699 56.02 85.76 -8.25
C PHE A 1699 55.48 85.39 -9.63
N LEU A 1707 62.12 91.36 -13.30
CA LEU A 1707 61.41 90.36 -14.09
C LEU A 1707 62.39 89.48 -14.86
N GLU A 1708 63.15 90.11 -15.75
CA GLU A 1708 64.15 89.38 -16.51
C GLU A 1708 65.28 88.88 -15.61
N GLU A 1709 65.61 89.64 -14.56
CA GLU A 1709 66.60 89.21 -13.59
C GLU A 1709 66.25 87.86 -12.98
N LEU A 1710 64.96 87.57 -12.84
CA LEU A 1710 64.53 86.26 -12.40
C LEU A 1710 64.98 85.19 -13.38
N ARG A 1711 64.80 85.43 -14.68
CA ARG A 1711 65.29 84.50 -15.69
C ARG A 1711 66.81 84.38 -15.61
N ARG A 1712 67.49 85.49 -15.34
CA ARG A 1712 68.94 85.47 -15.22
C ARG A 1712 69.38 84.51 -14.12
N VAL A 1713 68.83 84.68 -12.91
CA VAL A 1713 69.25 83.84 -11.80
C VAL A 1713 68.81 82.40 -12.03
N LEU A 1714 67.64 82.19 -12.65
CA LEU A 1714 67.20 80.84 -12.96
C LEU A 1714 68.20 80.14 -13.89
N GLU A 1715 68.63 80.83 -14.94
CA GLU A 1715 69.59 80.23 -15.86
C GLU A 1715 70.92 79.95 -15.15
N GLN A 1716 71.38 80.90 -14.34
CA GLN A 1716 72.63 80.69 -13.60
C GLN A 1716 72.54 79.43 -12.75
N LEU A 1717 71.45 79.28 -12.01
CA LEU A 1717 71.31 78.15 -11.11
C LEU A 1717 71.21 76.84 -11.88
N ILE A 1718 70.38 76.80 -12.92
CA ILE A 1718 70.17 75.54 -13.64
C ILE A 1718 71.46 75.10 -14.32
N VAL A 1719 72.25 76.05 -14.82
CA VAL A 1719 73.53 75.68 -15.42
C VAL A 1719 74.51 75.23 -14.34
N ALA A 1720 74.53 75.92 -13.20
CA ALA A 1720 75.51 75.60 -12.16
C ALA A 1720 75.23 74.25 -11.52
N HIS A 1721 73.98 73.78 -11.56
CA HIS A 1721 73.66 72.52 -10.90
C HIS A 1721 73.76 71.34 -11.85
N PHE A 1722 72.97 71.35 -12.93
CA PHE A 1722 73.04 70.32 -13.96
C PHE A 1722 73.47 70.99 -15.27
N PRO A 1723 74.73 70.85 -15.66
CA PRO A 1723 75.16 71.50 -16.91
C PRO A 1723 74.47 70.92 -18.14
N MET A 1724 74.51 69.61 -18.32
CA MET A 1724 73.88 68.96 -19.46
C MET A 1724 72.81 67.96 -19.09
N GLN A 1725 73.04 67.13 -18.07
CA GLN A 1725 72.13 66.04 -17.79
C GLN A 1725 72.05 65.83 -16.29
N SER A 1726 71.30 64.80 -15.89
CA SER A 1726 71.37 64.25 -14.55
C SER A 1726 71.87 62.81 -14.53
N ARG A 1727 71.85 62.12 -15.66
CA ARG A 1727 72.49 60.81 -15.74
C ARG A 1727 73.99 60.92 -15.56
N GLU A 1728 74.55 62.10 -15.78
CA GLU A 1728 75.94 62.36 -15.42
C GLU A 1728 76.18 62.24 -13.93
N PHE A 1729 75.13 62.37 -13.11
CA PHE A 1729 75.25 62.23 -11.68
C PHE A 1729 74.70 60.88 -11.26
N PRO A 1730 75.53 59.99 -10.71
CA PRO A 1730 75.07 58.62 -10.45
C PRO A 1730 74.00 58.60 -9.38
N PRO A 1731 73.08 57.65 -9.45
CA PRO A 1731 72.08 57.51 -8.38
C PRO A 1731 72.75 57.17 -7.06
N GLY A 1732 72.16 57.69 -5.98
CA GLY A 1732 72.68 57.46 -4.65
C GLY A 1732 73.71 58.46 -4.20
N THR A 1733 74.33 59.18 -5.13
CA THR A 1733 75.25 60.24 -4.74
C THR A 1733 74.43 61.41 -4.20
N PRO A 1734 74.74 61.90 -3.00
CA PRO A 1734 73.90 62.95 -2.40
C PRO A 1734 73.75 64.17 -3.29
N ARG A 1735 74.76 64.47 -4.10
CA ARG A 1735 74.60 65.52 -5.10
C ARG A 1735 73.42 65.23 -6.01
N PHE A 1736 73.37 64.01 -6.57
CA PHE A 1736 72.31 63.66 -7.51
C PHE A 1736 70.96 63.63 -6.82
N ASN A 1737 70.91 63.10 -5.60
CA ASN A 1737 69.64 63.05 -4.89
C ASN A 1737 69.15 64.44 -4.54
N ASN A 1738 70.06 65.33 -4.16
CA ASN A 1738 69.67 66.72 -3.97
C ASN A 1738 69.18 67.34 -5.27
N TYR A 1739 69.81 66.99 -6.39
CA TYR A 1739 69.34 67.45 -7.69
C TYR A 1739 67.90 67.04 -7.92
N VAL A 1740 67.61 65.75 -7.69
CA VAL A 1740 66.26 65.25 -7.99
C VAL A 1740 65.25 65.88 -7.06
N ASP A 1741 65.62 66.07 -5.79
CA ASP A 1741 64.75 66.80 -4.88
C ASP A 1741 64.51 68.22 -5.39
N CYS A 1742 65.55 68.86 -5.92
CA CYS A 1742 65.41 70.23 -6.39
C CYS A 1742 64.44 70.31 -7.57
N MET A 1743 64.67 69.52 -8.63
CA MET A 1743 63.71 69.77 -9.71
C MET A 1743 62.35 69.16 -9.43
N LYS A 1744 62.23 68.30 -8.42
CA LYS A 1744 60.89 68.05 -7.89
C LYS A 1744 60.29 69.32 -7.31
N LYS A 1745 61.11 70.11 -6.60
CA LYS A 1745 60.63 71.39 -6.10
C LYS A 1745 60.24 72.34 -7.23
N PHE A 1746 61.06 72.38 -8.29
CA PHE A 1746 60.69 73.13 -9.49
C PHE A 1746 59.36 72.65 -10.04
N LEU A 1747 59.17 71.33 -10.14
CA LEU A 1747 57.94 70.80 -10.70
C LEU A 1747 56.73 71.25 -9.90
N ASP A 1748 56.79 71.11 -8.57
CA ASP A 1748 55.63 71.47 -7.76
C ASP A 1748 55.41 72.97 -7.75
N ALA A 1749 56.49 73.77 -7.69
CA ALA A 1749 56.34 75.21 -7.72
C ALA A 1749 55.70 75.68 -9.03
N LEU A 1750 56.15 75.12 -10.15
CA LEU A 1750 55.55 75.47 -11.43
C LEU A 1750 54.10 75.03 -11.49
N GLU A 1751 53.81 73.82 -10.99
CA GLU A 1751 52.44 73.33 -11.02
C GLU A 1751 51.51 74.23 -10.22
N LEU A 1752 51.96 74.69 -9.05
CA LEU A 1752 51.16 75.64 -8.29
C LEU A 1752 51.03 76.96 -9.02
N SER A 1753 52.14 77.50 -9.52
CA SER A 1753 52.11 78.79 -10.20
C SER A 1753 51.46 78.69 -11.57
N GLN A 1754 51.84 77.67 -12.35
CA GLN A 1754 51.40 77.51 -13.73
C GLN A 1754 51.75 78.75 -14.57
N SER A 1755 53.06 78.98 -14.73
CA SER A 1755 53.59 80.08 -15.51
C SER A 1755 54.26 79.58 -16.77
N PRO A 1756 54.02 80.21 -17.92
CA PRO A 1756 54.73 79.83 -19.14
C PRO A 1756 56.23 80.04 -19.04
N MET A 1757 56.67 80.92 -18.14
CA MET A 1757 58.08 81.21 -18.00
C MET A 1757 58.86 79.99 -17.51
N LEU A 1758 58.53 79.55 -16.29
CA LEU A 1758 59.10 78.29 -15.79
C LEU A 1758 58.74 77.13 -16.70
N LEU A 1759 57.61 77.22 -17.39
CA LEU A 1759 57.25 76.20 -18.37
C LEU A 1759 58.36 76.00 -19.38
N GLU A 1760 58.65 77.05 -20.17
CA GLU A 1760 59.67 76.93 -21.20
C GLU A 1760 61.03 76.67 -20.59
N LEU A 1761 61.32 77.26 -19.43
CA LEU A 1761 62.57 76.98 -18.74
C LEU A 1761 62.76 75.49 -18.52
N MET A 1762 61.85 74.87 -17.76
CA MET A 1762 61.97 73.45 -17.46
C MET A 1762 61.81 72.58 -18.70
N THR A 1763 61.12 73.07 -19.73
CA THR A 1763 61.02 72.30 -20.97
C THR A 1763 62.39 72.18 -21.63
N GLU A 1764 63.10 73.30 -21.78
CA GLU A 1764 64.48 73.22 -22.24
C GLU A 1764 65.37 72.44 -21.28
N VAL A 1765 65.05 72.50 -19.98
CA VAL A 1765 65.78 71.70 -19.00
C VAL A 1765 65.67 70.21 -19.34
N LEU A 1766 64.45 69.74 -19.58
CA LEU A 1766 64.24 68.31 -19.71
C LEU A 1766 64.26 67.82 -21.14
N CYS A 1767 63.82 68.63 -22.11
CA CYS A 1767 63.82 68.19 -23.50
C CYS A 1767 65.25 68.18 -24.06
N ARG A 1768 66.12 67.50 -23.31
CA ARG A 1768 67.51 67.29 -23.69
C ARG A 1768 67.83 65.83 -23.90
N GLU A 1769 67.52 64.97 -22.93
CA GLU A 1769 67.74 63.53 -23.08
C GLU A 1769 66.59 62.79 -22.41
N GLN A 1770 66.13 61.73 -23.06
CA GLN A 1770 65.01 60.95 -22.56
C GLN A 1770 65.33 60.31 -21.22
N GLN A 1771 64.49 60.61 -20.22
CA GLN A 1771 64.50 59.96 -18.91
C GLN A 1771 65.88 60.08 -18.23
N HIS A 1772 66.21 61.32 -17.89
CA HIS A 1772 67.33 61.59 -17.00
C HIS A 1772 66.92 62.20 -15.67
N VAL A 1773 65.74 62.82 -15.58
CA VAL A 1773 65.28 63.45 -14.36
C VAL A 1773 63.87 62.99 -14.02
N MET A 1774 63.55 61.73 -14.33
CA MET A 1774 62.27 61.13 -13.96
C MET A 1774 61.10 61.90 -14.61
N GLU A 1775 61.07 61.81 -15.94
CA GLU A 1775 60.16 62.60 -16.75
C GLU A 1775 58.70 62.29 -16.47
N GLU A 1776 58.39 61.22 -15.74
CA GLU A 1776 57.01 60.92 -15.42
C GLU A 1776 56.41 61.98 -14.49
N LEU A 1777 57.18 62.45 -13.51
CA LEU A 1777 56.69 63.51 -12.64
C LEU A 1777 56.48 64.79 -13.44
N PHE A 1778 57.42 65.09 -14.33
CA PHE A 1778 57.28 66.12 -15.35
C PHE A 1778 55.92 66.05 -16.02
N GLN A 1779 55.65 64.97 -16.75
CA GLN A 1779 54.43 64.89 -17.52
C GLN A 1779 53.18 64.87 -16.64
N SER A 1780 53.30 64.33 -15.42
CA SER A 1780 52.16 64.34 -14.51
C SER A 1780 51.81 65.75 -14.08
N SER A 1781 52.83 66.57 -13.83
CA SER A 1781 52.58 67.98 -13.53
C SER A 1781 51.94 68.68 -14.71
N PHE A 1782 52.41 68.38 -15.93
CA PHE A 1782 51.72 68.91 -17.11
C PHE A 1782 50.26 68.51 -17.14
N ARG A 1783 49.97 67.24 -16.89
CA ARG A 1783 48.59 66.80 -16.96
C ARG A 1783 47.75 67.43 -15.86
N ARG A 1784 48.34 67.70 -14.70
CA ARG A 1784 47.60 68.32 -13.61
C ARG A 1784 47.37 69.81 -13.87
N ILE A 1785 48.26 70.46 -14.60
CA ILE A 1785 48.10 71.89 -14.86
C ILE A 1785 47.34 72.19 -16.14
N ALA A 1786 47.32 71.27 -17.09
CA ALA A 1786 46.57 71.48 -18.32
C ALA A 1786 45.08 71.57 -18.03
N ARG A 1787 44.58 70.73 -17.13
CA ARG A 1787 43.22 70.86 -16.64
C ARG A 1787 43.05 72.10 -15.76
N ARG A 1788 44.15 72.62 -15.22
CA ARG A 1788 44.12 73.81 -14.38
C ARG A 1788 44.40 75.06 -15.22
N GLY A 1789 44.40 76.21 -14.55
CA GLY A 1789 44.69 77.47 -15.19
C GLY A 1789 43.59 77.94 -16.13
N SER A 1790 43.50 79.25 -16.32
CA SER A 1790 42.50 79.78 -17.24
C SER A 1790 42.82 79.31 -18.66
N CYS A 1791 41.76 79.11 -19.45
CA CYS A 1791 41.94 78.56 -20.79
C CYS A 1791 42.89 79.41 -21.62
N VAL A 1792 42.76 80.74 -21.53
CA VAL A 1792 43.66 81.61 -22.25
C VAL A 1792 45.09 81.44 -21.75
N THR A 1793 45.28 81.21 -20.45
CA THR A 1793 46.62 80.96 -19.94
C THR A 1793 47.20 79.70 -20.54
N GLN A 1794 46.41 78.63 -20.60
CA GLN A 1794 46.88 77.39 -21.20
C GLN A 1794 47.22 77.59 -22.67
N VAL A 1795 46.42 78.40 -23.38
CA VAL A 1795 46.74 78.71 -24.77
C VAL A 1795 48.08 79.44 -24.85
N GLY A 1796 48.32 80.37 -23.94
CA GLY A 1796 49.59 81.08 -23.95
C GLY A 1796 50.77 80.17 -23.70
N LEU A 1797 50.64 79.27 -22.74
CA LEU A 1797 51.70 78.29 -22.50
C LEU A 1797 51.91 77.41 -23.73
N LEU A 1798 50.83 76.95 -24.36
CA LEU A 1798 50.96 76.11 -25.55
C LEU A 1798 51.64 76.85 -26.67
N GLU A 1799 51.30 78.13 -26.87
CA GLU A 1799 51.95 78.91 -27.92
C GLU A 1799 53.42 79.13 -27.60
N SER A 1800 53.75 79.34 -26.32
CA SER A 1800 55.14 79.50 -25.94
C SER A 1800 55.94 78.23 -26.24
N VAL A 1801 55.35 77.07 -25.95
CA VAL A 1801 56.08 75.82 -26.25
C VAL A 1801 55.99 75.44 -27.72
N TYR A 1802 55.13 76.08 -28.49
CA TYR A 1802 55.11 75.83 -29.93
C TYR A 1802 56.10 76.69 -30.68
N GLU A 1803 56.23 77.97 -30.31
CA GLU A 1803 57.17 78.84 -31.01
C GLU A 1803 58.60 78.38 -30.78
N MET A 1804 58.92 77.92 -29.57
CA MET A 1804 60.24 77.39 -29.30
C MET A 1804 60.54 76.14 -30.12
N PHE A 1805 59.51 75.41 -30.54
CA PHE A 1805 59.71 74.24 -31.37
C PHE A 1805 60.28 74.58 -32.74
N ARG A 1806 60.09 75.82 -33.21
CA ARG A 1806 60.61 76.24 -34.50
C ARG A 1806 61.66 77.35 -34.35
N THR A 1815 65.94 65.17 -30.47
CA THR A 1815 66.38 66.52 -30.75
C THR A 1815 65.20 67.48 -30.79
N ARG A 1816 64.87 67.96 -31.99
CA ARG A 1816 63.71 68.84 -32.14
C ARG A 1816 62.43 68.09 -31.80
N GLN A 1817 62.42 66.77 -31.97
CA GLN A 1817 61.26 65.98 -31.60
C GLN A 1817 61.02 65.99 -30.09
N SER A 1818 62.08 66.19 -29.30
CA SER A 1818 61.94 66.13 -27.85
C SER A 1818 60.98 67.18 -27.34
N PHE A 1819 61.08 68.42 -27.83
CA PHE A 1819 60.23 69.49 -27.34
C PHE A 1819 58.77 69.22 -27.64
N VAL A 1820 58.46 68.76 -28.86
CA VAL A 1820 57.07 68.51 -29.21
C VAL A 1820 56.53 67.32 -28.45
N ASP A 1821 57.35 66.29 -28.23
CA ASP A 1821 56.84 65.07 -27.61
C ASP A 1821 56.66 65.27 -26.11
N ARG A 1822 57.74 65.60 -25.40
CA ARG A 1822 57.69 65.64 -23.94
C ARG A 1822 56.78 66.73 -23.41
N SER A 1823 56.48 67.75 -24.20
CA SER A 1823 55.74 68.90 -23.70
C SER A 1823 54.41 69.11 -24.39
N LEU A 1824 54.40 69.19 -25.72
CA LEU A 1824 53.23 69.72 -26.42
C LEU A 1824 52.02 68.81 -26.28
N LEU A 1825 52.13 67.57 -26.73
CA LEU A 1825 50.97 66.67 -26.71
C LEU A 1825 50.50 66.41 -25.29
N THR A 1826 51.43 66.41 -24.32
CA THR A 1826 51.06 66.13 -22.93
C THR A 1826 50.03 67.13 -22.42
N LEU A 1827 50.31 68.42 -22.57
CA LEU A 1827 49.32 69.42 -22.26
C LEU A 1827 48.12 69.33 -23.19
N LEU A 1828 48.38 69.11 -24.48
CA LEU A 1828 47.29 69.02 -25.45
C LEU A 1828 46.36 67.86 -25.14
N TRP A 1829 46.88 66.84 -24.45
CA TRP A 1829 46.03 65.72 -24.06
C TRP A 1829 45.05 66.12 -22.96
N HIS A 1830 45.52 66.88 -21.98
CA HIS A 1830 44.71 67.26 -20.82
C HIS A 1830 44.24 68.71 -20.88
N CYS A 1831 44.46 69.40 -21.99
CA CYS A 1831 44.00 70.78 -22.09
C CYS A 1831 42.48 70.84 -22.18
N SER A 1832 41.91 71.90 -21.62
CA SER A 1832 40.48 72.12 -21.71
C SER A 1832 40.09 72.35 -23.16
N LEU A 1833 38.89 71.86 -23.53
CA LEU A 1833 38.44 71.97 -24.91
C LEU A 1833 38.29 73.42 -25.33
N ASP A 1834 38.03 74.32 -24.38
CA ASP A 1834 37.88 75.74 -24.70
C ASP A 1834 39.21 76.36 -25.08
N ALA A 1835 40.24 76.13 -24.24
CA ALA A 1835 41.58 76.61 -24.60
C ALA A 1835 41.98 75.92 -25.91
N LEU A 1836 41.63 74.63 -26.03
CA LEU A 1836 41.92 73.88 -27.28
C LEU A 1836 41.37 74.68 -28.48
N ARG A 1837 40.11 75.10 -28.41
CA ARG A 1837 39.56 75.91 -29.49
C ARG A 1837 40.44 77.12 -29.77
N GLU A 1838 40.77 77.87 -28.73
CA GLU A 1838 41.49 79.13 -28.90
C GLU A 1838 42.86 78.89 -29.52
N PHE A 1839 43.57 77.89 -29.01
CA PHE A 1839 44.92 77.62 -29.50
C PHE A 1839 44.90 77.09 -30.93
N PHE A 1840 43.91 76.27 -31.28
CA PHE A 1840 43.88 75.73 -32.64
C PHE A 1840 43.49 76.79 -33.65
N SER A 1841 42.51 77.61 -33.32
CA SER A 1841 42.11 78.69 -34.22
C SER A 1841 43.27 79.62 -34.51
N THR A 1842 44.28 79.64 -33.65
CA THR A 1842 45.49 80.41 -33.93
C THR A 1842 46.31 79.78 -35.04
N ILE A 1843 46.30 78.45 -35.14
CA ILE A 1843 47.25 77.76 -36.01
C ILE A 1843 46.55 76.83 -36.99
N VAL A 1844 45.34 77.17 -37.41
CA VAL A 1844 44.62 76.34 -38.38
C VAL A 1844 45.37 76.39 -39.71
N VAL A 1845 45.36 77.56 -40.33
CA VAL A 1845 46.05 77.72 -41.60
C VAL A 1845 47.56 77.77 -41.37
N ASP A 1846 47.98 78.21 -40.18
CA ASP A 1846 49.39 78.13 -39.81
C ASP A 1846 49.90 76.70 -39.83
N ALA A 1847 49.00 75.72 -39.69
CA ALA A 1847 49.36 74.33 -39.90
C ALA A 1847 49.15 73.90 -41.34
N ILE A 1848 48.06 74.35 -41.96
CA ILE A 1848 47.75 73.95 -43.34
C ILE A 1848 48.92 74.30 -44.25
N ASP A 1849 49.44 75.52 -44.13
CA ASP A 1849 50.51 75.96 -45.01
C ASP A 1849 51.84 75.28 -44.67
N VAL A 1850 52.18 75.21 -43.39
CA VAL A 1850 53.46 74.67 -42.99
C VAL A 1850 53.54 73.17 -43.20
N LEU A 1851 52.41 72.51 -43.43
CA LEU A 1851 52.44 71.08 -43.73
C LEU A 1851 53.36 70.78 -44.90
N LYS A 1852 53.33 71.61 -45.93
CA LYS A 1852 54.20 71.42 -47.08
C LYS A 1852 55.18 72.58 -47.19
N THR A 1862 68.49 70.62 -44.54
CA THR A 1862 68.21 69.41 -43.79
C THR A 1862 66.72 69.07 -43.83
N PHE A 1863 66.36 68.14 -44.71
CA PHE A 1863 64.98 67.66 -44.76
C PHE A 1863 64.57 66.98 -43.46
N ASP A 1864 65.55 66.48 -42.70
CA ASP A 1864 65.23 65.84 -41.42
C ASP A 1864 64.58 66.82 -40.47
N THR A 1865 65.08 68.05 -40.40
CA THR A 1865 64.41 69.07 -39.60
C THR A 1865 63.01 69.33 -40.13
N GLN A 1866 62.86 69.40 -41.45
CA GLN A 1866 61.55 69.60 -42.07
C GLN A 1866 60.61 68.47 -41.70
N ILE A 1867 61.06 67.23 -41.82
CA ILE A 1867 60.17 66.12 -41.57
C ILE A 1867 59.85 66.00 -40.09
N THR A 1868 60.78 66.37 -39.20
CA THR A 1868 60.48 66.39 -37.77
C THR A 1868 59.44 67.47 -37.45
N LYS A 1869 59.54 68.61 -38.11
CA LYS A 1869 58.50 69.62 -37.95
C LYS A 1869 57.16 69.06 -38.40
N LYS A 1870 57.14 68.38 -39.54
CA LYS A 1870 55.93 67.68 -39.96
C LYS A 1870 55.47 66.67 -38.92
N MET A 1871 56.42 66.05 -38.22
CA MET A 1871 56.06 65.09 -37.19
C MET A 1871 55.29 65.77 -36.08
N GLY A 1872 55.82 66.90 -35.60
CA GLY A 1872 55.13 67.67 -34.59
C GLY A 1872 53.75 68.12 -35.06
N TYR A 1873 53.66 68.54 -36.32
CA TYR A 1873 52.38 69.00 -36.85
C TYR A 1873 51.38 67.86 -36.87
N TYR A 1874 51.79 66.67 -37.31
CA TYR A 1874 50.90 65.52 -37.30
C TYR A 1874 50.49 65.16 -35.88
N LYS A 1875 51.46 65.13 -34.96
CA LYS A 1875 51.20 64.70 -33.59
C LYS A 1875 50.31 65.68 -32.84
N ILE A 1876 50.25 66.93 -33.27
CA ILE A 1876 49.28 67.85 -32.67
C ILE A 1876 47.94 67.79 -33.39
N LEU A 1877 47.95 67.77 -34.72
CA LEU A 1877 46.72 67.86 -35.49
C LEU A 1877 45.86 66.60 -35.35
N ASP A 1878 46.49 65.44 -35.16
CA ASP A 1878 45.69 64.22 -35.01
C ASP A 1878 44.74 64.33 -33.82
N VAL A 1879 45.29 64.56 -32.63
CA VAL A 1879 44.45 64.70 -31.45
C VAL A 1879 43.56 65.93 -31.59
N MET A 1880 44.08 67.00 -32.21
CA MET A 1880 43.29 68.21 -32.33
C MET A 1880 42.02 67.99 -33.14
N TYR A 1881 42.10 67.22 -34.22
CA TYR A 1881 40.90 66.98 -35.01
C TYR A 1881 40.04 65.88 -34.41
N SER A 1882 40.64 64.91 -33.72
CA SER A 1882 39.86 63.89 -33.04
C SER A 1882 39.03 64.48 -31.90
N ARG A 1883 39.45 65.59 -31.32
CA ARG A 1883 38.67 66.22 -30.25
C ARG A 1883 37.33 66.73 -30.77
N LEU A 1884 37.37 67.68 -31.71
CA LEU A 1884 36.16 68.31 -32.20
C LEU A 1884 36.40 68.80 -33.61
N PRO A 1885 35.33 68.98 -34.42
CA PRO A 1885 35.46 69.53 -35.77
C PRO A 1885 35.40 71.06 -35.79
N ASN A 1909 35.01 75.08 -39.30
CA ASN A 1909 35.08 75.41 -40.71
C ASN A 1909 34.87 74.16 -41.57
N GLU A 1910 34.99 74.33 -42.88
CA GLU A 1910 34.80 73.24 -43.84
C GLU A 1910 36.08 72.98 -44.64
N LEU A 1911 37.23 73.30 -44.06
CA LEU A 1911 38.54 73.08 -44.69
C LEU A 1911 39.02 71.65 -44.52
N THR A 1912 38.13 70.72 -44.15
CA THR A 1912 38.55 69.36 -43.83
C THR A 1912 39.13 68.65 -45.05
N LYS A 1913 38.49 68.80 -46.21
CA LYS A 1913 38.86 68.02 -47.39
C LYS A 1913 40.31 68.27 -47.77
N THR A 1914 40.77 69.52 -47.62
CA THR A 1914 42.15 69.85 -47.96
C THR A 1914 43.13 68.98 -47.19
N LEU A 1915 42.98 68.93 -45.86
CA LEU A 1915 43.88 68.13 -45.05
C LEU A 1915 43.64 66.64 -45.24
N ILE A 1916 42.40 66.26 -45.58
CA ILE A 1916 42.12 64.86 -45.89
C ILE A 1916 42.99 64.41 -47.05
N LYS A 1917 43.01 65.18 -48.14
CA LYS A 1917 43.89 64.84 -49.25
C LYS A 1917 45.36 64.95 -48.84
N LEU A 1918 45.71 66.00 -48.11
CA LEU A 1918 47.11 66.27 -47.75
C LEU A 1918 47.68 65.22 -46.81
N CYS A 1919 46.82 64.43 -46.16
CA CYS A 1919 47.30 63.31 -45.37
C CYS A 1919 47.15 61.97 -46.07
N TYR A 1920 46.12 61.81 -46.90
CA TYR A 1920 45.98 60.57 -47.65
C TYR A 1920 47.14 60.39 -48.61
N ASP A 1921 47.55 61.45 -49.29
CA ASP A 1921 48.73 61.36 -50.15
C ASP A 1921 49.99 61.09 -49.33
N ALA A 1922 50.10 61.75 -48.17
CA ALA A 1922 51.30 61.62 -47.35
C ALA A 1922 51.49 60.20 -46.86
N PHE A 1923 50.43 59.57 -46.37
CA PHE A 1923 50.53 58.19 -45.89
C PHE A 1923 50.77 57.22 -47.04
N THR A 1924 50.05 57.40 -48.14
CA THR A 1924 50.14 56.50 -49.29
C THR A 1924 51.41 56.72 -50.10
N GLU A 1925 52.33 57.56 -49.63
CA GLU A 1925 53.58 57.79 -50.34
C GLU A 1925 54.37 56.48 -50.45
N ASN A 1926 54.88 56.22 -51.65
CA ASN A 1926 55.68 55.02 -51.89
C ASN A 1926 57.17 55.33 -51.77
N LEU A 1934 66.06 58.47 -42.58
CA LEU A 1934 65.89 57.18 -43.24
C LEU A 1934 64.62 56.50 -42.76
N GLU A 1935 64.59 56.19 -41.45
CA GLU A 1935 63.35 55.77 -40.82
C GLU A 1935 62.33 56.90 -40.80
N ARG A 1936 62.78 58.12 -41.08
CA ARG A 1936 61.90 59.28 -41.10
C ARG A 1936 60.73 59.08 -42.05
N ARG A 1937 60.92 58.33 -43.13
CA ARG A 1937 59.80 58.07 -44.05
C ARG A 1937 58.70 57.26 -43.38
N ARG A 1938 59.07 56.18 -42.70
CA ARG A 1938 58.05 55.38 -42.00
C ARG A 1938 57.45 56.16 -40.84
N LEU A 1939 58.26 56.95 -40.13
CA LEU A 1939 57.72 57.81 -39.08
C LEU A 1939 56.73 58.80 -39.65
N TYR A 1940 57.04 59.35 -40.82
CA TYR A 1940 56.15 60.31 -41.46
C TYR A 1940 54.85 59.63 -41.87
N HIS A 1941 54.95 58.44 -42.45
CA HIS A 1941 53.76 57.71 -42.84
C HIS A 1941 52.88 57.43 -41.63
N CYS A 1942 53.47 56.98 -40.52
CA CYS A 1942 52.66 56.65 -39.36
C CYS A 1942 52.08 57.89 -38.70
N ALA A 1943 52.83 58.97 -38.64
CA ALA A 1943 52.31 60.19 -38.03
C ALA A 1943 51.17 60.77 -38.87
N ALA A 1944 51.37 60.89 -40.18
CA ALA A 1944 50.30 61.34 -41.06
C ALA A 1944 49.12 60.40 -41.02
N TYR A 1945 49.36 59.10 -40.83
CA TYR A 1945 48.24 58.17 -40.80
C TYR A 1945 47.49 58.27 -39.48
N ASN A 1946 48.18 58.59 -38.38
CA ASN A 1946 47.48 58.91 -37.14
C ASN A 1946 46.60 60.13 -37.32
N CYS A 1947 47.13 61.16 -37.97
CA CYS A 1947 46.31 62.33 -38.27
C CYS A 1947 45.11 61.94 -39.12
N ALA A 1948 45.33 61.08 -40.11
CA ALA A 1948 44.24 60.65 -41.00
C ALA A 1948 43.18 59.87 -40.22
N ILE A 1949 43.59 58.94 -39.36
CA ILE A 1949 42.63 58.20 -38.57
C ILE A 1949 41.82 59.14 -37.71
N SER A 1950 42.50 60.10 -37.07
CA SER A 1950 41.81 61.03 -36.19
C SER A 1950 40.79 61.85 -36.96
N VAL A 1951 41.15 62.33 -38.15
CA VAL A 1951 40.23 63.18 -38.89
C VAL A 1951 39.08 62.36 -39.46
N ILE A 1952 39.33 61.11 -39.87
CA ILE A 1952 38.24 60.28 -40.35
C ILE A 1952 37.35 59.83 -39.21
N CYS A 1953 37.84 59.91 -37.97
CA CYS A 1953 36.95 59.67 -36.83
C CYS A 1953 35.81 60.68 -36.80
N CYS A 1954 36.03 61.88 -37.35
CA CYS A 1954 34.99 62.91 -37.38
C CYS A 1954 34.48 63.21 -38.78
N VAL A 1955 35.12 62.68 -39.82
CA VAL A 1955 34.70 62.87 -41.20
C VAL A 1955 34.70 61.50 -41.89
N PHE A 1956 33.63 61.18 -42.61
CA PHE A 1956 33.41 59.89 -43.25
C PHE A 1956 33.20 58.77 -42.24
N ASN A 1957 33.24 59.07 -40.94
CA ASN A 1957 33.04 58.04 -39.92
C ASN A 1957 31.67 57.38 -40.06
N GLU A 1958 30.70 58.12 -40.60
CA GLU A 1958 29.38 57.59 -40.89
C GLU A 1958 29.39 56.57 -42.02
N LEU A 1959 30.50 56.43 -42.73
CA LEU A 1959 30.60 55.51 -43.86
C LEU A 1959 31.97 54.83 -43.80
N LYS A 1960 32.35 54.18 -44.89
CA LYS A 1960 33.62 53.49 -44.96
C LYS A 1960 34.77 54.46 -44.71
N PHE A 1961 35.96 53.90 -44.48
CA PHE A 1961 37.12 54.67 -44.04
C PHE A 1961 37.89 55.27 -45.20
N TYR A 1962 37.21 55.58 -46.30
CA TYR A 1962 37.87 56.09 -47.51
C TYR A 1962 38.93 55.10 -48.00
N GLN A 1963 38.45 53.91 -48.34
CA GLN A 1963 39.30 52.80 -48.76
C GLN A 1963 40.23 53.20 -49.91
N SER A 2034 36.26 70.67 8.48
CA SER A 2034 36.85 69.90 9.56
C SER A 2034 37.83 70.74 10.37
N THR A 2035 37.54 70.90 11.66
CA THR A 2035 38.41 71.67 12.53
C THR A 2035 39.78 71.04 12.63
N LEU A 2036 39.84 69.71 12.70
CA LEU A 2036 41.13 69.03 12.74
C LEU A 2036 41.93 69.27 11.48
N SER A 2037 41.26 69.27 10.32
CA SER A 2037 41.97 69.51 9.07
C SER A 2037 42.63 70.88 9.07
N GLU A 2038 41.92 71.89 9.59
CA GLU A 2038 42.54 73.20 9.73
C GLU A 2038 43.72 73.16 10.68
N GLU A 2039 43.58 72.43 11.79
CA GLU A 2039 44.69 72.32 12.73
C GLU A 2039 45.88 71.63 12.08
N MET A 2040 45.64 70.57 11.32
CA MET A 2040 46.72 69.89 10.62
C MET A 2040 47.37 70.82 9.61
N SER A 2041 46.56 71.56 8.86
CA SER A 2041 47.12 72.51 7.89
C SER A 2041 47.93 73.58 8.58
N GLN A 2042 47.41 74.13 9.67
CA GLN A 2042 48.16 75.13 10.42
C GLN A 2042 49.47 74.56 10.96
N PHE A 2043 49.41 73.33 11.49
CA PHE A 2043 50.64 72.68 11.94
C PHE A 2043 51.59 72.44 10.78
N ASP A 2044 51.06 71.97 9.65
CA ASP A 2044 51.91 71.76 8.47
C ASP A 2044 52.50 73.08 7.97
N PHE A 2045 51.69 74.13 7.94
CA PHE A 2045 52.20 75.42 7.50
C PHE A 2045 53.26 75.95 8.45
N SER A 2046 53.04 75.78 9.76
CA SER A 2046 54.03 76.21 10.74
C SER A 2046 55.35 75.50 10.51
N THR A 2047 55.30 74.19 10.26
CA THR A 2047 56.50 73.45 9.88
C THR A 2047 56.86 73.66 8.42
N GLY A 2048 55.96 74.24 7.62
CA GLY A 2048 56.23 74.46 6.21
C GLY A 2048 56.43 73.19 5.43
N VAL A 2049 55.56 72.21 5.64
CA VAL A 2049 55.65 70.92 4.97
C VAL A 2049 54.26 70.51 4.50
N GLN A 2050 54.22 69.57 3.56
CA GLN A 2050 52.96 69.10 3.02
C GLN A 2050 52.66 67.66 3.49
N ARG A 2090 56.86 45.81 -26.03
CA ARG A 2090 56.70 45.10 -27.28
C ARG A 2090 56.60 46.09 -28.44
N HIS A 2091 55.38 46.41 -28.82
CA HIS A 2091 55.11 47.35 -29.90
C HIS A 2091 54.07 48.35 -29.43
N GLU A 2092 54.29 49.62 -29.78
CA GLU A 2092 53.48 50.70 -29.24
C GLU A 2092 52.82 51.58 -30.29
N CYS A 2093 53.29 51.55 -31.54
CA CYS A 2093 52.63 52.31 -32.61
C CYS A 2093 51.33 51.67 -33.06
N MET A 2094 51.02 50.46 -32.58
CA MET A 2094 49.84 49.74 -33.02
C MET A 2094 48.56 50.24 -32.35
N ALA A 2095 48.67 50.88 -31.19
CA ALA A 2095 47.50 51.37 -30.47
C ALA A 2095 46.59 52.26 -31.30
N PRO A 2096 47.10 53.22 -32.10
CA PRO A 2096 46.18 53.94 -33.00
C PRO A 2096 45.38 53.02 -33.89
N LEU A 2097 45.99 51.95 -34.39
CA LEU A 2097 45.27 51.01 -35.22
C LEU A 2097 44.19 50.29 -34.42
N THR A 2098 44.48 49.95 -33.17
CA THR A 2098 43.47 49.32 -32.32
C THR A 2098 42.30 50.25 -32.09
N ALA A 2099 42.57 51.51 -31.77
CA ALA A 2099 41.50 52.49 -31.60
C ALA A 2099 40.72 52.64 -32.90
N LEU A 2100 41.40 52.57 -34.03
CA LEU A 2100 40.74 52.61 -35.33
C LEU A 2100 39.77 51.44 -35.48
N VAL A 2101 40.21 50.24 -35.12
CA VAL A 2101 39.33 49.08 -35.23
C VAL A 2101 38.12 49.25 -34.34
N LYS A 2102 38.35 49.72 -33.12
CA LYS A 2102 37.23 49.95 -32.22
C LYS A 2102 36.26 50.96 -32.80
N HIS A 2103 36.77 52.06 -33.34
CA HIS A 2103 35.91 53.12 -33.88
C HIS A 2103 35.14 52.62 -35.09
N MET A 2104 35.80 51.91 -36.00
CA MET A 2104 35.12 51.42 -37.19
C MET A 2104 34.06 50.39 -36.83
N HIS A 2105 34.31 49.56 -35.81
CA HIS A 2105 33.27 48.65 -35.37
C HIS A 2105 32.11 49.41 -34.72
N ARG A 2106 32.42 50.47 -33.98
CA ARG A 2106 31.36 51.27 -33.36
C ARG A 2106 30.49 51.92 -34.42
N SER A 2107 31.09 52.37 -35.52
CA SER A 2107 30.33 53.03 -36.57
C SER A 2107 29.29 52.12 -37.21
N LEU A 2108 29.41 50.81 -37.02
CA LEU A 2108 28.42 49.87 -37.52
C LEU A 2108 27.59 49.31 -36.37
N ARG A 2120 29.79 38.27 -43.63
CA ARG A 2120 30.22 39.63 -43.32
C ARG A 2120 31.70 39.81 -43.63
N ASP A 2121 32.01 40.64 -44.63
CA ASP A 2121 33.40 40.91 -45.00
C ASP A 2121 33.48 42.33 -45.55
N LEU A 2122 33.82 43.26 -44.66
CA LEU A 2122 33.86 44.68 -45.00
C LEU A 2122 35.11 45.00 -45.81
N PRO A 2123 34.96 45.60 -46.99
CA PRO A 2123 36.13 46.04 -47.78
C PRO A 2123 36.63 47.42 -47.36
N SER A 2124 37.07 47.51 -46.12
CA SER A 2124 37.58 48.76 -45.56
C SER A 2124 39.03 48.58 -45.17
N TRP A 2125 39.81 47.98 -46.08
CA TRP A 2125 41.16 47.44 -45.91
C TRP A 2125 41.12 46.14 -45.13
N MET A 2126 39.97 45.73 -44.58
CA MET A 2126 39.94 44.48 -43.85
C MET A 2126 40.08 43.29 -44.80
N LYS A 2127 39.44 43.38 -45.97
CA LYS A 2127 39.74 42.42 -47.02
C LYS A 2127 41.18 42.57 -47.50
N PHE A 2128 41.67 43.80 -47.56
CA PHE A 2128 43.07 44.04 -47.88
C PHE A 2128 43.98 43.39 -46.85
N LEU A 2129 43.62 43.51 -45.56
CA LEU A 2129 44.41 42.86 -44.52
C LEU A 2129 44.30 41.35 -44.59
N HIS A 2130 43.12 40.84 -44.96
CA HIS A 2130 42.96 39.40 -45.13
C HIS A 2130 43.88 38.87 -46.23
N GLY A 2131 43.94 39.58 -47.35
CA GLY A 2131 44.86 39.20 -48.40
C GLY A 2131 46.31 39.34 -47.96
N LYS A 2132 46.62 40.41 -47.22
CA LYS A 2132 47.99 40.62 -46.77
C LYS A 2132 48.47 39.51 -45.85
N LEU A 2133 47.64 39.12 -44.89
CA LEU A 2133 48.04 38.04 -43.99
C LEU A 2133 47.91 36.68 -44.64
N GLY A 2134 47.10 36.54 -45.68
CA GLY A 2134 47.03 35.28 -46.40
C GLY A 2134 48.36 34.90 -47.03
N ASN A 2135 49.04 35.87 -47.63
CA ASN A 2135 50.36 35.60 -48.19
C ASN A 2135 51.36 35.36 -47.06
N PRO A 2136 52.24 34.36 -47.21
CA PRO A 2136 53.28 34.15 -46.20
C PRO A 2136 54.52 35.01 -46.41
N ILE A 2137 54.59 35.76 -47.51
CA ILE A 2137 55.75 36.58 -47.83
C ILE A 2137 55.62 37.92 -47.13
N VAL A 2138 54.64 38.03 -46.22
CA VAL A 2138 54.49 39.24 -45.41
C VAL A 2138 55.77 39.47 -44.61
N PRO A 2139 56.26 40.71 -44.51
CA PRO A 2139 57.51 40.94 -43.78
C PRO A 2139 57.35 40.68 -42.29
N LEU A 2140 58.50 40.50 -41.63
CA LEU A 2140 58.50 40.25 -40.18
C LEU A 2140 57.82 41.38 -39.43
N ASN A 2141 58.16 42.62 -39.77
CA ASN A 2141 57.51 43.75 -39.12
C ASN A 2141 56.01 43.77 -39.41
N ILE A 2142 55.65 43.55 -40.67
CA ILE A 2142 54.23 43.59 -41.06
C ILE A 2142 53.48 42.41 -40.48
N ARG A 2143 54.10 41.22 -40.48
CA ARG A 2143 53.44 40.05 -39.89
C ARG A 2143 53.26 40.24 -38.39
N LEU A 2144 54.24 40.86 -37.72
CA LEU A 2144 54.09 41.13 -36.30
C LEU A 2144 52.95 42.11 -36.05
N PHE A 2145 52.84 43.14 -36.89
CA PHE A 2145 51.72 44.08 -36.76
C PHE A 2145 50.39 43.37 -36.94
N LEU A 2146 50.31 42.52 -37.97
CA LEU A 2146 49.07 41.78 -38.21
C LEU A 2146 48.71 40.92 -37.02
N ALA A 2147 49.68 40.17 -36.49
CA ALA A 2147 49.43 39.31 -35.35
C ALA A 2147 48.97 40.12 -34.15
N LYS A 2148 49.66 41.22 -33.87
CA LYS A 2148 49.33 41.99 -32.68
C LYS A 2148 47.93 42.57 -32.77
N LEU A 2149 47.58 43.13 -33.94
CA LEU A 2149 46.24 43.69 -34.10
C LEU A 2149 45.18 42.61 -34.01
N VAL A 2150 45.36 41.48 -34.71
CA VAL A 2150 44.33 40.46 -34.69
C VAL A 2150 44.18 39.88 -33.29
N ILE A 2151 45.27 39.82 -32.52
CA ILE A 2151 45.16 39.40 -31.13
C ILE A 2151 44.35 40.42 -30.34
N ASN A 2152 44.69 41.70 -30.47
CA ASN A 2152 43.96 42.73 -29.76
C ASN A 2152 42.54 42.87 -30.27
N THR A 2153 42.33 42.61 -31.56
CA THR A 2153 41.03 42.80 -32.19
C THR A 2153 40.32 41.48 -32.47
N GLU A 2154 40.68 40.41 -31.75
CA GLU A 2154 40.04 39.13 -31.98
C GLU A 2154 38.54 39.18 -31.79
N GLU A 2155 38.05 40.15 -31.02
CA GLU A 2155 36.64 40.26 -30.71
C GLU A 2155 35.82 40.82 -31.87
N VAL A 2156 36.38 41.71 -32.68
CA VAL A 2156 35.58 42.39 -33.68
C VAL A 2156 35.18 41.44 -34.82
N PHE A 2157 36.13 40.63 -35.29
CA PHE A 2157 35.88 39.78 -36.44
C PHE A 2157 35.50 38.36 -36.03
N ARG A 2158 34.83 38.20 -34.89
CA ARG A 2158 34.32 36.89 -34.51
C ARG A 2158 33.41 36.30 -35.58
N PRO A 2159 32.46 37.05 -36.19
CA PRO A 2159 31.79 36.50 -37.38
C PRO A 2159 32.59 36.74 -38.64
N TYR A 2160 33.90 36.58 -38.54
CA TYR A 2160 34.77 36.54 -39.70
C TYR A 2160 35.91 35.54 -39.52
N ALA A 2161 35.96 34.83 -38.40
CA ALA A 2161 37.10 33.98 -38.12
C ALA A 2161 37.16 32.78 -39.05
N LYS A 2162 36.02 32.36 -39.60
CA LYS A 2162 36.01 31.26 -40.56
C LYS A 2162 36.88 31.59 -41.77
N HIS A 2163 36.88 32.85 -42.19
CA HIS A 2163 37.80 33.29 -43.23
C HIS A 2163 39.23 33.36 -42.72
N TRP A 2164 39.40 33.65 -41.43
CA TRP A 2164 40.72 33.87 -40.86
C TRP A 2164 41.45 32.59 -40.52
N LEU A 2165 40.75 31.45 -40.48
CA LEU A 2165 41.35 30.21 -39.98
C LEU A 2165 42.64 29.88 -40.72
N SER A 2166 42.53 29.63 -42.02
CA SER A 2166 43.71 29.26 -42.80
C SER A 2166 44.81 30.32 -42.76
N PRO A 2167 44.52 31.62 -42.94
CA PRO A 2167 45.61 32.61 -42.81
C PRO A 2167 46.31 32.55 -41.46
N LEU A 2168 45.56 32.48 -40.37
CA LEU A 2168 46.18 32.40 -39.06
C LEU A 2168 46.96 31.10 -38.91
N LEU A 2169 46.42 30.01 -39.42
CA LEU A 2169 47.09 28.72 -39.31
C LEU A 2169 48.43 28.73 -40.04
N GLN A 2170 48.46 29.30 -41.25
CA GLN A 2170 49.71 29.33 -41.99
C GLN A 2170 50.69 30.34 -41.39
N LEU A 2171 50.19 31.43 -40.82
CA LEU A 2171 51.08 32.35 -40.12
C LEU A 2171 51.73 31.65 -38.94
N ALA A 2172 50.94 30.88 -38.17
CA ALA A 2172 51.50 30.17 -37.02
C ALA A 2172 52.44 29.06 -37.48
N ALA A 2173 52.00 28.26 -38.45
CA ALA A 2173 52.79 27.12 -38.89
C ALA A 2173 54.07 27.59 -39.59
N SER A 2174 55.20 26.98 -39.21
CA SER A 2174 56.51 27.31 -39.77
C SER A 2174 56.79 28.80 -39.67
N GLU A 2175 56.38 29.40 -38.55
CA GLU A 2175 56.56 30.83 -38.37
C GLU A 2175 58.03 31.15 -38.18
N ASN A 2176 58.52 32.15 -38.90
CA ASN A 2176 59.89 32.60 -38.80
C ASN A 2176 60.14 33.27 -37.46
N GLY A 2179 61.40 41.27 -32.32
CA GLY A 2179 60.56 40.27 -31.69
C GLY A 2179 61.07 39.83 -30.32
N GLU A 2180 60.20 39.18 -29.54
CA GLU A 2180 60.53 38.72 -28.21
C GLU A 2180 60.79 37.22 -28.17
N GLY A 2181 60.86 36.56 -29.32
CA GLY A 2181 60.98 35.11 -29.31
C GLY A 2181 59.72 34.54 -29.93
N ILE A 2182 59.93 33.72 -30.97
CA ILE A 2182 58.82 33.25 -31.80
C ILE A 2182 57.78 32.54 -30.96
N HIS A 2183 58.22 31.72 -30.00
CA HIS A 2183 57.32 30.86 -29.27
C HIS A 2183 56.28 31.66 -28.50
N TYR A 2184 56.68 32.82 -27.98
CA TYR A 2184 55.71 33.70 -27.31
C TYR A 2184 54.55 34.05 -28.23
N MET A 2185 54.87 34.56 -29.42
CA MET A 2185 53.82 34.94 -30.35
C MET A 2185 53.01 33.74 -30.81
N VAL A 2186 53.68 32.59 -30.98
CA VAL A 2186 52.96 31.38 -31.38
C VAL A 2186 51.91 31.02 -30.34
N VAL A 2187 52.30 31.03 -29.07
CA VAL A 2187 51.36 30.69 -28.00
C VAL A 2187 50.24 31.71 -27.95
N GLU A 2188 50.58 33.00 -28.05
CA GLU A 2188 49.54 34.03 -27.99
C GLU A 2188 48.53 33.85 -29.13
N ILE A 2189 49.02 33.62 -30.34
CA ILE A 2189 48.13 33.53 -31.48
C ILE A 2189 47.27 32.28 -31.42
N VAL A 2190 47.84 31.15 -30.97
CA VAL A 2190 47.02 29.95 -30.88
C VAL A 2190 45.98 30.11 -29.77
N ALA A 2191 46.34 30.81 -28.68
CA ALA A 2191 45.36 31.09 -27.65
C ALA A 2191 44.22 31.93 -28.21
N THR A 2192 44.55 32.94 -29.00
CA THR A 2192 43.50 33.74 -29.64
C THR A 2192 42.65 32.89 -30.57
N ILE A 2193 43.28 32.00 -31.34
CA ILE A 2193 42.55 31.16 -32.27
C ILE A 2193 41.56 30.30 -31.52
N LEU A 2194 41.99 29.67 -30.45
CA LEU A 2194 41.13 28.77 -29.71
C LEU A 2194 40.24 29.50 -28.73
N SER A 2195 40.37 30.83 -28.61
CA SER A 2195 39.43 31.59 -27.80
C SER A 2195 38.00 31.43 -28.28
N TRP A 2196 37.83 31.06 -29.55
CA TRP A 2196 36.56 30.61 -30.09
C TRP A 2196 36.78 29.29 -30.79
N THR A 2197 35.85 28.40 -30.63
CA THR A 2197 35.87 27.16 -31.39
C THR A 2197 34.55 26.90 -32.09
N GLY A 2198 33.42 27.22 -31.46
CA GLY A 2198 32.15 27.14 -32.15
C GLY A 2198 32.00 28.21 -33.21
N LEU A 2199 32.70 29.33 -33.03
CA LEU A 2199 32.67 30.39 -34.04
C LEU A 2199 33.32 29.91 -35.33
N ALA A 2200 34.42 29.19 -35.24
CA ALA A 2200 35.09 28.63 -36.41
C ALA A 2200 35.97 27.47 -35.96
N THR A 2201 36.01 26.42 -36.77
CA THR A 2201 36.80 25.24 -36.45
C THR A 2201 37.38 24.66 -37.75
N PRO A 2202 38.69 24.73 -37.95
CA PRO A 2202 39.24 24.40 -39.27
C PRO A 2202 39.34 22.91 -39.54
N THR A 2203 38.43 22.40 -40.36
CA THR A 2203 38.53 21.05 -40.89
C THR A 2203 38.06 20.93 -42.32
N GLY A 2204 37.70 22.03 -42.98
CA GLY A 2204 37.18 21.95 -44.33
C GLY A 2204 38.24 21.59 -45.34
N VAL A 2205 39.18 22.50 -45.58
CA VAL A 2205 40.27 22.24 -46.51
C VAL A 2205 41.28 21.35 -45.79
N PRO A 2206 41.89 20.38 -46.48
CA PRO A 2206 43.01 19.66 -45.86
C PRO A 2206 44.17 20.55 -45.53
N LYS A 2207 44.26 21.74 -46.14
CA LYS A 2207 45.33 22.68 -45.80
C LYS A 2207 45.28 23.05 -44.33
N ASP A 2208 44.11 23.45 -43.83
CA ASP A 2208 44.00 23.81 -42.42
C ASP A 2208 44.29 22.62 -41.52
N GLU A 2209 43.85 21.44 -41.95
CA GLU A 2209 44.07 20.23 -41.16
C GLU A 2209 45.55 19.92 -41.02
N VAL A 2210 46.28 19.94 -42.15
CA VAL A 2210 47.70 19.63 -42.11
C VAL A 2210 48.45 20.74 -41.38
N LEU A 2211 48.01 21.99 -41.51
CA LEU A 2211 48.64 23.07 -40.74
C LEU A 2211 48.46 22.84 -39.26
N ALA A 2212 47.26 22.45 -38.83
CA ALA A 2212 47.02 22.20 -37.42
C ALA A 2212 47.87 21.05 -36.92
N ASN A 2213 47.92 19.95 -37.67
CA ASN A 2213 48.72 18.81 -37.24
C ASN A 2213 50.20 19.14 -37.20
N ARG A 2214 50.69 19.86 -38.22
CA ARG A 2214 52.10 20.22 -38.26
C ARG A 2214 52.48 21.15 -37.12
N LEU A 2215 51.62 22.12 -36.83
CA LEU A 2215 51.89 23.01 -35.70
C LEU A 2215 51.78 22.28 -34.37
N LEU A 2216 50.87 21.31 -34.28
CA LEU A 2216 50.81 20.45 -33.11
C LEU A 2216 52.13 19.74 -32.90
N ASN A 2217 52.68 19.17 -33.96
CA ASN A 2217 53.97 18.52 -33.87
C ASN A 2217 55.05 19.52 -33.49
N PHE A 2218 55.01 20.71 -34.07
CA PHE A 2218 55.97 21.76 -33.74
C PHE A 2218 55.96 22.03 -32.25
N LEU A 2219 54.78 22.29 -31.69
CA LEU A 2219 54.69 22.67 -30.29
C LEU A 2219 55.05 21.51 -29.36
N MET A 2220 54.64 20.29 -29.72
CA MET A 2220 54.97 19.17 -28.84
C MET A 2220 56.42 18.75 -28.98
N LYS A 2221 57.11 19.19 -30.04
CA LYS A 2221 58.56 19.11 -30.08
C LYS A 2221 59.19 20.19 -29.21
N HIS A 2222 58.57 21.36 -29.13
CA HIS A 2222 59.09 22.47 -28.35
C HIS A 2222 58.75 22.37 -26.87
N VAL A 2223 57.85 21.47 -26.49
CA VAL A 2223 57.30 21.50 -25.14
C VAL A 2223 58.36 21.02 -24.15
N PHE A 2224 58.87 21.95 -23.34
CA PHE A 2224 59.68 21.68 -22.17
C PHE A 2224 59.87 22.97 -21.41
N HIS A 2225 59.89 22.88 -20.09
CA HIS A 2225 60.31 24.02 -19.31
C HIS A 2225 60.93 23.56 -18.00
N PRO A 2226 62.02 24.19 -17.56
CA PRO A 2226 62.44 24.07 -16.17
C PRO A 2226 61.59 24.91 -15.23
N LYS A 2227 60.59 25.60 -15.76
CA LYS A 2227 59.76 26.51 -15.00
C LYS A 2227 58.51 25.87 -14.43
N ARG A 2228 58.28 24.58 -14.71
CA ARG A 2228 57.41 23.68 -13.96
C ARG A 2228 55.95 24.11 -13.96
N ALA A 2229 55.66 25.31 -14.44
CA ALA A 2229 54.29 25.82 -14.49
C ALA A 2229 53.91 26.23 -15.91
N VAL A 2230 54.75 27.04 -16.55
CA VAL A 2230 54.54 27.34 -17.95
C VAL A 2230 54.63 26.05 -18.76
N PHE A 2231 55.43 25.09 -18.30
CA PHE A 2231 55.43 23.78 -18.91
C PHE A 2231 54.06 23.12 -18.78
N ARG A 2232 53.54 23.06 -17.54
CA ARG A 2232 52.19 22.55 -17.34
C ARG A 2232 51.17 23.43 -18.06
N HIS A 2233 51.48 24.71 -18.21
CA HIS A 2233 50.60 25.58 -18.98
C HIS A 2233 50.52 25.11 -20.42
N ASN A 2234 51.65 24.76 -21.02
CA ASN A 2234 51.64 24.19 -22.37
C ASN A 2234 50.88 22.89 -22.41
N LEU A 2235 51.06 22.06 -21.37
CA LEU A 2235 50.35 20.79 -21.32
C LEU A 2235 48.84 21.01 -21.37
N GLU A 2236 48.35 21.94 -20.56
CA GLU A 2236 46.92 22.25 -20.57
C GLU A 2236 46.51 22.89 -21.87
N ILE A 2237 47.39 23.67 -22.49
CA ILE A 2237 47.11 24.25 -23.79
C ILE A 2237 46.84 23.15 -24.81
N ILE A 2238 47.72 22.15 -24.82
CA ILE A 2238 47.57 21.02 -25.74
C ILE A 2238 46.30 20.24 -25.42
N LYS A 2239 46.03 20.06 -24.13
CA LYS A 2239 44.82 19.36 -23.73
C LYS A 2239 43.58 20.05 -24.27
N THR A 2240 43.50 21.36 -24.07
CA THR A 2240 42.38 22.14 -24.58
C THR A 2240 42.32 22.07 -26.11
N LEU A 2241 43.49 22.14 -26.75
CA LEU A 2241 43.55 22.10 -28.20
C LEU A 2241 42.95 20.80 -28.73
N VAL A 2242 43.40 19.67 -28.20
CA VAL A 2242 42.89 18.39 -28.68
C VAL A 2242 41.43 18.22 -28.31
N GLU A 2243 41.02 18.73 -27.15
CA GLU A 2243 39.62 18.61 -26.75
C GLU A 2243 38.70 19.36 -27.71
N CYS A 2244 39.07 20.57 -28.09
CA CYS A 2244 38.24 21.39 -28.95
C CYS A 2244 38.40 21.06 -30.43
N TRP A 2245 39.03 19.93 -30.74
CA TRP A 2245 39.47 19.60 -32.09
C TRP A 2245 39.44 18.09 -32.29
N LYS A 2246 40.31 17.58 -33.16
CA LYS A 2246 40.38 16.22 -33.73
C LYS A 2246 39.47 16.12 -34.94
N ASP A 2247 38.78 17.20 -35.30
CA ASP A 2247 38.25 17.35 -36.65
C ASP A 2247 39.38 17.45 -37.67
N CYS A 2248 40.59 17.82 -37.22
CA CYS A 2248 41.72 18.01 -38.10
C CYS A 2248 43.02 17.46 -37.53
N LEU A 2249 42.97 16.73 -36.42
CA LEU A 2249 44.17 16.35 -35.69
C LEU A 2249 44.53 14.90 -35.97
N SER A 2250 45.80 14.58 -35.67
CA SER A 2250 46.32 13.23 -35.88
C SER A 2250 47.49 13.01 -34.93
N ILE A 2251 47.39 11.97 -34.12
CA ILE A 2251 48.44 11.68 -33.12
C ILE A 2251 49.61 11.01 -33.84
N PRO A 2252 50.84 11.47 -33.62
CA PRO A 2252 51.98 10.79 -34.28
C PRO A 2252 52.32 9.45 -33.68
N TYR A 2253 52.22 9.31 -32.35
CA TYR A 2253 52.60 8.09 -31.63
C TYR A 2253 54.08 7.76 -31.80
N ARG A 2254 54.83 8.60 -32.51
CA ARG A 2254 56.25 8.40 -32.73
C ARG A 2254 57.08 9.44 -32.01
N LEU A 2255 56.81 10.72 -32.27
CA LEU A 2255 57.44 11.78 -31.50
C LEU A 2255 57.16 11.59 -30.02
N ILE A 2256 55.94 11.17 -29.69
CA ILE A 2256 55.62 10.82 -28.32
C ILE A 2256 56.43 9.61 -27.88
N PHE A 2257 56.53 8.59 -28.74
CA PHE A 2257 57.19 7.34 -28.36
C PHE A 2257 58.63 7.60 -27.96
N GLU A 2258 59.38 8.27 -28.83
CA GLU A 2258 60.76 8.61 -28.51
C GLU A 2258 60.84 9.50 -27.28
N LYS A 2259 59.80 10.30 -27.02
CA LYS A 2259 59.82 11.19 -25.87
C LYS A 2259 59.67 10.41 -24.57
N PHE A 2260 58.57 9.65 -24.43
CA PHE A 2260 58.37 8.93 -23.18
C PHE A 2260 59.35 7.79 -23.01
N SER A 2261 59.91 7.27 -24.10
CA SER A 2261 60.89 6.19 -23.95
C SER A 2261 62.18 6.73 -23.36
N GLY A 2262 62.64 7.89 -23.82
CA GLY A 2262 63.95 8.35 -23.42
C GLY A 2262 65.01 7.39 -23.90
N LYS A 2263 66.07 7.27 -23.11
CA LYS A 2263 67.12 6.27 -23.34
C LYS A 2263 67.04 5.11 -22.37
N ASP A 2264 65.87 4.90 -21.76
CA ASP A 2264 65.69 4.01 -20.62
C ASP A 2264 66.59 4.50 -19.49
N PRO A 2265 66.35 5.73 -18.98
CA PRO A 2265 67.31 6.35 -18.07
C PRO A 2265 67.04 6.06 -16.61
N ASN A 2266 67.84 6.67 -15.75
CA ASN A 2266 67.49 6.81 -14.35
C ASN A 2266 66.82 8.14 -14.05
N SER A 2267 66.99 9.14 -14.91
CA SER A 2267 66.51 10.48 -14.65
C SER A 2267 65.00 10.56 -14.89
N LYS A 2268 64.45 11.77 -14.82
CA LYS A 2268 63.03 12.01 -14.94
C LYS A 2268 62.67 12.70 -16.26
N ASP A 2269 63.58 12.66 -17.23
CA ASP A 2269 63.38 13.40 -18.48
C ASP A 2269 62.18 12.87 -19.25
N ASN A 2270 62.24 11.62 -19.70
CA ASN A 2270 61.22 11.06 -20.58
C ASN A 2270 59.83 11.13 -19.99
N SER A 2271 59.72 11.44 -18.68
CA SER A 2271 58.42 11.62 -18.07
C SER A 2271 57.59 12.66 -18.81
N VAL A 2272 58.25 13.63 -19.44
CA VAL A 2272 57.51 14.64 -20.20
C VAL A 2272 56.66 13.98 -21.28
N GLY A 2273 57.23 13.02 -22.00
CA GLY A 2273 56.44 12.29 -22.98
C GLY A 2273 55.28 11.55 -22.33
N ILE A 2274 55.52 11.03 -21.13
CA ILE A 2274 54.46 10.39 -20.36
C ILE A 2274 53.31 11.37 -20.15
N GLN A 2275 53.63 12.63 -19.89
CA GLN A 2275 52.59 13.64 -19.72
C GLN A 2275 51.74 13.72 -20.98
N LEU A 2276 52.39 13.66 -22.15
CA LEU A 2276 51.66 13.65 -23.41
C LEU A 2276 50.61 12.55 -23.41
N LEU A 2277 50.96 11.39 -22.87
CA LEU A 2277 50.02 10.28 -22.80
C LEU A 2277 48.75 10.70 -22.07
N GLY A 2278 48.90 11.38 -20.93
CA GLY A 2278 47.73 11.91 -20.25
C GLY A 2278 46.94 12.83 -21.16
N ILE A 2279 47.63 13.74 -21.84
CA ILE A 2279 46.97 14.56 -22.85
C ILE A 2279 46.33 13.67 -23.89
N VAL A 2280 47.06 12.63 -24.32
CA VAL A 2280 46.49 11.66 -25.25
C VAL A 2280 45.30 10.95 -24.60
N MET A 2281 45.42 10.61 -23.31
CA MET A 2281 44.29 10.07 -22.58
C MET A 2281 43.34 11.15 -22.09
N ALA A 2282 43.67 12.42 -22.35
CA ALA A 2282 42.74 13.49 -22.04
C ALA A 2282 41.44 13.33 -22.82
N ASN A 2283 41.50 12.72 -23.99
CA ASN A 2283 40.33 12.47 -24.81
C ASN A 2283 40.18 10.97 -25.05
N ASP A 2284 39.24 10.61 -25.91
CA ASP A 2284 38.92 9.23 -26.22
C ASP A 2284 39.87 8.63 -27.25
N LEU A 2285 41.07 9.17 -27.36
CA LEU A 2285 42.00 8.74 -28.40
C LEU A 2285 42.39 7.28 -28.20
N PRO A 2286 42.66 6.56 -29.28
CA PRO A 2286 43.20 5.22 -29.16
C PRO A 2286 44.48 5.24 -28.35
N PRO A 2287 44.65 4.31 -27.41
CA PRO A 2287 45.85 4.33 -26.57
C PRO A 2287 47.14 4.32 -27.38
N TYR A 2288 47.18 3.53 -28.45
CA TYR A 2288 48.29 3.62 -29.40
C TYR A 2288 47.74 3.14 -30.74
N ASP A 2289 47.34 4.08 -31.59
CA ASP A 2289 46.93 3.73 -32.93
C ASP A 2289 48.17 3.35 -33.73
N PRO A 2290 48.26 2.14 -34.26
CA PRO A 2290 49.40 1.80 -35.13
C PRO A 2290 49.20 2.31 -36.54
N GLN A 2291 49.38 3.62 -36.73
CA GLN A 2291 49.21 4.20 -38.06
C GLN A 2291 50.14 3.55 -39.06
N CYS A 2292 51.32 3.16 -38.61
CA CYS A 2292 52.17 2.22 -39.34
C CYS A 2292 52.48 1.08 -38.39
N GLY A 2293 52.61 1.41 -37.10
CA GLY A 2293 52.90 0.44 -36.08
C GLY A 2293 54.39 0.33 -35.86
N ILE A 2294 54.90 0.84 -34.75
CA ILE A 2294 56.30 0.64 -34.43
C ILE A 2294 56.55 -0.84 -34.14
N GLN A 2295 56.02 -1.32 -33.02
CA GLN A 2295 55.85 -2.75 -32.79
C GLN A 2295 54.50 -3.11 -32.19
N SER A 2296 53.74 -2.14 -31.66
CA SER A 2296 52.41 -2.35 -31.10
C SER A 2296 52.45 -3.24 -29.87
N SER A 2297 53.64 -3.73 -29.51
CA SER A 2297 53.83 -4.57 -28.34
C SER A 2297 54.85 -4.00 -27.39
N GLU A 2298 56.07 -3.72 -27.86
CA GLU A 2298 57.09 -3.06 -27.05
C GLU A 2298 56.82 -1.57 -26.89
N TYR A 2299 55.86 -1.03 -27.64
CA TYR A 2299 55.45 0.35 -27.42
C TYR A 2299 55.05 0.58 -25.97
N PHE A 2300 54.55 -0.46 -25.32
CA PHE A 2300 54.22 -0.43 -23.91
C PHE A 2300 55.28 -1.11 -23.04
N GLN A 2301 56.12 -1.94 -23.65
CA GLN A 2301 57.27 -2.47 -22.92
C GLN A 2301 58.21 -1.34 -22.52
N ALA A 2302 58.28 -0.28 -23.33
CA ALA A 2302 59.05 0.89 -22.92
C ALA A 2302 58.53 1.46 -21.62
N LEU A 2303 57.20 1.52 -21.48
CA LEU A 2303 56.61 2.06 -20.25
C LEU A 2303 56.80 1.12 -19.07
N VAL A 2304 56.61 -0.18 -19.28
CA VAL A 2304 56.82 -1.10 -18.17
C VAL A 2304 58.28 -1.14 -17.77
N ASN A 2305 59.18 -0.79 -18.69
CA ASN A 2305 60.58 -0.58 -18.33
C ASN A 2305 60.74 0.71 -17.52
N ASN A 2306 60.06 1.77 -17.95
CA ASN A 2306 60.08 3.02 -17.22
C ASN A 2306 59.59 2.85 -15.80
N MET A 2307 58.76 1.83 -15.56
CA MET A 2307 58.37 1.47 -14.20
C MET A 2307 59.59 1.32 -13.30
N SER A 2308 60.56 0.51 -13.72
CA SER A 2308 61.68 0.18 -12.86
C SER A 2308 62.50 1.41 -12.50
N PHE A 2309 62.47 2.43 -13.35
CA PHE A 2309 63.29 3.62 -13.12
C PHE A 2309 62.74 4.35 -11.92
N VAL A 2310 63.44 4.26 -10.81
CA VAL A 2310 63.06 4.94 -9.58
C VAL A 2310 64.24 5.82 -9.21
N ARG A 2311 64.26 7.05 -9.73
CA ARG A 2311 65.10 8.07 -9.12
C ARG A 2311 64.34 8.81 -8.04
N TYR A 2312 63.06 9.05 -8.28
CA TYR A 2312 62.14 9.37 -7.19
C TYR A 2312 60.75 9.11 -7.78
N LYS A 2313 59.71 9.38 -6.99
CA LYS A 2313 58.41 8.74 -7.24
C LYS A 2313 57.85 9.06 -8.62
N GLU A 2314 58.06 10.29 -9.10
CA GLU A 2314 57.25 10.81 -10.19
C GLU A 2314 57.24 9.88 -11.39
N VAL A 2315 58.40 9.34 -11.74
CA VAL A 2315 58.56 8.55 -12.96
C VAL A 2315 57.55 7.41 -12.97
N TYR A 2316 57.74 6.45 -12.06
CA TYR A 2316 56.90 5.28 -12.08
C TYR A 2316 55.48 5.61 -11.65
N ALA A 2317 55.32 6.59 -10.76
CA ALA A 2317 53.98 6.98 -10.34
C ALA A 2317 53.12 7.38 -11.53
N ALA A 2318 53.54 8.46 -12.22
CA ALA A 2318 52.76 8.96 -13.35
C ALA A 2318 52.67 7.94 -14.47
N ALA A 2319 53.78 7.22 -14.73
CA ALA A 2319 53.76 6.30 -15.85
C ALA A 2319 52.85 5.11 -15.57
N ALA A 2320 52.84 4.60 -14.34
CA ALA A 2320 51.89 3.55 -14.00
C ALA A 2320 50.47 4.08 -14.02
N GLU A 2321 50.28 5.34 -13.64
CA GLU A 2321 48.97 5.95 -13.77
C GLU A 2321 48.47 5.87 -15.20
N VAL A 2322 49.29 6.32 -16.15
CA VAL A 2322 48.85 6.33 -17.53
C VAL A 2322 48.73 4.90 -18.06
N LEU A 2323 49.56 3.98 -17.57
CA LEU A 2323 49.40 2.58 -17.96
C LEU A 2323 48.05 2.04 -17.54
N GLY A 2324 47.66 2.30 -16.30
CA GLY A 2324 46.35 1.85 -15.86
C GLY A 2324 45.22 2.53 -16.61
N LEU A 2325 45.42 3.80 -16.97
CA LEU A 2325 44.47 4.46 -17.87
C LEU A 2325 44.31 3.66 -19.15
N ILE A 2326 45.43 3.35 -19.80
CA ILE A 2326 45.40 2.62 -21.06
C ILE A 2326 44.74 1.26 -20.87
N LEU A 2327 45.10 0.56 -19.79
CA LEU A 2327 44.51 -0.75 -19.53
C LEU A 2327 43.00 -0.65 -19.38
N ARG A 2328 42.55 0.37 -18.65
CA ARG A 2328 41.12 0.62 -18.57
C ARG A 2328 40.56 1.02 -19.93
N TYR A 2329 41.40 1.58 -20.80
CA TYR A 2329 40.91 2.08 -22.07
C TYR A 2329 41.55 1.33 -23.22
N VAL A 2330 41.57 -0.01 -23.11
CA VAL A 2330 42.00 -0.86 -24.20
C VAL A 2330 41.08 -0.60 -25.38
N MET A 2331 41.60 0.10 -26.39
CA MET A 2331 40.81 0.81 -27.39
C MET A 2331 39.52 1.32 -26.76
N GLU A 2332 39.70 1.96 -25.60
CA GLU A 2332 38.60 2.49 -24.79
C GLU A 2332 37.65 1.37 -24.34
N ARG A 2333 38.24 0.24 -23.94
CA ARG A 2333 37.54 -0.84 -23.23
C ARG A 2333 36.36 -1.37 -24.02
N LYS A 2334 36.65 -1.97 -25.16
CA LYS A 2334 35.65 -2.71 -25.91
C LYS A 2334 36.12 -4.06 -26.43
N ASN A 2335 37.43 -4.25 -26.61
CA ASN A 2335 37.98 -5.56 -26.94
C ASN A 2335 39.18 -5.81 -26.04
N ILE A 2336 39.35 -7.05 -25.63
CA ILE A 2336 40.42 -7.43 -24.72
C ILE A 2336 41.39 -8.31 -25.48
N LEU A 2337 42.50 -7.72 -25.91
CA LEU A 2337 43.61 -8.48 -26.45
C LEU A 2337 44.94 -7.96 -25.94
N GLU A 2338 44.95 -6.91 -25.12
CA GLU A 2338 46.17 -6.38 -24.53
C GLU A 2338 46.52 -7.04 -23.21
N GLU A 2339 46.04 -8.27 -22.98
CA GLU A 2339 46.48 -9.02 -21.83
C GLU A 2339 47.98 -9.25 -21.86
N SER A 2340 48.60 -9.10 -23.04
CA SER A 2340 50.05 -9.05 -23.11
C SER A 2340 50.59 -7.95 -22.21
N LEU A 2341 50.03 -6.75 -22.31
CA LEU A 2341 50.47 -5.64 -21.48
C LEU A 2341 50.14 -5.88 -20.01
N CYS A 2342 48.98 -6.51 -19.76
CA CYS A 2342 48.63 -6.87 -18.39
C CYS A 2342 49.67 -7.82 -17.81
N GLU A 2343 50.14 -8.79 -18.60
CA GLU A 2343 51.19 -9.66 -18.12
C GLU A 2343 52.51 -8.92 -17.97
N LEU A 2344 52.79 -7.98 -18.86
CA LEU A 2344 54.00 -7.17 -18.72
C LEU A 2344 54.03 -6.49 -17.35
N VAL A 2345 52.94 -5.79 -17.02
CA VAL A 2345 52.90 -5.09 -15.74
C VAL A 2345 52.83 -6.08 -14.59
N ALA A 2346 52.17 -7.22 -14.77
CA ALA A 2346 52.12 -8.22 -13.71
C ALA A 2346 53.50 -8.73 -13.37
N LYS A 2347 54.31 -9.01 -14.40
CA LYS A 2347 55.70 -9.39 -14.16
C LYS A 2347 56.45 -8.26 -13.49
N GLN A 2348 56.40 -7.06 -14.08
CA GLN A 2348 57.13 -5.93 -13.52
C GLN A 2348 56.78 -5.71 -12.06
N LEU A 2349 55.55 -5.99 -11.67
CA LEU A 2349 55.20 -5.97 -10.26
C LEU A 2349 55.86 -7.13 -9.53
N LYS A 2350 55.63 -8.35 -9.98
CA LYS A 2350 56.26 -9.50 -9.34
C LYS A 2350 57.77 -9.42 -9.45
N GLN A 2351 58.27 -9.08 -10.63
CA GLN A 2351 59.70 -8.90 -10.81
C GLN A 2351 60.17 -7.69 -10.01
N HIS A 2352 61.26 -7.86 -9.29
CA HIS A 2352 61.98 -6.80 -8.57
C HIS A 2352 61.09 -6.03 -7.60
N GLN A 2353 59.85 -6.46 -7.41
CA GLN A 2353 58.98 -5.83 -6.44
C GLN A 2353 58.14 -6.81 -5.65
N ASN A 2354 58.30 -8.11 -5.88
CA ASN A 2354 58.05 -9.07 -4.82
C ASN A 2354 59.24 -9.19 -3.90
N THR A 2355 60.30 -8.43 -4.17
CA THR A 2355 61.53 -8.39 -3.40
C THR A 2355 61.61 -7.15 -2.52
N MET A 2356 61.51 -5.97 -3.13
CA MET A 2356 61.54 -4.72 -2.38
C MET A 2356 60.14 -4.28 -1.96
N GLU A 2357 59.15 -4.50 -2.82
CA GLU A 2357 57.74 -4.42 -2.47
C GLU A 2357 57.29 -3.03 -2.03
N ASP A 2358 58.21 -2.07 -2.00
CA ASP A 2358 57.81 -0.72 -1.63
C ASP A 2358 57.04 -0.05 -2.77
N LYS A 2359 57.67 0.09 -3.93
CA LYS A 2359 56.99 0.67 -5.08
C LYS A 2359 55.96 -0.28 -5.66
N PHE A 2360 56.06 -1.57 -5.33
CA PHE A 2360 55.05 -2.54 -5.72
C PHE A 2360 53.65 -2.03 -5.40
N ILE A 2361 53.39 -1.78 -4.12
CA ILE A 2361 52.08 -1.32 -3.71
C ILE A 2361 51.78 0.05 -4.32
N VAL A 2362 52.81 0.88 -4.51
CA VAL A 2362 52.59 2.22 -5.03
C VAL A 2362 51.95 2.16 -6.42
N CYS A 2363 52.68 1.60 -7.38
CA CYS A 2363 52.14 1.49 -8.73
C CYS A 2363 50.92 0.59 -8.77
N LEU A 2364 50.86 -0.40 -7.87
CA LEU A 2364 49.69 -1.27 -7.83
C LEU A 2364 48.45 -0.46 -7.52
N ASN A 2365 48.52 0.40 -6.51
CA ASN A 2365 47.39 1.26 -6.17
C ASN A 2365 47.10 2.23 -7.30
N LYS A 2366 48.15 2.77 -7.93
CA LYS A 2366 47.94 3.69 -9.04
C LYS A 2366 47.11 3.05 -10.14
N VAL A 2367 47.56 1.89 -10.62
CA VAL A 2367 46.86 1.23 -11.71
C VAL A 2367 45.49 0.75 -11.25
N THR A 2368 45.38 0.32 -9.99
CA THR A 2368 44.11 -0.18 -9.49
C THR A 2368 43.06 0.92 -9.48
N LYS A 2369 43.45 2.12 -9.05
CA LYS A 2369 42.57 3.28 -9.19
C LYS A 2369 42.22 3.50 -10.65
N SER A 2370 43.22 3.45 -11.52
CA SER A 2370 42.97 3.62 -12.94
C SER A 2370 42.45 2.35 -13.60
N PHE A 2371 42.58 1.19 -12.96
CA PHE A 2371 41.97 -0.03 -13.46
C PHE A 2371 41.84 -1.05 -12.34
N PRO A 2372 40.67 -1.18 -11.73
CA PRO A 2372 40.50 -2.14 -10.64
C PRO A 2372 40.76 -3.58 -11.06
N PRO A 2373 40.11 -4.09 -12.14
CA PRO A 2373 40.12 -5.55 -12.34
C PRO A 2373 41.48 -6.12 -12.72
N LEU A 2374 42.51 -5.84 -11.94
CA LEU A 2374 43.83 -6.39 -12.20
C LEU A 2374 44.48 -6.91 -10.92
N ALA A 2375 44.13 -6.30 -9.79
CA ALA A 2375 44.72 -6.68 -8.51
C ALA A 2375 44.34 -8.09 -8.10
N ASP A 2376 43.35 -8.68 -8.77
CA ASP A 2376 42.98 -10.07 -8.51
C ASP A 2376 44.17 -11.01 -8.63
N ARG A 2377 45.12 -10.69 -9.51
CA ARG A 2377 46.34 -11.48 -9.58
C ARG A 2377 47.19 -11.34 -8.33
N PHE A 2378 46.91 -10.35 -7.49
CA PHE A 2378 47.80 -10.01 -6.38
C PHE A 2378 47.05 -9.95 -5.06
N MET A 2379 45.82 -10.45 -5.03
CA MET A 2379 45.03 -10.42 -3.80
C MET A 2379 45.76 -11.12 -2.67
N ASN A 2380 46.29 -12.31 -2.95
CA ASN A 2380 47.13 -12.98 -1.97
C ASN A 2380 48.34 -12.12 -1.63
N ALA A 2381 48.96 -11.51 -2.63
CA ALA A 2381 50.16 -10.72 -2.40
C ALA A 2381 49.86 -9.53 -1.49
N VAL A 2382 48.81 -8.77 -1.80
CA VAL A 2382 48.49 -7.62 -0.98
C VAL A 2382 48.11 -8.06 0.42
N PHE A 2383 47.34 -9.14 0.55
CA PHE A 2383 47.00 -9.64 1.87
C PHE A 2383 48.24 -9.98 2.67
N PHE A 2384 49.20 -10.66 2.04
CA PHE A 2384 50.41 -11.06 2.74
C PHE A 2384 51.21 -9.85 3.17
N LEU A 2385 51.31 -8.85 2.30
CA LEU A 2385 52.12 -7.68 2.64
C LEU A 2385 51.39 -6.70 3.55
N LEU A 2386 50.09 -6.89 3.79
CA LEU A 2386 49.35 -6.00 4.67
C LEU A 2386 50.07 -5.76 5.99
N PRO A 2387 50.31 -6.79 6.84
CA PRO A 2387 50.84 -6.53 8.17
C PRO A 2387 52.36 -6.33 8.16
N LYS A 2388 52.83 -5.56 7.18
CA LYS A 2388 54.26 -5.37 6.99
C LYS A 2388 54.63 -3.90 6.81
N PHE A 2389 53.68 -2.99 6.88
CA PHE A 2389 53.95 -1.57 6.88
C PHE A 2389 53.22 -0.94 8.05
N HIS A 2390 53.34 0.37 8.17
CA HIS A 2390 52.70 1.08 9.26
C HIS A 2390 52.19 2.46 8.86
N GLY A 2391 52.31 2.87 7.61
CA GLY A 2391 51.99 4.22 7.21
C GLY A 2391 50.97 4.24 6.09
N VAL A 2392 51.09 5.27 5.25
CA VAL A 2392 50.13 5.47 4.17
C VAL A 2392 50.10 4.25 3.25
N LEU A 2393 51.21 3.52 3.17
CA LEU A 2393 51.24 2.29 2.39
C LEU A 2393 50.08 1.39 2.77
N LYS A 2394 49.86 1.23 4.08
CA LYS A 2394 48.70 0.47 4.54
C LYS A 2394 47.42 1.04 3.97
N THR A 2395 47.30 2.37 3.96
CA THR A 2395 46.11 3.00 3.39
C THR A 2395 45.97 2.66 1.92
N LEU A 2396 47.09 2.64 1.19
CA LEU A 2396 47.03 2.27 -0.22
C LEU A 2396 46.54 0.85 -0.39
N CYS A 2397 47.03 -0.07 0.44
CA CYS A 2397 46.56 -1.45 0.36
C CYS A 2397 45.07 -1.54 0.65
N LEU A 2398 44.61 -0.79 1.66
CA LEU A 2398 43.18 -0.78 1.97
C LEU A 2398 42.37 -0.28 0.79
N GLU A 2399 42.85 0.79 0.14
CA GLU A 2399 42.15 1.30 -1.04
C GLU A 2399 42.08 0.25 -2.13
N VAL A 2400 43.20 -0.43 -2.39
CA VAL A 2400 43.22 -1.46 -3.42
C VAL A 2400 42.20 -2.55 -3.09
N VAL A 2401 42.17 -2.98 -1.84
CA VAL A 2401 41.18 -3.98 -1.43
C VAL A 2401 39.78 -3.45 -1.68
N LEU A 2402 39.56 -2.18 -1.39
CA LEU A 2402 38.25 -1.58 -1.62
C LEU A 2402 37.87 -1.66 -3.09
N CYS A 2403 38.85 -1.50 -3.98
CA CYS A 2403 38.53 -1.56 -5.40
C CYS A 2403 38.07 -2.92 -5.85
N ARG A 2404 38.25 -3.96 -5.04
CA ARG A 2404 37.86 -5.31 -5.39
C ARG A 2404 36.51 -5.60 -4.76
N VAL A 2405 35.48 -5.66 -5.59
CA VAL A 2405 34.15 -6.08 -5.19
C VAL A 2405 33.87 -7.52 -5.55
N GLU A 2406 34.32 -7.94 -6.73
CA GLU A 2406 34.37 -9.36 -7.04
C GLU A 2406 35.35 -10.11 -6.13
N GLY A 2407 36.20 -9.38 -5.41
CA GLY A 2407 37.18 -9.95 -4.52
C GLY A 2407 36.70 -10.32 -3.14
N MET A 2408 35.47 -9.95 -2.77
CA MET A 2408 34.93 -10.35 -1.47
C MET A 2408 34.10 -11.63 -1.55
N THR A 2409 34.49 -12.58 -2.40
CA THR A 2409 33.93 -13.92 -2.30
C THR A 2409 34.06 -14.46 -0.88
N GLU A 2410 35.31 -14.66 -0.44
CA GLU A 2410 35.61 -14.82 0.97
C GLU A 2410 36.80 -13.91 1.28
N LEU A 2411 36.59 -12.96 2.17
CA LEU A 2411 37.64 -12.09 2.66
C LEU A 2411 37.64 -11.95 4.17
N TYR A 2412 36.51 -12.21 4.83
CA TYR A 2412 36.40 -11.93 6.26
C TYR A 2412 37.49 -12.64 7.04
N PHE A 2413 37.79 -13.89 6.68
CA PHE A 2413 38.88 -14.58 7.34
C PHE A 2413 40.21 -13.91 7.08
N GLN A 2414 40.41 -13.39 5.86
CA GLN A 2414 41.63 -12.64 5.60
C GLN A 2414 41.70 -11.39 6.46
N LEU A 2415 40.58 -10.68 6.59
CA LEU A 2415 40.57 -9.45 7.38
C LEU A 2415 40.85 -9.74 8.84
N LYS A 2416 40.11 -10.68 9.42
CA LYS A 2416 40.29 -11.00 10.83
C LYS A 2416 41.67 -11.56 11.09
N SER A 2417 42.14 -12.44 10.20
CA SER A 2417 43.49 -12.97 10.32
C SER A 2417 44.52 -11.87 10.20
N LYS A 2418 44.35 -10.98 9.22
CA LYS A 2418 45.22 -9.83 9.10
C LYS A 2418 44.89 -8.75 10.10
N ASP A 2419 43.95 -9.03 11.02
CA ASP A 2419 43.60 -8.11 12.11
C ASP A 2419 43.16 -6.76 11.56
N PHE A 2420 42.31 -6.81 10.53
CA PHE A 2420 41.74 -5.59 9.99
C PHE A 2420 41.07 -4.78 11.07
N VAL A 2421 40.45 -5.45 12.04
CA VAL A 2421 39.81 -4.75 13.14
C VAL A 2421 40.78 -3.85 13.86
N GLN A 2422 42.06 -4.23 13.93
CA GLN A 2422 43.03 -3.48 14.70
C GLN A 2422 43.36 -2.16 14.02
N VAL A 2423 43.88 -2.22 12.79
CA VAL A 2423 44.16 -1.00 12.05
C VAL A 2423 42.90 -0.18 11.89
N MET A 2424 41.76 -0.85 11.76
CA MET A 2424 40.47 -0.19 11.75
C MET A 2424 40.24 0.60 13.04
N ARG A 2425 40.72 0.07 14.17
CA ARG A 2425 40.48 0.74 15.45
C ARG A 2425 41.22 2.07 15.53
N HIS A 2426 42.46 2.11 15.08
CA HIS A 2426 43.20 3.36 15.11
C HIS A 2426 42.56 4.37 14.17
N ARG A 2427 42.34 5.58 14.66
CA ARG A 2427 41.62 6.60 13.90
C ARG A 2427 42.59 7.32 12.98
N ASP A 2428 42.52 6.98 11.69
CA ASP A 2428 43.10 7.80 10.63
C ASP A 2428 41.98 8.02 9.63
N ASP A 2429 41.54 9.28 9.52
CA ASP A 2429 40.28 9.58 8.85
C ASP A 2429 40.21 8.95 7.46
N GLU A 2430 41.30 9.01 6.70
CA GLU A 2430 41.33 8.35 5.41
C GLU A 2430 41.23 6.84 5.56
N ARG A 2431 42.00 6.27 6.49
CA ARG A 2431 41.92 4.83 6.74
C ARG A 2431 40.55 4.46 7.27
N GLN A 2432 40.03 5.26 8.19
CA GLN A 2432 38.73 4.93 8.75
C GLN A 2432 37.66 4.96 7.68
N LYS A 2433 37.70 5.97 6.82
CA LYS A 2433 36.72 6.05 5.73
C LYS A 2433 36.83 4.86 4.80
N VAL A 2434 38.04 4.52 4.39
CA VAL A 2434 38.17 3.44 3.42
C VAL A 2434 37.75 2.11 4.04
N CYS A 2435 38.11 1.90 5.31
CA CYS A 2435 37.65 0.69 6.00
C CYS A 2435 36.14 0.65 6.08
N LEU A 2436 35.52 1.80 6.37
CA LEU A 2436 34.07 1.83 6.46
C LEU A 2436 33.42 1.52 5.14
N ASP A 2437 33.97 2.06 4.04
CA ASP A 2437 33.40 1.77 2.74
C ASP A 2437 33.57 0.29 2.38
N ILE A 2438 34.74 -0.26 2.70
CA ILE A 2438 34.96 -1.68 2.48
C ILE A 2438 33.93 -2.49 3.24
N ILE A 2439 33.72 -2.14 4.50
CA ILE A 2439 32.76 -2.86 5.32
C ILE A 2439 31.38 -2.74 4.73
N TYR A 2440 31.01 -1.53 4.31
CA TYR A 2440 29.67 -1.32 3.77
C TYR A 2440 29.45 -2.16 2.53
N LYS A 2441 30.45 -2.24 1.66
CA LYS A 2441 30.34 -3.07 0.48
C LYS A 2441 30.23 -4.54 0.86
N MET A 2442 31.02 -4.97 1.84
CA MET A 2442 31.10 -6.39 2.15
C MET A 2442 29.87 -6.89 2.88
N MET A 2443 29.39 -6.12 3.84
CA MET A 2443 28.44 -6.53 4.86
C MET A 2443 27.12 -7.09 4.33
N PRO A 2444 26.67 -6.77 3.11
CA PRO A 2444 25.58 -7.57 2.55
C PRO A 2444 25.91 -9.04 2.51
N LYS A 2445 27.17 -9.38 2.25
CA LYS A 2445 27.58 -10.78 2.21
C LYS A 2445 27.86 -11.37 3.59
N LEU A 2446 28.02 -10.52 4.61
CA LEU A 2446 28.47 -11.03 5.89
C LEU A 2446 27.36 -11.82 6.60
N LYS A 2447 27.79 -12.75 7.43
CA LYS A 2447 26.89 -13.51 8.29
C LYS A 2447 26.62 -12.73 9.57
N PRO A 2448 25.42 -12.88 10.15
CA PRO A 2448 25.11 -12.14 11.38
C PRO A 2448 26.08 -12.46 12.51
N VAL A 2449 26.55 -13.71 12.59
CA VAL A 2449 27.46 -14.08 13.65
C VAL A 2449 28.73 -13.24 13.58
N GLU A 2450 29.35 -13.16 12.40
CA GLU A 2450 30.52 -12.31 12.24
C GLU A 2450 30.12 -10.84 12.26
N LEU A 2451 28.88 -10.54 11.88
CA LEU A 2451 28.40 -9.16 11.90
C LEU A 2451 28.47 -8.59 13.31
N ARG A 2452 28.10 -9.38 14.31
CA ARG A 2452 28.09 -8.87 15.68
C ARG A 2452 29.47 -8.39 16.11
N GLU A 2453 30.47 -9.24 15.95
CA GLU A 2453 31.80 -8.91 16.44
C GLU A 2453 32.54 -7.98 15.51
N LEU A 2454 32.06 -7.82 14.27
CA LEU A 2454 32.58 -6.75 13.44
C LEU A 2454 31.98 -5.41 13.86
N LEU A 2455 30.71 -5.43 14.26
CA LEU A 2455 30.01 -4.21 14.58
C LEU A 2455 30.41 -3.65 15.94
N ASN A 2456 30.68 -4.54 16.91
CA ASN A 2456 31.03 -4.08 18.25
C ASN A 2456 32.20 -3.09 18.25
N PRO A 2457 33.31 -3.32 17.53
CA PRO A 2457 34.32 -2.27 17.42
C PRO A 2457 33.94 -1.16 16.48
N VAL A 2458 32.94 -1.37 15.62
CA VAL A 2458 32.49 -0.30 14.73
C VAL A 2458 31.85 0.82 15.54
N VAL A 2459 30.92 0.45 16.42
CA VAL A 2459 30.05 1.42 17.07
C VAL A 2459 30.81 2.47 17.84
N GLU A 2460 32.04 2.19 18.23
CA GLU A 2460 32.81 3.14 19.02
C GLU A 2460 33.17 4.41 18.26
N PHE A 2461 33.02 4.42 16.93
CA PHE A 2461 33.38 5.60 16.17
C PHE A 2461 32.49 6.79 16.47
N VAL A 2462 31.36 6.58 17.15
CA VAL A 2462 30.55 7.68 17.61
C VAL A 2462 31.41 8.59 18.48
N SER A 2463 31.05 9.87 18.51
CA SER A 2463 31.79 10.89 19.25
C SER A 2463 33.21 11.06 18.72
N HIS A 2464 33.44 10.71 17.47
CA HIS A 2464 34.76 11.00 16.97
C HIS A 2464 34.70 12.17 15.99
N PRO A 2465 35.65 13.09 16.07
CA PRO A 2465 35.57 14.30 15.22
C PRO A 2465 35.84 14.00 13.76
N SER A 2466 34.95 13.23 13.13
CA SER A 2466 35.02 13.01 11.68
C SER A 2466 33.60 12.80 11.20
N THR A 2467 32.98 13.87 10.72
CA THR A 2467 31.61 13.78 10.25
C THR A 2467 31.48 12.79 9.10
N THR A 2468 32.50 12.70 8.26
CA THR A 2468 32.45 11.79 7.12
C THR A 2468 32.36 10.34 7.59
N CYS A 2469 33.25 9.95 8.51
CA CYS A 2469 33.23 8.59 8.99
C CYS A 2469 31.94 8.29 9.74
N ARG A 2470 31.45 9.25 10.51
CA ARG A 2470 30.18 9.06 11.20
C ARG A 2470 29.04 8.88 10.21
N GLU A 2471 29.06 9.64 9.12
CA GLU A 2471 28.04 9.49 8.10
C GLU A 2471 28.09 8.12 7.46
N GLN A 2472 29.31 7.63 7.17
CA GLN A 2472 29.44 6.29 6.61
C GLN A 2472 28.93 5.24 7.59
N MET A 2473 29.28 5.39 8.86
CA MET A 2473 28.65 4.67 9.95
C MET A 2473 27.14 4.59 9.74
N TYR A 2474 26.52 5.76 9.61
CA TYR A 2474 25.07 5.82 9.59
C TYR A 2474 24.52 5.15 8.35
N ASN A 2475 25.27 5.21 7.24
CA ASN A 2475 24.87 4.45 6.06
C ASN A 2475 24.87 2.96 6.35
N ILE A 2476 25.91 2.49 7.05
CA ILE A 2476 25.98 1.08 7.41
C ILE A 2476 24.79 0.71 8.28
N LEU A 2477 24.49 1.55 9.26
CA LEU A 2477 23.38 1.28 10.17
C LEU A 2477 22.04 1.33 9.44
N MET A 2478 21.91 2.23 8.47
CA MET A 2478 20.77 2.23 7.57
C MET A 2478 20.60 0.87 6.91
N TRP A 2479 21.67 0.36 6.32
CA TRP A 2479 21.63 -0.94 5.68
C TRP A 2479 21.14 -1.99 6.66
N ILE A 2480 21.76 -2.02 7.85
CA ILE A 2480 21.44 -3.03 8.84
C ILE A 2480 19.97 -2.95 9.23
N HIS A 2481 19.52 -1.77 9.61
CA HIS A 2481 18.19 -1.61 10.15
C HIS A 2481 17.14 -1.96 9.11
N ASP A 2482 17.31 -1.46 7.89
CA ASP A 2482 16.35 -1.80 6.85
C ASP A 2482 16.38 -3.28 6.52
N ASN A 2483 17.52 -3.93 6.73
CA ASN A 2483 17.65 -5.34 6.40
C ASN A 2483 17.58 -6.25 7.61
N TYR A 2484 17.31 -5.70 8.80
CA TYR A 2484 17.13 -6.51 10.00
C TYR A 2484 15.99 -5.91 10.81
N ARG A 2485 14.77 -6.39 10.57
CA ARG A 2485 13.61 -5.99 11.34
C ARG A 2485 12.65 -7.17 11.47
N ASP A 2492 16.61 -14.49 14.12
CA ASP A 2492 17.85 -14.85 14.79
C ASP A 2492 18.12 -13.94 15.97
N ASN A 2493 18.41 -14.55 17.12
CA ASN A 2493 18.79 -13.78 18.30
C ASN A 2493 20.04 -12.97 18.05
N ASP A 2494 20.96 -13.47 17.24
CA ASP A 2494 22.08 -12.65 16.80
C ASP A 2494 21.59 -11.48 15.97
N SER A 2495 20.66 -11.74 15.05
CA SER A 2495 20.10 -10.65 14.26
C SER A 2495 19.35 -9.67 15.14
N GLN A 2496 18.62 -10.17 16.13
CA GLN A 2496 17.91 -9.29 17.05
C GLN A 2496 18.89 -8.43 17.85
N GLU A 2497 19.98 -9.02 18.32
CA GLU A 2497 21.01 -8.26 19.02
C GLU A 2497 21.58 -7.17 18.13
N ILE A 2498 21.88 -7.53 16.88
CA ILE A 2498 22.41 -6.56 15.93
C ILE A 2498 21.42 -5.42 15.73
N PHE A 2499 20.15 -5.75 15.56
CA PHE A 2499 19.14 -4.74 15.33
C PHE A 2499 19.01 -3.81 16.53
N LYS A 2500 19.02 -4.37 17.73
CA LYS A 2500 18.94 -3.55 18.94
C LYS A 2500 20.13 -2.60 19.02
N LEU A 2501 21.33 -3.12 18.76
CA LEU A 2501 22.51 -2.28 18.82
C LEU A 2501 22.44 -1.17 17.79
N ALA A 2502 22.01 -1.51 16.57
CA ALA A 2502 21.92 -0.50 15.51
C ALA A 2502 20.90 0.57 15.86
N LYS A 2503 19.75 0.16 16.38
CA LYS A 2503 18.74 1.14 16.76
C LYS A 2503 19.27 2.06 17.86
N ASP A 2504 19.97 1.48 18.84
CA ASP A 2504 20.53 2.29 19.91
C ASP A 2504 21.52 3.31 19.36
N VAL A 2505 22.45 2.86 18.54
CA VAL A 2505 23.47 3.79 18.07
C VAL A 2505 22.85 4.84 17.17
N LEU A 2506 21.84 4.48 16.39
CA LEU A 2506 21.14 5.49 15.59
C LEU A 2506 20.49 6.53 16.48
N ILE A 2507 19.77 6.07 17.51
CA ILE A 2507 19.12 6.98 18.44
C ILE A 2507 20.14 7.94 19.03
N GLN A 2508 21.30 7.42 19.42
CA GLN A 2508 22.38 8.30 19.84
C GLN A 2508 22.76 9.27 18.73
N GLY A 2509 22.80 8.78 17.50
CA GLY A 2509 23.19 9.58 16.35
C GLY A 2509 22.23 10.70 16.02
N LEU A 2510 21.03 10.68 16.58
CA LEU A 2510 20.13 11.82 16.38
C LEU A 2510 20.79 13.14 16.76
N ILE A 2511 21.60 13.14 17.82
CA ILE A 2511 22.23 14.36 18.31
C ILE A 2511 23.71 14.30 17.96
N ASP A 2512 24.15 15.22 17.11
CA ASP A 2512 25.55 15.34 16.71
C ASP A 2512 25.90 16.81 16.57
N GLU A 2513 27.20 17.10 16.58
CA GLU A 2513 27.64 18.48 16.38
C GLU A 2513 27.23 18.99 15.01
N ASN A 2514 27.40 18.17 13.97
CA ASN A 2514 27.02 18.60 12.64
C ASN A 2514 25.51 18.57 12.51
N PRO A 2515 24.87 19.71 12.21
CA PRO A 2515 23.44 19.67 11.89
C PRO A 2515 23.13 18.91 10.62
N GLY A 2516 24.12 18.72 9.73
CA GLY A 2516 23.88 17.90 8.56
C GLY A 2516 23.57 16.46 8.91
N LEU A 2517 24.35 15.90 9.84
CA LEU A 2517 24.06 14.55 10.31
C LEU A 2517 22.70 14.49 10.97
N GLN A 2518 22.39 15.48 11.80
CA GLN A 2518 21.09 15.52 12.45
C GLN A 2518 19.98 15.53 11.42
N LEU A 2519 20.10 16.38 10.41
CA LEU A 2519 19.08 16.48 9.38
C LEU A 2519 18.93 15.16 8.64
N ILE A 2520 20.04 14.56 8.24
CA ILE A 2520 19.93 13.38 7.39
C ILE A 2520 19.37 12.21 8.18
N ILE A 2521 19.77 12.06 9.45
CA ILE A 2521 19.23 10.97 10.24
C ILE A 2521 17.76 11.22 10.53
N ARG A 2522 17.37 12.48 10.69
CA ARG A 2522 15.96 12.79 10.87
C ARG A 2522 15.17 12.45 9.62
N ASN A 2523 15.73 12.72 8.45
CA ASN A 2523 15.07 12.33 7.21
C ASN A 2523 14.91 10.82 7.13
N PHE A 2524 15.96 10.09 7.50
CA PHE A 2524 15.90 8.64 7.52
C PHE A 2524 14.78 8.15 8.42
N TRP A 2525 14.75 8.65 9.65
CA TRP A 2525 13.78 8.14 10.61
C TRP A 2525 12.36 8.54 10.25
N SER A 2526 12.19 9.78 9.83
CA SER A 2526 10.87 10.29 9.44
C SER A 2526 10.32 9.60 8.20
N HIS A 2527 11.16 8.86 7.47
CA HIS A 2527 10.68 8.12 6.32
C HIS A 2527 9.61 7.12 6.73
N GLU A 2528 8.60 6.97 5.87
CA GLU A 2528 7.45 6.14 6.22
C GLU A 2528 7.84 4.70 6.47
N THR A 2529 8.94 4.24 5.89
CA THR A 2529 9.42 2.91 6.21
C THR A 2529 9.88 2.83 7.66
N ARG A 2530 10.62 3.83 8.11
CA ARG A 2530 11.07 3.87 9.49
C ARG A 2530 10.04 4.43 10.44
N LEU A 2531 8.96 5.00 9.94
CA LEU A 2531 7.94 5.51 10.82
C LEU A 2531 6.57 5.36 10.17
N PRO A 2532 5.60 4.76 10.85
CA PRO A 2532 4.32 4.48 10.21
C PRO A 2532 3.66 5.76 9.70
N SER A 2533 3.08 5.66 8.50
CA SER A 2533 2.47 6.83 7.88
C SER A 2533 1.27 7.32 8.65
N ASN A 2534 0.56 6.43 9.34
CA ASN A 2534 -0.52 6.87 10.21
C ASN A 2534 0.06 7.68 11.36
N THR A 2535 -0.56 8.83 11.63
CA THR A 2535 -0.08 9.69 12.69
C THR A 2535 -0.13 8.98 14.03
N LEU A 2536 -1.26 8.34 14.32
CA LEU A 2536 -1.38 7.59 15.56
C LEU A 2536 -0.36 6.46 15.60
N ASP A 2537 -0.21 5.75 14.50
CA ASP A 2537 0.76 4.66 14.46
C ASP A 2537 2.18 5.20 14.55
N ARG A 2538 2.44 6.34 13.93
CA ARG A 2538 3.76 6.96 14.06
C ARG A 2538 4.05 7.27 15.52
N LEU A 2539 3.08 7.86 16.22
CA LEU A 2539 3.26 8.18 17.63
C LEU A 2539 3.47 6.91 18.44
N LEU A 2540 2.70 5.87 18.15
CA LEU A 2540 2.84 4.62 18.90
C LEU A 2540 4.20 3.99 18.68
N ALA A 2541 4.72 4.09 17.45
CA ALA A 2541 6.00 3.48 17.15
C ALA A 2541 7.14 4.26 17.77
N LEU A 2542 7.07 5.59 17.74
CA LEU A 2542 8.20 6.39 18.21
C LEU A 2542 8.45 6.22 19.70
N ASN A 2543 7.50 5.67 20.45
CA ASN A 2543 7.72 5.46 21.88
C ASN A 2543 8.92 4.56 22.10
N SER A 2544 9.04 3.49 21.32
CA SER A 2544 10.21 2.63 21.40
C SER A 2544 11.48 3.39 21.09
N LEU A 2545 11.38 4.45 20.27
CA LEU A 2545 12.54 5.22 19.85
C LEU A 2545 12.99 6.10 21.02
N TYR A 2546 13.52 5.44 22.04
CA TYR A 2546 13.98 6.18 23.21
C TYR A 2546 15.14 5.45 23.86
N SER A 2547 16.13 6.22 24.30
CA SER A 2547 17.17 5.79 25.21
C SER A 2547 17.28 6.82 26.31
N PRO A 2548 17.68 6.43 27.51
CA PRO A 2548 17.84 7.43 28.56
C PRO A 2548 19.13 8.21 28.41
N LYS A 2549 19.46 8.51 27.17
CA LYS A 2549 20.53 9.42 26.82
C LYS A 2549 20.06 10.50 25.85
N ILE A 2550 19.18 10.15 24.92
CA ILE A 2550 18.46 11.15 24.12
C ILE A 2550 17.17 11.44 24.89
N GLU A 2551 17.30 12.24 25.91
CA GLU A 2551 16.19 12.52 26.81
C GLU A 2551 15.90 14.00 26.92
N VAL A 2552 16.93 14.84 26.93
CA VAL A 2552 16.71 16.27 26.97
C VAL A 2552 15.97 16.73 25.73
N HIS A 2553 16.40 16.27 24.56
CA HIS A 2553 15.80 16.66 23.31
C HIS A 2553 14.70 15.72 22.86
N PHE A 2554 14.43 14.68 23.65
CA PHE A 2554 13.54 13.61 23.25
C PHE A 2554 12.19 14.12 22.77
N LEU A 2555 11.46 14.79 23.66
CA LEU A 2555 10.11 15.24 23.30
C LEU A 2555 10.14 16.21 22.14
N SER A 2556 11.13 17.10 22.12
CA SER A 2556 11.25 18.03 21.01
C SER A 2556 11.44 17.27 19.70
N LEU A 2557 12.28 16.24 19.72
CA LEU A 2557 12.50 15.46 18.51
C LEU A 2557 11.22 14.77 18.08
N ALA A 2558 10.46 14.25 19.04
CA ALA A 2558 9.19 13.61 18.70
C ALA A 2558 8.24 14.61 18.05
N THR A 2559 8.17 15.81 18.59
CA THR A 2559 7.32 16.83 18.00
C THR A 2559 7.75 17.11 16.57
N ASN A 2560 9.04 17.43 16.38
CA ASN A 2560 9.54 17.70 15.04
C ASN A 2560 9.23 16.56 14.10
N PHE A 2561 9.28 15.33 14.61
CA PHE A 2561 8.86 14.19 13.82
C PHE A 2561 7.42 14.34 13.39
N LEU A 2562 6.55 14.71 14.32
CA LEU A 2562 5.14 14.82 14.03
C LEU A 2562 4.79 16.03 13.18
N LEU A 2563 5.73 16.96 12.99
CA LEU A 2563 5.39 18.22 12.34
C LEU A 2563 5.75 18.24 10.86
N GLU A 2564 7.01 18.02 10.51
CA GLU A 2564 7.37 17.95 9.09
C GLU A 2564 6.56 16.90 8.35
N MET A 2565 6.12 15.84 9.04
CA MET A 2565 5.21 14.90 8.40
C MET A 2565 3.84 15.52 8.16
N THR A 2566 3.46 16.49 8.98
CA THR A 2566 2.18 17.16 8.83
C THR A 2566 2.25 18.15 7.66
N SER A 2567 2.56 17.60 6.50
CA SER A 2567 2.80 18.44 5.33
C SER A 2567 1.87 18.04 4.20
N MET A 2568 1.52 16.76 4.15
CA MET A 2568 0.64 16.27 3.10
C MET A 2568 -0.79 16.73 3.27
N SER A 2569 -1.11 17.36 4.39
CA SER A 2569 -2.44 17.93 4.56
C SER A 2569 -2.65 19.00 3.50
N PRO A 2570 -3.72 18.91 2.71
CA PRO A 2570 -3.92 19.90 1.65
C PRO A 2570 -4.04 21.33 2.16
N ASP A 2571 -4.63 21.53 3.33
CA ASP A 2571 -4.75 22.86 3.90
C ASP A 2571 -3.47 23.34 4.55
N TYR A 2572 -2.52 22.44 4.79
CA TYR A 2572 -1.25 22.82 5.38
C TYR A 2572 -0.56 23.96 4.64
N PRO A 2573 -0.48 23.96 3.30
CA PRO A 2573 0.02 25.17 2.62
C PRO A 2573 -1.09 26.16 2.35
N ASN A 2574 -2.20 26.02 3.06
CA ASN A 2574 -3.32 26.91 2.76
C ASN A 2574 -3.55 27.89 3.91
N PRO A 2575 -4.12 29.06 3.62
CA PRO A 2575 -4.20 30.12 4.62
C PRO A 2575 -5.13 29.75 5.77
N MET A 2576 -5.01 30.54 6.84
CA MET A 2576 -5.94 30.41 7.96
C MET A 2576 -7.37 30.69 7.52
N PHE A 2577 -7.56 31.74 6.73
CA PHE A 2577 -8.90 32.13 6.31
C PHE A 2577 -8.83 32.70 4.91
N GLU A 2578 -9.98 32.71 4.25
CA GLU A 2578 -10.09 33.35 2.94
C GLU A 2578 -10.54 34.79 3.04
N HIS A 2579 -11.13 35.18 4.16
CA HIS A 2579 -11.57 36.56 4.34
C HIS A 2579 -10.45 37.36 4.95
N PRO A 2580 -9.91 38.36 4.24
CA PRO A 2580 -9.01 39.30 4.90
C PRO A 2580 -9.74 40.05 5.99
N LEU A 2581 -8.96 40.63 6.92
CA LEU A 2581 -9.56 41.35 8.03
C LEU A 2581 -10.47 42.46 7.52
N SER A 2582 -10.02 43.19 6.51
CA SER A 2582 -10.82 44.23 5.87
C SER A 2582 -10.17 44.54 4.53
N GLU A 2583 -10.62 45.64 3.91
CA GLU A 2583 -10.06 46.08 2.63
C GLU A 2583 -8.72 46.74 2.89
N CYS A 2584 -7.65 45.98 2.70
CA CYS A 2584 -6.29 46.49 2.87
C CYS A 2584 -5.37 45.75 1.91
N GLU A 2585 -4.40 46.46 1.37
CA GLU A 2585 -3.40 45.86 0.49
C GLU A 2585 -2.15 45.56 1.30
N PHE A 2586 -1.81 44.27 1.38
CA PHE A 2586 -0.63 43.84 2.14
C PHE A 2586 0.51 43.65 1.15
N GLN A 2587 1.25 44.73 0.90
CA GLN A 2587 2.44 44.63 0.07
C GLN A 2587 3.55 43.95 0.86
N GLU A 2588 4.54 43.44 0.13
CA GLU A 2588 5.58 42.61 0.74
C GLU A 2588 6.33 43.39 1.81
N TYR A 2589 6.64 42.69 2.91
CA TYR A 2589 7.40 43.24 4.01
C TYR A 2589 8.65 42.41 4.24
N THR A 2590 9.81 43.05 4.30
CA THR A 2590 11.08 42.36 4.44
C THR A 2590 11.76 42.77 5.73
N ILE A 2591 12.56 41.84 6.28
CA ILE A 2591 13.33 42.06 7.50
C ILE A 2591 14.77 41.66 7.23
N ASP A 2592 15.69 42.28 7.96
CA ASP A 2592 17.11 41.97 7.88
C ASP A 2592 17.62 41.58 9.26
N SER A 2593 18.55 40.63 9.28
CA SER A 2593 19.21 40.18 10.51
C SER A 2593 20.71 40.09 10.23
N ASP A 2594 21.41 41.20 10.45
CA ASP A 2594 22.86 41.23 10.31
C ASP A 2594 23.50 41.21 11.69
N TRP A 2595 24.82 41.13 11.70
CA TRP A 2595 25.51 41.20 12.98
C TRP A 2595 25.49 42.60 13.57
N ARG A 2596 24.72 43.51 12.98
CA ARG A 2596 24.59 44.87 13.47
C ARG A 2596 23.22 45.05 14.12
N PHE A 2597 23.22 45.60 15.34
CA PHE A 2597 21.99 45.81 16.09
C PHE A 2597 21.87 47.25 16.58
N ARG A 2598 20.94 47.46 17.50
CA ARG A 2598 20.79 48.73 18.21
C ARG A 2598 21.91 48.79 19.24
N SER A 2599 21.78 49.66 20.25
CA SER A 2599 22.75 49.64 21.34
C SER A 2599 24.15 50.00 20.87
N THR A 2600 24.38 51.30 20.67
CA THR A 2600 25.65 51.92 20.27
C THR A 2600 26.00 51.74 18.81
N VAL A 2601 25.11 52.16 17.93
CA VAL A 2601 25.46 52.63 16.60
C VAL A 2601 24.98 54.07 16.49
N LEU A 2602 25.85 54.96 16.02
CA LEU A 2602 25.53 56.38 16.12
C LEU A 2602 26.26 57.17 15.05
N THR A 2603 25.74 58.35 14.76
CA THR A 2603 26.36 59.30 13.85
C THR A 2603 26.48 60.67 14.50
N GLY A 2721 36.92 27.65 -22.88
CA GLY A 2721 37.13 27.94 -24.28
C GLY A 2721 37.59 29.36 -24.54
N ARG A 2722 37.54 30.20 -23.52
CA ARG A 2722 37.93 31.59 -23.64
C ARG A 2722 38.95 32.04 -22.60
N THR A 2723 39.14 31.29 -21.52
CA THR A 2723 40.17 31.62 -20.53
C THR A 2723 41.57 31.33 -21.03
N ASP A 2724 41.70 30.72 -22.21
CA ASP A 2724 43.02 30.44 -22.76
C ASP A 2724 43.86 31.70 -22.86
N LEU A 2725 43.23 32.84 -23.17
CA LEU A 2725 43.95 34.11 -23.13
C LEU A 2725 44.37 34.46 -21.71
N LEU A 2726 43.50 34.19 -20.74
CA LEU A 2726 43.82 34.49 -19.34
C LEU A 2726 45.03 33.67 -18.88
N ARG A 2727 45.02 32.38 -19.18
CA ARG A 2727 46.17 31.55 -18.83
C ARG A 2727 47.39 31.92 -19.64
N LEU A 2728 47.18 32.37 -20.88
CA LEU A 2728 48.26 32.86 -21.71
C LEU A 2728 49.00 34.00 -21.03
N ARG A 2729 48.26 35.03 -20.61
CA ARG A 2729 48.89 36.19 -19.99
C ARG A 2729 49.26 35.94 -18.53
N ARG A 2730 48.74 34.88 -17.91
CA ARG A 2730 49.09 34.60 -16.52
C ARG A 2730 50.53 34.12 -16.42
N ARG A 2731 51.00 33.36 -17.41
CA ARG A 2731 52.33 32.77 -17.38
C ARG A 2731 53.41 33.74 -17.84
N PHE A 2732 53.08 35.02 -18.00
CA PHE A 2732 54.07 35.99 -18.42
C PHE A 2732 55.11 36.28 -17.35
N MET A 2733 54.90 35.79 -16.13
CA MET A 2733 55.85 35.87 -15.04
C MET A 2733 57.08 35.03 -15.26
N ARG A 2734 57.18 34.39 -16.42
CA ARG A 2734 58.28 33.50 -16.71
C ARG A 2734 59.63 34.20 -16.72
N ASP A 2735 59.66 35.52 -16.58
CA ASP A 2735 60.92 36.23 -16.45
C ASP A 2735 61.45 36.13 -15.02
N GLN A 2736 61.52 34.91 -14.51
CA GLN A 2736 62.11 34.60 -13.21
C GLN A 2736 61.43 35.40 -12.09
N GLU A 2737 60.12 35.22 -12.00
CA GLU A 2737 59.34 35.81 -10.92
C GLU A 2737 59.20 34.86 -9.74
N LYS A 2738 59.86 33.69 -9.81
CA LYS A 2738 59.67 32.67 -8.79
C LYS A 2738 59.97 33.18 -7.39
N LEU A 2739 61.09 33.90 -7.23
CA LEU A 2739 61.36 34.52 -5.94
C LEU A 2739 60.32 35.58 -5.61
N SER A 2740 59.95 36.41 -6.58
CA SER A 2740 58.89 37.37 -6.34
C SER A 2740 57.56 36.66 -6.12
N LEU A 2741 57.38 35.49 -6.73
CA LEU A 2741 56.21 34.67 -6.44
C LEU A 2741 56.20 34.23 -4.97
N MET A 2742 57.35 33.79 -4.47
CA MET A 2742 57.49 33.53 -3.04
C MET A 2742 57.08 34.75 -2.23
N TYR A 2743 57.58 35.92 -2.62
CA TYR A 2743 57.35 37.12 -1.82
C TYR A 2743 55.88 37.49 -1.77
N ALA A 2744 55.22 37.47 -2.94
CA ALA A 2744 53.79 37.72 -2.97
C ALA A 2744 53.03 36.68 -2.17
N ARG A 2745 53.42 35.40 -2.32
CA ARG A 2745 52.80 34.34 -1.53
C ARG A 2745 52.86 34.65 -0.06
N LYS A 2746 54.04 34.99 0.43
CA LYS A 2746 54.20 35.13 1.88
C LYS A 2746 53.52 36.39 2.38
N GLY A 2747 53.59 37.48 1.61
CA GLY A 2747 52.89 38.69 2.01
C GLY A 2747 51.40 38.48 2.12
N VAL A 2748 50.81 37.89 1.08
CA VAL A 2748 49.39 37.58 1.17
C VAL A 2748 49.13 36.53 2.23
N ALA A 2749 50.15 35.76 2.63
CA ALA A 2749 49.98 34.82 3.73
C ALA A 2749 49.79 35.56 5.05
N GLU A 2750 50.62 36.57 5.33
CA GLU A 2750 50.35 37.33 6.55
C GLU A 2750 48.99 37.99 6.45
N GLN A 2751 48.66 38.53 5.28
CA GLN A 2751 47.37 39.16 5.10
C GLN A 2751 46.24 38.20 5.45
N LYS A 2752 46.36 36.95 4.99
CA LYS A 2752 45.40 35.93 5.37
C LYS A 2752 45.43 35.68 6.87
N ARG A 2753 46.59 35.85 7.51
CA ARG A 2753 46.63 35.72 8.96
C ARG A 2753 45.72 36.74 9.62
N GLU A 2754 45.82 38.02 9.23
CA GLU A 2754 44.94 39.00 9.87
C GLU A 2754 43.49 38.75 9.48
N LYS A 2755 43.25 38.36 8.24
CA LYS A 2755 41.88 38.06 7.83
C LYS A 2755 41.30 36.94 8.68
N GLU A 2756 42.10 35.92 8.95
CA GLU A 2756 41.63 34.82 9.78
C GLU A 2756 41.39 35.29 11.21
N ILE A 2757 42.25 36.16 11.73
CA ILE A 2757 42.03 36.68 13.09
C ILE A 2757 40.69 37.39 13.15
N LYS A 2758 40.42 38.24 12.15
CA LYS A 2758 39.15 38.95 12.11
C LYS A 2758 37.98 37.99 11.97
N SER A 2759 38.13 36.96 11.14
CA SER A 2759 37.05 36.01 10.93
C SER A 2759 36.75 35.24 12.22
N GLU A 2760 37.79 34.82 12.93
CA GLU A 2760 37.60 34.16 14.21
C GLU A 2760 36.88 35.08 15.18
N LEU A 2761 37.29 36.34 15.22
CA LEU A 2761 36.66 37.30 16.12
C LEU A 2761 35.18 37.43 15.82
N LYS A 2762 34.82 37.51 14.53
CA LYS A 2762 33.42 37.59 14.16
C LYS A 2762 32.67 36.31 14.54
N MET A 2763 33.29 35.15 14.31
CA MET A 2763 32.63 33.89 14.60
C MET A 2763 32.40 33.71 16.10
N LYS A 2764 33.24 34.34 16.92
CA LYS A 2764 33.00 34.30 18.36
C LYS A 2764 31.62 34.85 18.70
N GLN A 2765 31.20 35.87 17.95
CA GLN A 2765 29.85 36.38 18.12
C GLN A 2765 28.83 35.33 17.70
N ASP A 2766 27.68 35.36 18.37
CA ASP A 2766 26.60 34.44 18.06
C ASP A 2766 26.23 34.55 16.60
N ALA A 2767 26.14 33.40 15.93
CA ALA A 2767 25.78 33.38 14.53
C ALA A 2767 24.43 34.06 14.30
N GLN A 2768 24.19 34.43 13.06
CA GLN A 2768 22.98 35.16 12.74
C GLN A 2768 21.74 34.29 12.89
N VAL A 2769 20.60 34.95 12.97
CA VAL A 2769 19.33 34.31 13.27
C VAL A 2769 18.52 34.15 11.99
N VAL A 2770 17.76 33.07 11.92
CA VAL A 2770 16.91 32.77 10.78
C VAL A 2770 15.46 32.79 11.24
N LEU A 2771 14.60 33.41 10.44
CA LEU A 2771 13.16 33.39 10.67
C LEU A 2771 12.52 32.33 9.77
N TYR A 2772 11.20 32.22 9.85
CA TYR A 2772 10.53 31.15 9.12
C TYR A 2772 9.20 31.56 8.51
N ARG A 2773 8.96 32.85 8.31
CA ARG A 2773 7.68 33.29 7.77
C ARG A 2773 7.86 34.48 6.85
N SER A 2774 6.94 34.59 5.89
CA SER A 2774 6.84 35.75 5.03
C SER A 2774 5.98 36.82 5.70
N TYR A 2775 6.08 38.04 5.19
CA TYR A 2775 5.35 39.16 5.77
C TYR A 2775 4.91 40.08 4.65
N ARG A 2776 3.60 40.31 4.56
CA ARG A 2776 3.01 41.22 3.60
C ARG A 2776 2.48 42.42 4.39
N HIS A 2777 3.25 43.49 4.39
CA HIS A 2777 2.86 44.67 5.14
C HIS A 2777 1.70 45.40 4.47
N GLY A 2778 0.72 45.78 5.29
CA GLY A 2778 -0.38 46.61 4.85
C GLY A 2778 -0.79 47.52 5.99
N ASP A 2779 -1.84 48.29 5.77
CA ASP A 2779 -2.36 49.13 6.86
C ASP A 2779 -3.00 48.29 7.96
N LEU A 2780 -3.40 47.07 7.65
CA LEU A 2780 -4.04 46.18 8.59
C LEU A 2780 -3.27 44.87 8.65
N PRO A 2781 -3.44 44.09 9.70
CA PRO A 2781 -2.85 42.75 9.71
C PRO A 2781 -3.46 41.89 8.63
N ASP A 2782 -2.64 41.04 8.03
CA ASP A 2782 -3.11 40.08 7.04
C ASP A 2782 -3.26 38.72 7.70
N ILE A 2783 -4.49 38.23 7.74
CA ILE A 2783 -4.82 37.06 8.54
C ILE A 2783 -4.70 35.85 7.62
N GLN A 2784 -4.19 36.08 6.42
CA GLN A 2784 -4.18 35.06 5.39
C GLN A 2784 -2.92 34.20 5.43
N ILE A 2785 -2.30 34.09 6.60
CA ILE A 2785 -1.11 33.25 6.71
C ILE A 2785 -1.49 31.78 6.68
N LYS A 2786 -0.52 30.94 6.39
CA LYS A 2786 -0.75 29.53 6.14
C LYS A 2786 -0.41 28.70 7.37
N HIS A 2787 -0.88 27.45 7.36
CA HIS A 2787 -0.57 26.53 8.45
C HIS A 2787 0.92 26.32 8.54
N SER A 2788 1.59 26.20 7.39
CA SER A 2788 3.04 26.14 7.37
C SER A 2788 3.63 27.32 8.14
N SER A 2789 3.15 28.51 7.85
CA SER A 2789 3.62 29.69 8.57
C SER A 2789 3.31 29.58 10.05
N LEU A 2790 2.13 29.04 10.38
CA LEU A 2790 1.76 28.95 11.79
C LEU A 2790 2.67 27.99 12.55
N ILE A 2791 3.01 26.86 11.96
CA ILE A 2791 3.56 25.76 12.74
C ILE A 2791 5.06 25.56 12.56
N THR A 2792 5.65 26.04 11.48
CA THR A 2792 7.11 25.98 11.38
C THR A 2792 7.79 26.64 12.58
N PRO A 2793 7.38 27.81 13.06
CA PRO A 2793 8.01 28.32 14.29
C PRO A 2793 7.80 27.40 15.47
N LEU A 2794 6.72 26.62 15.47
CA LEU A 2794 6.50 25.71 16.58
C LEU A 2794 7.56 24.61 16.61
N GLN A 2795 7.83 24.01 15.45
CA GLN A 2795 8.93 23.04 15.40
C GLN A 2795 10.25 23.71 15.70
N ALA A 2796 10.40 24.98 15.33
CA ALA A 2796 11.64 25.69 15.65
C ALA A 2796 11.81 25.81 17.16
N VAL A 2797 10.80 26.31 17.85
CA VAL A 2797 10.92 26.58 19.28
C VAL A 2797 10.92 25.30 20.10
N ALA A 2798 10.32 24.23 19.58
CA ALA A 2798 10.24 22.99 20.34
C ALA A 2798 11.62 22.50 20.73
N GLN A 2799 12.54 22.47 19.77
CA GLN A 2799 13.92 22.15 20.09
C GLN A 2799 14.57 23.26 20.90
N ARG A 2800 14.03 24.47 20.84
CA ARG A 2800 14.61 25.57 21.61
C ARG A 2800 14.27 25.44 23.08
N ASP A 2801 12.99 25.57 23.41
CA ASP A 2801 12.57 25.48 24.80
C ASP A 2801 11.94 24.14 25.07
N PRO A 2802 12.51 23.36 25.99
CA PRO A 2802 11.88 22.10 26.37
C PRO A 2802 10.51 22.29 26.99
N ILE A 2803 10.27 23.40 27.68
CA ILE A 2803 8.98 23.60 28.32
C ILE A 2803 7.88 23.72 27.29
N ILE A 2804 8.11 24.57 26.28
CA ILE A 2804 7.15 24.68 25.19
C ILE A 2804 7.00 23.34 24.50
N ALA A 2805 8.10 22.63 24.32
CA ALA A 2805 8.04 21.33 23.67
C ALA A 2805 7.13 20.38 24.43
N LYS A 2806 7.27 20.34 25.76
CA LYS A 2806 6.47 19.39 26.53
C LYS A 2806 5.01 19.81 26.56
N GLN A 2807 4.74 21.11 26.67
CA GLN A 2807 3.34 21.55 26.61
C GLN A 2807 2.71 21.14 25.29
N LEU A 2808 3.41 21.42 24.19
CA LEU A 2808 2.89 21.10 22.88
C LEU A 2808 2.68 19.60 22.72
N PHE A 2809 3.66 18.82 23.15
CA PHE A 2809 3.58 17.38 23.00
C PHE A 2809 2.44 16.82 23.82
N SER A 2810 2.28 17.30 25.06
CA SER A 2810 1.18 16.85 25.89
C SER A 2810 -0.15 17.18 25.26
N SER A 2811 -0.29 18.41 24.76
CA SER A 2811 -1.55 18.82 24.14
C SER A 2811 -1.88 17.94 22.94
N LEU A 2812 -0.91 17.75 22.04
CA LEU A 2812 -1.17 16.97 20.84
C LEU A 2812 -1.43 15.51 21.20
N PHE A 2813 -0.75 14.99 22.23
CA PHE A 2813 -0.97 13.63 22.66
C PHE A 2813 -2.40 13.46 23.17
N SER A 2814 -2.85 14.40 23.99
CA SER A 2814 -4.21 14.35 24.49
C SER A 2814 -5.21 14.41 23.35
N GLY A 2815 -4.97 15.29 22.37
CA GLY A 2815 -5.87 15.37 21.24
C GLY A 2815 -5.92 14.08 20.44
N ILE A 2816 -4.76 13.49 20.19
CA ILE A 2816 -4.71 12.25 19.42
C ILE A 2816 -5.44 11.15 20.16
N LEU A 2817 -5.23 11.05 21.47
CA LEU A 2817 -5.93 10.02 22.23
C LEU A 2817 -7.43 10.27 22.23
N LYS A 2818 -7.83 11.53 22.36
CA LYS A 2818 -9.25 11.86 22.31
C LYS A 2818 -9.85 11.56 20.95
N GLU A 2819 -9.02 11.55 19.91
CA GLU A 2819 -9.52 11.30 18.57
C GLU A 2819 -9.59 9.82 18.22
N MET A 2820 -8.64 9.02 18.70
CA MET A 2820 -8.54 7.64 18.24
C MET A 2820 -9.82 6.85 18.49
N ASP A 2821 -10.58 7.22 19.51
CA ASP A 2821 -11.78 6.50 19.87
C ASP A 2821 -12.82 6.52 18.75
N LYS A 2822 -12.82 7.58 17.93
CA LYS A 2822 -13.89 7.77 16.96
C LYS A 2822 -13.92 6.66 15.92
N PHE A 2823 -12.87 5.86 15.82
CA PHE A 2823 -12.80 4.84 14.79
C PHE A 2823 -12.19 3.53 15.31
N LYS A 2824 -12.18 3.33 16.62
CA LYS A 2824 -11.55 2.15 17.21
C LYS A 2824 -12.54 1.45 18.13
N THR A 2825 -12.41 0.13 18.18
CA THR A 2825 -13.20 -0.64 19.14
C THR A 2825 -12.61 -0.49 20.53
N LEU A 2826 -13.44 -0.76 21.53
CA LEU A 2826 -13.00 -0.63 22.91
C LEU A 2826 -11.79 -1.51 23.18
N SER A 2827 -11.80 -2.74 22.66
CA SER A 2827 -10.66 -3.63 22.83
C SER A 2827 -9.41 -3.04 22.21
N GLU A 2828 -9.54 -2.41 21.05
CA GLU A 2828 -8.40 -1.76 20.43
C GLU A 2828 -7.83 -0.69 21.34
N LYS A 2829 -8.70 0.13 21.91
CA LYS A 2829 -8.25 1.17 22.83
C LYS A 2829 -7.57 0.57 24.05
N ASN A 2830 -8.13 -0.51 24.59
CA ASN A 2830 -7.53 -1.15 25.75
C ASN A 2830 -6.16 -1.71 25.44
N ASN A 2831 -6.02 -2.33 24.26
CA ASN A 2831 -4.72 -2.84 23.85
C ASN A 2831 -3.70 -1.72 23.72
N ILE A 2832 -4.09 -0.64 23.04
CA ILE A 2832 -3.17 0.48 22.84
C ILE A 2832 -2.79 1.08 24.19
N THR A 2833 -3.77 1.24 25.06
CA THR A 2833 -3.50 1.77 26.39
C THR A 2833 -2.54 0.87 27.14
N GLN A 2834 -2.73 -0.44 27.06
CA GLN A 2834 -1.83 -1.37 27.73
C GLN A 2834 -0.41 -1.20 27.21
N LYS A 2835 -0.27 -1.10 25.89
CA LYS A 2835 1.05 -0.90 25.29
C LYS A 2835 1.67 0.39 25.80
N LEU A 2836 0.87 1.46 25.89
CA LEU A 2836 1.40 2.73 26.38
C LEU A 2836 1.83 2.63 27.83
N LEU A 2837 1.06 1.93 28.65
CA LEU A 2837 1.47 1.73 30.04
C LEU A 2837 2.80 0.99 30.12
N GLN A 2838 2.97 -0.06 29.31
CA GLN A 2838 4.25 -0.75 29.31
C GLN A 2838 5.36 0.21 28.93
N ASP A 2839 5.13 1.01 27.88
CA ASP A 2839 6.15 1.94 27.43
C ASP A 2839 6.52 2.92 28.53
N PHE A 2840 5.53 3.48 29.19
CA PHE A 2840 5.79 4.51 30.20
C PHE A 2840 6.48 3.92 31.41
N ASN A 2841 6.03 2.75 31.86
CA ASN A 2841 6.71 2.11 32.98
C ASN A 2841 8.16 1.80 32.63
N ARG A 2842 8.40 1.35 31.40
CA ARG A 2842 9.77 1.13 30.96
C ARG A 2842 10.57 2.42 30.94
N PHE A 2843 9.95 3.51 30.50
CA PHE A 2843 10.61 4.81 30.52
C PHE A 2843 11.03 5.18 31.93
N LEU A 2844 10.08 5.12 32.86
CA LEU A 2844 10.39 5.48 34.24
C LEU A 2844 11.45 4.56 34.83
N ASN A 2845 11.44 3.29 34.46
CA ASN A 2845 12.42 2.36 35.00
C ASN A 2845 13.76 2.45 34.31
N THR A 2846 13.84 3.10 33.14
CA THR A 2846 15.06 3.09 32.35
C THR A 2846 15.83 4.41 32.42
N THR A 2847 15.15 5.52 32.69
CA THR A 2847 15.84 6.79 32.76
C THR A 2847 16.66 6.86 34.04
N PHE A 2848 17.86 7.42 33.94
CA PHE A 2848 18.66 7.75 35.11
C PHE A 2848 18.71 9.24 35.34
N SER A 2849 19.08 10.01 34.32
CA SER A 2849 18.77 11.43 34.34
C SER A 2849 17.26 11.59 34.33
N PHE A 2850 16.77 12.46 35.19
CA PHE A 2850 15.33 12.68 35.32
C PHE A 2850 15.06 14.11 34.89
N PHE A 2851 14.88 14.29 33.59
CA PHE A 2851 14.70 15.62 33.03
C PHE A 2851 13.40 16.21 33.55
N PRO A 2852 13.45 17.32 34.28
CA PRO A 2852 12.23 17.88 34.88
C PRO A 2852 11.13 18.06 33.86
N PRO A 2853 11.39 18.73 32.72
CA PRO A 2853 10.31 18.87 31.74
C PRO A 2853 9.82 17.54 31.21
N PHE A 2854 10.75 16.62 30.92
CA PHE A 2854 10.35 15.35 30.33
C PHE A 2854 9.48 14.54 31.29
N VAL A 2855 9.96 14.34 32.51
CA VAL A 2855 9.23 13.51 33.46
C VAL A 2855 7.92 14.20 33.83
N SER A 2856 7.94 15.53 33.93
CA SER A 2856 6.71 16.26 34.22
C SER A 2856 5.69 16.05 33.12
N CYS A 2857 6.12 16.13 31.86
CA CYS A 2857 5.21 15.90 30.76
C CYS A 2857 4.66 14.48 30.78
N ILE A 2858 5.52 13.52 31.09
CA ILE A 2858 5.06 12.13 31.15
C ILE A 2858 3.96 11.99 32.19
N GLN A 2859 4.19 12.52 33.39
CA GLN A 2859 3.21 12.40 34.46
C GLN A 2859 1.93 13.13 34.08
N ASP A 2860 2.05 14.32 33.47
CA ASP A 2860 0.85 15.07 33.10
C ASP A 2860 0.03 14.30 32.08
N ILE A 2861 0.68 13.80 31.03
CA ILE A 2861 -0.04 13.04 30.02
C ILE A 2861 -0.72 11.84 30.66
N SER A 2862 -0.03 11.17 31.57
CA SER A 2862 -0.62 10.02 32.25
C SER A 2862 -1.87 10.44 33.02
N CYS A 2863 -1.80 11.54 33.76
CA CYS A 2863 -2.96 11.95 34.54
C CYS A 2863 -4.05 12.55 33.67
N GLN A 2864 -3.78 12.84 32.40
CA GLN A 2864 -4.82 13.33 31.52
C GLN A 2864 -5.94 12.31 31.34
N HIS A 2865 -5.61 11.03 31.45
CA HIS A 2865 -6.55 9.98 31.07
C HIS A 2865 -6.58 8.91 32.15
N ALA A 2866 -7.78 8.51 32.55
CA ALA A 2866 -7.93 7.52 33.60
C ALA A 2866 -7.29 6.19 33.22
N ALA A 2867 -7.31 5.85 31.93
CA ALA A 2867 -6.71 4.61 31.48
C ALA A 2867 -5.22 4.55 31.81
N LEU A 2868 -4.57 5.70 31.87
CA LEU A 2868 -3.15 5.75 32.19
C LEU A 2868 -2.88 5.63 33.68
N LEU A 2869 -3.91 5.75 34.51
CA LEU A 2869 -3.71 5.77 35.95
C LEU A 2869 -3.29 4.43 36.51
N SER A 2870 -3.32 3.37 35.70
CA SER A 2870 -2.87 2.05 36.09
C SER A 2870 -1.35 1.91 36.06
N LEU A 2871 -0.64 3.03 35.96
CA LEU A 2871 0.80 3.02 35.78
C LEU A 2871 1.51 2.61 37.08
N ASP A 2872 2.80 2.30 36.93
CA ASP A 2872 3.62 1.95 38.07
C ASP A 2872 3.80 3.17 38.95
N PRO A 2873 3.39 3.12 40.20
CA PRO A 2873 3.56 4.29 41.06
C PRO A 2873 5.00 4.50 41.51
N ALA A 2874 5.70 3.41 41.83
CA ALA A 2874 6.96 3.51 42.54
C ALA A 2874 8.01 4.29 41.74
N ALA A 2875 8.20 3.90 40.48
CA ALA A 2875 9.21 4.56 39.66
C ALA A 2875 8.85 6.03 39.43
N VAL A 2876 7.57 6.32 39.24
CA VAL A 2876 7.14 7.70 39.06
C VAL A 2876 7.44 8.51 40.31
N SER A 2877 7.14 7.95 41.48
CA SER A 2877 7.43 8.66 42.73
C SER A 2877 8.91 8.92 42.85
N ALA A 2878 9.74 7.92 42.57
CA ALA A 2878 11.18 8.08 42.69
C ALA A 2878 11.68 9.17 41.74
N GLY A 2879 11.24 9.14 40.49
CA GLY A 2879 11.70 10.11 39.52
C GLY A 2879 11.27 11.52 39.88
N CYS A 2880 9.97 11.71 40.16
CA CYS A 2880 9.47 13.04 40.47
C CYS A 2880 10.11 13.56 41.75
N LEU A 2881 10.41 12.67 42.69
CA LEU A 2881 11.18 13.05 43.87
C LEU A 2881 12.56 13.56 43.48
N ALA A 2882 13.29 12.78 42.69
CA ALA A 2882 14.62 13.20 42.29
C ALA A 2882 14.57 14.40 41.36
N SER A 2883 13.56 14.46 40.49
CA SER A 2883 13.45 15.53 39.52
C SER A 2883 12.63 16.71 40.01
N LEU A 2884 12.44 16.82 41.32
CA LEU A 2884 11.72 17.94 41.93
C LEU A 2884 10.29 18.04 41.43
N GLN A 2885 9.71 16.94 40.94
CA GLN A 2885 8.38 16.95 40.36
C GLN A 2885 7.34 16.45 41.34
N GLN A 2886 7.54 16.77 42.62
CA GLN A 2886 6.63 16.33 43.67
C GLN A 2886 5.17 16.70 43.43
N PRO A 2887 4.82 17.93 43.06
CA PRO A 2887 3.39 18.24 42.95
C PRO A 2887 2.71 17.49 41.82
N VAL A 2888 3.33 17.42 40.66
CA VAL A 2888 2.69 16.73 39.54
C VAL A 2888 2.56 15.24 39.84
N GLY A 2889 3.58 14.64 40.45
CA GLY A 2889 3.45 13.25 40.85
C GLY A 2889 2.38 13.05 41.90
N ILE A 2890 2.26 13.99 42.83
CA ILE A 2890 1.24 13.91 43.86
C ILE A 2890 -0.14 13.93 43.23
N ARG A 2891 -0.35 14.88 42.31
CA ARG A 2891 -1.63 14.97 41.63
C ARG A 2891 -1.93 13.71 40.83
N LEU A 2892 -0.93 13.21 40.12
CA LEU A 2892 -1.11 11.98 39.34
C LEU A 2892 -1.52 10.83 40.24
N LEU A 2893 -0.80 10.64 41.34
CA LEU A 2893 -1.08 9.51 42.21
C LEU A 2893 -2.43 9.66 42.88
N GLU A 2894 -2.79 10.89 43.27
CA GLU A 2894 -4.08 11.12 43.88
C GLU A 2894 -5.21 10.82 42.91
N GLU A 2895 -5.08 11.26 41.65
CA GLU A 2895 -6.10 10.98 40.67
C GLU A 2895 -6.19 9.48 40.39
N ALA A 2896 -5.04 8.81 40.34
CA ALA A 2896 -5.05 7.37 40.14
C ALA A 2896 -5.78 6.68 41.29
N LEU A 2897 -5.50 7.08 42.52
CA LEU A 2897 -6.18 6.52 43.67
C LEU A 2897 -7.67 6.75 43.60
N LEU A 2898 -8.07 7.98 43.27
CA LEU A 2898 -9.49 8.32 43.27
C LEU A 2898 -10.24 7.54 42.20
N ARG A 2899 -9.69 7.50 40.98
CA ARG A 2899 -10.32 6.72 39.92
C ARG A 2899 -10.37 5.25 40.29
N LEU A 2900 -9.28 4.72 40.87
CA LEU A 2900 -9.28 3.36 41.36
C LEU A 2900 -10.10 3.20 42.63
N LEU A 2901 -10.57 4.29 43.22
CA LEU A 2901 -11.39 4.27 44.43
C LEU A 2901 -10.62 3.63 45.58
N LEU A 2916 -7.32 -4.22 54.13
CA LEU A 2916 -7.52 -2.98 53.39
C LEU A 2916 -6.86 -3.09 52.03
N PRO A 2917 -7.30 -2.26 51.08
CA PRO A 2917 -6.77 -2.34 49.73
C PRO A 2917 -5.28 -2.06 49.73
N PRO A 2918 -4.55 -2.59 48.75
CA PRO A 2918 -3.10 -2.37 48.68
C PRO A 2918 -2.74 -0.98 48.19
N ASP A 2919 -3.73 -0.09 48.13
CA ASP A 2919 -3.44 1.31 47.85
C ASP A 2919 -2.46 1.90 48.85
N VAL A 2920 -2.30 1.25 50.01
CA VAL A 2920 -1.27 1.63 50.95
C VAL A 2920 0.07 1.80 50.26
N LEU A 2921 0.28 1.10 49.15
CA LEU A 2921 1.43 1.37 48.30
C LEU A 2921 1.41 2.83 47.84
N ARG A 2922 0.40 3.19 47.05
CA ARG A 2922 0.31 4.56 46.56
C ARG A 2922 0.09 5.54 47.71
N TRP A 2923 -0.57 5.08 48.78
CA TRP A 2923 -0.71 5.93 49.96
C TRP A 2923 0.66 6.34 50.50
N VAL A 2924 1.53 5.36 50.73
CA VAL A 2924 2.82 5.67 51.33
C VAL A 2924 3.70 6.42 50.34
N GLU A 2925 3.52 6.18 49.04
CA GLU A 2925 4.26 6.97 48.07
C GLU A 2925 3.85 8.44 48.16
N LEU A 2926 2.56 8.70 48.28
CA LEU A 2926 2.10 10.07 48.49
C LEU A 2926 2.65 10.62 49.80
N ALA A 2927 2.72 9.79 50.83
CA ALA A 2927 3.23 10.23 52.11
C ALA A 2927 4.67 10.68 52.01
N LYS A 2928 5.49 9.88 51.34
CA LYS A 2928 6.89 10.27 51.15
C LYS A 2928 7.00 11.51 50.29
N LEU A 2929 6.10 11.67 49.32
CA LEU A 2929 6.10 12.87 48.51
C LEU A 2929 5.85 14.09 49.37
N TYR A 2930 4.87 14.02 50.26
CA TYR A 2930 4.57 15.15 51.13
C TYR A 2930 5.69 15.40 52.11
N ARG A 2931 6.31 14.33 52.61
CA ARG A 2931 7.45 14.49 53.50
C ARG A 2931 8.59 15.21 52.79
N SER A 2932 8.77 14.93 51.50
CA SER A 2932 9.82 15.60 50.74
C SER A 2932 9.61 17.10 50.72
N ILE A 2933 8.36 17.53 50.52
CA ILE A 2933 8.04 18.95 50.47
C ILE A 2933 7.81 19.45 51.88
N GLY A 2934 8.14 18.63 52.87
CA GLY A 2934 7.96 19.03 54.24
C GLY A 2934 6.52 19.14 54.67
N GLU A 2935 5.60 18.56 53.91
CA GLU A 2935 4.19 18.61 54.23
C GLU A 2935 3.82 17.44 55.12
N TYR A 2936 3.36 17.74 56.33
CA TYR A 2936 2.98 16.72 57.30
C TYR A 2936 1.49 16.65 57.56
N ASP A 2937 0.76 17.72 57.27
CA ASP A 2937 -0.58 17.86 57.81
C ASP A 2937 -1.51 16.82 57.21
N VAL A 2938 -1.46 16.67 55.88
CA VAL A 2938 -2.26 15.64 55.22
C VAL A 2938 -1.88 14.27 55.75
N LEU A 2939 -0.59 14.06 56.04
CA LEU A 2939 -0.12 12.74 56.45
C LEU A 2939 -0.90 12.23 57.65
N ARG A 2940 -1.14 13.08 58.64
CA ARG A 2940 -2.02 12.72 59.74
C ARG A 2940 -3.32 12.14 59.20
N GLY A 2941 -4.07 12.94 58.44
CA GLY A 2941 -5.28 12.45 57.83
C GLY A 2941 -5.06 11.24 56.95
N ILE A 2942 -3.87 11.12 56.35
CA ILE A 2942 -3.56 9.93 55.57
C ILE A 2942 -3.61 8.68 56.44
N PHE A 2943 -2.96 8.74 57.61
CA PHE A 2943 -2.77 7.56 58.41
C PHE A 2943 -3.74 7.42 59.55
N THR A 2944 -4.52 8.46 59.85
CA THR A 2944 -5.49 8.35 60.93
C THR A 2944 -6.69 7.49 60.56
N SER A 2945 -6.96 7.30 59.27
CA SER A 2945 -8.17 6.55 58.89
C SER A 2945 -7.94 5.04 58.93
N GLU A 2946 -7.14 4.54 57.99
CA GLU A 2946 -6.78 3.12 58.03
C GLU A 2946 -5.36 2.85 57.56
N ILE A 2947 -4.58 3.86 57.21
CA ILE A 2947 -3.32 3.62 56.52
C ILE A 2947 -2.16 3.46 57.49
N GLY A 2948 -2.15 4.21 58.59
CA GLY A 2948 -1.11 4.04 59.57
C GLY A 2948 -1.29 2.75 60.34
N THR A 2949 -1.20 1.62 59.63
CA THR A 2949 -1.41 0.32 60.25
C THR A 2949 -0.48 0.11 61.43
N LYS A 2950 0.71 0.70 61.39
CA LYS A 2950 1.62 0.72 62.52
C LYS A 2950 1.62 2.14 63.06
N GLN A 2951 0.97 2.33 64.21
CA GLN A 2951 0.81 3.67 64.76
C GLN A 2951 2.14 4.32 65.09
N ILE A 2952 3.20 3.52 65.17
CA ILE A 2952 4.54 4.08 65.32
C ILE A 2952 4.85 5.00 64.15
N THR A 2953 4.32 4.69 62.97
CA THR A 2953 4.50 5.57 61.83
C THR A 2953 3.93 6.95 62.11
N GLN A 2954 2.68 7.01 62.58
CA GLN A 2954 2.05 8.29 62.86
C GLN A 2954 2.76 9.01 64.00
N SER A 2955 3.18 8.27 65.02
CA SER A 2955 3.88 8.88 66.14
C SER A 2955 5.18 9.53 65.68
N ALA A 2956 5.96 8.81 64.87
CA ALA A 2956 7.19 9.38 64.36
C ALA A 2956 6.91 10.53 63.41
N LEU A 2957 5.78 10.47 62.69
CA LEU A 2957 5.40 11.57 61.81
C LEU A 2957 5.19 12.84 62.59
N LEU A 2958 4.37 12.78 63.64
CA LEU A 2958 4.14 13.97 64.46
C LEU A 2958 5.39 14.38 65.21
N ALA A 2959 6.24 13.42 65.56
CA ALA A 2959 7.50 13.76 66.22
C ALA A 2959 8.41 14.55 65.30
N GLU A 2960 8.48 14.16 64.02
CA GLU A 2960 9.23 14.97 63.07
C GLU A 2960 8.53 16.29 62.80
N ALA A 2961 7.20 16.29 62.87
CA ALA A 2961 6.44 17.52 62.61
C ALA A 2961 6.84 18.63 63.56
N ARG A 2962 7.26 18.29 64.78
CA ARG A 2962 7.75 19.27 65.73
C ARG A 2962 9.25 19.50 65.60
N SER A 2963 9.81 19.26 64.41
CA SER A 2963 11.21 19.57 64.10
C SER A 2963 12.18 18.83 65.01
N ASP A 2964 11.83 17.62 65.43
CA ASP A 2964 12.75 16.76 66.16
C ASP A 2964 12.76 15.38 65.52
N TYR A 2965 13.91 14.73 65.60
CA TYR A 2965 14.15 13.54 64.79
C TYR A 2965 14.66 12.38 65.60
N SER A 2966 15.38 12.67 66.68
CA SER A 2966 16.01 11.61 67.47
C SER A 2966 14.98 10.60 67.94
N GLU A 2967 13.90 11.09 68.55
CA GLU A 2967 12.82 10.20 68.95
C GLU A 2967 12.22 9.48 67.74
N ALA A 2968 12.04 10.22 66.64
CA ALA A 2968 11.53 9.59 65.42
C ALA A 2968 12.53 8.58 64.88
N ALA A 2969 13.82 8.88 64.98
CA ALA A 2969 14.83 7.92 64.56
C ALA A 2969 14.72 6.62 65.35
N LYS A 2970 14.53 6.74 66.67
CA LYS A 2970 14.32 5.54 67.48
C LYS A 2970 13.06 4.82 67.03
N GLN A 2971 12.00 5.57 66.72
CA GLN A 2971 10.78 4.96 66.23
C GLN A 2971 11.06 4.10 65.01
N TYR A 2972 11.77 4.66 64.06
CA TYR A 2972 12.09 3.91 62.85
C TYR A 2972 12.92 2.68 63.16
N ASP A 2973 13.95 2.86 63.98
CA ASP A 2973 14.87 1.75 64.26
C ASP A 2973 14.13 0.60 64.94
N GLU A 2974 13.28 0.91 65.91
CA GLU A 2974 12.54 -0.15 66.58
C GLU A 2974 11.47 -0.75 65.68
N ALA A 2975 10.86 0.08 64.82
CA ALA A 2975 9.83 -0.45 63.94
C ALA A 2975 10.42 -1.44 62.95
N LEU A 2976 11.54 -1.08 62.32
CA LEU A 2976 12.21 -2.04 61.45
C LEU A 2976 12.73 -3.21 62.24
N ASN A 2977 13.02 -3.01 63.52
CA ASN A 2977 13.39 -4.10 64.42
C ASN A 2977 12.21 -4.70 65.14
N LYS A 2978 11.01 -4.19 64.90
CA LYS A 2978 9.77 -4.82 65.35
C LYS A 2978 9.34 -5.80 64.28
N GLN A 2979 9.39 -7.09 64.59
CA GLN A 2979 9.08 -8.13 63.61
C GLN A 2979 7.84 -8.93 63.94
N ASP A 2980 7.60 -9.21 65.22
CA ASP A 2980 6.38 -9.90 65.66
C ASP A 2980 5.19 -8.94 65.56
N TRP A 2981 4.81 -8.66 64.32
CA TRP A 2981 3.70 -7.76 64.05
C TRP A 2981 2.39 -8.52 64.24
N VAL A 2982 1.83 -8.41 65.45
CA VAL A 2982 0.55 -9.04 65.73
C VAL A 2982 -0.54 -8.45 64.84
N ASP A 2983 -0.38 -7.20 64.42
CA ASP A 2983 -1.32 -6.51 63.57
C ASP A 2983 -1.15 -6.86 62.10
N GLY A 2984 -0.48 -7.97 61.79
CA GLY A 2984 -0.16 -8.27 60.42
C GLY A 2984 1.12 -7.55 60.03
N GLU A 2985 2.07 -8.29 59.48
CA GLU A 2985 3.33 -7.68 59.10
C GLU A 2985 3.12 -6.66 57.98
N PRO A 2986 3.80 -5.53 58.04
CA PRO A 2986 3.60 -4.49 57.03
C PRO A 2986 4.12 -4.94 55.69
N THR A 2987 3.66 -4.25 54.65
CA THR A 2987 4.22 -4.47 53.33
C THR A 2987 5.66 -3.95 53.29
N GLU A 2988 6.37 -4.36 52.24
CA GLU A 2988 7.72 -3.85 52.04
C GLU A 2988 7.72 -2.33 51.93
N ALA A 2989 6.63 -1.76 51.41
CA ALA A 2989 6.58 -0.32 51.20
C ALA A 2989 6.70 0.44 52.53
N GLU A 2990 6.00 -0.02 53.56
CA GLU A 2990 6.05 0.69 54.83
C GLU A 2990 7.43 0.61 55.44
N LYS A 2991 8.08 -0.55 55.35
CA LYS A 2991 9.43 -0.66 55.87
C LYS A 2991 10.39 0.22 55.08
N ASP A 2992 10.23 0.27 53.76
CA ASP A 2992 11.07 1.16 52.95
C ASP A 2992 10.85 2.60 53.35
N PHE A 2993 9.60 2.97 53.62
CA PHE A 2993 9.31 4.31 54.10
C PHE A 2993 10.00 4.58 55.42
N TRP A 2994 9.99 3.59 56.31
CA TRP A 2994 10.69 3.74 57.58
C TRP A 2994 12.16 3.95 57.35
N GLU A 2995 12.74 3.20 56.42
CA GLU A 2995 14.15 3.35 56.09
C GLU A 2995 14.44 4.76 55.59
N LEU A 2996 13.61 5.25 54.68
CA LEU A 2996 13.81 6.59 54.13
C LEU A 2996 13.68 7.64 55.22
N ALA A 2997 12.72 7.46 56.11
CA ALA A 2997 12.53 8.40 57.20
C ALA A 2997 13.72 8.36 58.15
N SER A 2998 14.25 7.18 58.42
CA SER A 2998 15.43 7.06 59.27
C SER A 2998 16.61 7.78 58.63
N LEU A 2999 16.80 7.59 57.33
CA LEU A 2999 17.89 8.28 56.65
C LEU A 2999 17.68 9.79 56.71
N ASP A 3000 16.44 10.22 56.51
CA ASP A 3000 16.14 11.65 56.52
C ASP A 3000 16.43 12.27 57.87
N CYS A 3001 16.03 11.59 58.95
CA CYS A 3001 16.25 12.16 60.27
C CYS A 3001 17.71 12.06 60.67
N TYR A 3002 18.41 11.01 60.25
CA TYR A 3002 19.85 10.92 60.49
C TYR A 3002 20.57 12.07 59.81
N ASN A 3003 20.16 12.40 58.59
CA ASN A 3003 20.69 13.59 57.94
C ASN A 3003 20.31 14.83 58.72
N HIS A 3004 19.05 14.90 59.18
CA HIS A 3004 18.63 16.00 60.03
C HIS A 3004 19.47 16.06 61.29
N LEU A 3005 19.72 14.91 61.91
CA LEU A 3005 20.69 14.80 63.00
C LEU A 3005 22.08 14.75 62.37
N ALA A 3006 22.46 15.87 61.76
CA ALA A 3006 23.64 15.93 60.91
C ALA A 3006 24.92 15.59 61.66
N GLU A 3007 24.79 15.35 62.97
CA GLU A 3007 25.93 14.91 63.74
C GLU A 3007 26.45 13.58 63.20
N TRP A 3008 27.76 13.43 63.23
CA TRP A 3008 28.41 12.34 62.50
C TRP A 3008 27.95 10.98 62.97
N LYS A 3009 27.52 10.87 64.23
CA LYS A 3009 27.02 9.61 64.73
C LYS A 3009 25.80 9.17 63.93
N SER A 3010 24.83 10.07 63.79
CA SER A 3010 23.71 9.79 62.91
C SER A 3010 24.14 9.74 61.46
N LEU A 3011 25.30 10.31 61.10
CA LEU A 3011 25.77 10.18 59.73
C LEU A 3011 26.20 8.76 59.42
N GLU A 3012 26.96 8.14 60.32
CA GLU A 3012 27.33 6.75 60.11
C GLU A 3012 26.16 5.82 60.37
N TYR A 3013 25.19 6.24 61.19
CA TYR A 3013 23.88 5.58 61.15
C TYR A 3013 23.29 5.65 59.76
N CYS A 3014 23.34 6.82 59.12
CA CYS A 3014 22.87 6.98 57.77
C CYS A 3014 23.62 6.05 56.82
N SER A 3015 24.89 5.78 57.12
CA SER A 3015 25.59 4.74 56.38
C SER A 3015 24.88 3.40 56.50
N THR A 3016 24.21 3.16 57.63
CA THR A 3016 23.42 1.96 57.87
C THR A 3016 24.28 0.71 57.80
N ALA A 3017 25.58 0.88 57.55
CA ALA A 3017 26.48 -0.23 57.26
C ALA A 3017 25.94 -1.12 56.14
N SER A 3018 25.09 -0.56 55.28
CA SER A 3018 24.49 -1.28 54.15
C SER A 3018 23.71 -2.51 54.66
N ILE A 3019 22.65 -2.22 55.40
CA ILE A 3019 21.88 -3.27 56.06
C ILE A 3019 21.35 -4.27 55.03
N ASP A 3020 21.05 -5.48 55.50
CA ASP A 3020 20.80 -6.64 54.65
C ASP A 3020 21.96 -6.89 53.70
N SER A 3021 23.18 -6.63 54.18
CA SER A 3021 24.42 -6.86 53.44
C SER A 3021 24.43 -6.11 52.11
N GLU A 3022 23.76 -4.96 52.07
CA GLU A 3022 23.69 -4.18 50.84
C GLU A 3022 23.20 -2.76 51.09
N LYS A 3029 27.64 1.63 41.96
CA LYS A 3029 27.73 0.42 41.15
C LYS A 3029 27.43 -0.82 41.99
N ILE A 3030 28.51 -1.48 42.43
CA ILE A 3030 28.39 -2.80 43.05
C ILE A 3030 27.40 -2.75 44.20
N TRP A 3031 27.53 -1.75 45.05
CA TRP A 3031 26.65 -1.59 46.20
C TRP A 3031 25.58 -0.54 45.95
N SER A 3032 25.14 -0.40 44.70
CA SER A 3032 24.06 0.53 44.38
C SER A 3032 23.00 -0.07 43.47
N GLU A 3033 23.23 -1.22 42.85
CA GLU A 3033 22.35 -1.71 41.80
C GLU A 3033 20.88 -1.82 42.20
N PRO A 3034 20.51 -2.35 43.37
CA PRO A 3034 19.08 -2.35 43.74
C PRO A 3034 18.53 -0.93 43.78
N PHE A 3035 17.29 -0.80 43.33
CA PHE A 3035 16.67 0.52 43.23
C PHE A 3035 16.54 1.17 44.60
N TYR A 3036 16.28 0.37 45.63
CA TYR A 3036 16.38 0.88 47.00
C TYR A 3036 17.77 1.48 47.21
N GLN A 3037 18.81 0.72 46.85
CA GLN A 3037 20.16 1.24 46.97
C GLN A 3037 20.40 2.40 46.02
N GLU A 3038 19.76 2.38 44.84
CA GLU A 3038 19.83 3.53 43.96
C GLU A 3038 19.38 4.79 44.67
N THR A 3039 18.34 4.67 45.50
CA THR A 3039 17.88 5.81 46.28
C THR A 3039 18.80 6.10 47.46
N TYR A 3040 19.35 5.07 48.08
CA TYR A 3040 20.14 5.27 49.29
C TYR A 3040 21.48 5.90 48.97
N LEU A 3041 21.99 5.68 47.77
CA LEU A 3041 23.36 6.06 47.43
C LEU A 3041 23.71 7.51 47.74
N PRO A 3042 22.90 8.50 47.39
CA PRO A 3042 23.26 9.87 47.79
C PRO A 3042 23.40 10.03 49.29
N TYR A 3043 22.52 9.39 50.06
CA TYR A 3043 22.67 9.43 51.51
C TYR A 3043 23.98 8.79 51.93
N MET A 3044 24.28 7.62 51.36
CA MET A 3044 25.51 6.91 51.70
C MET A 3044 26.71 7.83 51.49
N ILE A 3045 26.79 8.41 50.30
CA ILE A 3045 27.98 9.17 49.92
C ILE A 3045 28.05 10.47 50.70
N ARG A 3046 26.91 11.11 50.95
CA ARG A 3046 26.96 12.34 51.74
C ARG A 3046 27.46 12.05 53.13
N SER A 3047 26.98 10.96 53.74
CA SER A 3047 27.44 10.59 55.07
C SER A 3047 28.94 10.34 55.06
N LYS A 3048 29.41 9.52 54.13
CA LYS A 3048 30.82 9.17 54.10
C LYS A 3048 31.68 10.39 53.84
N LEU A 3049 31.23 11.27 52.94
CA LEU A 3049 31.98 12.48 52.64
C LEU A 3049 32.05 13.38 53.86
N LYS A 3050 30.96 13.52 54.59
CA LYS A 3050 30.98 14.30 55.81
C LYS A 3050 31.98 13.74 56.80
N LEU A 3051 32.00 12.41 56.95
CA LEU A 3051 32.96 11.80 57.86
C LEU A 3051 34.39 12.09 57.40
N LEU A 3052 34.65 11.97 56.10
CA LEU A 3052 36.00 12.20 55.61
C LEU A 3052 36.41 13.64 55.83
N LEU A 3053 35.51 14.58 55.58
CA LEU A 3053 35.83 15.98 55.72
C LEU A 3053 36.14 16.34 57.17
N GLN A 3054 35.36 15.81 58.11
CA GLN A 3054 35.61 16.09 59.51
C GLN A 3054 36.90 15.44 60.01
N GLY A 3055 37.49 14.53 59.23
CA GLY A 3055 38.78 13.99 59.59
C GLY A 3055 39.00 12.53 59.26
N GLU A 3056 37.96 11.82 58.83
CA GLU A 3056 38.12 10.41 58.54
C GLU A 3056 38.95 10.20 57.28
N ALA A 3057 39.66 9.08 57.24
CA ALA A 3057 40.48 8.69 56.08
C ALA A 3057 40.35 7.18 55.92
N ASP A 3058 39.54 6.74 54.96
CA ASP A 3058 39.36 5.33 54.68
C ASP A 3058 39.61 5.01 53.22
N GLN A 3059 39.32 5.99 52.35
CA GLN A 3059 39.44 5.93 50.90
C GLN A 3059 38.45 4.96 50.27
N SER A 3060 37.68 4.23 51.07
CA SER A 3060 36.76 3.25 50.50
C SER A 3060 35.73 3.91 49.61
N LEU A 3061 35.18 5.04 50.04
CA LEU A 3061 34.30 5.80 49.16
C LEU A 3061 35.03 6.24 47.91
N LEU A 3062 36.28 6.70 48.06
CA LEU A 3062 37.05 7.11 46.89
C LEU A 3062 37.25 5.95 45.93
N THR A 3063 37.59 4.78 46.47
CA THR A 3063 37.76 3.61 45.62
C THR A 3063 36.46 3.25 44.91
N PHE A 3064 35.33 3.37 45.62
CA PHE A 3064 34.04 3.12 44.99
C PHE A 3064 33.81 4.08 43.84
N ILE A 3065 34.16 5.35 44.03
CA ILE A 3065 34.02 6.32 42.95
C ILE A 3065 34.88 5.92 41.78
N ASP A 3066 36.11 5.51 42.06
CA ASP A 3066 37.03 5.13 40.98
C ASP A 3066 36.47 3.95 40.21
N LYS A 3067 35.93 2.96 40.90
CA LYS A 3067 35.31 1.84 40.21
C LYS A 3067 34.11 2.30 39.41
N ALA A 3068 33.36 3.26 39.94
CA ALA A 3068 32.23 3.81 39.21
C ALA A 3068 32.68 4.53 37.95
N MET A 3069 33.92 5.00 37.92
CA MET A 3069 34.44 5.59 36.69
C MET A 3069 34.42 4.57 35.56
N HIS A 3070 34.83 3.34 35.86
CA HIS A 3070 34.63 2.25 34.92
C HIS A 3070 33.14 2.03 34.72
N GLY A 3071 32.73 1.98 33.46
CA GLY A 3071 31.31 1.99 33.17
C GLY A 3071 30.80 3.40 33.28
N GLU A 3072 30.10 3.88 32.26
CA GLU A 3072 29.74 5.28 32.21
C GLU A 3072 28.48 5.60 33.00
N LEU A 3073 27.49 4.71 32.98
CA LEU A 3073 26.17 5.06 33.51
C LEU A 3073 26.26 5.44 34.98
N GLN A 3074 26.96 4.63 35.77
CA GLN A 3074 27.19 4.98 37.16
C GLN A 3074 27.98 6.27 37.25
N LYS A 3075 29.06 6.37 36.47
CA LYS A 3075 29.82 7.60 36.41
C LYS A 3075 28.94 8.75 35.93
N ALA A 3076 28.23 8.54 34.82
CA ALA A 3076 27.41 9.59 34.24
C ALA A 3076 26.47 10.18 35.28
N ILE A 3077 25.74 9.32 36.00
CA ILE A 3077 24.83 9.85 37.00
C ILE A 3077 25.60 10.51 38.14
N LEU A 3078 26.82 10.05 38.42
CA LEU A 3078 27.60 10.70 39.45
C LEU A 3078 27.86 12.16 39.09
N GLU A 3079 28.31 12.43 37.87
CA GLU A 3079 28.41 13.83 37.49
C GLU A 3079 27.05 14.47 37.32
N LEU A 3080 26.01 13.69 37.05
CA LEU A 3080 24.67 14.26 36.87
C LEU A 3080 24.17 14.88 38.15
N HIS A 3081 24.42 14.24 39.29
CA HIS A 3081 23.84 14.68 40.54
C HIS A 3081 24.85 14.91 41.65
N TYR A 3082 26.13 14.62 41.42
CA TYR A 3082 27.09 14.67 42.51
C TYR A 3082 28.42 15.25 42.08
N SER A 3083 28.46 15.96 40.96
CA SER A 3083 29.72 16.55 40.50
C SER A 3083 30.35 17.43 41.56
N GLN A 3084 29.52 18.12 42.34
CA GLN A 3084 30.02 18.84 43.50
C GLN A 3084 30.76 17.92 44.44
N GLU A 3085 30.17 16.77 44.73
CA GLU A 3085 30.78 15.83 45.67
C GLU A 3085 32.09 15.30 45.10
N LEU A 3086 32.14 15.07 43.79
CA LEU A 3086 33.39 14.66 43.16
C LEU A 3086 34.45 15.76 43.33
N SER A 3087 34.05 17.01 43.13
CA SER A 3087 34.99 18.11 43.31
C SER A 3087 35.54 18.12 44.72
N LEU A 3088 34.65 18.01 45.72
CA LEU A 3088 35.09 18.03 47.10
C LEU A 3088 36.02 16.86 47.39
N LEU A 3089 35.66 15.68 46.89
CA LEU A 3089 36.48 14.50 47.09
C LEU A 3089 37.88 14.72 46.56
N TYR A 3090 38.00 15.16 45.31
CA TYR A 3090 39.32 15.35 44.73
C TYR A 3090 40.04 16.52 45.37
N LEU A 3091 39.31 17.43 46.00
CA LEU A 3091 39.96 18.42 46.85
C LEU A 3091 40.57 17.76 48.07
N LEU A 3092 39.92 16.72 48.60
CA LEU A 3092 40.50 16.01 49.72
C LEU A 3092 41.85 15.42 49.34
N GLN A 3093 41.96 14.88 48.14
CA GLN A 3093 43.25 14.45 47.61
C GLN A 3093 43.99 15.58 46.91
N ASP A 3094 43.41 16.78 46.91
CA ASP A 3094 44.02 18.01 46.42
C ASP A 3094 44.17 18.04 44.91
N ASP A 3095 43.54 17.12 44.20
CA ASP A 3095 43.62 17.10 42.74
C ASP A 3095 42.71 18.21 42.22
N VAL A 3096 43.27 19.42 42.16
CA VAL A 3096 42.46 20.60 41.90
C VAL A 3096 41.88 20.59 40.50
N ASP A 3097 42.57 19.97 39.54
CA ASP A 3097 42.14 20.10 38.15
C ASP A 3097 40.78 19.45 37.93
N ARG A 3098 40.68 18.15 38.19
CA ARG A 3098 39.42 17.46 37.96
C ARG A 3098 38.34 18.00 38.88
N ALA A 3099 38.70 18.47 40.07
CA ALA A 3099 37.71 19.09 40.94
C ALA A 3099 37.13 20.34 40.28
N LYS A 3100 37.98 21.17 39.69
CA LYS A 3100 37.51 22.35 38.99
C LYS A 3100 36.63 21.96 37.81
N TYR A 3101 37.04 20.95 37.06
CA TYR A 3101 36.22 20.53 35.92
C TYR A 3101 34.86 20.04 36.40
N TYR A 3102 34.85 19.27 37.48
CA TYR A 3102 33.60 18.75 38.01
C TYR A 3102 32.69 19.86 38.48
N ILE A 3103 33.25 20.87 39.16
CA ILE A 3103 32.40 21.95 39.63
C ILE A 3103 31.86 22.76 38.46
N GLN A 3104 32.67 22.95 37.42
CA GLN A 3104 32.15 23.63 36.24
C GLN A 3104 30.99 22.86 35.63
N ASN A 3105 31.17 21.55 35.50
CA ASN A 3105 30.11 20.71 34.94
C ASN A 3105 28.86 20.75 35.79
N GLY A 3106 29.03 20.70 37.12
CA GLY A 3106 27.89 20.77 38.00
C GLY A 3106 27.17 22.09 37.91
N ILE A 3107 27.93 23.17 37.74
CA ILE A 3107 27.31 24.48 37.59
C ILE A 3107 26.46 24.51 36.33
N GLN A 3108 27.01 24.01 35.22
CA GLN A 3108 26.24 23.98 33.98
C GLN A 3108 24.98 23.14 34.14
N SER A 3109 25.13 21.97 34.76
CA SER A 3109 23.99 21.08 34.94
C SER A 3109 22.93 21.75 35.80
N PHE A 3110 23.34 22.37 36.89
CA PHE A 3110 22.39 23.03 37.77
C PHE A 3110 21.67 24.17 37.05
N MET A 3111 22.40 24.99 36.32
CA MET A 3111 21.77 26.15 35.70
C MET A 3111 20.77 25.70 34.64
N GLN A 3112 21.14 24.71 33.83
CA GLN A 3112 20.16 24.23 32.86
C GLN A 3112 19.00 23.53 33.55
N ASN A 3113 19.25 22.91 34.71
CA ASN A 3113 18.17 22.32 35.47
C ASN A 3113 17.16 23.39 35.87
N TYR A 3114 17.66 24.47 36.46
CA TYR A 3114 16.78 25.54 36.91
C TYR A 3114 16.04 26.16 35.73
N SER A 3115 16.75 26.36 34.61
CA SER A 3115 16.07 26.86 33.42
C SER A 3115 14.99 25.91 32.96
N SER A 3116 15.16 24.61 33.23
CA SER A 3116 14.13 23.63 32.91
C SER A 3116 13.03 23.56 33.95
N ILE A 3117 13.21 24.19 35.10
CA ILE A 3117 12.19 24.15 36.16
C ILE A 3117 11.09 25.14 35.80
N ASP A 3118 9.85 24.74 36.07
CA ASP A 3118 8.73 25.66 35.88
C ASP A 3118 8.75 26.74 36.95
N VAL A 3119 7.98 27.80 36.72
CA VAL A 3119 8.05 28.97 37.59
C VAL A 3119 7.23 28.78 38.85
N LEU A 3120 6.01 28.26 38.73
CA LEU A 3120 5.12 28.22 39.88
C LEU A 3120 5.57 27.24 40.95
N LEU A 3121 6.56 26.41 40.65
CA LEU A 3121 7.12 25.49 41.65
C LEU A 3121 8.20 26.21 42.44
N HIS A 3122 7.77 27.26 43.14
CA HIS A 3122 8.71 28.12 43.85
C HIS A 3122 9.55 27.32 44.82
N GLN A 3123 8.89 26.56 45.69
CA GLN A 3123 9.58 25.75 46.69
C GLN A 3123 10.63 24.85 46.04
N SER A 3124 10.33 24.33 44.85
CA SER A 3124 11.33 23.56 44.13
C SER A 3124 12.54 24.41 43.83
N ARG A 3125 12.32 25.63 43.38
CA ARG A 3125 13.43 26.51 43.07
C ARG A 3125 14.22 26.86 44.32
N LEU A 3126 13.52 27.06 45.44
CA LEU A 3126 14.21 27.34 46.70
C LEU A 3126 15.10 26.16 47.07
N THR A 3127 14.58 24.95 46.96
CA THR A 3127 15.38 23.76 47.22
C THR A 3127 16.53 23.67 46.24
N LYS A 3128 16.37 24.24 45.05
CA LYS A 3128 17.48 24.28 44.11
C LYS A 3128 18.53 25.30 44.53
N LEU A 3129 18.10 26.36 45.21
CA LEU A 3129 18.95 27.54 45.37
C LEU A 3129 20.09 27.34 46.35
N GLN A 3130 20.00 26.36 47.25
CA GLN A 3130 21.09 26.19 48.21
C GLN A 3130 22.34 25.67 47.53
N SER A 3131 22.16 24.89 46.47
CA SER A 3131 23.29 24.48 45.65
C SER A 3131 24.05 25.69 45.14
N VAL A 3132 23.37 26.81 44.90
CA VAL A 3132 24.06 28.01 44.44
C VAL A 3132 25.12 28.41 45.45
N GLN A 3133 24.72 28.53 46.71
CA GLN A 3133 25.67 28.94 47.74
C GLN A 3133 26.77 27.90 47.90
N ALA A 3134 26.41 26.62 47.84
CA ALA A 3134 27.42 25.57 48.04
C ALA A 3134 28.48 25.61 46.94
N LEU A 3135 28.04 25.58 45.68
CA LEU A 3135 28.98 25.62 44.57
C LEU A 3135 29.77 26.92 44.58
N THR A 3136 29.13 28.03 44.94
CA THR A 3136 29.85 29.30 44.95
C THR A 3136 30.93 29.30 46.03
N GLU A 3137 30.62 28.77 47.20
CA GLU A 3137 31.64 28.69 48.25
C GLU A 3137 32.82 27.88 47.78
N ILE A 3138 32.57 26.70 47.24
CA ILE A 3138 33.69 25.86 46.84
C ILE A 3138 34.42 26.46 45.65
N GLN A 3139 33.71 27.19 44.79
CA GLN A 3139 34.37 27.84 43.67
C GLN A 3139 35.26 28.97 44.14
N GLU A 3140 34.78 29.77 45.10
CA GLU A 3140 35.64 30.78 45.70
C GLU A 3140 36.88 30.15 46.28
N PHE A 3141 36.72 29.01 46.97
CA PHE A 3141 37.86 28.35 47.57
C PHE A 3141 38.88 27.95 46.51
N ILE A 3142 38.42 27.24 45.47
CA ILE A 3142 39.36 26.74 44.48
C ILE A 3142 40.00 27.90 43.72
N SER A 3143 39.21 28.94 43.41
CA SER A 3143 39.72 30.12 42.74
C SER A 3143 40.57 30.99 43.64
N PHE A 3144 40.65 30.66 44.93
CA PHE A 3144 41.54 31.36 45.84
C PHE A 3144 42.47 30.40 46.54
N ILE A 3145 42.75 29.25 45.93
CA ILE A 3145 43.68 28.30 46.51
C ILE A 3145 45.04 28.97 46.63
N SER A 3146 45.67 29.26 45.50
CA SER A 3146 46.89 30.04 45.46
C SER A 3146 47.11 30.58 44.06
N LYS A 3147 47.00 31.89 43.89
CA LYS A 3147 47.16 32.50 42.58
C LYS A 3147 48.25 33.57 42.55
N GLN A 3148 48.83 33.91 43.69
CA GLN A 3148 50.06 34.68 43.73
C GLN A 3148 50.98 34.23 44.86
N GLY A 3149 50.64 33.15 45.54
CA GLY A 3149 51.23 32.88 46.83
C GLY A 3149 50.41 33.59 47.88
N ASN A 3150 49.09 33.40 47.82
CA ASN A 3150 48.19 34.09 48.72
C ASN A 3150 48.52 33.80 50.18
N LEU A 3151 49.04 32.60 50.46
CA LEU A 3151 49.39 32.24 51.83
C LEU A 3151 50.50 33.12 52.38
N SER A 3152 51.35 33.65 51.51
CA SER A 3152 52.38 34.59 51.94
C SER A 3152 51.82 35.99 52.19
N SER A 3153 50.64 36.29 51.69
CA SER A 3153 50.04 37.61 51.83
C SER A 3153 48.96 37.61 52.90
N GLN A 3154 48.58 38.81 53.31
CA GLN A 3154 47.50 39.02 54.27
C GLN A 3154 46.34 39.66 53.53
N VAL A 3155 45.40 38.82 53.09
CA VAL A 3155 44.23 39.27 52.37
C VAL A 3155 42.98 38.70 53.04
N PRO A 3156 42.63 39.18 54.23
CA PRO A 3156 41.53 38.57 54.97
C PRO A 3156 40.17 38.88 54.37
N LEU A 3157 40.17 39.40 53.14
CA LEU A 3157 38.92 39.69 52.45
C LEU A 3157 37.99 38.49 52.47
N LYS A 3158 38.53 37.31 52.17
CA LYS A 3158 37.75 36.10 52.35
C LYS A 3158 37.38 35.92 53.81
N ARG A 3159 38.35 36.15 54.70
CA ARG A 3159 38.10 35.99 56.12
C ARG A 3159 37.09 37.03 56.62
N LEU A 3160 36.62 37.89 55.72
CA LEU A 3160 35.47 38.74 55.98
C LEU A 3160 34.21 38.22 55.29
N LEU A 3161 34.32 37.83 54.02
CA LEU A 3161 33.16 37.33 53.29
C LEU A 3161 32.65 36.03 53.90
N ASN A 3162 33.58 35.16 54.32
CA ASN A 3162 33.19 33.87 54.93
C ASN A 3162 32.33 34.14 56.17
N THR A 3163 32.45 35.33 56.76
CA THR A 3163 31.69 35.67 58.00
C THR A 3163 30.18 35.55 57.73
N TRP A 3164 29.38 35.51 58.80
CA TRP A 3164 27.91 35.36 58.64
C TRP A 3164 27.61 34.10 57.84
N THR A 3165 28.23 32.97 58.19
CA THR A 3165 28.05 31.71 57.42
C THR A 3165 28.07 32.06 55.92
N ASN A 3166 29.08 32.82 55.49
CA ASN A 3166 29.17 33.25 54.06
C ASN A 3166 27.90 34.02 53.68
N ARG A 3167 27.50 35.00 54.50
CA ARG A 3167 26.21 35.71 54.24
C ARG A 3167 25.06 34.74 54.54
N TYR A 3168 24.58 34.72 55.79
CA TYR A 3168 23.50 33.79 56.21
C TYR A 3168 22.81 33.15 55.00
N PRO A 3169 23.10 31.88 54.65
CA PRO A 3169 22.39 31.19 53.56
C PRO A 3169 20.95 30.85 53.97
N ASP A 3170 20.10 31.85 54.13
CA ASP A 3170 18.65 31.61 54.46
C ASP A 3170 18.47 31.28 55.95
N ALA A 3171 18.82 32.21 56.84
CA ALA A 3171 18.57 32.01 58.27
C ALA A 3171 17.08 31.82 58.53
N LYS A 3172 16.79 31.00 59.53
CA LYS A 3172 15.44 30.75 60.05
C LYS A 3172 14.62 29.88 59.09
N MET A 3173 15.16 29.64 57.90
CA MET A 3173 14.55 28.73 56.94
C MET A 3173 15.68 27.85 56.41
N ASP A 3174 15.42 27.11 55.33
CA ASP A 3174 16.49 26.32 54.71
C ASP A 3174 17.14 25.36 55.70
N PRO A 3175 16.54 24.21 55.96
CA PRO A 3175 16.99 23.34 57.07
C PRO A 3175 18.49 23.17 57.21
N MET A 3176 18.90 22.84 58.43
CA MET A 3176 20.31 22.87 58.81
C MET A 3176 21.18 22.01 57.91
N ASN A 3177 20.57 21.05 57.19
CA ASN A 3177 21.35 20.17 56.34
C ASN A 3177 22.24 20.98 55.42
N ILE A 3178 21.65 21.93 54.71
CA ILE A 3178 22.41 22.86 53.89
C ILE A 3178 23.39 23.65 54.75
N TRP A 3179 22.92 24.11 55.92
CA TRP A 3179 23.80 24.84 56.81
C TRP A 3179 24.99 23.98 57.23
N ASP A 3180 24.73 22.72 57.57
CA ASP A 3180 25.81 21.83 57.93
C ASP A 3180 26.81 21.67 56.79
N ASP A 3181 26.30 21.51 55.57
CA ASP A 3181 27.19 21.41 54.43
C ASP A 3181 28.06 22.65 54.33
N ILE A 3182 27.45 23.82 54.47
CA ILE A 3182 28.19 25.07 54.34
C ILE A 3182 29.30 25.14 55.38
N ILE A 3183 28.97 24.84 56.63
CA ILE A 3183 29.96 24.99 57.69
C ILE A 3183 31.05 23.95 57.55
N THR A 3184 30.70 22.75 57.06
CA THR A 3184 31.72 21.77 56.76
C THR A 3184 32.69 22.30 55.72
N ASN A 3185 32.15 22.91 54.67
CA ASN A 3185 33.01 23.53 53.66
C ASN A 3185 33.88 24.59 54.30
N ARG A 3186 33.30 25.43 55.15
CA ARG A 3186 34.04 26.53 55.76
C ARG A 3186 35.23 26.01 56.56
N CYS A 3187 34.98 25.06 57.46
CA CYS A 3187 36.06 24.56 58.31
C CYS A 3187 37.09 23.82 57.49
N PHE A 3188 36.65 23.09 56.46
CA PHE A 3188 37.61 22.41 55.60
C PHE A 3188 38.51 23.42 54.91
N PHE A 3189 37.94 24.51 54.42
CA PHE A 3189 38.72 25.54 53.77
C PHE A 3189 39.70 26.17 54.74
N LEU A 3190 39.26 26.43 55.95
CA LEU A 3190 40.14 27.02 56.95
C LEU A 3190 41.31 26.08 57.24
N SER A 3191 41.02 24.79 57.39
CA SER A 3191 42.08 23.82 57.62
C SER A 3191 43.06 23.83 56.46
N LYS A 3192 42.54 23.82 55.24
CA LYS A 3192 43.39 23.80 54.06
C LYS A 3192 44.28 25.03 54.02
N ILE A 3193 43.69 26.20 54.24
CA ILE A 3193 44.44 27.44 54.12
C ILE A 3193 45.51 27.53 55.19
N GLU A 3194 45.14 27.29 56.44
CA GLU A 3194 46.09 27.41 57.54
C GLU A 3194 47.21 26.39 57.39
N GLU A 3195 46.87 25.16 56.98
CA GLU A 3195 47.86 24.10 56.91
C GLU A 3195 48.89 24.33 55.81
N LYS A 3196 48.58 25.17 54.82
CA LYS A 3196 49.51 25.44 53.73
C LYS A 3196 50.17 26.80 53.85
N LEU A 3197 49.84 27.57 54.87
CA LEU A 3197 50.33 28.94 55.02
C LEU A 3197 51.84 29.06 54.89
N ASP A 3226 47.51 33.80 66.14
CA ASP A 3226 47.02 34.94 65.37
C ASP A 3226 46.03 34.48 64.30
N ILE A 3227 46.56 34.14 63.14
CA ILE A 3227 45.71 33.74 62.02
C ILE A 3227 44.90 32.50 62.40
N SER A 3228 45.54 31.54 63.06
CA SER A 3228 44.81 30.40 63.60
C SER A 3228 43.74 30.86 64.59
N SER A 3229 44.08 31.82 65.44
CA SER A 3229 43.09 32.37 66.34
C SER A 3229 41.96 33.04 65.55
N LEU A 3230 42.31 33.71 64.46
CA LEU A 3230 41.30 34.34 63.62
C LEU A 3230 40.33 33.30 63.07
N ILE A 3231 40.86 32.22 62.52
CA ILE A 3231 39.98 31.20 61.93
C ILE A 3231 39.17 30.51 63.01
N ARG A 3232 39.76 30.32 64.20
CA ARG A 3232 39.00 29.70 65.28
C ARG A 3232 37.86 30.60 65.74
N SER A 3233 38.09 31.91 65.77
CA SER A 3233 37.02 32.85 66.06
C SER A 3233 35.95 32.78 64.99
N CYS A 3234 36.36 32.66 63.74
CA CYS A 3234 35.39 32.50 62.66
C CYS A 3234 34.55 31.26 62.88
N LYS A 3235 35.20 30.15 63.27
CA LYS A 3235 34.47 28.93 63.56
C LYS A 3235 33.49 29.14 64.70
N PHE A 3236 33.93 29.83 65.74
CA PHE A 3236 33.04 30.18 66.84
C PHE A 3236 31.80 30.88 66.30
N SER A 3237 32.01 31.86 65.44
CA SER A 3237 30.90 32.64 64.91
C SER A 3237 29.94 31.79 64.09
N MET A 3238 30.48 30.98 63.18
CA MET A 3238 29.60 30.20 62.32
C MET A 3238 28.85 29.17 63.14
N LYS A 3239 29.49 28.58 64.13
CA LYS A 3239 28.79 27.56 64.90
C LYS A 3239 27.74 28.17 65.82
N MET A 3240 27.98 29.36 66.36
CA MET A 3240 26.93 30.00 67.14
C MET A 3240 25.76 30.40 66.25
N LYS A 3241 26.05 30.88 65.03
CA LYS A 3241 24.96 31.10 64.07
C LYS A 3241 24.21 29.81 63.79
N MET A 3242 24.95 28.71 63.66
CA MET A 3242 24.35 27.39 63.47
C MET A 3242 23.33 27.09 64.54
N ILE A 3243 23.76 27.18 65.80
CA ILE A 3243 22.89 26.77 66.89
C ILE A 3243 21.71 27.74 67.01
N ASP A 3244 21.98 29.04 66.83
CA ASP A 3244 20.90 30.02 66.86
C ASP A 3244 19.85 29.70 65.80
N SER A 3245 20.29 29.40 64.59
CA SER A 3245 19.37 29.11 63.50
C SER A 3245 18.57 27.83 63.77
N ALA A 3246 19.25 26.78 64.22
CA ALA A 3246 18.56 25.52 64.48
C ALA A 3246 17.52 25.69 65.58
N ARG A 3247 17.85 26.46 66.62
CA ARG A 3247 16.84 26.80 67.62
C ARG A 3247 15.71 27.58 66.98
N LYS A 3248 16.05 28.51 66.09
CA LYS A 3248 15.01 29.25 65.36
C LYS A 3248 14.20 28.32 64.48
N GLN A 3249 14.86 27.39 63.81
CA GLN A 3249 14.12 26.36 63.12
C GLN A 3249 13.52 25.36 64.04
N ASN A 3250 13.53 25.64 65.34
CA ASN A 3250 12.90 24.81 66.36
C ASN A 3250 13.53 23.44 66.47
N ASN A 3251 14.72 23.24 65.90
CA ASN A 3251 15.37 21.94 65.92
C ASN A 3251 15.99 21.74 67.30
N PHE A 3252 15.12 21.40 68.26
CA PHE A 3252 15.58 21.14 69.62
C PHE A 3252 16.63 20.04 69.66
N SER A 3253 16.59 19.12 68.70
CA SER A 3253 17.72 18.25 68.44
C SER A 3253 18.80 19.11 67.80
N LEU A 3254 19.43 19.94 68.62
CA LEU A 3254 20.45 20.86 68.15
C LEU A 3254 21.68 20.05 67.77
N ALA A 3255 22.75 20.76 67.44
CA ALA A 3255 24.09 20.21 67.54
C ALA A 3255 24.52 20.24 69.01
N MET A 3256 23.77 19.48 69.81
CA MET A 3256 24.03 19.43 71.24
C MET A 3256 25.48 19.08 71.53
N LYS A 3257 26.03 18.14 70.77
CA LYS A 3257 27.42 17.77 70.95
C LYS A 3257 28.33 18.92 70.54
N LEU A 3258 28.02 19.57 69.41
CA LEU A 3258 28.76 20.77 69.02
C LEU A 3258 28.51 21.90 70.00
N LEU A 3259 27.30 21.96 70.57
CA LEU A 3259 27.03 22.92 71.62
C LEU A 3259 27.99 22.70 72.79
N LYS A 3260 28.18 21.45 73.20
CA LYS A 3260 29.12 21.16 74.28
C LYS A 3260 30.56 21.42 73.86
N GLU A 3261 30.88 21.20 72.58
CA GLU A 3261 32.21 21.52 72.09
C GLU A 3261 32.50 23.00 72.26
N LEU A 3262 31.56 23.84 71.84
CA LEU A 3262 31.69 25.26 72.06
C LEU A 3262 31.71 25.58 73.55
N HIS A 3263 31.00 24.79 74.35
CA HIS A 3263 31.04 24.95 75.80
C HIS A 3263 32.46 24.81 76.34
N LYS A 3264 33.14 23.73 75.97
CA LYS A 3264 34.52 23.56 76.41
C LYS A 3264 35.39 24.68 75.86
N GLU A 3265 35.25 24.97 74.58
CA GLU A 3265 36.02 26.03 73.96
C GLU A 3265 35.55 27.41 74.41
N SER A 3266 34.41 27.50 75.11
CA SER A 3266 33.92 28.80 75.55
C SER A 3266 34.92 29.48 76.48
N LYS A 3267 35.48 28.72 77.42
CA LYS A 3267 36.42 29.29 78.38
C LYS A 3267 37.66 29.86 77.75
N THR A 3268 37.87 29.64 76.44
CA THR A 3268 39.06 30.18 75.78
C THR A 3268 39.13 31.69 75.89
N ARG A 3269 38.00 32.37 75.85
CA ARG A 3269 37.97 33.81 76.12
C ARG A 3269 36.61 34.19 76.67
N ASP A 3270 36.60 35.26 77.45
CA ASP A 3270 35.40 35.64 78.19
C ASP A 3270 34.25 35.98 77.27
N ASP A 3271 34.54 36.72 76.20
CA ASP A 3271 33.47 37.15 75.30
C ASP A 3271 32.81 35.96 74.62
N TRP A 3272 33.64 35.07 74.08
CA TRP A 3272 33.12 33.87 73.43
C TRP A 3272 32.44 32.96 74.46
N LEU A 3273 33.00 32.89 75.67
CA LEU A 3273 32.38 32.14 76.75
C LEU A 3273 30.97 32.63 77.03
N VAL A 3274 30.82 33.93 77.26
CA VAL A 3274 29.52 34.48 77.65
C VAL A 3274 28.56 34.42 76.48
N SER A 3275 29.05 34.54 75.25
CA SER A 3275 28.18 34.36 74.10
C SER A 3275 27.63 32.94 74.07
N TRP A 3276 28.48 31.95 74.33
CA TRP A 3276 28.00 30.58 74.43
C TRP A 3276 26.96 30.46 75.53
N VAL A 3277 27.22 31.13 76.65
CA VAL A 3277 26.29 31.07 77.78
C VAL A 3277 24.93 31.61 77.37
N GLN A 3278 24.92 32.76 76.70
CA GLN A 3278 23.67 33.38 76.28
C GLN A 3278 22.94 32.48 75.31
N SER A 3279 23.68 31.88 74.37
CA SER A 3279 23.05 30.97 73.42
C SER A 3279 22.41 29.80 74.14
N TYR A 3280 23.12 29.21 75.12
CA TYR A 3280 22.58 28.07 75.84
C TYR A 3280 21.34 28.46 76.62
N CYS A 3281 21.36 29.63 77.26
CA CYS A 3281 20.20 30.06 78.03
C CYS A 3281 19.00 30.32 77.12
N ARG A 3282 19.22 30.94 75.97
CA ARG A 3282 18.13 31.15 75.04
C ARG A 3282 17.59 29.82 74.54
N LEU A 3283 18.46 28.85 74.33
CA LEU A 3283 18.00 27.50 74.00
C LEU A 3283 17.12 26.96 75.11
N SER A 3284 17.59 27.03 76.35
CA SER A 3284 16.86 26.46 77.47
C SER A 3284 15.49 27.11 77.62
N HIS A 3285 15.43 28.43 77.47
CA HIS A 3285 14.13 29.10 77.44
C HIS A 3285 13.29 28.57 76.29
N CYS A 3286 13.90 28.41 75.13
CA CYS A 3286 13.21 27.75 74.02
C CYS A 3286 12.89 26.31 74.38
N ARG A 3287 13.83 25.63 75.05
CA ARG A 3287 13.59 24.25 75.46
C ARG A 3287 12.40 24.14 76.39
N SER A 3288 12.02 25.22 77.05
CA SER A 3288 10.78 25.22 77.79
C SER A 3288 9.64 25.22 76.80
N ARG A 3289 9.14 24.03 76.45
CA ARG A 3289 8.18 23.88 75.37
C ARG A 3289 6.83 23.40 75.87
N SER A 3290 6.77 22.23 76.48
CA SER A 3290 5.55 21.67 77.05
C SER A 3290 5.72 21.20 78.48
N GLN A 3291 6.87 20.62 78.80
CA GLN A 3291 7.20 20.25 80.17
C GLN A 3291 8.18 21.25 80.78
N GLY A 3292 8.21 22.46 80.23
CA GLY A 3292 9.11 23.51 80.65
C GLY A 3292 9.24 23.66 82.15
N CYS A 3293 8.16 23.40 82.88
CA CYS A 3293 8.19 23.51 84.33
C CYS A 3293 9.27 22.63 84.93
N SER A 3294 9.07 21.32 84.88
CA SER A 3294 9.99 20.42 85.56
C SER A 3294 11.34 20.41 84.87
N GLU A 3295 11.36 20.34 83.54
CA GLU A 3295 12.61 20.24 82.82
C GLU A 3295 13.46 21.49 83.02
N GLN A 3296 12.84 22.68 83.05
CA GLN A 3296 13.59 23.89 83.32
C GLN A 3296 14.04 23.96 84.76
N VAL A 3297 13.24 23.47 85.70
CA VAL A 3297 13.67 23.44 87.09
C VAL A 3297 14.88 22.53 87.24
N LEU A 3298 14.93 21.45 86.46
CA LEU A 3298 16.11 20.60 86.47
C LEU A 3298 17.38 21.36 86.08
N THR A 3299 17.22 22.42 85.29
CA THR A 3299 18.31 23.18 84.71
C THR A 3299 18.09 24.67 84.89
N VAL A 3300 17.82 25.09 86.12
CA VAL A 3300 17.34 26.46 86.33
C VAL A 3300 18.38 27.42 85.77
N LEU A 3301 18.03 28.00 84.62
CA LEU A 3301 18.89 28.87 83.83
C LEU A 3301 20.31 28.29 83.81
N LYS A 3302 20.38 26.95 83.75
CA LYS A 3302 21.62 26.20 83.77
C LYS A 3302 22.50 26.71 84.92
N THR A 3303 22.10 26.42 86.15
CA THR A 3303 22.74 26.95 87.36
C THR A 3303 22.63 28.47 87.43
N VAL A 3304 21.61 29.02 86.77
CA VAL A 3304 21.27 30.44 86.82
C VAL A 3304 22.40 31.26 86.22
N SER A 3305 22.20 31.71 84.98
CA SER A 3305 23.15 32.56 84.27
C SER A 3305 24.51 31.90 84.18
N LEU A 3306 24.53 30.58 84.27
CA LEU A 3306 25.78 29.81 84.32
C LEU A 3306 26.70 30.34 85.39
N LEU A 3307 26.13 30.84 86.48
CA LEU A 3307 26.87 31.59 87.50
C LEU A 3307 27.66 32.71 86.84
N ASP A 3308 26.90 33.65 86.26
CA ASP A 3308 27.48 34.72 85.47
C ASP A 3308 28.39 35.60 86.30
N GLU A 3309 28.29 35.50 87.63
CA GLU A 3309 29.24 36.14 88.51
C GLU A 3309 30.68 35.78 88.20
N ASN A 3310 30.92 34.74 87.39
CA ASN A 3310 32.24 34.50 86.85
C ASN A 3310 32.76 35.73 86.11
N ASN A 3311 31.91 36.33 85.27
CA ASN A 3311 32.19 37.65 84.71
C ASN A 3311 30.86 38.22 84.23
N VAL A 3312 30.38 39.26 84.92
CA VAL A 3312 29.07 39.85 84.64
C VAL A 3312 29.25 40.88 83.53
N SER A 3313 28.80 40.55 82.32
CA SER A 3313 29.15 41.32 81.12
C SER A 3313 30.66 41.50 81.04
N SER A 3314 31.37 40.39 81.28
CA SER A 3314 32.81 40.40 81.51
C SER A 3314 33.17 41.43 82.58
N TYR A 3315 32.49 41.33 83.72
CA TYR A 3315 32.59 42.34 84.78
C TYR A 3315 32.18 43.71 84.25
N LEU A 3316 31.14 43.72 83.41
CA LEU A 3316 30.63 44.92 82.74
C LEU A 3316 31.68 45.57 81.85
N SER A 3317 32.87 44.97 81.75
CA SER A 3317 33.85 45.47 80.80
C SER A 3317 33.38 45.28 79.37
N LYS A 3318 32.54 44.27 79.13
CA LYS A 3318 31.87 44.13 77.85
C LYS A 3318 30.77 45.18 77.74
N ASN A 3319 29.99 45.08 76.67
CA ASN A 3319 28.94 46.05 76.43
C ASN A 3319 27.81 45.88 77.43
N ILE A 3320 26.96 46.91 77.49
CA ILE A 3320 25.66 46.78 78.14
C ILE A 3320 24.69 45.95 77.32
N LEU A 3321 25.04 45.63 76.07
CA LEU A 3321 24.18 44.82 75.22
C LEU A 3321 23.97 43.47 75.86
N ALA A 3322 25.06 42.71 75.97
CA ALA A 3322 25.06 41.40 76.60
C ALA A 3322 24.57 41.51 78.04
N PHE A 3323 24.87 42.64 78.68
CA PHE A 3323 24.43 42.85 80.06
C PHE A 3323 22.91 42.77 80.16
N ARG A 3324 22.21 43.56 79.34
CA ARG A 3324 20.76 43.50 79.42
C ARG A 3324 20.25 42.18 78.88
N ASP A 3325 20.98 41.54 77.97
CA ASP A 3325 20.56 40.23 77.52
C ASP A 3325 20.56 39.24 78.68
N GLN A 3326 21.60 39.32 79.52
CA GLN A 3326 21.65 38.50 80.72
C GLN A 3326 20.50 38.83 81.65
N ASN A 3327 20.18 40.12 81.79
CA ASN A 3327 19.04 40.49 82.63
C ASN A 3327 17.74 39.92 82.06
N ILE A 3328 17.59 39.98 80.74
CA ILE A 3328 16.44 39.39 80.08
C ILE A 3328 16.34 37.91 80.40
N LEU A 3329 17.45 37.19 80.28
CA LEU A 3329 17.45 35.76 80.56
C LEU A 3329 17.09 35.49 82.02
N LEU A 3330 17.64 36.29 82.92
CA LEU A 3330 17.39 36.11 84.35
C LEU A 3330 15.91 36.29 84.66
N GLY A 3331 15.34 37.43 84.24
CA GLY A 3331 13.93 37.67 84.46
C GLY A 3331 13.06 36.65 83.76
N THR A 3332 13.50 36.20 82.57
CA THR A 3332 12.73 35.23 81.81
C THR A 3332 12.62 33.92 82.55
N THR A 3333 13.75 33.40 83.02
CA THR A 3333 13.72 32.13 83.74
C THR A 3333 12.98 32.26 85.06
N TYR A 3334 13.16 33.38 85.76
CA TYR A 3334 12.43 33.57 87.01
C TYR A 3334 10.92 33.59 86.76
N ARG A 3335 10.50 34.28 85.71
CA ARG A 3335 9.09 34.30 85.34
C ARG A 3335 8.60 32.92 84.96
N ILE A 3336 9.42 32.17 84.20
CA ILE A 3336 9.03 30.82 83.79
C ILE A 3336 8.80 29.95 85.01
N ILE A 3337 9.74 30.01 85.97
CA ILE A 3337 9.63 29.19 87.17
C ILE A 3337 8.42 29.60 87.99
N ALA A 3338 8.18 30.91 88.12
CA ALA A 3338 7.04 31.37 88.90
C ALA A 3338 5.73 30.93 88.26
N ASN A 3339 5.62 31.05 86.93
CA ASN A 3339 4.42 30.59 86.24
C ASN A 3339 4.27 29.09 86.39
N ALA A 3340 5.37 28.35 86.34
CA ALA A 3340 5.32 26.91 86.52
C ALA A 3340 4.79 26.53 87.89
N LEU A 3341 5.25 27.23 88.93
CA LEU A 3341 4.80 26.92 90.28
C LEU A 3341 3.35 27.32 90.48
N SER A 3342 2.94 28.46 89.94
CA SER A 3342 1.56 28.88 90.08
C SER A 3342 0.64 27.91 89.35
N SER A 3343 0.98 27.57 88.11
CA SER A 3343 0.19 26.59 87.36
C SER A 3343 0.27 25.22 88.01
N GLU A 3344 1.48 24.80 88.40
CA GLU A 3344 1.69 23.51 89.04
C GLU A 3344 2.28 23.73 90.42
N PRO A 3345 1.45 23.79 91.46
CA PRO A 3345 1.97 23.96 92.83
C PRO A 3345 2.52 22.69 93.44
N ALA A 3346 2.51 21.57 92.72
CA ALA A 3346 3.02 20.30 93.23
C ALA A 3346 3.89 19.63 92.18
N CYS A 3347 4.80 20.41 91.59
CA CYS A 3347 5.67 19.86 90.55
C CYS A 3347 6.56 18.77 91.12
N LEU A 3348 6.84 17.77 90.29
CA LEU A 3348 7.72 16.68 90.70
C LEU A 3348 9.11 17.18 91.04
N ALA A 3349 9.62 18.14 90.26
CA ALA A 3349 10.87 18.78 90.62
C ALA A 3349 10.72 19.59 91.90
N GLU A 3350 9.57 20.26 92.07
CA GLU A 3350 9.27 20.86 93.36
C GLU A 3350 9.19 19.79 94.43
N ILE A 3351 8.56 18.66 94.11
CA ILE A 3351 8.57 17.50 95.01
C ILE A 3351 10.00 17.02 95.18
N GLU A 3352 10.80 17.04 94.12
CA GLU A 3352 12.20 16.64 94.20
C GLU A 3352 12.96 17.57 95.14
N GLU A 3353 13.45 17.02 96.26
CA GLU A 3353 14.19 17.79 97.24
C GLU A 3353 15.66 17.78 96.85
N ASP A 3354 16.19 18.95 96.51
CA ASP A 3354 17.55 19.07 96.02
C ASP A 3354 18.07 20.46 96.37
N LYS A 3355 19.28 20.77 95.89
CA LYS A 3355 19.79 22.12 96.01
C LYS A 3355 18.85 23.13 95.39
N ALA A 3356 18.18 22.73 94.29
CA ALA A 3356 17.27 23.64 93.61
C ALA A 3356 16.18 24.15 94.53
N ARG A 3357 15.84 23.38 95.57
CA ARG A 3357 14.87 23.86 96.57
C ARG A 3357 15.34 25.16 97.19
N ARG A 3358 16.57 25.16 97.73
CA ARG A 3358 17.03 26.28 98.54
C ARG A 3358 17.09 27.56 97.72
N ILE A 3359 17.75 27.50 96.56
CA ILE A 3359 17.79 28.67 95.69
C ILE A 3359 16.38 29.06 95.29
N LEU A 3360 15.49 28.07 95.12
CA LEU A 3360 14.09 28.36 94.87
C LEU A 3360 13.52 29.25 95.96
N GLU A 3361 13.77 28.90 97.22
CA GLU A 3361 13.38 29.79 98.30
C GLU A 3361 14.31 30.99 98.39
N LEU A 3362 15.58 30.82 98.01
CA LEU A 3362 16.51 31.95 98.06
C LEU A 3362 16.11 33.04 97.07
N SER A 3363 15.88 32.65 95.82
CA SER A 3363 15.38 33.60 94.85
C SER A 3363 13.91 33.94 95.08
N GLY A 3364 13.20 33.09 95.81
CA GLY A 3364 11.81 33.36 96.14
C GLY A 3364 11.68 34.31 97.32
N GLU A 3368 10.64 29.62 103.36
CA GLU A 3368 9.64 30.52 102.79
C GLU A 3368 8.33 29.77 102.51
N ASP A 3369 7.46 30.41 101.73
CA ASP A 3369 6.17 29.83 101.36
C ASP A 3369 6.03 29.82 99.85
N SER A 3370 5.30 28.83 99.34
CA SER A 3370 5.13 28.68 97.90
C SER A 3370 4.62 29.96 97.26
N GLU A 3371 3.56 30.55 97.83
CA GLU A 3371 3.10 31.84 97.33
C GLU A 3371 4.14 32.92 97.58
N LYS A 3372 4.77 32.90 98.75
CA LYS A 3372 5.85 33.86 99.00
C LYS A 3372 7.02 33.63 98.04
N VAL A 3373 7.34 32.37 97.75
CA VAL A 3373 8.43 32.11 96.81
C VAL A 3373 8.09 32.65 95.43
N ILE A 3374 6.88 32.39 94.96
CA ILE A 3374 6.53 32.89 93.63
C ILE A 3374 6.46 34.41 93.62
N ALA A 3375 6.03 35.01 94.72
CA ALA A 3375 6.03 36.47 94.80
C ALA A 3375 7.44 37.03 94.71
N GLY A 3376 8.38 36.42 95.44
CA GLY A 3376 9.76 36.87 95.36
C GLY A 3376 10.36 36.64 93.98
N LEU A 3377 10.01 35.52 93.35
CA LEU A 3377 10.48 35.24 92.01
C LEU A 3377 9.96 36.29 91.03
N TYR A 3378 8.68 36.63 91.13
CA TYR A 3378 8.12 37.66 90.28
C TYR A 3378 8.79 38.99 90.54
N GLN A 3379 9.05 39.30 91.81
CA GLN A 3379 9.72 40.55 92.14
C GLN A 3379 11.10 40.63 91.52
N ARG A 3380 11.88 39.56 91.67
CA ARG A 3380 13.23 39.56 91.12
C ARG A 3380 13.20 39.61 89.59
N ALA A 3381 12.27 38.87 88.98
CA ALA A 3381 12.16 38.91 87.52
C ALA A 3381 11.80 40.30 87.04
N PHE A 3382 10.88 40.97 87.75
CA PHE A 3382 10.54 42.34 87.42
C PHE A 3382 11.75 43.24 87.57
N GLN A 3383 12.55 43.01 88.61
CA GLN A 3383 13.77 43.78 88.80
C GLN A 3383 14.71 43.60 87.62
N HIS A 3384 14.89 42.36 87.17
CA HIS A 3384 15.79 42.10 86.05
C HIS A 3384 15.25 42.70 84.76
N LEU A 3385 13.93 42.65 84.56
CA LEU A 3385 13.35 43.28 83.40
C LEU A 3385 13.54 44.79 83.43
N SER A 3386 13.41 45.40 84.61
CA SER A 3386 13.67 46.83 84.74
C SER A 3386 15.13 47.14 84.44
N GLU A 3387 16.04 46.29 84.90
CA GLU A 3387 17.45 46.47 84.59
C GLU A 3387 17.69 46.39 83.10
N ALA A 3388 17.06 45.42 82.44
CA ALA A 3388 17.21 45.29 81.00
C ALA A 3388 16.63 46.51 80.28
N VAL A 3389 15.50 47.01 80.75
CA VAL A 3389 14.88 48.19 80.15
C VAL A 3389 15.83 49.38 80.25
N GLN A 3390 16.34 49.62 81.45
CA GLN A 3390 17.21 50.78 81.64
C GLN A 3390 18.51 50.63 80.84
N ALA A 3391 19.04 49.41 80.76
CA ALA A 3391 20.26 49.18 79.98
C ALA A 3391 20.00 49.40 78.50
N ALA A 3392 18.86 48.93 78.00
CA ALA A 3392 18.52 49.15 76.59
C ALA A 3392 18.37 50.64 76.29
N GLU A 3393 17.75 51.37 77.21
CA GLU A 3393 17.54 52.80 76.99
C GLU A 3393 18.84 53.57 76.91
N GLU A 3394 19.94 53.00 77.39
CA GLU A 3394 21.25 53.62 77.24
C GLU A 3394 21.80 53.30 75.86
N GLU A 3395 22.31 54.32 75.17
CA GLU A 3395 22.82 54.15 73.82
C GLU A 3395 23.91 55.16 73.49
N ALA A 3407 14.75 47.56 67.60
CA ALA A 3407 15.58 47.94 68.73
C ALA A 3407 15.21 47.13 69.97
N GLY A 3408 16.23 46.70 70.71
CA GLY A 3408 15.99 45.92 71.92
C GLY A 3408 15.25 46.67 72.99
N VAL A 3409 15.24 48.01 72.91
CA VAL A 3409 14.48 48.81 73.87
C VAL A 3409 13.00 48.49 73.76
N ILE A 3410 12.50 48.44 72.54
CA ILE A 3410 11.11 48.06 72.32
C ILE A 3410 10.86 46.65 72.82
N ASP A 3411 11.83 45.77 72.64
CA ASP A 3411 11.69 44.39 73.10
C ASP A 3411 11.54 44.34 74.62
N ALA A 3412 12.38 45.10 75.33
CA ALA A 3412 12.28 45.17 76.79
C ALA A 3412 10.95 45.76 77.20
N TYR A 3413 10.50 46.79 76.50
CA TYR A 3413 9.20 47.38 76.79
C TYR A 3413 8.09 46.36 76.65
N MET A 3414 8.10 45.58 75.57
CA MET A 3414 7.07 44.58 75.34
C MET A 3414 7.12 43.48 76.38
N THR A 3415 8.32 43.05 76.76
CA THR A 3415 8.45 42.03 77.78
C THR A 3415 7.89 42.51 79.11
N LEU A 3416 8.21 43.74 79.49
CA LEU A 3416 7.69 44.27 80.74
C LEU A 3416 6.19 44.48 80.67
N ALA A 3417 5.67 44.83 79.49
CA ALA A 3417 4.22 44.94 79.31
C ALA A 3417 3.56 43.58 79.50
N ASP A 3418 4.16 42.53 78.95
CA ASP A 3418 3.63 41.18 79.19
C ASP A 3418 3.67 40.84 80.67
N PHE A 3419 4.77 41.18 81.33
CA PHE A 3419 4.87 40.94 82.77
C PHE A 3419 3.74 41.61 83.52
N CYS A 3420 3.52 42.89 83.26
CA CYS A 3420 2.49 43.63 83.98
C CYS A 3420 1.10 43.12 83.65
N ASP A 3421 0.86 42.75 82.39
CA ASP A 3421 -0.42 42.19 82.03
C ASP A 3421 -0.67 40.90 82.79
N GLN A 3422 0.36 40.07 82.94
CA GLN A 3422 0.22 38.88 83.77
C GLN A 3422 -0.11 39.26 85.20
N GLN A 3423 0.58 40.26 85.75
CA GLN A 3423 0.31 40.71 87.11
C GLN A 3423 -1.16 41.06 87.26
N LEU A 3424 -1.67 41.90 86.35
CA LEU A 3424 -3.06 42.34 86.44
C LEU A 3424 -4.01 41.16 86.30
N ARG A 3425 -3.74 40.26 85.35
CA ARG A 3425 -4.64 39.13 85.13
C ARG A 3425 -4.71 38.24 86.35
N LYS A 3426 -3.57 37.97 86.98
CA LYS A 3426 -3.59 37.14 88.19
C LYS A 3426 -4.10 37.92 89.39
N GLU A 3427 -3.82 39.22 89.45
CA GLU A 3427 -4.37 40.03 90.53
C GLU A 3427 -5.89 40.10 90.47
N GLU A 3428 -6.48 39.82 89.31
CA GLU A 3428 -7.91 39.69 89.14
C GLU A 3428 -8.21 38.22 88.87
N GLU A 3429 -9.48 37.94 88.54
CA GLU A 3429 -9.86 36.59 88.15
C GLU A 3429 -9.07 36.17 86.92
N ALA A 3441 1.24 50.53 91.86
CA ALA A 3441 2.64 50.12 91.79
C ALA A 3441 3.08 49.94 90.34
N TYR A 3442 2.89 48.72 89.84
CA TYR A 3442 3.23 48.42 88.45
C TYR A 3442 2.49 49.29 87.44
N PRO A 3443 1.16 49.45 87.49
CA PRO A 3443 0.43 50.00 86.34
C PRO A 3443 1.00 51.29 85.78
N ALA A 3444 1.34 52.25 86.64
CA ALA A 3444 1.82 53.54 86.15
C ALA A 3444 3.05 53.37 85.27
N LEU A 3445 4.12 52.82 85.85
CA LEU A 3445 5.38 52.71 85.13
C LEU A 3445 5.26 51.78 83.93
N VAL A 3446 4.48 50.70 84.06
CA VAL A 3446 4.40 49.77 82.93
C VAL A 3446 3.68 50.40 81.75
N VAL A 3447 2.57 51.10 82.00
CA VAL A 3447 1.86 51.70 80.88
C VAL A 3447 2.66 52.86 80.30
N GLU A 3448 3.39 53.60 81.14
CA GLU A 3448 4.22 54.66 80.58
C GLU A 3448 5.34 54.08 79.74
N LYS A 3449 5.90 52.93 80.13
CA LYS A 3449 6.96 52.31 79.35
C LYS A 3449 6.44 51.80 78.02
N MET A 3450 5.29 51.13 78.03
CA MET A 3450 4.72 50.68 76.77
C MET A 3450 4.29 51.85 75.91
N LEU A 3451 3.93 52.97 76.53
CA LEU A 3451 3.64 54.18 75.77
C LEU A 3451 4.89 54.72 75.08
N LYS A 3452 6.01 54.76 75.80
CA LYS A 3452 7.27 55.15 75.19
C LYS A 3452 7.68 54.17 74.10
N ALA A 3453 7.31 52.90 74.25
CA ALA A 3453 7.53 51.93 73.19
C ALA A 3453 6.73 52.28 71.95
N LEU A 3454 5.42 52.52 72.11
CA LEU A 3454 4.59 52.88 70.98
C LEU A 3454 5.05 54.20 70.35
N LYS A 3455 5.71 55.07 71.13
CA LYS A 3455 6.39 56.20 70.54
C LYS A 3455 7.32 55.74 69.43
N LEU A 3456 8.11 54.70 69.70
CA LEU A 3456 8.84 54.01 68.65
C LEU A 3456 7.87 53.05 67.98
N ASN A 3457 7.08 53.62 67.07
CA ASN A 3457 5.90 52.97 66.50
C ASN A 3457 6.14 51.51 66.16
N SER A 3458 5.28 50.65 66.69
CA SER A 3458 5.36 49.22 66.45
C SER A 3458 3.95 48.66 66.47
N ASN A 3459 3.69 47.71 65.56
CA ASN A 3459 2.33 47.21 65.40
C ASN A 3459 1.81 46.59 66.69
N GLU A 3460 2.62 45.76 67.34
CA GLU A 3460 2.19 45.18 68.62
C GLU A 3460 2.02 46.27 69.67
N ALA A 3461 2.94 47.24 69.69
CA ALA A 3461 2.78 48.37 70.59
C ALA A 3461 1.47 49.10 70.31
N ARG A 3462 1.05 49.13 69.05
CA ARG A 3462 -0.29 49.60 68.74
C ARG A 3462 -1.35 48.71 69.39
N LEU A 3463 -1.18 47.39 69.27
CA LEU A 3463 -2.19 46.46 69.77
C LEU A 3463 -2.32 46.51 71.28
N LYS A 3464 -1.31 47.01 71.99
CA LYS A 3464 -1.47 47.21 73.43
C LYS A 3464 -2.40 48.36 73.78
N PHE A 3465 -2.87 49.13 72.79
CA PHE A 3465 -3.73 50.27 73.10
C PHE A 3465 -5.00 49.91 73.85
N PRO A 3466 -5.80 48.90 73.44
CA PRO A 3466 -6.99 48.57 74.22
C PRO A 3466 -6.67 48.16 75.64
N ARG A 3467 -5.54 47.51 75.87
CA ARG A 3467 -5.12 47.23 77.24
C ARG A 3467 -4.87 48.52 78.00
N LEU A 3468 -4.30 49.52 77.33
CA LEU A 3468 -4.12 50.82 77.97
C LEU A 3468 -5.46 51.42 78.35
N LEU A 3469 -6.45 51.32 77.46
CA LEU A 3469 -7.78 51.83 77.79
C LEU A 3469 -8.36 51.11 79.00
N GLN A 3470 -8.22 49.78 79.03
CA GLN A 3470 -8.76 49.02 80.15
C GLN A 3470 -8.09 49.39 81.46
N ILE A 3471 -6.76 49.55 81.45
CA ILE A 3471 -6.07 49.88 82.69
C ILE A 3471 -6.40 51.30 83.12
N ILE A 3472 -6.63 52.21 82.16
CA ILE A 3472 -7.08 53.54 82.52
C ILE A 3472 -8.44 53.49 83.17
N GLU A 3473 -9.35 52.68 82.63
CA GLU A 3473 -10.67 52.53 83.23
C GLU A 3473 -10.56 51.96 84.64
N ARG A 3474 -9.73 50.94 84.84
CA ARG A 3474 -9.64 50.30 86.14
C ARG A 3474 -8.91 51.16 87.15
N TYR A 3475 -7.82 51.80 86.73
CA TYR A 3475 -7.00 52.63 87.62
C TYR A 3475 -6.76 53.97 86.95
N PRO A 3476 -7.78 54.81 86.87
CA PRO A 3476 -7.59 56.15 86.27
C PRO A 3476 -6.66 57.03 87.08
N GLU A 3477 -6.41 56.70 88.35
CA GLU A 3477 -5.64 57.57 89.23
C GLU A 3477 -4.28 57.89 88.64
N GLU A 3478 -3.42 56.87 88.50
CA GLU A 3478 -2.09 57.11 87.99
C GLU A 3478 -2.11 57.48 86.52
N THR A 3479 -3.05 56.90 85.75
CA THR A 3479 -3.13 57.24 84.34
C THR A 3479 -3.44 58.71 84.13
N LEU A 3480 -4.04 59.37 85.12
CA LEU A 3480 -4.19 60.81 85.06
C LEU A 3480 -2.84 61.50 84.96
N SER A 3481 -1.89 61.10 85.81
CA SER A 3481 -0.52 61.58 85.68
C SER A 3481 0.10 61.10 84.39
N LEU A 3482 -0.37 59.97 83.86
CA LEU A 3482 0.20 59.41 82.65
C LEU A 3482 -0.50 59.88 81.38
N MET A 3483 -1.80 60.15 81.44
CA MET A 3483 -2.45 60.75 80.27
C MET A 3483 -1.91 62.16 80.01
N THR A 3484 -1.28 62.78 81.01
CA THR A 3484 -0.57 64.04 80.77
C THR A 3484 0.43 63.87 79.63
N LYS A 3485 1.16 62.77 79.64
CA LYS A 3485 2.09 62.45 78.55
C LYS A 3485 1.37 61.53 77.58
N GLU A 3486 0.62 62.14 76.69
CA GLU A 3486 0.03 61.42 75.57
C GLU A 3486 0.36 62.08 74.23
N ILE A 3487 0.36 63.41 74.17
CA ILE A 3487 1.02 64.09 73.07
C ILE A 3487 2.52 64.05 73.24
N SER A 3488 3.00 64.36 74.45
CA SER A 3488 4.43 64.39 74.73
C SER A 3488 5.04 62.99 74.79
N SER A 3489 4.22 61.95 74.87
CA SER A 3489 4.73 60.58 74.88
C SER A 3489 4.68 59.92 73.51
N VAL A 3490 3.65 60.21 72.71
CA VAL A 3490 3.58 59.73 71.34
C VAL A 3490 2.74 60.68 70.50
N PRO A 3491 3.35 61.38 69.55
CA PRO A 3491 2.58 62.21 68.60
C PRO A 3491 2.27 61.51 67.29
N CYS A 3492 2.77 60.29 67.09
CA CYS A 3492 2.56 59.58 65.84
C CYS A 3492 1.08 59.41 65.57
N TRP A 3493 0.65 59.85 64.39
CA TRP A 3493 -0.76 59.83 64.03
C TRP A 3493 -1.17 58.39 63.76
N GLN A 3494 -1.82 57.78 64.73
CA GLN A 3494 -2.17 56.37 64.69
C GLN A 3494 -3.56 56.22 65.28
N PHE A 3495 -3.90 54.98 65.67
CA PHE A 3495 -5.21 54.65 66.24
C PHE A 3495 -6.34 54.93 65.26
N ILE A 3496 -6.00 55.11 63.98
CA ILE A 3496 -7.02 55.16 62.95
C ILE A 3496 -7.79 53.85 62.95
N SER A 3497 -7.09 52.74 63.18
CA SER A 3497 -7.75 51.47 63.44
C SER A 3497 -8.41 51.40 64.81
N TRP A 3498 -8.11 52.35 65.70
CA TRP A 3498 -8.77 52.42 67.00
C TRP A 3498 -9.68 53.64 67.13
N ILE A 3499 -9.97 54.32 66.01
CA ILE A 3499 -10.68 55.59 66.10
C ILE A 3499 -11.98 55.43 66.87
N SER A 3500 -12.64 54.28 66.70
CA SER A 3500 -13.86 54.00 67.45
C SER A 3500 -13.59 54.05 68.95
N HIS A 3501 -12.43 53.53 69.37
CA HIS A 3501 -12.19 53.31 70.79
C HIS A 3501 -12.20 54.61 71.57
N MET A 3502 -11.60 55.68 71.03
CA MET A 3502 -11.66 56.94 71.75
C MET A 3502 -12.80 57.84 71.28
N VAL A 3503 -13.33 57.64 70.08
CA VAL A 3503 -14.43 58.52 69.69
C VAL A 3503 -15.67 58.17 70.50
N ALA A 3504 -15.81 56.89 70.88
CA ALA A 3504 -16.80 56.55 71.90
C ALA A 3504 -16.44 57.20 73.23
N LEU A 3505 -15.16 57.19 73.58
CA LEU A 3505 -14.70 57.88 74.79
C LEU A 3505 -14.88 59.38 74.70
N LEU A 3506 -15.04 59.92 73.50
CA LEU A 3506 -15.19 61.36 73.33
C LEU A 3506 -16.32 61.91 74.19
N ASP A 3507 -17.45 61.19 74.26
CA ASP A 3507 -18.54 61.61 75.12
C ASP A 3507 -18.20 61.46 76.61
N LYS A 3508 -17.12 60.77 76.94
CA LYS A 3508 -16.68 60.60 78.31
C LYS A 3508 -15.43 61.43 78.57
N ASP A 3509 -15.07 61.51 79.85
CA ASP A 3509 -13.93 62.30 80.29
C ASP A 3509 -12.87 61.43 80.97
N GLN A 3510 -12.84 60.14 80.65
CA GLN A 3510 -11.91 59.24 81.33
C GLN A 3510 -10.47 59.67 81.11
N ALA A 3511 -10.17 60.22 79.94
CA ALA A 3511 -8.85 60.77 79.67
C ALA A 3511 -9.02 61.92 78.69
N VAL A 3512 -9.11 63.14 79.21
CA VAL A 3512 -9.35 64.30 78.37
C VAL A 3512 -8.23 64.51 77.37
N ALA A 3513 -6.99 64.19 77.76
CA ALA A 3513 -5.87 64.32 76.84
C ALA A 3513 -6.05 63.45 75.61
N VAL A 3514 -6.84 62.38 75.71
CA VAL A 3514 -7.14 61.58 74.52
C VAL A 3514 -8.03 62.37 73.55
N GLN A 3515 -9.02 63.09 74.08
CA GLN A 3515 -9.81 63.95 73.20
C GLN A 3515 -8.97 65.07 72.62
N HIS A 3516 -8.00 65.59 73.38
CA HIS A 3516 -7.06 66.53 72.77
C HIS A 3516 -6.25 65.88 71.66
N SER A 3517 -5.83 64.64 71.87
CA SER A 3517 -5.08 63.92 70.85
C SER A 3517 -5.89 63.79 69.58
N VAL A 3518 -7.13 63.34 69.70
CA VAL A 3518 -7.96 63.16 68.51
C VAL A 3518 -8.32 64.49 67.89
N GLU A 3519 -8.41 65.55 68.70
CA GLU A 3519 -8.59 66.88 68.15
C GLU A 3519 -7.42 67.27 67.26
N GLU A 3520 -6.20 67.01 67.75
CA GLU A 3520 -5.01 67.27 66.94
C GLU A 3520 -5.00 66.42 65.69
N ILE A 3521 -5.47 65.18 65.80
CA ILE A 3521 -5.57 64.31 64.63
C ILE A 3521 -6.51 64.92 63.59
N THR A 3522 -7.67 65.37 64.05
CA THR A 3522 -8.64 65.97 63.15
C THR A 3522 -8.07 67.21 62.49
N ASP A 3523 -7.30 68.00 63.24
CA ASP A 3523 -6.59 69.12 62.64
C ASP A 3523 -5.68 68.64 61.53
N ASN A 3524 -4.84 67.65 61.82
CA ASN A 3524 -4.01 67.06 60.78
C ASN A 3524 -4.84 66.33 59.74
N TYR A 3525 -5.86 65.59 60.19
CA TYR A 3525 -6.65 64.73 59.32
C TYR A 3525 -8.11 65.14 59.44
N PRO A 3526 -8.54 66.13 58.67
CA PRO A 3526 -9.97 66.48 58.66
C PRO A 3526 -10.85 65.42 58.02
N GLN A 3527 -10.29 64.30 57.59
CA GLN A 3527 -11.05 63.19 57.04
C GLN A 3527 -10.80 61.93 57.85
N ALA A 3528 -11.68 60.95 57.68
CA ALA A 3528 -11.69 59.65 58.33
C ALA A 3528 -12.01 59.76 59.82
N ILE A 3529 -12.08 60.97 60.38
CA ILE A 3529 -12.54 61.17 61.75
C ILE A 3529 -13.95 61.73 61.77
N VAL A 3530 -14.38 62.41 60.71
CA VAL A 3530 -15.69 63.04 60.69
C VAL A 3530 -16.80 62.01 60.92
N TYR A 3531 -16.67 60.83 60.32
CA TYR A 3531 -17.73 59.85 60.43
C TYR A 3531 -17.76 59.21 61.82
N PRO A 3532 -16.64 58.78 62.41
CA PRO A 3532 -16.71 58.35 63.81
C PRO A 3532 -17.19 59.46 64.73
N PHE A 3533 -16.80 60.71 64.45
CA PHE A 3533 -17.27 61.82 65.26
C PHE A 3533 -18.77 61.96 65.18
N ILE A 3534 -19.34 61.82 63.97
CA ILE A 3534 -20.79 61.91 63.82
C ILE A 3534 -21.47 60.77 64.56
N ILE A 3535 -20.95 59.55 64.41
CA ILE A 3535 -21.59 58.41 65.06
C ILE A 3535 -21.50 58.52 66.57
N SER A 3536 -20.45 59.16 67.08
CA SER A 3536 -20.35 59.39 68.52
C SER A 3536 -21.31 60.47 68.98
N SER A 3537 -21.37 61.58 68.24
CA SER A 3537 -22.31 62.64 68.58
C SER A 3537 -23.75 62.18 68.50
N GLU A 3538 -24.02 61.12 67.74
CA GLU A 3538 -25.32 60.49 67.78
C GLU A 3538 -25.62 59.88 69.14
N SER A 3539 -24.61 59.69 69.97
CA SER A 3539 -24.75 59.13 71.31
C SER A 3539 -25.47 57.79 71.28
N THR A 3545 -22.27 68.06 82.71
CA THR A 3545 -21.88 67.94 84.11
C THR A 3545 -20.76 68.92 84.43
N SER A 3546 -20.11 68.74 85.59
CA SER A 3546 -18.96 69.55 85.95
C SER A 3546 -17.78 69.31 85.01
N THR A 3547 -17.76 68.17 84.33
CA THR A 3547 -16.76 67.89 83.31
C THR A 3547 -17.36 67.33 82.03
N GLY A 3548 -18.55 66.75 82.07
CA GLY A 3548 -19.23 66.39 80.84
C GLY A 3548 -19.49 67.60 79.97
N HIS A 3549 -19.65 68.77 80.58
CA HIS A 3549 -19.70 70.01 79.80
C HIS A 3549 -18.42 70.20 79.02
N LYS A 3550 -17.27 69.76 79.57
CA LYS A 3550 -16.04 69.81 78.80
C LYS A 3550 -16.09 68.85 77.62
N ASN A 3551 -16.79 67.72 77.76
CA ASN A 3551 -16.99 66.83 76.63
C ASN A 3551 -17.86 67.48 75.56
N LYS A 3552 -18.91 68.18 75.97
CA LYS A 3552 -19.72 68.92 75.01
C LYS A 3552 -18.90 70.00 74.34
N GLU A 3553 -18.02 70.64 75.10
CA GLU A 3553 -17.08 71.60 74.50
C GLU A 3553 -16.18 70.93 73.50
N PHE A 3554 -15.73 69.71 73.81
CA PHE A 3554 -14.90 68.95 72.88
C PHE A 3554 -15.63 68.71 71.57
N VAL A 3555 -16.86 68.20 71.66
CA VAL A 3555 -17.61 67.87 70.46
C VAL A 3555 -17.95 69.15 69.68
N ALA A 3556 -18.22 70.25 70.38
CA ALA A 3556 -18.45 71.51 69.71
C ALA A 3556 -17.20 71.97 68.97
N ARG A 3557 -16.03 71.85 69.62
CA ARG A 3557 -14.79 72.22 68.97
C ARG A 3557 -14.55 71.37 67.74
N ILE A 3558 -14.82 70.07 67.83
CA ILE A 3558 -14.56 69.19 66.71
C ILE A 3558 -15.51 69.50 65.55
N LYS A 3559 -16.80 69.67 65.83
CA LYS A 3559 -17.73 69.97 64.76
C LYS A 3559 -17.45 71.32 64.14
N SER A 3560 -16.93 72.27 64.93
CA SER A 3560 -16.45 73.51 64.35
C SER A 3560 -15.27 73.25 63.43
N LYS A 3561 -14.36 72.37 63.86
CA LYS A 3561 -13.20 72.01 63.04
C LYS A 3561 -13.60 71.24 61.79
N LEU A 3562 -14.84 70.76 61.71
CA LEU A 3562 -15.33 70.13 60.50
C LEU A 3562 -15.41 71.18 59.41
N ASP A 3563 -14.48 71.11 58.45
CA ASP A 3563 -14.49 72.02 57.31
C ASP A 3563 -15.78 71.86 56.53
N GLN A 3564 -16.64 72.88 56.56
CA GLN A 3564 -17.95 72.88 55.91
C GLN A 3564 -18.61 71.50 56.01
N GLY A 3565 -18.82 71.08 57.25
CA GLY A 3565 -19.41 69.78 57.53
C GLY A 3565 -20.74 69.57 56.84
N GLY A 3566 -21.39 70.67 56.46
CA GLY A 3566 -22.58 70.57 55.65
C GLY A 3566 -22.33 69.83 54.34
N VAL A 3567 -21.09 69.85 53.87
CA VAL A 3567 -20.71 69.00 52.74
C VAL A 3567 -21.08 67.55 53.04
N ILE A 3568 -20.50 66.99 54.10
CA ILE A 3568 -20.74 65.60 54.44
C ILE A 3568 -22.22 65.39 54.77
N GLN A 3569 -22.84 66.37 55.41
CA GLN A 3569 -24.24 66.21 55.80
C GLN A 3569 -25.13 66.07 54.57
N ASP A 3570 -25.00 66.98 53.61
CA ASP A 3570 -25.79 66.89 52.40
C ASP A 3570 -25.43 65.64 51.60
N PHE A 3571 -24.17 65.22 51.67
CA PHE A 3571 -23.78 63.97 51.02
C PHE A 3571 -24.56 62.80 51.61
N ILE A 3572 -24.62 62.71 52.93
CA ILE A 3572 -25.33 61.63 53.58
C ILE A 3572 -26.82 61.71 53.30
N ASN A 3573 -27.36 62.92 53.27
CA ASN A 3573 -28.78 63.07 52.93
C ASN A 3573 -29.05 62.60 51.51
N ALA A 3574 -28.14 62.92 50.59
CA ALA A 3574 -28.25 62.45 49.21
C ALA A 3574 -28.25 60.93 49.18
N LEU A 3575 -27.38 60.30 49.98
CA LEU A 3575 -27.41 58.85 50.10
C LEU A 3575 -28.77 58.37 50.61
N ASP A 3576 -29.30 59.05 51.63
CA ASP A 3576 -30.49 58.58 52.30
C ASP A 3576 -31.72 58.69 51.40
N GLN A 3577 -31.72 59.65 50.47
CA GLN A 3577 -32.86 59.78 49.56
C GLN A 3577 -33.05 58.50 48.75
N LEU A 3578 -31.97 57.74 48.54
CA LEU A 3578 -32.09 56.47 47.82
C LEU A 3578 -32.81 55.42 48.66
N SER A 3579 -32.59 55.45 49.97
CA SER A 3579 -33.12 54.41 50.84
C SER A 3579 -34.65 54.41 50.79
N ASN A 3580 -35.22 53.21 50.87
CA ASN A 3580 -36.68 53.10 50.88
C ASN A 3580 -37.21 53.58 52.22
N PRO A 3581 -38.01 54.64 52.26
CA PRO A 3581 -38.51 55.14 53.54
C PRO A 3581 -39.45 54.18 54.24
N GLU A 3582 -40.05 53.24 53.51
CA GLU A 3582 -40.93 52.27 54.15
C GLU A 3582 -40.17 51.40 55.13
N LEU A 3583 -38.88 51.17 54.87
CA LEU A 3583 -38.04 50.49 55.85
C LEU A 3583 -38.04 51.23 57.17
N LEU A 3584 -37.75 52.53 57.13
CA LEU A 3584 -37.76 53.34 58.34
C LEU A 3584 -39.14 53.34 58.97
N PHE A 3585 -40.19 53.37 58.14
CA PHE A 3585 -41.55 53.38 58.68
C PHE A 3585 -41.86 52.09 59.41
N LYS A 3586 -41.38 50.96 58.90
CA LYS A 3586 -41.60 49.68 59.58
C LYS A 3586 -40.81 49.61 60.87
N ASP A 3587 -39.52 50.00 60.81
CA ASP A 3587 -38.71 50.04 62.03
C ASP A 3587 -39.34 50.95 63.07
N TRP A 3588 -40.00 52.01 62.63
CA TRP A 3588 -40.64 52.93 63.56
C TRP A 3588 -41.99 52.41 64.03
N SER A 3589 -42.69 51.63 63.21
CA SER A 3589 -43.86 50.93 63.69
C SER A 3589 -43.48 49.95 64.80
N ASN A 3590 -42.25 49.44 64.74
CA ASN A 3590 -41.73 48.66 65.87
C ASN A 3590 -41.35 49.56 67.04
N ASP A 3591 -40.76 50.72 66.74
CA ASP A 3591 -40.31 51.64 67.79
C ASP A 3591 -41.48 52.20 68.58
N VAL A 3592 -42.64 52.37 67.95
CA VAL A 3592 -43.79 52.93 68.64
C VAL A 3592 -44.24 51.99 69.75
N ARG A 3593 -44.15 50.68 69.52
CA ARG A 3593 -44.45 49.71 70.57
C ARG A 3593 -43.29 49.56 71.54
N ALA A 3594 -42.06 49.71 71.05
CA ALA A 3594 -40.91 49.69 71.96
C ALA A 3594 -41.04 50.79 73.02
N GLU A 3595 -41.55 51.96 72.61
CA GLU A 3595 -41.82 53.02 73.57
C GLU A 3595 -43.17 52.83 74.26
N LEU A 3596 -44.11 52.12 73.63
CA LEU A 3596 -45.46 52.03 74.17
C LEU A 3596 -45.48 51.32 75.52
N ALA A 3597 -44.73 50.23 75.63
CA ALA A 3597 -44.68 49.49 76.90
C ALA A 3597 -43.98 50.31 77.96
N VAL A 3601 -43.25 58.09 79.32
CA VAL A 3601 -42.44 57.65 78.19
C VAL A 3601 -43.20 57.83 76.89
N ASN A 3602 -44.53 57.69 76.95
CA ASN A 3602 -45.38 57.78 75.77
C ASN A 3602 -45.81 59.22 75.52
N LYS A 3603 -45.94 59.56 74.24
CA LYS A 3603 -46.41 60.88 73.79
C LYS A 3603 -45.52 62.01 74.28
N LYS A 3604 -44.29 61.72 74.63
CA LYS A 3604 -43.26 62.74 74.81
C LYS A 3604 -42.01 62.43 74.00
N ASN A 3605 -41.62 61.16 73.92
CA ASN A 3605 -40.66 60.69 72.93
C ASN A 3605 -41.34 60.10 71.71
N ILE A 3606 -42.55 59.60 71.88
CA ILE A 3606 -43.36 59.19 70.73
C ILE A 3606 -43.60 60.39 69.82
N GLU A 3607 -43.84 61.55 70.40
CA GLU A 3607 -43.98 62.77 69.60
C GLU A 3607 -42.66 63.17 68.96
N LYS A 3608 -41.53 62.92 69.63
CA LYS A 3608 -40.23 63.26 69.06
C LYS A 3608 -39.97 62.51 67.76
N MET A 3609 -40.15 61.19 67.78
CA MET A 3609 -40.04 60.38 66.58
C MET A 3609 -41.16 60.65 65.58
N TYR A 3610 -42.35 61.00 66.09
CA TYR A 3610 -43.41 61.46 65.20
C TYR A 3610 -42.92 62.64 64.37
N GLU A 3611 -42.23 63.58 65.01
CA GLU A 3611 -41.58 64.67 64.27
C GLU A 3611 -40.46 64.15 63.38
N ARG A 3612 -39.74 63.14 63.87
CA ARG A 3612 -38.65 62.54 63.06
C ARG A 3612 -39.26 61.91 61.80
N MET A 3613 -40.23 61.01 61.99
CA MET A 3613 -40.91 60.34 60.84
C MET A 3613 -41.54 61.41 59.94
N TYR A 3614 -42.04 62.50 60.53
CA TYR A 3614 -42.61 63.60 59.73
C TYR A 3614 -41.52 64.18 58.82
N ALA A 3615 -40.51 64.82 59.42
CA ALA A 3615 -39.44 65.38 58.62
C ALA A 3615 -38.94 64.39 57.58
N ALA A 3616 -39.04 63.09 57.87
CA ALA A 3616 -38.70 62.10 56.86
C ALA A 3616 -39.77 62.02 55.77
N LEU A 3617 -41.00 61.70 56.13
CA LEU A 3617 -42.06 61.51 55.15
C LEU A 3617 -43.26 62.43 55.32
N GLY A 3618 -43.61 62.81 56.54
CA GLY A 3618 -44.76 63.68 56.71
C GLY A 3618 -44.62 65.00 55.99
N ASP A 3619 -43.40 65.50 55.88
CA ASP A 3619 -43.18 66.68 55.09
C ASP A 3619 -43.24 66.36 53.60
N PRO A 3620 -43.72 67.30 52.79
CA PRO A 3620 -43.72 67.12 51.34
C PRO A 3620 -42.46 67.59 50.63
N LYS A 3621 -41.53 68.19 51.36
CA LYS A 3621 -40.32 68.74 50.78
C LYS A 3621 -39.10 68.18 51.50
N ALA A 3622 -38.02 68.01 50.74
CA ALA A 3622 -36.76 67.52 51.30
C ALA A 3622 -35.64 67.92 50.36
N PRO A 3623 -34.41 68.03 50.86
CA PRO A 3623 -33.29 68.31 49.98
C PRO A 3623 -33.01 67.16 49.03
N GLY A 3624 -31.99 67.30 48.20
CA GLY A 3624 -31.69 66.27 47.23
C GLY A 3624 -32.57 66.37 46.02
N LEU A 3625 -31.99 66.23 44.83
CA LEU A 3625 -32.69 66.43 43.58
C LEU A 3625 -33.24 65.13 43.01
N GLY A 3626 -33.60 64.19 43.88
CA GLY A 3626 -34.20 62.95 43.43
C GLY A 3626 -35.63 63.16 42.98
N ALA A 3627 -36.25 62.07 42.56
CA ALA A 3627 -37.65 62.13 42.17
C ALA A 3627 -38.51 61.09 42.85
N PHE A 3628 -38.01 59.86 43.01
CA PHE A 3628 -38.81 58.79 43.60
C PHE A 3628 -39.23 59.14 45.02
N ARG A 3629 -38.26 59.25 45.92
CA ARG A 3629 -38.59 59.65 47.28
C ARG A 3629 -38.99 61.11 47.36
N ARG A 3630 -38.42 61.94 46.49
CA ARG A 3630 -38.77 63.35 46.46
C ARG A 3630 -40.22 63.58 46.07
N LYS A 3631 -40.85 62.61 45.42
CA LYS A 3631 -42.29 62.67 45.17
C LYS A 3631 -43.09 61.84 46.15
N PHE A 3632 -42.52 60.78 46.72
CA PHE A 3632 -43.26 60.02 47.70
C PHE A 3632 -43.45 60.80 49.00
N ILE A 3633 -42.48 61.66 49.35
CA ILE A 3633 -42.64 62.48 50.54
C ILE A 3633 -43.87 63.36 50.40
N GLN A 3634 -44.05 63.98 49.23
CA GLN A 3634 -45.18 64.87 49.01
C GLN A 3634 -46.47 64.14 48.70
N THR A 3635 -46.40 62.89 48.23
CA THR A 3635 -47.61 62.12 48.00
C THR A 3635 -48.07 61.35 49.23
N PHE A 3636 -47.23 61.25 50.27
CA PHE A 3636 -47.62 60.52 51.47
C PHE A 3636 -47.42 61.33 52.75
N GLY A 3637 -47.07 62.60 52.66
CA GLY A 3637 -47.21 63.46 53.82
C GLY A 3637 -48.66 63.54 54.26
N LYS A 3638 -49.58 63.55 53.30
CA LYS A 3638 -51.00 63.43 53.63
C LYS A 3638 -51.29 62.09 54.29
N GLU A 3639 -50.69 61.01 53.78
CA GLU A 3639 -50.84 59.70 54.41
C GLU A 3639 -50.40 59.74 55.86
N PHE A 3640 -49.30 60.45 56.12
CA PHE A 3640 -48.74 60.52 57.47
C PHE A 3640 -49.61 61.38 58.38
N ASP A 3641 -50.15 62.48 57.86
CA ASP A 3641 -50.87 63.44 58.68
C ASP A 3641 -52.32 63.05 58.92
N LYS A 3642 -52.96 62.37 57.96
CA LYS A 3642 -54.39 62.07 58.09
C LYS A 3642 -54.67 61.24 59.32
N HIS A 3643 -53.81 60.26 59.61
CA HIS A 3643 -53.95 59.47 60.81
C HIS A 3643 -53.26 60.12 62.01
N PHE A 3644 -52.31 61.03 61.77
CA PHE A 3644 -51.48 61.59 62.84
C PHE A 3644 -51.32 63.08 62.64
N GLY A 3645 -52.24 63.85 63.23
CA GLY A 3645 -51.92 65.20 63.61
C GLY A 3645 -51.15 65.26 64.92
N LYS A 3646 -51.00 64.10 65.56
CA LYS A 3646 -50.27 63.95 66.80
C LYS A 3646 -49.73 62.53 66.85
N GLY A 3647 -48.97 62.23 67.90
CA GLY A 3647 -48.45 60.89 68.09
C GLY A 3647 -49.54 59.91 68.47
N SER A 3657 -50.34 51.62 68.14
CA SER A 3657 -50.85 50.28 68.35
C SER A 3657 -50.95 49.51 67.04
N ASP A 3658 -51.90 48.57 66.97
CA ASP A 3658 -52.13 47.83 65.74
C ASP A 3658 -52.53 48.75 64.60
N PHE A 3659 -53.17 49.87 64.91
CA PHE A 3659 -53.55 50.84 63.90
C PHE A 3659 -52.32 51.34 63.15
N ASN A 3660 -51.17 51.39 63.81
CA ASN A 3660 -49.93 51.75 63.13
C ASN A 3660 -49.62 50.77 62.01
N ASP A 3661 -49.70 49.47 62.29
CA ASP A 3661 -49.45 48.47 61.27
C ASP A 3661 -50.51 48.50 60.18
N ILE A 3662 -51.77 48.75 60.56
CA ILE A 3662 -52.82 48.83 59.56
C ILE A 3662 -52.57 49.97 58.60
N THR A 3663 -52.11 51.11 59.12
CA THR A 3663 -51.72 52.22 58.24
C THR A 3663 -50.50 51.86 57.40
N ASN A 3664 -49.52 51.20 58.00
CA ASN A 3664 -48.28 50.89 57.29
C ASN A 3664 -48.53 49.96 56.12
N MET A 3665 -49.35 48.94 56.32
CA MET A 3665 -49.59 47.97 55.26
C MET A 3665 -50.31 48.58 54.07
N LEU A 3666 -50.96 49.73 54.24
CA LEU A 3666 -51.57 50.42 53.10
C LEU A 3666 -50.51 50.79 52.07
N LEU A 3667 -49.47 51.48 52.52
CA LEU A 3667 -48.35 51.82 51.62
C LEU A 3667 -47.47 50.61 51.34
N LEU A 3668 -47.50 49.60 52.21
CA LEU A 3668 -46.64 48.44 52.02
C LEU A 3668 -46.99 47.66 50.77
N LYS A 3669 -48.19 47.83 50.24
CA LYS A 3669 -48.58 47.11 49.03
C LYS A 3669 -48.21 47.84 47.74
N MET A 3670 -47.91 49.13 47.82
CA MET A 3670 -47.30 49.84 46.69
C MET A 3670 -46.14 50.67 47.25
N ASN A 3671 -44.92 50.18 47.05
CA ASN A 3671 -43.73 50.83 47.57
C ASN A 3671 -42.46 50.12 47.12
N LYS A 3672 -41.31 50.66 47.56
CA LYS A 3672 -40.05 49.93 47.57
C LYS A 3672 -39.53 49.65 46.16
N ASP A 3673 -39.59 50.65 45.28
CA ASP A 3673 -38.91 50.63 43.99
C ASP A 3673 -38.15 51.94 43.88
N SER A 3674 -36.96 51.98 44.49
CA SER A 3674 -36.19 53.22 44.61
C SER A 3674 -35.40 53.43 43.32
N LYS A 3675 -36.01 54.12 42.37
CA LYS A 3675 -35.32 54.48 41.14
C LYS A 3675 -35.08 55.98 41.12
N PRO A 3676 -33.85 56.43 41.33
CA PRO A 3676 -33.56 57.85 41.29
C PRO A 3676 -33.56 58.34 39.85
N PRO A 3677 -33.39 59.64 39.61
CA PRO A 3677 -33.37 60.11 38.22
C PRO A 3677 -32.15 59.60 37.47
N GLY A 3678 -32.37 58.61 36.61
CA GLY A 3678 -31.30 58.00 35.84
C GLY A 3678 -30.32 57.20 36.69
N ASN A 3679 -29.47 56.41 36.04
CA ASN A 3679 -28.38 55.76 36.75
C ASN A 3679 -27.50 56.79 37.44
N LEU A 3680 -27.09 57.83 36.70
CA LEU A 3680 -26.45 58.96 37.34
C LEU A 3680 -27.53 59.77 38.04
N LYS A 3681 -27.79 59.42 39.30
CA LYS A 3681 -28.92 59.96 40.02
C LYS A 3681 -28.73 61.46 40.28
N GLU A 3682 -29.82 62.08 40.70
CA GLU A 3682 -29.74 63.42 41.27
C GLU A 3682 -30.24 63.47 42.70
N CYS A 3683 -30.64 62.32 43.27
CA CYS A 3683 -30.75 62.25 44.72
C CYS A 3683 -29.47 62.78 45.35
N SER A 3684 -28.33 62.50 44.72
CA SER A 3684 -27.11 63.22 45.00
C SER A 3684 -26.95 64.33 43.97
N PRO A 3685 -27.09 65.61 44.37
CA PRO A 3685 -26.66 66.68 43.46
C PRO A 3685 -25.19 66.58 43.14
N TRP A 3686 -24.40 66.02 44.05
CA TRP A 3686 -22.97 65.85 43.85
C TRP A 3686 -22.67 65.05 42.59
N MET A 3687 -23.64 64.27 42.11
CA MET A 3687 -23.41 63.44 40.94
C MET A 3687 -22.96 64.28 39.76
N SER A 3688 -23.40 65.53 39.71
CA SER A 3688 -22.95 66.49 38.71
C SER A 3688 -22.43 67.77 39.35
N ASP A 3689 -22.21 67.77 40.66
CA ASP A 3689 -21.86 68.98 41.40
C ASP A 3689 -20.41 68.93 41.86
N PHE A 3690 -19.79 70.11 41.88
CA PHE A 3690 -18.44 70.31 42.40
C PHE A 3690 -17.46 69.30 41.80
N LYS A 3691 -17.25 69.46 40.50
CA LYS A 3691 -16.07 68.86 39.93
C LYS A 3691 -14.85 69.61 40.44
N VAL A 3692 -13.68 68.97 40.37
CA VAL A 3692 -12.52 69.39 41.15
C VAL A 3692 -12.17 70.85 40.87
N GLU A 3693 -12.35 71.68 41.90
CA GLU A 3693 -12.04 73.11 41.87
C GLU A 3693 -11.99 73.59 43.32
N PHE A 3694 -11.96 74.91 43.49
CA PHE A 3694 -11.99 75.53 44.81
C PHE A 3694 -13.41 75.81 45.28
N LEU A 3695 -14.41 75.39 44.51
CA LEU A 3695 -15.80 75.64 44.88
C LEU A 3695 -16.18 74.96 46.18
N ARG A 3696 -15.39 73.98 46.63
CA ARG A 3696 -15.72 73.17 47.79
C ARG A 3696 -14.45 72.45 48.22
N ASN A 3697 -14.58 71.63 49.25
CA ASN A 3697 -13.48 70.79 49.71
C ASN A 3697 -13.51 69.42 49.04
N GLU A 3698 -12.33 68.93 48.68
CA GLU A 3698 -12.26 67.62 48.02
C GLU A 3698 -12.65 66.53 49.00
N LEU A 3699 -13.48 65.60 48.53
CA LEU A 3699 -14.04 64.55 49.36
C LEU A 3699 -13.22 63.28 49.19
N GLU A 3700 -12.63 62.81 50.29
CA GLU A 3700 -11.83 61.60 50.26
C GLU A 3700 -12.70 60.38 50.01
N ILE A 3701 -12.16 59.43 49.25
CA ILE A 3701 -12.88 58.17 49.04
C ILE A 3701 -13.06 57.46 50.38
N PRO A 3702 -14.27 56.97 50.69
CA PRO A 3702 -14.55 56.51 52.05
C PRO A 3702 -13.63 55.38 52.49
N GLY A 3703 -13.24 55.44 53.77
CA GLY A 3703 -12.52 54.36 54.40
C GLY A 3703 -11.19 54.01 53.78
N GLN A 3704 -10.58 54.94 53.05
CA GLN A 3704 -9.32 54.65 52.38
C GLN A 3704 -8.10 54.96 53.25
N TYR A 3705 -8.31 55.35 54.50
CA TYR A 3705 -7.22 55.54 55.45
C TYR A 3705 -7.15 54.33 56.38
N ASP A 3706 -5.99 53.68 56.40
CA ASP A 3706 -5.78 52.49 57.21
C ASP A 3706 -4.59 52.74 58.14
N GLY A 3707 -4.90 52.99 59.40
CA GLY A 3707 -3.85 53.19 60.39
C GLY A 3707 -2.96 51.99 60.53
N ARG A 3708 -1.72 52.11 60.08
CA ARG A 3708 -0.75 51.02 60.14
C ARG A 3708 0.48 51.39 60.97
N GLY A 3709 0.34 52.34 61.88
CA GLY A 3709 1.45 52.83 62.67
C GLY A 3709 2.14 54.06 62.11
N LYS A 3710 1.94 54.34 60.82
CA LYS A 3710 2.54 55.47 60.16
C LYS A 3710 1.46 56.48 59.82
N PRO A 3711 1.65 57.76 60.14
CA PRO A 3711 0.72 58.79 59.67
C PRO A 3711 0.56 58.71 58.16
N LEU A 3712 -0.66 58.39 57.72
CA LEU A 3712 -0.89 58.12 56.31
C LEU A 3712 -0.70 59.40 55.49
N PRO A 3713 -0.26 59.26 54.24
CA PRO A 3713 -0.24 60.42 53.35
C PRO A 3713 -1.64 60.91 53.05
N GLU A 3714 -1.76 61.94 52.22
CA GLU A 3714 -3.04 62.52 51.88
C GLU A 3714 -3.24 62.66 50.38
N TYR A 3715 -2.20 62.38 49.58
CA TYR A 3715 -2.32 62.40 48.14
C TYR A 3715 -3.22 61.31 47.60
N HIS A 3716 -3.82 60.51 48.47
CA HIS A 3716 -4.62 59.38 48.04
C HIS A 3716 -5.87 59.85 47.30
N VAL A 3717 -6.36 58.98 46.41
CA VAL A 3717 -7.44 59.37 45.52
C VAL A 3717 -8.68 59.75 46.31
N ARG A 3718 -9.33 60.83 45.88
CA ARG A 3718 -10.49 61.36 46.54
C ARG A 3718 -11.66 61.39 45.57
N ILE A 3719 -12.87 61.37 46.12
CA ILE A 3719 -14.08 61.35 45.31
C ILE A 3719 -14.09 62.55 44.38
N ALA A 3720 -14.10 62.29 43.09
CA ALA A 3720 -14.14 63.35 42.09
C ALA A 3720 -14.64 62.77 40.78
N GLY A 3721 -15.76 63.28 40.29
CA GLY A 3721 -16.39 62.75 39.10
C GLY A 3721 -17.18 61.49 39.40
N PHE A 3722 -18.09 61.16 38.48
CA PHE A 3722 -18.93 59.98 38.67
C PHE A 3722 -19.37 59.42 37.34
N ASP A 3723 -19.53 58.10 37.32
CA ASP A 3723 -20.29 57.38 36.30
C ASP A 3723 -21.21 56.46 37.09
N GLU A 3724 -22.33 56.99 37.53
CA GLU A 3724 -23.15 56.30 38.52
C GLU A 3724 -24.14 55.35 37.84
N ARG A 3725 -24.30 54.19 38.46
CA ARG A 3725 -25.27 53.19 38.07
C ARG A 3725 -25.91 52.66 39.34
N VAL A 3726 -27.19 52.32 39.27
CA VAL A 3726 -27.94 51.84 40.42
C VAL A 3726 -28.46 50.44 40.13
N THR A 3727 -28.10 49.49 40.99
CA THR A 3727 -28.70 48.16 41.01
C THR A 3727 -28.97 47.79 42.46
N VAL A 3728 -30.16 47.27 42.72
CA VAL A 3728 -30.62 46.98 44.07
C VAL A 3728 -31.01 45.51 44.11
N MET A 3729 -30.10 44.66 44.54
CA MET A 3729 -30.45 43.27 44.78
C MET A 3729 -31.43 43.17 45.94
N ALA A 3730 -32.44 42.32 45.77
CA ALA A 3730 -33.56 42.26 46.69
C ALA A 3730 -33.18 41.40 47.91
N SER A 3731 -32.29 41.95 48.72
CA SER A 3731 -31.92 41.31 49.97
C SER A 3731 -32.84 41.83 51.07
N LEU A 3732 -32.50 41.54 52.33
CA LEU A 3732 -33.35 41.97 53.44
C LEU A 3732 -33.49 43.48 53.46
N ARG A 3733 -32.38 44.19 53.29
CA ARG A 3733 -32.41 45.64 53.20
C ARG A 3733 -32.55 46.14 51.77
N ARG A 3734 -32.51 45.24 50.78
CA ARG A 3734 -32.42 45.61 49.38
C ARG A 3734 -31.29 46.61 49.20
N PRO A 3735 -30.04 46.17 49.33
CA PRO A 3735 -28.93 47.12 49.28
C PRO A 3735 -28.74 47.68 47.88
N LYS A 3736 -28.07 48.82 47.83
CA LYS A 3736 -27.90 49.58 46.60
C LYS A 3736 -26.45 49.47 46.17
N ARG A 3737 -26.23 49.03 44.93
CA ARG A 3737 -24.89 48.94 44.37
C ARG A 3737 -24.61 50.23 43.61
N ILE A 3738 -23.56 50.95 44.04
CA ILE A 3738 -23.26 52.28 43.54
C ILE A 3738 -21.84 52.30 43.03
N ILE A 3739 -21.57 53.24 42.12
CA ILE A 3739 -20.26 53.38 41.49
C ILE A 3739 -19.71 54.73 41.90
N ILE A 3740 -18.79 54.74 42.82
CA ILE A 3740 -18.10 55.96 43.22
C ILE A 3740 -16.85 56.10 42.37
N ARG A 3741 -16.57 57.33 41.96
CA ARG A 3741 -15.46 57.60 41.05
C ARG A 3741 -14.56 58.70 41.61
N GLY A 3742 -13.29 58.38 41.81
CA GLY A 3742 -12.31 59.35 42.24
C GLY A 3742 -11.73 60.11 41.07
N HIS A 3743 -10.85 61.07 41.40
CA HIS A 3743 -10.24 61.87 40.35
C HIS A 3743 -9.33 61.03 39.44
N ASP A 3744 -8.90 59.87 39.91
CA ASP A 3744 -8.13 58.97 39.06
C ASP A 3744 -8.97 58.28 38.00
N GLU A 3745 -10.27 58.59 37.94
CA GLU A 3745 -11.21 57.88 37.07
C GLU A 3745 -11.11 56.38 37.30
N ARG A 3746 -11.18 56.02 38.57
CA ARG A 3746 -11.16 54.63 39.02
C ARG A 3746 -12.53 54.25 39.56
N GLU A 3747 -13.13 53.22 38.98
CA GLU A 3747 -14.43 52.75 39.42
C GLU A 3747 -14.36 52.22 40.84
N HIS A 3748 -15.44 52.42 41.60
CA HIS A 3748 -15.54 51.89 42.96
C HIS A 3748 -16.98 51.49 43.23
N PRO A 3749 -17.26 50.18 43.27
CA PRO A 3749 -18.60 49.74 43.66
C PRO A 3749 -18.72 49.70 45.18
N PHE A 3750 -19.78 50.29 45.69
CA PHE A 3750 -20.04 50.29 47.12
C PHE A 3750 -21.47 49.84 47.36
N LEU A 3751 -21.65 48.99 48.35
CA LEU A 3751 -22.95 48.38 48.60
C LEU A 3751 -23.62 49.16 49.72
N VAL A 3752 -24.69 49.89 49.37
CA VAL A 3752 -25.34 50.80 50.30
C VAL A 3752 -26.41 50.02 51.07
N LYS A 3753 -26.15 49.77 52.34
CA LYS A 3753 -27.15 49.18 53.21
C LYS A 3753 -28.19 50.22 53.60
N GLY A 3754 -29.31 49.74 54.11
CA GLY A 3754 -30.35 50.63 54.60
C GLY A 3754 -30.08 51.08 56.02
N GLY A 3755 -31.10 50.98 56.87
CA GLY A 3755 -30.98 51.38 58.26
C GLY A 3755 -30.34 50.31 59.13
N GLU A 3756 -29.07 50.51 59.48
CA GLU A 3756 -28.40 49.58 60.37
C GLU A 3756 -27.20 50.29 61.00
N ASP A 3757 -26.79 49.79 62.16
CA ASP A 3757 -25.62 50.30 62.87
C ASP A 3757 -24.44 49.38 62.56
N LEU A 3758 -23.62 49.77 61.59
CA LEU A 3758 -22.43 49.00 61.26
C LEU A 3758 -21.31 49.21 62.26
N ARG A 3759 -21.56 49.99 63.32
CA ARG A 3759 -20.56 50.15 64.36
C ARG A 3759 -20.12 48.79 64.90
N GLN A 3760 -21.08 47.90 65.13
CA GLN A 3760 -20.74 46.52 65.49
C GLN A 3760 -19.90 45.87 64.39
N ASP A 3761 -20.31 46.05 63.14
CA ASP A 3761 -19.54 45.50 62.03
C ASP A 3761 -18.19 46.19 61.89
N GLN A 3762 -18.12 47.48 62.25
CA GLN A 3762 -16.84 48.16 62.28
C GLN A 3762 -15.90 47.52 63.30
N ARG A 3763 -16.42 47.23 64.49
CA ARG A 3763 -15.65 46.46 65.47
C ARG A 3763 -15.24 45.13 64.88
N VAL A 3764 -16.12 44.49 64.12
CA VAL A 3764 -15.80 43.20 63.51
C VAL A 3764 -14.59 43.33 62.60
N GLU A 3765 -14.59 44.36 61.75
CA GLU A 3765 -13.47 44.58 60.85
C GLU A 3765 -12.19 44.86 61.63
N GLN A 3766 -12.29 45.67 62.68
CA GLN A 3766 -11.12 45.94 63.51
C GLN A 3766 -10.58 44.65 64.11
N LEU A 3767 -11.46 43.79 64.62
CA LEU A 3767 -11.02 42.54 65.20
C LEU A 3767 -10.36 41.66 64.16
N PHE A 3768 -10.90 41.66 62.94
CA PHE A 3768 -10.29 40.91 61.85
C PHE A 3768 -8.88 41.38 61.60
N GLN A 3769 -8.68 42.71 61.55
CA GLN A 3769 -7.34 43.23 61.35
C GLN A 3769 -6.43 42.84 62.51
N VAL A 3770 -6.96 42.89 63.73
CA VAL A 3770 -6.16 42.56 64.90
C VAL A 3770 -5.70 41.11 64.84
N MET A 3771 -6.64 40.21 64.55
CA MET A 3771 -6.29 38.79 64.51
C MET A 3771 -5.37 38.48 63.34
N ASN A 3772 -5.48 39.23 62.23
CA ASN A 3772 -4.52 39.07 61.15
C ASN A 3772 -3.12 39.50 61.59
N GLY A 3773 -3.02 40.61 62.32
CA GLY A 3773 -1.74 40.98 62.89
C GLY A 3773 -1.22 39.92 63.84
N ILE A 3774 -2.11 39.28 64.59
CA ILE A 3774 -1.72 38.18 65.48
C ILE A 3774 -1.14 37.03 64.67
N LEU A 3775 -1.82 36.66 63.58
CA LEU A 3775 -1.33 35.60 62.71
C LEU A 3775 0.06 35.94 62.18
N ALA A 3776 0.27 37.19 61.79
CA ALA A 3776 1.60 37.62 61.39
C ALA A 3776 2.59 37.47 62.53
N GLN A 3777 2.18 37.82 63.75
CA GLN A 3777 3.07 37.73 64.90
C GLN A 3777 3.31 36.29 65.33
N ASP A 3778 2.40 35.37 65.00
CA ASP A 3778 2.62 33.98 65.35
C ASP A 3778 3.77 33.39 64.54
N SER A 3779 4.50 32.47 65.16
CA SER A 3779 5.66 31.89 64.50
C SER A 3779 5.24 30.95 63.37
N ALA A 3780 4.55 29.86 63.71
CA ALA A 3780 4.20 28.85 62.71
C ALA A 3780 3.22 29.39 61.69
N CYS A 3781 2.25 30.20 62.13
CA CYS A 3781 1.27 30.74 61.20
C CYS A 3781 1.94 31.62 60.15
N SER A 3782 2.76 32.56 60.60
CA SER A 3782 3.52 33.38 59.66
C SER A 3782 4.44 32.52 58.82
N GLN A 3783 4.97 31.44 59.40
CA GLN A 3783 5.75 30.49 58.61
C GLN A 3783 4.91 29.92 57.49
N ARG A 3784 3.68 29.55 57.78
CA ARG A 3784 2.75 29.15 56.74
C ARG A 3784 2.03 30.34 56.11
N ALA A 3785 2.19 31.53 56.68
CA ALA A 3785 1.70 32.77 56.10
C ALA A 3785 0.19 32.71 55.83
N LEU A 3786 -0.57 32.61 56.91
CA LEU A 3786 -2.02 32.64 56.82
C LEU A 3786 -2.53 34.05 57.07
N GLN A 3787 -3.56 34.43 56.34
CA GLN A 3787 -4.01 35.81 56.38
C GLN A 3787 -5.46 35.89 55.93
N LEU A 3788 -6.26 36.68 56.65
CA LEU A 3788 -7.65 36.91 56.29
C LEU A 3788 -7.76 38.14 55.39
N ARG A 3789 -8.67 38.08 54.44
CA ARG A 3789 -8.93 39.19 53.54
C ARG A 3789 -10.22 39.87 53.97
N THR A 3790 -10.13 41.19 54.20
CA THR A 3790 -11.23 41.98 54.72
C THR A 3790 -11.60 43.07 53.72
N TYR A 3791 -12.54 43.93 54.14
CA TYR A 3791 -13.00 45.03 53.31
C TYR A 3791 -13.57 46.11 54.22
N SER A 3792 -13.89 47.25 53.63
CA SER A 3792 -14.27 48.44 54.38
C SER A 3792 -15.79 48.53 54.50
N VAL A 3793 -16.27 48.76 55.72
CA VAL A 3793 -17.67 49.04 55.99
C VAL A 3793 -17.73 50.34 56.78
N VAL A 3794 -18.64 51.23 56.39
CA VAL A 3794 -18.74 52.51 57.07
C VAL A 3794 -20.18 52.78 57.47
N PRO A 3795 -20.51 52.73 58.75
CA PRO A 3795 -21.86 53.12 59.18
C PRO A 3795 -22.09 54.60 59.01
N MET A 3796 -22.99 54.98 58.10
CA MET A 3796 -23.33 56.40 57.95
C MET A 3796 -23.95 56.93 59.23
N THR A 3797 -25.09 56.38 59.63
CA THR A 3797 -25.76 56.79 60.85
C THR A 3797 -26.19 55.56 61.62
N SER A 3798 -27.01 55.76 62.66
CA SER A 3798 -27.66 54.62 63.30
C SER A 3798 -28.62 53.94 62.32
N ARG A 3799 -29.35 54.74 61.54
CA ARG A 3799 -30.29 54.23 60.56
C ARG A 3799 -29.75 54.34 59.13
N LEU A 3800 -28.43 54.28 58.97
CA LEU A 3800 -27.85 54.30 57.63
C LEU A 3800 -26.39 53.87 57.71
N GLY A 3801 -25.98 53.04 56.77
CA GLY A 3801 -24.60 52.59 56.71
C GLY A 3801 -24.22 52.21 55.30
N LEU A 3802 -22.91 52.17 55.05
CA LEU A 3802 -22.40 51.85 53.72
C LEU A 3802 -21.21 50.91 53.83
N ILE A 3803 -21.14 49.94 52.93
CA ILE A 3803 -20.04 48.99 52.87
C ILE A 3803 -19.46 48.97 51.46
N GLU A 3804 -18.27 48.41 51.35
CA GLU A 3804 -17.56 48.28 50.09
C GLU A 3804 -18.03 47.03 49.34
N TRP A 3805 -17.73 46.99 48.04
CA TRP A 3805 -17.95 45.81 47.23
C TRP A 3805 -16.60 45.21 46.83
N LEU A 3806 -16.58 43.89 46.69
CA LEU A 3806 -15.31 43.18 46.50
C LEU A 3806 -14.79 43.29 45.07
N GLU A 3807 -15.66 43.61 44.11
CA GLU A 3807 -15.33 44.00 42.75
C GLU A 3807 -14.92 42.85 41.82
N ASN A 3808 -14.68 41.65 42.36
CA ASN A 3808 -14.48 40.49 41.50
C ASN A 3808 -14.71 39.22 42.33
N THR A 3809 -15.90 38.65 42.23
CA THR A 3809 -16.23 37.49 43.04
C THR A 3809 -17.54 36.90 42.53
N VAL A 3810 -18.00 35.87 43.25
CA VAL A 3810 -19.31 35.26 43.00
C VAL A 3810 -19.66 34.49 44.26
N THR A 3811 -20.96 34.32 44.49
CA THR A 3811 -21.39 33.46 45.59
C THR A 3811 -21.00 32.02 45.30
N LEU A 3812 -20.66 31.29 46.37
CA LEU A 3812 -20.38 29.88 46.22
C LEU A 3812 -21.58 29.13 45.66
N LYS A 3813 -22.79 29.64 45.93
CA LYS A 3813 -24.00 29.01 45.42
C LYS A 3813 -24.01 29.01 43.90
N ASP A 3814 -23.94 30.20 43.29
CA ASP A 3814 -23.90 30.28 41.84
C ASP A 3814 -22.65 29.63 41.29
N LEU A 3815 -21.52 29.76 41.99
CA LEU A 3815 -20.29 29.16 41.50
C LEU A 3815 -20.41 27.65 41.42
N LEU A 3816 -21.16 27.03 42.33
CA LEU A 3816 -21.41 25.60 42.24
C LEU A 3816 -22.44 25.31 41.15
N LEU A 3817 -23.46 26.16 41.04
CA LEU A 3817 -24.53 25.90 40.08
C LEU A 3817 -24.02 25.90 38.66
N ASN A 3818 -23.21 26.91 38.30
CA ASN A 3818 -22.81 27.08 36.92
C ASN A 3818 -21.78 26.04 36.48
N THR A 3819 -21.06 25.43 37.40
CA THR A 3819 -20.06 24.42 37.06
C THR A 3819 -20.66 23.03 36.89
N MET A 3820 -21.96 22.94 36.65
CA MET A 3820 -22.63 21.66 36.48
C MET A 3820 -23.95 21.91 35.75
N SER A 3821 -24.66 20.84 35.42
CA SER A 3821 -25.88 20.97 34.63
C SER A 3821 -26.96 21.67 35.45
N GLN A 3822 -27.02 23.00 35.33
CA GLN A 3822 -27.90 23.79 36.19
C GLN A 3822 -29.36 23.36 36.06
N GLU A 3823 -29.74 22.83 34.89
CA GLU A 3823 -31.07 22.27 34.74
C GLU A 3823 -31.27 21.09 35.70
N GLU A 3824 -30.26 20.22 35.79
CA GLU A 3824 -30.33 19.10 36.72
C GLU A 3824 -30.40 19.59 38.15
N LYS A 3825 -29.56 20.59 38.48
CA LYS A 3825 -29.57 21.14 39.83
C LYS A 3825 -30.93 21.67 40.21
N ALA A 3826 -31.50 22.52 39.34
CA ALA A 3826 -32.82 23.09 39.64
C ALA A 3826 -33.88 22.00 39.74
N ALA A 3827 -33.86 21.04 38.82
CA ALA A 3827 -34.92 20.02 38.80
C ALA A 3827 -34.86 19.16 40.04
N TYR A 3828 -33.68 18.65 40.39
CA TYR A 3828 -33.57 17.67 41.46
C TYR A 3828 -33.26 18.30 42.81
N LEU A 3829 -33.14 19.62 42.89
CA LEU A 3829 -33.17 20.33 44.16
C LEU A 3829 -34.58 20.84 44.43
N SER A 3830 -35.12 21.63 43.49
CA SER A 3830 -36.45 22.20 43.64
C SER A 3830 -37.51 21.14 43.90
N ASP A 3831 -37.34 19.95 43.33
CA ASP A 3831 -38.35 18.93 43.57
C ASP A 3831 -38.33 18.53 45.04
N PRO A 3832 -37.28 17.86 45.56
CA PRO A 3832 -37.24 17.68 47.02
C PRO A 3832 -36.54 18.82 47.73
N ARG A 3833 -37.27 19.73 48.39
CA ARG A 3833 -36.64 20.66 49.31
C ARG A 3833 -37.25 20.59 50.71
N ALA A 3834 -38.55 20.82 50.83
CA ALA A 3834 -39.23 20.74 52.12
C ALA A 3834 -39.55 19.30 52.49
N PRO A 3835 -40.07 18.47 51.57
CA PRO A 3835 -40.29 17.07 51.91
C PRO A 3835 -39.03 16.40 52.43
N PRO A 3836 -37.94 16.35 51.64
CA PRO A 3836 -36.86 15.42 51.99
C PRO A 3836 -36.27 15.65 53.37
N CYS A 3837 -36.16 16.91 53.79
CA CYS A 3837 -35.58 17.24 55.08
C CYS A 3837 -36.56 17.91 56.01
N GLU A 3838 -37.25 18.95 55.56
CA GLU A 3838 -38.16 19.72 56.40
C GLU A 3838 -39.52 19.08 56.55
N TYR A 3839 -39.85 18.04 55.79
CA TYR A 3839 -41.08 17.30 56.05
C TYR A 3839 -40.84 15.83 56.37
N LYS A 3840 -39.96 15.15 55.62
CA LYS A 3840 -39.79 13.73 55.85
C LYS A 3840 -38.81 13.48 56.99
N ASP A 3841 -39.03 14.16 58.10
CA ASP A 3841 -38.46 13.76 59.39
C ASP A 3841 -39.48 13.90 60.52
N TRP A 3842 -40.59 14.61 60.29
CA TRP A 3842 -41.78 14.56 61.12
C TRP A 3842 -43.01 14.11 60.37
N LEU A 3843 -43.09 14.40 59.08
CA LEU A 3843 -44.29 14.13 58.29
C LEU A 3843 -44.02 13.05 57.27
N ASP A 3851 -44.33 22.22 58.15
CA ASP A 3851 -44.29 23.60 57.70
C ASP A 3851 -43.66 24.51 58.76
N VAL A 3852 -43.96 25.80 58.68
CA VAL A 3852 -43.42 26.76 59.64
C VAL A 3852 -43.97 26.46 61.02
N GLY A 3853 -43.09 26.52 62.02
CA GLY A 3853 -43.48 26.17 63.36
C GLY A 3853 -43.39 24.67 63.60
N ALA A 3854 -43.72 23.88 62.57
CA ALA A 3854 -43.58 22.44 62.66
C ALA A 3854 -42.12 22.01 62.76
N TYR A 3855 -41.18 22.94 62.68
CA TYR A 3855 -39.79 22.62 62.96
C TYR A 3855 -39.58 22.32 64.43
N MET A 3856 -40.33 22.98 65.31
CA MET A 3856 -40.23 22.67 66.73
C MET A 3856 -40.68 21.23 67.00
N LEU A 3857 -41.76 20.80 66.35
CA LEU A 3857 -42.16 19.40 66.42
C LEU A 3857 -41.12 18.50 65.75
N MET A 3858 -40.58 18.96 64.62
CA MET A 3858 -39.51 18.26 63.92
C MET A 3858 -38.40 17.84 64.87
N TYR A 3859 -37.73 18.82 65.45
CA TYR A 3859 -36.64 18.54 66.37
C TYR A 3859 -37.15 17.90 67.65
N LYS A 3860 -38.39 18.21 68.02
CA LYS A 3860 -39.03 17.52 69.13
C LYS A 3860 -39.21 16.05 68.81
N GLY A 3861 -39.67 15.73 67.61
CA GLY A 3861 -39.90 14.37 67.17
C GLY A 3861 -38.74 13.73 66.46
N ALA A 3862 -37.59 14.39 66.40
CA ALA A 3862 -36.44 13.83 65.69
C ALA A 3862 -35.85 12.66 66.47
N ASN A 3863 -35.45 11.63 65.73
CA ASN A 3863 -34.76 10.48 66.31
C ASN A 3863 -33.59 10.11 65.41
N ARG A 3864 -32.62 9.42 66.01
CA ARG A 3864 -31.31 9.27 65.38
C ARG A 3864 -31.40 8.52 64.05
N THR A 3865 -32.22 7.47 63.97
CA THR A 3865 -32.28 6.69 62.74
C THR A 3865 -32.91 7.47 61.60
N GLU A 3866 -34.05 8.10 61.86
CA GLU A 3866 -34.66 8.95 60.84
C GLU A 3866 -33.79 10.16 60.55
N THR A 3867 -33.07 10.65 61.56
CA THR A 3867 -32.03 11.65 61.37
C THR A 3867 -31.04 11.23 60.28
N VAL A 3868 -30.40 10.08 60.48
CA VAL A 3868 -29.36 9.64 59.56
C VAL A 3868 -29.95 9.36 58.18
N THR A 3869 -31.13 8.73 58.14
CA THR A 3869 -31.74 8.42 56.86
C THR A 3869 -32.11 9.68 56.10
N SER A 3870 -32.61 10.69 56.82
CA SER A 3870 -32.91 11.97 56.19
C SER A 3870 -31.65 12.59 55.62
N PHE A 3871 -30.55 12.54 56.37
CA PHE A 3871 -29.31 13.10 55.83
C PHE A 3871 -28.86 12.31 54.60
N ARG A 3872 -29.05 11.00 54.61
CA ARG A 3872 -28.68 10.17 53.46
C ARG A 3872 -29.50 10.56 52.23
N LYS A 3873 -30.79 10.79 52.42
CA LYS A 3873 -31.62 11.24 51.30
C LYS A 3873 -31.17 12.62 50.83
N ARG A 3874 -30.77 13.48 51.76
CA ARG A 3874 -30.28 14.80 51.39
C ARG A 3874 -29.01 14.71 50.55
N GLU A 3875 -28.07 13.85 50.97
CA GLU A 3875 -26.79 13.78 50.27
C GLU A 3875 -26.93 13.08 48.93
N SER A 3876 -27.80 12.07 48.85
CA SER A 3876 -28.08 11.45 47.56
C SER A 3876 -28.84 12.40 46.64
N LYS A 3877 -29.55 13.37 47.20
CA LYS A 3877 -30.29 14.32 46.38
C LYS A 3877 -29.36 15.16 45.52
N VAL A 3878 -28.22 15.57 46.09
CA VAL A 3878 -27.35 16.56 45.46
C VAL A 3878 -26.15 15.86 44.82
N PRO A 3879 -25.67 16.33 43.66
CA PRO A 3879 -24.40 15.83 43.14
C PRO A 3879 -23.23 16.31 43.99
N ALA A 3880 -22.06 15.74 43.70
CA ALA A 3880 -20.84 16.03 44.45
C ALA A 3880 -19.79 16.65 43.53
N ASP A 3881 -18.62 16.89 44.12
CA ASP A 3881 -17.40 17.36 43.46
C ASP A 3881 -17.59 18.65 42.67
N LEU A 3882 -18.72 19.33 42.84
CA LEU A 3882 -18.93 20.58 42.14
C LEU A 3882 -17.89 21.62 42.54
N LEU A 3883 -17.44 21.57 43.79
CA LEU A 3883 -16.29 22.36 44.21
C LEU A 3883 -15.06 21.99 43.40
N LYS A 3884 -14.83 20.68 43.22
CA LYS A 3884 -13.69 20.25 42.42
C LYS A 3884 -13.89 20.58 40.95
N ARG A 3885 -15.12 20.53 40.47
CA ARG A 3885 -15.39 20.98 39.11
C ARG A 3885 -15.02 22.44 38.94
N ALA A 3886 -15.39 23.28 39.91
CA ALA A 3886 -15.01 24.68 39.86
C ALA A 3886 -13.50 24.83 39.89
N PHE A 3887 -12.83 24.03 40.72
CA PHE A 3887 -11.38 24.09 40.80
C PHE A 3887 -10.75 23.79 39.44
N VAL A 3888 -11.13 22.66 38.84
CA VAL A 3888 -10.50 22.26 37.60
C VAL A 3888 -10.87 23.22 36.48
N ARG A 3889 -12.10 23.74 36.49
CA ARG A 3889 -12.51 24.71 35.49
C ARG A 3889 -11.69 26.00 35.64
N MET A 3890 -11.41 26.40 36.86
CA MET A 3890 -10.59 27.56 37.15
C MET A 3890 -9.10 27.27 37.06
N SER A 3891 -8.69 26.02 37.05
CA SER A 3891 -7.27 25.70 37.04
C SER A 3891 -6.74 25.67 35.62
N THR A 3892 -5.41 25.61 35.50
CA THR A 3892 -4.78 25.53 34.20
C THR A 3892 -3.77 24.39 34.14
N SER A 3893 -3.16 24.06 35.27
CA SER A 3893 -2.24 22.95 35.36
C SER A 3893 -2.55 22.20 36.64
N PRO A 3894 -2.23 20.91 36.69
CA PRO A 3894 -2.53 20.13 37.91
C PRO A 3894 -1.96 20.76 39.17
N GLU A 3895 -0.66 21.05 39.16
CA GLU A 3895 -0.02 21.63 40.33
C GLU A 3895 -0.65 22.96 40.71
N ALA A 3896 -1.04 23.76 39.71
CA ALA A 3896 -1.77 24.98 39.99
C ALA A 3896 -3.06 24.69 40.73
N PHE A 3897 -3.76 23.64 40.29
CA PHE A 3897 -4.98 23.23 40.98
C PHE A 3897 -4.70 22.82 42.42
N LEU A 3898 -3.62 22.08 42.63
CA LEU A 3898 -3.27 21.66 43.99
C LEU A 3898 -3.02 22.85 44.89
N ALA A 3899 -2.20 23.79 44.42
CA ALA A 3899 -1.91 24.98 45.22
C ALA A 3899 -3.18 25.77 45.47
N LEU A 3900 -4.03 25.90 44.44
CA LEU A 3900 -5.29 26.63 44.59
C LEU A 3900 -6.14 26.00 45.68
N ARG A 3901 -6.36 24.68 45.59
CA ARG A 3901 -7.23 24.04 46.55
C ARG A 3901 -6.65 24.12 47.95
N SER A 3902 -5.33 23.97 48.09
CA SER A 3902 -4.71 24.06 49.41
C SER A 3902 -4.91 25.44 50.02
N HIS A 3903 -4.56 26.48 49.26
CA HIS A 3903 -4.68 27.84 49.77
C HIS A 3903 -6.13 28.17 50.09
N PHE A 3904 -7.04 27.83 49.19
CA PHE A 3904 -8.44 28.13 49.42
C PHE A 3904 -8.98 27.42 50.64
N ALA A 3905 -8.65 26.14 50.80
CA ALA A 3905 -9.13 25.39 51.95
C ALA A 3905 -8.57 25.96 53.24
N SER A 3906 -7.30 26.36 53.24
CA SER A 3906 -6.74 26.97 54.44
C SER A 3906 -7.47 28.25 54.78
N SER A 3907 -7.72 29.09 53.78
CA SER A 3907 -8.45 30.34 54.02
C SER A 3907 -9.85 30.06 54.54
N HIS A 3908 -10.52 29.07 53.96
CA HIS A 3908 -11.86 28.69 54.40
C HIS A 3908 -11.85 28.25 55.85
N ALA A 3909 -10.88 27.41 56.22
CA ALA A 3909 -10.78 26.96 57.61
C ALA A 3909 -10.54 28.15 58.54
N LEU A 3910 -9.68 29.07 58.14
CA LEU A 3910 -9.42 30.24 58.95
C LEU A 3910 -10.69 31.04 59.16
N ILE A 3911 -11.47 31.24 58.09
CA ILE A 3911 -12.74 31.95 58.23
C ILE A 3911 -13.65 31.24 59.20
N CYS A 3912 -13.77 29.91 59.04
CA CYS A 3912 -14.67 29.14 59.88
C CYS A 3912 -14.31 29.29 61.35
N ILE A 3913 -13.04 29.08 61.68
CA ILE A 3913 -12.63 29.15 63.07
C ILE A 3913 -12.82 30.56 63.61
N SER A 3914 -12.45 31.57 62.82
CA SER A 3914 -12.58 32.94 63.29
C SER A 3914 -14.02 33.29 63.61
N HIS A 3915 -14.92 33.06 62.64
CA HIS A 3915 -16.30 33.49 62.84
C HIS A 3915 -17.03 32.61 63.84
N TRP A 3916 -16.60 31.36 64.04
CA TRP A 3916 -17.17 30.60 65.14
C TRP A 3916 -16.72 31.15 66.48
N ILE A 3917 -15.44 31.52 66.58
CA ILE A 3917 -14.95 32.17 67.79
C ILE A 3917 -15.79 33.41 68.07
N LEU A 3918 -16.10 34.17 67.01
CA LEU A 3918 -17.03 35.27 67.13
C LEU A 3918 -18.48 34.83 67.17
N GLY A 3919 -18.74 33.54 66.95
CA GLY A 3919 -20.12 33.06 66.95
C GLY A 3919 -20.95 33.70 65.87
N ILE A 3920 -20.36 33.94 64.69
CA ILE A 3920 -21.06 34.63 63.62
C ILE A 3920 -22.12 33.70 63.05
N GLY A 3921 -23.31 34.24 62.82
CA GLY A 3921 -24.37 33.46 62.23
C GLY A 3921 -24.31 33.44 60.71
N ASP A 3922 -23.80 32.35 60.15
CA ASP A 3922 -23.69 32.18 58.71
C ASP A 3922 -24.37 30.87 58.33
N ARG A 3923 -25.64 30.96 57.94
CA ARG A 3923 -26.45 29.79 57.65
C ARG A 3923 -26.41 29.45 56.16
N HIS A 3924 -26.85 30.37 55.32
CA HIS A 3924 -26.92 30.14 53.90
C HIS A 3924 -25.53 30.03 53.30
N LEU A 3925 -25.48 29.56 52.06
CA LEU A 3925 -24.21 29.50 51.35
C LEU A 3925 -23.70 30.89 51.00
N ASN A 3926 -24.60 31.84 50.81
CA ASN A 3926 -24.19 33.16 50.36
C ASN A 3926 -23.57 34.00 51.43
N ASN A 3927 -23.33 33.46 52.63
CA ASN A 3927 -22.53 34.17 53.60
C ASN A 3927 -21.06 34.27 53.19
N PHE A 3928 -20.65 33.51 52.19
CA PHE A 3928 -19.25 33.41 51.80
C PHE A 3928 -19.10 33.78 50.33
N MET A 3929 -18.29 34.79 50.06
CA MET A 3929 -17.97 35.21 48.70
C MET A 3929 -16.55 34.78 48.39
N VAL A 3930 -16.33 34.29 47.18
CA VAL A 3930 -15.03 33.79 46.76
C VAL A 3930 -14.52 34.65 45.61
N ALA A 3931 -13.28 35.11 45.74
CA ALA A 3931 -12.66 35.89 44.68
C ALA A 3931 -12.31 35.01 43.49
N MET A 3932 -12.35 35.60 42.31
CA MET A 3932 -12.06 34.88 41.07
C MET A 3932 -10.60 34.97 40.67
N GLU A 3933 -9.77 35.71 41.39
CA GLU A 3933 -8.36 35.77 41.08
C GLU A 3933 -7.59 34.69 41.83
N THR A 3934 -7.62 34.73 43.15
CA THR A 3934 -6.91 33.78 43.99
C THR A 3934 -7.81 32.70 44.54
N GLY A 3935 -9.07 32.67 44.13
CA GLY A 3935 -9.99 31.70 44.70
C GLY A 3935 -10.19 31.87 46.18
N GLY A 3936 -9.98 33.08 46.70
CA GLY A 3936 -10.09 33.32 48.12
C GLY A 3936 -11.50 33.57 48.59
N VAL A 3937 -12.05 32.62 49.37
CA VAL A 3937 -13.36 32.81 49.96
C VAL A 3937 -13.27 33.86 51.05
N ILE A 3938 -14.33 34.66 51.19
CA ILE A 3938 -14.42 35.68 52.21
C ILE A 3938 -15.85 35.70 52.75
N GLY A 3939 -15.97 35.82 54.08
CA GLY A 3939 -17.29 35.88 54.70
C GLY A 3939 -17.88 37.27 54.66
N ILE A 3940 -19.21 37.31 54.65
CA ILE A 3940 -19.96 38.56 54.63
C ILE A 3940 -21.15 38.45 55.58
N ASP A 3941 -22.00 39.47 55.58
CA ASP A 3941 -23.28 39.45 56.30
C ASP A 3941 -23.08 39.26 57.80
N PHE A 3942 -22.48 40.26 58.41
CA PHE A 3942 -22.20 40.25 59.84
C PHE A 3942 -23.26 41.06 60.59
N GLY A 3943 -23.21 40.95 61.91
CA GLY A 3943 -24.24 41.51 62.76
C GLY A 3943 -24.79 40.46 63.67
N HIS A 3944 -24.75 39.22 63.21
CA HIS A 3944 -25.10 38.05 64.02
C HIS A 3944 -23.83 37.51 64.63
N ALA A 3945 -23.75 37.54 65.95
CA ALA A 3945 -22.53 37.16 66.65
C ALA A 3945 -22.91 36.58 68.00
N PHE A 3946 -21.94 35.93 68.64
CA PHE A 3946 -22.07 35.44 70.00
C PHE A 3946 -23.21 34.42 70.13
N GLY A 3947 -23.46 33.66 69.06
CA GLY A 3947 -24.55 32.70 69.07
C GLY A 3947 -25.92 33.33 69.17
N SER A 3948 -26.10 34.51 68.57
CA SER A 3948 -27.40 35.17 68.63
C SER A 3948 -28.48 34.33 67.97
N ALA A 3949 -28.18 33.74 66.82
CA ALA A 3949 -29.17 32.94 66.11
C ALA A 3949 -29.64 31.76 66.94
N THR A 3950 -28.77 31.24 67.81
CA THR A 3950 -29.22 30.23 68.77
C THR A 3950 -30.19 30.84 69.77
N GLN A 3951 -29.85 32.00 70.31
CA GLN A 3951 -30.66 32.64 71.35
C GLN A 3951 -31.70 33.58 70.76
N PHE A 3952 -31.25 34.61 70.05
CA PHE A 3952 -32.16 35.63 69.56
C PHE A 3952 -33.05 35.13 68.43
N LEU A 3953 -32.78 33.95 67.88
CA LEU A 3953 -33.64 33.38 66.86
C LEU A 3953 -34.04 31.96 67.25
N PRO A 3954 -35.22 31.52 66.83
CA PRO A 3954 -35.65 30.14 67.12
C PRO A 3954 -35.08 29.13 66.15
N VAL A 3955 -34.57 29.57 65.01
CA VAL A 3955 -33.98 28.67 64.02
C VAL A 3955 -32.73 28.05 64.62
N PRO A 3956 -32.38 26.82 64.23
CA PRO A 3956 -31.23 26.15 64.84
C PRO A 3956 -29.91 26.70 64.30
N GLU A 3957 -29.03 27.10 65.22
CA GLU A 3957 -27.68 27.54 64.86
C GLU A 3957 -26.66 26.80 65.72
N LEU A 3958 -26.82 25.49 65.83
CA LEU A 3958 -25.92 24.72 66.68
C LEU A 3958 -24.58 24.48 66.00
N MET A 3959 -24.54 24.50 64.67
CA MET A 3959 -23.30 24.23 63.96
C MET A 3959 -22.29 25.35 64.18
N PRO A 3960 -21.01 25.02 64.22
CA PRO A 3960 -19.99 26.03 64.49
C PRO A 3960 -19.69 26.90 63.27
N PHE A 3961 -19.85 26.33 62.09
CA PHE A 3961 -19.52 27.02 60.85
C PHE A 3961 -20.15 26.23 59.71
N ARG A 3962 -19.98 26.76 58.49
CA ARG A 3962 -20.48 26.10 57.29
C ARG A 3962 -19.47 25.04 56.86
N LEU A 3963 -19.85 23.77 56.99
CA LEU A 3963 -19.00 22.65 56.59
C LEU A 3963 -19.89 21.66 55.86
N THR A 3964 -19.94 21.78 54.54
CA THR A 3964 -20.91 21.04 53.74
C THR A 3964 -20.29 19.81 53.12
N ARG A 3965 -21.13 19.08 52.37
CA ARG A 3965 -20.69 17.85 51.73
C ARG A 3965 -19.59 18.13 50.71
N GLN A 3966 -19.74 19.20 49.93
CA GLN A 3966 -18.69 19.56 48.97
C GLN A 3966 -17.41 19.96 49.69
N PHE A 3967 -17.52 20.53 50.88
CA PHE A 3967 -16.33 20.82 51.65
C PHE A 3967 -15.59 19.56 52.04
N ILE A 3968 -16.27 18.42 52.03
CA ILE A 3968 -15.61 17.15 52.28
C ILE A 3968 -15.12 16.51 50.99
N ASN A 3969 -15.91 16.63 49.93
CA ASN A 3969 -15.54 16.16 48.61
C ASN A 3969 -14.55 17.09 47.92
N LEU A 3970 -14.02 18.06 48.66
CA LEU A 3970 -13.02 18.97 48.10
C LEU A 3970 -11.88 18.20 47.45
N MET A 3971 -11.47 17.10 48.06
CA MET A 3971 -10.75 16.05 47.35
C MET A 3971 -10.82 14.77 48.15
N LEU A 3972 -10.57 13.66 47.47
CA LEU A 3972 -10.74 12.34 48.06
C LEU A 3972 -9.89 12.13 49.30
N PRO A 3973 -8.55 12.19 49.22
CA PRO A 3973 -7.76 11.76 50.38
C PRO A 3973 -7.97 12.62 51.61
N MET A 3974 -8.49 13.82 51.45
CA MET A 3974 -8.72 14.69 52.58
C MET A 3974 -9.83 14.14 53.46
N LYS A 3975 -9.68 14.34 54.77
CA LYS A 3975 -10.70 13.93 55.71
C LYS A 3975 -10.95 15.01 56.76
N GLU A 3976 -10.61 16.26 56.46
CA GLU A 3976 -10.80 17.40 57.35
C GLU A 3976 -9.98 17.25 58.62
N THR A 3977 -9.20 16.17 58.70
CA THR A 3977 -8.28 15.91 59.79
C THR A 3977 -6.84 16.09 59.36
N GLY A 3978 -6.61 16.58 58.14
CA GLY A 3978 -5.26 16.82 57.67
C GLY A 3978 -4.91 18.28 57.75
N LEU A 3979 -5.00 18.97 56.62
CA LEU A 3979 -4.72 20.40 56.59
C LEU A 3979 -5.67 21.18 57.48
N MET A 3980 -6.94 20.81 57.46
CA MET A 3980 -7.93 21.52 58.29
C MET A 3980 -7.57 21.41 59.76
N TYR A 3981 -7.31 20.19 60.22
CA TYR A 3981 -6.91 19.95 61.59
C TYR A 3981 -5.73 20.82 61.98
N SER A 3982 -4.68 20.81 61.16
CA SER A 3982 -3.48 21.55 61.49
C SER A 3982 -3.72 23.05 61.49
N ILE A 3983 -4.48 23.54 60.51
CA ILE A 3983 -4.82 24.96 60.48
C ILE A 3983 -5.50 25.35 61.78
N MET A 3984 -6.45 24.52 62.22
CA MET A 3984 -7.12 24.77 63.48
C MET A 3984 -6.13 24.78 64.62
N VAL A 3985 -5.20 23.82 64.62
CA VAL A 3985 -4.22 23.72 65.69
C VAL A 3985 -3.38 24.99 65.78
N HIS A 3986 -2.83 25.41 64.64
CA HIS A 3986 -1.98 26.59 64.62
C HIS A 3986 -2.75 27.83 65.04
N ALA A 3987 -3.97 27.97 64.53
CA ALA A 3987 -4.79 29.13 64.90
C ALA A 3987 -5.01 29.17 66.40
N LEU A 3988 -5.49 28.07 66.98
CA LEU A 3988 -5.84 28.10 68.39
C LEU A 3988 -4.59 28.27 69.26
N ARG A 3989 -3.47 27.66 68.87
CA ARG A 3989 -2.24 27.88 69.60
C ARG A 3989 -1.85 29.35 69.56
N ALA A 3990 -2.00 29.98 68.39
CA ALA A 3990 -1.80 31.42 68.31
C ALA A 3990 -2.85 32.20 69.09
N PHE A 3991 -3.94 31.55 69.51
CA PHE A 3991 -5.03 32.22 70.20
C PHE A 3991 -5.05 31.90 71.69
N ARG A 3992 -4.04 31.21 72.21
CA ARG A 3992 -4.03 30.86 73.62
C ARG A 3992 -3.56 32.01 74.51
N SER A 3993 -3.02 33.08 73.93
CA SER A 3993 -2.64 34.27 74.69
C SER A 3993 -3.44 35.49 74.27
N ASP A 3994 -4.19 35.41 73.18
CA ASP A 3994 -4.95 36.56 72.71
C ASP A 3994 -6.09 37.00 73.63
N PRO A 3995 -6.77 36.12 74.41
CA PRO A 3995 -7.85 36.60 75.27
C PRO A 3995 -7.49 37.82 76.10
N GLY A 3996 -6.44 37.71 76.92
CA GLY A 3996 -6.04 38.80 77.79
C GLY A 3996 -5.80 40.07 77.00
N LEU A 3997 -5.45 39.90 75.72
CA LEU A 3997 -5.38 40.99 74.76
C LEU A 3997 -6.75 41.29 74.17
N LEU A 3998 -7.37 40.29 73.55
CA LEU A 3998 -8.58 40.53 72.80
C LEU A 3998 -9.77 40.90 73.68
N THR A 3999 -9.77 40.51 74.96
CA THR A 3999 -10.84 40.98 75.84
C THR A 3999 -10.82 42.49 75.97
N ASN A 4000 -9.65 43.12 75.82
CA ASN A 4000 -9.59 44.57 75.82
C ASN A 4000 -10.23 45.18 74.58
N THR A 4001 -10.57 44.34 73.59
CA THR A 4001 -10.99 44.77 72.27
C THR A 4001 -12.51 44.77 72.09
N MET A 4002 -13.18 43.61 72.31
CA MET A 4002 -14.62 43.61 72.12
C MET A 4002 -15.37 44.23 73.29
N ASP A 4003 -14.67 44.98 74.12
CA ASP A 4003 -15.27 45.83 75.14
C ASP A 4003 -14.82 47.25 74.93
N VAL A 4004 -15.01 47.75 73.70
CA VAL A 4004 -14.58 49.09 73.32
C VAL A 4004 -15.01 50.10 74.38
N PHE A 4005 -16.32 50.17 74.63
CA PHE A 4005 -16.83 50.73 75.88
C PHE A 4005 -17.59 49.68 76.65
N VAL A 4006 -18.69 49.17 76.09
CA VAL A 4006 -19.21 47.84 76.37
C VAL A 4006 -19.50 47.24 75.00
N LYS A 4007 -18.93 47.87 73.97
CA LYS A 4007 -19.12 47.47 72.57
C LYS A 4007 -20.59 47.55 72.17
N GLU A 4008 -21.10 48.78 72.16
CA GLU A 4008 -22.44 49.09 71.65
C GLU A 4008 -23.49 48.29 72.43
N PRO A 4009 -23.82 48.71 73.64
CA PRO A 4009 -24.74 47.93 74.48
C PRO A 4009 -26.09 47.74 73.80
N SER A 4010 -26.69 46.58 74.05
CA SER A 4010 -28.03 46.22 73.60
C SER A 4010 -28.15 46.18 72.09
N PHE A 4011 -27.03 46.02 71.38
CA PHE A 4011 -27.10 45.90 69.93
C PHE A 4011 -27.83 44.63 69.51
N ASP A 4012 -27.58 43.53 70.21
CA ASP A 4012 -28.27 42.28 69.90
C ASP A 4012 -29.76 42.41 70.20
N TRP A 4013 -30.11 43.10 71.28
CA TRP A 4013 -31.51 43.28 71.64
C TRP A 4013 -32.27 44.06 70.57
N LYS A 4014 -31.59 44.97 69.87
CA LYS A 4014 -32.19 45.75 68.82
C LYS A 4014 -31.93 45.17 67.44
N ASN A 4015 -31.42 43.95 67.35
CA ASN A 4015 -31.15 43.31 66.07
C ASN A 4015 -31.68 41.88 66.03
N TRP A 4038 -30.53 40.25 79.78
CA TRP A 4038 -29.30 39.86 79.09
C TRP A 4038 -28.30 41.00 79.09
N TYR A 4039 -27.08 40.71 78.63
CA TYR A 4039 -26.07 41.75 78.53
C TYR A 4039 -24.98 41.29 77.57
N PRO A 4040 -24.42 42.18 76.76
CA PRO A 4040 -23.27 41.79 75.93
C PRO A 4040 -22.09 41.33 76.74
N ARG A 4041 -22.00 41.77 78.01
CA ARG A 4041 -20.93 41.28 78.87
C ARG A 4041 -21.02 39.77 79.05
N GLN A 4042 -22.24 39.23 79.11
CA GLN A 4042 -22.38 37.78 79.17
C GLN A 4042 -21.83 37.14 77.90
N LYS A 4043 -22.07 37.77 76.76
CA LYS A 4043 -21.56 37.24 75.50
C LYS A 4043 -20.04 37.25 75.47
N ILE A 4044 -19.43 38.34 75.93
CA ILE A 4044 -17.96 38.39 75.92
C ILE A 4044 -17.39 37.44 76.96
N CYS A 4045 -18.10 37.21 78.07
CA CYS A 4045 -17.68 36.18 79.02
C CYS A 4045 -17.69 34.81 78.37
N TYR A 4046 -18.75 34.51 77.62
CA TYR A 4046 -18.78 33.27 76.85
C TYR A 4046 -17.59 33.18 75.92
N ALA A 4047 -17.31 34.27 75.20
CA ALA A 4047 -16.23 34.26 74.22
C ALA A 4047 -14.87 34.00 74.87
N LYS A 4048 -14.59 34.72 75.96
CA LYS A 4048 -13.31 34.54 76.63
C LYS A 4048 -13.22 33.16 77.28
N ARG A 4049 -14.34 32.64 77.78
CA ARG A 4049 -14.34 31.27 78.29
C ARG A 4049 -14.02 30.29 77.18
N LYS A 4050 -14.56 30.52 75.98
CA LYS A 4050 -14.26 29.67 74.84
C LYS A 4050 -12.79 29.72 74.48
N LEU A 4051 -12.25 30.92 74.31
CA LEU A 4051 -10.88 31.04 73.83
C LEU A 4051 -9.87 30.55 74.87
N ALA A 4052 -10.23 30.60 76.15
CA ALA A 4052 -9.40 30.03 77.19
C ALA A 4052 -9.52 28.52 77.26
N GLY A 4053 -10.24 27.90 76.33
CA GLY A 4053 -10.46 26.47 76.34
C GLY A 4053 -11.85 26.13 76.85
N ALA A 4054 -12.65 25.52 75.99
CA ALA A 4054 -14.02 25.19 76.37
C ALA A 4054 -14.54 24.08 75.48
N ASN A 4055 -15.54 23.38 75.97
CA ASN A 4055 -16.23 22.38 75.15
C ASN A 4055 -17.30 23.09 74.31
N PRO A 4056 -17.23 23.01 72.99
CA PRO A 4056 -18.25 23.66 72.17
C PRO A 4056 -19.66 23.17 72.46
N ALA A 4057 -19.81 21.90 72.84
CA ALA A 4057 -21.11 21.42 73.27
C ALA A 4057 -21.58 22.16 74.52
N VAL A 4058 -20.67 22.39 75.46
CA VAL A 4058 -21.02 23.15 76.66
C VAL A 4058 -21.46 24.56 76.28
N ILE A 4059 -20.72 25.19 75.35
CA ILE A 4059 -21.09 26.54 74.93
C ILE A 4059 -22.46 26.54 74.29
N THR A 4060 -22.73 25.56 73.43
CA THR A 4060 -24.04 25.49 72.79
C THR A 4060 -25.14 25.31 73.83
N CYS A 4061 -24.93 24.43 74.80
CA CYS A 4061 -25.96 24.19 75.82
C CYS A 4061 -26.22 25.44 76.63
N ASP A 4062 -25.16 26.14 77.06
CA ASP A 4062 -25.38 27.30 77.91
C ASP A 4062 -25.99 28.45 77.11
N GLU A 4063 -25.57 28.61 75.85
CA GLU A 4063 -26.17 29.65 75.01
C GLU A 4063 -27.65 29.36 74.74
N LEU A 4064 -27.98 28.08 74.53
CA LEU A 4064 -29.38 27.70 74.38
C LEU A 4064 -30.16 28.01 75.66
N LEU A 4065 -29.56 27.73 76.81
CA LEU A 4065 -30.22 28.08 78.07
C LEU A 4065 -30.42 29.58 78.18
N LEU A 4066 -29.42 30.36 77.79
CA LEU A 4066 -29.52 31.81 77.83
C LEU A 4066 -30.59 32.27 76.84
N GLY A 4067 -31.72 32.74 77.35
CA GLY A 4067 -32.73 33.39 76.54
C GLY A 4067 -33.39 32.49 75.51
N HIS A 4068 -33.19 31.19 75.62
CA HIS A 4068 -33.83 30.27 74.68
C HIS A 4068 -34.26 28.97 75.36
N GLU A 4069 -34.15 28.88 76.69
CA GLU A 4069 -34.48 27.64 77.38
C GLU A 4069 -35.97 27.36 77.41
N LYS A 4070 -36.79 28.41 77.45
CA LYS A 4070 -38.24 28.23 77.52
C LYS A 4070 -38.83 27.66 76.24
N ALA A 4071 -38.06 27.60 75.16
CA ALA A 4071 -38.59 27.12 73.90
C ALA A 4071 -38.97 25.64 74.01
N PRO A 4072 -39.97 25.19 73.26
CA PRO A 4072 -40.31 23.77 73.25
C PRO A 4072 -39.18 22.94 72.65
N ALA A 4073 -39.13 21.67 73.07
CA ALA A 4073 -38.09 20.73 72.66
C ALA A 4073 -36.70 21.22 73.06
N PHE A 4074 -36.63 22.13 74.03
CA PHE A 4074 -35.34 22.68 74.43
C PHE A 4074 -34.42 21.62 75.00
N ARG A 4075 -34.97 20.70 75.79
CA ARG A 4075 -34.16 19.59 76.27
C ARG A 4075 -33.61 18.77 75.11
N ASP A 4076 -34.40 18.59 74.06
CA ASP A 4076 -33.89 17.94 72.86
C ASP A 4076 -32.76 18.75 72.23
N TYR A 4077 -32.89 20.07 72.25
CA TYR A 4077 -31.88 20.92 71.64
C TYR A 4077 -30.55 20.80 72.38
N VAL A 4078 -30.59 20.87 73.71
CA VAL A 4078 -29.36 20.73 74.47
C VAL A 4078 -28.86 19.29 74.44
N ALA A 4079 -29.74 18.32 74.20
CA ALA A 4079 -29.29 16.94 74.07
C ALA A 4079 -28.50 16.75 72.78
N VAL A 4080 -29.04 17.23 71.65
CA VAL A 4080 -28.30 17.10 70.40
C VAL A 4080 -27.06 17.97 70.43
N ALA A 4081 -27.07 19.06 71.19
CA ALA A 4081 -25.84 19.80 71.44
C ALA A 4081 -24.84 18.92 72.18
N ARG A 4082 -25.31 18.19 73.20
CA ARG A 4082 -24.48 17.16 73.82
C ARG A 4082 -24.21 16.03 72.85
N GLY A 4083 -25.12 15.76 71.94
CA GLY A 4083 -24.95 14.68 70.99
C GLY A 4083 -25.62 13.41 71.45
N SER A 4084 -26.10 12.64 70.47
CA SER A 4084 -26.84 11.41 70.76
C SER A 4084 -25.94 10.19 70.78
N LYS A 4085 -25.19 9.97 69.72
CA LYS A 4085 -24.39 8.76 69.60
C LYS A 4085 -23.18 8.83 70.53
N ASP A 4086 -22.57 7.67 70.75
CA ASP A 4086 -21.36 7.59 71.57
C ASP A 4086 -20.28 8.51 71.02
N HIS A 4087 -20.08 8.48 69.71
CA HIS A 4087 -19.14 9.36 69.05
C HIS A 4087 -19.58 10.83 69.07
N ASN A 4088 -20.70 11.12 69.71
CA ASN A 4088 -21.10 12.49 69.99
C ASN A 4088 -21.14 12.81 71.47
N ILE A 4089 -21.52 11.83 72.30
CA ILE A 4089 -21.50 12.07 73.74
C ILE A 4089 -20.07 12.16 74.26
N ARG A 4090 -19.13 11.46 73.62
CA ARG A 4090 -17.77 11.41 74.15
C ARG A 4090 -17.07 12.76 74.09
N ALA A 4091 -17.65 13.74 73.37
CA ALA A 4091 -17.12 15.09 73.40
C ALA A 4091 -17.25 15.74 74.76
N GLN A 4092 -18.00 15.13 75.68
CA GLN A 4092 -18.12 15.67 77.03
C GLN A 4092 -16.78 15.62 77.77
N GLU A 4093 -15.94 14.63 77.47
CA GLU A 4093 -14.64 14.56 78.14
C GLU A 4093 -13.74 15.74 77.77
N PRO A 4094 -13.55 16.09 76.48
CA PRO A 4094 -12.76 17.29 76.18
C PRO A 4094 -13.54 18.56 76.49
N GLU A 4095 -13.53 18.97 77.76
CA GLU A 4095 -14.45 19.97 78.24
C GLU A 4095 -13.73 21.04 79.07
N SER A 4096 -14.25 22.26 78.99
CA SER A 4096 -13.93 23.36 79.91
C SER A 4096 -12.43 23.50 80.12
N GLY A 4097 -11.75 23.97 79.07
CA GLY A 4097 -10.31 24.05 79.11
C GLY A 4097 -9.74 22.73 78.65
N LEU A 4098 -9.00 22.77 77.54
CA LEU A 4098 -8.59 21.55 76.88
C LEU A 4098 -7.54 21.91 75.84
N SER A 4099 -6.92 20.88 75.26
CA SER A 4099 -5.93 21.10 74.23
C SER A 4099 -6.59 21.74 73.01
N GLU A 4100 -5.78 22.45 72.24
CA GLU A 4100 -6.26 23.01 70.98
C GLU A 4100 -6.84 21.92 70.11
N GLU A 4101 -6.10 20.82 69.96
CA GLU A 4101 -6.53 19.77 69.04
C GLU A 4101 -7.80 19.09 69.53
N THR A 4102 -7.94 18.90 70.85
CA THR A 4102 -9.17 18.33 71.37
C THR A 4102 -10.35 19.24 71.06
N GLN A 4103 -10.17 20.54 71.27
CA GLN A 4103 -11.26 21.48 71.03
C GLN A 4103 -11.65 21.50 69.57
N VAL A 4104 -10.67 21.51 68.67
CA VAL A 4104 -10.97 21.58 67.25
C VAL A 4104 -11.58 20.28 66.75
N LYS A 4105 -11.11 19.14 67.27
CA LYS A 4105 -11.70 17.88 66.86
C LYS A 4105 -13.15 17.78 67.35
N CYS A 4106 -13.42 18.28 68.55
CA CYS A 4106 -14.79 18.35 69.01
C CYS A 4106 -15.62 19.24 68.09
N LEU A 4107 -15.06 20.39 67.71
CA LEU A 4107 -15.79 21.30 66.81
C LEU A 4107 -16.14 20.61 65.51
N MET A 4108 -15.16 19.94 64.89
CA MET A 4108 -15.38 19.37 63.58
C MET A 4108 -16.23 18.11 63.64
N ASP A 4109 -16.22 17.40 64.77
CA ASP A 4109 -16.96 16.15 64.88
C ASP A 4109 -18.34 16.35 65.52
N GLN A 4110 -18.36 16.71 66.80
CA GLN A 4110 -19.60 16.70 67.55
C GLN A 4110 -20.48 17.90 67.22
N ALA A 4111 -19.88 19.01 66.78
CA ALA A 4111 -20.66 20.20 66.50
C ALA A 4111 -21.09 20.30 65.05
N THR A 4112 -20.49 19.52 64.15
CA THR A 4112 -20.72 19.68 62.72
C THR A 4112 -21.70 18.65 62.15
N ASP A 4113 -21.40 17.38 62.29
CA ASP A 4113 -22.23 16.37 61.64
C ASP A 4113 -23.56 16.15 62.36
N PRO A 4114 -23.56 15.68 63.62
CA PRO A 4114 -24.81 15.12 64.18
C PRO A 4114 -25.96 16.11 64.24
N ASN A 4115 -25.68 17.38 64.50
CA ASN A 4115 -26.74 18.38 64.51
C ASN A 4115 -27.36 18.53 63.12
N ILE A 4116 -26.52 18.73 62.10
CA ILE A 4116 -27.02 18.84 60.74
C ILE A 4116 -27.78 17.58 60.35
N LEU A 4117 -27.30 16.43 60.83
CA LEU A 4117 -28.04 15.19 60.64
C LEU A 4117 -29.45 15.31 61.23
N GLY A 4118 -29.54 15.71 62.50
CA GLY A 4118 -30.81 15.72 63.19
C GLY A 4118 -31.62 17.00 63.13
N ARG A 4119 -31.05 18.10 63.61
CA ARG A 4119 -31.75 19.37 63.70
C ARG A 4119 -30.97 20.38 62.87
N THR A 4120 -31.47 20.68 61.68
CA THR A 4120 -30.79 21.59 60.77
C THR A 4120 -31.80 22.57 60.18
N TRP A 4121 -31.31 23.74 59.82
CA TRP A 4121 -32.12 24.77 59.21
C TRP A 4121 -32.07 24.63 57.69
N GLU A 4122 -33.23 24.78 57.05
CA GLU A 4122 -33.29 24.62 55.60
C GLU A 4122 -32.45 25.67 54.89
N GLY A 4123 -32.45 26.91 55.39
CA GLY A 4123 -31.60 27.93 54.80
C GLY A 4123 -30.12 27.63 54.95
N TRP A 4124 -29.74 26.91 56.01
CA TRP A 4124 -28.36 26.47 56.13
C TRP A 4124 -27.98 25.54 54.99
N GLU A 4125 -28.97 24.89 54.38
CA GLU A 4125 -28.81 24.11 53.17
C GLU A 4125 -27.77 23.01 53.36
N PRO A 4126 -28.01 22.04 54.23
CA PRO A 4126 -27.03 20.97 54.42
C PRO A 4126 -26.71 20.20 53.16
N TRP A 4127 -27.71 19.94 52.32
CA TRP A 4127 -27.48 19.15 51.11
C TRP A 4127 -26.44 19.82 50.22
N MET A 4128 -26.57 21.11 49.99
CA MET A 4128 -25.59 21.83 49.19
C MET A 4128 -24.48 22.37 50.08
N CYS B 10 -38.03 -4.44 -25.12
CA CYS B 10 -38.17 -5.89 -25.20
C CYS B 10 -37.47 -6.45 -26.42
N SER B 11 -36.92 -7.66 -26.29
CA SER B 11 -36.25 -8.33 -27.39
C SER B 11 -37.19 -9.18 -28.21
N LEU B 12 -38.50 -8.92 -28.14
CA LEU B 12 -39.47 -9.74 -28.85
C LEU B 12 -39.21 -9.72 -30.35
N LEU B 13 -38.87 -8.56 -30.90
CA LEU B 13 -38.58 -8.49 -32.33
C LEU B 13 -37.36 -9.33 -32.68
N ARG B 14 -36.32 -9.25 -31.87
CA ARG B 14 -35.13 -10.07 -32.13
C ARG B 14 -35.47 -11.55 -32.06
N LEU B 15 -36.30 -11.94 -31.09
CA LEU B 15 -36.68 -13.34 -30.98
C LEU B 15 -37.50 -13.78 -32.19
N GLN B 16 -38.41 -12.93 -32.65
CA GLN B 16 -39.15 -13.23 -33.86
C GLN B 16 -38.20 -13.45 -35.03
N GLU B 17 -37.23 -12.54 -35.19
CA GLU B 17 -36.30 -12.64 -36.29
C GLU B 17 -35.50 -13.93 -36.22
N THR B 18 -35.02 -14.28 -35.02
CA THR B 18 -34.23 -15.49 -34.86
C THR B 18 -35.06 -16.72 -35.17
N LEU B 19 -36.25 -16.82 -34.59
CA LEU B 19 -37.10 -17.96 -34.86
C LEU B 19 -37.53 -17.98 -36.32
N SER B 20 -37.83 -16.82 -36.88
CA SER B 20 -38.08 -16.73 -38.32
C SER B 20 -36.87 -17.19 -39.12
N ALA B 21 -35.69 -17.15 -38.53
CA ALA B 21 -34.49 -17.71 -39.13
C ALA B 21 -34.17 -19.10 -38.63
N ALA B 22 -34.40 -19.37 -37.34
CA ALA B 22 -33.97 -20.63 -36.75
C ALA B 22 -34.64 -21.84 -37.40
N ASP B 23 -35.77 -21.63 -38.05
CA ASP B 23 -36.47 -22.70 -38.78
C ASP B 23 -35.82 -23.02 -40.11
N ARG B 24 -34.61 -22.53 -40.36
CA ARG B 24 -33.99 -22.68 -41.68
C ARG B 24 -33.62 -24.12 -41.97
N CYS B 25 -33.23 -24.88 -40.94
CA CYS B 25 -32.63 -26.20 -41.12
C CYS B 25 -33.48 -27.25 -40.44
N GLY B 26 -33.73 -28.35 -41.15
CA GLY B 26 -34.40 -29.48 -40.56
C GLY B 26 -33.48 -30.18 -39.57
N ALA B 27 -33.78 -30.03 -38.28
CA ALA B 27 -32.99 -30.64 -37.24
C ALA B 27 -33.80 -30.59 -35.96
N ALA B 28 -33.74 -31.67 -35.18
CA ALA B 28 -34.46 -31.69 -33.91
C ALA B 28 -34.02 -30.55 -33.02
N LEU B 29 -32.71 -30.28 -32.99
CA LEU B 29 -32.19 -29.15 -32.24
C LEU B 29 -32.87 -27.85 -32.67
N ALA B 30 -33.17 -27.71 -33.95
CA ALA B 30 -33.86 -26.52 -34.42
C ALA B 30 -35.21 -26.39 -33.74
N GLY B 31 -36.00 -27.46 -33.75
CA GLY B 31 -37.30 -27.41 -33.09
C GLY B 31 -37.17 -27.15 -31.60
N HIS B 32 -36.11 -27.68 -30.98
CA HIS B 32 -35.92 -27.47 -29.55
C HIS B 32 -35.65 -26.01 -29.24
N GLN B 33 -34.73 -25.39 -29.96
CA GLN B 33 -34.47 -23.98 -29.70
C GLN B 33 -35.68 -23.14 -30.06
N LEU B 34 -36.41 -23.52 -31.10
CA LEU B 34 -37.64 -22.81 -31.44
C LEU B 34 -38.62 -22.85 -30.27
N ILE B 35 -38.85 -24.02 -29.70
CA ILE B 35 -39.83 -24.11 -28.63
C ILE B 35 -39.33 -23.39 -27.39
N ARG B 36 -38.02 -23.39 -27.15
CA ARG B 36 -37.50 -22.65 -26.00
C ARG B 36 -37.71 -21.16 -26.17
N GLY B 37 -37.27 -20.60 -27.30
CA GLY B 37 -37.47 -19.19 -27.55
C GLY B 37 -38.95 -18.83 -27.58
N LEU B 38 -39.78 -19.76 -28.04
CA LEU B 38 -41.21 -19.54 -28.08
C LEU B 38 -41.78 -19.42 -26.67
N GLY B 39 -41.44 -20.36 -25.80
CA GLY B 39 -41.91 -20.27 -24.43
C GLY B 39 -41.43 -19.01 -23.75
N GLN B 40 -40.21 -18.58 -24.07
CA GLN B 40 -39.70 -17.36 -23.47
C GLN B 40 -40.44 -16.13 -23.99
N GLU B 41 -40.73 -16.10 -25.29
CA GLU B 41 -41.55 -15.01 -25.80
C GLU B 41 -42.92 -15.03 -25.15
N CYS B 42 -43.44 -16.22 -24.88
CA CYS B 42 -44.71 -16.34 -24.19
C CYS B 42 -44.65 -15.69 -22.81
N VAL B 43 -43.65 -16.07 -22.01
CA VAL B 43 -43.57 -15.52 -20.66
C VAL B 43 -43.30 -14.03 -20.72
N LEU B 44 -42.66 -13.55 -21.78
CA LEU B 44 -42.49 -12.12 -21.97
C LEU B 44 -43.84 -11.44 -22.20
N SER B 45 -44.63 -11.98 -23.13
CA SER B 45 -45.92 -11.41 -23.44
C SER B 45 -46.94 -11.61 -22.33
N SER B 46 -46.63 -12.46 -21.35
CA SER B 46 -47.57 -12.70 -20.26
C SER B 46 -47.80 -11.43 -19.47
N SER B 47 -46.75 -10.64 -19.25
CA SER B 47 -46.80 -9.49 -18.35
C SER B 47 -46.28 -8.24 -19.04
N PRO B 48 -47.06 -7.66 -19.95
CA PRO B 48 -46.76 -6.32 -20.45
C PRO B 48 -47.50 -5.25 -19.66
N ALA B 49 -46.99 -4.02 -19.74
CA ALA B 49 -47.62 -2.95 -18.97
C ALA B 49 -48.81 -2.34 -19.72
N VAL B 50 -48.55 -1.57 -20.76
CA VAL B 50 -49.62 -1.15 -21.67
C VAL B 50 -49.10 -1.11 -23.10
N LEU B 51 -47.78 -1.06 -23.25
CA LEU B 51 -47.15 -0.56 -24.47
C LEU B 51 -46.53 -1.66 -25.30
N ALA B 52 -45.72 -2.53 -24.69
CA ALA B 52 -45.13 -3.64 -25.42
C ALA B 52 -46.21 -4.56 -25.96
N LEU B 53 -47.43 -4.44 -25.44
CA LEU B 53 -48.53 -5.25 -25.92
C LEU B 53 -48.75 -5.04 -27.42
N GLN B 54 -48.69 -3.80 -27.88
CA GLN B 54 -49.04 -3.52 -29.26
C GLN B 54 -47.96 -4.02 -30.21
N THR B 55 -46.70 -3.81 -29.83
CA THR B 55 -45.60 -4.41 -30.56
C THR B 55 -45.75 -5.92 -30.58
N SER B 56 -46.17 -6.50 -29.46
CA SER B 56 -46.45 -7.92 -29.44
C SER B 56 -47.59 -8.27 -30.39
N LEU B 57 -48.54 -7.37 -30.57
CA LEU B 57 -49.62 -7.65 -31.51
C LEU B 57 -49.10 -7.77 -32.93
N VAL B 58 -48.33 -6.78 -33.37
CA VAL B 58 -47.79 -6.84 -34.72
C VAL B 58 -46.85 -8.05 -34.85
N PHE B 59 -46.12 -8.35 -33.78
CA PHE B 59 -45.26 -9.52 -33.79
C PHE B 59 -46.07 -10.79 -33.94
N SER B 60 -47.22 -10.84 -33.27
CA SER B 60 -48.11 -12.00 -33.38
C SER B 60 -48.60 -12.15 -34.81
N ARG B 61 -48.96 -11.03 -35.44
CA ARG B 61 -49.27 -11.06 -36.87
C ARG B 61 -48.17 -11.79 -37.64
N ASP B 62 -46.95 -11.24 -37.57
CA ASP B 62 -45.88 -11.76 -38.41
C ASP B 62 -45.59 -13.22 -38.09
N PHE B 63 -45.58 -13.57 -36.80
CA PHE B 63 -45.19 -14.92 -36.40
C PHE B 63 -46.25 -15.95 -36.71
N GLY B 64 -47.53 -15.61 -36.55
CA GLY B 64 -48.57 -16.50 -36.97
C GLY B 64 -48.49 -16.77 -38.46
N LEU B 65 -48.24 -15.72 -39.24
CA LEU B 65 -47.99 -15.92 -40.66
C LEU B 65 -46.84 -16.89 -40.88
N LEU B 66 -45.75 -16.70 -40.13
CA LEU B 66 -44.59 -17.59 -40.24
C LEU B 66 -45.00 -19.03 -40.02
N VAL B 67 -45.48 -19.34 -38.82
CA VAL B 67 -45.79 -20.72 -38.46
C VAL B 67 -46.81 -21.32 -39.40
N PHE B 68 -47.66 -20.49 -40.01
CA PHE B 68 -48.49 -20.98 -41.09
C PHE B 68 -47.65 -21.44 -42.27
N VAL B 69 -46.82 -20.55 -42.81
CA VAL B 69 -46.07 -20.89 -44.01
C VAL B 69 -44.72 -21.51 -43.66
N ARG B 70 -44.02 -20.98 -42.66
CA ARG B 70 -42.65 -21.41 -42.42
C ARG B 70 -42.59 -22.88 -42.03
N LYS B 71 -43.44 -23.30 -41.08
CA LYS B 71 -43.33 -24.66 -40.61
C LYS B 71 -43.90 -25.59 -41.66
N SER B 72 -45.21 -25.50 -41.88
CA SER B 72 -45.91 -26.16 -42.99
C SER B 72 -45.57 -27.64 -43.12
N LEU B 73 -45.06 -28.26 -42.06
CA LEU B 73 -44.57 -29.63 -42.13
C LEU B 73 -45.15 -30.46 -41.02
N ASN B 74 -44.92 -31.77 -41.11
CA ASN B 74 -45.35 -32.74 -40.12
C ASN B 74 -44.23 -33.14 -39.17
N SER B 75 -43.08 -32.48 -39.25
CA SER B 75 -42.01 -32.76 -38.29
C SER B 75 -42.51 -32.47 -36.89
N ILE B 76 -42.33 -33.46 -35.99
CA ILE B 76 -42.80 -33.28 -34.63
C ILE B 76 -42.05 -32.15 -33.95
N GLU B 77 -40.82 -31.89 -34.39
CA GLU B 77 -40.09 -30.72 -33.92
C GLU B 77 -40.84 -29.44 -34.22
N PHE B 78 -41.74 -29.46 -35.19
CA PHE B 78 -42.68 -28.37 -35.38
C PHE B 78 -44.02 -28.62 -34.71
N ARG B 79 -44.37 -29.88 -34.47
CA ARG B 79 -45.65 -30.17 -33.84
C ARG B 79 -45.69 -29.63 -32.43
N GLU B 80 -44.65 -29.92 -31.64
CA GLU B 80 -44.61 -29.39 -30.27
C GLU B 80 -44.51 -27.88 -30.29
N CYS B 81 -43.74 -27.32 -31.22
CA CYS B 81 -43.64 -25.87 -31.32
C CYS B 81 -45.00 -25.25 -31.54
N ARG B 82 -45.74 -25.74 -32.55
CA ARG B 82 -47.07 -25.18 -32.77
C ARG B 82 -48.03 -25.47 -31.64
N GLU B 83 -47.84 -26.58 -30.93
CA GLU B 83 -48.68 -26.81 -29.76
C GLU B 83 -48.48 -25.71 -28.73
N GLU B 84 -47.22 -25.42 -28.42
CA GLU B 84 -46.93 -24.35 -27.48
C GLU B 84 -47.42 -23.01 -28.02
N ILE B 85 -47.29 -22.81 -29.33
CA ILE B 85 -47.79 -21.59 -29.96
C ILE B 85 -49.27 -21.44 -29.70
N LEU B 86 -50.02 -22.51 -29.93
CA LEU B 86 -51.46 -22.45 -29.75
C LEU B 86 -51.82 -22.19 -28.31
N LYS B 87 -51.12 -22.83 -27.38
CA LYS B 87 -51.34 -22.53 -25.97
C LYS B 87 -51.11 -21.06 -25.70
N PHE B 88 -50.02 -20.51 -26.25
CA PHE B 88 -49.72 -19.11 -26.00
C PHE B 88 -50.78 -18.21 -26.59
N LEU B 89 -51.26 -18.51 -27.79
CA LEU B 89 -52.30 -17.69 -28.38
C LEU B 89 -53.59 -17.77 -27.58
N CYS B 90 -53.94 -18.96 -27.09
CA CYS B 90 -55.15 -19.09 -26.29
C CYS B 90 -55.04 -18.26 -25.03
N ILE B 91 -53.93 -18.41 -24.29
CA ILE B 91 -53.77 -17.62 -23.07
C ILE B 91 -53.62 -16.15 -23.40
N PHE B 92 -53.15 -15.83 -24.60
CA PHE B 92 -53.09 -14.45 -25.04
C PHE B 92 -54.49 -13.86 -25.12
N LEU B 93 -55.32 -14.45 -25.97
CA LEU B 93 -56.68 -13.97 -26.12
C LEU B 93 -57.45 -14.03 -24.82
N GLU B 94 -57.05 -14.91 -23.89
CA GLU B 94 -57.82 -15.12 -22.68
C GLU B 94 -58.10 -13.80 -21.98
N LYS B 95 -57.06 -13.04 -21.66
CA LYS B 95 -57.25 -11.71 -21.10
C LYS B 95 -56.33 -10.69 -21.77
N MET B 96 -56.68 -10.31 -23.01
CA MET B 96 -56.34 -8.99 -23.55
C MET B 96 -57.48 -8.44 -24.41
N GLY B 97 -58.68 -8.98 -24.27
CA GLY B 97 -59.86 -8.28 -24.72
C GLY B 97 -60.07 -8.27 -26.22
N GLN B 98 -61.09 -7.51 -26.61
CA GLN B 98 -61.60 -7.52 -27.97
C GLN B 98 -60.69 -6.78 -28.93
N LYS B 99 -59.65 -6.11 -28.44
CA LYS B 99 -58.76 -5.37 -29.32
C LYS B 99 -58.03 -6.29 -30.29
N ILE B 100 -58.03 -7.59 -30.03
CA ILE B 100 -57.36 -8.57 -30.88
C ILE B 100 -58.17 -8.71 -32.16
N ALA B 101 -59.31 -8.02 -32.19
CA ALA B 101 -60.29 -8.20 -33.26
C ALA B 101 -59.71 -8.10 -34.67
N PRO B 102 -58.84 -7.16 -35.02
CA PRO B 102 -58.28 -7.18 -36.38
C PRO B 102 -57.61 -8.50 -36.70
N TYR B 103 -56.91 -9.08 -35.74
CA TYR B 103 -56.19 -10.32 -35.98
C TYR B 103 -57.09 -11.52 -36.08
N SER B 104 -58.33 -11.41 -35.57
CA SER B 104 -59.19 -12.57 -35.42
C SER B 104 -59.37 -13.32 -36.73
N VAL B 105 -59.98 -12.66 -37.72
CA VAL B 105 -60.10 -13.28 -39.03
C VAL B 105 -58.73 -13.66 -39.56
N GLU B 106 -57.73 -12.80 -39.30
CA GLU B 106 -56.37 -13.08 -39.71
C GLU B 106 -55.94 -14.47 -39.24
N ILE B 107 -56.28 -14.82 -38.02
CA ILE B 107 -55.94 -16.16 -37.55
C ILE B 107 -57.04 -17.16 -37.89
N LYS B 108 -58.28 -16.70 -38.01
CA LYS B 108 -59.40 -17.62 -38.23
C LYS B 108 -59.12 -18.52 -39.43
N ASN B 109 -58.90 -17.89 -40.59
CA ASN B 109 -58.58 -18.64 -41.80
C ASN B 109 -57.42 -19.59 -41.56
N THR B 110 -56.41 -19.15 -40.83
CA THR B 110 -55.26 -20.02 -40.56
C THR B 110 -55.68 -21.22 -39.72
N CYS B 111 -56.44 -21.00 -38.65
CA CYS B 111 -56.64 -22.04 -37.65
C CYS B 111 -57.16 -23.32 -38.28
N THR B 112 -58.38 -23.27 -38.82
CA THR B 112 -58.93 -24.47 -39.46
C THR B 112 -57.99 -25.00 -40.53
N SER B 113 -57.36 -24.10 -41.28
CA SER B 113 -56.45 -24.53 -42.33
C SER B 113 -55.32 -25.36 -41.75
N VAL B 114 -54.79 -24.93 -40.60
CA VAL B 114 -53.77 -25.73 -39.92
C VAL B 114 -54.32 -27.10 -39.56
N TYR B 115 -55.53 -27.14 -39.01
CA TYR B 115 -56.11 -28.42 -38.64
C TYR B 115 -56.35 -29.28 -39.87
N THR B 116 -57.01 -28.71 -40.88
CA THR B 116 -57.40 -29.49 -42.05
C THR B 116 -56.19 -29.96 -42.84
N LYS B 117 -55.13 -29.16 -42.89
CA LYS B 117 -53.99 -29.50 -43.72
C LYS B 117 -53.28 -30.72 -43.14
N ASP B 118 -52.16 -31.10 -43.76
CA ASP B 118 -51.49 -32.37 -43.48
C ASP B 118 -51.30 -32.62 -41.99
N ARG B 119 -51.40 -31.59 -41.16
CA ARG B 119 -51.53 -31.78 -39.72
C ARG B 119 -52.82 -32.50 -39.36
N ALA B 120 -53.79 -32.60 -40.27
CA ALA B 120 -54.91 -33.50 -40.07
C ALA B 120 -54.42 -34.94 -40.00
N ALA B 121 -53.41 -35.29 -40.80
CA ALA B 121 -52.80 -36.61 -40.68
C ALA B 121 -52.12 -36.79 -39.33
N LYS B 122 -51.87 -35.70 -38.61
CA LYS B 122 -51.30 -35.75 -37.28
C LYS B 122 -52.18 -35.00 -36.28
N CYS B 123 -53.49 -35.21 -36.37
CA CYS B 123 -54.40 -34.65 -35.37
C CYS B 123 -53.95 -35.09 -33.98
N LYS B 124 -53.58 -34.11 -33.17
CA LYS B 124 -53.03 -34.37 -31.86
C LYS B 124 -53.41 -33.21 -30.96
N ILE B 125 -52.69 -33.08 -29.86
CA ILE B 125 -52.79 -31.94 -28.95
C ILE B 125 -52.86 -30.65 -29.76
N PRO B 126 -52.05 -30.48 -30.83
CA PRO B 126 -52.23 -29.30 -31.67
C PRO B 126 -53.66 -29.09 -32.15
N ALA B 127 -54.32 -30.15 -32.61
CA ALA B 127 -55.68 -29.98 -33.09
C ALA B 127 -56.61 -29.51 -31.98
N LEU B 128 -56.45 -30.09 -30.79
CA LEU B 128 -57.29 -29.68 -29.66
C LEU B 128 -57.06 -28.23 -29.30
N ASP B 129 -55.79 -27.81 -29.27
CA ASP B 129 -55.49 -26.41 -28.96
C ASP B 129 -56.08 -25.50 -30.02
N LEU B 130 -56.03 -25.93 -31.27
CA LEU B 130 -56.60 -25.14 -32.35
C LEU B 130 -58.10 -24.98 -32.17
N LEU B 131 -58.78 -26.07 -31.80
CA LEU B 131 -60.21 -26.02 -31.60
C LEU B 131 -60.57 -25.07 -30.45
N ILE B 132 -59.88 -25.20 -29.32
CA ILE B 132 -60.20 -24.33 -28.20
C ILE B 132 -59.84 -22.89 -28.53
N LYS B 133 -58.84 -22.68 -29.37
CA LYS B 133 -58.51 -21.34 -29.84
C LYS B 133 -59.68 -20.76 -30.61
N LEU B 134 -60.25 -21.56 -31.52
CA LEU B 134 -61.42 -21.11 -32.27
C LEU B 134 -62.56 -20.78 -31.34
N LEU B 135 -62.76 -21.63 -30.33
CA LEU B 135 -63.84 -21.39 -29.37
C LEU B 135 -63.63 -20.08 -28.65
N GLN B 136 -62.40 -19.81 -28.20
CA GLN B 136 -62.12 -18.56 -27.52
C GLN B 136 -62.37 -17.38 -28.44
N THR B 137 -61.96 -17.47 -29.69
CA THR B 137 -62.20 -16.39 -30.63
C THR B 137 -63.68 -16.09 -30.75
N PHE B 138 -64.48 -17.14 -30.92
CA PHE B 138 -65.91 -16.94 -31.09
C PHE B 138 -66.53 -16.36 -29.82
N ARG B 139 -66.13 -16.88 -28.67
CA ARG B 139 -66.77 -16.46 -27.43
C ARG B 139 -66.37 -15.05 -27.07
N SER B 140 -65.21 -14.61 -27.54
CA SER B 140 -64.76 -13.23 -27.34
C SER B 140 -65.19 -12.36 -28.52
N SER B 141 -64.64 -12.63 -29.70
CA SER B 141 -64.98 -11.88 -30.89
C SER B 141 -66.28 -12.43 -31.46
N ARG B 142 -67.29 -11.58 -31.53
CA ARG B 142 -68.60 -12.01 -32.00
C ARG B 142 -69.43 -10.79 -32.38
N LEU B 143 -70.32 -11.00 -33.36
CA LEU B 143 -71.37 -10.05 -33.72
C LEU B 143 -70.81 -8.79 -34.37
N MET B 144 -69.69 -8.89 -35.07
CA MET B 144 -69.32 -7.78 -35.94
C MET B 144 -68.92 -8.23 -37.34
N ASP B 145 -68.20 -9.34 -37.47
CA ASP B 145 -67.82 -9.85 -38.78
C ASP B 145 -67.94 -11.36 -38.85
N GLU B 146 -68.62 -11.98 -37.89
CA GLU B 146 -68.68 -13.44 -37.79
C GLU B 146 -69.64 -13.98 -38.85
N PHE B 147 -69.30 -13.67 -40.10
CA PHE B 147 -70.14 -14.00 -41.24
C PHE B 147 -69.34 -14.70 -42.33
N LYS B 148 -68.19 -15.24 -41.97
CA LYS B 148 -67.31 -15.99 -42.86
C LYS B 148 -67.14 -17.41 -42.35
N ILE B 149 -68.18 -17.93 -41.72
CA ILE B 149 -68.09 -19.15 -40.93
C ILE B 149 -69.09 -20.22 -41.35
N GLY B 150 -70.22 -19.85 -41.96
CA GLY B 150 -71.15 -20.86 -42.42
C GLY B 150 -70.47 -21.81 -43.39
N GLU B 151 -69.55 -21.29 -44.20
CA GLU B 151 -68.65 -22.13 -44.96
C GLU B 151 -67.87 -23.07 -44.04
N LEU B 152 -67.27 -22.50 -43.00
CA LEU B 152 -66.48 -23.30 -42.07
C LEU B 152 -67.36 -24.31 -41.34
N PHE B 153 -68.53 -23.87 -40.91
CA PHE B 153 -69.44 -24.77 -40.21
C PHE B 153 -69.88 -25.90 -41.11
N SER B 154 -70.23 -25.61 -42.36
CA SER B 154 -70.64 -26.65 -43.28
C SER B 154 -69.51 -27.62 -43.55
N LYS B 155 -68.30 -27.11 -43.74
CA LYS B 155 -67.16 -27.97 -43.97
C LYS B 155 -66.92 -28.88 -42.78
N PHE B 156 -66.98 -28.33 -41.57
CA PHE B 156 -66.74 -29.12 -40.38
C PHE B 156 -67.83 -30.16 -40.19
N TYR B 157 -69.08 -29.80 -40.44
CA TYR B 157 -70.15 -30.76 -40.34
C TYR B 157 -69.96 -31.89 -41.32
N GLY B 158 -69.57 -31.56 -42.55
CA GLY B 158 -69.35 -32.59 -43.55
C GLY B 158 -68.22 -33.53 -43.16
N GLU B 159 -67.09 -32.97 -42.72
CA GLU B 159 -65.97 -33.83 -42.37
C GLU B 159 -66.26 -34.64 -41.12
N LEU B 160 -67.08 -34.10 -40.21
CA LEU B 160 -67.54 -34.88 -39.08
C LEU B 160 -68.41 -36.04 -39.54
N ALA B 161 -69.25 -35.80 -40.55
CA ALA B 161 -70.14 -36.84 -41.05
C ALA B 161 -69.37 -38.03 -41.60
N LEU B 162 -68.08 -37.86 -41.88
CA LEU B 162 -67.25 -38.99 -42.27
C LEU B 162 -67.25 -40.04 -41.17
N LYS B 163 -67.52 -41.29 -41.55
CA LYS B 163 -67.58 -42.37 -40.57
C LYS B 163 -66.24 -42.60 -39.89
N LYS B 164 -65.16 -42.24 -40.56
CA LYS B 164 -63.83 -42.52 -40.02
C LYS B 164 -63.68 -41.84 -38.67
N LYS B 165 -63.49 -42.65 -37.63
CA LYS B 165 -63.33 -42.14 -36.28
C LYS B 165 -61.88 -41.78 -35.98
N ILE B 166 -61.11 -41.52 -37.03
CA ILE B 166 -59.76 -40.97 -36.92
C ILE B 166 -59.81 -39.72 -36.05
N PRO B 167 -60.84 -38.84 -36.20
CA PRO B 167 -61.09 -37.85 -35.16
C PRO B 167 -61.17 -38.53 -33.80
N ASP B 168 -60.19 -38.22 -32.95
CA ASP B 168 -60.00 -38.94 -31.71
C ASP B 168 -61.12 -38.59 -30.73
N THR B 169 -61.30 -39.48 -29.74
CA THR B 169 -62.32 -39.24 -28.73
C THR B 169 -62.06 -37.93 -28.00
N VAL B 170 -60.79 -37.60 -27.78
CA VAL B 170 -60.48 -36.31 -27.20
C VAL B 170 -60.85 -35.20 -28.18
N LEU B 171 -60.80 -35.49 -29.47
CA LEU B 171 -61.07 -34.49 -30.50
C LEU B 171 -62.52 -34.17 -30.62
N GLU B 172 -63.35 -34.60 -29.69
CA GLU B 172 -64.75 -34.29 -29.83
C GLU B 172 -65.07 -32.89 -29.48
N LYS B 173 -64.04 -32.09 -29.18
CA LYS B 173 -64.25 -30.65 -29.08
C LYS B 173 -64.94 -30.09 -30.30
N VAL B 174 -64.84 -30.79 -31.43
CA VAL B 174 -65.56 -30.39 -32.63
C VAL B 174 -67.02 -30.11 -32.32
N TYR B 175 -67.62 -30.92 -31.46
CA TYR B 175 -69.00 -30.70 -31.06
C TYR B 175 -69.15 -29.32 -30.43
N GLU B 176 -68.32 -29.01 -29.44
CA GLU B 176 -68.33 -27.68 -28.87
C GLU B 176 -68.11 -26.62 -29.95
N LEU B 177 -67.31 -26.95 -30.98
CA LEU B 177 -67.19 -26.05 -32.12
C LEU B 177 -68.53 -25.85 -32.81
N LEU B 178 -69.20 -26.95 -33.15
CA LEU B 178 -70.50 -26.82 -33.80
C LEU B 178 -71.52 -26.17 -32.89
N GLY B 179 -71.32 -26.26 -31.58
CA GLY B 179 -72.08 -25.41 -30.67
C GLY B 179 -71.80 -23.97 -31.04
N LEU B 180 -72.82 -23.25 -31.47
CA LEU B 180 -72.62 -21.93 -32.05
C LEU B 180 -73.62 -20.95 -31.50
N LEU B 181 -73.12 -19.78 -31.08
CA LEU B 181 -73.98 -18.63 -30.84
C LEU B 181 -73.34 -17.34 -31.33
N GLY B 182 -72.45 -17.43 -32.31
CA GLY B 182 -71.72 -16.29 -32.80
C GLY B 182 -72.26 -15.65 -34.06
N GLU B 183 -73.40 -16.09 -34.56
CA GLU B 183 -73.92 -15.63 -35.83
C GLU B 183 -75.44 -15.55 -35.77
N VAL B 184 -76.02 -14.91 -36.79
CA VAL B 184 -77.44 -15.03 -37.05
C VAL B 184 -77.86 -16.48 -37.19
N HIS B 185 -76.91 -17.38 -37.46
CA HIS B 185 -77.18 -18.80 -37.60
C HIS B 185 -78.20 -18.99 -38.71
N PRO B 186 -77.80 -18.77 -39.96
CA PRO B 186 -78.76 -18.67 -41.05
C PRO B 186 -79.60 -19.93 -41.21
N SER B 187 -80.64 -19.79 -42.04
CA SER B 187 -81.61 -20.87 -42.21
C SER B 187 -80.95 -22.17 -42.65
N GLU B 188 -79.89 -22.09 -43.45
CA GLU B 188 -79.13 -23.28 -43.79
C GLU B 188 -78.54 -23.92 -42.54
N MET B 189 -77.94 -23.11 -41.68
CA MET B 189 -77.45 -23.61 -40.41
C MET B 189 -78.60 -24.18 -39.58
N ILE B 190 -79.79 -23.58 -39.70
CA ILE B 190 -80.95 -24.10 -38.99
C ILE B 190 -81.29 -25.50 -39.51
N ASN B 191 -81.24 -25.68 -40.83
CA ASN B 191 -81.51 -26.99 -41.41
C ASN B 191 -80.51 -28.01 -40.89
N ASN B 192 -79.23 -27.63 -40.90
CA ASN B 192 -78.19 -28.52 -40.38
C ASN B 192 -78.37 -28.78 -38.90
N ALA B 193 -79.03 -27.88 -38.19
CA ALA B 193 -79.22 -28.06 -36.75
C ALA B 193 -80.03 -29.31 -36.46
N GLU B 194 -81.05 -29.58 -37.27
CA GLU B 194 -81.83 -30.79 -37.08
C GLU B 194 -81.00 -32.04 -37.35
N ASN B 195 -80.16 -31.99 -38.39
CA ASN B 195 -79.25 -33.10 -38.65
C ASN B 195 -78.31 -33.31 -37.49
N LEU B 196 -77.80 -32.21 -36.94
CA LEU B 196 -76.96 -32.29 -35.75
C LEU B 196 -77.73 -32.91 -34.60
N PHE B 197 -78.96 -32.47 -34.40
CA PHE B 197 -79.77 -32.96 -33.30
C PHE B 197 -79.96 -34.46 -33.39
N ARG B 198 -80.33 -34.96 -34.56
CA ARG B 198 -80.51 -36.39 -34.72
C ARG B 198 -79.18 -37.12 -34.59
N ALA B 199 -78.08 -36.50 -35.03
CA ALA B 199 -76.77 -37.10 -34.84
C ALA B 199 -76.48 -37.28 -33.35
N PHE B 200 -76.83 -36.28 -32.55
CA PHE B 200 -76.62 -36.38 -31.12
C PHE B 200 -77.55 -37.41 -30.50
N LEU B 201 -78.77 -37.51 -31.02
CA LEU B 201 -79.70 -38.52 -30.52
C LEU B 201 -79.11 -39.92 -30.73
N GLY B 202 -78.63 -40.19 -31.94
CA GLY B 202 -77.98 -41.47 -32.19
C GLY B 202 -76.73 -41.66 -31.35
N GLU B 203 -75.94 -40.60 -31.21
CA GLU B 203 -74.72 -40.69 -30.45
C GLU B 203 -75.00 -41.02 -28.99
N LEU B 204 -75.99 -40.35 -28.40
CA LEU B 204 -76.34 -40.61 -27.03
C LEU B 204 -77.02 -41.95 -26.88
N LYS B 205 -77.70 -42.43 -27.92
CA LYS B 205 -78.19 -43.80 -27.90
C LYS B 205 -77.02 -44.76 -27.78
N THR B 206 -75.97 -44.53 -28.55
CA THR B 206 -74.77 -45.36 -28.45
C THR B 206 -74.13 -45.23 -27.07
N GLN B 207 -74.01 -43.99 -26.59
CA GLN B 207 -73.29 -43.73 -25.35
C GLN B 207 -74.01 -44.32 -24.16
N MET B 208 -75.30 -44.03 -24.03
CA MET B 208 -76.07 -44.46 -22.87
C MET B 208 -76.17 -45.98 -22.82
N THR B 209 -76.26 -46.61 -23.99
CA THR B 209 -76.35 -48.05 -24.05
C THR B 209 -74.94 -48.63 -23.88
N SER B 210 -74.66 -49.16 -22.70
CA SER B 210 -73.45 -49.97 -22.52
C SER B 210 -73.53 -51.29 -23.27
N ALA B 211 -74.60 -51.51 -24.01
CA ALA B 211 -74.73 -52.72 -24.81
C ALA B 211 -73.62 -52.81 -25.85
N VAL B 212 -73.31 -51.69 -26.51
CA VAL B 212 -72.15 -51.64 -27.38
C VAL B 212 -70.85 -51.79 -26.62
N ARG B 213 -70.90 -51.81 -25.29
CA ARG B 213 -69.75 -52.03 -24.43
C ARG B 213 -68.65 -51.01 -24.71
N GLU B 214 -69.05 -49.76 -24.78
CA GLU B 214 -68.12 -48.66 -25.02
C GLU B 214 -68.76 -47.35 -24.57
N PRO B 215 -68.50 -46.91 -23.34
CA PRO B 215 -69.13 -45.66 -22.88
C PRO B 215 -68.68 -44.44 -23.66
N LYS B 216 -67.39 -44.37 -24.02
CA LYS B 216 -66.82 -43.32 -24.86
C LYS B 216 -67.20 -41.93 -24.35
N LEU B 217 -67.51 -41.84 -23.08
CA LEU B 217 -68.01 -40.59 -22.51
C LEU B 217 -66.94 -39.50 -22.42
N PRO B 218 -65.64 -39.81 -22.07
CA PRO B 218 -64.76 -38.80 -21.46
C PRO B 218 -64.94 -37.39 -21.98
N VAL B 219 -64.75 -37.26 -23.29
CA VAL B 219 -64.86 -35.99 -23.98
C VAL B 219 -66.09 -35.92 -24.86
N LEU B 220 -66.44 -37.04 -25.50
CA LEU B 220 -67.56 -37.07 -26.43
C LEU B 220 -68.84 -36.60 -25.76
N ALA B 221 -69.17 -37.19 -24.61
CA ALA B 221 -70.43 -36.87 -23.96
C ALA B 221 -70.47 -35.41 -23.53
N GLY B 222 -69.40 -34.93 -22.91
CA GLY B 222 -69.39 -33.55 -22.45
C GLY B 222 -69.48 -32.56 -23.60
N CYS B 223 -68.75 -32.82 -24.68
CA CYS B 223 -68.80 -31.93 -25.84
C CYS B 223 -70.18 -31.95 -26.48
N LEU B 224 -70.81 -33.11 -26.55
CA LEU B 224 -72.17 -33.19 -27.06
C LEU B 224 -73.11 -32.37 -26.19
N LYS B 225 -72.95 -32.47 -24.88
CA LYS B 225 -73.76 -31.66 -23.97
C LYS B 225 -73.57 -30.18 -24.25
N GLY B 226 -72.31 -29.73 -24.30
CA GLY B 226 -72.05 -28.32 -24.52
C GLY B 226 -72.62 -27.84 -25.84
N LEU B 227 -72.45 -28.64 -26.89
CA LEU B 227 -73.06 -28.30 -28.17
C LEU B 227 -74.55 -28.13 -27.99
N SER B 228 -75.24 -29.22 -27.62
CA SER B 228 -76.68 -29.23 -27.57
C SER B 228 -77.20 -28.06 -26.78
N SER B 229 -76.53 -27.71 -25.68
CA SER B 229 -76.82 -26.46 -25.01
C SER B 229 -76.77 -25.29 -25.97
N LEU B 230 -75.58 -25.05 -26.55
CA LEU B 230 -75.37 -23.86 -27.35
C LEU B 230 -76.32 -23.79 -28.54
N LEU B 231 -76.80 -24.93 -29.00
CA LEU B 231 -77.66 -25.02 -30.16
C LEU B 231 -79.12 -24.83 -29.80
N CYS B 232 -79.64 -25.66 -28.90
CA CYS B 232 -81.04 -25.57 -28.50
C CYS B 232 -81.29 -24.39 -27.58
N ASN B 233 -80.31 -23.51 -27.40
CA ASN B 233 -80.61 -22.23 -26.75
C ASN B 233 -81.77 -21.52 -27.43
N PHE B 234 -81.86 -21.61 -28.76
CA PHE B 234 -82.88 -20.83 -29.46
C PHE B 234 -83.56 -21.68 -30.54
N THR B 235 -83.43 -23.00 -30.47
CA THR B 235 -83.85 -23.87 -31.57
C THR B 235 -84.69 -25.04 -31.06
N LYS B 236 -85.63 -24.78 -30.15
CA LYS B 236 -86.44 -25.87 -29.63
C LYS B 236 -87.64 -25.38 -28.83
N SER B 237 -88.74 -26.12 -28.90
CA SER B 237 -89.91 -25.89 -28.07
C SER B 237 -90.34 -27.20 -27.42
N MET B 238 -90.80 -27.11 -26.17
CA MET B 238 -91.25 -28.29 -25.45
C MET B 238 -92.66 -28.65 -25.92
N GLU B 239 -92.70 -29.23 -27.12
CA GLU B 239 -93.98 -29.64 -27.70
C GLU B 239 -93.86 -30.93 -28.50
N GLU B 240 -92.78 -31.68 -28.34
CA GLU B 240 -92.55 -32.82 -29.21
C GLU B 240 -91.80 -33.91 -28.46
N ASP B 241 -91.91 -35.13 -28.99
CA ASP B 241 -91.23 -36.27 -28.39
C ASP B 241 -89.72 -36.12 -28.29
N PRO B 242 -89.01 -35.64 -29.32
CA PRO B 242 -87.54 -35.54 -29.18
C PRO B 242 -87.11 -34.72 -27.98
N GLN B 243 -87.94 -33.74 -27.58
CA GLN B 243 -87.69 -33.00 -26.35
C GLN B 243 -87.54 -33.96 -25.18
N THR B 244 -88.54 -34.81 -24.96
CA THR B 244 -88.48 -35.70 -23.83
C THR B 244 -87.42 -36.79 -24.02
N SER B 245 -87.11 -37.14 -25.26
CA SER B 245 -86.03 -38.10 -25.48
C SER B 245 -84.71 -37.54 -24.98
N ARG B 246 -84.40 -36.30 -25.37
CA ARG B 246 -83.18 -35.68 -24.89
C ARG B 246 -83.22 -35.46 -23.39
N GLU B 247 -84.41 -35.18 -22.85
CA GLU B 247 -84.54 -35.05 -21.40
C GLU B 247 -84.17 -36.35 -20.72
N ILE B 248 -84.66 -37.47 -21.25
CA ILE B 248 -84.35 -38.78 -20.71
C ILE B 248 -82.85 -39.02 -20.76
N PHE B 249 -82.22 -38.67 -21.89
CA PHE B 249 -80.79 -38.85 -22.01
C PHE B 249 -80.06 -38.05 -20.94
N ASN B 250 -80.53 -36.82 -20.71
CA ASN B 250 -79.95 -35.98 -19.68
C ASN B 250 -80.14 -36.59 -18.30
N PHE B 251 -81.25 -37.29 -18.07
CA PHE B 251 -81.60 -37.73 -16.73
C PHE B 251 -80.50 -38.56 -16.09
N VAL B 252 -79.73 -39.29 -16.88
CA VAL B 252 -78.80 -40.27 -16.35
C VAL B 252 -77.62 -39.52 -15.73
N LEU B 253 -77.64 -38.21 -15.82
CA LEU B 253 -76.65 -37.41 -15.11
C LEU B 253 -77.09 -37.21 -13.68
N GLN B 259 -75.92 -42.66 -10.26
CA GLN B 259 -74.86 -43.33 -10.98
C GLN B 259 -73.49 -42.77 -10.59
N ILE B 260 -72.49 -43.63 -10.53
CA ILE B 260 -71.13 -43.22 -10.19
C ILE B 260 -70.41 -42.75 -11.44
N ASP B 261 -69.83 -41.55 -11.37
CA ASP B 261 -69.32 -40.83 -12.54
C ASP B 261 -67.95 -40.21 -12.24
N LEU B 262 -67.01 -41.04 -11.77
CA LEU B 262 -65.72 -40.59 -11.29
C LEU B 262 -64.91 -39.87 -12.37
N LYS B 263 -63.70 -39.44 -12.03
CA LYS B 263 -62.86 -38.57 -12.87
C LYS B 263 -63.46 -37.17 -12.99
N ARG B 264 -63.62 -36.50 -11.85
CA ARG B 264 -64.06 -35.12 -11.71
C ARG B 264 -65.50 -34.89 -12.18
N TYR B 265 -66.23 -35.96 -12.54
CA TYR B 265 -67.67 -35.86 -12.75
C TYR B 265 -68.01 -34.78 -13.76
N ALA B 266 -67.10 -34.56 -14.70
CA ALA B 266 -67.18 -33.36 -15.54
C ALA B 266 -68.40 -33.39 -16.45
N VAL B 267 -68.63 -34.52 -17.11
CA VAL B 267 -69.72 -34.60 -18.08
C VAL B 267 -71.08 -34.32 -17.44
N PRO B 268 -71.46 -34.98 -16.34
CA PRO B 268 -72.79 -34.69 -15.77
C PRO B 268 -72.97 -33.24 -15.42
N SER B 269 -71.94 -32.61 -14.86
CA SER B 269 -72.02 -31.19 -14.50
C SER B 269 -72.47 -30.38 -15.70
N ALA B 270 -71.82 -30.59 -16.84
CA ALA B 270 -72.18 -29.87 -18.06
C ALA B 270 -73.68 -29.98 -18.31
N GLY B 271 -74.21 -31.20 -18.27
CA GLY B 271 -75.61 -31.40 -18.56
C GLY B 271 -76.50 -30.55 -17.67
N LEU B 272 -76.14 -30.45 -16.39
CA LEU B 272 -76.91 -29.64 -15.47
C LEU B 272 -77.04 -28.23 -16.01
N ARG B 273 -75.93 -27.66 -16.45
CA ARG B 273 -75.94 -26.33 -17.04
C ARG B 273 -76.91 -26.28 -18.22
N LEU B 274 -76.86 -27.29 -19.10
CA LEU B 274 -77.86 -27.40 -20.15
C LEU B 274 -79.25 -27.24 -19.59
N PHE B 275 -79.60 -28.06 -18.60
CA PHE B 275 -80.90 -27.91 -17.98
C PHE B 275 -81.04 -26.56 -17.33
N ALA B 276 -79.98 -26.11 -16.64
CA ALA B 276 -79.99 -24.77 -16.08
C ALA B 276 -80.21 -23.73 -17.16
N LEU B 277 -79.69 -23.98 -18.36
CA LEU B 277 -79.92 -23.07 -19.46
C LEU B 277 -81.22 -23.36 -20.21
N HIS B 278 -81.81 -24.53 -19.99
CA HIS B 278 -82.99 -24.93 -20.76
C HIS B 278 -83.99 -25.64 -19.87
N ALA B 279 -84.22 -25.11 -18.68
CA ALA B 279 -85.25 -25.68 -17.81
C ALA B 279 -86.62 -25.58 -18.45
N SER B 280 -86.92 -24.44 -19.07
CA SER B 280 -88.21 -24.25 -19.71
C SER B 280 -88.44 -25.21 -20.86
N GLN B 281 -87.37 -25.75 -21.42
CA GLN B 281 -87.51 -26.61 -22.59
C GLN B 281 -88.04 -27.99 -22.28
N PHE B 282 -88.29 -28.30 -21.01
CA PHE B 282 -88.78 -29.62 -20.64
C PHE B 282 -90.08 -29.55 -19.85
N SER B 283 -90.84 -28.48 -20.03
CA SER B 283 -92.11 -28.31 -19.33
C SER B 283 -93.00 -29.52 -19.52
N THR B 284 -93.86 -29.77 -18.54
CA THR B 284 -94.78 -30.91 -18.47
C THR B 284 -94.04 -32.22 -18.30
N CYS B 285 -92.71 -32.22 -18.38
CA CYS B 285 -91.92 -33.42 -18.14
C CYS B 285 -91.01 -33.26 -16.94
N LEU B 286 -90.96 -32.08 -16.33
CA LEU B 286 -90.38 -31.99 -15.00
C LEU B 286 -91.30 -32.63 -13.97
N LEU B 287 -92.60 -32.63 -14.26
CA LEU B 287 -93.60 -33.14 -13.31
C LEU B 287 -93.28 -34.57 -12.91
N ASP B 288 -93.32 -35.49 -13.86
CA ASP B 288 -93.02 -36.88 -13.58
C ASP B 288 -91.58 -37.02 -13.13
N ASN B 289 -91.33 -38.07 -12.33
CA ASN B 289 -90.01 -38.38 -11.80
C ASN B 289 -89.48 -37.29 -10.88
N TYR B 290 -90.36 -36.39 -10.42
CA TYR B 290 -89.88 -35.21 -9.72
C TYR B 290 -88.93 -35.57 -8.59
N VAL B 291 -89.33 -36.53 -7.75
CA VAL B 291 -88.57 -36.83 -6.54
C VAL B 291 -87.16 -37.27 -6.90
N SER B 292 -87.01 -38.02 -7.98
CA SER B 292 -85.68 -38.40 -8.43
C SER B 292 -84.84 -37.18 -8.74
N LEU B 293 -85.40 -36.25 -9.53
CA LEU B 293 -84.68 -35.02 -9.86
C LEU B 293 -84.32 -34.26 -8.60
N PHE B 294 -85.27 -34.15 -7.68
CA PHE B 294 -85.05 -33.37 -6.46
C PHE B 294 -83.91 -33.95 -5.65
N GLU B 295 -83.96 -35.25 -5.38
CA GLU B 295 -82.95 -35.87 -4.54
C GLU B 295 -81.59 -35.84 -5.22
N VAL B 296 -81.55 -36.09 -6.53
CA VAL B 296 -80.26 -36.13 -7.20
C VAL B 296 -79.64 -34.75 -7.25
N LEU B 297 -80.47 -33.72 -7.46
CA LEU B 297 -79.96 -32.36 -7.41
C LEU B 297 -79.46 -32.02 -6.02
N LEU B 298 -80.19 -32.46 -4.99
CA LEU B 298 -79.79 -32.20 -3.62
C LEU B 298 -78.43 -32.80 -3.33
N LYS B 299 -78.26 -34.08 -3.65
CA LYS B 299 -76.98 -34.72 -3.36
C LYS B 299 -75.87 -34.16 -4.21
N TRP B 300 -76.17 -33.79 -5.46
CA TRP B 300 -75.12 -33.29 -6.35
C TRP B 300 -74.46 -32.04 -5.79
N CYS B 301 -75.26 -31.10 -5.29
CA CYS B 301 -74.67 -29.94 -4.66
C CYS B 301 -74.11 -30.24 -3.28
N ALA B 302 -74.24 -31.49 -2.82
CA ALA B 302 -73.64 -31.93 -1.57
C ALA B 302 -72.35 -32.70 -1.77
N HIS B 303 -71.86 -32.78 -3.00
CA HIS B 303 -70.68 -33.57 -3.31
C HIS B 303 -69.42 -32.78 -2.99
N THR B 304 -68.28 -33.29 -3.43
CA THR B 304 -67.05 -32.53 -3.46
C THR B 304 -66.98 -31.78 -4.79
N ASN B 305 -65.81 -31.23 -5.13
CA ASN B 305 -65.59 -30.58 -6.42
C ASN B 305 -66.60 -29.46 -6.62
N VAL B 306 -66.46 -28.46 -5.75
CA VAL B 306 -67.45 -27.41 -5.51
C VAL B 306 -67.98 -26.78 -6.79
N GLU B 307 -67.24 -26.90 -7.88
CA GLU B 307 -67.78 -26.48 -9.16
C GLU B 307 -69.01 -27.31 -9.52
N LEU B 308 -68.94 -28.62 -9.28
CA LEU B 308 -70.13 -29.45 -9.43
C LEU B 308 -71.23 -28.98 -8.50
N LYS B 309 -70.86 -28.59 -7.28
CA LYS B 309 -71.87 -28.17 -6.31
C LYS B 309 -72.61 -26.93 -6.79
N LYS B 310 -71.87 -25.94 -7.30
CA LYS B 310 -72.51 -24.71 -7.73
C LYS B 310 -73.28 -24.91 -9.02
N ALA B 311 -72.79 -25.77 -9.91
CA ALA B 311 -73.57 -26.10 -11.09
C ALA B 311 -74.88 -26.75 -10.70
N ALA B 312 -74.83 -27.66 -9.73
CA ALA B 312 -76.06 -28.27 -9.22
C ALA B 312 -76.95 -27.23 -8.57
N LEU B 313 -76.35 -26.26 -7.89
CA LEU B 313 -77.13 -25.19 -7.28
C LEU B 313 -77.91 -24.41 -8.35
N SER B 314 -77.21 -24.01 -9.41
CA SER B 314 -77.87 -23.26 -10.47
C SER B 314 -78.96 -24.09 -11.14
N ALA B 315 -78.65 -25.35 -11.43
CA ALA B 315 -79.63 -26.22 -12.07
C ALA B 315 -80.85 -26.42 -11.19
N LEU B 316 -80.62 -26.58 -9.89
CA LEU B 316 -81.73 -26.75 -8.95
C LEU B 316 -82.56 -25.50 -8.86
N GLU B 317 -81.93 -24.32 -8.86
CA GLU B 317 -82.69 -23.08 -8.84
C GLU B 317 -83.58 -22.98 -10.06
N SER B 318 -83.02 -23.26 -11.24
CA SER B 318 -83.82 -23.25 -12.46
C SER B 318 -84.93 -24.30 -12.38
N PHE B 319 -84.62 -25.45 -11.80
CA PHE B 319 -85.58 -26.53 -11.66
C PHE B 319 -86.79 -26.10 -10.85
N LEU B 320 -86.53 -25.58 -9.66
CA LEU B 320 -87.61 -25.17 -8.78
C LEU B 320 -88.38 -24.00 -9.39
N LYS B 321 -87.68 -23.05 -10.01
CA LYS B 321 -88.35 -21.95 -10.68
C LYS B 321 -89.33 -22.48 -11.72
N GLN B 322 -88.85 -23.35 -12.60
CA GLN B 322 -89.68 -23.83 -13.69
C GLN B 322 -90.86 -24.63 -13.16
N VAL B 323 -90.62 -25.49 -12.18
CA VAL B 323 -91.72 -26.31 -11.68
C VAL B 323 -92.75 -25.46 -10.96
N SER B 324 -92.31 -24.45 -10.23
CA SER B 324 -93.28 -23.54 -9.61
C SER B 324 -94.08 -22.81 -10.67
N ASN B 325 -93.43 -22.39 -11.76
CA ASN B 325 -94.15 -21.71 -12.82
C ASN B 325 -95.19 -22.63 -13.44
N MET B 326 -94.80 -23.86 -13.76
CA MET B 326 -95.70 -24.76 -14.45
C MET B 326 -96.82 -25.24 -13.53
N VAL B 327 -96.54 -25.36 -12.23
CA VAL B 327 -97.55 -25.87 -11.31
C VAL B 327 -98.58 -24.81 -10.99
N ALA B 328 -98.14 -23.57 -10.73
CA ALA B 328 -99.06 -22.51 -10.38
C ALA B 328 -100.07 -22.22 -11.47
N LYS B 329 -99.76 -22.58 -12.71
CA LYS B 329 -100.67 -22.39 -13.83
C LYS B 329 -101.50 -23.63 -14.12
N ASN B 330 -101.33 -24.69 -13.35
CA ASN B 330 -102.03 -25.94 -13.62
C ASN B 330 -103.49 -25.86 -13.17
N ALA B 331 -104.16 -27.00 -13.27
CA ALA B 331 -105.34 -27.30 -12.46
C ALA B 331 -105.08 -28.43 -11.48
N GLU B 332 -104.02 -29.19 -11.69
CA GLU B 332 -103.63 -30.31 -10.85
C GLU B 332 -102.63 -29.90 -9.78
N MET B 333 -102.42 -28.60 -9.60
CA MET B 333 -101.30 -28.10 -8.80
C MET B 333 -101.29 -28.72 -7.41
N HIS B 334 -102.48 -29.00 -6.86
CA HIS B 334 -102.58 -29.53 -5.51
C HIS B 334 -101.88 -30.87 -5.38
N LYS B 335 -102.04 -31.74 -6.37
CA LYS B 335 -101.54 -33.10 -6.28
C LYS B 335 -100.05 -33.13 -5.98
N ASN B 336 -99.25 -32.64 -6.93
CA ASN B 336 -97.81 -32.58 -6.73
C ASN B 336 -97.45 -31.62 -5.60
N LYS B 337 -98.19 -30.52 -5.49
CA LYS B 337 -97.93 -29.52 -4.47
C LYS B 337 -97.85 -30.17 -3.10
N LEU B 338 -98.80 -31.06 -2.79
CA LEU B 338 -98.77 -31.77 -1.52
C LEU B 338 -97.83 -32.97 -1.56
N GLN B 339 -97.81 -33.73 -2.65
CA GLN B 339 -96.97 -34.90 -2.81
C GLN B 339 -95.54 -34.57 -2.38
N TYR B 340 -95.14 -33.33 -2.65
CA TYR B 340 -93.80 -32.84 -2.33
C TYR B 340 -93.78 -31.33 -2.12
N PHE B 341 -92.64 -30.69 -2.38
CA PHE B 341 -92.36 -29.34 -1.92
C PHE B 341 -92.49 -29.21 -0.41
N MET B 342 -93.63 -28.73 0.09
CA MET B 342 -93.67 -28.28 1.48
C MET B 342 -93.15 -29.36 2.41
N GLU B 343 -93.45 -30.63 2.13
CA GLU B 343 -92.91 -31.70 2.95
C GLU B 343 -91.40 -31.77 2.82
N GLN B 344 -90.88 -31.62 1.59
CA GLN B 344 -89.44 -31.60 1.39
C GLN B 344 -88.81 -30.46 2.18
N PHE B 345 -89.35 -29.27 2.01
CA PHE B 345 -88.78 -28.08 2.63
C PHE B 345 -88.81 -28.18 4.14
N TYR B 346 -89.90 -28.70 4.70
CA TYR B 346 -89.98 -28.88 6.14
C TYR B 346 -88.97 -29.93 6.60
N GLY B 347 -88.81 -31.01 5.81
CA GLY B 347 -87.81 -31.99 6.12
C GLY B 347 -86.40 -31.42 6.08
N ILE B 348 -86.20 -30.36 5.31
CA ILE B 348 -84.91 -29.67 5.34
C ILE B 348 -84.63 -29.14 6.74
N ILE B 349 -85.65 -28.57 7.37
CA ILE B 349 -85.46 -27.95 8.66
C ILE B 349 -85.58 -29.00 9.75
N ASN B 356 -75.91 -27.37 4.87
CA ASN B 356 -75.84 -26.08 5.54
C ASN B 356 -76.69 -25.04 4.82
N LYS B 357 -76.25 -24.63 3.63
CA LYS B 357 -77.05 -23.74 2.81
C LYS B 357 -78.32 -24.40 2.32
N GLU B 358 -78.42 -25.72 2.48
CA GLU B 358 -79.64 -26.48 2.31
C GLU B 358 -80.84 -25.73 2.87
N LEU B 359 -80.65 -25.07 4.00
CA LEU B 359 -81.73 -24.30 4.61
C LEU B 359 -82.14 -23.14 3.73
N SER B 360 -81.17 -22.43 3.15
CA SER B 360 -81.50 -21.35 2.22
C SER B 360 -82.18 -21.92 0.98
N ILE B 361 -81.75 -23.10 0.54
CA ILE B 361 -82.42 -23.77 -0.56
C ILE B 361 -83.88 -23.97 -0.24
N ALA B 362 -84.16 -24.46 0.98
CA ALA B 362 -85.54 -24.67 1.40
C ALA B 362 -86.30 -23.35 1.47
N ILE B 363 -85.63 -22.28 1.89
CA ILE B 363 -86.29 -20.98 1.96
C ILE B 363 -86.75 -20.55 0.57
N ARG B 364 -85.86 -20.67 -0.41
CA ARG B 364 -86.24 -20.32 -1.77
C ARG B 364 -87.33 -21.26 -2.30
N GLY B 365 -87.25 -22.54 -1.94
CA GLY B 365 -88.30 -23.46 -2.31
C GLY B 365 -89.64 -23.07 -1.73
N TYR B 366 -89.64 -22.57 -0.50
CA TYR B 366 -90.86 -22.04 0.11
C TYR B 366 -91.37 -20.84 -0.68
N GLY B 367 -90.46 -19.94 -1.04
CA GLY B 367 -90.87 -18.76 -1.79
C GLY B 367 -91.52 -19.12 -3.11
N LEU B 368 -90.97 -20.11 -3.81
CA LEU B 368 -91.57 -20.56 -5.05
C LEU B 368 -92.86 -21.33 -4.79
N PHE B 369 -92.90 -22.10 -3.71
CA PHE B 369 -94.12 -22.79 -3.29
C PHE B 369 -95.26 -21.82 -3.07
N ALA B 370 -94.94 -20.58 -2.71
CA ALA B 370 -95.98 -19.58 -2.46
C ALA B 370 -96.87 -19.34 -3.67
N GLY B 371 -96.53 -19.88 -4.84
CA GLY B 371 -97.36 -19.73 -6.01
C GLY B 371 -98.62 -20.57 -5.96
N PRO B 372 -98.47 -21.89 -5.91
CA PRO B 372 -99.65 -22.74 -5.73
C PRO B 372 -100.46 -22.39 -4.49
N CYS B 373 -99.79 -22.02 -3.41
CA CYS B 373 -100.52 -21.55 -2.23
C CYS B 373 -101.34 -20.32 -2.54
N LYS B 374 -100.86 -19.47 -3.45
CA LYS B 374 -101.72 -18.40 -3.95
C LYS B 374 -102.89 -18.97 -4.72
N VAL B 375 -102.64 -19.99 -5.53
CA VAL B 375 -103.71 -20.58 -6.33
C VAL B 375 -104.75 -21.25 -5.43
N ILE B 376 -104.30 -22.07 -4.49
CA ILE B 376 -105.19 -22.77 -3.58
C ILE B 376 -104.84 -22.38 -2.16
N ASN B 377 -105.86 -22.00 -1.38
CA ASN B 377 -105.68 -21.45 -0.04
C ASN B 377 -104.82 -20.18 -0.09
N ALA B 378 -105.33 -19.20 -0.83
CA ALA B 378 -104.63 -17.93 -0.96
C ALA B 378 -104.41 -17.28 0.40
N LYS B 379 -105.39 -17.43 1.30
CA LYS B 379 -105.22 -16.92 2.65
C LYS B 379 -103.95 -17.47 3.29
N ASP B 380 -103.76 -18.79 3.20
CA ASP B 380 -102.56 -19.40 3.74
C ASP B 380 -101.31 -18.64 3.35
N VAL B 381 -101.33 -18.03 2.15
CA VAL B 381 -100.21 -17.23 1.67
C VAL B 381 -99.76 -16.24 2.74
N ASP B 382 -100.66 -15.33 3.14
CA ASP B 382 -100.27 -14.36 4.15
C ASP B 382 -99.89 -15.08 5.44
N PHE B 383 -100.64 -16.13 5.79
CA PHE B 383 -100.25 -17.02 6.87
C PHE B 383 -98.77 -17.36 6.77
N MET B 384 -98.37 -17.96 5.65
CA MET B 384 -96.96 -18.26 5.42
C MET B 384 -96.13 -17.00 5.60
N TYR B 385 -96.52 -15.94 4.89
CA TYR B 385 -95.92 -14.63 5.08
C TYR B 385 -95.68 -14.35 6.55
N VAL B 386 -96.76 -14.34 7.33
CA VAL B 386 -96.66 -13.99 8.74
C VAL B 386 -95.65 -14.90 9.42
N GLU B 387 -95.77 -16.21 9.18
CA GLU B 387 -94.86 -17.16 9.81
C GLU B 387 -93.41 -16.80 9.52
N LEU B 388 -93.11 -16.50 8.25
CA LEU B 388 -91.75 -16.17 7.87
C LEU B 388 -91.24 -14.99 8.68
N ILE B 389 -92.09 -13.97 8.85
CA ILE B 389 -91.70 -12.81 9.63
C ILE B 389 -91.24 -13.25 11.02
N GLN B 390 -92.05 -14.09 11.67
CA GLN B 390 -91.67 -14.59 12.98
C GLN B 390 -90.25 -15.15 12.93
N ARG B 391 -89.98 -15.97 11.92
CA ARG B 391 -88.66 -16.57 11.79
C ARG B 391 -87.58 -15.51 11.76
N CYS B 392 -87.73 -14.52 10.87
CA CYS B 392 -86.64 -13.56 10.73
C CYS B 392 -86.48 -12.71 11.97
N LYS B 393 -87.44 -12.76 12.90
CA LYS B 393 -87.28 -12.06 14.15
C LYS B 393 -86.42 -12.85 15.12
N GLN B 394 -86.64 -14.16 15.22
CA GLN B 394 -85.75 -14.98 16.03
C GLN B 394 -84.36 -15.02 15.41
N MET B 395 -84.30 -15.15 14.09
CA MET B 395 -83.05 -15.05 13.36
C MET B 395 -82.46 -13.65 13.43
N PHE B 396 -83.30 -12.63 13.70
CA PHE B 396 -82.77 -11.28 13.85
C PHE B 396 -81.78 -11.18 14.99
N LEU B 397 -82.11 -11.78 16.13
CA LEU B 397 -81.30 -11.63 17.34
C LEU B 397 -80.30 -12.76 17.50
N THR B 398 -79.81 -13.32 16.39
CA THR B 398 -78.84 -14.42 16.42
C THR B 398 -77.44 -13.83 16.22
N GLN B 399 -76.78 -13.53 17.33
CA GLN B 399 -75.46 -12.93 17.28
C GLN B 399 -74.37 -13.95 17.60
N ASP B 405 -70.71 -16.44 11.85
CA ASP B 405 -72.07 -16.44 12.38
C ASP B 405 -73.03 -17.12 11.42
N ARG B 406 -74.25 -16.60 11.35
CA ARG B 406 -75.30 -17.11 10.49
C ARG B 406 -75.96 -15.95 9.77
N VAL B 407 -75.16 -15.16 9.08
CA VAL B 407 -75.62 -13.96 8.41
C VAL B 407 -75.59 -14.10 6.89
N TYR B 408 -75.45 -15.32 6.37
CA TYR B 408 -75.38 -15.50 4.93
C TYR B 408 -76.70 -15.92 4.31
N GLN B 409 -77.74 -16.14 5.10
CA GLN B 409 -78.97 -16.75 4.63
C GLN B 409 -80.12 -15.77 4.45
N MET B 410 -80.02 -14.58 5.02
CA MET B 410 -81.13 -13.63 4.91
C MET B 410 -81.52 -13.34 3.46
N PRO B 411 -80.61 -13.19 2.51
CA PRO B 411 -81.05 -12.96 1.12
C PRO B 411 -82.05 -14.00 0.63
N SER B 412 -81.92 -15.25 1.05
CA SER B 412 -82.95 -16.23 0.73
C SER B 412 -84.28 -15.83 1.34
N PHE B 413 -84.24 -15.35 2.58
CA PHE B 413 -85.46 -14.84 3.21
C PHE B 413 -86.06 -13.74 2.38
N LEU B 414 -85.22 -12.85 1.86
CA LEU B 414 -85.69 -11.73 1.06
C LEU B 414 -86.34 -12.23 -0.23
N GLN B 415 -85.73 -13.22 -0.88
CA GLN B 415 -86.32 -13.79 -2.07
C GLN B 415 -87.70 -14.34 -1.77
N SER B 416 -87.80 -15.14 -0.71
CA SER B 416 -89.08 -15.76 -0.38
C SER B 416 -90.13 -14.73 -0.01
N VAL B 417 -89.75 -13.72 0.76
CA VAL B 417 -90.72 -12.71 1.18
C VAL B 417 -91.15 -11.87 -0.01
N ALA B 418 -90.23 -11.59 -0.93
CA ALA B 418 -90.62 -10.88 -2.14
C ALA B 418 -91.60 -11.71 -2.96
N SER B 419 -91.36 -13.01 -3.06
CA SER B 419 -92.29 -13.88 -3.77
C SER B 419 -93.67 -13.83 -3.14
N VAL B 420 -93.74 -13.99 -1.82
CA VAL B 420 -95.04 -14.04 -1.16
C VAL B 420 -95.73 -12.68 -1.26
N LEU B 421 -94.97 -11.58 -1.19
CA LEU B 421 -95.58 -10.27 -1.40
C LEU B 421 -96.09 -10.10 -2.80
N LEU B 422 -95.42 -10.68 -3.80
CA LEU B 422 -95.98 -10.67 -5.14
C LEU B 422 -97.30 -11.42 -5.17
N TYR B 423 -97.35 -12.58 -4.51
CA TYR B 423 -98.59 -13.34 -4.45
C TYR B 423 -99.60 -12.64 -3.54
N LEU B 424 -99.18 -12.25 -2.34
CA LEU B 424 -100.10 -11.63 -1.40
C LEU B 424 -100.51 -10.25 -1.89
N ASP B 425 -101.78 -9.91 -1.67
CA ASP B 425 -102.32 -8.62 -2.07
C ASP B 425 -102.47 -7.66 -0.90
N THR B 426 -102.95 -8.13 0.24
CA THR B 426 -103.14 -7.31 1.42
C THR B 426 -102.17 -7.75 2.50
N VAL B 427 -101.38 -6.80 3.00
CA VAL B 427 -100.32 -7.12 3.94
C VAL B 427 -100.77 -6.75 5.36
N PRO B 428 -100.44 -7.58 6.35
CA PRO B 428 -100.62 -7.16 7.74
C PRO B 428 -99.74 -5.95 8.04
N GLU B 429 -100.39 -4.82 8.32
CA GLU B 429 -99.67 -3.58 8.55
C GLU B 429 -98.77 -3.65 9.78
N VAL B 430 -99.01 -4.62 10.66
CA VAL B 430 -98.20 -4.76 11.86
C VAL B 430 -96.75 -5.09 11.52
N TYR B 431 -96.53 -5.86 10.47
CA TYR B 431 -95.19 -6.28 10.11
C TYR B 431 -94.49 -5.34 9.14
N THR B 432 -95.19 -4.36 8.59
CA THR B 432 -94.54 -3.44 7.66
C THR B 432 -93.40 -2.65 8.30
N PRO B 433 -93.53 -2.05 9.49
CA PRO B 433 -92.34 -1.47 10.11
C PRO B 433 -91.31 -2.52 10.43
N VAL B 434 -91.77 -3.70 10.84
CA VAL B 434 -90.88 -4.82 11.06
C VAL B 434 -90.14 -5.16 9.77
N LEU B 435 -90.87 -5.20 8.67
CA LEU B 435 -90.26 -5.50 7.37
C LEU B 435 -89.17 -4.49 7.04
N GLU B 436 -89.50 -3.20 7.11
CA GLU B 436 -88.52 -2.20 6.69
C GLU B 436 -87.33 -2.16 7.63
N HIS B 437 -87.55 -2.37 8.93
CA HIS B 437 -86.43 -2.42 9.85
C HIS B 437 -85.53 -3.60 9.54
N LEU B 438 -86.13 -4.75 9.20
CA LEU B 438 -85.33 -5.89 8.78
C LEU B 438 -84.53 -5.56 7.53
N VAL B 439 -85.15 -4.88 6.58
CA VAL B 439 -84.47 -4.56 5.32
C VAL B 439 -83.30 -3.63 5.57
N VAL B 440 -83.50 -2.60 6.38
CA VAL B 440 -82.40 -1.69 6.64
C VAL B 440 -81.31 -2.39 7.44
N MET B 441 -81.68 -3.35 8.29
CA MET B 441 -80.66 -4.14 8.97
C MET B 441 -79.86 -4.96 7.97
N GLN B 442 -80.54 -5.51 6.97
CA GLN B 442 -79.83 -6.19 5.89
C GLN B 442 -78.86 -5.25 5.20
N ILE B 443 -79.32 -4.05 4.90
CA ILE B 443 -78.46 -3.08 4.23
C ILE B 443 -77.23 -2.80 5.08
N ASP B 444 -77.43 -2.69 6.40
CA ASP B 444 -76.30 -2.52 7.30
C ASP B 444 -75.36 -3.72 7.22
N SER B 445 -75.92 -4.92 7.16
CA SER B 445 -75.13 -6.14 7.15
C SER B 445 -74.60 -6.48 5.77
N PHE B 446 -74.81 -5.61 4.78
CA PHE B 446 -74.29 -5.85 3.44
C PHE B 446 -72.80 -6.16 3.41
N PRO B 447 -71.92 -5.50 4.16
CA PRO B 447 -70.52 -5.93 4.19
C PRO B 447 -70.39 -7.24 4.93
N GLN B 448 -69.15 -7.65 5.21
CA GLN B 448 -68.86 -8.96 5.80
C GLN B 448 -69.26 -10.07 4.84
N TYR B 449 -69.41 -9.75 3.57
CA TYR B 449 -69.88 -10.68 2.55
C TYR B 449 -68.85 -10.75 1.43
N SER B 450 -68.64 -11.96 0.91
CA SER B 450 -67.83 -12.09 -0.29
C SER B 450 -68.62 -11.55 -1.48
N PRO B 451 -67.95 -11.27 -2.59
CA PRO B 451 -68.66 -10.68 -3.73
C PRO B 451 -69.88 -11.49 -4.17
N LYS B 452 -69.81 -12.82 -4.11
CA LYS B 452 -70.90 -13.62 -4.64
C LYS B 452 -72.19 -13.37 -3.87
N MET B 453 -72.17 -13.49 -2.53
CA MET B 453 -73.40 -13.21 -1.83
C MET B 453 -73.66 -11.73 -1.68
N GLN B 454 -72.67 -10.87 -1.89
CA GLN B 454 -72.97 -9.45 -2.05
C GLN B 454 -73.92 -9.25 -3.22
N LEU B 455 -73.60 -9.85 -4.37
CA LEU B 455 -74.50 -9.79 -5.51
C LEU B 455 -75.82 -10.48 -5.20
N VAL B 456 -75.76 -11.61 -4.50
CA VAL B 456 -76.98 -12.35 -4.18
C VAL B 456 -77.93 -11.48 -3.36
N CYS B 457 -77.41 -10.85 -2.31
CA CYS B 457 -78.26 -10.02 -1.45
C CYS B 457 -78.71 -8.78 -2.20
N CYS B 458 -77.89 -8.26 -3.12
CA CYS B 458 -78.36 -7.16 -3.96
C CYS B 458 -79.56 -7.58 -4.79
N ARG B 459 -79.48 -8.77 -5.39
CA ARG B 459 -80.61 -9.27 -6.17
C ARG B 459 -81.84 -9.43 -5.29
N ALA B 460 -81.66 -9.96 -4.09
CA ALA B 460 -82.81 -10.14 -3.19
C ALA B 460 -83.41 -8.80 -2.81
N ILE B 461 -82.56 -7.80 -2.56
CA ILE B 461 -83.05 -6.46 -2.24
C ILE B 461 -83.86 -5.89 -3.39
N VAL B 462 -83.33 -5.99 -4.60
CA VAL B 462 -84.05 -5.50 -5.77
C VAL B 462 -85.37 -6.23 -5.91
N LYS B 463 -85.36 -7.53 -5.61
CA LYS B 463 -86.57 -8.33 -5.68
C LYS B 463 -87.62 -7.84 -4.70
N VAL B 464 -87.21 -7.49 -3.48
CA VAL B 464 -88.19 -7.07 -2.49
C VAL B 464 -88.77 -5.71 -2.86
N PHE B 465 -87.94 -4.80 -3.39
CA PHE B 465 -88.51 -3.56 -3.90
C PHE B 465 -89.47 -3.79 -5.05
N LEU B 466 -89.14 -4.69 -5.97
CA LEU B 466 -90.06 -4.97 -7.06
C LEU B 466 -91.36 -5.55 -6.55
N ALA B 467 -91.28 -6.43 -5.54
CA ALA B 467 -92.49 -6.99 -4.97
C ALA B 467 -93.35 -5.93 -4.31
N LEU B 468 -92.73 -5.02 -3.56
CA LEU B 468 -93.48 -3.98 -2.88
C LEU B 468 -93.87 -2.82 -3.80
N ALA B 469 -93.39 -2.83 -5.05
CA ALA B 469 -93.77 -1.79 -6.01
C ALA B 469 -95.27 -1.77 -6.28
N ALA B 470 -95.99 -2.86 -6.00
CA ALA B 470 -97.42 -2.87 -6.24
C ALA B 470 -98.17 -2.04 -5.21
N LYS B 471 -97.76 -2.13 -3.94
CA LYS B 471 -98.49 -1.50 -2.84
C LYS B 471 -98.12 -0.01 -2.81
N GLY B 472 -98.75 0.75 -3.70
CA GLY B 472 -98.36 2.11 -4.01
C GLY B 472 -98.00 2.98 -2.84
N PRO B 473 -98.96 3.28 -1.97
CA PRO B 473 -98.63 4.07 -0.78
C PRO B 473 -97.60 3.39 0.10
N VAL B 474 -97.77 2.09 0.34
CA VAL B 474 -96.77 1.33 1.07
C VAL B 474 -95.44 1.38 0.34
N LEU B 475 -95.47 1.18 -0.98
CA LEU B 475 -94.30 1.36 -1.82
C LEU B 475 -93.54 2.64 -1.47
N ARG B 476 -94.18 3.77 -1.68
CA ARG B 476 -93.47 5.05 -1.59
C ARG B 476 -93.02 5.31 -0.16
N ASN B 477 -93.91 5.10 0.81
CA ASN B 477 -93.55 5.36 2.19
C ASN B 477 -92.39 4.47 2.62
N CYS B 478 -92.49 3.17 2.37
CA CYS B 478 -91.45 2.26 2.82
C CYS B 478 -90.13 2.53 2.14
N ILE B 479 -90.13 2.82 0.84
CA ILE B 479 -88.86 3.05 0.17
C ILE B 479 -88.22 4.33 0.67
N SER B 480 -89.03 5.38 0.87
CA SER B 480 -88.48 6.61 1.43
C SER B 480 -87.86 6.36 2.79
N THR B 481 -88.58 5.64 3.65
CA THR B 481 -88.08 5.37 4.99
C THR B 481 -86.80 4.56 4.95
N VAL B 482 -86.75 3.53 4.12
CA VAL B 482 -85.59 2.65 4.13
C VAL B 482 -84.38 3.36 3.57
N VAL B 483 -84.55 4.14 2.49
CA VAL B 483 -83.40 4.86 1.95
C VAL B 483 -82.90 5.88 2.96
N HIS B 484 -83.82 6.61 3.60
CA HIS B 484 -83.40 7.58 4.60
C HIS B 484 -82.65 6.91 5.74
N GLN B 485 -83.21 5.83 6.28
CA GLN B 485 -82.60 5.20 7.44
C GLN B 485 -81.27 4.54 7.08
N GLY B 486 -81.19 3.93 5.90
CA GLY B 486 -79.92 3.38 5.46
C GLY B 486 -78.86 4.46 5.33
N LEU B 487 -79.25 5.61 4.81
CA LEU B 487 -78.30 6.73 4.75
C LEU B 487 -77.87 7.14 6.14
N ILE B 488 -78.81 7.19 7.08
CA ILE B 488 -78.45 7.51 8.46
C ILE B 488 -77.42 6.51 8.97
N ARG B 489 -77.69 5.23 8.77
CA ARG B 489 -76.81 4.19 9.28
C ARG B 489 -75.43 4.29 8.66
N ILE B 490 -75.36 4.50 7.34
CA ILE B 490 -74.07 4.50 6.67
C ILE B 490 -73.28 5.74 7.05
N CYS B 491 -73.92 6.90 7.10
CA CYS B 491 -73.21 8.11 7.46
C CYS B 491 -72.77 8.09 8.91
N SER B 492 -73.49 7.34 9.76
CA SER B 492 -73.08 7.21 11.15
C SER B 492 -71.78 6.45 11.32
N LYS B 493 -71.29 5.79 10.27
CA LYS B 493 -70.04 5.05 10.38
C LYS B 493 -68.88 6.01 10.67
N PRO B 494 -67.90 5.59 11.44
CA PRO B 494 -66.78 6.48 11.77
C PRO B 494 -65.92 6.76 10.54
N VAL B 495 -65.27 7.91 10.57
CA VAL B 495 -64.35 8.29 9.51
C VAL B 495 -63.02 7.57 9.71
N VAL B 496 -62.35 7.24 8.62
CA VAL B 496 -61.07 6.56 8.64
C VAL B 496 -60.00 7.53 8.14
N LEU B 497 -58.94 7.71 8.93
CA LEU B 497 -57.87 8.61 8.60
C LEU B 497 -56.52 7.92 8.82
N PRO B 498 -55.52 8.21 7.98
CA PRO B 498 -54.19 7.59 8.10
C PRO B 498 -53.45 8.03 9.36
N TRP B 519 -64.96 -9.62 12.40
CA TRP B 519 -65.80 -8.55 12.93
C TRP B 519 -65.00 -7.25 13.03
N LYS B 520 -64.99 -6.49 11.94
CA LYS B 520 -64.27 -5.22 11.85
C LYS B 520 -65.22 -4.12 11.43
N VAL B 521 -64.76 -2.88 11.56
CA VAL B 521 -65.64 -1.72 11.36
C VAL B 521 -65.88 -1.51 9.86
N PRO B 522 -67.13 -1.38 9.43
CA PRO B 522 -67.41 -1.02 8.04
C PRO B 522 -67.18 0.47 7.80
N THR B 523 -67.22 0.83 6.52
CA THR B 523 -67.17 2.22 6.10
C THR B 523 -68.03 2.39 4.85
N TYR B 524 -68.43 3.65 4.61
CA TYR B 524 -69.29 3.94 3.49
C TYR B 524 -68.66 3.52 2.16
N LYS B 525 -67.34 3.37 2.14
CA LYS B 525 -66.64 3.07 0.91
C LYS B 525 -67.11 1.75 0.31
N ASP B 526 -67.32 0.73 1.15
CA ASP B 526 -67.64 -0.59 0.62
C ASP B 526 -69.03 -0.67 0.02
N TYR B 527 -69.87 0.33 0.23
CA TYR B 527 -71.27 0.23 -0.18
C TYR B 527 -71.52 0.74 -1.59
N VAL B 528 -70.67 1.65 -2.08
CA VAL B 528 -70.98 2.39 -3.30
C VAL B 528 -71.30 1.45 -4.44
N ASP B 529 -70.49 0.39 -4.61
CA ASP B 529 -70.74 -0.63 -5.61
C ASP B 529 -72.20 -1.07 -5.60
N LEU B 530 -72.65 -1.60 -4.46
CA LEU B 530 -74.05 -2.02 -4.35
C LEU B 530 -74.96 -0.91 -4.82
N PHE B 531 -74.72 0.31 -4.33
CA PHE B 531 -75.58 1.43 -4.68
C PHE B 531 -75.59 1.69 -6.17
N ARG B 532 -74.42 1.72 -6.80
CA ARG B 532 -74.44 1.86 -8.25
C ARG B 532 -75.03 0.61 -8.89
N HIS B 533 -74.70 -0.55 -8.33
CA HIS B 533 -75.44 -1.76 -8.68
C HIS B 533 -76.93 -1.54 -8.50
N LEU B 534 -77.30 -0.92 -7.37
CA LEU B 534 -78.71 -0.61 -7.12
C LEU B 534 -79.30 0.21 -8.26
N LEU B 535 -78.55 1.17 -8.78
CA LEU B 535 -79.05 2.00 -9.86
C LEU B 535 -78.67 1.45 -11.23
N SER B 536 -77.92 0.35 -11.28
CA SER B 536 -77.60 -0.29 -12.55
C SER B 536 -78.16 -1.70 -12.51
N SER B 537 -79.39 -1.84 -12.05
CA SER B 537 -80.03 -3.14 -11.86
C SER B 537 -80.98 -3.50 -12.98
N ASP B 538 -80.96 -2.75 -14.08
CA ASP B 538 -81.89 -3.00 -15.19
C ASP B 538 -81.72 -4.42 -15.74
N GLN B 539 -80.47 -4.83 -15.94
CA GLN B 539 -80.15 -6.13 -16.54
C GLN B 539 -80.68 -7.29 -15.73
N MET B 540 -81.00 -7.08 -14.46
CA MET B 540 -81.65 -8.11 -13.66
C MET B 540 -83.09 -7.82 -13.33
N MET B 541 -83.48 -6.54 -13.26
CA MET B 541 -84.88 -6.26 -12.97
C MET B 541 -85.77 -6.70 -14.11
N ASP B 542 -85.27 -6.63 -15.34
CA ASP B 542 -86.03 -7.20 -16.46
C ASP B 542 -86.26 -8.69 -16.25
N SER B 543 -85.21 -9.42 -15.86
CA SER B 543 -85.35 -10.86 -15.64
C SER B 543 -86.31 -11.16 -14.51
N ILE B 544 -86.27 -10.35 -13.45
CA ILE B 544 -87.17 -10.57 -12.33
C ILE B 544 -88.61 -10.25 -12.72
N LEU B 545 -88.80 -9.20 -13.52
CA LEU B 545 -90.14 -8.89 -14.04
C LEU B 545 -90.66 -10.02 -14.91
N ALA B 546 -89.77 -10.73 -15.60
CA ALA B 546 -90.21 -11.88 -16.39
C ALA B 546 -90.90 -12.92 -15.52
N ASP B 547 -90.32 -13.23 -14.37
CA ASP B 547 -90.92 -14.20 -13.45
C ASP B 547 -91.47 -13.48 -12.23
N SER B 559 -87.28 1.78 -15.21
CA SER B 559 -88.24 2.55 -14.42
C SER B 559 -87.90 2.47 -12.94
N LEU B 560 -87.61 1.25 -12.48
CA LEU B 560 -87.28 1.06 -11.07
C LEU B 560 -86.02 1.80 -10.68
N ASN B 561 -84.98 1.71 -11.52
CA ASN B 561 -83.75 2.45 -11.25
C ASN B 561 -84.03 3.94 -11.15
N HIS B 562 -84.94 4.45 -11.99
CA HIS B 562 -85.36 5.83 -11.88
C HIS B 562 -85.99 6.12 -10.52
N LEU B 563 -86.84 5.21 -10.04
CA LEU B 563 -87.48 5.41 -8.76
C LEU B 563 -86.45 5.44 -7.64
N LEU B 564 -85.47 4.54 -7.72
CA LEU B 564 -84.40 4.51 -6.73
C LEU B 564 -83.60 5.80 -6.77
N TYR B 565 -83.33 6.30 -7.98
CA TYR B 565 -82.66 7.58 -8.16
C TYR B 565 -83.41 8.68 -7.43
N ASP B 566 -84.72 8.75 -7.63
CA ASP B 566 -85.52 9.78 -6.99
C ASP B 566 -85.48 9.64 -5.47
N GLU B 567 -85.63 8.41 -4.99
CA GLU B 567 -85.60 8.18 -3.55
C GLU B 567 -84.29 8.63 -2.95
N PHE B 568 -83.18 8.23 -3.58
CA PHE B 568 -81.86 8.61 -3.09
C PHE B 568 -81.72 10.13 -3.07
N VAL B 569 -82.14 10.79 -4.15
CA VAL B 569 -81.96 12.23 -4.26
C VAL B 569 -82.73 12.93 -3.16
N LYS B 570 -84.01 12.62 -3.02
CA LYS B 570 -84.81 13.29 -2.01
C LYS B 570 -84.33 12.98 -0.61
N SER B 571 -83.94 11.73 -0.36
CA SER B 571 -83.49 11.36 0.97
C SER B 571 -82.21 12.10 1.34
N VAL B 572 -81.24 12.15 0.43
CA VAL B 572 -80.00 12.85 0.75
C VAL B 572 -80.27 14.34 0.91
N LEU B 573 -81.18 14.88 0.10
CA LEU B 573 -81.49 16.30 0.20
C LEU B 573 -82.07 16.63 1.57
N LYS B 574 -83.10 15.88 1.98
CA LYS B 574 -83.73 16.15 3.26
C LYS B 574 -82.77 15.91 4.41
N ILE B 575 -81.91 14.90 4.28
CA ILE B 575 -80.94 14.63 5.34
C ILE B 575 -79.95 15.78 5.46
N VAL B 576 -79.49 16.31 4.32
CA VAL B 576 -78.61 17.46 4.35
C VAL B 576 -79.30 18.63 5.01
N GLU B 577 -80.56 18.87 4.66
CA GLU B 577 -81.29 19.97 5.27
C GLU B 577 -81.41 19.78 6.78
N LYS B 578 -81.63 18.55 7.21
CA LYS B 578 -81.83 18.28 8.63
C LYS B 578 -80.59 18.62 9.45
N LEU B 579 -79.41 18.24 8.95
CA LEU B 579 -78.22 18.24 9.78
C LEU B 579 -77.85 19.64 10.23
N ASP B 580 -77.36 19.74 11.46
CA ASP B 580 -76.88 20.98 12.04
C ASP B 580 -75.36 20.99 12.01
N LEU B 581 -74.80 21.94 11.27
CA LEU B 581 -73.37 22.16 11.23
C LEU B 581 -73.11 23.62 11.55
N THR B 582 -72.28 23.88 12.56
CA THR B 582 -71.92 25.25 12.95
C THR B 582 -70.48 25.24 13.43
N LEU B 583 -69.56 25.67 12.56
CA LEU B 583 -68.17 25.82 12.93
C LEU B 583 -67.96 27.14 13.66
N GLU B 584 -66.99 27.16 14.56
CA GLU B 584 -66.71 28.36 15.34
C GLU B 584 -65.21 28.60 15.43
N ILE B 585 -64.81 29.56 16.26
CA ILE B 585 -63.41 29.99 16.34
C ILE B 585 -62.86 29.82 17.75
N GLN B 586 -63.61 29.24 18.66
CA GLN B 586 -63.12 29.04 20.02
C GLN B 586 -62.33 27.73 20.13
N ALA B 610 -57.15 31.74 11.68
CA ALA B 610 -58.44 31.55 12.34
C ALA B 610 -58.45 30.26 13.14
N ASN B 611 -59.61 29.91 13.68
CA ASN B 611 -59.78 28.68 14.43
C ASN B 611 -61.08 28.01 14.00
N LEU B 612 -61.08 26.68 14.07
CA LEU B 612 -62.23 25.86 13.71
C LEU B 612 -62.82 25.27 14.99
N HIS B 613 -64.14 25.39 15.14
CA HIS B 613 -64.81 24.90 16.35
C HIS B 613 -66.21 24.44 15.99
N PRO B 614 -66.43 23.15 15.83
CA PRO B 614 -67.73 22.66 15.37
C PRO B 614 -68.77 22.75 16.47
N ALA B 615 -70.03 22.67 16.05
CA ALA B 615 -71.14 22.55 16.99
C ALA B 615 -71.40 21.09 17.33
N LYS B 616 -71.64 20.26 16.31
CA LYS B 616 -71.91 18.84 16.49
C LYS B 616 -70.90 18.07 15.63
N PRO B 617 -69.72 17.79 16.18
CA PRO B 617 -68.66 17.16 15.35
C PRO B 617 -69.07 15.85 14.74
N LYS B 618 -69.91 15.07 15.43
CA LYS B 618 -70.44 13.85 14.85
C LYS B 618 -71.24 14.16 13.58
N ASP B 619 -72.02 15.23 13.62
CA ASP B 619 -72.76 15.63 12.43
C ASP B 619 -71.82 16.02 11.30
N PHE B 620 -70.73 16.71 11.61
CA PHE B 620 -69.76 17.04 10.57
C PHE B 620 -69.16 15.79 9.96
N SER B 621 -68.79 14.82 10.80
CA SER B 621 -68.18 13.60 10.28
C SER B 621 -69.16 12.84 9.39
N ALA B 622 -70.39 12.67 9.85
CA ALA B 622 -71.39 11.99 9.04
C ALA B 622 -71.62 12.74 7.75
N PHE B 623 -71.64 14.08 7.83
CA PHE B 623 -71.89 14.90 6.65
C PHE B 623 -70.79 14.70 5.62
N ILE B 624 -69.53 14.72 6.04
CA ILE B 624 -68.45 14.56 5.09
C ILE B 624 -68.45 13.14 4.52
N ASN B 625 -68.79 12.15 5.34
CA ASN B 625 -68.85 10.78 4.85
C ASN B 625 -69.90 10.65 3.75
N LEU B 626 -71.11 11.17 4.01
CA LEU B 626 -72.15 11.09 3.00
C LEU B 626 -71.83 11.95 1.79
N VAL B 627 -71.11 13.06 1.98
CA VAL B 627 -70.70 13.88 0.85
C VAL B 627 -69.79 13.07 -0.06
N GLU B 628 -68.81 12.39 0.53
CA GLU B 628 -67.93 11.56 -0.29
C GLU B 628 -68.69 10.44 -0.95
N PHE B 629 -69.63 9.83 -0.22
CA PHE B 629 -70.41 8.74 -0.78
C PHE B 629 -71.20 9.20 -2.01
N CYS B 630 -71.97 10.28 -1.86
CA CYS B 630 -72.76 10.76 -2.98
C CYS B 630 -71.89 11.26 -4.11
N ARG B 631 -70.74 11.85 -3.80
CA ARG B 631 -69.80 12.25 -4.84
C ARG B 631 -69.37 11.05 -5.65
N GLU B 632 -69.12 9.93 -4.99
CA GLU B 632 -68.74 8.71 -5.69
C GLU B 632 -69.92 8.03 -6.38
N ILE B 633 -71.14 8.36 -5.97
CA ILE B 633 -72.33 7.67 -6.47
C ILE B 633 -72.94 8.37 -7.68
N LEU B 634 -73.27 9.65 -7.51
CA LEU B 634 -74.13 10.35 -8.47
C LEU B 634 -73.61 10.36 -9.90
N PRO B 635 -72.33 10.65 -10.17
CA PRO B 635 -71.91 10.81 -11.58
C PRO B 635 -72.09 9.58 -12.43
N GLU B 636 -72.17 8.39 -11.81
CA GLU B 636 -72.28 7.16 -12.58
C GLU B 636 -73.52 7.15 -13.47
N LYS B 637 -74.68 7.41 -12.88
CA LYS B 637 -75.92 7.38 -13.65
C LYS B 637 -76.16 8.73 -14.31
N GLN B 638 -77.35 8.93 -14.84
CA GLN B 638 -77.66 10.10 -15.64
C GLN B 638 -78.34 11.17 -14.79
N ALA B 639 -77.96 12.42 -15.02
CA ALA B 639 -78.71 13.53 -14.46
C ALA B 639 -80.09 13.66 -15.10
N GLU B 640 -80.35 12.91 -16.16
CA GLU B 640 -81.68 12.89 -16.76
C GLU B 640 -82.72 12.46 -15.74
N PHE B 641 -82.39 11.47 -14.93
CA PHE B 641 -83.22 11.20 -13.76
C PHE B 641 -83.24 12.40 -12.84
N PHE B 642 -82.08 13.02 -12.62
CA PHE B 642 -81.92 14.14 -11.70
C PHE B 642 -82.46 15.45 -12.25
N GLU B 643 -82.74 15.53 -13.54
CA GLU B 643 -83.02 16.83 -14.15
C GLU B 643 -84.17 17.60 -13.51
N PRO B 644 -85.17 16.98 -12.86
CA PRO B 644 -86.10 17.82 -12.07
C PRO B 644 -85.42 18.62 -10.99
N TRP B 645 -84.37 18.08 -10.37
CA TRP B 645 -83.77 18.73 -9.22
C TRP B 645 -82.70 19.75 -9.60
N VAL B 646 -82.32 19.81 -10.87
CA VAL B 646 -81.20 20.68 -11.27
C VAL B 646 -81.43 22.12 -10.86
N TYR B 647 -82.69 22.54 -10.72
CA TYR B 647 -82.98 23.92 -10.33
C TYR B 647 -83.18 24.05 -8.83
N SER B 648 -84.20 23.37 -8.29
CA SER B 648 -84.55 23.54 -6.89
C SER B 648 -83.45 23.05 -5.98
N PHE B 649 -82.93 21.85 -6.25
CA PHE B 649 -81.87 21.28 -5.43
C PHE B 649 -80.64 22.18 -5.46
N SER B 650 -80.27 22.65 -6.65
CA SER B 650 -79.10 23.52 -6.76
C SER B 650 -79.31 24.81 -5.99
N TYR B 651 -80.51 25.38 -6.09
CA TYR B 651 -80.81 26.59 -5.34
C TYR B 651 -80.72 26.36 -3.84
N GLU B 652 -81.20 25.21 -3.38
CA GLU B 652 -81.11 24.88 -1.96
C GLU B 652 -79.66 24.77 -1.52
N LEU B 653 -78.83 24.13 -2.33
CA LEU B 653 -77.42 24.04 -1.99
C LEU B 653 -76.74 25.41 -2.01
N ILE B 654 -77.18 26.28 -2.92
CA ILE B 654 -76.69 27.66 -2.91
C ILE B 654 -77.04 28.31 -1.57
N LEU B 655 -78.26 28.10 -1.11
CA LEU B 655 -78.65 28.59 0.22
C LEU B 655 -77.70 28.05 1.28
N GLN B 656 -77.50 26.74 1.28
CA GLN B 656 -76.64 26.11 2.29
C GLN B 656 -75.26 26.72 2.29
N SER B 657 -74.70 26.96 1.10
CA SER B 657 -73.40 27.60 1.01
C SER B 657 -73.45 29.00 1.59
N THR B 658 -74.51 29.74 1.31
CA THR B 658 -74.61 31.09 1.83
C THR B 658 -74.66 31.11 3.35
N ARG B 659 -75.24 30.08 3.97
CA ARG B 659 -75.18 29.98 5.42
C ARG B 659 -73.74 29.88 5.90
N LEU B 660 -73.06 28.78 5.56
CA LEU B 660 -71.69 28.54 6.00
C LEU B 660 -70.83 28.21 4.80
N PRO B 661 -70.31 29.22 4.12
CA PRO B 661 -69.49 28.96 2.94
C PRO B 661 -68.12 28.43 3.29
N LEU B 662 -67.89 28.17 4.58
CA LEU B 662 -66.61 27.68 5.07
C LEU B 662 -66.59 26.15 5.17
N ILE B 663 -67.41 25.48 4.36
CA ILE B 663 -67.49 24.03 4.37
C ILE B 663 -67.33 23.53 2.94
N SER B 664 -66.27 22.77 2.69
CA SER B 664 -65.96 22.33 1.33
C SER B 664 -67.06 21.44 0.75
N GLY B 665 -67.78 20.73 1.61
CA GLY B 665 -68.73 19.74 1.13
C GLY B 665 -69.74 20.32 0.17
N PHE B 666 -70.27 21.51 0.50
CA PHE B 666 -71.22 22.16 -0.41
C PHE B 666 -70.57 22.40 -1.77
N TYR B 667 -69.31 22.81 -1.77
CA TYR B 667 -68.63 23.05 -3.04
C TYR B 667 -68.50 21.76 -3.83
N LYS B 668 -68.20 20.65 -3.15
CA LYS B 668 -68.11 19.38 -3.85
C LYS B 668 -69.47 19.00 -4.45
N LEU B 669 -70.54 19.20 -3.69
CA LEU B 669 -71.87 18.89 -4.20
C LEU B 669 -72.20 19.76 -5.40
N LEU B 670 -71.85 21.04 -5.33
CA LEU B 670 -72.10 21.92 -6.47
C LEU B 670 -71.32 21.48 -7.68
N SER B 671 -70.06 21.09 -7.48
CA SER B 671 -69.24 20.64 -8.60
C SER B 671 -69.84 19.43 -9.28
N ILE B 672 -70.23 18.42 -8.48
CA ILE B 672 -70.79 17.23 -9.10
C ILE B 672 -72.13 17.57 -9.75
N THR B 673 -72.89 18.46 -9.14
CA THR B 673 -74.17 18.85 -9.70
C THR B 673 -73.99 19.48 -11.07
N VAL B 674 -73.08 20.43 -11.18
CA VAL B 674 -72.89 21.10 -12.47
C VAL B 674 -72.28 20.14 -13.49
N ARG B 675 -71.40 19.23 -13.04
CA ARG B 675 -70.84 18.27 -13.98
C ARG B 675 -71.92 17.38 -14.57
N ASN B 676 -72.83 16.89 -13.72
CA ASN B 676 -73.94 16.11 -14.24
C ASN B 676 -74.88 16.95 -15.10
N ALA B 677 -75.07 18.22 -14.73
CA ALA B 677 -75.96 19.08 -15.50
C ALA B 677 -75.44 19.29 -16.91
N LYS B 678 -74.14 19.54 -17.05
CA LYS B 678 -73.57 19.65 -18.38
C LYS B 678 -73.37 18.29 -19.03
N LYS B 679 -73.42 17.21 -18.25
CA LYS B 679 -73.36 15.88 -18.84
C LYS B 679 -74.53 15.63 -19.79
N ILE B 680 -75.61 16.38 -19.65
CA ILE B 680 -76.78 16.25 -20.50
C ILE B 680 -76.92 17.42 -21.46
N LYS B 681 -75.94 18.34 -21.48
CA LYS B 681 -76.03 19.55 -22.30
C LYS B 681 -77.28 20.36 -21.96
N TYR B 682 -77.54 20.49 -20.66
CA TYR B 682 -78.76 21.14 -20.20
C TYR B 682 -78.84 22.60 -20.62
N PHE B 683 -77.72 23.24 -20.89
CA PHE B 683 -77.64 24.69 -20.92
C PHE B 683 -77.61 25.22 -22.35
N GLU B 684 -78.08 26.47 -22.49
CA GLU B 684 -78.06 27.17 -23.77
C GLU B 684 -77.69 28.64 -23.62
N GLY B 685 -76.97 29.00 -22.57
CA GLY B 685 -76.56 30.38 -22.37
C GLY B 685 -75.44 30.52 -21.36
N ASP B 697 -86.82 28.07 -21.37
CA ASP B 697 -87.77 28.09 -20.27
C ASP B 697 -87.35 29.03 -19.16
N PRO B 698 -88.32 29.55 -18.42
CA PRO B 698 -87.98 30.45 -17.30
C PRO B 698 -87.08 29.81 -16.27
N GLU B 699 -87.25 28.52 -16.00
CA GLU B 699 -86.36 27.84 -15.06
C GLU B 699 -84.94 27.77 -15.61
N LYS B 700 -84.79 27.68 -16.94
CA LYS B 700 -83.46 27.70 -17.52
C LYS B 700 -82.74 28.99 -17.17
N TYR B 701 -83.37 30.13 -17.42
CA TYR B 701 -82.77 31.41 -17.07
C TYR B 701 -82.60 31.55 -15.57
N SER B 702 -83.53 30.99 -14.80
CA SER B 702 -83.39 31.00 -13.34
C SER B 702 -82.09 30.34 -12.93
N CYS B 703 -81.86 29.12 -13.41
CA CYS B 703 -80.63 28.41 -13.09
C CYS B 703 -79.41 29.17 -13.61
N PHE B 704 -79.51 29.68 -14.85
CA PHE B 704 -78.38 30.38 -15.43
C PHE B 704 -77.95 31.56 -14.56
N ALA B 705 -78.90 32.41 -14.21
CA ALA B 705 -78.58 33.59 -13.40
C ALA B 705 -78.13 33.17 -12.01
N LEU B 706 -78.78 32.17 -11.42
CA LEU B 706 -78.36 31.68 -10.12
C LEU B 706 -76.90 31.32 -10.12
N PHE B 707 -76.51 30.50 -11.09
CA PHE B 707 -75.14 30.00 -11.11
C PHE B 707 -74.18 31.09 -11.57
N VAL B 708 -74.64 32.04 -12.39
CA VAL B 708 -73.77 33.15 -12.77
C VAL B 708 -73.40 33.96 -11.54
N LYS B 709 -74.40 34.35 -10.76
CA LYS B 709 -74.14 35.11 -9.55
C LYS B 709 -73.28 34.30 -8.60
N PHE B 710 -73.60 33.01 -8.44
CA PHE B 710 -72.84 32.19 -7.51
C PHE B 710 -71.39 32.04 -7.95
N GLY B 711 -71.18 31.81 -9.24
CA GLY B 711 -69.81 31.68 -9.72
C GLY B 711 -69.02 32.94 -9.55
N LYS B 712 -69.62 34.09 -9.86
CA LYS B 712 -68.91 35.35 -9.67
C LYS B 712 -68.56 35.56 -8.20
N GLU B 713 -69.55 35.38 -7.31
CA GLU B 713 -69.31 35.63 -5.90
C GLU B 713 -68.24 34.68 -5.35
N VAL B 714 -68.31 33.41 -5.72
CA VAL B 714 -67.37 32.44 -5.18
C VAL B 714 -65.99 32.66 -5.78
N ALA B 715 -65.93 33.07 -7.05
CA ALA B 715 -64.64 33.37 -7.67
C ALA B 715 -63.96 34.53 -6.96
N VAL B 716 -64.73 35.56 -6.62
CA VAL B 716 -64.11 36.65 -5.87
C VAL B 716 -63.77 36.20 -4.46
N LYS B 717 -64.58 35.32 -3.87
CA LYS B 717 -64.40 34.96 -2.48
C LYS B 717 -63.21 34.02 -2.27
N MET B 718 -62.90 33.18 -3.26
CA MET B 718 -61.88 32.16 -3.07
C MET B 718 -60.52 32.76 -2.75
N LYS B 719 -60.21 33.93 -3.33
CA LYS B 719 -58.96 34.60 -3.02
C LYS B 719 -58.83 34.94 -1.56
N GLN B 720 -59.88 34.78 -0.78
CA GLN B 720 -59.81 34.85 0.67
C GLN B 720 -59.80 33.49 1.32
N TYR B 721 -60.15 32.45 0.57
CA TYR B 721 -60.36 31.13 1.13
C TYR B 721 -59.03 30.42 1.34
N LYS B 722 -59.11 29.26 2.00
CA LYS B 722 -57.92 28.56 2.48
C LYS B 722 -57.88 27.14 1.95
N ASP B 723 -56.77 26.48 2.23
CA ASP B 723 -56.54 25.13 1.73
C ASP B 723 -57.63 24.19 2.24
N GLU B 724 -57.91 23.16 1.43
CA GLU B 724 -58.93 22.15 1.70
C GLU B 724 -60.31 22.78 1.55
N LEU B 725 -60.33 24.10 1.44
CA LEU B 725 -61.56 24.84 1.18
C LEU B 725 -61.51 25.53 -0.17
N LEU B 726 -60.54 26.43 -0.36
CA LEU B 726 -60.39 27.04 -1.68
C LEU B 726 -60.20 25.99 -2.74
N ALA B 727 -59.57 24.87 -2.38
CA ALA B 727 -59.40 23.78 -3.34
C ALA B 727 -60.75 23.30 -3.86
N SER B 728 -61.67 22.98 -2.95
CA SER B 728 -63.00 22.55 -3.37
C SER B 728 -63.71 23.66 -4.12
N CYS B 729 -63.55 24.91 -3.67
CA CYS B 729 -64.23 26.01 -4.32
C CYS B 729 -63.81 26.13 -5.77
N LEU B 730 -62.51 26.22 -6.02
CA LEU B 730 -62.04 26.29 -7.40
C LEU B 730 -62.39 25.03 -8.15
N THR B 731 -62.39 23.89 -7.47
CA THR B 731 -62.80 22.64 -8.09
C THR B 731 -64.16 22.78 -8.72
N PHE B 732 -65.11 23.28 -7.93
CA PHE B 732 -66.44 23.53 -8.46
C PHE B 732 -66.40 24.56 -9.57
N LEU B 733 -65.67 25.65 -9.34
CA LEU B 733 -65.73 26.79 -10.25
C LEU B 733 -65.26 26.41 -11.64
N LEU B 734 -64.11 25.75 -11.73
CA LEU B 734 -63.61 25.31 -13.02
C LEU B 734 -64.54 24.30 -13.66
N SER B 735 -65.27 23.54 -12.85
CA SER B 735 -66.20 22.57 -13.38
C SER B 735 -67.43 23.21 -14.01
N LEU B 736 -67.47 24.54 -14.07
CA LEU B 736 -68.59 25.22 -14.68
C LEU B 736 -68.58 25.03 -16.20
N PRO B 737 -69.75 25.01 -16.82
CA PRO B 737 -69.79 24.89 -18.29
C PRO B 737 -69.25 26.14 -18.95
N HIS B 738 -68.85 25.98 -20.21
CA HIS B 738 -68.33 27.12 -20.95
C HIS B 738 -69.38 28.19 -21.15
N ASN B 739 -70.66 27.79 -21.20
CA ASN B 739 -71.72 28.78 -21.40
C ASN B 739 -71.70 29.82 -20.30
N ILE B 740 -71.66 29.38 -19.05
CA ILE B 740 -71.73 30.33 -17.94
C ILE B 740 -70.48 31.19 -17.90
N ILE B 741 -69.31 30.60 -18.14
CA ILE B 741 -68.07 31.33 -17.96
C ILE B 741 -67.82 32.33 -19.08
N GLU B 742 -68.73 32.44 -20.04
CA GLU B 742 -68.57 33.39 -21.12
C GLU B 742 -68.47 34.82 -20.61
N LEU B 743 -68.93 35.07 -19.39
CA LEU B 743 -68.92 36.40 -18.81
C LEU B 743 -67.71 36.55 -17.90
N ASP B 744 -66.88 37.55 -18.19
CA ASP B 744 -65.68 37.86 -17.40
C ASP B 744 -64.86 36.60 -17.14
N VAL B 745 -64.35 36.05 -18.25
CA VAL B 745 -63.37 34.98 -18.16
C VAL B 745 -62.21 35.39 -17.28
N ARG B 746 -61.88 36.69 -17.27
CA ARG B 746 -60.73 37.16 -16.51
C ARG B 746 -60.85 36.82 -15.04
N ALA B 747 -62.04 37.02 -14.46
CA ALA B 747 -62.24 36.69 -13.06
C ALA B 747 -61.94 35.22 -12.80
N TYR B 748 -62.27 34.35 -13.75
CA TYR B 748 -61.99 32.93 -13.57
C TYR B 748 -60.52 32.61 -13.72
N VAL B 749 -59.78 33.43 -14.44
CA VAL B 749 -58.42 33.10 -14.85
C VAL B 749 -57.52 32.80 -13.64
N PRO B 750 -57.37 33.71 -12.67
CA PRO B 750 -56.34 33.48 -11.64
C PRO B 750 -56.52 32.19 -10.87
N ALA B 751 -57.77 31.87 -10.52
CA ALA B 751 -58.04 30.66 -9.75
C ALA B 751 -57.45 29.44 -10.45
N LEU B 752 -57.73 29.32 -11.75
CA LEU B 752 -57.16 28.23 -12.53
C LEU B 752 -55.65 28.18 -12.36
N GLN B 753 -54.99 29.33 -12.51
CA GLN B 753 -53.55 29.38 -12.29
C GLN B 753 -53.22 28.84 -10.91
N MET B 754 -53.88 29.37 -9.88
CA MET B 754 -53.71 28.85 -8.54
C MET B 754 -53.91 27.35 -8.53
N ALA B 755 -54.99 26.89 -9.15
CA ALA B 755 -55.27 25.45 -9.21
C ALA B 755 -54.08 24.69 -9.75
N PHE B 756 -53.50 25.18 -10.86
CA PHE B 756 -52.37 24.47 -11.44
C PHE B 756 -51.20 24.44 -10.48
N LYS B 757 -50.95 25.56 -9.80
CA LYS B 757 -49.87 25.55 -8.82
C LYS B 757 -50.12 24.50 -7.75
N LEU B 758 -51.39 24.30 -7.40
CA LEU B 758 -51.72 23.26 -6.43
C LEU B 758 -51.64 21.88 -7.05
N GLY B 759 -51.91 21.77 -8.36
CA GLY B 759 -51.97 20.47 -9.00
C GLY B 759 -50.69 19.69 -8.89
N LEU B 760 -49.56 20.38 -8.71
CA LEU B 760 -48.29 19.67 -8.53
C LEU B 760 -48.34 18.77 -7.31
N SER B 761 -48.88 19.27 -6.21
CA SER B 761 -48.93 18.47 -4.99
C SER B 761 -50.18 17.60 -4.92
N TYR B 762 -51.11 17.75 -5.86
CA TYR B 762 -52.31 16.92 -5.85
C TYR B 762 -52.81 16.82 -7.29
N THR B 763 -52.55 15.67 -7.91
CA THR B 763 -52.79 15.53 -9.34
C THR B 763 -54.24 15.73 -9.77
N PRO B 764 -55.26 15.20 -9.09
CA PRO B 764 -56.62 15.30 -9.64
C PRO B 764 -57.07 16.73 -9.89
N LEU B 765 -56.65 17.68 -9.06
CA LEU B 765 -56.97 19.06 -9.34
C LEU B 765 -56.35 19.51 -10.67
N ALA B 766 -55.08 19.18 -10.89
CA ALA B 766 -54.44 19.55 -12.14
C ALA B 766 -55.16 18.91 -13.32
N GLU B 767 -55.55 17.65 -13.17
CA GLU B 767 -56.22 16.95 -14.26
C GLU B 767 -57.56 17.60 -14.59
N VAL B 768 -58.34 17.93 -13.57
CA VAL B 768 -59.67 18.48 -13.81
C VAL B 768 -59.57 19.90 -14.38
N GLY B 769 -58.61 20.69 -13.89
CA GLY B 769 -58.38 21.98 -14.49
C GLY B 769 -57.93 21.87 -15.93
N LEU B 770 -57.14 20.84 -16.22
CA LEU B 770 -56.77 20.54 -17.59
C LEU B 770 -58.01 20.32 -18.43
N ASN B 771 -58.94 19.51 -17.93
CA ASN B 771 -60.16 19.24 -18.68
C ASN B 771 -60.93 20.53 -18.95
N ALA B 772 -61.05 21.37 -17.92
CA ALA B 772 -61.79 22.62 -18.07
C ALA B 772 -61.12 23.50 -19.12
N LEU B 773 -59.79 23.56 -19.11
CA LEU B 773 -59.09 24.36 -20.10
C LEU B 773 -59.34 23.83 -21.50
N GLU B 774 -59.33 22.50 -21.65
CA GLU B 774 -59.66 21.91 -22.94
C GLU B 774 -61.02 22.39 -23.41
N GLU B 775 -62.02 22.29 -22.54
CA GLU B 775 -63.37 22.68 -22.93
C GLU B 775 -63.42 24.15 -23.33
N TRP B 776 -62.78 25.02 -22.54
CA TRP B 776 -62.85 26.44 -22.82
C TRP B 776 -62.18 26.75 -24.15
N SER B 777 -61.04 26.12 -24.42
CA SER B 777 -60.42 26.26 -25.72
C SER B 777 -61.36 25.78 -26.82
N ILE B 778 -62.12 24.73 -26.54
CA ILE B 778 -62.99 24.15 -27.56
C ILE B 778 -64.10 25.12 -27.94
N TYR B 779 -64.82 25.63 -26.94
CA TYR B 779 -66.08 26.29 -27.23
C TYR B 779 -65.98 27.80 -27.33
N ILE B 780 -65.34 28.45 -26.35
CA ILE B 780 -65.26 29.91 -26.38
C ILE B 780 -64.37 30.33 -27.55
N ASP B 781 -64.72 31.44 -28.19
CA ASP B 781 -63.93 31.90 -29.34
C ASP B 781 -62.56 32.41 -28.93
N ARG B 782 -61.55 32.01 -29.69
CA ARG B 782 -60.17 32.24 -29.29
C ARG B 782 -59.82 33.72 -29.24
N HIS B 783 -60.52 34.55 -30.01
CA HIS B 783 -60.20 35.97 -30.07
C HIS B 783 -60.17 36.58 -28.68
N VAL B 784 -61.15 36.25 -27.85
CA VAL B 784 -61.19 36.83 -26.51
C VAL B 784 -60.15 36.19 -25.60
N MET B 785 -59.78 34.92 -25.83
CA MET B 785 -58.80 34.33 -24.93
C MET B 785 -57.37 34.67 -25.28
N GLN B 786 -57.10 35.32 -26.41
CA GLN B 786 -55.73 35.68 -26.76
C GLN B 786 -55.00 36.43 -25.65
N PRO B 787 -55.52 37.55 -25.12
CA PRO B 787 -54.67 38.40 -24.28
C PRO B 787 -54.12 37.70 -23.05
N TYR B 788 -54.81 36.72 -22.50
CA TYR B 788 -54.38 36.06 -21.28
C TYR B 788 -53.87 34.65 -21.54
N TYR B 789 -53.71 34.25 -22.80
CA TYR B 789 -52.98 33.01 -23.06
C TYR B 789 -51.60 33.03 -22.45
N LYS B 790 -50.89 34.16 -22.56
CA LYS B 790 -49.58 34.27 -21.94
C LYS B 790 -49.67 34.01 -20.45
N ASP B 791 -50.83 34.27 -19.85
CA ASP B 791 -50.98 34.03 -18.42
C ASP B 791 -51.04 32.55 -18.10
N ILE B 792 -51.64 31.75 -18.97
CA ILE B 792 -51.95 30.38 -18.61
C ILE B 792 -50.86 29.39 -19.01
N LEU B 793 -50.09 29.70 -20.05
CA LEU B 793 -49.07 28.77 -20.51
C LEU B 793 -48.00 28.45 -19.47
N PRO B 794 -47.33 29.43 -18.85
CA PRO B 794 -46.12 29.09 -18.09
C PRO B 794 -46.34 28.16 -16.92
N CYS B 795 -47.49 28.27 -16.26
CA CYS B 795 -47.72 27.50 -15.04
C CYS B 795 -47.72 26.00 -15.28
N LEU B 796 -47.86 25.56 -16.53
CA LEU B 796 -47.83 24.13 -16.81
C LEU B 796 -46.43 23.57 -16.88
N ASP B 797 -45.41 24.42 -16.88
CA ASP B 797 -44.06 23.91 -17.09
C ASP B 797 -43.58 23.05 -15.92
N GLY B 798 -44.08 23.32 -14.72
CA GLY B 798 -43.63 22.56 -13.56
C GLY B 798 -43.86 21.08 -13.72
N TYR B 799 -45.00 20.71 -14.32
CA TYR B 799 -45.24 19.31 -14.66
C TYR B 799 -44.21 18.82 -15.67
N LEU B 800 -43.88 19.67 -16.64
CA LEU B 800 -42.95 19.30 -17.70
C LEU B 800 -41.50 19.36 -17.25
N LYS B 801 -41.25 19.43 -15.95
CA LYS B 801 -39.91 19.75 -15.48
C LYS B 801 -38.92 18.64 -15.82
N THR B 802 -39.31 17.38 -15.68
CA THR B 802 -38.37 16.29 -15.90
C THR B 802 -39.17 15.01 -16.15
N SER B 803 -38.45 13.89 -16.14
CA SER B 803 -39.03 12.58 -16.40
C SER B 803 -38.62 11.59 -15.34
N PHE B 826 -46.62 -19.65 -10.55
CA PHE B 826 -47.13 -18.29 -10.43
C PHE B 826 -47.24 -17.68 -11.82
N ASN B 827 -46.17 -17.82 -12.60
CA ASN B 827 -46.15 -17.27 -13.94
C ASN B 827 -45.37 -18.15 -14.90
N LYS B 828 -45.08 -19.39 -14.54
CA LYS B 828 -44.16 -20.20 -15.32
C LYS B 828 -44.77 -20.58 -16.66
N VAL B 829 -43.89 -20.92 -17.60
CA VAL B 829 -44.30 -21.25 -18.96
C VAL B 829 -45.29 -22.39 -18.98
N VAL B 830 -45.36 -23.16 -17.88
CA VAL B 830 -46.37 -24.19 -17.76
C VAL B 830 -47.75 -23.58 -17.95
N LEU B 831 -48.58 -24.26 -18.74
CA LEU B 831 -49.95 -23.80 -18.93
C LEU B 831 -50.74 -24.09 -17.66
N LYS B 832 -50.85 -23.09 -16.80
CA LYS B 832 -51.65 -23.21 -15.59
C LYS B 832 -53.10 -22.82 -15.81
N HIS B 833 -53.46 -22.53 -17.06
CA HIS B 833 -54.75 -21.97 -17.46
C HIS B 833 -54.90 -20.56 -16.94
N LEU B 834 -53.93 -20.08 -16.16
CA LEU B 834 -53.78 -18.67 -15.84
C LEU B 834 -55.06 -18.11 -15.21
N LYS B 835 -55.57 -18.83 -14.21
CA LYS B 835 -56.62 -18.28 -13.38
C LYS B 835 -56.14 -16.99 -12.72
N LYS B 836 -54.83 -16.83 -12.55
CA LYS B 836 -54.28 -15.54 -12.15
C LYS B 836 -54.72 -14.46 -13.12
N THR B 837 -54.58 -14.72 -14.42
CA THR B 837 -55.04 -13.76 -15.42
C THR B 837 -56.56 -13.76 -15.55
N LYS B 838 -57.24 -14.79 -15.04
CA LYS B 838 -58.70 -14.76 -15.06
C LYS B 838 -59.22 -13.57 -14.28
N ASN B 839 -58.47 -13.12 -13.28
CA ASN B 839 -58.80 -11.88 -12.60
C ASN B 839 -58.59 -10.70 -13.54
N LEU B 840 -59.49 -9.73 -13.47
CA LEU B 840 -59.41 -8.55 -14.31
C LEU B 840 -58.13 -7.77 -14.01
N SER B 847 -52.15 8.78 -11.52
CA SER B 847 -50.71 8.87 -11.33
C SER B 847 -50.17 10.20 -11.82
N LEU B 848 -49.07 10.15 -12.54
CA LEU B 848 -48.43 11.34 -13.10
C LEU B 848 -48.16 11.22 -14.59
N GLU B 849 -47.76 10.04 -15.06
CA GLU B 849 -47.50 9.88 -16.48
C GLU B 849 -48.75 10.13 -17.30
N GLU B 850 -49.89 9.64 -16.82
CA GLU B 850 -51.17 10.03 -17.39
C GLU B 850 -51.28 11.55 -17.46
N ILE B 851 -50.90 12.22 -16.37
CA ILE B 851 -51.06 13.67 -16.29
C ILE B 851 -50.20 14.35 -17.34
N ARG B 852 -48.92 14.01 -17.38
CA ARG B 852 -48.02 14.71 -18.30
C ARG B 852 -48.36 14.39 -19.75
N ILE B 853 -48.75 13.15 -20.01
CA ILE B 853 -49.17 12.78 -21.35
C ILE B 853 -50.36 13.61 -21.79
N ARG B 854 -51.38 13.68 -20.93
CA ARG B 854 -52.55 14.47 -21.30
C ARG B 854 -52.21 15.94 -21.41
N VAL B 855 -51.24 16.40 -20.61
CA VAL B 855 -50.87 17.81 -20.65
C VAL B 855 -50.24 18.15 -21.99
N VAL B 856 -49.28 17.34 -22.44
CA VAL B 856 -48.66 17.63 -23.72
C VAL B 856 -49.67 17.44 -24.84
N GLN B 857 -50.58 16.48 -24.69
CA GLN B 857 -51.63 16.29 -25.69
C GLN B 857 -52.47 17.54 -25.81
N MET B 858 -52.91 18.09 -24.68
CA MET B 858 -53.67 19.33 -24.69
C MET B 858 -52.86 20.46 -25.32
N LEU B 859 -51.57 20.54 -24.98
CA LEU B 859 -50.72 21.59 -25.50
C LEU B 859 -50.71 21.57 -27.02
N GLY B 860 -50.44 20.41 -27.59
CA GLY B 860 -50.50 20.30 -29.04
C GLY B 860 -51.89 20.54 -29.58
N SER B 861 -52.91 20.20 -28.79
CA SER B 861 -54.28 20.42 -29.22
C SER B 861 -54.58 21.90 -29.35
N LEU B 862 -53.94 22.74 -28.55
CA LEU B 862 -54.20 24.17 -28.63
C LEU B 862 -53.77 24.74 -29.98
N GLY B 863 -52.63 24.30 -30.48
CA GLY B 863 -52.01 24.97 -31.60
C GLY B 863 -50.91 25.87 -31.10
N GLY B 864 -49.76 25.85 -31.78
CA GLY B 864 -48.58 26.50 -31.26
C GLY B 864 -48.71 28.01 -31.12
N GLN B 865 -49.65 28.63 -31.84
CA GLN B 865 -49.81 30.07 -31.72
C GLN B 865 -50.25 30.46 -30.32
N ILE B 866 -50.85 29.54 -29.59
CA ILE B 866 -51.09 29.73 -28.17
C ILE B 866 -49.92 29.19 -27.36
N ASN B 867 -49.35 28.08 -27.81
CA ASN B 867 -48.36 27.37 -27.01
C ASN B 867 -47.09 28.17 -26.84
N LYS B 868 -46.71 28.95 -27.85
CA LYS B 868 -45.50 29.75 -27.78
C LYS B 868 -45.56 30.78 -26.67
N ASN B 869 -46.76 31.07 -26.17
CA ASN B 869 -46.89 31.92 -24.98
C ASN B 869 -46.26 31.29 -23.76
N LEU B 870 -45.79 30.05 -23.87
CA LEU B 870 -45.03 29.44 -22.79
C LEU B 870 -43.80 30.27 -22.46
N LEU B 871 -43.21 30.92 -23.46
CA LEU B 871 -42.03 31.74 -23.25
C LEU B 871 -42.31 33.21 -23.53
N MET B 879 -36.94 41.09 -24.64
CA MET B 879 -37.15 41.76 -23.38
C MET B 879 -35.83 41.80 -22.59
N MET B 880 -35.91 42.16 -21.31
CA MET B 880 -34.70 42.27 -20.49
C MET B 880 -34.00 40.92 -20.35
N LYS B 881 -34.70 39.82 -20.63
CA LYS B 881 -34.24 38.45 -20.79
C LYS B 881 -33.83 37.84 -19.44
N SER B 882 -33.70 38.68 -18.42
CA SER B 882 -33.68 38.23 -17.03
C SER B 882 -32.63 37.15 -16.76
N TYR B 883 -31.41 37.35 -17.26
CA TYR B 883 -30.28 36.58 -16.74
C TYR B 883 -29.04 37.44 -16.85
N VAL B 884 -28.46 37.79 -15.71
CA VAL B 884 -27.31 38.68 -15.69
C VAL B 884 -26.24 38.16 -14.75
N ALA B 885 -26.32 36.87 -14.39
CA ALA B 885 -25.36 36.27 -13.45
C ALA B 885 -25.41 37.00 -12.11
N TRP B 886 -26.49 36.73 -11.38
CA TRP B 886 -27.05 37.58 -10.34
C TRP B 886 -26.01 38.42 -9.60
N ASP B 887 -24.95 37.79 -9.12
CA ASP B 887 -23.88 38.49 -8.43
C ASP B 887 -22.65 38.52 -9.32
N ARG B 888 -22.06 39.70 -9.48
CA ARG B 888 -20.87 39.83 -10.30
C ARG B 888 -19.73 38.98 -9.77
N GLU B 889 -19.72 38.72 -8.47
CA GLU B 889 -18.66 37.96 -7.82
C GLU B 889 -19.18 36.58 -7.45
N LYS B 890 -18.40 35.54 -7.75
CA LYS B 890 -18.75 34.19 -7.34
C LYS B 890 -18.49 34.04 -5.85
N ARG B 891 -19.29 34.72 -5.04
CA ARG B 891 -19.10 34.83 -3.61
C ARG B 891 -19.64 33.63 -2.85
N LEU B 892 -19.75 32.48 -3.51
CA LEU B 892 -20.18 31.24 -2.88
C LEU B 892 -19.06 30.22 -2.87
N SER B 893 -17.84 30.69 -2.58
CA SER B 893 -16.69 29.81 -2.57
C SER B 893 -16.87 28.67 -1.59
N PHE B 894 -16.52 27.46 -2.03
CA PHE B 894 -16.56 26.30 -1.15
C PHE B 894 -15.57 25.29 -1.66
N ALA B 895 -14.57 24.97 -0.85
CA ALA B 895 -13.58 23.96 -1.19
C ALA B 895 -14.11 22.60 -0.74
N VAL B 896 -14.32 21.71 -1.70
CA VAL B 896 -14.85 20.38 -1.37
C VAL B 896 -13.77 19.57 -0.67
N PRO B 897 -14.11 18.80 0.36
CA PRO B 897 -13.09 17.98 1.04
C PRO B 897 -12.57 16.87 0.14
N PHE B 898 -11.35 16.45 0.45
CA PHE B 898 -10.72 15.27 -0.13
C PHE B 898 -9.62 14.81 0.82
N ARG B 899 -8.73 13.98 0.32
CA ARG B 899 -7.54 13.59 1.06
C ARG B 899 -6.27 14.15 0.45
N GLU B 900 -6.37 14.85 -0.68
CA GLU B 900 -5.18 15.36 -1.36
C GLU B 900 -5.32 16.83 -1.69
N MET B 901 -6.56 17.28 -1.92
CA MET B 901 -6.78 18.65 -2.38
C MET B 901 -8.16 19.11 -1.97
N LYS B 902 -8.39 20.41 -2.15
CA LYS B 902 -9.67 21.04 -1.79
C LYS B 902 -10.11 21.97 -2.92
N PRO B 903 -10.54 21.42 -4.04
CA PRO B 903 -11.03 22.28 -5.13
C PRO B 903 -12.25 23.07 -4.68
N VAL B 904 -12.29 24.32 -5.10
CA VAL B 904 -13.28 25.28 -4.63
C VAL B 904 -14.43 25.34 -5.63
N ILE B 905 -15.66 25.36 -5.11
CA ILE B 905 -16.86 25.42 -5.94
C ILE B 905 -17.67 26.64 -5.57
N PHE B 906 -18.08 27.40 -6.58
CA PHE B 906 -18.99 28.52 -6.42
C PHE B 906 -20.39 28.02 -6.75
N LEU B 907 -21.16 27.71 -5.72
CA LEU B 907 -22.46 27.10 -5.92
C LEU B 907 -23.48 28.06 -6.47
N ASP B 908 -23.02 29.27 -6.78
CA ASP B 908 -23.89 30.31 -7.30
C ASP B 908 -24.67 29.83 -8.51
N VAL B 909 -24.00 29.11 -9.42
CA VAL B 909 -24.60 28.73 -10.69
C VAL B 909 -25.86 27.90 -10.47
N PHE B 910 -25.91 27.16 -9.38
CA PHE B 910 -27.05 26.29 -9.12
C PHE B 910 -28.27 27.07 -8.68
N LEU B 911 -28.05 28.24 -8.10
CA LEU B 911 -29.07 29.06 -7.45
C LEU B 911 -30.38 29.12 -8.23
N PRO B 912 -30.41 29.65 -9.47
CA PRO B 912 -31.70 29.75 -10.16
C PRO B 912 -32.32 28.39 -10.31
N ARG B 913 -31.57 27.50 -10.95
CA ARG B 913 -32.01 26.13 -11.14
C ARG B 913 -32.52 25.53 -9.83
N VAL B 914 -31.66 25.49 -8.82
CA VAL B 914 -32.05 24.82 -7.59
C VAL B 914 -33.30 25.46 -7.01
N THR B 915 -33.49 26.75 -7.23
CA THR B 915 -34.72 27.37 -6.76
C THR B 915 -35.92 26.86 -7.54
N GLU B 916 -35.88 26.98 -8.87
CA GLU B 916 -37.07 26.72 -9.66
C GLU B 916 -37.55 25.29 -9.47
N LEU B 917 -36.62 24.34 -9.50
CA LEU B 917 -36.99 22.95 -9.23
C LEU B 917 -37.54 22.81 -7.82
N ALA B 918 -36.88 23.43 -6.84
CA ALA B 918 -37.44 23.44 -5.50
C ALA B 918 -38.70 24.27 -5.42
N LEU B 919 -38.88 25.23 -6.32
CA LEU B 919 -40.10 26.01 -6.30
C LEU B 919 -41.27 25.23 -6.88
N THR B 920 -41.10 24.71 -8.09
CA THR B 920 -42.11 23.91 -8.75
C THR B 920 -41.44 22.73 -9.42
N ALA B 921 -41.98 21.54 -9.20
CA ALA B 921 -41.48 20.33 -9.84
C ALA B 921 -42.43 19.18 -9.54
N SER B 922 -42.53 18.26 -10.49
CA SER B 922 -43.20 16.98 -10.24
C SER B 922 -42.23 16.10 -9.46
N ASP B 923 -42.58 14.82 -9.28
CA ASP B 923 -41.70 13.86 -8.66
C ASP B 923 -41.29 14.32 -7.26
N ARG B 924 -42.28 14.30 -6.36
CA ARG B 924 -42.13 14.74 -4.98
C ARG B 924 -40.77 14.40 -4.40
N GLN B 925 -40.23 13.22 -4.74
CA GLN B 925 -38.87 12.90 -4.36
C GLN B 925 -37.90 13.96 -4.83
N THR B 926 -37.98 14.33 -6.11
CA THR B 926 -37.08 15.33 -6.65
C THR B 926 -37.23 16.66 -5.92
N LYS B 927 -38.48 17.11 -5.75
CA LYS B 927 -38.70 18.39 -5.13
C LYS B 927 -38.21 18.41 -3.69
N VAL B 928 -38.44 17.32 -2.96
CA VAL B 928 -38.00 17.26 -1.58
C VAL B 928 -36.48 17.30 -1.51
N ALA B 929 -35.81 16.52 -2.35
CA ALA B 929 -34.35 16.56 -2.35
C ALA B 929 -33.84 17.94 -2.67
N ALA B 930 -34.44 18.58 -3.69
CA ALA B 930 -33.99 19.90 -4.11
C ALA B 930 -34.17 20.92 -3.00
N CYS B 931 -35.33 20.92 -2.35
CA CYS B 931 -35.57 21.91 -1.32
C CYS B 931 -34.73 21.64 -0.09
N GLU B 932 -34.47 20.38 0.24
CA GLU B 932 -33.58 20.07 1.34
C GLU B 932 -32.19 20.60 1.06
N LEU B 933 -31.69 20.38 -0.16
CA LEU B 933 -30.36 20.88 -0.49
C LEU B 933 -30.35 22.41 -0.50
N LEU B 934 -31.45 23.02 -0.92
CA LEU B 934 -31.54 24.47 -0.89
C LEU B 934 -31.47 24.98 0.54
N HIS B 935 -32.20 24.32 1.45
CA HIS B 935 -32.09 24.65 2.86
C HIS B 935 -30.65 24.58 3.32
N SER B 936 -29.96 23.50 2.96
CA SER B 936 -28.58 23.34 3.39
C SER B 936 -27.71 24.46 2.84
N MET B 937 -27.88 24.82 1.57
CA MET B 937 -26.97 25.80 0.97
C MET B 937 -27.23 27.19 1.53
N VAL B 938 -28.49 27.55 1.73
CA VAL B 938 -28.76 28.86 2.31
C VAL B 938 -28.26 28.89 3.75
N MET B 939 -28.42 27.78 4.46
CA MET B 939 -27.86 27.64 5.79
C MET B 939 -26.37 27.96 5.77
N PHE B 940 -25.66 27.34 4.84
CA PHE B 940 -24.22 27.55 4.74
C PHE B 940 -23.90 29.00 4.43
N MET B 941 -24.54 29.57 3.42
CA MET B 941 -24.16 30.92 3.01
C MET B 941 -24.42 31.92 4.11
N LEU B 942 -25.55 31.80 4.80
CA LEU B 942 -25.78 32.70 5.92
C LEU B 942 -24.79 32.43 7.03
N GLY B 943 -24.28 31.21 7.13
CA GLY B 943 -23.09 30.99 7.93
C GLY B 943 -21.88 31.69 7.35
N LYS B 944 -21.74 31.66 6.03
CA LYS B 944 -20.64 32.35 5.38
C LYS B 944 -20.75 33.86 5.48
N ALA B 945 -21.92 34.37 5.85
CA ALA B 945 -22.06 35.82 6.00
C ALA B 945 -21.03 36.37 6.96
N THR B 946 -20.61 35.58 7.94
CA THR B 946 -19.47 35.92 8.77
C THR B 946 -18.24 35.93 7.88
N GLN B 947 -17.84 37.12 7.44
CA GLN B 947 -16.78 37.27 6.47
C GLN B 947 -16.26 38.69 6.54
N MET B 948 -15.46 39.10 5.55
CA MET B 948 -14.98 40.46 5.55
C MET B 948 -16.15 41.41 5.36
N PRO B 949 -16.22 42.50 6.13
CA PRO B 949 -17.10 43.60 5.73
C PRO B 949 -16.52 44.29 4.51
N PRO B 956 -22.68 44.93 1.56
CA PRO B 956 -23.35 44.47 0.34
C PRO B 956 -22.97 43.03 0.02
N PRO B 957 -22.94 42.14 1.02
CA PRO B 957 -22.24 40.87 0.84
C PRO B 957 -22.93 39.94 -0.15
N MET B 958 -24.19 39.60 0.13
CA MET B 958 -25.07 38.86 -0.75
C MET B 958 -26.35 39.64 -0.95
N TYR B 959 -26.20 40.96 -1.01
CA TYR B 959 -27.34 41.86 -1.13
C TYR B 959 -28.22 41.48 -2.31
N GLN B 960 -27.64 41.39 -3.49
CA GLN B 960 -28.38 40.94 -4.65
C GLN B 960 -28.85 39.51 -4.48
N LEU B 961 -28.02 38.68 -3.87
CA LEU B 961 -28.43 37.31 -3.62
C LEU B 961 -29.63 37.26 -2.71
N TYR B 962 -29.65 38.10 -1.67
CA TYR B 962 -30.81 38.17 -0.80
C TYR B 962 -32.04 38.62 -1.57
N LYS B 963 -31.88 39.64 -2.41
CA LYS B 963 -32.99 40.09 -3.24
C LYS B 963 -33.55 38.92 -4.04
N ARG B 964 -32.67 38.13 -4.64
CA ARG B 964 -33.10 36.98 -5.42
C ARG B 964 -33.85 35.98 -4.54
N THR B 965 -33.28 35.66 -3.38
CA THR B 965 -33.71 34.46 -2.69
C THR B 965 -34.91 34.69 -1.79
N PHE B 966 -35.00 35.83 -1.12
CA PHE B 966 -36.03 36.00 -0.09
C PHE B 966 -37.44 35.74 -0.59
N PRO B 967 -37.88 36.28 -1.74
CA PRO B 967 -39.24 35.94 -2.18
C PRO B 967 -39.41 34.45 -2.42
N VAL B 968 -38.37 33.81 -2.96
CA VAL B 968 -38.41 32.37 -3.15
C VAL B 968 -38.54 31.67 -1.82
N LEU B 969 -37.75 32.10 -0.84
CA LEU B 969 -37.80 31.49 0.47
C LEU B 969 -39.19 31.60 1.07
N LEU B 970 -39.80 32.77 0.96
CA LEU B 970 -41.08 32.97 1.60
C LEU B 970 -42.18 32.19 0.89
N ARG B 971 -42.14 32.14 -0.43
CA ARG B 971 -43.13 31.34 -1.14
C ARG B 971 -42.98 29.87 -0.79
N LEU B 972 -41.75 29.40 -0.65
CA LEU B 972 -41.53 28.02 -0.26
C LEU B 972 -41.90 27.77 1.19
N ALA B 973 -41.90 28.81 2.03
CA ALA B 973 -42.30 28.60 3.41
C ALA B 973 -43.80 28.39 3.53
N CYS B 974 -44.59 28.98 2.62
CA CYS B 974 -46.03 28.81 2.57
C CYS B 974 -46.44 27.84 1.48
N ASP B 975 -45.63 26.83 1.22
CA ASP B 975 -45.83 25.96 0.07
C ASP B 975 -46.98 25.00 0.32
N VAL B 976 -47.08 23.98 -0.52
CA VAL B 976 -48.21 23.05 -0.48
C VAL B 976 -47.82 21.70 0.10
N ASP B 977 -46.56 21.47 0.41
CA ASP B 977 -46.17 20.21 1.02
C ASP B 977 -46.05 20.36 2.54
N GLN B 978 -46.38 19.29 3.23
CA GLN B 978 -46.33 19.27 4.70
C GLN B 978 -44.91 19.42 5.20
N VAL B 979 -44.00 18.58 4.72
CA VAL B 979 -42.65 18.55 5.28
C VAL B 979 -41.90 19.84 4.95
N THR B 980 -41.98 20.27 3.71
CA THR B 980 -41.23 21.44 3.29
C THR B 980 -41.69 22.68 4.05
N ARG B 981 -43.00 22.84 4.21
CA ARG B 981 -43.51 23.95 5.00
C ARG B 981 -43.08 23.83 6.45
N GLN B 982 -43.18 22.63 7.03
CA GLN B 982 -42.90 22.51 8.45
C GLN B 982 -41.41 22.67 8.75
N LEU B 983 -40.56 22.58 7.74
CA LEU B 983 -39.15 22.82 7.97
C LEU B 983 -38.65 24.14 7.39
N TYR B 984 -39.48 24.88 6.67
CA TYR B 984 -39.13 26.26 6.33
C TYR B 984 -39.75 27.31 7.24
N GLU B 985 -40.98 27.12 7.70
CA GLU B 985 -41.54 28.12 8.61
C GLU B 985 -40.65 28.33 9.83
N PRO B 986 -40.18 27.29 10.54
CA PRO B 986 -39.20 27.56 11.61
C PRO B 986 -37.94 28.20 11.08
N LEU B 987 -37.53 27.84 9.86
CA LEU B 987 -36.33 28.43 9.29
C LEU B 987 -36.49 29.93 9.11
N VAL B 988 -37.61 30.36 8.52
CA VAL B 988 -37.80 31.78 8.29
C VAL B 988 -38.00 32.51 9.61
N MET B 989 -38.61 31.86 10.60
CA MET B 989 -38.70 32.49 11.91
C MET B 989 -37.33 32.72 12.51
N GLN B 990 -36.46 31.73 12.43
CA GLN B 990 -35.10 31.91 12.92
C GLN B 990 -34.37 32.98 12.11
N LEU B 991 -34.66 33.05 10.82
CA LEU B 991 -34.06 34.07 9.98
C LEU B 991 -34.48 35.45 10.44
N ILE B 992 -35.75 35.61 10.79
CA ILE B 992 -36.22 36.87 11.35
C ILE B 992 -35.48 37.15 12.65
N HIS B 993 -35.38 36.13 13.50
CA HIS B 993 -34.76 36.30 14.80
C HIS B 993 -33.34 36.81 14.65
N TRP B 994 -32.60 36.23 13.71
CA TRP B 994 -31.26 36.70 13.39
C TRP B 994 -31.32 38.13 12.88
N PHE B 995 -32.00 38.33 11.75
CA PHE B 995 -32.07 39.64 11.15
C PHE B 995 -33.13 40.46 11.86
N THR B 996 -33.07 40.43 13.18
CA THR B 996 -33.58 41.52 13.98
C THR B 996 -32.64 41.80 15.14
N ASN B 997 -31.39 41.34 15.03
CA ASN B 997 -30.41 41.57 16.08
C ASN B 997 -29.82 42.97 15.97
N ASN B 998 -29.20 43.40 17.06
CA ASN B 998 -28.47 44.66 17.05
C ASN B 998 -27.27 44.58 16.12
N LYS B 999 -26.59 43.43 16.09
CA LYS B 999 -25.55 43.22 15.10
C LYS B 999 -26.10 42.89 13.74
N LYS B 1000 -27.38 42.55 13.65
CA LYS B 1000 -28.04 42.30 12.37
C LYS B 1000 -29.13 43.33 12.20
N PHE B 1001 -28.78 44.59 12.42
CA PHE B 1001 -29.76 45.64 12.64
C PHE B 1001 -30.04 46.48 11.41
N GLU B 1002 -29.13 46.52 10.44
CA GLU B 1002 -29.28 47.46 9.33
C GLU B 1002 -28.70 46.85 8.06
N SER B 1003 -29.04 47.48 6.94
CA SER B 1003 -28.40 47.27 5.65
C SER B 1003 -28.78 45.96 5.00
N GLN B 1004 -29.40 45.06 5.76
CA GLN B 1004 -29.96 43.84 5.20
C GLN B 1004 -31.32 43.49 5.77
N ASP B 1005 -31.67 43.97 6.96
CA ASP B 1005 -33.06 43.90 7.39
C ASP B 1005 -33.96 44.54 6.37
N THR B 1006 -33.46 45.61 5.73
CA THR B 1006 -34.15 46.26 4.63
C THR B 1006 -34.73 45.23 3.66
N VAL B 1007 -33.87 44.36 3.15
CA VAL B 1007 -34.31 43.41 2.12
C VAL B 1007 -35.36 42.48 2.68
N ALA B 1008 -35.09 41.91 3.85
CA ALA B 1008 -36.00 40.91 4.40
C ALA B 1008 -37.37 41.50 4.64
N LEU B 1009 -37.45 42.62 5.35
CA LEU B 1009 -38.75 43.20 5.64
C LEU B 1009 -39.41 43.73 4.38
N LEU B 1010 -38.63 44.29 3.46
CA LEU B 1010 -39.20 44.82 2.23
C LEU B 1010 -39.87 43.73 1.44
N GLU B 1011 -39.17 42.61 1.25
CA GLU B 1011 -39.78 41.48 0.57
C GLU B 1011 -40.97 40.96 1.36
N ALA B 1012 -40.83 40.84 2.68
CA ALA B 1012 -41.92 40.35 3.51
C ALA B 1012 -43.10 41.31 3.52
N ILE B 1013 -42.92 42.53 3.03
CA ILE B 1013 -44.02 43.46 2.86
C ILE B 1013 -44.64 43.23 1.49
N LEU B 1014 -43.85 43.41 0.45
CA LEU B 1014 -44.36 43.40 -0.91
C LEU B 1014 -44.92 42.06 -1.32
N ASP B 1015 -44.66 41.01 -0.54
CA ASP B 1015 -44.92 39.65 -0.99
C ASP B 1015 -46.41 39.34 -1.05
N GLY B 1016 -47.05 39.27 0.11
CA GLY B 1016 -48.41 38.78 0.19
C GLY B 1016 -49.33 39.90 0.58
N ILE B 1017 -48.76 40.95 1.15
CA ILE B 1017 -49.53 42.15 1.38
C ILE B 1017 -49.96 42.75 0.05
N VAL B 1018 -49.14 42.61 -0.98
CA VAL B 1018 -49.52 42.92 -2.36
C VAL B 1018 -49.16 41.72 -3.21
N ASP B 1019 -50.17 41.01 -3.69
CA ASP B 1019 -49.96 39.86 -4.55
C ASP B 1019 -51.26 39.55 -5.25
N PRO B 1020 -51.21 38.99 -6.46
CA PRO B 1020 -52.47 38.64 -7.14
C PRO B 1020 -53.17 37.46 -6.51
N VAL B 1021 -52.42 36.49 -5.99
CA VAL B 1021 -53.00 35.22 -5.54
C VAL B 1021 -52.39 34.80 -4.20
N ASP B 1022 -52.71 33.59 -3.77
CA ASP B 1022 -52.13 32.97 -2.58
C ASP B 1022 -52.44 33.78 -1.31
N SER B 1023 -53.72 33.76 -0.95
CA SER B 1023 -54.12 34.28 0.35
C SER B 1023 -53.34 33.62 1.47
N THR B 1024 -52.95 32.36 1.28
CA THR B 1024 -52.10 31.69 2.26
C THR B 1024 -50.78 32.42 2.41
N LEU B 1025 -50.18 32.84 1.29
CA LEU B 1025 -49.00 33.70 1.36
C LEU B 1025 -49.30 34.95 2.16
N ARG B 1026 -50.47 35.53 1.97
CA ARG B 1026 -50.80 36.78 2.66
C ARG B 1026 -50.85 36.58 4.17
N ASP B 1027 -51.57 35.55 4.61
CA ASP B 1027 -51.63 35.28 6.04
C ASP B 1027 -50.25 34.94 6.60
N PHE B 1028 -49.50 34.13 5.87
CA PHE B 1028 -48.17 33.76 6.32
C PHE B 1028 -47.30 34.99 6.50
N CYS B 1029 -47.31 35.88 5.51
CA CYS B 1029 -46.45 37.05 5.58
C CYS B 1029 -46.92 38.01 6.67
N GLY B 1030 -48.23 38.12 6.88
CA GLY B 1030 -48.70 38.94 7.99
C GLY B 1030 -48.22 38.42 9.33
N ARG B 1031 -48.29 37.10 9.51
CA ARG B 1031 -47.76 36.51 10.75
C ARG B 1031 -46.26 36.75 10.86
N CYS B 1032 -45.56 36.64 9.73
CA CYS B 1032 -44.13 36.92 9.75
C CYS B 1032 -43.85 38.36 10.17
N ILE B 1033 -44.64 39.30 9.66
CA ILE B 1033 -44.41 40.71 9.98
C ILE B 1033 -44.65 40.96 11.46
N ARG B 1034 -45.77 40.47 11.98
CA ARG B 1034 -46.06 40.72 13.39
C ARG B 1034 -45.01 40.07 14.28
N GLU B 1035 -44.61 38.84 13.97
CA GLU B 1035 -43.56 38.19 14.74
C GLU B 1035 -42.26 38.97 14.62
N PHE B 1036 -41.96 39.46 13.43
CA PHE B 1036 -40.75 40.24 13.22
C PHE B 1036 -40.71 41.46 14.12
N LEU B 1037 -41.78 42.24 14.10
CA LEU B 1037 -41.78 43.48 14.88
C LEU B 1037 -41.75 43.17 16.37
N LYS B 1038 -42.50 42.16 16.81
CA LYS B 1038 -42.53 41.86 18.24
C LYS B 1038 -41.18 41.35 18.71
N TRP B 1039 -40.51 40.53 17.90
CA TRP B 1039 -39.19 40.05 18.25
C TRP B 1039 -38.17 41.18 18.23
N SER B 1040 -38.34 42.14 17.32
CA SER B 1040 -37.51 43.33 17.33
C SER B 1040 -37.68 44.06 18.64
N ILE B 1041 -38.93 44.25 19.08
CA ILE B 1041 -39.17 44.92 20.34
C ILE B 1041 -38.51 44.17 21.48
N LYS B 1042 -38.61 42.84 21.45
CA LYS B 1042 -38.03 42.04 22.52
C LYS B 1042 -36.52 42.20 22.57
N GLN B 1043 -35.84 41.86 21.49
CA GLN B 1043 -34.38 41.75 21.54
C GLN B 1043 -33.67 43.03 21.12
N ILE B 1044 -34.39 44.12 20.90
CA ILE B 1044 -33.78 45.41 20.62
C ILE B 1044 -34.39 46.45 21.55
N THR B 1045 -33.55 47.32 22.08
CA THR B 1045 -34.03 48.42 22.91
C THR B 1045 -34.92 49.34 22.08
N PRO B 1046 -36.10 49.70 22.58
CA PRO B 1046 -36.95 50.63 21.82
C PRO B 1046 -36.26 51.95 21.52
N GLN B 1047 -35.32 52.37 22.35
CA GLN B 1047 -34.48 53.51 21.99
C GLN B 1047 -33.72 53.22 20.71
N GLN B 1048 -33.11 52.03 20.63
CA GLN B 1048 -32.42 51.62 19.42
C GLN B 1048 -33.40 51.50 18.26
N GLN B 1049 -34.59 50.96 18.54
CA GLN B 1049 -35.58 50.75 17.48
C GLN B 1049 -36.03 52.07 16.87
N GLU B 1050 -36.23 53.09 17.70
CA GLU B 1050 -36.78 54.34 17.23
C GLU B 1050 -35.70 55.30 16.74
N LYS B 1051 -34.45 55.14 17.19
CA LYS B 1051 -33.38 55.87 16.53
C LYS B 1051 -33.09 55.30 15.15
N SER B 1052 -33.67 54.16 14.79
CA SER B 1052 -33.51 53.46 13.53
C SER B 1052 -34.64 53.82 12.57
N PRO B 1053 -34.32 53.94 11.27
CA PRO B 1053 -35.40 54.06 10.29
C PRO B 1053 -36.32 52.86 10.28
N VAL B 1054 -35.78 51.67 10.54
CA VAL B 1054 -36.60 50.48 10.71
C VAL B 1054 -37.26 50.61 12.07
N ASN B 1055 -38.52 51.05 12.07
CA ASN B 1055 -39.25 51.25 13.31
C ASN B 1055 -40.73 51.11 13.03
N THR B 1056 -41.51 51.20 14.10
CA THR B 1056 -42.95 51.02 13.98
C THR B 1056 -43.57 52.05 13.06
N LYS B 1057 -43.17 53.32 13.22
CA LYS B 1057 -43.81 54.38 12.45
C LYS B 1057 -43.52 54.27 10.96
N SER B 1058 -42.31 53.83 10.61
CA SER B 1058 -42.02 53.59 9.20
C SER B 1058 -42.97 52.56 8.63
N LEU B 1059 -43.16 51.47 9.37
CA LEU B 1059 -44.07 50.42 8.94
C LEU B 1059 -45.48 50.97 8.80
N PHE B 1060 -45.90 51.80 9.75
CA PHE B 1060 -47.24 52.36 9.73
C PHE B 1060 -47.42 53.24 8.51
N LYS B 1061 -46.42 54.06 8.19
CA LYS B 1061 -46.50 54.89 7.01
C LYS B 1061 -46.60 54.05 5.75
N ARG B 1062 -45.84 52.96 5.70
CA ARG B 1062 -45.98 52.04 4.57
C ARG B 1062 -47.39 51.51 4.47
N LEU B 1063 -47.96 51.11 5.60
CA LEU B 1063 -49.32 50.58 5.61
C LEU B 1063 -50.31 51.63 5.16
N TYR B 1064 -50.13 52.87 5.58
CA TYR B 1064 -51.03 53.94 5.17
C TYR B 1064 -50.93 54.17 3.67
N SER B 1065 -49.71 54.14 3.13
CA SER B 1065 -49.54 54.27 1.70
C SER B 1065 -50.26 53.15 0.96
N LEU B 1066 -50.12 51.93 1.45
CA LEU B 1066 -50.75 50.79 0.77
C LEU B 1066 -52.26 50.87 0.85
N ALA B 1067 -52.80 51.01 2.05
CA ALA B 1067 -54.24 51.07 2.24
C ALA B 1067 -54.85 52.33 1.65
N LEU B 1068 -54.03 53.32 1.31
CA LEU B 1068 -54.51 54.53 0.67
C LEU B 1068 -54.41 54.47 -0.85
N HIS B 1069 -53.54 53.61 -1.38
CA HIS B 1069 -53.40 53.52 -2.81
C HIS B 1069 -54.66 52.92 -3.43
N PRO B 1070 -55.05 53.38 -4.61
CA PRO B 1070 -56.19 52.79 -5.33
C PRO B 1070 -55.85 51.43 -5.95
N ASN B 1071 -55.42 50.50 -5.11
CA ASN B 1071 -55.37 49.09 -5.46
C ASN B 1071 -56.07 48.32 -4.36
N ALA B 1072 -56.95 47.41 -4.76
CA ALA B 1072 -57.60 46.56 -3.78
C ALA B 1072 -56.57 45.70 -3.05
N PHE B 1073 -55.60 45.16 -3.78
CA PHE B 1073 -54.64 44.25 -3.17
C PHE B 1073 -53.83 44.95 -2.09
N LYS B 1074 -53.32 46.14 -2.38
CA LYS B 1074 -52.51 46.85 -1.39
C LYS B 1074 -53.33 47.15 -0.15
N ARG B 1075 -54.55 47.63 -0.34
CA ARG B 1075 -55.39 48.00 0.80
C ARG B 1075 -55.71 46.79 1.66
N LEU B 1076 -56.15 45.70 1.02
CA LEU B 1076 -56.50 44.52 1.78
C LEU B 1076 -55.29 43.97 2.51
N GLY B 1077 -54.13 43.97 1.86
CA GLY B 1077 -52.93 43.46 2.51
C GLY B 1077 -52.56 44.29 3.72
N ALA B 1078 -52.59 45.61 3.57
CA ALA B 1078 -52.27 46.48 4.69
C ALA B 1078 -53.22 46.26 5.84
N SER B 1079 -54.52 46.16 5.54
CA SER B 1079 -55.52 45.97 6.57
C SER B 1079 -55.28 44.66 7.32
N LEU B 1080 -55.10 43.56 6.57
CA LEU B 1080 -54.92 42.27 7.23
C LEU B 1080 -53.60 42.21 7.98
N ALA B 1081 -52.56 42.86 7.46
CA ALA B 1081 -51.30 42.90 8.19
C ALA B 1081 -51.48 43.62 9.51
N PHE B 1082 -52.21 44.73 9.50
CA PHE B 1082 -52.51 45.39 10.76
C PHE B 1082 -53.33 44.49 11.66
N ASN B 1083 -54.24 43.71 11.07
CA ASN B 1083 -55.02 42.77 11.86
C ASN B 1083 -54.10 41.79 12.58
N ASN B 1084 -53.09 41.30 11.88
CA ASN B 1084 -52.12 40.41 12.49
C ASN B 1084 -51.37 41.11 13.62
N ILE B 1085 -50.85 42.31 13.35
CA ILE B 1085 -50.06 43.01 14.34
C ILE B 1085 -50.90 43.54 15.50
N TYR B 1086 -52.22 43.55 15.34
CA TYR B 1086 -53.08 44.09 16.38
C TYR B 1086 -52.92 43.36 17.70
N ARG B 1087 -52.60 42.07 17.65
CA ARG B 1087 -52.51 41.29 18.88
C ARG B 1087 -51.47 41.88 19.83
N GLU B 1088 -50.36 42.35 19.29
CA GLU B 1088 -49.41 43.08 20.11
C GLU B 1088 -49.72 44.56 20.20
N PHE B 1089 -50.35 45.12 19.16
CA PHE B 1089 -50.52 46.55 19.13
C PHE B 1089 -51.51 47.02 20.18
N ARG B 1090 -52.50 46.19 20.48
CA ARG B 1090 -53.36 46.48 21.63
C ARG B 1090 -52.53 46.50 22.91
N GLU B 1091 -51.62 45.56 23.06
CA GLU B 1091 -50.70 45.56 24.18
C GLU B 1091 -49.71 46.70 24.08
N GLU B 1092 -49.47 47.22 22.88
CA GLU B 1092 -48.70 48.44 22.74
C GLU B 1092 -49.54 49.61 23.24
N GLU B 1093 -48.91 50.49 24.03
CA GLU B 1093 -49.63 51.59 24.67
C GLU B 1093 -49.12 52.96 24.23
N SER B 1094 -47.82 53.21 24.28
CA SER B 1094 -47.31 54.52 23.95
C SER B 1094 -47.63 54.90 22.51
N LEU B 1095 -47.40 53.97 21.59
CA LEU B 1095 -47.63 54.26 20.17
C LEU B 1095 -49.10 54.48 19.88
N VAL B 1096 -49.99 53.68 20.48
CA VAL B 1096 -51.40 53.88 20.25
C VAL B 1096 -51.84 55.22 20.84
N GLU B 1097 -51.28 55.59 21.99
CA GLU B 1097 -51.47 56.96 22.48
C GLU B 1097 -50.98 57.96 21.44
N GLN B 1098 -49.95 57.60 20.70
CA GLN B 1098 -49.44 58.46 19.63
C GLN B 1098 -50.16 58.22 18.31
N PHE B 1099 -50.75 57.04 18.11
CA PHE B 1099 -51.29 56.67 16.81
C PHE B 1099 -52.60 55.91 16.97
N VAL B 1100 -53.73 56.61 16.86
CA VAL B 1100 -55.00 55.95 16.60
C VAL B 1100 -55.72 56.60 15.42
N PHE B 1101 -55.97 57.91 15.52
CA PHE B 1101 -56.82 58.58 14.54
C PHE B 1101 -56.21 58.52 13.16
N GLU B 1102 -54.88 58.44 13.08
CA GLU B 1102 -54.19 58.33 11.81
C GLU B 1102 -54.69 57.12 11.05
N ALA B 1103 -54.46 55.93 11.62
CA ALA B 1103 -54.91 54.71 10.99
C ALA B 1103 -56.43 54.65 10.89
N LEU B 1104 -57.14 55.30 11.81
CA LEU B 1104 -58.59 55.29 11.74
C LEU B 1104 -59.08 55.94 10.46
N VAL B 1105 -58.61 57.17 10.20
CA VAL B 1105 -59.03 57.84 8.98
C VAL B 1105 -58.46 57.13 7.76
N ILE B 1106 -57.26 56.56 7.89
CA ILE B 1106 -56.68 55.82 6.78
C ILE B 1106 -57.57 54.65 6.39
N TYR B 1107 -58.09 53.93 7.37
CA TYR B 1107 -58.94 52.80 7.07
C TYR B 1107 -60.34 53.23 6.64
N MET B 1108 -60.80 54.39 7.10
CA MET B 1108 -62.02 54.95 6.56
C MET B 1108 -61.87 55.17 5.06
N GLU B 1109 -60.77 55.80 4.65
CA GLU B 1109 -60.53 55.99 3.23
C GLU B 1109 -60.29 54.68 2.51
N SER B 1110 -59.71 53.69 3.19
CA SER B 1110 -59.55 52.38 2.59
C SER B 1110 -60.89 51.77 2.26
N LEU B 1111 -61.84 51.85 3.19
CA LEU B 1111 -63.19 51.36 2.94
C LEU B 1111 -63.84 52.16 1.83
N ALA B 1112 -63.61 53.47 1.80
CA ALA B 1112 -64.15 54.30 0.73
C ALA B 1112 -63.65 53.82 -0.63
N LEU B 1113 -62.36 53.55 -0.72
CA LEU B 1113 -61.79 52.99 -1.95
C LEU B 1113 -62.37 51.62 -2.24
N ALA B 1114 -62.68 50.85 -1.20
CA ALA B 1114 -63.35 49.58 -1.39
C ALA B 1114 -64.72 49.76 -2.01
N HIS B 1115 -65.38 50.88 -1.73
CA HIS B 1115 -66.62 51.16 -2.44
C HIS B 1115 -66.39 51.46 -3.91
N ALA B 1116 -65.18 51.86 -4.29
CA ALA B 1116 -64.92 52.11 -5.70
C ALA B 1116 -64.90 50.81 -6.49
N ASP B 1117 -64.22 49.79 -5.98
CA ASP B 1117 -64.09 48.53 -6.69
C ASP B 1117 -65.20 47.58 -6.27
N GLU B 1118 -65.09 46.33 -6.69
CA GLU B 1118 -66.08 45.32 -6.33
C GLU B 1118 -66.04 45.03 -4.83
N LYS B 1119 -67.19 44.64 -4.29
CA LYS B 1119 -67.37 44.46 -2.86
C LYS B 1119 -67.30 43.00 -2.43
N SER B 1120 -67.22 42.07 -3.37
CA SER B 1120 -67.15 40.66 -3.01
C SER B 1120 -65.77 40.23 -2.55
N LEU B 1121 -64.87 41.18 -2.31
CA LEU B 1121 -63.53 40.89 -1.83
C LEU B 1121 -63.45 41.10 -0.32
N GLY B 1122 -62.55 40.36 0.32
CA GLY B 1122 -62.39 40.45 1.75
C GLY B 1122 -61.77 41.74 2.24
N THR B 1123 -61.37 42.63 1.32
CA THR B 1123 -60.82 43.92 1.71
C THR B 1123 -61.74 44.62 2.70
N ILE B 1124 -63.03 44.64 2.39
CA ILE B 1124 -64.01 45.22 3.30
C ILE B 1124 -64.02 44.45 4.62
N GLN B 1125 -63.92 43.11 4.57
CA GLN B 1125 -63.83 42.33 5.79
C GLN B 1125 -62.58 42.72 6.58
N GLN B 1126 -61.44 42.83 5.90
CA GLN B 1126 -60.21 43.13 6.61
C GLN B 1126 -60.28 44.49 7.28
N CYS B 1127 -60.78 45.49 6.55
CA CYS B 1127 -60.89 46.83 7.13
C CYS B 1127 -61.90 46.87 8.27
N CYS B 1128 -63.01 46.14 8.14
CA CYS B 1128 -64.00 46.15 9.21
C CYS B 1128 -63.43 45.49 10.47
N ASP B 1129 -62.69 44.39 10.31
CA ASP B 1129 -62.03 43.79 11.46
C ASP B 1129 -61.01 44.74 12.07
N ALA B 1130 -60.26 45.44 11.21
CA ALA B 1130 -59.26 46.38 11.69
C ALA B 1130 -59.90 47.46 12.54
N ILE B 1131 -60.94 48.09 12.01
CA ILE B 1131 -61.58 49.19 12.75
C ILE B 1131 -62.33 48.64 13.96
N ASP B 1132 -62.76 47.39 13.90
CA ASP B 1132 -63.34 46.74 15.07
C ASP B 1132 -62.32 46.66 16.19
N HIS B 1133 -61.11 46.20 15.86
CA HIS B 1133 -60.06 46.14 16.86
C HIS B 1133 -59.69 47.53 17.34
N LEU B 1134 -59.73 48.50 16.44
CA LEU B 1134 -59.42 49.88 16.80
C LEU B 1134 -60.42 50.41 17.83
N CYS B 1135 -61.71 50.21 17.57
CA CYS B 1135 -62.70 50.68 18.53
C CYS B 1135 -62.60 49.88 19.82
N ARG B 1136 -62.22 48.61 19.73
CA ARG B 1136 -62.02 47.81 20.93
C ARG B 1136 -60.95 48.42 21.83
N ILE B 1137 -59.80 48.74 21.25
CA ILE B 1137 -58.75 49.34 22.08
C ILE B 1137 -59.16 50.74 22.53
N ILE B 1138 -59.87 51.48 21.68
CA ILE B 1138 -60.26 52.84 22.03
C ILE B 1138 -61.18 52.82 23.25
N GLU B 1139 -62.19 51.95 23.25
CA GLU B 1139 -63.02 51.83 24.43
C GLU B 1139 -62.23 51.27 25.60
N LYS B 1140 -61.24 50.41 25.32
CA LYS B 1140 -60.38 49.93 26.39
C LYS B 1140 -59.50 51.05 26.95
N LYS B 1141 -58.93 51.86 26.07
CA LYS B 1141 -58.07 52.97 26.47
C LYS B 1141 -58.64 54.23 25.86
N HIS B 1142 -59.41 54.97 26.65
CA HIS B 1142 -60.14 56.14 26.17
C HIS B 1142 -59.83 57.41 26.93
N VAL B 1143 -59.57 57.32 28.24
CA VAL B 1143 -59.32 58.52 29.03
C VAL B 1143 -58.13 59.28 28.47
N SER B 1144 -57.11 58.56 28.01
CA SER B 1144 -55.99 59.19 27.33
C SER B 1144 -56.43 59.85 26.03
N LEU B 1145 -57.48 59.34 25.41
CA LEU B 1145 -58.07 60.00 24.25
C LEU B 1145 -59.13 61.01 24.66
N ASN B 1146 -59.77 60.79 25.81
CA ASN B 1146 -60.70 61.78 26.35
C ASN B 1146 -59.99 63.09 26.59
N LYS B 1147 -58.78 63.05 27.15
CA LYS B 1147 -57.97 64.24 27.25
C LYS B 1147 -57.42 64.59 25.87
N ALA B 1148 -57.37 65.89 25.58
CA ALA B 1148 -56.81 66.35 24.32
C ALA B 1148 -55.30 66.24 24.38
N LYS B 1149 -54.72 65.42 23.50
CA LYS B 1149 -53.30 65.18 23.50
C LYS B 1149 -52.75 65.37 22.08
N LYS B 1150 -51.52 65.84 22.00
CA LYS B 1150 -50.86 66.09 20.72
C LYS B 1150 -50.40 64.76 20.13
N ARG B 1151 -51.05 64.34 19.05
CA ARG B 1151 -50.66 63.18 18.28
C ARG B 1151 -50.44 63.60 16.83
N ARG B 1152 -50.14 62.63 15.97
CA ARG B 1152 -49.94 62.95 14.56
C ARG B 1152 -51.26 63.41 13.95
N LEU B 1153 -51.17 64.37 13.05
CA LEU B 1153 -52.38 64.89 12.44
C LEU B 1153 -52.96 63.86 11.48
N PRO B 1154 -54.18 63.38 11.70
CA PRO B 1154 -54.78 62.43 10.77
C PRO B 1154 -54.98 63.07 9.41
N ARG B 1155 -54.83 62.27 8.36
CA ARG B 1155 -54.96 62.80 7.01
C ARG B 1155 -56.34 63.39 6.80
N GLY B 1156 -57.37 62.67 7.21
CA GLY B 1156 -58.72 63.19 7.13
C GLY B 1156 -59.02 64.30 8.10
N PHE B 1157 -58.07 64.66 8.95
CA PHE B 1157 -58.25 65.73 9.91
C PHE B 1157 -57.50 66.95 9.41
N PRO B 1158 -58.17 67.93 8.80
CA PRO B 1158 -57.46 69.11 8.28
C PRO B 1158 -56.83 69.94 9.38
N PRO B 1159 -57.59 70.43 10.37
CA PRO B 1159 -57.06 71.50 11.22
C PRO B 1159 -56.00 70.98 12.19
N SER B 1160 -55.12 71.88 12.59
CA SER B 1160 -54.05 71.58 13.54
C SER B 1160 -54.53 71.97 14.93
N ALA B 1161 -54.76 70.98 15.79
CA ALA B 1161 -55.21 71.23 17.15
C ALA B 1161 -54.90 70.01 17.99
N SER B 1162 -54.97 70.20 19.32
CA SER B 1162 -54.74 69.08 20.23
C SER B 1162 -55.85 68.06 20.08
N LEU B 1163 -55.48 66.86 19.65
CA LEU B 1163 -56.47 65.87 19.26
C LEU B 1163 -57.18 65.30 20.49
N CYS B 1164 -58.50 65.23 20.40
CA CYS B 1164 -59.33 64.62 21.44
C CYS B 1164 -60.29 63.64 20.80
N LEU B 1165 -60.89 62.80 21.64
CA LEU B 1165 -61.86 61.83 21.17
C LEU B 1165 -63.02 62.52 20.46
N LEU B 1166 -63.61 63.52 21.12
CA LEU B 1166 -64.76 64.20 20.54
C LEU B 1166 -64.40 64.90 19.23
N ASP B 1167 -63.14 65.31 19.09
CA ASP B 1167 -62.70 65.92 17.85
C ASP B 1167 -62.99 65.00 16.66
N LEU B 1168 -62.41 63.80 16.70
CA LEU B 1168 -62.62 62.86 15.61
C LEU B 1168 -64.04 62.33 15.60
N VAL B 1169 -64.71 62.35 16.74
CA VAL B 1169 -66.11 61.91 16.78
C VAL B 1169 -66.98 62.84 15.93
N LYS B 1170 -66.86 64.14 16.17
CA LYS B 1170 -67.63 65.09 15.37
C LYS B 1170 -67.11 65.15 13.95
N TRP B 1171 -65.80 64.89 13.75
CA TRP B 1171 -65.27 64.81 12.39
C TRP B 1171 -65.94 63.68 11.62
N LEU B 1172 -66.10 62.53 12.27
CA LEU B 1172 -66.83 61.43 11.67
C LEU B 1172 -68.27 61.83 11.41
N LEU B 1173 -68.91 62.48 12.38
CA LEU B 1173 -70.28 62.91 12.21
C LEU B 1173 -70.41 63.77 10.96
N ALA B 1174 -69.45 64.66 10.74
CA ALA B 1174 -69.40 65.39 9.47
C ALA B 1174 -69.19 64.44 8.31
N HIS B 1175 -68.29 63.46 8.48
CA HIS B 1175 -68.05 62.50 7.41
C HIS B 1175 -69.21 61.53 7.26
N CYS B 1176 -70.03 61.36 8.29
CA CYS B 1176 -71.24 60.57 8.13
C CYS B 1176 -72.07 61.14 6.99
N GLY B 1177 -72.43 60.28 6.04
CA GLY B 1177 -73.19 60.72 4.90
C GLY B 1177 -72.48 60.50 3.58
N ARG B 1178 -71.45 59.67 3.59
CA ARG B 1178 -70.78 59.31 2.35
C ARG B 1178 -71.68 58.40 1.52
N PRO B 1179 -71.50 58.39 0.20
CA PRO B 1179 -72.12 57.33 -0.61
C PRO B 1179 -71.59 55.95 -0.28
N GLN B 1180 -70.58 55.87 0.58
CA GLN B 1180 -69.93 54.59 0.91
C GLN B 1180 -70.79 53.85 1.93
N THR B 1181 -71.94 53.38 1.43
CA THR B 1181 -73.02 52.92 2.30
C THR B 1181 -72.55 51.88 3.31
N GLU B 1182 -71.64 50.99 2.90
CA GLU B 1182 -71.10 50.04 3.88
C GLU B 1182 -70.13 50.74 4.83
N CYS B 1183 -69.15 51.46 4.26
CA CYS B 1183 -68.23 52.21 5.10
C CYS B 1183 -68.97 53.24 5.93
N ARG B 1184 -69.91 53.95 5.30
CA ARG B 1184 -70.72 54.91 6.02
C ARG B 1184 -71.49 54.24 7.16
N HIS B 1185 -72.10 53.09 6.89
CA HIS B 1185 -72.92 52.43 7.90
C HIS B 1185 -72.07 51.96 9.06
N LYS B 1186 -70.92 51.34 8.77
CA LYS B 1186 -70.03 50.95 9.85
C LYS B 1186 -69.57 52.17 10.63
N SER B 1187 -69.26 53.26 9.92
CA SER B 1187 -68.82 54.47 10.58
C SER B 1187 -69.88 55.02 11.52
N ILE B 1188 -71.13 55.04 11.08
CA ILE B 1188 -72.18 55.63 11.90
C ILE B 1188 -72.52 54.73 13.07
N GLU B 1189 -72.49 53.41 12.87
CA GLU B 1189 -72.71 52.51 14.00
C GLU B 1189 -71.58 52.66 15.03
N LEU B 1190 -70.35 52.84 14.55
CA LEU B 1190 -69.25 53.13 15.45
C LEU B 1190 -69.47 54.45 16.17
N PHE B 1191 -69.96 55.46 15.45
CA PHE B 1191 -70.27 56.73 16.08
C PHE B 1191 -71.28 56.54 17.20
N TYR B 1192 -72.32 55.74 16.94
CA TYR B 1192 -73.31 55.43 17.95
C TYR B 1192 -72.66 54.78 19.17
N LYS B 1193 -71.79 53.80 18.93
CA LYS B 1193 -71.17 53.11 20.06
C LYS B 1193 -70.11 53.96 20.75
N PHE B 1194 -69.71 55.09 20.16
CA PHE B 1194 -68.72 55.96 20.79
C PHE B 1194 -69.35 57.03 21.67
N VAL B 1195 -70.66 57.26 21.53
CA VAL B 1195 -71.33 58.24 22.39
C VAL B 1195 -71.10 57.95 23.86
N PRO B 1196 -71.21 56.70 24.34
CA PRO B 1196 -70.86 56.46 25.76
C PRO B 1196 -69.43 56.81 26.07
N LEU B 1197 -68.52 56.59 25.13
CA LEU B 1197 -67.12 56.91 25.35
C LEU B 1197 -66.87 58.41 25.40
N LEU B 1198 -67.82 59.21 24.95
CA LEU B 1198 -67.64 60.65 24.95
C LEU B 1198 -67.49 61.16 26.38
N PRO B 1199 -66.49 61.99 26.65
CA PRO B 1199 -66.38 62.58 27.99
C PRO B 1199 -67.58 63.46 28.29
N GLY B 1200 -67.97 63.49 29.55
CA GLY B 1200 -69.11 64.29 29.95
C GLY B 1200 -70.42 63.63 29.61
N ASN B 1201 -71.12 64.16 28.60
CA ASN B 1201 -72.38 63.58 28.19
C ASN B 1201 -72.18 62.14 27.75
N ARG B 1202 -73.03 61.25 28.24
CA ARG B 1202 -72.92 59.82 28.00
C ARG B 1202 -73.76 59.45 26.77
N SER B 1203 -73.98 58.14 26.57
CA SER B 1203 -74.78 57.58 25.49
C SER B 1203 -76.09 58.33 25.23
N PRO B 1204 -76.74 58.91 26.27
CA PRO B 1204 -77.87 59.81 26.01
C PRO B 1204 -77.68 60.73 24.81
N ASN B 1205 -78.68 60.73 23.94
CA ASN B 1205 -78.73 61.62 22.79
C ASN B 1205 -78.81 63.07 23.23
N LEU B 1206 -78.84 63.30 24.54
CA LEU B 1206 -78.79 64.66 25.06
C LEU B 1206 -77.60 65.40 24.49
N TRP B 1207 -76.49 64.70 24.31
CA TRP B 1207 -75.37 65.27 23.57
C TRP B 1207 -75.78 65.60 22.14
N LEU B 1208 -76.50 64.68 21.50
CA LEU B 1208 -77.01 64.96 20.17
C LEU B 1208 -78.00 66.12 20.19
N LYS B 1209 -78.79 66.23 21.27
CA LYS B 1209 -79.67 67.39 21.40
C LYS B 1209 -78.85 68.67 21.44
N ASP B 1210 -77.77 68.66 22.21
CA ASP B 1210 -76.90 69.83 22.29
C ASP B 1210 -76.38 70.20 20.92
N VAL B 1211 -75.88 69.20 20.18
CA VAL B 1211 -75.33 69.47 18.85
C VAL B 1211 -76.40 70.04 17.93
N LEU B 1212 -77.58 69.41 17.92
CA LEU B 1212 -78.66 69.87 17.04
C LEU B 1212 -79.13 71.26 17.40
N LYS B 1213 -78.96 71.67 18.65
CA LYS B 1213 -79.34 73.02 19.04
C LYS B 1213 -78.65 74.07 18.18
N GLU B 1214 -77.32 74.11 18.25
CA GLU B 1214 -76.58 75.03 17.37
C GLU B 1214 -76.64 74.56 15.93
N GLU B 1215 -76.55 73.25 15.69
CA GLU B 1215 -76.64 72.71 14.33
C GLU B 1215 -78.08 72.30 14.05
N GLY B 1216 -78.91 73.32 13.84
CA GLY B 1216 -80.32 73.08 13.62
C GLY B 1216 -80.63 72.41 12.30
N VAL B 1217 -80.44 73.13 11.21
CA VAL B 1217 -80.83 72.65 9.89
C VAL B 1217 -79.60 72.15 9.15
N SER B 1218 -78.46 72.78 9.42
CA SER B 1218 -77.21 72.29 8.83
C SER B 1218 -76.96 70.84 9.21
N PHE B 1219 -77.49 70.43 10.35
CA PHE B 1219 -77.52 69.02 10.71
C PHE B 1219 -78.14 68.18 9.59
N LEU B 1220 -79.26 68.65 9.05
CA LEU B 1220 -79.99 67.87 8.06
C LEU B 1220 -79.16 67.61 6.81
N ILE B 1221 -78.43 68.63 6.35
CA ILE B 1221 -77.72 68.49 5.08
C ILE B 1221 -76.29 68.00 5.25
N ASN B 1222 -75.72 68.12 6.45
CA ASN B 1222 -74.33 67.74 6.67
C ASN B 1222 -74.22 66.37 7.33
N THR B 1223 -74.87 66.18 8.47
CA THR B 1223 -74.91 64.86 9.09
C THR B 1223 -75.53 63.86 8.14
N PHE B 1224 -76.60 64.25 7.46
CA PHE B 1224 -77.05 63.57 6.26
C PHE B 1224 -76.45 64.32 5.09
N GLU B 1225 -75.18 64.04 4.83
CA GLU B 1225 -74.44 64.69 3.75
C GLU B 1225 -75.14 64.51 2.42
N GLY B 1226 -75.91 63.44 2.27
CA GLY B 1226 -76.57 63.14 1.02
C GLY B 1226 -78.01 63.59 0.94
N GLY B 1227 -78.90 62.66 0.60
CA GLY B 1227 -80.24 63.03 0.21
C GLY B 1227 -80.31 63.64 -1.17
N GLY B 1228 -79.23 63.56 -1.93
CA GLY B 1228 -79.06 64.36 -3.13
C GLY B 1228 -77.99 65.38 -2.87
N CYS B 1229 -76.98 64.99 -2.08
CA CYS B 1229 -75.99 65.91 -1.54
C CYS B 1229 -76.69 67.07 -0.84
N GLY B 1230 -77.73 66.74 -0.10
CA GLY B 1230 -78.79 67.70 0.19
C GLY B 1230 -79.80 67.67 -0.94
N GLN B 1231 -80.08 68.83 -1.49
CA GLN B 1231 -80.92 68.89 -2.70
C GLN B 1231 -80.15 68.62 -3.99
N PRO B 1232 -78.98 69.27 -4.24
CA PRO B 1232 -78.56 69.57 -5.62
C PRO B 1232 -78.64 68.45 -6.64
N SER B 1233 -77.97 67.33 -6.37
CA SER B 1233 -77.66 66.38 -7.44
C SER B 1233 -78.92 65.84 -8.11
N GLY B 1234 -80.04 65.76 -7.39
CA GLY B 1234 -81.27 65.29 -8.01
C GLY B 1234 -81.75 66.19 -9.12
N ILE B 1235 -81.42 67.48 -9.04
CA ILE B 1235 -81.83 68.42 -10.09
C ILE B 1235 -81.22 68.03 -11.42
N LEU B 1236 -79.93 67.72 -11.42
CA LEU B 1236 -79.32 67.19 -12.65
C LEU B 1236 -79.68 65.74 -12.88
N ALA B 1237 -80.14 65.03 -11.85
CA ALA B 1237 -80.59 63.66 -12.01
C ALA B 1237 -81.92 63.58 -12.75
N GLN B 1238 -82.69 64.67 -12.77
CA GLN B 1238 -83.92 64.67 -13.56
C GLN B 1238 -83.64 64.56 -15.06
N PRO B 1239 -82.86 65.44 -15.70
CA PRO B 1239 -82.66 65.32 -17.15
C PRO B 1239 -81.60 64.29 -17.53
N THR B 1240 -80.57 64.18 -16.72
CA THR B 1240 -79.45 63.29 -17.03
C THR B 1240 -79.32 62.19 -15.99
N SER B 1249 -73.50 58.17 -17.90
CA SER B 1249 -73.99 58.95 -16.78
C SER B 1249 -74.83 58.07 -15.87
N LEU B 1250 -75.09 56.85 -16.34
CA LEU B 1250 -75.87 55.91 -15.53
C LEU B 1250 -75.20 55.65 -14.20
N GLN B 1251 -73.87 55.50 -14.22
CA GLN B 1251 -73.13 55.29 -12.99
C GLN B 1251 -73.26 56.48 -12.05
N ALA B 1252 -73.28 57.70 -12.61
CA ALA B 1252 -73.50 58.88 -11.79
C ALA B 1252 -74.87 58.85 -11.15
N THR B 1253 -75.87 58.39 -11.90
CA THR B 1253 -77.20 58.22 -11.32
C THR B 1253 -77.17 57.19 -10.20
N LEU B 1254 -76.42 56.11 -10.38
CA LEU B 1254 -76.26 55.13 -9.33
C LEU B 1254 -75.61 55.75 -8.10
N CYS B 1255 -74.63 56.61 -8.31
CA CYS B 1255 -74.01 57.32 -7.19
C CYS B 1255 -75.04 58.17 -6.47
N TRP B 1256 -75.87 58.88 -7.23
CA TRP B 1256 -76.93 59.67 -6.60
C TRP B 1256 -77.84 58.77 -5.77
N LEU B 1257 -78.23 57.63 -6.34
CA LEU B 1257 -79.14 56.73 -5.66
C LEU B 1257 -78.53 56.20 -4.37
N ASP B 1258 -77.26 55.78 -4.43
CA ASP B 1258 -76.66 55.17 -3.26
C ASP B 1258 -76.36 56.20 -2.19
N LEU B 1259 -76.00 57.42 -2.58
CA LEU B 1259 -75.86 58.48 -1.60
C LEU B 1259 -77.19 58.77 -0.92
N LEU B 1260 -78.26 58.79 -1.72
CA LEU B 1260 -79.60 58.94 -1.16
C LEU B 1260 -79.91 57.83 -0.17
N LEU B 1261 -79.60 56.60 -0.55
CA LEU B 1261 -79.89 55.47 0.34
C LEU B 1261 -79.04 55.53 1.59
N ALA B 1262 -77.81 56.03 1.46
CA ALA B 1262 -76.97 56.20 2.64
C ALA B 1262 -77.59 57.18 3.61
N ALA B 1263 -78.03 58.33 3.10
CA ALA B 1263 -78.69 59.30 3.97
C ALA B 1263 -79.95 58.70 4.58
N LEU B 1264 -80.70 57.95 3.77
CA LEU B 1264 -81.94 57.35 4.26
C LEU B 1264 -81.65 56.37 5.39
N GLU B 1265 -80.62 55.55 5.24
CA GLU B 1265 -80.24 54.63 6.29
C GLU B 1265 -79.79 55.38 7.53
N CYS B 1266 -79.13 56.53 7.35
CA CYS B 1266 -78.80 57.36 8.51
C CYS B 1266 -80.06 57.79 9.24
N TYR B 1267 -81.06 58.26 8.49
CA TYR B 1267 -82.33 58.63 9.09
C TYR B 1267 -82.91 57.47 9.87
N ASN B 1268 -82.90 56.27 9.26
CA ASN B 1268 -83.49 55.11 9.89
C ASN B 1268 -82.77 54.72 11.17
N THR B 1269 -81.44 54.67 11.11
CA THR B 1269 -80.66 54.31 12.28
C THR B 1269 -80.89 55.32 13.40
N PHE B 1270 -81.07 56.59 13.06
CA PHE B 1270 -81.28 57.59 14.10
C PHE B 1270 -82.68 57.48 14.70
N ILE B 1271 -83.70 57.32 13.85
CA ILE B 1271 -85.06 57.31 14.37
C ILE B 1271 -85.33 56.05 15.18
N GLY B 1272 -84.92 54.88 14.66
CA GLY B 1272 -85.01 53.67 15.45
C GLY B 1272 -84.10 53.72 16.65
N GLU B 1273 -82.96 54.38 16.51
CA GLU B 1273 -82.08 54.65 17.63
C GLU B 1273 -82.76 55.51 18.68
N ARG B 1274 -83.84 56.19 18.31
CA ARG B 1274 -84.53 57.17 19.14
C ARG B 1274 -83.64 58.34 19.52
N THR B 1275 -82.43 58.39 18.96
CA THR B 1275 -81.52 59.49 19.24
C THR B 1275 -82.05 60.82 18.72
N VAL B 1276 -83.00 60.77 17.78
CA VAL B 1276 -83.61 61.97 17.25
C VAL B 1276 -85.03 61.61 16.81
N GLY B 1277 -85.92 62.60 16.83
CA GLY B 1277 -87.29 62.39 16.40
C GLY B 1277 -87.49 62.75 14.95
N ALA B 1278 -88.51 62.13 14.35
CA ALA B 1278 -88.86 62.44 12.97
C ALA B 1278 -89.30 63.89 12.84
N LEU B 1279 -90.04 64.39 13.82
CA LEU B 1279 -90.42 65.80 13.83
C LEU B 1279 -89.20 66.70 13.87
N GLN B 1280 -88.12 66.25 14.50
CA GLN B 1280 -86.89 67.03 14.48
C GLN B 1280 -86.28 67.04 13.09
N VAL B 1281 -86.45 65.96 12.33
CA VAL B 1281 -85.83 65.84 11.02
C VAL B 1281 -86.82 66.04 9.88
N LEU B 1282 -88.12 65.94 10.15
CA LEU B 1282 -89.14 66.15 9.15
C LEU B 1282 -90.23 67.04 9.73
N GLY B 1283 -90.92 67.76 8.86
CA GLY B 1283 -91.88 68.72 9.34
C GLY B 1283 -91.23 70.07 9.59
N THR B 1284 -90.85 70.31 10.84
CA THR B 1284 -90.17 71.54 11.25
C THR B 1284 -89.12 71.98 10.25
N GLU B 1285 -88.10 71.15 10.04
CA GLU B 1285 -87.13 71.35 8.98
C GLU B 1285 -87.25 70.17 8.01
N ALA B 1286 -87.38 70.47 6.72
CA ALA B 1286 -87.57 69.45 5.72
C ALA B 1286 -86.67 69.72 4.53
N GLN B 1287 -86.22 68.65 3.90
CA GLN B 1287 -85.43 68.73 2.68
C GLN B 1287 -86.31 68.36 1.50
N SER B 1288 -86.41 69.26 0.53
CA SER B 1288 -87.24 69.01 -0.63
C SER B 1288 -86.75 67.81 -1.44
N SER B 1289 -85.44 67.54 -1.37
CA SER B 1289 -84.87 66.43 -2.12
C SER B 1289 -85.45 65.10 -1.70
N LEU B 1290 -85.90 64.98 -0.45
CA LEU B 1290 -86.49 63.73 0.02
C LEU B 1290 -87.75 63.40 -0.76
N LEU B 1291 -88.69 64.34 -0.83
CA LEU B 1291 -89.91 64.10 -1.59
C LEU B 1291 -89.64 64.11 -3.08
N LYS B 1292 -88.62 64.85 -3.51
CA LYS B 1292 -88.17 64.78 -4.89
C LYS B 1292 -87.79 63.35 -5.25
N ALA B 1293 -87.01 62.69 -4.40
CA ALA B 1293 -86.66 61.29 -4.65
C ALA B 1293 -87.88 60.38 -4.49
N VAL B 1294 -88.81 60.77 -3.62
CA VAL B 1294 -90.06 60.02 -3.52
C VAL B 1294 -90.76 59.98 -4.88
N ALA B 1295 -90.82 61.12 -5.55
CA ALA B 1295 -91.34 61.15 -6.92
C ALA B 1295 -90.43 60.41 -7.88
N PHE B 1296 -89.11 60.49 -7.65
CA PHE B 1296 -88.17 59.79 -8.50
C PHE B 1296 -88.46 58.30 -8.51
N PHE B 1297 -88.97 57.78 -7.39
CA PHE B 1297 -89.45 56.40 -7.36
C PHE B 1297 -90.47 56.19 -8.47
N LEU B 1298 -91.43 57.10 -8.59
CA LEU B 1298 -92.44 56.98 -9.61
C LEU B 1298 -91.92 57.25 -11.00
N GLU B 1299 -90.80 57.95 -11.14
CA GLU B 1299 -90.28 58.13 -12.50
C GLU B 1299 -89.20 57.14 -12.86
N SER B 1300 -88.59 56.45 -11.87
CA SER B 1300 -87.44 55.62 -12.16
C SER B 1300 -87.42 54.28 -11.45
N ILE B 1301 -88.27 54.03 -10.46
CA ILE B 1301 -88.12 52.88 -9.59
C ILE B 1301 -89.35 52.00 -9.69
N ALA B 1302 -89.16 50.74 -10.08
CA ALA B 1302 -90.16 49.69 -10.09
C ALA B 1302 -91.15 49.82 -11.24
N MET B 1303 -91.09 50.91 -12.00
CA MET B 1303 -91.82 50.97 -13.26
C MET B 1303 -91.03 51.54 -14.41
N HIS B 1304 -89.93 52.23 -14.17
CA HIS B 1304 -89.04 52.70 -15.23
C HIS B 1304 -87.74 51.93 -15.09
N ASP B 1305 -87.72 50.74 -15.68
CA ASP B 1305 -86.66 49.77 -15.43
C ASP B 1305 -85.71 49.63 -16.62
N ILE B 1306 -85.75 50.57 -17.55
CA ILE B 1306 -84.86 50.59 -18.69
C ILE B 1306 -83.87 51.73 -18.61
N ILE B 1307 -84.35 52.94 -18.29
CA ILE B 1307 -83.54 54.13 -18.20
C ILE B 1307 -84.17 55.02 -17.14
N ALA B 1308 -83.49 56.11 -16.79
CA ALA B 1308 -84.01 57.11 -15.87
C ALA B 1308 -84.41 58.38 -16.59
N ALA B 1309 -84.93 58.24 -17.82
CA ALA B 1309 -85.28 59.34 -18.71
C ALA B 1309 -84.07 60.20 -19.08
N GLU B 1310 -82.87 59.79 -18.69
CA GLU B 1310 -81.67 60.52 -19.08
C GLU B 1310 -81.45 60.44 -20.58
N LYS B 1311 -81.72 59.28 -21.17
CA LYS B 1311 -81.51 59.00 -22.59
C LYS B 1311 -80.06 59.24 -23.01
N CYS B 1312 -79.13 59.15 -22.07
CA CYS B 1312 -77.71 59.28 -22.37
C CYS B 1312 -76.88 58.18 -21.74
N PHE B 1313 -77.50 57.23 -21.06
CA PHE B 1313 -76.80 56.10 -20.45
C PHE B 1313 -75.73 56.58 -19.47
N THR B 1322 -79.26 44.48 -18.81
CA THR B 1322 -78.21 43.60 -19.29
C THR B 1322 -76.86 44.29 -19.21
N SER B 1323 -75.80 43.48 -19.16
CA SER B 1323 -74.44 44.02 -19.07
C SER B 1323 -74.11 45.02 -20.17
N PRO B 1324 -74.53 44.84 -21.42
CA PRO B 1324 -74.38 45.93 -22.40
C PRO B 1324 -74.83 47.29 -21.87
N GLN B 1325 -75.82 47.30 -20.98
CA GLN B 1325 -76.19 48.52 -20.26
C GLN B 1325 -76.06 48.35 -18.75
N GLU B 1326 -75.51 47.22 -18.31
CA GLU B 1326 -75.39 46.89 -16.88
C GLU B 1326 -76.74 47.02 -16.17
N GLY B 1327 -77.79 46.57 -16.86
CA GLY B 1327 -79.09 46.56 -16.26
C GLY B 1327 -79.20 45.63 -15.06
N GLU B 1328 -78.24 44.70 -14.92
CA GLU B 1328 -78.20 43.86 -13.74
C GLU B 1328 -78.01 44.70 -12.49
N ARG B 1329 -76.89 45.39 -12.39
CA ARG B 1329 -76.67 46.25 -11.25
C ARG B 1329 -77.62 47.43 -11.21
N TYR B 1330 -78.18 47.81 -12.36
CA TYR B 1330 -79.25 48.80 -12.37
C TYR B 1330 -80.45 48.29 -11.58
N ASN B 1331 -80.88 47.06 -11.87
CA ASN B 1331 -81.97 46.45 -11.11
C ASN B 1331 -81.57 46.24 -9.66
N TYR B 1332 -80.32 45.86 -9.42
CA TYR B 1332 -79.85 45.68 -8.06
C TYR B 1332 -79.98 46.97 -7.27
N SER B 1333 -79.53 48.08 -7.86
CA SER B 1333 -79.67 49.37 -7.21
C SER B 1333 -81.14 49.73 -6.99
N LYS B 1334 -81.98 49.46 -7.98
CA LYS B 1334 -83.39 49.81 -7.86
C LYS B 1334 -84.05 49.04 -6.72
N CYS B 1335 -83.83 47.73 -6.66
CA CYS B 1335 -84.44 46.95 -5.59
C CYS B 1335 -83.82 47.28 -4.25
N THR B 1336 -82.56 47.68 -4.23
CA THR B 1336 -81.96 48.18 -3.00
C THR B 1336 -82.69 49.43 -2.53
N VAL B 1337 -82.98 50.33 -3.46
CA VAL B 1337 -83.79 51.50 -3.14
C VAL B 1337 -85.13 51.07 -2.55
N VAL B 1338 -85.76 50.09 -3.20
CA VAL B 1338 -87.08 49.66 -2.78
C VAL B 1338 -87.04 49.14 -1.35
N VAL B 1339 -86.11 48.24 -1.07
CA VAL B 1339 -86.06 47.65 0.26
C VAL B 1339 -85.70 48.71 1.29
N ARG B 1340 -84.76 49.60 0.96
CA ARG B 1340 -84.36 50.62 1.90
C ARG B 1340 -85.54 51.52 2.26
N ILE B 1341 -86.29 51.96 1.26
CA ILE B 1341 -87.39 52.88 1.51
C ILE B 1341 -88.52 52.19 2.26
N MET B 1342 -88.78 50.92 1.94
CA MET B 1342 -89.86 50.25 2.67
C MET B 1342 -89.48 49.99 4.12
N GLU B 1343 -88.20 49.67 4.36
CA GLU B 1343 -87.74 49.60 5.74
C GLU B 1343 -87.91 50.94 6.43
N PHE B 1344 -87.63 52.03 5.70
CA PHE B 1344 -87.83 53.34 6.29
C PHE B 1344 -89.29 53.58 6.65
N THR B 1345 -90.19 53.14 5.79
CA THR B 1345 -91.61 53.25 6.09
C THR B 1345 -91.97 52.47 7.33
N THR B 1346 -91.44 51.26 7.47
CA THR B 1346 -91.67 50.48 8.68
C THR B 1346 -91.22 51.26 9.90
N THR B 1347 -90.01 51.82 9.83
CA THR B 1347 -89.47 52.56 10.97
C THR B 1347 -90.33 53.77 11.30
N LEU B 1348 -90.76 54.51 10.28
CA LEU B 1348 -91.58 55.68 10.53
C LEU B 1348 -92.92 55.29 11.14
N LEU B 1349 -93.50 54.19 10.67
CA LEU B 1349 -94.79 53.76 11.19
C LEU B 1349 -94.69 53.30 12.64
N ASN B 1350 -93.63 52.57 12.98
CA ASN B 1350 -93.55 51.93 14.29
C ASN B 1350 -92.79 52.78 15.30
N THR B 1351 -91.53 53.11 15.00
CA THR B 1351 -90.74 53.94 15.89
C THR B 1351 -91.46 55.25 16.21
N SER B 1352 -91.88 55.95 15.17
CA SER B 1352 -92.76 57.09 15.38
C SER B 1352 -94.19 56.60 15.52
N PRO B 1353 -94.89 56.96 16.59
CA PRO B 1353 -96.26 56.49 16.78
C PRO B 1353 -97.20 56.90 15.65
N GLU B 1354 -98.45 56.43 15.69
CA GLU B 1354 -99.38 56.65 14.59
C GLU B 1354 -99.63 58.12 14.32
N GLY B 1355 -99.39 59.00 15.30
CA GLY B 1355 -99.54 60.42 15.06
C GLY B 1355 -98.62 60.97 13.99
N TRP B 1356 -97.63 60.18 13.56
CA TRP B 1356 -96.72 60.57 12.50
C TRP B 1356 -97.05 59.91 11.16
N LYS B 1357 -98.13 59.14 11.10
CA LYS B 1357 -98.59 58.66 9.79
C LYS B 1357 -99.03 59.83 8.92
N LEU B 1358 -99.30 60.98 9.53
CA LEU B 1358 -99.54 62.20 8.76
C LEU B 1358 -98.34 62.52 7.87
N LEU B 1359 -97.15 62.14 8.31
CA LEU B 1359 -95.97 62.35 7.48
C LEU B 1359 -96.02 61.48 6.23
N LYS B 1360 -96.72 60.35 6.28
CA LYS B 1360 -97.01 59.62 5.06
C LYS B 1360 -97.82 60.47 4.09
N LYS B 1361 -98.78 61.22 4.62
CA LYS B 1361 -99.50 62.18 3.81
C LYS B 1361 -98.57 63.27 3.28
N ASP B 1362 -97.44 63.50 3.94
CA ASP B 1362 -96.45 64.43 3.42
C ASP B 1362 -95.87 63.95 2.10
N LEU B 1363 -95.91 62.64 1.84
CA LEU B 1363 -95.57 62.14 0.50
C LEU B 1363 -96.56 62.64 -0.54
N CYS B 1364 -97.76 63.01 -0.11
CA CYS B 1364 -98.83 63.56 -0.95
C CYS B 1364 -99.43 62.49 -1.85
N ASN B 1365 -98.79 61.32 -1.91
CA ASN B 1365 -99.39 60.16 -2.53
C ASN B 1365 -99.25 58.88 -1.73
N THR B 1366 -98.21 58.73 -0.92
CA THR B 1366 -97.83 57.46 -0.32
C THR B 1366 -97.91 56.37 -1.41
N HIS B 1367 -97.35 56.72 -2.57
CA HIS B 1367 -97.52 55.91 -3.78
C HIS B 1367 -97.01 54.50 -3.60
N LEU B 1368 -96.14 54.29 -2.61
CA LEU B 1368 -95.69 52.97 -2.18
C LEU B 1368 -96.82 51.97 -2.06
N MET B 1369 -98.00 52.43 -1.63
CA MET B 1369 -99.17 51.57 -1.51
C MET B 1369 -99.47 50.78 -2.77
N ARG B 1370 -98.97 51.23 -3.92
CA ARG B 1370 -99.25 50.57 -5.18
C ARG B 1370 -98.10 49.73 -5.70
N VAL B 1371 -96.88 49.92 -5.20
CA VAL B 1371 -95.71 49.28 -5.76
C VAL B 1371 -95.18 48.18 -4.87
N LEU B 1372 -95.16 48.39 -3.54
CA LEU B 1372 -94.66 47.35 -2.65
C LEU B 1372 -95.49 46.09 -2.78
N VAL B 1373 -96.81 46.26 -2.93
CA VAL B 1373 -97.68 45.12 -3.18
C VAL B 1373 -97.23 44.38 -4.43
N GLN B 1374 -96.89 45.13 -5.49
CA GLN B 1374 -96.22 44.54 -6.64
C GLN B 1374 -95.02 43.74 -6.17
N THR B 1375 -94.10 44.41 -5.48
CA THR B 1375 -92.97 43.71 -4.87
C THR B 1375 -93.44 42.57 -3.98
N LEU B 1376 -94.51 42.80 -3.22
CA LEU B 1376 -95.06 41.72 -2.41
C LEU B 1376 -95.60 40.61 -3.31
N CYS B 1377 -96.34 40.97 -4.36
CA CYS B 1377 -96.94 39.96 -5.21
C CYS B 1377 -95.94 39.41 -6.21
N GLU B 1378 -95.07 40.27 -6.74
CA GLU B 1378 -94.12 39.82 -7.75
C GLU B 1378 -92.76 40.44 -7.51
N PRO B 1379 -91.76 39.64 -7.15
CA PRO B 1379 -90.38 40.11 -7.31
C PRO B 1379 -90.06 40.41 -8.76
N ALA B 1380 -90.72 39.73 -9.69
CA ALA B 1380 -90.61 40.07 -11.10
C ALA B 1380 -91.23 41.40 -11.43
N SER B 1381 -91.63 42.17 -10.42
CA SER B 1381 -92.08 43.53 -10.59
C SER B 1381 -91.06 44.56 -10.12
N ILE B 1382 -89.94 44.12 -9.53
CA ILE B 1382 -88.87 45.06 -9.18
C ILE B 1382 -88.01 45.21 -10.41
N GLY B 1383 -88.51 44.74 -11.54
CA GLY B 1383 -87.68 44.36 -12.66
C GLY B 1383 -87.99 42.92 -12.98
N PHE B 1384 -87.07 42.02 -12.69
CA PHE B 1384 -87.36 40.59 -12.80
C PHE B 1384 -86.77 39.79 -11.64
N ASN B 1385 -86.34 40.46 -10.57
CA ASN B 1385 -85.69 39.81 -9.44
C ASN B 1385 -84.47 39.02 -9.88
N ILE B 1386 -83.47 39.76 -10.38
CA ILE B 1386 -82.26 39.13 -10.86
C ILE B 1386 -81.53 38.47 -9.70
N GLY B 1387 -80.58 37.59 -10.04
CA GLY B 1387 -79.75 36.96 -9.04
C GLY B 1387 -80.49 35.89 -8.26
N ASP B 1388 -81.64 36.28 -7.69
CA ASP B 1388 -82.44 35.39 -6.84
C ASP B 1388 -81.59 34.84 -5.70
N VAL B 1389 -81.05 35.78 -4.92
CA VAL B 1389 -80.09 35.44 -3.87
C VAL B 1389 -80.67 35.87 -2.53
N GLN B 1390 -79.91 35.65 -1.46
CA GLN B 1390 -80.42 35.81 -0.10
C GLN B 1390 -81.14 37.13 0.13
N VAL B 1391 -80.93 38.13 -0.73
CA VAL B 1391 -81.71 39.35 -0.61
C VAL B 1391 -83.18 39.09 -0.87
N MET B 1392 -83.50 38.34 -1.93
CA MET B 1392 -84.91 38.08 -2.23
C MET B 1392 -85.53 37.15 -1.19
N ALA B 1393 -84.77 36.19 -0.69
CA ALA B 1393 -85.26 35.36 0.39
C ALA B 1393 -85.44 36.18 1.66
N HIS B 1394 -84.66 37.26 1.80
CA HIS B 1394 -84.83 38.16 2.93
C HIS B 1394 -86.04 39.07 2.77
N LEU B 1395 -86.43 39.34 1.53
CA LEU B 1395 -87.55 40.26 1.29
C LEU B 1395 -88.83 39.92 2.04
N PRO B 1396 -89.35 38.69 2.01
CA PRO B 1396 -90.71 38.47 2.53
C PRO B 1396 -90.87 38.80 4.01
N ASP B 1397 -89.85 38.57 4.82
CA ASP B 1397 -89.99 38.86 6.25
C ASP B 1397 -90.15 40.36 6.48
N VAL B 1398 -89.33 41.17 5.82
CA VAL B 1398 -89.46 42.62 5.97
C VAL B 1398 -90.75 43.10 5.34
N CYS B 1399 -91.23 42.42 4.31
CA CYS B 1399 -92.55 42.76 3.76
C CYS B 1399 -93.64 42.53 4.80
N VAL B 1400 -93.61 41.38 5.48
CA VAL B 1400 -94.62 41.08 6.48
C VAL B 1400 -94.54 42.07 7.62
N ASN B 1401 -93.32 42.43 8.03
CA ASN B 1401 -93.17 43.50 9.01
C ASN B 1401 -93.84 44.78 8.53
N LEU B 1402 -93.67 45.10 7.24
CA LEU B 1402 -94.28 46.31 6.71
C LEU B 1402 -95.81 46.25 6.74
N MET B 1403 -96.38 45.09 6.38
CA MET B 1403 -97.84 44.98 6.45
C MET B 1403 -98.33 45.09 7.89
N LYS B 1404 -97.59 44.54 8.84
CA LYS B 1404 -97.99 44.72 10.24
C LYS B 1404 -97.93 46.19 10.63
N ALA B 1405 -96.87 46.88 10.22
CA ALA B 1405 -96.73 48.30 10.52
C ALA B 1405 -97.88 49.10 9.92
N LEU B 1406 -98.25 48.77 8.69
CA LEU B 1406 -99.34 49.50 8.04
C LEU B 1406 -100.69 49.12 8.61
N LYS B 1407 -100.83 47.89 9.13
CA LYS B 1407 -102.03 47.53 9.86
C LYS B 1407 -102.16 48.38 11.11
N MET B 1408 -101.03 48.64 11.77
CA MET B 1408 -101.04 49.62 12.86
C MET B 1408 -101.52 50.98 12.37
N SER B 1409 -101.22 51.32 11.12
CA SER B 1409 -101.72 52.55 10.54
C SER B 1409 -103.18 52.39 10.12
N PRO B 1410 -103.98 53.45 10.23
CA PRO B 1410 -105.30 53.43 9.59
C PRO B 1410 -105.24 53.26 8.09
N TYR B 1411 -104.11 53.59 7.45
CA TYR B 1411 -103.97 53.41 6.01
C TYR B 1411 -104.01 51.96 5.58
N LYS B 1412 -104.14 51.01 6.50
CA LYS B 1412 -104.18 49.60 6.13
C LYS B 1412 -105.33 49.31 5.19
N ASP B 1413 -106.48 49.96 5.41
CA ASP B 1413 -107.61 49.83 4.49
C ASP B 1413 -107.17 50.18 3.07
N ILE B 1414 -106.38 51.24 2.93
CA ILE B 1414 -105.84 51.60 1.62
C ILE B 1414 -105.11 50.40 1.03
N LEU B 1415 -104.25 49.78 1.84
CA LEU B 1415 -103.59 48.54 1.43
C LEU B 1415 -104.60 47.54 0.92
N GLU B 1416 -105.66 47.30 1.71
CA GLU B 1416 -106.71 46.40 1.28
C GLU B 1416 -107.28 46.82 -0.06
N THR B 1417 -107.57 48.12 -0.22
CA THR B 1417 -108.06 48.61 -1.50
C THR B 1417 -107.09 48.26 -2.61
N HIS B 1418 -105.79 48.40 -2.33
CA HIS B 1418 -104.80 47.93 -3.27
C HIS B 1418 -104.69 46.41 -3.25
N LEU B 1419 -104.69 45.83 -2.05
CA LEU B 1419 -104.59 44.37 -1.94
C LEU B 1419 -105.68 43.70 -2.75
N ARG B 1420 -106.93 44.09 -2.51
CA ARG B 1420 -108.04 43.49 -3.24
C ARG B 1420 -108.01 43.85 -4.72
N GLU B 1421 -107.38 44.95 -5.10
CA GLU B 1421 -107.25 45.25 -6.51
C GLU B 1421 -106.01 44.61 -7.12
N LYS B 1422 -105.09 44.09 -6.30
CA LYS B 1422 -103.96 43.38 -6.86
C LYS B 1422 -104.30 41.92 -7.14
N ILE B 1423 -105.30 41.38 -6.45
CA ILE B 1423 -105.73 40.01 -6.68
C ILE B 1423 -107.09 39.84 -6.04
N THR B 1424 -107.91 38.95 -6.61
CA THR B 1424 -109.19 38.58 -6.02
C THR B 1424 -109.07 37.41 -5.06
N ALA B 1425 -107.97 36.66 -5.15
CA ALA B 1425 -107.72 35.41 -4.43
C ALA B 1425 -108.62 34.28 -4.92
N GLN B 1426 -109.50 34.53 -5.88
CA GLN B 1426 -110.37 33.50 -6.44
C GLN B 1426 -110.21 33.36 -7.94
N SER B 1427 -109.94 34.45 -8.66
CA SER B 1427 -109.70 34.40 -10.10
C SER B 1427 -108.46 33.60 -10.46
N ILE B 1428 -107.60 33.31 -9.49
CA ILE B 1428 -106.43 32.49 -9.75
C ILE B 1428 -106.67 31.02 -9.43
N GLU B 1429 -107.48 30.74 -8.40
CA GLU B 1429 -107.79 29.35 -8.06
C GLU B 1429 -108.32 28.59 -9.26
N GLU B 1430 -109.19 29.23 -10.03
CA GLU B 1430 -109.65 28.64 -11.28
C GLU B 1430 -108.49 28.46 -12.24
N LEU B 1431 -107.60 29.45 -12.34
CA LEU B 1431 -106.49 29.37 -13.27
C LEU B 1431 -105.50 28.30 -12.86
N CYS B 1432 -105.42 27.99 -11.57
CA CYS B 1432 -104.58 26.89 -11.11
C CYS B 1432 -105.24 25.53 -11.35
N ALA B 1433 -106.53 25.50 -11.67
CA ALA B 1433 -107.23 24.26 -11.93
C ALA B 1433 -107.10 23.81 -13.38
N VAL B 1434 -106.25 24.46 -14.17
CA VAL B 1434 -106.13 24.12 -15.59
C VAL B 1434 -105.63 22.68 -15.75
N ASN B 1435 -104.53 22.34 -15.08
CA ASN B 1435 -103.94 21.02 -15.13
C ASN B 1435 -102.73 21.00 -14.21
N LEU B 1436 -102.34 19.81 -13.79
CA LEU B 1436 -101.15 19.58 -12.98
C LEU B 1436 -100.87 18.09 -13.01
N TYR B 1437 -99.86 17.67 -12.25
CA TYR B 1437 -99.43 16.27 -12.20
C TYR B 1437 -99.11 15.76 -13.61
N GLY B 1438 -98.10 16.38 -14.21
CA GLY B 1438 -97.68 16.04 -15.54
C GLY B 1438 -97.22 17.26 -16.31
N PRO B 1439 -96.37 17.05 -17.31
CA PRO B 1439 -95.81 18.20 -18.03
C PRO B 1439 -96.87 18.88 -18.90
N ASP B 1440 -97.39 19.99 -18.40
CA ASP B 1440 -98.32 20.83 -19.14
C ASP B 1440 -97.78 22.24 -19.32
N ALA B 1441 -97.40 22.88 -18.21
CA ALA B 1441 -96.90 24.24 -18.15
C ALA B 1441 -96.50 24.50 -16.71
N GLN B 1442 -95.62 25.47 -16.52
CA GLN B 1442 -95.18 25.87 -15.20
C GLN B 1442 -95.52 27.31 -14.88
N VAL B 1443 -95.91 28.10 -15.87
CA VAL B 1443 -96.39 29.45 -15.60
C VAL B 1443 -97.60 29.40 -14.70
N ASP B 1444 -98.50 28.45 -14.93
CA ASP B 1444 -99.60 28.22 -14.01
C ASP B 1444 -99.05 27.87 -12.63
N ARG B 1445 -98.10 26.94 -12.58
CA ARG B 1445 -97.50 26.55 -11.31
C ARG B 1445 -96.74 27.70 -10.68
N SER B 1446 -96.04 28.48 -11.50
CA SER B 1446 -95.27 29.60 -10.97
C SER B 1446 -96.18 30.63 -10.32
N ARG B 1447 -97.24 31.04 -11.02
CA ARG B 1447 -98.16 32.01 -10.46
C ARG B 1447 -98.91 31.43 -9.27
N LEU B 1448 -99.22 30.14 -9.31
CA LEU B 1448 -99.81 29.48 -8.15
C LEU B 1448 -98.92 29.61 -6.93
N ALA B 1449 -97.63 29.31 -7.10
CA ALA B 1449 -96.70 29.41 -5.98
C ALA B 1449 -96.57 30.86 -5.51
N ALA B 1450 -96.57 31.80 -6.45
CA ALA B 1450 -96.46 33.20 -6.08
C ALA B 1450 -97.63 33.64 -5.23
N VAL B 1451 -98.85 33.29 -5.64
CA VAL B 1451 -100.01 33.68 -4.85
C VAL B 1451 -100.03 32.93 -3.53
N VAL B 1452 -99.56 31.68 -3.51
CA VAL B 1452 -99.47 30.94 -2.25
C VAL B 1452 -98.57 31.69 -1.29
N SER B 1453 -97.40 32.11 -1.76
CA SER B 1453 -96.45 32.83 -0.92
C SER B 1453 -97.05 34.15 -0.45
N ALA B 1454 -97.72 34.88 -1.34
CA ALA B 1454 -98.30 36.15 -0.95
C ALA B 1454 -99.35 35.96 0.14
N CYS B 1455 -100.20 34.95 -0.01
CA CYS B 1455 -101.23 34.69 1.00
C CYS B 1455 -100.61 34.24 2.31
N LYS B 1456 -99.53 33.46 2.24
CA LYS B 1456 -98.86 33.04 3.47
C LYS B 1456 -98.26 34.25 4.19
N GLN B 1457 -97.69 35.19 3.44
CA GLN B 1457 -97.21 36.43 4.04
C GLN B 1457 -98.36 37.21 4.68
N LEU B 1458 -99.51 37.24 3.99
CA LEU B 1458 -100.67 37.92 4.54
C LEU B 1458 -101.10 37.30 5.87
N HIS B 1459 -101.12 35.96 5.93
CA HIS B 1459 -101.45 35.29 7.17
C HIS B 1459 -100.42 35.59 8.25
N ARG B 1460 -99.14 35.59 7.87
CA ARG B 1460 -98.11 36.03 8.80
C ARG B 1460 -98.33 37.47 9.21
N ALA B 1461 -98.74 38.31 8.25
CA ALA B 1461 -99.14 39.67 8.57
C ALA B 1461 -100.43 39.72 9.38
N GLY B 1462 -101.13 38.60 9.50
CA GLY B 1462 -102.42 38.60 10.16
C GLY B 1462 -103.56 39.04 9.29
N LEU B 1463 -103.34 39.14 7.98
CA LEU B 1463 -104.35 39.61 7.04
C LEU B 1463 -104.94 38.40 6.33
N LEU B 1464 -106.21 38.12 6.58
CA LEU B 1464 -106.89 37.01 5.93
C LEU B 1464 -108.05 37.47 5.06
N HIS B 1465 -109.00 38.21 5.64
CA HIS B 1465 -110.25 38.51 4.97
C HIS B 1465 -110.31 39.93 4.42
N ASN B 1466 -109.32 40.76 4.71
CA ASN B 1466 -109.16 42.00 3.99
C ASN B 1466 -108.77 41.77 2.54
N ILE B 1467 -108.34 40.56 2.21
CA ILE B 1467 -108.22 40.14 0.82
C ILE B 1467 -109.21 39.04 0.48
N LEU B 1468 -109.61 38.21 1.44
CA LEU B 1468 -110.54 37.13 1.17
C LEU B 1468 -111.97 37.64 1.28
N PRO B 1469 -112.78 37.52 0.24
CA PRO B 1469 -114.23 37.67 0.43
C PRO B 1469 -114.76 36.42 1.12
N SER B 1470 -114.68 36.43 2.45
CA SER B 1470 -114.80 35.23 3.26
C SER B 1470 -116.02 34.39 2.88
N GLN B 1471 -115.86 33.08 3.01
CA GLN B 1471 -116.94 32.15 2.70
C GLN B 1471 -118.12 32.37 3.64
N SER B 1472 -119.31 32.00 3.17
CA SER B 1472 -120.52 32.19 3.98
C SER B 1472 -120.45 31.42 5.29
N THR B 1473 -119.63 30.37 5.38
CA THR B 1473 -119.45 29.61 6.60
C THR B 1473 -118.07 29.90 7.19
N ASP B 1474 -117.93 29.59 8.47
CA ASP B 1474 -116.65 29.80 9.15
C ASP B 1474 -115.54 28.99 8.48
N LEU B 1475 -115.82 27.74 8.18
CA LEU B 1475 -114.89 26.90 7.42
C LEU B 1475 -114.90 27.38 5.98
N HIS B 1476 -113.88 28.17 5.61
CA HIS B 1476 -113.83 28.82 4.32
C HIS B 1476 -113.50 27.79 3.24
N HIS B 1477 -114.52 27.33 2.54
CA HIS B 1477 -114.31 26.38 1.46
C HIS B 1477 -113.56 26.97 0.28
N SER B 1478 -113.44 28.31 0.21
CA SER B 1478 -112.73 28.97 -0.87
C SER B 1478 -111.32 28.45 -1.05
N VAL B 1479 -110.80 27.72 -0.07
CA VAL B 1479 -109.53 27.01 -0.19
C VAL B 1479 -109.71 25.51 -0.07
N GLY B 1480 -110.58 25.05 0.84
CA GLY B 1480 -110.70 23.63 1.09
C GLY B 1480 -111.27 22.87 -0.09
N THR B 1481 -112.29 23.41 -0.75
CA THR B 1481 -112.88 22.73 -1.89
C THR B 1481 -111.86 22.55 -3.00
N GLU B 1482 -111.12 23.61 -3.33
CA GLU B 1482 -110.11 23.52 -4.36
C GLU B 1482 -109.04 22.51 -3.98
N LEU B 1483 -108.58 22.57 -2.72
CA LEU B 1483 -107.53 21.67 -2.28
C LEU B 1483 -107.98 20.21 -2.38
N LEU B 1484 -109.19 19.92 -1.89
CA LEU B 1484 -109.69 18.55 -1.96
C LEU B 1484 -109.88 18.09 -3.39
N SER B 1485 -110.45 18.95 -4.25
CA SER B 1485 -110.70 18.55 -5.62
C SER B 1485 -109.39 18.24 -6.34
N LEU B 1486 -108.38 19.09 -6.14
CA LEU B 1486 -107.13 18.89 -6.85
C LEU B 1486 -106.32 17.73 -6.26
N VAL B 1487 -106.41 17.52 -4.95
CA VAL B 1487 -105.72 16.38 -4.35
C VAL B 1487 -106.43 15.08 -4.66
N TYR B 1488 -107.73 15.13 -4.97
CA TYR B 1488 -108.53 13.94 -5.16
C TYR B 1488 -108.59 13.56 -6.64
N LYS B 1489 -109.06 14.49 -7.47
CA LYS B 1489 -109.12 14.23 -8.90
C LYS B 1489 -107.76 14.27 -9.57
N GLY B 1490 -106.75 14.86 -8.93
CA GLY B 1490 -105.42 14.93 -9.50
C GLY B 1490 -104.71 13.60 -9.62
N ILE B 1491 -105.24 12.54 -9.01
CA ILE B 1491 -104.61 11.24 -9.03
C ILE B 1491 -105.34 10.24 -9.94
N ALA B 1492 -106.64 10.42 -10.16
CA ALA B 1492 -107.42 9.46 -10.94
C ALA B 1492 -107.38 9.80 -12.42
N ASP B 1504 -96.61 14.26 -8.92
CA ASP B 1504 -95.47 15.10 -9.26
C ASP B 1504 -94.92 15.82 -8.03
N LEU B 1505 -93.60 15.76 -7.87
CA LEU B 1505 -92.98 16.35 -6.69
C LEU B 1505 -93.21 17.86 -6.63
N SER B 1506 -93.07 18.53 -7.76
CA SER B 1506 -93.38 19.96 -7.79
C SER B 1506 -94.86 20.18 -7.51
N CYS B 1507 -95.73 19.37 -8.11
CA CYS B 1507 -97.13 19.44 -7.75
C CYS B 1507 -97.35 19.03 -6.31
N LYS B 1508 -96.52 18.15 -5.77
CA LYS B 1508 -96.64 17.77 -4.37
C LYS B 1508 -96.38 18.95 -3.45
N GLN B 1509 -95.31 19.71 -3.72
CA GLN B 1509 -95.02 20.87 -2.89
C GLN B 1509 -96.03 21.99 -3.13
N LEU B 1510 -96.54 22.10 -4.36
CA LEU B 1510 -97.62 23.06 -4.61
C LEU B 1510 -98.85 22.70 -3.77
N ALA B 1511 -99.20 21.42 -3.74
CA ALA B 1511 -100.32 20.98 -2.92
C ALA B 1511 -100.04 21.18 -1.44
N SER B 1512 -98.78 21.06 -1.03
CA SER B 1512 -98.41 21.37 0.34
C SER B 1512 -98.69 22.83 0.65
N GLY B 1513 -98.32 23.72 -0.26
CA GLY B 1513 -98.67 25.12 -0.09
C GLY B 1513 -100.17 25.33 -0.01
N LEU B 1514 -100.92 24.61 -0.83
CA LEU B 1514 -102.38 24.69 -0.78
C LEU B 1514 -102.91 24.22 0.57
N LEU B 1515 -102.32 23.15 1.11
CA LEU B 1515 -102.72 22.67 2.44
C LEU B 1515 -102.46 23.75 3.48
N GLU B 1516 -101.32 24.41 3.38
CA GLU B 1516 -101.03 25.50 4.31
C GLU B 1516 -102.04 26.63 4.16
N LEU B 1517 -102.43 26.93 2.92
CA LEU B 1517 -103.45 27.95 2.70
C LEU B 1517 -104.76 27.56 3.36
N ALA B 1518 -105.15 26.30 3.22
CA ALA B 1518 -106.36 25.82 3.87
C ALA B 1518 -106.24 25.94 5.39
N PHE B 1519 -105.05 25.63 5.91
CA PHE B 1519 -104.81 25.76 7.34
C PHE B 1519 -104.89 27.21 7.79
N ALA B 1520 -104.61 28.15 6.88
CA ALA B 1520 -104.67 29.56 7.24
C ALA B 1520 -106.08 29.98 7.66
N PHE B 1521 -107.10 29.29 7.16
CA PHE B 1521 -108.48 29.52 7.57
C PHE B 1521 -108.92 28.39 8.49
N GLY B 1522 -109.48 28.76 9.64
CA GLY B 1522 -109.97 27.77 10.57
C GLY B 1522 -111.27 27.13 10.10
N GLY B 1523 -111.70 26.13 10.86
CA GLY B 1523 -112.91 25.41 10.55
C GLY B 1523 -112.69 24.29 9.56
N LEU B 1524 -111.66 24.44 8.72
CA LEU B 1524 -111.29 23.38 7.79
C LEU B 1524 -110.75 22.16 8.50
N CYS B 1525 -110.46 22.27 9.80
CA CYS B 1525 -109.89 21.15 10.54
C CYS B 1525 -110.79 19.93 10.50
N GLU B 1526 -112.00 20.04 11.04
CA GLU B 1526 -112.89 18.89 11.11
C GLU B 1526 -113.40 18.49 9.74
N ARG B 1527 -113.58 19.45 8.84
CA ARG B 1527 -113.97 19.11 7.48
C ARG B 1527 -112.92 18.24 6.83
N LEU B 1528 -111.65 18.62 6.96
CA LEU B 1528 -110.56 17.80 6.41
C LEU B 1528 -110.41 16.50 7.17
N VAL B 1529 -110.81 16.47 8.44
CA VAL B 1529 -110.84 15.20 9.18
C VAL B 1529 -111.82 14.26 8.51
N SER B 1530 -113.01 14.77 8.18
CA SER B 1530 -113.99 13.97 7.46
C SER B 1530 -113.45 13.55 6.10
N LEU B 1531 -112.85 14.49 5.37
CA LEU B 1531 -112.29 14.19 4.06
C LEU B 1531 -111.16 13.19 4.14
N LEU B 1532 -110.51 13.09 5.29
CA LEU B 1532 -109.53 12.02 5.50
C LEU B 1532 -110.21 10.67 5.47
N LEU B 1533 -111.39 10.56 6.10
CA LEU B 1533 -112.12 9.31 6.17
C LEU B 1533 -112.90 9.11 4.87
N ASN B 1534 -112.13 8.86 3.80
CA ASN B 1534 -112.72 8.64 2.49
C ASN B 1534 -112.97 7.16 2.29
N PRO B 1535 -114.22 6.70 2.26
CA PRO B 1535 -114.48 5.31 1.86
C PRO B 1535 -114.19 5.05 0.41
N ALA B 1536 -114.07 6.10 -0.41
CA ALA B 1536 -113.74 5.93 -1.82
C ALA B 1536 -112.40 5.22 -1.95
N VAL B 1537 -112.34 4.27 -2.88
CA VAL B 1537 -111.18 3.40 -3.06
C VAL B 1537 -110.58 3.68 -4.43
N LEU B 1538 -109.25 3.68 -4.50
CA LEU B 1538 -108.59 3.89 -5.77
C LEU B 1538 -108.82 2.70 -6.69
N SER B 1539 -108.97 2.98 -7.98
CA SER B 1539 -109.32 1.96 -8.97
C SER B 1539 -108.16 1.82 -9.95
N THR B 1540 -107.25 0.90 -9.64
CA THR B 1540 -106.25 0.44 -10.60
C THR B 1540 -106.28 -1.08 -10.64
N VAL B 1550 -104.31 -3.41 -10.33
CA VAL B 1550 -103.45 -4.21 -9.49
C VAL B 1550 -103.85 -4.12 -8.02
N ILE B 1551 -104.33 -2.96 -7.57
CA ILE B 1551 -104.57 -2.72 -6.16
C ILE B 1551 -105.68 -1.69 -6.00
N HIS B 1552 -106.17 -1.54 -4.77
CA HIS B 1552 -107.22 -0.58 -4.45
C HIS B 1552 -107.04 -0.13 -3.01
N PHE B 1553 -107.09 1.18 -2.79
CA PHE B 1553 -106.94 1.71 -1.44
C PHE B 1553 -107.70 3.02 -1.31
N SER B 1554 -107.97 3.39 -0.06
CA SER B 1554 -108.77 4.59 0.21
C SER B 1554 -108.06 5.84 -0.27
N HIS B 1555 -108.82 6.73 -0.90
CA HIS B 1555 -108.24 7.99 -1.37
C HIS B 1555 -107.82 8.87 -0.21
N GLY B 1556 -108.62 8.92 0.86
CA GLY B 1556 -108.23 9.71 2.02
C GLY B 1556 -106.99 9.16 2.68
N GLU B 1557 -106.93 7.83 2.86
CA GLU B 1557 -105.72 7.20 3.35
C GLU B 1557 -104.55 7.48 2.41
N TYR B 1558 -104.82 7.49 1.11
CA TYR B 1558 -103.80 7.84 0.14
C TYR B 1558 -103.24 9.23 0.40
N PHE B 1559 -104.14 10.22 0.56
CA PHE B 1559 -103.68 11.59 0.76
C PHE B 1559 -102.93 11.72 2.06
N TYR B 1560 -103.36 11.00 3.10
CA TYR B 1560 -102.57 10.98 4.33
C TYR B 1560 -101.18 10.42 4.06
N SER B 1561 -101.09 9.36 3.27
CA SER B 1561 -99.79 8.84 2.88
C SER B 1561 -99.01 9.85 2.04
N LEU B 1562 -99.69 10.83 1.45
CA LEU B 1562 -99.02 11.83 0.64
C LEU B 1562 -98.44 12.96 1.47
N PHE B 1563 -99.29 13.65 2.23
CA PHE B 1563 -98.86 14.86 2.91
C PHE B 1563 -99.04 14.73 4.41
N SER B 1564 -98.65 13.59 4.97
CA SER B 1564 -98.90 13.33 6.37
C SER B 1564 -98.28 14.38 7.27
N GLU B 1565 -97.21 15.03 6.84
CA GLU B 1565 -96.54 15.97 7.74
C GLU B 1565 -97.37 17.23 7.94
N THR B 1566 -97.88 17.81 6.86
CA THR B 1566 -98.75 18.97 6.99
C THR B 1566 -100.01 18.61 7.76
N ILE B 1567 -100.55 17.43 7.50
CA ILE B 1567 -101.72 16.95 8.22
C ILE B 1567 -101.43 16.86 9.70
N ASN B 1568 -100.27 16.30 10.05
CA ASN B 1568 -99.89 16.14 11.45
C ASN B 1568 -99.75 17.50 12.12
N THR B 1569 -99.10 18.45 11.45
CA THR B 1569 -98.95 19.78 12.02
C THR B 1569 -100.32 20.43 12.26
N GLU B 1570 -101.16 20.43 11.23
CA GLU B 1570 -102.48 21.05 11.34
C GLU B 1570 -103.30 20.42 12.45
N LEU B 1571 -103.31 19.10 12.52
CA LEU B 1571 -104.18 18.42 13.47
C LEU B 1571 -103.56 18.31 14.85
N LEU B 1572 -102.28 18.62 15.00
CA LEU B 1572 -101.69 18.80 16.31
C LEU B 1572 -101.85 20.22 16.81
N LYS B 1573 -102.11 21.18 15.91
CA LYS B 1573 -102.62 22.46 16.37
C LYS B 1573 -103.95 22.29 17.08
N ASN B 1574 -104.84 21.46 16.54
CA ASN B 1574 -105.99 20.99 17.29
C ASN B 1574 -105.54 19.96 18.32
N LEU B 1575 -106.27 19.89 19.44
CA LEU B 1575 -105.90 18.98 20.51
C LEU B 1575 -106.74 17.71 20.52
N ASP B 1576 -108.06 17.83 20.58
CA ASP B 1576 -108.90 16.67 20.81
C ASP B 1576 -110.20 16.65 20.02
N LEU B 1577 -110.65 17.75 19.43
CA LEU B 1577 -111.90 17.75 18.69
C LEU B 1577 -111.84 16.75 17.55
N ALA B 1578 -110.81 16.86 16.72
CA ALA B 1578 -110.56 15.85 15.70
C ALA B 1578 -110.32 14.49 16.34
N VAL B 1579 -109.60 14.48 17.47
CA VAL B 1579 -109.41 13.23 18.20
C VAL B 1579 -110.75 12.65 18.61
N LEU B 1580 -111.65 13.51 19.10
CA LEU B 1580 -112.98 13.05 19.48
C LEU B 1580 -113.71 12.43 18.30
N GLU B 1581 -113.71 13.12 17.15
CA GLU B 1581 -114.45 12.62 16.00
C GLU B 1581 -113.86 11.31 15.48
N LEU B 1582 -112.54 11.25 15.33
CA LEU B 1582 -111.93 10.04 14.81
C LEU B 1582 -112.09 8.89 15.80
N MET B 1583 -112.07 9.19 17.09
CA MET B 1583 -112.33 8.17 18.09
C MET B 1583 -113.75 7.66 18.02
N GLN B 1584 -114.70 8.55 17.73
CA GLN B 1584 -116.08 8.11 17.52
C GLN B 1584 -116.19 7.23 16.29
N SER B 1585 -115.47 7.57 15.23
CA SER B 1585 -115.52 6.81 13.99
C SER B 1585 -114.61 5.59 14.00
N SER B 1586 -113.80 5.40 15.04
CA SER B 1586 -112.88 4.27 15.09
C SER B 1586 -113.60 2.93 15.04
N VAL B 1587 -114.87 2.87 15.43
CA VAL B 1587 -115.57 1.60 15.41
C VAL B 1587 -115.95 1.19 13.99
N ASP B 1588 -116.19 2.15 13.10
CA ASP B 1588 -116.55 1.80 11.73
C ASP B 1588 -115.30 1.49 10.90
N ASN B 1589 -114.35 2.42 10.87
CA ASN B 1589 -113.06 2.21 10.26
C ASN B 1589 -112.01 2.23 11.36
N THR B 1590 -111.07 1.29 11.28
CA THR B 1590 -110.07 1.15 12.32
C THR B 1590 -108.64 1.27 11.81
N LYS B 1591 -108.33 0.68 10.66
CA LYS B 1591 -106.96 0.65 10.18
C LYS B 1591 -106.42 2.04 9.95
N MET B 1592 -107.13 2.85 9.16
CA MET B 1592 -106.60 4.14 8.76
C MET B 1592 -106.68 5.18 9.87
N VAL B 1593 -107.72 5.12 10.70
CA VAL B 1593 -107.73 6.01 11.87
C VAL B 1593 -106.58 5.66 12.81
N SER B 1594 -106.31 4.36 12.97
CA SER B 1594 -105.17 3.95 13.78
C SER B 1594 -103.87 4.47 13.17
N ALA B 1595 -103.76 4.41 11.84
CA ALA B 1595 -102.56 4.89 11.18
C ALA B 1595 -102.36 6.39 11.41
N VAL B 1596 -103.43 7.17 11.25
CA VAL B 1596 -103.30 8.61 11.42
C VAL B 1596 -103.02 8.94 12.88
N LEU B 1597 -103.58 8.17 13.81
CA LEU B 1597 -103.23 8.37 15.22
C LEU B 1597 -101.77 8.08 15.48
N ASN B 1598 -101.26 7.00 14.90
CA ASN B 1598 -99.85 6.69 15.11
C ASN B 1598 -98.97 7.76 14.47
N GLY B 1599 -99.42 8.33 13.35
CA GLY B 1599 -98.72 9.47 12.79
C GLY B 1599 -98.72 10.66 13.73
N MET B 1600 -99.86 10.91 14.37
CA MET B 1600 -99.92 11.94 15.40
C MET B 1600 -98.87 11.65 16.48
N LEU B 1601 -98.84 10.41 16.94
CA LEU B 1601 -97.94 10.01 18.01
C LEU B 1601 -96.50 10.25 17.60
N ASP B 1602 -96.13 9.82 16.40
CA ASP B 1602 -94.74 9.94 15.98
C ASP B 1602 -94.35 11.39 15.70
N GLN B 1603 -95.28 12.20 15.19
CA GLN B 1603 -94.97 13.60 15.02
C GLN B 1603 -94.71 14.27 16.36
N SER B 1604 -95.57 13.98 17.34
CA SER B 1604 -95.36 14.53 18.68
C SER B 1604 -94.04 14.04 19.25
N PHE B 1605 -93.74 12.76 19.06
CA PHE B 1605 -92.51 12.18 19.58
C PHE B 1605 -91.29 12.87 18.96
N ARG B 1606 -91.32 13.09 17.66
CA ARG B 1606 -90.20 13.74 17.00
C ARG B 1606 -89.99 15.15 17.52
N GLU B 1607 -91.07 15.90 17.68
CA GLU B 1607 -90.98 17.26 18.17
C GLU B 1607 -90.62 17.24 19.65
N ARG B 1608 -89.37 17.52 19.94
CA ARG B 1608 -88.93 17.71 21.31
C ARG B 1608 -88.03 18.92 21.48
N ALA B 1609 -87.64 19.60 20.41
CA ALA B 1609 -86.78 20.77 20.53
C ALA B 1609 -87.47 21.88 21.33
N ASN B 1610 -88.75 22.12 21.05
CA ASN B 1610 -89.49 23.12 21.81
C ASN B 1610 -90.07 22.52 23.10
N GLN B 1611 -90.66 21.34 23.00
CA GLN B 1611 -91.33 20.68 24.12
C GLN B 1611 -91.84 19.34 23.62
N LYS B 1612 -92.31 18.54 24.55
CA LYS B 1612 -93.12 17.35 24.24
C LYS B 1612 -94.42 17.37 25.03
N HIS B 1613 -94.71 18.46 25.73
CA HIS B 1613 -95.93 18.56 26.51
C HIS B 1613 -97.16 18.51 25.62
N GLN B 1614 -97.01 18.90 24.35
CA GLN B 1614 -98.09 18.69 23.38
C GLN B 1614 -98.42 17.21 23.29
N GLY B 1615 -97.40 16.37 23.20
CA GLY B 1615 -97.63 14.93 23.15
C GLY B 1615 -98.25 14.42 24.44
N LEU B 1616 -97.84 14.96 25.58
CA LEU B 1616 -98.43 14.54 26.84
C LEU B 1616 -99.91 14.90 26.91
N LYS B 1617 -100.26 16.11 26.47
CA LYS B 1617 -101.65 16.52 26.45
C LYS B 1617 -102.47 15.65 25.50
N LEU B 1618 -101.90 15.35 24.33
CA LEU B 1618 -102.59 14.47 23.40
C LEU B 1618 -102.77 13.08 24.00
N ALA B 1619 -101.75 12.60 24.70
CA ALA B 1619 -101.85 11.30 25.36
C ALA B 1619 -102.93 11.32 26.42
N THR B 1620 -103.06 12.42 27.15
CA THR B 1620 -104.13 12.53 28.14
C THR B 1620 -105.50 12.51 27.46
N THR B 1621 -105.65 13.25 26.36
CA THR B 1621 -106.91 13.27 25.65
C THR B 1621 -107.28 11.89 25.13
N ILE B 1622 -106.31 11.19 24.53
CA ILE B 1622 -106.60 9.85 24.03
C ILE B 1622 -106.81 8.89 25.18
N LEU B 1623 -106.19 9.15 26.33
CA LEU B 1623 -106.46 8.34 27.51
C LEU B 1623 -107.92 8.47 27.91
N GLN B 1624 -108.45 9.68 27.86
CA GLN B 1624 -109.88 9.87 28.12
C GLN B 1624 -110.71 9.14 27.08
N HIS B 1625 -110.33 9.24 25.81
CA HIS B 1625 -111.12 8.66 24.73
C HIS B 1625 -110.90 7.15 24.55
N TRP B 1626 -110.00 6.56 25.35
CA TRP B 1626 -109.50 5.22 25.07
C TRP B 1626 -110.61 4.17 25.08
N LYS B 1627 -111.47 4.18 26.09
CA LYS B 1627 -112.42 3.09 26.30
C LYS B 1627 -113.66 3.21 25.46
N LYS B 1628 -113.63 3.91 24.33
CA LYS B 1628 -114.84 4.17 23.58
C LYS B 1628 -114.91 3.39 22.27
N CYS B 1629 -113.92 2.55 21.99
CA CYS B 1629 -113.91 1.74 20.77
C CYS B 1629 -113.95 0.28 21.17
N ASP B 1630 -115.10 -0.35 20.94
CA ASP B 1630 -115.36 -1.69 21.47
C ASP B 1630 -114.35 -2.70 20.95
N SER B 1631 -114.05 -2.67 19.65
CA SER B 1631 -113.12 -3.63 19.06
C SER B 1631 -111.77 -3.59 19.77
N TRP B 1632 -111.41 -2.43 20.32
CA TRP B 1632 -110.17 -2.28 21.06
C TRP B 1632 -110.36 -2.76 22.49
N TRP B 1633 -109.24 -2.83 23.23
CA TRP B 1633 -109.20 -3.22 24.64
C TRP B 1633 -110.04 -4.46 24.94
N ALA B 1634 -110.26 -5.31 23.93
CA ALA B 1634 -111.11 -6.46 24.09
C ALA B 1634 -110.89 -7.42 22.93
N LYS B 1635 -111.18 -8.70 23.19
CA LYS B 1635 -111.16 -9.72 22.15
C LYS B 1635 -112.51 -9.74 21.44
N ASP B 1636 -112.73 -8.69 20.66
CA ASP B 1636 -113.89 -8.61 19.77
C ASP B 1636 -113.51 -8.01 18.43
N SER B 1637 -112.24 -8.08 18.06
CA SER B 1637 -111.70 -7.46 16.87
C SER B 1637 -110.78 -8.44 16.18
N PRO B 1638 -110.50 -8.24 14.90
CA PRO B 1638 -109.52 -9.09 14.21
C PRO B 1638 -108.15 -8.98 14.87
N LEU B 1639 -107.37 -10.05 14.74
CA LEU B 1639 -106.06 -10.11 15.37
C LEU B 1639 -105.20 -8.91 14.99
N GLU B 1640 -105.29 -8.47 13.73
CA GLU B 1640 -104.53 -7.30 13.32
C GLU B 1640 -104.99 -6.06 14.09
N THR B 1641 -106.29 -5.96 14.39
CA THR B 1641 -106.76 -4.84 15.18
C THR B 1641 -106.16 -4.86 16.57
N LYS B 1642 -106.10 -6.04 17.20
CA LYS B 1642 -105.50 -6.15 18.52
C LYS B 1642 -104.02 -5.80 18.47
N MET B 1643 -103.31 -6.25 17.44
CA MET B 1643 -101.92 -5.86 17.28
C MET B 1643 -101.79 -4.34 17.14
N ALA B 1644 -102.68 -3.74 16.36
CA ALA B 1644 -102.63 -2.30 16.15
C ALA B 1644 -102.84 -1.54 17.44
N VAL B 1645 -103.83 -1.96 18.24
CA VAL B 1645 -104.08 -1.26 19.48
C VAL B 1645 -102.93 -1.47 20.46
N LEU B 1646 -102.32 -2.67 20.44
CA LEU B 1646 -101.14 -2.90 21.26
C LEU B 1646 -100.02 -1.94 20.88
N ALA B 1647 -99.77 -1.78 19.58
CA ALA B 1647 -98.72 -0.89 19.14
C ALA B 1647 -99.04 0.56 19.52
N LEU B 1648 -100.30 0.96 19.37
CA LEU B 1648 -100.67 2.33 19.67
C LEU B 1648 -100.49 2.63 21.15
N LEU B 1649 -100.95 1.73 22.01
CA LEU B 1649 -100.78 1.95 23.44
C LEU B 1649 -99.31 1.89 23.83
N ALA B 1650 -98.52 1.05 23.15
CA ALA B 1650 -97.09 1.03 23.41
C ALA B 1650 -96.46 2.37 23.08
N LYS B 1651 -96.86 2.96 21.94
CA LYS B 1651 -96.35 4.28 21.58
C LYS B 1651 -96.78 5.32 22.59
N ILE B 1652 -98.02 5.23 23.08
CA ILE B 1652 -98.49 6.17 24.08
C ILE B 1652 -97.67 6.05 25.35
N LEU B 1653 -97.41 4.82 25.79
CA LEU B 1653 -96.61 4.60 26.99
C LEU B 1653 -95.19 5.13 26.79
N GLN B 1654 -94.64 4.95 25.59
CA GLN B 1654 -93.32 5.49 25.31
C GLN B 1654 -93.32 7.01 25.38
N ILE B 1655 -94.36 7.65 24.84
CA ILE B 1655 -94.41 9.09 24.77
C ILE B 1655 -94.46 9.70 26.17
N ASP B 1656 -95.37 9.23 27.01
CA ASP B 1656 -95.45 9.77 28.35
C ASP B 1656 -94.42 9.07 29.25
N SER B 1657 -94.26 9.61 30.45
CA SER B 1657 -93.31 9.04 31.40
C SER B 1657 -93.81 7.68 31.88
N SER B 1658 -92.86 6.75 32.05
CA SER B 1658 -93.21 5.41 32.51
C SER B 1658 -93.77 5.44 33.93
N VAL B 1659 -93.19 6.27 34.80
CA VAL B 1659 -93.65 6.32 36.19
C VAL B 1659 -95.08 6.82 36.27
N SER B 1660 -95.47 7.73 35.37
CA SER B 1660 -96.88 8.09 35.26
C SER B 1660 -97.62 6.93 34.64
N PHE B 1661 -98.74 6.56 35.25
CA PHE B 1661 -99.52 5.40 34.83
C PHE B 1661 -98.71 4.11 34.90
N ASN B 1662 -97.97 3.94 35.99
CA ASN B 1662 -97.59 2.60 36.45
C ASN B 1662 -98.42 2.15 37.64
N THR B 1663 -98.88 3.11 38.44
CA THR B 1663 -99.88 2.92 39.49
C THR B 1663 -100.99 3.93 39.25
N SER B 1664 -101.89 4.10 40.20
CA SER B 1664 -103.01 5.02 40.03
C SER B 1664 -102.52 6.45 39.78
N HIS B 1665 -102.73 6.93 38.55
CA HIS B 1665 -102.40 8.30 38.18
C HIS B 1665 -103.60 8.98 37.55
N GLY B 1666 -104.80 8.68 38.03
CA GLY B 1666 -106.01 9.18 37.44
C GLY B 1666 -106.74 8.12 36.65
N SER B 1667 -106.67 8.21 35.32
CA SER B 1667 -107.32 7.25 34.45
C SER B 1667 -106.47 6.01 34.22
N PHE B 1668 -105.44 5.79 35.03
CA PHE B 1668 -104.68 4.55 34.99
C PHE B 1668 -105.51 3.28 35.07
N PRO B 1669 -106.53 3.15 35.94
CA PRO B 1669 -107.22 1.86 36.05
C PRO B 1669 -107.73 1.32 34.73
N GLU B 1670 -108.26 2.18 33.85
CA GLU B 1670 -108.82 1.69 32.61
C GLU B 1670 -107.75 1.01 31.74
N VAL B 1671 -106.58 1.64 31.62
CA VAL B 1671 -105.57 1.07 30.75
C VAL B 1671 -104.85 -0.09 31.43
N PHE B 1672 -104.74 -0.06 32.76
CA PHE B 1672 -104.20 -1.22 33.46
C PHE B 1672 -105.10 -2.43 33.28
N THR B 1673 -106.42 -2.23 33.37
CA THR B 1673 -107.36 -3.30 33.13
C THR B 1673 -107.27 -3.81 31.70
N THR B 1674 -107.16 -2.90 30.72
CA THR B 1674 -106.98 -3.33 29.35
C THR B 1674 -105.72 -4.17 29.19
N TYR B 1675 -104.62 -3.72 29.81
CA TYR B 1675 -103.36 -4.43 29.70
C TYR B 1675 -103.50 -5.85 30.26
N ILE B 1676 -104.06 -5.97 31.45
CA ILE B 1676 -104.22 -7.29 32.05
C ILE B 1676 -105.19 -8.13 31.24
N SER B 1677 -106.21 -7.51 30.66
CA SER B 1677 -107.16 -8.26 29.82
C SER B 1677 -106.46 -8.85 28.62
N LEU B 1678 -105.63 -8.06 27.94
CA LEU B 1678 -104.89 -8.57 26.81
C LEU B 1678 -103.89 -9.63 27.23
N LEU B 1679 -103.33 -9.49 28.44
CA LEU B 1679 -102.47 -10.55 28.98
C LEU B 1679 -103.23 -11.85 29.12
N ALA B 1680 -104.44 -11.79 29.68
CA ALA B 1680 -105.28 -12.98 29.82
C ALA B 1680 -105.75 -13.51 28.47
N ASP B 1681 -105.69 -12.70 27.42
CA ASP B 1681 -106.11 -13.13 26.09
C ASP B 1681 -105.14 -14.19 25.59
N THR B 1682 -105.54 -15.45 25.68
CA THR B 1682 -104.71 -16.56 25.23
C THR B 1682 -104.86 -16.83 23.74
N LYS B 1683 -105.80 -16.17 23.06
CA LYS B 1683 -105.93 -16.32 21.62
C LYS B 1683 -104.69 -15.80 20.90
N LEU B 1684 -103.90 -14.96 21.56
CA LEU B 1684 -102.70 -14.41 20.95
C LEU B 1684 -101.68 -15.50 20.70
N ASP B 1685 -100.93 -15.35 19.62
CA ASP B 1685 -99.76 -16.19 19.42
C ASP B 1685 -98.74 -15.89 20.51
N LEU B 1686 -97.99 -16.91 20.89
CA LEU B 1686 -96.93 -16.71 21.89
C LEU B 1686 -95.96 -15.63 21.43
N HIS B 1687 -95.72 -15.53 20.12
CA HIS B 1687 -95.02 -14.38 19.58
C HIS B 1687 -95.73 -13.08 19.94
N LEU B 1688 -97.04 -13.02 19.67
CA LEU B 1688 -97.80 -11.83 20.01
C LEU B 1688 -97.98 -11.68 21.51
N LYS B 1689 -98.03 -12.80 22.23
CA LYS B 1689 -98.08 -12.73 23.69
C LYS B 1689 -96.83 -12.04 24.23
N GLY B 1690 -95.66 -12.45 23.74
CA GLY B 1690 -94.44 -11.77 24.14
C GLY B 1690 -94.38 -10.34 23.67
N GLN B 1691 -94.96 -10.06 22.50
CA GLN B 1691 -95.06 -8.69 22.04
C GLN B 1691 -95.80 -7.82 23.05
N ALA B 1692 -96.93 -8.33 23.55
CA ALA B 1692 -97.64 -7.62 24.60
C ALA B 1692 -96.81 -7.54 25.88
N VAL B 1693 -96.07 -8.62 26.19
CA VAL B 1693 -95.28 -8.67 27.41
C VAL B 1693 -94.24 -7.56 27.42
N THR B 1694 -93.62 -7.30 26.26
CA THR B 1694 -92.53 -6.35 26.16
C THR B 1694 -92.82 -5.01 26.81
N LEU B 1695 -94.09 -4.69 27.05
CA LEU B 1695 -94.48 -3.44 27.67
C LEU B 1695 -94.50 -3.51 29.18
N LEU B 1696 -94.11 -4.65 29.75
CA LEU B 1696 -94.10 -4.79 31.20
C LEU B 1696 -93.25 -3.75 31.93
N PRO B 1697 -92.02 -3.40 31.49
CA PRO B 1697 -91.18 -2.52 32.31
C PRO B 1697 -91.80 -1.18 32.67
N PHE B 1698 -92.98 -0.88 32.12
CA PHE B 1698 -93.72 0.31 32.49
C PHE B 1698 -94.36 0.20 33.87
N PHE B 1699 -93.94 -0.76 34.69
CA PHE B 1699 -94.58 -0.97 35.98
C PHE B 1699 -93.55 -1.37 37.02
N LEU B 1707 -101.77 -4.95 41.54
CA LEU B 1707 -100.39 -5.22 41.19
C LEU B 1707 -100.11 -6.71 41.10
N GLU B 1708 -100.64 -7.45 42.08
CA GLU B 1708 -100.38 -8.89 42.13
C GLU B 1708 -101.06 -9.62 40.98
N GLU B 1709 -102.26 -9.18 40.59
CA GLU B 1709 -102.98 -9.83 39.49
C GLU B 1709 -102.14 -9.88 38.22
N LEU B 1710 -101.26 -8.90 38.03
CA LEU B 1710 -100.30 -8.96 36.94
C LEU B 1710 -99.42 -10.20 37.06
N ARG B 1711 -98.85 -10.41 38.25
CA ARG B 1711 -98.05 -11.61 38.46
C ARG B 1711 -98.89 -12.85 38.27
N ARG B 1712 -100.17 -12.80 38.65
CA ARG B 1712 -101.06 -13.94 38.48
C ARG B 1712 -101.17 -14.32 37.01
N VAL B 1713 -101.47 -13.34 36.16
CA VAL B 1713 -101.61 -13.65 34.74
C VAL B 1713 -100.27 -14.07 34.16
N LEU B 1714 -99.16 -13.54 34.70
CA LEU B 1714 -97.85 -13.98 34.25
C LEU B 1714 -97.63 -15.45 34.55
N GLU B 1715 -97.97 -15.88 35.76
CA GLU B 1715 -97.84 -17.29 36.11
C GLU B 1715 -98.73 -18.14 35.21
N GLN B 1716 -99.95 -17.67 34.97
CA GLN B 1716 -100.88 -18.41 34.14
C GLN B 1716 -100.32 -18.63 32.75
N LEU B 1717 -99.76 -17.58 32.15
CA LEU B 1717 -99.18 -17.73 30.83
C LEU B 1717 -97.97 -18.64 30.85
N ILE B 1718 -97.01 -18.36 31.74
CA ILE B 1718 -95.72 -19.06 31.69
C ILE B 1718 -95.90 -20.55 31.98
N VAL B 1719 -96.83 -20.90 32.87
CA VAL B 1719 -97.05 -22.31 33.18
C VAL B 1719 -97.46 -23.07 31.92
N ALA B 1720 -98.24 -22.44 31.06
CA ALA B 1720 -98.67 -23.05 29.81
C ALA B 1720 -97.61 -22.98 28.72
N HIS B 1721 -96.45 -22.41 28.98
CA HIS B 1721 -95.41 -22.26 27.96
C HIS B 1721 -94.17 -23.09 28.25
N PHE B 1722 -93.57 -22.95 29.43
CA PHE B 1722 -92.33 -23.64 29.79
C PHE B 1722 -92.58 -24.47 31.04
N PRO B 1723 -93.09 -25.69 30.88
CA PRO B 1723 -93.34 -26.54 32.05
C PRO B 1723 -92.06 -26.95 32.76
N MET B 1724 -91.17 -27.64 32.04
CA MET B 1724 -89.94 -28.15 32.62
C MET B 1724 -88.71 -27.92 31.76
N GLN B 1725 -88.85 -27.76 30.45
CA GLN B 1725 -87.72 -27.77 29.54
C GLN B 1725 -88.13 -27.06 28.26
N SER B 1726 -87.16 -26.38 27.64
CA SER B 1726 -87.39 -25.72 26.37
C SER B 1726 -86.70 -26.40 25.19
N ARG B 1727 -85.73 -27.27 25.44
CA ARG B 1727 -85.10 -28.05 24.38
C ARG B 1727 -85.83 -29.35 24.08
N GLU B 1728 -86.87 -29.67 24.86
CA GLU B 1728 -87.69 -30.84 24.57
C GLU B 1728 -88.44 -30.70 23.26
N PHE B 1729 -88.52 -29.51 22.72
CA PHE B 1729 -89.10 -29.12 21.45
C PHE B 1729 -88.01 -29.11 20.38
N PRO B 1730 -88.38 -29.37 19.12
CA PRO B 1730 -87.40 -29.33 18.03
C PRO B 1730 -86.74 -27.97 17.97
N PRO B 1731 -85.42 -27.93 17.86
CA PRO B 1731 -84.72 -26.63 17.78
C PRO B 1731 -84.97 -25.95 16.45
N GLY B 1732 -86.14 -25.32 16.31
CA GLY B 1732 -86.48 -24.65 15.08
C GLY B 1732 -87.94 -24.76 14.70
N THR B 1733 -88.69 -25.59 15.41
CA THR B 1733 -90.12 -25.65 15.19
C THR B 1733 -90.75 -24.33 15.60
N PRO B 1734 -91.84 -23.94 14.95
CA PRO B 1734 -92.43 -22.61 15.24
C PRO B 1734 -92.72 -22.38 16.71
N ARG B 1735 -93.16 -23.40 17.43
CA ARG B 1735 -93.33 -23.25 18.86
C ARG B 1735 -92.00 -22.96 19.54
N PHE B 1736 -90.93 -23.62 19.10
CA PHE B 1736 -89.60 -23.35 19.64
C PHE B 1736 -89.19 -21.89 19.38
N ASN B 1737 -89.49 -21.40 18.18
CA ASN B 1737 -89.19 -20.02 17.85
C ASN B 1737 -89.97 -19.07 18.75
N ASN B 1738 -91.24 -19.36 18.99
CA ASN B 1738 -92.01 -18.54 19.91
C ASN B 1738 -91.41 -18.59 21.31
N TYR B 1739 -90.94 -19.76 21.73
CA TYR B 1739 -90.35 -19.89 23.05
C TYR B 1739 -89.12 -19.00 23.18
N VAL B 1740 -88.21 -19.09 22.23
CA VAL B 1740 -86.98 -18.31 22.34
C VAL B 1740 -87.28 -16.82 22.23
N ASP B 1741 -88.22 -16.45 21.35
CA ASP B 1741 -88.59 -15.05 21.23
C ASP B 1741 -89.15 -14.52 22.54
N CYS B 1742 -90.11 -15.23 23.12
CA CYS B 1742 -90.75 -14.72 24.32
C CYS B 1742 -89.78 -14.71 25.49
N MET B 1743 -88.89 -15.70 25.58
CA MET B 1743 -87.92 -15.67 26.68
C MET B 1743 -86.94 -14.52 26.50
N LYS B 1744 -86.57 -14.19 25.26
CA LYS B 1744 -85.76 -13.00 25.04
C LYS B 1744 -86.49 -11.76 25.51
N LYS B 1745 -87.78 -11.66 25.19
CA LYS B 1745 -88.57 -10.51 25.61
C LYS B 1745 -88.63 -10.42 27.12
N PHE B 1746 -88.82 -11.56 27.78
CA PHE B 1746 -88.83 -11.57 29.25
C PHE B 1746 -87.49 -11.11 29.79
N LEU B 1747 -86.40 -11.58 29.19
CA LEU B 1747 -85.08 -11.22 29.67
C LEU B 1747 -84.84 -9.72 29.57
N ASP B 1748 -85.18 -9.13 28.42
CA ASP B 1748 -84.93 -7.71 28.27
C ASP B 1748 -85.85 -6.89 29.17
N ALA B 1749 -87.10 -7.33 29.32
CA ALA B 1749 -88.00 -6.63 30.24
C ALA B 1749 -87.46 -6.69 31.66
N LEU B 1750 -86.92 -7.85 32.07
CA LEU B 1750 -86.32 -7.97 33.38
C LEU B 1750 -85.12 -7.05 33.52
N GLU B 1751 -84.26 -7.00 32.50
CA GLU B 1751 -83.07 -6.17 32.59
C GLU B 1751 -83.46 -4.70 32.73
N LEU B 1752 -84.44 -4.24 31.97
CA LEU B 1752 -84.82 -2.84 32.02
C LEU B 1752 -85.56 -2.52 33.33
N SER B 1753 -86.68 -3.20 33.57
CA SER B 1753 -87.49 -2.89 34.74
C SER B 1753 -86.79 -3.25 36.04
N GLN B 1754 -85.88 -4.23 35.99
CA GLN B 1754 -85.16 -4.76 37.16
C GLN B 1754 -86.07 -4.87 38.38
N SER B 1755 -87.22 -5.51 38.19
CA SER B 1755 -88.15 -5.76 39.27
C SER B 1755 -87.83 -7.09 39.96
N PRO B 1756 -87.82 -7.10 41.29
CA PRO B 1756 -87.51 -8.36 42.00
C PRO B 1756 -88.48 -9.48 41.67
N MET B 1757 -89.75 -9.16 41.45
CA MET B 1757 -90.71 -10.18 41.04
C MET B 1757 -90.33 -10.78 39.69
N LEU B 1758 -89.93 -9.91 38.75
CA LEU B 1758 -89.44 -10.39 37.47
C LEU B 1758 -88.20 -11.26 37.65
N LEU B 1759 -87.29 -10.83 38.53
CA LEU B 1759 -86.07 -11.59 38.78
C LEU B 1759 -86.39 -12.99 39.31
N GLU B 1760 -87.26 -13.05 40.31
CA GLU B 1760 -87.62 -14.35 40.88
C GLU B 1760 -88.34 -15.21 39.84
N LEU B 1761 -89.21 -14.61 39.04
CA LEU B 1761 -89.91 -15.35 38.02
C LEU B 1761 -88.93 -15.97 37.02
N MET B 1762 -87.98 -15.17 36.55
CA MET B 1762 -87.00 -15.67 35.58
C MET B 1762 -86.12 -16.75 36.20
N THR B 1763 -85.68 -16.56 37.44
CA THR B 1763 -84.87 -17.57 38.10
C THR B 1763 -85.65 -18.86 38.24
N GLU B 1764 -86.92 -18.77 38.64
CA GLU B 1764 -87.75 -19.97 38.79
C GLU B 1764 -87.88 -20.69 37.46
N VAL B 1765 -88.30 -19.98 36.42
CA VAL B 1765 -88.52 -20.63 35.13
C VAL B 1765 -87.22 -21.15 34.56
N LEU B 1766 -86.08 -20.62 35.00
CA LEU B 1766 -84.80 -21.13 34.52
C LEU B 1766 -84.23 -22.20 35.42
N CYS B 1767 -84.52 -22.17 36.72
CA CYS B 1767 -83.91 -23.13 37.65
C CYS B 1767 -84.69 -24.43 37.68
N ARG B 1768 -84.97 -24.99 36.51
CA ARG B 1768 -85.51 -26.33 36.38
C ARG B 1768 -84.54 -27.26 35.64
N GLU B 1769 -84.15 -26.91 34.43
CA GLU B 1769 -83.25 -27.71 33.61
C GLU B 1769 -81.99 -26.91 33.33
N GLN B 1770 -80.88 -27.63 33.18
CA GLN B 1770 -79.58 -26.96 33.06
C GLN B 1770 -79.53 -26.19 31.74
N GLN B 1771 -79.60 -24.86 31.85
CA GLN B 1771 -79.52 -23.97 30.70
C GLN B 1771 -80.57 -24.33 29.65
N HIS B 1772 -81.77 -24.63 30.10
CA HIS B 1772 -82.87 -24.87 29.18
C HIS B 1772 -83.37 -23.59 28.53
N VAL B 1773 -82.99 -22.44 29.08
CA VAL B 1773 -83.44 -21.15 28.59
C VAL B 1773 -82.22 -20.29 28.19
N MET B 1774 -81.09 -20.94 27.94
CA MET B 1774 -79.88 -20.29 27.47
C MET B 1774 -79.39 -19.23 28.47
N GLU B 1775 -78.97 -19.74 29.62
CA GLU B 1775 -78.49 -18.93 30.74
C GLU B 1775 -77.41 -17.95 30.33
N GLU B 1776 -76.83 -18.11 29.14
CA GLU B 1776 -75.88 -17.12 28.64
C GLU B 1776 -76.51 -15.74 28.59
N LEU B 1777 -77.69 -15.63 27.99
CA LEU B 1777 -78.38 -14.35 27.95
C LEU B 1777 -78.72 -13.89 29.36
N PHE B 1778 -79.10 -14.83 30.23
CA PHE B 1778 -79.46 -14.48 31.59
C PHE B 1778 -78.28 -13.87 32.34
N GLN B 1779 -77.10 -14.48 32.21
CA GLN B 1779 -75.93 -13.96 32.90
C GLN B 1779 -75.47 -12.66 32.27
N SER B 1780 -75.66 -12.49 30.96
CA SER B 1780 -75.42 -11.19 30.35
C SER B 1780 -76.28 -10.13 31.01
N SER B 1781 -77.58 -10.38 31.10
CA SER B 1781 -78.50 -9.46 31.75
C SER B 1781 -78.12 -9.25 33.21
N PHE B 1782 -77.60 -10.29 33.86
CA PHE B 1782 -77.24 -10.20 35.27
C PHE B 1782 -76.03 -9.30 35.47
N ARG B 1783 -75.04 -9.41 34.59
CA ARG B 1783 -73.93 -8.47 34.60
C ARG B 1783 -74.44 -7.05 34.37
N ARG B 1784 -75.37 -6.89 33.42
CA ARG B 1784 -75.87 -5.56 33.10
C ARG B 1784 -76.62 -4.95 34.28
N ILE B 1785 -77.43 -5.74 34.98
CA ILE B 1785 -78.24 -5.19 36.08
C ILE B 1785 -77.41 -5.07 37.36
N ALA B 1786 -76.43 -5.94 37.55
CA ALA B 1786 -75.65 -5.91 38.78
C ALA B 1786 -74.89 -4.61 38.93
N ARG B 1787 -74.38 -4.07 37.83
CA ARG B 1787 -73.86 -2.71 37.86
C ARG B 1787 -74.98 -1.68 37.89
N ARG B 1788 -76.15 -2.03 37.38
CA ARG B 1788 -77.26 -1.09 37.29
C ARG B 1788 -78.00 -1.01 38.62
N GLY B 1789 -78.95 -0.08 38.68
CA GLY B 1789 -79.83 0.05 39.81
C GLY B 1789 -79.18 0.58 41.08
N SER B 1790 -79.99 1.08 41.99
CA SER B 1790 -79.49 1.52 43.28
C SER B 1790 -78.98 0.34 44.09
N CYS B 1791 -77.99 0.61 44.94
CA CYS B 1791 -77.39 -0.45 45.75
C CYS B 1791 -78.45 -1.15 46.58
N VAL B 1792 -79.37 -0.39 47.18
CA VAL B 1792 -80.42 -0.99 48.00
C VAL B 1792 -81.36 -1.83 47.14
N THR B 1793 -81.65 -1.39 45.90
CA THR B 1793 -82.49 -2.19 45.02
C THR B 1793 -81.83 -3.53 44.71
N GLN B 1794 -80.54 -3.50 44.42
CA GLN B 1794 -79.81 -4.75 44.18
C GLN B 1794 -79.83 -5.64 45.42
N VAL B 1795 -79.63 -5.03 46.59
CA VAL B 1795 -79.66 -5.80 47.83
C VAL B 1795 -81.04 -6.45 48.01
N GLY B 1796 -82.10 -5.70 47.74
CA GLY B 1796 -83.43 -6.26 47.85
C GLY B 1796 -83.66 -7.42 46.90
N LEU B 1797 -83.20 -7.28 45.65
CA LEU B 1797 -83.34 -8.37 44.70
C LEU B 1797 -82.56 -9.60 45.15
N LEU B 1798 -81.34 -9.39 45.66
CA LEU B 1798 -80.53 -10.50 46.14
C LEU B 1798 -81.19 -11.19 47.32
N GLU B 1799 -81.75 -10.41 48.25
CA GLU B 1799 -82.46 -11.00 49.37
C GLU B 1799 -83.68 -11.78 48.90
N SER B 1800 -84.38 -11.25 47.88
CA SER B 1800 -85.54 -11.94 47.35
C SER B 1800 -85.15 -13.31 46.81
N VAL B 1801 -84.10 -13.37 46.00
CA VAL B 1801 -83.71 -14.65 45.43
C VAL B 1801 -83.16 -15.56 46.52
N TYR B 1802 -82.43 -15.00 47.48
CA TYR B 1802 -81.87 -15.80 48.56
C TYR B 1802 -82.98 -16.44 49.40
N GLU B 1803 -84.04 -15.69 49.67
CA GLU B 1803 -85.12 -16.23 50.48
C GLU B 1803 -85.97 -17.22 49.69
N MET B 1804 -86.25 -16.92 48.42
CA MET B 1804 -86.99 -17.90 47.63
C MET B 1804 -86.20 -19.17 47.42
N PHE B 1805 -84.87 -19.11 47.59
CA PHE B 1805 -84.10 -20.34 47.66
C PHE B 1805 -84.54 -21.19 48.84
N ARG B 1806 -84.87 -20.55 49.95
CA ARG B 1806 -85.29 -21.28 51.15
C ARG B 1806 -86.79 -21.18 51.38
N THR B 1815 -81.84 -30.00 40.65
CA THR B 1815 -81.92 -30.30 42.07
C THR B 1815 -82.28 -29.07 42.87
N ARG B 1816 -82.24 -29.19 44.19
CA ARG B 1816 -82.39 -28.02 45.04
C ARG B 1816 -81.26 -27.04 44.79
N GLN B 1817 -80.03 -27.54 44.67
CA GLN B 1817 -78.89 -26.67 44.37
C GLN B 1817 -79.08 -25.95 43.05
N SER B 1818 -79.69 -26.62 42.06
CA SER B 1818 -79.92 -25.97 40.79
C SER B 1818 -80.78 -24.72 40.93
N PHE B 1819 -81.54 -24.62 42.01
CA PHE B 1819 -82.36 -23.44 42.24
C PHE B 1819 -81.52 -22.23 42.65
N VAL B 1820 -80.36 -22.46 43.24
CA VAL B 1820 -79.52 -21.39 43.74
C VAL B 1820 -78.27 -21.17 42.87
N ASP B 1821 -77.71 -22.23 42.28
CA ASP B 1821 -76.45 -22.09 41.57
C ASP B 1821 -76.58 -21.20 40.35
N ARG B 1822 -77.64 -21.40 39.56
CA ARG B 1822 -77.70 -20.78 38.23
C ARG B 1822 -77.81 -19.28 38.28
N SER B 1823 -78.35 -18.71 39.35
CA SER B 1823 -78.67 -17.28 39.37
C SER B 1823 -77.87 -16.48 40.39
N LEU B 1824 -77.44 -17.09 41.49
CA LEU B 1824 -76.94 -16.31 42.61
C LEU B 1824 -75.56 -15.74 42.32
N LEU B 1825 -74.56 -16.60 42.14
CA LEU B 1825 -73.17 -16.15 42.07
C LEU B 1825 -72.97 -15.14 40.94
N THR B 1826 -73.71 -15.30 39.85
CA THR B 1826 -73.64 -14.35 38.74
C THR B 1826 -73.88 -12.93 39.24
N LEU B 1827 -74.96 -12.73 39.98
CA LEU B 1827 -75.22 -11.43 40.57
C LEU B 1827 -74.17 -11.11 41.63
N LEU B 1828 -73.80 -12.10 42.45
CA LEU B 1828 -72.81 -11.87 43.49
C LEU B 1828 -71.49 -11.41 42.92
N TRP B 1829 -71.13 -11.91 41.74
CA TRP B 1829 -69.84 -11.56 41.18
C TRP B 1829 -69.78 -10.08 40.77
N HIS B 1830 -70.88 -9.54 40.29
CA HIS B 1830 -70.89 -8.20 39.72
C HIS B 1830 -71.78 -7.22 40.47
N CYS B 1831 -72.43 -7.64 41.55
CA CYS B 1831 -73.23 -6.69 42.32
C CYS B 1831 -72.35 -5.56 42.83
N SER B 1832 -72.92 -4.36 42.88
CA SER B 1832 -72.14 -3.20 43.31
C SER B 1832 -71.57 -3.43 44.69
N LEU B 1833 -70.26 -3.17 44.83
CA LEU B 1833 -69.55 -3.56 46.04
C LEU B 1833 -70.05 -2.84 47.27
N ASP B 1834 -70.64 -1.65 47.10
CA ASP B 1834 -71.30 -1.00 48.23
C ASP B 1834 -72.49 -1.81 48.70
N ALA B 1835 -73.39 -2.17 47.77
CA ALA B 1835 -74.52 -3.03 48.12
C ALA B 1835 -74.05 -4.35 48.69
N LEU B 1836 -72.90 -4.84 48.23
CA LEU B 1836 -72.39 -6.10 48.74
C LEU B 1836 -72.10 -6.02 50.22
N ARG B 1837 -71.54 -4.89 50.67
CA ARG B 1837 -71.32 -4.71 52.11
C ARG B 1837 -72.64 -4.70 52.86
N GLU B 1838 -73.65 -4.05 52.29
CA GLU B 1838 -74.95 -3.98 52.95
C GLU B 1838 -75.55 -5.38 53.12
N PHE B 1839 -75.57 -6.16 52.04
CA PHE B 1839 -76.15 -7.50 52.13
C PHE B 1839 -75.27 -8.42 52.96
N PHE B 1840 -73.96 -8.18 52.97
CA PHE B 1840 -73.05 -8.96 53.80
C PHE B 1840 -73.35 -8.76 55.27
N SER B 1841 -73.40 -7.51 55.71
CA SER B 1841 -73.74 -7.21 57.09
C SER B 1841 -75.20 -7.54 57.40
N THR B 1842 -76.03 -7.68 56.37
CA THR B 1842 -77.44 -7.98 56.57
C THR B 1842 -77.63 -9.38 57.15
N ILE B 1843 -76.93 -10.37 56.62
CA ILE B 1843 -77.18 -11.76 56.99
C ILE B 1843 -75.90 -12.45 57.40
N VAL B 1844 -74.94 -11.69 57.92
CA VAL B 1844 -73.66 -12.29 58.32
C VAL B 1844 -73.87 -13.34 59.41
N VAL B 1845 -74.58 -12.98 60.47
CA VAL B 1845 -74.93 -13.97 61.48
C VAL B 1845 -75.98 -14.93 60.94
N ASP B 1846 -76.90 -14.42 60.10
CA ASP B 1846 -77.91 -15.26 59.48
C ASP B 1846 -77.31 -16.32 58.57
N ALA B 1847 -76.05 -16.14 58.16
CA ALA B 1847 -75.36 -17.19 57.42
C ALA B 1847 -74.49 -18.04 58.34
N ILE B 1848 -73.83 -17.40 59.32
CA ILE B 1848 -72.96 -18.15 60.23
C ILE B 1848 -73.75 -19.21 60.97
N ASP B 1849 -74.93 -18.84 61.46
CA ASP B 1849 -75.74 -19.79 62.23
C ASP B 1849 -76.25 -20.92 61.34
N VAL B 1850 -76.78 -20.59 60.16
CA VAL B 1850 -77.45 -21.59 59.34
C VAL B 1850 -76.44 -22.52 58.69
N LEU B 1851 -75.17 -22.11 58.62
CA LEU B 1851 -74.15 -23.00 58.08
C LEU B 1851 -74.09 -24.31 58.85
N LYS B 1852 -74.19 -24.24 60.17
CA LYS B 1852 -74.17 -25.44 60.99
C LYS B 1852 -75.59 -25.86 61.34
N THR B 1862 -83.15 -36.84 53.15
CA THR B 1862 -82.99 -36.65 54.58
C THR B 1862 -82.02 -35.51 54.86
N PHE B 1863 -80.74 -35.84 55.00
CA PHE B 1863 -79.70 -34.84 55.19
C PHE B 1863 -79.31 -34.15 53.90
N ASP B 1864 -79.92 -34.54 52.79
CA ASP B 1864 -79.59 -33.96 51.49
C ASP B 1864 -79.85 -32.46 51.46
N THR B 1865 -81.03 -32.04 51.94
CA THR B 1865 -81.38 -30.64 51.90
C THR B 1865 -80.42 -29.81 52.74
N GLN B 1866 -80.03 -30.32 53.90
CA GLN B 1866 -79.10 -29.61 54.77
C GLN B 1866 -77.77 -29.39 54.08
N ILE B 1867 -77.22 -30.44 53.47
CA ILE B 1867 -75.91 -30.32 52.84
C ILE B 1867 -75.99 -29.43 51.61
N THR B 1868 -77.11 -29.46 50.88
CA THR B 1868 -77.26 -28.56 49.74
C THR B 1868 -77.34 -27.11 50.18
N LYS B 1869 -78.06 -26.85 51.27
CA LYS B 1869 -78.08 -25.49 51.80
C LYS B 1869 -76.70 -25.06 52.26
N LYS B 1870 -75.95 -25.97 52.89
CA LYS B 1870 -74.57 -25.68 53.23
C LYS B 1870 -73.76 -25.35 51.99
N MET B 1871 -74.06 -26.04 50.88
CA MET B 1871 -73.41 -25.76 49.61
C MET B 1871 -73.64 -24.31 49.21
N GLY B 1872 -74.91 -23.90 49.21
CA GLY B 1872 -75.22 -22.51 48.92
C GLY B 1872 -74.50 -21.56 49.87
N TYR B 1873 -74.40 -21.95 51.14
CA TYR B 1873 -73.79 -21.07 52.13
C TYR B 1873 -72.30 -20.88 51.85
N TYR B 1874 -71.58 -21.96 51.57
CA TYR B 1874 -70.17 -21.79 51.19
C TYR B 1874 -70.05 -20.98 49.91
N LYS B 1875 -70.89 -21.28 48.93
CA LYS B 1875 -70.81 -20.60 47.63
C LYS B 1875 -71.06 -19.10 47.75
N ILE B 1876 -71.84 -18.68 48.75
CA ILE B 1876 -72.04 -17.25 48.93
C ILE B 1876 -70.95 -16.65 49.83
N LEU B 1877 -70.53 -17.38 50.86
CA LEU B 1877 -69.57 -16.82 51.80
C LEU B 1877 -68.22 -16.59 51.14
N ASP B 1878 -67.78 -17.52 50.28
CA ASP B 1878 -66.50 -17.33 49.63
C ASP B 1878 -66.50 -16.07 48.77
N VAL B 1879 -67.54 -15.88 47.97
CA VAL B 1879 -67.57 -14.74 47.06
C VAL B 1879 -67.73 -13.44 47.83
N MET B 1880 -68.56 -13.43 48.88
CA MET B 1880 -68.71 -12.20 49.65
C MET B 1880 -67.42 -11.85 50.39
N TYR B 1881 -66.69 -12.86 50.85
CA TYR B 1881 -65.38 -12.57 51.45
C TYR B 1881 -64.43 -12.00 50.42
N SER B 1882 -64.40 -12.59 49.21
CA SER B 1882 -63.35 -12.30 48.25
C SER B 1882 -63.14 -10.81 48.00
N ARG B 1883 -64.14 -9.98 48.29
CA ARG B 1883 -64.03 -8.56 48.02
C ARG B 1883 -63.02 -7.89 48.96
N LEU B 1884 -63.14 -8.15 50.25
CA LEU B 1884 -62.38 -7.39 51.25
C LEU B 1884 -62.19 -8.26 52.48
N PRO B 1885 -61.17 -7.97 53.30
CA PRO B 1885 -61.01 -8.63 54.60
C PRO B 1885 -62.01 -8.13 55.65
N ASN B 1909 -63.66 -8.77 61.43
CA ASN B 1909 -63.22 -8.38 62.77
C ASN B 1909 -62.94 -9.60 63.63
N GLU B 1910 -63.88 -9.90 64.54
CA GLU B 1910 -63.73 -11.00 65.47
C GLU B 1910 -64.37 -12.30 65.01
N LEU B 1911 -65.46 -12.22 64.23
CA LEU B 1911 -66.10 -13.42 63.73
C LEU B 1911 -65.25 -14.15 62.69
N THR B 1912 -64.15 -13.53 62.25
CA THR B 1912 -63.32 -14.10 61.19
C THR B 1912 -62.77 -15.46 61.59
N LYS B 1913 -62.18 -15.56 62.77
CA LYS B 1913 -61.63 -16.84 63.21
C LYS B 1913 -62.73 -17.86 63.45
N THR B 1914 -63.87 -17.40 63.94
CA THR B 1914 -65.00 -18.30 64.14
C THR B 1914 -65.41 -18.97 62.83
N LEU B 1915 -65.62 -18.17 61.79
CA LEU B 1915 -65.99 -18.74 60.49
C LEU B 1915 -64.84 -19.52 59.88
N ILE B 1916 -63.59 -19.15 60.18
CA ILE B 1916 -62.45 -19.91 59.69
C ILE B 1916 -62.51 -21.33 60.21
N LYS B 1917 -62.78 -21.48 61.51
CA LYS B 1917 -62.98 -22.82 62.05
C LYS B 1917 -64.21 -23.48 61.43
N LEU B 1918 -65.30 -22.71 61.30
CA LEU B 1918 -66.56 -23.24 60.77
C LEU B 1918 -66.42 -23.78 59.36
N CYS B 1919 -65.44 -23.32 58.61
CA CYS B 1919 -65.20 -23.85 57.27
C CYS B 1919 -64.07 -24.88 57.24
N TYR B 1920 -63.02 -24.72 58.06
CA TYR B 1920 -61.92 -25.66 58.05
C TYR B 1920 -62.37 -27.03 58.53
N ASP B 1921 -63.22 -27.07 59.57
CA ASP B 1921 -63.71 -28.36 60.03
C ASP B 1921 -64.45 -29.09 58.93
N ALA B 1922 -65.29 -28.37 58.18
CA ALA B 1922 -66.03 -28.97 57.09
C ALA B 1922 -65.11 -29.45 55.98
N PHE B 1923 -64.11 -28.64 55.62
CA PHE B 1923 -63.19 -29.04 54.55
C PHE B 1923 -62.41 -30.28 54.94
N THR B 1924 -61.90 -30.31 56.17
CA THR B 1924 -61.09 -31.43 56.63
C THR B 1924 -61.93 -32.64 57.04
N GLU B 1925 -63.21 -32.64 56.70
CA GLU B 1925 -64.08 -33.78 57.00
C GLU B 1925 -63.61 -35.02 56.25
N ASN B 1926 -63.10 -36.00 56.99
CA ASN B 1926 -62.59 -37.23 56.39
C ASN B 1926 -63.63 -38.33 56.41
N LEU B 1934 -71.64 -40.54 48.41
CA LEU B 1934 -70.64 -39.61 48.90
C LEU B 1934 -70.39 -38.52 47.87
N GLU B 1935 -71.13 -38.59 46.76
CA GLU B 1935 -71.02 -37.58 45.73
C GLU B 1935 -71.40 -36.21 46.29
N ARG B 1936 -72.51 -36.14 47.03
CA ARG B 1936 -72.87 -34.92 47.71
C ARG B 1936 -71.83 -34.56 48.75
N ARG B 1937 -71.22 -35.56 49.37
CA ARG B 1937 -70.19 -35.30 50.37
C ARG B 1937 -68.92 -34.76 49.72
N ARG B 1938 -68.58 -35.24 48.52
CA ARG B 1938 -67.45 -34.63 47.80
C ARG B 1938 -67.79 -33.22 47.33
N LEU B 1939 -69.04 -32.98 46.94
CA LEU B 1939 -69.47 -31.61 46.70
C LEU B 1939 -69.28 -30.77 47.95
N TYR B 1940 -69.60 -31.35 49.10
CA TYR B 1940 -69.46 -30.61 50.35
C TYR B 1940 -68.00 -30.27 50.59
N HIS B 1941 -67.12 -31.26 50.42
CA HIS B 1941 -65.69 -31.05 50.56
C HIS B 1941 -65.23 -29.92 49.65
N CYS B 1942 -65.60 -29.98 48.37
CA CYS B 1942 -65.06 -29.03 47.41
C CYS B 1942 -65.58 -27.62 47.68
N ALA B 1943 -66.88 -27.46 47.94
CA ALA B 1943 -67.41 -26.12 48.13
C ALA B 1943 -66.94 -25.51 49.45
N ALA B 1944 -66.89 -26.31 50.52
CA ALA B 1944 -66.30 -25.81 51.75
C ALA B 1944 -64.84 -25.44 51.54
N TYR B 1945 -64.12 -26.23 50.74
CA TYR B 1945 -62.75 -25.89 50.42
C TYR B 1945 -62.66 -24.57 49.68
N ASN B 1946 -63.59 -24.33 48.75
CA ASN B 1946 -63.59 -23.07 48.01
C ASN B 1946 -63.86 -21.90 48.94
N CYS B 1947 -64.78 -22.08 49.89
CA CYS B 1947 -65.03 -21.04 50.88
C CYS B 1947 -63.76 -20.74 51.67
N ALA B 1948 -63.09 -21.79 52.14
CA ALA B 1948 -61.83 -21.61 52.85
C ALA B 1948 -60.80 -20.93 51.97
N ILE B 1949 -60.74 -21.31 50.70
CA ILE B 1949 -59.80 -20.72 49.75
C ILE B 1949 -60.01 -19.22 49.67
N SER B 1950 -61.28 -18.80 49.57
CA SER B 1950 -61.56 -17.38 49.55
C SER B 1950 -61.10 -16.71 50.84
N VAL B 1951 -61.52 -17.25 51.98
CA VAL B 1951 -61.31 -16.54 53.24
C VAL B 1951 -59.84 -16.39 53.59
N ILE B 1952 -58.96 -16.98 52.78
CA ILE B 1952 -57.53 -16.78 52.93
C ILE B 1952 -56.96 -15.86 51.87
N CYS B 1953 -57.80 -15.35 50.96
CA CYS B 1953 -57.27 -14.53 49.87
C CYS B 1953 -56.76 -13.18 50.37
N CYS B 1954 -57.19 -12.75 51.56
CA CYS B 1954 -56.63 -11.52 52.13
C CYS B 1954 -56.39 -11.65 53.64
N VAL B 1955 -56.35 -12.87 54.16
CA VAL B 1955 -55.93 -13.15 55.53
C VAL B 1955 -54.97 -14.33 55.46
N PHE B 1956 -54.13 -14.45 56.49
CA PHE B 1956 -53.05 -15.44 56.55
C PHE B 1956 -52.02 -15.18 55.45
N ASN B 1957 -51.49 -13.95 55.45
CA ASN B 1957 -50.41 -13.60 54.54
C ASN B 1957 -49.11 -14.32 54.88
N GLU B 1958 -49.04 -14.97 56.04
CA GLU B 1958 -47.88 -15.76 56.40
C GLU B 1958 -47.66 -16.88 55.38
N LEU B 1959 -46.47 -17.48 55.44
CA LEU B 1959 -46.14 -18.57 54.54
C LEU B 1959 -46.72 -19.87 55.08
N LYS B 1960 -48.01 -19.85 55.39
CA LYS B 1960 -48.74 -21.00 55.90
C LYS B 1960 -50.21 -20.62 55.94
N PHE B 1961 -51.08 -21.60 55.73
CA PHE B 1961 -52.50 -21.34 55.62
C PHE B 1961 -53.28 -22.38 56.40
N TYR B 1962 -52.74 -22.79 57.54
CA TYR B 1962 -53.42 -23.67 58.49
C TYR B 1962 -53.74 -25.02 57.83
N GLN B 1963 -52.68 -25.67 57.37
CA GLN B 1963 -52.80 -26.96 56.68
C GLN B 1963 -53.35 -28.03 57.61
N SER B 2034 -76.23 12.84 18.32
CA SER B 2034 -76.18 13.41 16.98
C SER B 2034 -77.58 13.52 16.38
N THR B 2035 -77.73 14.47 15.47
CA THR B 2035 -79.02 14.64 14.80
C THR B 2035 -79.41 13.38 14.04
N LEU B 2036 -78.44 12.76 13.37
CA LEU B 2036 -78.70 11.50 12.71
C LEU B 2036 -79.10 10.43 13.73
N SER B 2037 -78.43 10.42 14.87
CA SER B 2037 -78.81 9.50 15.94
C SER B 2037 -80.25 9.78 16.38
N GLU B 2038 -80.61 11.06 16.50
CA GLU B 2038 -81.97 11.41 16.82
C GLU B 2038 -82.93 10.92 15.74
N GLU B 2039 -82.56 11.10 14.48
CA GLU B 2039 -83.39 10.61 13.38
C GLU B 2039 -83.48 9.09 13.41
N MET B 2040 -82.36 8.42 13.72
CA MET B 2040 -82.37 6.97 13.78
C MET B 2040 -83.31 6.46 14.86
N SER B 2041 -83.27 7.08 16.04
CA SER B 2041 -84.13 6.65 17.13
C SER B 2041 -85.60 6.83 16.78
N GLN B 2042 -85.94 7.97 16.18
CA GLN B 2042 -87.33 8.21 15.81
C GLN B 2042 -87.84 7.18 14.82
N PHE B 2043 -87.03 6.87 13.80
CA PHE B 2043 -87.40 5.80 12.88
C PHE B 2043 -87.48 4.47 13.62
N ASP B 2044 -86.51 4.20 14.50
CA ASP B 2044 -86.58 2.99 15.30
C ASP B 2044 -87.79 3.00 16.22
N PHE B 2045 -88.08 4.17 16.81
CA PHE B 2045 -89.29 4.29 17.62
C PHE B 2045 -90.53 4.06 16.77
N SER B 2046 -90.54 4.61 15.55
CA SER B 2046 -91.63 4.33 14.64
C SER B 2046 -91.73 2.85 14.33
N THR B 2047 -90.59 2.20 14.12
CA THR B 2047 -90.58 0.76 13.86
C THR B 2047 -90.79 -0.06 15.12
N GLY B 2048 -90.57 0.52 16.29
CA GLY B 2048 -90.65 -0.26 17.52
C GLY B 2048 -89.60 -1.35 17.59
N VAL B 2049 -88.38 -1.06 17.17
CA VAL B 2049 -87.28 -2.01 17.18
C VAL B 2049 -85.99 -1.29 17.57
N GLN B 2050 -84.98 -2.08 17.91
CA GLN B 2050 -83.69 -1.55 18.33
C GLN B 2050 -82.57 -2.31 17.63
N SER B 2051 -81.43 -1.64 17.49
CA SER B 2051 -80.28 -2.25 16.83
C SER B 2051 -79.69 -3.34 17.72
N TYR B 2052 -79.70 -4.57 17.24
CA TYR B 2052 -79.19 -5.71 17.99
C TYR B 2052 -77.67 -5.71 18.05
N ARG B 2090 -61.66 -31.74 30.04
CA ARG B 2090 -61.36 -30.48 30.70
C ARG B 2090 -61.62 -30.58 32.19
N HIS B 2091 -60.93 -29.77 32.96
CA HIS B 2091 -61.07 -29.72 34.41
C HIS B 2091 -61.89 -28.48 34.79
N GLU B 2092 -62.77 -28.65 35.77
CA GLU B 2092 -63.66 -27.59 36.20
C GLU B 2092 -63.59 -27.30 37.70
N CYS B 2093 -63.36 -28.32 38.53
CA CYS B 2093 -63.14 -28.09 39.95
C CYS B 2093 -61.79 -27.46 40.24
N MET B 2094 -60.91 -27.38 39.24
CA MET B 2094 -59.59 -26.81 39.44
C MET B 2094 -59.59 -25.30 39.56
N ALA B 2095 -60.67 -24.64 39.13
CA ALA B 2095 -60.71 -23.18 39.14
C ALA B 2095 -60.39 -22.57 40.50
N PRO B 2096 -60.95 -23.04 41.62
CA PRO B 2096 -60.48 -22.54 42.92
C PRO B 2096 -59.02 -22.84 43.16
N LEU B 2097 -58.52 -23.97 42.66
CA LEU B 2097 -57.09 -24.25 42.78
C LEU B 2097 -56.27 -23.23 42.01
N THR B 2098 -56.74 -22.84 40.82
CA THR B 2098 -56.07 -21.81 40.05
C THR B 2098 -56.08 -20.48 40.79
N ALA B 2099 -57.23 -20.14 41.40
CA ALA B 2099 -57.29 -18.94 42.21
C ALA B 2099 -56.29 -19.01 43.36
N LEU B 2100 -56.15 -20.20 43.96
CA LEU B 2100 -55.12 -20.41 44.98
C LEU B 2100 -53.74 -20.11 44.45
N VAL B 2101 -53.45 -20.61 43.25
CA VAL B 2101 -52.14 -20.39 42.64
C VAL B 2101 -51.90 -18.90 42.44
N LYS B 2102 -52.90 -18.21 41.91
CA LYS B 2102 -52.76 -16.77 41.68
C LYS B 2102 -52.51 -16.04 42.99
N HIS B 2103 -53.28 -16.37 44.02
CA HIS B 2103 -53.13 -15.70 45.31
C HIS B 2103 -51.76 -15.97 45.92
N MET B 2104 -51.33 -17.23 45.91
CA MET B 2104 -50.04 -17.55 46.51
C MET B 2104 -48.91 -16.86 45.75
N HIS B 2105 -48.98 -16.85 44.41
CA HIS B 2105 -47.95 -16.16 43.65
C HIS B 2105 -48.00 -14.66 43.88
N ARG B 2106 -49.18 -14.13 44.22
CA ARG B 2106 -49.23 -12.75 44.69
C ARG B 2106 -48.48 -12.60 46.00
N SER B 2107 -48.66 -13.53 46.92
CA SER B 2107 -47.85 -13.55 48.13
C SER B 2107 -46.43 -14.04 47.85
N LEU B 2108 -46.24 -14.78 46.77
CA LEU B 2108 -44.92 -15.31 46.43
C LEU B 2108 -44.46 -14.71 45.10
N ARG B 2120 -34.06 -23.43 47.30
CA ARG B 2120 -34.99 -23.08 48.36
C ARG B 2120 -36.32 -23.83 48.15
N ASP B 2121 -36.98 -24.17 49.25
CA ASP B 2121 -38.26 -24.86 49.18
C ASP B 2121 -39.23 -24.25 50.19
N LEU B 2122 -39.28 -22.92 50.22
CA LEU B 2122 -40.10 -22.16 51.16
C LEU B 2122 -41.53 -22.66 51.14
N PRO B 2123 -41.99 -23.27 52.24
CA PRO B 2123 -43.26 -24.01 52.21
C PRO B 2123 -44.50 -23.14 52.24
N SER B 2124 -45.24 -23.14 51.13
CA SER B 2124 -46.63 -22.71 51.09
C SER B 2124 -47.50 -23.91 50.74
N TRP B 2125 -47.18 -25.04 51.38
CA TRP B 2125 -47.73 -26.38 51.25
C TRP B 2125 -47.17 -27.15 50.05
N MET B 2126 -46.25 -26.59 49.27
CA MET B 2126 -45.71 -27.41 48.19
C MET B 2126 -44.79 -28.51 48.72
N LYS B 2127 -44.45 -28.50 50.00
CA LYS B 2127 -43.89 -29.70 50.61
C LYS B 2127 -44.95 -30.78 50.75
N PHE B 2128 -46.15 -30.40 51.22
CA PHE B 2128 -47.24 -31.36 51.34
C PHE B 2128 -47.60 -31.94 49.99
N LEU B 2129 -47.76 -31.07 48.98
CA LEU B 2129 -48.08 -31.58 47.65
C LEU B 2129 -46.87 -32.21 46.98
N HIS B 2130 -45.66 -31.80 47.36
CA HIS B 2130 -44.46 -32.43 46.86
C HIS B 2130 -44.43 -33.90 47.24
N GLY B 2131 -44.72 -34.19 48.51
CA GLY B 2131 -44.88 -35.57 48.92
C GLY B 2131 -46.11 -36.22 48.32
N LYS B 2132 -47.20 -35.46 48.19
CA LYS B 2132 -48.45 -35.99 47.65
C LYS B 2132 -48.31 -36.45 46.21
N LEU B 2133 -47.35 -35.90 45.47
CA LEU B 2133 -47.12 -36.30 44.09
C LEU B 2133 -45.93 -37.22 43.92
N GLY B 2134 -44.86 -37.04 44.71
CA GLY B 2134 -43.68 -37.87 44.55
C GLY B 2134 -43.96 -39.35 44.69
N ASN B 2135 -44.95 -39.70 45.50
CA ASN B 2135 -45.36 -41.09 45.62
C ASN B 2135 -46.06 -41.53 44.34
N PRO B 2136 -45.61 -42.61 43.70
CA PRO B 2136 -46.37 -43.16 42.58
C PRO B 2136 -47.52 -44.02 43.05
N ILE B 2137 -48.27 -43.52 44.04
CA ILE B 2137 -49.39 -44.26 44.62
C ILE B 2137 -50.59 -43.32 44.66
N VAL B 2138 -50.33 -42.02 44.44
CA VAL B 2138 -51.40 -41.03 44.55
C VAL B 2138 -52.53 -41.37 43.59
N PRO B 2139 -53.78 -41.37 44.05
CA PRO B 2139 -54.89 -41.83 43.20
C PRO B 2139 -55.03 -40.99 41.94
N LEU B 2140 -55.47 -41.65 40.86
CA LEU B 2140 -55.55 -40.99 39.57
C LEU B 2140 -56.44 -39.76 39.62
N ASN B 2141 -57.48 -39.76 40.44
CA ASN B 2141 -58.22 -38.52 40.68
C ASN B 2141 -57.28 -37.42 41.17
N ILE B 2142 -56.66 -37.65 42.33
CA ILE B 2142 -55.76 -36.66 42.90
C ILE B 2142 -54.52 -36.49 42.02
N ARG B 2143 -54.07 -37.58 41.41
CA ARG B 2143 -52.90 -37.50 40.53
C ARG B 2143 -53.15 -36.52 39.40
N LEU B 2144 -54.28 -36.64 38.72
CA LEU B 2144 -54.60 -35.74 37.62
C LEU B 2144 -54.91 -34.34 38.11
N PHE B 2145 -55.52 -34.20 39.29
CA PHE B 2145 -55.68 -32.87 39.87
C PHE B 2145 -54.34 -32.17 40.01
N LEU B 2146 -53.39 -32.86 40.65
CA LEU B 2146 -52.05 -32.30 40.83
C LEU B 2146 -51.38 -32.04 39.49
N ALA B 2147 -51.60 -32.92 38.53
CA ALA B 2147 -50.98 -32.77 37.21
C ALA B 2147 -51.47 -31.49 36.54
N LYS B 2148 -52.79 -31.32 36.45
CA LYS B 2148 -53.33 -30.13 35.82
C LYS B 2148 -52.90 -28.88 36.57
N LEU B 2149 -52.90 -28.95 37.90
CA LEU B 2149 -52.41 -27.83 38.69
C LEU B 2149 -50.99 -27.46 38.28
N VAL B 2150 -50.04 -28.37 38.49
CA VAL B 2150 -48.64 -28.06 38.25
C VAL B 2150 -48.41 -27.65 36.80
N ILE B 2151 -49.27 -28.12 35.89
CA ILE B 2151 -49.27 -27.55 34.54
C ILE B 2151 -49.57 -26.07 34.60
N ASN B 2152 -50.62 -25.72 35.34
CA ASN B 2152 -50.99 -24.31 35.46
C ASN B 2152 -50.06 -23.54 36.40
N THR B 2153 -49.20 -24.22 37.15
CA THR B 2153 -48.34 -23.57 38.13
C THR B 2153 -46.86 -23.66 37.78
N GLU B 2154 -46.53 -24.04 36.55
CA GLU B 2154 -45.12 -24.22 36.20
C GLU B 2154 -44.31 -22.96 36.44
N GLU B 2155 -44.94 -21.80 36.35
CA GLU B 2155 -44.23 -20.53 36.44
C GLU B 2155 -43.69 -20.27 37.84
N VAL B 2156 -44.44 -20.66 38.88
CA VAL B 2156 -44.11 -20.21 40.23
C VAL B 2156 -42.84 -20.86 40.74
N PHE B 2157 -42.62 -22.13 40.42
CA PHE B 2157 -41.52 -22.90 40.99
C PHE B 2157 -40.37 -23.09 40.01
N ARG B 2158 -40.04 -22.05 39.24
CA ARG B 2158 -38.95 -22.19 38.29
C ARG B 2158 -37.66 -22.60 39.00
N PRO B 2159 -37.08 -21.78 39.92
CA PRO B 2159 -35.85 -22.24 40.57
C PRO B 2159 -36.19 -23.25 41.66
N TYR B 2160 -37.11 -24.14 41.29
CA TYR B 2160 -37.56 -25.27 42.07
C TYR B 2160 -37.85 -26.50 41.23
N ALA B 2161 -38.00 -26.34 39.91
CA ALA B 2161 -38.45 -27.46 39.08
C ALA B 2161 -37.51 -28.65 39.13
N LYS B 2162 -36.25 -28.44 39.51
CA LYS B 2162 -35.32 -29.55 39.64
C LYS B 2162 -35.80 -30.55 40.68
N HIS B 2163 -36.29 -30.06 41.81
CA HIS B 2163 -36.94 -30.96 42.76
C HIS B 2163 -38.21 -31.55 42.17
N TRP B 2164 -38.94 -30.75 41.40
CA TRP B 2164 -40.07 -31.28 40.66
C TRP B 2164 -39.64 -32.13 39.48
N LEU B 2165 -38.35 -32.18 39.17
CA LEU B 2165 -37.89 -32.96 38.03
C LEU B 2165 -38.31 -34.41 38.14
N SER B 2166 -37.98 -35.06 39.26
CA SER B 2166 -38.30 -36.48 39.40
C SER B 2166 -39.80 -36.77 39.42
N PRO B 2167 -40.67 -36.04 40.15
CA PRO B 2167 -42.09 -36.39 40.14
C PRO B 2167 -42.69 -36.41 38.75
N LEU B 2168 -42.60 -35.27 38.05
CA LEU B 2168 -43.21 -35.16 36.73
C LEU B 2168 -42.77 -36.32 35.84
N LEU B 2169 -41.47 -36.61 35.82
CA LEU B 2169 -40.97 -37.70 35.00
C LEU B 2169 -41.59 -39.02 35.42
N GLN B 2170 -41.57 -39.33 36.72
CA GLN B 2170 -42.27 -40.53 37.16
C GLN B 2170 -43.76 -40.38 36.99
N LEU B 2171 -44.27 -39.15 37.08
CA LEU B 2171 -45.65 -38.90 36.66
C LEU B 2171 -45.78 -39.14 35.17
N ALA B 2172 -44.79 -38.70 34.39
CA ALA B 2172 -44.84 -38.90 32.95
C ALA B 2172 -44.74 -40.38 32.60
N ALA B 2173 -43.83 -41.09 33.25
CA ALA B 2173 -43.61 -42.49 32.91
C ALA B 2173 -44.82 -43.33 33.27
N SER B 2174 -45.23 -44.20 32.34
CA SER B 2174 -46.30 -45.17 32.55
C SER B 2174 -47.59 -44.50 33.00
N GLU B 2175 -47.96 -43.42 32.32
CA GLU B 2175 -49.27 -42.81 32.56
C GLU B 2175 -50.37 -43.80 32.19
N ASN B 2176 -51.35 -43.92 33.08
CA ASN B 2176 -52.46 -44.84 32.84
C ASN B 2176 -53.79 -44.13 33.08
N GLY B 2179 -60.84 -37.87 33.23
CA GLY B 2179 -59.69 -37.76 32.34
C GLY B 2179 -60.09 -37.55 30.89
N GLU B 2180 -59.15 -37.03 30.09
CA GLU B 2180 -59.41 -36.74 28.69
C GLU B 2180 -58.57 -37.54 27.72
N GLY B 2181 -57.47 -38.14 28.16
CA GLY B 2181 -56.65 -38.94 27.27
C GLY B 2181 -55.19 -39.01 27.67
N ILE B 2182 -54.62 -40.21 27.65
CA ILE B 2182 -53.25 -40.40 28.12
C ILE B 2182 -52.30 -39.53 27.32
N HIS B 2183 -52.39 -39.59 26.00
CA HIS B 2183 -51.53 -38.77 25.15
C HIS B 2183 -51.69 -37.29 25.46
N TYR B 2184 -52.93 -36.86 25.74
CA TYR B 2184 -53.19 -35.46 26.09
C TYR B 2184 -52.26 -35.00 27.19
N MET B 2185 -52.38 -35.61 28.36
CA MET B 2185 -51.59 -35.17 29.50
C MET B 2185 -50.12 -35.43 29.29
N VAL B 2186 -49.76 -36.53 28.62
CA VAL B 2186 -48.35 -36.79 28.35
C VAL B 2186 -47.73 -35.62 27.60
N VAL B 2187 -48.37 -35.22 26.50
CA VAL B 2187 -47.79 -34.17 25.68
C VAL B 2187 -47.83 -32.84 26.42
N GLU B 2188 -48.91 -32.58 27.15
CA GLU B 2188 -48.98 -31.30 27.87
C GLU B 2188 -47.88 -31.21 28.93
N ILE B 2189 -47.67 -32.28 29.69
CA ILE B 2189 -46.69 -32.22 30.77
C ILE B 2189 -45.28 -32.18 30.21
N VAL B 2190 -45.01 -32.90 29.13
CA VAL B 2190 -43.67 -32.82 28.59
C VAL B 2190 -43.41 -31.44 28.00
N ALA B 2191 -44.44 -30.81 27.43
CA ALA B 2191 -44.30 -29.43 26.98
C ALA B 2191 -43.98 -28.52 28.16
N THR B 2192 -44.66 -28.73 29.29
CA THR B 2192 -44.33 -27.94 30.48
C THR B 2192 -42.89 -28.17 30.90
N ILE B 2193 -42.44 -29.42 30.89
CA ILE B 2193 -41.09 -29.75 31.34
C ILE B 2193 -40.07 -29.05 30.46
N LEU B 2194 -40.24 -29.12 29.15
CA LEU B 2194 -39.27 -28.53 28.25
C LEU B 2194 -39.45 -27.03 28.09
N SER B 2195 -40.54 -26.47 28.61
CA SER B 2195 -40.67 -25.01 28.63
C SER B 2195 -39.53 -24.35 29.37
N TRP B 2196 -38.92 -25.05 30.31
CA TRP B 2196 -37.64 -24.68 30.88
C TRP B 2196 -36.59 -25.68 30.42
N THR B 2197 -35.37 -25.19 30.24
CA THR B 2197 -34.26 -26.05 29.86
C THR B 2197 -33.11 -26.00 30.85
N GLY B 2198 -32.71 -24.81 31.29
CA GLY B 2198 -31.62 -24.67 32.22
C GLY B 2198 -32.07 -24.72 33.66
N LEU B 2199 -33.37 -24.56 33.88
CA LEU B 2199 -33.91 -24.62 35.23
C LEU B 2199 -33.73 -26.01 35.83
N ALA B 2200 -33.87 -27.05 35.01
CA ALA B 2200 -33.67 -28.42 35.46
C ALA B 2200 -33.31 -29.28 34.27
N THR B 2201 -32.49 -30.29 34.51
CA THR B 2201 -32.09 -31.24 33.49
C THR B 2201 -32.16 -32.65 34.05
N PRO B 2202 -32.66 -33.61 33.28
CA PRO B 2202 -32.78 -35.00 33.74
C PRO B 2202 -31.46 -35.77 33.60
N THR B 2203 -30.37 -35.15 34.06
CA THR B 2203 -29.05 -35.75 33.98
C THR B 2203 -28.37 -35.82 35.34
N GLY B 2204 -29.13 -35.72 36.42
CA GLY B 2204 -28.56 -35.76 37.75
C GLY B 2204 -28.58 -37.16 38.31
N VAL B 2205 -29.51 -37.43 39.21
CA VAL B 2205 -29.70 -38.81 39.67
C VAL B 2205 -30.04 -39.68 38.46
N PRO B 2206 -29.51 -40.90 38.35
CA PRO B 2206 -29.89 -41.77 37.24
C PRO B 2206 -31.37 -42.06 37.18
N LYS B 2207 -32.13 -41.76 38.23
CA LYS B 2207 -33.56 -41.99 38.22
C LYS B 2207 -34.24 -41.14 37.14
N ASP B 2208 -33.92 -39.85 37.10
CA ASP B 2208 -34.50 -39.01 36.06
C ASP B 2208 -34.00 -39.41 34.68
N GLU B 2209 -32.74 -39.87 34.59
CA GLU B 2209 -32.20 -40.30 33.30
C GLU B 2209 -32.97 -41.51 32.77
N VAL B 2210 -33.17 -42.52 33.60
CA VAL B 2210 -33.89 -43.71 33.16
C VAL B 2210 -35.36 -43.37 32.92
N LEU B 2211 -35.92 -42.44 33.70
CA LEU B 2211 -37.28 -42.00 33.44
C LEU B 2211 -37.38 -41.35 32.07
N ALA B 2212 -36.41 -40.52 31.72
CA ALA B 2212 -36.41 -39.88 30.41
C ALA B 2212 -36.27 -40.90 29.29
N ASN B 2213 -35.38 -41.88 29.47
CA ASN B 2213 -35.22 -42.90 28.44
C ASN B 2213 -36.50 -43.72 28.28
N ARG B 2214 -37.13 -44.10 29.39
CA ARG B 2214 -38.35 -44.88 29.33
C ARG B 2214 -39.48 -44.06 28.69
N LEU B 2215 -39.56 -42.77 29.01
CA LEU B 2215 -40.55 -41.92 28.36
C LEU B 2215 -40.27 -41.79 26.88
N LEU B 2216 -39.00 -41.73 26.50
CA LEU B 2216 -38.63 -41.72 25.09
C LEU B 2216 -39.13 -42.97 24.40
N ASN B 2217 -38.93 -44.13 25.02
CA ASN B 2217 -39.42 -45.37 24.43
C ASN B 2217 -40.94 -45.34 24.33
N PHE B 2218 -41.62 -44.86 25.38
CA PHE B 2218 -43.07 -44.76 25.36
C PHE B 2218 -43.54 -43.92 24.18
N LEU B 2219 -42.97 -42.74 24.03
CA LEU B 2219 -43.42 -41.82 22.98
C LEU B 2219 -43.10 -42.36 21.60
N MET B 2220 -41.92 -42.93 21.41
CA MET B 2220 -41.57 -43.43 20.09
C MET B 2220 -42.41 -44.66 19.74
N LYS B 2221 -42.84 -45.40 20.76
CA LYS B 2221 -43.87 -46.41 20.57
C LYS B 2221 -45.19 -45.76 20.15
N HIS B 2222 -45.53 -44.64 20.78
CA HIS B 2222 -46.83 -44.00 20.58
C HIS B 2222 -46.86 -43.05 19.39
N VAL B 2223 -45.71 -42.58 18.91
CA VAL B 2223 -45.70 -41.50 17.95
C VAL B 2223 -46.22 -42.01 16.61
N PHE B 2224 -47.43 -41.59 16.26
CA PHE B 2224 -48.02 -41.78 14.94
C PHE B 2224 -49.31 -41.01 14.88
N HIS B 2225 -49.63 -40.51 13.69
CA HIS B 2225 -50.95 -40.01 13.42
C HIS B 2225 -51.37 -40.40 12.02
N PRO B 2226 -52.64 -40.73 11.83
CA PRO B 2226 -53.20 -40.64 10.48
C PRO B 2226 -53.18 -39.22 9.96
N LYS B 2227 -53.09 -38.24 10.85
CA LYS B 2227 -53.00 -36.86 10.47
C LYS B 2227 -51.59 -36.51 9.98
N ARG B 2228 -51.49 -35.32 9.38
CA ARG B 2228 -50.26 -34.88 8.74
C ARG B 2228 -49.35 -34.12 9.68
N ALA B 2229 -49.80 -32.98 10.19
CA ALA B 2229 -48.93 -32.10 10.95
C ALA B 2229 -48.77 -32.54 12.40
N VAL B 2230 -49.87 -32.91 13.06
CA VAL B 2230 -49.79 -33.28 14.46
C VAL B 2230 -48.89 -34.50 14.63
N PHE B 2231 -48.85 -35.38 13.63
CA PHE B 2231 -47.83 -36.41 13.63
C PHE B 2231 -46.45 -35.78 13.52
N ARG B 2232 -46.25 -34.92 12.52
CA ARG B 2232 -45.00 -34.20 12.40
C ARG B 2232 -44.79 -33.30 13.61
N HIS B 2233 -45.87 -32.86 14.24
CA HIS B 2233 -45.74 -32.11 15.49
C HIS B 2233 -45.12 -32.99 16.57
N ASN B 2234 -45.54 -34.24 16.66
CA ASN B 2234 -44.93 -35.17 17.60
C ASN B 2234 -43.47 -35.39 17.26
N LEU B 2235 -43.17 -35.52 15.97
CA LEU B 2235 -41.79 -35.69 15.55
C LEU B 2235 -40.94 -34.51 15.99
N GLU B 2236 -41.47 -33.30 15.81
CA GLU B 2236 -40.76 -32.11 16.27
C GLU B 2236 -40.65 -32.08 17.77
N ILE B 2237 -41.63 -32.63 18.48
CA ILE B 2237 -41.53 -32.77 19.93
C ILE B 2237 -40.32 -33.61 20.29
N ILE B 2238 -40.18 -34.73 19.60
CA ILE B 2238 -39.05 -35.63 19.84
C ILE B 2238 -37.74 -34.91 19.55
N LYS B 2239 -37.70 -34.21 18.41
CA LYS B 2239 -36.51 -33.46 18.04
C LYS B 2239 -36.15 -32.43 19.11
N THR B 2240 -37.16 -31.70 19.60
CA THR B 2240 -36.93 -30.66 20.59
C THR B 2240 -36.39 -31.25 21.87
N LEU B 2241 -36.99 -32.34 22.35
CA LEU B 2241 -36.53 -32.92 23.61
C LEU B 2241 -35.11 -33.46 23.47
N VAL B 2242 -34.83 -34.16 22.38
CA VAL B 2242 -33.51 -34.75 22.24
C VAL B 2242 -32.45 -33.67 22.12
N GLU B 2243 -32.73 -32.60 21.39
CA GLU B 2243 -31.75 -31.55 21.24
C GLU B 2243 -31.74 -30.54 22.37
N CYS B 2244 -32.70 -30.59 23.30
CA CYS B 2244 -32.59 -29.76 24.48
C CYS B 2244 -31.90 -30.49 25.63
N TRP B 2245 -31.93 -31.82 25.65
CA TRP B 2245 -31.21 -32.50 26.71
C TRP B 2245 -29.80 -32.90 26.27
N LYS B 2246 -29.70 -33.79 25.27
CA LYS B 2246 -28.44 -34.34 24.80
C LYS B 2246 -27.47 -34.64 25.95
N ASP B 2247 -27.99 -35.18 27.05
CA ASP B 2247 -27.22 -35.36 28.26
C ASP B 2247 -27.00 -36.83 28.58
N CYS B 2248 -28.08 -37.59 28.73
CA CYS B 2248 -28.03 -39.02 28.96
C CYS B 2248 -28.78 -39.79 27.89
N LEU B 2249 -29.16 -39.12 26.81
CA LEU B 2249 -30.06 -39.71 25.83
C LEU B 2249 -29.33 -40.75 25.00
N SER B 2250 -29.94 -41.93 24.87
CA SER B 2250 -29.36 -43.04 24.13
C SER B 2250 -30.39 -43.57 23.15
N ILE B 2251 -29.90 -44.11 22.04
CA ILE B 2251 -30.73 -44.51 20.92
C ILE B 2251 -30.88 -46.03 20.93
N PRO B 2252 -32.10 -46.56 20.92
CA PRO B 2252 -32.28 -48.01 20.91
C PRO B 2252 -31.87 -48.65 19.59
N TYR B 2253 -32.34 -48.07 18.49
CA TYR B 2253 -32.13 -48.52 17.12
C TYR B 2253 -32.90 -49.80 16.78
N ARG B 2254 -33.46 -50.47 17.78
CA ARG B 2254 -34.06 -51.79 17.51
C ARG B 2254 -35.54 -51.66 17.18
N LEU B 2255 -36.32 -51.14 18.12
CA LEU B 2255 -37.67 -50.69 17.81
C LEU B 2255 -37.62 -49.75 16.62
N ILE B 2256 -36.59 -48.90 16.59
CA ILE B 2256 -36.37 -48.03 15.44
C ILE B 2256 -36.19 -48.86 14.18
N PHE B 2257 -35.37 -49.91 14.25
CA PHE B 2257 -35.11 -50.71 13.06
C PHE B 2257 -36.39 -51.30 12.51
N GLU B 2258 -37.14 -51.99 13.36
CA GLU B 2258 -38.38 -52.59 12.89
C GLU B 2258 -39.37 -51.53 12.44
N LYS B 2259 -39.26 -50.30 12.97
CA LYS B 2259 -40.13 -49.23 12.51
C LYS B 2259 -39.77 -48.80 11.09
N PHE B 2260 -38.48 -48.75 10.76
CA PHE B 2260 -38.11 -48.34 9.42
C PHE B 2260 -37.85 -49.51 8.47
N SER B 2261 -37.45 -50.67 8.99
CA SER B 2261 -37.34 -51.84 8.13
C SER B 2261 -38.70 -52.22 7.58
N GLY B 2262 -39.72 -52.20 8.43
CA GLY B 2262 -41.10 -52.30 8.02
C GLY B 2262 -41.41 -53.60 7.32
N LYS B 2263 -42.46 -53.54 6.50
CA LYS B 2263 -42.98 -54.68 5.76
C LYS B 2263 -42.33 -54.86 4.41
N ASP B 2264 -41.21 -54.20 4.14
CA ASP B 2264 -40.68 -54.09 2.79
C ASP B 2264 -41.80 -53.46 1.95
N PRO B 2265 -42.07 -52.18 2.15
CA PRO B 2265 -43.38 -51.63 1.78
C PRO B 2265 -43.61 -51.47 0.29
N ASN B 2266 -44.49 -52.31 -0.25
CA ASN B 2266 -45.15 -51.97 -1.51
C ASN B 2266 -46.15 -50.84 -1.34
N SER B 2267 -46.50 -50.51 -0.10
CA SER B 2267 -47.31 -49.35 0.25
C SER B 2267 -46.66 -48.66 1.44
N LYS B 2268 -46.45 -47.34 1.32
CA LYS B 2268 -45.63 -46.60 2.26
C LYS B 2268 -46.17 -46.63 3.69
N ASP B 2269 -45.45 -47.29 4.59
CA ASP B 2269 -45.80 -47.29 6.00
C ASP B 2269 -44.61 -47.05 6.92
N ASN B 2270 -43.46 -47.65 6.63
CA ASN B 2270 -42.31 -47.57 7.52
C ASN B 2270 -41.60 -46.23 7.43
N SER B 2271 -42.11 -45.31 6.63
CA SER B 2271 -41.53 -43.97 6.54
C SER B 2271 -41.55 -43.27 7.89
N VAL B 2272 -42.41 -43.72 8.80
CA VAL B 2272 -42.36 -43.21 10.17
C VAL B 2272 -40.99 -43.46 10.78
N GLY B 2273 -40.47 -44.68 10.62
CA GLY B 2273 -39.13 -44.97 11.09
C GLY B 2273 -38.09 -44.14 10.38
N ILE B 2274 -38.29 -43.86 9.09
CA ILE B 2274 -37.35 -43.03 8.35
C ILE B 2274 -37.30 -41.64 8.93
N GLN B 2275 -38.46 -41.06 9.22
CA GLN B 2275 -38.47 -39.73 9.82
C GLN B 2275 -37.89 -39.76 11.23
N LEU B 2276 -38.05 -40.87 11.94
CA LEU B 2276 -37.37 -41.02 13.23
C LEU B 2276 -35.86 -40.99 13.04
N LEU B 2277 -35.38 -41.69 12.02
CA LEU B 2277 -33.96 -41.64 11.69
C LEU B 2277 -33.53 -40.21 11.39
N GLY B 2278 -34.38 -39.46 10.68
CA GLY B 2278 -34.09 -38.06 10.43
C GLY B 2278 -34.02 -37.24 11.71
N ILE B 2279 -34.90 -37.55 12.66
CA ILE B 2279 -34.85 -36.89 13.96
C ILE B 2279 -33.50 -37.13 14.61
N VAL B 2280 -33.04 -38.38 14.57
CA VAL B 2280 -31.71 -38.69 15.06
C VAL B 2280 -30.66 -37.91 14.29
N MET B 2281 -30.86 -37.79 12.97
CA MET B 2281 -29.86 -37.18 12.11
C MET B 2281 -29.70 -35.71 12.41
N ALA B 2282 -30.80 -35.04 12.77
CA ALA B 2282 -30.71 -33.64 13.18
C ALA B 2282 -29.79 -33.49 14.37
N ASN B 2283 -29.69 -34.52 15.20
CA ASN B 2283 -28.69 -34.54 16.26
C ASN B 2283 -27.34 -34.96 15.71
N ASP B 2284 -26.29 -34.50 16.37
CA ASP B 2284 -24.95 -34.98 16.09
C ASP B 2284 -24.70 -36.37 16.62
N LEU B 2285 -25.77 -37.03 17.08
CA LEU B 2285 -25.67 -38.38 17.60
C LEU B 2285 -25.23 -39.34 16.50
N PRO B 2286 -24.61 -40.45 16.87
CA PRO B 2286 -24.13 -41.38 15.86
C PRO B 2286 -25.24 -41.83 14.94
N PRO B 2287 -24.96 -41.96 13.64
CA PRO B 2287 -26.01 -42.39 12.72
C PRO B 2287 -26.65 -43.70 13.12
N TYR B 2288 -25.83 -44.65 13.58
CA TYR B 2288 -26.32 -45.85 14.23
C TYR B 2288 -25.14 -46.43 14.99
N ASP B 2289 -25.30 -46.62 16.29
CA ASP B 2289 -24.21 -47.17 17.08
C ASP B 2289 -23.90 -48.57 16.54
N PRO B 2290 -22.67 -48.84 16.13
CA PRO B 2290 -22.34 -50.18 15.63
C PRO B 2290 -22.21 -51.17 16.77
N GLN B 2291 -22.71 -50.79 17.95
CA GLN B 2291 -22.89 -51.73 19.04
C GLN B 2291 -23.81 -52.85 18.60
N CYS B 2292 -23.93 -53.86 19.46
CA CYS B 2292 -24.58 -55.12 19.10
C CYS B 2292 -25.78 -54.93 18.19
N GLY B 2293 -26.72 -54.08 18.61
CA GLY B 2293 -27.92 -53.85 17.83
C GLY B 2293 -28.57 -55.17 17.48
N ILE B 2294 -28.56 -55.52 16.20
CA ILE B 2294 -28.88 -56.85 15.72
C ILE B 2294 -27.75 -57.43 14.89
N GLN B 2295 -27.30 -56.71 13.87
CA GLN B 2295 -26.13 -57.10 13.10
C GLN B 2295 -25.17 -55.96 12.82
N SER B 2296 -25.61 -54.70 12.86
CA SER B 2296 -24.83 -53.50 12.62
C SER B 2296 -24.36 -53.37 11.17
N SER B 2297 -24.65 -54.36 10.32
CA SER B 2297 -24.32 -54.27 8.90
C SER B 2297 -25.57 -54.18 8.04
N GLU B 2298 -26.48 -55.15 8.16
CA GLU B 2298 -27.76 -55.10 7.48
C GLU B 2298 -28.64 -53.98 8.00
N TYR B 2299 -28.27 -53.38 9.14
CA TYR B 2299 -29.04 -52.25 9.66
C TYR B 2299 -29.20 -51.16 8.61
N PHE B 2300 -28.27 -51.09 7.68
CA PHE B 2300 -28.35 -50.19 6.54
C PHE B 2300 -28.78 -50.90 5.27
N GLN B 2301 -28.71 -52.23 5.25
CA GLN B 2301 -29.27 -52.98 4.13
C GLN B 2301 -30.78 -52.83 4.08
N ALA B 2302 -31.44 -52.84 5.23
CA ALA B 2302 -32.87 -52.55 5.25
C ALA B 2302 -33.14 -51.13 4.76
N LEU B 2303 -32.27 -50.20 5.13
CA LEU B 2303 -32.38 -48.83 4.66
C LEU B 2303 -32.34 -48.78 3.14
N VAL B 2304 -31.31 -49.38 2.55
CA VAL B 2304 -31.19 -49.35 1.09
C VAL B 2304 -32.27 -50.20 0.43
N ASN B 2305 -32.84 -51.16 1.15
CA ASN B 2305 -33.96 -51.93 0.61
C ASN B 2305 -35.19 -51.05 0.46
N ASN B 2306 -35.56 -50.33 1.52
CA ASN B 2306 -36.68 -49.40 1.39
C ASN B 2306 -36.34 -48.28 0.42
N MET B 2307 -35.06 -47.93 0.34
CA MET B 2307 -34.55 -47.04 -0.69
C MET B 2307 -34.95 -47.50 -2.08
N SER B 2308 -34.73 -48.78 -2.37
CA SER B 2308 -35.14 -49.33 -3.65
C SER B 2308 -36.65 -49.22 -3.84
N PHE B 2309 -37.40 -49.23 -2.75
CA PHE B 2309 -38.85 -49.27 -2.85
C PHE B 2309 -39.39 -47.98 -3.42
N VAL B 2310 -40.30 -48.10 -4.38
CA VAL B 2310 -40.89 -46.95 -5.07
C VAL B 2310 -42.40 -47.17 -5.07
N ARG B 2311 -43.08 -46.62 -4.07
CA ARG B 2311 -44.53 -46.50 -4.08
C ARG B 2311 -44.97 -45.06 -4.21
N TYR B 2312 -44.30 -44.15 -3.51
CA TYR B 2312 -44.47 -42.73 -3.74
C TYR B 2312 -43.18 -42.03 -3.38
N LYS B 2313 -43.02 -40.82 -3.91
CA LYS B 2313 -41.88 -39.94 -3.71
C LYS B 2313 -41.37 -39.97 -2.27
N GLU B 2314 -42.30 -40.00 -1.32
CA GLU B 2314 -41.94 -39.93 0.10
C GLU B 2314 -40.94 -41.01 0.46
N VAL B 2315 -41.23 -42.25 0.08
CA VAL B 2315 -40.48 -43.41 0.56
C VAL B 2315 -38.99 -43.26 0.23
N TYR B 2316 -38.67 -43.34 -1.06
CA TYR B 2316 -37.29 -43.33 -1.48
C TYR B 2316 -36.67 -41.95 -1.36
N ALA B 2317 -37.47 -40.89 -1.46
CA ALA B 2317 -36.92 -39.55 -1.25
C ALA B 2317 -36.37 -39.39 0.16
N ALA B 2318 -37.20 -39.72 1.16
CA ALA B 2318 -36.73 -39.66 2.54
C ALA B 2318 -35.61 -40.65 2.78
N ALA B 2319 -35.68 -41.82 2.15
CA ALA B 2319 -34.62 -42.80 2.29
C ALA B 2319 -33.29 -42.22 1.83
N ALA B 2320 -33.27 -41.64 0.63
CA ALA B 2320 -32.04 -41.04 0.12
C ALA B 2320 -31.58 -39.88 1.00
N GLU B 2321 -32.52 -39.05 1.44
CA GLU B 2321 -32.15 -37.92 2.29
C GLU B 2321 -31.44 -38.40 3.55
N VAL B 2322 -32.07 -39.33 4.28
CA VAL B 2322 -31.49 -39.77 5.55
C VAL B 2322 -30.20 -40.54 5.31
N LEU B 2323 -30.14 -41.32 4.22
CA LEU B 2323 -28.94 -42.08 3.95
C LEU B 2323 -27.77 -41.17 3.63
N GLY B 2324 -28.01 -40.11 2.86
CA GLY B 2324 -26.97 -39.14 2.62
C GLY B 2324 -26.51 -38.45 3.90
N LEU B 2325 -27.47 -38.10 4.76
CA LEU B 2325 -27.09 -37.49 6.02
C LEU B 2325 -26.23 -38.44 6.85
N ILE B 2326 -26.60 -39.72 6.89
CA ILE B 2326 -25.78 -40.73 7.55
C ILE B 2326 -24.38 -40.76 6.94
N LEU B 2327 -24.32 -40.74 5.62
CA LEU B 2327 -23.03 -40.79 4.94
C LEU B 2327 -22.16 -39.62 5.38
N ARG B 2328 -22.73 -38.43 5.45
CA ARG B 2328 -21.98 -37.30 6.00
C ARG B 2328 -21.60 -37.57 7.45
N TYR B 2329 -22.51 -38.17 8.22
CA TYR B 2329 -22.28 -38.36 9.64
C TYR B 2329 -21.64 -39.69 9.95
N VAL B 2330 -20.82 -40.22 9.05
CA VAL B 2330 -20.07 -41.43 9.35
C VAL B 2330 -19.08 -41.10 10.45
N MET B 2331 -19.45 -41.47 11.69
CA MET B 2331 -18.78 -40.96 12.88
C MET B 2331 -18.65 -39.44 12.82
N GLU B 2332 -19.64 -38.79 12.21
CA GLU B 2332 -19.65 -37.34 12.06
C GLU B 2332 -18.37 -36.85 11.38
N ARG B 2333 -17.92 -37.61 10.39
CA ARG B 2333 -16.68 -37.35 9.66
C ARG B 2333 -15.45 -37.37 10.56
N LYS B 2334 -15.48 -38.21 11.60
CA LYS B 2334 -14.28 -38.44 12.39
C LYS B 2334 -13.55 -39.72 12.01
N ASN B 2335 -14.24 -40.66 11.36
CA ASN B 2335 -13.60 -41.89 10.93
C ASN B 2335 -14.32 -42.41 9.70
N ILE B 2336 -13.62 -43.19 8.89
CA ILE B 2336 -14.13 -43.71 7.63
C ILE B 2336 -13.88 -45.22 7.61
N LEU B 2337 -14.89 -46.01 7.98
CA LEU B 2337 -14.87 -47.43 7.63
C LEU B 2337 -16.21 -47.92 7.10
N GLU B 2338 -17.26 -47.12 7.15
CA GLU B 2338 -18.56 -47.55 6.67
C GLU B 2338 -18.68 -47.41 5.16
N GLU B 2339 -17.54 -47.39 4.48
CA GLU B 2339 -17.54 -47.40 3.02
C GLU B 2339 -18.37 -48.54 2.48
N SER B 2340 -18.39 -49.67 3.19
CA SER B 2340 -19.27 -50.79 2.89
C SER B 2340 -20.67 -50.29 2.54
N LEU B 2341 -21.19 -49.35 3.34
CA LEU B 2341 -22.49 -48.77 3.03
C LEU B 2341 -22.45 -47.95 1.76
N CYS B 2342 -21.31 -47.32 1.46
CA CYS B 2342 -21.21 -46.59 0.21
C CYS B 2342 -21.33 -47.52 -0.99
N GLU B 2343 -20.67 -48.67 -0.92
CA GLU B 2343 -20.86 -49.64 -2.01
C GLU B 2343 -22.26 -50.24 -1.97
N LEU B 2344 -22.86 -50.34 -0.79
CA LEU B 2344 -24.24 -50.80 -0.69
C LEU B 2344 -25.17 -49.89 -1.47
N VAL B 2345 -25.06 -48.58 -1.24
CA VAL B 2345 -25.91 -47.64 -1.96
C VAL B 2345 -25.48 -47.56 -3.42
N ALA B 2346 -24.21 -47.83 -3.72
CA ALA B 2346 -23.77 -47.88 -5.11
C ALA B 2346 -24.48 -49.00 -5.86
N LYS B 2347 -24.56 -50.17 -5.24
CA LYS B 2347 -25.35 -51.25 -5.82
C LYS B 2347 -26.82 -50.86 -5.86
N GLN B 2348 -27.30 -50.19 -4.82
CA GLN B 2348 -28.68 -49.74 -4.81
C GLN B 2348 -28.99 -48.89 -6.03
N LEU B 2349 -28.09 -47.97 -6.36
CA LEU B 2349 -28.32 -47.02 -7.45
C LEU B 2349 -28.03 -47.65 -8.81
N LYS B 2350 -26.79 -48.07 -9.00
CA LYS B 2350 -26.37 -48.59 -10.30
C LYS B 2350 -27.27 -49.73 -10.74
N GLN B 2351 -27.47 -50.71 -9.87
CA GLN B 2351 -28.39 -51.78 -10.17
C GLN B 2351 -29.82 -51.29 -10.00
N HIS B 2352 -30.73 -51.92 -10.74
CA HIS B 2352 -32.18 -51.82 -10.55
C HIS B 2352 -32.69 -50.39 -10.54
N GLN B 2353 -31.83 -49.43 -10.90
CA GLN B 2353 -32.30 -48.07 -11.12
C GLN B 2353 -31.78 -47.57 -12.46
N ASN B 2354 -30.58 -48.00 -12.83
CA ASN B 2354 -30.08 -47.69 -14.15
C ASN B 2354 -30.72 -48.59 -15.20
N THR B 2355 -31.82 -49.24 -14.82
CA THR B 2355 -32.72 -49.82 -15.79
C THR B 2355 -33.91 -48.92 -16.11
N MET B 2356 -34.20 -47.92 -15.26
CA MET B 2356 -35.13 -46.87 -15.65
C MET B 2356 -34.60 -45.45 -15.43
N GLU B 2357 -33.63 -45.26 -14.53
CA GLU B 2357 -32.96 -43.98 -14.30
C GLU B 2357 -33.91 -42.87 -13.89
N ASP B 2358 -35.18 -43.18 -13.64
CA ASP B 2358 -36.14 -42.12 -13.35
C ASP B 2358 -35.96 -41.59 -11.93
N LYS B 2359 -36.28 -42.43 -10.94
CA LYS B 2359 -36.02 -42.06 -9.56
C LYS B 2359 -34.54 -42.18 -9.22
N PHE B 2360 -33.78 -42.87 -10.07
CA PHE B 2360 -32.35 -43.01 -9.85
C PHE B 2360 -31.69 -41.65 -9.70
N ILE B 2361 -31.92 -40.77 -10.66
CA ILE B 2361 -31.32 -39.44 -10.62
C ILE B 2361 -31.89 -38.63 -9.46
N VAL B 2362 -33.18 -38.79 -9.19
CA VAL B 2362 -33.82 -38.00 -8.13
C VAL B 2362 -33.17 -38.30 -6.79
N CYS B 2363 -33.08 -39.59 -6.46
CA CYS B 2363 -32.49 -39.97 -5.20
C CYS B 2363 -30.99 -39.81 -5.18
N LEU B 2364 -30.34 -39.86 -6.35
CA LEU B 2364 -28.93 -39.53 -6.42
C LEU B 2364 -28.71 -38.07 -6.04
N ASN B 2365 -29.59 -37.19 -6.50
CA ASN B 2365 -29.54 -35.81 -6.06
C ASN B 2365 -29.80 -35.71 -4.57
N LYS B 2366 -30.79 -36.46 -4.07
CA LYS B 2366 -31.15 -36.38 -2.67
C LYS B 2366 -29.99 -36.75 -1.76
N VAL B 2367 -29.31 -37.86 -2.08
CA VAL B 2367 -28.11 -38.20 -1.32
C VAL B 2367 -27.00 -37.20 -1.58
N THR B 2368 -26.94 -36.68 -2.80
CA THR B 2368 -25.93 -35.70 -3.17
C THR B 2368 -26.11 -34.39 -2.42
N LYS B 2369 -27.31 -34.17 -1.85
CA LYS B 2369 -27.53 -32.99 -1.04
C LYS B 2369 -26.56 -32.91 0.13
N SER B 2370 -25.98 -34.04 0.52
CA SER B 2370 -25.02 -34.10 1.61
C SER B 2370 -23.61 -34.45 1.15
N PHE B 2371 -23.44 -35.45 0.31
CA PHE B 2371 -22.12 -35.99 0.01
C PHE B 2371 -21.75 -35.84 -1.46
N PRO B 2372 -20.93 -34.86 -1.81
CA PRO B 2372 -20.42 -34.75 -3.18
C PRO B 2372 -19.60 -35.95 -3.61
N PRO B 2373 -18.64 -36.45 -2.79
CA PRO B 2373 -17.69 -37.43 -3.33
C PRO B 2373 -18.27 -38.80 -3.60
N LEU B 2374 -19.59 -38.94 -3.53
CA LEU B 2374 -20.23 -40.15 -4.03
C LEU B 2374 -20.60 -40.02 -5.49
N ALA B 2375 -21.03 -38.82 -5.89
CA ALA B 2375 -21.49 -38.59 -7.25
C ALA B 2375 -20.42 -38.89 -8.28
N ASP B 2376 -19.14 -38.85 -7.90
CA ASP B 2376 -18.08 -39.22 -8.82
C ASP B 2376 -18.36 -40.58 -9.45
N ARG B 2377 -18.86 -41.52 -8.64
CA ARG B 2377 -19.17 -42.86 -9.13
C ARG B 2377 -20.11 -42.86 -10.33
N PHE B 2378 -20.65 -41.69 -10.69
CA PHE B 2378 -21.61 -41.60 -11.77
C PHE B 2378 -21.33 -40.43 -12.71
N MET B 2379 -20.15 -39.81 -12.63
CA MET B 2379 -19.82 -38.71 -13.55
C MET B 2379 -20.03 -39.11 -15.00
N ASN B 2380 -19.59 -40.30 -15.38
CA ASN B 2380 -19.93 -40.78 -16.72
C ASN B 2380 -21.44 -40.87 -16.91
N ALA B 2381 -22.12 -41.56 -16.00
CA ALA B 2381 -23.54 -41.83 -16.16
C ALA B 2381 -24.33 -40.55 -16.32
N VAL B 2382 -24.13 -39.60 -15.40
CA VAL B 2382 -24.88 -38.35 -15.45
C VAL B 2382 -24.64 -37.65 -16.77
N PHE B 2383 -23.41 -37.72 -17.29
CA PHE B 2383 -23.14 -37.09 -18.57
C PHE B 2383 -23.95 -37.74 -19.68
N PHE B 2384 -24.04 -39.06 -19.66
CA PHE B 2384 -24.76 -39.76 -20.72
C PHE B 2384 -26.26 -39.52 -20.61
N LEU B 2385 -26.81 -39.65 -19.40
CA LEU B 2385 -28.25 -39.54 -19.24
C LEU B 2385 -28.74 -38.11 -19.27
N LEU B 2386 -27.84 -37.14 -19.22
CA LEU B 2386 -28.27 -35.75 -19.15
C LEU B 2386 -29.15 -35.33 -20.31
N PRO B 2387 -28.77 -35.55 -21.58
CA PRO B 2387 -29.67 -35.14 -22.67
C PRO B 2387 -30.97 -35.90 -22.69
N LYS B 2388 -31.05 -37.06 -22.03
CA LYS B 2388 -32.23 -37.90 -22.12
C LYS B 2388 -33.45 -37.20 -21.57
N PHE B 2389 -33.31 -36.52 -20.44
CA PHE B 2389 -34.45 -35.85 -19.85
C PHE B 2389 -34.74 -34.54 -20.56
N HIS B 2390 -35.89 -33.97 -20.25
CA HIS B 2390 -36.26 -32.67 -20.79
C HIS B 2390 -36.95 -31.77 -19.78
N GLY B 2391 -37.22 -32.24 -18.56
CA GLY B 2391 -38.00 -31.45 -17.63
C GLY B 2391 -37.23 -31.03 -16.40
N VAL B 2392 -37.90 -31.01 -15.25
CA VAL B 2392 -37.25 -30.62 -14.00
C VAL B 2392 -36.08 -31.54 -13.73
N LEU B 2393 -36.15 -32.79 -14.20
CA LEU B 2393 -35.04 -33.71 -14.04
C LEU B 2393 -33.76 -33.15 -14.61
N LYS B 2394 -33.86 -32.40 -15.71
CA LYS B 2394 -32.67 -31.71 -16.23
C LYS B 2394 -32.10 -30.78 -15.17
N THR B 2395 -32.97 -30.02 -14.51
CA THR B 2395 -32.51 -29.12 -13.47
C THR B 2395 -31.85 -29.89 -12.34
N LEU B 2396 -32.42 -31.04 -11.98
CA LEU B 2396 -31.82 -31.84 -10.92
C LEU B 2396 -30.44 -32.33 -11.32
N CYS B 2397 -30.29 -32.79 -12.56
CA CYS B 2397 -28.98 -33.23 -13.02
C CYS B 2397 -27.99 -32.10 -12.98
N LEU B 2398 -28.41 -30.92 -13.43
CA LEU B 2398 -27.53 -29.76 -13.39
C LEU B 2398 -27.13 -29.45 -11.95
N GLU B 2399 -28.07 -29.56 -11.02
CA GLU B 2399 -27.75 -29.32 -9.62
C GLU B 2399 -26.73 -30.33 -9.11
N VAL B 2400 -26.89 -31.59 -9.49
CA VAL B 2400 -25.96 -32.62 -9.04
C VAL B 2400 -24.56 -32.33 -9.56
N VAL B 2401 -24.45 -32.02 -10.85
CA VAL B 2401 -23.12 -31.74 -11.40
C VAL B 2401 -22.56 -30.46 -10.81
N LEU B 2402 -23.43 -29.54 -10.41
CA LEU B 2402 -22.98 -28.36 -9.69
C LEU B 2402 -22.37 -28.75 -8.35
N CYS B 2403 -22.99 -29.71 -7.66
CA CYS B 2403 -22.47 -30.15 -6.37
C CYS B 2403 -21.04 -30.67 -6.49
N ARG B 2404 -20.63 -31.09 -7.68
CA ARG B 2404 -19.26 -31.52 -7.90
C ARG B 2404 -18.31 -30.35 -7.74
N VAL B 2405 -17.54 -30.36 -6.66
CA VAL B 2405 -16.45 -29.41 -6.49
C VAL B 2405 -15.17 -30.11 -6.91
N GLU B 2406 -15.10 -31.41 -6.64
CA GLU B 2406 -14.00 -32.24 -7.09
C GLU B 2406 -14.25 -32.82 -8.48
N GLY B 2407 -15.47 -32.67 -9.01
CA GLY B 2407 -15.78 -33.20 -10.32
C GLY B 2407 -15.08 -32.46 -11.44
N MET B 2408 -14.61 -31.25 -11.20
CA MET B 2408 -13.94 -30.48 -12.25
C MET B 2408 -12.53 -31.04 -12.45
N THR B 2409 -12.42 -31.98 -13.39
CA THR B 2409 -11.15 -32.37 -13.97
C THR B 2409 -11.09 -31.92 -15.43
N GLU B 2410 -12.05 -32.37 -16.22
CA GLU B 2410 -12.36 -31.78 -17.51
C GLU B 2410 -13.85 -31.98 -17.77
N LEU B 2411 -14.61 -30.89 -17.74
CA LEU B 2411 -16.03 -30.94 -17.99
C LEU B 2411 -16.45 -30.05 -19.14
N TYR B 2412 -15.56 -29.18 -19.62
CA TYR B 2412 -15.92 -28.25 -20.68
C TYR B 2412 -16.38 -28.99 -21.92
N PHE B 2413 -15.63 -30.01 -22.33
CA PHE B 2413 -15.99 -30.73 -23.53
C PHE B 2413 -17.23 -31.59 -23.33
N GLN B 2414 -17.50 -31.98 -22.09
CA GLN B 2414 -18.72 -32.73 -21.80
C GLN B 2414 -19.94 -31.85 -22.04
N LEU B 2415 -20.07 -30.79 -21.27
CA LEU B 2415 -21.15 -29.84 -21.45
C LEU B 2415 -21.21 -29.33 -22.88
N LYS B 2416 -20.06 -29.18 -23.53
CA LYS B 2416 -20.04 -28.82 -24.94
C LYS B 2416 -20.75 -29.87 -25.77
N SER B 2417 -20.37 -31.14 -25.57
CA SER B 2417 -21.10 -32.24 -26.18
C SER B 2417 -22.50 -32.34 -25.58
N LYS B 2418 -22.64 -32.08 -24.29
CA LYS B 2418 -23.96 -32.10 -23.69
C LYS B 2418 -24.78 -30.91 -24.04
N ASP B 2419 -24.30 -30.08 -24.96
CA ASP B 2419 -25.01 -28.90 -25.43
C ASP B 2419 -25.41 -28.02 -24.23
N PHE B 2420 -24.37 -27.55 -23.54
CA PHE B 2420 -24.58 -26.68 -22.40
C PHE B 2420 -25.29 -25.39 -22.81
N VAL B 2421 -24.95 -24.89 -24.00
CA VAL B 2421 -25.49 -23.61 -24.43
C VAL B 2421 -27.00 -23.67 -24.63
N GLN B 2422 -27.52 -24.79 -25.10
CA GLN B 2422 -28.97 -24.87 -25.33
C GLN B 2422 -29.74 -24.82 -24.02
N VAL B 2423 -29.42 -25.71 -23.09
CA VAL B 2423 -30.12 -25.71 -21.81
C VAL B 2423 -29.90 -24.39 -21.10
N MET B 2424 -28.70 -23.83 -21.23
CA MET B 2424 -28.46 -22.49 -20.74
C MET B 2424 -29.40 -21.48 -21.39
N ARG B 2425 -29.70 -21.67 -22.67
CA ARG B 2425 -30.52 -20.70 -23.39
C ARG B 2425 -31.93 -20.66 -22.85
N HIS B 2426 -32.48 -21.81 -22.49
CA HIS B 2426 -33.78 -21.84 -21.84
C HIS B 2426 -33.72 -21.04 -20.55
N ARG B 2427 -34.76 -20.26 -20.30
CA ARG B 2427 -34.73 -19.21 -19.27
C ARG B 2427 -35.71 -19.48 -18.14
N ASP B 2428 -35.67 -20.70 -17.59
CA ASP B 2428 -36.32 -20.96 -16.32
C ASP B 2428 -35.33 -20.71 -15.19
N ASP B 2429 -35.77 -19.90 -14.21
CA ASP B 2429 -34.84 -19.28 -13.27
C ASP B 2429 -33.99 -20.31 -12.55
N GLU B 2430 -34.55 -21.47 -12.23
CA GLU B 2430 -33.78 -22.51 -11.56
C GLU B 2430 -32.62 -22.98 -12.42
N ARG B 2431 -32.90 -23.27 -13.70
CA ARG B 2431 -31.84 -23.69 -14.60
C ARG B 2431 -30.85 -22.57 -14.81
N GLN B 2432 -31.35 -21.33 -14.93
CA GLN B 2432 -30.46 -20.18 -15.02
C GLN B 2432 -29.48 -20.17 -13.86
N LYS B 2433 -30.01 -20.25 -12.64
CA LYS B 2433 -29.17 -20.14 -11.46
C LYS B 2433 -28.16 -21.26 -11.40
N VAL B 2434 -28.61 -22.49 -11.64
CA VAL B 2434 -27.69 -23.61 -11.53
C VAL B 2434 -26.62 -23.52 -12.59
N CYS B 2435 -26.98 -23.09 -13.80
CA CYS B 2435 -26.00 -22.92 -14.86
C CYS B 2435 -24.97 -21.87 -14.48
N LEU B 2436 -25.43 -20.75 -13.94
CA LEU B 2436 -24.49 -19.69 -13.59
C LEU B 2436 -23.58 -20.11 -12.44
N ASP B 2437 -24.12 -20.86 -11.49
CA ASP B 2437 -23.29 -21.37 -10.41
C ASP B 2437 -22.25 -22.34 -10.95
N ILE B 2438 -22.65 -23.20 -11.89
CA ILE B 2438 -21.70 -24.08 -12.55
C ILE B 2438 -20.58 -23.26 -13.18
N ILE B 2439 -20.97 -22.21 -13.90
CA ILE B 2439 -19.98 -21.37 -14.58
C ILE B 2439 -19.04 -20.75 -13.57
N TYR B 2440 -19.60 -20.24 -12.47
CA TYR B 2440 -18.76 -19.56 -11.49
C TYR B 2440 -17.79 -20.53 -10.85
N LYS B 2441 -18.23 -21.76 -10.59
CA LYS B 2441 -17.33 -22.75 -10.03
C LYS B 2441 -16.24 -23.12 -11.01
N MET B 2442 -16.58 -23.22 -12.30
CA MET B 2442 -15.64 -23.79 -13.24
C MET B 2442 -14.72 -22.77 -13.89
N MET B 2443 -15.02 -21.47 -13.79
CA MET B 2443 -14.19 -20.50 -14.49
C MET B 2443 -12.71 -20.54 -14.15
N PRO B 2444 -12.26 -20.72 -12.89
CA PRO B 2444 -10.83 -20.61 -12.64
C PRO B 2444 -10.00 -21.61 -13.42
N LYS B 2445 -10.53 -22.81 -13.66
CA LYS B 2445 -9.83 -23.79 -14.48
C LYS B 2445 -9.92 -23.48 -15.97
N LEU B 2446 -10.90 -22.70 -16.39
CA LEU B 2446 -11.17 -22.53 -17.80
C LEU B 2446 -10.06 -21.76 -18.51
N LYS B 2447 -9.81 -22.13 -19.75
CA LYS B 2447 -8.90 -21.38 -20.60
C LYS B 2447 -9.60 -20.17 -21.20
N PRO B 2448 -8.87 -19.08 -21.42
CA PRO B 2448 -9.51 -17.88 -21.97
C PRO B 2448 -10.15 -18.11 -23.32
N VAL B 2449 -9.52 -18.92 -24.17
CA VAL B 2449 -10.05 -19.13 -25.51
C VAL B 2449 -11.42 -19.78 -25.46
N GLU B 2450 -11.58 -20.82 -24.63
CA GLU B 2450 -12.89 -21.42 -24.43
C GLU B 2450 -13.81 -20.45 -23.71
N LEU B 2451 -13.27 -19.71 -22.75
CA LEU B 2451 -14.08 -18.79 -21.97
C LEU B 2451 -14.75 -17.75 -22.86
N ARG B 2452 -14.11 -17.40 -23.97
CA ARG B 2452 -14.66 -16.38 -24.86
C ARG B 2452 -16.02 -16.81 -25.40
N GLU B 2453 -16.06 -17.91 -26.14
CA GLU B 2453 -17.32 -18.39 -26.67
C GLU B 2453 -18.20 -19.01 -25.60
N LEU B 2454 -17.70 -19.22 -24.40
CA LEU B 2454 -18.60 -19.52 -23.30
C LEU B 2454 -19.38 -18.29 -22.87
N LEU B 2455 -18.69 -17.17 -22.74
CA LEU B 2455 -19.31 -15.94 -22.25
C LEU B 2455 -20.19 -15.29 -23.30
N ASN B 2456 -19.83 -15.45 -24.57
CA ASN B 2456 -20.64 -14.82 -25.63
C ASN B 2456 -22.11 -15.16 -25.53
N PRO B 2457 -22.53 -16.40 -25.27
CA PRO B 2457 -23.94 -16.66 -24.98
C PRO B 2457 -24.32 -16.44 -23.53
N VAL B 2458 -23.38 -16.07 -22.66
CA VAL B 2458 -23.75 -15.69 -21.30
C VAL B 2458 -24.36 -14.29 -21.29
N VAL B 2459 -23.78 -13.38 -22.07
CA VAL B 2459 -24.03 -11.95 -21.93
C VAL B 2459 -25.48 -11.57 -22.12
N GLU B 2460 -26.32 -12.48 -22.63
CA GLU B 2460 -27.70 -12.14 -22.90
C GLU B 2460 -28.58 -12.13 -21.65
N PHE B 2461 -28.10 -12.66 -20.53
CA PHE B 2461 -28.90 -12.58 -19.32
C PHE B 2461 -29.01 -11.17 -18.78
N VAL B 2462 -28.36 -10.19 -19.41
CA VAL B 2462 -28.67 -8.81 -19.13
C VAL B 2462 -30.13 -8.57 -19.50
N SER B 2463 -30.78 -7.67 -18.78
CA SER B 2463 -32.19 -7.36 -18.93
C SER B 2463 -33.10 -8.54 -18.64
N HIS B 2464 -32.54 -9.66 -18.20
CA HIS B 2464 -33.39 -10.78 -17.85
C HIS B 2464 -34.07 -10.51 -16.52
N PRO B 2465 -35.35 -10.74 -16.42
CA PRO B 2465 -36.11 -10.38 -15.20
C PRO B 2465 -35.92 -11.39 -14.07
N SER B 2466 -34.71 -11.46 -13.54
CA SER B 2466 -34.46 -12.22 -12.32
C SER B 2466 -33.19 -11.70 -11.68
N THR B 2467 -33.33 -11.13 -10.48
CA THR B 2467 -32.18 -10.57 -9.79
C THR B 2467 -31.11 -11.62 -9.55
N THR B 2468 -31.52 -12.86 -9.30
CA THR B 2468 -30.55 -13.93 -9.09
C THR B 2468 -29.68 -14.12 -10.32
N CYS B 2469 -30.30 -14.14 -11.49
CA CYS B 2469 -29.54 -14.35 -12.72
C CYS B 2469 -28.55 -13.21 -12.93
N ARG B 2470 -29.03 -11.97 -12.86
CA ARG B 2470 -28.15 -10.84 -13.12
C ARG B 2470 -27.07 -10.71 -12.06
N GLU B 2471 -27.37 -11.08 -10.82
CA GLU B 2471 -26.36 -10.99 -9.78
C GLU B 2471 -25.28 -12.03 -9.99
N GLN B 2472 -25.65 -13.26 -10.36
CA GLN B 2472 -24.62 -14.26 -10.66
C GLN B 2472 -23.81 -13.83 -11.87
N MET B 2473 -24.48 -13.30 -12.89
CA MET B 2473 -23.82 -12.62 -13.99
C MET B 2473 -22.71 -11.72 -13.49
N TYR B 2474 -23.10 -10.76 -12.66
CA TYR B 2474 -22.17 -9.73 -12.24
C TYR B 2474 -21.06 -10.32 -11.38
N ASN B 2475 -21.35 -11.37 -10.62
CA ASN B 2475 -20.28 -12.07 -9.90
C ASN B 2475 -19.25 -12.61 -10.89
N ILE B 2476 -19.72 -13.30 -11.92
CA ILE B 2476 -18.84 -13.82 -12.94
C ILE B 2476 -18.02 -12.71 -13.55
N LEU B 2477 -18.68 -11.60 -13.88
CA LEU B 2477 -18.02 -10.51 -14.56
C LEU B 2477 -16.99 -9.82 -13.68
N MET B 2478 -17.29 -9.69 -12.38
CA MET B 2478 -16.32 -9.14 -11.46
C MET B 2478 -15.08 -10.02 -11.41
N TRP B 2479 -15.30 -11.34 -11.35
CA TRP B 2479 -14.16 -12.25 -11.36
C TRP B 2479 -13.33 -12.06 -12.62
N ILE B 2480 -14.00 -11.98 -13.77
CA ILE B 2480 -13.28 -11.82 -15.03
C ILE B 2480 -12.48 -10.52 -15.01
N HIS B 2481 -13.13 -9.43 -14.63
CA HIS B 2481 -12.48 -8.13 -14.61
C HIS B 2481 -11.24 -8.15 -13.75
N ASP B 2482 -11.35 -8.71 -12.55
CA ASP B 2482 -10.19 -8.79 -11.67
C ASP B 2482 -9.11 -9.67 -12.28
N ASN B 2483 -9.52 -10.77 -12.91
CA ASN B 2483 -8.60 -11.75 -13.45
C ASN B 2483 -8.16 -11.41 -14.87
N TYR B 2484 -8.64 -10.32 -15.44
CA TYR B 2484 -8.26 -9.98 -16.81
C TYR B 2484 -7.93 -8.51 -16.99
N ARG B 2485 -7.81 -7.74 -15.91
CA ARG B 2485 -7.39 -6.35 -16.06
C ARG B 2485 -5.89 -6.22 -16.35
N ASP B 2486 -5.15 -7.32 -16.30
CA ASP B 2486 -3.74 -7.32 -16.65
C ASP B 2486 -3.52 -7.00 -18.13
N THR B 2491 -1.01 -9.62 -25.10
CA THR B 2491 -1.39 -10.95 -24.61
C THR B 2491 -2.41 -11.61 -25.53
N ASP B 2492 -3.12 -12.59 -25.00
CA ASP B 2492 -4.12 -13.32 -25.77
C ASP B 2492 -5.24 -12.39 -26.19
N ASN B 2493 -5.38 -12.17 -27.50
CA ASN B 2493 -6.38 -11.25 -28.00
C ASN B 2493 -7.78 -11.71 -27.66
N ASP B 2494 -8.01 -13.01 -27.61
CA ASP B 2494 -9.28 -13.51 -27.11
C ASP B 2494 -9.52 -13.03 -25.70
N SER B 2495 -8.50 -13.13 -24.84
CA SER B 2495 -8.63 -12.65 -23.47
C SER B 2495 -8.85 -11.14 -23.44
N GLN B 2496 -8.17 -10.41 -24.33
CA GLN B 2496 -8.34 -8.96 -24.37
C GLN B 2496 -9.78 -8.60 -24.71
N GLU B 2497 -10.33 -9.22 -25.74
CA GLU B 2497 -11.72 -8.96 -26.10
C GLU B 2497 -12.67 -9.40 -25.01
N ILE B 2498 -12.33 -10.50 -24.32
CA ILE B 2498 -13.12 -10.95 -23.18
C ILE B 2498 -13.18 -9.86 -22.13
N PHE B 2499 -12.02 -9.30 -21.80
CA PHE B 2499 -11.96 -8.27 -20.77
C PHE B 2499 -12.74 -7.03 -21.19
N LYS B 2500 -12.60 -6.64 -22.47
CA LYS B 2500 -13.35 -5.49 -22.97
C LYS B 2500 -14.85 -5.74 -22.87
N LEU B 2501 -15.29 -6.93 -23.27
CA LEU B 2501 -16.71 -7.25 -23.21
C LEU B 2501 -17.21 -7.26 -21.78
N ALA B 2502 -16.41 -7.81 -20.86
CA ALA B 2502 -16.80 -7.85 -19.47
C ALA B 2502 -16.96 -6.45 -18.90
N LYS B 2503 -16.00 -5.57 -19.20
CA LYS B 2503 -16.12 -4.20 -18.73
C LYS B 2503 -17.35 -3.53 -19.35
N ASP B 2504 -17.60 -3.80 -20.62
CA ASP B 2504 -18.76 -3.21 -21.29
C ASP B 2504 -20.05 -3.64 -20.62
N VAL B 2505 -20.19 -4.93 -20.36
CA VAL B 2505 -21.44 -5.41 -19.77
C VAL B 2505 -21.55 -4.94 -18.32
N LEU B 2506 -20.41 -4.75 -17.64
CA LEU B 2506 -20.47 -4.13 -16.31
C LEU B 2506 -21.05 -2.74 -16.41
N ILE B 2507 -20.57 -1.95 -17.37
CA ILE B 2507 -21.13 -0.62 -17.57
C ILE B 2507 -22.61 -0.71 -17.89
N GLN B 2508 -23.00 -1.71 -18.67
CA GLN B 2508 -24.41 -1.92 -18.94
C GLN B 2508 -25.18 -2.14 -17.64
N GLY B 2509 -24.65 -2.99 -16.77
CA GLY B 2509 -25.30 -3.24 -15.50
C GLY B 2509 -25.35 -2.00 -14.64
N LEU B 2510 -24.46 -1.05 -14.86
CA LEU B 2510 -24.40 0.15 -14.04
C LEU B 2510 -25.68 0.96 -14.11
N ILE B 2511 -26.64 0.50 -14.91
CA ILE B 2511 -28.02 0.95 -14.84
C ILE B 2511 -28.89 -0.27 -14.58
N ASP B 2512 -29.71 -0.22 -13.55
CA ASP B 2512 -30.50 -1.37 -13.15
C ASP B 2512 -31.90 -0.94 -12.77
N GLU B 2513 -32.83 -1.90 -12.85
CA GLU B 2513 -34.10 -1.74 -12.18
C GLU B 2513 -34.00 -2.06 -10.69
N ASN B 2514 -32.93 -2.72 -10.28
CA ASN B 2514 -32.73 -3.05 -8.88
C ASN B 2514 -31.77 -2.05 -8.26
N PRO B 2515 -32.21 -1.25 -7.30
CA PRO B 2515 -31.28 -0.38 -6.59
C PRO B 2515 -30.20 -1.15 -5.86
N GLY B 2516 -30.50 -2.34 -5.34
CA GLY B 2516 -29.49 -3.11 -4.63
C GLY B 2516 -28.37 -3.56 -5.55
N LEU B 2517 -28.71 -4.06 -6.73
CA LEU B 2517 -27.69 -4.40 -7.70
C LEU B 2517 -26.89 -3.17 -8.08
N GLN B 2518 -27.56 -2.04 -8.26
CA GLN B 2518 -26.86 -0.81 -8.61
C GLN B 2518 -25.86 -0.45 -7.53
N LEU B 2519 -26.28 -0.54 -6.27
CA LEU B 2519 -25.38 -0.24 -5.15
C LEU B 2519 -24.18 -1.16 -5.14
N ILE B 2520 -24.41 -2.46 -5.24
CA ILE B 2520 -23.30 -3.40 -5.08
C ILE B 2520 -22.31 -3.26 -6.22
N ILE B 2521 -22.80 -3.10 -7.44
CA ILE B 2521 -21.88 -2.94 -8.57
C ILE B 2521 -21.17 -1.60 -8.47
N ARG B 2522 -21.82 -0.59 -7.90
CA ARG B 2522 -21.13 0.67 -7.68
C ARG B 2522 -20.00 0.50 -6.71
N ASN B 2523 -20.26 -0.20 -5.60
CA ASN B 2523 -19.21 -0.47 -4.62
C ASN B 2523 -18.06 -1.19 -5.28
N PHE B 2524 -18.37 -2.17 -6.13
CA PHE B 2524 -17.35 -2.83 -6.93
C PHE B 2524 -16.54 -1.82 -7.73
N TRP B 2525 -17.23 -0.97 -8.49
CA TRP B 2525 -16.54 -0.02 -9.35
C TRP B 2525 -15.85 1.06 -8.53
N SER B 2526 -16.57 1.61 -7.54
CA SER B 2526 -16.01 2.67 -6.72
C SER B 2526 -14.85 2.18 -5.86
N HIS B 2527 -14.67 0.88 -5.74
CA HIS B 2527 -13.54 0.36 -4.98
C HIS B 2527 -12.23 0.82 -5.59
N GLU B 2528 -11.21 0.93 -4.74
CA GLU B 2528 -9.97 1.61 -5.11
C GLU B 2528 -9.28 0.92 -6.28
N THR B 2529 -9.28 -0.41 -6.31
CA THR B 2529 -8.53 -1.12 -7.34
C THR B 2529 -9.09 -0.82 -8.71
N ARG B 2530 -10.38 -0.53 -8.80
CA ARG B 2530 -11.04 -0.20 -10.05
C ARG B 2530 -11.35 1.28 -10.17
N LEU B 2531 -11.10 2.04 -9.12
CA LEU B 2531 -11.18 3.49 -9.16
C LEU B 2531 -10.06 4.04 -8.30
N PRO B 2532 -9.02 4.59 -8.91
CA PRO B 2532 -7.79 4.90 -8.17
C PRO B 2532 -8.09 5.84 -7.01
N SER B 2533 -7.37 5.61 -5.90
CA SER B 2533 -7.62 6.38 -4.69
C SER B 2533 -7.40 7.87 -4.94
N ASN B 2534 -6.38 8.22 -5.71
CA ASN B 2534 -6.19 9.61 -6.08
C ASN B 2534 -7.41 10.11 -6.84
N THR B 2535 -7.94 11.24 -6.38
CA THR B 2535 -9.11 11.82 -7.03
C THR B 2535 -8.79 12.19 -8.48
N LEU B 2536 -7.61 12.77 -8.70
CA LEU B 2536 -7.16 13.01 -10.07
C LEU B 2536 -7.14 11.71 -10.86
N ASP B 2537 -6.49 10.69 -10.30
CA ASP B 2537 -6.39 9.42 -10.99
C ASP B 2537 -7.74 8.73 -11.06
N ARG B 2538 -8.56 8.89 -10.03
CA ARG B 2538 -9.93 8.36 -10.07
C ARG B 2538 -10.68 8.92 -11.26
N LEU B 2539 -10.67 10.24 -11.41
CA LEU B 2539 -11.34 10.87 -12.53
C LEU B 2539 -10.77 10.42 -13.85
N LEU B 2540 -9.43 10.39 -13.94
CA LEU B 2540 -8.80 10.01 -15.19
C LEU B 2540 -9.20 8.61 -15.61
N ALA B 2541 -9.21 7.67 -14.66
CA ALA B 2541 -9.59 6.30 -14.98
C ALA B 2541 -11.07 6.21 -15.35
N LEU B 2542 -11.94 6.87 -14.58
CA LEU B 2542 -13.37 6.74 -14.88
C LEU B 2542 -13.72 7.39 -16.20
N ASN B 2543 -12.89 8.30 -16.70
CA ASN B 2543 -13.13 8.86 -18.02
C ASN B 2543 -13.28 7.76 -19.06
N SER B 2544 -12.43 6.74 -18.98
CA SER B 2544 -12.49 5.64 -19.95
C SER B 2544 -13.83 4.91 -19.87
N LEU B 2545 -14.31 4.65 -18.66
CA LEU B 2545 -15.55 3.92 -18.49
C LEU B 2545 -16.70 4.71 -19.08
N TYR B 2546 -17.22 4.28 -20.22
CA TYR B 2546 -18.32 4.98 -20.85
C TYR B 2546 -18.94 4.10 -21.92
N SER B 2547 -20.24 4.23 -22.09
CA SER B 2547 -20.97 3.64 -23.21
C SER B 2547 -21.96 4.67 -23.73
N PRO B 2548 -22.21 4.67 -25.03
CA PRO B 2548 -23.26 5.57 -25.55
C PRO B 2548 -24.64 4.98 -25.32
N LYS B 2549 -24.82 4.39 -24.14
CA LYS B 2549 -26.13 3.99 -23.63
C LYS B 2549 -26.31 4.30 -22.17
N ILE B 2550 -25.23 4.51 -21.41
CA ILE B 2550 -25.32 4.91 -20.02
C ILE B 2550 -25.14 6.42 -19.86
N GLU B 2551 -24.91 7.12 -20.96
CA GLU B 2551 -24.71 8.57 -20.92
C GLU B 2551 -25.93 9.29 -20.37
N VAL B 2552 -27.09 8.63 -20.36
CA VAL B 2552 -28.28 9.24 -19.77
C VAL B 2552 -28.00 9.62 -18.32
N HIS B 2553 -27.29 8.77 -17.60
CA HIS B 2553 -27.00 9.01 -16.19
C HIS B 2553 -25.50 9.14 -15.94
N PHE B 2554 -24.70 9.22 -17.01
CA PHE B 2554 -23.25 9.17 -16.89
C PHE B 2554 -22.74 10.18 -15.87
N LEU B 2555 -23.23 11.41 -15.96
CA LEU B 2555 -22.77 12.45 -15.05
C LEU B 2555 -23.06 12.10 -13.61
N SER B 2556 -24.26 11.58 -13.35
CA SER B 2556 -24.62 11.20 -11.99
C SER B 2556 -23.67 10.13 -11.47
N LEU B 2557 -23.37 9.13 -12.29
CA LEU B 2557 -22.49 8.07 -11.86
C LEU B 2557 -21.09 8.59 -11.59
N ALA B 2558 -20.59 9.47 -12.46
CA ALA B 2558 -19.26 10.03 -12.24
C ALA B 2558 -19.23 10.82 -10.93
N THR B 2559 -20.26 11.61 -10.68
CA THR B 2559 -20.32 12.37 -9.44
C THR B 2559 -20.34 11.45 -8.23
N ASN B 2560 -21.14 10.39 -8.30
CA ASN B 2560 -21.20 9.47 -7.17
C ASN B 2560 -19.85 8.81 -6.94
N PHE B 2561 -19.21 8.36 -8.01
CA PHE B 2561 -17.89 7.75 -7.90
C PHE B 2561 -16.88 8.75 -7.37
N LEU B 2562 -17.11 10.03 -7.59
CA LEU B 2562 -16.15 11.03 -7.14
C LEU B 2562 -16.44 11.52 -5.74
N LEU B 2563 -17.67 11.36 -5.25
CA LEU B 2563 -18.06 11.97 -3.99
C LEU B 2563 -18.32 10.95 -2.89
N GLU B 2564 -19.07 9.89 -3.16
CA GLU B 2564 -19.24 8.88 -2.12
C GLU B 2564 -17.92 8.28 -1.70
N MET B 2565 -16.89 8.35 -2.55
CA MET B 2565 -15.55 8.01 -2.11
C MET B 2565 -15.02 9.03 -1.11
N THR B 2566 -15.43 10.29 -1.22
CA THR B 2566 -14.92 11.33 -0.34
C THR B 2566 -15.59 11.19 1.02
N SER B 2567 -15.06 10.27 1.80
CA SER B 2567 -15.60 10.03 3.14
C SER B 2567 -14.46 10.04 4.14
N MET B 2568 -13.26 9.68 3.67
CA MET B 2568 -12.11 9.56 4.56
C MET B 2568 -11.59 10.91 5.01
N SER B 2569 -12.09 12.00 4.46
CA SER B 2569 -11.68 13.32 4.91
C SER B 2569 -12.11 13.49 6.35
N PRO B 2570 -11.20 13.78 7.28
CA PRO B 2570 -11.63 13.93 8.68
C PRO B 2570 -12.65 15.03 8.87
N ASP B 2571 -12.54 16.12 8.13
CA ASP B 2571 -13.53 17.19 8.23
C ASP B 2571 -14.83 16.83 7.54
N TYR B 2572 -14.83 15.84 6.66
CA TYR B 2572 -16.04 15.42 5.96
C TYR B 2572 -17.22 15.17 6.88
N PRO B 2573 -17.08 14.44 8.00
CA PRO B 2573 -18.16 14.42 8.99
C PRO B 2573 -18.13 15.59 9.97
N ASN B 2574 -17.38 16.63 9.69
CA ASN B 2574 -17.24 17.69 10.66
C ASN B 2574 -17.86 18.99 10.13
N PRO B 2575 -18.30 19.87 11.02
CA PRO B 2575 -18.98 21.09 10.56
C PRO B 2575 -18.03 22.00 9.78
N MET B 2576 -18.60 22.73 8.82
CA MET B 2576 -17.85 23.80 8.20
C MET B 2576 -17.63 24.95 9.16
N PHE B 2577 -18.43 25.05 10.20
CA PHE B 2577 -18.36 26.15 11.15
C PHE B 2577 -18.66 25.61 12.53
N GLU B 2578 -17.67 25.63 13.40
CA GLU B 2578 -17.81 25.11 14.77
C GLU B 2578 -18.33 26.16 15.73
N HIS B 2579 -19.04 27.16 15.22
CA HIS B 2579 -19.53 28.24 16.05
C HIS B 2579 -20.99 28.52 15.74
N PRO B 2580 -21.81 28.73 16.76
CA PRO B 2580 -23.21 29.06 16.52
C PRO B 2580 -23.33 30.42 15.85
N LEU B 2581 -24.44 30.60 15.14
CA LEU B 2581 -24.73 31.91 14.56
C LEU B 2581 -24.68 32.99 15.62
N SER B 2582 -25.25 32.71 16.78
CA SER B 2582 -25.05 33.52 17.98
C SER B 2582 -25.36 32.63 19.18
N GLU B 2583 -25.44 33.24 20.36
CA GLU B 2583 -25.77 32.46 21.55
C GLU B 2583 -27.24 32.10 21.53
N CYS B 2584 -27.53 30.81 21.45
CA CYS B 2584 -28.90 30.31 21.48
C CYS B 2584 -28.85 28.83 21.84
N GLU B 2585 -30.01 28.20 21.79
CA GLU B 2585 -30.14 26.77 22.09
C GLU B 2585 -30.78 26.07 20.90
N PHE B 2586 -30.14 25.02 20.42
CA PHE B 2586 -30.57 24.32 19.21
C PHE B 2586 -30.83 22.86 19.57
N GLN B 2587 -32.04 22.60 20.05
CA GLN B 2587 -32.45 21.25 20.36
C GLN B 2587 -32.77 20.47 19.10
N GLU B 2588 -32.83 19.15 19.23
CA GLU B 2588 -33.12 18.31 18.09
C GLU B 2588 -34.48 18.61 17.49
N TYR B 2589 -34.55 18.62 16.16
CA TYR B 2589 -35.79 18.82 15.44
C TYR B 2589 -35.93 17.72 14.39
N THR B 2590 -37.09 17.08 14.36
CA THR B 2590 -37.35 15.98 13.45
C THR B 2590 -38.32 16.42 12.36
N ILE B 2591 -38.61 15.49 11.45
CA ILE B 2591 -39.55 15.71 10.35
C ILE B 2591 -40.41 14.47 10.22
N ASP B 2592 -41.72 14.66 10.05
CA ASP B 2592 -42.66 13.56 9.88
C ASP B 2592 -43.08 13.44 8.43
N SER B 2593 -43.00 12.23 7.89
CA SER B 2593 -43.37 11.95 6.51
C SER B 2593 -44.53 10.97 6.49
N ASP B 2594 -45.48 11.19 5.58
CA ASP B 2594 -46.66 10.35 5.52
C ASP B 2594 -47.29 10.48 4.14
N TRP B 2595 -48.20 9.57 3.84
CA TRP B 2595 -49.06 9.69 2.68
C TRP B 2595 -50.18 10.69 2.90
N ARG B 2596 -50.12 11.44 3.99
CA ARG B 2596 -51.17 12.37 4.38
C ARG B 2596 -50.77 13.78 3.96
N PHE B 2597 -51.63 14.44 3.19
CA PHE B 2597 -51.31 15.73 2.60
C PHE B 2597 -52.40 16.75 2.84
N ARG B 2598 -52.30 17.92 2.22
CA ARG B 2598 -53.33 18.93 2.34
C ARG B 2598 -54.58 18.53 1.58
N SER B 2599 -55.56 19.43 1.57
CA SER B 2599 -56.85 19.20 0.93
C SER B 2599 -57.52 17.96 1.49
N THR B 2600 -57.38 17.75 2.80
CA THR B 2600 -57.86 16.52 3.41
C THR B 2600 -58.72 16.74 4.65
N VAL B 2601 -58.45 17.79 5.42
CA VAL B 2601 -58.98 17.92 6.76
C VAL B 2601 -59.89 19.15 6.86
N LEU B 2602 -61.10 18.94 7.37
CA LEU B 2602 -61.96 20.02 7.80
C LEU B 2602 -62.65 19.76 9.13
N THR B 2603 -62.59 18.54 9.67
CA THR B 2603 -63.20 18.25 10.95
C THR B 2603 -62.43 18.91 12.08
N GLY B 2721 -37.15 -23.69 23.70
CA GLY B 2721 -38.48 -24.27 23.52
C GLY B 2721 -39.48 -23.76 24.52
N ARG B 2722 -39.87 -22.49 24.37
CA ARG B 2722 -40.80 -21.86 25.28
C ARG B 2722 -42.24 -21.89 24.77
N THR B 2723 -42.41 -21.74 23.46
CA THR B 2723 -43.72 -21.88 22.84
C THR B 2723 -44.12 -23.33 22.62
N ASP B 2724 -43.33 -24.27 23.16
CA ASP B 2724 -43.58 -25.68 22.91
C ASP B 2724 -44.98 -26.09 23.36
N LEU B 2725 -45.42 -25.62 24.52
CA LEU B 2725 -46.81 -25.85 24.93
C LEU B 2725 -47.77 -25.11 24.02
N LEU B 2726 -47.41 -23.88 23.64
CA LEU B 2726 -48.22 -23.14 22.69
C LEU B 2726 -48.22 -23.83 21.34
N ARG B 2727 -47.09 -24.41 20.94
CA ARG B 2727 -47.05 -25.23 19.73
C ARG B 2727 -47.99 -26.43 19.86
N LEU B 2728 -48.03 -27.04 21.03
CA LEU B 2728 -48.95 -28.15 21.29
C LEU B 2728 -50.40 -27.72 21.09
N ARG B 2729 -50.79 -26.66 21.78
CA ARG B 2729 -52.20 -26.29 21.79
C ARG B 2729 -52.64 -25.75 20.44
N ARG B 2730 -51.75 -25.01 19.75
CA ARG B 2730 -52.06 -24.56 18.40
C ARG B 2730 -52.18 -25.74 17.44
N ARG B 2731 -51.53 -26.86 17.75
CA ARG B 2731 -51.62 -28.06 16.93
C ARG B 2731 -52.59 -29.08 17.52
N PHE B 2732 -53.39 -28.69 18.50
CA PHE B 2732 -54.46 -29.54 19.00
C PHE B 2732 -55.60 -29.45 18.00
N MET B 2733 -55.53 -30.29 16.96
CA MET B 2733 -56.51 -30.31 15.90
C MET B 2733 -57.42 -31.53 15.96
N ARG B 2734 -57.26 -32.38 16.97
CA ARG B 2734 -57.94 -33.66 16.98
C ARG B 2734 -59.42 -33.57 17.23
N ASP B 2735 -60.04 -32.40 17.25
CA ASP B 2735 -61.49 -32.33 17.17
C ASP B 2735 -62.00 -32.43 15.74
N GLN B 2736 -61.12 -32.78 14.80
CA GLN B 2736 -61.47 -33.08 13.41
C GLN B 2736 -62.14 -31.88 12.73
N GLU B 2737 -61.35 -30.82 12.59
CA GLU B 2737 -61.80 -29.56 12.02
C GLU B 2737 -61.12 -29.28 10.68
N LYS B 2738 -60.89 -30.32 9.90
CA LYS B 2738 -60.26 -30.16 8.59
C LYS B 2738 -61.08 -29.25 7.70
N LEU B 2739 -62.39 -29.48 7.66
CA LEU B 2739 -63.26 -28.58 6.91
C LEU B 2739 -63.21 -27.18 7.49
N SER B 2740 -63.19 -27.07 8.82
CA SER B 2740 -63.07 -25.77 9.46
C SER B 2740 -61.75 -25.11 9.12
N LEU B 2741 -60.66 -25.87 9.09
CA LEU B 2741 -59.37 -25.30 8.73
C LEU B 2741 -59.40 -24.79 7.29
N MET B 2742 -59.96 -25.56 6.37
CA MET B 2742 -60.00 -25.11 4.99
C MET B 2742 -60.88 -23.88 4.84
N TYR B 2743 -61.97 -23.82 5.58
CA TYR B 2743 -62.83 -22.64 5.55
C TYR B 2743 -62.12 -21.43 6.12
N ALA B 2744 -61.35 -21.62 7.20
CA ALA B 2744 -60.56 -20.53 7.75
C ALA B 2744 -59.53 -20.05 6.74
N ARG B 2745 -58.89 -20.98 6.04
CA ARG B 2745 -58.00 -20.62 4.96
C ARG B 2745 -58.73 -19.81 3.89
N LYS B 2746 -59.96 -20.20 3.58
CA LYS B 2746 -60.76 -19.47 2.60
C LYS B 2746 -60.97 -18.03 3.05
N GLY B 2747 -61.45 -17.85 4.28
CA GLY B 2747 -61.70 -16.50 4.77
C GLY B 2747 -60.43 -15.67 4.81
N VAL B 2748 -59.32 -16.29 5.22
CA VAL B 2748 -58.04 -15.62 5.21
C VAL B 2748 -57.70 -15.18 3.79
N ALA B 2749 -57.97 -16.05 2.81
CA ALA B 2749 -57.68 -15.72 1.42
C ALA B 2749 -58.50 -14.53 0.96
N GLU B 2750 -59.78 -14.48 1.34
CA GLU B 2750 -60.62 -13.36 0.92
C GLU B 2750 -60.11 -12.07 1.52
N GLN B 2751 -59.79 -12.08 2.81
CA GLN B 2751 -59.22 -10.89 3.42
C GLN B 2751 -57.91 -10.51 2.77
N LYS B 2752 -57.14 -11.51 2.34
CA LYS B 2752 -55.90 -11.23 1.63
C LYS B 2752 -56.17 -10.54 0.31
N ARG B 2753 -57.24 -10.95 -0.38
CA ARG B 2753 -57.62 -10.26 -1.62
C ARG B 2753 -57.90 -8.79 -1.33
N GLU B 2754 -58.70 -8.52 -0.29
CA GLU B 2754 -59.03 -7.14 0.04
C GLU B 2754 -57.78 -6.34 0.36
N LYS B 2755 -56.95 -6.87 1.25
CA LYS B 2755 -55.75 -6.15 1.69
C LYS B 2755 -54.79 -5.95 0.53
N GLU B 2756 -54.66 -6.95 -0.35
CA GLU B 2756 -53.79 -6.82 -1.49
C GLU B 2756 -54.29 -5.74 -2.44
N ILE B 2757 -55.61 -5.68 -2.66
CA ILE B 2757 -56.16 -4.61 -3.49
C ILE B 2757 -55.79 -3.26 -2.90
N LYS B 2758 -55.99 -3.11 -1.59
CA LYS B 2758 -55.68 -1.84 -0.93
C LYS B 2758 -54.20 -1.50 -1.07
N SER B 2759 -53.33 -2.48 -0.86
CA SER B 2759 -51.89 -2.24 -0.94
C SER B 2759 -51.48 -1.84 -2.35
N GLU B 2760 -52.03 -2.53 -3.36
CA GLU B 2760 -51.70 -2.17 -4.74
C GLU B 2760 -52.12 -0.76 -5.05
N LEU B 2761 -53.33 -0.38 -4.65
CA LEU B 2761 -53.80 0.97 -4.91
C LEU B 2761 -52.95 2.00 -4.17
N LYS B 2762 -52.47 1.65 -2.98
CA LYS B 2762 -51.64 2.59 -2.22
C LYS B 2762 -50.27 2.77 -2.86
N MET B 2763 -49.64 1.66 -3.25
CA MET B 2763 -48.24 1.73 -3.66
C MET B 2763 -48.06 2.36 -5.03
N LYS B 2764 -49.10 2.39 -5.86
CA LYS B 2764 -49.01 3.13 -7.11
C LYS B 2764 -48.71 4.60 -6.86
N GLN B 2765 -49.09 5.10 -5.68
CA GLN B 2765 -48.72 6.43 -5.30
C GLN B 2765 -47.21 6.52 -5.09
N ASP B 2766 -46.69 7.74 -5.18
CA ASP B 2766 -45.28 7.96 -4.89
C ASP B 2766 -44.96 7.46 -3.49
N ALA B 2767 -43.88 6.69 -3.38
CA ALA B 2767 -43.45 6.23 -2.08
C ALA B 2767 -42.96 7.41 -1.24
N GLN B 2768 -42.89 7.19 0.06
CA GLN B 2768 -42.44 8.23 0.97
C GLN B 2768 -41.02 8.64 0.62
N VAL B 2769 -40.80 9.94 0.58
CA VAL B 2769 -39.51 10.49 0.20
C VAL B 2769 -38.53 10.33 1.34
N VAL B 2770 -37.30 9.98 1.01
CA VAL B 2770 -36.24 9.82 1.99
C VAL B 2770 -35.52 11.14 2.17
N LEU B 2771 -35.12 11.43 3.41
CA LEU B 2771 -34.36 12.62 3.71
C LEU B 2771 -32.88 12.31 3.74
N TYR B 2772 -32.06 13.35 3.94
CA TYR B 2772 -30.63 13.14 3.96
C TYR B 2772 -29.88 13.99 4.98
N ARG B 2773 -30.58 14.66 5.90
CA ARG B 2773 -29.90 15.49 6.87
C ARG B 2773 -30.58 15.36 8.23
N SER B 2774 -29.77 15.46 9.27
CA SER B 2774 -30.30 15.68 10.60
C SER B 2774 -30.76 17.14 10.70
N TYR B 2775 -31.56 17.42 11.71
CA TYR B 2775 -32.08 18.77 11.87
C TYR B 2775 -32.27 19.09 13.35
N ARG B 2776 -32.14 20.37 13.65
CA ARG B 2776 -32.25 20.85 15.02
C ARG B 2776 -33.11 22.10 15.03
N HIS B 2777 -33.75 22.36 16.17
CA HIS B 2777 -34.61 23.51 16.32
C HIS B 2777 -34.04 24.49 17.33
N GLY B 2778 -34.09 25.77 16.99
CA GLY B 2778 -33.69 26.82 17.90
C GLY B 2778 -34.24 28.14 17.43
N ASP B 2779 -33.79 29.21 18.07
CA ASP B 2779 -34.17 30.54 17.61
C ASP B 2779 -33.35 31.01 16.42
N LEU B 2780 -32.25 30.32 16.12
CA LEU B 2780 -31.38 30.68 15.02
C LEU B 2780 -31.04 29.45 14.21
N PRO B 2781 -30.66 29.63 12.95
CA PRO B 2781 -30.18 28.49 12.15
C PRO B 2781 -28.83 28.02 12.66
N ASP B 2782 -28.73 26.73 12.95
CA ASP B 2782 -27.50 26.16 13.48
C ASP B 2782 -26.51 25.89 12.35
N ILE B 2783 -25.42 26.65 12.33
CA ILE B 2783 -24.44 26.53 11.25
C ILE B 2783 -23.59 25.28 11.39
N GLN B 2784 -23.79 24.53 12.46
CA GLN B 2784 -22.91 23.43 12.83
C GLN B 2784 -23.10 22.21 11.96
N ILE B 2785 -23.79 22.32 10.83
CA ILE B 2785 -23.93 21.19 9.94
C ILE B 2785 -22.57 20.80 9.36
N LYS B 2786 -22.43 19.54 8.99
CA LYS B 2786 -21.16 19.02 8.49
C LYS B 2786 -21.14 18.99 6.96
N HIS B 2787 -19.94 18.76 6.42
CA HIS B 2787 -19.79 18.67 4.98
C HIS B 2787 -20.65 17.56 4.40
N SER B 2788 -20.70 16.41 5.08
CA SER B 2788 -21.52 15.31 4.62
C SER B 2788 -22.98 15.74 4.51
N SER B 2789 -23.49 16.36 5.57
CA SER B 2789 -24.87 16.84 5.56
C SER B 2789 -25.09 17.83 4.43
N LEU B 2790 -24.05 18.55 4.02
CA LEU B 2790 -24.22 19.51 2.96
C LEU B 2790 -24.26 18.84 1.59
N ILE B 2791 -23.39 17.85 1.37
CA ILE B 2791 -23.18 17.39 0.01
C ILE B 2791 -23.96 16.13 -0.33
N THR B 2792 -24.39 15.36 0.65
CA THR B 2792 -25.29 14.25 0.32
C THR B 2792 -26.54 14.72 -0.42
N PRO B 2793 -27.21 15.81 -0.05
CA PRO B 2793 -28.28 16.30 -0.92
C PRO B 2793 -27.77 16.72 -2.28
N LEU B 2794 -26.52 17.17 -2.37
CA LEU B 2794 -25.96 17.50 -3.67
C LEU B 2794 -25.93 16.28 -4.57
N GLN B 2795 -25.39 15.17 -4.08
CA GLN B 2795 -25.35 13.97 -4.91
C GLN B 2795 -26.75 13.42 -5.16
N ALA B 2796 -27.65 13.57 -4.19
CA ALA B 2796 -29.02 13.11 -4.39
C ALA B 2796 -29.67 13.86 -5.54
N VAL B 2797 -29.55 15.19 -5.56
CA VAL B 2797 -30.17 15.95 -6.63
C VAL B 2797 -29.42 15.72 -7.94
N ALA B 2798 -28.11 15.47 -7.87
CA ALA B 2798 -27.35 15.24 -9.09
C ALA B 2798 -27.81 13.97 -9.78
N GLN B 2799 -27.89 12.87 -9.02
CA GLN B 2799 -28.51 11.67 -9.55
C GLN B 2799 -29.98 11.91 -9.86
N ARG B 2800 -30.56 12.98 -9.31
CA ARG B 2800 -31.97 13.24 -9.50
C ARG B 2800 -32.21 14.20 -10.67
N ASP B 2801 -31.38 15.22 -10.83
CA ASP B 2801 -31.55 16.13 -11.94
C ASP B 2801 -30.32 16.15 -12.82
N PRO B 2802 -30.49 16.11 -14.13
CA PRO B 2802 -29.33 16.12 -15.03
C PRO B 2802 -28.71 17.49 -15.17
N ILE B 2803 -29.51 18.55 -15.11
CA ILE B 2803 -28.97 19.90 -15.30
C ILE B 2803 -28.05 20.26 -14.14
N ILE B 2804 -28.53 20.06 -12.91
CA ILE B 2804 -27.67 20.28 -11.75
C ILE B 2804 -26.49 19.34 -11.80
N ALA B 2805 -26.70 18.11 -12.28
CA ALA B 2805 -25.61 17.15 -12.38
C ALA B 2805 -24.50 17.68 -13.27
N LYS B 2806 -24.85 18.14 -14.47
CA LYS B 2806 -23.82 18.63 -15.38
C LYS B 2806 -23.17 19.89 -14.84
N GLN B 2807 -23.95 20.78 -14.22
CA GLN B 2807 -23.35 21.96 -13.63
C GLN B 2807 -22.32 21.59 -12.57
N LEU B 2808 -22.71 20.68 -11.67
CA LEU B 2808 -21.84 20.28 -10.58
C LEU B 2808 -20.60 19.57 -11.10
N PHE B 2809 -20.79 18.67 -12.07
CA PHE B 2809 -19.64 17.94 -12.60
C PHE B 2809 -18.68 18.88 -13.31
N SER B 2810 -19.21 19.82 -14.09
CA SER B 2810 -18.35 20.80 -14.73
C SER B 2810 -17.59 21.62 -13.70
N SER B 2811 -18.29 22.04 -12.65
CA SER B 2811 -17.64 22.84 -11.61
C SER B 2811 -16.50 22.08 -10.97
N LEU B 2812 -16.76 20.84 -10.55
CA LEU B 2812 -15.71 20.07 -9.90
C LEU B 2812 -14.58 19.75 -10.87
N PHE B 2813 -14.91 19.54 -12.14
CA PHE B 2813 -13.87 19.26 -13.12
C PHE B 2813 -12.93 20.45 -13.24
N SER B 2814 -13.50 21.64 -13.37
CA SER B 2814 -12.66 22.83 -13.45
C SER B 2814 -11.84 22.99 -12.18
N GLY B 2815 -12.46 22.76 -11.02
CA GLY B 2815 -11.75 22.93 -9.77
C GLY B 2815 -10.58 21.98 -9.65
N ILE B 2816 -10.79 20.71 -9.95
CA ILE B 2816 -9.74 19.73 -9.80
C ILE B 2816 -8.64 19.97 -10.82
N LEU B 2817 -9.01 20.36 -12.05
CA LEU B 2817 -8.00 20.63 -13.04
C LEU B 2817 -7.16 21.84 -12.66
N LYS B 2818 -7.79 22.88 -12.13
CA LYS B 2818 -7.04 24.05 -11.69
C LYS B 2818 -6.24 23.74 -10.43
N GLU B 2819 -6.62 22.70 -9.69
CA GLU B 2819 -5.90 22.35 -8.49
C GLU B 2819 -4.69 21.46 -8.74
N MET B 2820 -4.79 20.56 -9.72
CA MET B 2820 -3.75 19.56 -9.91
C MET B 2820 -2.41 20.19 -10.27
N ASP B 2821 -2.43 21.28 -11.04
CA ASP B 2821 -1.19 21.89 -11.52
C ASP B 2821 -0.29 22.32 -10.38
N LYS B 2822 -0.84 22.55 -9.20
CA LYS B 2822 -0.04 22.99 -8.07
C LYS B 2822 1.02 21.96 -7.68
N PHE B 2823 0.85 20.71 -8.12
CA PHE B 2823 1.84 19.68 -7.81
C PHE B 2823 2.13 18.80 -9.02
N LYS B 2824 1.80 19.25 -10.22
CA LYS B 2824 2.05 18.50 -11.43
C LYS B 2824 2.88 19.34 -12.39
N THR B 2825 3.87 18.71 -13.02
CA THR B 2825 4.75 19.44 -13.92
C THR B 2825 4.15 19.52 -15.32
N LEU B 2826 4.83 20.25 -16.19
CA LEU B 2826 4.28 20.56 -17.51
C LEU B 2826 4.06 19.29 -18.32
N SER B 2827 5.02 18.36 -18.29
CA SER B 2827 4.89 17.13 -19.06
C SER B 2827 3.70 16.32 -18.58
N GLU B 2828 3.52 16.20 -17.26
CA GLU B 2828 2.40 15.45 -16.73
C GLU B 2828 1.08 16.07 -17.16
N LYS B 2829 0.94 17.38 -16.96
CA LYS B 2829 -0.30 18.04 -17.30
C LYS B 2829 -0.60 17.92 -18.79
N ASN B 2830 0.43 18.08 -19.61
CA ASN B 2830 0.24 17.95 -21.06
C ASN B 2830 -0.18 16.54 -21.44
N ASN B 2831 0.43 15.54 -20.82
CA ASN B 2831 0.06 14.15 -21.11
C ASN B 2831 -1.38 13.89 -20.71
N ILE B 2832 -1.78 14.35 -19.53
CA ILE B 2832 -3.16 14.17 -19.10
C ILE B 2832 -4.10 14.90 -20.03
N THR B 2833 -3.69 16.07 -20.50
CA THR B 2833 -4.50 16.83 -21.44
C THR B 2833 -4.70 16.03 -22.73
N GLN B 2834 -3.62 15.41 -23.22
CA GLN B 2834 -3.74 14.60 -24.42
C GLN B 2834 -4.67 13.42 -24.19
N LYS B 2835 -4.55 12.78 -23.03
CA LYS B 2835 -5.44 11.68 -22.72
C LYS B 2835 -6.89 12.11 -22.76
N LEU B 2836 -7.20 13.22 -22.09
CA LEU B 2836 -8.57 13.71 -22.05
C LEU B 2836 -9.04 14.10 -23.44
N LEU B 2837 -8.15 14.69 -24.23
CA LEU B 2837 -8.52 15.06 -25.60
C LEU B 2837 -8.92 13.83 -26.39
N GLN B 2838 -8.12 12.77 -26.30
CA GLN B 2838 -8.46 11.54 -27.00
C GLN B 2838 -9.79 10.98 -26.52
N ASP B 2839 -9.99 11.00 -25.20
CA ASP B 2839 -11.22 10.46 -24.65
C ASP B 2839 -12.43 11.22 -25.17
N PHE B 2840 -12.32 12.55 -25.21
CA PHE B 2840 -13.43 13.36 -25.70
C PHE B 2840 -13.64 13.16 -27.19
N ASN B 2841 -12.55 13.03 -27.94
CA ASN B 2841 -12.68 12.71 -29.36
C ASN B 2841 -13.48 11.43 -29.54
N ARG B 2842 -13.17 10.42 -28.73
CA ARG B 2842 -13.98 9.21 -28.76
C ARG B 2842 -15.43 9.53 -28.43
N PHE B 2843 -15.65 10.24 -27.32
CA PHE B 2843 -17.00 10.48 -26.82
C PHE B 2843 -17.88 11.10 -27.88
N LEU B 2844 -17.40 12.19 -28.48
CA LEU B 2844 -18.17 12.84 -29.55
C LEU B 2844 -18.33 11.91 -30.73
N ASN B 2845 -17.29 11.16 -31.06
CA ASN B 2845 -17.34 10.30 -32.22
C ASN B 2845 -18.11 9.01 -31.97
N THR B 2846 -18.35 8.65 -30.71
CA THR B 2846 -18.95 7.35 -30.41
C THR B 2846 -20.42 7.40 -30.02
N THR B 2847 -20.92 8.53 -29.54
CA THR B 2847 -22.31 8.57 -29.11
C THR B 2847 -23.24 8.51 -30.30
N PHE B 2848 -24.28 7.69 -30.20
CA PHE B 2848 -25.36 7.68 -31.18
C PHE B 2848 -26.64 8.29 -30.63
N SER B 2849 -26.93 8.05 -29.36
CA SER B 2849 -27.86 8.91 -28.64
C SER B 2849 -27.15 10.21 -28.31
N PHE B 2850 -27.94 11.26 -28.14
CA PHE B 2850 -27.37 12.59 -27.91
C PHE B 2850 -28.10 13.24 -26.75
N PHE B 2851 -27.43 13.36 -25.61
CA PHE B 2851 -28.01 14.02 -24.47
C PHE B 2851 -27.59 15.47 -24.47
N PRO B 2852 -28.51 16.41 -24.69
CA PRO B 2852 -28.12 17.82 -24.78
C PRO B 2852 -27.37 18.29 -23.55
N PRO B 2853 -27.83 17.99 -22.33
CA PRO B 2853 -27.03 18.40 -21.18
C PRO B 2853 -25.65 17.78 -21.18
N PHE B 2854 -25.55 16.50 -21.54
CA PHE B 2854 -24.27 15.82 -21.54
C PHE B 2854 -23.29 16.48 -22.51
N VAL B 2855 -23.70 16.62 -23.77
CA VAL B 2855 -22.80 17.15 -24.77
C VAL B 2855 -22.50 18.61 -24.48
N SER B 2856 -23.49 19.36 -23.99
CA SER B 2856 -23.25 20.75 -23.63
C SER B 2856 -22.21 20.85 -22.54
N CYS B 2857 -22.29 19.98 -21.53
CA CYS B 2857 -21.30 20.00 -20.47
C CYS B 2857 -19.93 19.63 -21.02
N ILE B 2858 -19.87 18.68 -21.94
CA ILE B 2858 -18.60 18.29 -22.52
C ILE B 2858 -17.95 19.48 -23.21
N GLN B 2859 -18.70 20.14 -24.08
CA GLN B 2859 -18.13 21.26 -24.82
C GLN B 2859 -17.80 22.42 -23.89
N ASP B 2860 -18.59 22.64 -22.84
CA ASP B 2860 -18.28 23.71 -21.91
C ASP B 2860 -16.98 23.42 -21.17
N ILE B 2861 -16.80 22.18 -20.73
CA ILE B 2861 -15.53 21.78 -20.15
C ILE B 2861 -14.39 22.06 -21.13
N SER B 2862 -14.61 21.72 -22.40
CA SER B 2862 -13.57 21.94 -23.40
C SER B 2862 -13.24 23.42 -23.53
N CYS B 2863 -14.25 24.28 -23.59
CA CYS B 2863 -13.99 25.70 -23.77
C CYS B 2863 -13.46 26.36 -22.51
N GLN B 2864 -13.46 25.66 -21.38
CA GLN B 2864 -12.93 26.25 -20.16
C GLN B 2864 -11.41 26.41 -20.24
N HIS B 2865 -10.73 25.49 -20.90
CA HIS B 2865 -9.28 25.39 -20.82
C HIS B 2865 -8.67 25.58 -22.19
N ALA B 2866 -7.65 26.43 -22.27
CA ALA B 2866 -7.04 26.75 -23.56
C ALA B 2866 -6.46 25.50 -24.21
N ALA B 2867 -5.80 24.66 -23.43
CA ALA B 2867 -5.25 23.42 -23.98
C ALA B 2867 -6.34 22.54 -24.56
N LEU B 2868 -7.57 22.68 -24.07
CA LEU B 2868 -8.68 21.88 -24.54
C LEU B 2868 -9.41 22.50 -25.73
N LEU B 2869 -9.08 23.75 -26.08
CA LEU B 2869 -9.76 24.40 -27.20
C LEU B 2869 -9.51 23.64 -28.49
N SER B 2870 -8.29 23.15 -28.67
CA SER B 2870 -7.99 22.28 -29.81
C SER B 2870 -8.82 21.01 -29.71
N LEU B 2871 -9.76 20.83 -30.63
CA LEU B 2871 -10.59 19.64 -30.63
C LEU B 2871 -11.06 19.38 -32.05
N ASP B 2872 -11.39 18.12 -32.32
CA ASP B 2872 -11.93 17.77 -33.62
C ASP B 2872 -13.24 18.51 -33.86
N PRO B 2873 -13.24 19.51 -34.74
CA PRO B 2873 -14.45 20.31 -34.91
C PRO B 2873 -15.63 19.52 -35.45
N ALA B 2874 -15.39 18.55 -36.32
CA ALA B 2874 -16.49 17.90 -37.02
C ALA B 2874 -17.43 17.19 -36.05
N ALA B 2875 -16.87 16.36 -35.18
CA ALA B 2875 -17.71 15.56 -34.29
C ALA B 2875 -18.50 16.44 -33.33
N VAL B 2876 -17.84 17.44 -32.73
CA VAL B 2876 -18.53 18.29 -31.77
C VAL B 2876 -19.59 19.13 -32.46
N SER B 2877 -19.30 19.61 -33.67
CA SER B 2877 -20.29 20.38 -34.41
C SER B 2877 -21.51 19.52 -34.71
N ALA B 2878 -21.27 18.28 -35.17
CA ALA B 2878 -22.38 17.39 -35.46
C ALA B 2878 -23.19 17.12 -34.21
N GLY B 2879 -22.52 16.88 -33.09
CA GLY B 2879 -23.24 16.59 -31.86
C GLY B 2879 -24.08 17.75 -31.39
N CYS B 2880 -23.49 18.95 -31.35
CA CYS B 2880 -24.23 20.10 -30.86
C CYS B 2880 -25.39 20.45 -31.78
N LEU B 2881 -25.21 20.28 -33.09
CA LEU B 2881 -26.33 20.50 -34.00
C LEU B 2881 -27.43 19.49 -33.76
N ALA B 2882 -27.07 18.20 -33.69
CA ALA B 2882 -28.08 17.18 -33.44
C ALA B 2882 -28.73 17.37 -32.08
N SER B 2883 -27.92 17.67 -31.07
CA SER B 2883 -28.44 17.88 -29.73
C SER B 2883 -28.98 19.27 -29.51
N LEU B 2884 -29.05 20.09 -30.56
CA LEU B 2884 -29.61 21.44 -30.50
C LEU B 2884 -28.77 22.36 -29.63
N GLN B 2885 -27.54 21.96 -29.31
CA GLN B 2885 -26.68 22.73 -28.42
C GLN B 2885 -25.83 23.71 -29.23
N GLN B 2886 -26.52 24.51 -30.02
CA GLN B 2886 -25.83 25.45 -30.91
C GLN B 2886 -24.95 26.44 -30.17
N PRO B 2887 -25.45 27.18 -29.16
CA PRO B 2887 -24.60 28.25 -28.61
C PRO B 2887 -23.34 27.74 -27.97
N VAL B 2888 -23.40 26.59 -27.30
CA VAL B 2888 -22.20 26.09 -26.63
C VAL B 2888 -21.14 25.71 -27.65
N GLY B 2889 -21.53 25.05 -28.74
CA GLY B 2889 -20.58 24.74 -29.78
C GLY B 2889 -20.03 25.98 -30.45
N ILE B 2890 -20.91 26.95 -30.70
CA ILE B 2890 -20.48 28.20 -31.30
C ILE B 2890 -19.42 28.85 -30.42
N ARG B 2891 -19.68 28.93 -29.13
CA ARG B 2891 -18.73 29.54 -28.21
C ARG B 2891 -17.43 28.76 -28.19
N LEU B 2892 -17.51 27.43 -28.16
CA LEU B 2892 -16.31 26.62 -28.10
C LEU B 2892 -15.42 26.84 -29.32
N LEU B 2893 -16.00 26.74 -30.50
CA LEU B 2893 -15.21 26.93 -31.70
C LEU B 2893 -14.71 28.35 -31.82
N GLU B 2894 -15.51 29.33 -31.40
CA GLU B 2894 -15.07 30.71 -31.41
C GLU B 2894 -13.85 30.89 -30.51
N GLU B 2895 -13.90 30.31 -29.32
CA GLU B 2895 -12.77 30.42 -28.41
C GLU B 2895 -11.55 29.72 -28.96
N ALA B 2896 -11.74 28.56 -29.60
CA ALA B 2896 -10.61 27.86 -30.20
C ALA B 2896 -9.96 28.72 -31.28
N LEU B 2897 -10.78 29.29 -32.16
CA LEU B 2897 -10.26 30.16 -33.21
C LEU B 2897 -9.54 31.36 -32.62
N LEU B 2898 -10.12 31.95 -31.58
CA LEU B 2898 -9.48 33.06 -30.88
C LEU B 2898 -8.10 32.66 -30.38
N ARG B 2899 -8.03 31.55 -29.65
CA ARG B 2899 -6.76 31.08 -29.12
C ARG B 2899 -5.80 30.72 -30.24
N LEU B 2900 -6.32 30.11 -31.31
CA LEU B 2900 -5.47 29.75 -32.43
C LEU B 2900 -4.92 30.97 -33.15
N LEU B 2901 -5.45 32.16 -32.87
CA LEU B 2901 -4.97 33.41 -33.45
C LEU B 2901 -5.06 33.36 -34.98
N LEU B 2916 -3.11 30.01 -46.09
CA LEU B 2916 -3.68 30.23 -44.77
C LEU B 2916 -3.81 28.92 -44.01
N PRO B 2917 -3.78 28.99 -42.68
CA PRO B 2917 -4.09 27.80 -41.89
C PRO B 2917 -5.52 27.37 -42.15
N PRO B 2918 -5.81 26.07 -42.03
CA PRO B 2918 -7.15 25.60 -42.40
C PRO B 2918 -8.20 25.82 -41.32
N ASP B 2919 -8.17 26.99 -40.68
CA ASP B 2919 -9.21 27.35 -39.75
C ASP B 2919 -10.58 27.34 -40.42
N VAL B 2920 -10.59 27.51 -41.75
CA VAL B 2920 -11.80 27.45 -42.55
C VAL B 2920 -12.63 26.26 -42.10
N LEU B 2921 -11.95 25.15 -41.78
CA LEU B 2921 -12.63 23.97 -41.30
C LEU B 2921 -13.50 24.32 -40.10
N ARG B 2922 -12.85 24.65 -38.98
CA ARG B 2922 -13.63 25.06 -37.82
C ARG B 2922 -14.42 26.32 -38.10
N TRP B 2923 -14.06 27.07 -39.14
CA TRP B 2923 -14.87 28.20 -39.55
C TRP B 2923 -16.21 27.72 -40.08
N VAL B 2924 -16.18 26.85 -41.09
CA VAL B 2924 -17.40 26.60 -41.87
C VAL B 2924 -18.47 25.95 -41.01
N GLU B 2925 -18.05 25.08 -40.09
CA GLU B 2925 -19.02 24.42 -39.22
C GLU B 2925 -19.78 25.45 -38.39
N LEU B 2926 -19.07 26.48 -37.91
CA LEU B 2926 -19.73 27.57 -37.22
C LEU B 2926 -20.85 28.15 -38.09
N ALA B 2927 -20.56 28.36 -39.37
CA ALA B 2927 -21.59 28.82 -40.29
C ALA B 2927 -22.80 27.91 -40.24
N LYS B 2928 -22.56 26.60 -40.28
CA LYS B 2928 -23.66 25.64 -40.16
C LYS B 2928 -24.49 25.96 -38.94
N LEU B 2929 -23.84 26.13 -37.80
CA LEU B 2929 -24.57 26.48 -36.58
C LEU B 2929 -25.33 27.78 -36.77
N TYR B 2930 -24.67 28.79 -37.32
CA TYR B 2930 -25.37 30.03 -37.62
C TYR B 2930 -26.46 29.79 -38.65
N ARG B 2931 -26.19 28.91 -39.62
CA ARG B 2931 -27.24 28.52 -40.55
C ARG B 2931 -28.25 27.63 -39.87
N SER B 2932 -27.83 26.86 -38.87
CA SER B 2932 -28.79 26.09 -38.09
C SER B 2932 -29.81 27.00 -37.44
N ILE B 2933 -29.35 28.11 -36.86
CA ILE B 2933 -30.23 29.11 -36.29
C ILE B 2933 -30.54 30.14 -37.37
N GLY B 2934 -30.06 29.89 -38.58
CA GLY B 2934 -30.43 30.72 -39.71
C GLY B 2934 -29.90 32.14 -39.68
N GLU B 2935 -28.83 32.40 -38.94
CA GLU B 2935 -28.31 33.76 -38.83
C GLU B 2935 -27.36 34.03 -39.98
N TYR B 2936 -27.93 34.54 -41.09
CA TYR B 2936 -27.11 34.93 -42.23
C TYR B 2936 -26.21 36.10 -41.89
N ASP B 2937 -26.56 36.89 -40.87
CA ASP B 2937 -25.85 38.13 -40.61
C ASP B 2937 -24.37 37.87 -40.34
N VAL B 2938 -24.08 36.89 -39.49
CA VAL B 2938 -22.69 36.52 -39.25
C VAL B 2938 -22.07 35.94 -40.51
N LEU B 2939 -22.84 35.16 -41.26
CA LEU B 2939 -22.30 34.44 -42.41
C LEU B 2939 -21.65 35.38 -43.40
N ARG B 2940 -22.25 36.55 -43.62
CA ARG B 2940 -21.64 37.54 -44.50
C ARG B 2940 -20.23 37.86 -44.06
N GLY B 2941 -20.05 38.22 -42.78
CA GLY B 2941 -18.72 38.52 -42.29
C GLY B 2941 -17.79 37.32 -42.35
N ILE B 2942 -18.35 36.12 -42.47
CA ILE B 2942 -17.53 34.93 -42.56
C ILE B 2942 -16.76 34.90 -43.88
N PHE B 2943 -17.44 35.18 -44.98
CA PHE B 2943 -16.87 35.01 -46.31
C PHE B 2943 -16.22 36.27 -46.85
N THR B 2944 -16.17 37.34 -46.07
CA THR B 2944 -15.48 38.55 -46.48
C THR B 2944 -13.98 38.49 -46.21
N SER B 2945 -13.43 37.30 -46.05
CA SER B 2945 -12.03 37.16 -45.68
C SER B 2945 -11.41 36.05 -46.52
N GLU B 2946 -10.19 35.67 -46.16
CA GLU B 2946 -9.50 34.55 -46.78
C GLU B 2946 -10.25 33.24 -46.61
N ILE B 2947 -11.14 33.17 -45.62
CA ILE B 2947 -11.89 31.95 -45.36
C ILE B 2947 -12.75 31.59 -46.57
N GLY B 2948 -13.44 32.58 -47.14
CA GLY B 2948 -14.28 32.32 -48.29
C GLY B 2948 -13.48 32.20 -49.57
N THR B 2949 -13.35 30.96 -50.06
CA THR B 2949 -12.59 30.71 -51.27
C THR B 2949 -13.48 30.68 -52.51
N LYS B 2950 -14.71 30.22 -52.38
CA LYS B 2950 -15.66 30.14 -53.49
C LYS B 2950 -16.78 31.13 -53.18
N GLN B 2951 -16.75 32.27 -53.86
CA GLN B 2951 -17.72 33.32 -53.58
C GLN B 2951 -19.13 32.95 -54.00
N ILE B 2952 -19.29 31.89 -54.80
CA ILE B 2952 -20.62 31.37 -55.07
C ILE B 2952 -21.27 30.94 -53.76
N THR B 2953 -20.47 30.45 -52.80
CA THR B 2953 -21.03 30.11 -51.50
C THR B 2953 -21.62 31.34 -50.83
N GLN B 2954 -20.89 32.45 -50.86
CA GLN B 2954 -21.41 33.67 -50.26
C GLN B 2954 -22.66 34.17 -50.98
N SER B 2955 -22.66 34.08 -52.32
CA SER B 2955 -23.82 34.52 -53.06
C SER B 2955 -25.04 33.67 -52.72
N ALA B 2956 -24.86 32.36 -52.61
CA ALA B 2956 -25.97 31.50 -52.23
C ALA B 2956 -26.42 31.78 -50.80
N LEU B 2957 -25.46 32.08 -49.91
CA LEU B 2957 -25.80 32.41 -48.55
C LEU B 2957 -26.69 33.64 -48.51
N LEU B 2958 -26.32 34.68 -49.24
CA LEU B 2958 -27.13 35.89 -49.25
C LEU B 2958 -28.46 35.65 -49.95
N ALA B 2959 -28.48 34.78 -50.97
CA ALA B 2959 -29.73 34.45 -51.63
C ALA B 2959 -30.70 33.77 -50.68
N GLU B 2960 -30.19 32.86 -49.85
CA GLU B 2960 -31.04 32.27 -48.83
C GLU B 2960 -31.40 33.30 -47.76
N ALA B 2961 -30.51 34.26 -47.51
CA ALA B 2961 -30.82 35.34 -46.59
C ALA B 2961 -32.02 36.13 -47.07
N ARG B 2962 -32.15 36.32 -48.39
CA ARG B 2962 -33.35 36.91 -48.95
C ARG B 2962 -34.41 35.87 -49.25
N SER B 2963 -34.43 34.77 -48.49
CA SER B 2963 -35.48 33.76 -48.47
C SER B 2963 -35.59 32.99 -49.78
N ASP B 2964 -34.62 33.11 -50.68
CA ASP B 2964 -34.64 32.30 -51.88
C ASP B 2964 -34.02 30.95 -51.59
N TYR B 2965 -34.53 29.94 -52.23
CA TYR B 2965 -33.96 28.61 -52.10
C TYR B 2965 -33.62 27.98 -53.44
N SER B 2966 -34.48 28.18 -54.46
CA SER B 2966 -34.20 27.60 -55.77
C SER B 2966 -32.89 28.13 -56.33
N GLU B 2967 -32.68 29.45 -56.24
CA GLU B 2967 -31.43 30.01 -56.71
C GLU B 2967 -30.25 29.45 -55.92
N ALA B 2968 -30.34 29.48 -54.59
CA ALA B 2968 -29.24 28.97 -53.78
C ALA B 2968 -29.02 27.49 -54.01
N ALA B 2969 -30.12 26.73 -54.17
CA ALA B 2969 -29.99 25.32 -54.48
C ALA B 2969 -29.23 25.12 -55.78
N LYS B 2970 -29.53 25.94 -56.79
CA LYS B 2970 -28.79 25.85 -58.04
C LYS B 2970 -27.32 26.18 -57.82
N GLN B 2971 -27.04 27.21 -57.03
CA GLN B 2971 -25.65 27.56 -56.73
C GLN B 2971 -24.92 26.36 -56.15
N TYR B 2972 -25.54 25.70 -55.17
CA TYR B 2972 -24.88 24.58 -54.52
C TYR B 2972 -24.75 23.39 -55.47
N ASP B 2973 -25.79 23.12 -56.25
CA ASP B 2973 -25.75 21.96 -57.16
C ASP B 2973 -24.64 22.13 -58.17
N GLU B 2974 -24.48 23.33 -58.72
CA GLU B 2974 -23.38 23.55 -59.65
C GLU B 2974 -22.05 23.57 -58.91
N ALA B 2975 -22.01 24.11 -57.70
CA ALA B 2975 -20.76 24.20 -56.96
C ALA B 2975 -20.19 22.81 -56.69
N LEU B 2976 -21.04 21.89 -56.24
CA LEU B 2976 -20.59 20.51 -56.09
C LEU B 2976 -20.31 19.89 -57.45
N ASN B 2977 -21.03 20.29 -58.48
CA ASN B 2977 -20.83 19.73 -59.81
C ASN B 2977 -19.73 20.43 -60.59
N LYS B 2978 -19.22 21.56 -60.12
CA LYS B 2978 -18.05 22.16 -60.73
C LYS B 2978 -16.80 21.59 -60.09
N GLN B 2979 -15.93 21.01 -60.90
CA GLN B 2979 -14.60 20.62 -60.47
C GLN B 2979 -13.53 21.50 -61.06
N ASP B 2980 -13.88 22.36 -62.01
CA ASP B 2980 -12.97 23.39 -62.50
C ASP B 2980 -12.79 24.48 -61.45
N TRP B 2981 -11.56 24.63 -60.98
CA TRP B 2981 -11.28 25.58 -59.89
C TRP B 2981 -9.89 26.16 -60.12
N VAL B 2982 -9.85 27.34 -60.74
CA VAL B 2982 -8.58 28.03 -60.94
C VAL B 2982 -7.94 28.33 -59.59
N ASP B 2983 -8.75 28.62 -58.58
CA ASP B 2983 -8.27 28.83 -57.22
C ASP B 2983 -7.91 27.52 -56.53
N GLY B 2984 -7.81 26.43 -57.27
CA GLY B 2984 -7.66 25.13 -56.64
C GLY B 2984 -8.99 24.61 -56.19
N GLU B 2985 -9.18 23.30 -56.24
CA GLU B 2985 -10.46 22.74 -55.87
C GLU B 2985 -10.74 22.95 -54.39
N PRO B 2986 -12.00 23.16 -54.01
CA PRO B 2986 -12.32 23.45 -52.62
C PRO B 2986 -12.05 22.26 -51.71
N THR B 2987 -11.88 22.56 -50.43
CA THR B 2987 -11.69 21.50 -49.45
C THR B 2987 -13.00 20.72 -49.28
N GLU B 2988 -12.86 19.53 -48.69
CA GLU B 2988 -14.03 18.69 -48.46
C GLU B 2988 -15.08 19.44 -47.64
N ALA B 2989 -14.65 20.27 -46.71
CA ALA B 2989 -15.58 20.98 -45.83
C ALA B 2989 -16.51 21.87 -46.64
N GLU B 2990 -15.95 22.63 -47.58
CA GLU B 2990 -16.79 23.50 -48.40
C GLU B 2990 -17.79 22.68 -49.18
N LYS B 2991 -17.35 21.57 -49.76
CA LYS B 2991 -18.23 20.76 -50.58
C LYS B 2991 -19.38 20.20 -49.75
N ASP B 2992 -19.06 19.56 -48.62
CA ASP B 2992 -20.12 18.97 -47.81
C ASP B 2992 -21.03 20.05 -47.22
N PHE B 2993 -20.48 21.23 -46.94
CA PHE B 2993 -21.32 22.33 -46.48
C PHE B 2993 -22.32 22.72 -47.55
N TRP B 2994 -21.87 22.80 -48.80
CA TRP B 2994 -22.81 23.07 -49.89
C TRP B 2994 -23.84 21.97 -49.98
N GLU B 2995 -23.43 20.72 -49.76
CA GLU B 2995 -24.40 19.63 -49.78
C GLU B 2995 -25.47 19.85 -48.72
N LEU B 2996 -25.05 20.18 -47.50
CA LEU B 2996 -26.01 20.40 -46.41
C LEU B 2996 -26.95 21.54 -46.73
N ALA B 2997 -26.40 22.65 -47.22
CA ALA B 2997 -27.23 23.82 -47.52
C ALA B 2997 -28.20 23.52 -48.64
N SER B 2998 -27.74 22.80 -49.66
CA SER B 2998 -28.63 22.39 -50.75
C SER B 2998 -29.74 21.52 -50.22
N LEU B 2999 -29.41 20.57 -49.34
CA LEU B 2999 -30.45 19.72 -48.77
C LEU B 2999 -31.46 20.54 -47.99
N ASP B 3000 -30.99 21.53 -47.24
CA ASP B 3000 -31.90 22.32 -46.45
C ASP B 3000 -32.84 23.13 -47.32
N CYS B 3001 -32.29 23.88 -48.28
CA CYS B 3001 -33.15 24.66 -49.15
C CYS B 3001 -34.05 23.75 -49.98
N TYR B 3002 -33.59 22.54 -50.25
CA TYR B 3002 -34.45 21.52 -50.83
C TYR B 3002 -35.62 21.22 -49.92
N ASN B 3003 -35.34 21.03 -48.63
CA ASN B 3003 -36.41 20.75 -47.69
C ASN B 3003 -37.38 21.92 -47.60
N HIS B 3004 -36.89 23.13 -47.86
CA HIS B 3004 -37.77 24.28 -47.92
C HIS B 3004 -38.79 24.16 -49.03
N LEU B 3005 -38.51 23.37 -50.05
CA LEU B 3005 -39.45 23.12 -51.15
C LEU B 3005 -39.42 21.63 -51.40
N ALA B 3006 -40.26 20.89 -50.67
CA ALA B 3006 -40.17 19.43 -50.59
C ALA B 3006 -40.85 18.79 -51.79
N GLU B 3007 -40.22 18.93 -52.94
CA GLU B 3007 -40.68 18.28 -54.16
C GLU B 3007 -39.83 17.05 -54.44
N TRP B 3008 -40.41 16.12 -55.21
CA TRP B 3008 -39.79 14.83 -55.46
C TRP B 3008 -38.38 14.98 -56.02
N LYS B 3009 -38.18 15.85 -57.00
CA LYS B 3009 -36.84 16.07 -57.53
C LYS B 3009 -35.91 16.62 -56.46
N SER B 3010 -36.43 17.55 -55.65
CA SER B 3010 -35.71 17.99 -54.46
C SER B 3010 -35.34 16.79 -53.60
N LEU B 3011 -36.31 15.90 -53.36
CA LEU B 3011 -36.07 14.76 -52.49
C LEU B 3011 -35.05 13.79 -53.08
N GLU B 3012 -34.93 13.77 -54.40
CA GLU B 3012 -34.06 12.80 -55.06
C GLU B 3012 -32.64 13.33 -55.20
N TYR B 3013 -32.49 14.60 -55.55
CA TYR B 3013 -31.18 15.23 -55.37
C TYR B 3013 -30.74 15.16 -53.91
N CYS B 3014 -31.70 15.23 -52.98
CA CYS B 3014 -31.38 14.95 -51.59
C CYS B 3014 -30.84 13.53 -51.45
N SER B 3015 -31.53 12.57 -52.06
CA SER B 3015 -31.11 11.18 -52.02
C SER B 3015 -29.71 10.99 -52.61
N THR B 3016 -29.19 11.98 -53.32
CA THR B 3016 -27.85 12.03 -53.91
C THR B 3016 -27.66 11.04 -55.04
N ALA B 3017 -28.65 10.19 -55.31
CA ALA B 3017 -28.46 9.03 -56.20
C ALA B 3017 -27.23 8.23 -55.78
N SER B 3018 -26.90 8.30 -54.50
CA SER B 3018 -25.67 7.71 -53.95
C SER B 3018 -24.45 8.19 -54.75
N ILE B 3019 -24.34 9.50 -54.93
CA ILE B 3019 -23.22 10.05 -55.67
C ILE B 3019 -21.92 9.75 -54.92
N ASP B 3020 -20.82 9.71 -55.66
CA ASP B 3020 -19.54 9.21 -55.16
C ASP B 3020 -19.69 7.81 -54.59
N SER B 3021 -20.61 7.04 -55.17
CA SER B 3021 -20.99 5.72 -54.64
C SER B 3021 -21.37 5.81 -53.18
N GLU B 3022 -22.08 6.87 -52.83
CA GLU B 3022 -22.41 7.15 -51.43
C GLU B 3022 -23.73 7.89 -51.32
N LYS B 3029 -29.53 -0.14 -46.40
CA LYS B 3029 -28.91 -0.03 -45.10
C LYS B 3029 -27.40 0.20 -45.26
N ILE B 3030 -26.89 -0.15 -46.44
CA ILE B 3030 -25.46 0.03 -46.71
C ILE B 3030 -25.07 1.48 -46.57
N TRP B 3031 -26.01 2.39 -46.80
CA TRP B 3031 -25.74 3.82 -46.72
C TRP B 3031 -25.79 4.35 -45.29
N SER B 3032 -26.21 3.54 -44.32
CA SER B 3032 -26.26 4.01 -42.95
C SER B 3032 -24.89 4.11 -42.30
N GLU B 3033 -23.85 3.64 -42.97
CA GLU B 3033 -22.52 3.57 -42.37
C GLU B 3033 -21.80 4.92 -42.36
N PRO B 3034 -21.74 5.66 -43.48
CA PRO B 3034 -21.01 6.94 -43.46
C PRO B 3034 -21.69 7.96 -42.57
N PHE B 3035 -20.86 8.75 -41.89
CA PHE B 3035 -21.40 9.74 -40.94
C PHE B 3035 -22.04 10.90 -41.67
N TYR B 3036 -21.46 11.31 -42.80
CA TYR B 3036 -22.15 12.22 -43.70
C TYR B 3036 -23.52 11.68 -44.02
N GLN B 3037 -23.58 10.42 -44.42
CA GLN B 3037 -24.85 9.80 -44.75
C GLN B 3037 -25.73 9.64 -43.53
N GLU B 3038 -25.13 9.48 -42.35
CA GLU B 3038 -25.94 9.48 -41.13
C GLU B 3038 -26.63 10.82 -40.95
N THR B 3039 -25.91 11.91 -41.22
CA THR B 3039 -26.54 13.23 -41.17
C THR B 3039 -27.60 13.39 -42.24
N TYR B 3040 -27.38 12.81 -43.42
CA TYR B 3040 -28.36 12.91 -44.50
C TYR B 3040 -29.58 12.05 -44.23
N LEU B 3041 -29.44 11.02 -43.41
CA LEU B 3041 -30.50 10.04 -43.24
C LEU B 3041 -31.85 10.64 -42.83
N PRO B 3042 -31.92 11.57 -41.88
CA PRO B 3042 -33.22 12.20 -41.62
C PRO B 3042 -33.81 12.82 -42.86
N TYR B 3043 -32.98 13.45 -43.68
CA TYR B 3043 -33.46 13.94 -44.97
C TYR B 3043 -33.94 12.78 -45.83
N MET B 3044 -33.18 11.69 -45.84
CA MET B 3044 -33.54 10.55 -46.68
C MET B 3044 -34.95 10.08 -46.35
N ILE B 3045 -35.18 9.81 -45.07
CA ILE B 3045 -36.44 9.23 -44.65
C ILE B 3045 -37.57 10.24 -44.77
N ARG B 3046 -37.32 11.50 -44.40
CA ARG B 3046 -38.38 12.50 -44.53
C ARG B 3046 -38.79 12.66 -45.97
N SER B 3047 -37.82 12.71 -46.88
CA SER B 3047 -38.11 12.83 -48.30
C SER B 3047 -38.93 11.66 -48.79
N LYS B 3048 -38.49 10.44 -48.49
CA LYS B 3048 -39.21 9.27 -48.99
C LYS B 3048 -40.60 9.20 -48.39
N LEU B 3049 -40.75 9.59 -47.12
CA LEU B 3049 -42.06 9.59 -46.51
C LEU B 3049 -42.98 10.61 -47.18
N LYS B 3050 -42.47 11.81 -47.43
CA LYS B 3050 -43.25 12.79 -48.19
C LYS B 3050 -43.71 12.18 -49.50
N LEU B 3051 -42.81 11.48 -50.19
CA LEU B 3051 -43.18 10.83 -51.44
C LEU B 3051 -44.33 9.86 -51.22
N LEU B 3052 -44.22 9.03 -50.20
CA LEU B 3052 -45.23 8.01 -49.97
C LEU B 3052 -46.59 8.63 -49.68
N LEU B 3053 -46.62 9.63 -48.79
CA LEU B 3053 -47.89 10.20 -48.40
C LEU B 3053 -48.56 10.95 -49.53
N GLN B 3054 -47.78 11.64 -50.36
CA GLN B 3054 -48.40 12.38 -51.45
C GLN B 3054 -48.91 11.48 -52.56
N GLY B 3055 -48.68 10.17 -52.47
CA GLY B 3055 -49.31 9.25 -53.40
C GLY B 3055 -48.39 8.25 -54.05
N GLU B 3056 -47.17 8.12 -53.55
CA GLU B 3056 -46.22 7.19 -54.12
C GLU B 3056 -46.09 5.94 -53.24
N ALA B 3057 -45.45 4.91 -53.80
CA ALA B 3057 -45.26 3.66 -53.09
C ALA B 3057 -44.08 2.91 -53.72
N ASP B 3058 -43.01 2.74 -52.96
CA ASP B 3058 -41.85 2.01 -53.45
C ASP B 3058 -41.42 0.94 -52.46
N GLN B 3059 -41.64 1.20 -51.17
CA GLN B 3059 -41.29 0.33 -50.05
C GLN B 3059 -39.79 0.20 -49.87
N SER B 3060 -38.97 0.80 -50.74
CA SER B 3060 -37.53 0.75 -50.56
C SER B 3060 -37.14 1.36 -49.22
N LEU B 3061 -37.74 2.49 -48.88
CA LEU B 3061 -37.57 3.02 -47.53
C LEU B 3061 -38.06 2.04 -46.49
N LEU B 3062 -39.23 1.45 -46.73
CA LEU B 3062 -39.77 0.50 -45.77
C LEU B 3062 -38.84 -0.70 -45.60
N THR B 3063 -38.34 -1.23 -46.72
CA THR B 3063 -37.40 -2.34 -46.63
C THR B 3063 -36.13 -1.93 -45.91
N PHE B 3064 -35.68 -0.69 -46.14
CA PHE B 3064 -34.52 -0.20 -45.42
C PHE B 3064 -34.76 -0.18 -43.93
N ILE B 3065 -35.96 0.23 -43.53
CA ILE B 3065 -36.33 0.20 -42.11
C ILE B 3065 -36.31 -1.23 -41.60
N ASP B 3066 -36.84 -2.15 -42.39
CA ASP B 3066 -36.91 -3.54 -41.97
C ASP B 3066 -35.53 -4.11 -41.74
N LYS B 3067 -34.59 -3.80 -42.63
CA LYS B 3067 -33.20 -4.17 -42.40
C LYS B 3067 -32.65 -3.46 -41.18
N ALA B 3068 -33.06 -2.21 -40.97
CA ALA B 3068 -32.64 -1.47 -39.80
C ALA B 3068 -33.16 -2.08 -38.51
N MET B 3069 -34.20 -2.91 -38.59
CA MET B 3069 -34.62 -3.67 -37.43
C MET B 3069 -33.49 -4.57 -36.95
N HIS B 3070 -32.63 -4.97 -37.87
CA HIS B 3070 -31.37 -5.64 -37.52
C HIS B 3070 -30.33 -4.57 -37.22
N GLY B 3071 -29.71 -4.67 -36.05
CA GLY B 3071 -28.82 -3.63 -35.60
C GLY B 3071 -29.45 -2.80 -34.52
N GLU B 3072 -29.08 -3.08 -33.27
CA GLU B 3072 -29.76 -2.47 -32.13
C GLU B 3072 -29.61 -0.96 -32.13
N LEU B 3073 -28.43 -0.46 -32.50
CA LEU B 3073 -28.19 0.98 -32.43
C LEU B 3073 -28.97 1.71 -33.51
N GLN B 3074 -29.09 1.10 -34.70
CA GLN B 3074 -29.90 1.69 -35.75
C GLN B 3074 -31.34 1.86 -35.27
N LYS B 3075 -31.92 0.79 -34.73
CA LYS B 3075 -33.28 0.86 -34.23
C LYS B 3075 -33.39 1.87 -33.10
N ALA B 3076 -32.39 1.89 -32.22
CA ALA B 3076 -32.41 2.81 -31.09
C ALA B 3076 -32.48 4.24 -31.57
N ILE B 3077 -31.58 4.63 -32.47
CA ILE B 3077 -31.56 6.02 -32.92
C ILE B 3077 -32.82 6.34 -33.70
N LEU B 3078 -33.32 5.38 -34.48
CA LEU B 3078 -34.57 5.61 -35.21
C LEU B 3078 -35.69 5.95 -34.27
N GLU B 3079 -35.88 5.13 -33.23
CA GLU B 3079 -36.91 5.40 -32.24
C GLU B 3079 -36.62 6.70 -31.49
N LEU B 3080 -35.35 7.03 -31.32
CA LEU B 3080 -34.99 8.24 -30.59
C LEU B 3080 -35.43 9.48 -31.36
N HIS B 3081 -35.28 9.48 -32.67
CA HIS B 3081 -35.48 10.70 -33.42
C HIS B 3081 -36.51 10.58 -34.54
N TYR B 3082 -37.08 9.40 -34.78
CA TYR B 3082 -37.92 9.26 -35.96
C TYR B 3082 -39.16 8.42 -35.68
N SER B 3083 -39.49 8.19 -34.41
CA SER B 3083 -40.61 7.33 -34.07
C SER B 3083 -41.90 7.80 -34.72
N GLN B 3084 -42.08 9.11 -34.83
CA GLN B 3084 -43.27 9.64 -35.49
C GLN B 3084 -43.30 9.23 -36.95
N GLU B 3085 -42.17 9.29 -37.64
CA GLU B 3085 -42.13 8.86 -39.03
C GLU B 3085 -42.40 7.38 -39.13
N LEU B 3086 -41.88 6.59 -38.19
CA LEU B 3086 -42.19 5.17 -38.16
C LEU B 3086 -43.68 4.95 -38.03
N SER B 3087 -44.32 5.69 -37.14
CA SER B 3087 -45.77 5.56 -36.96
C SER B 3087 -46.51 5.92 -38.23
N LEU B 3088 -46.08 6.99 -38.90
CA LEU B 3088 -46.72 7.38 -40.15
C LEU B 3088 -46.57 6.27 -41.19
N LEU B 3089 -45.38 5.70 -41.29
CA LEU B 3089 -45.14 4.60 -42.22
C LEU B 3089 -46.07 3.44 -41.91
N TYR B 3090 -46.16 3.06 -40.64
CA TYR B 3090 -46.95 1.90 -40.28
C TYR B 3090 -48.44 2.17 -40.46
N LEU B 3091 -48.87 3.42 -40.33
CA LEU B 3091 -50.22 3.76 -40.71
C LEU B 3091 -50.41 3.56 -42.21
N LEU B 3092 -49.42 3.98 -43.00
CA LEU B 3092 -49.47 3.66 -44.42
C LEU B 3092 -49.46 2.16 -44.64
N GLN B 3093 -48.85 1.42 -43.73
CA GLN B 3093 -48.95 -0.02 -43.73
C GLN B 3093 -50.16 -0.52 -42.93
N ASP B 3094 -50.92 0.40 -42.33
CA ASP B 3094 -52.06 0.06 -41.49
C ASP B 3094 -51.62 -0.85 -40.34
N ASP B 3095 -50.62 -0.37 -39.59
CA ASP B 3095 -49.99 -1.15 -38.53
C ASP B 3095 -50.14 -0.39 -37.22
N VAL B 3096 -51.38 0.03 -36.94
CA VAL B 3096 -51.64 1.09 -35.97
C VAL B 3096 -51.11 0.76 -34.58
N ASP B 3097 -50.98 -0.52 -34.25
CA ASP B 3097 -50.56 -0.88 -32.89
C ASP B 3097 -49.15 -0.37 -32.61
N ARG B 3098 -48.17 -0.85 -33.37
CA ARG B 3098 -46.82 -0.37 -33.17
C ARG B 3098 -46.68 1.10 -33.55
N ALA B 3099 -47.57 1.61 -34.39
CA ALA B 3099 -47.57 3.05 -34.66
C ALA B 3099 -47.87 3.82 -33.38
N LYS B 3100 -48.87 3.37 -32.62
CA LYS B 3100 -49.20 4.01 -31.35
C LYS B 3100 -48.06 3.82 -30.36
N TYR B 3101 -47.46 2.63 -30.36
CA TYR B 3101 -46.31 2.42 -29.50
C TYR B 3101 -45.22 3.44 -29.80
N TYR B 3102 -44.89 3.61 -31.07
CA TYR B 3102 -43.84 4.53 -31.47
C TYR B 3102 -44.20 5.96 -31.13
N ILE B 3103 -45.45 6.35 -31.34
CA ILE B 3103 -45.82 7.73 -31.07
C ILE B 3103 -45.77 7.99 -29.57
N GLN B 3104 -46.15 7.02 -28.75
CA GLN B 3104 -46.01 7.19 -27.32
C GLN B 3104 -44.55 7.32 -26.94
N ASN B 3105 -43.70 6.48 -27.52
CA ASN B 3105 -42.27 6.57 -27.25
C ASN B 3105 -41.73 7.93 -27.63
N GLY B 3106 -42.16 8.44 -28.77
CA GLY B 3106 -41.74 9.77 -29.18
C GLY B 3106 -42.22 10.84 -28.23
N ILE B 3107 -43.46 10.71 -27.75
CA ILE B 3107 -43.96 11.66 -26.77
C ILE B 3107 -43.02 11.69 -25.58
N GLN B 3108 -42.65 10.51 -25.08
CA GLN B 3108 -41.74 10.44 -23.95
C GLN B 3108 -40.41 11.10 -24.29
N SER B 3109 -39.88 10.79 -25.47
CA SER B 3109 -38.57 11.30 -25.84
C SER B 3109 -38.56 12.81 -25.90
N PHE B 3110 -39.57 13.40 -26.56
CA PHE B 3110 -39.57 14.85 -26.70
C PHE B 3110 -39.88 15.55 -25.40
N MET B 3111 -40.75 14.98 -24.56
CA MET B 3111 -40.96 15.63 -23.27
C MET B 3111 -39.69 15.61 -22.43
N GLN B 3112 -38.99 14.47 -22.41
CA GLN B 3112 -37.76 14.45 -21.61
C GLN B 3112 -36.68 15.31 -22.23
N ASN B 3113 -36.65 15.44 -23.55
CA ASN B 3113 -35.68 16.34 -24.17
C ASN B 3113 -35.97 17.78 -23.78
N TYR B 3114 -37.23 18.19 -23.91
CA TYR B 3114 -37.60 19.54 -23.52
C TYR B 3114 -37.26 19.79 -22.07
N SER B 3115 -37.43 18.77 -21.22
CA SER B 3115 -36.95 18.89 -19.85
C SER B 3115 -35.44 19.05 -19.81
N SER B 3116 -34.73 18.36 -20.70
CA SER B 3116 -33.28 18.40 -20.70
C SER B 3116 -32.75 19.75 -21.16
N ILE B 3117 -33.45 20.39 -22.09
CA ILE B 3117 -32.97 21.65 -22.65
C ILE B 3117 -33.00 22.73 -21.58
N ASP B 3118 -31.98 23.59 -21.60
CA ASP B 3118 -31.91 24.69 -20.65
C ASP B 3118 -32.99 25.72 -20.94
N VAL B 3119 -33.30 26.53 -19.93
CA VAL B 3119 -34.47 27.40 -19.98
C VAL B 3119 -34.33 28.45 -21.08
N LEU B 3120 -33.17 29.07 -21.19
CA LEU B 3120 -33.03 30.23 -22.07
C LEU B 3120 -32.79 29.85 -23.52
N LEU B 3121 -32.67 28.57 -23.84
CA LEU B 3121 -32.47 28.14 -25.23
C LEU B 3121 -33.82 28.14 -25.94
N HIS B 3122 -34.34 29.35 -26.12
CA HIS B 3122 -35.74 29.50 -26.50
C HIS B 3122 -36.03 28.87 -27.84
N GLN B 3123 -35.27 29.24 -28.86
CA GLN B 3123 -35.53 28.77 -30.22
C GLN B 3123 -35.55 27.25 -30.28
N SER B 3124 -34.67 26.61 -29.51
CA SER B 3124 -34.70 25.16 -29.41
C SER B 3124 -36.03 24.69 -28.84
N ARG B 3125 -36.52 25.37 -27.82
CA ARG B 3125 -37.80 25.00 -27.24
C ARG B 3125 -38.92 25.19 -28.24
N LEU B 3126 -38.83 26.23 -29.08
CA LEU B 3126 -39.84 26.43 -30.11
C LEU B 3126 -39.83 25.29 -31.12
N THR B 3127 -38.64 24.88 -31.54
CA THR B 3127 -38.55 23.74 -32.45
C THR B 3127 -39.16 22.50 -31.82
N LYS B 3128 -38.82 22.26 -30.55
CA LYS B 3128 -39.40 21.13 -29.84
C LYS B 3128 -40.91 21.24 -29.80
N LEU B 3129 -41.42 22.45 -29.60
CA LEU B 3129 -42.85 22.66 -29.58
C LEU B 3129 -43.49 22.33 -30.91
N GLN B 3130 -42.82 22.69 -32.01
CA GLN B 3130 -43.36 22.37 -33.32
C GLN B 3130 -43.44 20.87 -33.52
N SER B 3131 -42.37 20.17 -33.13
CA SER B 3131 -42.40 18.71 -33.17
C SER B 3131 -43.57 18.19 -32.33
N VAL B 3132 -43.77 18.78 -31.16
CA VAL B 3132 -44.84 18.37 -30.27
C VAL B 3132 -46.20 18.57 -30.95
N GLN B 3133 -46.35 19.68 -31.66
CA GLN B 3133 -47.61 19.94 -32.33
C GLN B 3133 -47.90 18.89 -33.38
N ALA B 3134 -46.90 18.53 -34.18
CA ALA B 3134 -47.10 17.47 -35.17
C ALA B 3134 -47.46 16.15 -34.49
N LEU B 3135 -46.76 15.83 -33.40
CA LEU B 3135 -47.05 14.59 -32.68
C LEU B 3135 -48.49 14.59 -32.19
N THR B 3136 -48.94 15.71 -31.63
CA THR B 3136 -50.29 15.77 -31.11
C THR B 3136 -51.31 15.64 -32.22
N GLU B 3137 -51.05 16.27 -33.37
CA GLU B 3137 -51.99 16.14 -34.48
C GLU B 3137 -52.15 14.68 -34.88
N ILE B 3138 -51.03 14.00 -35.11
CA ILE B 3138 -51.15 12.62 -35.55
C ILE B 3138 -51.71 11.73 -34.44
N GLN B 3139 -51.43 12.07 -33.19
CA GLN B 3139 -51.97 11.29 -32.08
C GLN B 3139 -53.47 11.46 -32.00
N GLU B 3140 -53.96 12.69 -32.12
CA GLU B 3140 -55.39 12.91 -32.16
C GLU B 3140 -56.00 12.11 -33.29
N PHE B 3141 -55.37 12.13 -34.47
CA PHE B 3141 -55.90 11.37 -35.59
C PHE B 3141 -56.03 9.90 -35.24
N ILE B 3142 -54.95 9.29 -34.76
CA ILE B 3142 -54.99 7.86 -34.47
C ILE B 3142 -55.95 7.55 -33.34
N SER B 3143 -56.20 8.52 -32.46
CA SER B 3143 -56.93 8.25 -31.23
C SER B 3143 -58.40 7.94 -31.46
N PHE B 3144 -58.92 8.11 -32.67
CA PHE B 3144 -60.34 7.87 -32.91
C PHE B 3144 -60.56 7.03 -34.16
N ILE B 3145 -59.56 6.28 -34.60
CA ILE B 3145 -59.66 5.55 -35.87
C ILE B 3145 -60.94 4.73 -35.92
N SER B 3146 -61.10 3.81 -34.96
CA SER B 3146 -62.37 3.12 -34.82
C SER B 3146 -62.75 2.97 -33.35
N LYS B 3147 -62.21 3.81 -32.47
CA LYS B 3147 -62.42 3.66 -31.05
C LYS B 3147 -63.88 3.81 -30.65
N GLN B 3148 -64.68 4.45 -31.50
CA GLN B 3148 -66.10 4.59 -31.26
C GLN B 3148 -66.95 4.21 -32.47
N GLY B 3149 -66.34 4.06 -33.65
CA GLY B 3149 -67.11 3.82 -34.85
C GLY B 3149 -67.38 5.13 -35.56
N ASN B 3150 -66.63 5.38 -36.64
CA ASN B 3150 -66.76 6.61 -37.39
C ASN B 3150 -66.97 6.40 -38.88
N LEU B 3151 -66.69 5.20 -39.40
CA LEU B 3151 -66.85 4.92 -40.81
C LEU B 3151 -68.31 4.90 -41.23
N SER B 3152 -69.23 4.91 -40.26
CA SER B 3152 -70.65 5.06 -40.53
C SER B 3152 -71.30 6.19 -39.76
N SER B 3153 -70.69 6.66 -38.67
CA SER B 3153 -71.25 7.74 -37.87
C SER B 3153 -70.81 9.08 -38.40
N GLN B 3154 -71.46 10.14 -37.91
CA GLN B 3154 -71.13 11.51 -38.28
C GLN B 3154 -70.51 12.19 -37.06
N VAL B 3155 -69.19 12.32 -37.09
CA VAL B 3155 -68.45 13.00 -36.03
C VAL B 3155 -67.80 14.25 -36.61
N PRO B 3156 -68.57 15.31 -36.87
CA PRO B 3156 -68.00 16.50 -37.53
C PRO B 3156 -67.06 17.26 -36.62
N LEU B 3157 -66.75 16.70 -35.46
CA LEU B 3157 -65.71 17.26 -34.62
C LEU B 3157 -64.37 17.22 -35.33
N LYS B 3158 -64.08 16.12 -36.03
CA LYS B 3158 -62.93 16.12 -36.93
C LYS B 3158 -63.14 17.13 -38.04
N ARG B 3159 -64.35 17.18 -38.59
CA ARG B 3159 -64.73 18.24 -39.51
C ARG B 3159 -64.79 19.59 -38.82
N LEU B 3160 -64.59 19.61 -37.50
CA LEU B 3160 -64.24 20.82 -36.78
C LEU B 3160 -62.77 20.82 -36.37
N LEU B 3161 -62.15 19.65 -36.24
CA LEU B 3161 -60.72 19.61 -35.96
C LEU B 3161 -59.93 20.20 -37.12
N ASN B 3162 -60.37 19.90 -38.34
CA ASN B 3162 -59.68 20.41 -39.52
C ASN B 3162 -59.67 21.93 -39.56
N THR B 3163 -60.77 22.55 -39.17
CA THR B 3163 -60.84 24.00 -39.13
C THR B 3163 -60.15 24.48 -37.84
N TRP B 3164 -60.36 25.74 -37.50
CA TRP B 3164 -59.52 26.44 -36.53
C TRP B 3164 -58.07 26.44 -37.02
N THR B 3165 -57.90 26.69 -38.32
CA THR B 3165 -56.62 26.57 -39.01
C THR B 3165 -56.04 25.18 -38.87
N ASN B 3166 -56.86 24.20 -38.49
CA ASN B 3166 -56.38 22.95 -37.94
C ASN B 3166 -55.39 23.24 -36.81
N ARG B 3167 -55.80 24.13 -35.91
CA ARG B 3167 -55.11 24.38 -34.66
C ARG B 3167 -53.71 24.94 -34.91
N TYR B 3168 -53.69 26.15 -35.46
CA TYR B 3168 -52.54 27.05 -35.42
C TYR B 3168 -51.25 26.44 -35.97
N PRO B 3169 -51.14 26.29 -37.28
CA PRO B 3169 -49.86 25.91 -37.88
C PRO B 3169 -48.82 27.01 -37.70
N ASP B 3170 -49.22 28.06 -36.99
CA ASP B 3170 -48.33 29.09 -36.46
C ASP B 3170 -47.67 29.96 -37.51
N ALA B 3171 -48.48 30.72 -38.25
CA ALA B 3171 -47.96 31.64 -39.24
C ALA B 3171 -47.13 32.73 -38.58
N LYS B 3172 -46.28 33.35 -39.39
CA LYS B 3172 -45.34 34.41 -39.08
C LYS B 3172 -44.09 33.86 -38.40
N MET B 3173 -44.03 32.56 -38.15
CA MET B 3173 -42.82 31.89 -37.69
C MET B 3173 -42.98 30.42 -38.00
N ASP B 3174 -42.09 29.58 -37.45
CA ASP B 3174 -42.16 28.14 -37.66
C ASP B 3174 -42.22 27.84 -39.15
N PRO B 3175 -41.08 27.92 -39.84
CA PRO B 3175 -41.07 27.94 -41.31
C PRO B 3175 -41.79 26.80 -41.99
N MET B 3176 -41.90 26.90 -43.32
CA MET B 3176 -42.83 26.10 -44.09
C MET B 3176 -42.62 24.61 -43.91
N ASN B 3177 -41.53 24.19 -43.28
CA ASN B 3177 -41.31 22.77 -43.04
C ASN B 3177 -42.41 22.20 -42.15
N ILE B 3178 -42.64 22.87 -41.02
CA ILE B 3178 -43.63 22.40 -40.05
C ILE B 3178 -45.02 22.44 -40.66
N TRP B 3179 -45.33 23.52 -41.38
CA TRP B 3179 -46.61 23.63 -42.05
C TRP B 3179 -46.78 22.50 -43.05
N ASP B 3180 -45.74 22.23 -43.83
CA ASP B 3180 -45.81 21.17 -44.82
C ASP B 3180 -46.10 19.84 -44.18
N ASP B 3181 -45.41 19.54 -43.07
CA ASP B 3181 -45.69 18.31 -42.35
C ASP B 3181 -47.14 18.28 -41.90
N ILE B 3182 -47.63 19.40 -41.37
CA ILE B 3182 -48.99 19.43 -40.85
C ILE B 3182 -49.99 19.12 -41.95
N ILE B 3183 -49.87 19.80 -43.08
CA ILE B 3183 -50.83 19.61 -44.15
C ILE B 3183 -50.71 18.22 -44.75
N THR B 3184 -49.49 17.70 -44.83
CA THR B 3184 -49.30 16.34 -45.33
C THR B 3184 -50.06 15.36 -44.45
N ASN B 3185 -49.88 15.48 -43.14
CA ASN B 3185 -50.60 14.60 -42.24
C ASN B 3185 -52.10 14.78 -42.37
N ARG B 3186 -52.56 16.03 -42.48
CA ARG B 3186 -53.98 16.30 -42.55
C ARG B 3186 -54.61 15.65 -43.77
N CYS B 3187 -54.04 15.91 -44.95
CA CYS B 3187 -54.59 15.34 -46.17
C CYS B 3187 -54.47 13.83 -46.16
N PHE B 3188 -53.39 13.29 -45.58
CA PHE B 3188 -53.27 11.86 -45.45
C PHE B 3188 -54.41 11.30 -44.61
N PHE B 3189 -54.73 11.95 -43.50
CA PHE B 3189 -55.82 11.51 -42.66
C PHE B 3189 -57.14 11.56 -43.41
N LEU B 3190 -57.37 12.65 -44.15
CA LEU B 3190 -58.60 12.78 -44.90
C LEU B 3190 -58.73 11.65 -45.92
N SER B 3191 -57.64 11.36 -46.64
CA SER B 3191 -57.66 10.27 -47.59
C SER B 3191 -57.96 8.95 -46.90
N LYS B 3192 -57.27 8.69 -45.79
CA LYS B 3192 -57.46 7.43 -45.07
C LYS B 3192 -58.90 7.29 -44.64
N ILE B 3193 -59.47 8.34 -44.06
CA ILE B 3193 -60.84 8.29 -43.60
C ILE B 3193 -61.78 8.02 -44.76
N GLU B 3194 -61.65 8.81 -45.83
CA GLU B 3194 -62.51 8.62 -46.98
C GLU B 3194 -62.41 7.21 -47.52
N GLU B 3195 -61.23 6.60 -47.44
CA GLU B 3195 -61.09 5.19 -47.76
C GLU B 3195 -61.97 4.36 -46.84
N LYS B 3196 -61.69 4.39 -45.54
CA LYS B 3196 -62.39 3.53 -44.61
C LYS B 3196 -63.81 3.99 -44.33
N LEU B 3197 -64.11 5.27 -44.49
CA LEU B 3197 -65.48 5.74 -44.30
C LEU B 3197 -66.40 5.09 -45.32
N ASP B 3226 -70.49 15.39 -51.24
CA ASP B 3226 -70.84 15.91 -49.92
C ASP B 3226 -69.66 15.84 -48.98
N ILE B 3227 -69.50 14.68 -48.33
CA ILE B 3227 -68.43 14.52 -47.35
C ILE B 3227 -67.08 14.72 -48.02
N SER B 3228 -66.88 14.13 -49.19
CA SER B 3228 -65.67 14.39 -49.96
C SER B 3228 -65.56 15.86 -50.31
N SER B 3229 -66.69 16.50 -50.60
CA SER B 3229 -66.67 17.94 -50.82
C SER B 3229 -66.25 18.66 -49.55
N LEU B 3230 -66.71 18.18 -48.39
CA LEU B 3230 -66.29 18.80 -47.13
C LEU B 3230 -64.79 18.71 -46.97
N ILE B 3231 -64.23 17.52 -47.17
CA ILE B 3231 -62.79 17.37 -46.98
C ILE B 3231 -62.02 18.17 -48.02
N ARG B 3232 -62.55 18.26 -49.24
CA ARG B 3232 -61.89 19.06 -50.26
C ARG B 3232 -61.89 20.54 -49.87
N SER B 3233 -63.00 21.01 -49.31
CA SER B 3233 -63.05 22.37 -48.81
C SER B 3233 -62.05 22.58 -47.68
N CYS B 3234 -61.92 21.59 -46.81
CA CYS B 3234 -60.95 21.69 -45.72
C CYS B 3234 -59.55 21.81 -46.27
N LYS B 3235 -59.22 20.97 -47.26
CA LYS B 3235 -57.91 21.07 -47.90
C LYS B 3235 -57.72 22.44 -48.54
N PHE B 3236 -58.77 22.95 -49.17
CA PHE B 3236 -58.72 24.27 -49.77
C PHE B 3236 -58.34 25.32 -48.74
N SER B 3237 -59.03 25.31 -47.60
CA SER B 3237 -58.75 26.28 -46.55
C SER B 3237 -57.33 26.12 -46.02
N MET B 3238 -56.91 24.88 -45.82
CA MET B 3238 -55.58 24.65 -45.28
C MET B 3238 -54.51 25.15 -46.24
N LYS B 3239 -54.71 24.94 -47.54
CA LYS B 3239 -53.73 25.38 -48.51
C LYS B 3239 -53.76 26.91 -48.65
N MET B 3240 -54.93 27.52 -48.47
CA MET B 3240 -54.98 28.98 -48.41
C MET B 3240 -54.13 29.49 -47.26
N LYS B 3241 -54.30 28.89 -46.08
CA LYS B 3241 -53.44 29.26 -44.95
C LYS B 3241 -51.99 29.01 -45.29
N MET B 3242 -51.72 27.93 -46.02
CA MET B 3242 -50.37 27.59 -46.42
C MET B 3242 -49.73 28.74 -47.17
N ILE B 3243 -50.37 29.12 -48.27
CA ILE B 3243 -49.81 30.16 -49.14
C ILE B 3243 -49.74 31.48 -48.40
N ASP B 3244 -50.78 31.81 -47.64
CA ASP B 3244 -50.79 33.08 -46.92
C ASP B 3244 -49.64 33.16 -45.94
N SER B 3245 -49.46 32.11 -45.15
CA SER B 3245 -48.38 32.08 -44.18
C SER B 3245 -47.03 32.17 -44.85
N ALA B 3246 -46.85 31.42 -45.94
CA ALA B 3246 -45.56 31.44 -46.62
C ALA B 3246 -45.25 32.82 -47.18
N ARG B 3247 -46.23 33.45 -47.80
CA ARG B 3247 -46.01 34.77 -48.36
C ARG B 3247 -45.78 35.81 -47.26
N LYS B 3248 -46.44 35.65 -46.11
CA LYS B 3248 -46.11 36.48 -44.96
C LYS B 3248 -44.67 36.27 -44.54
N GLN B 3249 -44.22 35.02 -44.52
CA GLN B 3249 -42.84 34.68 -44.23
C GLN B 3249 -41.92 35.03 -45.37
N ASN B 3250 -42.49 35.75 -46.34
CA ASN B 3250 -41.72 36.40 -47.41
C ASN B 3250 -40.92 35.39 -48.21
N ASN B 3251 -41.48 34.20 -48.38
CA ASN B 3251 -40.97 33.33 -49.42
C ASN B 3251 -41.41 33.86 -50.78
N PHE B 3252 -40.58 33.62 -51.78
CA PHE B 3252 -40.99 33.82 -53.16
C PHE B 3252 -41.05 32.53 -53.95
N SER B 3253 -40.24 31.54 -53.56
CA SER B 3253 -40.47 30.17 -53.96
C SER B 3253 -41.61 29.62 -53.11
N LEU B 3254 -42.82 30.07 -53.44
CA LEU B 3254 -44.00 29.67 -52.71
C LEU B 3254 -44.34 28.23 -53.11
N ALA B 3255 -45.53 27.80 -52.74
CA ALA B 3255 -46.11 26.61 -53.36
C ALA B 3255 -46.82 27.02 -54.65
N MET B 3256 -46.02 27.50 -55.61
CA MET B 3256 -46.58 27.87 -56.92
C MET B 3256 -47.31 26.69 -57.54
N LYS B 3257 -46.74 25.49 -57.41
CA LYS B 3257 -47.41 24.30 -57.89
C LYS B 3257 -48.77 24.14 -57.23
N LEU B 3258 -48.82 24.36 -55.92
CA LEU B 3258 -50.10 24.33 -55.22
C LEU B 3258 -51.02 25.43 -55.74
N LEU B 3259 -50.46 26.61 -55.99
CA LEU B 3259 -51.27 27.71 -56.50
C LEU B 3259 -51.93 27.32 -57.80
N LYS B 3260 -51.17 26.72 -58.72
CA LYS B 3260 -51.73 26.38 -60.02
C LYS B 3260 -52.70 25.20 -59.92
N GLU B 3261 -52.37 24.20 -59.09
CA GLU B 3261 -53.27 23.07 -58.96
C GLU B 3261 -54.59 23.49 -58.34
N LEU B 3262 -54.56 24.47 -57.43
CA LEU B 3262 -55.81 25.01 -56.92
C LEU B 3262 -56.49 25.89 -57.93
N HIS B 3263 -55.71 26.57 -58.77
CA HIS B 3263 -56.29 27.28 -59.91
C HIS B 3263 -57.13 26.34 -60.75
N LYS B 3264 -56.65 25.11 -60.93
CA LYS B 3264 -57.46 24.10 -61.59
C LYS B 3264 -58.75 23.84 -60.82
N GLU B 3265 -58.65 23.76 -59.51
CA GLU B 3265 -59.81 23.48 -58.68
C GLU B 3265 -60.55 24.74 -58.25
N SER B 3266 -59.98 25.93 -58.51
CA SER B 3266 -60.65 27.15 -58.10
C SER B 3266 -62.00 27.30 -58.78
N LYS B 3267 -62.05 27.00 -60.08
CA LYS B 3267 -63.28 27.15 -60.84
C LYS B 3267 -64.41 26.28 -60.32
N THR B 3268 -64.10 25.27 -59.52
CA THR B 3268 -65.15 24.40 -58.98
C THR B 3268 -66.15 25.19 -58.15
N ARG B 3269 -65.65 26.10 -57.30
CA ARG B 3269 -66.50 26.97 -56.51
C ARG B 3269 -66.12 28.42 -56.77
N ASP B 3270 -67.12 29.23 -57.11
CA ASP B 3270 -66.86 30.62 -57.47
C ASP B 3270 -66.25 31.39 -56.29
N ASP B 3271 -66.77 31.17 -55.08
CA ASP B 3271 -66.16 31.80 -53.91
C ASP B 3271 -64.75 31.28 -53.70
N TRP B 3272 -64.58 29.97 -53.83
CA TRP B 3272 -63.25 29.38 -53.76
C TRP B 3272 -62.37 29.91 -54.88
N LEU B 3273 -62.95 30.09 -56.07
CA LEU B 3273 -62.21 30.65 -57.19
C LEU B 3273 -61.70 32.05 -56.89
N VAL B 3274 -62.59 32.94 -56.45
CA VAL B 3274 -62.19 34.30 -56.20
C VAL B 3274 -61.22 34.37 -55.04
N SER B 3275 -61.38 33.49 -54.05
CA SER B 3275 -60.38 33.40 -53.01
C SER B 3275 -59.02 33.06 -53.59
N TRP B 3276 -58.99 32.11 -54.52
CA TRP B 3276 -57.73 31.78 -55.19
C TRP B 3276 -57.15 33.01 -55.87
N VAL B 3277 -58.01 33.74 -56.59
CA VAL B 3277 -57.52 34.88 -57.36
C VAL B 3277 -56.97 35.95 -56.43
N GLN B 3278 -57.68 36.23 -55.33
CA GLN B 3278 -57.23 37.24 -54.39
C GLN B 3278 -55.92 36.83 -53.74
N SER B 3279 -55.81 35.56 -53.37
CA SER B 3279 -54.57 35.07 -52.79
C SER B 3279 -53.43 35.22 -53.77
N TYR B 3280 -53.66 34.87 -55.03
CA TYR B 3280 -52.64 35.03 -56.04
C TYR B 3280 -52.24 36.48 -56.20
N CYS B 3281 -53.22 37.38 -56.17
CA CYS B 3281 -52.92 38.79 -56.35
C CYS B 3281 -52.10 39.33 -55.19
N ARG B 3282 -52.45 38.94 -53.97
CA ARG B 3282 -51.65 39.35 -52.81
C ARG B 3282 -50.25 38.77 -52.92
N LEU B 3283 -50.14 37.53 -53.39
CA LEU B 3283 -48.83 36.92 -53.59
C LEU B 3283 -48.02 37.73 -54.59
N SER B 3284 -48.65 38.15 -55.69
CA SER B 3284 -47.95 38.95 -56.69
C SER B 3284 -47.54 40.30 -56.11
N HIS B 3285 -48.42 40.92 -55.33
CA HIS B 3285 -48.09 42.20 -54.71
C HIS B 3285 -46.90 42.06 -53.80
N CYS B 3286 -46.85 40.98 -53.01
CA CYS B 3286 -45.66 40.70 -52.23
C CYS B 3286 -44.46 40.46 -53.15
N ARG B 3287 -44.71 39.84 -54.31
CA ARG B 3287 -43.64 39.55 -55.25
C ARG B 3287 -43.02 40.80 -55.83
N SER B 3288 -43.66 41.96 -55.65
CA SER B 3288 -43.00 43.21 -55.94
C SER B 3288 -41.70 43.28 -55.15
N ARG B 3289 -40.62 43.65 -55.82
CA ARG B 3289 -39.30 43.53 -55.25
C ARG B 3289 -38.44 44.67 -55.80
N SER B 3290 -37.12 44.54 -55.66
CA SER B 3290 -36.21 45.52 -56.24
C SER B 3290 -36.48 45.72 -57.73
N GLN B 3291 -36.61 44.62 -58.47
CA GLN B 3291 -37.07 44.68 -59.85
C GLN B 3291 -38.54 44.32 -59.98
N GLY B 3292 -39.32 44.60 -58.94
CA GLY B 3292 -40.76 44.49 -59.06
C GLY B 3292 -41.29 45.39 -60.15
N CYS B 3293 -40.59 46.48 -60.45
CA CYS B 3293 -41.01 47.45 -61.45
C CYS B 3293 -41.23 46.82 -62.81
N SER B 3294 -40.14 46.38 -63.45
CA SER B 3294 -40.26 45.86 -64.80
C SER B 3294 -41.05 44.57 -64.81
N GLU B 3295 -40.84 43.71 -63.81
CA GLU B 3295 -41.49 42.41 -63.79
C GLU B 3295 -43.01 42.55 -63.68
N GLN B 3296 -43.48 43.49 -62.87
CA GLN B 3296 -44.91 43.70 -62.76
C GLN B 3296 -45.45 44.46 -63.95
N VAL B 3297 -44.65 45.36 -64.53
CA VAL B 3297 -45.08 46.05 -65.75
C VAL B 3297 -45.32 45.04 -66.86
N LEU B 3298 -44.41 44.06 -66.99
CA LEU B 3298 -44.55 43.04 -68.02
C LEU B 3298 -45.83 42.24 -67.83
N THR B 3299 -45.92 41.50 -66.74
CA THR B 3299 -47.14 40.79 -66.37
C THR B 3299 -47.86 41.64 -65.33
N VAL B 3300 -48.70 42.55 -65.81
CA VAL B 3300 -49.43 43.44 -64.92
C VAL B 3300 -50.56 42.62 -64.30
N LEU B 3301 -50.29 42.09 -63.10
CA LEU B 3301 -51.20 41.22 -62.39
C LEU B 3301 -51.69 40.06 -63.26
N LYS B 3302 -50.96 39.76 -64.33
CA LYS B 3302 -51.30 38.66 -65.24
C LYS B 3302 -52.74 38.82 -65.75
N THR B 3303 -52.92 39.84 -66.60
CA THR B 3303 -54.26 40.20 -67.07
C THR B 3303 -55.11 40.66 -65.89
N VAL B 3304 -54.85 41.87 -65.41
CA VAL B 3304 -55.07 42.33 -64.04
C VAL B 3304 -56.34 41.76 -63.43
N SER B 3305 -56.21 41.30 -62.19
CA SER B 3305 -57.27 40.62 -61.44
C SER B 3305 -57.67 39.31 -62.10
N LEU B 3306 -56.83 38.82 -63.00
CA LEU B 3306 -57.11 37.60 -63.77
C LEU B 3306 -58.46 37.67 -64.46
N LEU B 3307 -58.90 38.90 -64.76
CA LEU B 3307 -60.19 39.15 -65.39
C LEU B 3307 -61.33 38.54 -64.60
N ASP B 3308 -61.22 38.60 -63.27
CA ASP B 3308 -62.31 38.18 -62.40
C ASP B 3308 -63.47 39.16 -62.43
N GLU B 3309 -63.33 40.26 -63.17
CA GLU B 3309 -64.34 41.30 -63.23
C GLU B 3309 -65.66 40.79 -63.81
N ASN B 3310 -65.68 39.60 -64.38
CA ASN B 3310 -66.94 39.03 -64.85
C ASN B 3310 -67.91 38.80 -63.69
N ASN B 3311 -67.40 38.44 -62.52
CA ASN B 3311 -68.19 37.99 -61.39
C ASN B 3311 -67.77 38.72 -60.12
N VAL B 3312 -67.69 40.05 -60.20
CA VAL B 3312 -67.25 40.89 -59.09
C VAL B 3312 -68.05 40.60 -57.82
N SER B 3313 -67.35 40.27 -56.74
CA SER B 3313 -67.96 39.87 -55.48
C SER B 3313 -68.92 38.71 -55.68
N SER B 3314 -68.58 37.81 -56.61
CA SER B 3314 -69.48 36.73 -57.04
C SER B 3314 -70.83 37.29 -57.45
N TYR B 3315 -70.79 38.30 -58.32
CA TYR B 3315 -71.97 39.09 -58.66
C TYR B 3315 -72.62 39.67 -57.41
N LEU B 3316 -71.79 40.21 -56.52
CA LEU B 3316 -72.17 40.78 -55.24
C LEU B 3316 -72.80 39.76 -54.29
N SER B 3317 -72.76 38.48 -54.63
CA SER B 3317 -73.18 37.47 -53.66
C SER B 3317 -72.20 37.42 -52.50
N LYS B 3318 -70.91 37.66 -52.75
CA LYS B 3318 -70.00 37.92 -51.66
C LYS B 3318 -70.37 39.22 -50.98
N ASN B 3319 -69.95 39.35 -49.73
CA ASN B 3319 -70.27 40.52 -48.94
C ASN B 3319 -69.41 41.70 -49.40
N ILE B 3320 -69.45 42.78 -48.62
CA ILE B 3320 -68.63 43.96 -48.91
C ILE B 3320 -67.15 43.60 -48.87
N LEU B 3321 -66.78 42.57 -48.12
CA LEU B 3321 -65.37 42.30 -47.89
C LEU B 3321 -64.65 41.94 -49.18
N ALA B 3322 -65.16 40.94 -49.90
CA ALA B 3322 -64.46 40.47 -51.09
C ALA B 3322 -64.39 41.54 -52.16
N PHE B 3323 -65.48 42.26 -52.38
CA PHE B 3323 -65.48 43.35 -53.34
C PHE B 3323 -64.51 44.44 -52.92
N ARG B 3324 -64.46 44.74 -51.62
CA ARG B 3324 -63.50 45.72 -51.12
C ARG B 3324 -62.08 45.26 -51.37
N ASP B 3325 -61.81 43.98 -51.16
CA ASP B 3325 -60.47 43.45 -51.41
C ASP B 3325 -60.12 43.57 -52.88
N GLN B 3326 -61.08 43.29 -53.76
CA GLN B 3326 -60.84 43.46 -55.19
C GLN B 3326 -60.47 44.91 -55.49
N ASN B 3327 -61.22 45.85 -54.91
CA ASN B 3327 -60.92 47.26 -55.12
C ASN B 3327 -59.54 47.60 -54.59
N ILE B 3328 -59.22 47.09 -53.41
CA ILE B 3328 -57.93 47.39 -52.77
C ILE B 3328 -56.79 46.90 -53.64
N LEU B 3329 -56.91 45.68 -54.13
CA LEU B 3329 -55.84 45.12 -54.96
C LEU B 3329 -55.73 45.84 -56.29
N LEU B 3330 -56.88 46.21 -56.89
CA LEU B 3330 -56.82 46.91 -58.16
C LEU B 3330 -56.18 48.28 -58.00
N GLY B 3331 -56.60 49.03 -56.99
CA GLY B 3331 -55.94 50.31 -56.71
C GLY B 3331 -54.49 50.13 -56.36
N THR B 3332 -54.15 49.04 -55.64
CA THR B 3332 -52.78 48.80 -55.26
C THR B 3332 -51.91 48.60 -56.49
N THR B 3333 -52.34 47.73 -57.40
CA THR B 3333 -51.55 47.51 -58.60
C THR B 3333 -51.50 48.74 -59.49
N TYR B 3334 -52.59 49.53 -59.52
CA TYR B 3334 -52.56 50.78 -60.28
C TYR B 3334 -51.52 51.72 -59.71
N ARG B 3335 -51.50 51.88 -58.39
CA ARG B 3335 -50.49 52.71 -57.76
C ARG B 3335 -49.09 52.17 -58.04
N ILE B 3336 -48.93 50.86 -57.95
CA ILE B 3336 -47.62 50.26 -58.15
C ILE B 3336 -47.11 50.54 -59.54
N ILE B 3337 -47.97 50.36 -60.54
CA ILE B 3337 -47.54 50.57 -61.92
C ILE B 3337 -47.30 52.04 -62.20
N ALA B 3338 -48.08 52.93 -61.59
CA ALA B 3338 -47.80 54.35 -61.75
C ALA B 3338 -46.45 54.71 -61.16
N ASN B 3339 -46.13 54.17 -59.99
CA ASN B 3339 -44.81 54.37 -59.40
C ASN B 3339 -43.73 53.78 -60.30
N ALA B 3340 -44.04 52.65 -60.94
CA ALA B 3340 -43.09 52.02 -61.86
C ALA B 3340 -42.79 52.94 -63.03
N LEU B 3341 -43.83 53.49 -63.64
CA LEU B 3341 -43.63 54.37 -64.79
C LEU B 3341 -42.91 55.65 -64.39
N SER B 3342 -43.26 56.24 -63.25
CA SER B 3342 -42.55 57.42 -62.79
C SER B 3342 -41.09 57.11 -62.51
N SER B 3343 -40.83 55.99 -61.84
CA SER B 3343 -39.46 55.58 -61.56
C SER B 3343 -38.72 55.17 -62.82
N GLU B 3344 -39.44 54.59 -63.79
CA GLU B 3344 -38.85 54.10 -65.03
C GLU B 3344 -39.57 54.75 -66.20
N PRO B 3345 -39.31 56.03 -66.47
CA PRO B 3345 -39.81 56.63 -67.70
C PRO B 3345 -39.27 55.95 -68.94
N ALA B 3346 -38.04 55.45 -68.88
CA ALA B 3346 -37.41 54.71 -69.97
C ALA B 3346 -37.67 53.22 -69.87
N CYS B 3347 -38.78 52.82 -69.26
CA CYS B 3347 -39.09 51.41 -69.07
C CYS B 3347 -39.25 50.70 -70.40
N LEU B 3348 -38.30 49.81 -70.72
CA LEU B 3348 -38.36 49.06 -71.97
C LEU B 3348 -39.57 48.15 -72.01
N ALA B 3349 -39.99 47.62 -70.85
CA ALA B 3349 -41.20 46.82 -70.80
C ALA B 3349 -42.42 47.66 -71.17
N GLU B 3350 -42.46 48.90 -70.69
CA GLU B 3350 -43.45 49.85 -71.20
C GLU B 3350 -43.30 50.01 -72.69
N ILE B 3351 -42.06 50.13 -73.18
CA ILE B 3351 -41.81 50.16 -74.61
C ILE B 3351 -42.11 48.81 -75.24
N GLU B 3352 -41.93 47.72 -74.50
CA GLU B 3352 -42.21 46.39 -75.02
C GLU B 3352 -43.66 46.30 -75.47
N GLU B 3353 -43.88 45.90 -76.71
CA GLU B 3353 -45.20 45.91 -77.30
C GLU B 3353 -46.00 44.69 -76.85
N ASP B 3354 -47.18 44.94 -76.30
CA ASP B 3354 -48.05 43.91 -75.79
C ASP B 3354 -49.38 44.57 -75.47
N LYS B 3355 -50.40 43.73 -75.25
CA LYS B 3355 -51.68 44.24 -74.78
C LYS B 3355 -51.53 44.98 -73.46
N ALA B 3356 -50.48 44.66 -72.68
CA ALA B 3356 -50.24 45.36 -71.43
C ALA B 3356 -50.07 46.85 -71.67
N ARG B 3357 -49.31 47.22 -72.70
CA ARG B 3357 -49.15 48.64 -73.02
C ARG B 3357 -50.49 49.27 -73.39
N ARG B 3358 -51.33 48.53 -74.12
CA ARG B 3358 -52.62 49.06 -74.54
C ARG B 3358 -53.53 49.32 -73.35
N ILE B 3359 -53.65 48.33 -72.45
CA ILE B 3359 -54.48 48.54 -71.27
C ILE B 3359 -53.86 49.60 -70.37
N LEU B 3360 -52.53 49.71 -70.38
CA LEU B 3360 -51.85 50.76 -69.64
C LEU B 3360 -52.30 52.13 -70.11
N GLU B 3361 -52.20 52.39 -71.41
CA GLU B 3361 -52.58 53.69 -71.94
C GLU B 3361 -54.08 53.90 -71.86
N LEU B 3362 -54.86 52.81 -71.86
CA LEU B 3362 -56.30 52.92 -71.67
C LEU B 3362 -56.61 53.42 -70.26
N SER B 3363 -56.20 52.65 -69.25
CA SER B 3363 -56.33 53.09 -67.87
C SER B 3363 -55.61 54.40 -67.63
N GLY B 3364 -54.56 54.67 -68.39
CA GLY B 3364 -53.86 55.93 -68.29
C GLY B 3364 -54.72 57.08 -68.76
N GLU B 3368 -50.08 58.69 -76.51
CA GLU B 3368 -50.46 59.13 -75.18
C GLU B 3368 -49.24 59.57 -74.37
N ASP B 3369 -49.39 60.66 -73.62
CA ASP B 3369 -48.30 61.15 -72.79
C ASP B 3369 -48.21 60.32 -71.51
N SER B 3370 -47.00 59.89 -71.18
CA SER B 3370 -46.80 59.03 -70.01
C SER B 3370 -47.22 59.72 -68.72
N GLU B 3371 -47.04 61.03 -68.64
CA GLU B 3371 -47.49 61.76 -67.45
C GLU B 3371 -49.00 61.74 -67.35
N LYS B 3372 -49.70 61.94 -68.47
CA LYS B 3372 -51.15 61.76 -68.45
C LYS B 3372 -51.52 60.32 -68.15
N VAL B 3373 -50.71 59.36 -68.60
CA VAL B 3373 -50.98 57.96 -68.32
C VAL B 3373 -50.95 57.71 -66.82
N ILE B 3374 -49.88 58.14 -66.15
CA ILE B 3374 -49.79 57.90 -64.71
C ILE B 3374 -50.85 58.71 -63.97
N ALA B 3375 -51.23 59.88 -64.52
CA ALA B 3375 -52.33 60.63 -63.92
C ALA B 3375 -53.61 59.81 -63.94
N GLY B 3376 -53.93 59.20 -65.08
CA GLY B 3376 -55.10 58.36 -65.15
C GLY B 3376 -54.98 57.13 -64.26
N LEU B 3377 -53.78 56.57 -64.18
CA LEU B 3377 -53.54 55.43 -63.30
C LEU B 3377 -53.85 55.79 -61.86
N TYR B 3378 -53.34 56.94 -61.41
CA TYR B 3378 -53.60 57.36 -60.04
C TYR B 3378 -55.06 57.72 -59.84
N GLN B 3379 -55.69 58.29 -60.87
CA GLN B 3379 -57.12 58.56 -60.80
C GLN B 3379 -57.89 57.28 -60.52
N ARG B 3380 -57.65 56.25 -61.32
CA ARG B 3380 -58.39 55.00 -61.13
C ARG B 3380 -57.99 54.32 -59.82
N ALA B 3381 -56.72 54.41 -59.43
CA ALA B 3381 -56.29 53.83 -58.17
C ALA B 3381 -57.00 54.47 -57.00
N PHE B 3382 -57.09 55.80 -56.99
CA PHE B 3382 -57.84 56.47 -55.94
C PHE B 3382 -59.32 56.15 -56.02
N GLN B 3383 -59.85 56.00 -57.24
CA GLN B 3383 -61.24 55.59 -57.38
C GLN B 3383 -61.49 54.28 -56.66
N HIS B 3384 -60.67 53.28 -56.94
CA HIS B 3384 -60.84 51.98 -56.31
C HIS B 3384 -60.54 52.04 -54.82
N LEU B 3385 -59.62 52.92 -54.41
CA LEU B 3385 -59.41 53.17 -52.99
C LEU B 3385 -60.68 53.66 -52.34
N SER B 3386 -61.37 54.61 -52.99
CA SER B 3386 -62.61 55.13 -52.45
C SER B 3386 -63.67 54.03 -52.36
N GLU B 3387 -63.75 53.19 -53.40
CA GLU B 3387 -64.71 52.09 -53.37
C GLU B 3387 -64.43 51.16 -52.20
N ALA B 3388 -63.17 50.78 -52.02
CA ALA B 3388 -62.82 49.90 -50.92
C ALA B 3388 -63.10 50.56 -49.58
N VAL B 3389 -62.82 51.86 -49.47
CA VAL B 3389 -63.06 52.57 -48.22
C VAL B 3389 -64.55 52.57 -47.88
N GLN B 3390 -65.39 52.92 -48.84
CA GLN B 3390 -66.81 52.97 -48.53
C GLN B 3390 -67.37 51.58 -48.26
N ALA B 3391 -66.83 50.56 -48.94
CA ALA B 3391 -67.22 49.19 -48.60
C ALA B 3391 -66.84 48.84 -47.18
N ALA B 3392 -65.64 49.27 -46.76
CA ALA B 3392 -65.19 49.01 -45.40
C ALA B 3392 -66.07 49.73 -44.39
N GLU B 3393 -66.48 50.95 -44.70
CA GLU B 3393 -67.28 51.73 -43.77
C GLU B 3393 -68.61 51.08 -43.47
N GLU B 3394 -69.06 50.16 -44.33
CA GLU B 3394 -70.23 49.36 -44.01
C GLU B 3394 -69.90 48.38 -42.90
N GLU B 3395 -70.71 48.36 -41.86
CA GLU B 3395 -70.48 47.47 -40.73
C GLU B 3395 -71.74 47.34 -39.87
N ALA B 3407 -60.63 47.79 -37.58
CA ALA B 3407 -60.39 46.58 -38.35
C ALA B 3407 -59.83 46.91 -39.72
N GLY B 3408 -60.26 46.17 -40.74
CA GLY B 3408 -59.80 46.43 -42.09
C GLY B 3408 -60.16 47.81 -42.59
N VAL B 3409 -61.16 48.45 -41.99
CA VAL B 3409 -61.50 49.81 -42.37
C VAL B 3409 -60.36 50.75 -42.02
N ILE B 3410 -59.72 50.53 -40.87
CA ILE B 3410 -58.53 51.31 -40.51
C ILE B 3410 -57.44 51.06 -41.54
N ASP B 3411 -57.33 49.82 -42.01
CA ASP B 3411 -56.33 49.49 -43.01
C ASP B 3411 -56.58 50.28 -44.29
N ALA B 3412 -57.84 50.32 -44.73
CA ALA B 3412 -58.17 51.07 -45.94
C ALA B 3412 -57.88 52.55 -45.76
N TYR B 3413 -58.25 53.10 -44.60
CA TYR B 3413 -57.97 54.50 -44.33
C TYR B 3413 -56.48 54.78 -44.41
N MET B 3414 -55.67 53.93 -43.78
CA MET B 3414 -54.22 54.16 -43.79
C MET B 3414 -53.64 54.01 -45.18
N THR B 3415 -54.11 53.03 -45.95
CA THR B 3415 -53.59 52.86 -47.30
C THR B 3415 -53.92 54.07 -48.17
N LEU B 3416 -55.16 54.54 -48.10
CA LEU B 3416 -55.53 55.72 -48.87
C LEU B 3416 -54.78 56.94 -48.40
N ALA B 3417 -54.52 57.04 -47.10
CA ALA B 3417 -53.75 58.16 -46.57
C ALA B 3417 -52.31 58.13 -47.08
N ASP B 3418 -51.71 56.95 -47.13
CA ASP B 3418 -50.37 56.85 -47.70
C ASP B 3418 -50.38 57.27 -49.17
N PHE B 3419 -51.38 56.82 -49.91
CA PHE B 3419 -51.47 57.16 -51.32
C PHE B 3419 -51.59 58.68 -51.49
N CYS B 3420 -52.48 59.30 -50.72
CA CYS B 3420 -52.66 60.74 -50.82
C CYS B 3420 -51.40 61.49 -50.39
N ASP B 3421 -50.73 61.01 -49.35
CA ASP B 3421 -49.54 61.68 -48.88
C ASP B 3421 -48.44 61.66 -49.93
N GLN B 3422 -48.24 60.51 -50.58
CA GLN B 3422 -47.23 60.48 -51.64
C GLN B 3422 -47.69 61.30 -52.84
N GLN B 3423 -48.99 61.36 -53.10
CA GLN B 3423 -49.49 62.27 -54.13
C GLN B 3423 -49.08 63.70 -53.83
N LEU B 3424 -49.33 64.15 -52.61
CA LEU B 3424 -49.01 65.52 -52.24
C LEU B 3424 -47.51 65.76 -52.29
N ARG B 3425 -46.72 64.79 -51.82
CA ARG B 3425 -45.28 64.93 -51.88
C ARG B 3425 -44.79 64.99 -53.32
N LYS B 3426 -45.50 64.37 -54.25
CA LYS B 3426 -45.20 64.54 -55.65
C LYS B 3426 -46.03 65.63 -56.30
N GLU B 3427 -47.19 65.96 -55.73
CA GLU B 3427 -47.92 67.14 -56.18
C GLU B 3427 -47.10 68.40 -55.93
N GLU B 3428 -46.47 68.49 -54.77
CA GLU B 3428 -45.54 69.56 -54.49
C GLU B 3428 -44.26 69.36 -55.29
N GLU B 3429 -43.40 70.38 -55.26
CA GLU B 3429 -42.10 70.28 -55.88
C GLU B 3429 -41.27 69.20 -55.19
N ALA B 3441 -59.46 70.46 -50.13
CA ALA B 3441 -60.38 69.66 -50.93
C ALA B 3441 -60.00 68.19 -50.87
N TYR B 3442 -59.31 67.72 -51.91
CA TYR B 3442 -58.83 66.34 -51.91
C TYR B 3442 -57.91 66.06 -50.73
N PRO B 3443 -56.87 66.85 -50.45
CA PRO B 3443 -56.11 66.63 -49.21
C PRO B 3443 -56.97 66.74 -47.98
N ALA B 3444 -57.95 67.65 -48.01
CA ALA B 3444 -58.84 67.80 -46.86
C ALA B 3444 -59.57 66.51 -46.58
N LEU B 3445 -60.21 65.93 -47.59
CA LEU B 3445 -60.99 64.73 -47.37
C LEU B 3445 -60.10 63.55 -46.97
N VAL B 3446 -58.93 63.43 -47.59
CA VAL B 3446 -58.08 62.28 -47.25
C VAL B 3446 -57.59 62.37 -45.82
N VAL B 3447 -57.15 63.55 -45.37
CA VAL B 3447 -56.68 63.65 -43.99
C VAL B 3447 -57.85 63.58 -43.02
N GLU B 3448 -59.04 64.02 -43.44
CA GLU B 3448 -60.21 63.85 -42.60
C GLU B 3448 -60.51 62.39 -42.36
N LYS B 3449 -60.40 61.57 -43.42
CA LYS B 3449 -60.60 60.13 -43.25
C LYS B 3449 -59.49 59.51 -42.42
N MET B 3450 -58.27 60.04 -42.53
CA MET B 3450 -57.19 59.59 -41.65
C MET B 3450 -57.56 59.84 -40.18
N LEU B 3451 -58.08 61.02 -39.90
CA LEU B 3451 -58.46 61.32 -38.52
C LEU B 3451 -59.67 60.49 -38.09
N LYS B 3452 -60.57 60.20 -39.02
CA LYS B 3452 -61.68 59.29 -38.74
C LYS B 3452 -61.16 57.92 -38.36
N ALA B 3453 -60.11 57.46 -39.04
CA ALA B 3453 -59.43 56.24 -38.62
C ALA B 3453 -58.91 56.39 -37.20
N LEU B 3454 -58.26 57.52 -36.93
CA LEU B 3454 -57.70 57.74 -35.61
C LEU B 3454 -58.77 57.73 -34.53
N LYS B 3455 -60.02 58.02 -34.89
CA LYS B 3455 -61.12 57.87 -33.94
C LYS B 3455 -61.08 56.49 -33.31
N LEU B 3456 -60.81 55.46 -34.11
CA LEU B 3456 -60.41 54.17 -33.59
C LEU B 3456 -58.92 54.26 -33.31
N ASN B 3457 -58.57 54.50 -32.04
CA ASN B 3457 -57.21 54.88 -31.68
C ASN B 3457 -56.17 53.89 -32.18
N SER B 3458 -55.34 54.35 -33.11
CA SER B 3458 -54.20 53.59 -33.60
C SER B 3458 -52.99 54.51 -33.63
N ASN B 3459 -51.87 54.02 -33.10
CA ASN B 3459 -50.65 54.82 -33.08
C ASN B 3459 -50.18 55.17 -34.48
N GLU B 3460 -50.57 54.39 -35.49
CA GLU B 3460 -50.15 54.71 -36.86
C GLU B 3460 -50.73 56.05 -37.31
N ALA B 3461 -52.05 56.22 -37.17
CA ALA B 3461 -52.64 57.51 -37.47
C ALA B 3461 -52.07 58.59 -36.56
N ARG B 3462 -51.70 58.22 -35.33
CA ARG B 3462 -51.02 59.15 -34.44
C ARG B 3462 -49.76 59.69 -35.08
N LEU B 3463 -48.91 58.79 -35.57
CA LEU B 3463 -47.67 59.21 -36.22
C LEU B 3463 -47.93 59.91 -37.54
N LYS B 3464 -49.07 59.66 -38.17
CA LYS B 3464 -49.44 60.38 -39.39
C LYS B 3464 -49.95 61.78 -39.11
N PHE B 3465 -50.41 62.03 -37.89
CA PHE B 3465 -50.90 63.34 -37.51
C PHE B 3465 -49.92 64.50 -37.76
N PRO B 3466 -48.62 64.37 -37.54
CA PRO B 3466 -47.72 65.48 -37.94
C PRO B 3466 -47.88 65.88 -39.39
N ARG B 3467 -48.14 64.93 -40.28
CA ARG B 3467 -48.45 65.30 -41.65
C ARG B 3467 -49.77 66.07 -41.73
N LEU B 3468 -50.70 65.78 -40.82
CA LEU B 3468 -51.90 66.60 -40.72
C LEU B 3468 -51.54 68.03 -40.39
N LEU B 3469 -50.64 68.23 -39.43
CA LEU B 3469 -50.15 69.58 -39.17
C LEU B 3469 -49.53 70.19 -40.42
N GLN B 3470 -48.75 69.40 -41.15
CA GLN B 3470 -48.07 69.90 -42.34
C GLN B 3470 -49.08 70.42 -43.36
N ILE B 3471 -50.10 69.63 -43.66
CA ILE B 3471 -51.10 70.03 -44.65
C ILE B 3471 -51.92 71.20 -44.12
N ILE B 3472 -52.15 71.25 -42.80
CA ILE B 3472 -52.85 72.40 -42.22
C ILE B 3472 -52.08 73.68 -42.49
N GLU B 3473 -50.78 73.65 -42.23
CA GLU B 3473 -49.96 74.85 -42.37
C GLU B 3473 -49.83 75.23 -43.84
N ARG B 3474 -49.50 74.27 -44.69
CA ARG B 3474 -49.28 74.59 -46.10
C ARG B 3474 -50.57 74.85 -46.86
N TYR B 3475 -51.70 74.40 -46.35
CA TYR B 3475 -52.99 74.58 -47.03
C TYR B 3475 -54.10 74.73 -46.00
N PRO B 3476 -54.18 75.91 -45.38
CA PRO B 3476 -55.27 76.14 -44.42
C PRO B 3476 -56.62 76.32 -45.07
N GLU B 3477 -56.68 76.57 -46.38
CA GLU B 3477 -57.94 76.91 -47.04
C GLU B 3477 -59.00 75.86 -46.79
N GLU B 3478 -58.59 74.60 -46.62
CA GLU B 3478 -59.50 73.50 -46.38
C GLU B 3478 -59.33 72.87 -45.01
N THR B 3479 -58.13 72.95 -44.43
CA THR B 3479 -57.93 72.40 -43.10
C THR B 3479 -58.61 73.25 -42.04
N LEU B 3480 -58.77 74.55 -42.30
CA LEU B 3480 -59.54 75.40 -41.41
C LEU B 3480 -61.04 75.13 -41.53
N SER B 3481 -61.46 74.32 -42.50
CA SER B 3481 -62.81 73.77 -42.52
C SER B 3481 -62.86 72.40 -41.87
N LEU B 3482 -61.80 71.61 -42.04
CA LEU B 3482 -61.72 70.31 -41.37
C LEU B 3482 -61.70 70.47 -39.85
N MET B 3483 -61.05 71.53 -39.36
CA MET B 3483 -60.90 71.72 -37.93
C MET B 3483 -62.24 71.71 -37.21
N THR B 3484 -63.31 72.09 -37.88
CA THR B 3484 -64.64 72.03 -37.29
C THR B 3484 -64.96 70.62 -36.82
N LYS B 3485 -64.79 69.64 -37.70
CA LYS B 3485 -65.02 68.24 -37.32
C LYS B 3485 -63.81 67.62 -36.64
N GLU B 3486 -62.65 68.27 -36.69
CA GLU B 3486 -61.46 67.73 -36.05
C GLU B 3486 -61.56 67.70 -34.53
N ILE B 3487 -62.54 68.39 -33.94
CA ILE B 3487 -62.70 68.36 -32.49
C ILE B 3487 -63.10 66.97 -32.04
N SER B 3488 -64.25 66.48 -32.53
CA SER B 3488 -64.77 65.18 -32.14
C SER B 3488 -64.38 64.07 -33.09
N SER B 3489 -63.58 64.38 -34.12
CA SER B 3489 -63.10 63.33 -35.02
C SER B 3489 -62.26 62.31 -34.28
N VAL B 3490 -61.67 62.71 -33.15
CA VAL B 3490 -60.98 61.81 -32.23
C VAL B 3490 -60.82 62.53 -30.90
N PRO B 3491 -61.90 62.64 -30.11
CA PRO B 3491 -61.82 63.35 -28.83
C PRO B 3491 -61.11 62.57 -27.73
N CYS B 3492 -60.39 61.52 -28.10
CA CYS B 3492 -59.66 60.71 -27.13
C CYS B 3492 -58.51 61.53 -26.54
N TRP B 3493 -57.74 60.89 -25.67
CA TRP B 3493 -56.68 61.57 -24.93
C TRP B 3493 -55.34 61.07 -25.43
N GLN B 3494 -54.85 61.74 -26.46
CA GLN B 3494 -53.55 61.42 -27.06
C GLN B 3494 -52.88 62.76 -27.26
N PHE B 3495 -51.81 62.75 -28.05
CA PHE B 3495 -50.99 63.91 -28.38
C PHE B 3495 -50.13 64.32 -27.21
N ILE B 3496 -50.13 63.54 -26.13
CA ILE B 3496 -49.31 63.88 -24.98
C ILE B 3496 -47.84 63.84 -25.38
N SER B 3497 -47.48 62.89 -26.23
CA SER B 3497 -46.17 62.95 -26.87
C SER B 3497 -46.11 64.02 -27.94
N TRP B 3498 -47.25 64.40 -28.51
CA TRP B 3498 -47.32 65.48 -29.48
C TRP B 3498 -47.59 66.83 -28.82
N ILE B 3499 -47.64 66.88 -27.50
CA ILE B 3499 -48.08 68.09 -26.80
C ILE B 3499 -47.26 69.29 -27.24
N SER B 3500 -45.95 69.09 -27.42
CA SER B 3500 -45.09 70.17 -27.85
C SER B 3500 -45.58 70.78 -29.15
N HIS B 3501 -46.02 69.93 -30.08
CA HIS B 3501 -46.40 70.38 -31.41
C HIS B 3501 -47.45 71.48 -31.34
N MET B 3502 -48.63 71.15 -30.83
CA MET B 3502 -49.70 72.13 -30.83
C MET B 3502 -49.55 73.17 -29.73
N VAL B 3503 -48.82 72.87 -28.65
CA VAL B 3503 -48.68 73.92 -27.63
C VAL B 3503 -47.78 75.02 -28.18
N ALA B 3504 -46.82 74.67 -29.03
CA ALA B 3504 -46.10 75.69 -29.79
C ALA B 3504 -46.99 76.29 -30.87
N LEU B 3505 -47.80 75.45 -31.52
CA LEU B 3505 -48.76 75.94 -32.49
C LEU B 3505 -49.84 76.78 -31.82
N LEU B 3506 -49.99 76.64 -30.50
CA LEU B 3506 -50.97 77.42 -29.77
C LEU B 3506 -50.78 78.92 -29.98
N ASP B 3507 -49.55 79.40 -29.82
CA ASP B 3507 -49.30 80.83 -29.97
C ASP B 3507 -49.60 81.30 -31.38
N LYS B 3508 -49.48 80.42 -32.37
CA LYS B 3508 -49.79 80.77 -33.74
C LYS B 3508 -51.30 80.89 -33.94
N ASP B 3509 -51.68 81.75 -34.87
CA ASP B 3509 -53.08 81.92 -35.25
C ASP B 3509 -53.49 80.89 -36.30
N GLN B 3510 -53.15 79.63 -36.02
CA GLN B 3510 -53.55 78.53 -36.89
C GLN B 3510 -54.87 77.95 -36.39
N ALA B 3511 -55.28 76.79 -36.90
CA ALA B 3511 -56.56 76.20 -36.53
C ALA B 3511 -56.71 76.10 -35.03
N VAL B 3512 -57.67 76.84 -34.47
CA VAL B 3512 -57.84 76.88 -33.02
C VAL B 3512 -58.55 75.65 -32.48
N ALA B 3513 -59.08 74.79 -33.34
CA ALA B 3513 -59.79 73.61 -32.87
C ALA B 3513 -58.88 72.70 -32.06
N VAL B 3514 -57.64 72.54 -32.50
CA VAL B 3514 -56.70 71.73 -31.74
C VAL B 3514 -56.41 72.38 -30.39
N GLN B 3515 -56.30 73.71 -30.35
CA GLN B 3515 -56.14 74.41 -29.08
C GLN B 3515 -57.33 74.15 -28.16
N HIS B 3516 -58.55 74.21 -28.70
CA HIS B 3516 -59.71 73.88 -27.88
C HIS B 3516 -59.64 72.45 -27.36
N SER B 3517 -59.35 71.50 -28.25
CA SER B 3517 -59.35 70.10 -27.86
C SER B 3517 -58.34 69.85 -26.75
N VAL B 3518 -57.13 70.39 -26.91
CA VAL B 3518 -56.14 70.23 -25.85
C VAL B 3518 -56.57 70.97 -24.61
N GLU B 3519 -57.37 72.03 -24.76
CA GLU B 3519 -57.91 72.71 -23.59
C GLU B 3519 -58.77 71.76 -22.77
N GLU B 3520 -59.71 71.06 -23.41
CA GLU B 3520 -60.50 70.12 -22.61
C GLU B 3520 -59.67 68.95 -22.12
N ILE B 3521 -58.69 68.49 -22.91
CA ILE B 3521 -57.88 67.37 -22.47
C ILE B 3521 -57.10 67.73 -21.21
N THR B 3522 -56.46 68.89 -21.21
CA THR B 3522 -55.75 69.32 -20.01
C THR B 3522 -56.71 69.70 -18.90
N ASP B 3523 -57.95 70.05 -19.23
CA ASP B 3523 -58.97 70.15 -18.19
C ASP B 3523 -59.16 68.81 -17.52
N ASN B 3524 -59.21 67.74 -18.31
CA ASN B 3524 -59.20 66.40 -17.73
C ASN B 3524 -57.87 66.08 -17.08
N TYR B 3525 -56.77 66.35 -17.79
CA TYR B 3525 -55.43 65.93 -17.38
C TYR B 3525 -54.55 67.16 -17.31
N PRO B 3526 -54.60 67.90 -16.20
CA PRO B 3526 -53.75 69.09 -16.08
C PRO B 3526 -52.26 68.78 -16.17
N GLN B 3527 -51.86 67.62 -15.67
CA GLN B 3527 -50.45 67.25 -15.72
C GLN B 3527 -50.04 66.97 -17.16
N ALA B 3528 -48.73 67.06 -17.39
CA ALA B 3528 -48.06 66.89 -18.68
C ALA B 3528 -48.35 68.02 -19.66
N ILE B 3529 -49.20 68.96 -19.31
CA ILE B 3529 -49.38 70.18 -20.09
C ILE B 3529 -48.80 71.39 -19.39
N VAL B 3530 -48.61 71.33 -18.07
CA VAL B 3530 -48.16 72.49 -17.31
C VAL B 3530 -46.87 73.04 -17.89
N TYR B 3531 -45.80 72.24 -17.90
CA TYR B 3531 -44.54 72.71 -18.45
C TYR B 3531 -44.60 73.04 -19.94
N PRO B 3532 -45.22 72.21 -20.80
CA PRO B 3532 -45.37 72.63 -22.20
C PRO B 3532 -46.07 73.97 -22.33
N PHE B 3533 -47.07 74.22 -21.48
CA PHE B 3533 -47.70 75.53 -21.47
C PHE B 3533 -46.71 76.61 -21.05
N ILE B 3534 -45.91 76.33 -20.02
CA ILE B 3534 -44.98 77.34 -19.50
C ILE B 3534 -44.00 77.75 -20.58
N ILE B 3535 -43.38 76.78 -21.24
CA ILE B 3535 -42.40 77.11 -22.27
C ILE B 3535 -43.08 77.82 -23.44
N SER B 3536 -44.31 77.41 -23.76
CA SER B 3536 -45.03 78.07 -24.85
C SER B 3536 -45.49 79.46 -24.46
N SER B 3537 -45.91 79.63 -23.19
CA SER B 3537 -46.37 80.92 -22.73
C SER B 3537 -45.28 81.97 -22.86
N GLU B 3538 -44.01 81.56 -22.86
CA GLU B 3538 -42.92 82.48 -23.15
C GLU B 3538 -42.91 82.93 -24.59
N SER B 3539 -43.73 82.34 -25.45
CA SER B 3539 -43.86 82.74 -26.84
C SER B 3539 -42.54 82.66 -27.58
N THR B 3545 -52.33 90.45 -31.70
CA THR B 3545 -52.65 91.02 -33.00
C THR B 3545 -54.16 91.15 -33.18
N SER B 3546 -54.58 91.33 -34.42
CA SER B 3546 -56.01 91.30 -34.73
C SER B 3546 -56.61 89.93 -34.47
N THR B 3547 -55.78 88.88 -34.49
CA THR B 3547 -56.20 87.53 -34.16
C THR B 3547 -55.34 86.88 -33.09
N GLY B 3548 -54.11 87.33 -32.88
CA GLY B 3548 -53.27 86.74 -31.84
C GLY B 3548 -53.89 86.83 -30.47
N HIS B 3549 -54.74 87.83 -30.24
CA HIS B 3549 -55.47 87.91 -28.97
C HIS B 3549 -56.35 86.68 -28.77
N LYS B 3550 -56.83 86.07 -29.86
CA LYS B 3550 -57.54 84.80 -29.71
C LYS B 3550 -56.67 83.78 -29.01
N ASN B 3551 -55.39 83.72 -29.37
CA ASN B 3551 -54.44 82.94 -28.59
C ASN B 3551 -54.38 83.46 -27.16
N LYS B 3552 -54.19 84.77 -27.00
CA LYS B 3552 -54.05 85.34 -25.67
C LYS B 3552 -55.31 85.11 -24.84
N GLU B 3553 -56.47 85.49 -25.37
CA GLU B 3553 -57.71 85.22 -24.68
C GLU B 3553 -57.91 83.74 -24.46
N PHE B 3554 -57.24 82.90 -25.25
CA PHE B 3554 -57.21 81.48 -24.96
C PHE B 3554 -56.34 81.19 -23.75
N VAL B 3555 -55.06 81.60 -23.81
CA VAL B 3555 -54.11 81.18 -22.80
C VAL B 3555 -54.53 81.67 -21.43
N ALA B 3556 -55.10 82.88 -21.37
CA ALA B 3556 -55.71 83.36 -20.13
C ALA B 3556 -56.68 82.33 -19.59
N ARG B 3557 -57.72 82.03 -20.38
CA ARG B 3557 -58.68 81.02 -19.98
C ARG B 3557 -58.00 79.69 -19.74
N ILE B 3558 -56.84 79.46 -20.37
CA ILE B 3558 -56.05 78.28 -20.06
C ILE B 3558 -55.50 78.38 -18.64
N LYS B 3559 -54.66 79.40 -18.40
CA LYS B 3559 -53.98 79.49 -17.12
C LYS B 3559 -54.94 79.72 -15.97
N SER B 3560 -56.14 80.26 -16.27
CA SER B 3560 -57.16 80.38 -15.24
C SER B 3560 -57.54 79.01 -14.70
N LYS B 3561 -57.71 78.03 -15.60
CA LYS B 3561 -57.94 76.67 -15.15
C LYS B 3561 -56.73 76.12 -14.43
N LEU B 3562 -55.54 76.53 -14.84
CA LEU B 3562 -54.30 76.05 -14.24
C LEU B 3562 -54.17 76.66 -12.86
N ASP B 3563 -54.58 75.91 -11.86
CA ASP B 3563 -54.61 76.37 -10.48
C ASP B 3563 -53.42 75.78 -9.72
N GLN B 3564 -53.28 76.22 -8.46
CA GLN B 3564 -52.19 75.81 -7.57
C GLN B 3564 -50.83 75.82 -8.26
N GLY B 3565 -50.69 76.69 -9.27
CA GLY B 3565 -49.41 76.87 -9.92
C GLY B 3565 -48.35 77.44 -9.02
N GLY B 3566 -48.74 77.98 -7.87
CA GLY B 3566 -47.76 78.40 -6.88
C GLY B 3566 -46.93 77.24 -6.37
N VAL B 3567 -47.47 76.03 -6.37
CA VAL B 3567 -46.68 74.86 -6.07
C VAL B 3567 -45.56 74.71 -7.08
N ILE B 3568 -45.90 74.84 -8.36
CA ILE B 3568 -44.92 74.77 -9.43
C ILE B 3568 -43.89 75.88 -9.26
N GLN B 3569 -44.35 77.07 -8.88
CA GLN B 3569 -43.43 78.19 -8.75
C GLN B 3569 -42.47 77.99 -7.57
N ASP B 3570 -42.97 77.49 -6.45
CA ASP B 3570 -42.10 77.14 -5.34
C ASP B 3570 -41.08 76.10 -5.76
N PHE B 3571 -41.53 75.12 -6.55
CA PHE B 3571 -40.62 74.14 -7.11
C PHE B 3571 -39.52 74.83 -7.92
N ILE B 3572 -39.91 75.75 -8.79
CA ILE B 3572 -38.96 76.44 -9.66
C ILE B 3572 -37.96 77.22 -8.83
N ASN B 3573 -38.45 77.96 -7.84
CA ASN B 3573 -37.58 78.79 -7.02
C ASN B 3573 -36.62 77.94 -6.21
N ALA B 3574 -37.10 76.81 -5.70
CA ALA B 3574 -36.22 75.90 -4.98
C ALA B 3574 -35.13 75.36 -5.88
N LEU B 3575 -35.47 74.99 -7.11
CA LEU B 3575 -34.46 74.56 -8.05
C LEU B 3575 -33.46 75.67 -8.33
N ASP B 3576 -33.95 76.90 -8.44
CA ASP B 3576 -33.06 78.04 -8.62
C ASP B 3576 -32.09 78.16 -7.46
N GLN B 3577 -32.60 77.99 -6.23
CA GLN B 3577 -31.73 78.01 -5.07
C GLN B 3577 -30.69 76.90 -5.16
N LEU B 3578 -31.09 75.74 -5.68
CA LEU B 3578 -30.13 74.67 -5.91
C LEU B 3578 -29.10 75.07 -6.96
N SER B 3579 -29.54 75.76 -8.01
CA SER B 3579 -28.64 76.15 -9.08
C SER B 3579 -27.63 77.18 -8.57
N ASN B 3580 -26.39 77.02 -8.99
CA ASN B 3580 -25.34 77.95 -8.59
C ASN B 3580 -25.47 79.24 -9.39
N PRO B 3581 -25.60 80.40 -8.76
CA PRO B 3581 -25.91 81.63 -9.50
C PRO B 3581 -24.80 82.10 -10.41
N GLU B 3582 -23.58 81.63 -10.22
CA GLU B 3582 -22.47 82.11 -11.04
C GLU B 3582 -22.67 81.74 -12.50
N LEU B 3583 -23.19 80.54 -12.76
CA LEU B 3583 -23.54 80.18 -14.13
C LEU B 3583 -24.57 81.15 -14.69
N LEU B 3584 -25.52 81.57 -13.85
CA LEU B 3584 -26.51 82.55 -14.28
C LEU B 3584 -25.83 83.86 -14.66
N PHE B 3585 -24.82 84.27 -13.88
CA PHE B 3585 -24.08 85.47 -14.22
C PHE B 3585 -23.33 85.30 -15.53
N LYS B 3586 -22.76 84.13 -15.76
CA LYS B 3586 -22.07 83.87 -17.02
C LYS B 3586 -23.04 84.00 -18.19
N ASP B 3587 -24.20 83.38 -18.07
CA ASP B 3587 -25.19 83.45 -19.14
C ASP B 3587 -25.68 84.88 -19.34
N TRP B 3588 -25.83 85.62 -18.25
CA TRP B 3588 -26.22 87.01 -18.34
C TRP B 3588 -25.18 87.82 -19.10
N SER B 3589 -23.90 87.58 -18.83
CA SER B 3589 -22.84 88.29 -19.53
C SER B 3589 -22.83 87.94 -21.01
N ASN B 3590 -22.95 86.64 -21.32
CA ASN B 3590 -22.98 86.23 -22.72
C ASN B 3590 -24.17 86.85 -23.43
N ASP B 3591 -25.31 86.92 -22.76
CA ASP B 3591 -26.49 87.53 -23.35
C ASP B 3591 -26.28 89.01 -23.57
N VAL B 3592 -25.80 89.73 -22.55
CA VAL B 3592 -25.66 91.18 -22.66
C VAL B 3592 -24.63 91.55 -23.72
N ARG B 3593 -23.68 90.65 -24.00
CA ARG B 3593 -22.76 90.89 -25.11
C ARG B 3593 -23.53 91.13 -26.41
N ALA B 3594 -24.52 90.28 -26.69
CA ALA B 3594 -25.35 90.47 -27.87
C ALA B 3594 -26.38 91.58 -27.66
N GLU B 3595 -26.87 91.74 -26.43
CA GLU B 3595 -27.80 92.82 -26.13
C GLU B 3595 -27.20 94.19 -26.46
N LEU B 3596 -25.87 94.29 -26.46
CA LEU B 3596 -25.18 95.47 -26.94
C LEU B 3596 -25.61 95.82 -28.38
N LYS B 3604 -32.70 99.72 -23.37
CA LYS B 3604 -34.04 99.20 -23.66
C LYS B 3604 -34.07 97.68 -23.55
N ASN B 3605 -33.13 97.02 -24.22
CA ASN B 3605 -32.88 95.60 -24.00
C ASN B 3605 -31.73 95.34 -23.05
N ILE B 3606 -30.72 96.21 -23.06
CA ILE B 3606 -29.68 96.17 -22.03
C ILE B 3606 -30.31 96.38 -20.66
N GLU B 3607 -31.21 97.35 -20.55
CA GLU B 3607 -31.95 97.55 -19.31
C GLU B 3607 -32.85 96.35 -19.02
N LYS B 3608 -33.38 95.70 -20.06
CA LYS B 3608 -34.21 94.52 -19.85
C LYS B 3608 -33.41 93.42 -19.16
N MET B 3609 -32.19 93.15 -19.64
CA MET B 3609 -31.39 92.11 -19.02
C MET B 3609 -30.84 92.55 -17.67
N TYR B 3610 -30.58 93.86 -17.52
CA TYR B 3610 -30.18 94.37 -16.22
C TYR B 3610 -31.26 94.12 -15.18
N GLU B 3611 -32.51 94.38 -15.54
CA GLU B 3611 -33.64 94.09 -14.66
C GLU B 3611 -33.76 92.60 -14.40
N ARG B 3612 -33.62 91.78 -15.45
CA ARG B 3612 -33.73 90.34 -15.26
C ARG B 3612 -32.69 89.83 -14.29
N MET B 3613 -31.46 90.31 -14.44
CA MET B 3613 -30.36 89.82 -13.62
C MET B 3613 -30.47 90.38 -12.20
N TYR B 3614 -31.01 91.58 -12.08
CA TYR B 3614 -31.36 92.13 -10.77
C TYR B 3614 -32.36 91.25 -10.07
N ALA B 3615 -33.38 90.80 -10.79
CA ALA B 3615 -34.30 89.81 -10.25
C ALA B 3615 -33.56 88.53 -9.90
N ALA B 3616 -32.50 88.21 -10.65
CA ALA B 3616 -31.70 87.03 -10.34
C ALA B 3616 -30.84 87.26 -9.10
N LEU B 3617 -29.89 88.20 -9.18
CA LEU B 3617 -28.96 88.43 -8.08
C LEU B 3617 -29.17 89.74 -7.35
N GLY B 3618 -29.69 90.78 -8.02
CA GLY B 3618 -29.78 92.08 -7.38
C GLY B 3618 -30.65 92.07 -6.14
N ASP B 3619 -31.65 91.19 -6.11
CA ASP B 3619 -32.43 91.00 -4.90
C ASP B 3619 -31.57 90.37 -3.80
N PRO B 3620 -31.74 90.82 -2.55
CA PRO B 3620 -31.01 90.19 -1.43
C PRO B 3620 -31.78 89.09 -0.73
N LYS B 3621 -33.09 89.01 -0.93
CA LYS B 3621 -33.93 88.02 -0.29
C LYS B 3621 -34.47 87.06 -1.34
N ALA B 3622 -34.45 85.77 -1.03
CA ALA B 3622 -34.85 84.73 -1.96
C ALA B 3622 -36.03 83.96 -1.38
N PRO B 3623 -37.15 83.87 -2.10
CA PRO B 3623 -38.23 82.97 -1.66
C PRO B 3623 -37.73 81.54 -1.59
N GLY B 3624 -38.23 80.81 -0.60
CA GLY B 3624 -37.74 79.47 -0.33
C GLY B 3624 -36.55 79.51 0.60
N LEU B 3625 -36.45 78.53 1.49
CA LEU B 3625 -35.39 78.56 2.49
C LEU B 3625 -34.04 78.24 1.85
N GLY B 3626 -33.37 79.26 1.35
CA GLY B 3626 -32.05 79.12 0.79
C GLY B 3626 -31.05 79.93 1.59
N ALA B 3627 -29.81 79.45 1.62
CA ALA B 3627 -28.72 80.16 2.27
C ALA B 3627 -27.56 80.44 1.35
N PHE B 3628 -27.18 79.49 0.51
CA PHE B 3628 -26.07 79.64 -0.43
C PHE B 3628 -26.30 80.79 -1.40
N ARG B 3629 -27.27 80.60 -2.30
CA ARG B 3629 -27.58 81.67 -3.25
C ARG B 3629 -28.13 82.88 -2.53
N ARG B 3630 -28.82 82.66 -1.41
CA ARG B 3630 -29.33 83.78 -0.63
C ARG B 3630 -28.20 84.68 -0.15
N LYS B 3631 -27.19 84.11 0.50
CA LYS B 3631 -26.09 84.91 0.97
C LYS B 3631 -25.29 85.50 -0.19
N PHE B 3632 -25.16 84.76 -1.28
CA PHE B 3632 -24.36 85.29 -2.39
C PHE B 3632 -25.05 86.45 -3.09
N ILE B 3633 -26.37 86.36 -3.31
CA ILE B 3633 -27.08 87.50 -3.88
C ILE B 3633 -27.00 88.68 -2.94
N GLN B 3634 -27.26 88.45 -1.64
CA GLN B 3634 -27.23 89.56 -0.69
C GLN B 3634 -25.85 90.14 -0.53
N THR B 3635 -24.79 89.41 -0.91
CA THR B 3635 -23.45 89.96 -0.81
C THR B 3635 -22.98 90.64 -2.08
N PHE B 3636 -23.46 90.21 -3.26
CA PHE B 3636 -22.85 90.71 -4.49
C PHE B 3636 -23.82 91.33 -5.49
N GLY B 3637 -25.10 90.98 -5.47
CA GLY B 3637 -26.03 91.59 -6.41
C GLY B 3637 -26.14 93.09 -6.19
N LYS B 3638 -26.07 93.52 -4.92
CA LYS B 3638 -26.08 94.94 -4.60
C LYS B 3638 -24.90 95.65 -5.25
N GLU B 3639 -23.71 95.08 -5.12
CA GLU B 3639 -22.53 95.68 -5.71
C GLU B 3639 -22.61 95.69 -7.23
N PHE B 3640 -23.20 94.65 -7.80
CA PHE B 3640 -23.42 94.62 -9.25
C PHE B 3640 -24.32 95.76 -9.69
N ASP B 3641 -25.42 95.97 -8.96
CA ASP B 3641 -26.33 97.07 -9.29
C ASP B 3641 -25.63 98.41 -9.16
N LYS B 3642 -24.85 98.59 -8.10
CA LYS B 3642 -24.11 99.83 -7.92
C LYS B 3642 -23.11 100.05 -9.04
N HIS B 3643 -22.48 98.98 -9.52
CA HIS B 3643 -21.52 99.10 -10.61
C HIS B 3643 -22.19 99.63 -11.88
N PHE B 3644 -23.39 99.14 -12.17
CA PHE B 3644 -24.02 99.40 -13.46
C PHE B 3644 -25.23 100.31 -13.28
N GLY B 3645 -24.98 101.61 -13.29
CA GLY B 3645 -26.02 102.53 -13.71
C GLY B 3645 -26.24 102.48 -15.20
N LYS B 3646 -25.28 101.94 -15.94
CA LYS B 3646 -25.42 101.73 -17.37
C LYS B 3646 -26.60 100.80 -17.64
N GLY B 3647 -27.34 101.09 -18.70
CA GLY B 3647 -28.55 100.34 -19.01
C GLY B 3647 -29.68 100.70 -18.06
N SER B 3657 -18.70 97.52 -22.22
CA SER B 3657 -19.12 96.13 -22.42
C SER B 3657 -18.04 95.17 -21.91
N ASP B 3658 -16.78 95.56 -22.07
CA ASP B 3658 -15.69 94.81 -21.47
C ASP B 3658 -15.81 94.82 -19.95
N PHE B 3659 -16.29 95.94 -19.40
CA PHE B 3659 -16.49 96.04 -17.95
C PHE B 3659 -17.49 95.01 -17.45
N ASN B 3660 -18.43 94.61 -18.30
CA ASN B 3660 -19.34 93.51 -17.94
C ASN B 3660 -18.55 92.25 -17.66
N ASP B 3661 -17.65 91.88 -18.57
CA ASP B 3661 -16.82 90.70 -18.35
C ASP B 3661 -15.87 90.91 -17.18
N ILE B 3662 -15.47 92.15 -16.93
CA ILE B 3662 -14.63 92.45 -15.77
C ILE B 3662 -15.38 92.10 -14.48
N THR B 3663 -16.61 92.59 -14.34
CA THR B 3663 -17.42 92.25 -13.18
C THR B 3663 -17.68 90.75 -13.12
N ASN B 3664 -17.88 90.13 -14.28
CA ASN B 3664 -18.12 88.69 -14.31
C ASN B 3664 -16.94 87.92 -13.73
N MET B 3665 -15.72 88.27 -14.15
CA MET B 3665 -14.54 87.58 -13.62
C MET B 3665 -14.35 87.90 -12.15
N LEU B 3666 -14.64 89.15 -11.75
CA LEU B 3666 -14.53 89.51 -10.34
C LEU B 3666 -15.44 88.63 -9.49
N LEU B 3667 -16.68 88.41 -9.94
CA LEU B 3667 -17.60 87.60 -9.16
C LEU B 3667 -17.23 86.12 -9.20
N LEU B 3668 -16.80 85.62 -10.36
CA LEU B 3668 -16.58 84.19 -10.48
C LEU B 3668 -15.30 83.74 -9.79
N LYS B 3669 -14.29 84.62 -9.67
CA LYS B 3669 -12.98 84.17 -9.26
C LYS B 3669 -13.03 83.44 -7.92
N MET B 3670 -13.89 83.88 -7.01
CA MET B 3670 -14.06 83.23 -5.71
C MET B 3670 -15.55 83.05 -5.49
N ASN B 3671 -16.09 81.94 -6.01
CA ASN B 3671 -17.53 81.68 -5.95
C ASN B 3671 -17.74 80.22 -6.34
N LYS B 3672 -19.01 79.83 -6.53
CA LYS B 3672 -19.40 78.51 -7.04
C LYS B 3672 -18.95 77.39 -6.09
N ASP B 3673 -19.57 77.36 -4.92
CA ASP B 3673 -19.34 76.31 -3.95
C ASP B 3673 -20.51 75.34 -3.92
N SER B 3674 -20.21 74.05 -3.79
CA SER B 3674 -21.25 73.03 -3.68
C SER B 3674 -21.92 73.14 -2.32
N LYS B 3675 -23.10 73.77 -2.28
CA LYS B 3675 -23.77 74.00 -1.01
C LYS B 3675 -25.27 74.12 -1.21
N PRO B 3676 -26.03 73.06 -0.95
CA PRO B 3676 -27.48 73.17 -0.96
C PRO B 3676 -27.99 73.86 0.29
N PRO B 3677 -29.17 74.45 0.26
CA PRO B 3677 -29.73 75.03 1.49
C PRO B 3677 -30.08 73.93 2.47
N GLY B 3678 -29.07 73.38 3.13
CA GLY B 3678 -29.23 72.13 3.84
C GLY B 3678 -29.25 70.99 2.85
N ASN B 3679 -28.69 69.84 3.22
CA ASN B 3679 -28.72 68.69 2.33
C ASN B 3679 -30.15 68.29 2.03
N LEU B 3680 -31.00 68.29 3.05
CA LEU B 3680 -32.43 68.27 2.81
C LEU B 3680 -32.85 69.60 2.18
N LYS B 3681 -33.70 69.50 1.16
CA LYS B 3681 -34.03 70.68 0.36
C LYS B 3681 -34.90 71.66 1.12
N GLU B 3682 -34.27 72.63 1.77
CA GLU B 3682 -35.03 73.61 2.55
C GLU B 3682 -35.69 74.64 1.66
N CYS B 3683 -35.07 74.99 0.54
CA CYS B 3683 -35.66 75.96 -0.37
C CYS B 3683 -37.04 75.50 -0.85
N SER B 3684 -37.25 74.19 -0.96
CA SER B 3684 -38.59 73.68 -1.21
C SER B 3684 -39.15 73.17 0.10
N PRO B 3685 -40.07 73.90 0.74
CA PRO B 3685 -40.67 73.38 1.97
C PRO B 3685 -41.35 72.04 1.76
N TRP B 3686 -42.04 71.86 0.63
CA TRP B 3686 -42.68 70.57 0.38
C TRP B 3686 -41.65 69.46 0.27
N MET B 3687 -40.52 69.74 -0.36
CA MET B 3687 -39.43 68.76 -0.36
C MET B 3687 -38.96 68.49 1.06
N SER B 3688 -38.90 69.54 1.89
CA SER B 3688 -38.49 69.38 3.27
C SER B 3688 -39.57 68.68 4.10
N ASP B 3689 -40.81 69.12 3.94
CA ASP B 3689 -41.86 68.72 4.88
C ASP B 3689 -43.22 68.89 4.19
N PHE B 3690 -44.28 68.99 4.98
CA PHE B 3690 -45.64 69.22 4.50
C PHE B 3690 -46.12 68.07 3.62
N LYS B 3691 -46.31 66.92 4.26
CA LYS B 3691 -47.22 65.95 3.70
C LYS B 3691 -48.57 66.63 3.50
N VAL B 3692 -49.16 66.45 2.33
CA VAL B 3692 -50.38 67.15 1.95
C VAL B 3692 -51.57 66.23 2.20
N GLU B 3693 -52.55 66.73 2.97
CA GLU B 3693 -53.78 66.00 3.23
C GLU B 3693 -54.89 66.47 2.29
N PHE B 3694 -55.22 67.77 2.35
CA PHE B 3694 -56.18 68.35 1.43
C PHE B 3694 -55.79 69.78 1.02
N LEU B 3695 -54.60 70.25 1.37
CA LEU B 3695 -54.26 71.64 1.12
C LEU B 3695 -53.97 71.89 -0.36
N ARG B 3696 -53.10 71.08 -0.95
CA ARG B 3696 -52.85 71.15 -2.38
C ARG B 3696 -53.08 69.78 -2.99
N ASN B 3697 -52.70 69.60 -4.24
CA ASN B 3697 -52.86 68.33 -4.94
C ASN B 3697 -51.50 67.70 -5.14
N GLU B 3698 -51.47 66.36 -5.10
CA GLU B 3698 -50.25 65.62 -5.37
C GLU B 3698 -49.73 65.98 -6.76
N LEU B 3699 -48.60 66.68 -6.82
CA LEU B 3699 -48.02 66.99 -8.11
C LEU B 3699 -47.57 65.70 -8.79
N GLU B 3700 -48.00 65.51 -10.03
CA GLU B 3700 -47.63 64.29 -10.74
C GLU B 3700 -46.14 64.29 -10.99
N ILE B 3701 -45.49 63.17 -10.71
CA ILE B 3701 -44.07 63.05 -11.03
C ILE B 3701 -43.88 63.19 -12.53
N PRO B 3702 -43.01 64.08 -12.99
CA PRO B 3702 -42.91 64.35 -14.43
C PRO B 3702 -42.56 63.09 -15.22
N GLY B 3703 -43.11 63.02 -16.43
CA GLY B 3703 -42.90 61.88 -17.28
C GLY B 3703 -43.76 60.69 -16.89
N GLN B 3704 -45.07 60.88 -16.92
CA GLN B 3704 -45.98 59.80 -16.59
C GLN B 3704 -47.19 59.72 -17.52
N TYR B 3705 -47.26 60.55 -18.55
CA TYR B 3705 -48.41 60.59 -19.45
C TYR B 3705 -47.90 60.30 -20.86
N ASP B 3706 -48.14 59.08 -21.35
CA ASP B 3706 -47.69 58.65 -22.66
C ASP B 3706 -48.80 57.85 -23.34
N GLY B 3707 -50.02 58.38 -23.32
CA GLY B 3707 -51.17 57.65 -23.78
C GLY B 3707 -51.21 57.48 -25.28
N ARG B 3708 -52.20 56.71 -25.72
CA ARG B 3708 -52.45 56.41 -27.12
C ARG B 3708 -53.90 56.71 -27.48
N GLY B 3709 -54.42 57.85 -27.01
CA GLY B 3709 -55.82 58.15 -27.05
C GLY B 3709 -56.56 57.71 -25.81
N LYS B 3710 -56.05 56.67 -25.15
CA LYS B 3710 -56.69 56.14 -23.97
C LYS B 3710 -56.69 57.18 -22.85
N PRO B 3711 -57.68 57.13 -21.96
CA PRO B 3711 -57.56 57.87 -20.71
C PRO B 3711 -56.46 57.29 -19.85
N LEU B 3712 -55.83 58.15 -19.08
CA LEU B 3712 -54.75 57.72 -18.20
C LEU B 3712 -55.31 57.34 -16.85
N PRO B 3713 -55.09 56.12 -16.39
CA PRO B 3713 -55.44 55.78 -15.00
C PRO B 3713 -54.66 56.68 -14.05
N GLU B 3714 -55.24 56.95 -12.90
CA GLU B 3714 -54.71 57.94 -11.98
C GLU B 3714 -54.20 57.32 -10.69
N TYR B 3715 -53.63 56.13 -10.76
CA TYR B 3715 -52.92 55.53 -9.64
C TYR B 3715 -51.41 55.50 -9.89
N HIS B 3716 -50.91 56.44 -10.68
CA HIS B 3716 -49.46 56.54 -10.89
C HIS B 3716 -48.82 56.96 -9.58
N VAL B 3717 -47.50 57.05 -9.56
CA VAL B 3717 -46.80 57.59 -8.40
C VAL B 3717 -46.64 59.09 -8.60
N ARG B 3718 -46.96 59.85 -7.57
CA ARG B 3718 -47.01 61.30 -7.63
C ARG B 3718 -46.18 61.86 -6.49
N ILE B 3719 -45.93 63.17 -6.54
CA ILE B 3719 -45.01 63.80 -5.62
C ILE B 3719 -45.65 63.88 -4.24
N ALA B 3720 -45.29 62.94 -3.36
CA ALA B 3720 -45.77 62.92 -1.99
C ALA B 3720 -44.89 61.97 -1.18
N GLY B 3721 -44.24 62.49 -0.15
CA GLY B 3721 -43.35 61.67 0.66
C GLY B 3721 -42.01 61.58 0.00
N PHE B 3722 -40.94 62.01 0.66
CA PHE B 3722 -39.69 62.28 -0.04
C PHE B 3722 -38.50 61.86 0.79
N ASP B 3723 -37.52 61.25 0.12
CA ASP B 3723 -36.24 60.90 0.70
C ASP B 3723 -35.20 61.77 -0.02
N GLU B 3724 -34.97 62.97 0.52
CA GLU B 3724 -34.27 64.02 -0.19
C GLU B 3724 -32.81 64.07 0.22
N ARG B 3725 -31.92 63.90 -0.76
CA ARG B 3725 -30.48 64.06 -0.54
C ARG B 3725 -29.86 64.37 -1.90
N VAL B 3726 -29.44 65.62 -2.09
CA VAL B 3726 -28.99 66.10 -3.38
C VAL B 3726 -27.50 65.83 -3.54
N THR B 3727 -27.09 65.53 -4.77
CA THR B 3727 -25.69 65.39 -5.14
C THR B 3727 -25.43 66.21 -6.39
N VAL B 3728 -24.28 66.86 -6.46
CA VAL B 3728 -23.91 67.64 -7.63
C VAL B 3728 -22.58 67.12 -8.16
N MET B 3729 -22.55 66.85 -9.46
CA MET B 3729 -21.32 66.51 -10.16
C MET B 3729 -21.11 67.51 -11.29
N ALA B 3730 -19.87 67.94 -11.47
CA ALA B 3730 -19.54 68.98 -12.43
C ALA B 3730 -19.15 68.33 -13.75
N SER B 3731 -20.04 68.42 -14.74
CA SER B 3731 -19.72 67.96 -16.08
C SER B 3731 -19.72 69.11 -17.09
N LEU B 3732 -20.83 69.79 -17.25
CA LEU B 3732 -20.92 71.00 -18.06
C LEU B 3732 -21.57 72.15 -17.33
N ARG B 3733 -22.60 71.87 -16.53
CA ARG B 3733 -23.29 72.88 -15.74
C ARG B 3733 -23.37 72.47 -14.28
N ARG B 3734 -22.59 71.47 -13.88
CA ARG B 3734 -22.68 70.84 -12.57
C ARG B 3734 -24.12 70.40 -12.30
N PRO B 3735 -24.63 69.41 -13.04
CA PRO B 3735 -26.01 68.97 -12.82
C PRO B 3735 -26.20 68.41 -11.42
N LYS B 3736 -27.45 68.50 -10.94
CA LYS B 3736 -27.78 68.18 -9.57
C LYS B 3736 -28.43 66.81 -9.52
N ARG B 3737 -27.69 65.83 -9.01
CA ARG B 3737 -28.30 64.53 -8.72
C ARG B 3737 -29.20 64.65 -7.50
N ILE B 3738 -30.42 64.16 -7.63
CA ILE B 3738 -31.42 64.27 -6.57
C ILE B 3738 -31.99 62.88 -6.30
N ILE B 3739 -32.69 62.77 -5.18
CA ILE B 3739 -33.39 61.55 -4.80
C ILE B 3739 -34.83 61.95 -4.50
N ILE B 3740 -35.75 61.55 -5.37
CA ILE B 3740 -37.13 62.00 -5.30
C ILE B 3740 -38.02 60.79 -5.03
N ARG B 3741 -38.66 60.78 -3.87
CA ARG B 3741 -39.59 59.72 -3.52
C ARG B 3741 -41.01 60.15 -3.83
N GLY B 3742 -41.85 59.17 -4.18
CA GLY B 3742 -43.25 59.39 -4.44
C GLY B 3742 -44.15 58.69 -3.44
N HIS B 3743 -45.46 58.88 -3.64
CA HIS B 3743 -46.42 58.32 -2.71
C HIS B 3743 -46.53 56.81 -2.80
N ASP B 3744 -45.92 56.18 -3.81
CA ASP B 3744 -45.76 54.73 -3.78
C ASP B 3744 -44.72 54.31 -2.77
N GLU B 3745 -44.05 55.28 -2.14
CA GLU B 3745 -42.92 55.04 -1.25
C GLU B 3745 -41.78 54.38 -2.01
N ARG B 3746 -41.30 55.10 -3.02
CA ARG B 3746 -40.14 54.66 -3.78
C ARG B 3746 -39.43 55.90 -4.30
N GLU B 3747 -38.13 55.98 -4.06
CA GLU B 3747 -37.35 57.10 -4.56
C GLU B 3747 -37.14 56.97 -6.06
N HIS B 3748 -37.17 58.10 -6.75
CA HIS B 3748 -36.92 58.17 -8.19
C HIS B 3748 -35.87 59.24 -8.41
N PRO B 3749 -34.60 58.89 -8.26
CA PRO B 3749 -33.53 59.87 -8.50
C PRO B 3749 -33.61 60.45 -9.89
N PHE B 3750 -33.29 61.73 -10.00
CA PHE B 3750 -33.33 62.44 -11.26
C PHE B 3750 -32.08 63.30 -11.37
N LEU B 3751 -31.98 64.04 -12.47
CA LEU B 3751 -30.92 65.01 -12.68
C LEU B 3751 -31.54 66.35 -13.05
N VAL B 3752 -30.87 67.42 -12.65
CA VAL B 3752 -31.38 68.78 -12.80
C VAL B 3752 -30.42 69.59 -13.66
N LYS B 3753 -30.99 70.35 -14.59
CA LYS B 3753 -30.21 71.22 -15.45
C LYS B 3753 -30.80 72.63 -15.39
N GLY B 3754 -29.93 73.63 -15.59
CA GLY B 3754 -30.38 75.00 -15.55
C GLY B 3754 -30.82 75.51 -16.90
N GLY B 3755 -30.14 76.54 -17.41
CA GLY B 3755 -30.47 77.10 -18.70
C GLY B 3755 -30.22 76.12 -19.84
N GLU B 3756 -30.21 76.66 -21.05
CA GLU B 3756 -30.04 75.88 -22.27
C GLU B 3756 -31.14 74.82 -22.38
N ASP B 3757 -32.35 75.32 -22.62
CA ASP B 3757 -33.59 74.57 -22.49
C ASP B 3757 -33.53 73.22 -23.19
N LEU B 3758 -34.32 72.28 -22.68
CA LEU B 3758 -34.39 70.91 -23.16
C LEU B 3758 -35.40 70.74 -24.29
N ARG B 3759 -35.98 71.83 -24.79
CA ARG B 3759 -36.95 71.72 -25.87
C ARG B 3759 -36.37 70.95 -27.04
N GLN B 3760 -35.13 71.27 -27.41
CA GLN B 3760 -34.43 70.46 -28.41
C GLN B 3760 -34.33 69.01 -27.95
N ASP B 3761 -33.94 68.79 -26.70
CA ASP B 3761 -33.82 67.43 -26.20
C ASP B 3761 -35.18 66.75 -26.07
N GLN B 3762 -36.22 67.51 -25.71
CA GLN B 3762 -37.56 66.94 -25.70
C GLN B 3762 -37.98 66.50 -27.10
N ARG B 3763 -37.68 67.33 -28.11
CA ARG B 3763 -37.93 66.92 -29.49
C ARG B 3763 -37.17 65.64 -29.82
N VAL B 3764 -35.93 65.55 -29.35
CA VAL B 3764 -35.11 64.36 -29.61
C VAL B 3764 -35.76 63.14 -29.00
N GLU B 3765 -36.27 63.26 -27.77
CA GLU B 3765 -36.94 62.14 -27.13
C GLU B 3765 -38.19 61.74 -27.90
N GLN B 3766 -38.96 62.72 -28.37
CA GLN B 3766 -40.14 62.39 -29.17
C GLN B 3766 -39.73 61.68 -30.45
N LEU B 3767 -38.63 62.10 -31.07
CA LEU B 3767 -38.13 61.42 -32.25
C LEU B 3767 -37.74 59.99 -31.92
N PHE B 3768 -37.11 59.79 -30.76
CA PHE B 3768 -36.80 58.43 -30.33
C PHE B 3768 -38.07 57.61 -30.26
N GLN B 3769 -39.10 58.15 -29.63
CA GLN B 3769 -40.36 57.43 -29.51
C GLN B 3769 -40.92 57.05 -30.88
N VAL B 3770 -40.93 58.02 -31.80
CA VAL B 3770 -41.56 57.75 -33.09
C VAL B 3770 -40.73 56.78 -33.92
N MET B 3771 -39.39 56.83 -33.81
CA MET B 3771 -38.62 55.87 -34.58
C MET B 3771 -38.71 54.48 -33.97
N ASN B 3772 -38.89 54.38 -32.65
CA ASN B 3772 -39.19 53.09 -32.06
C ASN B 3772 -40.51 52.56 -32.59
N GLY B 3773 -41.50 53.44 -32.72
CA GLY B 3773 -42.73 53.05 -33.38
C GLY B 3773 -42.50 52.59 -34.80
N ILE B 3774 -41.58 53.25 -35.52
CA ILE B 3774 -41.23 52.84 -36.87
C ILE B 3774 -40.69 51.42 -36.87
N LEU B 3775 -39.75 51.15 -35.96
CA LEU B 3775 -39.23 49.80 -35.83
C LEU B 3775 -40.34 48.80 -35.56
N ALA B 3776 -41.29 49.19 -34.71
CA ALA B 3776 -42.44 48.33 -34.46
C ALA B 3776 -43.21 48.06 -35.74
N GLN B 3777 -43.39 49.09 -36.57
CA GLN B 3777 -44.11 48.92 -37.82
C GLN B 3777 -43.30 48.13 -38.85
N ASP B 3778 -41.98 48.07 -38.69
CA ASP B 3778 -41.18 47.28 -39.61
C ASP B 3778 -41.41 45.79 -39.37
N SER B 3779 -41.16 45.00 -40.41
CA SER B 3779 -41.24 43.56 -40.32
C SER B 3779 -39.92 42.94 -39.84
N ALA B 3780 -38.81 43.33 -40.46
CA ALA B 3780 -37.54 42.66 -40.19
C ALA B 3780 -37.07 42.92 -38.77
N CYS B 3781 -36.81 44.19 -38.43
CA CYS B 3781 -36.22 44.49 -37.13
C CYS B 3781 -37.15 44.06 -36.00
N SER B 3782 -38.45 44.24 -36.20
CA SER B 3782 -39.40 43.74 -35.22
C SER B 3782 -39.29 42.23 -35.08
N GLN B 3783 -39.20 41.52 -36.20
CA GLN B 3783 -38.89 40.10 -36.15
C GLN B 3783 -37.53 39.87 -35.53
N ARG B 3784 -36.55 40.69 -35.91
CA ARG B 3784 -35.26 40.65 -35.25
C ARG B 3784 -35.32 41.18 -33.83
N ALA B 3785 -36.48 41.73 -33.43
CA ALA B 3785 -36.70 42.22 -32.06
C ALA B 3785 -35.71 43.34 -31.73
N LEU B 3786 -35.78 44.40 -32.52
CA LEU B 3786 -34.89 45.53 -32.38
C LEU B 3786 -35.69 46.71 -31.83
N GLN B 3787 -35.28 47.20 -30.66
CA GLN B 3787 -35.97 48.29 -30.00
C GLN B 3787 -34.97 49.21 -29.32
N LEU B 3788 -35.21 50.52 -29.46
CA LEU B 3788 -34.32 51.52 -28.91
C LEU B 3788 -34.78 51.95 -27.53
N ARG B 3789 -33.81 52.09 -26.62
CA ARG B 3789 -34.11 52.53 -25.26
C ARG B 3789 -34.37 54.03 -25.24
N THR B 3790 -35.34 54.44 -24.40
CA THR B 3790 -35.77 55.82 -24.36
C THR B 3790 -35.99 56.25 -22.92
N TYR B 3791 -35.69 57.52 -22.64
CA TYR B 3791 -35.86 58.09 -21.32
C TYR B 3791 -36.41 59.50 -21.44
N SER B 3792 -37.32 59.86 -20.54
CA SER B 3792 -38.00 61.14 -20.61
C SER B 3792 -37.15 62.26 -20.05
N VAL B 3793 -37.32 63.45 -20.63
CA VAL B 3793 -36.72 64.68 -20.12
C VAL B 3793 -37.80 65.75 -20.10
N VAL B 3794 -37.85 66.51 -19.02
CA VAL B 3794 -38.88 67.55 -18.89
C VAL B 3794 -38.22 68.90 -18.65
N PRO B 3795 -38.13 69.75 -19.68
CA PRO B 3795 -37.68 71.13 -19.46
C PRO B 3795 -38.70 71.90 -18.65
N MET B 3796 -38.31 72.32 -17.45
CA MET B 3796 -39.19 73.12 -16.60
C MET B 3796 -39.53 74.42 -17.30
N THR B 3797 -38.52 75.28 -17.49
CA THR B 3797 -38.68 76.53 -18.21
C THR B 3797 -37.54 76.69 -19.19
N SER B 3798 -37.41 77.87 -19.79
CA SER B 3798 -36.31 78.11 -20.73
C SER B 3798 -34.96 77.98 -20.03
N ARG B 3799 -34.86 78.49 -18.81
CA ARG B 3799 -33.60 78.51 -18.08
C ARG B 3799 -33.56 77.47 -16.97
N LEU B 3800 -34.39 76.43 -17.07
CA LEU B 3800 -34.46 75.43 -16.02
C LEU B 3800 -35.13 74.17 -16.55
N GLY B 3801 -34.55 73.02 -16.23
CA GLY B 3801 -35.09 71.76 -16.68
C GLY B 3801 -34.62 70.60 -15.84
N LEU B 3802 -35.39 69.52 -15.87
CA LEU B 3802 -35.09 68.32 -15.12
C LEU B 3802 -35.19 67.10 -16.02
N ILE B 3803 -34.25 66.18 -15.87
CA ILE B 3803 -34.23 64.93 -16.60
C ILE B 3803 -34.25 63.79 -15.59
N GLU B 3804 -34.51 62.59 -16.09
CA GLU B 3804 -34.61 61.41 -15.25
C GLU B 3804 -33.23 60.97 -14.80
N TRP B 3805 -33.18 59.80 -14.16
CA TRP B 3805 -31.91 59.14 -13.85
C TRP B 3805 -32.18 57.65 -13.86
N LEU B 3806 -31.47 56.92 -14.72
CA LEU B 3806 -31.78 55.50 -14.91
C LEU B 3806 -31.40 54.67 -13.70
N GLU B 3807 -30.43 55.13 -12.91
CA GLU B 3807 -30.07 54.54 -11.63
C GLU B 3807 -29.39 53.18 -11.80
N ASN B 3808 -29.37 52.67 -13.03
CA ASN B 3808 -28.56 51.52 -13.43
C ASN B 3808 -27.89 52.01 -14.70
N THR B 3809 -26.82 52.79 -14.52
CA THR B 3809 -26.41 53.73 -15.56
C THR B 3809 -24.88 53.79 -15.69
N VAL B 3810 -24.23 52.63 -15.69
CA VAL B 3810 -22.77 52.65 -15.72
C VAL B 3810 -22.29 53.18 -17.06
N THR B 3811 -21.36 54.13 -17.02
CA THR B 3811 -20.79 54.64 -18.24
C THR B 3811 -19.84 53.61 -18.84
N LEU B 3812 -19.64 53.74 -20.16
CA LEU B 3812 -18.73 52.86 -20.86
C LEU B 3812 -17.31 53.02 -20.32
N LYS B 3813 -16.91 54.27 -20.07
CA LYS B 3813 -15.55 54.55 -19.63
C LYS B 3813 -15.24 53.85 -18.33
N ASP B 3814 -16.11 53.99 -17.33
CA ASP B 3814 -15.88 53.29 -16.06
C ASP B 3814 -15.97 51.79 -16.24
N LEU B 3815 -17.00 51.32 -16.95
CA LEU B 3815 -17.25 49.89 -17.04
C LEU B 3815 -16.06 49.17 -17.64
N LEU B 3816 -15.47 49.72 -18.70
CA LEU B 3816 -14.23 49.13 -19.18
C LEU B 3816 -13.06 49.48 -18.27
N LEU B 3817 -13.15 50.60 -17.57
CA LEU B 3817 -12.10 51.02 -16.66
C LEU B 3817 -12.11 50.18 -15.38
N ASN B 3818 -13.29 49.88 -14.85
CA ASN B 3818 -13.35 49.15 -13.60
C ASN B 3818 -13.19 47.64 -13.77
N THR B 3819 -13.20 47.14 -15.01
CA THR B 3819 -12.98 45.72 -15.28
C THR B 3819 -11.69 45.59 -16.08
N MET B 3820 -10.57 45.66 -15.38
CA MET B 3820 -9.23 45.60 -15.94
C MET B 3820 -8.23 45.75 -14.80
N SER B 3821 -7.00 45.32 -15.05
CA SER B 3821 -6.02 45.23 -13.97
C SER B 3821 -5.64 46.61 -13.45
N GLN B 3822 -5.56 46.71 -12.12
CA GLN B 3822 -5.35 48.00 -11.47
C GLN B 3822 -4.02 48.63 -11.85
N GLU B 3823 -2.96 47.82 -11.89
CA GLU B 3823 -1.65 48.36 -12.26
C GLU B 3823 -1.69 48.95 -13.67
N GLU B 3824 -2.36 48.27 -14.59
CA GLU B 3824 -2.52 48.81 -15.93
C GLU B 3824 -3.34 50.09 -15.87
N LYS B 3825 -4.41 50.09 -15.07
CA LYS B 3825 -5.25 51.27 -14.90
C LYS B 3825 -4.40 52.49 -14.54
N ALA B 3826 -3.55 52.35 -13.54
CA ALA B 3826 -2.74 53.47 -13.09
C ALA B 3826 -1.70 53.85 -14.14
N ALA B 3827 -0.74 52.97 -14.37
CA ALA B 3827 0.43 53.33 -15.17
C ALA B 3827 0.06 53.51 -16.64
N TYR B 3828 -0.56 52.49 -17.22
CA TYR B 3828 -0.73 52.40 -18.66
C TYR B 3828 -1.67 53.49 -19.19
N LEU B 3829 -2.54 54.01 -18.34
CA LEU B 3829 -3.39 55.14 -18.69
C LEU B 3829 -2.83 56.46 -18.21
N SER B 3830 -1.90 56.46 -17.26
CA SER B 3830 -1.41 57.73 -16.72
C SER B 3830 -0.34 58.31 -17.63
N ASP B 3831 0.80 57.64 -17.74
CA ASP B 3831 1.89 58.24 -18.49
C ASP B 3831 1.72 58.16 -20.00
N PRO B 3832 1.74 56.95 -20.61
CA PRO B 3832 1.81 56.86 -22.07
C PRO B 3832 0.44 56.70 -22.73
N ARG B 3833 -0.50 57.57 -22.39
CA ARG B 3833 -1.82 57.48 -23.00
C ARG B 3833 -2.15 58.71 -23.84
N ALA B 3834 -2.27 59.87 -23.21
CA ALA B 3834 -2.51 61.09 -23.94
C ALA B 3834 -1.21 61.70 -24.49
N PRO B 3835 -0.12 61.74 -23.71
CA PRO B 3835 1.12 62.34 -24.23
C PRO B 3835 1.58 61.70 -25.53
N PRO B 3836 1.80 60.36 -25.58
CA PRO B 3836 2.60 59.80 -26.68
C PRO B 3836 2.08 60.12 -28.06
N CYS B 3837 0.85 59.71 -28.36
CA CYS B 3837 0.29 59.81 -29.69
C CYS B 3837 -0.78 60.89 -29.81
N GLU B 3838 -0.96 61.70 -28.78
CA GLU B 3838 -1.98 62.75 -28.86
C GLU B 3838 -1.43 64.11 -28.48
N TYR B 3839 -0.35 64.14 -27.70
CA TYR B 3839 0.25 65.41 -27.31
C TYR B 3839 1.52 65.69 -28.09
N LYS B 3840 2.52 64.82 -27.95
CA LYS B 3840 3.76 65.00 -28.72
C LYS B 3840 3.51 64.77 -30.20
N ASP B 3841 2.71 63.77 -30.54
CA ASP B 3841 2.48 63.43 -31.93
C ASP B 3841 1.91 64.60 -32.70
N TRP B 3842 0.96 65.32 -32.10
CA TRP B 3842 0.38 66.49 -32.74
C TRP B 3842 1.10 67.77 -32.38
N LEU B 3843 2.14 67.70 -31.55
CA LEU B 3843 2.94 68.88 -31.28
C LEU B 3843 3.74 69.24 -32.53
N ASP B 3851 0.97 70.97 -28.22
CA ASP B 3851 0.17 71.91 -27.45
C ASP B 3851 -0.96 72.50 -28.30
N VAL B 3852 -1.97 73.05 -27.62
CA VAL B 3852 -3.06 73.71 -28.32
C VAL B 3852 -2.54 74.94 -29.07
N GLY B 3853 -3.33 75.41 -30.01
CA GLY B 3853 -2.87 76.47 -30.90
C GLY B 3853 -2.04 75.94 -32.03
N ALA B 3854 -0.98 75.18 -31.72
CA ALA B 3854 -0.18 74.53 -32.75
C ALA B 3854 -0.86 73.29 -33.31
N TYR B 3855 -1.95 72.83 -32.70
CA TYR B 3855 -2.64 71.65 -33.20
C TYR B 3855 -3.38 71.95 -34.49
N MET B 3856 -4.10 73.07 -34.54
CA MET B 3856 -4.92 73.37 -35.70
C MET B 3856 -4.08 73.52 -36.96
N LEU B 3857 -2.88 74.09 -36.82
CA LEU B 3857 -2.02 74.25 -37.99
C LEU B 3857 -1.48 72.91 -38.48
N MET B 3858 -1.06 72.03 -37.56
CA MET B 3858 -0.50 70.77 -38.03
C MET B 3858 -1.56 69.76 -38.39
N TYR B 3859 -2.83 70.06 -38.13
CA TYR B 3859 -3.89 69.31 -38.78
C TYR B 3859 -3.77 69.43 -40.29
N LYS B 3860 -3.41 70.62 -40.77
CA LYS B 3860 -2.97 70.76 -42.15
C LYS B 3860 -1.72 69.95 -42.42
N GLY B 3861 -0.76 70.01 -41.49
CA GLY B 3861 0.49 69.29 -41.63
C GLY B 3861 0.34 67.82 -41.29
N ALA B 3862 -0.46 67.09 -42.08
CA ALA B 3862 -0.69 65.68 -41.87
C ALA B 3862 -0.63 64.97 -43.22
N ASN B 3863 -0.73 63.65 -43.18
CA ASN B 3863 -0.64 62.82 -44.36
C ASN B 3863 -1.30 61.48 -44.06
N ARG B 3864 -1.24 60.56 -45.02
CA ARG B 3864 -1.79 59.23 -44.81
C ARG B 3864 -0.80 58.30 -44.15
N THR B 3865 0.49 58.41 -44.47
CA THR B 3865 1.48 57.57 -43.80
C THR B 3865 1.61 57.94 -42.33
N GLU B 3866 1.62 59.24 -42.01
CA GLU B 3866 1.58 59.64 -40.63
C GLU B 3866 0.27 59.22 -39.97
N THR B 3867 -0.82 59.22 -40.74
CA THR B 3867 -2.09 58.72 -40.23
C THR B 3867 -1.96 57.27 -39.79
N VAL B 3868 -1.40 56.43 -40.66
CA VAL B 3868 -1.25 55.01 -40.35
C VAL B 3868 -0.33 54.82 -39.17
N THR B 3869 0.79 55.54 -39.14
CA THR B 3869 1.74 55.41 -38.04
C THR B 3869 1.12 55.85 -36.73
N SER B 3870 0.39 56.97 -36.74
CA SER B 3870 -0.27 57.44 -35.53
C SER B 3870 -1.33 56.46 -35.05
N PHE B 3871 -2.11 55.91 -35.97
CA PHE B 3871 -3.11 54.93 -35.58
C PHE B 3871 -2.45 53.67 -35.03
N ARG B 3872 -1.31 53.31 -35.59
CA ARG B 3872 -0.53 52.20 -35.04
C ARG B 3872 -0.08 52.50 -33.62
N LYS B 3873 0.38 53.72 -33.39
CA LYS B 3873 0.80 54.13 -32.05
C LYS B 3873 -0.38 54.08 -31.09
N ARG B 3874 -1.55 54.51 -31.54
CA ARG B 3874 -2.76 54.41 -30.72
C ARG B 3874 -3.07 52.96 -30.40
N GLU B 3875 -3.06 52.11 -31.43
CA GLU B 3875 -3.46 50.71 -31.27
C GLU B 3875 -2.55 49.98 -30.31
N SER B 3876 -1.24 50.05 -30.54
CA SER B 3876 -0.29 49.50 -29.59
C SER B 3876 -0.36 50.21 -28.25
N LYS B 3877 -0.83 51.46 -28.23
CA LYS B 3877 -0.80 52.25 -27.02
C LYS B 3877 -1.92 51.88 -26.08
N VAL B 3878 -2.94 51.17 -26.57
CA VAL B 3878 -4.17 50.91 -25.81
C VAL B 3878 -4.42 49.41 -25.85
N PRO B 3879 -4.96 48.78 -24.79
CA PRO B 3879 -5.14 47.33 -24.82
C PRO B 3879 -6.45 46.92 -25.47
N ALA B 3880 -6.78 45.64 -25.35
CA ALA B 3880 -7.98 45.09 -25.96
C ALA B 3880 -8.74 44.23 -24.94
N ASP B 3881 -9.91 43.77 -25.34
CA ASP B 3881 -10.65 42.69 -24.66
C ASP B 3881 -11.21 43.15 -23.31
N LEU B 3882 -11.17 44.45 -23.02
CA LEU B 3882 -11.76 44.90 -21.76
C LEU B 3882 -13.27 44.71 -21.79
N LEU B 3883 -13.90 45.00 -22.92
CA LEU B 3883 -15.34 44.82 -23.06
C LEU B 3883 -15.73 43.37 -22.82
N LYS B 3884 -15.06 42.45 -23.50
CA LYS B 3884 -15.34 41.04 -23.28
C LYS B 3884 -14.97 40.62 -21.87
N ARG B 3885 -13.95 41.25 -21.28
CA ARG B 3885 -13.63 40.99 -19.89
C ARG B 3885 -14.84 41.27 -19.00
N ALA B 3886 -15.44 42.45 -19.17
CA ALA B 3886 -16.62 42.80 -18.39
C ALA B 3886 -17.74 41.82 -18.65
N PHE B 3887 -17.96 41.45 -19.92
CA PHE B 3887 -19.03 40.53 -20.24
C PHE B 3887 -18.84 39.18 -19.55
N VAL B 3888 -17.65 38.59 -19.70
CA VAL B 3888 -17.41 37.28 -19.10
C VAL B 3888 -17.50 37.36 -17.58
N ARG B 3889 -17.16 38.52 -17.01
CA ARG B 3889 -17.38 38.69 -15.59
C ARG B 3889 -18.87 38.66 -15.27
N MET B 3890 -19.67 39.41 -16.02
CA MET B 3890 -21.08 39.56 -15.73
C MET B 3890 -21.94 38.47 -16.36
N SER B 3891 -21.34 37.53 -17.07
CA SER B 3891 -22.07 36.43 -17.67
C SER B 3891 -21.88 35.16 -16.85
N THR B 3892 -22.95 34.38 -16.73
CA THR B 3892 -22.89 33.16 -15.94
C THR B 3892 -22.60 31.93 -16.78
N SER B 3893 -23.10 31.87 -18.00
CA SER B 3893 -22.87 30.74 -18.88
C SER B 3893 -22.42 31.26 -20.24
N PRO B 3894 -21.69 30.45 -20.99
CA PRO B 3894 -21.26 30.89 -22.32
C PRO B 3894 -22.43 31.32 -23.19
N GLU B 3895 -23.54 30.58 -23.14
CA GLU B 3895 -24.71 30.98 -23.91
C GLU B 3895 -25.21 32.34 -23.46
N ALA B 3896 -25.24 32.58 -22.15
CA ALA B 3896 -25.58 33.90 -21.65
C ALA B 3896 -24.63 34.94 -22.18
N PHE B 3897 -23.34 34.62 -22.24
CA PHE B 3897 -22.36 35.58 -22.74
C PHE B 3897 -22.63 35.95 -24.19
N LEU B 3898 -22.84 34.95 -25.05
CA LEU B 3898 -23.08 35.24 -26.46
C LEU B 3898 -24.39 36.00 -26.65
N ALA B 3899 -25.44 35.61 -25.93
CA ALA B 3899 -26.69 36.36 -26.04
C ALA B 3899 -26.48 37.80 -25.60
N LEU B 3900 -25.76 38.01 -24.51
CA LEU B 3900 -25.49 39.35 -24.01
C LEU B 3900 -24.75 40.17 -25.04
N ARG B 3901 -23.64 39.65 -25.55
CA ARG B 3901 -22.84 40.42 -26.50
C ARG B 3901 -23.62 40.69 -27.77
N SER B 3902 -24.41 39.71 -28.23
CA SER B 3902 -25.20 39.91 -29.44
C SER B 3902 -26.21 41.03 -29.25
N HIS B 3903 -26.98 40.95 -28.16
CA HIS B 3903 -27.97 41.96 -27.88
C HIS B 3903 -27.34 43.33 -27.74
N PHE B 3904 -26.23 43.40 -27.01
CA PHE B 3904 -25.57 44.68 -26.79
C PHE B 3904 -25.05 45.27 -28.08
N ALA B 3905 -24.40 44.46 -28.91
CA ALA B 3905 -23.87 44.97 -30.18
C ALA B 3905 -25.00 45.45 -31.08
N SER B 3906 -26.09 44.69 -31.14
CA SER B 3906 -27.22 45.10 -31.95
C SER B 3906 -27.77 46.44 -31.47
N SER B 3907 -27.97 46.56 -30.16
CA SER B 3907 -28.49 47.81 -29.61
C SER B 3907 -27.54 48.95 -29.89
N HIS B 3908 -26.24 48.71 -29.78
CA HIS B 3908 -25.27 49.76 -29.97
C HIS B 3908 -25.25 50.24 -31.42
N ALA B 3909 -25.28 49.32 -32.37
CA ALA B 3909 -25.31 49.72 -33.78
C ALA B 3909 -26.60 50.48 -34.08
N LEU B 3910 -27.72 50.02 -33.51
CA LEU B 3910 -28.96 50.78 -33.62
C LEU B 3910 -28.76 52.20 -33.10
N ILE B 3911 -28.13 52.33 -31.93
CA ILE B 3911 -27.84 53.65 -31.38
C ILE B 3911 -27.05 54.48 -32.38
N CYS B 3912 -25.99 53.88 -32.93
CA CYS B 3912 -25.08 54.61 -33.80
C CYS B 3912 -25.83 55.17 -34.99
N ILE B 3913 -26.55 54.31 -35.71
CA ILE B 3913 -27.27 54.80 -36.88
C ILE B 3913 -28.34 55.79 -36.47
N SER B 3914 -29.08 55.49 -35.38
CA SER B 3914 -30.22 56.32 -35.00
C SER B 3914 -29.79 57.74 -34.72
N HIS B 3915 -28.76 57.90 -33.89
CA HIS B 3915 -28.34 59.26 -33.58
C HIS B 3915 -27.46 59.86 -34.67
N TRP B 3916 -26.91 59.05 -35.57
CA TRP B 3916 -26.20 59.61 -36.70
C TRP B 3916 -27.14 60.29 -37.67
N ILE B 3917 -28.29 59.67 -37.93
CA ILE B 3917 -29.30 60.32 -38.76
C ILE B 3917 -29.67 61.65 -38.15
N LEU B 3918 -29.66 61.73 -36.83
CA LEU B 3918 -29.88 62.99 -36.13
C LEU B 3918 -28.64 63.86 -36.08
N GLY B 3919 -27.51 63.37 -36.59
CA GLY B 3919 -26.28 64.14 -36.55
C GLY B 3919 -25.87 64.50 -35.14
N ILE B 3920 -25.93 63.54 -34.23
CA ILE B 3920 -25.66 63.82 -32.82
C ILE B 3920 -24.17 63.94 -32.60
N GLY B 3921 -23.76 65.03 -31.96
CA GLY B 3921 -22.36 65.26 -31.66
C GLY B 3921 -21.89 64.51 -30.42
N ASP B 3922 -22.09 63.20 -30.41
CA ASP B 3922 -21.63 62.36 -29.29
C ASP B 3922 -20.11 62.18 -29.44
N ARG B 3923 -19.38 63.21 -29.00
CA ARG B 3923 -17.95 63.31 -29.23
C ARG B 3923 -17.13 62.74 -28.07
N HIS B 3924 -17.70 61.86 -27.26
CA HIS B 3924 -16.98 61.33 -26.12
C HIS B 3924 -17.69 60.07 -25.64
N LEU B 3925 -17.00 59.36 -24.74
CA LEU B 3925 -17.44 58.01 -24.39
C LEU B 3925 -18.68 58.01 -23.51
N ASN B 3926 -18.74 58.90 -22.53
CA ASN B 3926 -19.85 58.90 -21.58
C ASN B 3926 -21.11 59.52 -22.14
N ASN B 3927 -21.20 59.69 -23.46
CA ASN B 3927 -22.49 59.95 -24.07
C ASN B 3927 -23.42 58.76 -23.92
N PHE B 3928 -22.87 57.55 -23.87
CA PHE B 3928 -23.64 56.32 -23.98
C PHE B 3928 -23.59 55.58 -22.65
N MET B 3929 -24.75 55.41 -22.04
CA MET B 3929 -24.88 54.74 -20.76
C MET B 3929 -25.42 53.34 -20.99
N VAL B 3930 -24.79 52.34 -20.39
CA VAL B 3930 -25.24 50.97 -20.45
C VAL B 3930 -25.76 50.57 -19.08
N ALA B 3931 -26.85 49.82 -19.07
CA ALA B 3931 -27.36 49.23 -17.84
C ALA B 3931 -26.72 47.87 -17.64
N MET B 3932 -26.10 47.65 -16.47
CA MET B 3932 -25.38 46.40 -16.29
C MET B 3932 -26.32 45.27 -15.90
N GLU B 3933 -27.43 45.12 -16.62
CA GLU B 3933 -28.43 44.13 -16.26
C GLU B 3933 -28.93 43.38 -17.48
N THR B 3934 -28.95 44.05 -18.64
CA THR B 3934 -29.42 43.40 -19.86
C THR B 3934 -28.58 43.78 -21.07
N GLY B 3935 -27.46 44.47 -20.88
CA GLY B 3935 -26.70 44.92 -22.03
C GLY B 3935 -27.37 45.99 -22.85
N GLY B 3936 -28.15 46.86 -22.22
CA GLY B 3936 -28.82 47.93 -22.92
C GLY B 3936 -28.06 49.22 -22.78
N VAL B 3937 -27.55 49.72 -23.90
CA VAL B 3937 -26.84 50.99 -23.93
C VAL B 3937 -27.83 52.09 -24.23
N ILE B 3938 -27.67 53.23 -23.55
CA ILE B 3938 -28.54 54.38 -23.71
C ILE B 3938 -27.68 55.60 -23.98
N GLY B 3939 -28.04 56.35 -25.02
CA GLY B 3939 -27.29 57.55 -25.35
C GLY B 3939 -27.79 58.75 -24.55
N ILE B 3940 -26.84 59.54 -24.07
CA ILE B 3940 -27.10 60.71 -23.24
C ILE B 3940 -26.30 61.87 -23.83
N ASP B 3941 -26.34 63.02 -23.15
CA ASP B 3941 -25.49 64.16 -23.46
C ASP B 3941 -25.75 64.68 -24.87
N PHE B 3942 -26.96 65.19 -25.07
CA PHE B 3942 -27.36 65.68 -26.37
C PHE B 3942 -27.41 67.21 -26.37
N GLY B 3943 -27.83 67.76 -27.50
CA GLY B 3943 -27.77 69.20 -27.72
C GLY B 3943 -27.17 69.49 -29.07
N HIS B 3944 -26.30 68.58 -29.52
CA HIS B 3944 -25.65 68.70 -30.82
C HIS B 3944 -26.38 67.78 -31.80
N ALA B 3945 -26.99 68.37 -32.81
CA ALA B 3945 -27.82 67.59 -33.74
C ALA B 3945 -27.57 68.07 -35.16
N PHE B 3946 -27.71 67.13 -36.11
CA PHE B 3946 -27.62 67.44 -37.53
C PHE B 3946 -26.30 68.10 -37.89
N GLY B 3947 -25.22 67.62 -37.29
CA GLY B 3947 -23.94 68.22 -37.56
C GLY B 3947 -23.70 69.55 -36.90
N SER B 3948 -24.56 69.93 -35.94
CA SER B 3948 -24.30 71.13 -35.17
C SER B 3948 -23.03 71.02 -34.34
N ALA B 3949 -22.51 69.81 -34.18
CA ALA B 3949 -21.24 69.63 -33.50
C ALA B 3949 -20.14 70.47 -34.12
N THR B 3950 -20.18 70.68 -35.44
CA THR B 3950 -19.34 71.68 -36.10
C THR B 3950 -20.25 72.54 -36.98
N GLN B 3951 -20.92 73.48 -36.37
CA GLN B 3951 -21.64 74.53 -37.09
C GLN B 3951 -21.23 75.91 -36.64
N PHE B 3952 -21.07 76.11 -35.33
CA PHE B 3952 -20.37 77.26 -34.77
C PHE B 3952 -19.20 76.84 -33.90
N LEU B 3953 -18.92 75.55 -33.79
CA LEU B 3953 -17.80 75.07 -32.99
C LEU B 3953 -16.52 75.11 -33.80
N PRO B 3954 -15.50 75.83 -33.35
CA PRO B 3954 -14.22 75.81 -34.07
C PRO B 3954 -13.61 74.43 -34.13
N VAL B 3955 -13.82 73.62 -33.11
CA VAL B 3955 -13.33 72.24 -33.14
C VAL B 3955 -14.16 71.49 -34.18
N PRO B 3956 -13.52 70.91 -35.18
CA PRO B 3956 -14.27 70.17 -36.20
C PRO B 3956 -14.46 68.71 -35.82
N GLU B 3957 -15.70 68.24 -35.85
CA GLU B 3957 -16.00 66.83 -35.61
C GLU B 3957 -16.42 66.17 -36.92
N LEU B 3958 -15.83 65.02 -37.20
CA LEU B 3958 -16.13 64.26 -38.40
C LEU B 3958 -16.62 62.86 -38.08
N MET B 3959 -16.70 62.51 -36.81
CA MET B 3959 -17.09 61.17 -36.43
C MET B 3959 -18.60 60.98 -36.65
N PRO B 3960 -19.01 59.95 -37.39
CA PRO B 3960 -20.44 59.68 -37.53
C PRO B 3960 -21.04 58.99 -36.31
N PHE B 3961 -20.20 58.32 -35.51
CA PHE B 3961 -20.61 57.64 -34.29
C PHE B 3961 -19.34 57.20 -33.59
N ARG B 3962 -19.43 57.04 -32.27
CA ARG B 3962 -18.28 56.58 -31.50
C ARG B 3962 -17.95 55.15 -31.90
N LEU B 3963 -16.71 54.93 -32.32
CA LEU B 3963 -16.25 53.62 -32.76
C LEU B 3963 -14.82 53.42 -32.28
N THR B 3964 -14.50 52.21 -31.86
CA THR B 3964 -13.19 51.94 -31.29
C THR B 3964 -12.87 50.47 -31.45
N ARG B 3965 -11.59 50.15 -31.24
CA ARG B 3965 -11.16 48.75 -31.31
C ARG B 3965 -11.73 47.93 -30.16
N GLN B 3966 -12.18 48.57 -29.08
CA GLN B 3966 -12.94 47.83 -28.08
C GLN B 3966 -14.24 47.32 -28.66
N PHE B 3967 -14.84 48.08 -29.56
CA PHE B 3967 -15.99 47.57 -30.29
C PHE B 3967 -15.58 46.39 -31.15
N ILE B 3968 -14.39 46.47 -31.76
CA ILE B 3968 -13.86 45.34 -32.50
C ILE B 3968 -13.66 44.14 -31.59
N ASN B 3969 -13.44 44.39 -30.31
CA ASN B 3969 -13.26 43.34 -29.32
C ASN B 3969 -14.55 42.66 -28.97
N LEU B 3970 -15.61 42.93 -29.73
CA LEU B 3970 -16.85 42.20 -29.51
C LEU B 3970 -16.63 40.70 -29.68
N MET B 3971 -15.83 40.30 -30.66
CA MET B 3971 -15.18 39.00 -30.69
C MET B 3971 -14.18 38.96 -31.84
N LEU B 3972 -13.14 38.13 -31.64
CA LEU B 3972 -12.13 37.97 -32.68
C LEU B 3972 -12.70 37.55 -34.02
N PRO B 3973 -13.50 36.49 -34.13
CA PRO B 3973 -13.90 36.02 -35.46
C PRO B 3973 -14.76 36.99 -36.23
N MET B 3974 -15.03 38.18 -35.70
CA MET B 3974 -15.84 39.14 -36.41
C MET B 3974 -15.14 40.50 -36.43
N LYS B 3975 -15.35 41.23 -37.52
CA LYS B 3975 -14.71 42.51 -37.78
C LYS B 3975 -15.76 43.57 -38.12
N GLU B 3976 -16.89 43.55 -37.43
CA GLU B 3976 -17.91 44.60 -37.54
C GLU B 3976 -18.37 44.80 -38.98
N THR B 3977 -18.70 43.69 -39.65
CA THR B 3977 -19.20 43.77 -41.02
C THR B 3977 -20.37 42.82 -41.25
N GLY B 3978 -20.87 42.17 -40.21
CA GLY B 3978 -21.89 41.15 -40.33
C GLY B 3978 -23.17 41.51 -39.64
N LEU B 3979 -23.38 40.93 -38.45
CA LEU B 3979 -24.56 41.17 -37.65
C LEU B 3979 -24.95 42.64 -37.64
N MET B 3980 -24.05 43.48 -37.13
CA MET B 3980 -24.30 44.92 -37.07
C MET B 3980 -24.50 45.51 -38.45
N TYR B 3981 -23.81 44.99 -39.46
CA TYR B 3981 -24.01 45.47 -40.82
C TYR B 3981 -25.45 45.29 -41.24
N SER B 3982 -25.97 44.07 -41.10
CA SER B 3982 -27.37 43.81 -41.36
C SER B 3982 -28.25 44.67 -40.47
N ILE B 3983 -27.80 44.93 -39.25
CA ILE B 3983 -28.59 45.73 -38.32
C ILE B 3983 -28.89 47.08 -38.93
N MET B 3984 -27.85 47.85 -39.24
CA MET B 3984 -28.17 49.19 -39.72
C MET B 3984 -28.66 49.17 -41.15
N VAL B 3985 -28.36 48.12 -41.92
CA VAL B 3985 -28.96 48.02 -43.24
C VAL B 3985 -30.47 47.91 -43.13
N HIS B 3986 -30.95 47.01 -42.26
CA HIS B 3986 -32.38 46.89 -42.02
C HIS B 3986 -32.94 48.19 -41.47
N ALA B 3987 -32.19 48.83 -40.56
CA ALA B 3987 -32.64 50.11 -40.02
C ALA B 3987 -32.90 51.11 -41.12
N LEU B 3988 -31.91 51.32 -42.00
CA LEU B 3988 -32.06 52.31 -43.05
C LEU B 3988 -33.16 51.92 -44.03
N ARG B 3989 -33.25 50.64 -44.37
CA ARG B 3989 -34.29 50.20 -45.30
C ARG B 3989 -35.67 50.49 -44.74
N ALA B 3990 -35.86 50.23 -43.44
CA ALA B 3990 -37.11 50.65 -42.81
C ALA B 3990 -37.24 52.16 -42.80
N PHE B 3991 -36.13 52.87 -42.70
CA PHE B 3991 -36.15 54.33 -42.65
C PHE B 3991 -36.44 54.96 -44.00
N ARG B 3992 -36.43 54.17 -45.07
CA ARG B 3992 -36.68 54.69 -46.41
C ARG B 3992 -38.10 55.24 -46.57
N SER B 3993 -38.93 55.12 -45.54
CA SER B 3993 -40.26 55.70 -45.54
C SER B 3993 -40.42 56.82 -44.51
N ASP B 3994 -39.41 57.04 -43.67
CA ASP B 3994 -39.50 58.09 -42.66
C ASP B 3994 -39.66 59.52 -43.20
N PRO B 3995 -39.16 59.88 -44.39
CA PRO B 3995 -39.37 61.26 -44.85
C PRO B 3995 -40.80 61.74 -44.79
N GLY B 3996 -41.76 60.86 -45.11
CA GLY B 3996 -43.15 61.23 -44.93
C GLY B 3996 -43.54 61.42 -43.48
N LEU B 3997 -42.72 60.92 -42.56
CA LEU B 3997 -43.05 60.95 -41.14
C LEU B 3997 -42.09 61.84 -40.33
N LEU B 3998 -40.80 61.51 -40.33
CA LEU B 3998 -39.88 62.22 -39.45
C LEU B 3998 -39.65 63.65 -39.93
N THR B 3999 -39.49 63.84 -41.23
CA THR B 3999 -39.23 65.18 -41.75
C THR B 3999 -40.31 66.15 -41.32
N ASN B 4000 -41.52 65.67 -41.12
CA ASN B 4000 -42.60 66.53 -40.69
C ASN B 4000 -42.48 66.98 -39.24
N THR B 4001 -41.74 66.25 -38.41
CA THR B 4001 -41.94 66.36 -36.97
C THR B 4001 -40.80 67.01 -36.20
N MET B 4002 -39.55 66.92 -36.65
CA MET B 4002 -38.48 67.45 -35.81
C MET B 4002 -38.63 68.95 -35.61
N ASP B 4003 -38.98 69.69 -36.65
CA ASP B 4003 -39.33 71.10 -36.53
C ASP B 4003 -40.83 71.22 -36.71
N VAL B 4004 -41.49 71.73 -35.68
CA VAL B 4004 -42.93 71.94 -35.71
C VAL B 4004 -43.26 73.42 -35.90
N PHE B 4005 -42.71 74.27 -35.04
CA PHE B 4005 -42.97 75.70 -35.13
C PHE B 4005 -41.70 76.48 -35.48
N VAL B 4006 -40.68 76.43 -34.64
CA VAL B 4006 -39.37 76.95 -35.02
C VAL B 4006 -38.30 75.97 -34.58
N LYS B 4007 -38.66 75.06 -33.67
CA LYS B 4007 -37.74 74.11 -33.06
C LYS B 4007 -36.57 74.84 -32.38
N GLU B 4008 -36.91 75.59 -31.33
CA GLU B 4008 -35.94 76.18 -30.42
C GLU B 4008 -34.97 77.09 -31.15
N PRO B 4009 -35.39 78.30 -31.49
CA PRO B 4009 -34.58 79.18 -32.33
C PRO B 4009 -33.34 79.68 -31.62
N SER B 4010 -32.36 80.09 -32.42
CA SER B 4010 -31.10 80.67 -31.95
C SER B 4010 -30.30 79.69 -31.10
N PHE B 4011 -30.83 78.48 -30.94
CA PHE B 4011 -30.10 77.44 -30.21
C PHE B 4011 -28.83 77.07 -30.95
N ASP B 4012 -28.90 77.02 -32.28
CA ASP B 4012 -27.73 76.71 -33.10
C ASP B 4012 -26.93 77.94 -33.46
N TRP B 4013 -27.42 79.15 -33.17
CA TRP B 4013 -26.59 80.32 -33.36
C TRP B 4013 -25.56 80.46 -32.24
N LYS B 4014 -25.95 80.09 -31.02
CA LYS B 4014 -25.01 80.06 -29.91
C LYS B 4014 -24.24 78.75 -29.84
N ASN B 4015 -24.69 77.71 -30.53
CA ASN B 4015 -24.02 76.41 -30.52
C ASN B 4015 -23.86 75.86 -31.93
N TRP B 4038 -28.23 81.02 -39.03
CA TRP B 4038 -28.65 79.64 -39.16
C TRP B 4038 -30.16 79.53 -39.25
N TYR B 4039 -30.64 78.40 -39.78
CA TYR B 4039 -32.05 78.16 -39.89
C TYR B 4039 -32.30 76.66 -39.80
N PRO B 4040 -33.31 76.24 -39.05
CA PRO B 4040 -33.60 74.79 -38.96
C PRO B 4040 -33.99 74.18 -40.27
N ARG B 4041 -34.45 74.98 -41.23
CA ARG B 4041 -34.79 74.45 -42.54
C ARG B 4041 -33.57 73.84 -43.22
N GLN B 4042 -32.40 74.44 -43.01
CA GLN B 4042 -31.17 73.82 -43.53
C GLN B 4042 -30.93 72.46 -42.90
N LYS B 4043 -31.11 72.36 -41.58
CA LYS B 4043 -30.88 71.10 -40.90
C LYS B 4043 -31.83 70.03 -41.40
N ILE B 4044 -33.10 70.38 -41.55
CA ILE B 4044 -34.07 69.41 -42.03
C ILE B 4044 -33.82 69.08 -43.49
N CYS B 4045 -33.32 70.04 -44.27
CA CYS B 4045 -32.94 69.73 -45.65
C CYS B 4045 -31.83 68.69 -45.68
N TYR B 4046 -30.84 68.86 -44.80
CA TYR B 4046 -29.78 67.87 -44.71
C TYR B 4046 -30.32 66.51 -44.27
N ALA B 4047 -31.23 66.51 -43.31
CA ALA B 4047 -31.80 65.26 -42.84
C ALA B 4047 -32.56 64.55 -43.94
N LYS B 4048 -33.36 65.29 -44.70
CA LYS B 4048 -34.09 64.70 -45.82
C LYS B 4048 -33.14 64.21 -46.89
N ARG B 4049 -32.08 64.98 -47.16
CA ARG B 4049 -31.09 64.57 -48.14
C ARG B 4049 -30.44 63.25 -47.74
N LYS B 4050 -30.11 63.10 -46.46
CA LYS B 4050 -29.60 61.83 -45.98
C LYS B 4050 -30.64 60.73 -46.12
N LEU B 4051 -31.89 61.06 -45.83
CA LEU B 4051 -32.97 60.09 -45.91
C LEU B 4051 -33.12 59.56 -47.33
N ALA B 4052 -32.99 60.45 -48.31
CA ALA B 4052 -33.10 60.08 -49.72
C ALA B 4052 -31.86 59.38 -50.24
N GLY B 4053 -30.96 58.93 -49.36
CA GLY B 4053 -29.71 58.37 -49.80
C GLY B 4053 -28.70 59.47 -50.01
N ALA B 4054 -27.54 59.36 -49.36
CA ALA B 4054 -26.58 60.44 -49.38
C ALA B 4054 -25.18 59.87 -49.18
N ASN B 4055 -24.19 60.64 -49.60
CA ASN B 4055 -22.82 60.37 -49.25
C ASN B 4055 -22.50 61.10 -47.95
N PRO B 4056 -22.17 60.39 -46.87
CA PRO B 4056 -21.80 61.09 -45.63
C PRO B 4056 -20.62 62.02 -45.79
N ALA B 4057 -19.74 61.75 -46.77
CA ALA B 4057 -18.68 62.70 -47.08
C ALA B 4057 -19.24 64.05 -47.47
N VAL B 4058 -20.29 64.06 -48.29
CA VAL B 4058 -20.93 65.31 -48.68
C VAL B 4058 -21.50 66.01 -47.46
N ILE B 4059 -22.12 65.25 -46.56
CA ILE B 4059 -22.72 65.85 -45.37
C ILE B 4059 -21.65 66.50 -44.51
N THR B 4060 -20.55 65.78 -44.29
CA THR B 4060 -19.47 66.34 -43.49
C THR B 4060 -18.86 67.57 -44.16
N CYS B 4061 -18.72 67.53 -45.48
CA CYS B 4061 -18.16 68.67 -46.20
C CYS B 4061 -19.05 69.90 -46.06
N ASP B 4062 -20.37 69.73 -46.19
CA ASP B 4062 -21.24 70.89 -46.03
C ASP B 4062 -21.27 71.34 -44.58
N GLU B 4063 -21.13 70.42 -43.63
CA GLU B 4063 -21.05 70.80 -42.23
C GLU B 4063 -19.84 71.70 -41.98
N LEU B 4064 -18.67 71.26 -42.46
CA LEU B 4064 -17.47 72.07 -42.29
C LEU B 4064 -17.54 73.37 -43.08
N LEU B 4065 -18.30 73.37 -44.18
CA LEU B 4065 -18.51 74.61 -44.91
C LEU B 4065 -19.24 75.61 -44.06
N LEU B 4066 -20.20 75.16 -43.26
CA LEU B 4066 -20.96 76.05 -42.38
C LEU B 4066 -20.13 76.35 -41.14
N GLY B 4067 -19.70 77.59 -41.03
CA GLY B 4067 -19.04 78.06 -39.82
C GLY B 4067 -17.64 77.55 -39.59
N HIS B 4068 -17.05 76.85 -40.55
CA HIS B 4068 -15.71 76.34 -40.38
C HIS B 4068 -14.88 76.46 -41.65
N GLU B 4069 -15.41 77.07 -42.71
CA GLU B 4069 -14.66 77.18 -43.96
C GLU B 4069 -13.47 78.11 -43.82
N LYS B 4070 -13.61 79.17 -43.01
CA LYS B 4070 -12.52 80.13 -42.84
C LYS B 4070 -11.35 79.55 -42.06
N ALA B 4071 -11.55 78.42 -41.38
CA ALA B 4071 -10.50 77.86 -40.57
C ALA B 4071 -9.35 77.36 -41.45
N PRO B 4072 -8.12 77.40 -40.95
CA PRO B 4072 -7.01 76.79 -41.67
C PRO B 4072 -7.22 75.29 -41.79
N ALA B 4073 -6.67 74.73 -42.86
CA ALA B 4073 -6.82 73.31 -43.20
C ALA B 4073 -8.28 72.94 -43.46
N PHE B 4074 -9.12 73.93 -43.72
CA PHE B 4074 -10.52 73.63 -44.01
C PHE B 4074 -10.66 72.75 -45.24
N ARG B 4075 -9.91 73.06 -46.29
CA ARG B 4075 -9.86 72.17 -47.45
C ARG B 4075 -9.24 70.83 -47.06
N ASP B 4076 -8.23 70.86 -46.17
CA ASP B 4076 -7.68 69.61 -45.65
C ASP B 4076 -8.74 68.84 -44.86
N TYR B 4077 -9.54 69.55 -44.06
CA TYR B 4077 -10.59 68.89 -43.29
C TYR B 4077 -11.61 68.25 -44.20
N VAL B 4078 -12.05 68.96 -45.24
CA VAL B 4078 -13.06 68.38 -46.13
C VAL B 4078 -12.46 67.28 -46.99
N ALA B 4079 -11.16 67.33 -47.26
CA ALA B 4079 -10.51 66.26 -48.00
C ALA B 4079 -10.47 64.98 -47.17
N VAL B 4080 -10.04 65.09 -45.91
CA VAL B 4080 -10.00 63.89 -45.07
C VAL B 4080 -11.42 63.42 -44.77
N ALA B 4081 -12.38 64.33 -44.72
CA ALA B 4081 -13.78 63.94 -44.55
C ALA B 4081 -14.26 63.13 -45.75
N ARG B 4082 -14.01 63.65 -46.95
CA ARG B 4082 -14.30 62.91 -48.17
C ARG B 4082 -13.45 61.67 -48.29
N GLY B 4083 -12.39 61.55 -47.50
CA GLY B 4083 -11.58 60.36 -47.46
C GLY B 4083 -10.10 60.65 -47.42
N SER B 4084 -9.42 60.12 -46.40
CA SER B 4084 -7.97 60.25 -46.30
C SER B 4084 -7.24 59.17 -47.07
N LYS B 4085 -7.95 58.17 -47.59
CA LYS B 4085 -7.33 57.05 -48.26
C LYS B 4085 -7.96 56.86 -49.63
N ASP B 4086 -7.15 56.35 -50.57
CA ASP B 4086 -7.69 55.96 -51.87
C ASP B 4086 -8.78 54.91 -51.72
N HIS B 4087 -8.74 54.14 -50.63
CA HIS B 4087 -9.80 53.20 -50.31
C HIS B 4087 -11.03 53.89 -49.76
N ASN B 4088 -10.97 55.21 -49.63
CA ASN B 4088 -12.10 56.01 -49.20
C ASN B 4088 -12.56 57.00 -50.27
N ILE B 4089 -11.69 57.36 -51.20
CA ILE B 4089 -12.07 58.30 -52.25
C ILE B 4089 -13.18 57.72 -53.11
N ARG B 4090 -13.19 56.40 -53.30
CA ARG B 4090 -14.23 55.78 -54.11
C ARG B 4090 -15.61 55.90 -53.49
N ALA B 4091 -15.69 56.26 -52.21
CA ALA B 4091 -16.99 56.46 -51.58
C ALA B 4091 -17.75 57.63 -52.18
N GLN B 4092 -17.06 58.54 -52.87
CA GLN B 4092 -17.76 59.65 -53.50
C GLN B 4092 -18.65 59.17 -54.64
N GLU B 4093 -18.28 58.08 -55.30
CA GLU B 4093 -19.09 57.58 -56.40
C GLU B 4093 -20.48 57.17 -55.94
N PRO B 4094 -20.66 56.39 -54.86
CA PRO B 4094 -22.00 56.24 -54.28
C PRO B 4094 -22.37 57.49 -53.52
N GLU B 4095 -23.31 58.25 -54.07
CA GLU B 4095 -23.63 59.56 -53.53
C GLU B 4095 -25.00 59.99 -54.03
N SER B 4096 -25.68 60.83 -53.26
CA SER B 4096 -26.93 61.46 -53.65
C SER B 4096 -27.95 60.43 -54.10
N GLY B 4097 -28.38 59.61 -53.14
CA GLY B 4097 -29.30 58.54 -53.45
C GLY B 4097 -28.56 57.29 -53.82
N LEU B 4098 -28.69 56.26 -52.98
CA LEU B 4098 -27.96 55.02 -53.19
C LEU B 4098 -28.59 53.95 -52.31
N SER B 4099 -28.10 52.73 -52.47
CA SER B 4099 -28.59 51.63 -51.67
C SER B 4099 -28.21 51.83 -50.21
N GLU B 4100 -29.04 51.30 -49.32
CA GLU B 4100 -28.80 51.45 -47.89
C GLU B 4100 -27.48 50.80 -47.49
N GLU B 4101 -27.23 49.59 -47.98
CA GLU B 4101 -26.00 48.89 -47.62
C GLU B 4101 -24.78 49.64 -48.13
N THR B 4102 -24.83 50.17 -49.35
CA THR B 4102 -23.73 50.97 -49.84
C THR B 4102 -23.52 52.19 -48.96
N GLN B 4103 -24.62 52.84 -48.60
CA GLN B 4103 -24.52 54.03 -47.75
C GLN B 4103 -23.85 53.69 -46.43
N VAL B 4104 -24.27 52.61 -45.78
CA VAL B 4104 -23.73 52.29 -44.46
C VAL B 4104 -22.28 51.83 -44.57
N LYS B 4105 -21.96 51.04 -45.59
CA LYS B 4105 -20.60 50.54 -45.70
C LYS B 4105 -19.64 51.67 -46.00
N CYS B 4106 -20.02 52.61 -46.87
CA CYS B 4106 -19.16 53.77 -47.08
C CYS B 4106 -19.14 54.66 -45.85
N LEU B 4107 -20.22 54.63 -45.06
CA LEU B 4107 -20.24 55.38 -43.81
C LEU B 4107 -19.15 54.87 -42.88
N MET B 4108 -19.09 53.55 -42.68
CA MET B 4108 -18.08 53.04 -41.76
C MET B 4108 -16.68 53.06 -42.37
N ASP B 4109 -16.57 52.93 -43.70
CA ASP B 4109 -15.26 52.91 -44.32
C ASP B 4109 -14.68 54.31 -44.45
N GLN B 4110 -15.30 55.14 -45.29
CA GLN B 4110 -14.75 56.43 -45.63
C GLN B 4110 -15.15 57.53 -44.65
N ALA B 4111 -16.32 57.42 -44.04
CA ALA B 4111 -16.83 58.47 -43.17
C ALA B 4111 -16.59 58.21 -41.69
N THR B 4112 -16.03 57.06 -41.32
CA THR B 4112 -15.84 56.73 -39.91
C THR B 4112 -14.38 56.58 -39.52
N ASP B 4113 -13.61 55.79 -40.25
CA ASP B 4113 -12.27 55.44 -39.83
C ASP B 4113 -11.21 56.51 -40.12
N PRO B 4114 -11.08 57.00 -41.36
CA PRO B 4114 -9.83 57.69 -41.73
C PRO B 4114 -9.46 58.88 -40.87
N ASN B 4115 -10.44 59.67 -40.42
CA ASN B 4115 -10.10 60.81 -39.57
C ASN B 4115 -9.51 60.34 -38.25
N ILE B 4116 -10.10 59.31 -37.64
CA ILE B 4116 -9.56 58.78 -36.39
C ILE B 4116 -8.21 58.15 -36.62
N LEU B 4117 -8.04 57.49 -37.77
CA LEU B 4117 -6.73 56.96 -38.11
C LEU B 4117 -5.71 58.09 -38.19
N GLY B 4118 -6.08 59.22 -38.79
CA GLY B 4118 -5.18 60.34 -38.92
C GLY B 4118 -5.15 61.27 -37.74
N ARG B 4119 -6.30 61.85 -37.39
CA ARG B 4119 -6.37 62.85 -36.33
C ARG B 4119 -7.82 63.20 -35.99
N THR B 4120 -8.17 63.13 -34.72
CA THR B 4120 -9.47 63.62 -34.25
C THR B 4120 -9.27 64.28 -32.88
N TRP B 4121 -10.38 64.69 -32.29
CA TRP B 4121 -10.34 65.44 -31.04
C TRP B 4121 -9.77 64.59 -29.92
N GLU B 4122 -8.90 65.20 -29.11
CA GLU B 4122 -8.28 64.46 -28.01
C GLU B 4122 -9.32 64.08 -26.95
N GLY B 4123 -10.28 64.96 -26.68
CA GLY B 4123 -11.31 64.62 -25.71
C GLY B 4123 -12.16 63.46 -26.15
N TRP B 4124 -12.35 63.31 -27.46
CA TRP B 4124 -13.00 62.11 -27.99
C TRP B 4124 -12.22 60.86 -27.62
N GLU B 4125 -10.91 61.00 -27.39
CA GLU B 4125 -10.00 59.88 -27.21
C GLU B 4125 -10.01 59.01 -28.45
N PRO B 4126 -9.42 59.48 -29.56
CA PRO B 4126 -9.45 58.70 -30.80
C PRO B 4126 -9.05 57.26 -30.62
N TRP B 4127 -8.22 56.97 -29.60
CA TRP B 4127 -7.93 55.58 -29.27
C TRP B 4127 -9.19 54.84 -28.85
N MET B 4128 -9.93 55.41 -27.90
CA MET B 4128 -11.20 54.86 -27.43
C MET B 4128 -12.38 55.75 -27.78
N MET C 1 59.92 -116.88 28.70
CA MET C 1 58.80 -117.78 28.97
C MET C 1 58.24 -117.51 30.36
N GLU C 2 56.93 -117.22 30.43
CA GLU C 2 56.26 -117.02 31.69
C GLU C 2 54.83 -117.50 31.56
N ARG C 3 54.27 -118.03 32.65
CA ARG C 3 52.91 -118.54 32.62
C ARG C 3 51.95 -117.36 32.48
N LYS C 4 51.58 -117.05 31.24
CA LYS C 4 50.77 -115.88 30.93
C LYS C 4 49.30 -116.18 31.22
N ILE C 5 48.96 -116.08 32.49
CA ILE C 5 47.57 -116.23 32.93
C ILE C 5 46.76 -115.08 32.35
N SER C 6 45.88 -115.38 31.41
CA SER C 6 45.15 -114.36 30.67
C SER C 6 43.66 -114.69 30.65
N ARG C 7 42.87 -113.65 30.45
CA ARG C 7 41.41 -113.76 30.43
C ARG C 7 40.99 -114.06 29.00
N ILE C 8 40.68 -115.32 28.72
CA ILE C 8 40.37 -115.76 27.37
C ILE C 8 39.73 -117.13 27.43
N HIS C 9 38.86 -117.41 26.48
CA HIS C 9 38.20 -118.71 26.35
C HIS C 9 38.20 -119.12 24.88
N LEU C 10 38.47 -120.39 24.61
CA LEU C 10 38.46 -120.87 23.24
C LEU C 10 37.05 -120.92 22.69
N VAL C 11 36.86 -120.34 21.49
CA VAL C 11 35.60 -120.51 20.77
C VAL C 11 35.48 -121.93 20.24
N SER C 12 36.60 -122.62 20.03
CA SER C 12 36.54 -124.02 19.60
C SER C 12 35.86 -124.90 20.65
N GLU C 13 36.19 -124.68 21.93
CA GLU C 13 35.56 -125.38 23.05
C GLU C 13 35.07 -124.35 24.05
N PRO C 14 33.91 -123.73 23.80
CA PRO C 14 33.40 -122.70 24.72
C PRO C 14 32.96 -123.23 26.07
N SER C 15 32.81 -124.54 26.22
CA SER C 15 32.45 -125.13 27.51
C SER C 15 33.65 -125.59 28.32
N ILE C 16 34.86 -125.53 27.75
CA ILE C 16 36.07 -125.96 28.43
C ILE C 16 37.04 -124.79 28.44
N THR C 17 37.38 -124.32 29.65
CA THR C 17 38.19 -123.13 29.82
C THR C 17 39.64 -123.44 29.47
N HIS C 18 40.08 -122.95 28.32
CA HIS C 18 41.48 -123.05 27.90
C HIS C 18 42.13 -121.69 28.02
N PHE C 19 43.18 -121.60 28.84
CA PHE C 19 44.06 -120.44 28.74
C PHE C 19 44.70 -120.35 27.38
N LEU C 20 44.70 -119.16 26.81
CA LEU C 20 45.64 -118.85 25.75
C LEU C 20 46.93 -118.40 26.43
N GLN C 21 47.43 -119.22 27.34
CA GLN C 21 48.55 -118.87 28.18
C GLN C 21 49.82 -118.89 27.35
N VAL C 22 50.09 -117.76 26.69
CA VAL C 22 51.24 -117.68 25.79
C VAL C 22 52.49 -117.48 26.64
N SER C 23 53.15 -118.58 26.98
CA SER C 23 54.47 -118.54 27.60
C SER C 23 55.55 -118.40 26.52
N TRP C 24 55.38 -117.38 25.68
CA TRP C 24 56.17 -117.27 24.46
C TRP C 24 57.65 -117.16 24.77
N GLU C 25 58.46 -117.84 23.95
CA GLU C 25 59.90 -117.63 23.99
C GLU C 25 60.18 -116.16 23.72
N LYS C 26 61.05 -115.56 24.54
CA LYS C 26 61.35 -114.14 24.42
C LYS C 26 61.72 -113.80 22.98
N THR C 27 61.37 -112.58 22.57
CA THR C 27 61.42 -112.18 21.16
C THR C 27 60.53 -113.11 20.31
N LEU C 28 59.22 -112.97 20.55
CA LEU C 28 58.20 -113.87 20.00
C LEU C 28 58.41 -114.20 18.53
N GLU C 29 59.12 -113.36 17.79
CA GLU C 29 59.55 -113.73 16.44
C GLU C 29 60.34 -115.03 16.47
N SER C 30 61.02 -115.32 17.59
CA SER C 30 61.63 -116.63 17.79
C SER C 30 60.60 -117.71 18.06
N GLY C 31 59.33 -117.35 18.26
CA GLY C 31 58.29 -118.33 18.48
C GLY C 31 57.54 -118.11 19.79
N PHE C 32 56.31 -118.63 19.86
CA PHE C 32 55.48 -118.48 21.04
C PHE C 32 55.10 -119.85 21.59
N VAL C 33 55.23 -120.02 22.90
CA VAL C 33 54.81 -121.24 23.57
C VAL C 33 53.50 -120.97 24.28
N ILE C 34 52.39 -121.25 23.62
CA ILE C 34 51.07 -121.07 24.21
C ILE C 34 50.62 -122.38 24.83
N THR C 35 50.22 -122.31 26.10
CA THR C 35 49.88 -123.50 26.89
C THR C 35 48.40 -123.44 27.23
N LEU C 36 47.62 -124.36 26.66
CA LEU C 36 46.17 -124.40 26.86
C LEU C 36 45.86 -125.56 27.79
N THR C 37 45.29 -125.25 28.96
CA THR C 37 45.10 -126.21 30.04
C THR C 37 43.62 -126.48 30.26
N ASP C 38 43.30 -127.75 30.56
CA ASP C 38 41.94 -128.17 30.88
C ASP C 38 41.85 -128.88 32.22
N GLY C 39 42.82 -129.72 32.57
CA GLY C 39 42.77 -130.46 33.81
C GLY C 39 43.27 -131.89 33.67
N HIS C 40 43.06 -132.47 32.48
CA HIS C 40 43.66 -133.76 32.15
C HIS C 40 44.20 -133.82 30.72
N SER C 41 43.84 -132.88 29.86
CA SER C 41 44.34 -132.82 28.49
C SER C 41 44.74 -131.38 28.22
N ALA C 42 46.03 -131.13 28.03
CA ALA C 42 46.55 -129.80 27.82
C ALA C 42 47.13 -129.68 26.41
N TRP C 43 47.52 -128.46 26.05
CA TRP C 43 48.06 -128.19 24.72
C TRP C 43 49.09 -127.08 24.85
N THR C 44 50.36 -127.43 24.70
CA THR C 44 51.46 -126.46 24.73
C THR C 44 51.84 -126.15 23.29
N GLY C 45 51.18 -125.14 22.73
CA GLY C 45 51.43 -124.78 21.34
C GLY C 45 52.76 -124.10 21.16
N THR C 46 53.84 -124.84 21.41
CA THR C 46 55.18 -124.30 21.24
C THR C 46 55.43 -123.96 19.78
N VAL C 47 56.11 -122.84 19.55
CA VAL C 47 56.39 -122.34 18.22
C VAL C 47 57.84 -121.89 18.16
N SER C 48 58.51 -122.19 17.05
CA SER C 48 59.88 -121.77 16.82
C SER C 48 59.91 -120.53 15.93
N GLU C 49 61.12 -120.02 15.68
CA GLU C 49 61.28 -118.87 14.81
C GLU C 49 60.84 -119.16 13.38
N SER C 50 61.00 -120.41 12.95
CA SER C 50 60.65 -120.78 11.59
C SER C 50 59.16 -120.58 11.32
N GLU C 51 58.31 -120.95 12.28
CA GLU C 51 56.87 -120.76 12.10
C GLU C 51 56.51 -119.29 11.98
N ILE C 52 57.09 -118.45 12.83
CA ILE C 52 56.82 -117.01 12.78
C ILE C 52 57.22 -116.45 11.42
N SER C 53 58.43 -116.82 10.96
CA SER C 53 58.92 -116.31 9.69
C SER C 53 58.04 -116.76 8.53
N GLN C 54 57.65 -118.04 8.52
CA GLN C 54 56.86 -118.54 7.41
C GLN C 54 55.45 -117.95 7.42
N GLU C 55 54.87 -117.73 8.61
CA GLU C 55 53.57 -117.08 8.65
C GLU C 55 53.66 -115.67 8.08
N ALA C 56 54.66 -114.91 8.54
CA ALA C 56 54.82 -113.53 8.08
C ALA C 56 55.01 -113.48 6.57
N ASP C 57 55.85 -114.38 6.02
CA ASP C 57 56.03 -114.42 4.57
C ASP C 57 54.74 -114.81 3.86
N ASP C 58 54.01 -115.80 4.39
CA ASP C 58 52.83 -116.30 3.71
C ASP C 58 51.74 -115.24 3.63
N MET C 59 51.57 -114.45 4.69
CA MET C 59 50.41 -113.57 4.81
C MET C 59 50.61 -112.20 4.19
N ALA C 60 51.51 -112.09 3.20
CA ALA C 60 51.71 -110.86 2.44
C ALA C 60 52.11 -109.67 3.30
N MET C 61 52.61 -109.93 4.51
CA MET C 61 53.01 -108.87 5.41
C MET C 61 54.01 -109.46 6.41
N GLU C 62 55.26 -109.03 6.32
CA GLU C 62 56.36 -109.69 7.01
C GLU C 62 56.59 -108.98 8.35
N LYS C 63 55.79 -109.37 9.34
CA LYS C 63 55.91 -108.90 10.71
C LYS C 63 55.67 -107.40 10.83
N GLY C 64 55.29 -106.74 9.74
CA GLY C 64 54.96 -105.33 9.82
C GLY C 64 53.76 -105.07 10.72
N LYS C 65 52.71 -105.87 10.56
CA LYS C 65 51.62 -105.92 11.50
C LYS C 65 51.22 -107.36 11.79
N TYR C 66 51.98 -108.33 11.27
CA TYR C 66 51.77 -109.73 11.65
C TYR C 66 52.08 -109.98 13.12
N VAL C 67 53.07 -109.29 13.67
CA VAL C 67 53.27 -109.34 15.11
C VAL C 67 52.03 -108.85 15.82
N GLY C 68 51.35 -107.85 15.23
CA GLY C 68 50.06 -107.45 15.73
C GLY C 68 49.03 -108.57 15.68
N GLU C 69 49.03 -109.35 14.59
CA GLU C 69 48.12 -110.49 14.50
C GLU C 69 48.40 -111.50 15.60
N LEU C 70 49.68 -111.81 15.83
CA LEU C 70 50.04 -112.77 16.88
C LEU C 70 49.60 -112.27 18.24
N ARG C 71 49.88 -111.00 18.56
CA ARG C 71 49.59 -110.51 19.89
C ARG C 71 48.12 -110.14 20.08
N LYS C 72 47.35 -110.05 19.00
CA LYS C 72 45.91 -109.83 19.10
C LYS C 72 45.12 -111.12 19.08
N ALA C 73 45.67 -112.19 18.52
CA ALA C 73 44.99 -113.48 18.51
C ALA C 73 45.39 -114.36 19.68
N LEU C 74 46.68 -114.36 20.04
CA LEU C 74 47.20 -115.21 21.10
C LEU C 74 47.12 -114.54 22.47
N LEU C 75 47.61 -113.32 22.58
CA LEU C 75 47.56 -112.57 23.83
C LEU C 75 46.24 -111.82 24.02
N SER C 76 45.21 -112.19 23.27
CA SER C 76 43.86 -111.63 23.41
C SER C 76 43.84 -110.13 23.16
N GLY C 77 44.74 -109.64 22.32
CA GLY C 77 44.78 -108.22 22.02
C GLY C 77 43.69 -107.74 21.09
N ALA C 78 43.06 -108.65 20.34
CA ALA C 78 41.96 -108.29 19.45
C ALA C 78 40.65 -108.41 20.21
N GLY C 79 39.94 -107.29 20.33
CA GLY C 79 38.64 -107.29 20.95
C GLY C 79 37.59 -107.91 20.06
N PRO C 80 36.41 -108.18 20.61
CA PRO C 80 35.31 -108.75 19.82
C PRO C 80 34.61 -107.74 18.92
N ALA C 81 35.19 -106.56 18.70
CA ALA C 81 34.56 -105.56 17.84
C ALA C 81 34.39 -106.09 16.42
N ASP C 82 35.41 -106.75 15.90
CA ASP C 82 35.34 -107.42 14.61
C ASP C 82 35.66 -108.90 14.83
N VAL C 83 34.80 -109.77 14.32
CA VAL C 83 34.96 -111.20 14.54
C VAL C 83 35.99 -111.75 13.57
N TYR C 84 36.83 -112.65 14.08
CA TYR C 84 37.81 -113.36 13.28
C TYR C 84 37.79 -114.82 13.74
N THR C 85 38.75 -115.60 13.26
CA THR C 85 39.03 -116.90 13.86
C THR C 85 40.39 -116.77 14.54
N PHE C 86 40.37 -116.17 15.73
CA PHE C 86 41.57 -116.01 16.54
C PHE C 86 41.61 -116.97 17.72
N ASN C 87 41.66 -118.27 17.44
CA ASN C 87 41.65 -119.26 18.53
C ASN C 87 42.53 -120.43 18.14
N PHE C 88 42.74 -121.31 19.12
CA PHE C 88 43.51 -122.53 18.92
C PHE C 88 42.56 -123.70 18.75
N SER C 89 42.79 -124.50 17.71
CA SER C 89 42.00 -125.69 17.46
C SER C 89 42.78 -126.92 17.91
N LYS C 90 42.15 -127.74 18.73
CA LYS C 90 42.71 -129.00 19.18
C LYS C 90 42.48 -130.12 18.18
N GLU C 91 41.75 -129.86 17.10
CA GLU C 91 41.51 -130.89 16.10
C GLU C 91 42.80 -131.33 15.43
N SER C 92 43.57 -130.37 14.91
CA SER C 92 44.91 -130.63 14.39
C SER C 92 45.99 -130.05 15.29
N CYS C 93 45.61 -129.58 16.47
CA CYS C 93 46.51 -128.93 17.41
C CYS C 93 47.25 -127.77 16.73
N TYR C 94 46.46 -126.85 16.19
CA TYR C 94 46.99 -125.65 15.55
C TYR C 94 46.19 -124.44 16.00
N PHE C 95 46.85 -123.30 16.07
CA PHE C 95 46.21 -122.03 16.40
C PHE C 95 45.91 -121.28 15.12
N PHE C 96 44.64 -121.03 14.87
CA PHE C 96 44.23 -120.24 13.72
C PHE C 96 44.10 -118.78 14.13
N PHE C 97 44.64 -117.89 13.30
CA PHE C 97 44.56 -116.45 13.53
C PHE C 97 44.22 -115.73 12.22
N GLU C 98 43.25 -116.27 11.49
CA GLU C 98 42.81 -115.65 10.24
C GLU C 98 42.03 -114.37 10.55
N LYS C 99 42.59 -113.23 10.16
CA LYS C 99 41.92 -111.95 10.34
C LYS C 99 40.96 -111.75 9.19
N ASN C 100 39.74 -112.29 9.36
CA ASN C 100 38.67 -112.10 8.39
C ASN C 100 37.98 -110.77 8.72
N LEU C 101 38.62 -109.69 8.27
CA LEU C 101 38.16 -108.35 8.63
C LEU C 101 36.81 -108.05 8.02
N LYS C 102 35.87 -107.60 8.87
CA LYS C 102 34.55 -107.16 8.43
C LYS C 102 33.85 -108.24 7.62
N ASP C 103 34.02 -109.50 8.05
CA ASP C 103 33.52 -110.69 7.37
C ASP C 103 34.06 -110.83 5.96
N VAL C 104 35.01 -109.99 5.56
CA VAL C 104 35.67 -110.12 4.27
C VAL C 104 36.85 -111.06 4.44
N SER C 105 36.84 -112.16 3.71
CA SER C 105 37.76 -113.26 3.99
C SER C 105 39.18 -112.89 3.60
N PHE C 106 40.06 -112.86 4.60
CA PHE C 106 41.50 -112.81 4.39
C PHE C 106 42.09 -113.98 5.19
N ARG C 107 42.34 -115.10 4.52
CA ARG C 107 42.94 -116.26 5.18
C ARG C 107 44.32 -115.87 5.69
N LEU C 108 44.47 -115.75 7.00
CA LEU C 108 45.74 -115.39 7.60
C LEU C 108 46.32 -116.51 8.44
N GLY C 109 45.61 -116.97 9.46
CA GLY C 109 46.19 -117.93 10.40
C GLY C 109 46.12 -119.36 9.91
N SER C 110 45.60 -120.24 10.76
CA SER C 110 45.53 -121.68 10.49
C SER C 110 46.93 -122.26 10.28
N PHE C 111 47.76 -122.14 11.33
CA PHE C 111 49.12 -122.61 11.29
C PHE C 111 49.40 -123.48 12.52
N ASN C 112 50.35 -124.39 12.36
CA ASN C 112 50.52 -125.50 13.29
C ASN C 112 50.97 -125.04 14.67
N LEU C 113 50.61 -125.84 15.68
CA LEU C 113 51.13 -125.72 17.03
C LEU C 113 51.67 -127.08 17.47
N GLU C 114 51.95 -127.23 18.76
CA GLU C 114 52.39 -128.50 19.32
C GLU C 114 51.50 -128.89 20.50
N LYS C 115 51.45 -130.18 20.78
CA LYS C 115 50.65 -130.73 21.86
C LYS C 115 51.56 -131.13 23.01
N VAL C 116 51.11 -130.86 24.24
CA VAL C 116 51.91 -131.21 25.41
C VAL C 116 52.09 -132.72 25.48
N GLU C 117 53.30 -133.14 25.85
CA GLU C 117 53.56 -134.56 26.06
C GLU C 117 52.86 -135.07 27.31
N ASN C 118 52.74 -134.22 28.32
CA ASN C 118 52.06 -134.57 29.56
C ASN C 118 51.29 -133.36 30.07
N PRO C 119 49.95 -133.43 30.07
CA PRO C 119 49.17 -132.29 30.58
C PRO C 119 49.49 -131.93 32.02
N ALA C 120 49.96 -132.90 32.81
CA ALA C 120 50.33 -132.62 34.19
C ALA C 120 51.44 -131.59 34.27
N GLU C 121 52.42 -131.68 33.36
CA GLU C 121 53.59 -130.81 33.42
C GLU C 121 53.22 -129.34 33.43
N VAL C 122 52.14 -128.97 32.75
CA VAL C 122 51.76 -127.56 32.67
C VAL C 122 50.56 -127.26 33.56
N ILE C 123 49.66 -128.24 33.75
CA ILE C 123 48.50 -127.99 34.60
C ILE C 123 48.92 -127.84 36.06
N ARG C 124 49.81 -128.72 36.54
CA ARG C 124 50.30 -128.57 37.90
C ARG C 124 51.11 -127.28 38.07
N GLU C 125 51.94 -126.96 37.07
CA GLU C 125 52.70 -125.72 37.10
C GLU C 125 51.78 -124.51 37.17
N LEU C 126 50.68 -124.55 36.42
CA LEU C 126 49.69 -123.48 36.45
C LEU C 126 49.02 -123.39 37.82
N ILE C 127 48.56 -124.52 38.34
CA ILE C 127 47.84 -124.52 39.61
C ILE C 127 48.72 -124.10 40.76
N CYS C 128 50.04 -124.22 40.62
CA CYS C 128 50.96 -123.70 41.63
C CYS C 128 51.31 -122.23 41.39
N TYR C 129 51.67 -121.88 40.16
CA TYR C 129 52.10 -120.52 39.82
C TYR C 129 50.99 -119.51 40.04
N CYS C 130 49.74 -119.90 39.80
CA CYS C 130 48.63 -118.97 39.99
C CYS C 130 48.53 -118.55 41.46
N LEU C 131 48.52 -119.52 42.36
CA LEU C 131 48.46 -119.20 43.79
C LEU C 131 49.71 -118.45 44.23
N ASP C 132 50.87 -118.78 43.66
CA ASP C 132 52.08 -118.04 43.97
C ASP C 132 51.94 -116.57 43.58
N THR C 133 51.39 -116.30 42.41
CA THR C 133 51.17 -114.92 41.97
C THR C 133 50.19 -114.21 42.86
N ILE C 134 49.11 -114.89 43.27
CA ILE C 134 48.15 -114.27 44.18
C ILE C 134 48.83 -113.87 45.48
N ALA C 135 49.65 -114.77 46.04
CA ALA C 135 50.32 -114.50 47.30
C ALA C 135 51.29 -113.32 47.16
N GLU C 136 52.10 -113.32 46.11
CA GLU C 136 53.09 -112.25 45.95
C GLU C 136 52.41 -110.91 45.71
N ASN C 137 51.32 -110.89 44.94
CA ASN C 137 50.62 -109.64 44.70
C ASN C 137 49.95 -109.12 45.96
N GLN C 138 49.40 -110.00 46.79
CA GLN C 138 48.84 -109.55 48.06
C GLN C 138 49.94 -108.99 48.98
N ALA C 139 51.11 -109.63 48.99
CA ALA C 139 52.22 -109.14 49.79
C ALA C 139 52.64 -107.74 49.35
N LYS C 140 52.79 -107.54 48.03
CA LYS C 140 53.17 -106.21 47.56
C LYS C 140 52.04 -105.21 47.76
N ASN C 141 50.79 -105.68 47.77
CA ASN C 141 49.66 -104.80 48.10
C ASN C 141 49.78 -104.27 49.53
N GLU C 142 50.11 -105.16 50.48
CA GLU C 142 50.31 -104.71 51.85
C GLU C 142 51.49 -103.75 51.94
N HIS C 143 52.58 -104.03 51.23
CA HIS C 143 53.73 -103.13 51.23
C HIS C 143 53.36 -101.76 50.70
N LEU C 144 52.60 -101.71 49.60
CA LEU C 144 52.20 -100.43 49.02
C LEU C 144 51.21 -99.69 49.92
N GLN C 145 50.37 -100.42 50.65
CA GLN C 145 49.50 -99.76 51.62
C GLN C 145 50.32 -99.11 52.73
N LYS C 146 51.34 -99.83 53.21
CA LYS C 146 52.25 -99.24 54.20
C LYS C 146 52.89 -97.98 53.65
N GLU C 147 53.40 -98.04 52.42
CA GLU C 147 54.05 -96.86 51.83
C GLU C 147 53.09 -95.70 51.69
N ASN C 148 51.87 -95.97 51.21
CA ASN C 148 50.88 -94.93 51.00
C ASN C 148 50.50 -94.25 52.31
N GLU C 149 50.24 -95.05 53.36
CA GLU C 149 49.89 -94.44 54.64
C GLU C 149 51.06 -93.70 55.25
N ARG C 150 52.30 -94.19 55.04
CA ARG C 150 53.47 -93.47 55.54
C ARG C 150 53.58 -92.11 54.87
N LEU C 151 53.38 -92.05 53.55
CA LEU C 151 53.45 -90.76 52.86
C LEU C 151 52.30 -89.85 53.27
N LEU C 152 51.11 -90.42 53.53
CA LEU C 152 50.01 -89.58 54.02
C LEU C 152 50.37 -88.95 55.36
N ARG C 153 50.81 -89.77 56.32
CA ARG C 153 51.08 -89.25 57.66
C ARG C 153 52.22 -88.24 57.64
N ASP C 154 53.29 -88.53 56.89
CA ASP C 154 54.41 -87.59 56.94
C ASP C 154 54.12 -86.34 56.11
N TRP C 155 53.28 -86.43 55.08
CA TRP C 155 52.83 -85.22 54.41
C TRP C 155 52.09 -84.31 55.38
N ASN C 156 51.17 -84.89 56.15
CA ASN C 156 50.45 -84.07 57.14
C ASN C 156 51.41 -83.47 58.16
N ASP C 157 52.35 -84.28 58.65
CA ASP C 157 53.29 -83.81 59.66
C ASP C 157 54.17 -82.68 59.14
N VAL C 158 54.67 -82.82 57.91
CA VAL C 158 55.57 -81.81 57.38
C VAL C 158 54.80 -80.57 56.93
N GLN C 159 53.54 -80.71 56.54
CA GLN C 159 52.72 -79.52 56.31
C GLN C 159 52.51 -78.74 57.59
N GLY C 160 52.24 -79.46 58.70
CA GLY C 160 52.16 -78.79 59.99
C GLY C 160 53.46 -78.11 60.38
N ARG C 161 54.59 -78.78 60.13
CA ARG C 161 55.89 -78.18 60.41
C ARG C 161 56.13 -76.94 59.55
N PHE C 162 55.70 -76.97 58.30
CA PHE C 162 55.84 -75.80 57.43
C PHE C 162 55.00 -74.64 57.96
N GLU C 163 53.78 -74.90 58.39
CA GLU C 163 52.98 -73.85 59.02
C GLU C 163 53.69 -73.30 60.26
N LYS C 164 54.24 -74.21 61.08
CA LYS C 164 54.96 -73.81 62.27
C LYS C 164 56.11 -72.88 61.94
N CYS C 165 56.92 -73.25 60.95
CA CYS C 165 58.09 -72.44 60.61
C CYS C 165 57.70 -71.13 59.96
N VAL C 166 56.62 -71.11 59.17
CA VAL C 166 56.14 -69.84 58.61
C VAL C 166 55.75 -68.89 59.73
N SER C 167 54.94 -69.37 60.68
CA SER C 167 54.54 -68.54 61.81
C SER C 167 55.74 -68.11 62.64
N ALA C 168 56.71 -69.02 62.80
CA ALA C 168 57.90 -68.72 63.59
C ALA C 168 58.74 -67.63 62.94
N LYS C 169 58.92 -67.68 61.62
CA LYS C 169 59.67 -66.63 60.95
C LYS C 169 58.93 -65.29 61.02
N GLU C 170 57.60 -65.32 60.86
CA GLU C 170 56.83 -64.10 60.99
C GLU C 170 57.00 -63.47 62.38
N ALA C 171 56.98 -64.31 63.42
CA ALA C 171 57.22 -63.79 64.77
C ALA C 171 58.66 -63.34 64.94
N LEU C 172 59.61 -64.02 64.30
CA LEU C 172 61.01 -63.67 64.38
C LEU C 172 61.24 -62.25 63.89
N GLU C 173 60.62 -61.91 62.76
CA GLU C 173 60.70 -60.55 62.25
C GLU C 173 60.44 -59.54 63.37
N THR C 174 59.23 -59.57 63.92
CA THR C 174 58.82 -58.56 64.90
C THR C 174 59.65 -58.62 66.17
N ASP C 175 59.94 -59.82 66.68
CA ASP C 175 60.67 -59.90 67.94
C ASP C 175 62.10 -59.39 67.79
N LEU C 176 62.75 -59.74 66.67
CA LEU C 176 64.09 -59.21 66.44
C LEU C 176 64.05 -57.69 66.27
N TYR C 177 63.05 -57.18 65.56
CA TYR C 177 62.92 -55.72 65.45
C TYR C 177 62.83 -55.09 66.83
N LYS C 178 61.93 -55.59 67.68
CA LYS C 178 61.73 -54.99 68.99
C LYS C 178 62.97 -55.11 69.85
N ARG C 179 63.61 -56.28 69.85
CA ARG C 179 64.79 -56.48 70.68
C ARG C 179 65.92 -55.55 70.26
N PHE C 180 66.16 -55.45 68.95
CA PHE C 180 67.22 -54.56 68.47
C PHE C 180 66.88 -53.11 68.79
N ILE C 181 65.62 -52.73 68.64
CA ILE C 181 65.19 -51.38 68.98
C ILE C 181 65.50 -51.08 70.44
N LEU C 182 65.12 -52.01 71.32
CA LEU C 182 65.32 -51.79 72.75
C LEU C 182 66.80 -51.67 73.09
N VAL C 183 67.63 -52.55 72.52
CA VAL C 183 69.06 -52.50 72.83
C VAL C 183 69.67 -51.20 72.31
N LEU C 184 69.27 -50.77 71.12
CA LEU C 184 69.78 -49.51 70.60
C LEU C 184 69.33 -48.34 71.48
N ASN C 185 68.08 -48.38 71.97
CA ASN C 185 67.62 -47.32 72.87
C ASN C 185 68.41 -47.31 74.17
N GLU C 186 68.76 -48.49 74.68
CA GLU C 186 69.62 -48.56 75.86
C GLU C 186 70.97 -47.92 75.57
N LYS C 187 71.55 -48.22 74.42
CA LYS C 187 72.84 -47.65 74.06
C LYS C 187 72.75 -46.13 73.93
N LYS C 188 71.66 -45.65 73.34
CA LYS C 188 71.45 -44.20 73.23
C LYS C 188 71.29 -43.57 74.61
N THR C 189 70.64 -44.29 75.53
CA THR C 189 70.50 -43.79 76.90
C THR C 189 71.86 -43.68 77.57
N LYS C 190 72.71 -44.67 77.36
CA LYS C 190 74.08 -44.58 77.86
C LYS C 190 74.80 -43.38 77.25
N ILE C 191 74.58 -43.14 75.96
CA ILE C 191 75.17 -41.97 75.30
C ILE C 191 74.68 -40.69 75.96
N ARG C 192 73.37 -40.59 76.20
CA ARG C 192 72.82 -39.38 76.79
C ARG C 192 73.37 -39.16 78.18
N SER C 193 73.47 -40.22 78.98
CA SER C 193 74.01 -40.09 80.33
C SER C 193 75.46 -39.64 80.29
N LEU C 194 76.28 -40.27 79.44
CA LEU C 194 77.69 -39.92 79.36
C LEU C 194 77.87 -38.47 78.92
N HIS C 195 77.11 -38.04 77.92
CA HIS C 195 77.22 -36.68 77.43
C HIS C 195 76.76 -35.68 78.48
N ASN C 196 75.67 -35.99 79.19
CA ASN C 196 75.19 -35.09 80.23
C ASN C 196 76.22 -34.96 81.35
N LYS C 197 76.84 -36.06 81.74
CA LYS C 197 77.90 -35.97 82.75
C LYS C 197 79.11 -35.22 82.22
N LEU C 198 79.41 -35.36 80.93
CA LEU C 198 80.55 -34.66 80.34
C LEU C 198 80.30 -33.16 80.27
N LEU C 199 79.03 -32.75 80.17
CA LEU C 199 78.64 -31.35 79.94
C LEU C 199 79.49 -30.33 80.69
N ASN C 200 79.84 -30.61 81.95
CA ASN C 200 80.69 -29.73 82.73
C ASN C 200 81.80 -30.50 83.42
N ALA C 201 82.28 -31.58 82.79
CA ALA C 201 83.37 -32.36 83.35
C ALA C 201 84.66 -31.54 83.35
N MET D 1 31.88 -119.48 50.48
CA MET D 1 32.03 -118.32 49.61
C MET D 1 33.38 -118.35 48.90
N GLU D 2 34.36 -117.65 49.46
CA GLU D 2 35.69 -117.62 48.88
C GLU D 2 36.40 -118.96 49.10
N ARG D 3 37.43 -119.19 48.29
CA ARG D 3 38.18 -120.44 48.32
C ARG D 3 39.58 -120.18 48.85
N LYS D 4 40.11 -121.17 49.58
CA LYS D 4 41.38 -120.99 50.28
C LYS D 4 42.56 -121.13 49.34
N ILE D 5 43.61 -120.35 49.60
CA ILE D 5 44.89 -120.50 48.93
C ILE D 5 45.78 -121.36 49.80
N SER D 6 46.30 -122.45 49.23
CA SER D 6 47.06 -123.42 49.99
C SER D 6 48.37 -123.74 49.30
N ARG D 7 49.47 -123.65 50.05
CA ARG D 7 50.79 -124.06 49.61
C ARG D 7 51.30 -125.18 50.51
N ILE D 8 50.45 -126.18 50.75
CA ILE D 8 50.63 -127.17 51.80
C ILE D 8 51.86 -128.02 51.57
N HIS D 9 52.30 -128.71 52.62
CA HIS D 9 53.31 -129.76 52.51
C HIS D 9 52.63 -131.05 52.07
N LEU D 10 53.31 -131.81 51.22
CA LEU D 10 52.70 -132.93 50.51
C LEU D 10 53.31 -134.23 51.03
N VAL D 11 52.49 -135.03 51.70
CA VAL D 11 52.85 -136.39 52.05
C VAL D 11 51.98 -137.41 51.30
N SER D 12 50.77 -137.05 50.91
CA SER D 12 49.92 -137.94 50.13
C SER D 12 50.61 -138.35 48.83
N GLU D 13 51.18 -137.38 48.12
CA GLU D 13 51.93 -137.63 46.90
C GLU D 13 52.71 -136.38 46.51
N PRO D 14 54.00 -136.53 46.15
CA PRO D 14 54.75 -135.35 45.69
C PRO D 14 54.36 -134.93 44.28
N SER D 15 53.93 -135.86 43.44
CA SER D 15 53.51 -135.53 42.08
C SER D 15 52.12 -134.91 42.04
N ILE D 16 51.40 -134.92 43.15
CA ILE D 16 50.08 -134.32 43.22
C ILE D 16 50.22 -132.96 43.90
N THR D 17 49.21 -132.10 43.71
CA THR D 17 49.18 -130.78 44.34
C THR D 17 47.83 -130.61 45.04
N HIS D 18 47.74 -131.12 46.26
CA HIS D 18 46.51 -131.01 47.04
C HIS D 18 46.28 -129.55 47.41
N PHE D 19 45.34 -128.90 46.75
CA PHE D 19 45.10 -127.48 46.93
C PHE D 19 43.68 -127.25 47.44
N LEU D 20 43.56 -126.41 48.47
CA LEU D 20 42.25 -126.18 49.06
C LEU D 20 41.34 -125.43 48.10
N GLN D 21 40.14 -125.97 47.87
CA GLN D 21 39.05 -125.27 47.20
C GLN D 21 37.85 -125.45 48.13
N VAL D 22 37.74 -124.56 49.11
CA VAL D 22 36.84 -124.74 50.24
C VAL D 22 35.87 -123.56 50.29
N SER D 23 34.58 -123.85 50.35
CA SER D 23 33.56 -122.83 50.59
C SER D 23 33.33 -122.78 52.09
N TRP D 24 33.90 -121.77 52.74
CA TRP D 24 33.89 -121.65 54.19
C TRP D 24 32.89 -120.59 54.64
N GLU D 25 32.37 -120.78 55.85
CA GLU D 25 31.46 -119.84 56.48
C GLU D 25 32.18 -119.18 57.67
N LYS D 26 31.47 -118.29 58.37
CA LYS D 26 32.09 -117.44 59.37
C LYS D 26 32.92 -118.25 60.38
N THR D 27 32.42 -119.41 60.79
CA THR D 27 33.19 -120.32 61.61
C THR D 27 33.08 -121.72 61.02
N LEU D 28 34.02 -122.58 61.41
CA LEU D 28 34.15 -123.89 60.81
C LEU D 28 33.35 -124.95 61.57
N GLU D 29 32.64 -124.56 62.64
CA GLU D 29 31.75 -125.44 63.36
C GLU D 29 30.28 -125.17 63.08
N SER D 30 29.96 -124.23 62.20
CA SER D 30 28.59 -123.94 61.82
C SER D 30 28.28 -124.27 60.37
N GLY D 31 29.28 -124.25 59.49
CA GLY D 31 29.08 -124.59 58.09
C GLY D 31 30.34 -124.47 57.27
N PHE D 32 30.59 -125.46 56.41
CA PHE D 32 31.74 -125.44 55.54
C PHE D 32 31.66 -126.61 54.57
N VAL D 33 32.20 -126.42 53.37
CA VAL D 33 32.37 -127.49 52.38
C VAL D 33 33.84 -127.48 51.99
N ILE D 34 34.59 -128.46 52.51
CA ILE D 34 36.02 -128.56 52.27
C ILE D 34 36.26 -129.50 51.11
N THR D 35 36.93 -129.02 50.08
CA THR D 35 37.27 -129.81 48.92
C THR D 35 38.74 -129.64 48.59
N LEU D 36 39.32 -130.67 47.98
CA LEU D 36 40.74 -130.69 47.65
C LEU D 36 40.88 -130.84 46.14
N THR D 37 41.26 -129.76 45.47
CA THR D 37 41.53 -129.76 44.04
C THR D 37 43.01 -130.06 43.83
N ASP D 38 43.31 -131.18 43.17
CA ASP D 38 44.68 -131.62 43.02
C ASP D 38 45.35 -131.06 41.78
N GLY D 39 44.60 -130.91 40.69
CA GLY D 39 45.16 -130.51 39.43
C GLY D 39 44.62 -131.35 38.29
N HIS D 40 44.35 -132.63 38.57
CA HIS D 40 43.65 -133.48 37.62
C HIS D 40 42.36 -134.03 38.21
N SER D 41 42.41 -134.72 39.35
CA SER D 41 41.29 -135.46 39.89
C SER D 41 40.92 -134.84 41.24
N ALA D 42 40.06 -133.83 41.21
CA ALA D 42 39.66 -133.14 42.43
C ALA D 42 38.71 -134.00 43.24
N TRP D 43 38.53 -133.61 44.51
CA TRP D 43 37.66 -134.34 45.43
C TRP D 43 36.84 -133.31 46.19
N THR D 44 35.56 -133.19 45.85
CA THR D 44 34.62 -132.34 46.57
C THR D 44 33.70 -133.28 47.35
N GLY D 45 33.94 -133.39 48.64
CA GLY D 45 33.17 -134.27 49.50
C GLY D 45 32.46 -133.50 50.59
N THR D 46 31.22 -133.91 50.89
CA THR D 46 30.47 -133.24 51.94
C THR D 46 31.15 -133.43 53.29
N VAL D 47 31.14 -132.37 54.09
CA VAL D 47 31.79 -132.36 55.39
C VAL D 47 30.83 -131.76 56.41
N SER D 48 30.62 -132.46 57.51
CA SER D 48 29.71 -132.03 58.55
C SER D 48 30.43 -131.19 59.59
N GLU D 49 29.67 -130.47 60.39
CA GLU D 49 30.20 -129.67 61.47
C GLU D 49 30.24 -130.44 62.79
N SER D 50 29.80 -131.70 62.78
CA SER D 50 29.97 -132.57 63.94
C SER D 50 31.27 -133.36 63.88
N GLU D 51 31.75 -133.67 62.67
CA GLU D 51 33.03 -134.35 62.53
C GLU D 51 34.19 -133.50 63.00
N ILE D 52 34.06 -132.17 62.95
CA ILE D 52 35.01 -131.30 63.62
C ILE D 52 34.70 -131.21 65.11
N SER D 53 33.42 -131.31 65.47
CA SER D 53 32.97 -131.23 66.86
C SER D 53 33.33 -132.47 67.66
N GLN D 54 34.06 -133.41 67.08
CA GLN D 54 34.57 -134.57 67.79
C GLN D 54 36.07 -134.70 67.73
N GLU D 55 36.76 -133.86 66.96
CA GLU D 55 38.20 -134.00 66.79
C GLU D 55 38.96 -133.76 68.09
N ALA D 56 38.46 -132.86 68.94
CA ALA D 56 39.10 -132.59 70.23
C ALA D 56 38.57 -133.47 71.34
N ASP D 57 37.60 -134.34 71.04
CA ASP D 57 37.06 -135.27 72.04
C ASP D 57 37.61 -136.69 71.89
N ASP D 58 38.51 -136.92 70.91
CA ASP D 58 39.14 -138.23 70.81
C ASP D 58 40.18 -138.43 71.89
N MET D 59 40.89 -137.37 72.28
CA MET D 59 41.96 -137.45 73.25
C MET D 59 41.80 -136.39 74.34
N ALA D 60 40.60 -135.81 74.47
CA ALA D 60 40.21 -134.97 75.60
C ALA D 60 41.11 -133.73 75.73
N MET D 61 40.98 -132.82 74.75
CA MET D 61 41.54 -131.48 74.88
C MET D 61 40.51 -130.48 74.36
N GLU D 62 40.91 -129.20 74.39
CA GLU D 62 40.01 -128.12 74.02
C GLU D 62 39.70 -128.16 72.53
N LYS D 63 38.51 -127.67 72.17
CA LYS D 63 38.13 -127.63 70.77
C LYS D 63 38.98 -126.66 69.96
N GLY D 64 39.59 -125.67 70.61
CA GLY D 64 40.42 -124.72 69.88
C GLY D 64 41.57 -125.38 69.16
N LYS D 65 42.22 -126.34 69.83
CA LYS D 65 43.36 -127.06 69.24
C LYS D 65 42.97 -127.81 67.97
N TYR D 66 41.69 -128.04 67.74
CA TYR D 66 41.23 -128.59 66.47
C TYR D 66 40.42 -127.61 65.65
N VAL D 67 39.46 -126.90 66.25
CA VAL D 67 38.62 -126.00 65.47
C VAL D 67 39.44 -124.83 64.94
N GLY D 68 40.14 -124.11 65.83
CA GLY D 68 40.92 -122.98 65.37
C GLY D 68 42.09 -123.40 64.51
N GLU D 69 42.73 -124.52 64.87
CA GLU D 69 43.84 -125.02 64.07
C GLU D 69 43.37 -125.45 62.68
N LEU D 70 42.13 -125.95 62.58
CA LEU D 70 41.57 -126.29 61.27
C LEU D 70 41.23 -125.04 60.48
N ARG D 71 40.71 -124.01 61.14
CA ARG D 71 40.51 -122.74 60.47
C ARG D 71 41.82 -122.22 59.89
N LYS D 72 42.90 -122.34 60.66
CA LYS D 72 44.22 -121.96 60.15
C LYS D 72 44.70 -122.92 59.05
N ALA D 73 44.33 -124.20 59.15
CA ALA D 73 44.69 -125.16 58.12
C ALA D 73 44.08 -124.78 56.78
N LEU D 74 42.82 -124.34 56.79
CA LEU D 74 42.23 -123.81 55.57
C LEU D 74 42.98 -122.56 55.10
N LEU D 75 43.37 -121.70 56.04
CA LEU D 75 44.17 -120.53 55.68
C LEU D 75 45.61 -120.89 55.33
N SER D 76 46.05 -122.10 55.62
CA SER D 76 47.43 -122.51 55.32
C SER D 76 47.47 -123.50 54.16
N VAL D 83 51.93 -126.89 61.42
CA VAL D 83 52.00 -127.57 60.14
C VAL D 83 50.69 -128.31 59.84
N TYR D 84 50.23 -128.18 58.59
CA TYR D 84 49.05 -128.91 58.10
C TYR D 84 49.44 -129.54 56.77
N THR D 85 50.06 -130.72 56.83
CA THR D 85 50.41 -131.47 55.63
C THR D 85 49.25 -132.41 55.29
N PHE D 86 48.58 -132.13 54.18
CA PHE D 86 47.33 -132.81 53.88
C PHE D 86 47.58 -134.27 53.51
N ASN D 87 47.40 -135.16 54.49
CA ASN D 87 47.57 -136.60 54.27
C ASN D 87 46.29 -137.16 53.64
N PHE D 88 45.89 -136.55 52.53
CA PHE D 88 44.67 -136.95 51.85
C PHE D 88 44.89 -138.32 51.21
N SER D 89 44.38 -139.36 51.87
CA SER D 89 44.56 -140.71 51.36
C SER D 89 43.65 -140.96 50.16
N LYS D 90 44.18 -140.76 48.95
CA LYS D 90 43.40 -141.00 47.75
C LYS D 90 42.92 -142.44 47.66
N GLU D 91 43.70 -143.37 48.22
CA GLU D 91 43.28 -144.77 48.29
C GLU D 91 41.99 -144.94 49.08
N SER D 92 41.68 -144.00 49.97
CA SER D 92 40.41 -144.00 50.69
C SER D 92 39.64 -142.70 50.48
N CYS D 93 40.21 -141.73 49.76
CA CYS D 93 39.60 -140.43 49.54
C CYS D 93 39.24 -139.75 50.86
N TYR D 94 40.03 -140.04 51.90
CA TYR D 94 39.83 -139.48 53.23
C TYR D 94 40.82 -138.35 53.46
N PHE D 95 40.33 -137.22 53.94
CA PHE D 95 41.12 -135.99 54.08
C PHE D 95 41.47 -135.83 55.55
N PHE D 96 42.72 -136.12 55.90
CA PHE D 96 43.21 -135.89 57.25
C PHE D 96 44.61 -135.29 57.19
N PHE D 97 44.97 -134.56 58.25
CA PHE D 97 46.27 -133.95 58.35
C PHE D 97 46.56 -133.65 59.81
N GLU D 98 47.83 -133.75 60.18
CA GLU D 98 48.26 -133.65 61.58
C GLU D 98 48.89 -132.28 61.84
N LYS D 99 48.37 -131.61 62.88
CA LYS D 99 48.99 -130.37 63.38
C LYS D 99 49.95 -130.78 64.49
N ASN D 100 51.21 -130.97 64.11
CA ASN D 100 52.23 -131.47 65.03
C ASN D 100 52.96 -130.30 65.67
N LEU D 101 53.01 -130.30 67.01
CA LEU D 101 53.73 -129.28 67.76
C LEU D 101 54.90 -129.86 68.54
N LYS D 102 54.65 -130.80 69.45
CA LYS D 102 55.71 -131.44 70.21
C LYS D 102 55.19 -132.79 70.68
N ASP D 103 55.67 -133.86 70.05
CA ASP D 103 55.18 -135.21 70.32
C ASP D 103 53.66 -135.26 70.16
N VAL D 104 53.17 -134.56 69.16
CA VAL D 104 51.73 -134.38 68.93
C VAL D 104 51.39 -134.88 67.54
N SER D 105 50.38 -135.76 67.46
CA SER D 105 49.78 -136.16 66.19
C SER D 105 48.27 -135.99 66.35
N PHE D 106 47.81 -134.77 66.10
CA PHE D 106 46.38 -134.43 66.15
C PHE D 106 45.86 -134.45 64.73
N ARG D 107 45.06 -135.46 64.39
CA ARG D 107 44.50 -135.51 63.04
C ARG D 107 43.37 -134.48 62.96
N LEU D 108 43.61 -133.41 62.20
CA LEU D 108 42.61 -132.37 62.02
C LEU D 108 41.61 -132.68 60.92
N GLY D 109 41.88 -133.69 60.10
CA GLY D 109 40.94 -134.02 59.05
C GLY D 109 40.04 -135.20 59.38
N SER D 110 38.81 -134.91 59.79
CA SER D 110 37.75 -135.90 59.80
C SER D 110 36.97 -135.88 58.51
N PHE D 111 37.45 -135.13 57.52
CA PHE D 111 36.74 -134.88 56.27
C PHE D 111 36.75 -136.14 55.41
N ASN D 112 35.68 -136.93 55.51
CA ASN D 112 35.48 -138.08 54.64
C ASN D 112 35.04 -137.56 53.28
N LEU D 113 36.02 -137.11 52.50
CA LEU D 113 35.71 -136.52 51.20
C LEU D 113 35.25 -137.58 50.22
N GLU D 114 34.59 -137.11 49.16
CA GLU D 114 34.13 -137.96 48.07
C GLU D 114 34.59 -137.38 46.75
N LYS D 115 35.04 -138.25 45.85
CA LYS D 115 35.45 -137.80 44.53
C LYS D 115 34.24 -137.39 43.71
N VAL D 116 34.40 -136.32 42.95
CA VAL D 116 33.34 -135.82 42.08
C VAL D 116 33.64 -136.25 40.66
N GLU D 117 32.58 -136.33 39.85
CA GLU D 117 32.68 -136.84 38.49
C GLU D 117 33.12 -135.78 37.48
N ASN D 118 33.39 -134.55 37.93
CA ASN D 118 33.83 -133.46 37.07
C ASN D 118 35.22 -133.01 37.51
N PRO D 119 36.23 -133.87 37.37
CA PRO D 119 37.57 -133.50 37.87
C PRO D 119 38.21 -132.38 37.09
N ALA D 120 37.89 -132.24 35.80
CA ALA D 120 38.43 -131.13 35.02
C ALA D 120 37.63 -129.86 35.20
N GLU D 121 36.33 -129.97 35.47
CA GLU D 121 35.52 -128.79 35.72
C GLU D 121 35.95 -128.08 37.00
N VAL D 122 36.40 -128.84 38.01
CA VAL D 122 36.97 -128.20 39.19
C VAL D 122 38.29 -127.52 38.85
N ILE D 123 39.03 -128.07 37.89
CA ILE D 123 40.25 -127.41 37.44
C ILE D 123 39.91 -126.07 36.81
N ARG D 124 38.86 -126.05 35.98
CA ARG D 124 38.41 -124.77 35.42
C ARG D 124 37.88 -123.84 36.51
N GLU D 125 37.27 -124.39 37.56
CA GLU D 125 36.82 -123.58 38.68
C GLU D 125 38.00 -122.89 39.36
N LEU D 126 39.07 -123.63 39.62
CA LEU D 126 40.27 -123.03 40.19
C LEU D 126 40.93 -122.08 39.18
N ILE D 127 40.80 -122.36 37.89
CA ILE D 127 41.27 -121.45 36.86
C ILE D 127 40.60 -120.08 37.00
N CYS D 128 39.27 -120.08 37.08
CA CYS D 128 38.54 -118.82 37.23
C CYS D 128 38.86 -118.18 38.58
N TYR D 129 38.99 -118.99 39.63
CA TYR D 129 39.29 -118.46 40.96
C TYR D 129 40.62 -117.73 40.98
N CYS D 130 41.67 -118.38 40.47
CA CYS D 130 42.98 -117.76 40.44
C CYS D 130 43.01 -116.56 39.51
N LEU D 131 42.30 -116.64 38.38
CA LEU D 131 42.21 -115.49 37.48
C LEU D 131 41.62 -114.27 38.20
N ASP D 132 40.49 -114.46 38.88
CA ASP D 132 39.85 -113.31 39.53
C ASP D 132 40.68 -112.81 40.71
N THR D 133 41.33 -113.71 41.46
CA THR D 133 42.14 -113.27 42.58
C THR D 133 43.34 -112.46 42.12
N ILE D 134 44.05 -112.93 41.07
CA ILE D 134 45.18 -112.16 40.59
C ILE D 134 44.71 -110.85 39.96
N ALA D 135 43.54 -110.86 39.30
CA ALA D 135 42.99 -109.61 38.78
C ALA D 135 42.75 -108.59 39.88
N GLU D 136 42.06 -109.01 40.95
CA GLU D 136 41.71 -108.08 42.02
C GLU D 136 42.96 -107.57 42.74
N ASN D 137 43.91 -108.46 43.04
CA ASN D 137 45.08 -108.01 43.78
C ASN D 137 45.97 -107.14 42.91
N GLN D 138 46.08 -107.43 41.61
CA GLN D 138 46.88 -106.58 40.74
C GLN D 138 46.24 -105.20 40.57
N ALA D 139 44.91 -105.15 40.45
CA ALA D 139 44.24 -103.85 40.35
C ALA D 139 44.43 -103.04 41.62
N LYS D 140 44.29 -103.69 42.79
CA LYS D 140 44.55 -103.00 44.05
C LYS D 140 45.99 -102.52 44.12
N ASN D 141 46.93 -103.35 43.64
CA ASN D 141 48.33 -102.95 43.58
C ASN D 141 48.51 -101.68 42.77
N GLU D 142 47.93 -101.64 41.56
CA GLU D 142 48.11 -100.48 40.69
C GLU D 142 47.50 -99.23 41.31
N HIS D 143 46.27 -99.34 41.83
CA HIS D 143 45.62 -98.18 42.43
C HIS D 143 46.42 -97.66 43.62
N LEU D 144 46.92 -98.57 44.44
CA LEU D 144 47.66 -98.16 45.63
C LEU D 144 49.03 -97.62 45.27
N GLN D 145 49.65 -98.13 44.21
CA GLN D 145 50.90 -97.55 43.70
C GLN D 145 50.68 -96.10 43.29
N LYS D 146 49.64 -95.84 42.48
CA LYS D 146 49.45 -94.47 42.02
C LYS D 146 49.07 -93.54 43.18
N GLU D 147 48.27 -94.04 44.13
CA GLU D 147 47.93 -93.21 45.28
C GLU D 147 49.16 -92.89 46.13
N ASN D 148 50.01 -93.89 46.37
CA ASN D 148 51.24 -93.66 47.14
C ASN D 148 52.17 -92.72 46.42
N GLU D 149 52.28 -92.84 45.09
CA GLU D 149 53.13 -91.93 44.33
C GLU D 149 52.59 -90.50 44.38
N ARG D 150 51.27 -90.34 44.31
CA ARG D 150 50.68 -89.02 44.44
C ARG D 150 51.00 -88.41 45.81
N LEU D 151 50.84 -89.21 46.87
CA LEU D 151 51.16 -88.71 48.20
C LEU D 151 52.64 -88.40 48.34
N LEU D 152 53.50 -89.20 47.72
CA LEU D 152 54.94 -88.95 47.77
C LEU D 152 55.32 -87.67 47.06
N ARG D 153 54.71 -87.41 45.90
CA ARG D 153 54.96 -86.15 45.20
C ARG D 153 54.45 -84.96 46.00
N ASP D 154 53.28 -85.10 46.62
CA ASP D 154 52.80 -84.04 47.50
C ASP D 154 53.77 -83.80 48.65
N TRP D 155 54.28 -84.89 49.24
CA TRP D 155 55.20 -84.78 50.36
C TRP D 155 56.49 -84.10 49.93
N ASN D 156 56.98 -84.40 48.74
CA ASN D 156 58.19 -83.73 48.27
C ASN D 156 57.94 -82.26 47.99
N ASP D 157 56.76 -81.90 47.48
CA ASP D 157 56.45 -80.49 47.27
C ASP D 157 56.43 -79.73 48.58
N VAL D 158 55.75 -80.28 49.59
CA VAL D 158 55.73 -79.62 50.89
C VAL D 158 57.10 -79.68 51.55
N GLN D 159 57.90 -80.70 51.23
CA GLN D 159 59.30 -80.71 51.65
C GLN D 159 60.04 -79.50 51.10
N GLY D 160 59.86 -79.24 49.81
CA GLY D 160 60.50 -78.08 49.21
C GLY D 160 60.07 -76.78 49.87
N ARG D 161 58.75 -76.62 50.08
CA ARG D 161 58.28 -75.37 50.66
C ARG D 161 58.75 -75.21 52.10
N PHE D 162 58.77 -76.31 52.87
CA PHE D 162 59.22 -76.27 54.25
C PHE D 162 60.70 -75.93 54.35
N GLU D 163 61.52 -76.57 53.50
CA GLU D 163 62.95 -76.26 53.47
C GLU D 163 63.19 -74.82 53.08
N LYS D 164 62.47 -74.33 52.06
CA LYS D 164 62.65 -72.95 51.63
C LYS D 164 62.29 -71.98 52.74
N CYS D 165 61.19 -72.23 53.45
CA CYS D 165 60.80 -71.33 54.52
C CYS D 165 61.80 -71.36 55.68
N VAL D 166 62.30 -72.55 56.04
CA VAL D 166 63.29 -72.64 57.11
C VAL D 166 64.57 -71.90 56.73
N SER D 167 65.04 -72.11 55.50
CA SER D 167 66.23 -71.41 55.04
C SER D 167 66.02 -69.90 55.01
N ALA D 168 64.84 -69.46 54.56
CA ALA D 168 64.54 -68.04 54.53
C ALA D 168 64.53 -67.45 55.94
N LYS D 169 63.95 -68.18 56.90
CA LYS D 169 63.97 -67.72 58.28
C LYS D 169 65.40 -67.61 58.81
N GLU D 170 66.23 -68.61 58.50
CA GLU D 170 67.61 -68.59 58.99
C GLU D 170 68.36 -67.40 58.40
N ALA D 171 68.22 -67.17 57.10
CA ALA D 171 68.88 -66.02 56.48
C ALA D 171 68.33 -64.71 57.00
N LEU D 172 67.03 -64.67 57.29
CA LEU D 172 66.42 -63.46 57.82
C LEU D 172 66.97 -63.11 59.19
N GLU D 173 67.06 -64.11 60.07
CA GLU D 173 67.68 -63.90 61.37
C GLU D 173 69.14 -63.48 61.22
N THR D 174 69.85 -64.12 60.29
CA THR D 174 71.25 -63.79 60.05
C THR D 174 71.41 -62.32 59.68
N ASP D 175 70.60 -61.83 58.73
CA ASP D 175 70.76 -60.45 58.29
C ASP D 175 70.27 -59.46 59.35
N LEU D 176 69.19 -59.80 60.05
CA LEU D 176 68.70 -58.93 61.12
C LEU D 176 69.77 -58.76 62.19
N TYR D 177 70.37 -59.86 62.63
CA TYR D 177 71.44 -59.77 63.61
C TYR D 177 72.69 -59.13 63.03
N LYS D 178 72.90 -59.27 61.72
CA LYS D 178 73.99 -58.56 61.05
C LYS D 178 73.87 -57.07 61.29
N ARG D 179 72.74 -56.49 60.89
CA ARG D 179 72.54 -55.06 61.01
C ARG D 179 72.50 -54.62 62.46
N PHE D 180 71.91 -55.44 63.33
CA PHE D 180 71.90 -55.13 64.75
C PHE D 180 73.31 -55.09 65.31
N ILE D 181 74.15 -56.05 64.93
CA ILE D 181 75.54 -56.07 65.40
C ILE D 181 76.28 -54.83 64.90
N LEU D 182 76.09 -54.47 63.63
CA LEU D 182 76.81 -53.33 63.09
C LEU D 182 76.42 -52.04 63.81
N VAL D 183 75.11 -51.80 63.96
CA VAL D 183 74.68 -50.58 64.63
C VAL D 183 75.08 -50.61 66.10
N LEU D 184 75.06 -51.79 66.72
CA LEU D 184 75.47 -51.89 68.12
C LEU D 184 76.95 -51.55 68.27
N ASN D 185 77.79 -52.05 67.36
CA ASN D 185 79.21 -51.71 67.41
C ASN D 185 79.42 -50.22 67.21
N GLU D 186 78.68 -49.62 66.28
CA GLU D 186 78.76 -48.17 66.09
C GLU D 186 78.45 -47.44 67.39
N LYS D 187 77.32 -47.77 68.02
CA LYS D 187 76.93 -47.06 69.22
C LYS D 187 77.83 -47.37 70.41
N LYS D 188 78.39 -48.58 70.46
CA LYS D 188 79.28 -48.93 71.56
C LYS D 188 80.61 -48.20 71.43
N THR D 189 81.12 -48.06 70.21
CA THR D 189 82.29 -47.23 69.98
C THR D 189 82.00 -45.78 70.35
N LYS D 190 80.79 -45.31 70.03
CA LYS D 190 80.39 -43.97 70.43
C LYS D 190 80.35 -43.84 71.96
N ILE D 191 79.84 -44.87 72.64
CA ILE D 191 79.84 -44.88 74.10
C ILE D 191 81.25 -44.81 74.64
N ARG D 192 82.16 -45.60 74.05
CA ARG D 192 83.55 -45.60 74.48
C ARG D 192 84.16 -44.22 74.34
N SER D 193 84.00 -43.61 73.16
CA SER D 193 84.57 -42.29 72.92
C SER D 193 83.98 -41.25 73.87
N LEU D 194 82.65 -41.28 74.04
CA LEU D 194 81.99 -40.28 74.88
C LEU D 194 82.41 -40.42 76.33
N HIS D 195 82.53 -41.66 76.82
CA HIS D 195 82.99 -41.87 78.18
C HIS D 195 84.44 -41.43 78.35
N ASN D 196 85.27 -41.66 77.32
CA ASN D 196 86.63 -41.15 77.38
C ASN D 196 86.65 -39.64 77.49
N LYS D 197 85.82 -38.96 76.69
CA LYS D 197 85.74 -37.51 76.78
C LYS D 197 85.28 -37.07 78.16
N LEU D 198 84.29 -37.77 78.71
CA LEU D 198 83.79 -37.45 80.05
C LEU D 198 84.90 -37.59 81.09
N LEU D 199 85.69 -38.65 80.99
CA LEU D 199 86.75 -38.90 81.97
C LEU D 199 87.86 -37.87 81.85
N ASN D 200 88.35 -37.63 80.64
CA ASN D 200 89.48 -36.73 80.46
C ASN D 200 89.13 -35.31 80.87
N ALA D 201 87.94 -34.85 80.52
CA ALA D 201 87.52 -33.50 80.88
C ALA D 201 87.34 -33.39 82.38
N LYS E 654 58.15 -15.02 56.79
CA LYS E 654 56.80 -14.47 56.84
C LYS E 654 55.90 -15.32 57.72
N ILE E 655 55.16 -16.23 57.11
CA ILE E 655 54.32 -17.14 57.88
C ILE E 655 55.18 -17.97 58.83
N SER E 656 56.25 -18.57 58.30
CA SER E 656 57.27 -19.21 59.10
C SER E 656 58.52 -18.36 58.91
N ASN E 657 58.62 -17.29 59.71
CA ASN E 657 59.70 -16.32 59.58
C ASN E 657 61.07 -16.92 59.88
N ILE E 658 61.12 -18.12 60.47
CA ILE E 658 62.38 -18.81 60.66
C ILE E 658 63.07 -19.04 59.32
N PHE E 659 62.30 -19.23 58.26
CA PHE E 659 62.89 -19.36 56.93
C PHE E 659 63.58 -18.09 56.47
N GLU E 660 63.22 -16.94 57.04
CA GLU E 660 63.97 -15.73 56.77
C GLU E 660 65.35 -15.82 57.43
N ASP E 661 66.26 -14.97 56.95
CA ASP E 661 67.66 -14.95 57.37
C ASP E 661 68.35 -16.24 56.98
N VAL E 662 67.63 -17.11 56.27
CA VAL E 662 68.15 -18.37 55.76
C VAL E 662 68.15 -18.29 54.25
N GLU E 663 69.32 -18.46 53.65
CA GLU E 663 69.50 -18.25 52.22
C GLU E 663 69.39 -19.60 51.52
N PHE E 664 68.22 -19.86 50.92
CA PHE E 664 67.97 -21.07 50.16
C PHE E 664 68.19 -20.80 48.69
N CYS E 665 68.92 -21.69 48.03
CA CYS E 665 69.30 -21.52 46.63
C CYS E 665 68.62 -22.60 45.79
N VAL E 666 67.37 -22.33 45.40
CA VAL E 666 66.50 -23.34 44.80
C VAL E 666 66.67 -23.22 43.29
N MET E 667 67.55 -24.06 42.75
CA MET E 667 67.66 -24.22 41.31
C MET E 667 67.08 -25.54 40.83
N SER E 668 66.79 -26.47 41.73
CA SER E 668 66.55 -27.83 41.30
C SER E 668 65.45 -28.45 42.16
N GLY E 669 64.79 -29.44 41.58
CA GLY E 669 63.62 -30.06 42.15
C GLY E 669 62.38 -29.56 41.46
N THR E 670 61.89 -30.31 40.48
CA THR E 670 60.64 -30.03 39.80
C THR E 670 59.88 -31.32 39.62
N ASP E 671 60.63 -32.41 39.44
CA ASP E 671 60.04 -33.74 39.42
C ASP E 671 59.41 -34.08 40.77
N SER E 672 60.10 -33.77 41.86
CA SER E 672 59.51 -33.92 43.18
C SER E 672 58.33 -32.98 43.35
N GLN E 673 58.57 -31.68 43.27
CA GLN E 673 57.55 -30.67 43.28
C GLN E 673 58.06 -29.52 42.43
N PRO E 674 57.20 -28.91 41.62
CA PRO E 674 57.67 -27.81 40.76
C PRO E 674 58.42 -26.75 41.56
N LYS E 675 59.62 -26.45 41.08
CA LYS E 675 60.47 -25.46 41.74
C LYS E 675 59.78 -24.12 41.95
N PRO E 676 58.98 -23.59 41.01
CA PRO E 676 58.21 -22.37 41.32
C PRO E 676 57.34 -22.51 42.55
N ASP E 677 56.71 -23.67 42.74
CA ASP E 677 55.90 -23.88 43.94
C ASP E 677 56.78 -23.84 45.18
N LEU E 678 57.97 -24.45 45.10
CA LEU E 678 58.89 -24.41 46.22
C LEU E 678 59.26 -22.98 46.58
N GLU E 679 59.60 -22.19 45.56
CA GLU E 679 59.98 -20.80 45.80
C GLU E 679 58.83 -20.00 46.38
N ASN E 680 57.63 -20.18 45.84
CA ASN E 680 56.47 -19.46 46.36
C ASN E 680 56.23 -19.80 47.82
N ARG E 681 56.21 -21.10 48.13
CA ARG E 681 55.93 -21.52 49.51
C ARG E 681 57.00 -21.00 50.46
N ILE E 682 58.26 -21.04 50.06
CA ILE E 682 59.32 -20.65 50.97
C ILE E 682 59.41 -19.13 51.10
N ALA E 683 59.00 -18.40 50.06
CA ALA E 683 58.86 -16.96 50.21
C ALA E 683 57.70 -16.60 51.10
N GLU E 684 56.63 -17.42 51.08
CA GLU E 684 55.55 -17.26 52.04
C GLU E 684 56.04 -17.50 53.46
N PHE E 685 57.19 -18.15 53.62
CA PHE E 685 57.89 -18.21 54.89
C PHE E 685 59.08 -17.27 54.92
N GLY E 686 59.23 -16.43 53.90
CA GLY E 686 60.31 -15.47 53.87
C GLY E 686 61.67 -16.05 53.51
N GLY E 687 61.71 -17.16 52.79
CA GLY E 687 62.99 -17.72 52.41
C GLY E 687 63.78 -16.79 51.51
N TYR E 688 65.09 -16.82 51.67
CA TYR E 688 65.98 -16.00 50.85
C TYR E 688 66.37 -16.80 49.61
N ILE E 689 65.48 -16.78 48.62
CA ILE E 689 65.71 -17.49 47.38
C ILE E 689 66.74 -16.72 46.56
N VAL E 690 67.95 -17.28 46.46
CA VAL E 690 69.01 -16.73 45.63
C VAL E 690 69.18 -17.64 44.43
N GLN E 691 69.28 -17.04 43.25
CA GLN E 691 69.32 -17.83 42.03
C GLN E 691 70.69 -18.43 41.75
N ASN E 692 71.71 -18.02 42.49
CA ASN E 692 73.05 -18.56 42.34
C ASN E 692 73.64 -18.75 43.72
N PRO E 693 74.28 -19.89 43.98
CA PRO E 693 74.78 -20.16 45.33
C PRO E 693 75.95 -19.29 45.72
N GLY E 694 75.73 -18.43 46.71
CA GLY E 694 76.77 -17.58 47.23
C GLY E 694 77.34 -18.12 48.51
N PRO E 695 78.32 -17.42 49.07
CA PRO E 695 78.87 -17.85 50.36
C PRO E 695 77.83 -17.88 51.47
N ASP E 696 76.85 -16.98 51.44
CA ASP E 696 75.83 -16.93 52.45
C ASP E 696 74.67 -17.89 52.19
N THR E 697 74.72 -18.63 51.09
CA THR E 697 73.69 -19.62 50.80
C THR E 697 73.66 -20.68 51.91
N TYR E 698 72.57 -20.69 52.69
CA TYR E 698 72.48 -21.61 53.81
C TYR E 698 72.46 -23.05 53.32
N CYS E 699 71.70 -23.33 52.26
CA CYS E 699 71.56 -24.70 51.79
C CYS E 699 71.18 -24.71 50.32
N VAL E 700 71.71 -25.69 49.60
CA VAL E 700 71.38 -25.88 48.19
C VAL E 700 70.18 -26.82 48.10
N ILE E 701 69.15 -26.39 47.36
CA ILE E 701 67.91 -27.13 47.26
C ILE E 701 67.88 -27.79 45.89
N ALA E 702 67.94 -29.12 45.85
CA ALA E 702 68.05 -29.86 44.61
C ALA E 702 67.29 -31.16 44.70
N GLY E 703 66.39 -31.39 43.73
CA GLY E 703 65.71 -32.66 43.60
C GLY E 703 65.75 -33.19 42.18
N SER E 704 66.14 -32.31 41.25
CA SER E 704 66.32 -32.68 39.84
C SER E 704 67.81 -32.50 39.53
N GLU E 705 68.58 -33.55 39.80
CA GLU E 705 70.03 -33.45 39.72
C GLU E 705 70.47 -33.30 38.27
N ASN E 706 71.18 -32.20 37.99
CA ASN E 706 71.68 -31.90 36.66
C ASN E 706 73.20 -31.84 36.70
N ILE E 707 73.79 -31.39 35.60
CA ILE E 707 75.22 -31.13 35.59
C ILE E 707 75.57 -30.03 36.59
N ARG E 708 74.70 -29.02 36.71
CA ARG E 708 74.96 -27.92 37.62
C ARG E 708 74.94 -28.38 39.07
N VAL E 709 73.95 -29.20 39.43
CA VAL E 709 73.87 -29.70 40.80
C VAL E 709 75.08 -30.55 41.13
N LYS E 710 75.48 -31.41 40.19
CA LYS E 710 76.68 -32.22 40.40
C LYS E 710 77.90 -31.35 40.56
N ASN E 711 78.00 -30.29 39.76
CA ASN E 711 79.12 -29.36 39.89
C ASN E 711 79.13 -28.71 41.25
N ILE E 712 77.95 -28.36 41.77
CA ILE E 712 77.86 -27.83 43.12
C ILE E 712 78.36 -28.85 44.13
N ILE E 713 78.01 -30.12 43.91
CA ILE E 713 78.51 -31.20 44.76
C ILE E 713 80.03 -31.25 44.73
N LEU E 714 80.62 -31.02 43.55
CA LEU E 714 82.07 -31.00 43.43
C LEU E 714 82.68 -29.99 44.39
N SER E 715 82.09 -28.80 44.46
CA SER E 715 82.54 -27.77 45.40
C SER E 715 81.94 -28.10 46.76
N ASN E 716 82.70 -28.78 47.61
CA ASN E 716 82.22 -29.16 48.93
C ASN E 716 82.13 -27.91 49.79
N LYS E 717 81.10 -27.11 49.52
CA LYS E 717 80.88 -25.89 50.28
C LYS E 717 79.40 -25.63 50.56
N HIS E 718 78.51 -26.58 50.28
CA HIS E 718 77.09 -26.37 50.45
C HIS E 718 76.41 -27.71 50.69
N ASP E 719 75.16 -27.64 51.16
CA ASP E 719 74.36 -28.81 51.45
C ASP E 719 73.33 -28.99 50.35
N VAL E 720 73.43 -30.11 49.61
CA VAL E 720 72.53 -30.39 48.51
C VAL E 720 71.27 -31.02 49.07
N VAL E 721 70.30 -30.19 49.44
CA VAL E 721 69.13 -30.63 50.20
C VAL E 721 68.07 -31.16 49.25
N LYS E 722 67.43 -32.25 49.65
CA LYS E 722 66.27 -32.73 48.91
C LYS E 722 65.09 -31.80 49.13
N PRO E 723 64.27 -31.56 48.10
CA PRO E 723 63.05 -30.78 48.30
C PRO E 723 62.06 -31.42 49.26
N ALA E 724 62.14 -32.74 49.45
CA ALA E 724 61.30 -33.39 50.45
C ALA E 724 61.60 -32.85 51.84
N TRP E 725 62.88 -32.62 52.13
CA TRP E 725 63.25 -31.94 53.37
C TRP E 725 62.58 -30.57 53.46
N LEU E 726 62.45 -29.88 52.33
CA LEU E 726 61.81 -28.58 52.33
C LEU E 726 60.31 -28.70 52.60
N LEU E 727 59.66 -29.71 52.03
CA LEU E 727 58.26 -29.96 52.36
C LEU E 727 58.11 -30.30 53.84
N GLU E 728 59.08 -31.03 54.38
CA GLU E 728 59.10 -31.31 55.81
C GLU E 728 59.15 -30.02 56.62
N CYS E 729 60.05 -29.11 56.26
CA CYS E 729 60.13 -27.83 56.94
C CYS E 729 58.86 -27.02 56.76
N PHE E 730 58.20 -27.15 55.61
CA PHE E 730 56.95 -26.45 55.36
C PHE E 730 55.85 -26.94 56.28
N LYS E 731 55.66 -28.26 56.33
CA LYS E 731 54.59 -28.82 57.16
C LYS E 731 54.89 -28.66 58.64
N THR E 732 56.17 -28.67 59.03
CA THR E 732 56.53 -28.32 60.40
C THR E 732 56.42 -26.83 60.66
N LYS E 733 56.21 -26.02 59.62
CA LYS E 733 56.14 -24.57 59.74
C LYS E 733 57.41 -24.00 60.35
N SER E 734 58.53 -24.69 60.17
CA SER E 734 59.77 -24.30 60.80
C SER E 734 60.92 -25.02 60.13
N PHE E 735 62.11 -24.41 60.22
CA PHE E 735 63.32 -25.05 59.75
C PHE E 735 63.61 -26.28 60.60
N VAL E 736 63.51 -27.46 59.99
CA VAL E 736 63.90 -28.69 60.65
C VAL E 736 65.42 -28.67 60.75
N PRO E 737 66.02 -29.23 61.80
CA PRO E 737 67.46 -29.46 61.76
C PRO E 737 67.82 -30.49 60.69
N TRP E 738 69.08 -30.50 60.31
CA TRP E 738 69.52 -31.34 59.21
C TRP E 738 69.33 -32.82 59.53
N GLN E 739 69.08 -33.60 58.48
CA GLN E 739 68.85 -35.03 58.57
C GLN E 739 69.75 -35.77 57.59
N PRO E 740 70.39 -36.85 58.00
CA PRO E 740 71.28 -37.59 57.09
C PRO E 740 70.50 -38.49 56.13
N ARG E 741 69.42 -37.96 55.58
CA ARG E 741 68.66 -38.68 54.56
C ARG E 741 68.11 -37.77 53.48
N PHE E 742 68.44 -36.49 53.47
CA PHE E 742 67.91 -35.54 52.51
C PHE E 742 68.99 -34.80 51.76
N MET E 743 70.09 -34.44 52.43
CA MET E 743 71.19 -33.72 51.80
C MET E 743 72.08 -34.72 51.08
N ILE E 744 71.95 -34.75 49.74
CA ILE E 744 72.75 -35.65 48.92
C ILE E 744 74.23 -35.37 49.13
N HIS E 745 74.60 -34.09 49.03
CA HIS E 745 75.92 -33.62 49.43
C HIS E 745 75.74 -32.52 50.45
N MET E 746 76.71 -32.40 51.35
CA MET E 746 76.63 -31.42 52.41
C MET E 746 78.02 -30.86 52.70
N CYS E 747 78.03 -29.66 53.27
CA CYS E 747 79.27 -29.04 53.70
C CYS E 747 79.85 -29.80 54.88
N PRO E 748 81.17 -29.65 55.12
CA PRO E 748 81.77 -30.34 56.27
C PRO E 748 81.10 -30.00 57.59
N SER E 749 80.53 -28.80 57.73
CA SER E 749 79.81 -28.47 58.96
C SER E 749 78.61 -29.40 59.15
N THR E 750 77.84 -29.63 58.09
CA THR E 750 76.73 -30.58 58.20
C THR E 750 77.25 -32.01 58.36
N LYS E 751 78.43 -32.30 57.82
CA LYS E 751 79.04 -33.61 58.04
C LYS E 751 79.32 -33.82 59.53
N GLU E 752 79.89 -32.81 60.19
CA GLU E 752 80.10 -32.89 61.62
C GLU E 752 78.77 -32.95 62.36
N HIS E 753 77.77 -32.19 61.92
CA HIS E 753 76.46 -32.25 62.54
C HIS E 753 75.92 -33.68 62.53
N PHE E 754 75.99 -34.36 61.39
CA PHE E 754 75.55 -35.74 61.32
C PHE E 754 76.40 -36.65 62.19
N ALA E 755 77.73 -36.57 62.04
CA ALA E 755 78.63 -37.47 62.75
C ALA E 755 78.60 -37.24 64.26
N ARG E 756 78.10 -36.09 64.72
CA ARG E 756 77.99 -35.85 66.15
C ARG E 756 76.62 -36.19 66.71
N GLU E 757 75.56 -36.11 65.91
CA GLU E 757 74.25 -36.50 66.43
C GLU E 757 73.55 -37.60 65.65
N TYR E 758 74.11 -38.08 64.55
CA TYR E 758 73.47 -39.13 63.75
C TYR E 758 74.43 -40.30 63.54
N ASP E 759 73.88 -41.50 63.56
CA ASP E 759 74.65 -42.67 63.19
C ASP E 759 75.01 -42.63 61.71
N CYS E 760 76.01 -43.42 61.35
CA CYS E 760 76.39 -43.56 59.96
C CYS E 760 75.33 -44.29 59.13
N TYR E 761 74.37 -44.94 59.78
CA TYR E 761 73.28 -45.61 59.08
C TYR E 761 71.98 -44.83 59.16
N GLY E 762 72.06 -43.52 59.40
CA GLY E 762 70.87 -42.70 59.49
C GLY E 762 70.18 -42.71 60.84
N ASP E 763 70.72 -43.42 61.81
CA ASP E 763 70.18 -43.37 63.17
C ASP E 763 70.72 -42.12 63.86
N SER E 764 70.51 -42.01 65.17
CA SER E 764 70.98 -40.87 65.93
C SER E 764 71.62 -41.36 67.23
N TYR E 765 72.55 -40.56 67.74
CA TYR E 765 73.21 -40.90 68.99
C TYR E 765 72.36 -40.61 70.21
N PHE E 766 71.34 -39.77 70.08
CA PHE E 766 70.54 -39.35 71.22
C PHE E 766 69.04 -39.55 71.01
N ILE E 767 68.63 -40.17 69.92
CA ILE E 767 67.22 -40.39 69.62
C ILE E 767 66.97 -41.88 69.56
N ASP E 768 66.06 -42.36 70.40
CA ASP E 768 65.75 -43.79 70.45
C ASP E 768 65.06 -44.25 69.17
N THR E 769 65.22 -45.53 68.86
CA THR E 769 64.70 -46.09 67.62
C THR E 769 63.24 -46.51 67.77
N ASP E 770 62.52 -46.50 66.66
CA ASP E 770 61.22 -47.12 66.55
C ASP E 770 61.29 -48.21 65.48
N LEU E 771 60.13 -48.77 65.13
CA LEU E 771 60.11 -49.79 64.08
C LEU E 771 60.62 -49.22 62.76
N ASN E 772 60.08 -48.09 62.33
CA ASN E 772 60.49 -47.51 61.05
C ASN E 772 61.92 -47.02 61.10
N GLN E 773 62.33 -46.40 62.21
CA GLN E 773 63.72 -45.96 62.34
C GLN E 773 64.67 -47.14 62.21
N LEU E 774 64.37 -48.24 62.90
CA LEU E 774 65.21 -49.42 62.82
C LEU E 774 65.22 -49.98 61.41
N LYS E 775 64.06 -50.01 60.76
CA LYS E 775 63.99 -50.56 59.40
C LYS E 775 64.85 -49.73 58.45
N GLU E 776 64.75 -48.41 58.53
CA GLU E 776 65.53 -47.55 57.64
C GLU E 776 67.02 -47.67 57.94
N VAL E 777 67.39 -47.71 59.22
CA VAL E 777 68.79 -47.84 59.59
C VAL E 777 69.36 -49.15 59.10
N PHE E 778 68.59 -50.24 59.28
CA PHE E 778 69.01 -51.55 58.83
C PHE E 778 69.16 -51.61 57.32
N SER E 779 68.22 -51.00 56.60
CA SER E 779 68.35 -50.92 55.14
C SER E 779 69.59 -50.15 54.75
N GLY E 780 69.89 -49.06 55.45
CA GLY E 780 71.14 -48.35 55.25
C GLY E 780 72.36 -49.18 55.58
N ILE E 781 72.20 -50.19 56.43
CA ILE E 781 73.27 -51.13 56.70
C ILE E 781 73.33 -52.13 55.55
N LYS E 782 74.48 -52.18 54.87
CA LYS E 782 74.66 -53.17 53.82
C LYS E 782 74.66 -54.58 54.42
N ASN E 783 74.20 -55.54 53.63
CA ASN E 783 74.16 -56.94 54.07
C ASN E 783 74.65 -57.81 52.92
N SER E 784 75.96 -58.06 52.89
CA SER E 784 76.54 -59.07 52.01
C SER E 784 77.12 -60.22 52.80
N ASN E 785 78.13 -59.96 53.63
CA ASN E 785 78.54 -60.91 54.66
C ASN E 785 79.29 -60.13 55.75
N GLU E 786 78.60 -59.84 56.85
CA GLU E 786 79.30 -59.32 58.01
C GLU E 786 80.19 -60.38 58.65
N GLN E 787 79.80 -61.65 58.56
CA GLN E 787 80.59 -62.75 59.09
C GLN E 787 80.02 -64.04 58.53
N THR E 788 80.79 -65.12 58.69
CA THR E 788 80.38 -66.41 58.18
C THR E 788 79.12 -66.90 58.92
N PRO E 789 78.28 -67.69 58.26
CA PRO E 789 77.02 -68.11 58.89
C PRO E 789 77.21 -68.82 60.22
N GLU E 790 78.26 -69.63 60.39
CA GLU E 790 78.51 -70.26 61.68
C GLU E 790 79.06 -69.25 62.70
N GLU E 791 79.96 -68.38 62.26
CA GLU E 791 80.37 -67.28 63.13
C GLU E 791 79.19 -66.37 63.46
N MET E 792 78.23 -66.22 62.53
CA MET E 792 76.97 -65.56 62.83
C MET E 792 76.13 -66.34 63.84
N ALA E 793 76.15 -67.67 63.79
CA ALA E 793 75.50 -68.41 64.85
C ALA E 793 76.14 -68.10 66.20
N SER E 794 77.48 -68.03 66.24
CA SER E 794 78.18 -67.68 67.48
C SER E 794 77.74 -66.30 67.98
N LEU E 795 77.76 -65.29 67.11
CA LEU E 795 77.45 -63.93 67.56
C LEU E 795 75.97 -63.77 67.89
N ILE E 796 75.09 -64.43 67.13
CA ILE E 796 73.67 -64.39 67.46
C ILE E 796 73.44 -64.98 68.84
N ALA E 797 74.07 -66.12 69.12
CA ALA E 797 73.94 -66.71 70.44
C ALA E 797 74.53 -65.80 71.51
N ASP E 798 75.64 -65.13 71.19
CA ASP E 798 76.25 -64.21 72.15
C ASP E 798 75.26 -63.13 72.55
N LEU E 799 74.65 -62.47 71.56
CA LEU E 799 73.65 -61.45 71.86
C LEU E 799 72.45 -62.05 72.58
N GLU E 800 72.03 -63.24 72.16
CA GLU E 800 70.85 -63.87 72.74
C GLU E 800 71.06 -64.16 74.23
N TYR E 801 72.23 -64.69 74.58
CA TYR E 801 72.56 -64.89 75.99
C TYR E 801 72.69 -63.55 76.70
N ARG E 802 73.27 -62.56 76.03
CA ARG E 802 73.50 -61.26 76.68
C ARG E 802 72.18 -60.56 77.02
N TYR E 803 71.14 -60.78 76.22
CA TYR E 803 69.85 -60.12 76.45
C TYR E 803 68.70 -61.12 76.56
N SER E 804 69.00 -62.39 76.86
CA SER E 804 68.00 -63.42 77.11
C SER E 804 67.09 -63.61 75.88
N TRP E 805 67.71 -64.00 74.77
CA TRP E 805 66.97 -64.28 73.55
C TRP E 805 67.14 -65.71 73.03
N ASP E 806 68.03 -66.51 73.63
CA ASP E 806 68.29 -67.86 73.13
C ASP E 806 67.40 -68.88 73.85
N CYS E 807 66.11 -68.61 73.82
CA CYS E 807 65.13 -69.54 74.38
C CYS E 807 63.93 -69.77 73.48
N SER E 808 63.74 -68.95 72.45
CA SER E 808 62.58 -69.07 71.57
C SER E 808 62.72 -70.31 70.67
N PRO E 809 61.61 -70.81 70.14
CA PRO E 809 61.69 -71.87 69.13
C PRO E 809 62.47 -71.45 67.90
N LEU E 810 62.56 -70.16 67.62
CA LEU E 810 63.33 -69.69 66.48
C LEU E 810 64.81 -70.00 66.67
N SER E 811 65.34 -69.71 67.86
CA SER E 811 66.75 -69.98 68.15
C SER E 811 66.91 -70.15 69.65
N MET E 812 66.93 -71.40 70.11
CA MET E 812 67.40 -71.72 71.45
C MET E 812 68.69 -72.52 71.42
N PHE E 813 69.06 -73.06 70.27
CA PHE E 813 70.35 -73.73 70.06
C PHE E 813 71.04 -73.00 68.92
N ARG E 814 71.72 -71.90 69.23
CA ARG E 814 72.42 -71.13 68.23
C ARG E 814 73.91 -71.44 68.19
N ARG E 815 74.38 -72.35 69.04
CA ARG E 815 75.73 -72.89 68.95
C ARG E 815 75.76 -74.40 68.74
N HIS E 816 74.62 -75.07 68.76
CA HIS E 816 74.59 -76.52 68.79
C HIS E 816 74.76 -77.10 67.40
N THR E 817 75.70 -78.04 67.27
CA THR E 817 75.87 -78.83 66.07
C THR E 817 75.46 -80.26 66.38
N VAL E 818 74.63 -80.84 65.53
CA VAL E 818 73.97 -82.11 65.80
C VAL E 818 74.37 -83.13 64.75
N TYR E 819 74.83 -84.28 65.21
CA TYR E 819 75.04 -85.43 64.32
C TYR E 819 73.72 -86.18 64.20
N LEU E 820 72.98 -85.90 63.13
CA LEU E 820 71.68 -86.53 62.90
C LEU E 820 71.92 -87.91 62.33
N ASP E 821 72.07 -88.89 63.22
CA ASP E 821 72.20 -90.28 62.80
C ASP E 821 70.80 -90.87 62.66
N SER E 822 70.44 -91.27 61.44
CA SER E 822 69.13 -91.84 61.20
C SER E 822 69.22 -93.08 60.31
N TYR E 823 70.37 -93.73 60.26
CA TYR E 823 70.60 -94.85 59.35
C TYR E 823 71.51 -95.86 60.02
N ALA E 824 71.47 -97.10 59.49
CA ALA E 824 72.30 -98.16 60.04
C ALA E 824 73.78 -97.88 59.86
N VAL E 825 74.14 -97.00 58.93
CA VAL E 825 75.53 -96.62 58.71
C VAL E 825 75.84 -95.40 59.56
N ILE E 826 77.10 -95.25 59.92
CA ILE E 826 77.56 -94.17 60.79
C ILE E 826 78.51 -93.28 59.99
N ASN E 827 78.30 -91.97 60.09
CA ASN E 827 79.16 -90.97 59.45
C ASN E 827 79.19 -91.13 57.94
N ASP E 828 78.03 -91.44 57.36
CA ASP E 828 77.87 -91.51 55.91
C ASP E 828 77.03 -90.32 55.46
N LEU E 829 77.62 -89.49 54.59
CA LEU E 829 76.92 -88.33 54.06
C LEU E 829 76.06 -88.67 52.85
N SER E 830 76.21 -89.86 52.28
CA SER E 830 75.46 -90.26 51.10
C SER E 830 74.12 -90.90 51.43
N THR E 831 73.92 -91.31 52.69
CA THR E 831 72.67 -91.98 53.06
C THR E 831 71.59 -90.94 53.36
N LYS E 832 70.46 -91.07 52.67
CA LYS E 832 69.35 -90.14 52.78
C LYS E 832 68.15 -90.74 52.06
N ASN E 833 66.97 -90.60 52.65
CA ASN E 833 65.75 -91.17 52.09
C ASN E 833 64.63 -90.15 52.14
N GLU E 834 63.78 -90.18 51.11
CA GLU E 834 62.55 -89.39 51.09
C GLU E 834 61.36 -90.31 51.38
N GLY E 835 60.23 -89.70 51.69
CA GLY E 835 59.12 -90.43 52.26
C GLY E 835 59.23 -90.65 53.75
N THR E 836 60.29 -90.14 54.38
CA THR E 836 60.48 -90.20 55.82
C THR E 836 60.92 -88.83 56.29
N ARG E 837 60.67 -88.56 57.58
CA ARG E 837 60.86 -87.21 58.12
C ARG E 837 62.19 -87.06 58.85
N LEU E 838 63.24 -87.71 58.37
CA LEU E 838 64.58 -87.48 58.90
C LEU E 838 65.06 -86.07 58.57
N ALA E 839 64.90 -85.67 57.30
CA ALA E 839 65.16 -84.30 56.92
C ALA E 839 64.30 -83.33 57.72
N ILE E 840 63.15 -83.78 58.22
CA ILE E 840 62.35 -82.93 59.10
C ILE E 840 63.02 -82.77 60.45
N LYS E 841 63.67 -83.81 60.96
CA LYS E 841 64.48 -83.63 62.16
C LYS E 841 65.59 -82.61 61.91
N ALA E 842 66.25 -82.72 60.76
CA ALA E 842 67.29 -81.74 60.41
C ALA E 842 66.71 -80.34 60.29
N LEU E 843 65.50 -80.22 59.73
CA LEU E 843 64.88 -78.92 59.50
C LEU E 843 64.39 -78.31 60.81
N GLU E 844 63.93 -79.13 61.75
CA GLU E 844 63.64 -78.62 63.09
C GLU E 844 64.91 -78.15 63.77
N LEU E 845 66.00 -78.92 63.65
CA LEU E 845 67.24 -78.54 64.32
C LEU E 845 67.77 -77.22 63.78
N ARG E 846 67.92 -77.10 62.45
CA ARG E 846 68.40 -75.84 61.89
C ARG E 846 67.36 -74.74 62.04
N PHE E 847 66.08 -75.11 62.07
CA PHE E 847 65.01 -74.14 62.27
C PHE E 847 65.05 -73.58 63.69
N HIS E 848 65.39 -74.42 64.65
CA HIS E 848 65.71 -73.95 66.00
C HIS E 848 67.15 -73.50 66.12
N GLY E 849 67.91 -73.56 65.03
CA GLY E 849 69.27 -73.12 64.99
C GLY E 849 70.32 -74.20 65.17
N ALA E 850 69.93 -75.35 65.73
CA ALA E 850 70.88 -76.42 65.99
C ALA E 850 71.47 -76.94 64.69
N LYS E 851 72.77 -76.74 64.50
CA LYS E 851 73.40 -77.18 63.27
C LYS E 851 73.37 -78.70 63.15
N VAL E 852 73.34 -79.17 61.91
CA VAL E 852 73.17 -80.58 61.62
C VAL E 852 74.40 -81.09 60.86
N VAL E 853 74.66 -82.38 61.00
CA VAL E 853 75.72 -83.06 60.26
C VAL E 853 75.41 -84.55 60.26
N SER E 854 75.68 -85.21 59.15
CA SER E 854 75.47 -86.66 59.04
C SER E 854 76.72 -87.45 59.38
N CYS E 855 77.69 -86.83 60.05
CA CYS E 855 78.93 -87.49 60.44
C CYS E 855 79.29 -87.09 61.86
N LEU E 856 79.96 -88.01 62.56
CA LEU E 856 80.42 -87.72 63.92
C LEU E 856 81.48 -86.63 63.89
N ALA E 857 81.42 -85.75 64.87
CA ALA E 857 82.37 -84.66 64.99
C ALA E 857 82.60 -84.37 66.46
N GLU E 858 83.83 -83.95 66.80
CA GLU E 858 84.12 -83.57 68.16
C GLU E 858 83.29 -82.36 68.59
N GLY E 859 82.97 -81.48 67.66
CA GLY E 859 82.17 -80.30 67.93
C GLY E 859 80.69 -80.54 67.99
N VAL E 860 80.24 -81.78 67.80
CA VAL E 860 78.82 -82.10 67.89
C VAL E 860 78.38 -81.95 69.33
N SER E 861 77.48 -81.00 69.59
CA SER E 861 76.96 -80.81 70.94
C SER E 861 76.16 -82.02 71.40
N HIS E 862 75.26 -82.51 70.55
CA HIS E 862 74.44 -83.65 70.89
C HIS E 862 74.10 -84.42 69.61
N VAL E 863 74.07 -85.74 69.71
CA VAL E 863 73.66 -86.59 68.61
C VAL E 863 72.18 -86.89 68.76
N ILE E 864 71.39 -86.49 67.78
CA ILE E 864 69.95 -86.72 67.79
C ILE E 864 69.63 -87.69 66.66
N ILE E 865 68.74 -88.62 66.93
CA ILE E 865 68.38 -89.67 65.99
C ILE E 865 67.06 -89.32 65.33
N GLY E 866 66.96 -89.60 64.03
CA GLY E 866 65.70 -89.51 63.32
C GLY E 866 64.79 -90.67 63.67
N GLU E 867 64.01 -91.10 62.68
CA GLU E 867 63.08 -92.22 62.91
C GLU E 867 63.83 -93.54 62.84
N ASP E 868 64.92 -93.64 63.60
CA ASP E 868 65.71 -94.86 63.71
C ASP E 868 66.23 -95.04 65.13
N HIS E 869 65.51 -94.53 66.12
CA HIS E 869 66.07 -94.40 67.47
C HIS E 869 66.07 -95.76 68.17
N SER E 870 67.12 -96.53 67.87
CA SER E 870 67.58 -97.61 68.72
C SER E 870 69.04 -97.37 69.10
N ARG E 871 69.42 -96.09 69.22
CA ARG E 871 70.81 -95.67 69.20
C ARG E 871 71.32 -95.29 70.58
N VAL E 872 70.68 -95.74 71.64
CA VAL E 872 71.24 -95.55 72.98
C VAL E 872 72.59 -96.25 73.07
N ALA E 873 72.65 -97.49 72.58
CA ALA E 873 73.94 -98.15 72.43
C ALA E 873 74.84 -97.40 71.47
N ASP E 874 74.28 -96.89 70.37
CA ASP E 874 75.07 -96.05 69.47
C ASP E 874 75.41 -94.71 70.11
N PHE E 875 74.56 -94.20 71.00
CA PHE E 875 74.94 -93.01 71.75
C PHE E 875 76.18 -93.29 72.60
N LYS E 876 76.19 -94.44 73.29
CA LYS E 876 77.36 -94.81 74.08
C LYS E 876 78.59 -94.98 73.18
N ALA E 877 78.43 -95.63 72.03
CA ALA E 877 79.55 -95.85 71.13
C ALA E 877 80.09 -94.53 70.60
N PHE E 878 79.20 -93.59 70.28
CA PHE E 878 79.65 -92.29 69.78
C PHE E 878 80.35 -91.50 70.88
N ARG E 879 79.89 -91.64 72.13
CA ARG E 879 80.60 -91.00 73.23
C ARG E 879 81.96 -91.66 73.48
N ARG E 880 82.09 -92.94 73.17
CA ARG E 880 83.39 -93.61 73.33
C ARG E 880 84.36 -93.28 72.21
N THR E 881 83.86 -93.10 70.98
CA THR E 881 84.75 -92.88 69.83
C THR E 881 85.54 -91.59 70.00
N PHE E 882 84.91 -90.56 70.56
CA PHE E 882 85.57 -89.29 70.82
C PHE E 882 85.42 -88.93 72.29
N LYS E 883 85.76 -87.70 72.66
CA LYS E 883 85.54 -87.25 74.03
C LYS E 883 84.20 -86.54 74.17
N ARG E 884 83.43 -86.41 73.09
CA ARG E 884 82.14 -85.75 73.16
C ARG E 884 81.11 -86.66 73.82
N LYS E 885 80.97 -86.53 75.14
CA LYS E 885 79.96 -87.28 75.88
C LYS E 885 78.62 -86.57 75.82
N PHE E 886 78.13 -86.32 74.60
CA PHE E 886 76.82 -85.70 74.39
C PHE E 886 75.74 -86.39 75.20
N LYS E 887 74.85 -85.59 75.78
CA LYS E 887 73.74 -86.13 76.55
C LYS E 887 72.84 -86.99 75.68
N ILE E 888 72.34 -88.07 76.26
CA ILE E 888 71.46 -88.99 75.52
C ILE E 888 70.15 -88.26 75.24
N LEU E 889 69.91 -87.93 73.99
CA LEU E 889 68.69 -87.25 73.57
C LEU E 889 68.02 -88.09 72.50
N LYS E 890 66.80 -88.53 72.77
CA LYS E 890 66.11 -89.47 71.91
C LYS E 890 65.64 -88.78 70.63
N GLU E 891 65.01 -89.56 69.76
CA GLU E 891 64.28 -88.98 68.64
C GLU E 891 63.13 -88.12 69.14
N SER E 892 62.53 -88.49 70.27
CA SER E 892 61.52 -87.66 70.88
C SER E 892 62.05 -86.30 71.27
N TRP E 893 63.37 -86.16 71.47
CA TRP E 893 63.94 -84.85 71.76
C TRP E 893 63.80 -83.91 70.57
N VAL E 894 64.05 -84.40 69.36
CA VAL E 894 63.85 -83.56 68.19
C VAL E 894 62.38 -83.46 67.81
N THR E 895 61.56 -84.45 68.17
CA THR E 895 60.14 -84.27 68.01
C THR E 895 59.53 -83.41 69.11
N ASP E 896 60.29 -83.13 70.17
CA ASP E 896 59.90 -82.09 71.11
C ASP E 896 59.83 -80.73 70.42
N SER E 897 60.53 -80.57 69.30
CA SER E 897 60.40 -79.36 68.50
C SER E 897 58.98 -79.19 67.95
N ILE E 898 58.22 -80.27 67.85
CA ILE E 898 56.81 -80.18 67.47
C ILE E 898 55.92 -80.17 68.71
N ASP E 899 56.19 -81.05 69.66
CA ASP E 899 55.37 -81.10 70.88
C ASP E 899 55.54 -79.83 71.71
N LYS E 900 56.76 -79.61 72.21
CA LYS E 900 57.01 -78.40 73.01
C LYS E 900 57.10 -77.15 72.13
N CYS E 901 57.80 -77.26 70.99
CA CYS E 901 58.13 -76.10 70.17
C CYS E 901 58.82 -75.03 71.01
N GLU E 902 59.69 -75.47 71.91
CA GLU E 902 60.35 -74.59 72.86
C GLU E 902 61.78 -75.09 73.05
N LEU E 903 62.49 -74.47 74.00
CA LEU E 903 63.82 -74.92 74.38
C LEU E 903 63.79 -76.37 74.81
N GLN E 904 64.40 -77.25 74.00
CA GLN E 904 64.36 -78.68 74.28
C GLN E 904 65.20 -78.97 75.52
N GLU E 905 64.52 -79.39 76.59
CA GLU E 905 65.21 -79.65 77.85
C GLU E 905 66.10 -80.87 77.72
N GLU E 906 67.35 -80.72 78.15
CA GLU E 906 68.30 -81.83 78.14
C GLU E 906 68.04 -82.83 79.26
N ASN E 907 67.35 -82.42 80.32
CA ASN E 907 67.07 -83.29 81.44
C ASN E 907 65.84 -84.18 81.22
N GLN E 908 65.12 -84.00 80.12
CA GLN E 908 64.01 -84.90 79.80
C GLN E 908 64.49 -86.32 79.59
N TYR E 909 65.78 -86.51 79.28
CA TYR E 909 66.36 -87.82 79.10
C TYR E 909 67.74 -87.82 79.75
N LEU E 910 68.24 -89.03 80.02
CA LEU E 910 69.46 -89.17 80.80
C LEU E 910 70.64 -88.51 80.10
N ILE E 911 71.54 -87.95 80.90
CA ILE E 911 72.73 -87.26 80.40
C ILE E 911 73.93 -88.20 80.39
N MET F 1 31.73 -97.98 -94.20
CA MET F 1 31.32 -97.06 -93.15
C MET F 1 31.56 -95.61 -93.59
N GLU F 2 32.25 -94.82 -92.77
CA GLU F 2 32.44 -93.40 -93.06
C GLU F 2 33.91 -93.01 -93.03
N ARG F 3 34.36 -92.35 -94.08
CA ARG F 3 35.66 -91.70 -94.11
C ARG F 3 35.48 -90.23 -93.72
N LYS F 4 36.49 -89.68 -93.06
CA LYS F 4 36.47 -88.28 -92.65
C LYS F 4 37.80 -87.64 -93.02
N ILE F 5 37.72 -86.45 -93.62
CA ILE F 5 38.93 -85.76 -94.05
C ILE F 5 39.52 -85.01 -92.86
N SER F 6 40.42 -85.67 -92.13
CA SER F 6 41.06 -85.10 -90.96
C SER F 6 42.51 -85.55 -90.94
N ARG F 7 43.44 -84.61 -91.01
CA ARG F 7 44.86 -84.89 -91.04
C ARG F 7 45.47 -84.44 -89.72
N ILE F 8 45.66 -85.38 -88.80
CA ILE F 8 46.42 -85.11 -87.58
C ILE F 8 47.90 -85.23 -87.95
N HIS F 9 48.55 -84.08 -88.14
CA HIS F 9 49.91 -84.07 -88.65
C HIS F 9 50.85 -84.79 -87.68
N LEU F 10 51.46 -85.86 -88.16
CA LEU F 10 52.32 -86.67 -87.31
C LEU F 10 53.64 -85.97 -87.07
N VAL F 11 54.00 -85.86 -85.78
CA VAL F 11 55.26 -85.20 -85.45
C VAL F 11 56.46 -86.05 -85.88
N SER F 12 56.28 -87.36 -85.99
CA SER F 12 57.38 -88.24 -86.38
C SER F 12 57.69 -88.12 -87.88
N GLU F 13 56.69 -87.81 -88.70
CA GLU F 13 56.92 -87.65 -90.14
C GLU F 13 55.81 -86.82 -90.74
N PRO F 14 56.11 -85.94 -91.70
CA PRO F 14 55.05 -85.15 -92.33
C PRO F 14 54.44 -85.84 -93.53
N SER F 15 55.17 -86.76 -94.15
CA SER F 15 54.67 -87.44 -95.34
C SER F 15 53.57 -88.45 -95.02
N ILE F 16 53.39 -88.80 -93.75
CA ILE F 16 52.33 -89.71 -93.34
C ILE F 16 51.51 -89.02 -92.25
N THR F 17 50.18 -89.16 -92.34
CA THR F 17 49.29 -88.67 -91.32
C THR F 17 48.05 -89.55 -91.27
N HIS F 18 47.47 -89.66 -90.08
CA HIS F 18 46.29 -90.48 -89.88
C HIS F 18 45.07 -89.77 -90.45
N PHE F 19 44.73 -90.08 -91.70
CA PHE F 19 43.43 -89.70 -92.21
C PHE F 19 42.36 -90.56 -91.54
N LEU F 20 41.14 -90.05 -91.52
CA LEU F 20 40.04 -90.70 -90.81
C LEU F 20 39.19 -91.50 -91.78
N GLN F 21 39.16 -92.81 -91.60
CA GLN F 21 38.24 -93.72 -92.28
C GLN F 21 37.58 -94.61 -91.25
N VAL F 22 37.10 -93.99 -90.18
CA VAL F 22 36.67 -94.71 -88.99
C VAL F 22 35.53 -95.65 -89.31
N SER F 23 35.68 -96.91 -88.93
CA SER F 23 34.60 -97.90 -88.93
C SER F 23 34.33 -98.23 -87.47
N TRP F 24 33.56 -97.37 -86.82
CA TRP F 24 33.41 -97.44 -85.38
C TRP F 24 32.43 -98.53 -84.97
N GLU F 25 32.81 -99.28 -83.93
CA GLU F 25 31.95 -100.29 -83.34
C GLU F 25 30.97 -99.61 -82.39
N LYS F 26 30.32 -100.41 -81.53
CA LYS F 26 29.33 -99.90 -80.60
C LYS F 26 29.80 -98.64 -79.87
N THR F 27 31.11 -98.53 -79.64
CA THR F 27 31.68 -97.33 -79.06
C THR F 27 33.06 -97.10 -79.66
N LEU F 28 33.51 -95.85 -79.63
CA LEU F 28 34.86 -95.55 -80.06
C LEU F 28 35.91 -96.11 -79.11
N GLU F 29 35.50 -96.49 -77.90
CA GLU F 29 36.37 -97.28 -77.04
C GLU F 29 36.69 -98.62 -77.67
N SER F 30 35.79 -99.12 -78.52
CA SER F 30 36.01 -100.35 -79.26
C SER F 30 36.74 -100.06 -80.57
N GLY F 31 37.15 -101.13 -81.24
CA GLY F 31 38.02 -100.99 -82.39
C GLY F 31 37.35 -100.30 -83.56
N PHE F 32 38.18 -99.67 -84.39
CA PHE F 32 37.73 -99.04 -85.63
C PHE F 32 38.95 -98.87 -86.53
N VAL F 33 38.68 -98.76 -87.82
CA VAL F 33 39.75 -98.69 -88.82
C VAL F 33 40.18 -97.25 -89.01
N ILE F 34 41.46 -96.98 -88.75
CA ILE F 34 42.10 -95.72 -89.10
C ILE F 34 43.22 -96.01 -90.09
N THR F 35 43.20 -95.33 -91.23
CA THR F 35 44.19 -95.54 -92.27
C THR F 35 45.06 -94.30 -92.40
N LEU F 36 46.35 -94.46 -92.15
CA LEU F 36 47.34 -93.43 -92.42
C LEU F 36 48.21 -93.88 -93.59
N THR F 37 48.46 -92.96 -94.51
CA THR F 37 49.11 -93.29 -95.78
C THR F 37 50.30 -92.37 -96.00
N ASP F 38 51.22 -92.83 -96.84
CA ASP F 38 52.44 -92.12 -97.17
C ASP F 38 52.53 -91.72 -98.63
N GLY F 39 52.00 -92.56 -99.52
CA GLY F 39 52.33 -92.52 -100.92
C GLY F 39 53.38 -93.55 -101.31
N HIS F 40 54.16 -94.02 -100.34
CA HIS F 40 55.04 -95.16 -100.52
C HIS F 40 54.67 -96.36 -99.67
N SER F 41 53.88 -96.16 -98.61
CA SER F 41 53.29 -97.26 -97.86
C SER F 41 52.06 -96.73 -97.14
N ALA F 42 51.17 -97.65 -96.78
CA ALA F 42 49.95 -97.30 -96.07
C ALA F 42 49.78 -98.22 -94.88
N TRP F 43 48.96 -97.79 -93.93
CA TRP F 43 48.70 -98.56 -92.72
C TRP F 43 47.30 -98.29 -92.24
N THR F 44 46.51 -99.34 -92.06
CA THR F 44 45.26 -99.25 -91.34
C THR F 44 45.55 -99.46 -89.85
N GLY F 45 44.51 -99.62 -89.04
CA GLY F 45 44.73 -99.87 -87.64
C GLY F 45 43.43 -99.92 -86.87
N THR F 46 43.50 -100.54 -85.70
CA THR F 46 42.38 -100.64 -84.78
C THR F 46 42.86 -100.34 -83.37
N VAL F 47 41.94 -99.87 -82.53
CA VAL F 47 42.24 -99.53 -81.15
C VAL F 47 41.85 -100.70 -80.25
N SER F 48 42.75 -101.06 -79.35
CA SER F 48 42.44 -102.09 -78.35
C SER F 48 41.52 -101.51 -77.29
N GLU F 49 40.63 -102.35 -76.78
CA GLU F 49 39.62 -101.91 -75.82
C GLU F 49 40.24 -101.80 -74.43
N SER F 50 39.40 -101.52 -73.43
CA SER F 50 39.75 -101.47 -72.02
C SER F 50 40.67 -100.31 -71.68
N GLU F 51 41.10 -99.55 -72.69
CA GLU F 51 42.12 -98.54 -72.48
C GLU F 51 41.55 -97.31 -71.78
N ILE F 52 40.39 -97.46 -71.16
CA ILE F 52 39.68 -96.36 -70.54
C ILE F 52 40.03 -96.26 -69.06
N SER F 53 39.93 -97.38 -68.33
CA SER F 53 40.15 -97.41 -66.90
C SER F 53 41.58 -97.08 -66.50
N GLN F 54 42.51 -97.09 -67.45
CA GLN F 54 43.91 -96.81 -67.12
C GLN F 54 44.07 -95.39 -66.57
N GLU F 55 43.26 -94.45 -67.05
CA GLU F 55 43.24 -93.11 -66.48
C GLU F 55 42.25 -92.97 -65.33
N ALA F 56 41.38 -93.96 -65.12
CA ALA F 56 40.33 -93.83 -64.12
C ALA F 56 40.91 -93.71 -62.72
N ASP F 57 41.96 -94.48 -62.42
CA ASP F 57 42.69 -94.28 -61.18
C ASP F 57 43.70 -93.15 -61.28
N ASP F 58 44.01 -92.70 -62.50
CA ASP F 58 45.08 -91.73 -62.69
C ASP F 58 44.58 -90.31 -62.48
N MET F 59 43.56 -89.89 -63.24
CA MET F 59 42.95 -88.59 -63.05
C MET F 59 41.52 -88.66 -62.53
N ALA F 60 40.91 -89.84 -62.49
CA ALA F 60 39.54 -90.01 -62.03
C ALA F 60 38.56 -89.22 -62.89
N MET F 61 38.51 -89.57 -64.18
CA MET F 61 37.52 -88.99 -65.07
C MET F 61 36.20 -89.73 -64.85
N GLU F 62 35.26 -89.59 -65.77
CA GLU F 62 34.10 -90.45 -65.77
C GLU F 62 34.04 -91.22 -67.09
N LYS F 63 33.19 -92.24 -67.10
CA LYS F 63 33.09 -93.13 -68.26
C LYS F 63 32.55 -92.39 -69.47
N GLY F 64 32.86 -92.93 -70.64
CA GLY F 64 32.44 -92.35 -71.90
C GLY F 64 33.31 -91.23 -72.40
N LYS F 65 34.19 -90.68 -71.55
CA LYS F 65 35.11 -89.64 -72.00
C LYS F 65 36.07 -90.18 -73.04
N TYR F 66 36.38 -91.48 -72.98
CA TYR F 66 37.25 -92.09 -73.98
C TYR F 66 36.66 -92.00 -75.38
N VAL F 67 35.33 -92.05 -75.50
CA VAL F 67 34.70 -91.95 -76.82
C VAL F 67 35.00 -90.60 -77.44
N GLY F 68 34.76 -89.52 -76.69
CA GLY F 68 35.07 -88.20 -77.19
C GLY F 68 36.56 -87.98 -77.40
N GLU F 69 37.38 -88.54 -76.51
CA GLU F 69 38.83 -88.47 -76.67
C GLU F 69 39.25 -89.09 -77.99
N LEU F 70 38.72 -90.27 -78.30
CA LEU F 70 39.06 -90.93 -79.55
C LEU F 70 38.55 -90.12 -80.74
N ARG F 71 37.33 -89.60 -80.66
CA ARG F 71 36.77 -88.85 -81.79
C ARG F 71 37.61 -87.61 -82.08
N LYS F 72 37.98 -86.86 -81.04
CA LYS F 72 38.77 -85.65 -81.28
C LYS F 72 40.23 -85.95 -81.57
N ALA F 73 40.73 -87.13 -81.21
CA ALA F 73 42.05 -87.53 -81.69
C ALA F 73 42.01 -87.93 -83.15
N LEU F 74 40.88 -88.47 -83.62
CA LEU F 74 40.73 -88.81 -85.03
C LEU F 74 40.53 -87.56 -85.87
N LEU F 75 39.76 -86.60 -85.38
CA LEU F 75 39.51 -85.38 -86.12
C LEU F 75 40.76 -84.51 -86.18
N SER F 76 40.72 -83.51 -87.05
CA SER F 76 41.88 -82.67 -87.31
C SER F 76 42.36 -82.00 -86.03
N GLY F 77 43.67 -82.05 -85.80
CA GLY F 77 44.25 -81.44 -84.62
C GLY F 77 44.06 -82.30 -83.38
N ALA F 78 44.67 -81.86 -82.30
CA ALA F 78 44.56 -82.54 -81.02
C ALA F 78 43.28 -82.12 -80.31
N GLY F 79 43.01 -82.75 -79.17
CA GLY F 79 41.86 -82.43 -78.37
C GLY F 79 41.92 -81.01 -77.84
N PRO F 80 40.78 -80.33 -77.82
CA PRO F 80 40.76 -78.95 -77.30
C PRO F 80 41.15 -78.87 -75.83
N ALA F 81 40.95 -79.95 -75.07
CA ALA F 81 41.32 -79.98 -73.66
C ALA F 81 42.09 -81.24 -73.30
N ASP F 82 42.55 -82.00 -74.31
CA ASP F 82 43.28 -83.23 -74.08
C ASP F 82 44.54 -83.24 -74.92
N VAL F 83 45.67 -83.47 -74.28
CA VAL F 83 46.95 -83.54 -74.97
C VAL F 83 47.09 -84.90 -75.66
N TYR F 84 47.55 -84.88 -76.90
CA TYR F 84 47.75 -86.10 -77.67
C TYR F 84 49.08 -86.03 -78.41
N THR F 85 49.75 -87.16 -78.53
CA THR F 85 50.90 -87.27 -79.40
C THR F 85 50.47 -87.83 -80.74
N PHE F 86 50.84 -87.14 -81.82
CA PHE F 86 50.47 -87.52 -83.17
C PHE F 86 51.74 -87.90 -83.90
N ASN F 87 51.91 -89.20 -84.13
CA ASN F 87 53.12 -89.74 -84.73
C ASN F 87 52.77 -91.07 -85.38
N PHE F 88 53.80 -91.85 -85.71
CA PHE F 88 53.58 -93.19 -86.23
C PHE F 88 54.86 -93.99 -86.08
N SER F 89 54.76 -95.16 -85.47
CA SER F 89 55.89 -96.09 -85.37
C SER F 89 55.85 -96.98 -86.59
N LYS F 90 56.52 -96.54 -87.66
CA LYS F 90 56.59 -97.35 -88.87
C LYS F 90 57.22 -98.71 -88.60
N GLU F 91 58.15 -98.76 -87.64
CA GLU F 91 58.80 -100.02 -87.29
C GLU F 91 57.80 -101.03 -86.73
N SER F 92 56.86 -100.58 -85.90
CA SER F 92 55.90 -101.46 -85.26
C SER F 92 54.48 -101.28 -85.75
N CYS F 93 54.21 -100.28 -86.59
CA CYS F 93 52.86 -100.00 -87.09
C CYS F 93 51.89 -99.85 -85.93
N TYR F 94 52.11 -98.79 -85.16
CA TYR F 94 51.40 -98.57 -83.91
C TYR F 94 51.25 -97.08 -83.66
N PHE F 95 50.08 -96.69 -83.15
CA PHE F 95 49.81 -95.30 -82.80
C PHE F 95 49.37 -95.21 -81.35
N PHE F 96 49.66 -94.06 -80.74
CA PHE F 96 49.36 -93.82 -79.33
C PHE F 96 48.97 -92.36 -79.15
N PHE F 97 48.14 -92.11 -78.15
CA PHE F 97 47.73 -90.76 -77.80
C PHE F 97 47.74 -90.60 -76.28
N GLU F 98 47.95 -89.37 -75.82
CA GLU F 98 48.23 -89.07 -74.42
C GLU F 98 46.96 -88.65 -73.69
N LYS F 99 47.09 -88.54 -72.36
CA LYS F 99 46.06 -87.95 -71.52
C LYS F 99 46.70 -87.53 -70.21
N ASN F 100 46.79 -86.22 -69.97
CA ASN F 100 47.39 -85.68 -68.76
C ASN F 100 46.42 -84.70 -68.09
N LEU F 101 46.35 -84.76 -66.77
CA LEU F 101 45.51 -83.85 -65.99
C LEU F 101 45.95 -83.94 -64.53
N LYS F 102 45.52 -82.93 -63.76
CA LYS F 102 45.74 -82.81 -62.32
C LYS F 102 47.18 -83.13 -61.91
N ASP F 103 48.12 -82.31 -62.37
CA ASP F 103 49.51 -82.24 -61.91
C ASP F 103 50.30 -83.53 -62.14
N VAL F 104 49.86 -84.38 -63.06
CA VAL F 104 50.61 -85.60 -63.37
C VAL F 104 50.24 -86.05 -64.79
N SER F 105 51.26 -86.46 -65.54
CA SER F 105 51.08 -86.96 -66.90
C SER F 105 50.79 -88.44 -66.91
N PHE F 106 50.04 -88.89 -67.92
CA PHE F 106 49.68 -90.29 -68.05
C PHE F 106 49.43 -90.62 -69.51
N ARG F 107 49.20 -91.90 -69.78
CA ARG F 107 49.21 -92.46 -71.13
C ARG F 107 47.84 -92.99 -71.48
N LEU F 108 47.15 -92.30 -72.40
CA LEU F 108 45.81 -92.70 -72.82
C LEU F 108 45.90 -93.96 -73.70
N GLY F 109 44.79 -94.35 -74.30
CA GLY F 109 44.75 -95.50 -75.17
C GLY F 109 45.64 -95.38 -76.39
N SER F 110 45.64 -96.40 -77.24
CA SER F 110 46.56 -96.46 -78.34
C SER F 110 45.97 -97.25 -79.49
N PHE F 111 46.49 -97.01 -80.69
CA PHE F 111 46.07 -97.73 -81.89
C PHE F 111 47.05 -98.85 -82.18
N ASN F 112 46.55 -100.09 -82.17
CA ASN F 112 47.32 -101.23 -82.64
C ASN F 112 47.16 -101.29 -84.16
N LEU F 113 47.94 -100.45 -84.84
CA LEU F 113 47.79 -100.31 -86.28
C LEU F 113 48.23 -101.58 -87.00
N GLU F 114 47.67 -101.77 -88.19
CA GLU F 114 47.97 -102.93 -89.03
C GLU F 114 48.45 -102.43 -90.39
N LYS F 115 49.62 -102.93 -90.82
CA LYS F 115 50.23 -102.44 -92.04
C LYS F 115 49.57 -103.08 -93.26
N VAL F 116 48.94 -102.24 -94.09
CA VAL F 116 48.40 -102.66 -95.38
C VAL F 116 48.96 -101.72 -96.45
N GLU F 117 49.71 -102.27 -97.39
CA GLU F 117 50.44 -101.45 -98.36
C GLU F 117 49.49 -101.02 -99.48
N ASN F 118 50.07 -100.58 -100.60
CA ASN F 118 49.38 -99.94 -101.71
C ASN F 118 48.75 -98.63 -101.23
N PRO F 119 49.57 -97.66 -100.81
CA PRO F 119 49.01 -96.35 -100.43
C PRO F 119 48.39 -95.62 -101.60
N ALA F 120 48.74 -95.99 -102.83
CA ALA F 120 48.23 -95.28 -104.00
C ALA F 120 46.71 -95.33 -104.08
N GLU F 121 46.14 -96.54 -103.98
CA GLU F 121 44.70 -96.69 -104.13
C GLU F 121 43.94 -95.98 -103.01
N VAL F 122 44.41 -96.12 -101.77
CA VAL F 122 43.72 -95.49 -100.65
C VAL F 122 43.84 -93.97 -100.71
N ILE F 123 44.98 -93.46 -101.18
CA ILE F 123 45.11 -92.02 -101.39
C ILE F 123 44.16 -91.54 -102.48
N ARG F 124 44.04 -92.31 -103.56
CA ARG F 124 43.08 -91.97 -104.61
C ARG F 124 41.67 -91.93 -104.06
N GLU F 125 41.30 -92.91 -103.24
CA GLU F 125 39.98 -92.93 -102.63
C GLU F 125 39.76 -91.72 -101.73
N LEU F 126 40.77 -91.38 -100.92
CA LEU F 126 40.64 -90.23 -100.02
C LEU F 126 40.47 -88.93 -100.80
N ILE F 127 41.27 -88.72 -101.84
CA ILE F 127 41.17 -87.48 -102.60
C ILE F 127 39.87 -87.42 -103.39
N CYS F 128 39.38 -88.57 -103.90
CA CYS F 128 38.07 -88.61 -104.52
C CYS F 128 36.98 -88.22 -103.54
N TYR F 129 37.07 -88.73 -102.31
CA TYR F 129 36.13 -88.35 -101.27
C TYR F 129 36.17 -86.85 -101.02
N CYS F 130 37.37 -86.28 -100.94
CA CYS F 130 37.51 -84.83 -100.77
C CYS F 130 36.81 -84.08 -101.89
N LEU F 131 37.12 -84.43 -103.14
CA LEU F 131 36.53 -83.71 -104.27
C LEU F 131 35.00 -83.84 -104.27
N ASP F 132 34.49 -85.03 -104.00
CA ASP F 132 33.04 -85.23 -104.01
C ASP F 132 32.34 -84.44 -102.91
N THR F 133 32.93 -84.41 -101.71
CA THR F 133 32.27 -83.64 -100.65
C THR F 133 32.38 -82.14 -100.90
N ILE F 134 33.47 -81.67 -101.52
CA ILE F 134 33.54 -80.27 -101.93
C ILE F 134 32.42 -79.97 -102.92
N ALA F 135 32.22 -80.86 -103.89
CA ALA F 135 31.19 -80.64 -104.91
C ALA F 135 29.80 -80.59 -104.30
N GLU F 136 29.50 -81.53 -103.39
CA GLU F 136 28.17 -81.52 -102.76
C GLU F 136 27.96 -80.29 -101.90
N ASN F 137 29.02 -79.86 -101.19
CA ASN F 137 28.89 -78.65 -100.39
C ASN F 137 28.66 -77.42 -101.27
N GLN F 138 29.34 -77.36 -102.42
CA GLN F 138 29.11 -76.25 -103.35
C GLN F 138 27.69 -76.30 -103.92
N ALA F 139 27.17 -77.50 -104.19
CA ALA F 139 25.80 -77.61 -104.66
C ALA F 139 24.82 -77.11 -103.61
N LYS F 140 25.04 -77.48 -102.35
CA LYS F 140 24.21 -76.96 -101.28
C LYS F 140 24.33 -75.44 -101.19
N ASN F 141 25.55 -74.92 -101.38
CA ASN F 141 25.76 -73.47 -101.37
C ASN F 141 24.90 -72.78 -102.42
N GLU F 142 24.98 -73.24 -103.66
CA GLU F 142 24.25 -72.57 -104.73
C GLU F 142 22.75 -72.73 -104.58
N HIS F 143 22.29 -73.91 -104.14
CA HIS F 143 20.86 -74.09 -103.89
C HIS F 143 20.35 -73.16 -102.80
N LEU F 144 21.13 -73.03 -101.72
CA LEU F 144 20.72 -72.15 -100.63
C LEU F 144 20.72 -70.70 -101.09
N GLN F 145 21.69 -70.30 -101.90
CA GLN F 145 21.68 -68.94 -102.44
C GLN F 145 20.45 -68.69 -103.30
N LYS F 146 20.10 -69.65 -104.15
CA LYS F 146 18.92 -69.50 -105.00
C LYS F 146 17.65 -69.36 -104.17
N GLU F 147 17.44 -70.27 -103.21
CA GLU F 147 16.24 -70.18 -102.38
C GLU F 147 16.23 -68.91 -101.54
N ASN F 148 17.40 -68.48 -101.07
CA ASN F 148 17.50 -67.27 -100.26
C ASN F 148 17.07 -66.04 -101.06
N GLU F 149 17.63 -65.87 -102.26
CA GLU F 149 17.24 -64.72 -103.08
C GLU F 149 15.80 -64.83 -103.56
N ARG F 150 15.31 -66.04 -103.78
CA ARG F 150 13.91 -66.22 -104.14
C ARG F 150 12.98 -65.74 -103.03
N LEU F 151 13.29 -66.13 -101.79
CA LEU F 151 12.49 -65.64 -100.68
C LEU F 151 12.68 -64.14 -100.47
N LEU F 152 13.85 -63.61 -100.82
CA LEU F 152 14.05 -62.17 -100.76
C LEU F 152 13.10 -61.43 -101.69
N ARG F 153 13.05 -61.86 -102.96
CA ARG F 153 12.17 -61.18 -103.92
C ARG F 153 10.70 -61.42 -103.56
N ASP F 154 10.38 -62.60 -103.05
CA ASP F 154 9.03 -62.85 -102.55
C ASP F 154 8.68 -61.87 -101.44
N TRP F 155 9.60 -61.66 -100.50
CA TRP F 155 9.37 -60.74 -99.39
C TRP F 155 9.17 -59.32 -99.90
N ASN F 156 9.99 -58.88 -100.85
CA ASN F 156 9.85 -57.53 -101.38
C ASN F 156 8.48 -57.34 -102.05
N ASP F 157 8.09 -58.33 -102.86
CA ASP F 157 6.83 -58.22 -103.58
C ASP F 157 5.64 -58.23 -102.61
N VAL F 158 5.68 -59.09 -101.59
CA VAL F 158 4.57 -59.13 -100.66
C VAL F 158 4.53 -57.88 -99.81
N GLN F 159 5.68 -57.30 -99.48
CA GLN F 159 5.69 -56.01 -98.79
C GLN F 159 5.00 -54.96 -99.64
N GLY F 160 5.37 -54.87 -100.91
CA GLY F 160 4.76 -53.87 -101.78
C GLY F 160 3.25 -54.05 -101.91
N ARG F 161 2.81 -55.29 -102.16
CA ARG F 161 1.38 -55.54 -102.31
C ARG F 161 0.63 -55.36 -101.00
N PHE F 162 1.25 -55.67 -99.86
CA PHE F 162 0.63 -55.44 -98.57
C PHE F 162 0.42 -53.95 -98.31
N GLU F 163 1.42 -53.13 -98.66
CA GLU F 163 1.25 -51.69 -98.53
C GLU F 163 0.14 -51.18 -99.45
N LYS F 164 0.13 -51.67 -100.70
CA LYS F 164 -0.95 -51.33 -101.62
C LYS F 164 -2.30 -51.65 -101.00
N CYS F 165 -2.44 -52.84 -100.41
CA CYS F 165 -3.73 -53.26 -99.89
C CYS F 165 -4.13 -52.49 -98.64
N VAL F 166 -3.17 -52.17 -97.76
CA VAL F 166 -3.53 -51.45 -96.55
C VAL F 166 -3.97 -50.03 -96.87
N SER F 167 -3.33 -49.39 -97.86
CA SER F 167 -3.86 -48.10 -98.31
C SER F 167 -5.21 -48.27 -98.99
N ALA F 168 -5.36 -49.32 -99.78
CA ALA F 168 -6.50 -49.45 -100.68
C ALA F 168 -7.77 -49.80 -99.93
N LYS F 169 -7.68 -50.52 -98.81
CA LYS F 169 -8.90 -50.85 -98.06
C LYS F 169 -9.60 -49.58 -97.59
N GLU F 170 -8.83 -48.65 -97.01
CA GLU F 170 -9.40 -47.38 -96.56
C GLU F 170 -9.79 -46.50 -97.75
N ALA F 171 -9.01 -46.56 -98.83
CA ALA F 171 -9.36 -45.81 -100.02
C ALA F 171 -10.74 -46.21 -100.54
N LEU F 172 -10.96 -47.51 -100.74
CA LEU F 172 -12.26 -47.99 -101.20
C LEU F 172 -13.33 -47.76 -100.15
N GLU F 173 -12.98 -47.83 -98.87
CA GLU F 173 -13.95 -47.52 -97.82
C GLU F 173 -14.52 -46.12 -98.02
N THR F 174 -13.63 -45.12 -98.15
CA THR F 174 -14.09 -43.74 -98.30
C THR F 174 -14.80 -43.55 -99.65
N ASP F 175 -14.30 -44.21 -100.70
CA ASP F 175 -14.93 -44.10 -102.00
C ASP F 175 -16.36 -44.61 -101.96
N LEU F 176 -16.56 -45.81 -101.40
CA LEU F 176 -17.89 -46.38 -101.26
C LEU F 176 -18.75 -45.51 -100.36
N TYR F 177 -18.15 -44.95 -99.29
CA TYR F 177 -18.87 -43.99 -98.45
C TYR F 177 -19.51 -42.91 -99.31
N LYS F 178 -18.68 -42.14 -100.03
CA LYS F 178 -19.21 -41.02 -100.79
C LYS F 178 -20.16 -41.49 -101.89
N ARG F 179 -19.88 -42.64 -102.49
CA ARG F 179 -20.73 -43.17 -103.54
C ARG F 179 -22.13 -43.46 -103.00
N PHE F 180 -22.21 -44.18 -101.88
CA PHE F 180 -23.50 -44.46 -101.27
C PHE F 180 -24.17 -43.16 -100.85
N ILE F 181 -23.40 -42.21 -100.32
CA ILE F 181 -23.97 -40.95 -99.88
C ILE F 181 -24.67 -40.27 -101.05
N LEU F 182 -23.98 -40.14 -102.18
CA LEU F 182 -24.56 -39.43 -103.32
C LEU F 182 -25.73 -40.21 -103.92
N VAL F 183 -25.63 -41.54 -103.97
CA VAL F 183 -26.72 -42.33 -104.52
C VAL F 183 -27.98 -42.18 -103.68
N LEU F 184 -27.84 -42.27 -102.36
CA LEU F 184 -28.99 -42.11 -101.50
C LEU F 184 -29.50 -40.67 -101.50
N ASN F 185 -28.61 -39.69 -101.71
CA ASN F 185 -29.06 -38.32 -101.89
C ASN F 185 -29.94 -38.19 -103.12
N GLU F 186 -29.56 -38.84 -104.21
CA GLU F 186 -30.40 -38.83 -105.41
C GLU F 186 -31.72 -39.56 -105.16
N LYS F 187 -31.67 -40.66 -104.42
CA LYS F 187 -32.91 -41.35 -104.06
C LYS F 187 -33.83 -40.44 -103.26
N LYS F 188 -33.26 -39.69 -102.31
CA LYS F 188 -34.05 -38.76 -101.51
C LYS F 188 -34.60 -37.63 -102.37
N THR F 189 -33.83 -37.18 -103.35
CA THR F 189 -34.34 -36.17 -104.27
C THR F 189 -35.53 -36.70 -105.05
N LYS F 190 -35.44 -37.95 -105.51
CA LYS F 190 -36.57 -38.58 -106.18
C LYS F 190 -37.76 -38.67 -105.25
N ILE F 191 -37.52 -39.02 -103.99
CA ILE F 191 -38.61 -39.14 -103.02
C ILE F 191 -39.26 -37.78 -102.79
N ARG F 192 -38.46 -36.73 -102.64
CA ARG F 192 -39.00 -35.38 -102.46
C ARG F 192 -39.86 -34.98 -103.65
N SER F 193 -39.34 -35.23 -104.87
CA SER F 193 -40.09 -34.88 -106.07
C SER F 193 -41.40 -35.64 -106.14
N LEU F 194 -41.37 -36.94 -105.84
CA LEU F 194 -42.59 -37.73 -105.90
C LEU F 194 -43.58 -37.31 -104.83
N HIS F 195 -43.08 -36.90 -103.66
CA HIS F 195 -43.95 -36.35 -102.64
C HIS F 195 -44.64 -35.08 -103.12
N ASN F 196 -43.88 -34.20 -103.77
CA ASN F 196 -44.48 -32.98 -104.31
C ASN F 196 -45.51 -33.28 -105.38
N LYS F 197 -45.22 -34.28 -106.23
CA LYS F 197 -46.19 -34.68 -107.24
C LYS F 197 -47.46 -35.23 -106.62
N LEU F 198 -47.31 -36.09 -105.60
CA LEU F 198 -48.47 -36.67 -104.94
C LEU F 198 -49.26 -35.62 -104.17
N LEU F 199 -48.61 -34.54 -103.76
CA LEU F 199 -49.28 -33.48 -103.02
C LEU F 199 -50.46 -32.90 -103.79
N ASN F 200 -50.38 -32.89 -105.12
CA ASN F 200 -51.46 -32.36 -105.93
C ASN F 200 -52.69 -33.27 -105.88
N ALA F 201 -53.85 -32.65 -105.97
CA ALA F 201 -55.11 -33.37 -105.95
C ALA F 201 -55.48 -33.87 -107.35
N MET G 1 50.22 -68.96 -107.59
CA MET G 1 49.97 -70.39 -107.52
C MET G 1 48.61 -70.72 -108.13
N GLU G 2 48.57 -70.87 -109.45
CA GLU G 2 47.33 -71.07 -110.19
C GLU G 2 47.09 -72.56 -110.34
N ARG G 3 46.20 -73.09 -109.50
CA ARG G 3 45.90 -74.52 -109.47
C ARG G 3 44.41 -74.73 -109.70
N LYS G 4 44.08 -75.57 -110.69
CA LYS G 4 42.70 -75.82 -111.09
C LYS G 4 42.46 -77.33 -111.12
N ILE G 5 41.22 -77.73 -110.83
CA ILE G 5 40.85 -79.14 -110.76
C ILE G 5 40.51 -79.59 -112.19
N SER G 6 41.52 -80.01 -112.93
CA SER G 6 41.35 -80.76 -114.16
C SER G 6 42.24 -82.00 -114.05
N ARG G 7 41.61 -83.15 -113.87
CA ARG G 7 42.31 -84.33 -113.37
C ARG G 7 43.17 -84.97 -114.46
N ILE G 8 44.03 -85.89 -114.04
CA ILE G 8 44.94 -86.61 -114.92
C ILE G 8 44.77 -88.10 -114.70
N HIS G 9 45.13 -88.88 -115.72
CA HIS G 9 45.11 -90.33 -115.63
C HIS G 9 46.44 -90.90 -116.05
N LEU G 10 46.80 -92.04 -115.46
CA LEU G 10 48.07 -92.68 -115.70
C LEU G 10 48.09 -93.38 -117.07
N VAL G 11 49.28 -93.47 -117.64
CA VAL G 11 49.50 -94.40 -118.75
C VAL G 11 49.77 -95.80 -118.22
N SER G 12 50.54 -95.91 -117.13
CA SER G 12 50.78 -97.20 -116.51
C SER G 12 49.53 -97.73 -115.81
N GLU G 13 48.67 -96.83 -115.32
CA GLU G 13 47.43 -97.20 -114.63
C GLU G 13 46.27 -96.48 -115.30
N PRO G 14 45.90 -96.91 -116.51
CA PRO G 14 44.77 -96.24 -117.19
C PRO G 14 43.43 -96.47 -116.52
N SER G 15 43.33 -97.48 -115.64
CA SER G 15 42.06 -97.76 -114.98
C SER G 15 41.67 -96.63 -114.03
N ILE G 16 42.63 -96.04 -113.33
CA ILE G 16 42.37 -95.03 -112.33
C ILE G 16 42.82 -93.68 -112.88
N THR G 17 41.86 -92.78 -113.10
CA THR G 17 42.16 -91.38 -113.40
C THR G 17 42.48 -90.70 -112.08
N HIS G 18 43.77 -90.47 -111.83
CA HIS G 18 44.22 -89.92 -110.56
C HIS G 18 43.68 -88.51 -110.36
N PHE G 19 42.78 -88.34 -109.39
CA PHE G 19 42.08 -87.07 -109.21
C PHE G 19 43.06 -86.04 -108.68
N LEU G 20 43.54 -85.18 -109.57
CA LEU G 20 44.58 -84.22 -109.26
C LEU G 20 44.18 -82.86 -109.79
N GLN G 21 44.10 -81.88 -108.89
CA GLN G 21 43.95 -80.49 -109.30
C GLN G 21 45.28 -79.99 -109.85
N VAL G 22 45.33 -79.74 -111.17
CA VAL G 22 46.58 -79.37 -111.80
C VAL G 22 47.07 -78.04 -111.26
N SER G 23 48.38 -77.95 -111.03
CA SER G 23 49.02 -76.74 -110.54
C SER G 23 50.04 -76.27 -111.58
N TRP G 24 49.89 -75.03 -112.03
CA TRP G 24 50.88 -74.36 -112.85
C TRP G 24 51.20 -73.02 -112.20
N GLU G 25 52.10 -72.25 -112.82
CA GLU G 25 52.61 -71.05 -112.16
C GLU G 25 51.63 -69.88 -112.25
N LYS G 26 51.39 -69.38 -113.47
CA LYS G 26 50.59 -68.19 -113.69
C LYS G 26 50.21 -68.11 -115.16
N THR G 27 48.93 -67.85 -115.44
CA THR G 27 48.44 -67.57 -116.79
C THR G 27 48.96 -68.60 -117.79
N LEU G 28 48.50 -69.84 -117.60
CA LEU G 28 49.02 -71.03 -118.25
C LEU G 28 49.35 -70.82 -119.72
N GLU G 29 48.63 -69.94 -120.40
CA GLU G 29 48.95 -69.62 -121.79
C GLU G 29 50.28 -68.89 -121.93
N SER G 30 50.94 -68.55 -120.83
CA SER G 30 52.29 -68.00 -120.82
C SER G 30 53.20 -68.84 -119.93
N GLY G 31 53.09 -70.16 -120.06
CA GLY G 31 53.78 -71.10 -119.21
C GLY G 31 52.80 -71.96 -118.44
N PHE G 32 52.64 -73.22 -118.85
CA PHE G 32 51.61 -74.08 -118.31
C PHE G 32 52.23 -75.40 -117.86
N VAL G 33 51.90 -75.83 -116.66
CA VAL G 33 52.41 -77.07 -116.09
C VAL G 33 51.21 -77.96 -115.78
N ILE G 34 51.17 -79.14 -116.40
CA ILE G 34 50.28 -80.20 -115.97
C ILE G 34 50.92 -80.92 -114.80
N THR G 35 50.18 -81.03 -113.70
CA THR G 35 50.71 -81.66 -112.49
C THR G 35 50.63 -83.18 -112.63
N LEU G 36 51.49 -83.87 -111.90
CA LEU G 36 51.64 -85.31 -112.01
C LEU G 36 51.26 -86.00 -110.70
N THR G 37 50.69 -87.19 -110.80
CA THR G 37 50.50 -88.06 -109.65
C THR G 37 50.30 -89.48 -110.15
N ASP G 38 51.19 -90.38 -109.75
CA ASP G 38 51.07 -91.79 -110.08
C ASP G 38 50.50 -92.62 -108.94
N GLY G 39 50.00 -91.96 -107.89
CA GLY G 39 49.54 -92.64 -106.70
C GLY G 39 50.69 -92.92 -105.75
N HIS G 40 51.88 -93.14 -106.30
CA HIS G 40 53.06 -93.39 -105.49
C HIS G 40 53.91 -92.14 -105.27
N SER G 41 53.92 -91.21 -106.22
CA SER G 41 54.69 -89.98 -106.06
C SER G 41 54.06 -88.92 -106.95
N ALA G 42 53.35 -87.98 -106.34
CA ALA G 42 52.75 -86.88 -107.10
C ALA G 42 53.78 -85.80 -107.36
N TRP G 43 53.78 -85.27 -108.59
CA TRP G 43 54.82 -84.35 -109.04
C TRP G 43 54.21 -83.08 -109.59
N THR G 44 54.70 -81.94 -109.12
CA THR G 44 54.39 -80.64 -109.71
C THR G 44 55.63 -80.17 -110.47
N GLY G 45 55.47 -79.90 -111.77
CA GLY G 45 56.59 -79.61 -112.63
C GLY G 45 56.77 -78.13 -112.92
N THR G 46 57.72 -77.84 -113.80
CA THR G 46 58.03 -76.50 -114.25
C THR G 46 58.18 -76.52 -115.76
N VAL G 47 57.95 -75.37 -116.39
CA VAL G 47 58.06 -75.23 -117.84
C VAL G 47 58.74 -73.91 -118.16
N SER G 48 58.97 -73.69 -119.45
CA SER G 48 59.52 -72.44 -119.97
C SER G 48 58.81 -72.15 -121.28
N GLU G 49 59.36 -71.21 -122.06
CA GLU G 49 58.77 -70.83 -123.33
C GLU G 49 59.13 -71.86 -124.40
N SER G 50 58.86 -71.50 -125.65
CA SER G 50 59.03 -72.33 -126.86
C SER G 50 58.02 -73.48 -126.92
N GLU G 51 57.13 -73.60 -125.94
CA GLU G 51 56.19 -74.73 -125.93
C GLU G 51 54.79 -74.31 -125.48
N ILE G 52 54.48 -73.02 -125.50
CA ILE G 52 53.25 -72.54 -124.88
C ILE G 52 52.30 -71.97 -125.93
N SER G 53 52.74 -70.95 -126.65
CA SER G 53 51.94 -70.35 -127.71
C SER G 53 52.69 -70.17 -129.01
N GLN G 54 54.02 -70.09 -128.99
CA GLN G 54 54.82 -70.14 -130.21
C GLN G 54 54.99 -71.56 -130.74
N GLU G 55 54.61 -72.57 -129.95
CA GLU G 55 54.48 -73.92 -130.44
C GLU G 55 53.12 -74.16 -131.09
N ALA G 56 52.35 -73.11 -131.30
CA ALA G 56 51.08 -73.18 -132.00
C ALA G 56 51.23 -73.03 -133.51
N ASP G 57 52.42 -72.71 -133.99
CA ASP G 57 52.66 -72.54 -135.42
C ASP G 57 54.00 -73.11 -135.84
N ASP G 58 54.60 -74.00 -135.03
CA ASP G 58 55.95 -74.47 -135.30
C ASP G 58 56.00 -75.37 -136.52
N MET G 59 55.04 -76.29 -136.65
CA MET G 59 54.99 -77.23 -137.76
C MET G 59 53.87 -76.90 -138.75
N ALA G 60 53.67 -75.60 -138.98
CA ALA G 60 52.72 -75.10 -139.98
C ALA G 60 51.29 -75.52 -139.66
N MET G 61 50.88 -75.22 -138.43
CA MET G 61 49.54 -75.49 -137.95
C MET G 61 48.88 -74.20 -137.49
N GLU G 62 47.55 -74.24 -137.41
CA GLU G 62 46.79 -73.11 -136.92
C GLU G 62 47.10 -72.86 -135.45
N LYS G 63 47.12 -71.58 -135.08
CA LYS G 63 47.43 -71.23 -133.69
C LYS G 63 46.31 -71.63 -132.75
N GLY G 64 45.05 -71.39 -133.16
CA GLY G 64 43.93 -71.60 -132.26
C GLY G 64 43.78 -73.04 -131.81
N LYS G 65 43.93 -73.99 -132.75
CA LYS G 65 43.78 -75.40 -132.42
C LYS G 65 44.81 -75.88 -131.40
N TYR G 66 45.87 -75.11 -131.18
CA TYR G 66 46.87 -75.41 -130.16
C TYR G 66 46.62 -74.63 -128.88
N VAL G 67 46.56 -73.31 -128.97
CA VAL G 67 46.49 -72.48 -127.77
C VAL G 67 45.14 -72.65 -127.06
N GLY G 68 44.05 -72.79 -127.82
CA GLY G 68 42.75 -72.97 -127.18
C GLY G 68 42.66 -74.27 -126.41
N GLU G 69 43.09 -75.37 -127.03
CA GLU G 69 43.11 -76.65 -126.34
C GLU G 69 44.09 -76.63 -125.16
N LEU G 70 45.17 -75.87 -125.30
CA LEU G 70 46.11 -75.72 -124.18
C LEU G 70 45.47 -74.98 -123.02
N ARG G 71 44.70 -73.93 -123.32
CA ARG G 71 44.02 -73.19 -122.27
C ARG G 71 42.95 -74.03 -121.60
N LYS G 72 42.19 -74.79 -122.37
CA LYS G 72 41.19 -75.67 -121.78
C LYS G 72 41.79 -76.97 -121.26
N ALA G 73 43.10 -77.15 -121.37
CA ALA G 73 43.75 -78.34 -120.83
C ALA G 73 43.85 -78.26 -119.31
N LEU G 74 44.57 -77.26 -118.80
CA LEU G 74 44.74 -77.13 -117.35
C LEU G 74 43.51 -76.54 -116.68
N LEU G 75 42.55 -76.04 -117.45
CA LEU G 75 41.30 -75.56 -116.88
C LEU G 75 40.18 -76.56 -117.17
N VAL G 83 37.69 -78.89 -122.48
CA VAL G 83 37.87 -80.33 -122.63
C VAL G 83 39.35 -80.67 -122.72
N TYR G 84 39.78 -81.68 -121.98
CA TYR G 84 41.18 -82.10 -121.92
C TYR G 84 41.27 -83.60 -122.07
N THR G 85 42.01 -84.05 -123.09
CA THR G 85 42.32 -85.47 -123.26
C THR G 85 43.76 -85.65 -122.77
N PHE G 86 43.89 -85.93 -121.48
CA PHE G 86 45.17 -85.97 -120.80
C PHE G 86 45.74 -87.37 -120.80
N ASN G 87 47.07 -87.46 -120.71
CA ASN G 87 47.76 -88.75 -120.64
C ASN G 87 49.01 -88.56 -119.78
N PHE G 88 48.90 -88.90 -118.50
CA PHE G 88 50.08 -88.89 -117.63
C PHE G 88 50.84 -90.18 -117.84
N SER G 89 52.09 -90.06 -118.30
CA SER G 89 52.95 -91.20 -118.58
C SER G 89 54.01 -91.32 -117.49
N LYS G 90 54.15 -92.52 -116.94
CA LYS G 90 55.28 -92.87 -116.09
C LYS G 90 56.48 -93.33 -116.92
N GLU G 91 56.39 -93.23 -118.24
CA GLU G 91 57.48 -93.68 -119.11
C GLU G 91 58.77 -92.93 -118.82
N SER G 92 58.68 -91.65 -118.42
CA SER G 92 59.86 -90.85 -118.10
C SER G 92 59.64 -90.00 -116.86
N CYS G 93 58.78 -90.45 -115.95
CA CYS G 93 58.43 -89.67 -114.76
C CYS G 93 57.94 -88.29 -115.15
N TYR G 94 57.18 -88.23 -116.24
CA TYR G 94 56.89 -86.97 -116.91
C TYR G 94 55.60 -87.11 -117.71
N PHE G 95 54.69 -86.15 -117.51
CA PHE G 95 53.43 -86.13 -118.23
C PHE G 95 53.67 -85.90 -119.72
N PHE G 96 53.51 -86.95 -120.51
CA PHE G 96 53.56 -86.82 -121.96
C PHE G 96 52.21 -87.26 -122.52
N PHE G 97 51.51 -86.32 -123.17
CA PHE G 97 50.16 -86.55 -123.68
C PHE G 97 50.05 -85.99 -125.08
N GLU G 98 48.89 -86.22 -125.69
CA GLU G 98 48.51 -85.57 -126.93
C GLU G 98 47.04 -85.21 -126.82
N LYS G 99 46.72 -83.93 -127.06
CA LYS G 99 45.32 -83.53 -127.05
C LYS G 99 44.60 -84.19 -128.22
N ASN G 100 43.50 -84.88 -127.92
CA ASN G 100 42.83 -85.74 -128.89
C ASN G 100 41.44 -85.23 -129.27
N LEU G 101 41.23 -83.92 -129.21
CA LEU G 101 39.99 -83.34 -129.69
C LEU G 101 39.97 -83.38 -131.23
N LYS G 102 38.77 -83.22 -131.79
CA LYS G 102 38.62 -83.24 -133.24
C LYS G 102 39.41 -82.09 -133.86
N ASP G 103 40.05 -82.38 -134.99
CA ASP G 103 40.95 -81.49 -135.73
C ASP G 103 42.20 -81.20 -134.87
N VAL G 104 42.38 -81.96 -133.78
CA VAL G 104 43.54 -81.83 -132.90
C VAL G 104 44.13 -83.23 -132.75
N SER G 105 45.11 -83.55 -133.59
CA SER G 105 45.73 -84.87 -133.61
C SER G 105 47.24 -84.76 -133.43
N PHE G 106 47.69 -83.77 -132.68
CA PHE G 106 49.10 -83.48 -132.49
C PHE G 106 49.46 -83.60 -131.01
N ARG G 107 50.76 -83.48 -130.74
CA ARG G 107 51.22 -83.34 -129.37
C ARG G 107 50.94 -81.92 -128.90
N LEU G 108 50.11 -81.79 -127.87
CA LEU G 108 49.76 -80.48 -127.33
C LEU G 108 50.78 -80.08 -126.28
N GLY G 109 51.47 -78.98 -126.52
CA GLY G 109 52.39 -78.45 -125.54
C GLY G 109 53.63 -79.30 -125.33
N SER G 110 54.56 -78.76 -124.55
CA SER G 110 55.72 -79.52 -124.10
C SER G 110 56.05 -79.05 -122.70
N PHE G 111 56.81 -79.87 -121.98
CA PHE G 111 57.04 -79.64 -120.56
C PHE G 111 58.49 -79.94 -120.26
N ASN G 112 58.98 -79.39 -119.15
CA ASN G 112 60.26 -79.83 -118.62
C ASN G 112 60.04 -81.08 -117.75
N LEU G 113 61.11 -81.55 -117.12
CA LEU G 113 61.00 -82.71 -116.24
C LEU G 113 60.10 -82.36 -115.06
N GLU G 114 58.91 -82.94 -115.03
CA GLU G 114 57.89 -82.60 -114.04
C GLU G 114 58.07 -83.48 -112.81
N LYS G 115 58.58 -82.89 -111.74
CA LYS G 115 58.85 -83.64 -110.53
C LYS G 115 58.96 -82.66 -109.35
N VAL G 116 58.81 -83.21 -108.15
CA VAL G 116 59.02 -82.46 -106.92
C VAL G 116 59.94 -83.28 -106.02
N GLU G 117 60.38 -82.65 -104.94
CA GLU G 117 61.30 -83.28 -104.01
C GLU G 117 60.63 -84.40 -103.22
N ASN G 118 59.40 -84.18 -102.78
CA ASN G 118 58.72 -85.15 -101.93
C ASN G 118 57.60 -85.84 -102.69
N PRO G 119 57.56 -87.18 -102.67
CA PRO G 119 56.49 -87.89 -103.39
C PRO G 119 55.09 -87.51 -102.94
N ALA G 120 54.90 -87.29 -101.64
CA ALA G 120 53.59 -86.97 -101.10
C ALA G 120 53.32 -85.47 -101.01
N GLU G 121 54.29 -84.62 -101.38
CA GLU G 121 54.11 -83.18 -101.24
C GLU G 121 52.89 -82.70 -102.02
N VAL G 122 52.78 -83.09 -103.28
CA VAL G 122 51.65 -82.67 -104.09
C VAL G 122 50.36 -83.32 -103.62
N ILE G 123 50.43 -84.59 -103.19
CA ILE G 123 49.23 -85.28 -102.70
C ILE G 123 48.71 -84.63 -101.43
N ARG G 124 49.60 -84.40 -100.46
CA ARG G 124 49.18 -83.77 -99.21
C ARG G 124 48.72 -82.33 -99.45
N GLU G 125 49.38 -81.62 -100.37
CA GLU G 125 48.93 -80.28 -100.73
C GLU G 125 47.52 -80.32 -101.30
N LEU G 126 47.25 -81.30 -102.18
CA LEU G 126 45.91 -81.44 -102.73
C LEU G 126 44.89 -81.71 -101.62
N ILE G 127 45.24 -82.58 -100.68
CA ILE G 127 44.29 -82.91 -99.60
C ILE G 127 44.01 -81.68 -98.75
N CYS G 128 45.05 -80.90 -98.43
CA CYS G 128 44.83 -79.73 -97.59
C CYS G 128 44.06 -78.64 -98.33
N TYR G 129 44.32 -78.48 -99.64
CA TYR G 129 43.54 -77.53 -100.42
C TYR G 129 42.07 -77.96 -100.50
N CYS G 130 41.84 -79.27 -100.64
CA CYS G 130 40.47 -79.78 -100.61
C CYS G 130 39.81 -79.50 -99.28
N LEU G 131 40.55 -79.67 -98.18
CA LEU G 131 40.01 -79.35 -96.86
C LEU G 131 39.66 -77.86 -96.76
N ASP G 132 40.53 -76.99 -97.27
CA ASP G 132 40.26 -75.56 -97.22
C ASP G 132 39.00 -75.21 -98.00
N THR G 133 38.87 -75.74 -99.22
CA THR G 133 37.72 -75.37 -100.04
C THR G 133 36.42 -76.00 -99.52
N ILE G 134 36.46 -77.19 -98.93
CA ILE G 134 35.25 -77.72 -98.31
C ILE G 134 34.89 -76.89 -97.09
N ALA G 135 35.88 -76.39 -96.34
CA ALA G 135 35.58 -75.51 -95.22
C ALA G 135 34.87 -74.24 -95.70
N GLU G 136 35.38 -73.64 -96.78
CA GLU G 136 34.74 -72.46 -97.34
C GLU G 136 33.32 -72.78 -97.81
N ASN G 137 33.15 -73.91 -98.48
CA ASN G 137 31.85 -74.28 -99.00
C ASN G 137 30.84 -74.49 -97.88
N GLN G 138 31.25 -75.18 -96.81
CA GLN G 138 30.33 -75.42 -95.70
C GLN G 138 30.00 -74.12 -94.96
N ALA G 139 31.00 -73.22 -94.83
CA ALA G 139 30.73 -71.93 -94.19
C ALA G 139 29.68 -71.17 -94.99
N LYS G 140 29.83 -71.13 -96.31
CA LYS G 140 28.82 -70.43 -97.12
C LYS G 140 27.49 -71.17 -97.10
N ASN G 141 27.52 -72.51 -96.98
CA ASN G 141 26.29 -73.27 -96.82
C ASN G 141 25.51 -72.80 -95.61
N GLU G 142 26.18 -72.74 -94.46
CA GLU G 142 25.49 -72.32 -93.24
C GLU G 142 25.04 -70.86 -93.33
N HIS G 143 25.89 -69.99 -93.87
CA HIS G 143 25.53 -68.59 -94.01
C HIS G 143 24.26 -68.41 -94.84
N LEU G 144 24.26 -69.00 -96.05
CA LEU G 144 23.12 -68.83 -96.93
C LEU G 144 21.91 -69.62 -96.48
N GLN G 145 22.09 -70.70 -95.69
CA GLN G 145 20.94 -71.38 -95.11
C GLN G 145 20.27 -70.52 -94.05
N LYS G 146 21.05 -69.86 -93.20
CA LYS G 146 20.46 -68.97 -92.21
C LYS G 146 19.77 -67.79 -92.89
N GLU G 147 20.40 -67.23 -93.92
CA GLU G 147 19.74 -66.17 -94.68
C GLU G 147 18.47 -66.68 -95.35
N ASN G 148 18.51 -67.92 -95.87
CA ASN G 148 17.35 -68.54 -96.47
C ASN G 148 16.20 -68.59 -95.48
N GLU G 149 16.46 -69.08 -94.26
CA GLU G 149 15.41 -69.21 -93.27
C GLU G 149 14.86 -67.84 -92.84
N ARG G 150 15.75 -66.86 -92.64
CA ARG G 150 15.26 -65.55 -92.19
C ARG G 150 14.43 -64.88 -93.27
N LEU G 151 14.84 -64.97 -94.54
CA LEU G 151 14.03 -64.40 -95.60
C LEU G 151 12.74 -65.17 -95.79
N LEU G 152 12.76 -66.49 -95.59
CA LEU G 152 11.53 -67.26 -95.64
C LEU G 152 10.53 -66.77 -94.59
N ARG G 153 11.00 -66.58 -93.36
CA ARG G 153 10.09 -66.15 -92.31
C ARG G 153 9.63 -64.71 -92.52
N ASP G 154 10.50 -63.85 -93.05
CA ASP G 154 10.08 -62.49 -93.37
C ASP G 154 8.98 -62.49 -94.44
N TRP G 155 9.19 -63.24 -95.51
CA TRP G 155 8.18 -63.34 -96.56
C TRP G 155 6.89 -63.92 -96.01
N ASN G 156 6.98 -64.92 -95.13
CA ASN G 156 5.79 -65.55 -94.57
C ASN G 156 5.01 -64.56 -93.70
N ASP G 157 5.69 -63.79 -92.84
CA ASP G 157 4.95 -62.89 -91.96
C ASP G 157 4.34 -61.74 -92.75
N VAL G 158 5.05 -61.24 -93.77
CA VAL G 158 4.45 -60.16 -94.55
C VAL G 158 3.30 -60.69 -95.40
N GLN G 159 3.40 -61.91 -95.92
CA GLN G 159 2.26 -62.48 -96.63
C GLN G 159 1.09 -62.72 -95.69
N GLY G 160 1.35 -63.06 -94.43
CA GLY G 160 0.26 -63.22 -93.47
C GLY G 160 -0.44 -61.91 -93.17
N ARG G 161 0.34 -60.83 -92.96
CA ARG G 161 -0.30 -59.54 -92.75
C ARG G 161 -0.99 -59.05 -94.01
N PHE G 162 -0.49 -59.45 -95.19
CA PHE G 162 -1.20 -59.21 -96.44
C PHE G 162 -2.55 -59.92 -96.43
N GLU G 163 -2.57 -61.17 -95.97
CA GLU G 163 -3.83 -61.88 -95.82
C GLU G 163 -4.77 -61.12 -94.92
N LYS G 164 -4.26 -60.64 -93.79
CA LYS G 164 -5.10 -59.95 -92.82
C LYS G 164 -5.68 -58.68 -93.41
N CYS G 165 -4.85 -57.88 -94.09
CA CYS G 165 -5.35 -56.62 -94.65
C CYS G 165 -6.31 -56.86 -95.80
N VAL G 166 -6.02 -57.86 -96.65
CA VAL G 166 -6.94 -58.16 -97.76
C VAL G 166 -8.27 -58.64 -97.23
N SER G 167 -8.26 -59.52 -96.22
CA SER G 167 -9.50 -59.99 -95.62
C SER G 167 -10.26 -58.86 -94.94
N ALA G 168 -9.55 -57.96 -94.28
CA ALA G 168 -10.20 -56.80 -93.66
C ALA G 168 -10.87 -55.93 -94.72
N LYS G 169 -10.19 -55.71 -95.84
CA LYS G 169 -10.81 -54.97 -96.94
C LYS G 169 -12.06 -55.68 -97.44
N GLU G 170 -11.98 -57.01 -97.60
CA GLU G 170 -13.12 -57.76 -98.07
C GLU G 170 -14.31 -57.59 -97.13
N ALA G 171 -14.09 -57.75 -95.83
CA ALA G 171 -15.16 -57.61 -94.86
C ALA G 171 -15.73 -56.21 -94.84
N LEU G 172 -14.86 -55.19 -94.89
CA LEU G 172 -15.31 -53.81 -94.87
C LEU G 172 -16.14 -53.48 -96.10
N GLU G 173 -15.67 -53.89 -97.28
CA GLU G 173 -16.43 -53.67 -98.51
C GLU G 173 -17.75 -54.41 -98.47
N THR G 174 -17.74 -55.64 -97.93
CA THR G 174 -18.99 -56.40 -97.81
C THR G 174 -19.99 -55.65 -96.95
N ASP G 175 -19.56 -55.18 -95.78
CA ASP G 175 -20.44 -54.44 -94.90
C ASP G 175 -20.98 -53.19 -95.58
N LEU G 176 -20.09 -52.40 -96.18
CA LEU G 176 -20.51 -51.16 -96.82
C LEU G 176 -21.53 -51.44 -97.91
N TYR G 177 -21.23 -52.38 -98.80
CA TYR G 177 -22.12 -52.66 -99.91
C TYR G 177 -23.45 -53.21 -99.42
N LYS G 178 -23.43 -54.11 -98.43
CA LYS G 178 -24.68 -54.70 -97.94
C LYS G 178 -25.56 -53.65 -97.27
N ARG G 179 -24.98 -52.84 -96.40
CA ARG G 179 -25.76 -51.80 -95.73
C ARG G 179 -26.31 -50.79 -96.72
N PHE G 180 -25.49 -50.40 -97.71
CA PHE G 180 -25.98 -49.50 -98.74
C PHE G 180 -27.09 -50.15 -99.55
N ILE G 181 -26.97 -51.45 -99.83
CA ILE G 181 -28.00 -52.16 -100.57
C ILE G 181 -29.31 -52.12 -99.82
N LEU G 182 -29.27 -52.37 -98.50
CA LEU G 182 -30.49 -52.33 -97.71
C LEU G 182 -31.10 -50.94 -97.73
N VAL G 183 -30.27 -49.90 -97.55
CA VAL G 183 -30.80 -48.53 -97.58
C VAL G 183 -31.39 -48.21 -98.94
N LEU G 184 -30.72 -48.63 -100.01
CA LEU G 184 -31.20 -48.36 -101.36
C LEU G 184 -32.48 -49.13 -101.65
N ASN G 185 -32.61 -50.34 -101.11
CA ASN G 185 -33.88 -51.07 -101.24
C ASN G 185 -35.00 -50.34 -100.54
N GLU G 186 -34.72 -49.79 -99.35
CA GLU G 186 -35.72 -48.98 -98.68
C GLU G 186 -36.10 -47.76 -99.52
N LYS G 187 -35.09 -47.09 -100.08
CA LYS G 187 -35.34 -45.93 -100.92
C LYS G 187 -36.18 -46.29 -102.14
N LYS G 188 -35.87 -47.42 -102.78
CA LYS G 188 -36.56 -47.80 -103.99
C LYS G 188 -37.98 -48.25 -103.69
N THR G 189 -38.20 -48.90 -102.55
CA THR G 189 -39.55 -49.22 -102.13
C THR G 189 -40.35 -47.97 -101.85
N LYS G 190 -39.72 -46.97 -101.22
CA LYS G 190 -40.40 -45.70 -100.97
C LYS G 190 -40.75 -45.02 -102.28
N ILE G 191 -39.82 -45.03 -103.24
CA ILE G 191 -40.07 -44.42 -104.55
C ILE G 191 -41.19 -45.16 -105.28
N ARG G 192 -41.20 -46.49 -105.19
CA ARG G 192 -42.26 -47.28 -105.80
C ARG G 192 -43.61 -46.96 -105.18
N SER G 193 -43.66 -46.84 -103.85
CA SER G 193 -44.91 -46.49 -103.19
C SER G 193 -45.37 -45.09 -103.60
N LEU G 194 -44.42 -44.16 -103.74
CA LEU G 194 -44.77 -42.83 -104.21
C LEU G 194 -45.35 -42.87 -105.62
N HIS G 195 -44.75 -43.69 -106.48
CA HIS G 195 -45.30 -43.90 -107.82
C HIS G 195 -46.71 -44.46 -107.75
N ASN G 196 -46.93 -45.44 -106.87
CA ASN G 196 -48.23 -46.06 -106.74
C ASN G 196 -49.28 -45.02 -106.33
N LYS G 197 -48.96 -44.22 -105.32
CA LYS G 197 -49.92 -43.24 -104.82
C LYS G 197 -50.14 -42.12 -105.84
N LEU G 198 -49.10 -41.73 -106.57
CA LEU G 198 -49.27 -40.74 -107.62
C LEU G 198 -50.16 -41.28 -108.73
N LEU G 199 -50.01 -42.57 -109.06
CA LEU G 199 -50.92 -43.20 -110.01
C LEU G 199 -52.34 -43.20 -109.51
N ASN G 200 -52.53 -43.49 -108.22
CA ASN G 200 -53.88 -43.48 -107.64
C ASN G 200 -54.50 -42.10 -107.68
N ALA G 201 -53.69 -41.04 -107.75
CA ALA G 201 -54.21 -39.68 -107.81
C ALA G 201 -54.85 -39.40 -109.17
N LYS H 654 -41.20 -20.45 -70.96
CA LYS H 654 -40.34 -19.54 -70.23
C LYS H 654 -39.22 -19.02 -71.12
N ILE H 655 -37.98 -19.25 -70.68
CA ILE H 655 -36.82 -18.88 -71.49
C ILE H 655 -36.86 -19.62 -72.81
N SER H 656 -37.14 -20.93 -72.77
CA SER H 656 -37.46 -21.70 -73.96
C SER H 656 -38.77 -22.43 -73.63
N ASN H 657 -39.89 -21.76 -73.90
CA ASN H 657 -41.20 -22.34 -73.67
C ASN H 657 -41.46 -23.57 -74.53
N ILE H 658 -40.54 -23.90 -75.44
CA ILE H 658 -40.67 -25.06 -76.30
C ILE H 658 -40.86 -26.33 -75.47
N PHE H 659 -40.20 -26.40 -74.33
CA PHE H 659 -40.25 -27.59 -73.48
C PHE H 659 -41.44 -27.58 -72.53
N GLU H 660 -42.21 -26.51 -72.49
CA GLU H 660 -43.41 -26.49 -71.67
C GLU H 660 -44.50 -27.36 -72.29
N ASP H 661 -45.53 -27.63 -71.50
CA ASP H 661 -46.76 -28.32 -71.90
C ASP H 661 -46.52 -29.77 -72.28
N VAL H 662 -45.30 -30.26 -72.23
CA VAL H 662 -44.98 -31.66 -72.49
C VAL H 662 -44.48 -32.27 -71.20
N GLU H 663 -45.18 -33.29 -70.71
CA GLU H 663 -44.82 -33.91 -69.45
C GLU H 663 -43.57 -34.77 -69.63
N PHE H 664 -42.61 -34.60 -68.72
CA PHE H 664 -41.37 -35.37 -68.74
C PHE H 664 -41.25 -36.15 -67.45
N CYS H 665 -41.13 -37.47 -67.56
CA CYS H 665 -40.83 -38.31 -66.41
C CYS H 665 -39.31 -38.43 -66.32
N VAL H 666 -38.71 -37.54 -65.55
CA VAL H 666 -37.28 -37.61 -65.33
C VAL H 666 -37.04 -38.61 -64.22
N MET H 667 -36.96 -39.89 -64.59
CA MET H 667 -36.71 -40.93 -63.60
C MET H 667 -35.22 -41.15 -63.36
N SER H 668 -34.39 -40.86 -64.35
CA SER H 668 -32.94 -40.86 -64.17
C SER H 668 -32.37 -39.82 -65.12
N GLY H 669 -31.72 -38.81 -64.56
CA GLY H 669 -31.07 -37.81 -65.38
C GLY H 669 -29.58 -37.81 -65.17
N THR H 670 -29.12 -38.35 -64.04
CA THR H 670 -27.71 -38.32 -63.70
C THR H 670 -26.92 -39.26 -64.60
N ASP H 671 -26.90 -38.95 -65.89
CA ASP H 671 -26.08 -39.61 -66.89
C ASP H 671 -25.12 -38.65 -67.57
N SER H 672 -25.59 -37.47 -67.94
CA SER H 672 -24.74 -36.39 -68.43
C SER H 672 -24.59 -35.30 -67.38
N GLN H 673 -25.70 -34.72 -66.95
CA GLN H 673 -25.75 -33.85 -65.79
C GLN H 673 -26.41 -34.61 -64.64
N PRO H 674 -26.12 -34.23 -63.39
CA PRO H 674 -26.90 -34.79 -62.29
C PRO H 674 -28.38 -34.53 -62.51
N LYS H 675 -29.19 -35.55 -62.22
CA LYS H 675 -30.62 -35.46 -62.50
C LYS H 675 -31.29 -34.22 -61.93
N PRO H 676 -31.04 -33.82 -60.67
CA PRO H 676 -31.63 -32.55 -60.20
C PRO H 676 -31.26 -31.37 -61.07
N ASP H 677 -30.03 -31.32 -61.58
CA ASP H 677 -29.64 -30.22 -62.46
C ASP H 677 -30.46 -30.21 -63.74
N LEU H 678 -30.69 -31.38 -64.32
CA LEU H 678 -31.52 -31.47 -65.52
C LEU H 678 -32.94 -31.04 -65.22
N GLU H 679 -33.45 -31.41 -64.05
CA GLU H 679 -34.77 -30.95 -63.65
C GLU H 679 -34.80 -29.44 -63.51
N ASN H 680 -33.74 -28.85 -62.97
CA ASN H 680 -33.66 -27.39 -62.86
C ASN H 680 -33.70 -26.76 -64.25
N ARG H 681 -32.92 -27.30 -65.18
CA ARG H 681 -32.91 -26.75 -66.54
C ARG H 681 -34.28 -26.85 -67.18
N ILE H 682 -34.94 -28.00 -67.01
CA ILE H 682 -36.27 -28.20 -67.57
C ILE H 682 -37.25 -27.20 -66.98
N ALA H 683 -37.21 -27.03 -65.65
CA ALA H 683 -38.13 -26.10 -65.00
C ALA H 683 -37.90 -24.67 -65.46
N GLU H 684 -36.64 -24.25 -65.56
CA GLU H 684 -36.34 -22.92 -66.08
C GLU H 684 -36.81 -22.75 -67.51
N PHE H 685 -36.96 -23.85 -68.25
CA PHE H 685 -37.55 -23.81 -69.57
C PHE H 685 -39.04 -24.11 -69.54
N GLY H 686 -39.61 -24.25 -68.35
CA GLY H 686 -41.04 -24.45 -68.20
C GLY H 686 -41.51 -25.87 -68.43
N GLY H 687 -40.61 -26.82 -68.62
CA GLY H 687 -41.02 -28.19 -68.79
C GLY H 687 -41.64 -28.76 -67.52
N TYR H 688 -42.54 -29.71 -67.70
CA TYR H 688 -43.24 -30.34 -66.59
C TYR H 688 -42.48 -31.57 -66.12
N ILE H 689 -42.10 -31.57 -64.85
CA ILE H 689 -41.34 -32.66 -64.25
C ILE H 689 -42.30 -33.51 -63.42
N VAL H 690 -42.34 -34.80 -63.72
CA VAL H 690 -43.19 -35.76 -63.01
C VAL H 690 -42.32 -36.94 -62.60
N GLN H 691 -42.55 -37.46 -61.41
CA GLN H 691 -41.74 -38.57 -60.92
C GLN H 691 -42.30 -39.93 -61.31
N ASN H 692 -43.49 -39.98 -61.89
CA ASN H 692 -44.02 -41.22 -62.42
C ASN H 692 -44.57 -40.98 -63.81
N PRO H 693 -44.47 -41.94 -64.69
CA PRO H 693 -44.91 -41.71 -66.07
C PRO H 693 -46.41 -41.59 -66.19
N GLY H 694 -46.89 -40.36 -66.36
CA GLY H 694 -48.29 -40.13 -66.60
C GLY H 694 -48.67 -40.50 -68.02
N PRO H 695 -49.98 -40.61 -68.25
CA PRO H 695 -50.46 -40.91 -69.61
C PRO H 695 -50.06 -39.85 -70.61
N ASP H 696 -49.95 -38.60 -70.19
CA ASP H 696 -49.52 -37.51 -71.05
C ASP H 696 -48.02 -37.29 -71.01
N THR H 697 -47.27 -38.14 -70.30
CA THR H 697 -45.82 -38.09 -70.33
C THR H 697 -45.37 -38.54 -71.71
N TYR H 698 -45.11 -37.58 -72.60
CA TYR H 698 -44.74 -37.95 -73.95
C TYR H 698 -43.43 -38.71 -73.98
N CYS H 699 -42.44 -38.25 -73.22
CA CYS H 699 -41.12 -38.83 -73.26
C CYS H 699 -40.59 -38.98 -71.84
N VAL H 700 -39.68 -39.94 -71.68
CA VAL H 700 -39.03 -40.23 -70.41
C VAL H 700 -37.53 -40.06 -70.60
N ILE H 701 -36.91 -39.30 -69.71
CA ILE H 701 -35.47 -39.05 -69.80
C ILE H 701 -34.74 -40.26 -69.25
N ALA H 702 -33.96 -40.92 -70.10
CA ALA H 702 -33.27 -42.16 -69.74
C ALA H 702 -31.83 -41.83 -69.36
N GLY H 703 -31.56 -41.79 -68.06
CA GLY H 703 -30.22 -41.60 -67.58
C GLY H 703 -29.55 -42.91 -67.25
N SER H 704 -29.43 -43.24 -65.97
CA SER H 704 -28.92 -44.53 -65.57
C SER H 704 -29.95 -45.62 -65.87
N GLU H 705 -29.46 -46.86 -65.92
CA GLU H 705 -30.31 -48.01 -66.25
C GLU H 705 -30.84 -48.65 -64.98
N ASN H 706 -32.17 -48.80 -64.91
CA ASN H 706 -32.83 -49.38 -63.75
C ASN H 706 -33.92 -50.33 -64.22
N ILE H 707 -34.43 -51.12 -63.28
CA ILE H 707 -35.57 -51.97 -63.58
C ILE H 707 -36.75 -51.14 -64.04
N ARG H 708 -36.91 -49.94 -63.48
CA ARG H 708 -37.96 -49.04 -63.93
C ARG H 708 -37.76 -48.68 -65.39
N VAL H 709 -36.51 -48.56 -65.83
CA VAL H 709 -36.24 -48.38 -67.26
C VAL H 709 -36.81 -49.55 -68.05
N LYS H 710 -36.58 -50.77 -67.56
CA LYS H 710 -37.07 -51.94 -68.28
C LYS H 710 -38.58 -51.95 -68.33
N ASN H 711 -39.23 -51.59 -67.22
CA ASN H 711 -40.69 -51.50 -67.21
C ASN H 711 -41.18 -50.49 -68.24
N ILE H 712 -40.56 -49.32 -68.26
CA ILE H 712 -40.94 -48.29 -69.22
C ILE H 712 -40.80 -48.83 -70.63
N ILE H 713 -39.73 -49.60 -70.88
CA ILE H 713 -39.53 -50.20 -72.20
C ILE H 713 -40.65 -51.18 -72.52
N LEU H 714 -40.98 -52.03 -71.55
CA LEU H 714 -42.03 -53.03 -71.76
C LEU H 714 -43.37 -52.35 -71.98
N SER H 715 -43.67 -51.32 -71.21
CA SER H 715 -44.91 -50.58 -71.34
C SER H 715 -44.80 -49.62 -72.51
N ASN H 716 -45.40 -49.98 -73.64
CA ASN H 716 -45.31 -49.16 -74.86
C ASN H 716 -46.19 -47.93 -74.68
N LYS H 717 -45.70 -47.02 -73.84
CA LYS H 717 -46.38 -45.75 -73.62
C LYS H 717 -45.43 -44.56 -73.60
N HIS H 718 -44.12 -44.78 -73.58
CA HIS H 718 -43.15 -43.74 -73.30
C HIS H 718 -42.15 -43.63 -74.44
N ASP H 719 -41.39 -42.53 -74.41
CA ASP H 719 -40.30 -42.30 -75.34
C ASP H 719 -38.99 -42.27 -74.56
N VAL H 720 -38.13 -43.26 -74.79
CA VAL H 720 -36.83 -43.32 -74.12
C VAL H 720 -35.96 -42.19 -74.65
N VAL H 721 -35.61 -41.25 -73.79
CA VAL H 721 -34.86 -40.07 -74.18
C VAL H 721 -33.54 -40.07 -73.42
N LYS H 722 -32.44 -40.07 -74.16
CA LYS H 722 -31.16 -39.91 -73.52
C LYS H 722 -30.96 -38.45 -73.10
N PRO H 723 -30.26 -38.22 -71.99
CA PRO H 723 -30.06 -36.84 -71.54
C PRO H 723 -29.27 -36.00 -72.52
N ALA H 724 -28.42 -36.61 -73.35
CA ALA H 724 -27.61 -35.84 -74.28
C ALA H 724 -28.48 -35.19 -75.36
N TRP H 725 -29.48 -35.92 -75.85
CA TRP H 725 -30.40 -35.34 -76.83
C TRP H 725 -31.16 -34.16 -76.25
N LEU H 726 -31.61 -34.30 -75.00
CA LEU H 726 -32.30 -33.17 -74.37
C LEU H 726 -31.33 -32.04 -74.06
N LEU H 727 -30.05 -32.36 -73.84
CA LEU H 727 -29.04 -31.33 -73.73
C LEU H 727 -28.86 -30.59 -75.05
N GLU H 728 -28.98 -31.31 -76.16
CA GLU H 728 -29.00 -30.65 -77.46
C GLU H 728 -30.18 -29.70 -77.54
N CYS H 729 -31.37 -30.18 -77.15
CA CYS H 729 -32.55 -29.32 -77.14
C CYS H 729 -32.32 -28.09 -76.27
N PHE H 730 -31.60 -28.25 -75.16
CA PHE H 730 -31.31 -27.13 -74.26
C PHE H 730 -30.36 -26.15 -74.93
N LYS H 731 -29.13 -26.59 -75.21
CA LYS H 731 -28.08 -25.69 -75.65
C LYS H 731 -28.43 -25.03 -76.98
N THR H 732 -29.14 -25.74 -77.85
CA THR H 732 -29.65 -25.12 -79.06
C THR H 732 -30.70 -24.07 -78.75
N LYS H 733 -31.29 -24.09 -77.55
CA LYS H 733 -32.46 -23.32 -77.18
C LYS H 733 -33.63 -23.58 -78.13
N SER H 734 -33.54 -24.62 -78.95
CA SER H 734 -34.59 -25.04 -79.86
C SER H 734 -34.84 -26.52 -79.62
N PHE H 735 -36.10 -26.91 -79.66
CA PHE H 735 -36.46 -28.29 -79.37
C PHE H 735 -36.02 -29.17 -80.54
N VAL H 736 -35.03 -30.02 -80.29
CA VAL H 736 -34.60 -30.96 -81.34
C VAL H 736 -35.73 -31.91 -81.64
N PRO H 737 -35.99 -32.27 -82.90
CA PRO H 737 -36.94 -33.34 -83.17
C PRO H 737 -36.38 -34.67 -82.73
N TRP H 738 -37.28 -35.60 -82.41
CA TRP H 738 -36.85 -36.91 -81.96
C TRP H 738 -36.14 -37.66 -83.08
N GLN H 739 -35.14 -38.44 -82.70
CA GLN H 739 -34.30 -39.18 -83.62
C GLN H 739 -34.01 -40.55 -83.02
N PRO H 740 -33.71 -41.54 -83.85
CA PRO H 740 -33.51 -42.90 -83.34
C PRO H 740 -32.11 -43.22 -82.85
N ARG H 741 -31.25 -42.23 -82.64
CA ARG H 741 -29.90 -42.52 -82.15
C ARG H 741 -29.76 -42.27 -80.65
N PHE H 742 -30.68 -41.54 -80.03
CA PHE H 742 -30.81 -41.53 -78.58
C PHE H 742 -31.99 -42.36 -78.10
N MET H 743 -32.85 -42.80 -79.02
CA MET H 743 -34.13 -43.36 -78.66
C MET H 743 -34.03 -44.88 -78.63
N ILE H 744 -34.54 -45.49 -77.56
CA ILE H 744 -34.49 -46.93 -77.38
C ILE H 744 -35.87 -47.55 -77.51
N HIS H 745 -36.79 -47.22 -76.60
CA HIS H 745 -38.16 -47.68 -76.68
C HIS H 745 -39.07 -46.49 -76.96
N MET H 746 -39.92 -46.65 -77.96
CA MET H 746 -40.72 -45.55 -78.47
C MET H 746 -42.16 -45.97 -78.64
N CYS H 747 -43.06 -44.99 -78.58
CA CYS H 747 -44.45 -45.23 -78.86
C CYS H 747 -44.63 -45.51 -80.36
N PRO H 748 -45.72 -46.19 -80.73
CA PRO H 748 -45.98 -46.41 -82.16
C PRO H 748 -46.04 -45.13 -82.96
N SER H 749 -46.52 -44.04 -82.35
CA SER H 749 -46.43 -42.74 -83.00
C SER H 749 -44.99 -42.37 -83.31
N THR H 750 -44.08 -42.64 -82.36
CA THR H 750 -42.67 -42.40 -82.63
C THR H 750 -42.12 -43.38 -83.66
N LYS H 751 -42.62 -44.63 -83.66
CA LYS H 751 -42.21 -45.59 -84.66
C LYS H 751 -42.52 -45.08 -86.06
N GLU H 752 -43.77 -44.67 -86.29
CA GLU H 752 -44.13 -44.13 -87.60
C GLU H 752 -43.44 -42.79 -87.86
N HIS H 753 -43.15 -42.01 -86.81
CA HIS H 753 -42.42 -40.77 -86.98
C HIS H 753 -41.04 -41.01 -87.57
N PHE H 754 -40.32 -41.99 -87.02
CA PHE H 754 -38.99 -42.29 -87.54
C PHE H 754 -39.07 -43.01 -88.88
N ALA H 755 -40.11 -43.81 -89.09
CA ALA H 755 -40.28 -44.43 -90.41
C ALA H 755 -40.59 -43.39 -91.48
N ARG H 756 -41.16 -42.25 -91.08
CA ARG H 756 -41.41 -41.18 -92.02
C ARG H 756 -40.16 -40.34 -92.26
N GLU H 757 -39.63 -39.73 -91.19
CA GLU H 757 -38.51 -38.81 -91.36
C GLU H 757 -37.25 -39.54 -91.79
N TYR H 758 -37.10 -40.80 -91.40
CA TYR H 758 -35.94 -41.61 -91.78
C TYR H 758 -36.42 -42.94 -92.34
N ASP H 759 -35.46 -43.76 -92.74
CA ASP H 759 -35.73 -45.15 -93.09
C ASP H 759 -35.68 -46.06 -91.87
N CYS H 760 -35.94 -45.50 -90.69
CA CYS H 760 -35.82 -46.15 -89.38
C CYS H 760 -34.37 -46.40 -88.98
N TYR H 761 -33.40 -45.98 -89.79
CA TYR H 761 -32.00 -46.11 -89.44
C TYR H 761 -31.35 -44.76 -89.13
N GLY H 762 -32.10 -43.67 -89.23
CA GLY H 762 -31.52 -42.35 -89.26
C GLY H 762 -31.24 -41.83 -90.65
N ASP H 763 -31.30 -42.70 -91.66
CA ASP H 763 -31.19 -42.29 -93.05
C ASP H 763 -32.53 -41.72 -93.49
N SER H 764 -32.57 -40.41 -93.74
CA SER H 764 -33.82 -39.78 -94.11
C SER H 764 -34.25 -40.20 -95.51
N TYR H 765 -35.53 -40.02 -95.77
CA TYR H 765 -36.07 -40.20 -97.12
C TYR H 765 -36.07 -38.91 -97.92
N PHE H 766 -35.83 -37.76 -97.29
CA PHE H 766 -35.85 -36.48 -97.98
C PHE H 766 -34.53 -35.73 -97.89
N ILE H 767 -33.98 -35.56 -96.68
CA ILE H 767 -32.79 -34.73 -96.50
C ILE H 767 -31.54 -35.58 -96.72
N ASP H 768 -30.64 -35.07 -97.55
CA ASP H 768 -29.54 -35.85 -98.09
C ASP H 768 -28.57 -36.28 -96.98
N THR H 769 -27.63 -37.13 -97.36
CA THR H 769 -26.71 -37.77 -96.42
C THR H 769 -25.33 -37.10 -96.43
N ASP H 770 -24.51 -37.55 -95.50
CA ASP H 770 -23.11 -37.17 -95.41
C ASP H 770 -22.32 -38.38 -94.91
N LEU H 771 -21.03 -38.17 -94.67
CA LEU H 771 -20.19 -39.26 -94.17
C LEU H 771 -20.67 -39.74 -92.81
N ASN H 772 -20.96 -38.79 -91.91
CA ASN H 772 -21.27 -39.15 -90.53
C ASN H 772 -22.55 -39.96 -90.44
N GLN H 773 -23.63 -39.47 -91.04
CA GLN H 773 -24.91 -40.18 -90.94
C GLN H 773 -24.88 -41.49 -91.71
N LEU H 774 -24.14 -41.55 -92.82
CA LEU H 774 -24.00 -42.83 -93.53
C LEU H 774 -23.28 -43.84 -92.66
N LYS H 775 -22.19 -43.44 -91.99
CA LYS H 775 -21.49 -44.35 -91.11
C LYS H 775 -22.37 -44.79 -89.95
N GLU H 776 -23.15 -43.87 -89.40
CA GLU H 776 -24.02 -44.22 -88.28
C GLU H 776 -25.12 -45.19 -88.71
N VAL H 777 -25.72 -44.96 -89.88
CA VAL H 777 -26.75 -45.86 -90.39
C VAL H 777 -26.14 -47.23 -90.65
N PHE H 778 -24.95 -47.27 -91.26
CA PHE H 778 -24.30 -48.53 -91.57
C PHE H 778 -24.00 -49.31 -90.30
N SER H 779 -23.37 -48.66 -89.32
CA SER H 779 -23.06 -49.35 -88.07
C SER H 779 -24.33 -49.80 -87.36
N GLY H 780 -25.38 -48.97 -87.39
CA GLY H 780 -26.65 -49.38 -86.83
C GLY H 780 -27.21 -50.60 -87.51
N ILE H 781 -27.05 -50.68 -88.84
CA ILE H 781 -27.35 -51.91 -89.55
C ILE H 781 -26.38 -52.98 -89.09
N LYS H 782 -26.88 -54.21 -88.93
CA LYS H 782 -26.06 -55.30 -88.44
C LYS H 782 -24.87 -55.54 -89.35
N ASN H 783 -23.76 -55.99 -88.76
CA ASN H 783 -22.59 -56.36 -89.54
C ASN H 783 -22.97 -57.46 -90.51
N SER H 784 -22.79 -57.19 -91.80
CA SER H 784 -23.32 -58.04 -92.87
C SER H 784 -22.17 -58.57 -93.73
N ASN H 785 -21.57 -59.67 -93.29
CA ASN H 785 -20.64 -60.45 -94.12
C ASN H 785 -20.76 -61.91 -93.68
N GLU H 786 -21.63 -62.65 -94.37
CA GLU H 786 -21.80 -64.07 -94.09
C GLU H 786 -21.95 -64.93 -95.34
N GLN H 787 -22.25 -64.34 -96.50
CA GLN H 787 -22.53 -65.10 -97.71
C GLN H 787 -21.23 -65.50 -98.41
N THR H 788 -21.38 -66.29 -99.47
CA THR H 788 -20.24 -66.68 -100.26
C THR H 788 -19.62 -65.47 -100.95
N PRO H 789 -18.30 -65.44 -101.10
CA PRO H 789 -17.66 -64.28 -101.72
C PRO H 789 -18.10 -64.03 -103.16
N GLU H 790 -18.52 -65.07 -103.89
CA GLU H 790 -18.86 -64.87 -105.29
C GLU H 790 -20.24 -64.24 -105.49
N GLU H 791 -21.22 -64.57 -104.66
CA GLU H 791 -22.53 -63.93 -104.78
C GLU H 791 -22.42 -62.44 -104.52
N MET H 792 -21.81 -62.06 -103.40
CA MET H 792 -21.59 -60.65 -103.11
C MET H 792 -20.60 -60.03 -104.10
N ALA H 793 -19.71 -60.83 -104.68
CA ALA H 793 -18.84 -60.34 -105.73
C ALA H 793 -19.63 -59.90 -106.95
N SER H 794 -20.58 -60.75 -107.37
CA SER H 794 -21.46 -60.39 -108.48
C SER H 794 -22.32 -59.18 -108.13
N LEU H 795 -22.76 -59.10 -106.87
CA LEU H 795 -23.54 -57.94 -106.44
C LEU H 795 -22.73 -56.66 -106.55
N ILE H 796 -21.48 -56.69 -106.10
CA ILE H 796 -20.60 -55.52 -106.21
C ILE H 796 -20.37 -55.18 -107.67
N ALA H 797 -20.15 -56.20 -108.50
CA ALA H 797 -19.94 -55.94 -109.92
C ALA H 797 -21.15 -55.27 -110.54
N ASP H 798 -22.35 -55.78 -110.25
CA ASP H 798 -23.57 -55.20 -110.82
C ASP H 798 -23.78 -53.79 -110.34
N LEU H 799 -23.52 -53.53 -109.05
CA LEU H 799 -23.65 -52.16 -108.54
C LEU H 799 -22.63 -51.24 -109.16
N GLU H 800 -21.42 -51.73 -109.42
CA GLU H 800 -20.42 -50.91 -110.09
C GLU H 800 -20.83 -50.60 -111.52
N TYR H 801 -21.46 -51.56 -112.19
CA TYR H 801 -21.92 -51.33 -113.56
C TYR H 801 -23.07 -50.33 -113.57
N ARG H 802 -24.04 -50.51 -112.69
CA ARG H 802 -25.22 -49.65 -112.68
C ARG H 802 -24.90 -48.26 -112.16
N TYR H 803 -23.91 -48.14 -111.27
CA TYR H 803 -23.59 -46.88 -110.61
C TYR H 803 -22.24 -46.33 -111.05
N SER H 804 -21.62 -46.91 -112.08
CA SER H 804 -20.32 -46.48 -112.57
C SER H 804 -19.26 -46.54 -111.46
N TRP H 805 -19.34 -47.56 -110.61
CA TRP H 805 -18.40 -47.71 -109.51
C TRP H 805 -17.25 -48.63 -109.87
N ASP H 806 -17.14 -49.08 -111.12
CA ASP H 806 -15.97 -49.82 -111.56
C ASP H 806 -14.72 -48.95 -111.56
N CYS H 807 -14.88 -47.63 -111.44
CA CYS H 807 -13.77 -46.69 -111.40
C CYS H 807 -12.90 -46.82 -110.15
N SER H 808 -13.25 -47.71 -109.22
CA SER H 808 -12.41 -47.92 -108.06
C SER H 808 -11.05 -48.42 -108.50
N PRO H 809 -9.95 -47.94 -107.90
CA PRO H 809 -8.64 -48.53 -108.20
C PRO H 809 -8.60 -50.02 -107.89
N LEU H 810 -9.41 -50.47 -106.94
CA LEU H 810 -9.64 -51.88 -106.66
C LEU H 810 -10.78 -52.32 -107.58
N SER H 811 -10.41 -52.91 -108.72
CA SER H 811 -11.44 -53.42 -109.67
C SER H 811 -10.80 -54.38 -110.67
N MET H 812 -10.03 -55.36 -110.21
CA MET H 812 -9.32 -56.26 -111.17
C MET H 812 -8.65 -57.45 -110.46
N PHE H 813 -9.17 -57.91 -109.32
CA PHE H 813 -8.61 -59.12 -108.66
C PHE H 813 -9.40 -59.48 -107.38
N ARG H 814 -10.66 -59.92 -107.51
CA ARG H 814 -11.45 -60.35 -106.33
C ARG H 814 -12.88 -60.77 -106.69
N ARG H 815 -13.36 -60.51 -107.92
CA ARG H 815 -14.77 -60.77 -108.17
C ARG H 815 -15.17 -61.42 -109.50
N HIS H 816 -14.56 -61.01 -110.62
CA HIS H 816 -15.04 -61.49 -111.92
C HIS H 816 -13.92 -61.62 -112.95
N THR H 817 -13.91 -62.76 -113.65
CA THR H 817 -13.25 -62.98 -114.95
C THR H 817 -11.76 -62.59 -114.97
N VAL H 818 -10.95 -63.39 -114.27
CA VAL H 818 -9.53 -63.50 -114.58
C VAL H 818 -9.10 -64.95 -114.36
N TYR H 819 -8.17 -65.42 -115.19
CA TYR H 819 -7.62 -66.77 -115.10
C TYR H 819 -6.15 -66.70 -114.73
N LEU H 820 -5.67 -67.75 -114.08
CA LEU H 820 -4.30 -67.80 -113.59
C LEU H 820 -3.89 -69.27 -113.49
N ASP H 821 -2.63 -69.51 -113.15
CA ASP H 821 -2.13 -70.85 -112.87
C ASP H 821 -1.58 -70.86 -111.45
N SER H 822 -2.41 -71.28 -110.50
CA SER H 822 -1.99 -71.47 -109.12
C SER H 822 -1.61 -72.91 -108.82
N TYR H 823 -1.65 -73.79 -109.81
CA TYR H 823 -1.37 -75.21 -109.63
C TYR H 823 -0.41 -75.69 -110.70
N ALA H 824 0.45 -76.63 -110.34
CA ALA H 824 1.39 -77.20 -111.30
C ALA H 824 0.66 -77.80 -112.50
N VAL H 825 -0.51 -78.37 -112.29
CA VAL H 825 -1.37 -78.85 -113.36
C VAL H 825 -2.73 -78.20 -113.19
N ILE H 826 -3.18 -77.50 -114.21
CA ILE H 826 -4.50 -76.89 -114.17
C ILE H 826 -5.54 -77.97 -114.45
N ASN H 827 -6.75 -77.78 -113.92
CA ASN H 827 -7.79 -78.81 -113.76
C ASN H 827 -7.43 -79.77 -112.64
N ASP H 828 -6.25 -79.61 -112.05
CA ASP H 828 -5.83 -80.35 -110.87
C ASP H 828 -5.68 -79.34 -109.73
N LEU H 829 -6.74 -79.22 -108.94
CA LEU H 829 -6.81 -78.20 -107.90
C LEU H 829 -6.07 -78.62 -106.63
N SER H 830 -5.25 -79.66 -106.68
CA SER H 830 -4.64 -80.23 -105.49
C SER H 830 -3.12 -80.16 -105.44
N THR H 831 -2.45 -79.89 -106.56
CA THR H 831 -0.99 -79.83 -106.56
C THR H 831 -0.52 -78.44 -106.15
N LYS H 832 0.56 -78.42 -105.37
CA LYS H 832 1.10 -77.18 -104.83
C LYS H 832 2.60 -77.37 -104.61
N ASN H 833 3.40 -76.47 -105.16
CA ASN H 833 4.85 -76.59 -105.10
C ASN H 833 5.47 -75.27 -104.69
N GLU H 834 6.36 -75.31 -103.70
CA GLU H 834 7.09 -74.13 -103.28
C GLU H 834 8.20 -73.80 -104.28
N GLY H 835 8.58 -72.53 -104.31
CA GLY H 835 9.58 -72.06 -105.26
C GLY H 835 9.07 -70.92 -106.10
N THR H 836 7.95 -70.35 -105.69
CA THR H 836 7.28 -69.28 -106.42
C THR H 836 6.26 -68.65 -105.47
N ARG H 837 5.42 -67.76 -106.01
CA ARG H 837 4.46 -66.99 -105.23
C ARG H 837 3.02 -67.35 -105.58
N LEU H 838 2.74 -68.64 -105.73
CA LEU H 838 1.36 -69.08 -105.96
C LEU H 838 0.45 -68.67 -104.82
N ALA H 839 0.92 -68.84 -103.58
CA ALA H 839 0.15 -68.39 -102.44
C ALA H 839 -0.13 -66.91 -102.52
N ILE H 840 0.87 -66.11 -102.87
CA ILE H 840 0.67 -64.65 -102.96
C ILE H 840 -0.28 -64.31 -104.09
N LYS H 841 -0.22 -65.06 -105.20
CA LYS H 841 -1.17 -64.83 -106.29
C LYS H 841 -2.59 -65.11 -105.84
N ALA H 842 -2.81 -66.19 -105.09
CA ALA H 842 -4.13 -66.46 -104.56
C ALA H 842 -4.57 -65.39 -103.58
N LEU H 843 -3.64 -64.90 -102.76
CA LEU H 843 -3.95 -63.85 -101.79
C LEU H 843 -4.32 -62.55 -102.49
N GLU H 844 -3.73 -62.28 -103.65
CA GLU H 844 -4.08 -61.10 -104.42
C GLU H 844 -5.38 -61.27 -105.19
N LEU H 845 -5.68 -62.48 -105.66
CA LEU H 845 -6.85 -62.75 -106.50
C LEU H 845 -8.17 -62.49 -105.80
N ARG H 846 -8.12 -62.05 -104.54
CA ARG H 846 -9.32 -61.80 -103.73
C ARG H 846 -9.43 -60.35 -103.28
N PHE H 847 -8.79 -59.40 -103.97
CA PHE H 847 -8.74 -58.04 -103.45
C PHE H 847 -9.51 -57.02 -104.29
N HIS H 848 -9.25 -56.94 -105.60
CA HIS H 848 -9.68 -55.77 -106.36
C HIS H 848 -11.02 -55.94 -107.09
N GLY H 849 -11.36 -57.14 -107.54
CA GLY H 849 -12.57 -57.35 -108.33
C GLY H 849 -12.50 -58.19 -109.59
N ALA H 850 -11.49 -59.05 -109.72
CA ALA H 850 -11.42 -60.10 -110.70
C ALA H 850 -11.37 -61.47 -110.02
N LYS H 851 -12.10 -62.43 -110.58
CA LYS H 851 -12.44 -63.67 -109.88
C LYS H 851 -11.24 -64.60 -109.74
N VAL H 852 -11.17 -65.30 -108.61
CA VAL H 852 -10.16 -66.33 -108.40
C VAL H 852 -10.48 -67.50 -109.32
N VAL H 853 -9.73 -67.65 -110.40
CA VAL H 853 -9.93 -68.77 -111.32
C VAL H 853 -8.56 -69.28 -111.77
N SER H 854 -8.27 -70.55 -111.48
CA SER H 854 -7.07 -71.22 -111.96
C SER H 854 -7.42 -72.63 -112.42
N CYS H 855 -8.52 -72.76 -113.15
CA CYS H 855 -9.01 -74.03 -113.66
C CYS H 855 -9.39 -73.85 -115.12
N LEU H 856 -9.38 -74.96 -115.87
CA LEU H 856 -9.77 -74.89 -117.28
C LEU H 856 -11.22 -74.48 -117.40
N ALA H 857 -11.47 -73.28 -117.91
CA ALA H 857 -12.81 -72.76 -118.08
C ALA H 857 -12.95 -72.17 -119.48
N GLU H 858 -14.19 -72.12 -119.96
CA GLU H 858 -14.48 -71.62 -121.29
C GLU H 858 -14.93 -70.16 -121.26
N GLY H 859 -15.89 -69.82 -120.39
CA GLY H 859 -16.45 -68.48 -120.34
C GLY H 859 -15.51 -67.44 -119.77
N VAL H 860 -14.41 -67.84 -119.15
CA VAL H 860 -13.43 -66.88 -118.67
C VAL H 860 -12.86 -66.12 -119.85
N SER H 861 -12.66 -64.81 -119.67
CA SER H 861 -12.15 -63.95 -120.73
C SER H 861 -10.71 -63.52 -120.53
N HIS H 862 -10.26 -63.37 -119.29
CA HIS H 862 -8.90 -62.92 -119.00
C HIS H 862 -8.01 -64.10 -118.64
N VAL H 863 -6.90 -64.24 -119.34
CA VAL H 863 -5.83 -65.16 -118.99
C VAL H 863 -4.57 -64.36 -118.75
N ILE H 864 -3.92 -64.61 -117.61
CA ILE H 864 -2.77 -63.83 -117.17
C ILE H 864 -1.69 -64.79 -116.71
N ILE H 865 -0.48 -64.63 -117.26
CA ILE H 865 0.67 -65.39 -116.79
C ILE H 865 0.97 -65.00 -115.35
N GLY H 866 1.13 -65.99 -114.49
CA GLY H 866 1.35 -65.74 -113.08
C GLY H 866 2.81 -65.49 -112.74
N GLU H 867 3.03 -65.19 -111.47
CA GLU H 867 4.39 -65.04 -110.95
C GLU H 867 5.18 -66.33 -111.09
N ASP H 868 4.50 -67.47 -111.17
CA ASP H 868 5.11 -68.74 -111.54
C ASP H 868 5.19 -68.78 -113.06
N HIS H 869 6.15 -68.05 -113.61
CA HIS H 869 6.27 -67.90 -115.06
C HIS H 869 6.69 -69.19 -115.75
N SER H 870 7.16 -70.20 -115.01
CA SER H 870 7.52 -71.47 -115.60
C SER H 870 6.32 -72.22 -116.18
N ARG H 871 5.10 -71.81 -115.83
CA ARG H 871 3.88 -72.45 -116.31
C ARG H 871 3.34 -71.80 -117.56
N VAL H 872 4.15 -71.00 -118.26
CA VAL H 872 3.78 -70.55 -119.60
C VAL H 872 3.52 -71.75 -120.49
N ALA H 873 4.28 -72.83 -120.29
CA ALA H 873 3.96 -74.08 -120.97
C ALA H 873 2.55 -74.55 -120.62
N ASP H 874 2.22 -74.58 -119.33
CA ASP H 874 0.87 -74.96 -118.92
C ASP H 874 -0.16 -73.95 -119.39
N PHE H 875 0.16 -72.65 -119.26
CA PHE H 875 -0.75 -71.60 -119.69
C PHE H 875 -1.14 -71.77 -121.15
N LYS H 876 -0.16 -72.02 -122.02
CA LYS H 876 -0.43 -72.18 -123.43
C LYS H 876 -1.05 -73.52 -123.76
N ALA H 877 -0.65 -74.58 -123.05
CA ALA H 877 -1.21 -75.90 -123.30
C ALA H 877 -2.70 -75.92 -123.02
N PHE H 878 -3.12 -75.31 -121.90
CA PHE H 878 -4.54 -75.20 -121.61
C PHE H 878 -5.18 -74.01 -122.30
N ARG H 879 -4.38 -73.12 -122.91
CA ARG H 879 -4.94 -72.07 -123.75
C ARG H 879 -5.63 -72.64 -124.98
N ARG H 880 -5.15 -73.79 -125.46
CA ARG H 880 -5.84 -74.45 -126.58
C ARG H 880 -7.25 -74.84 -126.19
N THR H 881 -7.43 -75.34 -124.97
CA THR H 881 -8.77 -75.58 -124.45
C THR H 881 -9.53 -74.29 -124.21
N PHE H 882 -8.82 -73.18 -124.03
CA PHE H 882 -9.45 -71.89 -123.82
C PHE H 882 -9.83 -71.26 -125.17
N LYS H 883 -10.79 -70.35 -125.13
CA LYS H 883 -11.20 -69.61 -126.31
C LYS H 883 -10.69 -68.18 -126.29
N ARG H 884 -9.80 -67.85 -125.37
CA ARG H 884 -9.23 -66.51 -125.23
C ARG H 884 -7.72 -66.60 -125.18
N LYS H 885 -7.06 -65.66 -125.87
CA LYS H 885 -5.62 -65.68 -126.04
C LYS H 885 -4.92 -64.90 -124.94
N PHE H 886 -3.63 -65.15 -124.80
CA PHE H 886 -2.81 -64.49 -123.79
C PHE H 886 -2.26 -63.17 -124.32
N LYS H 887 -2.32 -62.15 -123.48
CA LYS H 887 -1.83 -60.83 -123.83
C LYS H 887 -0.42 -60.63 -123.28
N ILE H 888 0.23 -59.57 -123.77
CA ILE H 888 1.56 -59.20 -123.30
C ILE H 888 1.39 -58.50 -121.96
N LEU H 889 1.89 -59.12 -120.89
CA LEU H 889 1.55 -58.68 -119.56
C LEU H 889 2.36 -57.44 -119.14
N LYS H 890 1.91 -56.82 -118.06
CA LYS H 890 2.56 -55.64 -117.50
C LYS H 890 2.71 -55.80 -115.99
N ASP H 899 -2.68 -54.36 -107.85
CA ASP H 899 -3.85 -53.84 -108.55
C ASP H 899 -3.87 -54.29 -110.01
N LYS H 900 -3.06 -53.64 -110.84
CA LYS H 900 -2.97 -54.01 -112.25
C LYS H 900 -1.56 -54.20 -112.77
N CYS H 901 -0.51 -53.97 -111.97
CA CYS H 901 0.86 -54.16 -112.44
C CYS H 901 1.67 -54.99 -111.44
N GLU H 902 1.55 -56.32 -111.53
CA GLU H 902 2.60 -57.22 -111.08
C GLU H 902 3.09 -58.11 -112.20
N LEU H 903 2.20 -58.88 -112.84
CA LEU H 903 2.46 -59.45 -114.16
C LEU H 903 1.07 -59.65 -114.77
N GLN H 904 0.63 -58.68 -115.57
CA GLN H 904 -0.79 -58.56 -115.87
C GLN H 904 -1.01 -57.89 -117.21
N GLU H 905 -2.04 -58.33 -117.92
CA GLU H 905 -2.60 -57.53 -119.01
C GLU H 905 -4.10 -57.81 -119.08
N GLU H 906 -4.87 -56.94 -118.42
CA GLU H 906 -6.32 -56.96 -118.52
C GLU H 906 -6.85 -55.88 -119.44
N ASN H 907 -5.97 -55.20 -120.16
CA ASN H 907 -6.36 -54.13 -121.08
C ASN H 907 -6.32 -54.62 -122.53
N MET I 1 55.62 -90.86 -36.72
CA MET I 1 56.68 -89.97 -36.26
C MET I 1 56.08 -88.60 -35.92
N GLU I 2 56.90 -87.54 -35.84
CA GLU I 2 56.48 -86.33 -35.14
C GLU I 2 55.88 -85.25 -36.06
N GLU I 3 56.66 -84.75 -37.03
CA GLU I 3 56.19 -83.55 -37.74
C GLU I 3 54.93 -83.85 -38.53
N LEU I 4 54.84 -85.06 -39.11
CA LEU I 4 53.61 -85.46 -39.79
C LEU I 4 52.43 -85.41 -38.83
N GLU I 5 52.57 -86.06 -37.68
CA GLU I 5 51.47 -86.11 -36.73
C GLU I 5 51.19 -84.75 -36.10
N GLN I 6 52.22 -83.96 -35.83
CA GLN I 6 52.01 -82.66 -35.21
C GLN I 6 51.33 -81.69 -36.17
N GLY I 7 51.83 -81.59 -37.40
CA GLY I 7 51.17 -80.76 -38.39
C GLY I 7 49.81 -81.29 -38.78
N LEU I 8 49.61 -82.60 -38.66
CA LEU I 8 48.31 -83.20 -38.87
C LEU I 8 47.32 -82.74 -37.80
N LEU I 9 47.75 -82.79 -36.54
CA LEU I 9 46.98 -82.17 -35.47
C LEU I 9 46.74 -80.70 -35.75
N MET I 10 47.71 -80.04 -36.39
CA MET I 10 47.53 -78.68 -36.88
C MET I 10 46.75 -78.63 -38.19
N GLN I 11 46.74 -79.73 -38.94
CA GLN I 11 45.97 -79.76 -40.18
C GLN I 11 44.47 -79.67 -39.85
N PRO I 12 43.72 -78.79 -40.49
CA PRO I 12 42.29 -78.68 -40.20
C PRO I 12 41.56 -79.97 -40.53
N TRP I 13 40.50 -80.23 -39.76
CA TRP I 13 39.69 -81.41 -39.99
C TRP I 13 39.09 -81.39 -41.39
N ALA I 14 39.14 -82.54 -42.06
CA ALA I 14 38.64 -82.68 -43.42
C ALA I 14 37.46 -83.65 -43.42
N TRP I 15 36.35 -83.24 -44.01
CA TRP I 15 35.17 -84.07 -44.13
C TRP I 15 35.09 -84.55 -45.58
N LEU I 16 35.69 -85.71 -45.85
CA LEU I 16 35.62 -86.32 -47.16
C LEU I 16 34.17 -86.64 -47.49
N GLN I 17 33.75 -86.31 -48.72
CA GLN I 17 32.36 -86.50 -49.12
C GLN I 17 32.08 -88.00 -49.27
N LEU I 18 31.30 -88.55 -48.34
CA LEU I 18 30.93 -89.95 -48.39
C LEU I 18 29.42 -90.12 -48.27
N ALA I 19 28.77 -89.22 -47.53
CA ALA I 19 27.32 -89.15 -47.41
C ALA I 19 26.70 -90.40 -46.79
N GLU I 20 27.53 -91.34 -46.37
CA GLU I 20 27.07 -92.56 -45.70
C GLU I 20 27.38 -92.55 -44.21
N ASN I 21 28.59 -92.16 -43.85
CA ASN I 21 29.04 -91.99 -42.47
C ASN I 21 29.56 -90.56 -42.32
N SER I 22 30.20 -90.30 -41.19
CA SER I 22 30.85 -89.03 -40.93
C SER I 22 32.35 -89.24 -40.89
N LEU I 23 33.09 -88.47 -41.70
CA LEU I 23 34.54 -88.61 -41.78
C LEU I 23 35.18 -87.36 -41.17
N LEU I 24 35.83 -87.55 -40.02
CA LEU I 24 36.64 -86.51 -39.38
C LEU I 24 38.09 -86.85 -39.73
N ALA I 25 38.57 -86.30 -40.84
CA ALA I 25 39.84 -86.68 -41.42
C ALA I 25 40.85 -85.54 -41.31
N LYS I 26 42.10 -85.91 -41.09
CA LYS I 26 43.24 -84.99 -41.12
C LYS I 26 44.14 -85.39 -42.28
N VAL I 27 44.41 -84.45 -43.17
CA VAL I 27 45.18 -84.71 -44.38
C VAL I 27 46.43 -83.83 -44.37
N PHE I 28 47.60 -84.48 -44.43
CA PHE I 28 48.87 -83.79 -44.63
C PHE I 28 49.70 -84.69 -45.55
N ILE I 29 49.55 -84.51 -46.87
CA ILE I 29 50.23 -85.34 -47.85
C ILE I 29 51.43 -84.55 -48.33
N THR I 30 52.55 -84.71 -47.63
CA THR I 30 53.82 -84.13 -48.02
C THR I 30 54.88 -85.18 -48.29
N LYS I 31 55.12 -86.09 -47.34
CA LYS I 31 56.02 -87.22 -47.54
C LYS I 31 55.44 -88.43 -46.82
N GLN I 32 56.18 -89.53 -46.86
CA GLN I 32 55.76 -90.80 -46.25
C GLN I 32 54.35 -91.16 -46.71
N GLY I 33 54.16 -91.20 -48.02
CA GLY I 33 52.86 -91.50 -48.56
C GLY I 33 51.86 -90.38 -48.29
N TYR I 34 50.59 -90.75 -48.33
CA TYR I 34 49.50 -89.82 -48.06
C TYR I 34 49.09 -89.98 -46.61
N ALA I 35 49.38 -88.98 -45.79
CA ALA I 35 49.07 -89.03 -44.36
C ALA I 35 47.65 -88.49 -44.14
N LEU I 36 46.69 -89.29 -44.62
CA LEU I 36 45.28 -88.95 -44.53
C LEU I 36 44.68 -89.68 -43.33
N LEU I 37 44.98 -89.16 -42.13
CA LEU I 37 44.46 -89.78 -40.92
C LEU I 37 42.98 -89.50 -40.78
N VAL I 38 42.16 -90.41 -41.26
CA VAL I 38 40.72 -90.27 -41.17
C VAL I 38 40.25 -90.93 -39.88
N SER I 39 39.19 -90.39 -39.30
CA SER I 39 38.61 -90.98 -38.10
C SER I 39 37.12 -90.69 -38.12
N ASP I 40 36.31 -91.74 -38.28
CA ASP I 40 34.86 -91.58 -38.30
C ASP I 40 34.27 -91.51 -36.90
N LEU I 41 35.10 -91.23 -35.89
CA LEU I 41 34.76 -91.15 -34.47
C LEU I 41 34.42 -92.51 -33.88
N GLN I 42 34.40 -93.56 -34.69
CA GLN I 42 34.15 -94.92 -34.22
C GLN I 42 35.14 -95.93 -34.78
N GLN I 43 35.95 -95.54 -35.76
CA GLN I 43 37.02 -96.39 -36.28
C GLN I 43 38.02 -95.49 -36.99
N VAL I 44 39.25 -95.45 -36.49
CA VAL I 44 40.24 -94.54 -37.04
C VAL I 44 40.87 -95.16 -38.28
N TRP I 45 41.11 -94.32 -39.29
CA TRP I 45 42.01 -94.67 -40.39
C TRP I 45 43.40 -94.20 -39.98
N HIS I 46 44.22 -95.12 -39.48
CA HIS I 46 45.62 -94.77 -39.23
C HIS I 46 46.32 -94.74 -40.58
N GLU I 47 45.84 -93.88 -41.47
CA GLU I 47 46.26 -93.83 -42.86
C GLU I 47 47.40 -92.84 -43.07
N GLN I 48 48.43 -93.00 -42.25
CA GLN I 48 49.70 -92.30 -42.44
C GLN I 48 50.69 -93.15 -43.22
N VAL I 49 50.18 -94.13 -43.98
CA VAL I 49 51.04 -95.11 -44.63
C VAL I 49 51.97 -94.44 -45.63
N ASP I 50 53.13 -95.06 -45.82
CA ASP I 50 54.15 -94.52 -46.69
C ASP I 50 53.75 -94.71 -48.15
N THR I 51 54.65 -94.36 -49.06
CA THR I 51 54.35 -94.39 -50.49
C THR I 51 54.17 -95.80 -51.02
N SER I 52 54.55 -96.83 -50.26
CA SER I 52 54.36 -98.20 -50.71
C SER I 52 52.88 -98.55 -50.82
N VAL I 53 52.10 -98.21 -49.79
CA VAL I 53 50.66 -98.41 -49.87
C VAL I 53 50.05 -97.55 -50.96
N VAL I 54 50.63 -96.36 -51.18
CA VAL I 54 50.15 -95.49 -52.25
C VAL I 54 50.32 -96.18 -53.61
N SER I 55 51.49 -96.79 -53.83
CA SER I 55 51.72 -97.55 -55.05
C SER I 55 50.80 -98.76 -55.13
N GLN I 56 50.58 -99.43 -54.00
CA GLN I 56 49.70 -100.60 -54.00
C GLN I 56 48.29 -100.21 -54.43
N ARG I 57 47.79 -99.08 -53.93
CA ARG I 57 46.47 -98.62 -54.32
C ARG I 57 46.45 -98.13 -55.77
N ALA I 58 47.54 -97.52 -56.22
CA ALA I 58 47.63 -97.09 -57.61
C ALA I 58 47.56 -98.28 -58.56
N LYS I 59 48.27 -99.36 -58.25
CA LYS I 59 48.32 -100.51 -59.13
C LYS I 59 47.10 -101.40 -59.01
N GLU I 60 46.53 -101.52 -57.80
CA GLU I 60 45.31 -102.30 -57.63
C GLU I 60 44.11 -101.66 -58.31
N LEU I 61 44.23 -100.40 -58.73
CA LEU I 61 43.11 -99.68 -59.33
C LEU I 61 43.35 -99.36 -60.79
N ASN I 62 44.59 -99.35 -61.25
CA ASN I 62 44.93 -99.24 -62.66
C ASN I 62 45.23 -100.64 -63.18
N LYS I 63 44.32 -101.18 -63.98
CA LYS I 63 44.41 -102.56 -64.42
C LYS I 63 45.21 -102.76 -65.69
N ARG I 64 45.55 -101.69 -66.41
CA ARG I 64 46.43 -101.79 -67.56
C ARG I 64 47.42 -100.65 -67.68
N LEU I 65 47.45 -99.72 -66.73
CA LEU I 65 48.47 -98.69 -66.66
C LEU I 65 48.99 -98.61 -65.24
N THR I 66 49.81 -97.61 -64.94
CA THR I 66 50.33 -97.43 -63.59
C THR I 66 50.22 -95.96 -63.21
N ALA I 67 50.14 -95.72 -61.90
CA ALA I 67 50.19 -94.38 -61.35
C ALA I 67 51.36 -94.31 -60.38
N PRO I 68 52.32 -93.41 -60.59
CA PRO I 68 53.49 -93.35 -59.71
C PRO I 68 53.06 -93.05 -58.28
N PRO I 69 53.56 -93.81 -57.31
CA PRO I 69 53.13 -93.61 -55.92
C PRO I 69 53.36 -92.18 -55.41
N ALA I 70 54.50 -91.58 -55.75
CA ALA I 70 54.68 -90.17 -55.42
C ALA I 70 53.63 -89.30 -56.11
N ALA I 71 53.44 -89.51 -57.42
CA ALA I 71 52.41 -88.79 -58.13
C ALA I 71 51.01 -89.20 -57.67
N PHE I 72 50.84 -90.47 -57.28
CA PHE I 72 49.54 -90.91 -56.79
C PHE I 72 49.15 -90.16 -55.52
N LEU I 73 50.05 -90.09 -54.54
CA LEU I 73 49.76 -89.34 -53.33
C LEU I 73 49.67 -87.85 -53.61
N CYS I 74 50.43 -87.35 -54.58
CA CYS I 74 50.38 -85.92 -54.91
C CYS I 74 49.02 -85.53 -55.48
N HIS I 75 48.52 -86.29 -56.45
CA HIS I 75 47.22 -85.94 -57.03
C HIS I 75 46.06 -86.46 -56.22
N LEU I 76 46.31 -87.31 -55.21
CA LEU I 76 45.29 -87.57 -54.21
C LEU I 76 45.19 -86.41 -53.23
N ASP I 77 46.33 -85.78 -52.91
CA ASP I 77 46.29 -84.49 -52.23
C ASP I 77 45.64 -83.43 -53.09
N ASN I 78 45.49 -83.68 -54.39
CA ASN I 78 44.70 -82.85 -55.26
C ASN I 78 43.30 -83.40 -55.49
N LEU I 79 43.08 -84.70 -55.25
CA LEU I 79 41.76 -85.30 -55.41
C LEU I 79 40.92 -85.18 -54.14
N LEU I 80 41.55 -85.09 -52.98
CA LEU I 80 40.80 -84.86 -51.75
C LEU I 80 40.28 -83.43 -51.66
N ARG I 81 40.87 -82.50 -52.41
CA ARG I 81 40.35 -81.13 -52.41
C ARG I 81 38.94 -81.05 -52.97
N PRO I 82 38.59 -81.68 -54.10
CA PRO I 82 37.17 -81.74 -54.47
C PRO I 82 36.45 -82.85 -53.73
N LEU I 83 36.68 -82.95 -52.42
CA LEU I 83 36.00 -83.93 -51.59
C LEU I 83 35.61 -83.41 -50.22
N LEU I 84 36.16 -82.27 -49.78
CA LEU I 84 35.86 -81.71 -48.47
C LEU I 84 34.67 -80.76 -48.51
N LYS I 85 33.97 -80.69 -49.63
CA LYS I 85 32.81 -79.83 -49.78
C LYS I 85 31.64 -80.36 -48.95
N GLU I 92 36.47 -86.04 -59.37
CA GLU I 92 36.13 -86.03 -57.94
C GLU I 92 36.51 -87.34 -57.27
N ALA I 93 35.98 -88.44 -57.79
CA ALA I 93 36.19 -89.77 -57.25
C ALA I 93 35.91 -89.79 -55.75
N THR I 94 34.65 -89.54 -55.41
CA THR I 94 34.24 -89.46 -54.00
C THR I 94 34.62 -90.74 -53.26
N PHE I 95 35.49 -90.60 -52.26
CA PHE I 95 35.99 -91.75 -51.50
C PHE I 95 35.00 -92.09 -50.39
N SER I 96 33.81 -92.50 -50.82
CA SER I 96 32.74 -92.84 -49.89
C SER I 96 33.10 -94.09 -49.11
N CYS I 97 32.70 -94.12 -47.84
CA CYS I 97 32.92 -95.26 -46.99
C CYS I 97 31.64 -95.57 -46.21
N ASP I 98 31.42 -96.85 -45.95
CA ASP I 98 30.18 -97.29 -45.32
C ASP I 98 30.07 -96.77 -43.90
N CYS I 99 28.83 -96.64 -43.43
CA CYS I 99 28.56 -96.16 -42.08
C CYS I 99 28.92 -97.18 -41.00
N VAL I 100 29.25 -98.41 -41.39
CA VAL I 100 29.60 -99.43 -40.40
C VAL I 100 30.81 -98.96 -39.62
N ALA I 101 30.73 -99.08 -38.29
CA ALA I 101 31.78 -98.63 -37.41
C ALA I 101 32.87 -99.68 -37.17
N ASP I 102 32.72 -100.88 -37.72
CA ASP I 102 33.66 -101.96 -37.46
C ASP I 102 34.23 -102.62 -38.71
N ALA I 103 33.57 -102.53 -39.86
CA ALA I 103 34.08 -103.07 -41.12
C ALA I 103 34.14 -101.90 -42.10
N LEU I 104 35.33 -101.32 -42.25
CA LEU I 104 35.49 -100.05 -42.96
C LEU I 104 36.18 -100.32 -44.28
N ILE I 105 35.41 -100.24 -45.38
CA ILE I 105 35.94 -100.38 -46.72
C ILE I 105 35.42 -99.20 -47.54
N LEU I 106 36.31 -98.59 -48.31
CA LEU I 106 35.90 -97.48 -49.19
C LEU I 106 34.87 -97.98 -50.19
N ARG I 107 33.78 -97.23 -50.33
CA ARG I 107 32.62 -97.64 -51.10
C ARG I 107 32.49 -96.87 -52.42
N VAL I 108 33.61 -96.61 -53.08
CA VAL I 108 33.58 -95.93 -54.36
C VAL I 108 33.13 -96.98 -55.39
N ARG I 109 31.83 -97.00 -55.67
CA ARG I 109 31.24 -98.04 -56.52
C ARG I 109 30.63 -97.35 -57.74
N SER I 110 31.47 -97.14 -58.76
CA SER I 110 31.03 -96.52 -60.00
C SER I 110 32.10 -96.80 -61.05
N GLU I 111 31.65 -97.10 -62.27
CA GLU I 111 32.57 -97.35 -63.38
C GLU I 111 32.95 -96.02 -64.01
N LEU I 112 34.19 -95.61 -63.80
CA LEU I 112 34.74 -94.41 -64.43
C LEU I 112 35.26 -94.70 -65.83
N SER I 113 34.92 -95.87 -66.38
CA SER I 113 35.52 -96.36 -67.62
C SER I 113 34.53 -96.93 -68.63
N GLY I 114 33.35 -97.36 -68.21
CA GLY I 114 32.49 -98.18 -69.05
C GLY I 114 32.76 -99.65 -68.79
N LEU I 115 34.03 -99.98 -68.61
CA LEU I 115 34.48 -101.24 -68.05
C LEU I 115 34.72 -101.07 -66.55
N PRO I 116 34.69 -102.16 -65.78
CA PRO I 116 34.73 -102.02 -64.32
C PRO I 116 35.99 -101.32 -63.82
N PHE I 117 35.78 -100.46 -62.82
CA PHE I 117 36.86 -99.77 -62.13
C PHE I 117 36.30 -99.30 -60.79
N TYR I 118 37.18 -99.18 -59.80
CA TYR I 118 36.78 -98.69 -58.50
C TYR I 118 37.93 -97.87 -57.91
N TRP I 119 37.60 -97.09 -56.88
CA TRP I 119 38.59 -96.37 -56.09
C TRP I 119 38.60 -96.94 -54.68
N ASN I 120 39.78 -97.24 -54.17
CA ASN I 120 39.87 -97.80 -52.83
C ASN I 120 41.20 -97.44 -52.19
N PHE I 121 41.15 -97.10 -50.92
CA PHE I 121 42.34 -96.93 -50.09
C PHE I 121 42.57 -98.21 -49.30
N HIS I 122 43.76 -98.32 -48.70
CA HIS I 122 43.99 -99.40 -47.77
C HIS I 122 43.07 -99.23 -46.57
N CYS I 123 42.44 -100.32 -46.15
CA CYS I 123 41.34 -100.26 -45.21
C CYS I 123 41.70 -101.01 -43.94
N MET I 124 41.26 -100.47 -42.80
CA MET I 124 41.42 -101.10 -41.51
C MET I 124 40.07 -101.11 -40.80
N LEU I 125 39.91 -102.08 -39.90
CA LEU I 125 38.65 -102.31 -39.21
C LEU I 125 38.75 -101.82 -37.76
N ALA I 126 37.69 -102.08 -37.00
CA ALA I 126 37.65 -101.64 -35.61
C ALA I 126 38.57 -102.49 -34.75
N SER I 127 38.88 -101.96 -33.56
CA SER I 127 39.70 -102.63 -32.59
C SER I 127 39.10 -102.42 -31.20
N PRO I 128 39.32 -103.35 -30.28
CA PRO I 128 38.87 -103.12 -28.90
C PRO I 128 39.52 -101.92 -28.26
N SER I 129 40.69 -101.51 -28.78
CA SER I 129 41.44 -100.36 -28.21
C SER I 129 41.39 -99.17 -29.18
N LEU I 130 40.25 -98.46 -29.22
CA LEU I 130 40.10 -97.32 -30.16
C LEU I 130 39.09 -96.32 -29.58
N VAL I 131 39.44 -95.66 -28.47
CA VAL I 131 38.53 -94.61 -27.89
C VAL I 131 39.28 -93.86 -26.79
N SER I 132 40.59 -94.02 -26.69
CA SER I 132 41.35 -93.39 -25.58
C SER I 132 42.80 -93.09 -25.98
N GLN I 133 43.03 -92.50 -27.15
CA GLN I 133 44.40 -92.15 -27.52
C GLN I 133 44.70 -90.65 -27.51
N HIS I 134 44.14 -89.86 -28.41
CA HIS I 134 44.59 -88.47 -28.48
C HIS I 134 43.46 -87.45 -28.42
N LEU I 135 42.48 -87.61 -29.31
CA LEU I 135 41.71 -86.47 -29.78
C LEU I 135 40.65 -85.97 -28.82
N ILE I 136 40.32 -86.74 -27.78
CA ILE I 136 39.48 -86.20 -26.71
C ILE I 136 40.30 -85.42 -25.70
N ARG I 137 41.63 -85.38 -25.85
CA ARG I 137 42.38 -84.42 -25.04
C ARG I 137 42.19 -83.02 -25.63
N PRO I 138 42.38 -82.80 -26.94
CA PRO I 138 41.96 -81.50 -27.51
C PRO I 138 40.47 -81.25 -27.42
N LEU I 139 39.64 -82.29 -27.52
CA LEU I 139 38.21 -82.09 -27.35
C LEU I 139 37.88 -81.66 -25.93
N MET I 140 38.53 -82.28 -24.95
CA MET I 140 38.21 -81.95 -23.57
C MET I 140 38.84 -80.60 -23.22
N GLY I 141 39.90 -80.23 -23.94
CA GLY I 141 40.42 -78.88 -23.86
C GLY I 141 39.45 -77.87 -24.45
N MET I 142 38.75 -78.24 -25.53
CA MET I 142 37.66 -77.39 -26.01
C MET I 142 36.58 -77.26 -24.95
N SER I 143 36.29 -78.35 -24.24
CA SER I 143 35.31 -78.29 -23.16
C SER I 143 35.76 -77.31 -22.09
N LEU I 144 37.03 -77.38 -21.70
CA LEU I 144 37.55 -76.45 -20.69
C LEU I 144 37.54 -75.02 -21.20
N ALA I 145 37.88 -74.82 -22.48
CA ALA I 145 37.85 -73.49 -23.06
C ALA I 145 36.45 -72.91 -23.03
N LEU I 146 35.46 -73.68 -23.47
CA LEU I 146 34.09 -73.21 -23.47
C LEU I 146 33.56 -73.03 -22.06
N GLN I 147 34.00 -73.85 -21.10
CA GLN I 147 33.52 -73.72 -19.73
C GLN I 147 34.11 -72.50 -19.04
N CYS I 148 35.40 -72.22 -19.24
CA CYS I 148 35.97 -71.00 -18.68
C CYS I 148 35.42 -69.77 -19.39
N GLN I 149 35.13 -69.87 -20.69
CA GLN I 149 34.41 -68.80 -21.36
C GLN I 149 33.04 -68.60 -20.74
N VAL I 150 32.35 -69.70 -20.41
CA VAL I 150 31.07 -69.62 -19.71
C VAL I 150 31.24 -68.90 -18.38
N ARG I 151 32.29 -69.22 -17.64
CA ARG I 151 32.52 -68.57 -16.36
C ARG I 151 32.70 -67.06 -16.53
N GLU I 152 33.50 -66.66 -17.52
CA GLU I 152 33.71 -65.22 -17.75
C GLU I 152 32.44 -64.54 -18.22
N LEU I 153 31.75 -65.15 -19.19
CA LEU I 153 30.46 -64.62 -19.62
C LEU I 153 29.50 -64.50 -18.46
N ALA I 154 29.51 -65.46 -17.54
CA ALA I 154 28.54 -65.50 -16.45
C ALA I 154 28.83 -64.42 -15.41
N THR I 155 30.10 -64.26 -15.02
CA THR I 155 30.39 -63.18 -14.09
C THR I 155 30.12 -61.83 -14.72
N LEU I 156 30.36 -61.70 -16.03
CA LEU I 156 30.01 -60.47 -16.72
C LEU I 156 28.49 -60.29 -16.76
N LEU I 157 27.75 -61.39 -16.88
CA LEU I 157 26.30 -61.36 -16.76
C LEU I 157 25.86 -60.75 -15.45
N HIS I 158 26.41 -61.28 -14.37
CA HIS I 158 26.02 -60.85 -13.02
C HIS I 158 26.39 -59.40 -12.78
N MET I 159 27.62 -59.02 -13.12
CA MET I 159 28.03 -57.63 -12.95
C MET I 159 27.19 -56.69 -13.82
N LYS I 160 26.93 -57.09 -15.07
CA LYS I 160 26.11 -56.27 -15.96
C LYS I 160 24.67 -56.18 -15.49
N ASP I 161 24.16 -57.23 -14.85
CA ASP I 161 22.80 -57.18 -14.33
C ASP I 161 22.72 -56.27 -13.11
N LEU I 162 23.76 -56.27 -12.27
CA LEU I 162 23.81 -55.28 -11.20
C LEU I 162 23.91 -53.87 -11.77
N GLU I 163 24.60 -53.71 -12.89
CA GLU I 163 24.54 -52.46 -13.64
C GLU I 163 23.12 -52.14 -14.09
N ILE I 164 22.40 -53.17 -14.56
CA ILE I 164 21.02 -53.02 -15.02
C ILE I 164 20.11 -52.57 -13.89
N GLN I 165 20.37 -53.04 -12.67
CA GLN I 165 19.59 -52.61 -11.51
C GLN I 165 19.68 -51.10 -11.35
N ASP I 166 20.87 -50.53 -11.58
CA ASP I 166 21.00 -49.08 -11.64
C ASP I 166 20.16 -48.51 -12.77
N TYR I 167 20.08 -49.22 -13.89
CA TYR I 167 19.24 -48.78 -15.01
C TYR I 167 17.75 -48.97 -14.72
N GLN I 168 17.40 -49.64 -13.62
CA GLN I 168 16.00 -49.69 -13.20
C GLN I 168 15.62 -48.42 -12.45
N GLU I 169 16.47 -47.97 -11.53
CA GLU I 169 16.22 -46.72 -10.82
C GLU I 169 16.63 -45.50 -11.60
N SER I 170 17.51 -45.66 -12.60
CA SER I 170 17.99 -44.53 -13.39
C SER I 170 17.70 -44.70 -14.87
N GLY I 171 16.67 -45.47 -15.22
CA GLY I 171 16.32 -45.68 -16.61
C GLY I 171 14.97 -45.10 -16.99
N ALA I 172 14.77 -44.82 -18.27
CA ALA I 172 13.54 -44.22 -18.76
C ALA I 172 13.08 -44.91 -20.04
N THR I 173 13.14 -46.23 -20.07
CA THR I 173 12.73 -46.97 -21.25
C THR I 173 11.22 -46.97 -21.38
N LEU I 174 10.73 -46.78 -22.61
CA LEU I 174 9.29 -46.79 -22.86
C LEU I 174 8.73 -48.18 -22.60
N ILE I 175 7.68 -48.24 -21.78
CA ILE I 175 7.03 -49.50 -21.41
C ILE I 175 5.57 -49.39 -21.81
N ARG I 176 5.17 -50.20 -22.78
CA ARG I 176 3.76 -50.33 -23.16
C ARG I 176 2.97 -51.19 -22.18
N ASP I 177 3.66 -51.87 -21.27
CA ASP I 177 3.15 -52.79 -20.25
C ASP I 177 2.77 -54.15 -20.84
N ARG I 178 3.00 -54.39 -22.12
CA ARG I 178 2.81 -55.71 -22.71
C ARG I 178 4.02 -56.62 -22.52
N LEU I 179 5.16 -56.08 -22.09
CA LEU I 179 6.35 -56.85 -21.84
C LEU I 179 7.06 -56.31 -20.61
N LYS I 180 7.49 -57.20 -19.73
CA LYS I 180 8.23 -56.84 -18.53
C LYS I 180 9.57 -57.55 -18.52
N THR I 181 10.62 -56.81 -18.20
CA THR I 181 11.98 -57.34 -18.14
C THR I 181 12.41 -57.42 -16.68
N GLU I 182 12.76 -58.61 -16.23
CA GLU I 182 13.18 -58.84 -14.86
C GLU I 182 14.69 -58.70 -14.74
N PRO I 183 15.19 -58.43 -13.54
CA PRO I 183 16.64 -58.48 -13.32
C PRO I 183 17.19 -59.86 -13.66
N PHE I 184 18.36 -59.88 -14.28
CA PHE I 184 18.94 -61.16 -14.70
C PHE I 184 19.32 -61.97 -13.47
N GLU I 185 18.59 -63.05 -13.24
CA GLU I 185 18.86 -63.93 -12.11
C GLU I 185 20.15 -64.72 -12.34
N GLU I 186 20.64 -65.31 -11.25
CA GLU I 186 21.87 -66.11 -11.28
C GLU I 186 21.60 -67.59 -11.04
N ASN I 187 20.77 -67.91 -10.05
CA ASN I 187 20.46 -69.30 -9.76
C ASN I 187 19.74 -69.96 -10.93
N SER I 188 18.66 -69.33 -11.42
CA SER I 188 17.95 -69.88 -12.57
C SER I 188 18.82 -69.82 -13.82
N PHE I 189 19.76 -68.87 -13.87
CA PHE I 189 20.71 -68.82 -14.98
C PHE I 189 21.59 -70.07 -15.02
N LEU I 190 22.21 -70.42 -13.89
CA LEU I 190 23.01 -71.64 -13.85
C LEU I 190 22.14 -72.87 -14.07
N GLU I 191 20.92 -72.86 -13.52
CA GLU I 191 20.01 -73.97 -13.71
C GLU I 191 19.67 -74.20 -15.18
N GLN I 192 19.39 -73.12 -15.91
CA GLN I 192 19.08 -73.28 -17.33
C GLN I 192 20.33 -73.65 -18.11
N PHE I 193 21.51 -73.17 -17.69
CA PHE I 193 22.74 -73.60 -18.35
C PHE I 193 22.97 -75.09 -18.15
N MET I 194 22.51 -75.65 -17.04
CA MET I 194 22.65 -77.08 -16.80
C MET I 194 21.46 -77.86 -17.38
N ILE I 195 20.25 -77.58 -16.91
CA ILE I 195 19.12 -78.45 -17.18
C ILE I 195 18.30 -77.99 -18.38
N GLU I 196 17.87 -76.72 -18.39
CA GLU I 196 16.93 -76.27 -19.41
C GLU I 196 17.57 -76.27 -20.79
N LYS I 197 18.62 -75.48 -20.99
CA LYS I 197 19.33 -75.46 -22.26
C LYS I 197 20.43 -76.52 -22.24
N LEU I 198 20.57 -77.22 -23.36
CA LEU I 198 21.51 -78.34 -23.43
C LEU I 198 21.86 -78.68 -24.87
N ASP I 206 27.56 -92.76 -36.78
CA ASP I 206 27.33 -91.46 -37.38
C ASP I 206 28.52 -90.54 -37.13
N GLY I 207 28.33 -89.52 -36.31
CA GLY I 207 29.37 -88.56 -35.99
C GLY I 207 29.25 -87.23 -36.69
N LYS I 208 28.21 -87.04 -37.50
CA LYS I 208 28.04 -85.77 -38.22
C LYS I 208 27.92 -84.56 -37.31
N PRO I 209 27.07 -84.57 -36.26
CA PRO I 209 27.02 -83.38 -35.40
C PRO I 209 28.37 -83.03 -34.79
N PHE I 210 29.13 -84.04 -34.37
CA PHE I 210 30.45 -83.80 -33.79
C PHE I 210 31.36 -83.10 -34.78
N VAL I 211 31.42 -83.61 -36.01
CA VAL I 211 32.37 -83.09 -36.98
C VAL I 211 31.98 -81.68 -37.43
N MET I 212 30.69 -81.47 -37.78
CA MET I 212 30.32 -80.11 -38.14
C MET I 212 30.24 -79.16 -36.95
N ASN I 213 30.34 -79.68 -35.73
CA ASN I 213 30.41 -78.80 -34.58
C ASN I 213 31.83 -78.43 -34.20
N LEU I 214 32.81 -79.27 -34.55
CA LEU I 214 34.18 -79.07 -34.12
C LEU I 214 35.16 -78.99 -35.29
N GLN I 215 34.69 -78.57 -36.46
CA GLN I 215 35.62 -78.29 -37.56
C GLN I 215 36.54 -77.12 -37.22
N ASP I 216 35.98 -76.06 -36.65
CA ASP I 216 36.75 -74.85 -36.36
C ASP I 216 37.32 -74.84 -34.94
N LEU I 217 36.54 -75.29 -33.96
CA LEU I 217 36.97 -75.20 -32.58
C LEU I 217 38.12 -76.15 -32.26
N TYR I 218 38.28 -77.23 -33.04
CA TYR I 218 39.35 -78.18 -32.74
C TYR I 218 40.72 -77.57 -32.99
N MET I 219 40.98 -77.17 -34.24
CA MET I 219 42.28 -76.56 -34.56
C MET I 219 42.56 -75.34 -33.71
N ALA I 220 41.53 -74.56 -33.37
CA ALA I 220 41.71 -73.38 -32.55
C ALA I 220 42.01 -73.72 -31.09
N VAL I 221 41.85 -74.98 -30.68
CA VAL I 221 42.08 -75.37 -29.29
C VAL I 221 43.12 -76.48 -29.21
N THR I 222 43.24 -77.27 -30.28
CA THR I 222 44.17 -78.39 -30.28
C THR I 222 45.62 -77.95 -30.27
N THR I 223 45.89 -76.65 -30.42
CA THR I 223 47.27 -76.16 -30.42
C THR I 223 47.97 -76.48 -29.10
N GLN I 224 47.22 -76.65 -28.02
CA GLN I 224 47.81 -77.01 -26.74
C GLN I 224 47.95 -78.52 -26.59
N LYS I 293 131.61 -4.02 8.64
CA LYS I 293 131.26 -5.09 9.54
C LYS I 293 130.22 -4.66 10.56
N PRO I 294 129.35 -5.59 10.96
CA PRO I 294 128.33 -5.26 11.96
C PRO I 294 128.91 -5.13 13.36
N ARG I 295 129.82 -4.18 13.55
CA ARG I 295 130.43 -3.90 14.85
C ARG I 295 130.43 -2.40 15.08
N GLY I 296 130.23 -1.99 16.32
CA GLY I 296 130.21 -0.57 16.64
C GLY I 296 129.06 0.16 15.98
N LEU I 297 129.36 0.94 14.95
CA LEU I 297 128.33 1.74 14.28
C LEU I 297 127.27 0.86 13.64
N PHE I 298 127.70 -0.18 12.92
CA PHE I 298 126.74 -1.07 12.26
C PHE I 298 125.98 -1.93 13.28
N SER I 299 126.67 -2.38 14.31
CA SER I 299 126.04 -3.19 15.35
C SER I 299 125.05 -2.36 16.15
N MET J 1 24.11 -104.52 -19.43
CA MET J 1 23.62 -104.87 -18.11
C MET J 1 23.51 -103.57 -17.32
N GLU J 2 24.14 -102.53 -17.85
CA GLU J 2 23.91 -101.13 -17.49
C GLU J 2 24.49 -100.73 -16.13
N GLU J 3 25.02 -101.70 -15.39
CA GLU J 3 25.76 -101.37 -14.18
C GLU J 3 27.25 -101.22 -14.44
N LEU J 4 27.72 -101.60 -15.63
CA LEU J 4 29.10 -101.41 -16.03
C LEU J 4 29.25 -100.67 -17.35
N GLU J 5 28.14 -100.31 -17.99
CA GLU J 5 28.17 -99.54 -19.24
C GLU J 5 27.30 -98.30 -19.18
N GLN J 6 26.14 -98.37 -18.53
CA GLN J 6 25.26 -97.22 -18.41
C GLN J 6 25.52 -96.43 -17.12
N GLY J 7 25.50 -97.11 -15.98
CA GLY J 7 25.88 -96.44 -14.74
C GLY J 7 27.31 -95.95 -14.76
N LEU J 8 28.20 -96.71 -15.40
CA LEU J 8 29.55 -96.23 -15.64
C LEU J 8 29.55 -94.98 -16.51
N LEU J 9 28.65 -94.93 -17.50
CA LEU J 9 28.48 -93.73 -18.28
C LEU J 9 27.96 -92.58 -17.43
N MET J 10 27.02 -92.87 -16.53
CA MET J 10 26.50 -91.86 -15.60
C MET J 10 27.42 -91.75 -14.39
N GLN J 11 28.71 -91.55 -14.63
CA GLN J 11 29.70 -91.39 -13.58
C GLN J 11 30.49 -90.12 -13.87
N PRO J 12 30.40 -89.09 -13.04
CA PRO J 12 31.07 -87.83 -13.35
C PRO J 12 32.58 -87.98 -13.39
N TRP J 13 33.22 -87.14 -14.21
CA TRP J 13 34.67 -87.14 -14.30
C TRP J 13 35.28 -86.84 -12.94
N ALA J 14 36.12 -87.76 -12.46
CA ALA J 14 36.81 -87.57 -11.18
C ALA J 14 38.10 -88.37 -11.25
N TRP J 15 39.21 -87.69 -11.56
CA TRP J 15 40.49 -88.35 -11.72
C TRP J 15 40.93 -89.03 -10.43
N LEU J 16 40.95 -90.36 -10.41
CA LEU J 16 41.40 -91.08 -9.24
C LEU J 16 42.88 -90.78 -9.02
N GLN J 17 43.27 -90.66 -7.75
CA GLN J 17 44.64 -90.25 -7.42
C GLN J 17 45.58 -91.42 -7.64
N LEU J 18 46.01 -91.59 -8.88
CA LEU J 18 46.98 -92.61 -9.21
C LEU J 18 48.37 -92.16 -8.73
N ALA J 19 49.36 -93.03 -8.92
CA ALA J 19 50.72 -92.72 -8.51
C ALA J 19 51.67 -92.43 -9.67
N GLU J 20 51.35 -92.87 -10.87
CA GLU J 20 52.25 -92.70 -12.01
C GLU J 20 51.60 -92.03 -13.21
N ASN J 21 50.33 -92.34 -13.49
CA ASN J 21 49.68 -91.87 -14.71
C ASN J 21 48.86 -90.61 -14.43
N SER J 22 48.86 -89.70 -15.40
CA SER J 22 48.05 -88.48 -15.36
C SER J 22 46.87 -88.55 -16.30
N LEU J 23 46.57 -89.72 -16.86
CA LEU J 23 45.49 -89.87 -17.82
C LEU J 23 44.14 -89.72 -17.14
N LEU J 24 43.09 -89.72 -17.97
CA LEU J 24 41.73 -89.63 -17.46
C LEU J 24 41.43 -90.81 -16.55
N ALA J 25 40.62 -90.59 -15.52
CA ALA J 25 40.36 -91.63 -14.54
C ALA J 25 39.03 -91.39 -13.85
N LYS J 26 38.31 -92.49 -13.59
CA LYS J 26 37.18 -92.57 -12.68
C LYS J 26 36.78 -94.03 -12.56
N VAL J 27 36.42 -94.45 -11.34
CA VAL J 27 36.02 -95.83 -11.10
C VAL J 27 34.57 -95.83 -10.62
N PHE J 28 33.80 -96.82 -11.08
CA PHE J 28 32.39 -96.92 -10.77
C PHE J 28 32.17 -97.95 -9.66
N ILE J 29 31.36 -97.58 -8.69
CA ILE J 29 31.03 -98.45 -7.57
C ILE J 29 29.91 -99.39 -8.01
N THR J 30 30.20 -100.68 -8.10
CA THR J 30 29.24 -101.67 -8.57
C THR J 30 29.23 -102.86 -7.64
N LYS J 31 28.25 -103.74 -7.85
CA LYS J 31 28.25 -105.08 -7.30
C LYS J 31 28.68 -106.10 -8.34
N GLN J 32 29.17 -105.66 -9.49
CA GLN J 32 29.61 -106.52 -10.58
C GLN J 32 30.97 -106.08 -11.09
N GLY J 33 31.85 -105.66 -10.20
CA GLY J 33 33.20 -105.36 -10.59
C GLY J 33 33.42 -103.87 -10.81
N TYR J 34 34.63 -103.42 -10.50
CA TYR J 34 35.01 -102.03 -10.68
C TYR J 34 35.10 -101.69 -12.15
N ALA J 35 34.76 -100.45 -12.48
CA ALA J 35 34.64 -100.01 -13.87
C ALA J 35 35.34 -98.67 -14.05
N LEU J 36 36.37 -98.66 -14.89
CA LEU J 36 37.04 -97.42 -15.30
C LEU J 36 36.37 -96.86 -16.54
N LEU J 37 36.71 -95.61 -16.88
CA LEU J 37 36.21 -95.00 -18.11
C LEU J 37 37.21 -93.93 -18.53
N VAL J 38 37.93 -94.17 -19.62
CA VAL J 38 38.90 -93.23 -20.15
C VAL J 38 38.62 -93.06 -21.64
N SER J 39 38.04 -91.94 -22.03
CA SER J 39 37.69 -91.64 -23.41
C SER J 39 38.69 -90.62 -23.96
N ASP J 40 39.58 -91.08 -24.85
CA ASP J 40 40.53 -90.19 -25.48
C ASP J 40 40.76 -90.50 -26.97
N LEU J 41 39.80 -91.17 -27.63
CA LEU J 41 39.87 -91.36 -29.08
C LEU J 41 41.05 -92.19 -29.62
N GLN J 42 40.86 -93.52 -29.58
CA GLN J 42 41.56 -94.55 -30.37
C GLN J 42 42.78 -95.24 -29.78
N GLN J 43 42.96 -95.24 -28.47
CA GLN J 43 43.79 -96.28 -27.83
C GLN J 43 43.22 -96.53 -26.44
N VAL J 44 42.32 -97.51 -26.34
CA VAL J 44 41.55 -97.71 -25.11
C VAL J 44 42.50 -98.01 -23.96
N TRP J 45 42.50 -97.14 -22.96
CA TRP J 45 43.14 -97.40 -21.68
C TRP J 45 42.02 -97.51 -20.66
N HIS J 46 41.41 -98.69 -20.59
CA HIS J 46 40.20 -98.90 -19.82
C HIS J 46 40.36 -100.14 -18.97
N GLU J 47 39.77 -100.11 -17.79
CA GLU J 47 39.85 -101.21 -16.82
C GLU J 47 38.43 -101.54 -16.39
N GLN J 48 37.89 -102.64 -16.92
CA GLN J 48 36.54 -103.09 -16.61
C GLN J 48 36.58 -104.56 -16.23
N VAL J 49 35.89 -104.91 -15.15
CA VAL J 49 35.81 -106.29 -14.70
C VAL J 49 34.38 -106.64 -14.31
N ASP J 50 34.11 -107.94 -14.30
CA ASP J 50 32.92 -108.55 -13.74
C ASP J 50 33.33 -109.35 -12.51
N THR J 51 32.36 -110.08 -11.93
CA THR J 51 32.67 -110.91 -10.77
C THR J 51 33.62 -112.04 -11.13
N SER J 52 33.47 -112.61 -12.32
CA SER J 52 34.30 -113.74 -12.71
C SER J 52 35.77 -113.34 -12.87
N VAL J 53 36.03 -112.28 -13.63
CA VAL J 53 37.41 -111.90 -13.90
C VAL J 53 38.07 -111.28 -12.67
N VAL J 54 37.30 -110.58 -11.83
CA VAL J 54 37.87 -110.13 -10.57
C VAL J 54 38.20 -111.32 -9.68
N SER J 55 37.37 -112.38 -9.73
CA SER J 55 37.69 -113.61 -9.01
C SER J 55 39.00 -114.19 -9.51
N GLN J 56 39.16 -114.24 -10.84
CA GLN J 56 40.37 -114.81 -11.42
C GLN J 56 41.61 -114.00 -11.04
N ARG J 57 41.56 -112.68 -11.25
CA ARG J 57 42.69 -111.82 -10.92
C ARG J 57 42.89 -111.69 -9.41
N ALA J 58 41.94 -112.17 -8.60
CA ALA J 58 42.20 -112.34 -7.19
C ALA J 58 42.98 -113.63 -6.92
N LYS J 59 42.56 -114.72 -7.56
CA LYS J 59 43.15 -116.02 -7.25
C LYS J 59 44.48 -116.27 -7.96
N GLU J 60 44.83 -115.50 -8.99
CA GLU J 60 46.04 -115.81 -9.74
C GLU J 60 46.95 -114.62 -10.02
N LEU J 61 46.49 -113.38 -9.89
CA LEU J 61 47.30 -112.22 -10.24
C LEU J 61 48.16 -111.74 -9.09
N ASN J 62 48.10 -112.39 -7.93
CA ASN J 62 48.84 -111.95 -6.76
C ASN J 62 49.32 -113.15 -5.97
N LYS J 63 50.53 -113.03 -5.42
CA LYS J 63 51.18 -114.18 -4.77
C LYS J 63 50.40 -114.64 -3.55
N ARG J 64 49.90 -113.71 -2.74
CA ARG J 64 49.11 -114.02 -1.56
C ARG J 64 47.80 -113.23 -1.66
N LEU J 65 46.74 -113.92 -2.08
CA LEU J 65 45.43 -113.29 -2.12
C LEU J 65 44.38 -114.38 -1.99
N THR J 66 43.90 -114.59 -0.77
CA THR J 66 42.83 -115.53 -0.49
C THR J 66 41.46 -114.87 -0.50
N ALA J 67 41.39 -113.59 -0.83
CA ALA J 67 40.11 -112.87 -0.81
C ALA J 67 39.23 -113.37 -1.93
N PRO J 68 38.04 -113.88 -1.64
CA PRO J 68 37.16 -114.42 -2.69
C PRO J 68 36.59 -113.31 -3.55
N PRO J 69 35.81 -113.64 -4.58
CA PRO J 69 35.10 -112.57 -5.30
C PRO J 69 34.25 -111.71 -4.39
N ALA J 70 33.50 -112.32 -3.47
CA ALA J 70 32.66 -111.55 -2.57
C ALA J 70 33.47 -110.51 -1.81
N ALA J 71 34.73 -110.82 -1.50
CA ALA J 71 35.59 -109.86 -0.83
C ALA J 71 35.76 -108.58 -1.64
N PHE J 72 36.01 -108.71 -2.94
CA PHE J 72 36.23 -107.53 -3.77
C PHE J 72 34.94 -106.86 -4.18
N LEU J 73 33.86 -107.63 -4.38
CA LEU J 73 32.55 -107.02 -4.55
C LEU J 73 32.14 -106.21 -3.32
N CYS J 74 32.54 -106.65 -2.12
CA CYS J 74 32.31 -105.84 -0.92
C CYS J 74 33.25 -104.65 -0.86
N HIS J 75 34.53 -104.84 -1.19
CA HIS J 75 35.49 -103.74 -1.15
C HIS J 75 35.05 -102.61 -2.08
N LEU J 76 34.64 -102.95 -3.30
CA LEU J 76 34.07 -101.96 -4.20
C LEU J 76 32.73 -101.45 -3.66
N ASP J 77 31.90 -102.35 -3.12
CA ASP J 77 30.66 -101.94 -2.49
C ASP J 77 30.93 -101.05 -1.29
N ASN J 78 31.94 -101.40 -0.49
CA ASN J 78 32.41 -100.52 0.57
C ASN J 78 33.45 -99.54 0.03
N LEU J 79 33.10 -98.91 -1.09
CA LEU J 79 33.91 -97.87 -1.71
C LEU J 79 32.94 -96.84 -2.25
N LEU J 80 33.23 -95.56 -2.00
CA LEU J 80 32.35 -94.47 -2.41
C LEU J 80 33.06 -93.48 -3.32
N ARG J 81 34.24 -93.83 -3.84
CA ARG J 81 35.10 -92.85 -4.46
C ARG J 81 35.52 -93.30 -5.86
N PRO J 82 35.29 -92.48 -6.88
CA PRO J 82 36.12 -92.53 -8.09
C PRO J 82 37.50 -91.92 -7.90
N LEU J 83 37.87 -91.64 -6.65
CA LEU J 83 39.15 -91.06 -6.24
C LEU J 83 39.81 -92.00 -5.24
N LEU J 84 40.92 -91.53 -4.64
CA LEU J 84 41.66 -92.29 -3.65
C LEU J 84 41.68 -91.52 -2.33
N LYS J 85 41.33 -92.22 -1.24
CA LYS J 85 41.44 -91.62 0.08
C LYS J 85 42.90 -91.37 0.47
N ASP J 86 43.78 -92.32 0.17
CA ASP J 86 45.19 -92.19 0.48
C ASP J 86 45.85 -91.10 -0.35
N ALA J 93 40.95 -99.24 0.87
CA ALA J 93 41.37 -99.64 -0.47
C ALA J 93 42.46 -98.71 -1.01
N THR J 94 43.72 -99.08 -0.74
CA THR J 94 44.84 -98.31 -1.26
C THR J 94 44.85 -98.36 -2.78
N PHE J 95 45.06 -97.21 -3.40
CA PHE J 95 45.12 -97.10 -4.85
C PHE J 95 46.52 -96.66 -5.24
N SER J 96 47.12 -97.36 -6.21
CA SER J 96 48.44 -97.00 -6.68
C SER J 96 48.55 -97.38 -8.15
N CYS J 97 49.50 -96.74 -8.83
CA CYS J 97 49.73 -96.95 -10.25
C CYS J 97 51.15 -97.43 -10.48
N ASP J 98 51.29 -98.52 -11.23
CA ASP J 98 52.57 -99.00 -11.71
C ASP J 98 52.54 -98.88 -13.22
N CYS J 99 53.13 -97.80 -13.75
CA CYS J 99 53.01 -97.51 -15.16
C CYS J 99 53.80 -98.50 -16.00
N VAL J 100 53.13 -99.59 -16.41
CA VAL J 100 53.73 -100.57 -17.31
C VAL J 100 53.22 -100.43 -18.73
N ALA J 101 52.14 -99.68 -18.95
CA ALA J 101 51.59 -99.45 -20.28
C ALA J 101 50.72 -98.22 -20.22
N ASP J 102 50.33 -97.73 -21.40
CA ASP J 102 49.41 -96.61 -21.46
C ASP J 102 48.05 -96.95 -20.86
N ALA J 103 47.72 -98.23 -20.75
CA ALA J 103 46.51 -98.62 -20.05
C ALA J 103 46.60 -98.19 -18.59
N LEU J 104 45.52 -97.57 -18.09
CA LEU J 104 45.54 -97.00 -16.74
C LEU J 104 45.49 -98.12 -15.72
N ILE J 105 46.63 -98.39 -15.09
CA ILE J 105 46.71 -99.42 -14.05
C ILE J 105 45.97 -98.90 -12.84
N LEU J 106 44.77 -99.43 -12.59
CA LEU J 106 43.87 -98.88 -11.58
C LEU J 106 43.46 -99.99 -10.61
N ARG J 107 44.30 -100.23 -9.60
CA ARG J 107 44.06 -101.29 -8.64
C ARG J 107 43.20 -100.79 -7.47
N VAL J 108 42.37 -101.69 -6.94
CA VAL J 108 41.56 -101.42 -5.77
C VAL J 108 41.95 -102.46 -4.73
N ARG J 109 42.93 -102.13 -3.90
CA ARG J 109 43.63 -103.09 -3.05
C ARG J 109 42.66 -103.82 -2.13
N SER J 110 43.14 -104.95 -1.59
CA SER J 110 42.38 -105.75 -0.63
C SER J 110 42.45 -105.11 0.76
N GLU J 111 42.09 -103.82 0.78
CA GLU J 111 42.16 -103.00 1.97
C GLU J 111 40.78 -102.47 2.29
N LEU J 112 40.33 -102.68 3.52
CA LEU J 112 39.01 -102.27 3.98
C LEU J 112 39.12 -101.59 5.33
N SER J 113 40.01 -100.61 5.41
CA SER J 113 40.39 -99.96 6.67
C SER J 113 40.96 -100.99 7.64
N GLY J 114 42.11 -101.55 7.26
CA GLY J 114 42.73 -102.62 7.99
C GLY J 114 43.89 -103.24 7.25
N LEU J 115 43.88 -104.55 7.09
CA LEU J 115 44.94 -105.25 6.39
C LEU J 115 45.12 -104.72 4.98
N PRO J 116 46.32 -104.29 4.59
CA PRO J 116 46.59 -103.94 3.18
C PRO J 116 46.94 -105.17 2.36
N PHE J 117 45.99 -106.09 2.29
CA PHE J 117 46.24 -107.39 1.67
C PHE J 117 46.55 -107.23 0.19
N TYR J 118 47.44 -108.08 -0.32
CA TYR J 118 48.06 -107.83 -1.61
C TYR J 118 47.08 -108.05 -2.76
N TRP J 119 46.93 -107.03 -3.61
CA TRP J 119 46.07 -107.11 -4.79
C TRP J 119 46.57 -106.05 -5.77
N ASN J 120 47.31 -106.50 -6.77
CA ASN J 120 47.99 -105.62 -7.72
C ASN J 120 47.40 -105.79 -9.11
N PHE J 121 47.68 -104.82 -9.98
CA PHE J 121 47.08 -104.76 -11.30
C PHE J 121 48.10 -104.76 -12.41
N HIS J 122 47.71 -105.37 -13.53
CA HIS J 122 48.23 -105.08 -14.86
C HIS J 122 47.01 -104.83 -15.72
N CYS J 123 46.66 -103.55 -15.89
CA CYS J 123 45.42 -103.17 -16.56
C CYS J 123 45.32 -103.78 -17.95
N MET J 124 44.38 -104.70 -18.12
CA MET J 124 44.16 -105.30 -19.42
C MET J 124 43.36 -104.35 -20.31
N LEU J 125 43.35 -104.67 -21.60
CA LEU J 125 42.43 -104.00 -22.51
C LEU J 125 41.02 -104.47 -22.19
N ALA J 126 40.23 -103.60 -21.58
CA ALA J 126 38.97 -104.01 -20.97
C ALA J 126 37.97 -104.44 -22.05
N SER J 127 36.81 -104.89 -21.59
CA SER J 127 35.79 -105.41 -22.48
C SER J 127 35.30 -104.31 -23.42
N PRO J 128 35.39 -104.49 -24.74
CA PRO J 128 34.99 -103.41 -25.65
C PRO J 128 33.50 -103.15 -25.69
N SER J 129 32.68 -104.11 -25.25
CA SER J 129 31.23 -103.90 -25.27
C SER J 129 30.81 -102.75 -24.36
N LEU J 130 31.40 -102.67 -23.17
CA LEU J 130 31.11 -101.59 -22.23
C LEU J 130 31.99 -100.37 -22.45
N VAL J 131 32.86 -100.40 -23.46
CA VAL J 131 33.75 -99.28 -23.75
C VAL J 131 33.26 -98.52 -24.97
N SER J 132 33.24 -99.18 -26.13
CA SER J 132 32.90 -98.50 -27.37
C SER J 132 31.47 -97.99 -27.37
N GLN J 133 30.59 -98.64 -26.60
CA GLN J 133 29.21 -98.16 -26.51
C GLN J 133 29.13 -96.80 -25.83
N HIS J 134 29.89 -96.60 -24.74
CA HIS J 134 29.70 -95.44 -23.89
C HIS J 134 30.99 -94.70 -23.59
N LEU J 135 32.06 -94.95 -24.36
CA LEU J 135 33.21 -94.06 -24.38
C LEU J 135 33.28 -93.26 -25.67
N ILE J 136 32.37 -93.52 -26.61
CA ILE J 136 32.17 -92.67 -27.78
C ILE J 136 30.97 -91.75 -27.59
N ARG J 137 29.97 -92.16 -26.80
CA ARG J 137 28.95 -91.22 -26.33
C ARG J 137 29.51 -89.88 -25.87
N PRO J 138 30.63 -89.84 -25.11
CA PRO J 138 31.31 -88.55 -24.91
C PRO J 138 31.35 -87.72 -26.18
N LEU J 139 31.62 -88.34 -27.33
CA LEU J 139 31.88 -87.54 -28.53
C LEU J 139 30.65 -86.75 -28.96
N MET J 140 29.61 -87.44 -29.47
CA MET J 140 28.46 -86.72 -30.00
C MET J 140 27.69 -86.03 -28.88
N GLY J 141 27.57 -86.67 -27.72
CA GLY J 141 26.92 -86.00 -26.60
C GLY J 141 27.62 -84.70 -26.25
N MET J 142 28.95 -84.70 -26.30
CA MET J 142 29.73 -83.55 -25.87
C MET J 142 29.60 -82.42 -26.86
N SER J 143 29.76 -82.73 -28.15
CA SER J 143 29.52 -81.73 -29.17
C SER J 143 28.11 -81.16 -29.05
N LEU J 144 27.10 -82.01 -29.21
CA LEU J 144 25.72 -81.57 -29.30
C LEU J 144 25.26 -80.83 -28.05
N ALA J 145 25.81 -81.15 -26.87
CA ALA J 145 25.43 -80.44 -25.66
C ALA J 145 26.25 -79.16 -25.48
N LEU J 146 27.57 -79.32 -25.37
CA LEU J 146 28.45 -78.21 -25.01
C LEU J 146 28.42 -77.11 -26.06
N GLN J 147 28.65 -77.46 -27.33
CA GLN J 147 28.86 -76.42 -28.33
C GLN J 147 27.59 -75.65 -28.64
N CYS J 148 26.45 -76.10 -28.15
CA CYS J 148 25.21 -75.35 -28.24
C CYS J 148 24.88 -74.59 -26.96
N GLN J 149 25.03 -75.21 -25.79
CA GLN J 149 24.64 -74.52 -24.57
C GLN J 149 25.62 -73.41 -24.22
N VAL J 150 26.92 -73.60 -24.47
CA VAL J 150 27.88 -72.54 -24.19
C VAL J 150 27.59 -71.32 -25.06
N ARG J 151 27.31 -71.55 -26.35
CA ARG J 151 26.99 -70.43 -27.23
C ARG J 151 25.65 -69.80 -26.87
N GLU J 152 24.69 -70.59 -26.39
CA GLU J 152 23.43 -70.00 -25.95
C GLU J 152 23.63 -69.14 -24.71
N LEU J 153 24.54 -69.53 -23.82
CA LEU J 153 24.86 -68.68 -22.68
C LEU J 153 25.57 -67.41 -23.13
N ALA J 154 26.41 -67.51 -24.17
CA ALA J 154 26.97 -66.32 -24.78
C ALA J 154 25.87 -65.42 -25.34
N THR J 155 24.86 -66.01 -25.97
CA THR J 155 23.73 -65.22 -26.46
C THR J 155 22.94 -64.61 -25.30
N LEU J 156 22.92 -65.27 -24.14
CA LEU J 156 22.32 -64.66 -22.96
C LEU J 156 23.10 -63.42 -22.54
N LEU J 157 24.43 -63.51 -22.55
CA LEU J 157 25.27 -62.31 -22.43
C LEU J 157 24.87 -61.25 -23.43
N HIS J 158 24.70 -61.63 -24.69
CA HIS J 158 24.40 -60.65 -25.73
C HIS J 158 23.05 -59.98 -25.50
N MET J 159 22.05 -60.76 -25.05
CA MET J 159 20.74 -60.18 -24.75
C MET J 159 20.79 -59.25 -23.54
N LYS J 160 21.57 -59.62 -22.51
CA LYS J 160 21.69 -58.72 -21.36
C LYS J 160 22.45 -57.45 -21.73
N ASP J 161 23.41 -57.56 -22.65
CA ASP J 161 24.12 -56.38 -23.13
C ASP J 161 23.20 -55.51 -24.00
N LEU J 162 22.31 -56.14 -24.75
CA LEU J 162 21.28 -55.38 -25.47
C LEU J 162 20.38 -54.66 -24.49
N GLU J 163 20.04 -55.30 -23.37
CA GLU J 163 19.28 -54.64 -22.32
C GLU J 163 20.04 -53.42 -21.78
N ILE J 164 21.34 -53.59 -21.52
CA ILE J 164 22.15 -52.47 -21.05
C ILE J 164 22.12 -51.32 -22.05
N GLN J 165 22.36 -51.63 -23.33
CA GLN J 165 22.52 -50.57 -24.32
C GLN J 165 21.18 -49.88 -24.60
N ASP J 166 20.08 -50.63 -24.65
CA ASP J 166 18.81 -49.97 -24.93
C ASP J 166 18.29 -49.21 -23.72
N TYR J 167 18.62 -49.65 -22.50
CA TYR J 167 18.34 -48.81 -21.34
C TYR J 167 19.16 -47.52 -21.40
N GLN J 168 20.45 -47.64 -21.73
CA GLN J 168 21.31 -46.46 -21.76
C GLN J 168 20.83 -45.45 -22.78
N GLU J 169 20.50 -45.91 -23.99
CA GLU J 169 19.99 -44.98 -25.00
C GLU J 169 18.57 -44.55 -24.70
N SER J 170 17.84 -45.29 -23.86
CA SER J 170 16.49 -44.94 -23.46
C SER J 170 16.45 -44.04 -22.23
N GLY J 171 17.60 -43.70 -21.66
CA GLY J 171 17.64 -42.82 -20.52
C GLY J 171 18.22 -43.44 -19.27
N ALA J 172 19.12 -44.41 -19.44
CA ALA J 172 19.82 -45.06 -18.34
C ALA J 172 21.32 -44.97 -18.55
N THR J 173 21.78 -43.75 -18.82
CA THR J 173 23.19 -43.51 -19.13
C THR J 173 24.07 -43.91 -17.96
N LEU J 174 25.34 -44.18 -18.28
CA LEU J 174 26.31 -44.59 -17.27
C LEU J 174 26.54 -43.48 -16.27
N ILE J 175 26.73 -43.86 -15.00
CA ILE J 175 27.07 -42.92 -13.95
C ILE J 175 28.47 -43.15 -13.42
N ARG J 176 28.93 -44.40 -13.37
CA ARG J 176 30.25 -44.72 -12.87
C ARG J 176 30.87 -45.86 -13.66
N ASP J 177 32.19 -46.00 -13.52
CA ASP J 177 32.93 -47.04 -14.23
C ASP J 177 32.51 -48.43 -13.80
N ARG J 178 32.05 -48.57 -12.55
CA ARG J 178 31.63 -49.88 -12.06
C ARG J 178 30.46 -50.44 -12.88
N LEU J 179 29.47 -49.59 -13.16
CA LEU J 179 28.33 -49.97 -13.98
C LEU J 179 28.44 -49.42 -15.40
N LYS J 180 29.65 -49.21 -15.89
CA LYS J 180 29.89 -48.87 -17.29
C LYS J 180 30.42 -50.14 -17.96
N THR J 181 29.53 -50.86 -18.64
CA THR J 181 29.94 -52.08 -19.33
C THR J 181 29.10 -52.19 -20.60
N GLU J 182 29.67 -51.74 -21.72
CA GLU J 182 29.00 -51.78 -23.00
C GLU J 182 28.94 -53.22 -23.51
N PRO J 183 28.12 -53.48 -24.53
CA PRO J 183 27.96 -54.86 -25.01
C PRO J 183 29.27 -55.57 -25.29
N PHE J 184 29.38 -56.80 -24.77
CA PHE J 184 30.52 -57.67 -24.98
C PHE J 184 30.01 -58.92 -25.69
N GLU J 185 30.67 -59.27 -26.79
CA GLU J 185 30.20 -60.37 -27.64
C GLU J 185 31.11 -61.58 -27.51
N GLU J 186 30.63 -62.71 -28.04
CA GLU J 186 31.37 -63.95 -28.01
C GLU J 186 32.41 -64.05 -29.11
N ASN J 187 32.29 -63.25 -30.18
CA ASN J 187 33.28 -63.31 -31.26
C ASN J 187 34.63 -62.80 -30.78
N SER J 188 34.68 -61.56 -30.29
CA SER J 188 35.93 -61.04 -29.73
C SER J 188 36.36 -61.83 -28.50
N PHE J 189 35.39 -62.41 -27.78
CA PHE J 189 35.72 -63.24 -26.64
C PHE J 189 36.52 -64.47 -27.06
N LEU J 190 36.05 -65.15 -28.11
CA LEU J 190 36.80 -66.28 -28.66
C LEU J 190 38.15 -65.83 -29.21
N GLU J 191 38.17 -64.66 -29.87
CA GLU J 191 39.42 -64.13 -30.42
C GLU J 191 40.47 -63.99 -29.32
N GLN J 192 40.10 -63.36 -28.21
CA GLN J 192 41.06 -63.16 -27.12
C GLN J 192 41.33 -64.46 -26.36
N PHE J 193 40.34 -65.36 -26.30
CA PHE J 193 40.49 -66.56 -25.48
C PHE J 193 41.41 -67.58 -26.16
N MET J 194 41.28 -67.72 -27.48
CA MET J 194 42.10 -68.70 -28.20
C MET J 194 43.58 -68.34 -28.18
N ILE J 195 43.91 -67.08 -27.90
CA ILE J 195 45.31 -66.66 -27.88
C ILE J 195 45.83 -66.37 -26.47
N GLU J 196 44.95 -66.06 -25.51
CA GLU J 196 45.37 -65.74 -24.15
C GLU J 196 44.98 -66.82 -23.16
N LYS J 197 43.69 -67.14 -23.08
CA LYS J 197 43.18 -68.05 -22.07
C LYS J 197 42.93 -69.46 -22.59
N LEU J 198 43.30 -69.73 -23.84
CA LEU J 198 43.18 -71.09 -24.36
C LEU J 198 44.08 -72.08 -23.62
N PRO J 199 45.40 -71.85 -23.47
CA PRO J 199 46.21 -72.82 -22.72
C PRO J 199 45.77 -72.98 -21.28
N GLU J 200 45.28 -71.91 -20.65
CA GLU J 200 44.70 -72.03 -19.32
C GLU J 200 43.49 -72.95 -19.33
N ALA J 201 42.68 -72.87 -20.38
CA ALA J 201 41.46 -73.66 -20.48
C ALA J 201 41.52 -74.67 -21.63
N CYS J 202 42.72 -75.05 -22.05
CA CYS J 202 42.94 -76.28 -22.81
C CYS J 202 44.11 -76.97 -22.10
N SER J 203 43.79 -77.69 -21.02
CA SER J 203 44.82 -78.37 -20.23
C SER J 203 44.12 -79.48 -19.45
N ILE J 204 44.23 -80.71 -19.95
CA ILE J 204 43.68 -81.85 -19.21
C ILE J 204 44.40 -82.00 -17.88
N GLY J 205 45.73 -81.89 -17.89
CA GLY J 205 46.52 -81.94 -16.69
C GLY J 205 46.38 -83.27 -15.98
N ASP J 206 46.44 -83.21 -14.64
CA ASP J 206 46.25 -84.38 -13.81
C ASP J 206 44.81 -84.51 -13.33
N GLY J 207 43.87 -83.88 -14.03
CA GLY J 207 42.48 -83.89 -13.63
C GLY J 207 42.07 -82.78 -12.69
N LYS J 208 42.85 -81.70 -12.61
CA LYS J 208 42.49 -80.60 -11.71
C LYS J 208 41.33 -79.79 -12.29
N PRO J 209 41.38 -79.32 -13.54
CA PRO J 209 40.20 -78.69 -14.13
C PRO J 209 39.31 -79.68 -14.88
N PHE J 210 39.76 -80.91 -15.06
CA PHE J 210 39.04 -81.95 -15.78
C PHE J 210 37.84 -82.48 -15.01
N VAL J 211 37.73 -82.19 -13.71
CA VAL J 211 36.73 -82.80 -12.86
C VAL J 211 35.83 -81.78 -12.17
N MET J 212 35.97 -80.50 -12.50
CA MET J 212 35.15 -79.48 -11.83
C MET J 212 34.27 -78.72 -12.81
N ASN J 213 34.82 -78.20 -13.92
CA ASN J 213 33.97 -77.71 -15.00
C ASN J 213 33.46 -78.82 -15.91
N LEU J 214 33.99 -80.03 -15.79
CA LEU J 214 33.74 -81.05 -16.79
C LEU J 214 33.01 -82.29 -16.28
N GLN J 215 32.89 -82.48 -14.97
CA GLN J 215 32.13 -83.64 -14.49
C GLN J 215 30.63 -83.45 -14.73
N ASP J 216 30.09 -82.29 -14.35
CA ASP J 216 28.67 -82.02 -14.60
C ASP J 216 28.44 -81.75 -16.08
N LEU J 217 29.40 -81.10 -16.73
CA LEU J 217 29.33 -80.93 -18.18
C LEU J 217 29.24 -82.29 -18.87
N TYR J 218 30.03 -83.26 -18.42
CA TYR J 218 30.03 -84.57 -19.05
C TYR J 218 28.82 -85.40 -18.67
N MET J 219 28.24 -85.18 -17.48
CA MET J 219 26.94 -85.77 -17.19
C MET J 219 25.87 -85.23 -18.13
N ALA J 220 25.89 -83.92 -18.40
CA ALA J 220 25.01 -83.37 -19.43
C ALA J 220 25.34 -83.96 -20.80
N VAL J 221 26.62 -84.26 -21.03
CA VAL J 221 27.05 -84.86 -22.30
C VAL J 221 26.41 -86.24 -22.47
N THR J 222 26.54 -87.08 -21.46
CA THR J 222 26.06 -88.45 -21.55
C THR J 222 24.54 -88.53 -21.50
N THR J 223 23.90 -87.63 -20.75
CA THR J 223 22.45 -87.57 -20.76
C THR J 223 21.94 -87.18 -22.14
N GLN J 224 22.61 -86.25 -22.79
CA GLN J 224 22.26 -85.84 -24.15
C GLN J 224 22.61 -86.93 -25.16
N LYS J 293 -82.33 -92.36 -41.37
CA LYS J 293 -81.67 -91.31 -42.13
C LYS J 293 -82.55 -90.07 -42.18
N PRO J 294 -81.94 -88.90 -42.40
CA PRO J 294 -82.74 -87.67 -42.49
C PRO J 294 -83.68 -87.68 -43.68
N ARG J 295 -84.97 -87.72 -43.40
CA ARG J 295 -86.00 -87.71 -44.44
C ARG J 295 -87.15 -86.82 -44.02
N GLY J 296 -87.75 -86.14 -44.99
CA GLY J 296 -88.88 -85.30 -44.72
C GLY J 296 -88.58 -84.20 -43.72
N LEU J 297 -89.10 -84.37 -42.51
CA LEU J 297 -88.81 -83.42 -41.44
C LEU J 297 -87.32 -83.36 -41.14
N PHE J 298 -86.66 -84.52 -41.08
CA PHE J 298 -85.24 -84.57 -40.73
C PHE J 298 -84.33 -84.25 -41.90
N SER J 299 -84.79 -84.43 -43.13
CA SER J 299 -83.97 -84.08 -44.29
C SER J 299 -83.90 -82.57 -44.47
N GLY K 34 68.53 -10.20 4.60
CA GLY K 34 67.87 -10.28 5.89
C GLY K 34 67.94 -11.66 6.52
N ARG K 35 66.98 -11.96 7.37
CA ARG K 35 66.93 -13.26 8.05
C ARG K 35 66.25 -14.29 7.15
N ASP K 36 65.94 -15.45 7.72
CA ASP K 36 65.22 -16.52 7.03
C ASP K 36 64.16 -17.08 7.96
N SER K 37 63.08 -17.57 7.35
CA SER K 37 61.94 -18.12 8.07
C SER K 37 61.74 -19.58 7.68
N LEU K 38 61.55 -20.42 8.68
CA LEU K 38 61.21 -21.82 8.43
C LEU K 38 60.16 -22.26 9.45
N ILE K 39 59.12 -22.91 8.96
CA ILE K 39 58.04 -23.41 9.80
C ILE K 39 57.95 -24.91 9.65
N PHE K 40 57.86 -25.60 10.77
CA PHE K 40 57.74 -27.05 10.81
C PHE K 40 56.27 -27.40 11.03
N LEU K 41 55.63 -27.91 9.98
CA LEU K 41 54.24 -28.32 10.04
C LEU K 41 54.17 -29.82 10.27
N VAL K 42 53.46 -30.24 11.31
CA VAL K 42 53.50 -31.61 11.79
C VAL K 42 52.10 -32.20 11.71
N ASP K 43 51.99 -33.35 11.04
CA ASP K 43 50.75 -34.10 11.07
C ASP K 43 50.53 -34.70 12.45
N ALA K 44 49.27 -34.90 12.79
CA ALA K 44 48.92 -35.53 14.05
C ALA K 44 47.80 -36.53 13.94
N SER K 45 47.31 -36.85 12.74
CA SER K 45 46.07 -37.61 12.61
C SER K 45 46.17 -38.98 13.26
N LYS K 46 46.92 -39.90 12.66
CA LYS K 46 47.28 -41.12 13.36
C LYS K 46 48.69 -41.63 13.06
N ALA K 47 49.25 -41.31 11.90
CA ALA K 47 50.45 -42.00 11.43
C ALA K 47 51.68 -41.59 12.20
N MET K 48 51.71 -40.38 12.75
CA MET K 48 52.86 -39.92 13.50
C MET K 48 53.10 -40.79 14.73
N PHE K 49 52.03 -41.08 15.47
CA PHE K 49 52.15 -41.97 16.63
C PHE K 49 52.35 -43.41 16.21
N GLU K 50 51.69 -43.83 15.12
CA GLU K 50 51.91 -45.16 14.59
C GLU K 50 53.35 -45.33 14.15
N SER K 51 53.91 -46.51 14.40
CA SER K 51 55.24 -46.86 13.92
C SER K 51 55.15 -48.10 13.04
N GLN K 52 56.18 -48.30 12.23
CA GLN K 52 56.22 -49.45 11.35
C GLN K 52 56.27 -50.75 12.14
N SER K 53 57.03 -50.78 13.22
CA SER K 53 57.12 -51.94 14.08
C SER K 53 56.67 -51.68 15.51
N GLU K 54 56.26 -50.44 15.82
CA GLU K 54 55.79 -50.05 17.15
C GLU K 54 56.84 -50.30 18.23
N ASP K 55 58.11 -50.38 17.85
CA ASP K 55 59.21 -50.49 18.80
C ASP K 55 60.34 -49.52 18.52
N GLU K 56 60.29 -48.80 17.40
CA GLU K 56 61.30 -47.83 17.01
C GLU K 56 60.70 -46.42 17.06
N LEU K 57 61.48 -45.45 16.59
CA LEU K 57 61.01 -44.07 16.57
C LEU K 57 59.77 -43.92 15.71
N THR K 58 58.83 -43.22 16.20
CA THR K 58 57.62 -42.96 15.44
C THR K 58 57.76 -41.71 14.60
N PRO K 59 57.04 -41.60 13.49
CA PRO K 59 57.08 -40.37 12.69
C PRO K 59 56.75 -39.13 13.52
N PHE K 60 56.15 -39.35 14.69
CA PHE K 60 55.95 -38.26 15.64
C PHE K 60 57.26 -37.89 16.33
N ASP K 61 57.85 -38.84 17.06
CA ASP K 61 58.99 -38.48 17.90
C ASP K 61 60.23 -38.17 17.06
N MET K 62 60.38 -38.82 15.91
CA MET K 62 61.52 -38.47 15.06
C MET K 62 61.42 -37.04 14.57
N SER K 63 60.20 -36.56 14.32
CA SER K 63 60.03 -35.15 14.01
C SER K 63 60.47 -34.29 15.19
N ILE K 64 60.17 -34.73 16.41
CA ILE K 64 60.62 -34.02 17.60
C ILE K 64 62.13 -33.91 17.61
N GLN K 65 62.80 -35.04 17.35
CA GLN K 65 64.26 -35.05 17.36
C GLN K 65 64.83 -34.16 16.28
N CYS K 66 64.26 -34.23 15.08
CA CYS K 66 64.75 -33.41 13.98
C CYS K 66 64.60 -31.94 14.30
N ILE K 67 63.46 -31.55 14.87
CA ILE K 67 63.24 -30.15 15.18
C ILE K 67 64.18 -29.70 16.30
N GLN K 68 64.43 -30.58 17.27
CA GLN K 68 65.39 -30.24 18.31
C GLN K 68 66.77 -30.02 17.73
N SER K 69 67.19 -30.89 16.80
CA SER K 69 68.49 -30.72 16.17
C SER K 69 68.54 -29.42 15.38
N VAL K 70 67.45 -29.10 14.68
CA VAL K 70 67.40 -27.86 13.92
C VAL K 70 67.52 -26.67 14.86
N TYR K 71 66.84 -26.73 16.00
CA TYR K 71 66.92 -25.67 16.99
C TYR K 71 68.36 -25.49 17.45
N ILE K 72 69.04 -26.59 17.75
CA ILE K 72 70.41 -26.50 18.23
C ILE K 72 71.30 -25.89 17.15
N SER K 73 71.13 -26.35 15.92
CA SER K 73 71.96 -25.87 14.82
C SER K 73 71.73 -24.38 14.57
N LYS K 74 70.48 -23.93 14.68
CA LYS K 74 70.21 -22.51 14.48
C LYS K 74 70.77 -21.68 15.63
N ILE K 75 70.62 -22.16 16.86
CA ILE K 75 71.18 -21.45 18.01
C ILE K 75 72.68 -21.28 17.84
N ILE K 76 73.37 -22.36 17.46
CA ILE K 76 74.81 -22.28 17.26
C ILE K 76 75.14 -21.36 16.09
N SER K 77 74.42 -21.52 14.99
CA SER K 77 74.78 -20.85 13.75
C SER K 77 74.23 -19.42 13.71
N SER K 78 72.91 -19.29 13.71
CA SER K 78 72.29 -17.97 13.56
C SER K 78 70.92 -18.02 14.22
N ASP K 79 70.84 -17.50 15.44
CA ASP K 79 69.56 -17.41 16.11
C ASP K 79 68.66 -16.37 15.49
N ARG K 80 69.21 -15.42 14.74
CA ARG K 80 68.41 -14.32 14.19
C ARG K 80 67.32 -14.82 13.26
N ASP K 81 67.44 -16.04 12.73
CA ASP K 81 66.37 -16.62 11.93
C ASP K 81 65.20 -17.05 12.82
N LEU K 82 64.03 -17.14 12.20
CA LEU K 82 62.79 -17.43 12.89
C LEU K 82 62.31 -18.83 12.55
N LEU K 83 61.86 -19.55 13.56
CA LEU K 83 61.40 -20.93 13.43
C LEU K 83 60.05 -21.09 14.11
N ALA K 84 59.12 -21.76 13.45
CA ALA K 84 57.78 -21.97 13.97
C ALA K 84 57.38 -23.44 13.81
N VAL K 85 56.54 -23.90 14.74
CA VAL K 85 56.09 -25.28 14.76
C VAL K 85 54.58 -25.30 14.95
N VAL K 86 53.88 -26.08 14.12
CA VAL K 86 52.43 -26.14 14.13
C VAL K 86 52.00 -27.59 13.93
N PHE K 87 50.91 -27.97 14.59
CA PHE K 87 50.31 -29.29 14.46
C PHE K 87 48.95 -29.16 13.79
N TYR K 88 48.65 -30.12 12.92
CA TYR K 88 47.36 -30.17 12.25
C TYR K 88 46.80 -31.59 12.32
N GLY K 89 45.49 -31.69 12.12
CA GLY K 89 44.79 -32.96 12.21
C GLY K 89 44.41 -33.36 13.61
N THR K 90 44.74 -32.55 14.62
CA THR K 90 44.40 -32.87 15.99
C THR K 90 42.93 -32.55 16.26
N GLU K 91 42.51 -32.81 17.50
CA GLU K 91 41.13 -32.59 17.91
C GLU K 91 40.88 -31.17 18.37
N LYS K 92 41.90 -30.32 18.38
CA LYS K 92 41.76 -28.95 18.82
C LYS K 92 42.52 -28.06 17.84
N ASP K 93 42.71 -26.80 18.22
CA ASP K 93 43.47 -25.86 17.41
C ASP K 93 43.87 -24.68 18.30
N LYS K 94 44.86 -23.94 17.83
CA LYS K 94 45.32 -22.76 18.55
C LYS K 94 45.54 -21.56 17.65
N ASN K 95 45.32 -21.69 16.35
CA ASN K 95 45.57 -20.59 15.43
C ASN K 95 44.62 -19.43 15.73
N SER K 96 45.15 -18.21 15.63
CA SER K 96 44.32 -17.03 15.83
C SER K 96 43.22 -16.95 14.79
N VAL K 97 43.49 -17.42 13.57
CA VAL K 97 42.48 -17.43 12.52
C VAL K 97 41.33 -18.36 12.84
N ASN K 98 41.47 -19.18 13.89
CA ASN K 98 40.42 -20.08 14.34
C ASN K 98 40.02 -21.06 13.24
N PHE K 99 41.00 -21.85 12.84
CA PHE K 99 40.79 -22.97 11.92
C PHE K 99 40.95 -24.26 12.71
N LYS K 100 39.90 -25.06 12.75
CA LYS K 100 39.87 -26.24 13.59
C LYS K 100 40.88 -27.29 13.11
N ASN K 101 41.28 -28.14 14.04
CA ASN K 101 42.17 -29.29 13.85
C ASN K 101 43.61 -28.86 13.62
N ILE K 102 43.90 -27.57 13.61
CA ILE K 102 45.22 -27.05 13.27
C ILE K 102 45.73 -26.30 14.49
N TYR K 103 46.58 -26.93 15.27
CA TYR K 103 47.08 -26.36 16.51
C TYR K 103 48.48 -25.80 16.28
N VAL K 104 48.65 -24.51 16.53
CA VAL K 104 49.94 -23.86 16.44
C VAL K 104 50.63 -23.96 17.79
N LEU K 105 51.92 -24.31 17.77
CA LEU K 105 52.69 -24.39 19.01
C LEU K 105 53.48 -23.11 19.28
N GLN K 106 54.39 -22.75 18.39
CA GLN K 106 55.25 -21.60 18.59
C GLN K 106 55.31 -20.77 17.31
N GLU K 107 55.45 -19.47 17.49
CA GLU K 107 55.49 -18.55 16.37
C GLU K 107 56.86 -18.57 15.70
N LEU K 108 56.92 -17.99 14.51
CA LEU K 108 58.21 -17.82 13.84
C LEU K 108 59.07 -16.94 14.71
N ASP K 109 60.12 -17.51 15.29
CA ASP K 109 60.90 -16.81 16.30
C ASP K 109 62.27 -17.45 16.38
N ASN K 110 63.19 -16.73 17.00
CA ASN K 110 64.52 -17.26 17.24
C ASN K 110 64.41 -18.52 18.09
N PRO K 111 65.26 -19.51 17.84
CA PRO K 111 65.17 -20.76 18.62
C PRO K 111 65.45 -20.55 20.09
N GLY K 112 64.43 -20.73 20.91
CA GLY K 112 64.56 -20.60 22.36
C GLY K 112 64.67 -21.98 23.00
N ALA K 113 65.51 -22.08 24.03
CA ALA K 113 65.68 -23.35 24.70
C ALA K 113 64.38 -23.84 25.32
N LYS K 114 63.53 -22.92 25.77
CA LYS K 114 62.26 -23.30 26.37
C LYS K 114 61.37 -23.99 25.34
N ARG K 115 61.43 -23.53 24.09
CA ARG K 115 60.75 -24.25 23.01
C ARG K 115 61.26 -25.68 22.92
N ILE K 116 62.57 -25.87 23.02
CA ILE K 116 63.13 -27.22 22.95
C ILE K 116 62.67 -28.05 24.14
N LEU K 117 62.56 -27.43 25.32
CA LEU K 117 62.15 -28.17 26.50
C LEU K 117 60.71 -28.62 26.39
N GLU K 118 59.80 -27.70 26.03
CA GLU K 118 58.41 -28.08 25.85
C GLU K 118 58.25 -29.06 24.70
N LEU K 119 59.16 -29.02 23.73
CA LEU K 119 59.12 -29.98 22.63
C LEU K 119 59.54 -31.36 23.09
N ASP K 120 60.62 -31.45 23.86
CA ASP K 120 61.07 -32.72 24.43
C ASP K 120 60.06 -33.26 25.42
N GLN K 121 59.20 -32.40 25.97
CA GLN K 121 58.12 -32.88 26.81
C GLN K 121 57.21 -33.85 26.08
N PHE K 122 57.20 -33.80 24.75
CA PHE K 122 56.44 -34.75 23.94
C PHE K 122 57.38 -35.50 22.99
N LYS K 123 58.51 -35.94 23.51
CA LYS K 123 59.52 -36.64 22.74
C LYS K 123 59.58 -38.10 23.20
N GLY K 124 59.72 -39.00 22.24
CA GLY K 124 59.75 -40.42 22.50
C GLY K 124 58.37 -41.03 22.50
N GLN K 125 58.35 -42.37 22.50
CA GLN K 125 57.08 -43.10 22.48
C GLN K 125 56.23 -42.81 23.71
N GLN K 126 56.85 -42.40 24.81
CA GLN K 126 56.09 -41.96 25.98
C GLN K 126 55.87 -40.46 25.99
N GLY K 127 56.71 -39.69 25.29
CA GLY K 127 56.42 -38.27 25.13
C GLY K 127 55.15 -38.05 24.32
N GLN K 128 54.99 -38.79 23.23
CA GLN K 128 53.72 -38.76 22.51
C GLN K 128 52.59 -39.35 23.33
N LYS K 129 52.89 -40.20 24.32
CA LYS K 129 51.86 -40.58 25.27
C LYS K 129 51.36 -39.37 26.03
N ARG K 130 52.29 -38.52 26.51
CA ARG K 130 51.89 -37.31 27.20
C ARG K 130 51.14 -36.37 26.25
N PHE K 131 51.57 -36.31 24.99
CA PHE K 131 50.84 -35.55 23.99
C PHE K 131 49.39 -36.00 23.88
N GLN K 132 49.20 -37.31 23.74
CA GLN K 132 47.86 -37.87 23.67
C GLN K 132 47.11 -37.73 24.99
N ASP K 133 47.82 -37.49 26.08
CA ASP K 133 47.15 -37.19 27.35
C ASP K 133 46.59 -35.77 27.33
N MET K 134 47.46 -34.78 27.15
CA MET K 134 47.03 -33.39 27.19
C MET K 134 46.47 -32.91 25.86
N MET K 135 46.46 -33.75 24.84
CA MET K 135 45.98 -33.38 23.51
C MET K 135 45.59 -34.69 22.82
N GLY K 136 45.32 -34.62 21.53
CA GLY K 136 44.94 -35.83 20.82
C GLY K 136 44.78 -35.63 19.33
N HIS K 137 43.86 -36.37 18.74
CA HIS K 137 43.58 -36.28 17.31
C HIS K 137 42.26 -36.97 17.03
N GLY K 138 41.99 -37.22 15.76
CA GLY K 138 40.76 -37.86 15.33
C GLY K 138 39.92 -37.03 14.38
N SER K 139 40.34 -35.82 14.04
CA SER K 139 39.59 -34.93 13.16
C SER K 139 40.42 -34.61 11.93
N ASP K 140 39.78 -34.66 10.77
CA ASP K 140 40.49 -34.41 9.52
C ASP K 140 40.98 -32.97 9.47
N TYR K 141 42.15 -32.79 8.87
CA TYR K 141 42.75 -31.48 8.69
C TYR K 141 42.34 -30.93 7.32
N SER K 142 42.82 -29.73 7.01
CA SER K 142 42.61 -29.12 5.70
C SER K 142 43.91 -28.48 5.27
N LEU K 143 44.54 -29.04 4.24
CA LEU K 143 45.80 -28.47 3.74
C LEU K 143 45.60 -27.03 3.28
N SER K 144 44.47 -26.73 2.67
CA SER K 144 44.20 -25.35 2.30
C SER K 144 44.20 -24.45 3.52
N GLU K 145 43.55 -24.90 4.60
CA GLU K 145 43.50 -24.11 5.81
C GLU K 145 44.87 -23.95 6.45
N VAL K 146 45.67 -25.02 6.48
CA VAL K 146 46.98 -24.91 7.12
C VAL K 146 47.89 -24.01 6.29
N LEU K 147 47.78 -24.08 4.96
CA LEU K 147 48.53 -23.16 4.11
C LEU K 147 48.10 -21.72 4.35
N TRP K 148 46.80 -21.51 4.50
CA TRP K 148 46.30 -20.19 4.87
C TRP K 148 46.95 -19.72 6.17
N VAL K 149 46.97 -20.59 7.17
CA VAL K 149 47.49 -20.21 8.48
C VAL K 149 48.97 -19.86 8.40
N CYS K 150 49.75 -20.70 7.73
CA CYS K 150 51.18 -20.43 7.65
C CYS K 150 51.46 -19.21 6.79
N ALA K 151 50.64 -18.95 5.78
CA ALA K 151 50.78 -17.72 5.02
C ALA K 151 50.56 -16.51 5.91
N ASN K 152 49.55 -16.56 6.77
CA ASN K 152 49.36 -15.49 7.74
C ASN K 152 50.58 -15.38 8.64
N LEU K 153 51.11 -16.51 9.08
CA LEU K 153 52.25 -16.50 9.98
C LEU K 153 53.44 -15.82 9.33
N PHE K 154 53.72 -16.16 8.08
CA PHE K 154 54.77 -15.46 7.35
C PHE K 154 54.45 -13.99 7.19
N SER K 155 53.17 -13.66 7.04
CA SER K 155 52.78 -12.25 6.99
C SER K 155 53.09 -11.54 8.30
N ASP K 156 53.11 -12.29 9.40
CA ASP K 156 53.42 -11.70 10.70
C ASP K 156 54.89 -11.34 10.86
N VAL K 157 55.74 -11.75 9.93
CA VAL K 157 57.16 -11.44 10.04
C VAL K 157 57.38 -9.95 9.83
N GLN K 158 58.22 -9.35 10.67
CA GLN K 158 58.58 -7.94 10.56
C GLN K 158 60.00 -7.74 10.06
N PHE K 159 60.59 -8.77 9.46
CA PHE K 159 61.99 -8.74 9.07
C PHE K 159 62.15 -9.29 7.67
N LYS K 160 63.24 -8.89 7.02
CA LYS K 160 63.54 -9.36 5.67
C LYS K 160 63.85 -10.85 5.73
N MET K 161 62.97 -11.66 5.14
CA MET K 161 63.18 -13.10 5.08
C MET K 161 63.85 -13.43 3.76
N SER K 162 65.12 -13.83 3.83
CA SER K 162 65.82 -14.25 2.63
C SER K 162 65.08 -15.38 1.93
N HIS K 163 64.44 -16.26 2.68
CA HIS K 163 63.68 -17.35 2.12
C HIS K 163 62.50 -17.64 3.02
N LYS K 164 61.47 -18.25 2.44
CA LYS K 164 60.25 -18.61 3.16
C LYS K 164 60.09 -20.13 3.02
N ARG K 165 60.74 -20.86 3.90
CA ARG K 165 60.77 -22.31 3.86
C ARG K 165 59.71 -22.87 4.80
N ILE K 166 59.08 -23.96 4.38
CA ILE K 166 58.12 -24.67 5.22
C ILE K 166 58.53 -26.13 5.33
N MET K 167 58.52 -26.65 6.55
CA MET K 167 58.88 -28.01 6.84
C MET K 167 57.61 -28.79 7.16
N LEU K 168 57.38 -29.88 6.43
CA LEU K 168 56.18 -30.69 6.59
C LEU K 168 56.54 -32.07 7.10
N PHE K 169 55.84 -32.52 8.15
CA PHE K 169 56.09 -33.80 8.79
C PHE K 169 54.84 -34.65 8.66
N THR K 170 54.80 -35.47 7.62
CA THR K 170 53.71 -36.42 7.40
C THR K 170 54.19 -37.46 6.40
N ASN K 171 53.37 -38.49 6.21
CA ASN K 171 53.70 -39.57 5.31
C ASN K 171 52.60 -39.91 4.33
N GLU K 172 51.47 -39.20 4.37
CA GLU K 172 50.32 -39.50 3.53
C GLU K 172 49.86 -38.25 2.80
N ASP K 173 49.24 -38.45 1.63
CA ASP K 173 48.75 -37.35 0.82
C ASP K 173 47.31 -37.59 0.42
N ASN K 174 46.94 -38.85 0.32
CA ASN K 174 45.63 -39.31 -0.11
C ASN K 174 44.47 -38.88 0.80
N PRO K 175 44.68 -38.57 2.09
CA PRO K 175 43.58 -37.95 2.85
C PRO K 175 42.98 -36.74 2.16
N HIS K 176 43.80 -35.91 1.53
CA HIS K 176 43.34 -34.86 0.63
C HIS K 176 43.42 -35.25 -0.83
N GLY K 177 44.23 -36.25 -1.19
CA GLY K 177 44.21 -36.76 -2.54
C GLY K 177 42.90 -37.44 -2.94
N ASN K 178 42.05 -37.75 -1.96
CA ASN K 178 40.78 -38.42 -2.21
C ASN K 178 39.68 -37.42 -2.56
N ASP K 179 39.42 -36.46 -1.67
CA ASP K 179 38.44 -35.43 -1.93
C ASP K 179 39.07 -34.40 -2.86
N SER K 180 38.63 -34.38 -4.12
CA SER K 180 39.22 -33.50 -5.11
C SER K 180 38.91 -32.03 -4.83
N ALA K 181 37.84 -31.73 -4.10
CA ALA K 181 37.52 -30.34 -3.79
C ALA K 181 38.63 -29.71 -2.96
N LYS K 182 38.85 -30.24 -1.76
CA LYS K 182 39.94 -29.78 -0.91
C LYS K 182 41.29 -29.98 -1.59
N ALA K 183 41.43 -31.00 -2.43
CA ALA K 183 42.69 -31.23 -3.12
C ALA K 183 43.02 -30.08 -4.05
N SER K 184 42.08 -29.71 -4.93
CA SER K 184 42.31 -28.60 -5.85
C SER K 184 42.41 -27.29 -5.10
N ARG K 185 41.63 -27.14 -4.02
CA ARG K 185 41.73 -25.95 -3.19
C ARG K 185 43.14 -25.78 -2.65
N ALA K 186 43.70 -26.85 -2.10
CA ALA K 186 45.06 -26.80 -1.56
C ALA K 186 46.09 -26.61 -2.67
N ARG K 187 45.86 -27.19 -3.84
CA ARG K 187 46.76 -26.96 -4.96
C ARG K 187 46.78 -25.50 -5.35
N THR K 188 45.61 -24.87 -5.42
CA THR K 188 45.53 -23.46 -5.72
C THR K 188 46.25 -22.64 -4.66
N LYS K 189 46.03 -22.97 -3.39
CA LYS K 189 46.66 -22.21 -2.32
C LYS K 189 48.18 -22.37 -2.37
N ALA K 190 48.68 -23.57 -2.64
CA ALA K 190 50.11 -23.80 -2.73
C ALA K 190 50.71 -23.05 -3.92
N GLY K 191 49.99 -23.01 -5.04
CA GLY K 191 50.42 -22.19 -6.15
C GLY K 191 50.54 -20.73 -5.75
N ASP K 192 49.56 -20.24 -5.00
CA ASP K 192 49.63 -18.86 -4.51
C ASP K 192 50.85 -18.66 -3.63
N LEU K 193 51.13 -19.61 -2.74
CA LEU K 193 52.29 -19.51 -1.88
C LEU K 193 53.57 -19.47 -2.70
N ARG K 194 53.64 -20.27 -3.76
CA ARG K 194 54.78 -20.22 -4.66
C ARG K 194 54.90 -18.85 -5.31
N ASP K 195 53.77 -18.26 -5.67
CA ASP K 195 53.79 -16.89 -6.18
C ASP K 195 54.38 -15.94 -5.16
N THR K 196 54.04 -16.15 -3.88
CA THR K 196 54.62 -15.35 -2.81
C THR K 196 56.10 -15.65 -2.59
N GLY K 197 56.62 -16.70 -3.24
CA GLY K 197 58.00 -17.08 -3.02
C GLY K 197 58.23 -17.99 -1.84
N ILE K 198 57.20 -18.69 -1.39
CA ILE K 198 57.33 -19.62 -0.27
C ILE K 198 58.03 -20.88 -0.75
N PHE K 199 59.12 -21.24 -0.08
CA PHE K 199 59.91 -22.42 -0.46
C PHE K 199 59.37 -23.61 0.32
N LEU K 200 58.23 -24.11 -0.14
CA LEU K 200 57.60 -25.25 0.50
C LEU K 200 58.45 -26.50 0.33
N ASP K 201 58.55 -27.29 1.41
CA ASP K 201 59.31 -28.54 1.35
C ASP K 201 58.56 -29.61 2.14
N LEU K 202 58.81 -30.86 1.75
CA LEU K 202 58.20 -32.02 2.37
C LEU K 202 59.29 -33.06 2.65
N MET K 203 59.06 -33.88 3.67
CA MET K 203 60.06 -34.81 4.15
C MET K 203 59.54 -36.25 4.01
N HIS K 204 60.29 -37.08 3.29
CA HIS K 204 60.00 -38.51 3.27
C HIS K 204 59.96 -39.06 4.69
N LEU K 205 58.80 -39.50 5.15
CA LEU K 205 58.59 -39.83 6.55
C LEU K 205 58.21 -41.29 6.69
N LYS K 206 58.50 -41.82 7.88
CA LYS K 206 58.31 -43.24 8.15
C LYS K 206 56.86 -43.65 7.97
N LYS K 207 56.64 -44.62 7.09
CA LYS K 207 55.30 -45.13 6.85
C LYS K 207 55.42 -46.59 6.43
N PRO K 208 54.63 -47.49 7.01
CA PRO K 208 54.72 -48.90 6.63
C PRO K 208 54.10 -49.18 5.27
N GLY K 209 53.75 -48.12 4.53
CA GLY K 209 53.17 -48.27 3.21
C GLY K 209 53.79 -47.36 2.17
N GLY K 210 55.04 -46.98 2.37
CA GLY K 210 55.71 -46.08 1.46
C GLY K 210 55.29 -44.64 1.67
N PHE K 211 56.06 -43.73 1.09
CA PHE K 211 55.77 -42.32 1.30
C PHE K 211 54.56 -41.85 0.51
N ASP K 212 54.21 -42.54 -0.59
CA ASP K 212 52.96 -42.32 -1.31
C ASP K 212 52.85 -40.88 -1.84
N ILE K 213 53.76 -40.56 -2.75
CA ILE K 213 53.72 -39.28 -3.44
C ILE K 213 53.41 -39.51 -4.91
N SER K 214 53.34 -38.43 -5.68
CA SER K 214 52.85 -38.41 -7.06
C SER K 214 51.38 -38.79 -7.15
N LEU K 215 50.72 -38.98 -6.01
CA LEU K 215 49.29 -39.24 -5.93
C LEU K 215 48.52 -37.97 -5.64
N PHE K 216 48.85 -37.31 -4.53
CA PHE K 216 48.38 -35.97 -4.23
C PHE K 216 49.52 -34.97 -4.17
N TYR K 217 50.76 -35.43 -4.10
CA TYR K 217 51.95 -34.58 -4.13
C TYR K 217 52.64 -34.72 -5.48
N ARG K 218 53.82 -34.10 -5.59
CA ARG K 218 54.62 -34.00 -6.80
C ARG K 218 53.92 -33.16 -7.87
N ASP K 219 52.68 -32.73 -7.63
CA ASP K 219 51.98 -31.78 -8.46
C ASP K 219 51.57 -30.56 -7.67
N ILE K 220 51.86 -30.54 -6.37
CA ILE K 220 51.47 -29.45 -5.49
C ILE K 220 52.65 -28.86 -4.72
N ILE K 221 53.78 -29.55 -4.64
CA ILE K 221 54.88 -29.08 -3.82
C ILE K 221 55.67 -28.02 -4.57
N SER K 222 56.34 -27.16 -3.78
CA SER K 222 57.27 -26.17 -4.33
C SER K 222 58.52 -26.93 -4.76
N ILE K 223 58.57 -27.31 -6.03
CA ILE K 223 59.66 -28.14 -6.54
C ILE K 223 60.13 -27.58 -7.87
N ALA K 224 61.44 -27.65 -8.10
CA ALA K 224 62.02 -27.23 -9.37
C ALA K 224 63.09 -28.19 -9.86
N GLU K 225 63.33 -29.30 -9.15
CA GLU K 225 64.33 -30.28 -9.54
C GLU K 225 63.79 -31.67 -9.31
N ASP K 226 64.30 -32.63 -10.08
CA ASP K 226 63.86 -34.02 -9.97
C ASP K 226 64.75 -34.76 -8.99
N GLU K 227 64.16 -35.20 -7.88
CA GLU K 227 64.85 -36.04 -6.91
C GLU K 227 64.24 -37.43 -6.85
N ASP K 228 62.94 -37.53 -6.58
CA ASP K 228 62.25 -38.81 -6.56
C ASP K 228 60.73 -38.57 -6.63
N LEU K 229 60.07 -39.21 -7.60
CA LEU K 229 58.63 -39.06 -7.76
C LEU K 229 57.90 -40.40 -7.69
N ARG K 230 58.58 -41.46 -7.27
CA ARG K 230 57.98 -42.78 -7.22
C ARG K 230 57.18 -42.93 -5.92
N VAL K 231 56.76 -44.15 -5.62
CA VAL K 231 55.93 -44.44 -4.45
C VAL K 231 56.86 -44.99 -3.38
N HIS K 232 58.13 -44.59 -3.44
CA HIS K 232 59.22 -45.20 -2.68
C HIS K 232 58.81 -45.63 -1.29
N PHE K 233 59.10 -46.89 -0.98
CA PHE K 233 58.92 -47.42 0.35
C PHE K 233 60.00 -46.92 1.31
N GLU K 234 60.79 -45.94 0.89
CA GLU K 234 61.74 -45.32 1.79
C GLU K 234 60.99 -44.62 2.92
N GLU K 235 61.66 -44.50 4.07
CA GLU K 235 61.11 -43.79 5.20
C GLU K 235 61.83 -42.48 5.47
N SER K 236 62.94 -42.21 4.79
CA SER K 236 63.68 -40.97 4.95
C SER K 236 64.38 -40.63 3.65
N SER K 237 64.35 -39.35 3.30
CA SER K 237 65.15 -38.80 2.21
C SER K 237 66.32 -37.97 2.70
N LYS K 238 66.10 -37.16 3.74
CA LYS K 238 67.17 -36.36 4.31
C LYS K 238 67.02 -36.19 5.82
N LEU K 239 66.40 -37.15 6.51
CA LEU K 239 66.43 -37.10 7.97
C LEU K 239 67.83 -37.28 8.52
N GLU K 240 68.71 -37.91 7.74
CA GLU K 240 70.05 -38.23 8.21
C GLU K 240 70.84 -36.97 8.54
N ASP K 241 71.05 -36.11 7.55
CA ASP K 241 71.76 -34.87 7.81
C ASP K 241 70.89 -33.86 8.56
N LEU K 242 69.56 -34.03 8.52
CA LEU K 242 68.70 -33.20 9.35
C LEU K 242 68.99 -33.41 10.82
N LEU K 243 69.13 -34.67 11.24
CA LEU K 243 69.50 -34.98 12.61
C LEU K 243 70.98 -34.72 12.87
N ARG K 244 71.78 -34.63 11.82
CA ARG K 244 73.20 -34.36 11.98
C ARG K 244 73.41 -33.01 12.66
N LYS K 245 74.12 -33.03 13.79
CA LYS K 245 74.33 -31.83 14.58
C LYS K 245 75.64 -31.19 14.14
N VAL K 246 75.53 -30.12 13.36
CA VAL K 246 76.69 -29.34 12.92
C VAL K 246 76.75 -28.08 13.77
N ARG K 247 77.89 -27.85 14.41
CA ARG K 247 78.08 -26.73 15.31
C ARG K 247 79.10 -25.76 14.71
N ALA K 248 78.62 -24.72 14.06
CA ALA K 248 79.47 -23.65 13.55
C ALA K 248 78.63 -22.40 13.40
N LYS K 249 79.27 -21.30 13.02
CA LYS K 249 78.63 -20.00 13.03
C LYS K 249 77.97 -19.65 11.71
N GLU K 250 78.69 -19.78 10.59
CA GLU K 250 78.19 -19.45 9.26
C GLU K 250 77.76 -17.98 9.19
N THR K 251 78.75 -17.10 9.33
CA THR K 251 78.51 -15.69 9.13
C THR K 251 78.04 -15.43 7.71
N ARG K 252 77.03 -14.57 7.58
CA ARG K 252 76.55 -14.17 6.26
C ARG K 252 77.65 -13.41 5.52
N LYS K 253 77.61 -13.48 4.20
CA LYS K 253 78.61 -12.80 3.39
C LYS K 253 78.49 -11.30 3.56
N ARG K 254 79.57 -10.67 4.03
CA ARG K 254 79.64 -9.23 4.15
C ARG K 254 80.99 -8.78 3.63
N ALA K 255 81.00 -7.73 2.82
CA ALA K 255 82.25 -7.19 2.29
C ALA K 255 83.14 -6.74 3.43
N LEU K 256 84.27 -7.43 3.62
CA LEU K 256 85.17 -7.05 4.70
C LEU K 256 85.68 -5.63 4.50
N SER K 257 85.93 -5.24 3.25
CA SER K 257 86.19 -3.82 2.99
C SER K 257 85.92 -3.51 1.52
N ARG K 258 85.33 -2.33 1.30
CA ARG K 258 85.13 -1.80 -0.05
C ARG K 258 86.32 -0.91 -0.41
N LEU K 259 87.44 -1.56 -0.66
CA LEU K 259 88.68 -0.82 -0.83
C LEU K 259 88.76 -0.22 -2.23
N LYS K 260 89.67 0.73 -2.39
CA LYS K 260 89.91 1.39 -3.67
C LYS K 260 91.39 1.22 -4.02
N LEU K 261 91.66 0.36 -5.00
CA LEU K 261 93.02 0.17 -5.47
C LEU K 261 93.41 1.31 -6.39
N LYS K 262 94.45 2.05 -5.99
CA LYS K 262 95.00 3.13 -6.78
C LYS K 262 96.27 2.64 -7.44
N LEU K 263 96.32 2.72 -8.77
CA LEU K 263 97.48 2.19 -9.48
C LEU K 263 98.69 3.10 -9.32
N ASN K 264 98.60 4.33 -9.82
CA ASN K 264 99.69 5.29 -9.68
C ASN K 264 99.27 6.47 -8.80
N LYS K 265 98.30 7.27 -9.23
CA LYS K 265 97.62 8.22 -8.37
C LYS K 265 96.15 8.38 -8.69
N ASP K 266 95.69 7.96 -9.87
CA ASP K 266 94.34 8.27 -10.32
C ASP K 266 93.63 7.11 -10.99
N ILE K 267 94.33 6.06 -11.39
CA ILE K 267 93.65 4.91 -11.99
C ILE K 267 93.22 4.02 -10.83
N VAL K 268 92.05 4.30 -10.28
CA VAL K 268 91.57 3.67 -9.07
C VAL K 268 90.32 2.86 -9.40
N ILE K 269 90.23 1.67 -8.82
CA ILE K 269 89.08 0.81 -9.00
C ILE K 269 88.56 0.35 -7.64
N SER K 270 87.27 0.03 -7.60
CA SER K 270 86.67 -0.52 -6.40
C SER K 270 86.96 -2.02 -6.33
N VAL K 271 87.29 -2.49 -5.14
CA VAL K 271 87.62 -3.89 -4.92
C VAL K 271 86.96 -4.36 -3.63
N GLY K 272 86.35 -5.54 -3.69
CA GLY K 272 85.78 -6.15 -2.51
C GLY K 272 86.78 -7.05 -1.83
N ILE K 273 87.16 -6.73 -0.61
CA ILE K 273 88.11 -7.53 0.15
C ILE K 273 87.33 -8.33 1.18
N TYR K 274 87.63 -9.62 1.24
CA TYR K 274 86.92 -10.57 2.07
C TYR K 274 87.90 -11.47 2.81
N ASN K 275 87.43 -12.06 3.89
CA ASN K 275 88.20 -13.02 4.67
C ASN K 275 87.52 -14.38 4.53
N LEU K 276 87.88 -15.10 3.47
CA LEU K 276 87.34 -16.45 3.28
C LEU K 276 87.78 -17.39 4.38
N VAL K 277 88.82 -17.04 5.13
CA VAL K 277 89.25 -17.76 6.31
C VAL K 277 89.18 -16.79 7.49
N GLN K 278 88.57 -17.24 8.58
CA GLN K 278 88.42 -16.36 9.73
C GLN K 278 88.43 -17.18 11.01
N LYS K 279 89.30 -16.81 11.93
CA LYS K 279 89.38 -17.51 13.21
C LYS K 279 88.09 -17.34 13.99
N ALA K 280 87.55 -18.45 14.47
CA ALA K 280 86.36 -18.43 15.30
C ALA K 280 86.76 -18.28 16.75
N LEU K 281 85.91 -17.59 17.52
CA LEU K 281 86.21 -17.27 18.90
C LEU K 281 85.02 -17.61 19.79
N LYS K 282 85.33 -17.89 21.05
CA LYS K 282 84.28 -18.19 22.01
C LYS K 282 83.40 -16.97 22.23
N PRO K 283 82.09 -17.15 22.34
CA PRO K 283 81.18 -16.01 22.52
C PRO K 283 81.54 -15.22 23.76
N PRO K 284 81.38 -13.91 23.74
CA PRO K 284 81.85 -13.07 24.83
C PRO K 284 81.15 -13.42 26.14
N PRO K 285 81.86 -13.37 27.25
CA PRO K 285 81.22 -13.57 28.55
C PRO K 285 80.26 -12.43 28.86
N ILE K 286 79.24 -12.76 29.66
CA ILE K 286 78.19 -11.80 30.02
C ILE K 286 78.27 -11.55 31.51
N LYS K 287 78.26 -10.28 31.90
CA LYS K 287 78.28 -9.90 33.30
C LYS K 287 76.85 -9.91 33.83
N LEU K 288 76.63 -10.69 34.88
CA LEU K 288 75.30 -10.88 35.43
C LEU K 288 75.45 -11.33 36.87
N TYR K 289 74.38 -11.16 37.65
CA TYR K 289 74.42 -11.41 39.09
C TYR K 289 75.05 -12.71 39.54
N ARG K 290 75.56 -12.68 40.77
CA ARG K 290 75.82 -13.86 41.58
C ARG K 290 74.61 -14.20 42.45
N GLU K 291 73.51 -13.49 42.28
CA GLU K 291 72.32 -13.62 43.13
C GLU K 291 71.05 -13.92 42.35
N THR K 292 70.82 -13.25 41.21
CA THR K 292 69.66 -13.49 40.39
C THR K 292 70.02 -13.78 38.94
N ASN K 293 71.27 -13.59 38.56
CA ASN K 293 71.76 -13.86 37.21
C ASN K 293 71.03 -13.03 36.17
N GLU K 294 70.63 -11.85 36.54
CA GLU K 294 70.18 -11.02 35.44
C GLU K 294 71.35 -10.23 34.88
N PRO K 295 71.30 -9.85 33.61
CA PRO K 295 72.44 -9.14 33.01
C PRO K 295 72.74 -7.86 33.74
N VAL K 296 74.03 -7.57 33.90
CA VAL K 296 74.50 -6.40 34.62
C VAL K 296 75.38 -5.58 33.70
N LYS K 297 74.95 -4.36 33.42
CA LYS K 297 75.81 -3.42 32.73
C LYS K 297 76.79 -2.80 33.72
N THR K 298 77.96 -2.43 33.21
CA THR K 298 79.00 -1.84 34.03
C THR K 298 79.31 -0.44 33.55
N LYS K 299 80.26 0.20 34.22
CA LYS K 299 80.73 1.52 33.82
C LYS K 299 82.10 1.75 34.41
N THR K 300 83.06 2.08 33.56
CA THR K 300 84.40 2.43 34.00
C THR K 300 84.58 3.94 33.89
N ARG K 301 85.11 4.55 34.94
CA ARG K 301 85.34 5.98 34.97
C ARG K 301 86.73 6.26 35.51
N THR K 302 87.24 7.44 35.19
CA THR K 302 88.56 7.87 35.62
C THR K 302 88.41 8.84 36.78
N PHE K 303 89.11 8.56 37.87
CA PHE K 303 89.09 9.39 39.06
C PHE K 303 90.49 9.87 39.40
N ASN K 304 90.57 11.08 39.92
CA ASN K 304 91.85 11.64 40.33
C ASN K 304 92.32 10.88 41.55
N THR K 305 93.28 9.97 41.36
CA THR K 305 93.79 9.19 42.48
C THR K 305 94.35 10.10 43.56
N SER K 306 94.91 11.24 43.17
CA SER K 306 95.39 12.22 44.14
C SER K 306 94.25 12.98 44.80
N THR K 307 93.08 12.98 44.22
CA THR K 307 91.96 13.77 44.74
C THR K 307 90.71 12.97 44.98
N GLY K 308 90.44 11.97 44.15
CA GLY K 308 89.14 11.34 44.12
C GLY K 308 88.16 12.03 43.19
N GLY K 309 88.52 13.19 42.67
CA GLY K 309 87.65 13.87 41.74
C GLY K 309 87.59 13.16 40.40
N LEU K 310 86.47 13.34 39.71
CA LEU K 310 86.28 12.74 38.40
C LEU K 310 87.23 13.37 37.40
N LEU K 311 87.79 12.54 36.53
CA LEU K 311 88.78 12.98 35.54
C LEU K 311 88.16 12.99 34.15
N LEU K 312 88.38 14.08 33.43
CA LEU K 312 87.86 14.21 32.07
C LEU K 312 88.71 13.42 31.10
N PRO K 313 88.13 12.98 29.98
CA PRO K 313 88.95 12.40 28.91
C PRO K 313 90.01 13.35 28.39
N SER K 314 89.69 14.64 28.36
CA SER K 314 90.67 15.66 27.99
C SER K 314 91.59 16.02 29.14
N ASP K 315 91.37 15.46 30.32
CA ASP K 315 92.14 15.81 31.51
C ASP K 315 93.41 14.98 31.66
N THR K 316 93.71 14.11 30.71
CA THR K 316 94.89 13.26 30.80
C THR K 316 95.63 13.28 29.47
N LYS K 317 96.91 12.93 29.53
CA LYS K 317 97.74 12.86 28.34
C LYS K 317 98.62 11.62 28.39
N ARG K 318 98.92 11.09 27.22
CA ARG K 318 99.74 9.90 27.13
C ARG K 318 101.21 10.28 27.28
N SER K 319 102.02 9.31 27.65
CA SER K 319 103.44 9.58 27.80
C SER K 319 104.24 8.29 27.59
N GLN K 320 105.51 8.48 27.25
CA GLN K 320 106.51 7.43 27.28
C GLN K 320 107.78 8.02 27.84
N ILE K 321 108.40 7.35 28.79
CA ILE K 321 109.59 7.85 29.45
C ILE K 321 110.80 7.09 28.91
N TYR K 322 111.67 7.80 28.22
CA TYR K 322 112.96 7.27 27.78
C TYR K 322 114.06 8.00 28.52
N GLY K 323 114.95 7.24 29.14
CA GLY K 323 116.01 7.86 29.92
C GLY K 323 115.41 8.74 31.01
N SER K 324 115.82 10.01 31.01
CA SER K 324 115.33 10.99 31.96
C SER K 324 114.19 11.84 31.41
N ARG K 325 113.73 11.55 30.20
CA ARG K 325 112.75 12.39 29.51
C ARG K 325 111.40 11.67 29.45
N GLN K 326 110.39 12.26 30.07
CA GLN K 326 109.01 11.80 29.93
C GLN K 326 108.39 12.55 28.75
N ILE K 327 108.47 11.95 27.57
CA ILE K 327 107.83 12.52 26.40
C ILE K 327 106.32 12.44 26.59
N ILE K 328 105.66 13.59 26.61
CA ILE K 328 104.22 13.68 26.82
C ILE K 328 103.57 14.04 25.50
N LEU K 329 102.46 13.37 25.18
CA LEU K 329 101.75 13.63 23.94
C LEU K 329 100.26 13.49 24.17
N GLU K 330 99.49 14.09 23.27
CA GLU K 330 98.05 13.88 23.22
C GLU K 330 97.76 12.65 22.39
N LYS K 331 96.49 12.44 22.08
CA LYS K 331 96.07 11.24 21.36
C LYS K 331 96.01 11.47 19.85
N GLU K 332 95.32 12.54 19.43
CA GLU K 332 95.12 12.78 18.00
C GLU K 332 96.44 12.82 17.25
N GLU K 333 97.43 13.52 17.81
CA GLU K 333 98.76 13.51 17.22
C GLU K 333 99.35 12.11 17.18
N THR K 334 99.08 11.32 18.23
CA THR K 334 99.61 9.97 18.28
C THR K 334 99.06 9.11 17.15
N GLU K 335 97.77 9.26 16.85
CA GLU K 335 97.23 8.50 15.73
C GLU K 335 97.68 9.06 14.39
N GLU K 336 97.81 10.38 14.27
CA GLU K 336 98.25 10.96 13.02
C GLU K 336 99.67 10.55 12.67
N LEU K 337 100.55 10.48 13.67
CA LEU K 337 101.89 9.98 13.37
C LEU K 337 101.87 8.50 13.02
N LYS K 338 100.74 7.81 13.22
CA LYS K 338 100.58 6.46 12.72
C LYS K 338 99.96 6.41 11.33
N ARG K 339 99.33 7.50 10.90
CA ARG K 339 98.74 7.56 9.56
C ARG K 339 99.78 8.07 8.58
N PHE K 340 100.02 7.30 7.52
CA PHE K 340 100.94 7.67 6.46
C PHE K 340 100.24 7.82 5.12
N ASP K 341 99.27 6.97 4.82
CA ASP K 341 98.52 7.02 3.58
C ASP K 341 97.03 6.87 3.88
N ASP K 342 96.22 7.37 2.96
CA ASP K 342 94.78 7.21 3.07
C ASP K 342 94.41 5.75 2.80
N PRO K 343 93.26 5.31 3.30
CA PRO K 343 92.85 3.91 3.06
C PRO K 343 92.78 3.60 1.58
N GLY K 344 93.23 2.40 1.23
CA GLY K 344 93.29 1.99 -0.17
C GLY K 344 94.53 1.17 -0.45
N LEU K 345 94.73 0.80 -1.71
CA LEU K 345 95.89 0.03 -2.12
C LEU K 345 96.73 0.83 -3.09
N MET K 346 98.02 0.90 -2.82
CA MET K 346 98.96 1.69 -3.61
C MET K 346 99.85 0.69 -4.35
N LEU K 347 99.66 0.60 -5.66
CA LEU K 347 100.41 -0.37 -6.45
C LEU K 347 101.90 -0.07 -6.43
N MET K 348 102.68 -1.01 -5.91
CA MET K 348 104.13 -0.85 -5.88
C MET K 348 104.82 -1.49 -7.08
N GLY K 349 104.18 -2.44 -7.74
CA GLY K 349 104.69 -2.95 -8.98
C GLY K 349 104.38 -4.43 -9.15
N PHE K 350 105.13 -5.06 -10.03
CA PHE K 350 104.96 -6.47 -10.36
C PHE K 350 106.20 -7.25 -9.98
N LYS K 351 106.02 -8.34 -9.25
CA LYS K 351 107.12 -9.16 -8.80
C LYS K 351 106.80 -10.62 -9.11
N PRO K 352 107.74 -11.36 -9.70
CA PRO K 352 107.46 -12.76 -10.05
C PRO K 352 107.06 -13.59 -8.84
N LEU K 353 106.18 -14.55 -9.08
CA LEU K 353 105.68 -15.41 -8.00
C LEU K 353 106.80 -16.17 -7.33
N VAL K 354 107.89 -16.46 -8.05
CA VAL K 354 108.99 -17.21 -7.47
C VAL K 354 109.72 -16.37 -6.42
N LEU K 355 109.65 -15.04 -6.53
CA LEU K 355 110.33 -14.16 -5.59
C LEU K 355 109.63 -14.09 -4.26
N LEU K 356 108.63 -14.93 -4.03
CA LEU K 356 107.82 -14.89 -2.82
C LEU K 356 108.17 -16.10 -1.97
N LYS K 357 108.62 -15.84 -0.74
CA LYS K 357 109.07 -16.90 0.15
C LYS K 357 107.85 -17.50 0.85
N LYS K 358 107.52 -18.74 0.50
CA LYS K 358 106.37 -19.38 1.13
C LYS K 358 106.61 -19.60 2.62
N HIS K 359 107.86 -19.82 3.02
CA HIS K 359 108.17 -19.89 4.44
C HIS K 359 107.99 -18.55 5.13
N HIS K 360 108.04 -17.46 4.38
CA HIS K 360 107.73 -16.15 4.94
C HIS K 360 106.22 -15.95 4.98
N TYR K 361 105.68 -15.79 6.18
CA TYR K 361 104.25 -15.59 6.36
C TYR K 361 104.03 -14.71 7.57
N LEU K 362 103.14 -13.73 7.43
CA LEU K 362 102.92 -12.73 8.46
C LEU K 362 101.62 -12.92 9.21
N ARG K 363 100.50 -13.03 8.50
CA ARG K 363 99.17 -13.17 9.09
C ARG K 363 98.23 -13.66 7.99
N PRO K 364 97.10 -14.26 8.37
CA PRO K 364 96.30 -14.99 7.38
C PRO K 364 95.90 -14.12 6.20
N SER K 365 95.96 -14.71 5.01
CA SER K 365 95.73 -14.00 3.76
C SER K 365 94.24 -13.77 3.52
N LEU K 366 93.95 -12.84 2.64
CA LEU K 366 92.57 -12.47 2.32
C LEU K 366 92.32 -12.65 0.83
N PHE K 367 91.05 -12.48 0.44
CA PHE K 367 90.65 -12.56 -0.96
C PHE K 367 90.23 -11.19 -1.46
N VAL K 368 90.58 -10.90 -2.71
CA VAL K 368 90.23 -9.66 -3.37
C VAL K 368 89.44 -10.02 -4.63
N TYR K 369 88.23 -9.50 -4.72
CA TYR K 369 87.35 -9.63 -5.85
C TYR K 369 87.15 -8.27 -6.51
N PRO K 370 86.91 -8.23 -7.82
CA PRO K 370 86.54 -6.95 -8.44
C PRO K 370 85.24 -6.43 -7.86
N GLU K 371 85.19 -5.11 -7.68
CA GLU K 371 83.97 -4.45 -7.24
C GLU K 371 83.66 -3.34 -8.23
N GLU K 372 82.46 -3.36 -8.81
CA GLU K 372 82.04 -2.30 -9.72
C GLU K 372 80.77 -1.69 -9.14
N SER K 373 80.96 -0.78 -8.19
CA SER K 373 79.88 0.02 -7.65
C SER K 373 80.23 1.49 -7.52
N LEU K 374 81.52 1.83 -7.43
CA LEU K 374 81.96 3.22 -7.45
C LEU K 374 82.65 3.54 -8.77
N VAL K 375 83.68 2.78 -9.12
CA VAL K 375 84.40 2.97 -10.38
C VAL K 375 83.82 2.00 -11.39
N ILE K 376 83.12 2.54 -12.38
CA ILE K 376 82.53 1.71 -13.44
C ILE K 376 83.63 1.35 -14.43
N GLY K 377 83.60 0.12 -14.90
CA GLY K 377 84.70 -0.45 -15.66
C GLY K 377 85.73 -1.16 -14.82
N SER K 378 85.55 -1.20 -13.50
CA SER K 378 86.53 -1.85 -12.65
C SER K 378 86.64 -3.34 -12.94
N SER K 379 85.51 -4.00 -13.19
CA SER K 379 85.54 -5.45 -13.39
C SER K 379 86.22 -5.81 -14.69
N THR K 380 86.04 -4.99 -15.74
CA THR K 380 86.72 -5.26 -17.00
C THR K 380 88.23 -5.19 -16.82
N LEU K 381 88.71 -4.15 -16.17
CA LEU K 381 90.14 -4.03 -15.90
C LEU K 381 90.63 -5.16 -15.01
N PHE K 382 89.81 -5.55 -14.03
CA PHE K 382 90.18 -6.64 -13.14
C PHE K 382 90.34 -7.93 -13.93
N SER K 383 89.43 -8.21 -14.86
CA SER K 383 89.55 -9.38 -15.71
C SER K 383 90.82 -9.31 -16.54
N ALA K 384 91.09 -8.14 -17.13
CA ALA K 384 92.28 -7.99 -17.97
C ALA K 384 93.54 -8.27 -17.17
N LEU K 385 93.66 -7.64 -15.99
CA LEU K 385 94.86 -7.82 -15.19
C LEU K 385 94.97 -9.22 -14.63
N LEU K 386 93.84 -9.84 -14.27
CA LEU K 386 93.89 -11.21 -13.78
C LEU K 386 94.41 -12.15 -14.85
N ILE K 387 93.90 -12.00 -16.08
CA ILE K 387 94.38 -12.83 -17.18
C ILE K 387 95.85 -12.59 -17.44
N LYS K 388 96.26 -11.31 -17.47
CA LYS K 388 97.65 -11.00 -17.76
C LYS K 388 98.58 -11.52 -16.67
N CYS K 389 98.17 -11.44 -15.41
CA CYS K 389 98.99 -11.94 -14.32
C CYS K 389 99.07 -13.46 -14.34
N LEU K 390 97.96 -14.12 -14.67
CA LEU K 390 97.99 -15.58 -14.79
C LEU K 390 98.92 -16.00 -15.90
N GLU K 391 98.94 -15.25 -17.00
CA GLU K 391 99.86 -15.55 -18.10
C GLU K 391 101.31 -15.32 -17.66
N LYS K 392 101.63 -14.10 -17.24
CA LYS K 392 103.00 -13.74 -16.91
C LYS K 392 103.45 -14.31 -15.57
N GLU K 393 102.51 -14.68 -14.70
CA GLU K 393 102.82 -15.29 -13.40
C GLU K 393 103.68 -14.34 -12.56
N VAL K 394 103.17 -13.13 -12.38
CA VAL K 394 103.77 -12.13 -11.50
C VAL K 394 102.68 -11.54 -10.63
N ALA K 395 102.93 -11.49 -9.33
CA ALA K 395 101.99 -10.91 -8.40
C ALA K 395 102.13 -9.39 -8.37
N ALA K 396 101.07 -8.74 -7.91
CA ALA K 396 101.07 -7.28 -7.76
C ALA K 396 101.45 -6.95 -6.33
N LEU K 397 102.66 -6.43 -6.14
CA LEU K 397 103.05 -5.89 -4.86
C LEU K 397 102.46 -4.50 -4.71
N CYS K 398 101.82 -4.25 -3.57
CA CYS K 398 101.14 -2.99 -3.35
C CYS K 398 101.31 -2.55 -1.90
N ARG K 399 101.29 -1.23 -1.71
CA ARG K 399 101.22 -0.65 -0.38
C ARG K 399 99.76 -0.61 0.07
N TYR K 400 99.52 -1.11 1.27
CA TYR K 400 98.17 -1.37 1.76
C TYR K 400 97.86 -0.49 2.96
N THR K 401 96.75 0.23 2.88
CA THR K 401 96.19 0.96 4.02
C THR K 401 94.76 0.48 4.23
N PRO K 402 94.52 -0.39 5.20
CA PRO K 402 93.14 -0.87 5.44
C PRO K 402 92.19 0.26 5.77
N ARG K 403 92.49 1.00 6.83
CA ARG K 403 91.75 2.20 7.16
C ARG K 403 92.71 3.24 7.71
N ARG K 404 92.15 4.35 8.17
CA ARG K 404 92.96 5.51 8.53
C ARG K 404 93.76 5.24 9.80
N ASN K 405 94.79 6.06 9.99
CA ASN K 405 95.68 5.98 11.15
C ASN K 405 96.31 4.60 11.25
N ILE K 406 96.61 4.01 10.09
CA ILE K 406 97.26 2.70 10.05
C ILE K 406 98.46 2.78 9.11
N PRO K 407 99.65 2.43 9.58
CA PRO K 407 100.81 2.39 8.69
C PRO K 407 100.59 1.38 7.57
N PRO K 408 100.77 1.79 6.32
CA PRO K 408 100.60 0.86 5.21
C PRO K 408 101.61 -0.27 5.27
N TYR K 409 101.19 -1.44 4.82
CA TYR K 409 102.04 -2.62 4.74
C TYR K 409 102.38 -2.90 3.28
N PHE K 410 103.21 -3.91 3.07
CA PHE K 410 103.50 -4.41 1.73
C PHE K 410 102.79 -5.73 1.58
N VAL K 411 101.97 -5.84 0.53
CA VAL K 411 101.14 -7.01 0.33
C VAL K 411 101.28 -7.48 -1.11
N ALA K 412 101.32 -8.79 -1.30
CA ALA K 412 101.40 -9.41 -2.62
C ALA K 412 100.02 -9.92 -2.99
N LEU K 413 99.54 -9.50 -4.15
CA LEU K 413 98.29 -9.98 -4.72
C LEU K 413 98.62 -11.00 -5.80
N VAL K 414 98.38 -12.27 -5.49
CA VAL K 414 98.62 -13.34 -6.46
C VAL K 414 97.33 -13.62 -7.21
N PRO K 415 97.38 -13.72 -8.53
CA PRO K 415 96.16 -14.06 -9.27
C PRO K 415 95.69 -15.47 -8.99
N GLN K 416 94.63 -15.61 -8.21
CA GLN K 416 94.06 -16.92 -7.92
C GLN K 416 92.81 -17.07 -8.78
N GLU K 417 92.76 -18.14 -9.56
CA GLU K 417 91.70 -18.30 -10.53
C GLU K 417 90.49 -18.98 -9.91
N GLU K 418 89.38 -18.96 -10.65
CA GLU K 418 88.19 -19.66 -10.22
C GLU K 418 88.38 -21.16 -10.40
N GLU K 419 87.83 -21.93 -9.46
CA GLU K 419 87.78 -23.37 -9.62
C GLU K 419 86.39 -23.85 -9.25
N LEU K 420 85.91 -24.85 -9.99
CA LEU K 420 84.58 -25.41 -9.80
C LEU K 420 84.68 -26.91 -9.58
N ASP K 421 83.76 -27.43 -8.78
CA ASP K 421 83.73 -28.86 -8.51
C ASP K 421 83.07 -29.59 -9.68
N ASP K 422 82.78 -30.88 -9.47
CA ASP K 422 82.00 -31.62 -10.45
C ASP K 422 80.63 -30.99 -10.65
N GLN K 423 80.03 -30.51 -9.56
CA GLN K 423 78.76 -29.80 -9.65
C GLN K 423 78.92 -28.39 -10.21
N LYS K 424 80.12 -28.03 -10.65
CA LYS K 424 80.47 -26.70 -11.15
C LYS K 424 80.30 -25.63 -10.07
N ILE K 425 80.06 -26.03 -8.83
CA ILE K 425 79.96 -25.09 -7.73
C ILE K 425 81.33 -24.46 -7.48
N GLN K 426 81.34 -23.14 -7.32
CA GLN K 426 82.60 -22.42 -7.10
C GLN K 426 83.32 -22.94 -5.87
N VAL K 427 84.43 -23.65 -6.07
CA VAL K 427 85.27 -24.06 -4.95
C VAL K 427 86.44 -23.10 -4.76
N THR K 428 86.89 -22.45 -5.82
CA THR K 428 87.84 -21.35 -5.72
C THR K 428 87.24 -20.18 -6.49
N PRO K 429 87.20 -18.99 -5.90
CA PRO K 429 86.70 -17.84 -6.62
C PRO K 429 87.77 -17.30 -7.56
N PRO K 430 87.37 -16.56 -8.59
CA PRO K 430 88.35 -15.84 -9.41
C PRO K 430 88.66 -14.49 -8.80
N GLY K 431 89.92 -14.11 -8.91
CA GLY K 431 90.35 -12.85 -8.34
C GLY K 431 91.79 -12.96 -7.89
N PHE K 432 92.08 -12.36 -6.74
CA PHE K 432 93.45 -12.34 -6.25
C PHE K 432 93.47 -12.71 -4.77
N GLN K 433 94.59 -13.24 -4.33
CA GLN K 433 94.84 -13.57 -2.94
C GLN K 433 95.87 -12.58 -2.40
N LEU K 434 95.50 -11.86 -1.35
CA LEU K 434 96.35 -10.86 -0.73
C LEU K 434 97.10 -11.52 0.43
N VAL K 435 98.42 -11.52 0.34
CA VAL K 435 99.29 -12.10 1.35
C VAL K 435 100.20 -11.02 1.90
N PHE K 436 100.25 -10.90 3.22
CA PHE K 436 101.11 -9.91 3.85
C PHE K 436 102.57 -10.22 3.60
N LEU K 437 103.34 -9.19 3.32
CA LEU K 437 104.77 -9.36 3.10
C LEU K 437 105.52 -8.82 4.30
N PRO K 438 106.16 -9.67 5.10
CA PRO K 438 106.78 -9.20 6.35
C PRO K 438 107.94 -8.25 6.08
N PHE K 439 108.11 -7.31 7.00
CA PHE K 439 109.21 -6.37 6.95
C PHE K 439 110.46 -6.99 7.58
N ALA K 440 111.54 -6.23 7.62
CA ALA K 440 112.75 -6.74 8.27
C ALA K 440 112.53 -6.98 9.75
N ASP K 441 111.75 -6.11 10.39
CA ASP K 441 111.52 -6.16 11.83
C ASP K 441 110.38 -7.10 12.22
N ASP K 442 110.06 -8.08 11.36
CA ASP K 442 109.00 -9.04 11.65
C ASP K 442 109.55 -10.40 12.04
N LYS K 443 110.83 -10.47 12.43
CA LYS K 443 111.49 -11.70 12.82
C LYS K 443 112.08 -11.54 14.21
N ARG K 444 112.68 -12.61 14.72
CA ARG K 444 113.30 -12.62 16.03
C ARG K 444 114.69 -13.24 15.93
N LYS K 445 115.56 -12.86 16.86
CA LYS K 445 116.90 -13.42 16.87
C LYS K 445 116.86 -14.92 17.19
N MET K 446 117.80 -15.65 16.62
CA MET K 446 117.73 -17.10 16.53
C MET K 446 119.07 -17.80 16.78
N PRO K 447 119.33 -18.27 18.01
CA PRO K 447 120.53 -19.06 18.29
C PRO K 447 120.34 -20.55 18.01
N PHE K 448 121.21 -21.14 17.19
CA PHE K 448 120.99 -22.51 16.77
C PHE K 448 122.31 -23.15 16.35
N THR K 449 122.22 -24.43 16.01
CA THR K 449 123.29 -25.15 15.35
C THR K 449 123.04 -25.21 13.85
N GLU K 450 124.11 -25.49 13.10
CA GLU K 450 124.06 -25.42 11.64
C GLU K 450 123.54 -26.73 11.07
N LYS K 451 123.68 -26.87 9.75
CA LYS K 451 123.15 -28.03 9.04
C LYS K 451 123.91 -29.30 9.41
N ILE K 452 123.17 -30.40 9.56
CA ILE K 452 123.73 -31.70 9.87
C ILE K 452 123.11 -32.71 8.92
N MET K 453 123.95 -33.54 8.30
CA MET K 453 123.50 -34.45 7.25
C MET K 453 122.80 -35.68 7.84
N ALA K 454 122.40 -36.59 6.95
CA ALA K 454 121.83 -37.88 7.31
C ALA K 454 122.13 -38.86 6.18
N THR K 455 122.11 -40.15 6.53
CA THR K 455 122.43 -41.14 5.51
C THR K 455 121.26 -41.32 4.55
N PRO K 456 121.52 -41.59 3.27
CA PRO K 456 120.42 -41.84 2.33
C PRO K 456 119.58 -43.05 2.70
N GLU K 457 120.16 -44.03 3.41
CA GLU K 457 119.37 -45.17 3.86
C GLU K 457 118.28 -44.73 4.82
N GLN K 458 118.62 -43.87 5.79
CA GLN K 458 117.62 -43.36 6.71
C GLN K 458 116.57 -42.53 5.97
N VAL K 459 117.00 -41.78 4.95
CA VAL K 459 116.06 -41.00 4.16
C VAL K 459 115.09 -41.91 3.42
N GLY K 460 115.58 -43.02 2.87
CA GLY K 460 114.70 -43.97 2.22
C GLY K 460 113.75 -44.64 3.20
N LYS K 461 114.24 -44.96 4.40
CA LYS K 461 113.38 -45.50 5.44
C LYS K 461 112.27 -44.51 5.79
N MET K 462 112.61 -43.24 5.90
CA MET K 462 111.61 -42.20 6.16
C MET K 462 110.64 -42.07 4.99
N LYS K 463 111.12 -42.21 3.77
CA LYS K 463 110.21 -42.17 2.62
C LYS K 463 109.20 -43.31 2.71
N ALA K 464 109.68 -44.51 3.02
CA ALA K 464 108.78 -45.66 3.16
C ALA K 464 107.77 -45.44 4.29
N ILE K 465 108.24 -44.92 5.42
CA ILE K 465 107.34 -44.68 6.54
C ILE K 465 106.32 -43.59 6.22
N VAL K 466 106.74 -42.52 5.55
CA VAL K 466 105.80 -41.47 5.16
C VAL K 466 104.75 -42.02 4.21
N GLU K 467 105.19 -42.81 3.22
CA GLU K 467 104.24 -43.41 2.30
C GLU K 467 103.31 -44.39 3.01
N LYS K 468 103.80 -45.03 4.08
CA LYS K 468 102.95 -45.93 4.85
C LYS K 468 101.77 -45.18 5.47
N LEU K 469 102.05 -44.04 6.09
CA LEU K 469 101.04 -43.24 6.78
C LEU K 469 100.54 -42.11 5.90
N ARG K 470 100.45 -42.35 4.59
CA ARG K 470 99.98 -41.33 3.67
C ARG K 470 98.47 -41.20 3.79
N PHE K 471 97.99 -40.01 4.13
CA PHE K 471 96.57 -39.76 4.27
C PHE K 471 96.20 -38.51 3.48
N THR K 472 94.96 -38.48 2.99
CA THR K 472 94.48 -37.38 2.18
C THR K 472 94.05 -36.23 3.09
N TYR K 473 94.59 -35.04 2.83
CA TYR K 473 94.22 -33.87 3.59
C TYR K 473 92.86 -33.35 3.12
N ARG K 474 92.06 -32.89 4.07
CA ARG K 474 90.78 -32.25 3.79
C ARG K 474 90.60 -31.12 4.78
N SER K 475 90.32 -29.91 4.27
CA SER K 475 90.35 -28.72 5.10
C SER K 475 89.34 -28.77 6.24
N ASP K 476 88.26 -29.54 6.09
CA ASP K 476 87.21 -29.60 7.10
C ASP K 476 87.31 -30.85 7.95
N SER K 477 88.46 -31.53 7.95
CA SER K 477 88.64 -32.72 8.76
C SER K 477 88.88 -32.40 10.24
N PHE K 478 88.79 -31.14 10.64
CA PHE K 478 89.20 -30.76 11.98
C PHE K 478 88.24 -29.73 12.57
N GLU K 479 88.10 -29.79 13.89
CA GLU K 479 87.36 -28.80 14.66
C GLU K 479 88.15 -28.50 15.92
N ASN K 480 87.85 -27.38 16.55
CA ASN K 480 88.46 -27.07 17.83
C ASN K 480 87.79 -27.91 18.90
N PRO K 481 88.50 -28.83 19.54
CA PRO K 481 87.89 -29.58 20.65
C PRO K 481 87.44 -28.70 21.78
N VAL K 482 88.17 -27.61 22.05
CA VAL K 482 87.76 -26.67 23.08
C VAL K 482 86.40 -26.08 22.73
N LEU K 483 86.24 -25.62 21.50
CA LEU K 483 84.99 -25.02 21.07
C LEU K 483 83.86 -26.05 21.10
N GLN K 484 84.14 -27.26 20.63
CA GLN K 484 83.12 -28.29 20.61
C GLN K 484 82.64 -28.61 22.02
N GLN K 485 83.57 -28.81 22.94
CA GLN K 485 83.20 -29.08 24.31
C GLN K 485 82.47 -27.89 24.92
N HIS K 486 82.84 -26.69 24.52
CA HIS K 486 82.13 -25.50 24.98
C HIS K 486 80.68 -25.53 24.52
N PHE K 487 80.45 -25.87 23.26
CA PHE K 487 79.09 -25.96 22.75
C PHE K 487 78.31 -27.00 23.51
N ARG K 488 78.93 -28.15 23.77
CA ARG K 488 78.24 -29.21 24.50
C ARG K 488 77.89 -28.77 25.91
N ASN K 489 78.84 -28.10 26.59
CA ASN K 489 78.57 -27.62 27.94
C ASN K 489 77.43 -26.62 27.94
N LEU K 490 77.43 -25.68 27.00
CA LEU K 490 76.37 -24.70 26.94
C LEU K 490 75.03 -25.36 26.66
N GLU K 491 75.02 -26.35 25.77
CA GLU K 491 73.79 -27.08 25.49
C GLU K 491 73.27 -27.78 26.74
N ALA K 492 74.15 -28.49 27.45
CA ALA K 492 73.73 -29.20 28.65
C ALA K 492 73.20 -28.23 29.68
N LEU K 493 73.83 -27.08 29.81
CA LEU K 493 73.31 -26.05 30.70
C LEU K 493 71.93 -25.60 30.27
N ALA K 494 71.74 -25.40 28.97
CA ALA K 494 70.44 -24.97 28.47
C ALA K 494 69.36 -26.02 28.75
N LEU K 495 69.69 -27.29 28.53
CA LEU K 495 68.72 -28.35 28.71
C LEU K 495 68.75 -28.96 30.10
N ASP K 496 69.59 -28.44 30.99
CA ASP K 496 69.66 -28.90 32.38
C ASP K 496 69.90 -30.40 32.45
N LEU K 497 70.73 -30.91 31.57
CA LEU K 497 71.04 -32.33 31.59
C LEU K 497 71.87 -32.67 32.82
N MET K 498 71.73 -33.92 33.27
CA MET K 498 72.59 -34.41 34.33
C MET K 498 74.06 -34.42 33.91
N GLU K 499 74.33 -34.49 32.62
CA GLU K 499 75.69 -34.57 32.11
C GLU K 499 75.72 -34.01 30.69
N PRO K 500 76.86 -33.51 30.24
CA PRO K 500 76.95 -32.98 28.89
C PRO K 500 77.41 -34.02 27.88
N GLU K 501 77.16 -33.70 26.61
CA GLU K 501 77.73 -34.49 25.52
C GLU K 501 79.24 -34.33 25.49
N GLN K 502 79.94 -35.38 25.09
CA GLN K 502 81.39 -35.38 25.04
C GLN K 502 81.86 -35.14 23.62
N ALA K 503 82.79 -34.21 23.45
CA ALA K 503 83.28 -33.82 22.14
C ALA K 503 84.29 -34.84 21.62
N VAL K 504 84.04 -35.37 20.43
CA VAL K 504 85.04 -36.19 19.77
C VAL K 504 86.17 -35.30 19.27
N ASP K 505 87.38 -35.83 19.30
CA ASP K 505 88.58 -35.08 18.93
C ASP K 505 89.04 -35.53 17.56
N LEU K 506 89.12 -34.58 16.62
CA LEU K 506 89.63 -34.85 15.29
C LEU K 506 91.12 -34.59 15.15
N THR K 507 91.77 -34.13 16.23
CA THR K 507 93.18 -33.79 16.20
C THR K 507 94.06 -34.90 16.80
N LEU K 508 93.47 -36.03 17.16
CA LEU K 508 94.24 -37.08 17.82
C LEU K 508 95.10 -37.83 16.80
N PRO K 509 96.37 -38.03 17.08
CA PRO K 509 97.17 -38.94 16.26
C PRO K 509 96.82 -40.39 16.55
N LYS K 510 96.67 -41.18 15.48
CA LYS K 510 96.28 -42.58 15.60
C LYS K 510 97.51 -43.42 15.96
N VAL K 511 97.98 -43.24 17.20
CA VAL K 511 99.26 -43.80 17.60
C VAL K 511 99.26 -45.32 17.49
N GLU K 512 98.21 -45.97 17.99
CA GLU K 512 98.12 -47.42 17.84
C GLU K 512 97.96 -47.79 16.37
N ALA K 513 97.18 -47.01 15.62
CA ALA K 513 96.99 -47.30 14.21
C ALA K 513 98.24 -47.00 13.40
N MET K 514 98.96 -45.92 13.75
CA MET K 514 100.22 -45.64 13.07
C MET K 514 101.23 -46.76 13.33
N ASN K 515 101.34 -47.22 14.58
CA ASN K 515 102.26 -48.31 14.87
C ASN K 515 101.84 -49.59 14.15
N LYS K 516 100.53 -49.86 14.10
CA LYS K 516 100.04 -51.04 13.41
C LYS K 516 100.37 -50.97 11.92
N ARG K 517 100.14 -49.82 11.30
CA ARG K 517 100.41 -49.65 9.88
C ARG K 517 101.90 -49.75 9.59
N LEU K 518 102.73 -49.19 10.46
CA LEU K 518 104.16 -49.13 10.19
C LEU K 518 104.85 -50.46 10.50
N GLY K 519 104.80 -50.88 11.76
CA GLY K 519 105.54 -52.06 12.18
C GLY K 519 106.82 -51.72 12.92
N SER K 520 107.88 -52.46 12.65
CA SER K 520 109.17 -52.25 13.31
C SER K 520 110.05 -51.26 12.58
N LEU K 521 109.53 -50.58 11.56
CA LEU K 521 110.32 -49.57 10.85
C LEU K 521 110.82 -48.50 11.80
N VAL K 522 110.00 -48.16 12.81
CA VAL K 522 110.43 -47.20 13.82
C VAL K 522 111.66 -47.72 14.57
N ASP K 523 111.64 -48.99 14.96
CA ASP K 523 112.80 -49.57 15.64
C ASP K 523 114.02 -49.58 14.73
N GLU K 524 113.82 -49.94 13.46
CA GLU K 524 114.92 -49.96 12.51
C GLU K 524 115.57 -48.60 12.40
N PHE K 525 114.77 -47.55 12.17
CA PHE K 525 115.33 -46.21 12.01
C PHE K 525 115.92 -45.70 13.31
N LYS K 526 115.30 -46.01 14.45
CA LYS K 526 115.85 -45.59 15.73
C LYS K 526 117.23 -46.17 15.94
N GLU K 527 117.42 -47.45 15.60
CA GLU K 527 118.75 -48.02 15.66
C GLU K 527 119.66 -47.43 14.60
N LEU K 528 119.11 -47.04 13.45
CA LEU K 528 119.91 -46.43 12.39
C LEU K 528 120.55 -45.14 12.86
N VAL K 529 119.77 -44.26 13.47
CA VAL K 529 120.27 -42.95 13.86
C VAL K 529 120.65 -42.96 15.34
N TYR K 530 119.67 -43.17 16.19
CA TYR K 530 119.91 -43.09 17.63
C TYR K 530 120.74 -44.30 18.04
N PRO K 531 121.93 -44.11 18.61
CA PRO K 531 122.68 -45.23 19.14
C PRO K 531 121.88 -45.92 20.23
N PRO K 532 121.99 -47.25 20.34
CA PRO K 532 121.14 -47.97 21.30
C PRO K 532 121.32 -47.51 22.75
N ASP K 533 122.47 -46.93 23.08
CA ASP K 533 122.67 -46.39 24.43
C ASP K 533 121.79 -45.16 24.64
N TYR K 534 121.62 -44.34 23.60
CA TYR K 534 120.97 -43.05 23.76
C TYR K 534 119.46 -43.15 23.56
N ASN K 535 118.74 -42.46 24.43
CA ASN K 535 117.30 -42.26 24.32
C ASN K 535 117.05 -40.78 24.15
N PRO K 536 116.31 -40.35 23.12
CA PRO K 536 115.99 -38.92 22.99
C PRO K 536 115.30 -38.40 24.23
N GLU K 537 116.00 -37.53 24.95
CA GLU K 537 115.53 -37.04 26.24
C GLU K 537 116.27 -35.76 26.57
N GLY K 538 115.63 -34.92 27.38
CA GLY K 538 116.25 -33.69 27.82
C GLY K 538 117.46 -33.92 28.68
N ALA L 8 128.10 -4.02 25.28
CA ALA L 8 129.32 -3.67 24.57
C ALA L 8 129.72 -2.23 24.84
N ALA L 9 131.03 -2.00 25.00
CA ALA L 9 131.56 -0.68 25.27
C ALA L 9 132.03 -0.04 23.97
N VAL L 10 131.49 1.13 23.65
CA VAL L 10 131.81 1.85 22.42
C VAL L 10 132.39 3.20 22.78
N VAL L 11 133.48 3.58 22.12
CA VAL L 11 134.11 4.88 22.32
C VAL L 11 134.23 5.56 20.97
N LEU L 12 133.80 6.81 20.90
CA LEU L 12 133.87 7.60 19.68
C LEU L 12 134.99 8.62 19.83
N CYS L 13 136.18 8.24 19.36
CA CYS L 13 137.34 9.14 19.39
C CYS L 13 137.18 10.14 18.25
N MET L 14 136.73 11.34 18.58
CA MET L 14 136.36 12.32 17.58
C MET L 14 137.45 13.39 17.49
N ASP L 15 137.98 13.58 16.30
CA ASP L 15 138.79 14.76 16.06
C ASP L 15 137.89 15.99 16.04
N VAL L 16 138.31 17.04 16.74
CA VAL L 16 137.63 18.32 16.69
C VAL L 16 138.54 19.40 16.12
N GLY L 17 139.56 18.99 15.39
CA GLY L 17 140.49 19.93 14.81
C GLY L 17 139.82 20.90 13.85
N PHE L 18 140.48 22.04 13.67
CA PHE L 18 139.98 23.10 12.83
C PHE L 18 139.87 22.69 11.36
N THR L 19 140.62 21.67 10.95
CA THR L 19 140.72 21.33 9.54
C THR L 19 139.47 20.66 8.99
N MET L 20 138.56 20.20 9.85
CA MET L 20 137.30 19.67 9.34
C MET L 20 136.24 20.76 9.21
N SER L 21 136.13 21.61 10.23
CA SER L 21 135.20 22.73 10.16
C SER L 21 135.48 23.61 8.95
N ASN L 22 136.73 23.66 8.50
CA ASN L 22 137.07 24.27 7.24
C ASN L 22 136.97 23.21 6.14
N SER L 23 136.14 23.49 5.13
CA SER L 23 135.93 22.52 4.07
C SER L 23 135.41 23.24 2.83
N ILE L 24 135.59 22.59 1.69
CA ILE L 24 135.08 23.09 0.42
C ILE L 24 133.57 22.99 0.43
N PRO L 25 132.85 23.91 -0.23
CA PRO L 25 131.38 23.82 -0.23
C PRO L 25 130.84 22.58 -0.90
N GLY L 26 131.60 21.92 -1.78
CA GLY L 26 131.11 20.76 -2.49
C GLY L 26 131.00 19.50 -1.64
N ILE L 27 131.70 19.46 -0.50
CA ILE L 27 131.68 18.32 0.40
C ILE L 27 131.33 18.84 1.79
N GLU L 28 130.39 18.15 2.46
CA GLU L 28 130.04 18.53 3.82
C GLU L 28 131.25 18.46 4.72
N SER L 29 131.34 19.40 5.66
CA SER L 29 132.49 19.43 6.55
C SER L 29 132.52 18.15 7.38
N PRO L 30 133.70 17.53 7.54
CA PRO L 30 133.78 16.30 8.35
C PRO L 30 133.30 16.50 9.76
N PHE L 31 133.47 17.71 10.31
CA PHE L 31 132.97 18.00 11.64
C PHE L 31 131.45 17.86 11.70
N GLU L 32 130.75 18.49 10.76
CA GLU L 32 129.29 18.41 10.76
C GLU L 32 128.82 17.01 10.41
N GLN L 33 129.53 16.33 9.50
CA GLN L 33 129.18 14.96 9.17
C GLN L 33 129.28 14.06 10.39
N ALA L 34 130.37 14.19 11.14
CA ALA L 34 130.53 13.41 12.36
C ALA L 34 129.47 13.75 13.38
N LYS L 35 129.15 15.04 13.54
CA LYS L 35 128.11 15.42 14.49
C LYS L 35 126.78 14.79 14.12
N LYS L 36 126.42 14.83 12.83
CA LYS L 36 125.14 14.27 12.38
C LYS L 36 125.10 12.76 12.59
N VAL L 37 126.17 12.06 12.20
CA VAL L 37 126.15 10.60 12.32
C VAL L 37 126.13 10.19 13.78
N ILE L 38 126.85 10.92 14.64
CA ILE L 38 126.84 10.62 16.06
C ILE L 38 125.45 10.85 16.63
N THR L 39 124.82 11.96 16.26
CA THR L 39 123.49 12.27 16.78
C THR L 39 122.50 11.18 16.38
N MET L 40 122.53 10.77 15.11
CA MET L 40 121.61 9.74 14.65
C MET L 40 121.90 8.40 15.33
N PHE L 41 123.18 8.05 15.49
CA PHE L 41 123.54 6.79 16.13
C PHE L 41 123.06 6.78 17.58
N VAL L 42 123.24 7.88 18.30
CA VAL L 42 122.82 7.96 19.69
C VAL L 42 121.30 7.89 19.79
N GLN L 43 120.60 8.51 18.83
CA GLN L 43 119.14 8.37 18.79
C GLN L 43 118.74 6.92 18.62
N ARG L 44 119.42 6.21 17.72
CA ARG L 44 119.12 4.79 17.52
C ARG L 44 119.37 4.00 18.80
N GLN L 45 120.47 4.30 19.50
CA GLN L 45 120.80 3.56 20.72
C GLN L 45 119.78 3.85 21.82
N VAL L 46 119.35 5.11 21.95
CA VAL L 46 118.37 5.45 22.96
C VAL L 46 117.04 4.79 22.66
N PHE L 47 116.60 4.86 21.40
CA PHE L 47 115.30 4.28 21.04
C PHE L 47 115.35 2.76 21.04
N ALA L 48 116.50 2.17 20.74
CA ALA L 48 116.69 0.73 20.78
C ALA L 48 117.52 0.41 22.02
N GLU L 49 116.84 0.13 23.13
CA GLU L 49 117.51 -0.14 24.40
C GLU L 49 118.42 -1.34 24.27
N ASN L 50 119.73 -1.13 24.33
CA ASN L 50 120.71 -2.19 24.13
C ASN L 50 121.65 -2.33 25.30
N LYS L 51 121.39 -1.64 26.41
CA LYS L 51 122.21 -1.65 27.63
C LYS L 51 123.71 -1.66 27.30
N ASP L 52 124.11 -0.75 26.42
CA ASP L 52 125.51 -0.61 26.01
C ASP L 52 125.98 0.80 26.32
N GLU L 53 127.13 0.91 26.99
CA GLU L 53 127.66 2.20 27.40
C GLU L 53 128.58 2.75 26.32
N ILE L 54 128.51 4.06 26.10
CA ILE L 54 129.25 4.72 25.03
C ILE L 54 129.99 5.91 25.62
N ALA L 55 131.28 6.03 25.30
CA ALA L 55 132.10 7.17 25.69
C ALA L 55 132.42 8.01 24.47
N LEU L 56 132.62 9.31 24.70
CA LEU L 56 132.90 10.27 23.64
C LEU L 56 134.09 11.13 24.06
N VAL L 57 135.19 11.01 23.33
CA VAL L 57 136.40 11.79 23.58
C VAL L 57 136.70 12.63 22.35
N LEU L 58 137.16 13.85 22.57
CA LEU L 58 137.47 14.79 21.50
C LEU L 58 138.94 15.17 21.58
N PHE L 59 139.66 14.97 20.48
CA PHE L 59 141.03 15.44 20.36
C PHE L 59 141.11 16.51 19.29
N GLY L 60 142.02 17.46 19.49
CA GLY L 60 142.03 18.69 18.74
C GLY L 60 141.44 19.86 19.47
N THR L 61 140.97 19.65 20.70
CA THR L 61 140.44 20.74 21.52
C THR L 61 141.56 21.70 21.90
N ASP L 62 141.16 22.93 22.23
CA ASP L 62 142.13 23.88 22.78
C ASP L 62 142.56 23.46 24.18
N GLY L 63 141.64 22.92 24.97
CA GLY L 63 141.96 22.40 26.28
C GLY L 63 142.36 20.94 26.24
N THR L 64 142.74 20.43 27.41
CA THR L 64 143.17 19.05 27.56
C THR L 64 142.55 18.46 28.81
N ASP L 65 141.72 17.43 28.65
CA ASP L 65 141.08 16.75 29.78
C ASP L 65 141.03 15.26 29.46
N ASN L 66 141.97 14.51 30.01
CA ASN L 66 142.10 13.08 29.78
C ASN L 66 142.35 12.38 31.10
N PRO L 67 142.01 11.11 31.21
CA PRO L 67 142.41 10.35 32.40
C PRO L 67 143.92 10.33 32.58
N LEU L 68 144.67 10.33 31.48
CA LEU L 68 146.11 10.53 31.48
C LEU L 68 146.39 11.70 30.54
N SER L 69 146.28 12.92 31.06
CA SER L 69 146.47 14.11 30.24
C SER L 69 147.94 14.43 30.02
N GLY L 70 148.84 13.85 30.80
CA GLY L 70 150.26 14.05 30.69
C GLY L 70 150.66 15.51 30.82
N GLY L 71 151.88 15.80 30.38
CA GLY L 71 152.38 17.16 30.35
C GLY L 71 152.73 17.59 28.95
N ASP L 72 153.05 16.63 28.10
CA ASP L 72 153.36 16.87 26.70
C ASP L 72 152.55 16.00 25.76
N GLN L 73 152.29 14.75 26.14
CA GLN L 73 151.42 13.87 25.37
C GLN L 73 149.97 14.05 25.81
N TYR L 74 149.06 13.54 24.98
CA TYR L 74 147.63 13.52 25.25
C TYR L 74 147.05 14.92 25.40
N GLN L 75 147.77 15.93 24.94
CA GLN L 75 147.27 17.29 25.02
C GLN L 75 146.30 17.58 23.88
N ASN L 76 145.50 18.63 24.06
CA ASN L 76 144.48 19.04 23.10
C ASN L 76 143.42 17.95 22.92
N ILE L 77 143.23 17.12 23.94
CA ILE L 77 142.21 16.09 23.95
C ILE L 77 141.36 16.25 25.20
N THR L 78 140.05 16.38 25.02
CA THR L 78 139.10 16.43 26.12
C THR L 78 138.02 15.38 25.92
N VAL L 79 137.64 14.72 27.01
CA VAL L 79 136.54 13.77 26.97
C VAL L 79 135.23 14.55 27.07
N HIS L 80 134.43 14.49 26.00
CA HIS L 80 133.12 15.13 26.04
C HIS L 80 132.14 14.32 26.88
N ARG L 81 132.15 13.00 26.70
CA ARG L 81 131.23 12.13 27.41
C ARG L 81 131.93 10.82 27.74
N HIS L 82 131.82 10.40 28.99
CA HIS L 82 132.41 9.15 29.41
C HIS L 82 131.51 7.97 29.04
N LEU L 83 131.98 6.77 29.33
CA LEU L 83 131.26 5.55 28.98
C LEU L 83 130.05 5.40 29.89
N MET L 84 128.86 5.69 29.36
CA MET L 84 127.60 5.31 29.99
C MET L 84 126.53 5.19 28.92
N LEU L 85 125.31 4.88 29.35
CA LEU L 85 124.21 4.72 28.44
C LEU L 85 123.87 6.06 27.76
N PRO L 86 123.50 6.03 26.49
CA PRO L 86 123.09 7.27 25.81
C PRO L 86 121.77 7.78 26.34
N ASP L 87 121.55 9.07 26.17
CA ASP L 87 120.31 9.71 26.59
C ASP L 87 120.11 10.99 25.78
N PHE L 88 118.96 11.65 26.00
CA PHE L 88 118.71 12.91 25.33
C PHE L 88 119.72 13.97 25.76
N ASP L 89 120.25 13.85 26.98
CA ASP L 89 121.34 14.73 27.40
C ASP L 89 122.53 14.57 26.47
N LEU L 90 122.86 13.33 26.11
CA LEU L 90 123.96 13.08 25.18
C LEU L 90 123.67 13.72 23.84
N LEU L 91 122.43 13.61 23.35
CA LEU L 91 122.09 14.20 22.06
C LEU L 91 122.21 15.71 22.08
N GLU L 92 121.77 16.35 23.18
CA GLU L 92 121.94 17.79 23.30
C GLU L 92 123.41 18.17 23.33
N ASP L 93 124.23 17.39 24.02
CA ASP L 93 125.66 17.65 24.03
C ASP L 93 126.24 17.55 22.63
N ILE L 94 125.82 16.54 21.88
CA ILE L 94 126.35 16.33 20.53
C ILE L 94 125.97 17.49 19.63
N GLU L 95 124.69 17.88 19.66
CA GLU L 95 124.21 18.89 18.74
C GLU L 95 124.69 20.28 19.11
N SER L 96 124.81 20.57 20.41
CA SER L 96 125.11 21.91 20.87
C SER L 96 126.47 22.02 21.55
N LYS L 97 126.75 21.15 22.52
CA LYS L 97 127.95 21.33 23.33
C LYS L 97 129.22 21.01 22.56
N ILE L 98 129.14 20.14 21.55
CA ILE L 98 130.34 19.78 20.79
C ILE L 98 130.77 20.97 19.95
N GLN L 99 132.02 21.40 20.16
CA GLN L 99 132.61 22.52 19.43
C GLN L 99 133.94 22.09 18.83
N PRO L 100 134.29 22.62 17.65
CA PRO L 100 135.56 22.22 17.01
C PRO L 100 136.73 22.94 17.62
N GLY L 101 137.62 22.19 18.28
CA GLY L 101 138.80 22.80 18.87
C GLY L 101 139.75 23.33 17.81
N SER L 102 140.40 24.44 18.13
CA SER L 102 141.34 25.07 17.22
C SER L 102 142.71 24.41 17.25
N GLN L 103 142.81 23.21 17.82
CA GLN L 103 144.05 22.46 17.88
C GLN L 103 143.95 21.22 17.01
N GLN L 104 145.10 20.58 16.80
CA GLN L 104 145.20 19.33 16.03
C GLN L 104 145.97 18.35 16.89
N ALA L 105 145.27 17.60 17.72
CA ALA L 105 145.92 16.71 18.66
C ALA L 105 146.35 15.41 17.99
N ASP L 106 147.29 14.73 18.63
CA ASP L 106 147.74 13.42 18.16
C ASP L 106 146.61 12.40 18.35
N PHE L 107 146.13 11.84 17.24
CA PHE L 107 145.09 10.83 17.33
C PHE L 107 145.58 9.57 18.02
N LEU L 108 146.89 9.32 18.00
CA LEU L 108 147.44 8.23 18.81
C LEU L 108 147.20 8.49 20.29
N ASP L 109 147.44 9.72 20.73
CA ASP L 109 147.23 10.06 22.14
C ASP L 109 145.77 9.92 22.53
N ALA L 110 144.85 10.35 21.65
CA ALA L 110 143.43 10.18 21.92
C ALA L 110 143.06 8.71 21.95
N LEU L 111 143.67 7.90 21.08
CA LEU L 111 143.38 6.47 21.09
C LEU L 111 143.85 5.82 22.40
N ILE L 112 145.01 6.27 22.91
CA ILE L 112 145.48 5.79 24.20
C ILE L 112 144.53 6.21 25.31
N VAL L 113 144.04 7.46 25.24
CA VAL L 113 143.03 7.92 26.19
C VAL L 113 141.81 7.01 26.13
N SER L 114 141.40 6.63 24.93
CA SER L 114 140.22 5.80 24.76
C SER L 114 140.41 4.40 25.34
N MET L 115 141.56 3.77 25.08
CA MET L 115 141.79 2.46 25.66
C MET L 115 141.91 2.55 27.18
N ASP L 116 142.48 3.64 27.68
CA ASP L 116 142.53 3.83 29.12
C ASP L 116 141.11 3.89 29.70
N VAL L 117 140.25 4.68 29.08
CA VAL L 117 138.87 4.80 29.56
C VAL L 117 138.17 3.46 29.52
N ILE L 118 138.33 2.72 28.42
CA ILE L 118 137.65 1.44 28.26
C ILE L 118 138.16 0.45 29.30
N GLN L 119 139.47 0.23 29.33
CA GLN L 119 140.09 -0.77 30.19
C GLN L 119 140.04 -0.38 31.66
N HIS L 120 139.66 0.86 31.99
CA HIS L 120 139.40 1.23 33.36
C HIS L 120 137.91 1.30 33.70
N GLU L 121 137.03 1.20 32.70
CA GLU L 121 135.60 1.11 32.95
C GLU L 121 135.00 -0.25 32.64
N THR L 122 135.73 -1.12 31.93
CA THR L 122 135.22 -2.46 31.66
C THR L 122 135.14 -3.32 32.92
N ILE L 123 135.76 -2.90 34.02
CA ILE L 123 135.72 -3.65 35.26
C ILE L 123 134.31 -3.63 35.82
N GLY L 124 133.78 -4.82 36.13
CA GLY L 124 132.45 -4.91 36.69
C GLY L 124 131.33 -4.66 35.70
N LYS L 125 131.64 -4.57 34.41
CA LYS L 125 130.64 -4.30 33.39
C LYS L 125 130.72 -5.40 32.35
N LYS L 126 129.61 -6.11 32.15
CA LYS L 126 129.55 -7.17 31.15
C LYS L 126 129.37 -6.52 29.79
N PHE L 127 130.37 -6.67 28.92
CA PHE L 127 130.36 -6.07 27.60
C PHE L 127 130.40 -7.17 26.54
N GLU L 128 129.51 -7.08 25.56
CA GLU L 128 129.56 -7.99 24.44
C GLU L 128 130.85 -7.82 23.66
N LYS L 129 131.26 -6.57 23.43
CA LYS L 129 132.51 -6.26 22.76
C LYS L 129 133.04 -4.94 23.29
N ARG L 130 134.12 -4.46 22.70
CA ARG L 130 134.67 -3.14 22.97
C ARG L 130 134.96 -2.47 21.64
N HIS L 131 134.33 -1.33 21.38
CA HIS L 131 134.41 -0.67 20.09
C HIS L 131 135.02 0.72 20.23
N ILE L 132 135.91 1.05 19.30
CA ILE L 132 136.46 2.39 19.15
C ILE L 132 136.26 2.84 17.72
N GLU L 133 135.69 4.02 17.54
CA GLU L 133 135.42 4.56 16.22
C GLU L 133 136.00 5.96 16.12
N ILE L 134 136.75 6.22 15.05
CA ILE L 134 137.44 7.49 14.86
C ILE L 134 136.89 8.12 13.59
N PHE L 135 136.03 9.12 13.75
CA PHE L 135 135.47 9.89 12.64
C PHE L 135 136.33 11.15 12.48
N THR L 136 137.20 11.14 11.48
CA THR L 136 138.08 12.28 11.25
C THR L 136 138.48 12.33 9.79
N ASP L 137 138.98 13.48 9.37
CA ASP L 137 139.57 13.63 8.05
C ASP L 137 141.05 13.27 8.02
N LEU L 138 141.66 13.00 9.18
CA LEU L 138 143.07 12.68 9.32
C LEU L 138 143.97 13.80 8.81
N SER L 139 143.44 15.03 8.72
CA SER L 139 144.22 16.19 8.34
C SER L 139 144.84 16.88 9.55
N SER L 140 144.57 16.41 10.75
CA SER L 140 145.15 16.99 11.96
C SER L 140 146.61 16.58 12.08
N ARG L 141 147.30 17.22 13.02
CA ARG L 141 148.69 16.90 13.29
C ARG L 141 148.79 15.86 14.40
N PHE L 142 149.64 14.87 14.18
CA PHE L 142 149.76 13.77 15.13
C PHE L 142 151.19 13.27 15.17
N SER L 143 151.57 12.71 16.31
CA SER L 143 152.87 12.07 16.46
C SER L 143 152.74 10.58 16.19
N LYS L 144 153.84 9.98 15.75
CA LYS L 144 153.88 8.54 15.48
C LYS L 144 154.98 7.94 16.36
N SER L 145 154.62 7.65 17.61
CA SER L 145 155.53 7.00 18.53
C SER L 145 154.87 5.91 19.36
N GLN L 146 153.54 5.83 19.40
CA GLN L 146 152.83 4.86 20.22
C GLN L 146 152.15 3.78 19.39
N LEU L 147 152.47 3.69 18.10
CA LEU L 147 151.82 2.71 17.24
C LEU L 147 151.96 1.30 17.80
N ASP L 148 153.17 0.96 18.24
CA ASP L 148 153.41 -0.38 18.78
C ASP L 148 152.57 -0.64 20.01
N ILE L 149 152.62 0.26 21.00
CA ILE L 149 151.87 0.03 22.23
C ILE L 149 150.37 0.12 21.98
N ILE L 150 149.95 0.98 21.05
CA ILE L 150 148.52 1.08 20.73
C ILE L 150 148.02 -0.23 20.14
N ILE L 151 148.73 -0.76 19.15
CA ILE L 151 148.32 -2.03 18.54
C ILE L 151 148.35 -3.14 19.58
N HIS L 152 149.40 -3.16 20.42
CA HIS L 152 149.50 -4.19 21.44
C HIS L 152 148.32 -4.14 22.40
N SER L 153 148.02 -2.97 22.94
CA SER L 153 146.91 -2.86 23.89
C SER L 153 145.58 -3.17 23.22
N LEU L 154 145.39 -2.72 21.99
CA LEU L 154 144.13 -2.95 21.30
C LEU L 154 143.90 -4.44 21.04
N LYS L 155 144.95 -5.16 20.62
CA LYS L 155 144.81 -6.59 20.40
C LYS L 155 144.86 -7.39 21.69
N LYS L 156 145.31 -6.78 22.79
CA LYS L 156 145.29 -7.45 24.09
C LYS L 156 143.90 -7.40 24.72
N CYS L 157 143.38 -6.18 24.93
CA CYS L 157 142.05 -6.04 25.51
C CYS L 157 140.95 -6.44 24.53
N ASP L 158 141.28 -6.68 23.27
CA ASP L 158 140.30 -7.00 22.23
C ASP L 158 139.26 -5.88 22.12
N ILE L 159 139.74 -4.69 21.75
CA ILE L 159 138.90 -3.52 21.57
C ILE L 159 138.83 -3.22 20.09
N SER L 160 137.62 -3.29 19.52
CA SER L 160 137.46 -3.05 18.09
C SER L 160 137.73 -1.58 17.78
N LEU L 161 138.55 -1.35 16.75
CA LEU L 161 138.87 -0.01 16.29
C LEU L 161 138.33 0.16 14.87
N GLN L 162 137.53 1.19 14.67
CA GLN L 162 136.97 1.51 13.36
C GLN L 162 137.36 2.93 13.00
N PHE L 163 137.79 3.13 11.77
CA PHE L 163 138.20 4.43 11.28
C PHE L 163 137.18 4.95 10.28
N PHE L 164 136.74 6.18 10.47
CA PHE L 164 135.75 6.80 9.62
C PHE L 164 136.29 8.12 9.09
N LEU L 165 136.14 8.31 7.78
CA LEU L 165 136.68 9.44 7.06
C LEU L 165 135.58 10.07 6.23
N PRO L 166 135.76 11.31 5.76
CA PRO L 166 134.76 11.90 4.86
C PRO L 166 134.80 11.28 3.47
N PHE L 167 135.95 10.78 3.05
CA PHE L 167 136.16 10.29 1.70
C PHE L 167 136.15 8.76 1.68
N SER L 168 136.17 8.21 0.48
CA SER L 168 136.13 6.77 0.28
C SER L 168 137.50 6.16 0.52
N LEU L 169 137.51 4.84 0.74
CA LEU L 169 138.75 4.10 0.94
C LEU L 169 139.55 4.09 -0.35
N GLY L 170 140.74 4.70 -0.32
CA GLY L 170 141.59 4.77 -1.50
C GLY L 170 141.08 5.75 -2.54
N LYS L 195 140.69 11.47 -5.64
CA LYS L 195 140.59 12.07 -4.31
C LYS L 195 141.11 13.50 -4.30
N GLY L 196 140.62 14.30 -3.35
CA GLY L 196 141.05 15.66 -3.21
C GLY L 196 141.64 15.92 -1.84
N ILE L 197 142.09 14.86 -1.18
CA ILE L 197 142.64 14.95 0.16
C ILE L 197 144.11 15.33 0.08
N THR L 198 144.55 16.19 1.01
CA THR L 198 145.93 16.62 1.03
C THR L 198 146.84 15.48 1.48
N GLU L 199 148.15 15.73 1.39
CA GLU L 199 149.12 14.69 1.71
C GLU L 199 149.18 14.38 3.19
N GLN L 200 148.73 15.29 4.06
CA GLN L 200 148.64 14.96 5.48
C GLN L 200 147.57 13.90 5.72
N GLN L 201 146.41 14.05 5.08
CA GLN L 201 145.36 13.05 5.20
C GLN L 201 145.81 11.71 4.64
N LYS L 202 146.53 11.73 3.51
CA LYS L 202 147.04 10.49 2.93
C LYS L 202 148.09 9.85 3.82
N GLU L 203 148.96 10.67 4.43
CA GLU L 203 149.94 10.15 5.39
C GLU L 203 149.25 9.45 6.54
N GLY L 204 148.28 10.13 7.16
CA GLY L 204 147.53 9.49 8.23
C GLY L 204 146.79 8.26 7.75
N LEU L 205 146.30 8.29 6.51
CA LEU L 205 145.57 7.15 5.97
C LEU L 205 146.48 5.93 5.85
N GLU L 206 147.69 6.11 5.35
CA GLU L 206 148.61 4.99 5.26
C GLU L 206 149.05 4.51 6.64
N ILE L 207 149.26 5.45 7.57
CA ILE L 207 149.66 5.06 8.92
C ILE L 207 148.58 4.20 9.57
N VAL L 208 147.33 4.66 9.51
CA VAL L 208 146.25 3.91 10.11
C VAL L 208 145.97 2.64 9.32
N LYS L 209 146.26 2.63 8.02
CA LYS L 209 146.13 1.39 7.24
C LYS L 209 147.10 0.34 7.75
N MET L 210 148.36 0.73 7.97
CA MET L 210 149.34 -0.20 8.49
C MET L 210 148.94 -0.68 9.88
N VAL L 211 148.54 0.25 10.74
CA VAL L 211 148.13 -0.11 12.10
C VAL L 211 146.92 -1.04 12.07
N MET L 212 145.96 -0.76 11.21
CA MET L 212 144.71 -1.51 11.17
C MET L 212 144.91 -2.88 10.55
N ILE L 213 145.80 -2.99 9.57
CA ILE L 213 146.19 -4.31 9.07
C ILE L 213 146.88 -5.11 10.17
N SER L 214 147.77 -4.45 10.92
CA SER L 214 148.41 -5.13 12.03
C SER L 214 147.39 -5.64 13.03
N LEU L 215 146.36 -4.83 13.31
CA LEU L 215 145.32 -5.23 14.25
C LEU L 215 144.50 -6.40 13.70
N GLU L 216 143.99 -6.28 12.47
CA GLU L 216 143.09 -7.30 11.95
C GLU L 216 143.26 -7.63 10.47
N GLY L 217 144.23 -7.04 9.77
CA GLY L 217 144.51 -7.44 8.41
C GLY L 217 143.74 -6.66 7.36
N GLU L 218 143.57 -7.30 6.20
CA GLU L 218 142.97 -6.64 5.05
C GLU L 218 141.49 -6.36 5.26
N ASP L 219 140.76 -7.32 5.82
CA ASP L 219 139.33 -7.11 6.09
C ASP L 219 139.11 -5.91 7.00
N GLY L 220 140.07 -5.64 7.88
CA GLY L 220 139.97 -4.45 8.73
C GLY L 220 139.91 -3.16 7.92
N LEU L 221 140.63 -3.12 6.80
CA LEU L 221 140.54 -1.95 5.92
C LEU L 221 139.13 -1.71 5.42
N ASP L 222 138.29 -2.75 5.40
CA ASP L 222 136.89 -2.57 5.02
C ASP L 222 136.13 -1.71 6.02
N GLU L 223 136.64 -1.56 7.24
CA GLU L 223 135.99 -0.74 8.26
C GLU L 223 136.27 0.75 8.07
N ILE L 224 136.87 1.14 6.96
CA ILE L 224 137.04 2.55 6.61
C ILE L 224 135.89 2.96 5.72
N TYR L 225 135.12 3.95 6.16
CA TYR L 225 133.91 4.37 5.47
C TYR L 225 133.89 5.88 5.31
N SER L 226 133.32 6.34 4.20
CA SER L 226 133.07 7.76 4.03
C SER L 226 131.96 8.21 4.96
N PHE L 227 132.06 9.47 5.41
CA PHE L 227 131.06 9.99 6.34
C PHE L 227 129.66 10.00 5.70
N SER L 228 129.58 10.34 4.41
CA SER L 228 128.30 10.30 3.72
C SER L 228 127.75 8.88 3.66
N GLU L 229 128.63 7.88 3.58
CA GLU L 229 128.17 6.49 3.62
C GLU L 229 127.50 6.18 4.94
N SER L 230 128.09 6.63 6.05
CA SER L 230 127.46 6.43 7.36
C SER L 230 126.15 7.21 7.44
N LEU L 231 126.10 8.40 6.85
CA LEU L 231 124.86 9.16 6.83
C LEU L 231 123.76 8.40 6.10
N ARG L 232 124.09 7.81 4.96
CA ARG L 232 123.10 7.06 4.20
C ARG L 232 122.68 5.80 4.92
N LYS L 233 123.62 5.12 5.59
CA LYS L 233 123.31 3.84 6.20
C LYS L 233 122.53 3.99 7.51
N LEU L 234 122.84 5.02 8.31
CA LEU L 234 122.27 5.16 9.64
C LEU L 234 121.01 6.00 9.68
N CYS L 235 120.49 6.44 8.53
CA CYS L 235 119.34 7.33 8.55
C CYS L 235 118.11 6.68 9.17
N VAL L 236 118.12 5.35 9.33
CA VAL L 236 117.02 4.61 9.93
C VAL L 236 117.33 4.36 11.39
N PHE L 237 116.30 4.36 12.23
CA PHE L 237 116.45 3.92 13.61
C PHE L 237 116.70 2.42 13.66
N LYS L 238 117.39 1.97 14.71
CA LYS L 238 117.68 0.56 14.86
C LYS L 238 116.39 -0.24 15.03
N LYS L 239 116.37 -1.43 14.44
CA LYS L 239 115.20 -2.29 14.55
C LYS L 239 114.99 -2.72 15.99
N ILE L 240 113.73 -2.71 16.41
CA ILE L 240 113.39 -3.16 17.76
C ILE L 240 113.60 -4.66 17.86
N GLU L 241 114.36 -5.09 18.87
CA GLU L 241 114.85 -6.46 18.96
C GLU L 241 114.21 -7.18 20.13
N ARG L 242 113.71 -8.39 19.86
CA ARG L 242 113.23 -9.31 20.88
C ARG L 242 113.83 -10.69 20.66
N HIS L 243 114.24 -11.33 21.74
CA HIS L 243 114.83 -12.65 21.68
C HIS L 243 113.74 -13.72 21.62
N SER L 244 113.93 -14.70 20.74
CA SER L 244 113.00 -15.83 20.64
C SER L 244 113.38 -16.87 21.66
N ILE L 245 112.60 -16.98 22.73
CA ILE L 245 112.87 -17.97 23.77
C ILE L 245 112.72 -19.36 23.19
N HIS L 246 113.67 -20.23 23.51
CA HIS L 246 113.65 -21.59 23.00
C HIS L 246 112.47 -22.38 23.58
N TRP L 247 111.85 -23.19 22.73
CA TRP L 247 110.80 -24.11 23.17
C TRP L 247 111.28 -25.54 22.98
N PRO L 248 111.72 -26.21 24.03
CA PRO L 248 112.04 -27.64 23.92
C PRO L 248 110.76 -28.46 23.79
N CYS L 249 110.88 -29.57 23.07
CA CYS L 249 109.78 -30.52 22.91
C CYS L 249 110.35 -31.77 22.27
N ARG L 250 109.47 -32.76 22.06
CA ARG L 250 109.85 -34.01 21.41
C ARG L 250 108.91 -34.25 20.25
N LEU L 251 109.48 -34.42 19.05
CA LEU L 251 108.68 -34.74 17.88
C LEU L 251 108.23 -36.19 18.02
N THR L 252 106.98 -36.37 18.43
CA THR L 252 106.43 -37.70 18.69
C THR L 252 105.70 -38.19 17.44
N ILE L 253 106.19 -39.29 16.87
CA ILE L 253 105.55 -39.95 15.75
C ILE L 253 105.02 -41.27 16.29
N GLY L 254 103.71 -41.33 16.53
CA GLY L 254 103.17 -42.49 17.19
C GLY L 254 103.64 -42.54 18.65
N SER L 255 103.54 -43.72 19.22
CA SER L 255 103.99 -43.96 20.59
C SER L 255 105.40 -44.54 20.65
N ASN L 256 106.06 -44.69 19.50
CA ASN L 256 107.37 -45.32 19.45
C ASN L 256 108.49 -44.42 18.96
N LEU L 257 108.18 -43.33 18.26
CA LEU L 257 109.18 -42.44 17.70
C LEU L 257 109.12 -41.09 18.40
N SER L 258 110.25 -40.66 18.94
CA SER L 258 110.37 -39.37 19.59
C SER L 258 111.66 -38.71 19.14
N ILE L 259 111.59 -37.44 18.77
CA ILE L 259 112.75 -36.67 18.36
C ILE L 259 112.78 -35.38 19.17
N ARG L 260 113.84 -35.19 19.94
CA ARG L 260 114.03 -33.92 20.65
C ARG L 260 114.15 -32.79 19.64
N ILE L 261 113.34 -31.75 19.82
CA ILE L 261 113.23 -30.68 18.84
C ILE L 261 113.43 -29.32 19.48
N ALA L 262 113.87 -28.37 18.67
CA ALA L 262 114.12 -26.99 19.09
C ALA L 262 113.25 -26.08 18.25
N ALA L 263 112.22 -25.51 18.86
CA ALA L 263 111.26 -24.67 18.17
C ALA L 263 111.57 -23.19 18.42
N TYR L 264 111.40 -22.38 17.37
CA TYR L 264 111.70 -20.96 17.48
C TYR L 264 110.72 -20.16 16.63
N LYS L 265 110.40 -18.97 17.09
CA LYS L 265 109.57 -18.04 16.34
C LYS L 265 110.42 -17.39 15.24
N SER L 266 110.08 -17.64 13.99
CA SER L 266 110.84 -17.07 12.88
C SER L 266 110.24 -15.74 12.41
N ILE L 267 108.99 -15.77 11.98
CA ILE L 267 108.30 -14.58 11.52
C ILE L 267 107.19 -14.27 12.51
N LEU L 268 106.95 -12.98 12.74
CA LEU L 268 105.92 -12.57 13.68
C LEU L 268 105.56 -11.12 13.43
N GLN L 269 104.32 -10.76 13.76
CA GLN L 269 103.85 -9.38 13.68
C GLN L 269 104.36 -8.64 14.91
N GLU L 270 105.60 -8.19 14.81
CA GLU L 270 106.26 -7.56 15.96
C GLU L 270 105.56 -6.26 16.33
N ARG L 271 105.55 -5.96 17.62
CA ARG L 271 104.95 -4.74 18.13
C ARG L 271 105.73 -4.27 19.35
N VAL L 272 105.74 -2.97 19.57
CA VAL L 272 106.53 -2.40 20.66
C VAL L 272 105.99 -2.90 21.99
N LYS L 273 106.91 -3.17 22.93
CA LYS L 273 106.58 -3.64 24.26
C LYS L 273 106.42 -2.51 25.26
N LYS L 274 106.10 -1.30 24.81
CA LYS L 274 105.89 -0.16 25.69
C LYS L 274 104.62 0.57 25.26
N THR L 275 103.51 0.25 25.92
CA THR L 275 102.27 0.95 25.65
C THR L 275 102.37 2.40 26.11
N TRP L 276 101.48 3.23 25.58
CA TRP L 276 101.49 4.65 25.92
C TRP L 276 101.10 4.82 27.38
N THR L 277 102.07 5.21 28.20
CA THR L 277 101.84 5.46 29.61
C THR L 277 101.09 6.78 29.74
N VAL L 278 99.76 6.69 29.71
CA VAL L 278 98.95 7.90 29.84
C VAL L 278 99.12 8.49 31.23
N VAL L 279 99.42 9.78 31.29
CA VAL L 279 99.64 10.46 32.55
C VAL L 279 98.66 11.63 32.63
N ASP L 280 98.77 12.42 33.70
CA ASP L 280 97.92 13.58 33.82
C ASP L 280 98.23 14.59 32.72
N ALA L 281 97.21 15.32 32.30
CA ALA L 281 97.42 16.44 31.41
C ALA L 281 97.90 17.69 32.14
N LYS L 282 97.95 17.65 33.47
CA LYS L 282 98.37 18.79 34.27
C LYS L 282 99.72 18.57 34.93
N THR L 283 99.86 17.51 35.73
CA THR L 283 101.10 17.22 36.42
C THR L 283 101.81 15.99 35.87
N LEU L 284 101.30 15.39 34.80
CA LEU L 284 101.94 14.27 34.12
C LEU L 284 102.19 13.11 35.08
N LYS L 285 101.25 12.85 35.96
CA LYS L 285 101.36 11.78 36.94
C LYS L 285 100.32 10.72 36.61
N LYS L 286 100.78 9.64 35.97
CA LYS L 286 99.89 8.52 35.68
C LYS L 286 99.34 7.90 36.95
N GLU L 287 100.08 8.02 38.06
CA GLU L 287 99.62 7.45 39.33
C GLU L 287 98.34 8.13 39.79
N ASP L 288 98.24 9.45 39.63
CA ASP L 288 97.03 10.17 39.99
C ASP L 288 95.87 9.82 39.08
N ILE L 289 96.13 9.15 37.96
CA ILE L 289 95.11 8.77 37.00
C ILE L 289 94.79 7.30 37.23
N GLN L 290 93.51 6.98 37.37
CA GLN L 290 93.12 5.61 37.59
C GLN L 290 91.68 5.39 37.15
N LYS L 291 91.41 4.19 36.65
CA LYS L 291 90.10 3.82 36.17
C LYS L 291 89.27 3.24 37.31
N GLU L 292 87.94 3.35 37.17
CA GLU L 292 87.01 2.94 38.22
C GLU L 292 85.84 2.22 37.54
N THR L 293 85.96 0.91 37.37
CA THR L 293 84.87 0.12 36.83
C THR L 293 83.81 -0.08 37.90
N VAL L 294 82.56 0.15 37.54
CA VAL L 294 81.44 0.06 38.47
C VAL L 294 80.31 -0.69 37.79
N TYR L 295 79.58 -1.47 38.57
CA TYR L 295 78.47 -2.27 38.09
C TYR L 295 77.19 -1.81 38.77
N CYS L 296 76.09 -1.81 38.04
CA CYS L 296 74.84 -1.30 38.58
C CYS L 296 73.70 -1.74 37.67
N LEU L 297 72.51 -1.20 37.92
CA LEU L 297 71.35 -1.39 37.04
C LEU L 297 70.84 -0.05 36.53
N GLU L 302 69.69 4.55 41.00
CA GLU L 302 70.18 3.33 40.36
C GLU L 302 70.12 2.15 41.31
N THR L 303 70.83 1.07 40.95
CA THR L 303 70.97 -0.08 41.83
C THR L 303 72.37 -0.66 41.59
N GLU L 304 73.33 -0.21 42.40
CA GLU L 304 74.72 -0.55 42.18
C GLU L 304 74.99 -2.02 42.51
N VAL L 305 75.88 -2.62 41.74
CA VAL L 305 76.27 -4.01 41.94
C VAL L 305 77.79 -4.07 42.06
N LEU L 306 78.29 -5.08 42.75
CA LEU L 306 79.70 -5.23 43.02
C LEU L 306 80.31 -6.35 42.18
N LYS L 307 81.64 -6.35 42.11
CA LYS L 307 82.35 -7.42 41.44
C LYS L 307 82.09 -8.77 42.09
N GLU L 308 81.83 -8.76 43.39
CA GLU L 308 81.59 -9.97 44.15
C GLU L 308 80.12 -10.36 44.16
N ASP L 309 79.29 -9.67 43.37
CA ASP L 309 77.88 -10.00 43.24
C ASP L 309 77.52 -10.39 41.82
N ILE L 310 78.51 -10.64 40.96
CA ILE L 310 78.28 -11.00 39.58
C ILE L 310 79.09 -12.23 39.24
N ILE L 311 78.66 -12.93 38.20
CA ILE L 311 79.36 -14.10 37.68
C ILE L 311 79.50 -13.94 36.17
N GLN L 312 80.08 -14.96 35.55
CA GLN L 312 80.20 -15.03 34.11
C GLN L 312 78.95 -15.65 33.52
N GLY L 313 78.52 -15.15 32.35
CA GLY L 313 77.37 -15.68 31.67
C GLY L 313 77.58 -15.66 30.16
N PHE L 314 76.65 -16.29 29.46
CA PHE L 314 76.74 -16.36 28.01
C PHE L 314 75.35 -16.36 27.41
N ARG L 315 75.30 -15.99 26.13
CA ARG L 315 74.06 -15.96 25.37
C ARG L 315 73.91 -17.25 24.59
N TYR L 316 72.82 -17.97 24.85
CA TYR L 316 72.52 -19.20 24.12
C TYR L 316 71.47 -18.89 23.06
N GLY L 317 71.94 -18.34 21.95
CA GLY L 317 71.03 -17.95 20.89
C GLY L 317 70.08 -16.89 21.39
N SER L 318 68.79 -17.19 21.37
CA SER L 318 67.78 -16.30 21.93
C SER L 318 67.72 -16.38 23.45
N ASP L 319 68.71 -16.99 24.08
CA ASP L 319 68.67 -17.28 25.50
C ASP L 319 69.99 -16.87 26.14
N ILE L 320 69.96 -16.71 27.46
CA ILE L 320 71.11 -16.29 28.24
C ILE L 320 71.44 -17.39 29.24
N VAL L 321 72.70 -17.82 29.25
CA VAL L 321 73.15 -18.89 30.12
C VAL L 321 74.13 -18.31 31.14
N PRO L 322 73.80 -18.31 32.42
CA PRO L 322 74.79 -17.95 33.44
C PRO L 322 75.76 -19.11 33.63
N PHE L 323 77.05 -18.83 33.49
CA PHE L 323 78.03 -19.91 33.47
C PHE L 323 79.34 -19.35 34.02
N SER L 324 79.59 -19.59 35.30
CA SER L 324 80.73 -18.99 35.96
C SER L 324 82.04 -19.56 35.41
N LYS L 325 83.10 -18.77 35.54
CA LYS L 325 84.41 -19.22 35.08
C LYS L 325 84.87 -20.46 35.82
N VAL L 326 84.44 -20.64 37.06
CA VAL L 326 84.75 -21.87 37.78
C VAL L 326 84.12 -23.06 37.06
N ASP L 327 82.83 -22.95 36.76
CA ASP L 327 82.14 -24.00 36.02
C ASP L 327 82.78 -24.18 34.65
N GLU L 328 83.15 -23.07 34.02
CA GLU L 328 83.82 -23.15 32.73
C GLU L 328 85.08 -23.98 32.82
N GLU L 329 85.88 -23.75 33.86
CA GLU L 329 87.10 -24.52 34.05
C GLU L 329 86.80 -25.99 34.26
N GLN L 330 85.81 -26.29 35.11
CA GLN L 330 85.54 -27.68 35.46
C GLN L 330 85.05 -28.48 34.26
N MET L 331 84.19 -27.89 33.43
CA MET L 331 83.73 -28.55 32.22
C MET L 331 84.55 -28.19 31.00
N LYS L 332 85.65 -27.48 31.17
CA LYS L 332 86.51 -27.15 30.03
C LYS L 332 87.23 -28.39 29.52
N TYR L 333 87.30 -28.51 28.19
CA TYR L 333 88.25 -29.45 27.61
C TYR L 333 89.66 -28.88 27.75
N LYS L 334 90.58 -29.70 28.25
CA LYS L 334 91.93 -29.27 28.52
C LYS L 334 92.91 -30.12 27.72
N SER L 335 93.86 -29.46 27.06
CA SER L 335 94.86 -30.14 26.26
C SER L 335 96.00 -30.61 27.17
N GLU L 336 97.13 -30.97 26.57
CA GLU L 336 98.28 -31.47 27.29
C GLU L 336 99.43 -30.48 27.18
N GLY L 337 100.16 -30.31 28.29
CA GLY L 337 101.24 -29.34 28.35
C GLY L 337 102.36 -29.60 27.36
N LYS L 338 102.64 -28.60 26.51
CA LYS L 338 103.73 -28.61 25.54
C LYS L 338 103.63 -29.77 24.55
N CYS L 339 102.53 -30.50 24.54
CA CYS L 339 102.44 -31.68 23.68
C CYS L 339 102.38 -31.24 22.23
N PHE L 340 103.13 -31.95 21.39
CA PHE L 340 103.15 -31.66 19.96
C PHE L 340 103.35 -32.99 19.23
N SER L 341 102.30 -33.46 18.55
CA SER L 341 102.36 -34.72 17.85
C SER L 341 102.01 -34.53 16.38
N VAL L 342 102.53 -35.42 15.55
CA VAL L 342 102.20 -35.43 14.13
C VAL L 342 100.92 -36.23 13.92
N LEU L 343 100.12 -35.81 12.96
CA LEU L 343 98.88 -36.50 12.64
C LEU L 343 98.95 -37.30 11.35
N GLY L 344 99.86 -36.98 10.46
CA GLY L 344 100.01 -37.72 9.23
C GLY L 344 100.73 -36.90 8.19
N PHE L 345 100.82 -37.48 6.99
CA PHE L 345 101.50 -36.86 5.86
C PHE L 345 100.52 -36.67 4.72
N CYS L 346 100.59 -35.52 4.07
CA CYS L 346 99.73 -35.21 2.94
C CYS L 346 100.53 -34.46 1.89
N LYS L 347 99.97 -34.41 0.69
CA LYS L 347 100.60 -33.70 -0.41
C LYS L 347 100.71 -32.21 -0.09
N SER L 348 101.82 -31.61 -0.53
CA SER L 348 102.00 -30.17 -0.32
C SER L 348 100.93 -29.37 -1.05
N SER L 349 100.58 -29.78 -2.27
CA SER L 349 99.57 -29.05 -3.02
C SER L 349 98.18 -29.17 -2.42
N GLN L 350 97.98 -30.07 -1.46
CA GLN L 350 96.70 -30.14 -0.76
C GLN L 350 96.47 -28.91 0.11
N VAL L 351 97.52 -28.16 0.45
CA VAL L 351 97.41 -26.99 1.31
C VAL L 351 98.01 -25.80 0.59
N GLN L 352 97.38 -24.64 0.74
CA GLN L 352 97.86 -23.40 0.16
C GLN L 352 97.98 -22.32 1.23
N ARG L 353 98.56 -21.19 0.84
CA ARG L 353 98.73 -20.08 1.76
C ARG L 353 97.39 -19.53 2.23
N ARG L 354 96.31 -19.84 1.52
CA ARG L 354 94.99 -19.43 1.96
C ARG L 354 94.60 -20.04 3.29
N PHE L 355 95.20 -21.18 3.65
CA PHE L 355 94.91 -21.86 4.90
C PHE L 355 95.93 -21.53 5.98
N PHE L 356 96.82 -20.57 5.74
CA PHE L 356 97.89 -20.25 6.67
C PHE L 356 97.31 -19.50 7.86
N MET L 357 97.07 -20.22 8.94
CA MET L 357 96.52 -19.59 10.13
C MET L 357 97.65 -19.01 10.99
N GLY L 358 97.26 -18.33 12.06
CA GLY L 358 98.22 -17.73 12.96
C GLY L 358 98.81 -16.45 12.38
N ASN L 359 99.49 -15.71 13.26
CA ASN L 359 100.19 -14.49 12.88
C ASN L 359 101.70 -14.63 13.04
N GLN L 360 102.19 -15.86 13.16
CA GLN L 360 103.61 -16.11 13.39
C GLN L 360 104.02 -17.38 12.65
N VAL L 361 105.32 -17.49 12.40
CA VAL L 361 105.90 -18.64 11.73
C VAL L 361 106.99 -19.20 12.62
N LEU L 362 106.99 -20.52 12.79
CA LEU L 362 107.90 -21.20 13.72
C LEU L 362 108.92 -22.00 12.93
N LYS L 363 110.17 -21.53 12.98
CA LYS L 363 111.30 -22.30 12.46
C LYS L 363 111.77 -23.24 13.56
N VAL L 364 111.70 -24.55 13.30
CA VAL L 364 111.92 -25.56 14.32
C VAL L 364 113.09 -26.44 13.89
N PHE L 365 114.08 -26.55 14.76
CA PHE L 365 115.16 -27.52 14.61
C PHE L 365 114.91 -28.71 15.53
N ALA L 366 115.79 -29.70 15.44
CA ALA L 366 115.92 -30.66 16.51
C ALA L 366 116.60 -29.99 17.70
N ALA L 367 116.49 -30.62 18.86
CA ALA L 367 117.02 -30.02 20.08
C ALA L 367 118.51 -29.73 19.92
N ARG L 368 118.93 -28.58 20.47
CA ARG L 368 120.29 -28.11 20.28
C ARG L 368 121.30 -29.15 20.72
N ASP L 369 122.25 -29.46 19.84
CA ASP L 369 123.38 -30.34 20.15
C ASP L 369 122.90 -31.75 20.52
N ASP L 370 121.88 -32.23 19.83
CA ASP L 370 121.47 -33.63 19.90
C ASP L 370 121.68 -34.18 18.49
N GLU L 371 122.86 -34.77 18.27
CA GLU L 371 123.25 -35.16 16.93
C GLU L 371 122.32 -36.21 16.36
N ALA L 372 121.90 -37.18 17.18
CA ALA L 372 120.96 -38.17 16.68
C ALA L 372 119.63 -37.53 16.29
N ALA L 373 119.11 -36.63 17.12
CA ALA L 373 117.88 -35.93 16.77
C ALA L 373 118.08 -35.10 15.51
N ALA L 374 119.22 -34.43 15.38
CA ALA L 374 119.47 -33.60 14.20
C ALA L 374 119.53 -34.45 12.93
N VAL L 375 120.23 -35.58 12.98
CA VAL L 375 120.35 -36.45 11.81
C VAL L 375 118.98 -37.02 11.45
N ALA L 376 118.21 -37.46 12.45
CA ALA L 376 116.87 -37.96 12.17
C ALA L 376 116.02 -36.86 11.54
N LEU L 377 116.09 -35.65 12.09
CA LEU L 377 115.34 -34.53 11.53
C LEU L 377 115.70 -34.30 10.08
N SER L 378 117.00 -34.28 9.78
CA SER L 378 117.44 -34.03 8.40
C SER L 378 117.00 -35.15 7.47
N SER L 379 116.99 -36.40 7.96
CA SER L 379 116.49 -37.49 7.14
C SER L 379 115.02 -37.30 6.83
N LEU L 380 114.23 -36.91 7.82
CA LEU L 380 112.82 -36.59 7.57
C LEU L 380 112.70 -35.45 6.57
N ILE L 381 113.54 -34.44 6.69
CA ILE L 381 113.51 -33.30 5.80
C ILE L 381 113.73 -33.74 4.36
N HIS L 382 114.78 -34.52 4.14
CA HIS L 382 115.09 -34.96 2.78
C HIS L 382 113.99 -35.87 2.25
N ALA L 383 113.49 -36.79 3.08
CA ALA L 383 112.45 -37.70 2.63
C ALA L 383 111.19 -36.92 2.22
N LEU L 384 110.77 -35.98 3.07
CA LEU L 384 109.58 -35.20 2.75
C LEU L 384 109.80 -34.34 1.52
N ASP L 385 111.00 -33.77 1.38
CA ASP L 385 111.30 -32.94 0.22
C ASP L 385 111.20 -33.74 -1.06
N ASP L 386 111.76 -34.95 -1.07
CA ASP L 386 111.72 -35.78 -2.27
C ASP L 386 110.31 -36.31 -2.53
N LEU L 387 109.57 -36.63 -1.47
CA LEU L 387 108.20 -37.10 -1.63
C LEU L 387 107.20 -35.96 -1.81
N ASP L 388 107.62 -34.71 -1.57
CA ASP L 388 106.72 -33.55 -1.63
C ASP L 388 105.54 -33.71 -0.68
N MET L 389 105.77 -34.39 0.45
CA MET L 389 104.75 -34.56 1.47
C MET L 389 104.98 -33.56 2.60
N VAL L 390 103.88 -33.15 3.22
CA VAL L 390 103.93 -32.26 4.37
C VAL L 390 103.20 -32.93 5.53
N ALA L 391 103.71 -32.70 6.74
CA ALA L 391 103.29 -33.44 7.92
C ALA L 391 102.23 -32.63 8.67
N ILE L 392 101.01 -33.14 8.70
CA ILE L 392 99.97 -32.57 9.55
C ILE L 392 100.32 -32.89 10.99
N VAL L 393 100.39 -31.86 11.83
CA VAL L 393 100.89 -32.01 13.19
C VAL L 393 99.95 -31.31 14.16
N ARG L 394 99.69 -31.96 15.29
CA ARG L 394 98.94 -31.36 16.38
C ARG L 394 99.89 -30.68 17.34
N TYR L 395 99.57 -29.44 17.72
CA TYR L 395 100.46 -28.65 18.55
C TYR L 395 99.73 -28.09 19.75
N ALA L 396 100.38 -28.16 20.91
CA ALA L 396 99.94 -27.47 22.11
C ALA L 396 101.16 -26.79 22.73
N TYR L 397 101.02 -25.49 23.01
CA TYR L 397 102.13 -24.73 23.55
C TYR L 397 102.47 -25.17 24.98
N ASP L 398 101.46 -25.24 25.83
CA ASP L 398 101.66 -25.63 27.23
C ASP L 398 100.33 -26.17 27.75
N LYS L 399 100.23 -26.28 29.08
CA LYS L 399 99.02 -26.82 29.69
C LYS L 399 97.82 -25.93 29.39
N ARG L 400 97.98 -24.61 29.45
CA ARG L 400 96.85 -23.70 29.38
C ARG L 400 96.62 -23.12 28.00
N ALA L 401 97.43 -23.48 27.02
CA ALA L 401 97.25 -23.00 25.65
C ALA L 401 96.40 -24.01 24.88
N ASN L 402 95.46 -23.50 24.11
CA ASN L 402 94.53 -24.37 23.40
C ASN L 402 95.29 -25.17 22.33
N PRO L 403 94.88 -26.41 22.07
CA PRO L 403 95.52 -27.18 21.01
C PRO L 403 95.27 -26.55 19.65
N GLN L 404 96.25 -26.71 18.77
CA GLN L 404 96.18 -26.14 17.43
C GLN L 404 96.53 -27.21 16.40
N VAL L 405 95.96 -27.04 15.21
CA VAL L 405 96.24 -27.91 14.07
C VAL L 405 97.02 -27.10 13.05
N GLY L 406 98.21 -27.56 12.72
CA GLY L 406 99.03 -26.91 11.72
C GLY L 406 99.83 -27.94 10.97
N VAL L 407 100.64 -27.44 10.04
CA VAL L 407 101.50 -28.29 9.22
C VAL L 407 102.92 -27.79 9.35
N ALA L 408 103.88 -28.71 9.18
CA ALA L 408 105.30 -28.38 9.18
C ALA L 408 105.88 -28.80 7.85
N PHE L 409 106.51 -27.85 7.16
CA PHE L 409 107.22 -28.20 5.94
C PHE L 409 108.68 -27.81 6.07
N PRO L 410 109.59 -28.61 5.49
CA PRO L 410 111.02 -28.35 5.68
C PRO L 410 111.47 -27.14 4.86
N HIS L 411 112.20 -26.24 5.52
CA HIS L 411 112.85 -25.14 4.83
C HIS L 411 114.29 -25.54 4.51
N ILE L 412 114.61 -25.54 3.22
CA ILE L 412 115.90 -26.03 2.76
C ILE L 412 116.90 -24.87 2.73
N LYS L 413 117.95 -24.97 3.53
CA LYS L 413 119.04 -24.01 3.50
C LYS L 413 120.35 -24.76 3.72
N HIS L 414 121.38 -24.34 2.97
CA HIS L 414 122.68 -25.01 3.06
C HIS L 414 123.32 -24.86 4.42
N ASN L 415 122.93 -23.85 5.20
CA ASN L 415 123.51 -23.65 6.51
C ASN L 415 122.71 -24.28 7.63
N TYR L 416 121.44 -24.59 7.39
CA TYR L 416 120.56 -25.09 8.43
C TYR L 416 119.31 -25.65 7.80
N GLU L 417 118.70 -26.63 8.46
CA GLU L 417 117.48 -27.26 7.98
C GLU L 417 116.43 -27.23 9.09
N CYS L 418 115.26 -26.69 8.78
CA CYS L 418 114.19 -26.56 9.75
C CYS L 418 112.87 -27.00 9.14
N LEU L 419 111.96 -27.40 10.02
CA LEU L 419 110.56 -27.61 9.68
C LEU L 419 109.81 -26.32 10.02
N VAL L 420 109.12 -25.76 9.04
CA VAL L 420 108.40 -24.51 9.21
C VAL L 420 106.96 -24.84 9.54
N TYR L 421 106.53 -24.45 10.75
CA TYR L 421 105.19 -24.74 11.23
C TYR L 421 104.28 -23.54 11.00
N VAL L 422 103.13 -23.79 10.36
CA VAL L 422 102.09 -22.78 10.19
C VAL L 422 100.76 -23.44 10.54
N GLN L 423 99.99 -22.77 11.40
CA GLN L 423 98.72 -23.35 11.85
C GLN L 423 97.73 -23.46 10.70
N LEU L 424 96.86 -24.45 10.80
CA LEU L 424 95.84 -24.71 9.79
C LEU L 424 94.45 -24.53 10.39
N PRO L 425 93.46 -24.17 9.57
CA PRO L 425 92.13 -23.87 10.11
C PRO L 425 91.25 -25.09 10.23
N PHE L 426 90.38 -25.04 11.24
CA PHE L 426 89.30 -26.01 11.33
C PHE L 426 88.22 -25.67 10.32
N MET L 427 87.26 -26.57 10.16
CA MET L 427 86.09 -26.21 9.36
C MET L 427 85.30 -25.08 10.00
N GLU L 428 85.48 -24.88 11.30
CA GLU L 428 84.87 -23.76 12.00
C GLU L 428 85.44 -22.43 11.54
N ASP L 429 86.66 -22.40 11.01
CA ASP L 429 87.38 -21.17 10.74
C ASP L 429 87.35 -20.78 9.27
N LEU L 430 86.28 -21.09 8.56
CA LEU L 430 86.23 -20.93 7.12
C LEU L 430 84.99 -20.16 6.72
N ARG L 431 85.08 -19.51 5.56
CA ARG L 431 83.97 -18.76 4.98
C ARG L 431 83.70 -19.30 3.59
N GLN L 432 82.48 -19.74 3.35
CA GLN L 432 82.06 -20.31 2.07
C GLN L 432 81.27 -19.23 1.34
N TYR L 433 81.96 -18.40 0.58
CA TYR L 433 81.36 -17.26 -0.09
C TYR L 433 81.52 -17.41 -1.59
N MET L 434 80.40 -17.37 -2.31
CA MET L 434 80.40 -17.51 -3.75
C MET L 434 80.73 -16.17 -4.41
N PHE L 435 81.35 -16.26 -5.59
CA PHE L 435 81.67 -15.06 -6.36
C PHE L 435 81.37 -15.33 -7.82
N SER L 436 81.00 -14.27 -8.53
CA SER L 436 80.58 -14.40 -9.91
C SER L 436 81.74 -14.87 -10.78
N SER L 437 81.40 -15.55 -11.87
CA SER L 437 82.40 -16.12 -12.77
C SER L 437 83.02 -15.01 -13.61
N LEU L 438 84.23 -14.59 -13.24
CA LEU L 438 84.95 -13.63 -14.07
C LEU L 438 85.41 -14.25 -15.39
N LYS L 439 85.43 -15.58 -15.48
CA LYS L 439 85.73 -16.22 -16.76
C LYS L 439 84.58 -16.04 -17.74
N ASN L 440 83.34 -16.18 -17.27
CA ASN L 440 82.16 -15.91 -18.09
C ASN L 440 81.86 -14.42 -18.04
N SER L 441 82.80 -13.65 -18.58
CA SER L 441 82.77 -12.20 -18.52
C SER L 441 82.39 -11.66 -19.90
N LYS L 442 81.09 -11.48 -20.11
CA LYS L 442 80.60 -10.92 -21.37
C LYS L 442 80.58 -9.40 -21.34
N LYS L 443 80.16 -8.81 -20.21
CA LYS L 443 80.09 -7.37 -20.07
C LYS L 443 81.40 -6.76 -19.57
N TYR L 444 82.40 -7.59 -19.25
CA TYR L 444 83.69 -7.10 -18.79
C TYR L 444 84.84 -7.71 -19.58
N ALA L 445 84.58 -8.19 -20.79
CA ALA L 445 85.63 -8.74 -21.63
C ALA L 445 86.47 -7.61 -22.20
N PRO L 446 87.71 -7.45 -21.74
CA PRO L 446 88.53 -6.34 -22.23
C PRO L 446 88.96 -6.55 -23.66
N THR L 447 89.20 -5.45 -24.35
CA THR L 447 89.72 -5.53 -25.72
C THR L 447 91.13 -6.08 -25.70
N GLU L 448 91.52 -6.70 -26.82
CA GLU L 448 92.84 -7.29 -26.88
C GLU L 448 93.92 -6.23 -26.74
N ALA L 449 93.75 -5.07 -27.38
CA ALA L 449 94.73 -4.00 -27.25
C ALA L 449 94.91 -3.59 -25.80
N GLN L 450 93.83 -3.60 -25.03
CA GLN L 450 93.94 -3.34 -23.60
C GLN L 450 94.81 -4.39 -22.92
N LEU L 451 94.62 -5.66 -23.28
CA LEU L 451 95.42 -6.72 -22.68
C LEU L 451 96.90 -6.55 -23.04
N ASN L 452 97.17 -6.20 -24.29
CA ASN L 452 98.55 -6.00 -24.71
C ASN L 452 99.19 -4.83 -23.97
N ALA L 453 98.44 -3.74 -23.80
CA ALA L 453 98.96 -2.60 -23.06
C ALA L 453 99.20 -2.96 -21.60
N VAL L 454 98.32 -3.78 -21.02
CA VAL L 454 98.52 -4.24 -19.66
C VAL L 454 99.79 -5.06 -19.54
N ASP L 455 100.01 -5.97 -20.49
CA ASP L 455 101.22 -6.77 -20.48
C ASP L 455 102.46 -5.89 -20.64
N ALA L 456 102.37 -4.89 -21.51
CA ALA L 456 103.48 -3.96 -21.69
C ALA L 456 103.79 -3.22 -20.40
N LEU L 457 102.73 -2.80 -19.69
CA LEU L 457 102.93 -2.16 -18.39
C LEU L 457 103.62 -3.10 -17.42
N ILE L 458 103.14 -4.33 -17.32
CA ILE L 458 103.73 -5.28 -16.38
C ILE L 458 105.20 -5.49 -16.68
N ASP L 459 105.53 -5.63 -17.97
CA ASP L 459 106.93 -5.68 -18.37
C ASP L 459 107.66 -4.43 -17.91
N SER L 460 107.05 -3.27 -18.11
CA SER L 460 107.63 -2.01 -17.70
C SER L 460 107.41 -1.71 -16.23
N MET L 461 106.63 -2.53 -15.52
CA MET L 461 106.42 -2.32 -14.10
C MET L 461 106.94 -3.51 -13.29
N SER L 462 107.52 -4.50 -13.94
CA SER L 462 108.08 -5.64 -13.23
C SER L 462 109.21 -5.18 -12.31
N LEU L 463 109.18 -5.64 -11.07
CA LEU L 463 110.12 -5.20 -10.04
C LEU L 463 111.31 -6.13 -9.89
N ALA L 464 111.56 -7.00 -10.86
CA ALA L 464 112.65 -7.96 -10.80
C ALA L 464 113.66 -7.65 -11.91
N LYS L 465 114.67 -8.51 -12.01
CA LYS L 465 115.70 -8.36 -13.03
C LYS L 465 116.33 -9.71 -13.32
N LYS L 466 116.82 -9.87 -14.54
CA LYS L 466 117.62 -11.03 -14.93
C LYS L 466 119.07 -10.77 -14.57
N ASP L 467 119.64 -11.62 -13.73
CA ASP L 467 120.96 -11.40 -13.16
C ASP L 467 121.97 -12.35 -13.80
N GLU L 468 123.05 -11.78 -14.34
CA GLU L 468 124.21 -12.52 -14.82
C GLU L 468 123.87 -13.47 -15.98
N LYS L 469 122.72 -13.28 -16.62
CA LYS L 469 122.17 -14.20 -17.60
C LYS L 469 121.97 -15.60 -17.02
N THR L 470 122.14 -15.75 -15.71
CA THR L 470 121.90 -17.01 -15.01
C THR L 470 120.43 -17.23 -14.72
N ASP L 471 119.57 -16.30 -15.12
CA ASP L 471 118.13 -16.37 -14.91
C ASP L 471 117.76 -16.41 -13.43
N THR L 472 118.70 -16.04 -12.56
CA THR L 472 118.41 -15.85 -11.15
C THR L 472 117.78 -14.48 -10.98
N LEU L 473 116.48 -14.45 -10.71
CA LEU L 473 115.75 -13.20 -10.68
C LEU L 473 116.27 -12.30 -9.56
N GLU L 474 116.51 -11.05 -9.90
CA GLU L 474 117.05 -10.06 -8.97
C GLU L 474 115.95 -9.05 -8.64
N ASP L 475 115.44 -9.11 -7.42
CA ASP L 475 114.43 -8.15 -6.98
C ASP L 475 115.06 -6.79 -6.79
N LEU L 476 114.31 -5.75 -7.14
CA LEU L 476 114.76 -4.38 -6.99
C LEU L 476 114.16 -3.68 -5.77
N PHE L 477 113.34 -4.38 -4.99
CA PHE L 477 112.57 -3.70 -3.96
C PHE L 477 112.12 -4.74 -2.94
N PRO L 478 113.00 -5.16 -2.03
CA PRO L 478 112.76 -6.38 -1.24
C PRO L 478 111.60 -6.31 -0.26
N THR L 479 111.61 -5.30 0.61
CA THR L 479 110.61 -5.11 1.66
C THR L 479 110.60 -6.23 2.69
N THR L 480 111.46 -7.24 2.51
CA THR L 480 111.63 -8.29 3.51
C THR L 480 112.85 -8.05 4.38
N LYS L 481 113.88 -7.39 3.85
CA LYS L 481 115.00 -6.90 4.62
C LYS L 481 114.87 -5.40 4.89
N ILE L 482 113.66 -4.87 4.81
CA ILE L 482 113.39 -3.45 5.01
C ILE L 482 112.48 -3.32 6.25
N PRO L 483 112.90 -2.59 7.27
CA PRO L 483 112.08 -2.50 8.49
C PRO L 483 110.82 -1.68 8.26
N ASN L 484 109.87 -1.86 9.16
CA ASN L 484 108.63 -1.10 9.08
C ASN L 484 108.88 0.34 9.50
N PRO L 485 108.55 1.32 8.66
CA PRO L 485 108.86 2.72 8.99
C PRO L 485 107.97 3.32 10.06
N ARG L 486 106.95 2.60 10.52
CA ARG L 486 106.07 3.17 11.54
C ARG L 486 106.83 3.51 12.81
N PHE L 487 107.72 2.60 13.24
CA PHE L 487 108.48 2.87 14.45
C PHE L 487 109.52 3.95 14.21
N GLN L 488 110.03 4.05 12.99
CA GLN L 488 110.94 5.14 12.65
C GLN L 488 110.25 6.49 12.78
N ARG L 489 109.03 6.60 12.24
CA ARG L 489 108.26 7.82 12.40
C ARG L 489 107.94 8.10 13.86
N LEU L 490 107.58 7.05 14.59
CA LEU L 490 107.33 7.17 16.02
C LEU L 490 108.53 7.77 16.74
N PHE L 491 109.72 7.24 16.44
CA PHE L 491 110.93 7.73 17.09
C PHE L 491 111.23 9.16 16.65
N GLN L 492 110.97 9.49 15.39
CA GLN L 492 111.11 10.86 14.94
C GLN L 492 110.28 11.80 15.80
N CYS L 493 109.00 11.49 15.96
CA CYS L 493 108.12 12.34 16.74
C CYS L 493 108.56 12.38 18.20
N LEU L 494 108.95 11.24 18.75
CA LEU L 494 109.38 11.19 20.15
C LEU L 494 110.59 12.08 20.37
N LEU L 495 111.59 11.96 19.49
CA LEU L 495 112.80 12.76 19.60
C LEU L 495 112.48 14.24 19.47
N HIS L 496 111.63 14.60 18.50
CA HIS L 496 111.28 16.00 18.34
C HIS L 496 110.61 16.55 19.58
N ARG L 497 109.63 15.81 20.12
CA ARG L 497 108.91 16.29 21.29
C ARG L 497 109.84 16.40 22.50
N ALA L 498 110.74 15.44 22.65
CA ALA L 498 111.69 15.50 23.76
C ALA L 498 112.58 16.73 23.63
N LEU L 499 113.08 17.00 22.42
CA LEU L 499 113.89 18.19 22.22
C LEU L 499 113.02 19.44 22.18
N HIS L 500 111.80 19.32 21.70
CA HIS L 500 110.90 20.46 21.51
C HIS L 500 109.58 20.13 22.17
N PRO L 501 109.48 20.36 23.49
CA PRO L 501 108.24 20.04 24.21
C PRO L 501 107.05 20.89 23.81
N ARG L 502 107.25 21.91 22.97
CA ARG L 502 106.16 22.76 22.53
C ARG L 502 105.96 22.77 21.02
N GLU L 503 106.98 22.41 20.24
CA GLU L 503 106.85 22.50 18.80
C GLU L 503 105.93 21.41 18.27
N PRO L 504 105.23 21.67 17.18
CA PRO L 504 104.45 20.61 16.52
C PRO L 504 105.35 19.58 15.89
N LEU L 505 104.86 18.34 15.83
CA LEU L 505 105.67 17.24 15.36
C LEU L 505 106.02 17.40 13.88
N PRO L 506 107.20 16.95 13.48
CA PRO L 506 107.62 17.09 12.08
C PRO L 506 106.86 16.14 11.19
N PRO L 507 106.75 16.44 9.90
CA PRO L 507 106.06 15.55 8.97
C PRO L 507 106.93 14.35 8.62
N ILE L 508 106.37 13.46 7.80
CA ILE L 508 107.10 12.29 7.37
C ILE L 508 108.28 12.71 6.50
N GLN L 509 109.38 11.97 6.61
CA GLN L 509 110.60 12.33 5.91
C GLN L 509 110.65 11.71 4.52
N GLN L 510 111.46 12.32 3.66
CA GLN L 510 111.44 11.94 2.25
C GLN L 510 112.11 10.60 2.03
N HIS L 511 113.18 10.32 2.78
CA HIS L 511 113.81 9.00 2.67
C HIS L 511 112.86 7.91 3.11
N ILE L 512 111.94 8.22 4.02
CA ILE L 512 110.90 7.26 4.39
C ILE L 512 110.04 6.93 3.20
N TRP L 513 109.69 7.93 2.40
CA TRP L 513 109.00 7.67 1.15
C TRP L 513 109.87 6.84 0.21
N ASN L 514 111.15 7.19 0.12
CA ASN L 514 112.04 6.55 -0.83
C ASN L 514 112.17 5.06 -0.53
N MET L 515 112.35 4.70 0.74
CA MET L 515 112.37 3.29 1.12
C MET L 515 111.03 2.63 0.87
N LEU L 516 109.95 3.40 0.86
CA LEU L 516 108.65 2.89 0.45
C LEU L 516 108.43 3.01 -1.05
N ASN L 517 109.13 3.91 -1.72
CA ASN L 517 108.97 4.08 -3.16
C ASN L 517 109.75 3.00 -3.90
N PRO L 518 109.10 2.27 -4.80
CA PRO L 518 109.83 1.33 -5.65
C PRO L 518 110.80 2.06 -6.57
N PRO L 519 111.73 1.35 -7.20
CA PRO L 519 112.70 2.02 -8.07
C PRO L 519 112.04 2.90 -9.12
N ALA L 520 112.52 4.14 -9.22
CA ALA L 520 111.93 5.10 -10.14
C ALA L 520 112.19 4.74 -11.60
N GLU L 521 113.18 3.91 -11.87
CA GLU L 521 113.39 3.43 -13.24
C GLU L 521 112.20 2.60 -13.69
N VAL L 522 111.69 1.74 -12.80
CA VAL L 522 110.47 0.98 -13.10
C VAL L 522 109.32 1.94 -13.36
N THR L 523 109.25 3.02 -12.58
CA THR L 523 108.20 4.02 -12.77
C THR L 523 108.32 4.67 -14.15
N THR L 524 109.54 5.03 -14.55
CA THR L 524 109.73 5.66 -15.85
C THR L 524 109.35 4.71 -16.98
N LYS L 525 109.71 3.43 -16.83
CA LYS L 525 109.29 2.44 -17.81
C LYS L 525 107.78 2.37 -17.90
N SER L 526 107.11 2.37 -16.75
CA SER L 526 105.67 2.21 -16.70
C SER L 526 104.92 3.47 -17.14
N GLN L 527 105.59 4.62 -17.15
CA GLN L 527 104.91 5.90 -17.39
C GLN L 527 104.06 5.86 -18.65
N ILE L 528 104.59 5.32 -19.73
CA ILE L 528 103.90 5.34 -21.02
C ILE L 528 102.75 4.35 -21.02
N PRO L 529 102.96 3.06 -20.73
CA PRO L 529 101.80 2.14 -20.70
C PRO L 529 100.76 2.52 -19.67
N LEU L 530 101.15 3.24 -18.61
CA LEU L 530 100.15 3.77 -17.68
C LEU L 530 99.15 4.65 -18.40
N SER L 531 99.64 5.63 -19.15
CA SER L 531 98.75 6.50 -19.92
C SER L 531 98.01 5.71 -20.98
N LYS L 532 98.69 4.73 -21.59
CA LYS L 532 98.04 3.93 -22.63
C LYS L 532 96.80 3.23 -22.09
N ILE L 533 96.94 2.52 -20.97
CA ILE L 533 95.81 1.82 -20.38
C ILE L 533 94.79 2.79 -19.83
N LYS L 534 95.26 3.91 -19.26
CA LYS L 534 94.35 4.93 -18.74
C LYS L 534 93.41 5.40 -19.84
N THR L 535 93.95 5.68 -21.02
CA THR L 535 93.10 5.96 -22.18
C THR L 535 92.26 4.74 -22.54
N LEU L 536 92.85 3.54 -22.43
CA LEU L 536 92.20 2.35 -22.93
C LEU L 536 91.01 1.91 -22.08
N PHE L 537 91.03 2.19 -20.78
CA PHE L 537 89.97 1.72 -19.90
C PHE L 537 89.14 2.88 -19.40
N PRO L 538 87.82 2.87 -19.61
CA PRO L 538 86.96 3.94 -19.08
C PRO L 538 86.60 3.66 -17.62
N LEU L 539 87.04 4.54 -16.73
CA LEU L 539 86.77 4.42 -15.31
C LEU L 539 86.12 5.69 -14.81
N ILE L 540 84.99 5.55 -14.12
CA ILE L 540 84.25 6.71 -13.61
C ILE L 540 83.80 6.40 -12.18
N GLU L 541 84.09 7.32 -11.26
CA GLU L 541 83.64 7.17 -9.89
C GLU L 541 82.14 7.42 -9.78
N ALA L 542 81.46 6.60 -8.99
CA ALA L 542 80.04 6.82 -8.72
C ALA L 542 79.87 7.96 -7.72
N VAL L 548 86.22 13.91 5.01
CA VAL L 548 85.36 14.89 5.65
C VAL L 548 86.10 15.62 6.75
N THR L 549 87.25 15.09 7.13
CA THR L 549 88.01 15.64 8.25
C THR L 549 89.39 16.04 7.75
N ALA L 550 89.45 17.25 7.20
CA ALA L 550 90.71 17.92 6.90
C ALA L 550 90.67 19.25 7.62
N GLN L 551 90.31 19.20 8.90
CA GLN L 551 89.86 20.39 9.63
C GLN L 551 91.00 21.37 9.77
N GLU L 552 90.94 22.42 8.97
CA GLU L 552 91.96 23.46 8.97
C GLU L 552 91.61 24.55 9.97
N ILE L 553 92.33 25.67 9.89
CA ILE L 553 91.99 26.85 10.67
C ILE L 553 90.95 27.65 9.91
N PHE L 554 90.37 28.67 10.56
CA PHE L 554 89.39 29.53 9.91
C PHE L 554 89.93 30.12 8.63
N GLN L 555 91.21 30.43 8.61
CA GLN L 555 91.81 31.23 7.55
C GLN L 555 92.51 30.32 6.54
N ASP L 556 91.94 30.21 5.34
CA ASP L 556 92.70 29.72 4.21
C ASP L 556 93.78 30.71 3.79
N ASN L 557 93.68 31.96 4.25
CA ASN L 557 94.68 32.99 4.04
C ASN L 557 95.59 33.06 5.26
N HIS L 558 96.54 34.00 5.22
CA HIS L 558 97.51 34.12 6.30
C HIS L 558 96.98 34.97 7.45
N GLU L 559 96.68 36.24 7.19
CA GLU L 559 96.34 37.18 8.24
C GLU L 559 95.21 38.10 7.77
N ASP L 560 94.64 38.83 8.72
CA ASP L 560 93.63 39.85 8.46
C ASP L 560 93.64 40.84 9.61
N GLY L 561 92.62 41.68 9.68
CA GLY L 561 92.46 42.62 10.77
C GLY L 561 92.53 44.06 10.34
N PRO L 562 92.23 44.98 11.25
CA PRO L 562 92.25 46.40 10.92
C PRO L 562 93.65 46.99 11.05
N THR L 563 94.01 47.81 10.06
CA THR L 563 95.27 48.57 10.09
C THR L 563 95.13 49.75 9.14
N ALA L 564 95.24 50.96 9.69
CA ALA L 564 95.09 52.18 8.91
C ALA L 564 96.14 53.20 9.32
N LYS L 565 97.39 52.75 9.40
CA LYS L 565 98.48 53.67 9.70
C LYS L 565 98.67 54.65 8.56
N LYS L 566 99.40 55.74 8.86
CA LYS L 566 99.72 56.82 7.93
C LYS L 566 98.54 57.23 7.06
N LEU L 567 97.34 57.25 7.65
CA LEU L 567 96.13 57.61 6.89
C LEU L 567 95.16 58.28 7.85
N LYS L 568 95.16 59.62 7.86
CA LYS L 568 94.26 60.41 8.68
C LYS L 568 93.69 61.57 7.85
N THR L 569 93.38 61.29 6.59
CA THR L 569 92.91 62.34 5.68
C THR L 569 91.50 62.81 5.98
N GLU L 570 90.79 62.15 6.89
CA GLU L 570 89.40 62.48 7.21
C GLU L 570 88.52 62.41 5.97
N GLN L 571 88.72 61.37 5.18
CA GLN L 571 87.83 61.03 4.09
C GLN L 571 87.37 59.58 4.13
N GLY L 572 88.25 58.67 4.51
CA GLY L 572 87.81 57.30 4.78
C GLY L 572 87.02 57.20 6.07
N GLY L 573 87.34 58.05 7.04
CA GLY L 573 86.63 58.05 8.31
C GLY L 573 86.63 59.44 8.91
N ALA L 574 85.72 59.63 9.88
CA ALA L 574 85.52 60.90 10.56
C ALA L 574 85.09 62.00 9.60
N HIS L 575 84.93 61.65 8.33
CA HIS L 575 84.35 62.47 7.27
C HIS L 575 84.41 61.65 5.99
N PHE L 576 83.68 62.10 4.98
CA PHE L 576 83.74 61.45 3.67
C PHE L 576 83.24 62.42 2.62
N SER L 577 83.58 62.10 1.37
CA SER L 577 83.20 62.89 0.20
C SER L 577 81.75 62.60 -0.18
N VAL L 578 81.36 63.00 -1.39
CA VAL L 578 80.01 62.82 -1.90
C VAL L 578 80.05 61.76 -2.99
N SER L 579 79.28 60.68 -2.81
CA SER L 579 79.18 59.59 -3.77
C SER L 579 78.03 58.69 -3.32
N SER L 580 77.76 57.67 -4.12
CA SER L 580 76.69 56.72 -3.78
C SER L 580 77.14 55.78 -2.67
N ASN L 593 79.67 64.64 -18.02
CA ASN L 593 80.58 65.56 -17.34
C ASN L 593 81.00 66.69 -18.28
N PRO L 594 80.03 67.49 -18.74
CA PRO L 594 80.34 68.49 -19.78
C PRO L 594 81.27 69.61 -19.33
N ALA L 595 80.90 70.37 -18.30
CA ALA L 595 81.72 71.53 -17.97
C ALA L 595 82.18 71.58 -16.53
N GLU L 596 81.30 71.31 -15.57
CA GLU L 596 81.70 71.38 -14.17
C GLU L 596 82.17 70.03 -13.66
N ASN L 597 81.52 68.95 -14.09
CA ASN L 597 81.96 67.61 -13.70
C ASN L 597 83.26 67.25 -14.41
N PHE L 598 83.50 67.81 -15.60
CA PHE L 598 84.81 67.66 -16.22
C PHE L 598 85.90 68.29 -15.36
N ARG L 599 85.63 69.48 -14.82
CA ARG L 599 86.59 70.10 -13.91
C ARG L 599 86.77 69.27 -12.65
N VAL L 600 85.69 68.72 -12.12
CA VAL L 600 85.80 67.85 -10.95
C VAL L 600 86.68 66.65 -11.27
N LEU L 601 86.48 66.04 -12.43
CA LEU L 601 87.22 64.84 -12.79
C LEU L 601 88.69 65.14 -13.04
N VAL L 602 88.99 66.29 -13.64
CA VAL L 602 90.41 66.64 -13.82
C VAL L 602 91.05 66.92 -12.47
N LYS L 603 90.32 67.57 -11.55
CA LYS L 603 90.82 67.69 -10.19
C LYS L 603 91.08 66.32 -9.58
N GLN L 604 90.25 65.33 -9.90
CA GLN L 604 90.49 63.96 -9.48
C GLN L 604 91.75 63.38 -10.12
N LYS L 605 92.26 63.99 -11.19
CA LYS L 605 93.44 63.49 -11.88
C LYS L 605 94.72 63.91 -11.14
N LYS L 606 94.76 63.56 -9.86
CA LYS L 606 95.99 63.61 -9.08
C LYS L 606 96.78 62.31 -9.17
N ALA L 607 96.13 61.23 -9.59
CA ALA L 607 96.75 59.90 -9.65
C ALA L 607 96.65 59.36 -11.06
N SER L 608 97.80 58.95 -11.61
CA SER L 608 97.93 58.27 -12.89
C SER L 608 97.69 59.19 -14.08
N PHE L 609 97.19 60.40 -13.81
CA PHE L 609 97.08 61.48 -14.81
C PHE L 609 96.54 60.96 -16.13
N GLU L 610 95.27 60.54 -16.13
CA GLU L 610 94.75 59.60 -17.10
C GLU L 610 93.36 60.07 -17.52
N GLU L 611 92.57 59.14 -18.04
CA GLU L 611 91.26 59.39 -18.65
C GLU L 611 90.35 60.22 -17.75
N ALA L 612 89.26 60.73 -18.34
CA ALA L 612 88.45 61.88 -17.92
C ALA L 612 89.07 63.18 -18.42
N SER L 613 90.12 63.08 -19.25
CA SER L 613 90.66 64.23 -19.95
C SER L 613 90.79 63.89 -21.43
N ASN L 614 91.03 62.62 -21.74
CA ASN L 614 91.26 62.20 -23.12
C ASN L 614 89.98 62.28 -23.94
N GLN L 615 88.88 61.75 -23.42
CA GLN L 615 87.62 61.72 -24.15
C GLN L 615 86.48 62.39 -23.41
N LEU L 616 86.64 62.74 -22.14
CA LEU L 616 85.64 63.55 -21.46
C LEU L 616 85.58 64.97 -22.02
N ILE L 617 86.57 65.36 -22.82
CA ILE L 617 86.48 66.61 -23.57
C ILE L 617 85.32 66.55 -24.56
N ASN L 618 84.96 65.34 -25.00
CA ASN L 618 83.77 65.19 -25.84
C ASN L 618 82.52 65.62 -25.09
N HIS L 619 82.52 65.52 -23.77
CA HIS L 619 81.42 66.05 -22.98
C HIS L 619 81.39 67.57 -23.05
N ILE L 620 82.57 68.20 -23.05
CA ILE L 620 82.63 69.65 -23.26
C ILE L 620 82.11 69.99 -24.65
N GLU L 621 82.43 69.16 -25.64
CA GLU L 621 81.94 69.37 -26.99
C GLU L 621 80.43 69.27 -27.04
N GLN L 622 79.86 68.32 -26.30
CA GLN L 622 78.41 68.21 -26.20
C GLN L 622 77.83 69.41 -25.47
N PHE L 623 78.61 70.00 -24.57
CA PHE L 623 78.20 71.24 -23.91
C PHE L 623 78.29 72.44 -24.84
N LEU L 624 78.81 72.26 -26.05
CA LEU L 624 78.94 73.32 -27.04
C LEU L 624 77.77 73.37 -28.02
N ASP L 625 76.79 72.46 -27.91
CA ASP L 625 75.76 72.29 -28.92
C ASP L 625 74.85 73.52 -29.05
N THR L 626 75.19 74.58 -28.33
CA THR L 626 74.67 75.95 -28.53
C THR L 626 73.16 76.00 -28.74
N ASN L 627 72.43 75.25 -27.92
CA ASN L 627 71.02 75.51 -27.76
C ASN L 627 70.74 76.45 -26.59
N GLU L 628 71.78 76.87 -25.88
CA GLU L 628 71.71 77.87 -24.82
C GLU L 628 72.98 78.71 -24.87
N THR L 629 72.90 79.92 -24.31
CA THR L 629 74.07 80.80 -24.28
C THR L 629 75.06 80.43 -23.17
N PRO L 630 74.60 80.25 -21.92
CA PRO L 630 75.56 79.77 -20.91
C PRO L 630 76.15 78.43 -21.28
N TYR L 631 75.39 77.63 -22.02
CA TYR L 631 75.87 76.37 -22.57
C TYR L 631 77.25 76.54 -23.21
N PHE L 632 77.32 77.31 -24.29
CA PHE L 632 78.60 77.40 -24.99
C PHE L 632 79.60 78.29 -24.26
N MET L 633 79.15 79.33 -23.55
CA MET L 633 80.15 80.16 -22.86
C MET L 633 80.87 79.36 -21.79
N LYS L 634 80.14 78.54 -21.01
CA LYS L 634 80.80 77.74 -20.00
C LYS L 634 81.55 76.56 -20.60
N SER L 635 81.10 76.03 -21.75
CA SER L 635 81.91 75.01 -22.42
C SER L 635 83.26 75.57 -22.84
N ILE L 636 83.28 76.77 -23.42
CA ILE L 636 84.56 77.35 -23.81
C ILE L 636 85.38 77.75 -22.59
N ASP L 637 84.73 78.15 -21.50
CA ASP L 637 85.47 78.41 -20.27
C ASP L 637 86.14 77.15 -19.75
N CYS L 638 85.43 76.02 -19.79
CA CYS L 638 86.03 74.75 -19.39
C CYS L 638 87.18 74.39 -20.31
N ILE L 639 87.05 74.66 -21.61
CA ILE L 639 88.14 74.41 -22.54
C ILE L 639 89.36 75.24 -22.17
N ARG L 640 89.14 76.51 -21.88
CA ARG L 640 90.26 77.40 -21.53
C ARG L 640 90.89 77.02 -20.19
N ALA L 641 90.12 76.43 -19.28
CA ALA L 641 90.71 75.95 -18.03
C ALA L 641 91.48 74.64 -18.24
N PHE L 642 91.00 73.80 -19.15
CA PHE L 642 91.59 72.47 -19.31
C PHE L 642 93.03 72.54 -19.77
N ARG L 643 93.42 73.62 -20.45
CA ARG L 643 94.81 73.72 -20.89
C ARG L 643 95.75 73.76 -19.69
N GLU L 644 95.50 74.65 -18.73
CA GLU L 644 96.31 74.69 -17.52
C GLU L 644 96.12 73.44 -16.68
N GLU L 645 94.91 72.88 -16.67
CA GLU L 645 94.70 71.63 -15.94
C GLU L 645 95.63 70.54 -16.46
N ALA L 646 95.63 70.31 -17.77
CA ALA L 646 96.46 69.26 -18.34
C ALA L 646 97.95 69.58 -18.25
N ILE L 647 98.32 70.85 -18.34
CA ILE L 647 99.72 71.22 -18.17
C ILE L 647 100.20 70.89 -16.76
N LYS L 648 99.39 71.22 -15.75
CA LYS L 648 99.77 70.95 -14.37
C LYS L 648 99.77 69.45 -14.06
N PHE L 649 98.83 68.70 -14.62
CA PHE L 649 98.71 67.28 -14.33
C PHE L 649 99.66 66.41 -15.13
N SER L 650 100.77 66.99 -15.61
CA SER L 650 101.79 66.30 -16.39
C SER L 650 101.25 65.75 -17.70
N GLU L 651 100.00 66.05 -18.04
CA GLU L 651 99.38 65.59 -19.27
C GLU L 651 99.67 66.51 -20.45
N GLU L 652 100.75 67.30 -20.36
CA GLU L 652 101.03 68.30 -21.38
C GLU L 652 101.32 67.71 -22.75
N GLN L 653 101.71 66.44 -22.83
CA GLN L 653 101.93 65.81 -24.13
C GLN L 653 100.62 65.41 -24.78
N ARG L 654 99.78 64.66 -24.05
CA ARG L 654 98.42 64.43 -24.53
C ARG L 654 97.67 65.75 -24.64
N PHE L 655 98.03 66.75 -23.84
CA PHE L 655 97.45 68.09 -23.99
C PHE L 655 97.85 68.74 -25.31
N ASN L 656 99.11 68.57 -25.71
CA ASN L 656 99.53 69.06 -27.02
C ASN L 656 98.76 68.35 -28.12
N ASN L 657 98.58 67.03 -27.98
CA ASN L 657 97.77 66.30 -28.95
C ASN L 657 96.34 66.84 -28.99
N PHE L 658 95.78 67.15 -27.81
CA PHE L 658 94.42 67.67 -27.74
C PHE L 658 94.33 69.05 -28.36
N LEU L 659 95.37 69.86 -28.21
CA LEU L 659 95.40 71.16 -28.89
C LEU L 659 95.44 70.95 -30.41
N LYS L 660 96.30 70.04 -30.87
CA LYS L 660 96.38 69.76 -32.29
C LYS L 660 95.06 69.24 -32.84
N ALA L 661 94.26 68.61 -31.99
CA ALA L 661 92.98 68.08 -32.44
C ALA L 661 91.89 69.15 -32.40
N LEU L 662 91.72 69.81 -31.26
CA LEU L 662 90.49 70.53 -30.95
C LEU L 662 90.20 71.64 -31.95
N GLN L 663 91.21 72.41 -32.33
CA GLN L 663 91.00 73.50 -33.29
C GLN L 663 90.47 72.95 -34.60
N GLU L 664 91.12 71.90 -35.12
CA GLU L 664 90.67 71.28 -36.35
C GLU L 664 89.27 70.69 -36.20
N LYS L 665 89.00 70.06 -35.05
CA LYS L 665 87.69 69.43 -34.85
C LYS L 665 86.57 70.46 -34.85
N VAL L 666 86.75 71.57 -34.15
CA VAL L 666 85.71 72.60 -34.12
C VAL L 666 85.58 73.25 -35.49
N GLU L 667 86.69 73.45 -36.20
CA GLU L 667 86.60 74.08 -37.51
C GLU L 667 85.99 73.16 -38.57
N ILE L 668 86.11 71.84 -38.39
CA ILE L 668 85.49 70.91 -39.33
C ILE L 668 83.98 71.01 -39.25
N LYS L 669 83.44 71.05 -38.04
CA LYS L 669 81.99 71.20 -37.88
C LYS L 669 81.60 72.59 -38.36
N GLN L 670 81.05 72.66 -39.56
CA GLN L 670 80.72 73.93 -40.21
C GLN L 670 79.21 74.08 -40.22
N LEU L 671 78.67 74.65 -39.15
CA LEU L 671 77.24 74.87 -39.01
C LEU L 671 77.00 76.31 -38.59
N ASN L 672 76.06 76.97 -39.26
CA ASN L 672 75.72 78.35 -38.92
C ASN L 672 75.19 78.44 -37.49
N HIS L 673 74.45 77.41 -37.04
CA HIS L 673 73.98 77.37 -35.67
C HIS L 673 75.14 77.34 -34.69
N PHE L 674 76.25 76.72 -35.06
CA PHE L 674 77.39 76.50 -34.18
C PHE L 674 78.66 77.23 -34.60
N TRP L 675 79.18 76.94 -35.79
CA TRP L 675 80.59 77.22 -36.07
C TRP L 675 80.88 78.71 -36.02
N GLU L 676 80.01 79.53 -36.60
CA GLU L 676 80.28 80.96 -36.70
C GLU L 676 80.51 81.57 -35.32
N ILE L 677 79.51 81.47 -34.45
CA ILE L 677 79.60 82.09 -33.13
C ILE L 677 80.66 81.41 -32.29
N VAL L 678 80.80 80.08 -32.41
CA VAL L 678 81.76 79.40 -31.55
C VAL L 678 83.19 79.81 -31.89
N VAL L 679 83.52 79.91 -33.18
CA VAL L 679 84.87 80.33 -33.53
C VAL L 679 85.05 81.82 -33.29
N GLN L 680 83.97 82.60 -33.38
CA GLN L 680 84.05 84.00 -33.00
C GLN L 680 84.47 84.14 -31.55
N ASP L 681 83.74 83.47 -30.65
CA ASP L 681 84.04 83.56 -29.22
C ASP L 681 85.38 82.92 -28.89
N GLY L 682 85.79 81.92 -29.65
CA GLY L 682 87.12 81.36 -29.48
C GLY L 682 88.20 82.36 -29.82
N ILE L 683 88.19 82.86 -31.06
CA ILE L 683 89.25 83.78 -31.51
C ILE L 683 89.27 85.05 -30.69
N THR L 684 88.12 85.46 -30.13
CA THR L 684 88.14 86.62 -29.22
C THR L 684 89.04 86.36 -28.02
N LEU L 685 89.22 85.10 -27.63
CA LEU L 685 90.03 84.76 -26.47
C LEU L 685 90.84 83.48 -26.69
N ILE L 686 91.18 83.17 -27.94
CA ILE L 686 91.91 81.95 -28.24
C ILE L 686 93.31 82.01 -27.66
N THR L 687 93.79 80.86 -27.18
CA THR L 687 95.13 80.76 -26.61
C THR L 687 95.55 79.29 -26.58
N LYS L 688 96.86 79.07 -26.76
CA LYS L 688 97.43 77.74 -26.70
C LYS L 688 98.57 77.75 -25.69
N GLU L 689 98.57 76.77 -24.79
CA GLU L 689 99.60 76.67 -23.76
C GLU L 689 100.78 75.87 -24.28
N GLU L 690 101.98 76.24 -23.83
CA GLU L 690 103.20 75.70 -24.42
C GLU L 690 103.29 74.20 -24.23
N ALA L 691 103.65 73.50 -25.31
CA ALA L 691 103.81 72.06 -25.29
C ALA L 691 104.60 71.65 -26.53
N SER L 692 105.68 70.89 -26.32
CA SER L 692 106.63 70.55 -27.38
C SER L 692 107.19 71.79 -28.05
N GLY L 693 107.47 72.81 -27.25
CA GLY L 693 108.12 74.01 -27.77
C GLY L 693 107.13 74.92 -28.46
N SER L 694 107.48 75.35 -29.67
CA SER L 694 106.69 76.31 -30.41
C SER L 694 105.62 75.68 -31.29
N SER L 695 105.47 74.35 -31.24
CA SER L 695 104.46 73.68 -32.05
C SER L 695 103.07 74.24 -31.75
N VAL L 696 102.70 74.26 -30.46
CA VAL L 696 101.44 74.87 -30.07
C VAL L 696 101.44 76.36 -30.39
N THR L 697 102.62 76.98 -30.40
CA THR L 697 102.72 78.37 -30.81
C THR L 697 102.32 78.54 -32.26
N ALA L 698 102.64 77.56 -33.11
CA ALA L 698 102.12 77.56 -34.47
C ALA L 698 100.61 77.40 -34.48
N GLU L 699 100.07 76.63 -33.52
CA GLU L 699 98.63 76.39 -33.45
C GLU L 699 97.87 77.71 -33.37
N GLU L 700 98.25 78.58 -32.43
CA GLU L 700 97.62 79.88 -32.30
C GLU L 700 98.02 80.85 -33.41
N ALA L 701 99.06 80.52 -34.19
CA ALA L 701 99.46 81.38 -35.28
C ALA L 701 98.51 81.33 -36.47
N LYS L 702 97.62 80.33 -36.51
CA LYS L 702 96.70 80.17 -37.62
C LYS L 702 95.26 80.01 -37.13
N CYS M 180 68.88 -27.83 -4.21
CA CYS M 180 70.00 -27.24 -4.93
C CYS M 180 71.32 -27.88 -4.51
N PRO M 181 72.14 -28.25 -5.49
CA PRO M 181 73.43 -28.87 -5.17
C PRO M 181 74.36 -27.91 -4.44
N GLY M 182 75.17 -28.48 -3.55
CA GLY M 182 76.17 -27.70 -2.84
C GLY M 182 75.60 -26.60 -1.98
N GLU M 183 74.45 -26.85 -1.34
CA GLU M 183 73.83 -25.88 -0.46
C GLU M 183 73.44 -26.57 0.84
N SER M 184 73.72 -25.92 1.97
CA SER M 184 73.33 -26.46 3.26
C SER M 184 71.82 -26.43 3.41
N LEU M 185 71.25 -27.56 3.81
CA LEU M 185 69.82 -27.61 4.09
C LEU M 185 69.45 -26.65 5.21
N ILE M 186 70.22 -26.69 6.30
CA ILE M 186 69.88 -25.90 7.47
C ILE M 186 69.91 -24.42 7.16
N ASN M 187 70.95 -23.98 6.46
CA ASN M 187 71.08 -22.57 6.12
C ASN M 187 70.94 -22.41 4.61
N PRO M 188 69.78 -22.00 4.12
CA PRO M 188 69.64 -21.78 2.68
C PRO M 188 70.58 -20.67 2.22
N GLY M 189 71.13 -20.83 1.03
CA GLY M 189 72.14 -19.94 0.54
C GLY M 189 73.53 -20.22 1.06
N PHE M 190 73.68 -21.11 2.03
CA PHE M 190 74.97 -21.52 2.54
C PHE M 190 75.35 -22.88 1.98
N LYS M 191 76.64 -23.05 1.70
CA LYS M 191 77.11 -24.26 1.05
C LYS M 191 76.89 -25.48 1.93
N SER M 192 76.72 -26.64 1.30
CA SER M 192 76.48 -27.87 2.03
C SER M 192 77.61 -28.14 3.01
N LYS M 193 77.25 -28.53 4.23
CA LYS M 193 78.22 -28.74 5.30
C LYS M 193 78.67 -30.20 5.29
N LYS M 194 79.92 -30.42 4.90
CA LYS M 194 80.48 -31.76 4.90
C LYS M 194 80.74 -32.23 6.34
N PRO M 195 80.79 -33.53 6.56
CA PRO M 195 81.04 -34.04 7.91
C PRO M 195 82.40 -33.61 8.43
N ALA M 196 82.50 -33.54 9.77
CA ALA M 196 83.72 -33.10 10.41
C ALA M 196 84.91 -34.00 10.09
N GLY M 197 84.66 -35.25 9.71
CA GLY M 197 85.69 -36.13 9.19
C GLY M 197 86.81 -36.39 10.17
N GLY M 198 88.00 -36.60 9.63
CA GLY M 198 89.15 -36.91 10.43
C GLY M 198 90.32 -37.31 9.55
N VAL M 199 91.32 -37.93 10.20
CA VAL M 199 92.54 -38.38 9.52
C VAL M 199 92.46 -39.89 9.33
N ASP M 200 92.73 -40.35 8.12
CA ASP M 200 92.76 -41.78 7.83
C ASP M 200 93.78 -42.03 6.73
N PHE M 201 94.76 -42.87 7.01
CA PHE M 201 95.82 -43.13 6.05
C PHE M 201 95.30 -43.92 4.86
N ASP M 202 96.00 -43.78 3.74
CA ASP M 202 95.56 -44.38 2.49
C ASP M 202 96.59 -45.37 1.97
N GLY N 34 -36.77 -51.50 -25.29
CA GLY N 34 -36.22 -50.40 -26.06
C GLY N 34 -35.76 -50.85 -27.44
N ARG N 35 -35.05 -49.98 -28.13
CA ARG N 35 -34.52 -50.30 -29.45
C ARG N 35 -33.10 -50.84 -29.30
N ASP N 36 -32.43 -51.08 -30.42
CA ASP N 36 -31.04 -51.48 -30.39
C ASP N 36 -30.18 -50.36 -30.94
N SER N 37 -29.18 -49.96 -30.16
CA SER N 37 -28.20 -48.98 -30.58
C SER N 37 -26.96 -49.73 -31.02
N LEU N 38 -26.67 -49.69 -32.32
CA LEU N 38 -25.47 -50.29 -32.87
C LEU N 38 -24.74 -49.24 -33.70
N ILE N 39 -23.47 -49.01 -33.37
CA ILE N 39 -22.63 -48.08 -34.11
C ILE N 39 -21.49 -48.86 -34.73
N PHE N 40 -21.32 -48.69 -36.04
CA PHE N 40 -20.23 -49.33 -36.77
C PHE N 40 -19.04 -48.39 -36.76
N LEU N 41 -18.05 -48.69 -35.94
CA LEU N 41 -16.86 -47.87 -35.80
C LEU N 41 -15.78 -48.40 -36.71
N VAL N 42 -15.33 -47.58 -37.65
CA VAL N 42 -14.36 -47.99 -38.67
C VAL N 42 -13.17 -47.04 -38.64
N ASP N 43 -11.98 -47.61 -38.60
CA ASP N 43 -10.77 -46.81 -38.67
C ASP N 43 -10.57 -46.24 -40.07
N ALA N 44 -9.91 -45.08 -40.11
CA ALA N 44 -9.34 -44.56 -41.35
C ALA N 44 -7.93 -44.11 -41.00
N SER N 45 -6.98 -45.06 -41.04
CA SER N 45 -5.59 -44.74 -40.75
C SER N 45 -4.65 -45.51 -41.66
N LYS N 46 -5.08 -45.82 -42.89
CA LYS N 46 -4.36 -46.61 -43.86
C LYS N 46 -4.27 -48.08 -43.46
N ALA N 47 -4.78 -48.45 -42.29
CA ALA N 47 -4.77 -49.85 -41.88
C ALA N 47 -5.79 -50.69 -42.63
N MET N 48 -6.65 -50.07 -43.44
CA MET N 48 -7.62 -50.80 -44.24
C MET N 48 -7.35 -50.72 -45.74
N PHE N 49 -6.39 -49.91 -46.17
CA PHE N 49 -6.11 -49.75 -47.59
C PHE N 49 -5.10 -50.77 -48.10
N GLU N 50 -4.10 -51.12 -47.29
CA GLU N 50 -3.17 -52.15 -47.69
C GLU N 50 -3.88 -53.50 -47.80
N SER N 51 -3.43 -54.32 -48.73
CA SER N 51 -4.06 -55.61 -48.99
C SER N 51 -2.98 -56.69 -49.12
N GLN N 52 -3.35 -57.91 -48.70
CA GLN N 52 -2.49 -59.05 -48.98
C GLN N 52 -2.27 -59.21 -50.47
N SER N 53 -3.34 -59.08 -51.25
CA SER N 53 -3.25 -59.04 -52.69
C SER N 53 -4.45 -58.26 -53.22
N GLU N 54 -4.30 -57.69 -54.40
CA GLU N 54 -5.36 -56.86 -54.96
C GLU N 54 -6.50 -57.68 -55.55
N ASP N 55 -6.35 -58.99 -55.67
CA ASP N 55 -7.49 -59.85 -55.99
C ASP N 55 -8.41 -60.04 -54.80
N GLU N 56 -7.94 -59.74 -53.60
CA GLU N 56 -8.72 -59.84 -52.38
C GLU N 56 -9.13 -58.45 -51.91
N LEU N 57 -10.34 -58.34 -51.38
CA LEU N 57 -10.87 -57.06 -50.96
C LEU N 57 -10.03 -56.46 -49.86
N THR N 58 -9.83 -55.14 -49.92
CA THR N 58 -9.11 -54.44 -48.88
C THR N 58 -9.91 -54.50 -47.57
N PRO N 59 -9.24 -54.39 -46.43
CA PRO N 59 -9.95 -54.38 -45.15
C PRO N 59 -11.02 -53.31 -45.05
N PHE N 60 -11.05 -52.37 -46.00
CA PHE N 60 -12.02 -51.29 -45.98
C PHE N 60 -13.30 -51.64 -46.71
N ASP N 61 -13.19 -51.93 -48.02
CA ASP N 61 -14.39 -52.06 -48.86
C ASP N 61 -15.27 -53.22 -48.41
N MET N 62 -14.65 -54.34 -48.05
CA MET N 62 -15.44 -55.49 -47.60
C MET N 62 -16.21 -55.15 -46.34
N SER N 63 -15.62 -54.34 -45.45
CA SER N 63 -16.36 -53.85 -44.29
C SER N 63 -17.55 -53.00 -44.73
N ILE N 64 -17.39 -52.21 -45.79
CA ILE N 64 -18.51 -51.44 -46.31
C ILE N 64 -19.62 -52.38 -46.76
N GLN N 65 -19.27 -53.46 -47.45
CA GLN N 65 -20.27 -54.42 -47.88
C GLN N 65 -20.97 -55.06 -46.69
N CYS N 66 -20.21 -55.40 -45.66
CA CYS N 66 -20.81 -55.96 -44.45
C CYS N 66 -21.81 -54.97 -43.85
N ILE N 67 -21.43 -53.71 -43.76
CA ILE N 67 -22.31 -52.71 -43.15
C ILE N 67 -23.58 -52.54 -43.98
N GLN N 68 -23.44 -52.53 -45.30
CA GLN N 68 -24.61 -52.39 -46.16
C GLN N 68 -25.54 -53.59 -46.02
N SER N 69 -24.97 -54.79 -45.94
CA SER N 69 -25.77 -55.98 -45.71
C SER N 69 -26.51 -55.87 -44.38
N VAL N 70 -25.83 -55.36 -43.36
CA VAL N 70 -26.47 -55.19 -42.07
C VAL N 70 -27.61 -54.19 -42.17
N TYR N 71 -27.41 -53.10 -42.91
CA TYR N 71 -28.48 -52.14 -43.10
C TYR N 71 -29.69 -52.79 -43.77
N ILE N 72 -29.44 -53.58 -44.80
CA ILE N 72 -30.54 -54.25 -45.50
C ILE N 72 -31.26 -55.19 -44.55
N SER N 73 -30.51 -55.98 -43.78
CA SER N 73 -31.13 -56.93 -42.87
C SER N 73 -31.95 -56.22 -41.81
N LYS N 74 -31.45 -55.08 -41.30
CA LYS N 74 -32.20 -54.33 -40.33
C LYS N 74 -33.48 -53.77 -40.93
N ILE N 75 -33.40 -53.27 -42.17
CA ILE N 75 -34.60 -52.81 -42.86
C ILE N 75 -35.61 -53.95 -42.93
N ILE N 76 -35.14 -55.15 -43.25
CA ILE N 76 -36.04 -56.31 -43.31
C ILE N 76 -36.60 -56.61 -41.94
N SER N 77 -35.82 -56.40 -40.89
CA SER N 77 -36.16 -56.90 -39.55
C SER N 77 -36.68 -55.79 -38.64
N SER N 78 -35.89 -54.75 -38.43
CA SER N 78 -36.22 -53.71 -37.45
C SER N 78 -36.10 -52.34 -38.10
N ASP N 79 -37.25 -51.74 -38.42
CA ASP N 79 -37.25 -50.37 -38.89
C ASP N 79 -36.86 -49.40 -37.79
N ARG N 80 -37.36 -49.64 -36.58
CA ARG N 80 -37.29 -48.69 -35.49
C ARG N 80 -35.90 -48.60 -34.86
N ASP N 81 -34.99 -49.50 -35.21
CA ASP N 81 -33.63 -49.43 -34.69
C ASP N 81 -32.84 -48.29 -35.33
N LEU N 82 -31.78 -47.87 -34.65
CA LEU N 82 -30.93 -46.78 -35.10
C LEU N 82 -29.50 -47.25 -35.18
N LEU N 83 -28.82 -46.93 -36.28
CA LEU N 83 -27.46 -47.35 -36.53
C LEU N 83 -26.62 -46.17 -36.98
N ALA N 84 -25.34 -46.18 -36.60
CA ALA N 84 -24.44 -45.06 -36.90
C ALA N 84 -23.09 -45.59 -37.36
N VAL N 85 -22.39 -44.77 -38.15
CA VAL N 85 -21.07 -45.09 -38.68
C VAL N 85 -20.17 -43.88 -38.55
N VAL N 86 -18.96 -44.09 -38.04
CA VAL N 86 -18.00 -43.03 -37.79
C VAL N 86 -16.62 -43.46 -38.29
N PHE N 87 -15.77 -42.48 -38.59
CA PHE N 87 -14.41 -42.74 -39.01
C PHE N 87 -13.44 -41.95 -38.14
N TYR N 88 -12.33 -42.60 -37.77
CA TYR N 88 -11.31 -42.00 -36.94
C TYR N 88 -9.94 -42.18 -37.57
N GLY N 89 -9.01 -41.31 -37.20
CA GLY N 89 -7.71 -41.26 -37.83
C GLY N 89 -7.68 -40.56 -39.15
N THR N 90 -8.83 -40.39 -39.79
CA THR N 90 -8.92 -39.60 -40.99
C THR N 90 -8.42 -38.18 -40.74
N GLU N 91 -7.96 -37.54 -41.80
CA GLU N 91 -7.31 -36.24 -41.66
C GLU N 91 -8.26 -35.20 -41.08
N LYS N 92 -9.50 -35.17 -41.53
CA LYS N 92 -10.48 -34.20 -41.04
C LYS N 92 -11.38 -34.88 -40.02
N ASP N 93 -12.43 -34.19 -39.60
CA ASP N 93 -13.32 -34.74 -38.59
C ASP N 93 -14.72 -34.20 -38.81
N LYS N 94 -15.69 -34.85 -38.16
CA LYS N 94 -17.07 -34.39 -38.18
C LYS N 94 -17.77 -34.94 -36.94
N ASN N 95 -18.05 -34.06 -35.99
CA ASN N 95 -18.72 -34.42 -34.75
C ASN N 95 -19.00 -33.15 -33.95
N SER N 96 -20.08 -33.19 -33.16
CA SER N 96 -20.49 -32.02 -32.40
C SER N 96 -19.43 -31.61 -31.40
N VAL N 97 -18.82 -32.60 -30.73
CA VAL N 97 -17.74 -32.34 -29.79
C VAL N 97 -16.52 -31.76 -30.47
N ASN N 98 -16.49 -31.71 -31.80
CA ASN N 98 -15.39 -31.14 -32.57
C ASN N 98 -14.07 -31.87 -32.28
N PHE N 99 -14.16 -33.14 -31.90
CA PHE N 99 -12.95 -33.93 -31.70
C PHE N 99 -12.33 -34.28 -33.04
N LYS N 100 -11.05 -33.97 -33.19
CA LYS N 100 -10.40 -34.00 -34.49
C LYS N 100 -10.18 -35.42 -34.98
N ASN N 101 -10.01 -35.55 -36.29
CA ASN N 101 -9.76 -36.82 -36.96
C ASN N 101 -10.93 -37.79 -36.82
N ILE N 102 -12.01 -37.36 -36.18
CA ILE N 102 -13.17 -38.21 -35.94
C ILE N 102 -14.32 -37.67 -36.76
N TYR N 103 -14.68 -38.41 -37.79
CA TYR N 103 -15.73 -38.03 -38.72
C TYR N 103 -16.85 -39.06 -38.67
N VAL N 104 -18.03 -38.62 -38.23
CA VAL N 104 -19.21 -39.46 -38.29
C VAL N 104 -19.77 -39.42 -39.71
N LEU N 105 -20.00 -40.59 -40.29
CA LEU N 105 -20.61 -40.63 -41.61
C LEU N 105 -22.12 -40.57 -41.52
N GLN N 106 -22.71 -41.42 -40.69
CA GLN N 106 -24.13 -41.39 -40.43
C GLN N 106 -24.35 -41.56 -38.94
N GLU N 107 -25.38 -40.90 -38.42
CA GLU N 107 -25.66 -40.88 -37.01
C GLU N 107 -26.71 -41.93 -36.68
N LEU N 108 -27.06 -42.02 -35.39
CA LEU N 108 -27.99 -43.03 -34.91
C LEU N 108 -29.37 -42.73 -35.49
N ASP N 109 -29.73 -43.47 -36.54
CA ASP N 109 -30.99 -43.24 -37.25
C ASP N 109 -31.46 -44.55 -37.83
N ASN N 110 -32.75 -44.58 -38.17
CA ASN N 110 -33.27 -45.71 -38.92
C ASN N 110 -32.54 -45.79 -40.26
N PRO N 111 -32.21 -47.00 -40.73
CA PRO N 111 -31.45 -47.11 -41.98
C PRO N 111 -32.20 -46.51 -43.15
N GLY N 112 -31.46 -45.85 -44.03
CA GLY N 112 -32.02 -45.24 -45.21
C GLY N 112 -31.20 -45.58 -46.43
N ALA N 113 -31.88 -45.75 -47.57
CA ALA N 113 -31.20 -46.08 -48.80
C ALA N 113 -30.17 -45.01 -49.17
N LYS N 114 -30.44 -43.75 -48.82
CA LYS N 114 -29.47 -42.69 -49.07
C LYS N 114 -28.16 -42.99 -48.35
N ARG N 115 -28.26 -43.39 -47.09
CA ARG N 115 -27.09 -43.79 -46.31
C ARG N 115 -26.36 -44.95 -46.99
N ILE N 116 -27.12 -45.94 -47.46
CA ILE N 116 -26.51 -47.13 -48.04
C ILE N 116 -25.77 -46.79 -49.32
N LEU N 117 -26.37 -45.95 -50.17
CA LEU N 117 -25.68 -45.55 -51.40
C LEU N 117 -24.49 -44.65 -51.10
N GLU N 118 -24.58 -43.85 -50.03
CA GLU N 118 -23.43 -43.08 -49.60
C GLU N 118 -22.26 -43.99 -49.24
N LEU N 119 -22.55 -45.09 -48.53
CA LEU N 119 -21.49 -46.07 -48.30
C LEU N 119 -21.03 -46.69 -49.60
N ASP N 120 -21.96 -46.97 -50.51
CA ASP N 120 -21.63 -47.65 -51.76
C ASP N 120 -20.65 -46.84 -52.58
N GLN N 121 -20.77 -45.52 -52.56
CA GLN N 121 -19.85 -44.68 -53.30
C GLN N 121 -18.41 -44.89 -52.87
N PHE N 122 -18.19 -45.38 -51.64
CA PHE N 122 -16.88 -45.79 -51.19
C PHE N 122 -16.69 -47.30 -51.21
N LYS N 123 -17.76 -48.06 -51.47
CA LYS N 123 -17.65 -49.51 -51.51
C LYS N 123 -16.86 -49.95 -52.74
N GLY N 124 -16.08 -51.02 -52.58
CA GLY N 124 -15.34 -51.59 -53.68
C GLY N 124 -14.08 -50.82 -54.02
N GLN N 125 -13.43 -51.27 -55.08
CA GLN N 125 -12.20 -50.63 -55.53
C GLN N 125 -12.50 -49.21 -55.99
N GLN N 126 -11.53 -48.31 -55.74
CA GLN N 126 -11.53 -46.89 -56.06
C GLN N 126 -12.63 -46.17 -55.30
N GLY N 127 -13.51 -46.94 -54.64
CA GLY N 127 -14.38 -46.35 -53.66
C GLY N 127 -13.59 -45.86 -52.46
N GLN N 128 -12.57 -46.63 -52.07
CA GLN N 128 -11.61 -46.12 -51.10
C GLN N 128 -10.79 -44.99 -51.69
N LYS N 129 -10.57 -45.01 -53.00
CA LYS N 129 -9.90 -43.87 -53.63
C LYS N 129 -10.79 -42.64 -53.62
N ARG N 130 -12.07 -42.81 -53.94
CA ARG N 130 -13.01 -41.71 -53.80
C ARG N 130 -13.02 -41.20 -52.37
N PHE N 131 -13.01 -42.12 -51.41
CA PHE N 131 -12.92 -41.75 -50.00
C PHE N 131 -11.69 -40.88 -49.76
N GLN N 132 -10.52 -41.36 -50.18
CA GLN N 132 -9.29 -40.60 -50.00
C GLN N 132 -9.42 -39.20 -50.60
N ASP N 133 -10.03 -39.12 -51.78
CA ASP N 133 -10.18 -37.84 -52.45
C ASP N 133 -11.05 -36.89 -51.65
N MET N 134 -12.19 -37.37 -51.18
CA MET N 134 -13.11 -36.52 -50.44
C MET N 134 -12.94 -36.61 -48.93
N MET N 135 -12.30 -37.66 -48.44
CA MET N 135 -12.16 -37.83 -46.99
C MET N 135 -10.71 -37.89 -46.54
N GLY N 136 -9.89 -38.72 -47.18
CA GLY N 136 -8.51 -38.86 -46.78
C GLY N 136 -8.34 -39.57 -45.45
N HIS N 137 -7.09 -39.90 -45.11
CA HIS N 137 -6.77 -40.53 -43.84
C HIS N 137 -5.31 -40.23 -43.52
N GLY N 138 -4.76 -40.95 -42.54
CA GLY N 138 -3.35 -40.87 -42.19
C GLY N 138 -3.10 -40.38 -40.77
N SER N 139 -3.96 -39.50 -40.27
CA SER N 139 -3.75 -38.95 -38.94
C SER N 139 -3.98 -40.01 -37.88
N ASP N 140 -3.51 -39.71 -36.67
CA ASP N 140 -3.71 -40.60 -35.53
C ASP N 140 -4.99 -40.18 -34.80
N TYR N 141 -5.18 -40.72 -33.60
CA TYR N 141 -6.40 -40.49 -32.85
C TYR N 141 -6.15 -40.91 -31.41
N SER N 142 -7.17 -40.70 -30.58
CA SER N 142 -7.22 -41.28 -29.24
C SER N 142 -8.44 -42.18 -29.18
N LEU N 143 -8.23 -43.44 -28.81
CA LEU N 143 -9.36 -44.33 -28.59
C LEU N 143 -10.23 -43.82 -27.45
N SER N 144 -9.63 -43.16 -26.47
CA SER N 144 -10.42 -42.44 -25.48
C SER N 144 -11.31 -41.41 -26.15
N GLU N 145 -10.74 -40.68 -27.12
CA GLU N 145 -11.49 -39.64 -27.82
C GLU N 145 -12.64 -40.23 -28.63
N VAL N 146 -12.40 -41.33 -29.33
CA VAL N 146 -13.47 -41.93 -30.13
C VAL N 146 -14.53 -42.54 -29.21
N LEU N 147 -14.11 -43.11 -28.08
CA LEU N 147 -15.08 -43.61 -27.12
C LEU N 147 -15.94 -42.49 -26.59
N TRP N 148 -15.32 -41.35 -26.30
CA TRP N 148 -16.07 -40.16 -25.91
C TRP N 148 -17.08 -39.78 -26.98
N VAL N 149 -16.65 -39.80 -28.25
CA VAL N 149 -17.53 -39.37 -29.33
C VAL N 149 -18.74 -40.29 -29.45
N CYS N 150 -18.50 -41.61 -29.43
CA CYS N 150 -19.63 -42.53 -29.56
C CYS N 150 -20.52 -42.49 -28.32
N ALA N 151 -19.94 -42.22 -27.14
CA ALA N 151 -20.76 -41.99 -25.96
C ALA N 151 -21.64 -40.77 -26.15
N ASN N 152 -21.09 -39.73 -26.78
CA ASN N 152 -21.91 -38.57 -27.11
C ASN N 152 -23.04 -38.96 -28.04
N LEU N 153 -22.75 -39.82 -29.02
CA LEU N 153 -23.79 -40.28 -29.92
C LEU N 153 -24.90 -41.00 -29.16
N PHE N 154 -24.51 -41.88 -28.23
CA PHE N 154 -25.50 -42.58 -27.42
C PHE N 154 -26.31 -41.60 -26.58
N SER N 155 -25.64 -40.62 -25.97
CA SER N 155 -26.36 -39.62 -25.19
C SER N 155 -27.26 -38.76 -26.07
N ASP N 156 -26.98 -38.70 -27.37
CA ASP N 156 -27.74 -37.83 -28.26
C ASP N 156 -29.16 -38.36 -28.45
N VAL N 157 -29.33 -39.66 -28.62
CA VAL N 157 -30.62 -40.21 -28.95
C VAL N 157 -31.59 -39.97 -27.80
N GLN N 158 -32.79 -39.51 -28.11
CA GLN N 158 -33.85 -39.31 -27.13
C GLN N 158 -34.81 -40.49 -27.10
N PHE N 159 -34.30 -41.70 -27.32
CA PHE N 159 -35.12 -42.89 -27.36
C PHE N 159 -34.44 -44.00 -26.58
N LYS N 160 -35.26 -44.82 -25.94
CA LYS N 160 -34.77 -45.87 -25.07
C LYS N 160 -34.20 -47.03 -25.89
N MET N 161 -32.98 -47.43 -25.59
CA MET N 161 -32.30 -48.47 -26.32
C MET N 161 -32.27 -49.73 -25.47
N SER N 162 -32.85 -50.81 -26.00
CA SER N 162 -32.78 -52.08 -25.28
C SER N 162 -31.35 -52.61 -25.20
N HIS N 163 -30.48 -52.21 -26.11
CA HIS N 163 -29.09 -52.66 -26.10
C HIS N 163 -28.17 -51.52 -26.52
N LYS N 164 -26.94 -51.58 -26.01
CA LYS N 164 -25.93 -50.57 -26.30
C LYS N 164 -24.76 -51.30 -26.97
N ARG N 165 -24.87 -51.46 -28.28
CA ARG N 165 -23.89 -52.19 -29.05
C ARG N 165 -23.08 -51.23 -29.89
N ILE N 166 -21.77 -51.45 -29.93
CA ILE N 166 -20.89 -50.73 -30.85
C ILE N 166 -19.98 -51.74 -31.51
N MET N 167 -19.75 -51.55 -32.80
CA MET N 167 -19.04 -52.54 -33.60
C MET N 167 -17.77 -51.88 -34.14
N LEU N 168 -16.62 -52.47 -33.82
CA LEU N 168 -15.33 -51.91 -34.19
C LEU N 168 -14.73 -52.73 -35.33
N PHE N 169 -14.24 -52.04 -36.35
CA PHE N 169 -13.70 -52.66 -37.55
C PHE N 169 -12.23 -52.29 -37.68
N THR N 170 -11.35 -53.25 -37.42
CA THR N 170 -9.92 -53.11 -37.68
C THR N 170 -9.29 -54.49 -37.60
N ASN N 171 -8.04 -54.56 -38.05
CA ASN N 171 -7.22 -55.76 -37.90
C ASN N 171 -6.00 -55.48 -37.02
N GLU N 172 -6.02 -54.38 -36.26
CA GLU N 172 -4.81 -53.85 -35.68
C GLU N 172 -5.12 -53.07 -34.41
N ASP N 173 -4.36 -53.34 -33.35
CA ASP N 173 -4.47 -52.62 -32.09
C ASP N 173 -3.18 -51.89 -31.72
N ASN N 174 -2.27 -51.77 -32.68
CA ASN N 174 -0.97 -51.14 -32.49
C ASN N 174 -0.98 -49.62 -32.33
N PRO N 175 -1.92 -48.87 -32.97
CA PRO N 175 -1.91 -47.41 -32.77
C PRO N 175 -1.84 -47.01 -31.31
N HIS N 176 -2.79 -47.47 -30.50
CA HIS N 176 -2.64 -47.34 -29.06
C HIS N 176 -1.80 -48.45 -28.46
N GLY N 177 -1.39 -49.43 -29.27
CA GLY N 177 -0.36 -50.35 -28.84
C GLY N 177 1.01 -49.71 -28.72
N ASN N 178 1.14 -48.46 -29.14
CA ASN N 178 2.42 -47.75 -29.10
C ASN N 178 2.61 -47.01 -27.78
N ASP N 179 1.70 -46.11 -27.44
CA ASP N 179 1.80 -45.32 -26.21
C ASP N 179 0.95 -45.96 -25.11
N SER N 180 1.57 -46.14 -23.94
CA SER N 180 0.87 -46.76 -22.82
C SER N 180 -0.12 -45.81 -22.16
N ALA N 181 0.16 -44.51 -22.16
CA ALA N 181 -0.73 -43.57 -21.49
C ALA N 181 -2.08 -43.51 -22.18
N LYS N 182 -2.08 -43.33 -23.50
CA LYS N 182 -3.34 -43.28 -24.22
C LYS N 182 -4.05 -44.63 -24.19
N ALA N 183 -3.29 -45.73 -24.19
CA ALA N 183 -3.91 -47.04 -24.07
C ALA N 183 -4.61 -47.21 -22.73
N SER N 184 -3.95 -46.79 -21.65
CA SER N 184 -4.55 -46.88 -20.32
C SER N 184 -5.80 -46.00 -20.24
N ARG N 185 -5.72 -44.79 -20.80
CA ARG N 185 -6.88 -43.92 -20.80
C ARG N 185 -8.02 -44.54 -21.60
N ALA N 186 -7.70 -45.14 -22.74
CA ALA N 186 -8.71 -45.76 -23.58
C ALA N 186 -9.38 -46.93 -22.87
N ARG N 187 -8.60 -47.77 -22.20
CA ARG N 187 -9.20 -48.91 -21.51
C ARG N 187 -10.02 -48.45 -20.31
N THR N 188 -9.57 -47.39 -19.63
CA THR N 188 -10.38 -46.83 -18.55
C THR N 188 -11.71 -46.32 -19.07
N LYS N 189 -11.67 -45.61 -20.21
CA LYS N 189 -12.90 -45.12 -20.82
C LYS N 189 -13.80 -46.27 -21.23
N ALA N 190 -13.21 -47.33 -21.79
CA ALA N 190 -14.00 -48.48 -22.23
C ALA N 190 -14.66 -49.17 -21.04
N GLY N 191 -13.93 -49.32 -19.94
CA GLY N 191 -14.53 -49.85 -18.74
C GLY N 191 -15.67 -48.98 -18.26
N ASP N 192 -15.50 -47.66 -18.33
CA ASP N 192 -16.57 -46.74 -17.96
C ASP N 192 -17.80 -46.97 -18.82
N LEU N 193 -17.60 -47.10 -20.12
CA LEU N 193 -18.73 -47.31 -21.03
C LEU N 193 -19.40 -48.65 -20.77
N ARG N 194 -18.61 -49.67 -20.42
CA ARG N 194 -19.19 -50.93 -19.99
C ARG N 194 -20.05 -50.73 -18.76
N ASP N 195 -19.58 -49.90 -17.82
CA ASP N 195 -20.38 -49.56 -16.66
C ASP N 195 -21.69 -48.91 -17.09
N THR N 196 -21.64 -48.07 -18.11
CA THR N 196 -22.84 -47.45 -18.64
C THR N 196 -23.76 -48.45 -19.33
N GLY N 197 -23.29 -49.67 -19.57
CA GLY N 197 -24.07 -50.66 -20.27
C GLY N 197 -23.75 -50.78 -21.74
N ILE N 198 -22.71 -50.12 -22.22
CA ILE N 198 -22.33 -50.22 -23.62
C ILE N 198 -21.57 -51.51 -23.83
N PHE N 199 -21.97 -52.29 -24.82
CA PHE N 199 -21.33 -53.55 -25.13
C PHE N 199 -20.49 -53.37 -26.39
N LEU N 200 -19.17 -53.37 -26.22
CA LEU N 200 -18.25 -53.27 -27.34
C LEU N 200 -17.99 -54.65 -27.93
N ASP N 201 -18.00 -54.71 -29.26
CA ASP N 201 -17.68 -55.93 -29.99
C ASP N 201 -16.65 -55.62 -31.06
N LEU N 202 -15.71 -56.53 -31.26
CA LEU N 202 -14.63 -56.36 -32.20
C LEU N 202 -14.60 -57.52 -33.18
N MET N 203 -14.27 -57.21 -34.43
CA MET N 203 -14.23 -58.18 -35.52
C MET N 203 -12.80 -58.44 -35.97
N HIS N 204 -12.57 -59.66 -36.44
CA HIS N 204 -11.32 -59.98 -37.10
C HIS N 204 -11.37 -59.46 -38.54
N LEU N 205 -10.38 -58.66 -38.91
CA LEU N 205 -10.33 -58.05 -40.22
C LEU N 205 -9.15 -58.62 -41.01
N LYS N 206 -9.22 -58.48 -42.32
CA LYS N 206 -8.16 -58.95 -43.19
C LYS N 206 -6.84 -58.27 -42.85
N LYS N 207 -5.80 -59.08 -42.68
CA LYS N 207 -4.48 -58.57 -42.46
C LYS N 207 -3.49 -59.61 -42.98
N PRO N 208 -2.52 -59.21 -43.79
CA PRO N 208 -1.49 -60.16 -44.22
C PRO N 208 -0.74 -60.78 -43.05
N GLY N 209 -0.51 -60.02 -41.98
CA GLY N 209 0.16 -60.55 -40.81
C GLY N 209 -0.82 -61.09 -39.80
N GLY N 210 -2.07 -61.28 -40.22
CA GLY N 210 -3.10 -61.77 -39.33
C GLY N 210 -3.54 -60.71 -38.35
N PHE N 211 -4.61 -60.98 -37.59
CA PHE N 211 -5.08 -59.99 -36.63
C PHE N 211 -4.06 -59.78 -35.53
N ASP N 212 -3.50 -60.86 -34.98
CA ASP N 212 -2.52 -60.79 -33.89
C ASP N 212 -3.12 -60.05 -32.69
N ILE N 213 -4.11 -60.68 -32.10
CA ILE N 213 -4.91 -60.05 -31.05
C ILE N 213 -4.07 -59.85 -29.80
N SER N 214 -4.60 -59.08 -28.86
CA SER N 214 -4.08 -58.89 -27.50
C SER N 214 -2.86 -57.98 -27.45
N LEU N 215 -2.42 -57.40 -28.57
CA LEU N 215 -1.40 -56.37 -28.48
C LEU N 215 -1.89 -55.19 -27.67
N PHE N 216 -3.13 -54.77 -27.91
CA PHE N 216 -3.87 -53.93 -26.99
C PHE N 216 -5.13 -54.64 -26.49
N TYR N 217 -5.96 -55.14 -27.40
CA TYR N 217 -7.28 -55.65 -27.05
C TYR N 217 -7.15 -57.07 -26.53
N ARG N 218 -6.98 -57.20 -25.23
CA ARG N 218 -7.13 -58.49 -24.57
C ARG N 218 -8.23 -58.49 -23.52
N ASP N 219 -8.38 -57.40 -22.79
CA ASP N 219 -9.47 -57.25 -21.81
C ASP N 219 -10.18 -55.92 -22.00
N ILE N 220 -10.05 -55.30 -23.17
CA ILE N 220 -10.73 -54.06 -23.49
C ILE N 220 -11.98 -54.35 -24.31
N ILE N 221 -12.46 -55.60 -24.23
CA ILE N 221 -13.64 -56.03 -24.96
C ILE N 221 -14.68 -56.47 -23.95
N SER N 222 -15.90 -55.94 -24.08
CA SER N 222 -17.03 -56.41 -23.29
C SER N 222 -17.51 -57.72 -23.91
N ILE N 223 -17.35 -58.81 -23.16
CA ILE N 223 -17.65 -60.14 -23.70
C ILE N 223 -18.37 -60.96 -22.63
N ALA N 224 -19.43 -61.64 -23.04
CA ALA N 224 -20.16 -62.55 -22.17
C ALA N 224 -19.57 -63.95 -22.16
N GLU N 225 -18.88 -64.35 -23.23
CA GLU N 225 -18.22 -65.65 -23.29
C GLU N 225 -16.97 -65.49 -24.16
N ASP N 226 -15.82 -65.31 -23.51
CA ASP N 226 -14.57 -65.06 -24.21
C ASP N 226 -13.85 -66.37 -24.49
N GLU N 227 -13.51 -66.60 -25.76
CA GLU N 227 -12.77 -67.78 -26.15
C GLU N 227 -11.65 -67.48 -27.15
N ASP N 228 -11.41 -66.22 -27.47
CA ASP N 228 -10.40 -65.84 -28.47
C ASP N 228 -9.13 -65.40 -27.73
N LEU N 229 -8.07 -66.20 -27.85
CA LEU N 229 -6.78 -65.86 -27.27
C LEU N 229 -5.61 -66.13 -28.21
N ARG N 230 -5.81 -66.87 -29.30
CA ARG N 230 -4.75 -67.08 -30.27
C ARG N 230 -4.49 -65.79 -31.05
N VAL N 231 -3.40 -65.78 -31.81
CA VAL N 231 -3.09 -64.61 -32.63
C VAL N 231 -4.19 -64.37 -33.64
N HIS N 232 -4.86 -65.44 -34.09
CA HIS N 232 -5.99 -65.35 -35.00
C HIS N 232 -5.61 -64.65 -36.30
N PHE N 233 -4.72 -65.32 -37.04
CA PHE N 233 -4.42 -64.90 -38.40
C PHE N 233 -5.63 -64.97 -39.30
N GLU N 234 -6.74 -65.51 -38.82
CA GLU N 234 -8.00 -65.47 -39.56
C GLU N 234 -8.36 -64.03 -39.87
N GLU N 235 -8.82 -63.80 -41.09
CA GLU N 235 -9.23 -62.47 -41.52
C GLU N 235 -10.68 -62.18 -41.21
N SER N 236 -11.39 -63.12 -40.58
CA SER N 236 -12.79 -62.93 -40.24
C SER N 236 -13.07 -63.62 -38.90
N SER N 237 -14.04 -63.07 -38.18
CA SER N 237 -14.53 -63.70 -36.96
C SER N 237 -15.98 -64.14 -37.11
N LYS N 238 -16.89 -63.22 -37.43
CA LYS N 238 -18.28 -63.54 -37.69
C LYS N 238 -18.80 -62.71 -38.85
N LEU N 239 -17.97 -62.49 -39.85
CA LEU N 239 -18.39 -61.65 -40.97
C LEU N 239 -19.31 -62.37 -41.94
N GLU N 240 -19.39 -63.69 -41.85
CA GLU N 240 -20.19 -64.47 -42.79
C GLU N 240 -21.68 -64.13 -42.69
N ASP N 241 -22.23 -64.19 -41.48
CA ASP N 241 -23.64 -63.85 -41.32
C ASP N 241 -23.84 -62.35 -41.40
N LEU N 242 -22.82 -61.58 -41.02
CA LEU N 242 -22.88 -60.13 -41.21
C LEU N 242 -23.12 -59.80 -42.68
N LEU N 243 -22.44 -60.50 -43.58
CA LEU N 243 -22.73 -60.37 -44.99
C LEU N 243 -23.98 -61.13 -45.39
N ARG N 244 -24.38 -62.15 -44.63
CA ARG N 244 -25.54 -62.94 -45.00
C ARG N 244 -26.81 -62.11 -44.92
N LYS N 245 -27.60 -62.13 -45.98
CA LYS N 245 -28.85 -61.40 -46.05
C LYS N 245 -29.96 -62.31 -45.57
N VAL N 246 -30.30 -62.22 -44.31
CA VAL N 246 -31.43 -62.93 -43.75
C VAL N 246 -32.69 -62.11 -43.99
N ARG N 247 -33.76 -62.78 -44.36
CA ARG N 247 -35.03 -62.13 -44.71
C ARG N 247 -36.08 -62.53 -43.69
N ALA N 248 -36.29 -61.68 -42.70
CA ALA N 248 -37.31 -61.93 -41.68
C ALA N 248 -37.65 -60.62 -41.00
N LYS N 249 -38.87 -60.54 -40.47
CA LYS N 249 -39.27 -59.37 -39.70
C LYS N 249 -38.84 -59.51 -38.25
N GLU N 250 -39.17 -60.64 -37.62
CA GLU N 250 -38.77 -60.94 -36.25
C GLU N 250 -39.26 -59.86 -35.28
N THR N 251 -40.58 -59.75 -35.17
CA THR N 251 -41.17 -58.78 -34.27
C THR N 251 -40.85 -59.14 -32.82
N ARG N 252 -40.75 -58.11 -31.98
CA ARG N 252 -40.45 -58.33 -30.58
C ARG N 252 -41.61 -59.02 -29.88
N LYS N 253 -41.29 -59.77 -28.84
CA LYS N 253 -42.26 -60.63 -28.18
C LYS N 253 -43.22 -59.82 -27.34
N ARG N 254 -44.52 -60.10 -27.51
CA ARG N 254 -45.54 -59.57 -26.62
C ARG N 254 -46.73 -60.51 -26.65
N ALA N 255 -47.41 -60.65 -25.52
CA ALA N 255 -48.52 -61.58 -25.42
C ALA N 255 -49.65 -61.17 -26.34
N LEU N 256 -50.22 -62.15 -27.04
CA LEU N 256 -51.33 -61.84 -27.93
C LEU N 256 -52.58 -61.48 -27.13
N SER N 257 -52.71 -62.01 -25.91
CA SER N 257 -53.84 -61.66 -25.06
C SER N 257 -53.48 -61.92 -23.60
N ARG N 258 -53.74 -60.94 -22.75
CA ARG N 258 -53.60 -61.09 -21.30
C ARG N 258 -54.88 -61.65 -20.70
N LEU N 259 -55.38 -62.75 -21.26
CA LEU N 259 -56.70 -63.23 -20.92
C LEU N 259 -56.71 -63.80 -19.50
N LYS N 260 -57.93 -64.16 -19.06
CA LYS N 260 -58.16 -64.69 -17.72
C LYS N 260 -58.68 -66.11 -17.86
N LEU N 261 -58.01 -67.05 -17.19
CA LEU N 261 -58.42 -68.45 -17.19
C LEU N 261 -59.28 -68.70 -15.96
N LYS N 262 -60.58 -68.87 -16.17
CA LYS N 262 -61.52 -69.13 -15.10
C LYS N 262 -61.78 -70.64 -15.05
N LEU N 263 -61.52 -71.25 -13.90
CA LEU N 263 -61.76 -72.68 -13.78
C LEU N 263 -63.26 -72.97 -13.77
N ASN N 264 -63.97 -72.46 -12.76
CA ASN N 264 -65.41 -72.61 -12.71
C ASN N 264 -66.11 -71.26 -12.84
N LYS N 265 -65.96 -70.36 -11.86
CA LYS N 265 -66.37 -68.98 -12.04
C LYS N 265 -65.45 -68.03 -11.29
N ASP N 266 -64.63 -68.58 -10.38
CA ASP N 266 -63.88 -67.73 -9.47
C ASP N 266 -62.42 -68.12 -9.32
N ILE N 267 -62.00 -69.29 -9.78
CA ILE N 267 -60.59 -69.68 -9.73
C ILE N 267 -60.00 -69.19 -11.05
N VAL N 268 -59.55 -67.93 -11.04
CA VAL N 268 -59.14 -67.23 -12.25
C VAL N 268 -57.68 -66.87 -12.12
N ILE N 269 -56.93 -67.04 -13.21
CA ILE N 269 -55.51 -66.74 -13.23
C ILE N 269 -55.19 -65.94 -14.49
N SER N 270 -54.30 -64.96 -14.35
CA SER N 270 -53.80 -64.25 -15.51
C SER N 270 -52.95 -65.18 -16.35
N VAL N 271 -53.24 -65.23 -17.65
CA VAL N 271 -52.58 -66.17 -18.56
C VAL N 271 -52.18 -65.42 -19.82
N GLY N 272 -51.00 -65.75 -20.34
CA GLY N 272 -50.48 -65.12 -21.54
C GLY N 272 -50.64 -66.03 -22.74
N ILE N 273 -51.22 -65.50 -23.81
CA ILE N 273 -51.44 -66.22 -25.05
C ILE N 273 -50.53 -65.64 -26.12
N TYR N 274 -49.91 -66.51 -26.89
CA TYR N 274 -48.93 -66.09 -27.88
C TYR N 274 -49.15 -66.85 -29.18
N ASN N 275 -48.94 -66.17 -30.29
CA ASN N 275 -48.85 -66.81 -31.59
C ASN N 275 -47.41 -67.23 -31.78
N LEU N 276 -47.05 -68.41 -31.28
CA LEU N 276 -45.68 -68.88 -31.36
C LEU N 276 -45.21 -68.99 -32.81
N VAL N 277 -46.14 -69.09 -33.74
CA VAL N 277 -45.87 -68.87 -35.15
C VAL N 277 -46.98 -67.96 -35.68
N GLN N 278 -46.68 -67.24 -36.75
CA GLN N 278 -47.65 -66.30 -37.30
C GLN N 278 -47.36 -66.11 -38.77
N LYS N 279 -48.29 -66.53 -39.63
CA LYS N 279 -48.14 -66.34 -41.06
C LYS N 279 -47.88 -64.88 -41.38
N ALA N 280 -46.70 -64.60 -41.91
CA ALA N 280 -46.35 -63.24 -42.28
C ALA N 280 -46.91 -62.89 -43.65
N LEU N 281 -47.21 -61.60 -43.84
CA LEU N 281 -47.75 -61.12 -45.09
C LEU N 281 -46.99 -59.88 -45.54
N LYS N 282 -47.27 -59.47 -46.77
CA LYS N 282 -46.60 -58.32 -47.34
C LYS N 282 -47.04 -57.04 -46.63
N PRO N 283 -46.16 -56.06 -46.50
CA PRO N 283 -46.56 -54.74 -46.05
C PRO N 283 -47.57 -54.13 -47.01
N PRO N 284 -48.53 -53.36 -46.50
CA PRO N 284 -49.58 -52.85 -47.38
C PRO N 284 -49.03 -51.79 -48.31
N PRO N 285 -49.63 -51.61 -49.48
CA PRO N 285 -49.23 -50.51 -50.36
C PRO N 285 -49.64 -49.18 -49.78
N ILE N 286 -48.94 -48.14 -50.22
CA ILE N 286 -49.15 -46.77 -49.74
C ILE N 286 -49.59 -45.92 -50.93
N LYS N 287 -50.65 -45.14 -50.72
CA LYS N 287 -51.20 -44.31 -51.80
C LYS N 287 -50.31 -43.10 -51.99
N LEU N 288 -49.61 -43.04 -53.12
CA LEU N 288 -48.69 -41.97 -53.43
C LEU N 288 -49.11 -41.24 -54.69
N TYR N 289 -48.69 -39.98 -54.80
CA TYR N 289 -49.04 -39.18 -55.95
C TYR N 289 -48.22 -39.59 -57.16
N ARG N 290 -48.70 -39.18 -58.33
CA ARG N 290 -48.01 -39.48 -59.58
C ARG N 290 -46.78 -38.60 -59.77
N GLU N 291 -46.84 -37.34 -59.35
CA GLU N 291 -45.73 -36.43 -59.56
C GLU N 291 -44.93 -36.14 -58.31
N THR N 292 -45.58 -36.05 -57.14
CA THR N 292 -44.87 -35.75 -55.91
C THR N 292 -44.79 -36.94 -54.97
N ASN N 293 -45.52 -38.01 -55.26
CA ASN N 293 -45.46 -39.23 -54.46
C ASN N 293 -45.80 -38.95 -53.00
N GLU N 294 -46.62 -37.93 -52.77
CA GLU N 294 -47.09 -37.67 -51.43
C GLU N 294 -48.00 -38.81 -50.98
N PRO N 295 -47.86 -39.26 -49.73
CA PRO N 295 -48.89 -40.16 -49.18
C PRO N 295 -50.24 -39.48 -49.26
N VAL N 296 -51.14 -40.05 -50.07
CA VAL N 296 -52.38 -39.36 -50.40
C VAL N 296 -53.37 -39.57 -49.26
N LYS N 297 -53.86 -38.47 -48.70
CA LYS N 297 -54.91 -38.55 -47.71
C LYS N 297 -56.20 -39.00 -48.37
N THR N 298 -56.73 -40.12 -47.90
CA THR N 298 -57.91 -40.73 -48.49
C THR N 298 -59.08 -40.62 -47.53
N LYS N 299 -60.27 -40.46 -48.08
CA LYS N 299 -61.48 -40.31 -47.28
C LYS N 299 -62.65 -40.87 -48.07
N THR N 300 -63.36 -41.83 -47.49
CA THR N 300 -64.50 -42.46 -48.14
C THR N 300 -65.74 -42.06 -47.36
N ARG N 301 -66.32 -40.94 -47.74
CA ARG N 301 -67.55 -40.49 -47.11
C ARG N 301 -68.71 -41.37 -47.54
N THR N 302 -69.59 -41.68 -46.59
CA THR N 302 -70.83 -42.37 -46.88
C THR N 302 -71.94 -41.33 -47.00
N PHE N 303 -72.56 -41.27 -48.16
CA PHE N 303 -73.48 -40.18 -48.48
C PHE N 303 -74.64 -40.72 -49.29
N ASN N 304 -75.72 -39.95 -49.28
CA ASN N 304 -76.93 -40.32 -50.00
C ASN N 304 -76.76 -39.94 -51.46
N THR N 305 -76.53 -40.93 -52.31
CA THR N 305 -76.42 -40.64 -53.73
C THR N 305 -77.76 -40.31 -54.35
N SER N 306 -78.85 -40.82 -53.76
CA SER N 306 -80.18 -40.56 -54.34
C SER N 306 -80.49 -39.08 -54.30
N THR N 307 -80.15 -38.39 -53.20
CA THR N 307 -80.32 -36.96 -53.12
C THR N 307 -79.01 -36.20 -53.25
N GLY N 308 -77.90 -36.91 -53.47
CA GLY N 308 -76.61 -36.25 -53.49
C GLY N 308 -76.17 -35.73 -52.15
N GLY N 309 -76.92 -36.02 -51.10
CA GLY N 309 -76.66 -35.47 -49.78
C GLY N 309 -75.49 -36.17 -49.11
N LEU N 310 -75.51 -36.13 -47.79
CA LEU N 310 -74.46 -36.74 -46.97
C LEU N 310 -75.09 -37.52 -45.84
N LEU N 311 -74.57 -38.72 -45.59
CA LEU N 311 -75.13 -39.62 -44.60
C LEU N 311 -74.27 -39.62 -43.35
N LEU N 312 -74.81 -40.25 -42.32
CA LEU N 312 -74.17 -40.41 -41.02
C LEU N 312 -74.25 -41.87 -40.62
N PRO N 313 -73.36 -42.32 -39.73
CA PRO N 313 -73.49 -43.69 -39.22
C PRO N 313 -74.84 -43.95 -38.57
N SER N 314 -75.40 -42.95 -37.88
CA SER N 314 -76.74 -43.07 -37.34
C SER N 314 -77.81 -42.91 -38.40
N ASP N 315 -77.43 -42.59 -39.63
CA ASP N 315 -78.36 -42.29 -40.70
C ASP N 315 -78.64 -43.51 -41.56
N THR N 316 -78.02 -44.65 -41.24
CA THR N 316 -78.15 -45.85 -42.05
C THR N 316 -78.55 -47.04 -41.19
N LYS N 317 -79.07 -48.07 -41.85
CA LYS N 317 -79.46 -49.30 -41.18
C LYS N 317 -78.99 -50.49 -42.00
N ARG N 318 -78.52 -51.52 -41.31
CA ARG N 318 -78.11 -52.75 -41.98
C ARG N 318 -79.34 -53.59 -42.30
N SER N 319 -79.24 -54.38 -43.36
CA SER N 319 -80.36 -55.21 -43.77
C SER N 319 -79.87 -56.52 -44.36
N GLN N 320 -80.69 -57.54 -44.21
CA GLN N 320 -80.54 -58.79 -44.94
C GLN N 320 -81.95 -59.28 -45.26
N ILE N 321 -82.16 -59.75 -46.48
CA ILE N 321 -83.47 -60.16 -46.92
C ILE N 321 -83.51 -61.68 -47.01
N TYR N 322 -84.44 -62.29 -46.27
CA TYR N 322 -84.67 -63.72 -46.33
C TYR N 322 -86.06 -63.97 -46.89
N GLY N 323 -86.13 -64.74 -47.97
CA GLY N 323 -87.39 -64.99 -48.62
C GLY N 323 -88.04 -63.69 -49.06
N SER N 324 -89.32 -63.54 -48.74
CA SER N 324 -90.05 -62.33 -49.07
C SER N 324 -89.77 -61.19 -48.10
N ARG N 325 -89.06 -61.44 -47.02
CA ARG N 325 -88.86 -60.47 -45.95
C ARG N 325 -87.47 -59.86 -46.06
N GLN N 326 -87.42 -58.54 -46.22
CA GLN N 326 -86.18 -57.78 -46.14
C GLN N 326 -86.02 -57.31 -44.70
N ILE N 327 -85.24 -58.04 -43.92
CA ILE N 327 -85.12 -57.76 -42.49
C ILE N 327 -84.13 -56.62 -42.29
N ILE N 328 -84.54 -55.61 -41.52
CA ILE N 328 -83.77 -54.39 -41.35
C ILE N 328 -83.32 -54.30 -39.90
N LEU N 329 -82.03 -54.03 -39.69
CA LEU N 329 -81.49 -53.87 -38.35
C LEU N 329 -80.49 -52.71 -38.31
N GLU N 330 -80.03 -52.44 -37.10
CA GLU N 330 -78.85 -51.63 -36.88
C GLU N 330 -77.64 -52.52 -36.70
N LYS N 331 -76.47 -51.99 -37.09
CA LYS N 331 -75.23 -52.73 -36.93
C LYS N 331 -75.00 -53.07 -35.47
N GLU N 332 -75.21 -52.10 -34.57
CA GLU N 332 -75.01 -52.36 -33.16
C GLU N 332 -75.80 -53.58 -32.72
N GLU N 333 -77.11 -53.59 -33.02
CA GLU N 333 -77.94 -54.73 -32.64
C GLU N 333 -77.31 -56.03 -33.07
N THR N 334 -76.70 -56.03 -34.26
CA THR N 334 -75.95 -57.19 -34.71
C THR N 334 -74.81 -57.48 -33.75
N GLU N 335 -74.11 -56.44 -33.30
CA GLU N 335 -73.00 -56.66 -32.37
C GLU N 335 -73.48 -57.30 -31.07
N GLU N 336 -74.57 -56.80 -30.49
CA GLU N 336 -75.02 -57.39 -29.24
C GLU N 336 -75.61 -58.79 -29.45
N LEU N 337 -76.15 -59.08 -30.63
CA LEU N 337 -76.52 -60.47 -30.86
C LEU N 337 -75.31 -61.34 -31.17
N LYS N 338 -74.13 -60.74 -31.37
CA LYS N 338 -72.89 -61.49 -31.34
C LYS N 338 -72.30 -61.61 -29.94
N ARG N 339 -72.96 -61.06 -28.93
CA ARG N 339 -72.46 -61.13 -27.56
C ARG N 339 -72.97 -62.40 -26.91
N PHE N 340 -72.06 -63.32 -26.60
CA PHE N 340 -72.42 -64.53 -25.87
C PHE N 340 -71.72 -64.61 -24.52
N ASP N 341 -70.39 -64.55 -24.49
CA ASP N 341 -69.62 -64.73 -23.28
C ASP N 341 -68.59 -63.62 -23.16
N ASP N 342 -68.17 -63.38 -21.93
CA ASP N 342 -67.16 -62.36 -21.65
C ASP N 342 -65.78 -62.88 -22.00
N PRO N 343 -64.84 -61.97 -22.29
CA PRO N 343 -63.46 -62.40 -22.59
C PRO N 343 -62.86 -63.17 -21.43
N GLY N 344 -62.47 -64.41 -21.71
CA GLY N 344 -61.87 -65.24 -20.69
C GLY N 344 -61.85 -66.69 -21.14
N LEU N 345 -61.56 -67.57 -20.18
CA LEU N 345 -61.46 -69.00 -20.43
C LEU N 345 -62.43 -69.71 -19.49
N MET N 346 -63.35 -70.47 -20.07
CA MET N 346 -64.33 -71.24 -19.32
C MET N 346 -63.97 -72.71 -19.46
N LEU N 347 -63.34 -73.26 -18.42
CA LEU N 347 -62.91 -74.65 -18.47
C LEU N 347 -64.11 -75.56 -18.59
N MET N 348 -64.12 -76.38 -19.63
CA MET N 348 -65.22 -77.29 -19.89
C MET N 348 -64.93 -78.73 -19.47
N GLY N 349 -63.68 -79.07 -19.18
CA GLY N 349 -63.37 -80.38 -18.65
C GLY N 349 -62.05 -80.88 -19.18
N PHE N 350 -61.83 -82.17 -18.99
CA PHE N 350 -60.58 -82.83 -19.34
C PHE N 350 -60.85 -84.01 -20.26
N LYS N 351 -60.13 -84.05 -21.38
CA LYS N 351 -60.25 -85.13 -22.32
C LYS N 351 -58.87 -85.72 -22.60
N PRO N 352 -58.75 -87.04 -22.63
CA PRO N 352 -57.45 -87.65 -22.93
C PRO N 352 -56.94 -87.26 -24.30
N LEU N 353 -55.62 -87.07 -24.38
CA LEU N 353 -55.00 -86.65 -25.62
C LEU N 353 -55.19 -87.65 -26.75
N VAL N 354 -55.46 -88.91 -26.41
CA VAL N 354 -55.68 -89.93 -27.42
C VAL N 354 -56.96 -89.70 -28.20
N LEU N 355 -57.87 -88.90 -27.67
CA LEU N 355 -59.18 -88.69 -28.29
C LEU N 355 -59.15 -87.57 -29.32
N LEU N 356 -58.00 -87.33 -29.93
CA LEU N 356 -57.81 -86.21 -30.85
C LEU N 356 -57.60 -86.72 -32.26
N LYS N 357 -58.42 -86.25 -33.19
CA LYS N 357 -58.29 -86.62 -34.59
C LYS N 357 -57.36 -85.63 -35.29
N LYS N 358 -56.41 -86.16 -36.04
CA LYS N 358 -55.45 -85.30 -36.73
C LYS N 358 -56.13 -84.40 -37.73
N HIS N 359 -57.05 -84.94 -38.52
CA HIS N 359 -57.74 -84.14 -39.52
C HIS N 359 -58.63 -83.07 -38.92
N HIS N 360 -58.91 -83.15 -37.62
CA HIS N 360 -59.73 -82.15 -36.95
C HIS N 360 -58.86 -80.94 -36.61
N TYR N 361 -58.58 -80.15 -37.64
CA TYR N 361 -57.81 -78.93 -37.49
C TYR N 361 -58.60 -77.77 -38.09
N LEU N 362 -58.57 -76.63 -37.40
CA LEU N 362 -59.30 -75.45 -37.84
C LEU N 362 -58.37 -74.31 -38.22
N ARG N 363 -57.49 -73.91 -37.32
CA ARG N 363 -56.60 -72.78 -37.55
C ARG N 363 -55.39 -72.96 -36.63
N PRO N 364 -54.27 -72.30 -36.93
CA PRO N 364 -53.04 -72.61 -36.21
C PRO N 364 -53.19 -72.43 -34.70
N SER N 365 -52.58 -73.35 -33.96
CA SER N 365 -52.68 -73.35 -32.51
C SER N 365 -51.88 -72.20 -31.90
N LEU N 366 -52.18 -71.90 -30.64
CA LEU N 366 -51.51 -70.84 -29.91
C LEU N 366 -50.95 -71.37 -28.62
N PHE N 367 -50.00 -70.62 -28.06
CA PHE N 367 -49.32 -71.01 -26.84
C PHE N 367 -50.00 -70.39 -25.63
N VAL N 368 -49.90 -71.09 -24.50
CA VAL N 368 -50.50 -70.67 -23.24
C VAL N 368 -49.41 -70.56 -22.19
N TYR N 369 -49.39 -69.42 -21.48
CA TYR N 369 -48.42 -69.21 -20.43
C TYR N 369 -49.09 -68.52 -19.23
N PRO N 370 -48.72 -68.89 -18.01
CA PRO N 370 -49.27 -68.22 -16.84
C PRO N 370 -48.73 -66.81 -16.70
N GLU N 371 -49.52 -65.95 -16.09
CA GLU N 371 -49.11 -64.58 -15.78
C GLU N 371 -49.40 -64.30 -14.31
N GLU N 372 -48.37 -63.87 -13.58
CA GLU N 372 -48.54 -63.41 -12.21
C GLU N 372 -48.82 -61.91 -12.14
N SER N 373 -48.93 -61.25 -13.29
CA SER N 373 -49.17 -59.82 -13.30
C SER N 373 -50.49 -59.47 -12.62
N LEU N 374 -51.53 -60.26 -12.88
CA LEU N 374 -52.84 -60.00 -12.32
C LEU N 374 -53.27 -61.02 -11.27
N VAL N 375 -52.76 -62.25 -11.34
CA VAL N 375 -53.09 -63.28 -10.37
C VAL N 375 -51.79 -63.89 -9.88
N ILE N 376 -51.54 -63.79 -8.58
CA ILE N 376 -50.37 -64.38 -7.97
C ILE N 376 -50.71 -65.79 -7.52
N GLY N 377 -49.76 -66.71 -7.71
CA GLY N 377 -50.04 -68.12 -7.62
C GLY N 377 -50.46 -68.74 -8.93
N SER N 378 -50.63 -67.93 -9.97
CA SER N 378 -51.04 -68.45 -11.27
C SER N 378 -50.00 -69.40 -11.83
N SER N 379 -48.72 -69.08 -11.65
CA SER N 379 -47.67 -69.92 -12.22
C SER N 379 -47.53 -71.23 -11.46
N THR N 380 -47.70 -71.21 -10.13
CA THR N 380 -47.66 -72.44 -9.37
C THR N 380 -48.77 -73.39 -9.81
N LEU N 381 -49.98 -72.86 -9.91
CA LEU N 381 -51.11 -73.67 -10.36
C LEU N 381 -50.89 -74.14 -11.79
N PHE N 382 -50.36 -73.26 -12.65
CA PHE N 382 -50.12 -73.63 -14.03
C PHE N 382 -49.12 -74.77 -14.12
N SER N 383 -48.05 -74.71 -13.33
CA SER N 383 -47.08 -75.80 -13.31
C SER N 383 -47.71 -77.09 -12.81
N ALA N 384 -48.51 -77.00 -11.75
CA ALA N 384 -49.17 -78.18 -11.23
C ALA N 384 -50.04 -78.82 -12.30
N LEU N 385 -50.85 -78.00 -12.99
CA LEU N 385 -51.73 -78.53 -14.02
C LEU N 385 -50.93 -79.10 -15.18
N LEU N 386 -49.84 -78.43 -15.56
CA LEU N 386 -49.01 -78.94 -16.64
C LEU N 386 -48.48 -80.32 -16.32
N ILE N 387 -47.89 -80.48 -15.13
CA ILE N 387 -47.33 -81.76 -14.74
C ILE N 387 -48.43 -82.82 -14.66
N LYS N 388 -49.58 -82.46 -14.09
CA LYS N 388 -50.65 -83.44 -13.91
C LYS N 388 -51.22 -83.89 -15.26
N CYS N 389 -51.43 -82.97 -16.19
CA CYS N 389 -51.94 -83.35 -17.49
C CYS N 389 -50.91 -84.13 -18.28
N LEU N 390 -49.61 -83.83 -18.09
CA LEU N 390 -48.58 -84.66 -18.69
C LEU N 390 -48.64 -86.08 -18.15
N GLU N 391 -48.84 -86.22 -16.83
CA GLU N 391 -48.95 -87.54 -16.24
C GLU N 391 -50.17 -88.28 -16.78
N LYS N 392 -51.36 -87.76 -16.52
CA LYS N 392 -52.60 -88.44 -16.89
C LYS N 392 -52.87 -88.43 -18.38
N GLU N 393 -52.09 -87.67 -19.17
CA GLU N 393 -52.18 -87.69 -20.62
C GLU N 393 -53.58 -87.27 -21.09
N VAL N 394 -54.06 -86.15 -20.53
CA VAL N 394 -55.36 -85.61 -20.90
C VAL N 394 -55.21 -84.14 -21.22
N ALA N 395 -56.18 -83.63 -21.99
CA ALA N 395 -56.23 -82.23 -22.36
C ALA N 395 -57.40 -81.56 -21.67
N ALA N 396 -57.17 -80.32 -21.22
CA ALA N 396 -58.21 -79.53 -20.56
C ALA N 396 -59.01 -78.81 -21.64
N LEU N 397 -60.19 -79.33 -21.96
CA LEU N 397 -61.03 -78.68 -22.95
C LEU N 397 -61.70 -77.48 -22.31
N CYS N 398 -61.60 -76.32 -22.96
CA CYS N 398 -62.03 -75.06 -22.37
C CYS N 398 -62.85 -74.27 -23.37
N ARG N 399 -63.87 -73.58 -22.86
CA ARG N 399 -64.60 -72.62 -23.65
C ARG N 399 -63.81 -71.32 -23.68
N TYR N 400 -63.41 -70.89 -24.87
CA TYR N 400 -62.50 -69.77 -25.04
C TYR N 400 -63.20 -68.59 -25.69
N THR N 401 -63.07 -67.42 -25.08
CA THR N 401 -63.54 -66.17 -25.67
C THR N 401 -62.37 -65.21 -25.81
N PRO N 402 -61.95 -64.88 -27.03
CA PRO N 402 -60.84 -63.91 -27.20
C PRO N 402 -61.13 -62.55 -26.58
N ARG N 403 -62.18 -61.91 -27.06
CA ARG N 403 -62.65 -60.65 -26.48
C ARG N 403 -64.14 -60.53 -26.79
N ARG N 404 -64.75 -59.43 -26.34
CA ARG N 404 -66.20 -59.27 -26.34
C ARG N 404 -66.78 -59.42 -27.74
N ASN N 405 -68.10 -59.61 -27.77
CA ASN N 405 -68.87 -59.72 -29.02
C ASN N 405 -68.39 -60.88 -29.87
N ILE N 406 -67.91 -61.93 -29.23
CA ILE N 406 -67.36 -63.08 -29.93
C ILE N 406 -67.95 -64.37 -29.35
N PRO N 407 -68.50 -65.25 -30.19
CA PRO N 407 -69.01 -66.53 -29.69
C PRO N 407 -67.88 -67.38 -29.14
N PRO N 408 -67.99 -67.82 -27.89
CA PRO N 408 -66.92 -68.63 -27.31
C PRO N 408 -66.76 -69.95 -28.04
N TYR N 409 -65.52 -70.42 -28.11
CA TYR N 409 -65.21 -71.69 -28.75
C TYR N 409 -64.60 -72.65 -27.75
N PHE N 410 -64.85 -73.93 -28.00
CA PHE N 410 -64.20 -74.99 -27.24
C PHE N 410 -62.86 -75.29 -27.90
N VAL N 411 -61.81 -75.27 -27.10
CA VAL N 411 -60.46 -75.51 -27.58
C VAL N 411 -59.78 -76.47 -26.62
N ALA N 412 -59.00 -77.39 -27.17
CA ALA N 412 -58.22 -78.32 -26.36
C ALA N 412 -56.87 -77.69 -26.03
N LEU N 413 -56.52 -77.71 -24.76
CA LEU N 413 -55.25 -77.19 -24.29
C LEU N 413 -54.33 -78.37 -24.01
N VAL N 414 -53.35 -78.57 -24.87
CA VAL N 414 -52.42 -79.68 -24.75
C VAL N 414 -51.27 -79.23 -23.85
N PRO N 415 -50.97 -79.94 -22.76
CA PRO N 415 -49.80 -79.59 -21.95
C PRO N 415 -48.53 -79.62 -22.76
N GLN N 416 -47.91 -78.45 -22.95
CA GLN N 416 -46.71 -78.34 -23.76
C GLN N 416 -45.50 -78.31 -22.84
N GLU N 417 -44.60 -79.28 -23.02
CA GLU N 417 -43.46 -79.42 -22.15
C GLU N 417 -42.43 -78.33 -22.42
N GLU N 418 -41.49 -78.19 -21.49
CA GLU N 418 -40.31 -77.36 -21.69
C GLU N 418 -39.22 -78.21 -22.30
N GLU N 419 -38.81 -77.89 -23.52
CA GLU N 419 -37.78 -78.64 -24.23
C GLU N 419 -36.55 -77.77 -24.39
N LEU N 420 -35.41 -78.26 -23.93
CA LEU N 420 -34.14 -77.59 -24.05
C LEU N 420 -33.23 -78.38 -24.99
N ASP N 421 -32.54 -77.66 -25.87
CA ASP N 421 -31.70 -78.31 -26.86
C ASP N 421 -30.42 -78.84 -26.19
N ASP N 422 -29.47 -79.28 -27.02
CA ASP N 422 -28.17 -79.69 -26.49
C ASP N 422 -27.47 -78.54 -25.78
N GLN N 423 -27.67 -77.31 -26.24
CA GLN N 423 -27.17 -76.11 -25.59
C GLN N 423 -28.02 -75.70 -24.39
N LYS N 424 -29.00 -76.52 -24.01
CA LYS N 424 -29.92 -76.23 -22.92
C LYS N 424 -30.71 -74.95 -23.20
N ILE N 425 -30.98 -74.68 -24.46
CA ILE N 425 -31.80 -73.55 -24.86
C ILE N 425 -33.23 -74.04 -25.02
N GLN N 426 -34.15 -73.37 -24.35
CA GLN N 426 -35.55 -73.79 -24.33
C GLN N 426 -36.12 -73.64 -25.74
N VAL N 427 -36.11 -74.74 -26.49
CA VAL N 427 -36.64 -74.69 -27.85
C VAL N 427 -38.16 -74.79 -27.83
N THR N 428 -38.72 -75.60 -26.94
CA THR N 428 -40.17 -75.65 -26.76
C THR N 428 -40.51 -75.14 -25.37
N PRO N 429 -41.21 -74.01 -25.26
CA PRO N 429 -41.49 -73.46 -23.93
C PRO N 429 -42.46 -74.33 -23.17
N PRO N 430 -42.39 -74.32 -21.84
CA PRO N 430 -43.41 -75.02 -21.04
C PRO N 430 -44.69 -74.20 -21.03
N GLY N 431 -45.82 -74.90 -21.21
CA GLY N 431 -47.10 -74.23 -21.25
C GLY N 431 -48.16 -75.14 -21.81
N PHE N 432 -49.11 -74.58 -22.55
CA PHE N 432 -50.18 -75.38 -23.12
C PHE N 432 -50.40 -75.00 -24.57
N GLN N 433 -50.87 -75.97 -25.34
CA GLN N 433 -51.11 -75.81 -26.77
C GLN N 433 -52.61 -75.69 -26.97
N LEU N 434 -53.06 -74.48 -27.30
CA LEU N 434 -54.47 -74.22 -27.54
C LEU N 434 -54.80 -74.56 -28.98
N VAL N 435 -55.50 -75.67 -29.19
CA VAL N 435 -55.91 -76.07 -30.53
C VAL N 435 -57.42 -75.88 -30.65
N PHE N 436 -57.84 -75.32 -31.77
CA PHE N 436 -59.24 -74.97 -31.98
C PHE N 436 -60.02 -76.21 -32.37
N LEU N 437 -61.12 -76.46 -31.68
CA LEU N 437 -61.94 -77.63 -31.95
C LEU N 437 -63.09 -77.23 -32.86
N PRO N 438 -63.15 -77.74 -34.08
CA PRO N 438 -64.18 -77.30 -35.02
C PRO N 438 -65.57 -77.76 -34.60
N PHE N 439 -66.57 -77.13 -35.20
CA PHE N 439 -67.95 -77.39 -34.89
C PHE N 439 -68.54 -78.36 -35.91
N ALA N 440 -69.85 -78.61 -35.81
CA ALA N 440 -70.50 -79.54 -36.72
C ALA N 440 -70.41 -79.06 -38.16
N ASP N 441 -70.69 -77.77 -38.39
CA ASP N 441 -70.69 -77.24 -39.74
C ASP N 441 -69.30 -77.09 -40.33
N ASP N 442 -68.25 -77.18 -39.51
CA ASP N 442 -66.90 -76.96 -40.01
C ASP N 442 -66.46 -78.01 -41.01
N LYS N 443 -67.14 -79.15 -41.07
CA LYS N 443 -66.85 -80.15 -42.08
C LYS N 443 -67.62 -79.85 -43.36
N ARG N 444 -67.23 -80.53 -44.43
CA ARG N 444 -67.94 -80.45 -45.70
C ARG N 444 -68.14 -81.86 -46.25
N LYS N 445 -69.33 -82.11 -46.78
CA LYS N 445 -69.62 -83.40 -47.39
C LYS N 445 -68.83 -83.54 -48.69
N MET N 446 -68.18 -84.69 -48.86
CA MET N 446 -67.31 -84.93 -50.00
C MET N 446 -67.84 -86.08 -50.83
N PRO N 447 -67.82 -85.97 -52.16
CA PRO N 447 -68.25 -87.10 -53.01
C PRO N 447 -67.22 -88.22 -52.99
N PHE N 448 -67.26 -89.03 -51.94
CA PHE N 448 -66.29 -90.09 -51.73
C PHE N 448 -66.29 -91.08 -52.88
N THR N 449 -65.24 -91.91 -52.91
CA THR N 449 -65.07 -92.95 -53.92
C THR N 449 -64.92 -94.29 -53.22
N GLU N 450 -65.25 -95.36 -53.95
CA GLU N 450 -65.20 -96.70 -53.37
C GLU N 450 -63.77 -97.08 -53.00
N LYS N 451 -63.64 -97.80 -51.90
CA LYS N 451 -62.32 -98.18 -51.39
C LYS N 451 -61.72 -99.27 -52.26
N ILE N 452 -60.46 -99.08 -52.65
CA ILE N 452 -59.74 -100.02 -53.51
C ILE N 452 -58.38 -100.30 -52.89
N MET N 453 -57.99 -101.57 -52.85
CA MET N 453 -56.72 -101.98 -52.25
C MET N 453 -55.62 -102.06 -53.31
N ALA N 454 -54.49 -102.63 -52.94
CA ALA N 454 -53.36 -102.80 -53.84
C ALA N 454 -52.52 -103.98 -53.37
N THR N 455 -51.66 -104.47 -54.26
CA THR N 455 -50.83 -105.61 -53.91
C THR N 455 -49.76 -105.18 -52.91
N PRO N 456 -49.41 -106.03 -51.95
CA PRO N 456 -48.33 -105.69 -51.02
C PRO N 456 -47.00 -105.47 -51.70
N GLU N 457 -46.78 -106.06 -52.88
CA GLU N 457 -45.57 -105.78 -53.63
C GLU N 457 -45.50 -104.31 -54.01
N GLN N 458 -46.62 -103.75 -54.46
CA GLN N 458 -46.65 -102.31 -54.75
C GLN N 458 -46.42 -101.48 -53.50
N VAL N 459 -46.91 -101.98 -52.35
CA VAL N 459 -46.66 -101.29 -51.10
C VAL N 459 -45.16 -101.28 -50.78
N GLY N 460 -44.49 -102.41 -51.00
CA GLY N 460 -43.05 -102.44 -50.81
C GLY N 460 -42.32 -101.55 -51.80
N LYS N 461 -42.83 -101.47 -53.03
CA LYS N 461 -42.24 -100.57 -54.02
C LYS N 461 -42.31 -99.12 -53.53
N MET N 462 -43.48 -98.72 -53.03
CA MET N 462 -43.63 -97.39 -52.46
C MET N 462 -42.74 -97.18 -51.25
N LYS N 463 -42.61 -98.20 -50.39
CA LYS N 463 -41.74 -98.08 -49.23
C LYS N 463 -40.30 -97.85 -49.65
N ALA N 464 -39.81 -98.62 -50.61
CA ALA N 464 -38.45 -98.46 -51.09
C ALA N 464 -38.26 -97.10 -51.74
N ILE N 465 -39.24 -96.66 -52.53
CA ILE N 465 -39.12 -95.38 -53.22
C ILE N 465 -39.10 -94.24 -52.21
N VAL N 466 -39.95 -94.30 -51.19
CA VAL N 466 -39.94 -93.28 -50.14
C VAL N 466 -38.62 -93.28 -49.41
N GLU N 467 -38.09 -94.48 -49.11
CA GLU N 467 -36.77 -94.56 -48.49
C GLU N 467 -35.71 -93.91 -49.36
N LYS N 468 -35.82 -94.08 -50.67
CA LYS N 468 -34.94 -93.36 -51.58
C LYS N 468 -35.12 -91.86 -51.46
N LEU N 469 -36.37 -91.40 -51.45
CA LEU N 469 -36.69 -89.98 -51.43
C LEU N 469 -36.99 -89.46 -50.03
N ARG N 470 -36.56 -90.17 -49.00
CA ARG N 470 -36.71 -89.66 -47.65
C ARG N 470 -35.73 -88.52 -47.42
N PHE N 471 -36.15 -87.55 -46.61
CA PHE N 471 -35.30 -86.41 -46.30
C PHE N 471 -35.59 -85.98 -44.86
N THR N 472 -34.56 -85.45 -44.20
CA THR N 472 -34.71 -84.99 -42.83
C THR N 472 -35.39 -83.62 -42.81
N TYR N 473 -36.36 -83.47 -41.92
CA TYR N 473 -37.12 -82.24 -41.83
C TYR N 473 -36.52 -81.29 -40.81
N ARG N 474 -36.46 -80.01 -41.18
CA ARG N 474 -36.11 -78.94 -40.26
C ARG N 474 -37.15 -77.85 -40.39
N SER N 475 -37.40 -77.16 -39.27
CA SER N 475 -38.49 -76.19 -39.25
C SER N 475 -38.28 -75.07 -40.26
N ASP N 476 -37.06 -74.54 -40.32
CA ASP N 476 -36.75 -73.39 -41.16
C ASP N 476 -36.33 -73.78 -42.56
N SER N 477 -36.78 -74.93 -43.05
CA SER N 477 -36.30 -75.47 -44.31
C SER N 477 -36.76 -74.69 -45.53
N PHE N 478 -37.68 -73.74 -45.38
CA PHE N 478 -38.24 -73.07 -46.56
C PHE N 478 -38.60 -71.62 -46.24
N GLU N 479 -38.73 -70.86 -47.32
CA GLU N 479 -39.22 -69.48 -47.29
C GLU N 479 -40.25 -69.32 -48.39
N ASN N 480 -41.11 -68.30 -48.25
CA ASN N 480 -42.06 -68.08 -49.33
C ASN N 480 -41.36 -67.38 -50.49
N PRO N 481 -41.21 -68.05 -51.62
CA PRO N 481 -40.54 -67.42 -52.77
C PRO N 481 -41.25 -66.17 -53.25
N VAL N 482 -42.57 -66.10 -53.08
CA VAL N 482 -43.30 -64.89 -53.44
C VAL N 482 -42.79 -63.72 -52.64
N LEU N 483 -42.82 -63.84 -51.30
CA LEU N 483 -42.35 -62.78 -50.44
C LEU N 483 -40.86 -62.53 -50.65
N GLN N 484 -40.09 -63.59 -50.87
CA GLN N 484 -38.67 -63.42 -51.13
C GLN N 484 -38.44 -62.50 -52.32
N GLN N 485 -38.93 -62.89 -53.49
CA GLN N 485 -38.76 -62.04 -54.67
C GLN N 485 -39.37 -60.67 -54.48
N HIS N 486 -40.43 -60.58 -53.68
CA HIS N 486 -40.97 -59.28 -53.32
C HIS N 486 -39.90 -58.41 -52.67
N PHE N 487 -39.24 -58.94 -51.64
CA PHE N 487 -38.18 -58.19 -51.00
C PHE N 487 -37.03 -57.92 -51.94
N ARG N 488 -36.75 -58.86 -52.84
CA ARG N 488 -35.67 -58.66 -53.80
C ARG N 488 -35.95 -57.44 -54.65
N ASN N 489 -37.18 -57.33 -55.15
CA ASN N 489 -37.58 -56.18 -55.95
C ASN N 489 -37.54 -54.92 -55.12
N LEU N 490 -37.98 -55.02 -53.86
CA LEU N 490 -37.96 -53.86 -52.97
C LEU N 490 -36.55 -53.33 -52.80
N GLU N 491 -35.60 -54.24 -52.56
CA GLU N 491 -34.21 -53.84 -52.41
C GLU N 491 -33.68 -53.25 -53.71
N ALA N 492 -34.01 -53.87 -54.84
CA ALA N 492 -33.50 -53.40 -56.12
C ALA N 492 -33.94 -51.97 -56.39
N LEU N 493 -35.22 -51.69 -56.19
CA LEU N 493 -35.70 -50.33 -56.42
C LEU N 493 -35.18 -49.38 -55.36
N ALA N 494 -35.12 -49.83 -54.12
CA ALA N 494 -34.56 -49.01 -53.05
C ALA N 494 -33.10 -48.68 -53.35
N LEU N 495 -32.38 -49.61 -53.94
CA LEU N 495 -31.03 -49.36 -54.40
C LEU N 495 -31.00 -48.95 -55.87
N ASP N 496 -32.16 -48.69 -56.47
CA ASP N 496 -32.32 -48.29 -57.85
C ASP N 496 -31.40 -49.09 -58.77
N LEU N 497 -31.31 -50.39 -58.53
CA LEU N 497 -30.40 -51.23 -59.30
C LEU N 497 -30.80 -51.27 -60.77
N MET N 498 -29.87 -51.73 -61.60
CA MET N 498 -30.20 -52.03 -62.98
C MET N 498 -30.98 -53.33 -63.08
N GLU N 499 -30.79 -54.24 -62.13
CA GLU N 499 -31.37 -55.58 -62.23
C GLU N 499 -31.46 -56.17 -60.83
N PRO N 500 -32.56 -56.81 -60.48
CA PRO N 500 -32.70 -57.35 -59.12
C PRO N 500 -32.08 -58.72 -58.98
N GLU N 501 -31.53 -58.98 -57.79
CA GLU N 501 -31.15 -60.34 -57.46
C GLU N 501 -32.40 -61.21 -57.46
N GLN N 502 -32.22 -62.46 -57.87
CA GLN N 502 -33.33 -63.39 -58.03
C GLN N 502 -33.39 -64.34 -56.85
N ALA N 503 -34.52 -64.36 -56.17
CA ALA N 503 -34.72 -65.27 -55.05
C ALA N 503 -34.79 -66.71 -55.53
N VAL N 504 -34.14 -67.61 -54.80
CA VAL N 504 -34.18 -69.02 -55.12
C VAL N 504 -35.43 -69.64 -54.51
N ASP N 505 -36.08 -70.53 -55.26
CA ASP N 505 -37.31 -71.19 -54.81
C ASP N 505 -36.93 -72.55 -54.24
N LEU N 506 -36.80 -72.62 -52.92
CA LEU N 506 -36.51 -73.89 -52.27
C LEU N 506 -37.66 -74.87 -52.44
N THR N 507 -38.88 -74.36 -52.60
CA THR N 507 -40.05 -75.21 -52.73
C THR N 507 -40.07 -76.01 -54.03
N LEU N 508 -39.26 -75.64 -55.00
CA LEU N 508 -39.22 -76.40 -56.25
C LEU N 508 -38.54 -77.73 -56.02
N PRO N 509 -39.14 -78.85 -56.43
CA PRO N 509 -38.54 -80.16 -56.17
C PRO N 509 -37.29 -80.38 -57.02
N LYS N 510 -36.40 -81.22 -56.50
CA LYS N 510 -35.22 -81.65 -57.24
C LYS N 510 -35.61 -82.85 -58.09
N VAL N 511 -36.29 -82.56 -59.20
CA VAL N 511 -36.82 -83.63 -60.05
C VAL N 511 -35.69 -84.49 -60.61
N GLU N 512 -34.62 -83.86 -61.07
CA GLU N 512 -33.48 -84.62 -61.57
C GLU N 512 -32.86 -85.46 -60.46
N ALA N 513 -32.75 -84.91 -59.26
CA ALA N 513 -32.19 -85.67 -58.14
C ALA N 513 -33.10 -86.83 -57.76
N MET N 514 -34.41 -86.64 -57.81
CA MET N 514 -35.33 -87.74 -57.49
C MET N 514 -35.26 -88.84 -58.54
N ASN N 515 -35.21 -88.47 -59.82
CA ASN N 515 -35.05 -89.49 -60.85
C ASN N 515 -33.73 -90.23 -60.68
N LYS N 516 -32.66 -89.50 -60.35
CA LYS N 516 -31.37 -90.13 -60.08
C LYS N 516 -31.48 -91.10 -58.91
N ARG N 517 -32.19 -90.69 -57.86
CA ARG N 517 -32.31 -91.52 -56.67
C ARG N 517 -33.12 -92.78 -56.95
N LEU N 518 -34.15 -92.67 -57.78
CA LEU N 518 -35.06 -93.79 -57.99
C LEU N 518 -34.63 -94.71 -59.12
N GLY N 519 -34.55 -94.18 -60.34
CA GLY N 519 -34.31 -95.02 -61.51
C GLY N 519 -35.62 -95.43 -62.15
N SER N 520 -35.77 -96.74 -62.39
CA SER N 520 -36.97 -97.28 -63.03
C SER N 520 -37.93 -97.88 -62.02
N LEU N 521 -37.77 -97.58 -60.73
CA LEU N 521 -38.72 -98.08 -59.74
C LEU N 521 -40.12 -97.57 -60.02
N VAL N 522 -40.22 -96.31 -60.45
CA VAL N 522 -41.51 -95.75 -60.81
C VAL N 522 -42.12 -96.51 -61.97
N ASP N 523 -41.31 -96.84 -62.97
CA ASP N 523 -41.80 -97.59 -64.12
C ASP N 523 -42.28 -98.97 -63.70
N GLU N 524 -41.52 -99.64 -62.84
CA GLU N 524 -41.91 -100.96 -62.36
C GLU N 524 -43.24 -100.90 -61.63
N PHE N 525 -43.38 -99.93 -60.72
CA PHE N 525 -44.63 -99.80 -59.98
C PHE N 525 -45.78 -99.43 -60.89
N LYS N 526 -45.53 -98.56 -61.86
CA LYS N 526 -46.58 -98.17 -62.80
C LYS N 526 -47.08 -99.37 -63.58
N GLU N 527 -46.17 -100.24 -64.02
CA GLU N 527 -46.60 -101.46 -64.67
C GLU N 527 -47.33 -102.37 -63.69
N LEU N 528 -46.90 -102.37 -62.43
CA LEU N 528 -47.59 -103.15 -61.40
C LEU N 528 -49.01 -102.65 -61.20
N VAL N 529 -49.28 -101.39 -61.49
CA VAL N 529 -50.55 -100.77 -61.16
C VAL N 529 -51.27 -100.30 -62.42
N TYR N 530 -50.63 -99.40 -63.15
CA TYR N 530 -51.30 -98.76 -64.28
C TYR N 530 -51.17 -99.62 -65.52
N PRO N 531 -52.27 -99.98 -66.17
CA PRO N 531 -52.20 -100.67 -67.46
C PRO N 531 -51.57 -99.77 -68.51
N PRO N 532 -50.94 -100.33 -69.53
CA PRO N 532 -50.20 -99.52 -70.52
C PRO N 532 -51.11 -98.76 -71.49
N ASP N 533 -52.17 -98.17 -70.95
CA ASP N 533 -53.01 -97.24 -71.68
C ASP N 533 -53.44 -96.06 -70.83
N TYR N 534 -52.96 -95.97 -69.59
CA TYR N 534 -53.44 -94.95 -68.67
C TYR N 534 -52.99 -93.57 -69.11
N ASN N 535 -53.93 -92.64 -69.15
CA ASN N 535 -53.61 -91.25 -69.47
C ASN N 535 -53.07 -90.58 -68.22
N PRO N 536 -51.84 -90.05 -68.24
CA PRO N 536 -51.32 -89.39 -67.04
C PRO N 536 -52.20 -88.25 -66.54
N GLU N 537 -52.78 -87.47 -67.45
CA GLU N 537 -53.73 -86.43 -67.09
C GLU N 537 -54.75 -86.29 -68.21
N GLY N 538 -56.02 -86.27 -67.84
CA GLY N 538 -57.10 -86.16 -68.80
C GLY N 538 -58.45 -86.56 -68.22
N CYS O 180 -23.23 -63.70 -27.82
CA CYS O 180 -23.94 -64.66 -26.97
C CYS O 180 -24.28 -65.92 -27.74
N PRO O 181 -24.02 -67.08 -27.13
CA PRO O 181 -24.33 -68.35 -27.80
C PRO O 181 -25.81 -68.48 -28.10
N GLY O 182 -26.13 -69.05 -29.26
CA GLY O 182 -27.51 -69.27 -29.64
C GLY O 182 -28.33 -68.01 -29.74
N GLU O 183 -27.75 -66.93 -30.25
CA GLU O 183 -28.46 -65.67 -30.38
C GLU O 183 -27.97 -64.94 -31.62
N SER O 184 -28.91 -64.44 -32.42
CA SER O 184 -28.55 -63.65 -33.59
C SER O 184 -27.93 -62.34 -33.13
N LEU O 185 -26.61 -62.22 -33.29
CA LEU O 185 -25.94 -60.99 -32.88
C LEU O 185 -26.46 -59.79 -33.65
N ILE O 186 -27.03 -60.01 -34.84
CA ILE O 186 -27.66 -58.92 -35.56
C ILE O 186 -28.87 -58.40 -34.81
N ASN O 187 -29.67 -59.32 -34.26
CA ASN O 187 -30.89 -58.98 -33.52
C ASN O 187 -30.72 -59.45 -32.08
N PRO O 188 -30.21 -58.60 -31.20
CA PRO O 188 -30.08 -59.00 -29.79
C PRO O 188 -31.44 -59.31 -29.19
N GLY O 189 -31.45 -60.29 -28.30
CA GLY O 189 -32.69 -60.81 -27.78
C GLY O 189 -33.41 -61.74 -28.73
N PHE O 190 -32.81 -62.06 -29.87
CA PHE O 190 -33.40 -62.95 -30.86
C PHE O 190 -32.40 -64.07 -31.17
N LYS O 191 -32.88 -65.30 -31.17
CA LYS O 191 -32.01 -66.45 -31.35
C LYS O 191 -31.34 -66.39 -32.72
N SER O 192 -30.24 -67.13 -32.84
CA SER O 192 -29.49 -67.16 -34.09
C SER O 192 -30.37 -67.68 -35.22
N LYS O 193 -30.20 -67.10 -36.40
CA LYS O 193 -30.99 -67.46 -37.57
C LYS O 193 -30.15 -68.37 -38.46
N LYS O 194 -30.57 -69.62 -38.58
CA LYS O 194 -29.88 -70.56 -39.42
C LYS O 194 -30.05 -70.20 -40.89
N PRO O 195 -29.14 -70.64 -41.75
CA PRO O 195 -29.39 -70.53 -43.19
C PRO O 195 -30.64 -71.30 -43.58
N ALA O 196 -31.31 -70.82 -44.62
CA ALA O 196 -32.62 -71.35 -44.97
C ALA O 196 -32.57 -72.84 -45.24
N GLY O 197 -31.66 -73.27 -46.11
CA GLY O 197 -31.57 -74.68 -46.47
C GLY O 197 -32.79 -75.16 -47.24
N GLY O 198 -32.80 -76.43 -47.60
CA GLY O 198 -33.93 -77.00 -48.33
C GLY O 198 -34.08 -78.48 -48.10
N VAL O 199 -34.79 -79.16 -49.01
CA VAL O 199 -34.93 -80.60 -48.90
C VAL O 199 -33.57 -81.26 -49.08
N ASP O 200 -33.24 -82.18 -48.17
CA ASP O 200 -31.96 -82.88 -48.19
C ASP O 200 -32.25 -84.37 -48.03
N PHE O 201 -32.20 -85.09 -49.13
CA PHE O 201 -32.57 -86.50 -49.11
C PHE O 201 -31.62 -87.29 -48.22
N ASP O 202 -32.16 -88.34 -47.60
CA ASP O 202 -31.40 -89.14 -46.67
C ASP O 202 -31.12 -90.52 -47.25
N ALA P 8 -85.93 -82.08 -53.48
CA ALA P 8 -86.70 -82.81 -52.49
C ALA P 8 -88.05 -82.14 -52.23
N ALA P 9 -89.09 -82.94 -52.03
CA ALA P 9 -90.44 -82.46 -51.77
C ALA P 9 -90.92 -82.99 -50.44
N VAL P 10 -91.37 -82.10 -49.56
CA VAL P 10 -91.86 -82.46 -48.23
C VAL P 10 -93.30 -81.98 -48.12
N VAL P 11 -94.18 -82.86 -47.66
CA VAL P 11 -95.61 -82.56 -47.54
C VAL P 11 -96.06 -82.90 -46.13
N LEU P 12 -96.85 -82.00 -45.54
CA LEU P 12 -97.32 -82.15 -44.16
C LEU P 12 -98.82 -82.43 -44.18
N CYS P 13 -99.19 -83.66 -43.84
CA CYS P 13 -100.59 -84.06 -43.72
C CYS P 13 -100.95 -84.00 -42.24
N MET P 14 -101.65 -82.95 -41.85
CA MET P 14 -101.80 -82.59 -40.45
C MET P 14 -103.23 -82.88 -39.99
N ASP P 15 -103.35 -83.52 -38.83
CA ASP P 15 -104.64 -83.63 -38.17
C ASP P 15 -104.95 -82.32 -37.44
N VAL P 16 -106.19 -81.88 -37.56
CA VAL P 16 -106.63 -80.69 -36.84
C VAL P 16 -107.91 -81.02 -36.10
N GLY P 17 -108.28 -82.30 -36.09
CA GLY P 17 -109.51 -82.73 -35.44
C GLY P 17 -109.53 -82.42 -33.96
N PHE P 18 -110.69 -82.65 -33.35
CA PHE P 18 -110.83 -82.33 -31.94
C PHE P 18 -109.89 -83.15 -31.07
N THR P 19 -109.48 -84.33 -31.55
CA THR P 19 -108.49 -85.10 -30.82
C THR P 19 -107.17 -84.36 -30.72
N MET P 20 -106.87 -83.53 -31.73
CA MET P 20 -105.73 -82.62 -31.63
C MET P 20 -105.96 -81.57 -30.54
N SER P 21 -107.20 -81.07 -30.44
CA SER P 21 -107.51 -80.00 -29.50
C SER P 21 -107.30 -80.44 -28.05
N ASN P 22 -107.42 -81.73 -27.78
CA ASN P 22 -107.32 -82.24 -26.41
C ASN P 22 -105.89 -82.07 -25.90
N SER P 23 -105.72 -81.19 -24.92
CA SER P 23 -104.40 -80.98 -24.33
C SER P 23 -104.07 -82.08 -23.33
N ILE P 24 -102.79 -82.18 -22.99
CA ILE P 24 -102.30 -83.22 -22.10
C ILE P 24 -101.69 -82.55 -20.86
N PRO P 25 -101.94 -83.05 -19.66
CA PRO P 25 -101.35 -82.43 -18.47
C PRO P 25 -99.84 -82.50 -18.42
N GLY P 26 -99.22 -83.46 -19.11
CA GLY P 26 -97.79 -83.60 -19.07
C GLY P 26 -97.07 -82.96 -20.23
N ILE P 27 -97.66 -83.04 -21.42
CA ILE P 27 -97.06 -82.52 -22.64
C ILE P 27 -98.10 -81.68 -23.37
N GLU P 28 -97.65 -81.00 -24.42
CA GLU P 28 -98.58 -80.19 -25.21
C GLU P 28 -99.58 -81.09 -25.93
N SER P 29 -100.66 -80.47 -26.39
CA SER P 29 -101.62 -81.20 -27.20
C SER P 29 -100.96 -81.64 -28.49
N PRO P 30 -101.43 -82.73 -29.09
CA PRO P 30 -100.90 -83.10 -30.42
C PRO P 30 -101.05 -81.98 -31.43
N PHE P 31 -102.12 -81.18 -31.31
CA PHE P 31 -102.25 -80.00 -32.15
C PHE P 31 -101.13 -79.00 -31.90
N GLU P 32 -100.90 -78.65 -30.62
CA GLU P 32 -99.87 -77.68 -30.30
C GLU P 32 -98.48 -78.22 -30.59
N GLN P 33 -98.24 -79.49 -30.29
CA GLN P 33 -96.96 -80.11 -30.60
C GLN P 33 -96.71 -80.09 -32.11
N ALA P 34 -97.72 -80.44 -32.89
CA ALA P 34 -97.57 -80.39 -34.34
C ALA P 34 -97.30 -78.97 -34.81
N LYS P 35 -98.02 -77.99 -34.26
CA LYS P 35 -97.80 -76.59 -34.64
C LYS P 35 -96.36 -76.19 -34.37
N LYS P 36 -95.85 -76.51 -33.18
CA LYS P 36 -94.50 -76.10 -32.82
C LYS P 36 -93.45 -76.78 -33.68
N VAL P 37 -93.63 -78.08 -33.95
CA VAL P 37 -92.67 -78.79 -34.79
C VAL P 37 -92.67 -78.23 -36.21
N ILE P 38 -93.85 -77.99 -36.77
CA ILE P 38 -93.93 -77.37 -38.09
C ILE P 38 -93.24 -76.01 -38.08
N THR P 39 -93.47 -75.24 -37.02
CA THR P 39 -92.89 -73.91 -36.93
C THR P 39 -91.36 -73.98 -36.96
N MET P 40 -90.78 -74.83 -36.12
CA MET P 40 -89.33 -74.91 -36.07
C MET P 40 -88.76 -75.47 -37.38
N PHE P 41 -89.41 -76.47 -37.96
CA PHE P 41 -88.94 -77.03 -39.22
C PHE P 41 -88.94 -75.97 -40.31
N VAL P 42 -90.04 -75.23 -40.43
CA VAL P 42 -90.12 -74.20 -41.48
C VAL P 42 -89.16 -73.06 -41.18
N GLN P 43 -88.89 -72.78 -39.91
CA GLN P 43 -87.88 -71.77 -39.58
C GLN P 43 -86.53 -72.20 -40.11
N ARG P 44 -86.15 -73.44 -39.85
CA ARG P 44 -84.90 -73.97 -40.40
C ARG P 44 -84.90 -73.91 -41.91
N GLN P 45 -86.05 -74.19 -42.53
CA GLN P 45 -86.12 -74.20 -43.99
C GLN P 45 -85.95 -72.79 -44.57
N VAL P 46 -86.67 -71.82 -44.02
CA VAL P 46 -86.57 -70.45 -44.52
C VAL P 46 -85.17 -69.91 -44.31
N PHE P 47 -84.60 -70.14 -43.12
CA PHE P 47 -83.22 -69.74 -42.91
C PHE P 47 -82.26 -70.55 -43.76
N ALA P 48 -82.67 -71.72 -44.22
CA ALA P 48 -81.91 -72.45 -45.23
C ALA P 48 -82.13 -71.83 -46.59
N GLU P 49 -81.11 -71.96 -47.45
CA GLU P 49 -81.21 -71.59 -48.85
C GLU P 49 -81.37 -72.82 -49.73
N ASN P 50 -81.81 -73.93 -49.17
CA ASN P 50 -81.99 -75.18 -49.89
C ASN P 50 -83.10 -75.11 -50.93
N LYS P 51 -83.93 -74.07 -50.88
CA LYS P 51 -85.10 -73.91 -51.74
C LYS P 51 -85.86 -75.22 -51.92
N ASP P 52 -86.27 -75.80 -50.80
CA ASP P 52 -87.09 -77.00 -50.79
C ASP P 52 -88.55 -76.61 -50.70
N GLU P 53 -89.35 -77.07 -51.67
CA GLU P 53 -90.77 -76.77 -51.68
C GLU P 53 -91.50 -77.61 -50.64
N ILE P 54 -92.43 -76.98 -49.93
CA ILE P 54 -93.16 -77.62 -48.84
C ILE P 54 -94.65 -77.38 -49.04
N ALA P 55 -95.45 -78.44 -48.83
CA ALA P 55 -96.89 -78.37 -48.89
C ALA P 55 -97.49 -78.65 -47.52
N LEU P 56 -98.68 -78.09 -47.28
CA LEU P 56 -99.38 -78.27 -46.02
C LEU P 56 -100.77 -78.82 -46.30
N VAL P 57 -101.10 -79.95 -45.67
CA VAL P 57 -102.40 -80.59 -45.80
C VAL P 57 -102.98 -80.77 -44.40
N LEU P 58 -104.22 -80.35 -44.21
CA LEU P 58 -104.90 -80.45 -42.92
C LEU P 58 -106.12 -81.33 -43.09
N PHE P 59 -106.16 -82.45 -42.37
CA PHE P 59 -107.34 -83.30 -42.31
C PHE P 59 -107.97 -83.21 -40.94
N GLY P 60 -109.28 -83.50 -40.90
CA GLY P 60 -110.07 -83.23 -39.72
C GLY P 60 -110.61 -81.83 -39.64
N THR P 61 -110.38 -81.00 -40.64
CA THR P 61 -110.92 -79.65 -40.66
C THR P 61 -112.44 -79.68 -40.77
N ASP P 62 -113.06 -78.61 -40.30
CA ASP P 62 -114.52 -78.53 -40.38
C ASP P 62 -115.00 -78.59 -41.82
N GLY P 63 -114.34 -77.87 -42.72
CA GLY P 63 -114.65 -77.92 -44.13
C GLY P 63 -113.64 -78.74 -44.91
N THR P 64 -113.98 -78.98 -46.17
CA THR P 64 -113.12 -79.72 -47.09
C THR P 64 -112.51 -78.74 -48.09
N ASP P 65 -111.20 -78.88 -48.33
CA ASP P 65 -110.49 -78.02 -49.27
C ASP P 65 -109.38 -78.86 -49.89
N ASN P 66 -109.65 -79.44 -51.04
CA ASN P 66 -108.72 -80.32 -51.73
C ASN P 66 -108.80 -80.05 -53.22
N PRO P 67 -107.75 -80.39 -53.98
CA PRO P 67 -107.86 -80.32 -55.44
C PRO P 67 -109.02 -81.15 -55.97
N LEU P 68 -109.28 -82.30 -55.37
CA LEU P 68 -110.50 -83.06 -55.59
C LEU P 68 -111.10 -83.38 -54.22
N SER P 69 -112.37 -83.04 -54.04
CA SER P 69 -113.06 -83.28 -52.78
C SER P 69 -113.88 -84.57 -52.79
N GLY P 70 -113.85 -85.33 -53.89
CA GLY P 70 -114.56 -86.59 -54.01
C GLY P 70 -116.05 -86.49 -53.72
N GLY P 71 -116.65 -87.66 -53.53
CA GLY P 71 -118.03 -87.74 -53.11
C GLY P 71 -118.15 -87.87 -51.61
N ASP P 72 -117.43 -88.84 -51.04
CA ASP P 72 -117.31 -88.99 -49.60
C ASP P 72 -115.87 -88.98 -49.13
N GLN P 73 -114.92 -89.39 -49.96
CA GLN P 73 -113.51 -89.27 -49.64
C GLN P 73 -113.08 -87.81 -49.79
N TYR P 74 -111.86 -87.54 -49.31
CA TYR P 74 -111.25 -86.21 -49.41
C TYR P 74 -112.07 -85.15 -48.69
N GLN P 75 -112.93 -85.55 -47.76
CA GLN P 75 -113.83 -84.64 -47.07
C GLN P 75 -113.24 -84.26 -45.72
N ASN P 76 -113.62 -83.07 -45.25
CA ASN P 76 -113.14 -82.52 -43.99
C ASN P 76 -111.62 -82.36 -44.00
N ILE P 77 -111.05 -82.16 -45.18
CA ILE P 77 -109.61 -82.02 -45.35
C ILE P 77 -109.33 -80.73 -46.10
N THR P 78 -108.40 -79.93 -45.58
CA THR P 78 -108.06 -78.64 -46.15
C THR P 78 -106.59 -78.62 -46.54
N VAL P 79 -106.31 -78.28 -47.80
CA VAL P 79 -104.94 -78.06 -48.25
C VAL P 79 -104.56 -76.64 -47.87
N HIS P 80 -103.94 -76.49 -46.69
CA HIS P 80 -103.61 -75.17 -46.19
C HIS P 80 -102.59 -74.48 -47.09
N ARG P 81 -101.53 -75.19 -47.45
CA ARG P 81 -100.50 -74.63 -48.33
C ARG P 81 -100.06 -75.68 -49.33
N HIS P 82 -99.91 -75.25 -50.58
CA HIS P 82 -99.42 -76.12 -51.63
C HIS P 82 -97.90 -76.21 -51.57
N LEU P 83 -97.35 -77.15 -52.34
CA LEU P 83 -95.90 -77.37 -52.35
C LEU P 83 -95.21 -76.14 -52.89
N MET P 84 -94.42 -75.46 -52.06
CA MET P 84 -93.75 -74.23 -52.46
C MET P 84 -92.69 -73.93 -51.41
N LEU P 85 -91.77 -73.03 -51.75
CA LEU P 85 -90.71 -72.66 -50.83
C LEU P 85 -91.29 -71.97 -49.61
N PRO P 86 -90.71 -72.18 -48.44
CA PRO P 86 -91.24 -71.57 -47.22
C PRO P 86 -90.83 -70.11 -47.10
N ASP P 87 -91.53 -69.40 -46.22
CA ASP P 87 -91.21 -68.02 -45.92
C ASP P 87 -91.75 -67.70 -44.53
N PHE P 88 -91.41 -66.49 -44.05
CA PHE P 88 -91.98 -66.03 -42.79
C PHE P 88 -93.49 -65.96 -42.86
N ASP P 89 -94.04 -65.71 -44.05
CA ASP P 89 -95.48 -65.77 -44.23
C ASP P 89 -96.02 -67.14 -43.88
N LEU P 90 -95.34 -68.19 -44.36
CA LEU P 90 -95.74 -69.54 -43.99
C LEU P 90 -95.65 -69.75 -42.50
N LEU P 91 -94.61 -69.21 -41.85
CA LEU P 91 -94.47 -69.35 -40.41
C LEU P 91 -95.62 -68.70 -39.66
N GLU P 92 -96.02 -67.50 -40.10
CA GLU P 92 -97.16 -66.84 -39.49
C GLU P 92 -98.44 -67.64 -39.70
N ASP P 93 -98.58 -68.24 -40.88
CA ASP P 93 -99.71 -69.13 -41.11
C ASP P 93 -99.69 -70.30 -40.14
N ILE P 94 -98.51 -70.86 -39.89
CA ILE P 94 -98.38 -71.98 -38.96
C ILE P 94 -98.80 -71.58 -37.56
N GLU P 95 -98.31 -70.43 -37.10
CA GLU P 95 -98.57 -70.03 -35.72
C GLU P 95 -99.91 -69.33 -35.56
N SER P 96 -100.27 -68.45 -36.49
CA SER P 96 -101.45 -67.62 -36.30
C SER P 96 -102.69 -68.17 -36.98
N LYS P 97 -102.55 -68.91 -38.08
CA LYS P 97 -103.70 -69.33 -38.86
C LYS P 97 -104.09 -70.79 -38.64
N ILE P 98 -103.17 -71.63 -38.18
CA ILE P 98 -103.47 -73.05 -37.97
C ILE P 98 -104.31 -73.17 -36.70
N GLN P 99 -105.57 -73.53 -36.85
CA GLN P 99 -106.50 -73.71 -35.76
C GLN P 99 -107.11 -75.11 -35.82
N PRO P 100 -107.45 -75.70 -34.68
CA PRO P 100 -107.97 -77.07 -34.71
C PRO P 100 -109.38 -77.14 -35.28
N GLY P 101 -109.65 -78.19 -36.05
CA GLY P 101 -110.97 -78.44 -36.54
C GLY P 101 -111.75 -79.37 -35.63
N SER P 102 -113.04 -79.50 -35.92
CA SER P 102 -113.91 -80.38 -35.15
C SER P 102 -114.11 -81.75 -35.79
N GLN P 103 -113.97 -81.84 -37.11
CA GLN P 103 -114.21 -83.10 -37.79
C GLN P 103 -113.06 -84.08 -37.54
N GLN P 104 -113.36 -85.36 -37.73
CA GLN P 104 -112.36 -86.42 -37.67
C GLN P 104 -112.36 -87.09 -39.04
N ALA P 105 -111.58 -86.53 -39.96
CA ALA P 105 -111.53 -87.02 -41.32
C ALA P 105 -110.54 -88.18 -41.45
N ASP P 106 -110.79 -89.02 -42.44
CA ASP P 106 -109.85 -90.10 -42.75
C ASP P 106 -108.51 -89.53 -43.15
N PHE P 107 -107.47 -89.86 -42.40
CA PHE P 107 -106.13 -89.42 -42.77
C PHE P 107 -105.66 -90.07 -44.06
N LEU P 108 -106.23 -91.21 -44.45
CA LEU P 108 -105.88 -91.81 -45.73
C LEU P 108 -106.39 -90.97 -46.89
N ASP P 109 -107.56 -90.34 -46.73
CA ASP P 109 -108.05 -89.44 -47.76
C ASP P 109 -107.12 -88.25 -47.92
N ALA P 110 -106.64 -87.69 -46.81
CA ALA P 110 -105.65 -86.63 -46.90
C ALA P 110 -104.33 -87.14 -47.48
N LEU P 111 -104.01 -88.41 -47.25
CA LEU P 111 -102.80 -88.97 -47.85
C LEU P 111 -102.93 -89.05 -49.37
N ILE P 112 -104.10 -89.45 -49.86
CA ILE P 112 -104.35 -89.42 -51.29
C ILE P 112 -104.32 -87.99 -51.81
N VAL P 113 -104.84 -87.05 -51.02
CA VAL P 113 -104.75 -85.63 -51.37
C VAL P 113 -103.29 -85.24 -51.56
N SER P 114 -102.42 -85.68 -50.63
CA SER P 114 -101.02 -85.31 -50.68
C SER P 114 -100.31 -85.94 -51.87
N MET P 115 -100.61 -87.21 -52.16
CA MET P 115 -99.96 -87.84 -53.31
C MET P 115 -100.41 -87.17 -54.60
N ASP P 116 -101.69 -86.79 -54.70
CA ASP P 116 -102.15 -86.04 -55.86
C ASP P 116 -101.44 -84.69 -55.96
N VAL P 117 -101.29 -84.00 -54.83
CA VAL P 117 -100.62 -82.70 -54.83
C VAL P 117 -99.17 -82.85 -55.27
N ILE P 118 -98.49 -83.89 -54.78
CA ILE P 118 -97.11 -84.13 -55.16
C ILE P 118 -97.00 -84.41 -56.65
N GLN P 119 -97.88 -85.28 -57.15
CA GLN P 119 -97.87 -85.60 -58.58
C GLN P 119 -98.18 -84.37 -59.42
N HIS P 120 -98.97 -83.44 -58.89
CA HIS P 120 -99.27 -82.21 -59.59
C HIS P 120 -98.15 -81.19 -59.50
N GLU P 121 -97.32 -81.25 -58.45
CA GLU P 121 -96.36 -80.21 -58.17
C GLU P 121 -94.91 -80.67 -58.28
N THR P 122 -94.65 -81.96 -58.41
CA THR P 122 -93.30 -82.45 -58.67
C THR P 122 -92.99 -82.53 -60.16
N ILE P 123 -93.93 -82.13 -61.02
CA ILE P 123 -93.71 -82.16 -62.46
C ILE P 123 -92.69 -81.10 -62.84
N GLY P 124 -91.72 -81.50 -63.64
CA GLY P 124 -90.66 -80.57 -64.05
C GLY P 124 -89.88 -80.00 -62.88
N LYS P 125 -89.62 -80.83 -61.87
CA LYS P 125 -88.99 -80.37 -60.63
C LYS P 125 -87.78 -81.24 -60.32
N LYS P 126 -86.69 -80.58 -59.92
CA LYS P 126 -85.50 -81.29 -59.45
C LYS P 126 -85.73 -81.70 -58.00
N PHE P 127 -86.59 -82.70 -57.84
CA PHE P 127 -86.95 -83.22 -56.53
C PHE P 127 -86.40 -84.65 -56.44
N GLU P 128 -85.16 -84.77 -56.00
CA GLU P 128 -84.56 -86.08 -55.78
C GLU P 128 -85.26 -86.84 -54.67
N LYS P 129 -86.07 -86.18 -53.86
CA LYS P 129 -86.82 -86.82 -52.80
C LYS P 129 -88.25 -86.32 -52.81
N ARG P 130 -89.17 -87.15 -52.32
CA ARG P 130 -90.54 -86.76 -52.05
C ARG P 130 -90.91 -87.26 -50.67
N HIS P 131 -91.52 -86.41 -49.87
CA HIS P 131 -91.81 -86.73 -48.48
C HIS P 131 -93.23 -86.35 -48.11
N ILE P 132 -93.86 -87.20 -47.29
CA ILE P 132 -95.15 -86.89 -46.68
C ILE P 132 -94.99 -87.15 -45.19
N GLU P 133 -95.18 -86.11 -44.39
CA GLU P 133 -95.08 -86.20 -42.94
C GLU P 133 -96.45 -85.96 -42.34
N ILE P 134 -96.88 -86.87 -41.47
CA ILE P 134 -98.22 -86.84 -40.90
C ILE P 134 -98.10 -86.71 -39.39
N PHE P 135 -98.70 -85.68 -38.83
CA PHE P 135 -98.74 -85.46 -37.39
C PHE P 135 -100.16 -85.70 -36.90
N THR P 136 -100.30 -86.59 -35.93
CA THR P 136 -101.59 -86.91 -35.33
C THR P 136 -101.34 -87.76 -34.09
N ASP P 137 -102.42 -88.10 -33.40
CA ASP P 137 -102.38 -89.05 -32.31
C ASP P 137 -103.02 -90.38 -32.68
N LEU P 138 -103.51 -90.51 -33.91
CA LEU P 138 -104.11 -91.73 -34.48
C LEU P 138 -105.48 -92.05 -33.89
N SER P 139 -106.08 -91.13 -33.12
CA SER P 139 -107.45 -91.32 -32.68
C SER P 139 -108.47 -90.77 -33.67
N SER P 140 -108.02 -90.04 -34.69
CA SER P 140 -108.93 -89.57 -35.72
C SER P 140 -109.47 -90.74 -36.52
N ARG P 141 -110.71 -90.60 -36.99
CA ARG P 141 -111.34 -91.68 -37.74
C ARG P 141 -110.71 -91.82 -39.12
N PHE P 142 -110.92 -92.99 -39.72
CA PHE P 142 -110.27 -93.33 -40.98
C PHE P 142 -110.97 -94.55 -41.57
N SER P 143 -110.66 -94.81 -42.84
CA SER P 143 -111.13 -96.00 -43.54
C SER P 143 -109.93 -96.73 -44.12
N LYS P 144 -109.93 -98.05 -44.01
CA LYS P 144 -108.81 -98.88 -44.41
C LYS P 144 -108.97 -99.46 -45.81
N SER P 145 -109.97 -99.00 -46.56
CA SER P 145 -110.22 -99.56 -47.89
C SER P 145 -109.18 -99.11 -48.90
N GLN P 146 -108.60 -97.94 -48.72
CA GLN P 146 -107.67 -97.37 -49.69
C GLN P 146 -106.23 -97.80 -49.46
N LEU P 147 -105.98 -98.72 -48.52
CA LEU P 147 -104.61 -99.09 -48.19
C LEU P 147 -103.87 -99.63 -49.40
N ASP P 148 -104.52 -100.47 -50.20
CA ASP P 148 -103.86 -101.07 -51.35
C ASP P 148 -103.43 -100.01 -52.37
N ILE P 149 -104.38 -99.17 -52.80
CA ILE P 149 -104.07 -98.17 -53.81
C ILE P 149 -103.12 -97.13 -53.27
N ILE P 150 -103.25 -96.78 -51.98
CA ILE P 150 -102.34 -95.81 -51.38
C ILE P 150 -100.92 -96.35 -51.38
N ILE P 151 -100.74 -97.59 -50.94
CA ILE P 151 -99.40 -98.19 -50.90
C ILE P 151 -98.83 -98.29 -52.32
N HIS P 152 -99.66 -98.72 -53.27
CA HIS P 152 -99.20 -98.85 -54.65
C HIS P 152 -98.75 -97.52 -55.22
N SER P 153 -99.61 -96.49 -55.12
CA SER P 153 -99.27 -95.20 -55.69
C SER P 153 -98.14 -94.53 -54.92
N LEU P 154 -97.97 -94.85 -53.64
CA LEU P 154 -96.84 -94.33 -52.88
C LEU P 154 -95.53 -94.94 -53.36
N LYS P 155 -95.53 -96.26 -53.62
CA LYS P 155 -94.36 -96.90 -54.20
C LYS P 155 -94.12 -96.46 -55.64
N LYS P 156 -95.16 -96.01 -56.34
CA LYS P 156 -95.00 -95.51 -57.70
C LYS P 156 -94.38 -94.12 -57.71
N CYS P 157 -95.02 -93.16 -57.03
CA CYS P 157 -94.55 -91.79 -57.00
C CYS P 157 -93.30 -91.61 -56.15
N ASP P 158 -92.92 -92.62 -55.36
CA ASP P 158 -91.68 -92.61 -54.59
C ASP P 158 -91.66 -91.46 -53.58
N ILE P 159 -92.61 -91.52 -52.65
CA ILE P 159 -92.75 -90.52 -51.60
C ILE P 159 -92.45 -91.19 -50.26
N SER P 160 -91.49 -90.65 -49.53
CA SER P 160 -91.23 -91.12 -48.17
C SER P 160 -92.35 -90.69 -47.24
N LEU P 161 -92.62 -91.51 -46.24
CA LEU P 161 -93.67 -91.26 -45.28
C LEU P 161 -93.10 -91.26 -43.86
N GLN P 162 -93.53 -90.29 -43.05
CA GLN P 162 -93.11 -90.19 -41.67
C GLN P 162 -94.32 -89.88 -40.80
N PHE P 163 -94.40 -90.53 -39.65
CA PHE P 163 -95.45 -90.30 -38.67
C PHE P 163 -94.84 -89.76 -37.39
N PHE P 164 -95.47 -88.73 -36.84
CA PHE P 164 -95.07 -88.14 -35.59
C PHE P 164 -96.29 -88.06 -34.68
N LEU P 165 -96.11 -88.43 -33.43
CA LEU P 165 -97.19 -88.72 -32.51
C LEU P 165 -96.93 -88.00 -31.19
N PRO P 166 -97.97 -87.78 -30.38
CA PRO P 166 -97.74 -87.31 -29.01
C PRO P 166 -97.23 -88.38 -28.06
N PHE P 167 -96.82 -89.53 -28.58
CA PHE P 167 -96.36 -90.63 -27.75
C PHE P 167 -95.28 -91.41 -28.50
N SER P 168 -94.47 -92.14 -27.73
CA SER P 168 -93.39 -92.92 -28.29
C SER P 168 -93.93 -94.18 -28.96
N LEU P 169 -93.09 -94.80 -29.79
CA LEU P 169 -93.47 -96.04 -30.44
C LEU P 169 -93.58 -97.18 -29.43
N ILE P 197 -102.24 -95.05 -24.62
CA ILE P 197 -102.97 -94.56 -25.78
C ILE P 197 -104.29 -95.32 -25.91
N THR P 198 -105.29 -94.65 -26.47
CA THR P 198 -106.62 -95.26 -26.56
C THR P 198 -106.62 -96.35 -27.64
N GLU P 199 -107.71 -97.11 -27.66
CA GLU P 199 -107.79 -98.26 -28.56
C GLU P 199 -107.82 -97.82 -30.02
N GLN P 200 -108.46 -96.70 -30.31
CA GLN P 200 -108.41 -96.17 -31.67
C GLN P 200 -106.99 -95.78 -32.05
N GLN P 201 -106.26 -95.15 -31.13
CA GLN P 201 -104.87 -94.80 -31.39
C GLN P 201 -104.02 -96.04 -31.60
N LYS P 202 -104.24 -97.09 -30.80
CA LYS P 202 -103.50 -98.33 -30.98
C LYS P 202 -103.82 -98.98 -32.32
N GLU P 203 -105.10 -98.97 -32.70
CA GLU P 203 -105.50 -99.55 -33.99
C GLU P 203 -104.84 -98.81 -35.14
N GLY P 204 -104.91 -97.47 -35.13
CA GLY P 204 -104.23 -96.70 -36.14
C GLY P 204 -102.73 -96.91 -36.13
N LEU P 205 -102.15 -97.11 -34.95
CA LEU P 205 -100.73 -97.38 -34.85
C LEU P 205 -100.37 -98.69 -35.54
N GLU P 206 -101.16 -99.73 -35.31
CA GLU P 206 -100.90 -101.00 -35.99
C GLU P 206 -101.12 -100.87 -37.49
N ILE P 207 -102.11 -100.09 -37.90
CA ILE P 207 -102.38 -99.89 -39.32
C ILE P 207 -101.19 -99.20 -39.99
N VAL P 208 -100.69 -98.14 -39.37
CA VAL P 208 -99.54 -97.45 -39.96
C VAL P 208 -98.31 -98.35 -39.90
N LYS P 209 -98.19 -99.18 -38.87
CA LYS P 209 -97.09 -100.14 -38.80
C LYS P 209 -97.12 -101.08 -40.01
N MET P 210 -98.27 -101.68 -40.28
CA MET P 210 -98.35 -102.60 -41.41
C MET P 210 -98.14 -101.86 -42.73
N VAL P 211 -98.68 -100.64 -42.85
CA VAL P 211 -98.49 -99.85 -44.06
C VAL P 211 -97.00 -99.62 -44.32
N MET P 212 -96.28 -99.19 -43.29
CA MET P 212 -94.89 -98.82 -43.49
C MET P 212 -93.96 -100.02 -43.54
N ILE P 213 -94.35 -101.14 -42.93
CA ILE P 213 -93.63 -102.38 -43.14
C ILE P 213 -93.77 -102.83 -44.59
N SER P 214 -94.97 -102.71 -45.15
CA SER P 214 -95.15 -103.03 -46.56
C SER P 214 -94.31 -102.10 -47.43
N LEU P 215 -94.31 -100.81 -47.10
CA LEU P 215 -93.61 -99.85 -47.94
C LEU P 215 -92.09 -100.02 -47.87
N GLU P 216 -91.53 -100.11 -46.66
CA GLU P 216 -90.09 -100.10 -46.51
C GLU P 216 -89.56 -101.12 -45.50
N GLY P 217 -90.37 -102.12 -45.13
CA GLY P 217 -89.90 -103.14 -44.22
C GLY P 217 -89.88 -102.68 -42.77
N GLU P 218 -89.11 -103.42 -41.97
CA GLU P 218 -89.02 -103.12 -40.54
C GLU P 218 -88.43 -101.74 -40.28
N ASP P 219 -87.55 -101.27 -41.17
CA ASP P 219 -87.01 -99.92 -41.03
C ASP P 219 -88.11 -98.86 -41.12
N GLY P 220 -89.26 -99.20 -41.68
CA GLY P 220 -90.38 -98.28 -41.65
C GLY P 220 -90.82 -97.95 -40.24
N LEU P 221 -90.72 -98.92 -39.32
CA LEU P 221 -91.02 -98.63 -37.93
C LEU P 221 -90.10 -97.56 -37.37
N ASP P 222 -88.93 -97.36 -37.97
CA ASP P 222 -88.02 -96.31 -37.53
C ASP P 222 -88.43 -94.93 -38.03
N GLU P 223 -89.32 -94.86 -39.01
CA GLU P 223 -89.81 -93.59 -39.53
C GLU P 223 -91.05 -93.08 -38.81
N ILE P 224 -91.49 -93.76 -37.76
CA ILE P 224 -92.56 -93.30 -36.90
C ILE P 224 -91.94 -92.70 -35.65
N TYR P 225 -92.23 -91.43 -35.38
CA TYR P 225 -91.60 -90.71 -34.29
C TYR P 225 -92.66 -90.14 -33.36
N SER P 226 -92.19 -89.47 -32.31
CA SER P 226 -93.05 -88.79 -31.36
C SER P 226 -92.88 -87.29 -31.50
N PHE P 227 -93.89 -86.54 -31.02
CA PHE P 227 -93.81 -85.09 -31.07
C PHE P 227 -92.71 -84.55 -30.16
N SER P 228 -92.56 -85.14 -28.97
CA SER P 228 -91.52 -84.67 -28.04
C SER P 228 -90.13 -84.91 -28.61
N GLU P 229 -89.90 -86.07 -29.22
CA GLU P 229 -88.58 -86.34 -29.80
C GLU P 229 -88.29 -85.43 -30.99
N SER P 230 -89.33 -85.06 -31.76
CA SER P 230 -89.13 -84.10 -32.84
C SER P 230 -88.85 -82.71 -32.30
N LEU P 231 -89.52 -82.33 -31.20
CA LEU P 231 -89.23 -81.06 -30.55
C LEU P 231 -87.78 -81.00 -30.09
N ARG P 232 -87.30 -82.09 -29.50
CA ARG P 232 -85.91 -82.11 -29.02
C ARG P 232 -84.93 -82.16 -30.18
N LYS P 233 -85.28 -82.88 -31.26
CA LYS P 233 -84.36 -83.03 -32.38
C LYS P 233 -84.31 -81.80 -33.27
N LEU P 234 -85.41 -81.05 -33.38
CA LEU P 234 -85.46 -79.89 -34.27
C LEU P 234 -85.44 -78.57 -33.51
N CYS P 235 -85.08 -78.58 -32.23
CA CYS P 235 -84.95 -77.35 -31.47
C CYS P 235 -83.80 -76.48 -31.98
N VAL P 236 -82.97 -77.02 -32.87
CA VAL P 236 -81.83 -76.30 -33.44
C VAL P 236 -82.00 -76.28 -34.94
N PHE P 237 -81.58 -75.18 -35.56
CA PHE P 237 -81.60 -75.08 -37.01
C PHE P 237 -80.59 -76.01 -37.64
N LYS P 238 -80.76 -76.27 -38.93
CA LYS P 238 -79.79 -77.07 -39.66
C LYS P 238 -78.44 -76.34 -39.71
N LYS P 239 -77.37 -77.11 -39.78
CA LYS P 239 -76.05 -76.55 -39.95
C LYS P 239 -75.81 -76.21 -41.43
N ILE P 240 -75.27 -75.02 -41.67
CA ILE P 240 -75.01 -74.58 -43.03
C ILE P 240 -73.82 -75.37 -43.58
N GLU P 241 -73.97 -75.89 -44.80
CA GLU P 241 -72.90 -76.65 -45.42
C GLU P 241 -72.97 -76.46 -46.93
N ARG P 242 -71.79 -76.30 -47.54
CA ARG P 242 -71.69 -76.15 -48.99
C ARG P 242 -70.68 -77.13 -49.55
N HIS P 243 -70.32 -76.97 -50.82
CA HIS P 243 -69.43 -77.89 -51.50
C HIS P 243 -68.27 -77.15 -52.15
N SER P 244 -67.10 -77.78 -52.14
CA SER P 244 -65.97 -77.31 -52.92
C SER P 244 -66.06 -77.90 -54.34
N ILE P 245 -65.32 -77.29 -55.26
CA ILE P 245 -65.35 -77.74 -56.64
C ILE P 245 -64.66 -79.09 -56.70
N HIS P 246 -64.81 -79.78 -57.82
CA HIS P 246 -63.84 -80.80 -58.18
C HIS P 246 -62.52 -80.13 -58.50
N TRP P 247 -61.48 -80.49 -57.77
CA TRP P 247 -60.16 -79.97 -58.08
C TRP P 247 -59.32 -81.09 -58.66
N PRO P 248 -59.40 -81.34 -59.96
CA PRO P 248 -58.55 -82.38 -60.56
C PRO P 248 -57.12 -81.90 -60.62
N CYS P 249 -56.20 -82.77 -60.24
CA CYS P 249 -54.79 -82.40 -60.25
C CYS P 249 -53.97 -83.67 -60.37
N ARG P 250 -52.65 -83.52 -60.27
CA ARG P 250 -51.73 -84.63 -60.41
C ARG P 250 -50.72 -84.56 -59.27
N LEU P 251 -50.59 -85.67 -58.54
CA LEU P 251 -49.49 -85.78 -57.59
C LEU P 251 -48.24 -86.11 -58.39
N THR P 252 -47.23 -85.27 -58.29
CA THR P 252 -46.03 -85.36 -59.12
C THR P 252 -44.86 -85.71 -58.22
N ILE P 253 -44.33 -86.91 -58.41
CA ILE P 253 -43.11 -87.36 -57.73
C ILE P 253 -42.02 -87.44 -58.78
N GLY P 254 -41.02 -86.58 -58.66
CA GLY P 254 -40.07 -86.43 -59.75
C GLY P 254 -40.80 -86.00 -61.00
N SER P 255 -40.46 -86.65 -62.12
CA SER P 255 -41.21 -86.49 -63.35
C SER P 255 -41.81 -87.79 -63.84
N ASN P 256 -41.41 -88.92 -63.27
CA ASN P 256 -41.86 -90.22 -63.72
C ASN P 256 -43.25 -90.58 -63.22
N LEU P 257 -43.80 -89.83 -62.27
CA LEU P 257 -45.10 -90.13 -61.70
C LEU P 257 -46.03 -88.94 -61.82
N SER P 258 -47.28 -89.22 -62.21
CA SER P 258 -48.31 -88.20 -62.31
C SER P 258 -49.65 -88.91 -62.21
N ILE P 259 -50.36 -88.71 -61.09
CA ILE P 259 -51.59 -89.43 -60.80
C ILE P 259 -52.72 -88.42 -60.71
N ARG P 260 -53.76 -88.61 -61.50
CA ARG P 260 -54.92 -87.75 -61.42
C ARG P 260 -55.60 -87.91 -60.07
N ILE P 261 -55.87 -86.78 -59.40
CA ILE P 261 -56.34 -86.78 -58.02
C ILE P 261 -57.49 -85.80 -57.87
N ALA P 262 -58.25 -85.99 -56.79
CA ALA P 262 -59.38 -85.12 -56.44
C ALA P 262 -59.29 -84.82 -54.95
N ALA P 263 -58.83 -83.62 -54.62
CA ALA P 263 -58.65 -83.19 -53.23
C ALA P 263 -59.61 -82.05 -52.94
N TYR P 264 -60.41 -82.20 -51.89
CA TYR P 264 -61.44 -81.23 -51.55
C TYR P 264 -61.25 -80.75 -50.12
N LYS P 265 -61.93 -79.64 -49.79
CA LYS P 265 -61.91 -79.12 -48.44
C LYS P 265 -62.70 -80.04 -47.53
N SER P 266 -62.02 -80.63 -46.56
CA SER P 266 -62.70 -81.48 -45.59
C SER P 266 -63.14 -80.68 -44.37
N ILE P 267 -62.18 -80.13 -43.64
CA ILE P 267 -62.45 -79.24 -42.52
C ILE P 267 -62.03 -77.84 -42.93
N LEU P 268 -62.87 -76.85 -42.60
CA LEU P 268 -62.63 -75.50 -43.05
C LEU P 268 -63.43 -74.53 -42.20
N GLN P 269 -63.12 -73.25 -42.35
CA GLN P 269 -63.85 -72.21 -41.65
C GLN P 269 -65.22 -72.02 -42.26
N GLU P 270 -66.20 -71.72 -41.43
CA GLU P 270 -67.57 -71.52 -41.87
C GLU P 270 -68.01 -70.08 -41.67
N ARG P 271 -68.84 -69.61 -42.58
CA ARG P 271 -69.45 -68.29 -42.50
C ARG P 271 -70.53 -68.20 -43.56
N VAL P 272 -71.60 -67.46 -43.23
CA VAL P 272 -72.71 -67.32 -44.17
C VAL P 272 -72.24 -66.62 -45.43
N LYS P 273 -72.80 -67.03 -46.55
CA LYS P 273 -72.49 -66.42 -47.85
C LYS P 273 -73.35 -65.20 -48.14
N LYS P 274 -74.24 -64.82 -47.23
CA LYS P 274 -75.09 -63.65 -47.39
C LYS P 274 -74.75 -62.65 -46.30
N THR P 275 -74.25 -61.48 -46.69
CA THR P 275 -73.82 -60.46 -45.75
C THR P 275 -74.89 -59.39 -45.59
N TRP P 276 -74.59 -58.39 -44.79
CA TRP P 276 -75.55 -57.34 -44.47
C TRP P 276 -75.71 -56.39 -45.64
N THR P 277 -76.78 -55.59 -45.57
CA THR P 277 -77.07 -54.56 -46.56
C THR P 277 -77.34 -53.28 -45.80
N VAL P 278 -76.35 -52.39 -45.77
CA VAL P 278 -76.49 -51.12 -45.06
C VAL P 278 -77.44 -50.24 -45.88
N VAL P 279 -78.66 -50.09 -45.42
CA VAL P 279 -79.66 -49.28 -46.11
C VAL P 279 -79.94 -48.04 -45.27
N ASP P 280 -80.77 -47.16 -45.80
CA ASP P 280 -81.17 -45.98 -45.07
C ASP P 280 -82.01 -46.36 -43.87
N ALA P 281 -81.93 -45.54 -42.82
CA ALA P 281 -82.77 -45.73 -41.65
C ALA P 281 -84.19 -45.21 -41.85
N LYS P 282 -84.46 -44.44 -42.91
CA LYS P 282 -85.75 -43.80 -43.12
C LYS P 282 -86.53 -44.39 -44.27
N THR P 283 -85.89 -44.66 -45.41
CA THR P 283 -86.56 -45.31 -46.52
C THR P 283 -86.12 -46.76 -46.70
N LEU P 284 -85.17 -47.24 -45.90
CA LEU P 284 -84.71 -48.62 -45.94
C LEU P 284 -84.20 -48.99 -47.33
N LYS P 285 -83.48 -48.08 -47.95
CA LYS P 285 -83.01 -48.24 -49.32
C LYS P 285 -81.49 -48.23 -49.34
N LYS P 286 -80.90 -49.29 -49.87
CA LYS P 286 -79.45 -49.31 -50.06
C LYS P 286 -79.03 -48.45 -51.23
N GLU P 287 -79.86 -48.40 -52.28
CA GLU P 287 -79.51 -47.68 -53.50
C GLU P 287 -79.34 -46.20 -53.27
N ASP P 288 -79.98 -45.65 -52.23
CA ASP P 288 -79.77 -44.25 -51.89
C ASP P 288 -78.43 -44.06 -51.20
N ILE P 289 -77.97 -45.06 -50.45
CA ILE P 289 -76.68 -44.99 -49.79
C ILE P 289 -75.57 -44.97 -50.84
N GLN P 290 -74.45 -44.34 -50.49
CA GLN P 290 -73.29 -44.39 -51.36
C GLN P 290 -72.04 -43.98 -50.60
N LYS P 291 -70.97 -44.74 -50.83
CA LYS P 291 -69.65 -44.40 -50.33
C LYS P 291 -68.91 -43.60 -51.40
N GLU P 292 -67.98 -42.78 -50.96
CA GLU P 292 -67.24 -41.93 -51.90
C GLU P 292 -65.81 -41.77 -51.39
N THR P 293 -64.92 -42.65 -51.86
CA THR P 293 -63.51 -42.49 -51.56
C THR P 293 -62.97 -41.27 -52.28
N VAL P 294 -62.33 -40.38 -51.52
CA VAL P 294 -61.83 -39.12 -52.05
C VAL P 294 -60.38 -38.98 -51.65
N TYR P 295 -59.55 -38.54 -52.59
CA TYR P 295 -58.11 -38.40 -52.39
C TYR P 295 -57.74 -36.93 -52.48
N CYS P 296 -56.97 -36.47 -51.50
CA CYS P 296 -56.58 -35.06 -51.44
C CYS P 296 -55.07 -34.91 -51.28
N GLU P 304 -57.95 -31.72 -53.61
CA GLU P 304 -58.51 -33.01 -53.94
C GLU P 304 -58.06 -33.46 -55.33
N VAL P 305 -57.88 -34.77 -55.48
CA VAL P 305 -57.41 -35.35 -56.72
C VAL P 305 -58.20 -36.60 -57.04
N LEU P 306 -58.06 -37.07 -58.27
CA LEU P 306 -58.74 -38.27 -58.74
C LEU P 306 -57.83 -39.47 -58.57
N LYS P 307 -58.27 -40.62 -59.08
CA LYS P 307 -57.47 -41.84 -59.01
C LYS P 307 -56.37 -41.88 -60.05
N GLU P 308 -56.36 -40.97 -61.00
CA GLU P 308 -55.36 -40.97 -62.04
C GLU P 308 -54.16 -40.10 -61.70
N ASP P 309 -54.21 -39.40 -60.58
CA ASP P 309 -53.06 -38.66 -60.07
C ASP P 309 -52.27 -39.45 -59.06
N ILE P 310 -52.70 -40.67 -58.75
CA ILE P 310 -52.13 -41.43 -57.64
C ILE P 310 -51.48 -42.69 -58.18
N ILE P 311 -50.45 -43.14 -57.46
CA ILE P 311 -49.84 -44.44 -57.67
C ILE P 311 -49.89 -45.15 -56.33
N GLN P 312 -49.36 -46.36 -56.27
CA GLN P 312 -49.12 -47.00 -54.98
C GLN P 312 -47.64 -46.91 -54.64
N GLY P 313 -47.36 -46.81 -53.34
CA GLY P 313 -46.01 -46.78 -52.85
C GLY P 313 -45.81 -47.80 -51.74
N PHE P 314 -44.55 -47.93 -51.32
CA PHE P 314 -44.23 -48.89 -50.28
C PHE P 314 -43.15 -48.32 -49.38
N ARG P 315 -43.37 -48.43 -48.07
CA ARG P 315 -42.46 -47.89 -47.08
C ARG P 315 -41.26 -48.83 -46.96
N TYR P 316 -40.12 -48.39 -47.48
CA TYR P 316 -38.89 -49.17 -47.41
C TYR P 316 -38.07 -48.63 -46.24
N GLY P 317 -38.26 -49.24 -45.08
CA GLY P 317 -37.56 -48.78 -43.89
C GLY P 317 -37.92 -47.34 -43.58
N SER P 318 -36.93 -46.46 -43.61
CA SER P 318 -37.17 -45.04 -43.45
C SER P 318 -37.55 -44.36 -44.76
N ASP P 319 -37.58 -45.10 -45.85
CA ASP P 319 -37.74 -44.53 -47.18
C ASP P 319 -39.03 -45.02 -47.81
N ILE P 320 -39.54 -44.24 -48.76
CA ILE P 320 -40.76 -44.57 -49.49
C ILE P 320 -40.39 -44.80 -50.95
N VAL P 321 -40.98 -45.83 -51.54
CA VAL P 321 -40.59 -46.29 -52.87
C VAL P 321 -41.80 -46.24 -53.79
N PRO P 322 -41.77 -45.47 -54.87
CA PRO P 322 -42.81 -45.58 -55.89
C PRO P 322 -42.75 -46.95 -56.54
N PHE P 323 -43.91 -47.56 -56.73
CA PHE P 323 -43.95 -48.94 -57.21
C PHE P 323 -45.27 -49.18 -57.95
N SER P 324 -45.22 -49.08 -59.28
CA SER P 324 -46.44 -49.25 -60.05
C SER P 324 -46.93 -50.70 -60.00
N LYS P 325 -48.24 -50.86 -60.09
CA LYS P 325 -48.84 -52.19 -60.05
C LYS P 325 -48.42 -53.02 -61.26
N VAL P 326 -48.31 -52.38 -62.42
CA VAL P 326 -47.81 -53.09 -63.59
C VAL P 326 -46.39 -53.58 -63.33
N ASP P 327 -45.56 -52.74 -62.70
CA ASP P 327 -44.20 -53.16 -62.41
C ASP P 327 -44.17 -54.28 -61.39
N GLU P 328 -45.01 -54.22 -60.36
CA GLU P 328 -45.01 -55.29 -59.38
C GLU P 328 -45.46 -56.60 -60.00
N GLU P 329 -46.47 -56.54 -60.87
CA GLU P 329 -46.90 -57.76 -61.55
C GLU P 329 -45.80 -58.31 -62.43
N GLN P 330 -45.09 -57.42 -63.15
CA GLN P 330 -43.96 -57.86 -63.95
C GLN P 330 -42.90 -58.52 -63.10
N MET P 331 -42.59 -57.92 -61.95
CA MET P 331 -41.56 -58.42 -61.06
C MET P 331 -42.09 -59.39 -60.03
N LYS P 332 -43.40 -59.62 -60.00
CA LYS P 332 -43.96 -60.60 -59.08
C LYS P 332 -43.41 -61.97 -59.41
N TYR P 333 -43.00 -62.71 -58.37
CA TYR P 333 -42.64 -64.10 -58.55
C TYR P 333 -43.90 -64.88 -58.90
N LYS P 334 -43.97 -65.41 -60.10
CA LYS P 334 -45.16 -66.09 -60.60
C LYS P 334 -44.90 -67.58 -60.67
N SER P 335 -45.73 -68.36 -59.99
CA SER P 335 -45.62 -69.81 -59.97
C SER P 335 -46.52 -70.41 -61.07
N GLU P 336 -46.74 -71.71 -60.99
CA GLU P 336 -47.57 -72.43 -61.94
C GLU P 336 -48.89 -72.83 -61.30
N GLY P 337 -49.92 -72.96 -62.11
CA GLY P 337 -51.25 -73.22 -61.61
C GLY P 337 -51.61 -74.69 -61.58
N LYS P 338 -52.36 -75.05 -60.53
CA LYS P 338 -52.85 -76.42 -60.35
C LYS P 338 -51.71 -77.44 -60.37
N CYS P 339 -50.52 -77.01 -59.98
CA CYS P 339 -49.39 -77.92 -59.85
C CYS P 339 -49.24 -78.27 -58.38
N PHE P 340 -49.30 -79.57 -58.08
CA PHE P 340 -49.23 -80.07 -56.71
C PHE P 340 -48.25 -81.25 -56.73
N SER P 341 -46.98 -80.95 -56.52
CA SER P 341 -45.93 -81.95 -56.57
C SER P 341 -45.43 -82.27 -55.17
N VAL P 342 -44.80 -83.43 -55.06
CA VAL P 342 -44.22 -83.89 -53.80
C VAL P 342 -42.81 -83.32 -53.70
N LEU P 343 -42.46 -82.81 -52.52
CA LEU P 343 -41.15 -82.22 -52.31
C LEU P 343 -40.17 -83.17 -51.65
N GLY P 344 -40.65 -84.07 -50.80
CA GLY P 344 -39.77 -84.99 -50.12
C GLY P 344 -40.54 -85.81 -49.12
N PHE P 345 -39.81 -86.66 -48.43
CA PHE P 345 -40.39 -87.51 -47.40
C PHE P 345 -39.61 -87.31 -46.11
N CYS P 346 -40.31 -86.91 -45.06
CA CYS P 346 -39.71 -86.78 -43.75
C CYS P 346 -40.51 -87.57 -42.71
N LYS P 347 -39.86 -87.82 -41.57
CA LYS P 347 -40.44 -88.64 -40.53
C LYS P 347 -41.71 -88.00 -39.98
N SER P 348 -42.69 -88.85 -39.66
CA SER P 348 -43.94 -88.35 -39.08
C SER P 348 -43.69 -87.75 -37.71
N SER P 349 -42.72 -88.26 -36.97
CA SER P 349 -42.40 -87.67 -35.68
C SER P 349 -41.66 -86.35 -35.82
N GLN P 350 -41.03 -86.09 -36.97
CA GLN P 350 -40.32 -84.83 -37.16
C GLN P 350 -41.27 -83.65 -37.13
N VAL P 351 -42.50 -83.83 -37.58
CA VAL P 351 -43.46 -82.74 -37.68
C VAL P 351 -44.28 -82.66 -36.40
N GLN P 352 -44.72 -81.46 -36.07
CA GLN P 352 -45.60 -81.22 -34.93
C GLN P 352 -46.82 -80.45 -35.40
N ARG P 353 -47.98 -80.81 -34.86
CA ARG P 353 -49.22 -80.15 -35.25
C ARG P 353 -49.23 -78.68 -34.88
N ARG P 354 -48.33 -78.25 -33.99
CA ARG P 354 -48.22 -76.85 -33.64
C ARG P 354 -47.91 -75.98 -34.86
N PHE P 355 -47.36 -76.57 -35.91
CA PHE P 355 -47.01 -75.85 -37.12
C PHE P 355 -48.05 -75.99 -38.22
N PHE P 356 -49.23 -76.48 -37.88
CA PHE P 356 -50.30 -76.65 -38.87
C PHE P 356 -50.80 -75.28 -39.31
N MET P 357 -50.51 -74.91 -40.55
CA MET P 357 -50.89 -73.62 -41.07
C MET P 357 -52.21 -73.72 -41.83
N GLY P 358 -52.64 -72.59 -42.38
CA GLY P 358 -53.89 -72.54 -43.11
C GLY P 358 -55.08 -72.52 -42.17
N ASN P 359 -56.25 -72.34 -42.77
CA ASN P 359 -57.51 -72.32 -42.04
C ASN P 359 -58.42 -73.47 -42.42
N GLN P 360 -57.92 -74.43 -43.22
CA GLN P 360 -58.76 -75.50 -43.70
C GLN P 360 -57.96 -76.79 -43.76
N VAL P 361 -58.68 -77.90 -43.77
CA VAL P 361 -58.10 -79.23 -43.88
C VAL P 361 -58.59 -79.85 -45.19
N LEU P 362 -57.65 -80.35 -45.98
CA LEU P 362 -57.93 -80.83 -47.32
C LEU P 362 -57.77 -82.34 -47.35
N LYS P 363 -58.85 -83.03 -47.72
CA LYS P 363 -58.82 -84.48 -47.90
C LYS P 363 -58.64 -84.81 -49.37
N VAL P 364 -57.69 -85.69 -49.67
CA VAL P 364 -57.25 -85.95 -51.03
C VAL P 364 -57.72 -87.33 -51.45
N PHE P 365 -58.49 -87.37 -52.53
CA PHE P 365 -58.81 -88.61 -53.21
C PHE P 365 -58.05 -88.67 -54.53
N ALA P 366 -58.08 -89.85 -55.16
CA ALA P 366 -57.51 -90.00 -56.48
C ALA P 366 -58.49 -89.44 -57.50
N ALA P 367 -58.26 -89.73 -58.79
CA ALA P 367 -59.19 -89.29 -59.81
C ALA P 367 -60.55 -89.97 -59.62
N ARG P 368 -61.59 -89.28 -60.06
CA ARG P 368 -62.94 -89.85 -60.02
C ARG P 368 -63.00 -91.02 -61.01
N ASP P 369 -63.19 -92.22 -60.48
CA ASP P 369 -63.35 -93.44 -61.28
C ASP P 369 -62.11 -93.69 -62.14
N ASP P 370 -60.97 -93.85 -61.46
CA ASP P 370 -59.72 -94.25 -62.08
C ASP P 370 -59.15 -95.36 -61.21
N GLU P 371 -59.38 -96.61 -61.63
CA GLU P 371 -59.07 -97.75 -60.77
C GLU P 371 -57.59 -97.82 -60.45
N ALA P 372 -56.73 -97.68 -61.47
CA ALA P 372 -55.30 -97.78 -61.23
C ALA P 372 -54.80 -96.62 -60.38
N ALA P 373 -55.39 -95.43 -60.54
CA ALA P 373 -55.05 -94.33 -59.64
C ALA P 373 -55.37 -94.68 -58.21
N ALA P 374 -56.53 -95.31 -57.98
CA ALA P 374 -56.89 -95.73 -56.64
C ALA P 374 -55.93 -96.81 -56.12
N VAL P 375 -55.50 -97.71 -56.99
CA VAL P 375 -54.56 -98.74 -56.58
C VAL P 375 -53.25 -98.12 -56.13
N ALA P 376 -52.73 -97.18 -56.92
CA ALA P 376 -51.49 -96.49 -56.56
C ALA P 376 -51.66 -95.71 -55.27
N LEU P 377 -52.79 -95.03 -55.12
CA LEU P 377 -53.06 -94.26 -53.91
C LEU P 377 -53.09 -95.16 -52.68
N SER P 378 -53.78 -96.29 -52.78
CA SER P 378 -53.86 -97.20 -51.64
C SER P 378 -52.51 -97.80 -51.31
N SER P 379 -51.73 -98.17 -52.33
CA SER P 379 -50.40 -98.71 -52.08
C SER P 379 -49.53 -97.69 -51.37
N LEU P 380 -49.56 -96.44 -51.84
CA LEU P 380 -48.77 -95.40 -51.19
C LEU P 380 -49.28 -95.16 -49.77
N ILE P 381 -50.60 -95.20 -49.58
CA ILE P 381 -51.17 -94.99 -48.25
C ILE P 381 -50.67 -96.06 -47.29
N HIS P 382 -50.72 -97.32 -47.72
CA HIS P 382 -50.29 -98.41 -46.87
C HIS P 382 -48.80 -98.32 -46.58
N ALA P 383 -48.00 -97.97 -47.59
CA ALA P 383 -46.56 -97.82 -47.38
C ALA P 383 -46.27 -96.73 -46.36
N LEU P 384 -46.89 -95.57 -46.53
CA LEU P 384 -46.67 -94.46 -45.62
C LEU P 384 -47.11 -94.83 -44.21
N ASP P 385 -48.25 -95.53 -44.09
CA ASP P 385 -48.75 -95.95 -42.79
C ASP P 385 -47.79 -96.90 -42.11
N ASP P 386 -47.30 -97.88 -42.85
CA ASP P 386 -46.42 -98.88 -42.27
C ASP P 386 -45.06 -98.29 -41.96
N LEU P 387 -44.67 -97.22 -42.65
CA LEU P 387 -43.39 -96.58 -42.41
C LEU P 387 -43.49 -95.41 -41.45
N ASP P 388 -44.66 -95.15 -40.88
CA ASP P 388 -44.86 -93.98 -40.03
C ASP P 388 -44.43 -92.73 -40.77
N MET P 389 -44.96 -92.60 -41.96
CA MET P 389 -44.33 -91.76 -42.93
C MET P 389 -45.33 -90.67 -43.32
N VAL P 390 -44.84 -89.45 -43.47
CA VAL P 390 -45.61 -88.33 -43.98
C VAL P 390 -44.85 -87.72 -45.14
N ALA P 391 -45.61 -87.11 -46.06
CA ALA P 391 -45.09 -86.65 -47.33
C ALA P 391 -45.13 -85.12 -47.40
N ILE P 392 -44.01 -84.54 -47.80
CA ILE P 392 -43.91 -83.09 -47.95
C ILE P 392 -44.17 -82.74 -49.39
N VAL P 393 -45.12 -81.83 -49.61
CA VAL P 393 -45.62 -81.53 -50.94
C VAL P 393 -45.71 -80.02 -51.12
N ARG P 394 -45.65 -79.59 -52.36
CA ARG P 394 -45.83 -78.21 -52.74
C ARG P 394 -47.20 -78.04 -53.35
N TYR P 395 -47.98 -77.09 -52.83
CA TYR P 395 -49.35 -76.87 -53.29
C TYR P 395 -49.42 -75.57 -54.07
N ALA P 396 -50.07 -75.62 -55.23
CA ALA P 396 -50.37 -74.43 -56.01
C ALA P 396 -51.76 -74.62 -56.62
N TYR P 397 -52.69 -73.76 -56.24
CA TYR P 397 -54.07 -73.93 -56.67
C TYR P 397 -54.24 -73.54 -58.13
N ASP P 398 -53.91 -72.29 -58.46
CA ASP P 398 -54.02 -71.80 -59.84
C ASP P 398 -52.83 -70.90 -60.12
N LYS P 399 -52.90 -70.19 -61.24
CA LYS P 399 -51.79 -69.34 -61.65
C LYS P 399 -51.56 -68.20 -60.68
N ARG P 400 -52.64 -67.59 -60.19
CA ARG P 400 -52.48 -66.53 -59.21
C ARG P 400 -52.31 -67.05 -57.79
N ALA P 401 -52.40 -68.37 -57.59
CA ALA P 401 -52.22 -68.94 -56.26
C ALA P 401 -50.76 -68.84 -55.83
N ASN P 402 -50.55 -68.52 -54.56
CA ASN P 402 -49.22 -68.58 -54.00
C ASN P 402 -48.82 -70.04 -53.80
N PRO P 403 -47.58 -70.40 -54.14
CA PRO P 403 -47.10 -71.74 -53.82
C PRO P 403 -47.10 -71.95 -52.31
N GLN P 404 -47.41 -73.18 -51.91
CA GLN P 404 -47.49 -73.52 -50.50
C GLN P 404 -46.69 -74.77 -50.23
N VAL P 405 -46.12 -74.83 -49.03
CA VAL P 405 -45.47 -76.03 -48.52
C VAL P 405 -46.35 -76.58 -47.41
N GLY P 406 -46.86 -77.79 -47.61
CA GLY P 406 -47.75 -78.39 -46.65
C GLY P 406 -47.46 -79.88 -46.50
N VAL P 407 -48.02 -80.44 -45.44
CA VAL P 407 -47.83 -81.84 -45.12
C VAL P 407 -49.00 -82.64 -45.69
N ALA P 408 -48.70 -83.80 -46.24
CA ALA P 408 -49.71 -84.76 -46.67
C ALA P 408 -49.50 -86.02 -45.86
N PHE P 409 -50.52 -86.41 -45.09
CA PHE P 409 -50.44 -87.66 -44.36
C PHE P 409 -51.67 -88.50 -44.67
N PRO P 410 -51.50 -89.82 -44.81
CA PRO P 410 -52.62 -90.67 -45.21
C PRO P 410 -53.68 -90.75 -44.13
N HIS P 411 -54.92 -90.90 -44.57
CA HIS P 411 -56.05 -91.17 -43.70
C HIS P 411 -56.69 -92.47 -44.13
N ILE P 412 -57.11 -93.26 -43.14
CA ILE P 412 -57.64 -94.60 -43.37
C ILE P 412 -59.00 -94.70 -42.71
N LYS P 413 -60.02 -95.01 -43.50
CA LYS P 413 -61.33 -95.37 -42.98
C LYS P 413 -61.84 -96.58 -43.74
N HIS P 414 -62.68 -97.38 -43.07
CA HIS P 414 -63.15 -98.63 -43.66
C HIS P 414 -63.89 -98.39 -44.97
N ASN P 415 -64.46 -97.20 -45.16
CA ASN P 415 -65.12 -96.86 -46.40
C ASN P 415 -64.20 -96.21 -47.41
N TYR P 416 -63.09 -95.62 -46.95
CA TYR P 416 -62.22 -94.86 -47.83
C TYR P 416 -60.90 -94.58 -47.13
N GLU P 417 -59.80 -94.72 -47.87
CA GLU P 417 -58.50 -94.25 -47.43
C GLU P 417 -58.11 -93.04 -48.27
N CYS P 418 -57.53 -92.04 -47.64
CA CYS P 418 -57.26 -90.79 -48.33
C CYS P 418 -56.03 -90.12 -47.74
N LEU P 419 -55.62 -89.02 -48.37
CA LEU P 419 -54.55 -88.17 -47.90
C LEU P 419 -55.13 -86.88 -47.33
N VAL P 420 -54.47 -86.37 -46.31
CA VAL P 420 -54.89 -85.16 -45.63
C VAL P 420 -53.79 -84.13 -45.78
N TYR P 421 -54.12 -82.98 -46.37
CA TYR P 421 -53.15 -81.92 -46.61
C TYR P 421 -53.40 -80.77 -45.64
N VAL P 422 -52.34 -80.33 -44.98
CA VAL P 422 -52.34 -79.12 -44.18
C VAL P 422 -51.09 -78.34 -44.51
N GLN P 423 -51.25 -77.06 -44.84
CA GLN P 423 -50.10 -76.24 -45.17
C GLN P 423 -49.22 -76.04 -43.96
N LEU P 424 -47.93 -75.82 -44.22
CA LEU P 424 -46.92 -75.66 -43.19
C LEU P 424 -46.23 -74.32 -43.34
N PRO P 425 -45.65 -73.79 -42.27
CA PRO P 425 -45.08 -72.45 -42.34
C PRO P 425 -43.65 -72.46 -42.86
N PHE P 426 -43.22 -71.30 -43.32
CA PHE P 426 -41.81 -71.08 -43.61
C PHE P 426 -41.12 -70.59 -42.35
N MET P 427 -39.81 -70.39 -42.43
CA MET P 427 -39.10 -69.76 -41.32
C MET P 427 -39.64 -68.36 -41.06
N GLU P 428 -40.27 -67.75 -42.06
CA GLU P 428 -40.82 -66.41 -41.89
C GLU P 428 -41.92 -66.40 -40.84
N ASP P 429 -42.79 -67.40 -40.85
CA ASP P 429 -43.94 -67.42 -39.95
C ASP P 429 -43.57 -67.69 -38.51
N LEU P 430 -42.33 -68.08 -38.23
CA LEU P 430 -41.95 -68.48 -36.90
C LEU P 430 -41.90 -67.27 -35.96
N ARG P 431 -42.06 -67.56 -34.67
CA ARG P 431 -41.88 -66.57 -33.61
C ARG P 431 -41.01 -67.22 -32.54
N GLN P 432 -39.70 -66.99 -32.61
CA GLN P 432 -38.74 -67.62 -31.72
C GLN P 432 -38.82 -67.01 -30.32
N TYR P 433 -39.98 -67.17 -29.69
CA TYR P 433 -40.26 -66.54 -28.42
C TYR P 433 -39.76 -67.40 -27.27
N MET P 434 -38.92 -66.81 -26.43
CA MET P 434 -38.34 -67.52 -25.29
C MET P 434 -39.25 -67.37 -24.08
N PHE P 435 -39.23 -68.37 -23.21
CA PHE P 435 -40.04 -68.37 -22.00
C PHE P 435 -39.23 -68.91 -20.85
N SER P 436 -39.68 -68.61 -19.64
CA SER P 436 -39.04 -69.08 -18.43
C SER P 436 -39.39 -70.55 -18.19
N SER P 437 -38.77 -71.13 -17.16
CA SER P 437 -38.98 -72.52 -16.81
C SER P 437 -40.08 -72.64 -15.76
N LEU P 438 -40.92 -73.65 -15.93
CA LEU P 438 -41.97 -73.96 -14.96
C LEU P 438 -41.86 -75.37 -14.40
N LYS P 439 -41.40 -76.33 -15.18
CA LYS P 439 -41.17 -77.68 -14.67
C LYS P 439 -40.04 -77.72 -13.66
N ASN P 440 -39.23 -76.65 -13.59
CA ASN P 440 -38.15 -76.56 -12.63
C ASN P 440 -38.26 -75.31 -11.77
N SER P 441 -39.38 -74.60 -11.85
CA SER P 441 -39.57 -73.39 -11.06
C SER P 441 -39.60 -73.72 -9.58
N LYS P 442 -38.81 -72.98 -8.80
CA LYS P 442 -38.81 -73.12 -7.35
C LYS P 442 -39.82 -72.19 -6.70
N LYS P 443 -39.98 -70.99 -7.24
CA LYS P 443 -40.98 -70.05 -6.74
C LYS P 443 -42.39 -70.50 -7.04
N TYR P 444 -42.57 -71.52 -7.88
CA TYR P 444 -43.90 -71.97 -8.26
C TYR P 444 -44.00 -73.49 -8.25
N ALA P 445 -43.17 -74.16 -7.46
CA ALA P 445 -43.27 -75.60 -7.33
C ALA P 445 -44.48 -75.93 -6.48
N PRO P 446 -45.47 -76.65 -7.01
CA PRO P 446 -46.67 -76.94 -6.22
C PRO P 446 -46.39 -77.96 -5.13
N THR P 447 -47.18 -77.89 -4.07
CA THR P 447 -47.09 -78.87 -3.01
C THR P 447 -47.72 -80.18 -3.45
N GLU P 448 -47.36 -81.25 -2.74
CA GLU P 448 -47.88 -82.56 -3.09
C GLU P 448 -49.39 -82.62 -2.91
N ALA P 449 -49.89 -82.09 -1.80
CA ALA P 449 -51.34 -82.09 -1.56
C ALA P 449 -52.07 -81.33 -2.67
N GLN P 450 -51.45 -80.25 -3.16
CA GLN P 450 -52.00 -79.54 -4.30
C GLN P 450 -52.10 -80.45 -5.51
N LEU P 451 -51.05 -81.25 -5.76
CA LEU P 451 -51.06 -82.16 -6.88
C LEU P 451 -52.16 -83.21 -6.73
N ASN P 452 -52.33 -83.72 -5.50
CA ASN P 452 -53.37 -84.71 -5.25
C ASN P 452 -54.75 -84.11 -5.49
N ALA P 453 -54.96 -82.89 -5.04
CA ALA P 453 -56.25 -82.22 -5.25
C ALA P 453 -56.50 -81.99 -6.74
N VAL P 454 -55.45 -81.62 -7.48
CA VAL P 454 -55.59 -81.44 -8.92
C VAL P 454 -55.95 -82.76 -9.59
N ASP P 455 -55.30 -83.84 -9.18
CA ASP P 455 -55.63 -85.15 -9.73
C ASP P 455 -57.07 -85.51 -9.44
N ALA P 456 -57.52 -85.26 -8.21
CA ALA P 456 -58.90 -85.54 -7.85
C ALA P 456 -59.85 -84.74 -8.72
N LEU P 457 -59.50 -83.48 -9.01
CA LEU P 457 -60.32 -82.69 -9.91
C LEU P 457 -60.38 -83.30 -11.30
N ILE P 458 -59.20 -83.59 -11.87
CA ILE P 458 -59.16 -84.10 -13.25
C ILE P 458 -59.95 -85.39 -13.35
N ASP P 459 -59.82 -86.26 -12.35
CA ASP P 459 -60.63 -87.47 -12.32
C ASP P 459 -62.11 -87.12 -12.21
N SER P 460 -62.45 -86.17 -11.34
CA SER P 460 -63.83 -85.76 -11.15
C SER P 460 -64.30 -84.78 -12.22
N MET P 461 -63.40 -84.29 -13.07
CA MET P 461 -63.78 -83.41 -14.16
C MET P 461 -63.49 -84.09 -15.50
N SER P 462 -63.63 -85.41 -15.54
CA SER P 462 -63.30 -86.17 -16.74
C SER P 462 -64.39 -86.04 -17.78
N LEU P 463 -63.98 -85.97 -19.04
CA LEU P 463 -64.91 -85.95 -20.17
C LEU P 463 -64.87 -87.23 -20.98
N ALA P 464 -64.19 -88.27 -20.48
CA ALA P 464 -64.09 -89.54 -21.16
C ALA P 464 -64.64 -90.65 -20.27
N LYS P 465 -65.31 -91.61 -20.91
CA LYS P 465 -65.89 -92.74 -20.21
C LYS P 465 -65.47 -94.03 -20.88
N LYS P 466 -65.13 -95.03 -20.07
CA LYS P 466 -64.74 -96.34 -20.59
C LYS P 466 -65.99 -97.16 -20.84
N ASP P 467 -66.17 -97.60 -22.08
CA ASP P 467 -67.35 -98.36 -22.47
C ASP P 467 -67.00 -99.84 -22.58
N GLU P 468 -67.82 -100.68 -21.99
CA GLU P 468 -67.69 -102.14 -22.01
C GLU P 468 -66.40 -102.62 -21.35
N LYS P 469 -65.66 -101.71 -20.69
CA LYS P 469 -64.34 -102.00 -20.14
C LYS P 469 -63.39 -102.56 -21.20
N THR P 470 -63.71 -102.31 -22.47
CA THR P 470 -62.86 -102.66 -23.60
C THR P 470 -61.96 -101.52 -24.03
N ASP P 471 -61.67 -100.60 -23.12
CA ASP P 471 -60.82 -99.45 -23.37
C ASP P 471 -61.40 -98.59 -24.49
N THR P 472 -62.72 -98.62 -24.65
CA THR P 472 -63.42 -97.77 -25.62
C THR P 472 -63.84 -96.51 -24.89
N LEU P 473 -63.13 -95.41 -25.15
CA LEU P 473 -63.39 -94.16 -24.46
C LEU P 473 -64.60 -93.48 -25.05
N GLU P 474 -65.47 -92.97 -24.19
CA GLU P 474 -66.71 -92.32 -24.60
C GLU P 474 -66.62 -90.83 -24.30
N ASP P 475 -66.88 -90.01 -25.31
CA ASP P 475 -66.88 -88.56 -25.13
C ASP P 475 -68.22 -88.13 -24.56
N LEU P 476 -68.19 -87.53 -23.37
CA LEU P 476 -69.40 -87.01 -22.75
C LEU P 476 -69.84 -85.68 -23.36
N PHE P 477 -69.03 -85.10 -24.24
CA PHE P 477 -69.29 -83.75 -24.72
C PHE P 477 -68.57 -83.61 -26.05
N PRO P 478 -69.24 -83.89 -27.17
CA PRO P 478 -68.54 -84.15 -28.45
C PRO P 478 -67.75 -82.97 -29.01
N THR P 479 -68.38 -81.78 -29.03
CA THR P 479 -67.78 -80.54 -29.52
C THR P 479 -67.54 -80.55 -31.02
N THR P 480 -67.77 -81.69 -31.67
CA THR P 480 -67.49 -81.82 -33.09
C THR P 480 -68.74 -81.96 -33.93
N LYS P 481 -69.79 -82.56 -33.38
CA LYS P 481 -71.08 -82.66 -34.05
C LYS P 481 -72.06 -81.62 -33.51
N ILE P 482 -71.55 -80.58 -32.88
CA ILE P 482 -72.34 -79.46 -32.37
C ILE P 482 -72.03 -78.24 -33.24
N PRO P 483 -73.01 -77.62 -33.87
CA PRO P 483 -72.72 -76.48 -34.75
C PRO P 483 -72.35 -75.24 -33.95
N ASN P 484 -71.91 -74.22 -34.68
CA ASN P 484 -71.57 -72.96 -34.05
C ASN P 484 -72.83 -72.29 -33.52
N PRO P 485 -72.90 -71.99 -32.23
CA PRO P 485 -74.09 -71.32 -31.69
C PRO P 485 -74.32 -69.94 -32.28
N ARG P 486 -73.29 -69.34 -32.89
CA ARG P 486 -73.46 -68.02 -33.51
C ARG P 486 -74.58 -68.04 -34.52
N PHE P 487 -74.57 -69.02 -35.43
CA PHE P 487 -75.59 -69.07 -36.47
C PHE P 487 -76.98 -69.24 -35.88
N GLN P 488 -77.11 -70.10 -34.86
CA GLN P 488 -78.42 -70.34 -34.27
C GLN P 488 -78.96 -69.11 -33.56
N ARG P 489 -78.08 -68.41 -32.82
CA ARG P 489 -78.49 -67.16 -32.19
C ARG P 489 -78.91 -66.14 -33.24
N LEU P 490 -78.12 -66.03 -34.32
CA LEU P 490 -78.47 -65.12 -35.39
C LEU P 490 -79.82 -65.45 -35.98
N PHE P 491 -80.09 -66.74 -36.17
CA PHE P 491 -81.36 -67.15 -36.77
C PHE P 491 -82.53 -66.86 -35.83
N GLN P 492 -82.37 -67.14 -34.54
CA GLN P 492 -83.49 -66.86 -33.64
C GLN P 492 -83.77 -65.36 -33.57
N CYS P 493 -82.72 -64.55 -33.53
CA CYS P 493 -82.92 -63.11 -33.52
C CYS P 493 -83.54 -62.62 -34.83
N LEU P 494 -83.10 -63.17 -35.96
CA LEU P 494 -83.66 -62.79 -37.24
C LEU P 494 -85.12 -63.17 -37.33
N LEU P 495 -85.46 -64.37 -36.86
CA LEU P 495 -86.85 -64.80 -36.78
C LEU P 495 -87.68 -63.82 -35.96
N HIS P 496 -87.20 -63.50 -34.76
CA HIS P 496 -87.94 -62.59 -33.89
C HIS P 496 -88.14 -61.24 -34.56
N ARG P 497 -87.08 -60.70 -35.16
CA ARG P 497 -87.18 -59.39 -35.78
C ARG P 497 -88.13 -59.41 -36.97
N ALA P 498 -88.07 -60.47 -37.77
CA ALA P 498 -88.97 -60.57 -38.92
C ALA P 498 -90.42 -60.65 -38.46
N LEU P 499 -90.69 -61.43 -37.42
CA LEU P 499 -92.04 -61.51 -36.90
C LEU P 499 -92.37 -60.33 -36.00
N HIS P 500 -91.38 -59.79 -35.31
CA HIS P 500 -91.58 -58.68 -34.37
C HIS P 500 -90.52 -57.62 -34.62
N PRO P 501 -90.66 -56.82 -35.67
CA PRO P 501 -89.72 -55.71 -35.89
C PRO P 501 -90.02 -54.53 -34.98
N ARG P 502 -90.25 -54.81 -33.71
CA ARG P 502 -90.60 -53.77 -32.75
C ARG P 502 -90.02 -54.02 -31.36
N GLU P 503 -89.22 -55.05 -31.18
CA GLU P 503 -88.85 -55.55 -29.85
C GLU P 503 -87.35 -55.73 -29.76
N PRO P 504 -86.80 -55.71 -28.55
CA PRO P 504 -85.37 -56.00 -28.39
C PRO P 504 -85.07 -57.45 -28.75
N LEU P 505 -83.78 -57.71 -28.94
CA LEU P 505 -83.34 -59.03 -29.36
C LEU P 505 -83.70 -60.07 -28.32
N PRO P 506 -84.23 -61.22 -28.72
CA PRO P 506 -84.55 -62.27 -27.76
C PRO P 506 -83.29 -62.79 -27.08
N PRO P 507 -83.38 -63.14 -25.80
CA PRO P 507 -82.21 -63.69 -25.11
C PRO P 507 -81.89 -65.09 -25.60
N ILE P 508 -80.66 -65.51 -25.30
CA ILE P 508 -80.20 -66.84 -25.70
C ILE P 508 -80.99 -67.89 -24.94
N GLN P 509 -81.51 -68.86 -25.68
CA GLN P 509 -82.25 -69.96 -25.08
C GLN P 509 -81.32 -70.82 -24.23
N GLN P 510 -81.90 -71.51 -23.24
CA GLN P 510 -81.07 -72.18 -22.26
C GLN P 510 -80.54 -73.51 -22.73
N HIS P 511 -81.26 -74.18 -23.64
CA HIS P 511 -80.70 -75.39 -24.23
C HIS P 511 -79.44 -75.08 -25.01
N ILE P 512 -79.32 -73.85 -25.52
CA ILE P 512 -78.08 -73.43 -26.14
C ILE P 512 -76.94 -73.57 -25.14
N TRP P 513 -77.12 -73.04 -23.94
CA TRP P 513 -76.10 -73.21 -22.93
C TRP P 513 -75.97 -74.67 -22.53
N ASN P 514 -77.07 -75.42 -22.61
CA ASN P 514 -77.02 -76.81 -22.19
C ASN P 514 -76.05 -77.61 -23.04
N MET P 515 -76.14 -77.51 -24.37
CA MET P 515 -75.10 -78.17 -25.15
C MET P 515 -73.80 -77.38 -25.15
N LEU P 516 -73.82 -76.12 -24.72
CA LEU P 516 -72.59 -75.42 -24.40
C LEU P 516 -72.00 -75.87 -23.08
N ASN P 517 -72.80 -76.45 -22.20
CA ASN P 517 -72.16 -76.82 -20.94
C ASN P 517 -71.93 -78.32 -20.87
N PRO P 518 -70.86 -78.73 -20.18
CA PRO P 518 -70.59 -80.15 -19.99
C PRO P 518 -71.65 -80.79 -19.10
N PRO P 519 -71.72 -82.12 -19.06
CA PRO P 519 -72.66 -82.79 -18.15
C PRO P 519 -72.51 -82.30 -16.72
N ALA P 520 -73.61 -81.85 -16.12
CA ALA P 520 -73.56 -81.27 -14.78
C ALA P 520 -73.11 -82.27 -13.74
N GLU P 521 -73.25 -83.57 -14.00
CA GLU P 521 -72.77 -84.58 -13.08
C GLU P 521 -71.26 -84.50 -12.91
N VAL P 522 -70.54 -84.26 -14.01
CA VAL P 522 -69.11 -84.03 -13.95
C VAL P 522 -68.82 -82.83 -13.07
N THR P 523 -69.62 -81.77 -13.20
CA THR P 523 -69.45 -80.59 -12.37
C THR P 523 -69.64 -80.93 -10.90
N THR P 524 -70.67 -81.72 -10.58
CA THR P 524 -70.91 -82.11 -9.20
C THR P 524 -69.74 -82.91 -8.65
N LYS P 525 -69.19 -83.82 -9.46
CA LYS P 525 -68.01 -84.56 -9.04
C LYS P 525 -66.86 -83.61 -8.74
N SER P 526 -66.67 -82.61 -9.59
CA SER P 526 -65.53 -81.71 -9.45
C SER P 526 -65.72 -80.70 -8.33
N GLN P 527 -66.96 -80.52 -7.85
CA GLN P 527 -67.23 -79.48 -6.87
C GLN P 527 -66.31 -79.57 -5.66
N ILE P 528 -66.24 -80.75 -5.04
CA ILE P 528 -65.39 -80.91 -3.87
C ILE P 528 -63.92 -80.76 -4.20
N PRO P 529 -63.38 -81.40 -5.23
CA PRO P 529 -61.97 -81.11 -5.59
C PRO P 529 -61.75 -79.66 -5.94
N LEU P 530 -62.76 -79.00 -6.53
CA LEU P 530 -62.65 -77.57 -6.76
C LEU P 530 -62.42 -76.83 -5.44
N SER P 531 -63.20 -77.16 -4.42
CA SER P 531 -63.07 -76.48 -3.14
C SER P 531 -61.71 -76.76 -2.50
N LYS P 532 -61.27 -78.03 -2.56
CA LYS P 532 -60.01 -78.37 -1.91
C LYS P 532 -58.83 -77.71 -2.62
N ILE P 533 -58.89 -77.61 -3.95
CA ILE P 533 -57.84 -76.91 -4.67
C ILE P 533 -57.87 -75.43 -4.33
N LYS P 534 -59.06 -74.84 -4.29
CA LYS P 534 -59.18 -73.42 -3.95
C LYS P 534 -58.58 -73.13 -2.58
N THR P 535 -58.86 -73.99 -1.60
CA THR P 535 -58.21 -73.85 -0.31
C THR P 535 -56.71 -74.04 -0.42
N LEU P 536 -56.28 -75.03 -1.20
CA LEU P 536 -54.86 -75.34 -1.28
C LEU P 536 -54.08 -74.31 -2.06
N PHE P 537 -54.73 -73.63 -3.00
CA PHE P 537 -54.04 -72.66 -3.83
C PHE P 537 -54.45 -71.24 -3.45
N PRO P 538 -53.56 -70.45 -2.87
CA PRO P 538 -53.89 -69.05 -2.55
C PRO P 538 -53.76 -68.17 -3.79
N LEU P 539 -54.87 -67.62 -4.24
CA LEU P 539 -54.90 -66.72 -5.37
C LEU P 539 -55.31 -65.33 -4.92
N ILE P 540 -54.69 -64.31 -5.52
CA ILE P 540 -55.04 -62.93 -5.25
C ILE P 540 -55.39 -62.27 -6.57
N GLU P 541 -56.09 -61.14 -6.47
CA GLU P 541 -56.63 -60.45 -7.63
C GLU P 541 -56.33 -58.97 -7.51
N ASP P 546 -61.85 -54.22 -14.39
CA ASP P 546 -63.13 -53.53 -14.36
C ASP P 546 -63.89 -53.72 -15.66
N GLN P 547 -65.20 -53.67 -15.56
CA GLN P 547 -66.06 -53.72 -16.73
C GLN P 547 -65.93 -52.43 -17.52
N VAL P 548 -66.13 -52.53 -18.84
CA VAL P 548 -66.06 -51.36 -19.70
C VAL P 548 -67.17 -50.37 -19.36
N THR P 549 -68.40 -50.87 -19.21
CA THR P 549 -69.54 -49.98 -19.01
C THR P 549 -70.77 -50.78 -18.62
N ALA P 550 -71.49 -50.28 -17.60
CA ALA P 550 -72.71 -50.88 -17.07
C ALA P 550 -73.88 -49.90 -17.14
N GLN P 551 -73.98 -49.23 -18.28
CA GLN P 551 -74.89 -48.12 -18.49
C GLN P 551 -76.25 -48.61 -18.98
N GLU P 552 -77.01 -47.73 -19.65
CA GLU P 552 -78.44 -47.84 -19.97
C GLU P 552 -79.26 -48.09 -18.70
N ILE P 553 -78.77 -47.59 -17.58
CA ILE P 553 -79.56 -47.51 -16.36
C ILE P 553 -78.88 -46.52 -15.44
N PHE P 554 -79.68 -45.79 -14.66
CA PHE P 554 -79.15 -44.80 -13.73
C PHE P 554 -78.84 -45.43 -12.38
N GLN P 555 -79.85 -46.05 -11.74
CA GLN P 555 -79.55 -46.96 -10.62
C GLN P 555 -80.00 -48.38 -10.92
N ASP P 556 -81.31 -48.64 -11.02
CA ASP P 556 -81.79 -49.98 -11.36
C ASP P 556 -83.00 -50.01 -12.27
N ASN P 557 -83.84 -48.98 -12.28
CA ASN P 557 -85.18 -49.04 -12.84
C ASN P 557 -85.81 -47.66 -12.65
N HIS P 558 -86.95 -47.44 -13.29
CA HIS P 558 -87.64 -46.17 -13.18
C HIS P 558 -88.06 -45.89 -11.73
N LYS P 568 -103.39 -35.67 1.09
CA LYS P 568 -104.26 -35.39 -0.05
C LYS P 568 -105.64 -34.94 0.45
N THR P 569 -105.69 -33.71 0.96
CA THR P 569 -106.97 -33.08 1.29
C THR P 569 -106.98 -31.61 0.91
N GLU P 570 -105.92 -31.11 0.26
CA GLU P 570 -105.77 -29.70 -0.10
C GLU P 570 -105.72 -28.82 1.13
N GLN P 571 -105.74 -29.43 2.32
CA GLN P 571 -105.51 -28.73 3.57
C GLN P 571 -104.28 -29.20 4.31
N GLY P 572 -103.92 -30.48 4.20
CA GLY P 572 -102.55 -30.87 4.50
C GLY P 572 -101.59 -30.21 3.53
N GLY P 573 -101.94 -30.24 2.25
CA GLY P 573 -101.34 -29.34 1.29
C GLY P 573 -101.99 -27.98 1.35
N ALA P 574 -101.32 -26.99 0.76
CA ALA P 574 -101.77 -25.59 0.81
C ALA P 574 -102.00 -25.09 2.22
N HIS P 575 -101.46 -25.82 3.21
CA HIS P 575 -101.39 -25.40 4.60
C HIS P 575 -100.28 -26.18 5.27
N PHE P 576 -99.84 -25.68 6.42
CA PHE P 576 -98.59 -26.08 7.01
C PHE P 576 -98.83 -26.92 8.25
N SER P 577 -98.26 -28.12 8.27
CA SER P 577 -98.11 -28.86 9.50
C SER P 577 -96.85 -28.40 10.21
N VAL P 578 -96.85 -28.50 11.53
CA VAL P 578 -95.72 -28.02 12.32
C VAL P 578 -94.62 -29.07 12.29
N ASN P 593 -94.68 -30.29 28.11
CA ASN P 593 -95.96 -30.84 27.69
C ASN P 593 -96.99 -30.75 28.80
N PRO P 594 -97.22 -29.53 29.34
CA PRO P 594 -97.97 -29.43 30.60
C PRO P 594 -99.39 -29.98 30.52
N ALA P 595 -100.22 -29.38 29.69
CA ALA P 595 -101.53 -29.97 29.39
C ALA P 595 -101.84 -29.97 27.90
N GLU P 596 -101.50 -28.89 27.19
CA GLU P 596 -101.91 -28.77 25.80
C GLU P 596 -101.00 -29.59 24.88
N ASN P 597 -99.69 -29.56 25.14
CA ASN P 597 -98.77 -30.37 24.35
C ASN P 597 -98.98 -31.85 24.63
N PHE P 598 -99.26 -32.20 25.88
CA PHE P 598 -99.66 -33.57 26.19
C PHE P 598 -100.96 -33.92 25.47
N ARG P 599 -101.89 -32.96 25.40
CA ARG P 599 -103.16 -33.21 24.74
C ARG P 599 -102.97 -33.52 23.26
N VAL P 600 -102.14 -32.73 22.58
CA VAL P 600 -101.90 -33.00 21.17
C VAL P 600 -101.07 -34.26 20.99
N LEU P 601 -100.19 -34.57 21.96
CA LEU P 601 -99.40 -35.79 21.88
C LEU P 601 -100.29 -37.03 21.92
N VAL P 602 -101.22 -37.07 22.89
CA VAL P 602 -102.13 -38.21 22.94
C VAL P 602 -103.07 -38.18 21.74
N LYS P 603 -103.53 -36.99 21.36
CA LYS P 603 -104.37 -36.86 20.17
C LYS P 603 -103.67 -37.37 18.93
N GLN P 604 -102.35 -37.23 18.85
CA GLN P 604 -101.60 -37.73 17.71
C GLN P 604 -101.63 -39.26 17.63
N LYS P 605 -101.98 -39.93 18.72
CA LYS P 605 -102.11 -41.38 18.72
C LYS P 605 -103.40 -41.76 18.02
N LYS P 606 -103.32 -41.98 16.71
CA LYS P 606 -104.43 -42.48 15.93
C LYS P 606 -104.12 -43.74 15.15
N ALA P 607 -102.85 -44.13 15.06
CA ALA P 607 -102.47 -45.39 14.43
C ALA P 607 -101.60 -46.28 15.29
N SER P 608 -100.84 -45.71 16.24
CA SER P 608 -100.01 -46.49 17.15
C SER P 608 -100.65 -46.66 18.52
N PHE P 609 -101.24 -45.59 19.07
CA PHE P 609 -102.03 -45.61 20.29
C PHE P 609 -101.23 -45.99 21.53
N GLU P 610 -99.90 -46.17 21.42
CA GLU P 610 -99.05 -46.43 22.58
C GLU P 610 -97.85 -45.48 22.53
N GLU P 611 -98.09 -44.26 22.99
CA GLU P 611 -97.07 -43.23 23.17
C GLU P 611 -97.75 -42.04 23.82
N ALA P 612 -96.98 -41.24 24.55
CA ALA P 612 -97.49 -40.10 25.31
C ALA P 612 -98.54 -40.51 26.34
N SER P 613 -98.75 -41.81 26.51
CA SER P 613 -99.68 -42.35 27.48
C SER P 613 -99.00 -43.22 28.53
N ASN P 614 -97.80 -43.71 28.25
CA ASN P 614 -97.03 -44.52 29.18
C ASN P 614 -95.99 -43.70 29.92
N GLN P 615 -95.21 -42.90 29.18
CA GLN P 615 -94.09 -42.17 29.75
C GLN P 615 -94.31 -40.66 29.82
N LEU P 616 -95.17 -40.10 28.96
CA LEU P 616 -95.52 -38.70 29.13
C LEU P 616 -96.35 -38.47 30.38
N ILE P 617 -96.83 -39.53 31.02
CA ILE P 617 -97.39 -39.39 32.35
C ILE P 617 -96.31 -38.94 33.33
N ASN P 618 -95.08 -39.40 33.12
CA ASN P 618 -93.97 -38.93 33.94
C ASN P 618 -93.79 -37.42 33.83
N HIS P 619 -94.11 -36.85 32.67
CA HIS P 619 -94.13 -35.39 32.56
C HIS P 619 -95.12 -34.79 33.55
N ILE P 620 -96.30 -35.40 33.66
CA ILE P 620 -97.29 -34.91 34.61
C ILE P 620 -96.80 -35.08 36.04
N GLU P 621 -96.16 -36.22 36.33
CA GLU P 621 -95.66 -36.45 37.68
C GLU P 621 -94.59 -35.44 38.07
N GLN P 622 -93.67 -35.12 37.15
CA GLN P 622 -92.75 -34.02 37.38
C GLN P 622 -93.49 -32.69 37.45
N PHE P 623 -94.68 -32.61 36.85
CA PHE P 623 -95.55 -31.45 36.92
C PHE P 623 -96.50 -31.51 38.10
N LEU P 624 -96.39 -32.58 38.91
CA LEU P 624 -97.15 -32.73 40.14
C LEU P 624 -96.38 -32.26 41.36
N ASP P 625 -95.19 -31.68 41.17
CA ASP P 625 -94.35 -31.30 42.30
C ASP P 625 -94.97 -30.23 43.18
N THR P 626 -96.03 -29.57 42.70
CA THR P 626 -96.81 -28.62 43.50
C THR P 626 -95.92 -27.50 44.04
N ASN P 627 -94.96 -27.08 43.23
CA ASN P 627 -94.21 -25.87 43.56
C ASN P 627 -95.02 -24.62 43.31
N GLU P 628 -96.01 -24.68 42.42
CA GLU P 628 -96.92 -23.58 42.17
C GLU P 628 -98.32 -24.14 42.00
N THR P 629 -99.31 -23.30 42.23
CA THR P 629 -100.68 -23.75 42.10
C THR P 629 -101.10 -24.00 40.64
N PRO P 630 -100.73 -23.15 39.67
CA PRO P 630 -101.08 -23.50 38.29
C PRO P 630 -100.43 -24.80 37.86
N TYR P 631 -99.23 -25.08 38.37
CA TYR P 631 -98.57 -26.34 38.07
C TYR P 631 -99.47 -27.53 38.37
N PHE P 632 -99.90 -27.67 39.63
CA PHE P 632 -100.65 -28.88 39.91
C PHE P 632 -102.07 -28.83 39.38
N MET P 633 -102.69 -27.65 39.26
CA MET P 633 -104.02 -27.64 38.64
C MET P 633 -103.94 -28.09 37.19
N LYS P 634 -102.93 -27.61 36.45
CA LYS P 634 -102.77 -28.03 35.07
C LYS P 634 -102.44 -29.51 34.98
N SER P 635 -101.62 -30.02 35.91
CA SER P 635 -101.30 -31.44 35.90
C SER P 635 -102.54 -32.30 36.12
N ILE P 636 -103.37 -31.93 37.09
CA ILE P 636 -104.56 -32.73 37.37
C ILE P 636 -105.58 -32.60 36.24
N ASP P 637 -105.68 -31.42 35.62
CA ASP P 637 -106.54 -31.28 34.46
C ASP P 637 -106.04 -32.12 33.29
N CYS P 638 -104.71 -32.19 33.14
CA CYS P 638 -104.12 -33.06 32.13
C CYS P 638 -104.48 -34.52 32.38
N ILE P 639 -104.45 -34.94 33.65
CA ILE P 639 -104.83 -36.30 33.99
C ILE P 639 -106.31 -36.54 33.69
N ARG P 640 -107.16 -35.58 34.03
CA ARG P 640 -108.60 -35.72 33.82
C ARG P 640 -108.98 -35.70 32.35
N ALA P 641 -108.14 -35.12 31.50
CA ALA P 641 -108.35 -35.24 30.06
C ALA P 641 -107.73 -36.53 29.52
N PHE P 642 -106.59 -36.94 30.09
CA PHE P 642 -105.90 -38.14 29.64
C PHE P 642 -106.71 -39.39 29.92
N ARG P 643 -107.54 -39.39 30.97
CA ARG P 643 -108.37 -40.56 31.22
C ARG P 643 -109.32 -40.81 30.06
N GLU P 644 -110.01 -39.76 29.60
CA GLU P 644 -110.89 -39.89 28.45
C GLU P 644 -110.11 -40.20 27.18
N GLU P 645 -108.95 -39.55 27.01
CA GLU P 645 -108.12 -39.82 25.84
C GLU P 645 -107.72 -41.29 25.77
N ALA P 646 -107.29 -41.85 26.91
CA ALA P 646 -106.83 -43.23 26.95
C ALA P 646 -107.98 -44.20 26.78
N ILE P 647 -109.18 -43.84 27.25
CA ILE P 647 -110.33 -44.69 26.95
C ILE P 647 -110.64 -44.68 25.47
N LYS P 648 -110.60 -43.50 24.84
CA LYS P 648 -110.99 -43.39 23.44
C LYS P 648 -109.90 -43.83 22.47
N PHE P 649 -108.65 -43.97 22.91
CA PHE P 649 -107.54 -44.34 22.05
C PHE P 649 -107.18 -45.82 22.15
N SER P 650 -108.16 -46.67 22.49
CA SER P 650 -107.99 -48.12 22.53
C SER P 650 -106.84 -48.57 23.43
N GLU P 651 -106.50 -47.76 24.43
CA GLU P 651 -105.43 -48.05 25.37
C GLU P 651 -105.97 -48.11 26.79
N GLU P 652 -107.19 -48.64 26.94
CA GLU P 652 -107.88 -48.60 28.22
C GLU P 652 -107.25 -49.55 29.24
N GLN P 653 -106.71 -50.69 28.81
CA GLN P 653 -106.05 -51.56 29.77
C GLN P 653 -104.78 -50.91 30.31
N ARG P 654 -103.94 -50.38 29.42
CA ARG P 654 -102.81 -49.58 29.86
C ARG P 654 -103.27 -48.42 30.73
N PHE P 655 -104.41 -47.83 30.38
CA PHE P 655 -104.94 -46.70 31.13
C PHE P 655 -105.26 -47.09 32.57
N ASN P 656 -105.92 -48.24 32.75
CA ASN P 656 -106.26 -48.69 34.10
C ASN P 656 -105.00 -49.10 34.87
N ASN P 657 -104.05 -49.73 34.19
CA ASN P 657 -102.80 -50.08 34.84
C ASN P 657 -102.07 -48.83 35.33
N PHE P 658 -102.05 -47.78 34.50
CA PHE P 658 -101.41 -46.53 34.90
C PHE P 658 -102.19 -45.84 36.01
N LEU P 659 -103.52 -45.91 35.96
CA LEU P 659 -104.32 -45.40 37.06
C LEU P 659 -103.93 -46.06 38.37
N LYS P 660 -103.85 -47.39 38.37
CA LYS P 660 -103.42 -48.14 39.54
C LYS P 660 -102.03 -47.69 40.00
N ALA P 661 -101.09 -47.66 39.06
CA ALA P 661 -99.72 -47.31 39.39
C ALA P 661 -99.65 -45.94 40.05
N LEU P 662 -100.29 -44.94 39.44
CA LEU P 662 -100.28 -43.59 39.98
C LEU P 662 -100.98 -43.54 41.33
N GLN P 663 -102.12 -44.23 41.46
CA GLN P 663 -102.91 -44.18 42.68
C GLN P 663 -102.13 -44.71 43.87
N GLU P 664 -101.42 -45.84 43.69
CA GLU P 664 -100.57 -46.31 44.79
C GLU P 664 -99.31 -45.47 44.95
N LYS P 665 -98.69 -45.06 43.84
CA LYS P 665 -97.38 -44.42 43.96
C LYS P 665 -97.46 -43.05 44.59
N VAL P 666 -98.59 -42.33 44.43
CA VAL P 666 -98.72 -41.06 45.11
C VAL P 666 -98.74 -41.27 46.62
N GLU P 667 -99.47 -42.28 47.08
CA GLU P 667 -99.63 -42.48 48.52
C GLU P 667 -98.37 -43.06 49.14
N ILE P 668 -97.69 -43.96 48.43
CA ILE P 668 -96.49 -44.57 49.01
C ILE P 668 -95.40 -43.53 49.20
N LYS P 669 -95.40 -42.47 48.39
CA LYS P 669 -94.43 -41.40 48.56
C LYS P 669 -95.01 -40.35 49.49
N GLN P 670 -94.24 -39.99 50.52
CA GLN P 670 -94.67 -39.04 51.54
C GLN P 670 -93.76 -37.83 51.48
N LEU P 671 -94.24 -36.76 50.85
CA LEU P 671 -93.55 -35.48 50.85
C LEU P 671 -94.57 -34.37 51.01
N ASN P 672 -94.41 -33.58 52.07
CA ASN P 672 -95.31 -32.44 52.31
C ASN P 672 -95.21 -31.39 51.22
N HIS P 673 -94.14 -31.45 50.42
CA HIS P 673 -94.04 -30.55 49.27
C HIS P 673 -95.16 -30.78 48.26
N PHE P 674 -95.63 -32.02 48.14
CA PHE P 674 -96.61 -32.34 47.11
C PHE P 674 -97.84 -33.04 47.63
N TRP P 675 -97.71 -33.91 48.63
CA TRP P 675 -98.68 -34.98 48.81
C TRP P 675 -100.05 -34.47 49.22
N GLU P 676 -100.09 -33.55 50.19
CA GLU P 676 -101.38 -33.16 50.75
C GLU P 676 -102.26 -32.50 49.71
N ILE P 677 -101.68 -31.59 48.92
CA ILE P 677 -102.45 -30.90 47.90
C ILE P 677 -102.87 -31.88 46.81
N VAL P 678 -101.98 -32.79 46.44
CA VAL P 678 -102.32 -33.75 45.38
C VAL P 678 -103.48 -34.63 45.81
N VAL P 679 -103.39 -35.19 47.01
CA VAL P 679 -104.45 -36.09 47.46
C VAL P 679 -105.74 -35.32 47.71
N GLN P 680 -105.64 -34.08 48.21
CA GLN P 680 -106.84 -33.27 48.41
C GLN P 680 -107.52 -32.98 47.07
N ASP P 681 -106.76 -32.53 46.08
CA ASP P 681 -107.34 -32.24 44.78
C ASP P 681 -107.94 -33.48 44.16
N GLY P 682 -107.25 -34.61 44.28
CA GLY P 682 -107.82 -35.87 43.84
C GLY P 682 -109.14 -36.12 44.51
N ILE P 683 -109.14 -36.37 45.82
CA ILE P 683 -110.35 -36.73 46.53
C ILE P 683 -111.47 -35.72 46.32
N THR P 684 -111.14 -34.47 46.00
CA THR P 684 -112.18 -33.52 45.62
C THR P 684 -112.69 -33.80 44.22
N LEU P 685 -111.82 -34.25 43.31
CA LEU P 685 -112.23 -34.43 41.92
C LEU P 685 -111.58 -35.66 41.29
N ILE P 686 -111.31 -36.70 42.09
CA ILE P 686 -110.76 -37.93 41.54
C ILE P 686 -111.84 -38.65 40.74
N THR P 687 -111.56 -38.86 39.45
CA THR P 687 -112.45 -39.61 38.58
C THR P 687 -111.60 -40.61 37.79
N LYS P 688 -112.09 -41.84 37.70
CA LYS P 688 -111.37 -42.91 37.01
C LYS P 688 -112.28 -43.48 35.94
N GLU P 689 -111.90 -43.30 34.68
CA GLU P 689 -112.66 -43.86 33.57
C GLU P 689 -112.68 -45.38 33.65
N GLU P 690 -113.83 -45.97 33.31
CA GLU P 690 -113.98 -47.42 33.42
C GLU P 690 -113.05 -48.11 32.44
N ALA P 691 -112.14 -48.92 32.96
CA ALA P 691 -111.16 -49.63 32.14
C ALA P 691 -110.79 -50.93 32.83
N SER P 692 -110.94 -52.04 32.11
CA SER P 692 -110.67 -53.38 32.61
C SER P 692 -111.40 -53.64 33.92
N GLY P 693 -112.73 -53.64 33.84
CA GLY P 693 -113.57 -53.96 34.97
C GLY P 693 -113.84 -52.78 35.88
N SER P 694 -114.44 -53.09 37.03
CA SER P 694 -114.81 -52.11 38.04
C SER P 694 -113.64 -51.73 38.95
N SER P 695 -112.40 -52.02 38.53
CA SER P 695 -111.25 -51.71 39.36
C SER P 695 -111.07 -50.20 39.55
N VAL P 696 -111.32 -49.43 38.49
CA VAL P 696 -111.16 -47.98 38.58
C VAL P 696 -112.18 -47.38 39.54
N THR P 697 -113.35 -48.00 39.70
CA THR P 697 -114.33 -47.52 40.66
C THR P 697 -113.78 -47.60 42.08
N ALA P 698 -113.16 -48.74 42.43
CA ALA P 698 -112.50 -48.84 43.72
C ALA P 698 -111.29 -47.90 43.79
N GLU P 699 -110.61 -47.68 42.67
CA GLU P 699 -109.48 -46.76 42.65
C GLU P 699 -109.90 -45.36 43.07
N GLU P 700 -111.03 -44.89 42.54
CA GLU P 700 -111.49 -43.55 42.87
C GLU P 700 -112.24 -43.49 44.19
N ALA P 701 -112.85 -44.59 44.62
CA ALA P 701 -113.65 -44.59 45.84
C ALA P 701 -112.89 -45.04 47.07
N LYS P 702 -111.62 -45.44 46.94
CA LYS P 702 -110.84 -45.90 48.09
C LYS P 702 -109.59 -45.07 48.33
N LYS P 703 -109.41 -43.97 47.61
CA LYS P 703 -108.28 -43.06 47.85
C LYS P 703 -108.69 -42.12 48.97
N PHE P 704 -108.23 -42.40 50.19
CA PHE P 704 -108.58 -41.59 51.35
C PHE P 704 -107.37 -40.84 51.86
#